data_8X4B
#
_entry.id   8X4B
#
loop_
_entity.id
_entity.type
_entity.pdbx_description
1 polymer 'Ryanodine receptor 1'
2 non-polymer 'CALCIUM ION'
#
_entity_poly.entity_id   1
_entity_poly.type   'polypeptide(L)'
_entity_poly.pdbx_seq_one_letter_code
;MGDGGEGEDEVQFLRTDDEVVLQCSATVLKEQLKLCLAAEGFGNRLCFLEPTSNAQNVPPDLAICCFTLEQSLSVRALQE
MLANTVEAGVESSQGGGHRTLLYGHAILLRHAHSRMYLSCLTTSRSMTDKLAFDVGLQEDATGEACWWTMHPASKQRSEG
EKVRVGDDLILVSVSSERYLHLSTASGELQVDASFMQTLWNMNPICSCCEEGYVTGGHVLRLFHGHMDECLTISAADSDD
QRRLVYYEGGAVCTHARSLWRLEPLRISWSGSHLRWGQPLRIRHVTTGRYLALTEDQGLVVVDACKAHTKATSFCFRVSK
EKLDTAPKRDVEGMGPPEIKYGESLCFVQHVASGLWLTYAAPDPKALRLGVLKKKAILHQEGHMDDALFLTRCQQEESQA
ARMIHSTAGLYNQFIKGLDSFSGKPRGSGPPAGPALPIEAVILSLQDLIGYFEPPSEELQHEEKQSKLRSLRNRQSLFQE
EGMLSLVLNCIDRLNVYTTAAHFAEYAGEEAAESWKEIVNLLYELLASLIRGNRANCALFSTNLDWVVSKLDRLEASSGI
LEVLYCVLIESPEVLNIIQENHIKSIISLLDKHGRNHKVLDVLCSLCVCNGVAVRSNQDLITENLLPGRELLLQTNLINY
VTSIRPNIFVGRAEGSTQYGKWYFEVMVDEVVPFLTAQATHLRVGWALTEGYSPYPGGGEGWGGNGVGDDLYSYGFDGLH
LWTGHVARPVTSPGQHLLAPEDVVSCCLDLSVPSISFRINGCPVQGVFEAFNLDGLFFPVVSFSAGVKVRFLLGGRHGEF
KFLPPPGYAPCHEAVLPRERLRLEPIKEYRREGPRGPHLVGPSRCLSHTDFVPCPVDTVQIVLPPHLERIREKLAENIHE
LWALTRIEQGWTYGPVRDDNKRLHPCLVNFHSLPEPERNYNLQMSGETLKTLLALGCHVGMADEKAEDNLKKTKLPKTYM
MSNGYKPAPLDLSHVRLTPAQTTLVDRLAENGHNVWARDRVAQGWSYSAVQDIPARRNPRLVPYRLLDEATKRSNRDSLC
QAVRTLLGYGYNIEPPDQEPSQVENQSRWDRVRIFRAEKSYTVQSGRWYFEFEAVTTGEMRVGWARPELRPDVELGADEL
AYVFNGHRGQRWHLGSEPFGRPWQSGDVVGCMIDLTENTIIFTLNGEVLMSDSGSETAFREIEIGDGFLPVCSLGPGQVG
HLNLGQDVSSLRFFAICGLQEGFEPFAINMQRPVTTWFSKSLPQFEPVPPEHPHYEVARMDGTVDTPPCLRLAHRTWGSQ
NSLVEMLFLRLSLPVQFHQHFRCTAGATPLAPPGLQPPAEDEARAAEPDPDYENLRRSAGGWGEAEGGKEGTAKEGTPGG
TPQPGVEAQPVRAENEKDATTEKNKKRGFLFKAKKAAMMTQPPATPALPRLPHDVVPADNRDDPEIILNTTTYYYSVRVF
AGQEPSCVWVGWVTPDYHQHDMNFDLSKVRAVTVTMGDEQGNVHSSLKCSNCYMVWGGDFVSPGQQGRISHTDLVIGCLV
DLATGLMTFTANGKESNTFFQVEPNTKLFPAVFVLPTHQNVIQFELGKQKNIMPLSAAMFLSERKNPAPQCPPRLEVQML
MPVSWSRMPNHFLQVETRRAGERLGWAVQCQDPLTMMALHIPEENRCMDILELSERLDLQRFHSHTLRLYRAVCALGNNR
VAHALCSHVDQAQLLHALEDAHLPGPLRAGYYDLLISIHLESACRSRRSMLSEYIVPLTPETRAITLFPPGRKGGNARRH
GLPGVGVTTSLRPPHHFSPPCFVAALPAAGVAEAPARLSPAIPLEALRDKALRMLGEAVRDGGQHARDPVGGSVEFQFVP
VLKLVSTLLVMGIFGDEDVKQILKMIEPEVFTEEEEEEEEEEEEEEEEEEDEEEKEEDEEEEEKEDAEKEEEEAPEGEKE
DLEEGLLQMKLPESVKLQMCNLLEYFCDQELQHRVESLAAFAERYVDKLQANQRSRYALLMRAFTMSAAETARRTREFRS
PPQEQINMLLHFKDEADEEDCPLPEDIRQDLQDFHQDLLAHCGIQLEGEEEEPEEETSLSSRLRSLLETVRLVKKKEEKP
EEELPAEEKKPQSLQELVSHMVVRWAQEDYVQSPELVRAMFSLLHRQYDGLGELLRALPRAYTISPSSVEDTMSLLECLG
QIRSLLIVQMGPQEENLMIQSIGNIMNNKVFYQHPNLMRALGMHETVMEVMVNVLGGGETKEIRFPKMVTSCCRFLCYFC
RISRQNQRSMFDHLSYLLENSGIGLGMQGSTPLDVAAASVIDNNELALALQEQDLEKVVSYLAGCGLQSCPMLLAKGYPD
IGWNPCGGERYLDFLRFAVFVNGESVEENANVVVRLLIRKPECFGPALRGEGGSGLLAAIEEAIRISEDPARDGPGVRRD
RRREHFGEEPPEENRVHLGHAIMSFYAALIDLLGRCAPEMHLIQAGKGEALRIRAILRSLVPLDDLVGIISLPLQIPTLG
KDGALVQPKMSASFVPDHKASMVLFLDRVYGIENQDFLLHVLDVGFLPDMRAAASLDTATFSTTEMALALNRYLCLAVLP
LITKCAPLFAGTEHRAIMVDSMLHTVYRLSRGRSLTKAQRDVIEDCLMALCRYIRPSMLQHLLRRLVFDVPILNEFAKMP
LKLLTNHYERCWKYYCLPTGWANFGVTSEEELHLTRKLFWGIFDSLAHKKYDQELYRMAMPCLCAIAGALPPDYVDASYS
SKAEKKATVDAEGNFDPRPVETLNVIIPEKLDSFINKFAEYTHEKWAFDKIQNNWSYGENVDEELKTHPMLRPYKTFSEK
DKEIYRWPIKESLKAMIAWEWTIEKAREGEEERTEKKKTRKISQTAQTYDPREGYNPQPPDLSGVTLSRELQAMAEQLAE
NYHNTWGRKKKQELEAKGGGTHPLLVPYDTLTAKEKARDREKAQELLKFLQMNGYAVTRGLKDMELDTSSIEKRFAFGFL
QQLLRWMDISQEFIAHLEAVVSSGRVEKSPHEQEIKFFAKILLPLINQYFTNHCLYFLSTPAKVLGSGGHASNKEKEMIT
SLFCKLAALVRHRVSLFGTDAPAVVNCLHILARSLDARTVMKSGPEIVKAGLRSFFESASEDIEKMVENLRLGKVSQART
QVKGVGQNLTYTTVALLPVLTTLFQHIAQHQFGDDVILDDVQVSCYRTLCSIYSLGTTKNTYVEKLRPALGECLARLAAA
MPVAFLEPQLNEYNACSVYTTKSPRERAILGLPNSVEEMCPDIPVLDRLMADIGGLAESGARYTEMPHVIEITLPMLCSY
LPRWWERGPEAPPPALPAGAPPPCTAVTSDHLNSLLGNILRIIVNNLGIDEATWMKRLAVFAQPIVSRARPELLHSHFIP
TIGRLRKRAGKVVAEEEQLRLEAKAEAEEGELLVRDEFSVLCRDLYALYPLLIRYVDNNRAHWLTEPNANAEELFRMVGE
IFIYWSKSHNFKREEQNFVVQNEINNMSFLTADSKSKMAKAGDAQSGGSDQERTKKKRRGDRYSVQTSLIVATLKKMLPI
GLNMCAPTDQDLIMLAKTRYALKDTDEEVREFLQNNLHLQGKVEGSPSLRWQMALYRGLPGREEDADDPEKIVRRVQEVS
AVLYHLEQTEHPYKSKKAVWHKLLSKQRRRAVVACFRMTPLYNLPTHRACNMFLESYKAAWILTEDHSFEDRMIDDLSKA
GEQEEEEEEVEEKKPDPLHQLVLHFSRTALTEKSKLDEDYLYMAYADIMAKSCHLEEGGENGEAEEEEVEVSFEEKEMEK
QRLLYQQSRLHTRGAAEMVLQMISACKGETGAMVSSTLKLGISILNGGNAEVQQKMLDYLKDKKEVGFFQSIQALMQTCS
VLDLNAFERQNKAEGLGMVNEDGTVINRQNGEKVMADDEFTQDLFRFLQLLCEGHNNDFQNYLRTQTGNTTTINIIICTV
DYLLRLQESISDFYWYYSGKDVIEEQGKRNFSKAMSVAKQVFNSLTEYIQGPCTGNQQSLAHSRLWDAVVGFLHVFAHMM
MKLAQDSSQIELLKELLDLQKDMVVMLLSLLEGNVVNGMIARQMVDMLVESSSNVEMILKFFDMFLKLKDIVGSEAFQDY
VTDPRGLISKKDFQKAMDSQKQFTGPEIQFLLSCSEADENEMINFEEFANRFQEPARDIGFNVAVLLTNLSEHVPHDPRL
RNFLELAESILEYFRPYLGRIEIMGASRRIERIYFEISETNRAQWEMPQVKESKRQFIFDVVNEGGEAEKMELFVSFCED
TIFEMQIAAQISEPEGEPEADEDEGMGEAAAEGAEEGAAGAEGAAGTVAAGATARLAAAAARALRGLSYRSLRRRVRRLR
RLTAREAATALAALLWAVVARAGAAGAGAAAGALRLLWGSLFGGGLVEGAKKVTVTELLAGMPDPTSDEVHGEQPAGPGG
DADGAGEGEGEGDAAEGDGDEEVAGHEAGPGGAEGVVAVADGGPFRPEGAGGLGDMGDTTPAEPPTPEGSPILKRKLGVD
GEEEELVPEPEPEPEPEPEKADEENGEKEEVPEAPPEPPKKAPPSPPAKKEEAGGAGMEFWGELEVQRVKFLNYLSRNFY
TLRFLALFLAFAINFILLFYKVSDSPPGEDDMEGSAAGDLAGAGSGGGSGWGSGAGEEAEGDEDENMVYYFLEESTGYME
PALWCLSLLHTLVAFLCIIGYNCLKVPLVIFKREKELARKLEFDGLYITEQPGDDDVKGQWDRLVLNTPSFPSNYWDKFV
KRKVLDKHGDIFGRERIAELLGMDLASLEITAHNERKPDPPPGLLTWLMSIDVKYQIWKFGVIFTDNSFLYLGWYMVMSL
LGHYNNFFFAAHLLDIAMGVKTLRTILSSVTHNGKQLVMTVGLLAVVVYLYTVVAFNFFRKFYNKSEDEDEPDMKCDDMM
TCYLFHMYVGVRAGGGIGDEIEDPAGDEYELYRVVFDITFFFFVIVILLAIIQGLIIDAFGELRDQQEQVKEDMETKCFI
CGIGSDYFDTTPHGFETHTLEEHNLANYMFFLMYLINKDETEHTGQESYVWKMYQERCWDFFPAGDCFRKQYEDQLS
;
_entity_poly.pdbx_strand_id   A,B,C,D
#
loop_
_chem_comp.id
_chem_comp.type
_chem_comp.name
_chem_comp.formula
CA non-polymer 'CALCIUM ION' 'Ca 2'
#
# COMPACT_ATOMS: atom_id res chain seq x y z
N GLN A 12 -19.31 -33.26 6.59
CA GLN A 12 -20.38 -32.43 6.06
C GLN A 12 -21.67 -33.23 5.89
N PHE A 13 -21.82 -33.87 4.73
CA PHE A 13 -23.02 -34.63 4.42
C PHE A 13 -22.63 -35.84 3.57
N LEU A 14 -23.53 -36.83 3.55
CA LEU A 14 -23.28 -38.08 2.87
C LEU A 14 -23.98 -38.12 1.52
N ARG A 15 -23.30 -38.68 0.53
CA ARG A 15 -23.82 -38.82 -0.82
C ARG A 15 -23.63 -40.27 -1.26
N THR A 16 -24.04 -40.55 -2.49
CA THR A 16 -23.81 -41.86 -3.05
C THR A 16 -22.35 -42.02 -3.47
N ASP A 17 -21.95 -43.27 -3.70
CA ASP A 17 -20.58 -43.58 -4.11
C ASP A 17 -19.54 -43.06 -3.12
N ASP A 18 -19.86 -43.14 -1.83
CA ASP A 18 -18.94 -42.71 -0.79
C ASP A 18 -18.33 -43.92 -0.09
N GLU A 19 -17.16 -43.70 0.50
CA GLU A 19 -16.39 -44.76 1.16
C GLU A 19 -16.55 -44.59 2.67
N VAL A 20 -17.45 -45.37 3.26
CA VAL A 20 -17.83 -45.22 4.66
C VAL A 20 -17.81 -46.57 5.34
N VAL A 21 -17.76 -46.53 6.68
CA VAL A 21 -17.70 -47.74 7.50
C VAL A 21 -18.73 -47.64 8.60
N LEU A 22 -19.04 -48.77 9.22
CA LEU A 22 -19.90 -48.84 10.39
C LEU A 22 -19.08 -48.58 11.65
N GLN A 23 -19.78 -48.30 12.74
CA GLN A 23 -19.11 -47.99 14.00
C GLN A 23 -20.06 -48.15 15.17
N CYS A 24 -19.68 -48.98 16.14
CA CYS A 24 -20.39 -49.16 17.39
C CYS A 24 -19.39 -49.22 18.54
N SER A 25 -19.86 -48.96 19.75
CA SER A 25 -18.99 -48.91 20.92
C SER A 25 -19.81 -49.27 22.16
N ALA A 26 -19.56 -50.46 22.70
CA ALA A 26 -20.21 -50.92 23.93
C ALA A 26 -19.13 -51.32 24.92
N THR A 27 -19.27 -50.89 26.17
CA THR A 27 -18.28 -51.17 27.20
C THR A 27 -18.39 -52.62 27.68
N VAL A 28 -17.25 -53.25 27.88
CA VAL A 28 -17.16 -54.62 28.40
C VAL A 28 -16.30 -54.68 29.66
N LEU A 29 -15.15 -54.00 29.65
CA LEU A 29 -14.23 -53.95 30.78
C LEU A 29 -14.32 -52.61 31.50
N LYS A 30 -15.53 -52.07 31.65
CA LYS A 30 -15.76 -50.73 32.19
C LYS A 30 -15.04 -49.67 31.36
N GLU A 31 -14.87 -49.94 30.07
CA GLU A 31 -14.24 -49.02 29.15
C GLU A 31 -14.80 -49.27 27.75
N GLN A 32 -14.97 -48.18 27.00
CA GLN A 32 -15.52 -48.29 25.66
C GLN A 32 -14.55 -49.01 24.73
N LEU A 33 -15.12 -49.80 23.82
CA LEU A 33 -14.35 -50.52 22.81
C LEU A 33 -15.04 -50.29 21.47
N LYS A 34 -14.37 -49.56 20.59
CA LYS A 34 -14.91 -49.28 19.26
C LYS A 34 -14.76 -50.52 18.39
N LEU A 35 -15.88 -51.03 17.90
CA LEU A 35 -15.92 -52.24 17.08
C LEU A 35 -16.59 -51.92 15.75
N CYS A 36 -15.92 -52.26 14.65
CA CYS A 36 -16.48 -52.10 13.33
C CYS A 36 -16.95 -53.44 12.79
N LEU A 37 -17.80 -53.39 11.78
CA LEU A 37 -18.35 -54.58 11.16
C LEU A 37 -17.50 -54.98 9.96
N ALA A 38 -17.27 -56.30 9.83
CA ALA A 38 -16.45 -56.82 8.75
C ALA A 38 -16.88 -58.24 8.44
N ALA A 39 -16.53 -58.70 7.25
CA ALA A 39 -16.81 -60.05 6.81
C ALA A 39 -15.76 -60.47 5.80
N GLU A 40 -15.12 -61.61 6.05
CA GLU A 40 -14.05 -62.06 5.16
C GLU A 40 -14.58 -62.39 3.77
N GLY A 41 -15.80 -62.92 3.69
CA GLY A 41 -16.41 -63.22 2.41
C GLY A 41 -16.07 -64.62 1.93
N PHE A 42 -15.07 -64.70 1.06
CA PHE A 42 -14.62 -65.98 0.50
C PHE A 42 -14.26 -66.95 1.61
N GLY A 43 -15.03 -68.02 1.76
CA GLY A 43 -14.81 -68.96 2.83
C GLY A 43 -15.40 -68.58 4.17
N ASN A 44 -16.08 -67.44 4.26
CA ASN A 44 -16.75 -67.06 5.50
C ASN A 44 -17.87 -66.09 5.14
N ARG A 45 -19.11 -66.60 5.13
CA ARG A 45 -20.27 -65.79 4.77
C ARG A 45 -20.80 -64.98 5.94
N LEU A 46 -20.27 -65.18 7.14
CA LEU A 46 -20.77 -64.45 8.30
C LEU A 46 -19.90 -63.22 8.57
N CYS A 47 -20.21 -62.52 9.66
CA CYS A 47 -19.56 -61.28 10.02
C CYS A 47 -19.00 -61.36 11.44
N PHE A 48 -17.88 -60.68 11.66
CA PHE A 48 -17.25 -60.61 12.97
C PHE A 48 -16.96 -59.14 13.30
N LEU A 49 -16.22 -58.92 14.39
CA LEU A 49 -15.95 -57.58 14.91
C LEU A 49 -14.44 -57.40 15.07
N GLU A 50 -13.95 -56.23 14.66
CA GLU A 50 -12.53 -55.90 14.75
C GLU A 50 -12.34 -54.75 15.73
N PRO A 51 -11.63 -54.94 16.84
CA PRO A 51 -11.35 -53.82 17.74
C PRO A 51 -10.29 -52.90 17.16
N THR A 52 -10.52 -51.60 17.33
CA THR A 52 -9.64 -50.55 16.82
C THR A 52 -9.37 -49.52 17.91
N SER A 53 -9.28 -49.97 19.16
CA SER A 53 -9.01 -49.08 20.29
C SER A 53 -7.56 -49.06 20.73
N ASN A 54 -6.81 -50.15 20.50
CA ASN A 54 -5.39 -50.22 20.86
C ASN A 54 -4.50 -50.06 19.64
N ALA A 55 -4.90 -49.21 18.70
CA ALA A 55 -4.09 -49.00 17.50
C ALA A 55 -2.73 -48.42 17.84
N GLN A 56 -2.60 -47.77 18.99
CA GLN A 56 -1.30 -47.27 19.45
C GLN A 56 -0.32 -48.41 19.76
N ASN A 57 -0.82 -49.59 20.12
CA ASN A 57 0.03 -50.74 20.39
C ASN A 57 -0.24 -51.89 19.44
N VAL A 58 -1.49 -52.31 19.30
CA VAL A 58 -1.88 -53.43 18.45
C VAL A 58 -2.58 -52.85 17.22
N PRO A 59 -1.96 -52.90 16.04
CA PRO A 59 -2.57 -52.32 14.85
C PRO A 59 -3.70 -53.20 14.32
N PRO A 60 -4.91 -52.67 14.25
CA PRO A 60 -6.02 -53.43 13.67
C PRO A 60 -5.95 -53.46 12.14
N ASP A 61 -6.65 -54.43 11.57
CA ASP A 61 -6.70 -54.60 10.10
C ASP A 61 -8.03 -54.06 9.61
N LEU A 62 -8.00 -52.89 8.99
CA LEU A 62 -9.20 -52.20 8.51
C LEU A 62 -9.48 -52.51 7.04
N ALA A 63 -8.69 -53.36 6.39
CA ALA A 63 -8.90 -53.64 4.99
C ALA A 63 -10.19 -54.43 4.74
N ILE A 64 -10.71 -55.09 5.76
CA ILE A 64 -11.92 -55.91 5.65
C ILE A 64 -13.14 -55.20 6.20
N CYS A 65 -12.94 -54.21 7.07
CA CYS A 65 -14.05 -53.57 7.77
C CYS A 65 -14.79 -52.54 6.93
N CYS A 66 -14.21 -52.10 5.82
CA CYS A 66 -14.78 -50.98 5.08
C CYS A 66 -15.87 -51.44 4.12
N PHE A 67 -16.91 -50.63 3.99
CA PHE A 67 -17.98 -50.81 3.01
C PHE A 67 -18.00 -49.65 2.02
N THR A 68 -18.88 -49.75 1.04
CA THR A 68 -19.03 -48.70 0.04
C THR A 68 -20.49 -48.63 -0.38
N LEU A 69 -21.05 -47.42 -0.39
CA LEU A 69 -22.41 -47.22 -0.86
C LEU A 69 -22.46 -47.30 -2.38
N GLU A 70 -23.50 -47.95 -2.90
CA GLU A 70 -23.65 -48.14 -4.33
C GLU A 70 -24.92 -47.51 -4.87
N GLN A 71 -26.07 -47.77 -4.24
CA GLN A 71 -27.35 -47.29 -4.74
C GLN A 71 -28.16 -46.72 -3.59
N SER A 72 -28.84 -45.61 -3.86
CA SER A 72 -29.75 -44.98 -2.90
C SER A 72 -31.05 -44.68 -3.60
N LEU A 73 -32.17 -45.15 -3.02
CA LEU A 73 -33.47 -44.97 -3.63
C LEU A 73 -34.50 -44.73 -2.55
N SER A 74 -35.62 -44.13 -2.95
CA SER A 74 -36.73 -43.93 -2.03
C SER A 74 -37.47 -45.25 -1.79
N VAL A 75 -38.45 -45.21 -0.90
CA VAL A 75 -39.17 -46.43 -0.53
C VAL A 75 -40.03 -46.93 -1.69
N ARG A 76 -40.71 -46.04 -2.41
CA ARG A 76 -41.57 -46.48 -3.50
C ARG A 76 -40.75 -46.88 -4.72
N ALA A 77 -39.66 -46.16 -4.99
CA ALA A 77 -38.85 -46.45 -6.17
C ALA A 77 -38.24 -47.84 -6.14
N LEU A 78 -37.76 -48.28 -4.98
CA LEU A 78 -37.14 -49.60 -4.89
C LEU A 78 -38.15 -50.70 -5.22
N GLN A 79 -39.38 -50.56 -4.71
CA GLN A 79 -40.42 -51.52 -5.05
C GLN A 79 -40.71 -51.56 -6.54
N GLU A 80 -40.74 -50.39 -7.18
CA GLU A 80 -40.87 -50.35 -8.64
C GLU A 80 -39.63 -50.93 -9.31
N MET A 81 -38.45 -50.73 -8.73
CA MET A 81 -37.23 -51.26 -9.33
C MET A 81 -37.25 -52.78 -9.37
N LEU A 82 -37.74 -53.42 -8.30
CA LEU A 82 -37.82 -54.87 -8.26
C LEU A 82 -38.98 -55.44 -9.09
N ALA A 83 -39.85 -54.58 -9.61
CA ALA A 83 -40.93 -55.01 -10.47
C ALA A 83 -40.47 -55.24 -11.90
N ASN A 84 -39.17 -55.33 -12.14
CA ASN A 84 -38.63 -55.54 -13.47
C ASN A 84 -37.45 -56.50 -13.45
N GLY A 97 -25.36 -40.28 -10.52
CA GLY A 97 -24.43 -39.23 -10.11
C GLY A 97 -24.14 -39.25 -8.63
N HIS A 98 -24.66 -38.25 -7.91
CA HIS A 98 -24.47 -38.15 -6.46
C HIS A 98 -25.77 -37.63 -5.84
N ARG A 99 -26.62 -38.56 -5.41
CA ARG A 99 -27.81 -38.20 -4.66
C ARG A 99 -27.41 -37.81 -3.24
N THR A 100 -28.38 -37.31 -2.47
CA THR A 100 -28.14 -36.89 -1.10
C THR A 100 -28.89 -37.82 -0.15
N LEU A 101 -28.16 -38.34 0.84
CA LEU A 101 -28.76 -39.25 1.80
C LEU A 101 -29.83 -38.55 2.62
N LEU A 102 -30.99 -39.19 2.73
CA LEU A 102 -32.10 -38.65 3.50
C LEU A 102 -32.65 -39.75 4.41
N TYR A 103 -33.11 -39.35 5.58
CA TYR A 103 -33.67 -40.29 6.53
C TYR A 103 -35.04 -40.74 6.04
N GLY A 104 -35.15 -42.00 5.66
CA GLY A 104 -36.36 -42.54 5.07
C GLY A 104 -36.16 -43.22 3.73
N HIS A 105 -34.93 -43.44 3.31
CA HIS A 105 -34.66 -44.06 2.01
C HIS A 105 -34.18 -45.50 2.17
N ALA A 106 -34.05 -46.19 1.04
CA ALA A 106 -33.45 -47.51 1.00
C ALA A 106 -31.96 -47.40 0.70
N ILE A 107 -31.19 -48.33 1.24
CA ILE A 107 -29.73 -48.27 1.16
C ILE A 107 -29.23 -49.63 0.70
N LEU A 108 -28.19 -49.63 -0.13
CA LEU A 108 -27.55 -50.84 -0.61
C LEU A 108 -26.05 -50.73 -0.36
N LEU A 109 -25.54 -51.49 0.60
CA LEU A 109 -24.12 -51.51 0.88
C LEU A 109 -23.39 -52.44 -0.09
N ARG A 110 -22.07 -52.32 -0.09
CA ARG A 110 -21.22 -53.22 -0.87
C ARG A 110 -19.88 -53.34 -0.16
N HIS A 111 -19.45 -54.57 0.09
CA HIS A 111 -18.14 -54.78 0.70
C HIS A 111 -17.06 -54.28 -0.26
N ALA A 112 -16.13 -53.50 0.27
CA ALA A 112 -15.20 -52.80 -0.62
C ALA A 112 -14.14 -53.73 -1.22
N HIS A 113 -13.82 -54.84 -0.56
CA HIS A 113 -12.74 -55.70 -1.03
C HIS A 113 -13.26 -56.79 -1.97
N SER A 114 -14.21 -57.59 -1.50
CA SER A 114 -14.75 -58.69 -2.28
C SER A 114 -15.71 -58.23 -3.35
N ARG A 115 -16.06 -56.94 -3.38
CA ARG A 115 -17.00 -56.40 -4.35
C ARG A 115 -18.36 -57.09 -4.23
N MET A 116 -18.70 -57.46 -3.01
CA MET A 116 -19.98 -58.08 -2.69
C MET A 116 -20.90 -57.13 -1.93
N TYR A 117 -22.19 -57.28 -2.22
CA TYR A 117 -23.26 -56.43 -1.69
C TYR A 117 -23.86 -57.06 -0.44
N LEU A 118 -24.01 -56.26 0.61
CA LEU A 118 -24.54 -56.77 1.87
C LEU A 118 -25.99 -57.22 1.72
N SER A 119 -26.31 -58.37 2.29
CA SER A 119 -27.67 -58.90 2.28
C SER A 119 -27.93 -59.51 3.66
N CYS A 120 -29.10 -60.13 3.82
CA CYS A 120 -29.47 -60.78 5.07
C CYS A 120 -29.82 -62.24 4.78
N LEU A 121 -29.36 -63.14 5.64
CA LEU A 121 -29.54 -64.57 5.41
C LEU A 121 -30.84 -65.05 6.05
N THR A 122 -31.07 -66.37 5.97
CA THR A 122 -32.26 -67.01 6.51
C THR A 122 -31.90 -68.19 7.40
N THR A 123 -30.77 -68.12 8.11
CA THR A 123 -30.34 -69.19 8.98
C THR A 123 -30.40 -68.73 10.44
N SER A 124 -29.98 -69.60 11.35
CA SER A 124 -30.00 -69.32 12.77
C SER A 124 -28.60 -69.53 13.35
N ARG A 125 -28.12 -68.56 14.12
CA ARG A 125 -26.84 -68.62 14.77
C ARG A 125 -27.03 -68.52 16.28
N SER A 126 -26.04 -69.03 17.01
CA SER A 126 -25.94 -69.01 18.47
C SER A 126 -27.03 -69.83 19.16
N MET A 127 -27.92 -70.49 18.41
CA MET A 127 -28.98 -71.31 18.98
C MET A 127 -29.80 -70.52 19.99
N THR A 128 -30.12 -69.28 19.65
CA THR A 128 -30.80 -68.37 20.56
C THR A 128 -32.28 -68.71 20.74
N ASP A 129 -32.80 -69.68 19.99
CA ASP A 129 -34.23 -70.00 20.00
C ASP A 129 -35.05 -68.74 19.67
N LYS A 130 -34.63 -68.06 18.61
CA LYS A 130 -35.15 -66.74 18.28
C LYS A 130 -35.14 -66.59 16.77
N LEU A 131 -35.26 -65.34 16.30
CA LEU A 131 -35.27 -65.04 14.88
C LEU A 131 -34.05 -64.21 14.51
N ALA A 132 -32.88 -64.59 15.04
CA ALA A 132 -31.68 -63.79 14.91
C ALA A 132 -31.36 -63.49 13.44
N PHE A 133 -31.36 -64.52 12.59
CA PHE A 133 -31.12 -64.38 11.16
C PHE A 133 -29.79 -63.67 10.89
N ASP A 134 -28.72 -64.40 11.22
CA ASP A 134 -27.37 -63.87 11.08
C ASP A 134 -27.14 -63.29 9.70
N VAL A 135 -26.50 -62.13 9.66
CA VAL A 135 -26.34 -61.36 8.43
C VAL A 135 -25.26 -62.00 7.57
N GLY A 136 -25.49 -62.03 6.26
CA GLY A 136 -24.53 -62.60 5.33
C GLY A 136 -24.70 -62.15 3.90
N LEU A 137 -23.58 -61.92 3.21
CA LEU A 137 -23.59 -61.44 1.84
C LEU A 137 -22.96 -62.47 0.90
N GLN A 138 -23.78 -63.03 0.01
CA GLN A 138 -23.28 -64.15 -0.79
C GLN A 138 -23.25 -63.91 -2.29
N GLU A 139 -24.41 -63.71 -2.92
CA GLU A 139 -24.42 -63.48 -4.36
C GLU A 139 -25.52 -62.52 -4.80
N ASP A 140 -26.28 -61.93 -3.87
CA ASP A 140 -27.56 -61.33 -4.19
C ASP A 140 -27.43 -60.06 -5.05
N ALA A 141 -27.43 -60.24 -6.37
CA ALA A 141 -27.57 -59.09 -7.27
C ALA A 141 -28.99 -58.59 -7.32
N THR A 142 -29.98 -59.50 -7.25
CA THR A 142 -31.39 -59.11 -7.20
C THR A 142 -31.69 -58.63 -5.78
N GLY A 143 -32.20 -57.41 -5.69
CA GLY A 143 -32.39 -56.75 -4.42
C GLY A 143 -33.70 -57.01 -3.71
N GLU A 144 -33.89 -58.22 -3.17
CA GLU A 144 -35.06 -58.47 -2.35
C GLU A 144 -34.71 -58.46 -0.87
N ALA A 145 -33.65 -59.16 -0.48
CA ALA A 145 -33.23 -59.21 0.91
C ALA A 145 -31.92 -58.49 1.16
N CYS A 146 -31.42 -57.71 0.19
CA CYS A 146 -30.18 -56.98 0.35
C CYS A 146 -30.41 -55.48 0.51
N TRP A 147 -31.62 -55.08 0.88
CA TRP A 147 -31.95 -53.67 1.07
C TRP A 147 -32.36 -53.42 2.51
N TRP A 148 -32.16 -52.18 2.95
CA TRP A 148 -32.46 -51.78 4.32
C TRP A 148 -33.11 -50.40 4.27
N THR A 149 -34.16 -50.21 5.06
CA THR A 149 -34.73 -48.88 5.20
C THR A 149 -33.84 -48.03 6.11
N MET A 150 -34.23 -46.76 6.28
CA MET A 150 -33.45 -45.84 7.10
C MET A 150 -34.42 -45.03 7.95
N HIS A 151 -34.14 -44.97 9.24
CA HIS A 151 -34.94 -44.20 10.18
C HIS A 151 -34.04 -43.43 11.14
N PRO A 152 -34.47 -42.26 11.58
CA PRO A 152 -33.70 -41.50 12.57
C PRO A 152 -33.77 -42.17 13.93
N ALA A 153 -32.74 -41.93 14.74
CA ALA A 153 -32.65 -42.56 16.05
C ALA A 153 -33.49 -41.80 17.09
N SER A 154 -33.14 -40.54 17.33
CA SER A 154 -33.83 -39.71 18.31
C SER A 154 -34.67 -38.65 17.59
N LYS A 155 -35.24 -37.73 18.37
CA LYS A 155 -36.06 -36.66 17.82
C LYS A 155 -35.24 -35.47 17.34
N GLN A 156 -33.92 -35.51 17.50
CA GLN A 156 -33.07 -34.43 16.98
C GLN A 156 -33.19 -34.32 15.47
N ARG A 157 -33.20 -35.46 14.79
CA ARG A 157 -33.44 -35.52 13.35
C ARG A 157 -34.86 -35.97 13.06
N SER A 158 -35.26 -35.86 11.80
CA SER A 158 -36.60 -36.24 11.38
C SER A 158 -36.54 -36.72 9.93
N GLU A 159 -37.70 -37.09 9.38
CA GLU A 159 -37.76 -37.66 8.05
C GLU A 159 -37.39 -36.62 6.99
N GLY A 160 -36.72 -37.09 5.94
CA GLY A 160 -36.38 -36.24 4.82
C GLY A 160 -35.20 -35.31 5.03
N GLU A 161 -34.55 -35.37 6.19
CA GLU A 161 -33.46 -34.46 6.49
C GLU A 161 -32.15 -35.01 5.95
N LYS A 162 -31.18 -34.12 5.77
CA LYS A 162 -29.86 -34.52 5.29
C LYS A 162 -29.10 -35.26 6.38
N VAL A 163 -28.35 -36.27 5.98
CA VAL A 163 -27.57 -37.07 6.93
C VAL A 163 -26.20 -36.42 7.09
N ARG A 164 -25.84 -36.11 8.32
CA ARG A 164 -24.55 -35.49 8.62
C ARG A 164 -23.54 -36.55 9.04
N VAL A 165 -22.27 -36.13 9.06
CA VAL A 165 -21.19 -37.04 9.44
C VAL A 165 -21.31 -37.35 10.93
N GLY A 166 -21.29 -38.64 11.27
CA GLY A 166 -21.30 -39.04 12.66
C GLY A 166 -22.64 -38.94 13.35
N ASP A 167 -23.74 -39.11 12.61
CA ASP A 167 -25.06 -39.10 13.21
C ASP A 167 -25.32 -40.47 13.86
N ASP A 168 -26.42 -40.58 14.59
CA ASP A 168 -26.82 -41.83 15.23
C ASP A 168 -27.82 -42.54 14.33
N LEU A 169 -27.39 -43.65 13.74
CA LEU A 169 -28.14 -44.31 12.68
C LEU A 169 -28.85 -45.55 13.19
N ILE A 170 -30.05 -45.77 12.65
CA ILE A 170 -30.85 -46.96 12.92
C ILE A 170 -31.22 -47.59 11.57
N LEU A 171 -30.90 -48.87 11.42
CA LEU A 171 -31.13 -49.59 10.18
C LEU A 171 -32.18 -50.68 10.40
N VAL A 172 -33.19 -50.71 9.55
CA VAL A 172 -34.29 -51.66 9.65
C VAL A 172 -34.38 -52.43 8.34
N SER A 173 -34.53 -53.74 8.43
CA SER A 173 -34.54 -54.59 7.25
C SER A 173 -35.79 -54.35 6.40
N VAL A 174 -35.71 -54.78 5.14
CA VAL A 174 -36.82 -54.66 4.20
C VAL A 174 -37.61 -55.95 4.10
N SER A 175 -36.95 -57.04 3.72
CA SER A 175 -37.65 -58.31 3.57
C SER A 175 -38.00 -58.93 4.91
N SER A 176 -37.10 -58.83 5.89
CA SER A 176 -37.34 -59.42 7.21
C SER A 176 -37.89 -58.43 8.22
N GLU A 177 -37.62 -57.14 8.06
CA GLU A 177 -38.21 -56.09 8.89
C GLU A 177 -37.79 -56.23 10.35
N ARG A 178 -36.48 -56.30 10.56
CA ARG A 178 -35.87 -56.28 11.88
C ARG A 178 -34.77 -55.24 11.93
N TYR A 179 -34.26 -55.00 13.14
CA TYR A 179 -33.24 -53.98 13.35
C TYR A 179 -31.87 -54.54 13.02
N LEU A 180 -30.80 -53.85 13.41
CA LEU A 180 -29.43 -54.36 13.28
C LEU A 180 -28.85 -54.36 14.68
N HIS A 181 -29.03 -55.48 15.38
CA HIS A 181 -28.73 -55.56 16.82
C HIS A 181 -27.32 -56.09 17.03
N LEU A 182 -26.53 -55.36 17.82
CA LEU A 182 -25.27 -55.89 18.33
C LEU A 182 -25.61 -56.79 19.51
N SER A 183 -25.89 -58.05 19.23
CA SER A 183 -26.39 -59.00 20.22
C SER A 183 -25.23 -59.85 20.72
N THR A 184 -24.63 -59.42 21.84
CA THR A 184 -23.66 -60.25 22.53
C THR A 184 -24.38 -61.25 23.42
N ALA A 185 -23.65 -62.28 23.84
CA ALA A 185 -24.22 -63.33 24.67
C ALA A 185 -23.14 -63.83 25.62
N SER A 186 -23.38 -64.99 26.24
CA SER A 186 -22.39 -65.57 27.13
C SER A 186 -21.06 -65.83 26.43
N GLY A 187 -21.08 -66.05 25.12
CA GLY A 187 -19.86 -66.17 24.36
C GLY A 187 -19.28 -64.81 24.01
N GLU A 188 -18.77 -64.67 22.79
CA GLU A 188 -18.18 -63.41 22.35
C GLU A 188 -19.31 -62.45 21.93
N LEU A 189 -18.93 -61.33 21.32
CA LEU A 189 -19.88 -60.34 20.83
C LEU A 189 -20.26 -60.71 19.41
N GLN A 190 -21.56 -60.90 19.17
CA GLN A 190 -22.06 -61.31 17.87
C GLN A 190 -22.91 -60.22 17.26
N VAL A 191 -22.98 -60.21 15.93
CA VAL A 191 -23.73 -59.22 15.16
C VAL A 191 -24.82 -59.94 14.39
N ASP A 192 -26.06 -59.48 14.55
CA ASP A 192 -27.20 -60.07 13.87
C ASP A 192 -28.34 -59.06 13.90
N ALA A 193 -29.55 -59.50 13.51
CA ALA A 193 -30.71 -58.62 13.34
C ALA A 193 -31.91 -59.25 14.05
N SER A 194 -32.02 -59.03 15.36
CA SER A 194 -33.06 -59.77 16.08
C SER A 194 -34.03 -58.94 16.91
N PHE A 195 -33.54 -58.24 17.93
CA PHE A 195 -34.38 -57.75 19.02
C PHE A 195 -34.43 -56.23 19.15
N MET A 196 -33.30 -55.56 19.28
CA MET A 196 -33.28 -54.12 19.47
C MET A 196 -32.41 -53.44 18.42
N GLN A 197 -32.39 -52.12 18.48
CA GLN A 197 -31.64 -51.29 17.56
C GLN A 197 -30.18 -51.21 17.98
N THR A 198 -29.40 -50.45 17.22
CA THR A 198 -28.01 -50.16 17.56
C THR A 198 -27.62 -48.80 17.00
N LEU A 199 -26.99 -47.97 17.83
CA LEU A 199 -26.48 -46.68 17.41
C LEU A 199 -25.26 -46.88 16.51
N TRP A 200 -25.45 -46.74 15.20
CA TRP A 200 -24.35 -46.86 14.26
C TRP A 200 -23.95 -45.49 13.73
N ASN A 201 -22.69 -45.38 13.34
CA ASN A 201 -22.15 -44.11 12.83
C ASN A 201 -21.38 -44.37 11.54
N MET A 202 -21.72 -43.61 10.50
CA MET A 202 -20.88 -43.60 9.32
C MET A 202 -19.60 -42.82 9.58
N ASN A 203 -18.57 -43.16 8.82
CA ASN A 203 -17.30 -42.46 8.93
C ASN A 203 -16.74 -42.20 7.54
N PRO A 204 -16.60 -40.94 7.14
CA PRO A 204 -16.02 -40.66 5.82
C PRO A 204 -14.53 -41.00 5.78
N ILE A 205 -14.24 -42.32 5.76
CA ILE A 205 -12.86 -42.78 5.72
C ILE A 205 -12.17 -42.38 4.42
N CYS A 206 -12.93 -42.09 3.37
CA CYS A 206 -12.36 -41.64 2.11
C CYS A 206 -13.43 -40.88 1.35
N SER A 207 -13.04 -40.35 0.19
CA SER A 207 -13.95 -39.57 -0.63
C SER A 207 -13.45 -39.62 -2.07
N CYS A 208 -13.94 -38.72 -2.90
CA CYS A 208 -13.55 -38.66 -4.30
C CYS A 208 -12.12 -38.16 -4.44
N CYS A 209 -11.17 -39.09 -4.59
CA CYS A 209 -9.78 -38.74 -4.68
C CYS A 209 -9.47 -38.08 -6.03
N GLU A 210 -8.30 -37.45 -6.11
CA GLU A 210 -7.81 -36.95 -7.37
C GLU A 210 -7.09 -38.06 -8.12
N GLU A 211 -6.60 -37.76 -9.31
CA GLU A 211 -5.96 -38.75 -10.18
C GLU A 211 -4.45 -38.57 -10.09
N GLY A 212 -3.74 -39.69 -9.99
CA GLY A 212 -2.30 -39.64 -9.85
C GLY A 212 -1.82 -39.05 -8.54
N TYR A 213 -2.51 -39.32 -7.44
CA TYR A 213 -2.10 -38.85 -6.13
C TYR A 213 -2.20 -39.98 -5.12
N VAL A 214 -1.29 -39.99 -4.15
CA VAL A 214 -1.23 -41.06 -3.17
C VAL A 214 -2.31 -40.83 -2.12
N THR A 215 -3.14 -41.84 -1.92
CA THR A 215 -4.18 -41.83 -0.90
C THR A 215 -4.03 -43.05 0.00
N GLY A 216 -4.76 -43.05 1.12
CA GLY A 216 -4.64 -44.12 2.07
C GLY A 216 -5.28 -45.42 1.58
N GLY A 217 -4.87 -46.51 2.23
CA GLY A 217 -5.40 -47.82 1.93
C GLY A 217 -4.85 -48.46 0.68
N HIS A 218 -3.97 -47.79 -0.05
CA HIS A 218 -3.43 -48.34 -1.28
C HIS A 218 -2.44 -49.47 -0.99
N VAL A 219 -2.24 -50.33 -1.98
CA VAL A 219 -1.22 -51.36 -1.95
C VAL A 219 -0.29 -51.09 -3.14
N LEU A 220 0.89 -50.55 -2.85
CA LEU A 220 1.77 -50.02 -3.88
C LEU A 220 3.21 -50.47 -3.64
N ARG A 221 4.01 -50.43 -4.70
CA ARG A 221 5.41 -50.81 -4.65
C ARG A 221 6.29 -49.60 -4.38
N LEU A 222 7.57 -49.87 -4.16
CA LEU A 222 8.58 -48.84 -3.89
C LEU A 222 9.72 -49.06 -4.87
N PHE A 223 9.59 -48.50 -6.07
CA PHE A 223 10.62 -48.65 -7.08
C PHE A 223 11.87 -47.88 -6.68
N HIS A 224 13.03 -48.46 -6.92
CA HIS A 224 14.29 -47.89 -6.52
C HIS A 224 15.17 -47.65 -7.74
N GLY A 225 16.12 -46.73 -7.61
CA GLY A 225 17.05 -46.45 -8.68
C GLY A 225 16.40 -45.81 -9.89
N HIS A 226 16.99 -46.02 -11.06
CA HIS A 226 16.54 -45.36 -12.28
C HIS A 226 16.04 -46.34 -13.33
N MET A 227 16.70 -47.50 -13.49
CA MET A 227 16.36 -48.41 -14.57
C MET A 227 15.43 -49.53 -14.13
N ASP A 228 15.87 -50.37 -13.18
CA ASP A 228 15.05 -51.49 -12.73
C ASP A 228 15.51 -51.88 -11.32
N GLU A 229 14.75 -51.44 -10.32
CA GLU A 229 15.01 -51.81 -8.93
C GLU A 229 13.81 -51.40 -8.09
N CYS A 230 13.43 -52.25 -7.14
CA CYS A 230 12.29 -51.96 -6.28
C CYS A 230 12.44 -52.72 -4.97
N LEU A 231 11.67 -52.28 -3.97
CA LEU A 231 11.72 -52.88 -2.65
C LEU A 231 11.10 -54.28 -2.67
N THR A 232 11.71 -55.19 -1.91
CA THR A 232 11.23 -56.56 -1.84
C THR A 232 11.77 -57.20 -0.56
N ILE A 233 11.13 -58.31 -0.17
CA ILE A 233 11.61 -59.11 0.95
C ILE A 233 11.82 -60.54 0.46
N SER A 234 12.41 -61.38 1.30
CA SER A 234 12.70 -62.75 0.92
C SER A 234 11.41 -63.57 0.83
N ALA A 235 11.42 -64.55 -0.06
CA ALA A 235 10.27 -65.41 -0.26
C ALA A 235 10.17 -66.45 0.84
N ALA A 236 9.12 -67.27 0.77
CA ALA A 236 8.88 -68.28 1.78
C ALA A 236 9.79 -69.48 1.57
N ASP A 237 9.52 -70.55 2.32
CA ASP A 237 10.32 -71.78 2.29
C ASP A 237 11.77 -71.49 2.64
N SER A 238 11.98 -70.56 3.57
CA SER A 238 13.31 -70.21 4.05
C SER A 238 13.27 -70.09 5.57
N ASP A 239 14.37 -70.48 6.21
CA ASP A 239 14.47 -70.41 7.67
C ASP A 239 14.67 -69.00 8.17
N ASP A 240 14.91 -68.03 7.29
CA ASP A 240 15.16 -66.65 7.67
C ASP A 240 13.93 -65.94 8.21
N GLN A 241 12.78 -66.63 8.30
CA GLN A 241 11.53 -66.07 8.78
C GLN A 241 11.06 -64.89 7.93
N ARG A 242 11.65 -64.74 6.74
CA ARG A 242 11.32 -63.65 5.82
C ARG A 242 11.42 -62.29 6.50
N ARG A 243 12.62 -62.01 7.00
CA ARG A 243 12.88 -60.78 7.74
C ARG A 243 13.80 -59.81 7.02
N LEU A 244 14.70 -60.31 6.17
CA LEU A 244 15.72 -59.48 5.54
C LEU A 244 15.13 -58.75 4.34
N VAL A 245 15.42 -57.47 4.23
CA VAL A 245 14.94 -56.62 3.14
C VAL A 245 16.01 -56.57 2.05
N TYR A 246 15.57 -56.67 0.81
CA TYR A 246 16.49 -56.67 -0.32
C TYR A 246 15.88 -55.85 -1.45
N TYR A 247 16.63 -55.79 -2.56
CA TYR A 247 16.18 -55.17 -3.80
C TYR A 247 16.38 -56.15 -4.94
N GLU A 248 15.67 -55.90 -6.04
CA GLU A 248 15.79 -56.76 -7.21
C GLU A 248 15.42 -55.94 -8.44
N GLY A 249 15.88 -56.40 -9.60
CA GLY A 249 15.61 -55.70 -10.85
C GLY A 249 14.22 -55.97 -11.37
N GLY A 250 14.11 -56.24 -12.67
CA GLY A 250 12.82 -56.44 -13.29
C GLY A 250 12.25 -57.84 -13.13
N ALA A 251 12.43 -58.43 -11.95
CA ALA A 251 11.89 -59.75 -11.66
C ALA A 251 10.80 -59.71 -10.61
N VAL A 252 11.09 -59.16 -9.42
CA VAL A 252 10.07 -59.05 -8.37
C VAL A 252 9.15 -57.86 -8.60
N CYS A 253 9.46 -57.01 -9.59
CA CYS A 253 8.64 -55.82 -9.85
C CYS A 253 7.20 -56.17 -10.23
N THR A 254 6.93 -57.41 -10.62
CA THR A 254 5.58 -57.89 -10.87
C THR A 254 5.35 -59.18 -10.08
N HIS A 255 5.70 -59.15 -8.79
CA HIS A 255 5.51 -60.27 -7.88
C HIS A 255 4.74 -59.80 -6.66
N ALA A 256 4.20 -60.76 -5.91
CA ALA A 256 3.41 -60.43 -4.73
C ALA A 256 4.24 -59.89 -3.58
N ARG A 257 5.53 -60.22 -3.51
CA ARG A 257 6.38 -59.72 -2.44
C ARG A 257 6.57 -58.20 -2.52
N SER A 258 6.65 -57.66 -3.72
CA SER A 258 6.93 -56.24 -3.92
C SER A 258 5.79 -55.33 -3.47
N LEU A 259 4.63 -55.89 -3.17
CA LEU A 259 3.47 -55.10 -2.77
C LEU A 259 3.58 -54.70 -1.30
N TRP A 260 3.30 -53.42 -1.03
CA TRP A 260 3.25 -52.89 0.32
C TRP A 260 2.00 -52.05 0.47
N ARG A 261 1.37 -52.13 1.64
CA ARG A 261 0.15 -51.39 1.93
C ARG A 261 0.47 -50.24 2.87
N LEU A 262 0.09 -49.02 2.48
CA LEU A 262 0.29 -47.84 3.31
C LEU A 262 -0.92 -47.70 4.23
N GLU A 263 -0.74 -48.02 5.51
CA GLU A 263 -1.81 -47.93 6.48
C GLU A 263 -1.55 -46.75 7.42
N PRO A 264 -2.33 -45.69 7.34
CA PRO A 264 -2.04 -44.49 8.14
C PRO A 264 -2.33 -44.72 9.61
N LEU A 265 -1.75 -43.81 10.42
CA LEU A 265 -1.94 -43.82 11.87
C LEU A 265 -3.27 -43.21 12.28
N ARG A 266 -4.01 -42.62 11.35
CA ARG A 266 -5.26 -41.95 11.67
C ARG A 266 -6.38 -42.96 11.90
N ILE A 267 -7.52 -42.45 12.35
CA ILE A 267 -8.69 -43.29 12.59
C ILE A 267 -9.68 -43.09 11.45
N SER A 268 -10.10 -41.84 11.23
CA SER A 268 -11.03 -41.52 10.16
C SER A 268 -10.29 -40.81 9.02
N TRP A 269 -10.97 -40.75 7.87
CA TRP A 269 -10.44 -40.07 6.68
C TRP A 269 -9.09 -40.62 6.28
N SER A 270 -8.92 -41.94 6.39
CA SER A 270 -7.63 -42.55 6.09
C SER A 270 -7.26 -42.44 4.62
N GLY A 271 -8.24 -42.32 3.74
CA GLY A 271 -7.97 -42.28 2.31
C GLY A 271 -7.75 -40.89 1.78
N SER A 272 -7.47 -39.93 2.66
CA SER A 272 -7.24 -38.55 2.24
C SER A 272 -5.90 -38.43 1.53
N HIS A 273 -5.68 -37.27 0.93
CA HIS A 273 -4.43 -37.02 0.23
C HIS A 273 -3.27 -36.93 1.21
N LEU A 274 -2.16 -37.59 0.88
CA LEU A 274 -1.00 -37.64 1.75
C LEU A 274 -0.15 -36.39 1.56
N ARG A 275 0.48 -35.93 2.63
CA ARG A 275 1.30 -34.73 2.63
C ARG A 275 2.68 -35.03 3.19
N TRP A 276 3.66 -34.24 2.77
CA TRP A 276 5.02 -34.41 3.24
C TRP A 276 5.11 -34.15 4.74
N GLY A 277 6.01 -34.86 5.41
CA GLY A 277 6.16 -34.73 6.84
C GLY A 277 4.98 -35.30 7.60
N GLN A 278 4.80 -36.61 7.53
CA GLN A 278 3.63 -37.21 8.15
C GLN A 278 3.94 -38.65 8.57
N PRO A 279 3.72 -38.98 9.84
CA PRO A 279 4.05 -40.33 10.32
C PRO A 279 3.01 -41.35 9.89
N LEU A 280 3.51 -42.51 9.46
CA LEU A 280 2.63 -43.56 8.97
C LEU A 280 3.23 -44.91 9.31
N ARG A 281 2.40 -45.95 9.21
CA ARG A 281 2.85 -47.33 9.28
C ARG A 281 2.85 -47.95 7.89
N ILE A 282 3.67 -48.98 7.72
CA ILE A 282 3.77 -49.68 6.44
C ILE A 282 3.61 -51.18 6.70
N ARG A 283 2.74 -51.82 5.94
CA ARG A 283 2.40 -53.22 6.13
C ARG A 283 2.54 -53.97 4.82
N HIS A 284 3.04 -55.21 4.89
CA HIS A 284 3.07 -56.08 3.74
C HIS A 284 1.81 -56.96 3.73
N VAL A 285 1.13 -56.98 2.59
CA VAL A 285 -0.18 -57.63 2.52
C VAL A 285 -0.05 -59.15 2.51
N THR A 286 0.79 -59.68 1.61
CA THR A 286 0.93 -61.14 1.53
C THR A 286 1.64 -61.69 2.75
N THR A 287 2.62 -60.95 3.28
CA THR A 287 3.31 -61.37 4.48
C THR A 287 2.46 -61.19 5.72
N GLY A 288 1.59 -60.20 5.73
CA GLY A 288 0.79 -59.91 6.92
C GLY A 288 1.63 -59.47 8.09
N ARG A 289 2.66 -58.65 7.85
CA ARG A 289 3.57 -58.21 8.89
C ARG A 289 3.88 -56.72 8.67
N TYR A 290 4.72 -56.19 9.55
CA TYR A 290 5.18 -54.82 9.47
C TYR A 290 6.70 -54.76 9.38
N LEU A 291 7.20 -53.65 8.85
CA LEU A 291 8.63 -53.40 8.72
C LEU A 291 9.04 -52.40 9.79
N ALA A 292 10.02 -52.78 10.60
CA ALA A 292 10.42 -51.93 11.71
C ALA A 292 11.82 -52.31 12.18
N LEU A 293 12.44 -51.37 12.91
CA LEU A 293 13.71 -51.58 13.58
C LEU A 293 13.47 -51.27 15.06
N THR A 294 13.43 -52.32 15.89
CA THR A 294 13.03 -52.14 17.29
C THR A 294 14.18 -51.55 18.12
N GLU A 295 15.23 -52.34 18.35
CA GLU A 295 16.39 -51.79 19.03
C GLU A 295 17.70 -52.13 18.34
N ASP A 296 17.85 -53.37 17.89
CA ASP A 296 19.11 -53.83 17.31
C ASP A 296 18.97 -54.72 16.09
N GLN A 297 17.78 -55.26 15.80
CA GLN A 297 17.62 -56.28 14.77
C GLN A 297 17.89 -55.77 13.36
N GLY A 298 17.98 -54.46 13.17
CA GLY A 298 18.18 -53.89 11.85
C GLY A 298 16.87 -53.69 11.12
N LEU A 299 16.99 -53.58 9.81
CA LEU A 299 15.82 -53.40 8.94
C LEU A 299 15.14 -54.75 8.69
N VAL A 300 14.42 -55.25 9.68
CA VAL A 300 13.78 -56.56 9.58
C VAL A 300 12.27 -56.39 9.57
N VAL A 301 11.57 -57.46 9.26
CA VAL A 301 10.12 -57.45 9.12
C VAL A 301 9.55 -57.90 10.46
N VAL A 302 9.08 -56.92 11.26
CA VAL A 302 8.52 -57.23 12.56
C VAL A 302 7.13 -57.86 12.38
N ASP A 303 6.69 -58.59 13.39
CA ASP A 303 5.40 -59.26 13.34
C ASP A 303 4.28 -58.22 13.39
N ALA A 304 3.06 -58.66 13.08
CA ALA A 304 1.92 -57.77 12.93
C ALA A 304 1.30 -57.36 14.26
N CYS A 305 1.95 -57.68 15.37
CA CYS A 305 1.47 -57.23 16.67
C CYS A 305 2.50 -56.43 17.45
N LYS A 306 3.70 -56.26 16.91
CA LYS A 306 4.81 -55.58 17.57
C LYS A 306 5.20 -54.31 16.82
N ALA A 307 4.18 -53.52 16.46
CA ALA A 307 4.35 -52.27 15.74
C ALA A 307 3.68 -51.13 16.51
N HIS A 308 4.00 -51.06 17.80
CA HIS A 308 3.31 -50.16 18.72
C HIS A 308 3.73 -48.71 18.56
N THR A 309 3.62 -48.19 17.33
CA THR A 309 3.75 -46.76 17.03
C THR A 309 5.17 -46.28 17.26
N LYS A 310 6.04 -47.15 17.76
CA LYS A 310 7.39 -46.77 18.14
C LYS A 310 8.43 -47.48 17.27
N ALA A 311 8.17 -48.73 16.93
CA ALA A 311 9.13 -49.54 16.18
C ALA A 311 9.23 -49.14 14.72
N THR A 312 8.12 -48.86 14.05
CA THR A 312 8.20 -48.41 12.66
C THR A 312 8.50 -46.92 12.59
N SER A 313 7.55 -46.09 13.02
CA SER A 313 7.69 -44.64 13.01
C SER A 313 8.38 -44.10 11.76
N PHE A 314 7.81 -44.39 10.59
CA PHE A 314 8.37 -43.91 9.33
C PHE A 314 7.67 -42.64 8.87
N CYS A 315 8.34 -41.90 7.98
CA CYS A 315 7.76 -40.70 7.40
C CYS A 315 8.43 -40.43 6.06
N PHE A 316 7.72 -39.69 5.21
CA PHE A 316 8.19 -39.32 3.88
C PHE A 316 8.65 -37.87 3.90
N ARG A 317 9.87 -37.63 3.41
CA ARG A 317 10.45 -36.30 3.38
C ARG A 317 11.03 -35.99 2.01
N VAL A 318 11.00 -34.71 1.66
CA VAL A 318 11.51 -34.27 0.36
C VAL A 318 13.02 -34.46 0.29
N SER A 319 13.73 -34.16 1.38
CA SER A 319 15.20 -34.27 1.38
C SER A 319 15.63 -34.63 2.79
N LYS A 320 16.93 -34.49 3.05
CA LYS A 320 17.51 -34.83 4.36
C LYS A 320 17.89 -33.55 5.09
N GLU A 321 17.06 -32.52 4.95
CA GLU A 321 17.35 -31.19 5.45
C GLU A 321 17.06 -31.11 6.95
N LYS A 322 16.97 -29.88 7.45
CA LYS A 322 16.86 -29.59 8.89
C LYS A 322 15.43 -29.43 9.35
N LEU A 323 14.53 -30.24 8.82
CA LEU A 323 13.12 -30.25 9.19
C LEU A 323 12.92 -30.18 10.70
N ASP A 324 11.91 -29.43 11.13
CA ASP A 324 11.59 -29.30 12.53
C ASP A 324 10.74 -30.44 13.06
N THR A 325 10.30 -31.35 12.18
CA THR A 325 9.47 -32.50 12.56
C THR A 325 8.19 -32.04 13.27
N ALA A 326 7.60 -30.97 12.77
CA ALA A 326 6.35 -30.45 13.34
C ALA A 326 5.33 -30.22 12.23
N PRO A 327 5.15 -31.17 11.32
CA PRO A 327 4.17 -31.02 10.23
C PRO A 327 2.86 -31.78 10.45
N LYS A 328 2.61 -32.33 11.63
CA LYS A 328 1.43 -33.15 11.90
C LYS A 328 0.22 -32.25 12.02
N ARG A 329 -0.47 -32.06 10.90
CA ARG A 329 -1.68 -31.25 10.83
C ARG A 329 -2.85 -32.12 10.42
N ASP A 330 -3.94 -32.08 11.19
CA ASP A 330 -5.12 -32.86 10.88
C ASP A 330 -5.99 -32.16 9.85
N VAL A 331 -6.56 -32.93 8.94
CA VAL A 331 -7.45 -32.42 7.90
C VAL A 331 -8.81 -33.09 8.04
N GLU A 332 -9.87 -32.29 8.06
CA GLU A 332 -11.22 -32.79 8.21
C GLU A 332 -11.90 -33.07 6.87
N GLY A 333 -11.18 -32.89 5.77
CA GLY A 333 -11.68 -33.22 4.45
C GLY A 333 -10.71 -34.07 3.66
N MET A 334 -10.80 -34.01 2.33
CA MET A 334 -9.89 -34.76 1.49
C MET A 334 -8.46 -34.21 1.54
N GLY A 335 -8.31 -32.90 1.68
CA GLY A 335 -7.01 -32.28 1.72
C GLY A 335 -6.46 -32.02 0.33
N PRO A 336 -5.41 -31.21 0.24
CA PRO A 336 -4.83 -30.89 -1.07
C PRO A 336 -4.02 -32.06 -1.60
N PRO A 337 -4.20 -32.40 -2.88
CA PRO A 337 -3.40 -33.46 -3.49
C PRO A 337 -1.97 -33.00 -3.74
N GLU A 338 -1.02 -33.60 -3.03
CA GLU A 338 0.38 -33.20 -3.11
C GLU A 338 1.26 -34.27 -3.72
N ILE A 339 1.26 -35.48 -3.18
CA ILE A 339 2.21 -36.51 -3.59
C ILE A 339 1.64 -37.25 -4.79
N LYS A 340 2.37 -37.25 -5.89
CA LYS A 340 1.96 -37.91 -7.12
C LYS A 340 2.60 -39.31 -7.19
N TYR A 341 2.45 -39.97 -8.34
CA TYR A 341 3.06 -41.26 -8.59
C TYR A 341 4.08 -41.13 -9.71
N GLY A 342 5.27 -41.65 -9.48
CA GLY A 342 6.33 -41.63 -10.46
C GLY A 342 7.15 -40.36 -10.52
N GLU A 343 6.78 -39.33 -9.75
CA GLU A 343 7.53 -38.09 -9.73
C GLU A 343 7.72 -37.53 -8.32
N SER A 344 7.18 -38.18 -7.30
CA SER A 344 7.29 -37.68 -5.94
C SER A 344 8.74 -37.66 -5.45
N LEU A 345 9.53 -38.67 -5.81
CA LEU A 345 10.92 -38.79 -5.39
C LEU A 345 11.03 -38.72 -3.86
N CYS A 346 10.22 -39.53 -3.20
CA CYS A 346 10.16 -39.53 -1.75
C CYS A 346 11.47 -40.01 -1.15
N PHE A 347 11.87 -39.38 -0.05
CA PHE A 347 12.97 -39.84 0.78
C PHE A 347 12.40 -40.17 2.16
N VAL A 348 12.30 -41.46 2.45
CA VAL A 348 11.69 -41.90 3.69
C VAL A 348 12.66 -41.68 4.85
N GLN A 349 12.14 -41.10 5.93
CA GLN A 349 12.93 -40.85 7.13
C GLN A 349 12.17 -41.38 8.35
N HIS A 350 12.90 -42.03 9.26
CA HIS A 350 12.30 -42.47 10.51
C HIS A 350 11.85 -41.28 11.34
N VAL A 351 10.78 -41.48 12.10
CA VAL A 351 10.23 -40.37 12.89
C VAL A 351 11.04 -40.16 14.16
N ALA A 352 11.14 -41.20 14.99
CA ALA A 352 11.84 -41.05 16.27
C ALA A 352 13.33 -40.85 16.08
N SER A 353 13.96 -41.69 15.27
CA SER A 353 15.41 -41.66 15.13
C SER A 353 15.88 -40.74 14.00
N GLY A 354 15.04 -40.50 13.00
CA GLY A 354 15.46 -39.66 11.89
C GLY A 354 16.37 -40.33 10.89
N LEU A 355 16.55 -41.64 10.99
CA LEU A 355 17.45 -42.35 10.09
C LEU A 355 16.85 -42.44 8.69
N TRP A 356 17.74 -42.48 7.70
CA TRP A 356 17.37 -42.59 6.30
C TRP A 356 17.73 -43.99 5.78
N LEU A 357 17.05 -44.38 4.72
CA LEU A 357 17.18 -45.72 4.15
C LEU A 357 18.13 -45.69 2.97
N THR A 358 19.10 -46.61 2.97
CA THR A 358 19.99 -46.82 1.85
C THR A 358 20.47 -48.26 1.90
N TYR A 359 21.08 -48.71 0.80
CA TYR A 359 21.60 -50.07 0.74
C TYR A 359 23.03 -50.11 1.28
N ALA A 360 23.32 -51.14 2.07
CA ALA A 360 24.66 -51.29 2.62
C ALA A 360 25.64 -51.76 1.56
N ALA A 361 25.15 -52.46 0.54
CA ALA A 361 25.95 -53.02 -0.56
C ALA A 361 27.07 -53.88 -0.01
N PRO A 362 26.81 -54.69 1.02
CA PRO A 362 27.86 -55.60 1.50
C PRO A 362 27.91 -56.87 0.69
N ASP A 363 28.97 -57.04 -0.11
CA ASP A 363 29.11 -58.23 -0.94
C ASP A 363 30.52 -58.78 -0.82
N PRO A 364 30.65 -60.10 -0.79
CA PRO A 364 31.98 -60.72 -0.80
C PRO A 364 32.45 -60.94 -2.24
N LYS A 365 33.61 -61.59 -2.37
CA LYS A 365 34.12 -61.91 -3.69
C LYS A 365 33.19 -62.85 -4.44
N ALA A 366 32.67 -63.87 -3.75
CA ALA A 366 31.75 -64.79 -4.39
C ALA A 366 30.35 -64.20 -4.54
N LEU A 367 29.95 -63.31 -3.62
CA LEU A 367 28.62 -62.74 -3.65
C LEU A 367 28.36 -61.85 -4.85
N ARG A 368 29.40 -61.17 -5.36
CA ARG A 368 29.22 -60.35 -6.55
C ARG A 368 28.87 -61.21 -7.76
N LEU A 369 29.53 -62.34 -7.92
CA LEU A 369 29.26 -63.27 -9.01
C LEU A 369 28.24 -64.34 -8.64
N GLY A 370 27.77 -64.36 -7.40
CA GLY A 370 26.80 -65.34 -6.97
C GLY A 370 25.39 -64.78 -6.88
N VAL A 371 24.94 -64.48 -5.66
CA VAL A 371 23.62 -63.91 -5.47
C VAL A 371 23.66 -62.42 -5.72
N LEU A 372 22.86 -61.96 -6.68
CA LEU A 372 22.81 -60.55 -7.06
C LEU A 372 21.73 -59.83 -6.25
N LYS A 373 22.02 -59.62 -4.97
CA LYS A 373 21.09 -59.00 -4.05
C LYS A 373 21.80 -57.92 -3.25
N LYS A 374 21.04 -56.91 -2.84
CA LYS A 374 21.53 -55.84 -2.00
C LYS A 374 20.55 -55.63 -0.86
N LYS A 375 21.07 -55.26 0.31
CA LYS A 375 20.25 -55.08 1.50
C LYS A 375 20.21 -53.62 1.90
N ALA A 376 19.01 -53.10 2.10
CA ALA A 376 18.84 -51.73 2.57
C ALA A 376 19.03 -51.65 4.08
N ILE A 377 19.54 -50.51 4.54
CA ILE A 377 19.76 -50.26 5.96
C ILE A 377 19.27 -48.86 6.30
N LEU A 378 18.98 -48.65 7.57
CA LEU A 378 18.59 -47.35 8.11
C LEU A 378 19.86 -46.61 8.49
N HIS A 379 20.39 -45.83 7.54
CA HIS A 379 21.65 -45.15 7.71
C HIS A 379 21.45 -43.68 8.05
N GLN A 380 22.45 -43.09 8.71
CA GLN A 380 22.37 -41.69 9.12
C GLN A 380 22.59 -40.74 7.95
N GLU A 381 23.24 -41.18 6.89
CA GLU A 381 23.49 -40.34 5.73
C GLU A 381 22.83 -40.86 4.46
N GLY A 382 23.12 -42.09 4.07
CA GLY A 382 22.53 -42.67 2.88
C GLY A 382 23.21 -42.21 1.60
N HIS A 383 22.85 -42.86 0.51
CA HIS A 383 23.36 -42.52 -0.81
C HIS A 383 22.53 -41.37 -1.39
N MET A 384 22.98 -40.81 -2.51
CA MET A 384 22.30 -39.70 -3.16
C MET A 384 21.49 -40.15 -4.38
N ASP A 385 21.34 -41.46 -4.59
CA ASP A 385 20.60 -41.99 -5.72
C ASP A 385 19.54 -42.99 -5.26
N ASP A 386 18.82 -42.64 -4.19
CA ASP A 386 17.75 -43.51 -3.70
C ASP A 386 16.63 -43.60 -4.73
N ALA A 387 16.17 -42.44 -5.23
CA ALA A 387 15.16 -42.35 -6.28
C ALA A 387 13.91 -43.15 -5.91
N LEU A 388 13.48 -43.03 -4.66
CA LEU A 388 12.33 -43.77 -4.17
C LEU A 388 11.03 -43.06 -4.52
N PHE A 389 10.54 -43.25 -5.73
CA PHE A 389 9.22 -42.76 -6.11
C PHE A 389 8.24 -43.92 -6.13
N LEU A 390 6.98 -43.61 -5.82
CA LEU A 390 5.96 -44.61 -5.57
C LEU A 390 5.15 -44.91 -6.82
N THR A 391 4.76 -46.17 -6.98
CA THR A 391 3.97 -46.61 -8.11
C THR A 391 2.85 -47.50 -7.60
N ARG A 392 1.63 -47.25 -8.05
CA ARG A 392 0.45 -47.97 -7.60
C ARG A 392 -0.21 -48.69 -8.77
N CYS A 393 -0.69 -49.90 -8.51
CA CYS A 393 -1.34 -50.74 -9.51
C CYS A 393 -2.79 -50.98 -9.09
N GLN A 394 -3.67 -50.06 -9.49
CA GLN A 394 -5.07 -50.14 -9.11
C GLN A 394 -5.84 -51.09 -10.03
N GLN A 395 -5.71 -52.40 -9.81
CA GLN A 395 -6.36 -53.37 -10.68
C GLN A 395 -6.84 -54.54 -9.82
N GLU A 396 -7.25 -55.61 -10.50
CA GLU A 396 -7.73 -56.81 -9.82
C GLU A 396 -6.66 -57.45 -8.95
N GLU A 397 -5.38 -57.26 -9.29
CA GLU A 397 -4.31 -57.86 -8.52
C GLU A 397 -4.32 -57.37 -7.06
N SER A 398 -4.86 -56.18 -6.82
CA SER A 398 -4.95 -55.68 -5.45
C SER A 398 -5.82 -56.60 -4.60
N GLN A 399 -6.97 -57.03 -5.13
CA GLN A 399 -7.83 -57.93 -4.38
C GLN A 399 -7.22 -59.30 -4.20
N ALA A 400 -6.57 -59.83 -5.24
CA ALA A 400 -6.06 -61.19 -5.20
C ALA A 400 -5.01 -61.37 -4.11
N ALA A 401 -4.31 -60.30 -3.74
CA ALA A 401 -3.27 -60.40 -2.73
C ALA A 401 -3.86 -60.79 -1.39
N ARG A 402 -5.05 -60.28 -1.07
CA ARG A 402 -5.64 -60.53 0.23
C ARG A 402 -5.87 -62.02 0.50
N MET A 403 -6.39 -62.75 -0.48
CA MET A 403 -6.65 -64.17 -0.28
C MET A 403 -5.35 -64.93 -0.01
N ILE A 404 -4.26 -64.49 -0.62
CA ILE A 404 -2.98 -65.15 -0.41
C ILE A 404 -2.60 -65.08 1.05
N HIS A 405 -2.79 -63.92 1.67
CA HIS A 405 -2.70 -63.80 3.12
C HIS A 405 -3.75 -64.67 3.81
N SER A 406 -4.97 -64.69 3.28
CA SER A 406 -6.07 -65.36 3.94
C SER A 406 -6.13 -66.86 3.66
N THR A 407 -5.42 -67.34 2.64
CA THR A 407 -5.46 -68.77 2.33
C THR A 407 -4.66 -69.58 3.34
N ALA A 408 -3.35 -69.29 3.46
CA ALA A 408 -2.52 -69.96 4.44
C ALA A 408 -2.95 -69.67 5.86
N GLY A 409 -3.68 -68.57 6.07
CA GLY A 409 -4.19 -68.28 7.41
C GLY A 409 -5.11 -69.37 7.93
N LEU A 410 -5.87 -70.00 7.05
CA LEU A 410 -6.70 -71.13 7.43
C LEU A 410 -5.99 -72.47 7.26
N TYR A 411 -5.13 -72.59 6.25
CA TYR A 411 -4.48 -73.87 5.98
C TYR A 411 -3.50 -74.24 7.07
N ASN A 412 -2.63 -73.30 7.47
CA ASN A 412 -1.64 -73.59 8.49
C ASN A 412 -2.27 -73.96 9.83
N GLN A 413 -3.33 -73.26 10.24
CA GLN A 413 -4.05 -73.61 11.45
C GLN A 413 -4.92 -74.85 11.28
N PHE A 414 -5.02 -75.36 10.06
CA PHE A 414 -5.65 -76.66 9.81
C PHE A 414 -4.65 -77.79 9.71
N ILE A 415 -3.47 -77.56 9.15
CA ILE A 415 -2.44 -78.60 9.09
C ILE A 415 -2.03 -79.02 10.49
N LYS A 416 -1.87 -78.05 11.39
CA LYS A 416 -1.51 -78.38 12.77
C LYS A 416 -2.57 -79.23 13.44
N GLY A 417 -3.83 -79.09 13.04
CA GLY A 417 -4.88 -79.90 13.61
C GLY A 417 -4.72 -81.37 13.31
N LEU A 418 -4.21 -81.71 12.12
CA LEU A 418 -3.95 -83.11 11.81
C LEU A 418 -2.86 -83.69 12.69
N ASP A 419 -1.83 -82.91 13.00
CA ASP A 419 -0.72 -83.38 13.83
C ASP A 419 -1.14 -83.74 15.24
N SER A 420 -2.26 -83.19 15.73
CA SER A 420 -2.72 -83.50 17.07
C SER A 420 -3.23 -84.93 17.21
N PHE A 421 -3.52 -85.61 16.11
CA PHE A 421 -3.99 -86.99 16.16
C PHE A 421 -3.39 -87.85 15.06
N SER A 422 -2.41 -87.34 14.31
CA SER A 422 -1.88 -88.08 13.17
C SER A 422 -1.23 -89.39 13.61
N GLY A 423 -0.44 -89.36 14.68
CA GLY A 423 0.27 -90.52 15.15
C GLY A 423 -0.23 -91.14 16.44
N LYS A 424 -1.38 -90.70 16.96
CA LYS A 424 -1.89 -91.21 18.22
C LYS A 424 -3.19 -91.96 17.99
N PRO A 425 -3.34 -93.16 18.54
CA PRO A 425 -4.62 -93.87 18.43
C PRO A 425 -5.72 -93.11 19.15
N ARG A 426 -6.93 -93.28 18.65
CA ARG A 426 -8.10 -92.58 19.15
C ARG A 426 -8.86 -93.49 20.11
N GLY A 427 -8.79 -93.18 21.40
CA GLY A 427 -9.55 -93.94 22.38
C GLY A 427 -11.02 -93.58 22.37
N SER A 428 -11.81 -94.40 23.03
CA SER A 428 -13.25 -94.19 23.12
C SER A 428 -13.54 -92.96 23.98
N GLY A 429 -14.10 -91.93 23.38
CA GLY A 429 -14.41 -90.71 24.09
C GLY A 429 -13.97 -89.48 23.31
N PRO A 430 -13.23 -88.59 23.97
CA PRO A 430 -12.71 -87.41 23.28
C PRO A 430 -11.63 -87.79 22.30
N PRO A 431 -11.86 -87.60 21.00
CA PRO A 431 -10.88 -88.04 20.00
C PRO A 431 -9.62 -87.20 20.01
N ALA A 432 -9.77 -85.90 20.27
CA ALA A 432 -8.65 -84.98 20.22
C ALA A 432 -8.97 -83.78 21.10
N GLY A 433 -8.20 -82.71 20.96
CA GLY A 433 -8.38 -81.52 21.74
C GLY A 433 -9.20 -80.48 21.00
N PRO A 434 -8.53 -79.46 20.47
CA PRO A 434 -9.25 -78.42 19.73
C PRO A 434 -9.96 -78.98 18.50
N ALA A 435 -11.10 -78.39 18.18
CA ALA A 435 -11.92 -78.85 17.07
C ALA A 435 -11.23 -78.55 15.74
N LEU A 436 -11.50 -79.41 14.75
CA LEU A 436 -10.89 -79.29 13.44
C LEU A 436 -11.73 -78.39 12.54
N PRO A 437 -11.14 -77.34 11.97
CA PRO A 437 -11.88 -76.51 11.00
C PRO A 437 -12.18 -77.28 9.73
N ILE A 438 -13.44 -77.56 9.47
CA ILE A 438 -13.86 -78.41 8.35
C ILE A 438 -14.67 -77.60 7.34
N GLU A 439 -15.83 -77.08 7.75
CA GLU A 439 -16.71 -76.41 6.81
C GLU A 439 -16.09 -75.13 6.26
N ALA A 440 -15.33 -74.41 7.07
CA ALA A 440 -14.65 -73.21 6.59
C ALA A 440 -13.65 -73.52 5.48
N VAL A 441 -13.05 -74.71 5.48
CA VAL A 441 -12.15 -75.09 4.40
C VAL A 441 -12.91 -75.45 3.14
N ILE A 442 -14.01 -76.18 3.29
CA ILE A 442 -14.80 -76.61 2.13
C ILE A 442 -15.34 -75.40 1.39
N LEU A 443 -15.87 -74.42 2.12
CA LEU A 443 -16.37 -73.21 1.48
C LEU A 443 -15.26 -72.46 0.79
N SER A 444 -14.07 -72.41 1.39
CA SER A 444 -12.95 -71.73 0.76
C SER A 444 -12.51 -72.44 -0.52
N LEU A 445 -12.49 -73.77 -0.52
CA LEU A 445 -12.08 -74.50 -1.72
C LEU A 445 -13.01 -74.24 -2.89
N GLN A 446 -14.32 -74.24 -2.63
CA GLN A 446 -15.28 -73.99 -3.71
C GLN A 446 -15.10 -72.61 -4.31
N ASP A 447 -14.85 -71.60 -3.48
CA ASP A 447 -14.60 -70.26 -3.99
C ASP A 447 -13.35 -70.23 -4.85
N LEU A 448 -12.29 -70.92 -4.42
CA LEU A 448 -11.04 -70.91 -5.17
C LEU A 448 -11.17 -71.61 -6.52
N ILE A 449 -11.90 -72.72 -6.57
CA ILE A 449 -12.06 -73.44 -7.84
C ILE A 449 -12.76 -72.55 -8.86
N GLY A 450 -13.83 -71.88 -8.45
CA GLY A 450 -14.49 -70.94 -9.34
C GLY A 450 -13.67 -69.71 -9.64
N TYR A 451 -12.72 -69.38 -8.76
CA TYR A 451 -11.89 -68.20 -8.99
C TYR A 451 -10.93 -68.42 -10.15
N PHE A 452 -10.60 -69.67 -10.47
CA PHE A 452 -9.63 -69.98 -11.50
C PHE A 452 -10.25 -70.69 -12.69
N GLU A 453 -11.56 -70.62 -12.86
CA GLU A 453 -12.20 -71.30 -13.97
C GLU A 453 -11.80 -70.64 -15.30
N PRO A 454 -11.50 -71.42 -16.32
CA PRO A 454 -11.15 -70.85 -17.62
C PRO A 454 -12.32 -70.10 -18.22
N PRO A 455 -12.06 -69.08 -19.03
CA PRO A 455 -13.15 -68.37 -19.70
C PRO A 455 -13.84 -69.26 -20.72
N SER A 456 -15.11 -68.95 -20.96
CA SER A 456 -15.94 -69.76 -21.83
C SER A 456 -15.41 -69.76 -23.26
N GLU A 457 -15.54 -70.92 -23.92
CA GLU A 457 -15.09 -71.03 -25.31
C GLU A 457 -15.96 -70.22 -26.25
N GLU A 458 -17.26 -70.14 -25.97
CA GLU A 458 -18.18 -69.40 -26.83
C GLU A 458 -17.92 -67.90 -26.80
N LEU A 459 -17.10 -67.41 -25.88
CA LEU A 459 -16.78 -65.99 -25.83
C LEU A 459 -16.04 -65.56 -27.08
N GLN A 460 -16.16 -64.28 -27.40
CA GLN A 460 -15.52 -63.73 -28.58
C GLN A 460 -14.00 -63.85 -28.48
N HIS A 461 -13.35 -63.95 -29.65
CA HIS A 461 -11.90 -64.11 -29.68
C HIS A 461 -11.18 -62.93 -29.05
N GLU A 462 -11.65 -61.71 -29.30
CA GLU A 462 -10.97 -60.54 -28.74
C GLU A 462 -11.01 -60.53 -27.22
N GLU A 463 -12.18 -60.81 -26.64
CA GLU A 463 -12.29 -60.78 -25.18
C GLU A 463 -11.54 -61.93 -24.53
N LYS A 464 -11.45 -63.07 -25.22
CA LYS A 464 -10.76 -64.23 -24.66
C LYS A 464 -9.30 -63.93 -24.39
N GLN A 465 -8.65 -63.19 -25.31
CA GLN A 465 -7.21 -62.95 -25.18
C GLN A 465 -6.88 -62.20 -23.90
N SER A 466 -7.70 -61.21 -23.54
CA SER A 466 -7.43 -60.46 -22.31
C SER A 466 -7.67 -61.32 -21.07
N LYS A 467 -8.68 -62.19 -21.10
CA LYS A 467 -8.98 -63.03 -19.95
C LYS A 467 -7.84 -63.98 -19.59
N LEU A 468 -7.24 -64.61 -20.60
CA LEU A 468 -6.15 -65.54 -20.31
C LEU A 468 -4.98 -64.85 -19.63
N ARG A 469 -4.61 -63.66 -20.10
CA ARG A 469 -3.53 -62.92 -19.45
C ARG A 469 -3.92 -62.54 -18.03
N SER A 470 -5.16 -62.11 -17.83
CA SER A 470 -5.64 -61.76 -16.49
C SER A 470 -5.81 -62.97 -15.59
N LEU A 471 -5.76 -64.18 -16.13
CA LEU A 471 -5.83 -65.40 -15.34
C LEU A 471 -4.46 -66.01 -15.04
N ARG A 472 -3.61 -66.15 -16.05
CA ARG A 472 -2.26 -66.64 -15.81
C ARG A 472 -1.47 -65.70 -14.91
N ASN A 473 -1.78 -64.41 -14.92
CA ASN A 473 -1.20 -63.52 -13.92
C ASN A 473 -1.56 -63.95 -12.52
N ARG A 474 -2.83 -64.29 -12.29
CA ARG A 474 -3.25 -64.84 -11.01
C ARG A 474 -2.65 -66.22 -10.78
N GLN A 475 -2.38 -66.98 -11.85
CA GLN A 475 -1.63 -68.21 -11.69
C GLN A 475 -0.21 -67.93 -11.19
N SER A 476 0.41 -66.89 -11.74
CA SER A 476 1.77 -66.54 -11.36
C SER A 476 1.87 -65.96 -9.95
N LEU A 477 0.83 -65.28 -9.48
CA LEU A 477 0.85 -64.68 -8.14
C LEU A 477 0.74 -65.72 -7.04
N PHE A 478 0.45 -66.97 -7.39
CA PHE A 478 0.40 -68.06 -6.43
C PHE A 478 1.61 -68.97 -6.56
N GLN A 479 2.68 -68.46 -7.17
CA GLN A 479 3.97 -69.13 -7.21
C GLN A 479 5.02 -68.47 -6.34
N GLU A 480 5.08 -67.14 -6.32
CA GLU A 480 6.02 -66.46 -5.45
C GLU A 480 5.75 -66.75 -3.99
N GLU A 481 4.48 -66.89 -3.62
CA GLU A 481 4.08 -67.31 -2.29
C GLU A 481 4.01 -68.82 -2.17
N GLY A 482 4.35 -69.54 -3.25
CA GLY A 482 4.35 -70.98 -3.26
C GLY A 482 2.97 -71.57 -3.48
N MET A 483 2.16 -71.59 -2.42
CA MET A 483 0.75 -71.96 -2.47
C MET A 483 0.51 -73.34 -3.07
N LEU A 484 1.56 -74.10 -3.32
CA LEU A 484 1.46 -75.42 -3.92
C LEU A 484 2.00 -76.51 -3.00
N SER A 485 3.18 -76.28 -2.42
CA SER A 485 3.69 -77.22 -1.42
C SER A 485 2.72 -77.33 -0.24
N LEU A 486 2.14 -76.21 0.18
CA LEU A 486 1.12 -76.24 1.23
C LEU A 486 -0.06 -77.14 0.86
N VAL A 487 -0.52 -77.05 -0.39
CA VAL A 487 -1.54 -77.99 -0.85
C VAL A 487 -0.98 -79.41 -0.85
N LEU A 488 0.26 -79.57 -1.33
CA LEU A 488 0.89 -80.89 -1.29
C LEU A 488 1.08 -81.37 0.13
N ASN A 489 1.46 -80.47 1.05
CA ASN A 489 1.59 -80.86 2.46
C ASN A 489 0.26 -81.30 3.03
N CYS A 490 -0.83 -80.59 2.71
CA CYS A 490 -2.15 -81.03 3.15
C CYS A 490 -2.49 -82.40 2.57
N ILE A 491 -2.14 -82.65 1.31
CA ILE A 491 -2.33 -83.97 0.73
C ILE A 491 -1.49 -85.01 1.47
N ASP A 492 -0.22 -84.68 1.72
CA ASP A 492 0.72 -85.67 2.23
C ASP A 492 0.30 -86.20 3.59
N ARG A 493 -0.13 -85.32 4.50
CA ARG A 493 -0.53 -85.75 5.82
C ARG A 493 -1.85 -86.51 5.83
N LEU A 494 -2.73 -86.24 4.86
CA LEU A 494 -3.95 -87.00 4.69
C LEU A 494 -3.79 -88.14 3.69
N ASN A 495 -2.60 -88.30 3.14
CA ASN A 495 -2.37 -89.28 2.09
C ASN A 495 -2.34 -90.71 2.62
N VAL A 496 -1.79 -90.93 3.80
CA VAL A 496 -1.58 -92.29 4.32
C VAL A 496 -2.86 -92.68 5.05
N TYR A 497 -3.84 -93.13 4.27
CA TYR A 497 -5.10 -93.64 4.80
C TYR A 497 -5.66 -94.59 3.75
N THR A 498 -5.74 -95.88 4.10
CA THR A 498 -6.10 -96.88 3.10
C THR A 498 -7.59 -96.82 2.77
N THR A 499 -8.44 -97.09 3.76
CA THR A 499 -9.89 -97.02 3.57
C THR A 499 -10.47 -95.72 4.09
N ALA A 500 -9.99 -95.26 5.24
CA ALA A 500 -10.42 -94.00 5.84
C ALA A 500 -11.92 -93.98 6.08
N ALA A 501 -12.50 -95.16 6.25
CA ALA A 501 -13.88 -95.30 6.71
C ALA A 501 -13.92 -95.50 8.23
N HIS A 502 -13.24 -96.54 8.70
CA HIS A 502 -12.87 -96.64 10.10
C HIS A 502 -11.42 -96.29 10.34
N PHE A 503 -10.59 -96.34 9.29
CA PHE A 503 -9.19 -95.98 9.40
C PHE A 503 -8.97 -94.48 9.54
N ALA A 504 -9.98 -93.67 9.23
CA ALA A 504 -9.94 -92.24 9.50
C ALA A 504 -10.57 -91.88 10.82
N GLU A 505 -10.98 -92.88 11.60
CA GLU A 505 -11.62 -92.64 12.91
C GLU A 505 -10.58 -92.36 13.98
N TYR A 506 -9.68 -91.41 13.71
CA TYR A 506 -8.75 -90.91 14.70
C TYR A 506 -9.05 -89.48 15.12
N ALA A 507 -9.73 -88.70 14.30
CA ALA A 507 -10.29 -87.42 14.72
C ALA A 507 -11.68 -87.58 15.30
N GLY A 508 -12.21 -88.80 15.34
CA GLY A 508 -13.55 -89.06 15.85
C GLY A 508 -14.58 -89.14 14.73
N GLU A 509 -15.84 -89.19 15.16
CA GLU A 509 -16.93 -89.19 14.20
C GLU A 509 -17.04 -87.83 13.52
N GLU A 510 -17.93 -87.76 12.53
CA GLU A 510 -18.31 -86.58 11.76
C GLU A 510 -17.14 -85.94 11.03
N ALA A 511 -15.94 -86.51 11.13
CA ALA A 511 -14.77 -86.01 10.40
C ALA A 511 -14.40 -86.90 9.23
N ALA A 512 -14.50 -88.22 9.39
CA ALA A 512 -14.31 -89.13 8.26
C ALA A 512 -15.48 -89.06 7.29
N GLU A 513 -16.64 -88.55 7.73
CA GLU A 513 -17.79 -88.40 6.84
C GLU A 513 -17.49 -87.43 5.71
N SER A 514 -16.81 -86.32 6.01
CA SER A 514 -16.43 -85.33 5.01
C SER A 514 -15.09 -85.65 4.37
N TRP A 515 -14.44 -86.75 4.77
CA TRP A 515 -13.12 -87.06 4.26
C TRP A 515 -13.15 -87.31 2.76
N LYS A 516 -14.14 -88.06 2.28
CA LYS A 516 -14.16 -88.45 0.88
C LYS A 516 -14.26 -87.24 -0.06
N GLU A 517 -15.13 -86.29 0.26
CA GLU A 517 -15.30 -85.13 -0.61
C GLU A 517 -14.11 -84.19 -0.53
N ILE A 518 -13.45 -84.14 0.62
CA ILE A 518 -12.27 -83.28 0.76
C ILE A 518 -11.18 -83.71 -0.22
N VAL A 519 -10.94 -85.01 -0.32
CA VAL A 519 -9.90 -85.50 -1.21
C VAL A 519 -10.22 -85.14 -2.65
N ASN A 520 -11.47 -85.34 -3.07
CA ASN A 520 -11.86 -85.03 -4.44
C ASN A 520 -11.68 -83.56 -4.76
N LEU A 521 -12.08 -82.67 -3.84
CA LEU A 521 -11.96 -81.25 -4.07
C LEU A 521 -10.51 -80.77 -4.08
N LEU A 522 -9.64 -81.39 -3.29
CA LEU A 522 -8.26 -80.93 -3.21
C LEU A 522 -7.54 -81.07 -4.55
N TYR A 523 -7.73 -82.19 -5.23
CA TYR A 523 -7.07 -82.38 -6.51
C TYR A 523 -7.62 -81.44 -7.57
N GLU A 524 -8.90 -81.05 -7.46
CA GLU A 524 -9.46 -80.10 -8.41
C GLU A 524 -8.74 -78.76 -8.32
N LEU A 525 -8.46 -78.29 -7.10
CA LEU A 525 -7.71 -77.05 -6.94
C LEU A 525 -6.32 -77.18 -7.54
N LEU A 526 -5.66 -78.32 -7.33
CA LEU A 526 -4.36 -78.54 -7.95
C LEU A 526 -4.49 -78.57 -9.47
N ALA A 527 -5.53 -79.22 -9.98
CA ALA A 527 -5.71 -79.29 -11.43
C ALA A 527 -5.97 -77.92 -12.04
N SER A 528 -6.65 -77.04 -11.30
CA SER A 528 -6.96 -75.72 -11.84
C SER A 528 -5.75 -74.81 -11.91
N LEU A 529 -4.79 -74.96 -11.01
CA LEU A 529 -3.64 -74.08 -10.94
C LEU A 529 -2.52 -74.49 -11.88
N ILE A 530 -2.71 -75.55 -12.65
CA ILE A 530 -1.67 -76.09 -13.51
C ILE A 530 -2.04 -75.96 -14.98
N ARG A 531 -3.32 -76.18 -15.31
CA ARG A 531 -3.76 -76.18 -16.70
C ARG A 531 -3.44 -74.84 -17.35
N GLY A 532 -2.95 -74.89 -18.58
CA GLY A 532 -2.62 -73.71 -19.35
C GLY A 532 -1.20 -73.21 -19.19
N ASN A 533 -0.80 -72.91 -17.96
CA ASN A 533 0.54 -72.39 -17.71
C ASN A 533 1.58 -73.48 -17.90
N ARG A 534 2.70 -73.11 -18.54
CA ARG A 534 3.80 -74.03 -18.72
C ARG A 534 4.83 -73.94 -17.60
N ALA A 535 5.01 -72.76 -17.02
CA ALA A 535 5.97 -72.61 -15.93
C ALA A 535 5.58 -73.48 -14.73
N ASN A 536 4.28 -73.59 -14.45
CA ASN A 536 3.84 -74.45 -13.37
C ASN A 536 4.18 -75.91 -13.62
N CYS A 537 4.02 -76.37 -14.86
CA CYS A 537 4.27 -77.77 -15.18
C CYS A 537 5.72 -78.18 -14.98
N ALA A 538 6.65 -77.23 -15.13
CA ALA A 538 8.07 -77.57 -14.99
C ALA A 538 8.44 -77.87 -13.54
N LEU A 539 7.57 -77.59 -12.59
CA LEU A 539 7.87 -77.77 -11.18
C LEU A 539 7.70 -79.20 -10.70
N PHE A 540 7.07 -80.07 -11.50
CA PHE A 540 6.83 -81.44 -11.08
C PHE A 540 7.69 -82.45 -11.82
N SER A 541 8.75 -82.01 -12.48
CA SER A 541 9.66 -82.97 -13.13
C SER A 541 10.31 -83.89 -12.10
N THR A 542 10.75 -83.33 -10.97
CA THR A 542 11.32 -84.16 -9.92
C THR A 542 10.24 -84.95 -9.19
N ASN A 543 9.00 -84.50 -9.26
CA ASN A 543 7.87 -85.14 -8.58
C ASN A 543 7.09 -86.05 -9.52
N LEU A 544 7.70 -86.45 -10.64
CA LEU A 544 7.03 -87.36 -11.56
C LEU A 544 6.69 -88.67 -10.88
N ASP A 545 7.65 -89.25 -10.16
CA ASP A 545 7.38 -90.47 -9.42
C ASP A 545 6.39 -90.24 -8.28
N TRP A 546 6.28 -89.01 -7.79
CA TRP A 546 5.38 -88.75 -6.68
C TRP A 546 3.92 -88.86 -7.10
N VAL A 547 3.55 -88.23 -8.23
CA VAL A 547 2.16 -88.19 -8.64
C VAL A 547 1.67 -89.58 -9.03
N VAL A 548 2.49 -90.31 -9.80
CA VAL A 548 2.08 -91.64 -10.23
C VAL A 548 2.09 -92.63 -9.07
N SER A 549 2.75 -92.29 -7.97
CA SER A 549 2.93 -93.21 -6.87
C SER A 549 1.63 -93.64 -6.21
N LYS A 550 0.69 -92.72 -6.00
CA LYS A 550 -0.45 -93.03 -5.13
C LYS A 550 -1.44 -93.96 -5.82
N LEU A 551 -2.11 -93.46 -6.86
CA LEU A 551 -3.09 -94.22 -7.64
C LEU A 551 -3.92 -95.14 -6.73
N ASP A 552 -4.71 -94.50 -5.86
CA ASP A 552 -5.32 -95.21 -4.73
C ASP A 552 -6.55 -96.05 -5.08
N ARG A 553 -6.88 -96.16 -6.36
CA ARG A 553 -8.00 -97.00 -6.82
C ARG A 553 -9.34 -96.62 -6.19
N LEU A 554 -9.40 -95.46 -5.52
CA LEU A 554 -10.63 -95.03 -4.86
C LEU A 554 -11.04 -93.61 -5.22
N GLU A 555 -10.10 -92.74 -5.57
CA GLU A 555 -10.40 -91.37 -5.97
C GLU A 555 -9.57 -90.88 -7.15
N ALA A 556 -8.55 -91.61 -7.58
CA ALA A 556 -7.68 -91.15 -8.66
C ALA A 556 -8.42 -91.00 -9.98
N SER A 557 -9.46 -91.80 -10.21
CA SER A 557 -10.21 -91.70 -11.45
C SER A 557 -10.90 -90.35 -11.60
N SER A 558 -11.05 -89.60 -10.50
CA SER A 558 -11.72 -88.31 -10.58
C SER A 558 -10.75 -87.22 -11.05
N GLY A 559 -9.67 -87.01 -10.33
CA GLY A 559 -8.77 -85.92 -10.66
C GLY A 559 -7.31 -86.30 -10.84
N ILE A 560 -6.85 -87.32 -10.12
CA ILE A 560 -5.43 -87.68 -10.18
C ILE A 560 -5.05 -88.15 -11.57
N LEU A 561 -5.91 -88.93 -12.22
CA LEU A 561 -5.67 -89.24 -13.63
C LEU A 561 -5.70 -87.97 -14.47
N GLU A 562 -6.64 -87.08 -14.17
CA GLU A 562 -6.75 -85.84 -14.94
C GLU A 562 -5.56 -84.92 -14.69
N VAL A 563 -5.14 -84.79 -13.43
CA VAL A 563 -4.06 -83.86 -13.11
C VAL A 563 -2.76 -84.28 -13.77
N LEU A 564 -2.53 -85.58 -13.95
CA LEU A 564 -1.41 -86.06 -14.74
C LEU A 564 -1.49 -85.62 -16.18
N TYR A 565 -2.68 -85.65 -16.77
CA TYR A 565 -2.87 -85.19 -18.14
C TYR A 565 -2.61 -83.70 -18.30
N CYS A 566 -2.67 -82.94 -17.20
CA CYS A 566 -2.45 -81.50 -17.29
C CYS A 566 -1.00 -81.17 -17.62
N VAL A 567 -0.05 -81.89 -17.00
CA VAL A 567 1.35 -81.55 -17.16
C VAL A 567 1.97 -82.18 -18.40
N LEU A 568 1.44 -83.31 -18.85
CA LEU A 568 2.02 -84.03 -19.98
C LEU A 568 1.76 -83.36 -21.31
N ILE A 569 1.12 -82.19 -21.32
CA ILE A 569 0.89 -81.44 -22.54
C ILE A 569 1.78 -80.21 -22.66
N GLU A 570 2.08 -79.54 -21.55
CA GLU A 570 2.79 -78.26 -21.60
C GLU A 570 4.30 -78.44 -21.54
N SER A 571 4.82 -79.25 -20.62
CA SER A 571 6.26 -79.39 -20.45
C SER A 571 6.74 -80.67 -21.09
N PRO A 572 7.49 -80.60 -22.20
CA PRO A 572 8.06 -81.83 -22.77
C PRO A 572 9.20 -82.41 -21.97
N GLU A 573 9.79 -81.64 -21.04
CA GLU A 573 10.85 -82.16 -20.20
C GLU A 573 10.38 -83.32 -19.36
N VAL A 574 9.16 -83.22 -18.80
CA VAL A 574 8.58 -84.32 -18.05
C VAL A 574 8.41 -85.54 -18.95
N LEU A 575 8.06 -85.33 -20.21
CA LEU A 575 7.96 -86.44 -21.14
C LEU A 575 9.31 -87.11 -21.36
N ASN A 576 10.41 -86.37 -21.22
CA ASN A 576 11.72 -86.89 -21.55
C ASN A 576 12.39 -87.63 -20.40
N ILE A 577 11.73 -87.75 -19.24
CA ILE A 577 12.36 -88.37 -18.08
C ILE A 577 11.54 -89.56 -17.60
N ILE A 578 10.87 -90.24 -18.53
CA ILE A 578 10.13 -91.46 -18.17
C ILE A 578 11.11 -92.58 -17.87
N GLN A 579 10.63 -93.60 -17.16
CA GLN A 579 11.48 -94.64 -16.62
C GLN A 579 11.01 -96.06 -16.93
N GLU A 580 9.97 -96.22 -17.75
CA GLU A 580 9.49 -97.52 -18.21
C GLU A 580 8.80 -98.29 -17.09
N ASN A 581 8.86 -97.77 -15.87
CA ASN A 581 8.09 -98.35 -14.77
C ASN A 581 6.75 -97.67 -14.58
N HIS A 582 6.67 -96.37 -14.84
CA HIS A 582 5.41 -95.65 -14.73
C HIS A 582 4.40 -96.14 -15.76
N ILE A 583 4.84 -96.31 -17.01
CA ILE A 583 3.93 -96.74 -18.07
C ILE A 583 3.38 -98.13 -17.82
N LYS A 584 4.15 -99.02 -17.21
CA LYS A 584 3.62 -100.32 -16.82
C LYS A 584 2.49 -100.17 -15.82
N SER A 585 2.65 -99.25 -14.86
CA SER A 585 1.56 -98.96 -13.94
C SER A 585 0.35 -98.36 -14.66
N ILE A 586 0.60 -97.53 -15.67
CA ILE A 586 -0.51 -96.97 -16.44
C ILE A 586 -1.29 -98.08 -17.15
N ILE A 587 -0.58 -99.05 -17.72
CA ILE A 587 -1.25 -100.19 -18.34
C ILE A 587 -2.08 -100.95 -17.31
N SER A 588 -1.54 -101.12 -16.10
CA SER A 588 -2.32 -101.74 -15.04
C SER A 588 -3.55 -100.92 -14.69
N LEU A 589 -3.43 -99.59 -14.70
CA LEU A 589 -4.58 -98.75 -14.40
C LEU A 589 -5.72 -98.98 -15.37
N LEU A 590 -5.41 -99.28 -16.64
CA LEU A 590 -6.46 -99.60 -17.60
C LEU A 590 -7.18 -100.88 -17.20
N ASP A 591 -6.43 -101.88 -16.74
CA ASP A 591 -7.04 -103.17 -16.38
C ASP A 591 -7.78 -103.10 -15.05
N LYS A 592 -7.25 -102.36 -14.08
CA LYS A 592 -7.85 -102.32 -12.76
C LYS A 592 -9.15 -101.51 -12.71
N HIS A 593 -9.43 -100.69 -13.73
CA HIS A 593 -10.61 -99.85 -13.72
C HIS A 593 -11.46 -99.96 -14.98
N GLY A 594 -10.95 -100.54 -16.05
CA GLY A 594 -11.73 -100.75 -17.25
C GLY A 594 -11.36 -99.79 -18.35
N ARG A 595 -12.13 -99.86 -19.42
CA ARG A 595 -11.89 -99.05 -20.62
C ARG A 595 -12.32 -97.62 -20.35
N ASN A 596 -11.38 -96.69 -20.44
CA ASN A 596 -11.61 -95.30 -20.10
C ASN A 596 -11.13 -94.42 -21.25
N HIS A 597 -11.77 -93.25 -21.36
CA HIS A 597 -11.39 -92.30 -22.41
C HIS A 597 -9.99 -91.76 -22.17
N LYS A 598 -9.72 -91.28 -20.95
CA LYS A 598 -8.54 -90.46 -20.70
C LYS A 598 -7.26 -91.29 -20.66
N VAL A 599 -7.34 -92.55 -20.22
CA VAL A 599 -6.14 -93.37 -20.15
C VAL A 599 -5.53 -93.57 -21.53
N LEU A 600 -6.34 -93.48 -22.59
CA LEU A 600 -5.80 -93.51 -23.94
C LEU A 600 -5.38 -92.15 -24.45
N ASP A 601 -6.04 -91.08 -24.00
CA ASP A 601 -5.62 -89.75 -24.40
C ASP A 601 -4.21 -89.43 -23.90
N VAL A 602 -3.89 -89.83 -22.67
CA VAL A 602 -2.54 -89.62 -22.15
C VAL A 602 -1.52 -90.37 -22.99
N LEU A 603 -1.82 -91.63 -23.31
CA LEU A 603 -0.90 -92.41 -24.13
C LEU A 603 -0.68 -91.79 -25.50
N CYS A 604 -1.74 -91.28 -26.12
CA CYS A 604 -1.59 -90.61 -27.40
C CYS A 604 -0.71 -89.37 -27.28
N SER A 605 -0.80 -88.67 -26.16
CA SER A 605 -0.01 -87.48 -25.92
C SER A 605 1.37 -87.79 -25.37
N LEU A 606 1.63 -89.04 -24.98
CA LEU A 606 2.94 -89.37 -24.42
C LEU A 606 3.96 -89.64 -25.52
N CYS A 607 3.51 -89.95 -26.73
CA CYS A 607 4.43 -90.25 -27.82
C CYS A 607 5.10 -88.98 -28.34
N VAL A 608 4.30 -88.05 -28.85
CA VAL A 608 4.81 -86.82 -29.45
C VAL A 608 4.65 -85.68 -28.45
N CYS A 609 5.73 -84.94 -28.22
CA CYS A 609 5.67 -83.79 -27.33
C CYS A 609 5.33 -82.52 -28.11
N ASN A 610 6.17 -82.16 -29.08
CA ASN A 610 5.86 -81.04 -29.98
C ASN A 610 6.52 -81.33 -31.33
N GLY A 611 5.74 -81.91 -32.24
CA GLY A 611 6.24 -82.22 -33.56
C GLY A 611 7.19 -83.39 -33.57
N VAL A 612 8.27 -83.30 -32.80
CA VAL A 612 9.22 -84.38 -32.69
C VAL A 612 8.70 -85.43 -31.71
N ALA A 613 9.17 -86.66 -31.86
CA ALA A 613 8.76 -87.75 -30.99
C ALA A 613 9.98 -88.54 -30.54
N VAL A 614 9.89 -89.11 -29.34
CA VAL A 614 10.97 -89.89 -28.77
C VAL A 614 10.77 -91.36 -29.14
N ARG A 615 11.86 -92.01 -29.53
CA ARG A 615 11.81 -93.42 -29.87
C ARG A 615 11.71 -94.33 -28.65
N SER A 616 12.04 -93.83 -27.47
CA SER A 616 12.10 -94.69 -26.29
C SER A 616 10.73 -95.24 -25.93
N ASN A 617 9.73 -94.36 -25.79
CA ASN A 617 8.42 -94.83 -25.36
C ASN A 617 7.70 -95.58 -26.47
N GLN A 618 7.94 -95.21 -27.73
CA GLN A 618 7.22 -95.85 -28.84
C GLN A 618 7.46 -97.35 -28.85
N ASP A 619 8.70 -97.79 -28.62
CA ASP A 619 8.96 -99.22 -28.53
C ASP A 619 8.30 -99.81 -27.29
N LEU A 620 8.33 -99.09 -26.18
CA LEU A 620 7.80 -99.62 -24.92
C LEU A 620 6.30 -99.84 -25.00
N ILE A 621 5.56 -98.90 -25.58
CA ILE A 621 4.12 -99.05 -25.67
C ILE A 621 3.75 -100.21 -26.57
N THR A 622 4.51 -100.42 -27.65
CA THR A 622 4.24 -101.56 -28.51
C THR A 622 4.43 -102.88 -27.77
N GLU A 623 5.50 -102.98 -26.98
CA GLU A 623 5.76 -104.21 -26.25
C GLU A 623 4.68 -104.48 -25.21
N ASN A 624 4.21 -103.44 -24.52
CA ASN A 624 3.12 -103.58 -23.56
C ASN A 624 1.76 -103.64 -24.24
N LEU A 625 1.69 -103.36 -25.54
CA LEU A 625 0.50 -103.70 -26.33
C LEU A 625 0.56 -105.20 -26.54
N LEU A 626 -0.03 -105.92 -25.60
CA LEU A 626 0.17 -107.36 -25.52
C LEU A 626 -0.31 -108.04 -26.81
N PRO A 627 0.56 -108.80 -27.48
CA PRO A 627 0.08 -109.64 -28.60
C PRO A 627 -0.95 -110.67 -28.17
N GLY A 628 -1.04 -110.97 -26.88
CA GLY A 628 -2.14 -111.80 -26.39
C GLY A 628 -3.49 -111.15 -26.57
N ARG A 629 -3.51 -109.84 -26.78
CA ARG A 629 -4.72 -109.12 -27.17
C ARG A 629 -5.80 -109.22 -26.09
N GLU A 630 -5.40 -109.13 -24.84
CA GLU A 630 -6.32 -109.28 -23.72
C GLU A 630 -6.90 -107.94 -23.25
N LEU A 631 -6.52 -106.83 -23.85
CA LEU A 631 -6.94 -105.52 -23.37
C LEU A 631 -7.78 -104.76 -24.37
N LEU A 632 -7.33 -104.66 -25.62
CA LEU A 632 -8.03 -103.88 -26.62
C LEU A 632 -8.98 -104.77 -27.43
N LEU A 633 -9.51 -104.21 -28.51
CA LEU A 633 -10.44 -104.91 -29.39
C LEU A 633 -9.74 -105.36 -30.66
N GLN A 634 -10.20 -106.50 -31.19
CA GLN A 634 -9.65 -107.07 -32.41
C GLN A 634 -10.78 -107.42 -33.36
N THR A 635 -10.45 -107.46 -34.65
CA THR A 635 -11.47 -107.70 -35.65
C THR A 635 -10.87 -108.48 -36.82
N ASN A 636 -11.74 -109.12 -37.58
CA ASN A 636 -11.34 -109.91 -38.74
C ASN A 636 -12.56 -110.17 -39.61
N LEU A 637 -12.30 -110.53 -40.87
CA LEU A 637 -13.36 -110.87 -41.80
C LEU A 637 -13.88 -112.28 -41.52
N ILE A 638 -15.20 -112.44 -41.56
CA ILE A 638 -15.84 -113.72 -41.31
C ILE A 638 -16.93 -113.95 -42.36
N ASN A 639 -16.99 -115.18 -42.88
CA ASN A 639 -18.04 -115.55 -43.82
C ASN A 639 -19.34 -115.88 -43.08
N TYR A 640 -20.42 -115.96 -43.85
CA TYR A 640 -21.73 -116.28 -43.30
C TYR A 640 -21.93 -117.79 -43.26
N VAL A 641 -22.80 -118.22 -42.35
CA VAL A 641 -23.14 -119.63 -42.20
C VAL A 641 -24.65 -119.76 -41.97
N THR A 642 -25.26 -120.76 -42.62
CA THR A 642 -26.67 -121.06 -42.45
C THR A 642 -26.85 -122.57 -42.44
N SER A 643 -27.99 -123.01 -41.91
CA SER A 643 -28.28 -124.44 -41.78
C SER A 643 -29.78 -124.66 -42.02
N ILE A 644 -30.09 -125.75 -42.71
CA ILE A 644 -31.45 -126.07 -43.14
C ILE A 644 -31.85 -127.42 -42.56
N ARG A 645 -33.08 -127.52 -42.05
CA ARG A 645 -33.52 -128.77 -41.47
C ARG A 645 -34.63 -129.40 -42.30
N PRO A 646 -34.64 -130.73 -42.42
CA PRO A 646 -35.85 -131.42 -42.87
C PRO A 646 -36.83 -131.60 -41.71
N ASN A 647 -38.09 -131.84 -42.04
CA ASN A 647 -39.15 -131.96 -41.04
C ASN A 647 -39.19 -133.39 -40.52
N ILE A 648 -38.24 -133.72 -39.65
CA ILE A 648 -38.16 -135.02 -39.00
C ILE A 648 -37.94 -134.80 -37.51
N PHE A 649 -38.69 -135.53 -36.68
CA PHE A 649 -38.62 -135.38 -35.24
C PHE A 649 -38.58 -136.75 -34.58
N VAL A 650 -37.63 -136.95 -33.67
CA VAL A 650 -37.47 -138.20 -32.96
C VAL A 650 -37.27 -137.89 -31.48
N GLY A 651 -38.04 -138.55 -30.62
CA GLY A 651 -37.93 -138.35 -29.18
C GLY A 651 -37.96 -139.66 -28.44
N ARG A 652 -37.69 -139.57 -27.14
CA ARG A 652 -37.66 -140.74 -26.25
C ARG A 652 -38.28 -140.36 -24.92
N ALA A 653 -39.38 -141.01 -24.57
CA ALA A 653 -40.07 -140.74 -23.32
C ALA A 653 -40.90 -141.98 -22.96
N GLU A 654 -41.67 -141.86 -21.88
CA GLU A 654 -42.54 -142.95 -21.45
C GLU A 654 -43.76 -143.01 -22.37
N GLY A 655 -43.74 -143.96 -23.30
CA GLY A 655 -44.80 -144.08 -24.28
C GLY A 655 -44.27 -144.31 -25.68
N SER A 656 -44.68 -143.48 -26.63
CA SER A 656 -44.15 -143.59 -27.98
C SER A 656 -42.65 -143.30 -27.98
N THR A 657 -41.89 -144.16 -28.66
CA THR A 657 -40.44 -144.07 -28.66
C THR A 657 -39.86 -143.84 -30.05
N GLN A 658 -40.59 -144.19 -31.10
CA GLN A 658 -40.12 -144.06 -32.48
C GLN A 658 -38.81 -144.83 -32.70
N TYR A 659 -38.71 -145.99 -32.03
CA TYR A 659 -37.63 -146.96 -32.22
C TYR A 659 -36.30 -146.47 -31.65
N GLY A 660 -36.25 -145.21 -31.22
CA GLY A 660 -35.10 -144.64 -30.54
C GLY A 660 -33.73 -144.92 -31.14
N LYS A 661 -33.68 -145.28 -32.42
CA LYS A 661 -32.44 -145.71 -33.06
C LYS A 661 -32.52 -145.35 -34.54
N TRP A 662 -31.79 -144.32 -34.95
CA TRP A 662 -31.88 -143.80 -36.30
C TRP A 662 -30.48 -143.71 -36.93
N TYR A 663 -30.44 -143.33 -38.20
CA TYR A 663 -29.23 -143.42 -38.99
C TYR A 663 -29.33 -142.48 -40.18
N PHE A 664 -28.28 -141.70 -40.40
CA PHE A 664 -28.21 -140.74 -41.51
C PHE A 664 -27.08 -141.09 -42.46
N GLU A 665 -27.29 -140.77 -43.73
CA GLU A 665 -26.25 -140.81 -44.76
C GLU A 665 -26.42 -139.59 -45.64
N VAL A 666 -25.32 -138.89 -45.92
CA VAL A 666 -25.35 -137.65 -46.69
C VAL A 666 -24.36 -137.76 -47.84
N MET A 667 -24.81 -137.40 -49.04
CA MET A 667 -23.96 -137.38 -50.22
C MET A 667 -23.70 -135.94 -50.63
N VAL A 668 -22.42 -135.60 -50.79
CA VAL A 668 -21.99 -134.24 -51.10
C VAL A 668 -20.99 -134.28 -52.24
N ASP A 669 -21.14 -133.38 -53.21
CA ASP A 669 -20.23 -133.25 -54.36
C ASP A 669 -19.93 -131.77 -54.56
N GLU A 670 -18.86 -131.29 -53.93
CA GLU A 670 -18.45 -129.90 -54.04
C GLU A 670 -16.94 -129.80 -53.90
N VAL A 671 -16.34 -129.00 -54.77
CA VAL A 671 -14.90 -128.73 -54.72
C VAL A 671 -14.74 -127.21 -54.69
N VAL A 672 -14.75 -126.65 -53.48
CA VAL A 672 -14.47 -125.22 -53.27
C VAL A 672 -13.51 -125.12 -52.10
N PRO A 673 -12.22 -125.37 -52.30
CA PRO A 673 -11.29 -125.41 -51.15
C PRO A 673 -11.15 -124.06 -50.46
N PHE A 674 -10.79 -123.03 -51.22
CA PHE A 674 -10.61 -121.68 -50.69
C PHE A 674 -11.51 -120.71 -51.43
N LEU A 675 -12.28 -119.95 -50.65
CA LEU A 675 -13.03 -118.82 -51.20
C LEU A 675 -12.14 -117.57 -51.08
N THR A 676 -12.73 -116.39 -51.29
CA THR A 676 -11.96 -115.16 -51.21
C THR A 676 -11.43 -114.88 -49.81
N ALA A 677 -12.07 -115.42 -48.78
CA ALA A 677 -11.68 -115.13 -47.39
C ALA A 677 -10.84 -116.26 -46.79
N GLN A 678 -11.40 -117.47 -46.73
CA GLN A 678 -10.69 -118.60 -46.16
C GLN A 678 -11.36 -119.88 -46.69
N ALA A 679 -11.02 -121.00 -46.07
CA ALA A 679 -11.63 -122.27 -46.45
C ALA A 679 -13.12 -122.26 -46.11
N THR A 680 -13.87 -123.08 -46.84
CA THR A 680 -15.33 -123.12 -46.69
C THR A 680 -15.72 -123.97 -45.49
N HIS A 681 -16.76 -123.51 -44.79
CA HIS A 681 -17.30 -124.22 -43.64
C HIS A 681 -18.31 -125.27 -44.11
N LEU A 682 -18.21 -126.48 -43.56
CA LEU A 682 -19.13 -127.55 -43.94
C LEU A 682 -19.15 -128.58 -42.82
N ARG A 683 -20.30 -128.73 -42.16
CA ARG A 683 -20.47 -129.71 -41.09
C ARG A 683 -21.86 -130.32 -41.19
N VAL A 684 -22.11 -131.34 -40.37
CA VAL A 684 -23.41 -132.00 -40.33
C VAL A 684 -23.53 -132.68 -38.97
N GLY A 685 -24.76 -132.74 -38.45
CA GLY A 685 -24.97 -133.36 -37.16
C GLY A 685 -26.41 -133.39 -36.67
N TRP A 686 -26.59 -133.10 -35.37
CA TRP A 686 -27.88 -133.25 -34.71
C TRP A 686 -28.10 -132.07 -33.76
N ALA A 687 -29.36 -131.83 -33.41
CA ALA A 687 -29.72 -130.77 -32.49
C ALA A 687 -30.98 -131.17 -31.73
N LEU A 688 -31.17 -130.53 -30.57
CA LEU A 688 -32.32 -130.81 -29.69
C LEU A 688 -32.98 -129.48 -29.31
N THR A 689 -33.85 -128.98 -30.20
CA THR A 689 -34.71 -127.84 -29.95
C THR A 689 -33.95 -126.61 -29.44
N GLU A 690 -32.63 -126.64 -29.55
CA GLU A 690 -31.76 -125.61 -28.99
C GLU A 690 -30.68 -125.25 -30.01
N GLY A 691 -31.11 -124.96 -31.22
CA GLY A 691 -30.20 -124.72 -32.33
C GLY A 691 -29.90 -123.24 -32.46
N TYR A 692 -30.59 -122.57 -33.38
CA TYR A 692 -30.42 -121.14 -33.63
C TYR A 692 -29.08 -120.84 -34.30
N SER A 693 -28.70 -121.71 -35.23
CA SER A 693 -27.63 -121.36 -36.15
C SER A 693 -27.90 -120.07 -36.91
N PRO A 694 -29.16 -119.66 -37.18
CA PRO A 694 -29.40 -118.31 -37.69
C PRO A 694 -29.06 -117.24 -36.67
N TYR A 695 -29.43 -115.99 -36.95
CA TYR A 695 -28.90 -114.79 -36.32
C TYR A 695 -27.43 -114.69 -36.72
N PRO A 696 -27.13 -114.50 -38.02
CA PRO A 696 -25.75 -114.56 -38.52
C PRO A 696 -24.89 -113.36 -38.08
N GLY A 697 -24.81 -113.17 -36.76
CA GLY A 697 -23.99 -112.11 -36.21
C GLY A 697 -22.76 -112.67 -35.51
N GLY A 698 -22.80 -112.73 -34.19
CA GLY A 698 -21.71 -113.27 -33.41
C GLY A 698 -22.19 -114.36 -32.47
N GLY A 699 -21.31 -115.30 -32.19
CA GLY A 699 -21.60 -116.39 -31.28
C GLY A 699 -20.60 -116.47 -30.14
N GLU A 700 -20.29 -117.68 -29.69
CA GLU A 700 -19.31 -117.83 -28.62
C GLU A 700 -17.91 -117.46 -29.09
N GLY A 701 -17.50 -117.99 -30.23
CA GLY A 701 -16.19 -117.66 -30.77
C GLY A 701 -16.26 -116.57 -31.81
N TRP A 702 -15.95 -116.91 -33.05
CA TRP A 702 -16.06 -115.99 -34.18
C TRP A 702 -17.27 -116.42 -35.00
N GLY A 703 -18.43 -115.90 -34.61
CA GLY A 703 -19.67 -116.25 -35.30
C GLY A 703 -20.31 -117.50 -34.75
N GLY A 704 -21.63 -117.45 -34.64
CA GLY A 704 -22.40 -118.59 -34.17
C GLY A 704 -22.66 -119.59 -35.27
N ASN A 705 -21.66 -120.42 -35.58
CA ASN A 705 -21.72 -121.32 -36.71
C ASN A 705 -22.85 -122.35 -36.53
N GLY A 706 -23.05 -123.15 -37.57
CA GLY A 706 -24.17 -124.07 -37.65
C GLY A 706 -24.30 -125.06 -36.51
N VAL A 707 -23.35 -125.97 -36.39
CA VAL A 707 -23.45 -127.07 -35.44
C VAL A 707 -22.09 -127.28 -34.77
N GLY A 708 -22.12 -127.62 -33.48
CA GLY A 708 -20.91 -128.00 -32.79
C GLY A 708 -20.19 -126.90 -32.06
N ASP A 709 -20.83 -125.75 -31.86
CA ASP A 709 -20.24 -124.66 -31.11
C ASP A 709 -20.94 -124.41 -29.78
N ASP A 710 -21.86 -125.27 -29.37
CA ASP A 710 -22.57 -125.12 -28.10
C ASP A 710 -22.70 -126.50 -27.47
N LEU A 711 -23.30 -126.53 -26.28
CA LEU A 711 -23.65 -127.78 -25.61
C LEU A 711 -25.03 -128.27 -26.01
N TYR A 712 -25.51 -127.87 -27.18
CA TYR A 712 -26.84 -128.21 -27.64
C TYR A 712 -26.86 -128.90 -28.99
N SER A 713 -25.71 -129.20 -29.57
CA SER A 713 -25.63 -129.85 -30.87
C SER A 713 -24.31 -130.59 -30.98
N TYR A 714 -24.24 -131.50 -31.96
CA TYR A 714 -23.05 -132.32 -32.16
C TYR A 714 -22.74 -132.35 -33.65
N GLY A 715 -21.54 -131.90 -34.03
CA GLY A 715 -21.18 -131.80 -35.43
C GLY A 715 -19.90 -132.53 -35.80
N PHE A 716 -19.56 -132.49 -37.08
CA PHE A 716 -18.40 -133.23 -37.59
C PHE A 716 -18.02 -132.65 -38.95
N ASP A 717 -16.72 -132.56 -39.21
CA ASP A 717 -16.24 -131.97 -40.46
C ASP A 717 -15.13 -132.79 -41.12
N GLY A 718 -15.03 -134.07 -40.83
CA GLY A 718 -14.02 -134.91 -41.44
C GLY A 718 -13.04 -135.47 -40.43
N LEU A 719 -12.65 -134.62 -39.46
CA LEU A 719 -11.75 -135.04 -38.37
C LEU A 719 -11.91 -134.10 -37.16
N HIS A 720 -12.94 -134.28 -36.34
CA HIS A 720 -13.23 -133.42 -35.20
C HIS A 720 -14.26 -134.12 -34.32
N LEU A 721 -14.57 -133.45 -33.21
CA LEU A 721 -15.72 -133.81 -32.38
C LEU A 721 -16.36 -132.49 -31.98
N TRP A 722 -17.29 -132.01 -32.81
CA TRP A 722 -17.78 -130.64 -32.71
C TRP A 722 -18.97 -130.58 -31.75
N THR A 723 -18.73 -130.02 -30.57
CA THR A 723 -19.78 -129.64 -29.63
C THR A 723 -19.19 -128.67 -28.62
N GLY A 724 -19.76 -127.46 -28.57
CA GLY A 724 -19.21 -126.45 -27.67
C GLY A 724 -17.79 -126.05 -27.98
N HIS A 725 -17.51 -125.81 -29.26
CA HIS A 725 -16.17 -125.40 -29.67
C HIS A 725 -15.15 -126.45 -29.29
N VAL A 726 -15.37 -127.68 -29.73
CA VAL A 726 -14.40 -128.74 -29.46
C VAL A 726 -13.81 -129.22 -30.76
N ALA A 727 -12.49 -129.14 -30.87
CA ALA A 727 -11.82 -129.53 -32.11
C ALA A 727 -11.26 -130.94 -32.04
N ARG A 728 -11.46 -131.62 -30.91
CA ARG A 728 -10.92 -132.96 -30.74
C ARG A 728 -11.04 -133.77 -32.03
N PRO A 729 -9.91 -134.04 -32.70
CA PRO A 729 -10.08 -134.85 -33.90
C PRO A 729 -10.37 -136.31 -33.54
N VAL A 730 -10.43 -137.14 -34.57
CA VAL A 730 -10.77 -138.56 -34.40
C VAL A 730 -9.63 -139.42 -34.91
N THR A 731 -9.72 -140.72 -34.63
CA THR A 731 -8.72 -141.70 -35.05
C THR A 731 -9.43 -142.70 -35.97
N SER A 732 -9.46 -142.38 -37.27
CA SER A 732 -10.09 -143.22 -38.27
C SER A 732 -9.22 -143.30 -39.50
N PRO A 733 -9.35 -144.36 -40.30
CA PRO A 733 -8.55 -144.44 -41.54
C PRO A 733 -8.86 -143.28 -42.47
N GLY A 734 -7.83 -142.80 -43.15
CA GLY A 734 -7.98 -141.67 -44.05
C GLY A 734 -8.35 -140.39 -43.33
N GLN A 735 -7.50 -139.96 -42.40
CA GLN A 735 -7.79 -138.76 -41.62
C GLN A 735 -7.71 -137.51 -42.48
N HIS A 736 -8.86 -137.00 -42.90
CA HIS A 736 -8.93 -135.77 -43.69
C HIS A 736 -10.30 -135.15 -43.49
N LEU A 737 -10.47 -133.94 -44.00
CA LEU A 737 -11.71 -133.19 -43.82
C LEU A 737 -12.76 -133.70 -44.81
N LEU A 738 -13.88 -132.98 -44.92
CA LEU A 738 -14.98 -133.42 -45.76
C LEU A 738 -14.64 -133.25 -47.23
N ALA A 739 -13.95 -134.21 -47.81
CA ALA A 739 -13.67 -134.22 -49.23
C ALA A 739 -14.94 -134.54 -50.00
N PRO A 740 -15.04 -134.10 -51.25
CA PRO A 740 -16.23 -134.43 -52.06
C PRO A 740 -16.32 -135.91 -52.36
N GLU A 741 -17.53 -136.33 -52.76
CA GLU A 741 -17.82 -137.71 -53.13
C GLU A 741 -17.60 -138.66 -51.95
N ASP A 742 -18.29 -138.38 -50.86
CA ASP A 742 -18.19 -139.19 -49.65
C ASP A 742 -19.55 -139.33 -49.01
N VAL A 743 -19.71 -140.39 -48.22
CA VAL A 743 -20.95 -140.67 -47.49
C VAL A 743 -20.61 -140.83 -46.02
N VAL A 744 -21.37 -140.15 -45.16
CA VAL A 744 -21.14 -140.17 -43.72
C VAL A 744 -22.21 -141.03 -43.08
N SER A 745 -21.78 -142.00 -42.27
CA SER A 745 -22.68 -142.89 -41.54
C SER A 745 -22.83 -142.35 -40.12
N CYS A 746 -23.95 -141.67 -39.86
CA CYS A 746 -24.23 -141.10 -38.56
C CYS A 746 -25.09 -142.10 -37.77
N CYS A 747 -24.52 -142.63 -36.69
CA CYS A 747 -25.21 -143.61 -35.86
C CYS A 747 -25.84 -142.92 -34.66
N LEU A 748 -27.12 -143.20 -34.45
CA LEU A 748 -27.90 -142.61 -33.36
C LEU A 748 -28.42 -143.74 -32.46
N ASP A 749 -27.99 -143.74 -31.21
CA ASP A 749 -28.46 -144.70 -30.22
C ASP A 749 -28.98 -143.95 -29.00
N LEU A 750 -30.17 -144.31 -28.55
CA LEU A 750 -30.78 -143.72 -27.37
C LEU A 750 -30.75 -144.66 -26.17
N SER A 751 -30.07 -145.80 -26.27
CA SER A 751 -30.01 -146.72 -25.15
C SER A 751 -29.14 -146.16 -24.03
N VAL A 752 -27.96 -145.64 -24.37
CA VAL A 752 -27.04 -145.11 -23.35
C VAL A 752 -27.50 -143.74 -22.88
N PRO A 753 -27.77 -142.75 -23.78
CA PRO A 753 -27.68 -142.67 -25.24
C PRO A 753 -26.26 -142.41 -25.74
N SER A 754 -25.94 -142.93 -26.92
CA SER A 754 -24.62 -142.78 -27.51
C SER A 754 -24.76 -142.42 -28.99
N ILE A 755 -23.87 -141.55 -29.47
CA ILE A 755 -23.88 -141.12 -30.87
C ILE A 755 -22.48 -141.29 -31.43
N SER A 756 -22.38 -141.95 -32.58
CA SER A 756 -21.11 -142.15 -33.25
C SER A 756 -21.30 -141.89 -34.74
N PHE A 757 -20.19 -141.53 -35.39
CA PHE A 757 -20.19 -141.24 -36.82
C PHE A 757 -19.26 -142.22 -37.54
N ARG A 758 -19.40 -142.35 -38.86
CA ARG A 758 -18.59 -143.34 -39.62
C ARG A 758 -18.48 -142.92 -41.08
N ILE A 759 -17.28 -142.77 -41.63
CA ILE A 759 -17.16 -142.22 -43.02
C ILE A 759 -17.06 -143.35 -44.03
N ASN A 760 -18.13 -143.62 -44.78
CA ASN A 760 -18.09 -144.65 -45.84
C ASN A 760 -17.52 -145.95 -45.28
N GLY A 761 -17.61 -146.15 -43.96
CA GLY A 761 -16.99 -147.34 -43.36
C GLY A 761 -15.95 -146.97 -42.31
N CYS A 762 -15.06 -146.03 -42.63
CA CYS A 762 -13.95 -145.63 -41.70
C CYS A 762 -14.44 -145.79 -40.27
N PRO A 763 -13.95 -146.79 -39.50
CA PRO A 763 -14.53 -147.06 -38.17
C PRO A 763 -14.06 -146.04 -37.15
N VAL A 764 -14.70 -144.88 -37.15
CA VAL A 764 -14.27 -143.74 -36.33
C VAL A 764 -14.38 -144.12 -34.86
N GLN A 765 -13.33 -143.80 -34.10
CA GLN A 765 -13.29 -144.09 -32.67
C GLN A 765 -13.75 -142.85 -31.89
N GLY A 766 -15.01 -142.50 -32.10
CA GLY A 766 -15.60 -141.36 -31.42
C GLY A 766 -17.06 -141.57 -31.07
N VAL A 767 -17.40 -141.41 -29.79
CA VAL A 767 -18.75 -141.62 -29.30
C VAL A 767 -19.12 -140.46 -28.38
N PHE A 768 -20.34 -139.94 -28.54
CA PHE A 768 -20.87 -138.91 -27.66
C PHE A 768 -21.85 -139.55 -26.68
N GLU A 769 -21.63 -139.32 -25.38
CA GLU A 769 -22.42 -139.96 -24.34
C GLU A 769 -22.76 -138.95 -23.26
N ALA A 770 -23.58 -139.41 -22.30
CA ALA A 770 -23.95 -138.62 -21.11
C ALA A 770 -24.56 -137.28 -21.49
N PHE A 771 -25.56 -137.33 -22.37
CA PHE A 771 -26.29 -136.14 -22.80
C PHE A 771 -27.78 -136.37 -22.61
N ASN A 772 -28.46 -135.35 -22.08
CA ASN A 772 -29.88 -135.46 -21.79
C ASN A 772 -30.70 -135.50 -23.07
N LEU A 773 -31.91 -136.02 -22.95
CA LEU A 773 -32.84 -136.17 -24.07
C LEU A 773 -34.12 -135.36 -23.85
N ASP A 774 -33.97 -134.14 -23.36
CA ASP A 774 -35.12 -133.29 -23.01
C ASP A 774 -35.64 -132.58 -24.26
N GLY A 775 -35.99 -133.39 -25.26
CA GLY A 775 -36.51 -132.85 -26.50
C GLY A 775 -36.28 -133.74 -27.71
N LEU A 776 -36.77 -133.30 -28.86
CA LEU A 776 -36.65 -134.08 -30.09
C LEU A 776 -35.27 -133.87 -30.73
N PHE A 777 -35.07 -134.51 -31.87
CA PHE A 777 -33.83 -134.41 -32.62
C PHE A 777 -34.07 -133.76 -33.97
N PHE A 778 -32.99 -133.29 -34.60
CA PHE A 778 -33.08 -132.59 -35.85
C PHE A 778 -31.97 -133.02 -36.81
N PRO A 779 -32.29 -133.25 -38.08
CA PRO A 779 -31.24 -133.40 -39.10
C PRO A 779 -30.69 -132.04 -39.48
N VAL A 780 -29.48 -131.75 -39.04
CA VAL A 780 -28.87 -130.43 -39.21
C VAL A 780 -27.58 -130.59 -40.01
N VAL A 781 -27.43 -129.78 -41.05
CA VAL A 781 -26.22 -129.73 -41.85
C VAL A 781 -25.73 -128.29 -41.89
N SER A 782 -24.43 -128.09 -41.68
CA SER A 782 -23.83 -126.77 -41.66
C SER A 782 -22.97 -126.59 -42.89
N PHE A 783 -23.06 -125.40 -43.50
CA PHE A 783 -22.34 -125.14 -44.75
C PHE A 783 -22.16 -123.64 -44.90
N SER A 784 -21.03 -123.25 -45.49
CA SER A 784 -20.77 -121.86 -45.81
C SER A 784 -21.24 -121.57 -47.23
N ALA A 785 -20.87 -120.42 -47.76
CA ALA A 785 -21.28 -120.03 -49.11
C ALA A 785 -20.58 -120.89 -50.15
N GLY A 786 -21.24 -121.06 -51.30
CA GLY A 786 -20.68 -121.80 -52.40
C GLY A 786 -20.73 -123.31 -52.26
N VAL A 787 -21.57 -123.84 -51.38
CA VAL A 787 -21.62 -125.26 -51.10
C VAL A 787 -23.01 -125.79 -51.47
N LYS A 788 -23.04 -126.85 -52.27
CA LYS A 788 -24.28 -127.53 -52.65
C LYS A 788 -24.25 -128.93 -52.05
N VAL A 789 -25.32 -129.28 -51.33
CA VAL A 789 -25.40 -130.54 -50.59
C VAL A 789 -26.68 -131.25 -50.98
N ARG A 790 -26.66 -132.57 -50.87
CA ARG A 790 -27.79 -133.42 -51.21
C ARG A 790 -28.12 -134.34 -50.05
N PHE A 791 -29.41 -134.37 -49.67
CA PHE A 791 -29.89 -135.26 -48.62
C PHE A 791 -30.07 -136.67 -49.17
N LEU A 792 -30.53 -137.56 -48.29
CA LEU A 792 -30.98 -138.89 -48.69
C LEU A 792 -32.32 -139.15 -48.02
N LEU A 793 -33.35 -139.41 -48.83
CA LEU A 793 -34.70 -139.52 -48.29
C LEU A 793 -34.91 -140.78 -47.45
N GLY A 794 -34.03 -141.77 -47.57
CA GLY A 794 -34.21 -143.00 -46.84
C GLY A 794 -35.12 -143.95 -47.60
N GLY A 795 -36.41 -143.94 -47.24
CA GLY A 795 -37.39 -144.78 -47.88
C GLY A 795 -37.62 -144.50 -49.35
N ARG A 796 -37.86 -143.24 -49.70
CA ARG A 796 -38.25 -142.90 -51.08
C ARG A 796 -37.04 -142.81 -52.00
N HIS A 797 -36.15 -141.84 -51.74
CA HIS A 797 -34.99 -141.62 -52.57
C HIS A 797 -33.68 -141.82 -51.81
N GLY A 798 -33.69 -142.61 -50.75
CA GLY A 798 -32.46 -142.95 -50.08
C GLY A 798 -31.82 -144.15 -50.73
N GLU A 799 -30.88 -143.89 -51.63
CA GLU A 799 -30.19 -144.95 -52.37
C GLU A 799 -28.88 -145.23 -51.64
N PHE A 800 -29.01 -145.94 -50.52
CA PHE A 800 -27.88 -146.10 -49.61
C PHE A 800 -26.80 -146.95 -50.24
N LYS A 801 -25.72 -146.30 -50.69
CA LYS A 801 -24.58 -147.02 -51.25
C LYS A 801 -23.85 -147.86 -50.22
N PHE A 802 -24.02 -147.55 -48.94
CA PHE A 802 -23.49 -148.37 -47.86
C PHE A 802 -24.66 -148.85 -47.01
N LEU A 803 -24.60 -150.12 -46.64
CA LEU A 803 -25.72 -150.71 -45.92
C LEU A 803 -25.83 -150.12 -44.52
N PRO A 804 -27.05 -149.84 -44.08
CA PRO A 804 -27.24 -149.29 -42.73
C PRO A 804 -26.92 -150.32 -41.67
N PRO A 805 -26.63 -149.89 -40.45
CA PRO A 805 -26.45 -150.85 -39.36
C PRO A 805 -27.73 -151.65 -39.15
N PRO A 806 -27.63 -152.90 -38.68
CA PRO A 806 -28.79 -153.79 -38.73
C PRO A 806 -30.02 -153.24 -38.05
N GLY A 807 -30.99 -152.81 -38.86
CA GLY A 807 -32.27 -152.35 -38.36
C GLY A 807 -32.21 -151.08 -37.55
N TYR A 808 -31.96 -149.94 -38.19
CA TYR A 808 -31.99 -148.63 -37.51
C TYR A 808 -32.87 -147.68 -38.33
N ALA A 809 -34.19 -147.79 -38.12
CA ALA A 809 -35.23 -146.85 -38.54
C ALA A 809 -34.89 -146.13 -39.83
N PRO A 810 -34.81 -146.83 -40.98
CA PRO A 810 -34.37 -146.19 -42.23
C PRO A 810 -35.38 -145.20 -42.80
N CYS A 811 -35.84 -144.27 -41.96
CA CYS A 811 -36.75 -143.20 -42.35
C CYS A 811 -38.02 -143.74 -42.99
N HIS A 812 -38.56 -144.80 -42.38
CA HIS A 812 -39.76 -145.46 -42.87
C HIS A 812 -40.95 -145.34 -41.91
N GLU A 813 -40.78 -145.75 -40.66
CA GLU A 813 -41.92 -145.83 -39.75
C GLU A 813 -42.34 -144.45 -39.25
N ALA A 814 -41.39 -143.66 -38.77
CA ALA A 814 -41.67 -142.32 -38.23
C ALA A 814 -41.08 -141.29 -39.19
N VAL A 815 -41.85 -140.94 -40.20
CA VAL A 815 -41.47 -139.88 -41.13
C VAL A 815 -42.73 -139.19 -41.66
N LEU A 816 -42.81 -137.88 -41.45
CA LEU A 816 -43.96 -137.07 -41.85
C LEU A 816 -45.26 -137.69 -41.33
N PRO A 817 -45.50 -137.68 -40.02
CA PRO A 817 -46.71 -138.34 -39.50
C PRO A 817 -48.01 -137.76 -40.03
N ARG A 818 -48.09 -136.45 -40.26
CA ARG A 818 -49.29 -135.85 -40.81
C ARG A 818 -49.01 -134.78 -41.86
N GLU A 819 -47.75 -134.60 -42.28
CA GLU A 819 -47.40 -133.56 -43.24
C GLU A 819 -46.59 -134.13 -44.39
N ARG A 820 -46.03 -133.25 -45.22
CA ARG A 820 -45.18 -133.64 -46.34
C ARG A 820 -43.72 -133.46 -45.97
N LEU A 821 -42.84 -133.63 -46.95
CA LEU A 821 -41.40 -133.46 -46.76
C LEU A 821 -40.99 -132.07 -47.20
N ARG A 822 -40.35 -131.32 -46.28
CA ARG A 822 -39.91 -129.96 -46.56
C ARG A 822 -38.59 -129.69 -45.86
N LEU A 823 -37.78 -128.84 -46.49
CA LEU A 823 -36.56 -128.35 -45.87
C LEU A 823 -36.68 -126.86 -45.58
N GLU A 824 -36.27 -126.45 -44.38
CA GLU A 824 -36.46 -125.08 -43.95
C GLU A 824 -35.42 -124.67 -42.93
N PRO A 825 -35.10 -123.38 -42.84
CA PRO A 825 -34.17 -122.92 -41.79
C PRO A 825 -34.80 -123.05 -40.41
N ILE A 826 -33.94 -123.24 -39.41
CA ILE A 826 -34.39 -123.42 -38.03
C ILE A 826 -34.70 -122.06 -37.42
N LYS A 827 -35.97 -121.85 -37.05
CA LYS A 827 -36.41 -120.66 -36.32
C LYS A 827 -35.99 -119.37 -37.03
N GLU A 828 -36.30 -119.32 -38.32
CA GLU A 828 -36.01 -118.12 -39.09
C GLU A 828 -36.97 -116.99 -38.70
N TYR A 829 -36.49 -115.76 -38.86
CA TYR A 829 -37.29 -114.58 -38.54
C TYR A 829 -37.60 -113.71 -39.75
N ARG A 830 -36.86 -113.87 -40.84
CA ARG A 830 -37.11 -113.13 -42.08
C ARG A 830 -37.09 -114.09 -43.25
N ARG A 831 -38.04 -113.90 -44.16
CA ARG A 831 -38.13 -114.75 -45.34
C ARG A 831 -38.33 -113.88 -46.58
N GLU A 832 -37.80 -114.35 -47.70
CA GLU A 832 -37.94 -113.64 -48.95
C GLU A 832 -39.36 -113.77 -49.48
N GLY A 833 -39.87 -112.68 -50.06
CA GLY A 833 -41.18 -112.67 -50.65
C GLY A 833 -41.15 -112.16 -52.08
N PRO A 834 -42.25 -112.34 -52.81
CA PRO A 834 -42.30 -111.79 -54.19
C PRO A 834 -42.11 -110.28 -54.22
N ARG A 835 -42.56 -109.58 -53.20
CA ARG A 835 -42.39 -108.13 -53.10
C ARG A 835 -42.58 -107.75 -51.65
N GLY A 836 -41.64 -106.97 -51.09
CA GLY A 836 -41.72 -106.64 -49.69
C GLY A 836 -41.45 -107.86 -48.84
N PRO A 837 -40.20 -108.30 -48.79
CA PRO A 837 -39.88 -109.59 -48.16
C PRO A 837 -40.47 -109.69 -46.76
N HIS A 838 -41.08 -110.84 -46.49
CA HIS A 838 -41.99 -110.98 -45.36
C HIS A 838 -41.25 -111.31 -44.08
N LEU A 839 -41.81 -110.85 -42.97
CA LEU A 839 -41.31 -111.14 -41.63
C LEU A 839 -42.15 -112.27 -41.03
N VAL A 840 -41.55 -112.95 -40.05
CA VAL A 840 -42.23 -114.06 -39.38
C VAL A 840 -41.83 -114.06 -37.91
N GLY A 841 -42.80 -114.32 -37.04
CA GLY A 841 -42.55 -114.34 -35.62
C GLY A 841 -41.98 -115.66 -35.16
N PRO A 842 -42.03 -115.90 -33.84
CA PRO A 842 -41.47 -117.16 -33.31
C PRO A 842 -42.26 -118.36 -33.79
N SER A 843 -41.55 -119.47 -34.02
CA SER A 843 -42.19 -120.72 -34.40
C SER A 843 -42.53 -121.54 -33.17
N ARG A 844 -43.69 -122.19 -33.19
CA ARG A 844 -44.15 -123.00 -32.07
C ARG A 844 -43.58 -124.40 -32.19
N CYS A 845 -42.94 -124.88 -31.12
CA CYS A 845 -42.36 -126.22 -31.10
C CYS A 845 -43.49 -127.24 -30.94
N LEU A 846 -43.51 -128.24 -31.82
CA LEU A 846 -44.58 -129.23 -31.84
C LEU A 846 -44.23 -130.37 -30.88
N SER A 847 -44.50 -130.16 -29.59
CA SER A 847 -44.41 -131.19 -28.55
C SER A 847 -43.03 -131.85 -28.55
N HIS A 848 -42.03 -131.01 -28.26
CA HIS A 848 -40.66 -131.52 -28.15
C HIS A 848 -40.56 -132.60 -27.08
N THR A 849 -41.12 -132.34 -25.92
CA THR A 849 -41.25 -133.34 -24.87
C THR A 849 -42.72 -133.73 -24.71
N ASP A 850 -42.95 -134.82 -23.96
CA ASP A 850 -44.30 -135.32 -23.69
C ASP A 850 -45.08 -135.56 -24.99
N PHE A 851 -44.40 -136.13 -25.98
CA PHE A 851 -45.00 -136.43 -27.27
C PHE A 851 -45.60 -137.83 -27.33
N VAL A 852 -46.01 -138.38 -26.20
CA VAL A 852 -46.58 -139.72 -26.12
C VAL A 852 -48.04 -139.57 -25.69
N PRO A 853 -48.94 -140.43 -26.17
CA PRO A 853 -50.36 -140.30 -25.78
C PRO A 853 -50.58 -140.74 -24.34
N CYS A 854 -51.77 -140.41 -23.84
CA CYS A 854 -52.16 -140.75 -22.48
C CYS A 854 -53.66 -141.04 -22.43
N PRO A 855 -54.06 -142.29 -22.29
CA PRO A 855 -55.50 -142.61 -22.23
C PRO A 855 -56.14 -142.03 -20.98
N VAL A 856 -57.42 -141.69 -21.11
CA VAL A 856 -58.19 -141.13 -20.01
C VAL A 856 -58.69 -142.28 -19.14
N ASP A 857 -58.37 -142.20 -17.85
CA ASP A 857 -58.78 -143.23 -16.90
C ASP A 857 -60.18 -142.97 -16.36
N ILE A 861 -63.33 -147.60 -13.08
CA ILE A 861 -64.42 -147.02 -12.31
C ILE A 861 -65.54 -148.03 -12.15
N VAL A 862 -66.71 -147.56 -11.73
CA VAL A 862 -67.89 -148.40 -11.54
C VAL A 862 -69.00 -147.90 -12.46
N LEU A 863 -70.06 -148.70 -12.56
CA LEU A 863 -71.19 -148.38 -13.42
C LEU A 863 -72.49 -148.57 -12.65
N PRO A 864 -73.39 -147.57 -12.71
CA PRO A 864 -74.67 -147.72 -12.03
C PRO A 864 -75.50 -148.84 -12.67
N PRO A 865 -76.39 -149.48 -11.90
CA PRO A 865 -77.17 -150.59 -12.46
C PRO A 865 -78.03 -150.20 -13.65
N HIS A 866 -78.58 -148.98 -13.68
CA HIS A 866 -79.40 -148.57 -14.80
C HIS A 866 -78.61 -148.43 -16.09
N LEU A 867 -77.29 -148.20 -15.98
CA LEU A 867 -76.42 -148.20 -17.16
C LEU A 867 -75.90 -149.59 -17.50
N GLU A 868 -76.10 -150.57 -16.63
CA GLU A 868 -75.67 -151.93 -16.95
C GLU A 868 -76.62 -152.61 -17.92
N ARG A 869 -77.92 -152.34 -17.81
CA ARG A 869 -78.89 -152.94 -18.71
C ARG A 869 -78.71 -152.42 -20.14
N ILE A 870 -78.37 -151.14 -20.27
CA ILE A 870 -78.22 -150.54 -21.60
C ILE A 870 -76.91 -150.95 -22.27
N ARG A 871 -75.97 -151.53 -21.50
CA ARG A 871 -74.72 -151.99 -22.09
C ARG A 871 -74.96 -153.06 -23.14
N GLU A 872 -75.84 -154.02 -22.85
CA GLU A 872 -76.19 -155.03 -23.86
C GLU A 872 -76.88 -154.38 -25.06
N LYS A 873 -77.83 -153.48 -24.81
CA LYS A 873 -78.50 -152.79 -25.91
C LYS A 873 -77.53 -151.94 -26.71
N LEU A 874 -76.59 -151.25 -26.04
CA LEU A 874 -75.55 -150.54 -26.77
C LEU A 874 -74.65 -151.49 -27.54
N ALA A 875 -74.32 -152.64 -26.94
CA ALA A 875 -73.54 -153.64 -27.66
C ALA A 875 -74.31 -154.25 -28.82
N GLU A 876 -75.64 -154.15 -28.82
CA GLU A 876 -76.43 -154.63 -29.95
C GLU A 876 -76.32 -153.67 -31.13
N ASN A 877 -76.75 -152.42 -30.93
CA ASN A 877 -76.77 -151.45 -32.02
C ASN A 877 -75.38 -151.19 -32.58
N ILE A 878 -74.34 -151.24 -31.72
CA ILE A 878 -72.98 -151.18 -32.22
C ILE A 878 -72.70 -152.36 -33.14
N HIS A 879 -73.13 -153.56 -32.72
CA HIS A 879 -72.98 -154.73 -33.57
C HIS A 879 -73.91 -154.71 -34.77
N GLU A 880 -75.09 -154.11 -34.64
CA GLU A 880 -75.99 -153.98 -35.78
C GLU A 880 -75.35 -153.13 -36.88
N LEU A 881 -74.72 -152.02 -36.49
CA LEU A 881 -74.03 -151.18 -37.46
C LEU A 881 -72.73 -151.82 -37.94
N TRP A 882 -71.99 -152.47 -37.05
CA TRP A 882 -70.75 -153.14 -37.45
C TRP A 882 -71.03 -154.26 -38.46
N ALA A 883 -72.08 -155.04 -38.23
CA ALA A 883 -72.48 -156.04 -39.20
C ALA A 883 -73.17 -155.45 -40.42
N LEU A 884 -73.73 -154.25 -40.29
CA LEU A 884 -74.37 -153.59 -41.43
C LEU A 884 -73.38 -153.27 -42.53
N THR A 885 -72.19 -152.79 -42.18
CA THR A 885 -71.21 -152.40 -43.18
C THR A 885 -70.73 -153.60 -43.99
N ARG A 886 -70.60 -154.77 -43.36
CA ARG A 886 -70.09 -155.95 -44.05
C ARG A 886 -71.01 -156.34 -45.20
N ILE A 887 -72.32 -156.39 -44.96
CA ILE A 887 -73.26 -156.71 -46.02
C ILE A 887 -73.28 -155.62 -47.08
N GLU A 888 -73.13 -154.35 -46.67
CA GLU A 888 -73.06 -153.26 -47.63
C GLU A 888 -71.89 -153.40 -48.59
N GLN A 889 -70.79 -154.02 -48.15
CA GLN A 889 -69.64 -154.26 -49.00
C GLN A 889 -69.64 -155.66 -49.59
N GLY A 890 -70.72 -156.42 -49.41
CA GLY A 890 -70.82 -157.75 -49.97
C GLY A 890 -70.16 -158.85 -49.14
N TRP A 891 -69.83 -158.57 -47.89
CA TRP A 891 -69.22 -159.55 -47.00
C TRP A 891 -70.36 -160.40 -46.43
N THR A 892 -70.47 -161.64 -46.91
CA THR A 892 -71.52 -162.54 -46.49
C THR A 892 -71.13 -163.24 -45.19
N TYR A 893 -71.98 -164.16 -44.75
CA TYR A 893 -71.74 -164.92 -43.53
C TYR A 893 -71.24 -166.31 -43.89
N GLY A 894 -70.19 -166.76 -43.21
CA GLY A 894 -69.62 -168.06 -43.44
C GLY A 894 -68.91 -168.59 -42.21
N PRO A 895 -68.89 -169.92 -42.05
CA PRO A 895 -68.21 -170.50 -40.88
C PRO A 895 -66.71 -170.26 -40.89
N VAL A 896 -66.11 -170.01 -42.05
CA VAL A 896 -64.69 -169.72 -42.15
C VAL A 896 -64.53 -168.25 -42.51
N ARG A 897 -63.78 -167.51 -41.70
CA ARG A 897 -63.57 -166.09 -41.93
C ARG A 897 -62.56 -165.95 -43.06
N ASP A 898 -63.03 -165.47 -44.22
CA ASP A 898 -62.21 -165.35 -45.40
C ASP A 898 -62.37 -163.96 -46.00
N ASP A 899 -61.30 -163.49 -46.65
CA ASP A 899 -61.30 -162.17 -47.27
C ASP A 899 -61.71 -162.23 -48.73
N ASN A 900 -61.13 -163.15 -49.51
CA ASN A 900 -61.48 -163.28 -50.92
C ASN A 900 -62.89 -163.81 -51.11
N LYS A 901 -63.34 -164.70 -50.23
CA LYS A 901 -64.68 -165.27 -50.33
C LYS A 901 -65.76 -164.34 -49.78
N ARG A 902 -65.36 -163.22 -49.14
CA ARG A 902 -66.30 -162.28 -48.54
C ARG A 902 -67.21 -162.97 -47.52
N LEU A 903 -66.57 -163.66 -46.57
CA LEU A 903 -67.27 -164.37 -45.52
C LEU A 903 -66.97 -163.70 -44.19
N HIS A 904 -68.03 -163.31 -43.47
CA HIS A 904 -67.90 -162.63 -42.19
C HIS A 904 -68.66 -163.43 -41.14
N PRO A 905 -67.97 -164.20 -40.30
CA PRO A 905 -68.66 -165.10 -39.36
C PRO A 905 -69.30 -164.40 -38.17
N CYS A 906 -69.26 -163.06 -38.12
CA CYS A 906 -69.86 -162.32 -37.02
C CYS A 906 -71.16 -161.63 -37.41
N LEU A 907 -71.80 -162.10 -38.49
CA LEU A 907 -73.08 -161.54 -38.93
C LEU A 907 -74.22 -162.29 -38.23
N VAL A 908 -74.21 -162.22 -36.89
CA VAL A 908 -75.15 -162.93 -36.06
C VAL A 908 -75.73 -161.97 -35.02
N ASN A 909 -76.85 -162.38 -34.43
CA ASN A 909 -77.51 -161.59 -33.40
C ASN A 909 -76.64 -161.51 -32.14
N PHE A 910 -77.01 -160.59 -31.25
CA PHE A 910 -76.29 -160.46 -29.98
C PHE A 910 -76.40 -161.74 -29.16
N HIS A 911 -77.59 -162.34 -29.11
CA HIS A 911 -77.73 -163.64 -28.46
C HIS A 911 -77.01 -164.73 -29.22
N SER A 912 -76.86 -164.58 -30.54
CA SER A 912 -76.19 -165.56 -31.37
C SER A 912 -74.69 -165.30 -31.50
N LEU A 913 -74.17 -164.27 -30.83
CA LEU A 913 -72.76 -163.98 -30.89
C LEU A 913 -71.94 -165.09 -30.24
N PRO A 914 -70.75 -165.38 -30.74
CA PRO A 914 -69.84 -166.28 -30.02
C PRO A 914 -69.44 -165.68 -28.68
N GLU A 915 -69.15 -166.56 -27.74
CA GLU A 915 -68.80 -166.11 -26.38
C GLU A 915 -67.64 -165.12 -26.36
N PRO A 916 -66.51 -165.35 -27.05
CA PRO A 916 -65.49 -164.28 -27.12
C PRO A 916 -66.01 -163.01 -27.77
N GLU A 917 -66.86 -163.13 -28.78
CA GLU A 917 -67.40 -161.96 -29.47
C GLU A 917 -68.47 -161.24 -28.66
N ARG A 918 -69.33 -161.98 -27.95
CA ARG A 918 -70.36 -161.32 -27.14
C ARG A 918 -69.74 -160.53 -26.01
N ASN A 919 -68.71 -161.07 -25.36
CA ASN A 919 -67.99 -160.36 -24.31
C ASN A 919 -67.11 -159.24 -24.85
N TYR A 920 -66.80 -159.27 -26.14
CA TYR A 920 -66.04 -158.20 -26.79
C TYR A 920 -66.86 -156.95 -27.01
N ASN A 921 -68.12 -157.10 -27.40
CA ASN A 921 -69.00 -155.95 -27.55
C ASN A 921 -69.43 -155.40 -26.20
N LEU A 922 -69.52 -156.26 -25.18
CA LEU A 922 -69.91 -155.81 -23.85
C LEU A 922 -68.79 -155.03 -23.15
N GLN A 923 -67.54 -155.48 -23.30
CA GLN A 923 -66.43 -154.78 -22.66
C GLN A 923 -66.27 -153.37 -23.21
N MET A 924 -66.36 -153.21 -24.54
CA MET A 924 -66.25 -151.88 -25.13
C MET A 924 -67.47 -151.03 -24.83
N SER A 925 -68.66 -151.65 -24.74
CA SER A 925 -69.87 -150.88 -24.41
C SER A 925 -69.82 -150.36 -22.98
N GLY A 926 -69.38 -151.20 -22.03
CA GLY A 926 -69.27 -150.74 -20.66
C GLY A 926 -68.23 -149.66 -20.48
N GLU A 927 -67.06 -149.83 -21.11
CA GLU A 927 -66.03 -148.81 -21.05
C GLU A 927 -66.43 -147.53 -21.77
N THR A 928 -67.23 -147.63 -22.83
CA THR A 928 -67.74 -146.42 -23.48
C THR A 928 -68.62 -145.63 -22.53
N LEU A 929 -69.50 -146.31 -21.78
CA LEU A 929 -70.28 -145.62 -20.76
C LEU A 929 -69.39 -145.08 -19.66
N LYS A 930 -68.37 -145.84 -19.26
CA LYS A 930 -67.43 -145.39 -18.24
C LYS A 930 -66.66 -144.14 -18.67
N THR A 931 -66.26 -144.07 -19.95
CA THR A 931 -65.58 -142.88 -20.44
C THR A 931 -66.49 -141.67 -20.38
N LEU A 932 -67.78 -141.85 -20.69
CA LEU A 932 -68.74 -140.76 -20.60
C LEU A 932 -68.90 -140.26 -19.17
N LEU A 933 -68.66 -141.10 -18.17
CA LEU A 933 -68.80 -140.68 -16.77
C LEU A 933 -67.73 -139.68 -16.39
N ALA A 934 -66.48 -139.93 -16.79
CA ALA A 934 -65.35 -139.09 -16.41
C ALA A 934 -65.11 -138.01 -17.46
N LEU A 935 -66.15 -137.24 -17.75
CA LEU A 935 -66.05 -136.13 -18.70
C LEU A 935 -66.75 -134.86 -18.23
N GLY A 936 -67.30 -134.81 -17.02
CA GLY A 936 -68.01 -133.63 -16.57
C GLY A 936 -69.34 -133.41 -17.26
N CYS A 937 -69.95 -134.46 -17.80
CA CYS A 937 -71.21 -134.37 -18.52
C CYS A 937 -72.32 -135.03 -17.72
N HIS A 938 -73.55 -134.62 -18.00
CA HIS A 938 -74.73 -135.11 -17.28
C HIS A 938 -75.33 -136.27 -18.07
N VAL A 939 -75.14 -137.48 -17.55
CA VAL A 939 -75.67 -138.70 -18.15
C VAL A 939 -76.73 -139.25 -17.21
N GLY A 940 -77.92 -139.46 -17.73
CA GLY A 940 -79.02 -139.95 -16.92
C GLY A 940 -80.28 -140.09 -17.75
N MET A 941 -81.36 -140.48 -17.07
CA MET A 941 -82.65 -140.62 -17.72
C MET A 941 -83.19 -139.28 -18.18
N ALA A 942 -83.90 -139.28 -19.31
CA ALA A 942 -84.50 -138.08 -19.85
C ALA A 942 -86.02 -138.10 -19.81
N ASP A 943 -86.64 -139.10 -20.44
CA ASP A 943 -88.09 -139.23 -20.42
C ASP A 943 -88.51 -140.67 -20.19
N GLU A 944 -87.60 -141.61 -20.45
CA GLU A 944 -87.84 -143.05 -20.34
C GLU A 944 -88.98 -143.53 -21.24
N LYS A 945 -89.34 -142.75 -22.26
CA LYS A 945 -90.36 -143.14 -23.21
C LYS A 945 -89.90 -143.10 -24.66
N ALA A 946 -88.83 -142.37 -24.98
CA ALA A 946 -88.31 -142.38 -26.34
C ALA A 946 -87.80 -143.74 -26.77
N GLU A 947 -87.43 -144.60 -25.81
CA GLU A 947 -87.00 -145.95 -26.15
C GLU A 947 -88.15 -146.78 -26.69
N ASP A 948 -89.38 -146.48 -26.24
CA ASP A 948 -90.56 -147.16 -26.76
C ASP A 948 -90.89 -146.77 -28.19
N ASN A 949 -90.48 -145.57 -28.63
CA ASN A 949 -90.70 -145.13 -29.99
C ASN A 949 -89.57 -145.52 -30.93
N LEU A 950 -88.55 -146.24 -30.43
CA LEU A 950 -87.46 -146.67 -31.28
C LEU A 950 -87.94 -147.61 -32.38
N LYS A 951 -87.32 -147.48 -33.55
CA LYS A 951 -87.67 -148.27 -34.72
C LYS A 951 -86.41 -148.92 -35.28
N LYS A 952 -86.60 -149.99 -36.05
CA LYS A 952 -85.51 -150.71 -36.66
C LYS A 952 -85.48 -150.44 -38.16
N THR A 953 -84.27 -150.37 -38.70
CA THR A 953 -84.10 -150.05 -40.12
C THR A 953 -84.61 -151.21 -40.97
N LYS A 954 -85.71 -150.99 -41.67
CA LYS A 954 -86.28 -152.00 -42.54
C LYS A 954 -85.40 -152.14 -43.78
N LEU A 955 -85.07 -153.39 -44.14
CA LEU A 955 -84.12 -153.61 -45.20
C LEU A 955 -84.68 -154.56 -46.25
N PRO A 956 -84.26 -154.45 -47.51
CA PRO A 956 -84.76 -155.36 -48.54
C PRO A 956 -84.16 -156.75 -48.43
N LYS A 957 -84.45 -157.62 -49.40
CA LYS A 957 -83.93 -158.97 -49.40
C LYS A 957 -82.41 -159.03 -49.59
N THR A 958 -81.78 -157.92 -49.99
CA THR A 958 -80.34 -157.92 -50.15
C THR A 958 -79.61 -158.18 -48.83
N TYR A 959 -80.09 -157.61 -47.74
CA TYR A 959 -79.47 -157.81 -46.44
C TYR A 959 -79.85 -159.14 -45.81
N MET A 960 -80.76 -159.90 -46.42
CA MET A 960 -81.09 -161.22 -45.92
C MET A 960 -79.90 -162.15 -46.13
N MET A 961 -79.29 -162.56 -45.03
CA MET A 961 -78.10 -163.39 -45.04
C MET A 961 -78.49 -164.85 -44.82
N SER A 962 -77.54 -165.75 -45.05
CA SER A 962 -77.81 -167.18 -44.91
C SER A 962 -78.19 -167.56 -43.49
N ASN A 963 -77.83 -166.76 -42.50
CA ASN A 963 -78.15 -167.04 -41.10
C ASN A 963 -79.36 -166.25 -40.60
N GLY A 964 -80.06 -165.55 -41.48
CA GLY A 964 -81.28 -164.86 -41.08
C GLY A 964 -81.07 -163.64 -40.22
N TYR A 965 -79.88 -163.07 -40.22
CA TYR A 965 -79.56 -161.92 -39.40
C TYR A 965 -79.70 -160.65 -40.22
N LYS A 966 -80.65 -159.79 -39.84
CA LYS A 966 -80.85 -158.49 -40.46
C LYS A 966 -80.22 -157.42 -39.60
N PRO A 967 -79.17 -156.74 -40.07
CA PRO A 967 -78.59 -155.64 -39.29
C PRO A 967 -79.53 -154.44 -39.30
N ALA A 968 -80.21 -154.23 -38.18
CA ALA A 968 -81.23 -153.18 -38.05
C ALA A 968 -80.83 -152.22 -36.94
N PRO A 969 -80.16 -151.13 -37.26
CA PRO A 969 -79.86 -150.10 -36.26
C PRO A 969 -81.10 -149.28 -35.95
N LEU A 970 -81.01 -148.49 -34.88
CA LEU A 970 -82.12 -147.66 -34.44
C LEU A 970 -82.27 -146.46 -35.36
N ASP A 971 -83.50 -146.20 -35.81
CA ASP A 971 -83.81 -145.06 -36.66
C ASP A 971 -83.92 -143.82 -35.79
N LEU A 972 -82.86 -143.01 -35.77
CA LEU A 972 -82.79 -141.79 -34.97
C LEU A 972 -82.40 -140.61 -35.84
N SER A 973 -83.02 -140.50 -37.02
CA SER A 973 -82.74 -139.39 -37.90
C SER A 973 -83.23 -138.06 -37.35
N HIS A 974 -84.12 -138.11 -36.37
CA HIS A 974 -84.59 -136.90 -35.72
C HIS A 974 -83.66 -136.55 -34.57
N VAL A 975 -83.21 -137.56 -33.84
CA VAL A 975 -82.35 -137.33 -32.67
C VAL A 975 -80.97 -136.83 -33.06
N ARG A 976 -80.29 -136.16 -32.14
CA ARG A 976 -78.95 -135.66 -32.42
C ARG A 976 -78.23 -135.28 -31.13
N LEU A 977 -76.90 -135.27 -31.16
CA LEU A 977 -76.12 -134.90 -29.98
C LEU A 977 -76.24 -133.40 -29.70
N THR A 978 -75.98 -133.01 -28.45
CA THR A 978 -76.12 -131.61 -28.07
C THR A 978 -74.99 -130.71 -28.59
N PRO A 979 -75.23 -129.39 -28.62
CA PRO A 979 -74.15 -128.47 -29.02
C PRO A 979 -72.86 -128.69 -28.25
N ALA A 980 -72.89 -129.44 -27.14
CA ALA A 980 -71.72 -129.56 -26.29
C ALA A 980 -70.93 -130.83 -26.57
N GLN A 981 -71.61 -131.96 -26.70
CA GLN A 981 -70.92 -133.24 -26.89
C GLN A 981 -70.30 -133.39 -28.26
N THR A 982 -70.54 -132.46 -29.18
CA THR A 982 -69.86 -132.48 -30.47
C THR A 982 -68.34 -132.40 -30.28
N THR A 983 -67.89 -131.79 -29.19
CA THR A 983 -66.48 -131.78 -28.82
C THR A 983 -66.14 -132.85 -27.79
N LEU A 984 -67.09 -133.21 -26.93
CA LEU A 984 -66.86 -134.30 -25.98
C LEU A 984 -66.70 -135.63 -26.69
N VAL A 985 -67.37 -135.81 -27.83
CA VAL A 985 -67.19 -137.02 -28.62
C VAL A 985 -65.75 -137.12 -29.10
N ASP A 986 -65.18 -136.02 -29.58
CA ASP A 986 -63.75 -136.02 -29.92
C ASP A 986 -62.89 -136.24 -28.69
N ARG A 987 -63.31 -135.71 -27.53
CA ARG A 987 -62.58 -135.94 -26.29
C ARG A 987 -62.56 -137.42 -25.92
N LEU A 988 -63.70 -138.10 -26.05
CA LEU A 988 -63.74 -139.53 -25.77
C LEU A 988 -63.05 -140.33 -26.87
N ALA A 989 -63.05 -139.81 -28.10
CA ALA A 989 -62.39 -140.50 -29.20
C ALA A 989 -60.88 -140.61 -28.96
N GLU A 990 -60.27 -139.53 -28.47
CA GLU A 990 -58.85 -139.58 -28.14
C GLU A 990 -58.58 -140.58 -27.02
N ASN A 991 -59.47 -140.67 -26.03
CA ASN A 991 -59.29 -141.64 -24.95
C ASN A 991 -59.33 -143.06 -25.46
N GLY A 992 -60.26 -143.38 -26.35
CA GLY A 992 -60.36 -144.71 -26.90
C GLY A 992 -59.18 -145.09 -27.77
N HIS A 993 -58.76 -144.16 -28.64
CA HIS A 993 -57.60 -144.42 -29.49
C HIS A 993 -56.32 -144.54 -28.66
N ASN A 994 -56.15 -143.68 -27.66
CA ASN A 994 -54.98 -143.79 -26.79
C ASN A 994 -54.99 -145.08 -25.99
N VAL A 995 -56.17 -145.50 -25.50
CA VAL A 995 -56.26 -146.77 -24.79
C VAL A 995 -55.89 -147.91 -25.71
N TRP A 996 -56.42 -147.90 -26.95
CA TRP A 996 -56.04 -148.93 -27.92
C TRP A 996 -54.56 -148.86 -28.26
N ALA A 997 -54.01 -147.65 -28.42
CA ALA A 997 -52.59 -147.52 -28.69
C ALA A 997 -51.75 -147.96 -27.50
N ARG A 998 -52.20 -147.64 -26.28
CA ARG A 998 -51.46 -148.06 -25.10
C ARG A 998 -51.42 -149.57 -24.94
N ASP A 999 -52.30 -150.30 -25.62
CA ASP A 999 -52.30 -151.75 -25.57
C ASP A 999 -51.54 -152.37 -26.75
N ARG A 1000 -51.79 -151.87 -27.96
CA ARG A 1000 -51.17 -152.45 -29.15
C ARG A 1000 -49.76 -151.95 -29.39
N VAL A 1001 -49.35 -150.86 -28.74
CA VAL A 1001 -48.01 -150.30 -28.96
C VAL A 1001 -47.24 -150.27 -27.65
N ALA A 1002 -47.78 -149.54 -26.66
CA ALA A 1002 -47.12 -149.45 -25.36
C ALA A 1002 -47.07 -150.83 -24.70
N GLN A 1003 -48.18 -151.56 -24.73
CA GLN A 1003 -48.20 -152.92 -24.22
C GLN A 1003 -47.89 -153.94 -25.32
N GLY A 1004 -48.27 -153.66 -26.56
CA GLY A 1004 -48.03 -154.58 -27.65
C GLY A 1004 -46.62 -154.54 -28.19
N TRP A 1005 -46.19 -153.37 -28.65
CA TRP A 1005 -44.86 -153.20 -29.24
C TRP A 1005 -44.63 -154.17 -30.39
N SER A 1006 -45.63 -154.28 -31.26
CA SER A 1006 -45.56 -155.17 -32.42
C SER A 1006 -44.88 -154.44 -33.57
N TYR A 1007 -43.78 -155.01 -34.07
CA TYR A 1007 -43.02 -154.40 -35.16
C TYR A 1007 -43.71 -154.75 -36.47
N SER A 1008 -44.80 -154.06 -36.74
CA SER A 1008 -45.60 -154.24 -37.94
C SER A 1008 -45.69 -152.93 -38.70
N ALA A 1009 -45.60 -153.01 -40.02
CA ALA A 1009 -45.67 -151.83 -40.88
C ALA A 1009 -47.07 -151.21 -40.83
N ARG A 1020 -48.74 -148.76 -37.13
CA ARG A 1020 -49.18 -147.39 -37.39
C ARG A 1020 -49.97 -146.83 -36.21
N LEU A 1021 -49.30 -146.72 -35.06
CA LEU A 1021 -49.89 -146.20 -33.84
C LEU A 1021 -49.13 -144.95 -33.43
N VAL A 1022 -49.85 -143.86 -33.20
CA VAL A 1022 -49.25 -142.59 -32.77
C VAL A 1022 -50.16 -141.95 -31.73
N PRO A 1023 -49.76 -140.84 -31.13
CA PRO A 1023 -50.64 -140.16 -30.17
C PRO A 1023 -51.92 -139.68 -30.84
N TYR A 1024 -53.03 -139.81 -30.11
CA TYR A 1024 -54.34 -139.52 -30.65
C TYR A 1024 -54.64 -138.03 -30.74
N ARG A 1025 -53.79 -137.19 -30.17
CA ARG A 1025 -54.00 -135.74 -30.25
C ARG A 1025 -53.88 -135.22 -31.67
N LEU A 1026 -52.87 -135.68 -32.41
CA LEU A 1026 -52.67 -135.29 -33.80
C LEU A 1026 -52.19 -136.48 -34.63
N LEU A 1027 -52.83 -137.64 -34.43
CA LEU A 1027 -52.42 -138.83 -35.16
C LEU A 1027 -52.57 -138.64 -36.67
N ASP A 1028 -53.79 -138.47 -37.14
CA ASP A 1028 -54.07 -138.23 -38.54
C ASP A 1028 -55.50 -137.74 -38.68
N GLU A 1029 -55.79 -137.13 -39.83
CA GLU A 1029 -57.14 -136.66 -40.09
C GLU A 1029 -58.10 -137.82 -40.34
N ALA A 1030 -57.67 -138.81 -41.12
CA ALA A 1030 -58.52 -139.96 -41.41
C ALA A 1030 -58.74 -140.83 -40.19
N THR A 1031 -57.71 -141.03 -39.36
CA THR A 1031 -57.86 -141.84 -38.16
C THR A 1031 -58.86 -141.22 -37.20
N LYS A 1032 -58.82 -139.90 -37.02
CA LYS A 1032 -59.77 -139.23 -36.15
C LYS A 1032 -61.18 -139.30 -36.71
N ARG A 1033 -61.34 -139.22 -38.04
CA ARG A 1033 -62.67 -139.31 -38.62
C ARG A 1033 -63.32 -140.65 -38.32
N SER A 1034 -62.56 -141.74 -38.45
CA SER A 1034 -63.09 -143.06 -38.11
C SER A 1034 -63.43 -143.16 -36.63
N ASN A 1035 -62.57 -142.62 -35.77
CA ASN A 1035 -62.86 -142.62 -34.34
C ASN A 1035 -64.01 -141.66 -34.01
N ARG A 1036 -64.09 -140.53 -34.71
CA ARG A 1036 -65.26 -139.66 -34.57
C ARG A 1036 -66.52 -140.33 -35.09
N ASP A 1037 -66.39 -141.08 -36.20
CA ASP A 1037 -67.51 -141.83 -36.72
C ASP A 1037 -67.94 -142.94 -35.76
N SER A 1038 -66.99 -143.59 -35.09
CA SER A 1038 -67.32 -144.65 -34.14
C SER A 1038 -68.15 -144.13 -32.97
N LEU A 1039 -67.91 -142.90 -32.53
CA LEU A 1039 -68.73 -142.27 -31.50
C LEU A 1039 -69.84 -141.41 -32.08
N CYS A 1040 -69.90 -141.26 -33.40
CA CYS A 1040 -70.99 -140.50 -34.01
C CYS A 1040 -72.33 -141.19 -33.78
N GLN A 1041 -72.36 -142.52 -33.86
CA GLN A 1041 -73.56 -143.30 -33.63
C GLN A 1041 -73.58 -143.95 -32.25
N ALA A 1042 -72.86 -143.37 -31.29
CA ALA A 1042 -72.83 -143.87 -29.93
C ALA A 1042 -73.53 -142.94 -28.96
N VAL A 1043 -73.16 -141.66 -28.96
CA VAL A 1043 -73.88 -140.69 -28.12
C VAL A 1043 -75.29 -140.49 -28.63
N ARG A 1044 -75.46 -140.41 -29.95
CA ARG A 1044 -76.79 -140.25 -30.53
C ARG A 1044 -77.66 -141.48 -30.29
N THR A 1045 -77.06 -142.67 -30.27
CA THR A 1045 -77.83 -143.89 -30.01
C THR A 1045 -78.45 -143.87 -28.62
N LEU A 1046 -77.69 -143.44 -27.61
CA LEU A 1046 -78.18 -143.45 -26.24
C LEU A 1046 -79.33 -142.47 -26.03
N LEU A 1047 -79.42 -141.39 -26.82
CA LEU A 1047 -80.56 -140.50 -26.74
C LEU A 1047 -81.85 -141.18 -27.18
N GLY A 1048 -81.74 -142.16 -28.09
CA GLY A 1048 -82.92 -142.90 -28.50
C GLY A 1048 -83.46 -143.80 -27.43
N TYR A 1049 -82.63 -144.19 -26.46
CA TYR A 1049 -83.03 -145.03 -25.35
C TYR A 1049 -83.56 -144.23 -24.16
N GLY A 1050 -83.65 -142.91 -24.28
CA GLY A 1050 -84.05 -142.06 -23.18
C GLY A 1050 -82.92 -141.59 -22.29
N TYR A 1051 -81.67 -141.86 -22.65
CA TYR A 1051 -80.51 -141.49 -21.84
C TYR A 1051 -80.04 -140.11 -22.25
N ASN A 1052 -80.23 -139.12 -21.39
CA ASN A 1052 -79.80 -137.76 -21.68
C ASN A 1052 -78.29 -137.63 -21.51
N ILE A 1053 -77.63 -137.06 -22.53
CA ILE A 1053 -76.19 -136.82 -22.51
C ILE A 1053 -75.98 -135.34 -22.79
N GLU A 1054 -75.24 -134.66 -21.92
CA GLU A 1054 -74.96 -133.24 -22.09
C GLU A 1054 -73.49 -132.92 -21.79
N ASP A 1070 -44.67 -118.38 -26.79
CA ASP A 1070 -43.57 -117.98 -25.91
C ASP A 1070 -43.55 -116.47 -25.71
N ARG A 1071 -42.94 -115.77 -26.65
CA ARG A 1071 -42.80 -114.33 -26.61
C ARG A 1071 -43.12 -113.73 -27.97
N VAL A 1072 -43.08 -112.41 -28.04
CA VAL A 1072 -43.48 -111.67 -29.24
C VAL A 1072 -42.27 -110.88 -29.74
N ARG A 1073 -41.91 -111.08 -31.00
CA ARG A 1073 -40.81 -110.34 -31.60
C ARG A 1073 -41.24 -108.90 -31.86
N ILE A 1074 -40.31 -107.98 -31.67
CA ILE A 1074 -40.56 -106.56 -31.87
C ILE A 1074 -39.64 -106.07 -32.99
N PHE A 1075 -40.10 -105.05 -33.71
CA PHE A 1075 -39.34 -104.50 -34.82
C PHE A 1075 -39.38 -102.98 -34.77
N ARG A 1076 -38.23 -102.36 -35.05
CA ARG A 1076 -38.09 -100.91 -35.00
C ARG A 1076 -36.91 -100.50 -35.86
N ALA A 1077 -36.87 -99.22 -36.20
CA ALA A 1077 -35.79 -98.67 -37.01
C ALA A 1077 -34.64 -98.21 -36.11
N GLU A 1078 -33.61 -97.64 -36.74
CA GLU A 1078 -32.46 -97.17 -35.98
C GLU A 1078 -32.81 -95.90 -35.23
N LYS A 1079 -32.03 -95.63 -34.17
CA LYS A 1079 -32.22 -94.39 -33.43
C LYS A 1079 -31.84 -93.17 -34.26
N SER A 1080 -31.10 -93.37 -35.35
CA SER A 1080 -30.65 -92.27 -36.17
C SER A 1080 -31.79 -91.61 -36.96
N TYR A 1081 -32.80 -92.37 -37.37
CA TYR A 1081 -33.87 -91.84 -38.20
C TYR A 1081 -34.99 -91.21 -37.39
N THR A 1082 -34.71 -90.79 -36.16
CA THR A 1082 -35.73 -90.22 -35.30
C THR A 1082 -36.19 -88.87 -35.83
N VAL A 1083 -37.45 -88.78 -36.22
CA VAL A 1083 -38.00 -87.52 -36.72
C VAL A 1083 -38.69 -86.77 -35.59
N GLN A 1084 -38.83 -85.46 -35.77
CA GLN A 1084 -39.47 -84.63 -34.76
C GLN A 1084 -40.37 -83.56 -35.36
N SER A 1085 -40.87 -83.74 -36.59
CA SER A 1085 -41.72 -82.76 -37.23
C SER A 1085 -42.31 -83.39 -38.49
N GLY A 1086 -43.18 -82.62 -39.16
CA GLY A 1086 -43.70 -83.01 -40.45
C GLY A 1086 -44.78 -84.07 -40.38
N ARG A 1087 -45.20 -84.51 -41.56
CA ARG A 1087 -46.22 -85.53 -41.73
C ARG A 1087 -45.59 -86.75 -42.40
N TRP A 1088 -45.92 -87.93 -41.91
CA TRP A 1088 -45.23 -89.14 -42.32
C TRP A 1088 -46.22 -90.29 -42.50
N TYR A 1089 -45.84 -91.23 -43.36
CA TYR A 1089 -46.69 -92.37 -43.69
C TYR A 1089 -45.83 -93.59 -43.96
N PHE A 1090 -46.24 -94.72 -43.41
CA PHE A 1090 -45.69 -96.02 -43.75
C PHE A 1090 -46.84 -97.02 -43.86
N GLU A 1091 -46.67 -98.00 -44.74
CA GLU A 1091 -47.74 -98.93 -45.08
C GLU A 1091 -47.35 -100.33 -44.62
N PHE A 1092 -48.25 -100.98 -43.87
CA PHE A 1092 -48.02 -102.30 -43.33
C PHE A 1092 -49.01 -103.30 -43.93
N GLU A 1093 -48.52 -104.50 -44.22
CA GLU A 1093 -49.34 -105.57 -44.77
C GLU A 1093 -49.25 -106.77 -43.84
N ALA A 1094 -50.40 -107.26 -43.39
CA ALA A 1094 -50.47 -108.41 -42.48
C ALA A 1094 -50.99 -109.62 -43.25
N VAL A 1095 -50.09 -110.52 -43.62
CA VAL A 1095 -50.48 -111.74 -44.31
C VAL A 1095 -51.38 -112.59 -43.42
N THR A 1096 -50.95 -112.84 -42.20
CA THR A 1096 -51.79 -113.52 -41.23
C THR A 1096 -52.63 -112.50 -40.45
N THR A 1097 -53.61 -113.01 -39.72
CA THR A 1097 -54.52 -112.17 -38.95
C THR A 1097 -54.40 -112.41 -37.45
N GLY A 1098 -53.26 -112.92 -36.99
CA GLY A 1098 -53.08 -113.21 -35.59
C GLY A 1098 -52.80 -111.98 -34.76
N GLU A 1099 -51.97 -112.13 -33.72
CA GLU A 1099 -51.70 -111.03 -32.78
C GLU A 1099 -50.55 -110.20 -33.30
N MET A 1100 -50.88 -109.09 -33.95
CA MET A 1100 -49.87 -108.14 -34.40
C MET A 1100 -50.31 -106.75 -33.96
N ARG A 1101 -49.31 -105.89 -33.74
CA ARG A 1101 -49.57 -104.52 -33.31
C ARG A 1101 -48.67 -103.56 -34.07
N VAL A 1102 -49.27 -102.49 -34.61
CA VAL A 1102 -48.59 -101.54 -35.48
C VAL A 1102 -48.87 -100.13 -34.96
N GLY A 1103 -47.82 -99.31 -34.88
CA GLY A 1103 -47.98 -97.94 -34.44
C GLY A 1103 -46.67 -97.18 -34.33
N TRP A 1104 -46.63 -96.18 -33.47
CA TRP A 1104 -45.43 -95.39 -33.21
C TRP A 1104 -44.89 -95.71 -31.83
N ALA A 1105 -43.59 -95.50 -31.65
CA ALA A 1105 -42.95 -95.83 -30.39
C ALA A 1105 -41.78 -94.87 -30.13
N ARG A 1106 -41.52 -94.62 -28.85
CA ARG A 1106 -40.36 -93.84 -28.47
C ARG A 1106 -39.10 -94.71 -28.52
N PRO A 1107 -37.93 -94.10 -28.74
CA PRO A 1107 -36.71 -94.90 -28.91
C PRO A 1107 -36.28 -95.68 -27.68
N GLU A 1108 -36.69 -95.29 -26.48
CA GLU A 1108 -36.25 -95.99 -25.28
C GLU A 1108 -37.19 -97.13 -24.92
N LEU A 1109 -37.53 -97.96 -25.89
CA LEU A 1109 -38.49 -99.03 -25.67
C LEU A 1109 -37.80 -100.19 -24.99
N ARG A 1110 -38.17 -100.45 -23.73
CA ARG A 1110 -37.55 -101.51 -22.96
C ARG A 1110 -38.02 -102.87 -23.47
N PRO A 1111 -37.10 -103.80 -23.75
CA PRO A 1111 -37.53 -105.16 -24.12
C PRO A 1111 -38.06 -105.92 -22.91
N ASP A 1112 -38.43 -107.18 -23.11
CA ASP A 1112 -39.06 -108.01 -22.07
C ASP A 1112 -40.38 -107.43 -21.58
N VAL A 1113 -40.89 -106.40 -22.24
CA VAL A 1113 -42.18 -105.81 -21.92
C VAL A 1113 -43.00 -105.77 -23.19
N GLU A 1114 -44.25 -106.25 -23.11
CA GLU A 1114 -45.08 -106.32 -24.31
C GLU A 1114 -45.40 -104.91 -24.81
N LEU A 1115 -45.57 -104.81 -26.13
CA LEU A 1115 -45.62 -103.53 -26.81
C LEU A 1115 -46.85 -102.74 -26.37
N GLY A 1116 -46.65 -101.47 -26.04
CA GLY A 1116 -47.74 -100.60 -25.64
C GLY A 1116 -48.22 -100.75 -24.21
N ALA A 1117 -47.44 -101.41 -23.36
CA ALA A 1117 -47.84 -101.68 -21.98
C ALA A 1117 -47.84 -100.43 -21.13
N ASP A 1118 -47.32 -99.31 -21.64
CA ASP A 1118 -47.20 -98.09 -20.86
C ASP A 1118 -47.13 -96.92 -21.83
N GLU A 1119 -46.72 -95.76 -21.33
CA GLU A 1119 -46.66 -94.53 -22.11
C GLU A 1119 -45.55 -94.54 -23.16
N LEU A 1120 -44.68 -95.54 -23.13
CA LEU A 1120 -43.52 -95.55 -24.01
C LEU A 1120 -43.86 -95.82 -25.46
N ALA A 1121 -45.10 -96.19 -25.76
CA ALA A 1121 -45.51 -96.52 -27.11
C ALA A 1121 -46.94 -96.09 -27.37
N TYR A 1122 -47.25 -95.88 -28.64
CA TYR A 1122 -48.61 -95.64 -29.11
C TYR A 1122 -48.87 -96.62 -30.25
N VAL A 1123 -49.57 -97.71 -29.94
CA VAL A 1123 -49.71 -98.82 -30.88
C VAL A 1123 -51.16 -99.25 -30.91
N PHE A 1124 -51.54 -99.91 -32.00
CA PHE A 1124 -52.89 -100.44 -32.20
C PHE A 1124 -52.84 -101.94 -32.43
N ASN A 1125 -53.80 -102.65 -31.84
CA ASN A 1125 -53.96 -104.08 -32.02
C ASN A 1125 -55.22 -104.32 -32.84
N GLY A 1126 -55.05 -104.95 -34.00
CA GLY A 1126 -56.17 -105.18 -34.89
C GLY A 1126 -56.69 -106.60 -34.89
N HIS A 1127 -56.12 -107.46 -34.06
CA HIS A 1127 -56.66 -108.81 -33.90
C HIS A 1127 -57.99 -108.81 -33.18
N ARG A 1128 -58.27 -107.75 -32.41
CA ARG A 1128 -59.56 -107.60 -31.74
C ARG A 1128 -60.13 -106.20 -31.89
N GLY A 1129 -59.51 -105.34 -32.69
CA GLY A 1129 -59.96 -103.96 -32.82
C GLY A 1129 -59.81 -103.18 -31.54
N GLN A 1130 -58.58 -103.14 -31.00
CA GLN A 1130 -58.33 -102.50 -29.71
C GLN A 1130 -57.05 -101.69 -29.81
N ARG A 1131 -57.08 -100.47 -29.29
CA ARG A 1131 -55.90 -99.62 -29.22
C ARG A 1131 -55.33 -99.65 -27.80
N TRP A 1132 -53.99 -99.68 -27.70
CA TRP A 1132 -53.32 -99.85 -26.43
C TRP A 1132 -52.47 -98.63 -26.12
N HIS A 1133 -52.69 -98.05 -24.94
CA HIS A 1133 -51.81 -97.04 -24.38
C HIS A 1133 -52.08 -96.95 -22.90
N LEU A 1134 -51.10 -97.33 -22.08
CA LEU A 1134 -51.29 -97.42 -20.62
C LEU A 1134 -52.49 -98.29 -20.29
N GLY A 1135 -52.65 -99.38 -21.03
CA GLY A 1135 -53.82 -100.22 -20.97
C GLY A 1135 -54.45 -100.39 -22.35
N SER A 1136 -55.47 -101.23 -22.39
CA SER A 1136 -56.15 -101.57 -23.63
C SER A 1136 -57.47 -100.83 -23.75
N GLU A 1137 -57.80 -100.40 -24.96
CA GLU A 1137 -59.05 -99.73 -25.25
C GLU A 1137 -59.55 -100.21 -26.61
N PRO A 1138 -60.82 -100.60 -26.73
CA PRO A 1138 -61.35 -101.06 -28.02
C PRO A 1138 -61.28 -99.96 -29.06
N PHE A 1139 -60.98 -100.34 -30.31
CA PHE A 1139 -60.86 -99.36 -31.39
C PHE A 1139 -61.09 -100.08 -32.72
N GLY A 1140 -62.29 -99.92 -33.26
CA GLY A 1140 -62.58 -100.42 -34.59
C GLY A 1140 -62.76 -101.92 -34.67
N ARG A 1141 -62.83 -102.40 -35.93
CA ARG A 1141 -63.07 -103.76 -36.39
C ARG A 1141 -61.80 -104.59 -36.32
N PRO A 1142 -61.93 -105.92 -36.35
CA PRO A 1142 -60.74 -106.78 -36.45
C PRO A 1142 -60.12 -106.75 -37.84
N TRP A 1143 -59.12 -107.58 -38.06
CA TRP A 1143 -58.38 -107.62 -39.32
C TRP A 1143 -58.95 -108.68 -40.26
N GLN A 1144 -58.63 -108.53 -41.54
CA GLN A 1144 -59.02 -109.46 -42.57
C GLN A 1144 -57.78 -109.93 -43.33
N SER A 1145 -58.00 -110.69 -44.41
CA SER A 1145 -56.89 -111.17 -45.22
C SER A 1145 -56.21 -110.01 -45.94
N GLY A 1146 -54.94 -110.20 -46.24
CA GLY A 1146 -54.15 -109.15 -46.85
C GLY A 1146 -53.78 -108.08 -45.86
N ASP A 1147 -54.79 -107.33 -45.40
CA ASP A 1147 -54.67 -106.39 -44.28
C ASP A 1147 -53.57 -105.36 -44.54
N VAL A 1148 -53.78 -104.59 -45.61
CA VAL A 1148 -52.89 -103.49 -45.94
C VAL A 1148 -53.26 -102.32 -45.02
N VAL A 1149 -52.46 -102.12 -43.98
CA VAL A 1149 -52.74 -101.13 -42.94
C VAL A 1149 -51.73 -100.01 -43.05
N GLY A 1150 -52.22 -98.76 -43.01
CA GLY A 1150 -51.37 -97.59 -43.01
C GLY A 1150 -51.52 -96.83 -41.72
N CYS A 1151 -50.55 -95.97 -41.43
CA CYS A 1151 -50.55 -95.17 -40.22
C CYS A 1151 -50.22 -93.72 -40.54
N MET A 1152 -50.90 -92.80 -39.89
CA MET A 1152 -50.65 -91.37 -40.04
C MET A 1152 -49.95 -90.86 -38.78
N ILE A 1153 -49.28 -89.73 -38.93
CA ILE A 1153 -48.72 -89.00 -37.80
C ILE A 1153 -48.52 -87.55 -38.21
N ASP A 1154 -48.82 -86.64 -37.29
CA ASP A 1154 -48.58 -85.21 -37.49
C ASP A 1154 -48.22 -84.62 -36.13
N LEU A 1155 -46.92 -84.64 -35.80
CA LEU A 1155 -46.46 -84.07 -34.54
C LEU A 1155 -46.73 -82.57 -34.47
N THR A 1156 -46.82 -81.90 -35.62
CA THR A 1156 -47.27 -80.52 -35.64
C THR A 1156 -48.69 -80.39 -35.08
N GLU A 1157 -49.57 -81.31 -35.51
CA GLU A 1157 -50.95 -81.30 -35.01
C GLU A 1157 -51.11 -82.14 -33.75
N ASN A 1158 -50.08 -82.88 -33.35
CA ASN A 1158 -50.14 -83.75 -32.17
C ASN A 1158 -51.29 -84.74 -32.29
N THR A 1159 -51.43 -85.33 -33.48
CA THR A 1159 -52.58 -86.15 -33.80
C THR A 1159 -52.15 -87.40 -34.55
N ILE A 1160 -52.73 -88.54 -34.19
CA ILE A 1160 -52.49 -89.81 -34.86
C ILE A 1160 -53.74 -90.21 -35.62
N ILE A 1161 -53.55 -90.86 -36.77
CA ILE A 1161 -54.67 -91.39 -37.55
C ILE A 1161 -54.30 -92.79 -38.04
N PHE A 1162 -55.17 -93.75 -37.78
CA PHE A 1162 -54.98 -95.12 -38.25
C PHE A 1162 -55.89 -95.39 -39.44
N THR A 1163 -55.36 -96.09 -40.44
CA THR A 1163 -56.11 -96.41 -41.65
C THR A 1163 -56.02 -97.91 -41.91
N LEU A 1164 -57.14 -98.51 -42.29
CA LEU A 1164 -57.21 -99.95 -42.56
C LEU A 1164 -57.71 -100.16 -43.98
N ASN A 1165 -56.93 -100.91 -44.77
CA ASN A 1165 -57.29 -101.28 -46.14
C ASN A 1165 -57.67 -100.05 -46.95
N GLY A 1166 -56.90 -98.98 -46.81
CA GLY A 1166 -57.23 -97.73 -47.46
C GLY A 1166 -58.49 -97.09 -46.95
N GLU A 1167 -58.76 -97.19 -45.65
CA GLU A 1167 -59.95 -96.59 -45.07
C GLU A 1167 -59.64 -96.14 -43.66
N VAL A 1168 -60.03 -94.91 -43.32
CA VAL A 1168 -59.77 -94.37 -42.00
C VAL A 1168 -60.56 -95.15 -40.96
N LEU A 1169 -59.92 -95.46 -39.84
CA LEU A 1169 -60.58 -96.16 -38.75
C LEU A 1169 -61.36 -95.19 -37.87
N MET A 1170 -62.36 -95.72 -37.19
CA MET A 1170 -63.23 -94.95 -36.31
C MET A 1170 -62.90 -95.27 -34.86
N SER A 1171 -63.28 -94.35 -33.98
CA SER A 1171 -63.07 -94.51 -32.55
C SER A 1171 -64.39 -94.87 -31.87
N ASP A 1172 -64.32 -95.08 -30.55
CA ASP A 1172 -65.52 -95.33 -29.77
C ASP A 1172 -66.43 -94.11 -29.73
N SER A 1173 -65.88 -92.91 -29.85
CA SER A 1173 -66.66 -91.68 -29.91
C SER A 1173 -66.84 -91.18 -31.34
N GLY A 1174 -66.45 -91.96 -32.34
CA GLY A 1174 -66.62 -91.57 -33.72
C GLY A 1174 -65.52 -90.71 -34.29
N SER A 1175 -64.47 -90.43 -33.52
CA SER A 1175 -63.36 -89.64 -34.02
C SER A 1175 -62.39 -90.55 -34.79
N GLU A 1176 -61.39 -89.94 -35.41
CA GLU A 1176 -60.41 -90.64 -36.22
C GLU A 1176 -59.11 -90.77 -35.42
N THR A 1177 -59.03 -91.83 -34.62
CA THR A 1177 -57.84 -92.15 -33.83
C THR A 1177 -57.46 -90.98 -32.93
N ALA A 1178 -58.38 -90.67 -32.01
CA ALA A 1178 -58.26 -89.49 -31.17
C ALA A 1178 -57.15 -89.71 -30.14
N PHE A 1179 -55.91 -89.56 -30.61
CA PHE A 1179 -54.73 -89.51 -29.75
C PHE A 1179 -54.21 -88.09 -29.81
N ARG A 1180 -54.68 -87.27 -28.88
CA ARG A 1180 -54.44 -85.83 -28.91
C ARG A 1180 -53.55 -85.43 -27.74
N GLU A 1181 -53.01 -84.22 -27.82
CA GLU A 1181 -52.11 -83.67 -26.81
C GLU A 1181 -50.89 -84.58 -26.62
N ILE A 1182 -50.14 -84.70 -27.71
CA ILE A 1182 -48.94 -85.53 -27.74
C ILE A 1182 -47.72 -84.61 -27.65
N GLU A 1183 -46.88 -84.87 -26.66
CA GLU A 1183 -45.73 -84.01 -26.38
C GLU A 1183 -44.56 -84.39 -27.29
N ILE A 1184 -43.69 -83.41 -27.52
CA ILE A 1184 -42.56 -83.60 -28.45
C ILE A 1184 -41.62 -84.67 -27.91
N GLY A 1185 -41.04 -84.43 -26.73
CA GLY A 1185 -40.08 -85.35 -26.17
C GLY A 1185 -38.83 -85.51 -27.01
N ASP A 1186 -38.48 -86.74 -27.33
CA ASP A 1186 -37.32 -87.04 -28.16
C ASP A 1186 -37.66 -87.69 -29.49
N GLY A 1187 -38.80 -87.34 -30.07
CA GLY A 1187 -39.20 -87.91 -31.34
C GLY A 1187 -39.88 -89.25 -31.20
N PHE A 1188 -40.13 -89.86 -32.35
CA PHE A 1188 -40.87 -91.12 -32.42
C PHE A 1188 -40.38 -91.94 -33.60
N LEU A 1189 -40.64 -93.25 -33.53
CA LEU A 1189 -40.19 -94.18 -34.55
C LEU A 1189 -41.29 -95.18 -34.86
N PRO A 1190 -41.32 -95.76 -36.05
CA PRO A 1190 -42.28 -96.83 -36.32
C PRO A 1190 -41.94 -98.09 -35.53
N VAL A 1191 -42.97 -98.88 -35.24
CA VAL A 1191 -42.81 -100.10 -34.45
C VAL A 1191 -43.81 -101.14 -34.95
N CYS A 1192 -43.42 -102.41 -34.82
CA CYS A 1192 -44.26 -103.53 -35.25
C CYS A 1192 -44.08 -104.69 -34.28
N SER A 1193 -45.03 -105.62 -34.32
CA SER A 1193 -45.00 -106.81 -33.48
C SER A 1193 -45.41 -108.03 -34.29
N LEU A 1194 -44.99 -109.20 -33.83
CA LEU A 1194 -45.34 -110.47 -34.46
C LEU A 1194 -45.50 -111.53 -33.38
N GLY A 1195 -46.66 -112.19 -33.36
CA GLY A 1195 -46.91 -113.25 -32.42
C GLY A 1195 -46.35 -114.58 -32.89
N PRO A 1196 -46.61 -115.64 -32.13
CA PRO A 1196 -46.12 -116.97 -32.53
C PRO A 1196 -46.80 -117.45 -33.81
N GLY A 1197 -46.00 -117.91 -34.76
CA GLY A 1197 -46.54 -118.41 -36.01
C GLY A 1197 -47.26 -117.38 -36.85
N GLN A 1198 -46.77 -116.13 -36.84
CA GLN A 1198 -47.43 -115.04 -37.54
C GLN A 1198 -46.48 -114.47 -38.58
N VAL A 1199 -46.99 -114.22 -39.79
CA VAL A 1199 -46.20 -113.66 -40.87
C VAL A 1199 -46.81 -112.32 -41.31
N GLY A 1200 -46.10 -111.62 -42.16
CA GLY A 1200 -46.50 -110.31 -42.65
C GLY A 1200 -45.29 -109.42 -42.78
N HIS A 1201 -45.34 -108.51 -43.75
CA HIS A 1201 -44.23 -107.62 -44.06
C HIS A 1201 -44.64 -106.16 -43.83
N LEU A 1202 -43.66 -105.27 -43.95
CA LEU A 1202 -43.86 -103.85 -43.71
C LEU A 1202 -43.16 -103.05 -44.80
N ASN A 1203 -43.88 -102.07 -45.35
CA ASN A 1203 -43.28 -101.12 -46.28
C ASN A 1203 -43.07 -99.78 -45.59
N LEU A 1204 -42.03 -99.07 -46.00
CA LEU A 1204 -41.65 -97.84 -45.33
C LEU A 1204 -41.59 -96.64 -46.29
N GLY A 1205 -42.10 -96.78 -47.51
CA GLY A 1205 -42.03 -95.69 -48.45
C GLY A 1205 -40.72 -95.57 -49.19
N GLN A 1206 -39.99 -96.69 -49.34
CA GLN A 1206 -38.75 -96.66 -50.11
C GLN A 1206 -39.00 -96.23 -51.55
N ASP A 1207 -40.03 -96.78 -52.17
CA ASP A 1207 -40.45 -96.40 -53.51
C ASP A 1207 -41.93 -96.06 -53.50
N VAL A 1208 -42.29 -94.98 -54.20
CA VAL A 1208 -43.68 -94.54 -54.22
C VAL A 1208 -44.55 -95.59 -54.89
N SER A 1209 -44.10 -96.14 -56.02
CA SER A 1209 -44.87 -97.16 -56.71
C SER A 1209 -44.99 -98.45 -55.92
N SER A 1210 -44.00 -98.77 -55.07
CA SER A 1210 -44.07 -99.97 -54.26
C SER A 1210 -45.17 -99.90 -53.21
N LEU A 1211 -45.57 -98.69 -52.82
CA LEU A 1211 -46.66 -98.53 -51.86
C LEU A 1211 -47.96 -99.05 -52.47
N ARG A 1212 -48.75 -99.75 -51.66
CA ARG A 1212 -49.89 -100.47 -52.22
C ARG A 1212 -51.00 -99.53 -52.65
N PHE A 1213 -51.60 -98.81 -51.71
CA PHE A 1213 -52.64 -97.86 -52.07
C PHE A 1213 -52.07 -96.47 -52.23
N PHE A 1214 -51.55 -95.91 -51.14
CA PHE A 1214 -50.91 -94.59 -51.12
C PHE A 1214 -51.69 -93.56 -51.94
N ALA A 1215 -53.01 -93.69 -51.92
CA ALA A 1215 -53.87 -92.76 -52.66
C ALA A 1215 -55.06 -92.24 -51.86
N ILE A 1216 -55.50 -92.94 -50.83
CA ILE A 1216 -56.66 -92.50 -50.06
C ILE A 1216 -56.31 -91.28 -49.23
N CYS A 1217 -55.12 -91.27 -48.63
CA CYS A 1217 -54.72 -90.19 -47.73
C CYS A 1217 -53.29 -89.71 -47.97
N GLY A 1218 -52.53 -90.33 -48.86
CA GLY A 1218 -51.12 -90.05 -48.99
C GLY A 1218 -50.78 -88.69 -49.57
N LEU A 1219 -51.08 -88.49 -50.85
CA LEU A 1219 -50.57 -87.32 -51.56
C LEU A 1219 -51.25 -86.03 -51.13
N GLN A 1220 -52.57 -86.06 -51.03
CA GLN A 1220 -53.36 -84.84 -50.89
C GLN A 1220 -53.37 -84.28 -49.47
N GLU A 1221 -52.88 -85.03 -48.48
CA GLU A 1221 -53.03 -84.65 -47.09
C GLU A 1221 -51.74 -84.14 -46.48
N GLY A 1222 -50.72 -83.88 -47.30
CA GLY A 1222 -49.47 -83.35 -46.80
C GLY A 1222 -48.56 -84.37 -46.14
N PHE A 1223 -48.96 -85.63 -46.12
CA PHE A 1223 -48.10 -86.67 -45.55
C PHE A 1223 -47.01 -87.05 -46.55
N GLU A 1224 -45.87 -87.50 -46.00
CA GLU A 1224 -44.72 -87.85 -46.80
C GLU A 1224 -44.29 -89.27 -46.46
N PRO A 1225 -43.96 -90.08 -47.46
CA PRO A 1225 -43.40 -91.40 -47.18
C PRO A 1225 -42.12 -91.27 -46.37
N PHE A 1226 -41.94 -92.21 -45.44
CA PHE A 1226 -40.85 -92.08 -44.46
C PHE A 1226 -39.49 -92.17 -45.14
N ALA A 1227 -39.23 -93.29 -45.82
CA ALA A 1227 -37.92 -93.55 -46.39
C ALA A 1227 -37.92 -93.22 -47.89
N ILE A 1228 -38.14 -91.94 -48.19
CA ILE A 1228 -38.16 -91.49 -49.58
C ILE A 1228 -36.78 -91.07 -50.05
N ASN A 1229 -36.10 -90.19 -49.32
CA ASN A 1229 -34.79 -89.70 -49.72
C ASN A 1229 -33.68 -90.47 -49.01
N MET A 1230 -33.73 -91.80 -49.19
CA MET A 1230 -32.66 -92.68 -48.76
C MET A 1230 -31.93 -93.22 -49.98
N GLN A 1231 -30.85 -93.95 -49.71
CA GLN A 1231 -30.16 -94.71 -50.74
C GLN A 1231 -30.00 -96.18 -50.36
N ARG A 1232 -30.54 -96.60 -49.23
CA ARG A 1232 -30.35 -97.97 -48.75
C ARG A 1232 -31.45 -98.33 -47.75
N PRO A 1233 -31.85 -99.59 -47.68
CA PRO A 1233 -32.93 -99.98 -46.77
C PRO A 1233 -32.55 -99.80 -45.31
N VAL A 1234 -33.59 -99.57 -44.50
CA VAL A 1234 -33.41 -99.49 -43.05
C VAL A 1234 -33.13 -100.87 -42.49
N THR A 1235 -32.28 -100.95 -41.47
CA THR A 1235 -31.83 -102.25 -40.99
C THR A 1235 -32.86 -102.93 -40.08
N THR A 1236 -33.85 -102.20 -39.56
CA THR A 1236 -34.97 -102.78 -38.83
C THR A 1236 -34.49 -103.59 -37.62
N TRP A 1237 -34.00 -102.85 -36.62
CA TRP A 1237 -33.63 -103.45 -35.35
C TRP A 1237 -34.77 -104.29 -34.79
N PHE A 1238 -34.42 -105.47 -34.27
CA PHE A 1238 -35.39 -106.37 -33.65
C PHE A 1238 -34.89 -106.77 -32.27
N SER A 1239 -35.68 -107.59 -31.58
CA SER A 1239 -35.38 -108.00 -30.22
C SER A 1239 -34.77 -109.40 -30.21
N LYS A 1240 -33.57 -109.52 -29.65
CA LYS A 1240 -32.91 -110.81 -29.52
C LYS A 1240 -33.59 -111.65 -28.45
N SER A 1241 -33.59 -112.97 -28.66
CA SER A 1241 -34.28 -113.91 -27.79
C SER A 1241 -33.32 -114.87 -27.10
N LEU A 1242 -32.20 -114.34 -26.58
CA LEU A 1242 -31.25 -115.15 -25.86
C LEU A 1242 -30.83 -114.42 -24.59
N PRO A 1243 -30.77 -115.12 -23.46
CA PRO A 1243 -30.41 -114.49 -22.17
C PRO A 1243 -28.91 -114.31 -21.95
N GLN A 1244 -28.39 -113.18 -22.43
CA GLN A 1244 -27.00 -112.84 -22.21
C GLN A 1244 -26.84 -112.10 -20.88
N PHE A 1245 -25.60 -112.07 -20.39
CA PHE A 1245 -25.32 -111.35 -19.15
C PHE A 1245 -25.43 -109.84 -19.36
N GLU A 1246 -25.65 -109.13 -18.26
CA GLU A 1246 -25.77 -107.68 -18.28
C GLU A 1246 -25.53 -107.16 -16.87
N PRO A 1247 -24.76 -106.09 -16.70
CA PRO A 1247 -24.53 -105.57 -15.35
C PRO A 1247 -25.81 -105.04 -14.73
N VAL A 1248 -25.89 -105.17 -13.41
CA VAL A 1248 -27.07 -104.75 -12.66
C VAL A 1248 -27.15 -103.23 -12.66
N PRO A 1249 -28.25 -102.65 -13.10
CA PRO A 1249 -28.37 -101.18 -13.13
C PRO A 1249 -28.30 -100.61 -11.73
N PRO A 1250 -27.71 -99.42 -11.57
CA PRO A 1250 -27.68 -98.81 -10.24
C PRO A 1250 -29.05 -98.44 -9.70
N GLU A 1251 -30.04 -98.27 -10.57
CA GLU A 1251 -31.38 -97.86 -10.18
C GLU A 1251 -32.34 -98.98 -10.57
N HIS A 1252 -32.61 -99.86 -9.62
CA HIS A 1252 -33.55 -100.94 -9.85
C HIS A 1252 -34.67 -100.89 -8.82
N PRO A 1253 -35.91 -101.21 -9.21
CA PRO A 1253 -37.04 -101.11 -8.28
C PRO A 1253 -36.86 -101.89 -6.99
N HIS A 1254 -36.30 -103.09 -7.07
CA HIS A 1254 -36.16 -103.95 -5.89
C HIS A 1254 -34.86 -104.73 -5.87
N TYR A 1255 -33.88 -104.37 -6.70
CA TYR A 1255 -32.56 -104.98 -6.66
C TYR A 1255 -31.52 -103.91 -6.37
N GLU A 1256 -30.65 -104.18 -5.41
CA GLU A 1256 -29.56 -103.28 -5.08
C GLU A 1256 -28.45 -104.05 -4.39
N VAL A 1257 -27.21 -103.70 -4.71
CA VAL A 1257 -26.03 -104.35 -4.17
C VAL A 1257 -25.13 -103.27 -3.57
N ALA A 1258 -24.34 -103.69 -2.58
CA ALA A 1258 -23.50 -102.74 -1.85
C ALA A 1258 -22.08 -103.28 -1.78
N ARG A 1259 -21.11 -102.46 -2.17
CA ARG A 1259 -19.70 -102.81 -2.01
C ARG A 1259 -19.33 -102.78 -0.54
N MET A 1260 -18.76 -103.87 -0.04
CA MET A 1260 -18.29 -103.90 1.33
C MET A 1260 -16.90 -103.27 1.41
N ASP A 1261 -16.33 -103.27 2.61
CA ASP A 1261 -15.00 -102.71 2.84
C ASP A 1261 -14.10 -103.78 3.43
N GLY A 1262 -12.79 -103.56 3.28
CA GLY A 1262 -11.82 -104.49 3.82
C GLY A 1262 -11.45 -104.17 5.24
N THR A 1263 -12.07 -104.86 6.20
CA THR A 1263 -11.80 -104.65 7.60
C THR A 1263 -10.61 -105.49 8.06
N VAL A 1264 -10.11 -105.20 9.26
CA VAL A 1264 -8.99 -105.96 9.81
C VAL A 1264 -9.36 -107.41 10.05
N ASP A 1265 -10.64 -107.69 10.34
CA ASP A 1265 -11.09 -109.05 10.58
C ASP A 1265 -11.87 -109.64 9.42
N THR A 1266 -12.50 -108.83 8.59
CA THR A 1266 -13.31 -109.33 7.50
C THR A 1266 -12.78 -108.83 6.15
N PRO A 1267 -12.62 -109.72 5.17
CA PRO A 1267 -12.23 -109.28 3.83
C PRO A 1267 -13.38 -108.57 3.14
N PRO A 1268 -13.11 -107.75 2.14
CA PRO A 1268 -14.20 -107.09 1.42
C PRO A 1268 -15.12 -108.10 0.76
N CYS A 1269 -16.42 -107.78 0.76
CA CYS A 1269 -17.44 -108.69 0.28
C CYS A 1269 -18.38 -107.96 -0.68
N LEU A 1270 -19.31 -108.71 -1.24
CA LEU A 1270 -20.33 -108.19 -2.15
C LEU A 1270 -21.69 -108.61 -1.60
N ARG A 1271 -22.26 -107.79 -0.74
CA ARG A 1271 -23.53 -108.11 -0.10
C ARG A 1271 -24.69 -107.80 -1.04
N LEU A 1272 -25.48 -108.80 -1.37
CA LEU A 1272 -26.71 -108.59 -2.10
C LEU A 1272 -27.87 -108.42 -1.13
N ALA A 1273 -28.82 -107.58 -1.52
CA ALA A 1273 -29.99 -107.30 -0.69
C ALA A 1273 -31.23 -107.26 -1.57
N HIS A 1274 -32.38 -107.09 -0.93
CA HIS A 1274 -33.64 -107.06 -1.66
C HIS A 1274 -34.67 -106.27 -0.85
N ARG A 1275 -35.56 -105.59 -1.56
CA ARG A 1275 -36.64 -104.87 -0.92
C ARG A 1275 -37.80 -105.81 -0.62
N THR A 1276 -37.58 -106.74 0.30
CA THR A 1276 -38.56 -107.75 0.65
C THR A 1276 -39.80 -107.15 1.31
N TRP A 1277 -40.57 -106.37 0.53
CA TRP A 1277 -41.74 -105.68 1.09
C TRP A 1277 -43.04 -106.15 0.43
N GLY A 1278 -43.45 -105.50 -0.66
CA GLY A 1278 -44.73 -105.84 -1.31
C GLY A 1278 -44.54 -105.92 -2.83
N SER A 1279 -45.25 -106.82 -3.50
CA SER A 1279 -45.12 -107.00 -4.97
C SER A 1279 -43.64 -107.16 -5.33
N GLN A 1280 -42.85 -107.73 -4.43
CA GLN A 1280 -41.38 -107.85 -4.66
C GLN A 1280 -41.02 -109.29 -5.01
N ASN A 1281 -42.02 -110.13 -5.25
CA ASN A 1281 -41.77 -111.55 -5.62
C ASN A 1281 -40.78 -111.59 -6.78
N SER A 1282 -39.86 -112.56 -6.74
CA SER A 1282 -38.84 -112.66 -7.80
C SER A 1282 -38.52 -114.13 -8.03
N LEU A 1283 -38.29 -114.54 -9.29
CA LEU A 1283 -37.94 -115.95 -9.38
C LEU A 1283 -36.49 -116.19 -8.99
N VAL A 1284 -35.71 -116.73 -9.93
CA VAL A 1284 -34.32 -117.08 -9.67
C VAL A 1284 -33.34 -116.20 -10.43
N GLU A 1285 -32.97 -115.08 -9.84
CA GLU A 1285 -32.02 -114.16 -10.44
C GLU A 1285 -30.61 -114.73 -10.38
N MET A 1286 -30.29 -115.62 -11.32
CA MET A 1286 -28.98 -116.28 -11.34
C MET A 1286 -27.86 -115.28 -11.58
N LEU A 1287 -27.21 -114.85 -10.49
CA LEU A 1287 -26.15 -113.86 -10.57
C LEU A 1287 -24.89 -114.43 -11.20
N PHE A 1288 -23.90 -113.56 -11.42
CA PHE A 1288 -22.63 -113.98 -12.00
C PHE A 1288 -21.53 -112.98 -11.65
N LEU A 1289 -20.30 -113.26 -12.08
CA LEU A 1289 -19.18 -112.38 -11.81
C LEU A 1289 -18.65 -111.76 -13.10
N ARG A 1290 -17.85 -110.70 -12.95
CA ARG A 1290 -17.34 -109.98 -14.11
C ARG A 1290 -15.84 -110.14 -14.29
N LEU A 1291 -15.42 -111.35 -14.63
CA LEU A 1291 -14.01 -111.65 -14.87
C LEU A 1291 -13.87 -112.99 -15.57
N SER A 1292 -12.65 -113.53 -15.57
CA SER A 1292 -12.39 -114.83 -16.16
C SER A 1292 -11.08 -115.41 -15.65
N LEU A 1293 -11.16 -116.56 -15.01
CA LEU A 1293 -9.98 -117.26 -14.52
C LEU A 1293 -9.60 -118.37 -15.48
N PRO A 1294 -8.57 -118.13 -16.29
CA PRO A 1294 -8.15 -119.10 -17.29
C PRO A 1294 -7.22 -120.15 -16.70
N VAL A 1295 -7.17 -121.33 -17.33
CA VAL A 1295 -6.28 -122.41 -16.86
C VAL A 1295 -5.03 -122.45 -17.73
N GLN A 1296 -3.86 -122.72 -17.15
CA GLN A 1296 -2.58 -122.69 -17.90
C GLN A 1296 -2.53 -123.80 -18.95
N THR A 1431 -0.87 -128.05 -18.89
CA THR A 1431 -0.85 -127.87 -17.45
C THR A 1431 -1.63 -128.98 -16.74
N THR A 1432 -2.00 -128.72 -15.49
CA THR A 1432 -2.78 -129.68 -14.70
C THR A 1432 -3.76 -128.95 -13.81
N TYR A 1433 -5.04 -129.22 -13.99
CA TYR A 1433 -6.08 -128.55 -13.21
C TYR A 1433 -7.03 -129.55 -12.56
N TYR A 1434 -7.21 -129.39 -11.25
CA TYR A 1434 -8.13 -130.25 -10.50
C TYR A 1434 -8.82 -129.43 -9.41
N TYR A 1435 -9.80 -128.64 -9.81
CA TYR A 1435 -10.50 -127.75 -8.89
C TYR A 1435 -11.30 -128.53 -7.86
N SER A 1436 -11.63 -127.87 -6.76
CA SER A 1436 -12.38 -128.49 -5.67
C SER A 1436 -13.39 -127.52 -5.08
N VAL A 1437 -14.32 -128.07 -4.28
CA VAL A 1437 -15.33 -127.22 -3.62
C VAL A 1437 -15.57 -127.71 -2.18
N ARG A 1438 -15.18 -126.92 -1.18
CA ARG A 1438 -15.38 -127.28 0.25
C ARG A 1438 -16.64 -126.60 0.79
N VAL A 1439 -17.07 -126.96 2.01
CA VAL A 1439 -18.34 -126.39 2.56
C VAL A 1439 -18.40 -126.58 4.08
N PHE A 1440 -18.59 -125.49 4.83
CA PHE A 1440 -18.64 -125.55 6.31
C PHE A 1440 -17.67 -126.63 6.79
N ALA A 1441 -16.42 -126.58 6.36
CA ALA A 1441 -15.39 -127.57 6.76
C ALA A 1441 -15.83 -128.98 6.34
N GLY A 1442 -15.98 -129.23 5.04
CA GLY A 1442 -16.28 -130.60 4.55
C GLY A 1442 -15.51 -130.81 3.24
N GLN A 1443 -15.80 -131.88 2.48
CA GLN A 1443 -14.97 -132.13 1.28
C GLN A 1443 -15.65 -133.03 0.24
N GLU A 1444 -16.60 -132.49 -0.54
CA GLU A 1444 -17.15 -133.26 -1.64
C GLU A 1444 -16.82 -132.58 -2.97
N PRO A 1445 -15.58 -132.77 -3.43
CA PRO A 1445 -15.11 -132.08 -4.63
C PRO A 1445 -15.49 -132.83 -5.90
N SER A 1446 -14.47 -133.23 -6.67
CA SER A 1446 -14.65 -133.87 -7.97
C SER A 1446 -15.42 -132.96 -8.92
N CYS A 1447 -15.83 -133.51 -10.06
CA CYS A 1447 -16.57 -132.77 -11.08
C CYS A 1447 -15.85 -131.50 -11.48
N VAL A 1448 -14.51 -131.55 -11.50
CA VAL A 1448 -13.71 -130.38 -11.78
C VAL A 1448 -12.29 -130.77 -12.16
N TRP A 1449 -12.14 -131.55 -13.23
CA TRP A 1449 -10.84 -131.99 -13.70
C TRP A 1449 -10.90 -132.44 -15.15
N VAL A 1450 -11.30 -131.50 -16.02
CA VAL A 1450 -11.41 -131.81 -17.46
C VAL A 1450 -11.27 -130.52 -18.29
N GLY A 1451 -10.03 -130.07 -18.51
CA GLY A 1451 -9.82 -128.82 -19.27
C GLY A 1451 -8.35 -128.66 -19.64
N TRP A 1452 -8.06 -128.39 -20.92
CA TRP A 1452 -6.66 -128.12 -21.32
C TRP A 1452 -6.32 -126.69 -20.87
N VAL A 1453 -6.96 -125.70 -21.48
CA VAL A 1453 -6.73 -124.28 -21.09
C VAL A 1453 -8.00 -123.46 -21.34
N THR A 1454 -9.08 -123.73 -20.60
CA THR A 1454 -10.33 -122.95 -20.74
C THR A 1454 -10.35 -121.83 -19.68
N PRO A 1455 -11.54 -121.28 -19.38
CA PRO A 1455 -11.60 -120.14 -18.43
C PRO A 1455 -12.97 -120.07 -17.77
N ASP A 1456 -13.15 -120.76 -16.65
CA ASP A 1456 -14.40 -120.71 -15.90
C ASP A 1456 -14.52 -119.39 -15.14
N TYR A 1457 -15.73 -119.09 -14.69
CA TYR A 1457 -15.97 -117.85 -13.97
C TYR A 1457 -16.77 -118.10 -12.70
N HIS A 1458 -16.67 -117.17 -11.75
CA HIS A 1458 -17.37 -117.29 -10.48
C HIS A 1458 -18.89 -117.16 -10.68
N GLN A 1459 -19.64 -118.10 -10.10
CA GLN A 1459 -21.09 -118.09 -10.23
C GLN A 1459 -21.77 -118.35 -8.89
N HIS A 1460 -23.05 -118.02 -8.80
CA HIS A 1460 -23.82 -118.21 -7.58
C HIS A 1460 -25.31 -118.14 -7.85
N ASP A 1461 -25.80 -118.97 -8.77
CA ASP A 1461 -27.20 -118.98 -9.14
C ASP A 1461 -28.07 -119.38 -7.93
N MET A 1462 -28.94 -118.48 -7.50
CA MET A 1462 -29.73 -118.71 -6.31
C MET A 1462 -31.21 -118.36 -6.49
N ASN A 1463 -31.87 -118.09 -5.37
CA ASN A 1463 -33.28 -117.72 -5.37
C ASN A 1463 -33.56 -116.74 -4.24
N PHE A 1464 -34.79 -116.23 -4.19
CA PHE A 1464 -35.17 -115.24 -3.19
C PHE A 1464 -35.29 -115.87 -1.80
N ASP A 1465 -35.37 -115.03 -0.77
CA ASP A 1465 -35.48 -115.50 0.60
C ASP A 1465 -36.32 -114.54 1.44
N LEU A 1466 -36.66 -113.39 0.86
CA LEU A 1466 -37.48 -112.37 1.52
C LEU A 1466 -36.88 -111.93 2.85
N SER A 1467 -35.59 -111.64 2.85
CA SER A 1467 -34.89 -111.17 4.05
C SER A 1467 -33.55 -110.56 3.69
N LYS A 1468 -32.56 -111.42 3.43
CA LYS A 1468 -31.23 -110.99 3.02
C LYS A 1468 -30.53 -112.14 2.33
N VAL A 1469 -30.37 -112.03 1.00
CA VAL A 1469 -29.85 -113.12 0.20
C VAL A 1469 -28.34 -113.30 0.36
N ARG A 1470 -27.70 -113.73 -0.72
CA ARG A 1470 -26.28 -114.06 -0.71
C ARG A 1470 -25.40 -112.85 -0.46
N ALA A 1471 -24.19 -113.11 0.03
CA ALA A 1471 -23.21 -112.05 0.27
C ALA A 1471 -21.82 -112.57 -0.05
N VAL A 1472 -21.49 -112.61 -1.35
CA VAL A 1472 -20.21 -113.12 -1.80
C VAL A 1472 -19.06 -112.33 -1.20
N THR A 1473 -18.06 -113.04 -0.68
CA THR A 1473 -16.92 -112.41 -0.04
C THR A 1473 -15.61 -112.87 -0.64
N VAL A 1474 -14.68 -111.94 -0.83
CA VAL A 1474 -13.38 -112.26 -1.38
C VAL A 1474 -12.36 -112.47 -0.27
N THR A 1475 -12.37 -113.65 0.33
CA THR A 1475 -11.48 -113.97 1.44
C THR A 1475 -10.14 -114.50 0.93
N MET A 1476 -9.32 -114.98 1.86
CA MET A 1476 -8.00 -115.51 1.52
C MET A 1476 -7.61 -116.65 2.44
N GLY A 1477 -7.28 -117.80 1.86
CA GLY A 1477 -6.83 -118.95 2.64
C GLY A 1477 -5.31 -118.92 2.76
N ASP A 1478 -4.75 -119.96 3.38
CA ASP A 1478 -3.30 -120.03 3.58
C ASP A 1478 -2.63 -120.90 2.53
N GLU A 1479 -3.24 -120.98 1.35
CA GLU A 1479 -2.70 -121.79 0.28
C GLU A 1479 -3.18 -121.31 -1.09
N GLN A 1480 -3.99 -122.13 -1.75
CA GLN A 1480 -4.49 -121.82 -3.09
C GLN A 1480 -5.67 -120.85 -3.04
N GLY A 1481 -6.34 -120.71 -4.17
CA GLY A 1481 -7.46 -119.78 -4.28
C GLY A 1481 -8.69 -120.30 -3.56
N ASN A 1482 -9.36 -119.43 -2.82
CA ASN A 1482 -10.56 -119.80 -2.08
C ASN A 1482 -11.58 -118.67 -2.09
N VAL A 1483 -12.69 -118.88 -2.78
CA VAL A 1483 -13.73 -117.86 -2.88
C VAL A 1483 -14.83 -118.10 -1.85
N HIS A 1484 -14.92 -117.21 -0.86
CA HIS A 1484 -15.93 -117.34 0.19
C HIS A 1484 -17.30 -116.87 -0.29
N SER A 1485 -18.35 -117.38 0.34
CA SER A 1485 -19.72 -117.02 -0.02
C SER A 1485 -20.68 -117.34 1.13
N SER A 1486 -21.08 -116.30 1.87
CA SER A 1486 -22.00 -116.50 3.01
C SER A 1486 -23.46 -116.52 2.53
N LEU A 1487 -24.36 -117.13 3.31
CA LEU A 1487 -25.79 -117.23 2.91
C LEU A 1487 -26.65 -117.69 4.09
N LYS A 1488 -27.81 -117.05 4.31
CA LYS A 1488 -28.67 -117.40 5.47
C LYS A 1488 -30.15 -117.47 5.06
N CYS A 1489 -30.54 -118.48 4.25
CA CYS A 1489 -31.94 -118.60 3.78
C CYS A 1489 -32.43 -120.03 3.92
N SER A 1490 -31.95 -120.94 3.04
CA SER A 1490 -32.40 -122.34 3.06
C SER A 1490 -31.67 -123.15 1.99
N ASN A 1491 -32.19 -123.12 0.76
CA ASN A 1491 -31.62 -123.90 -0.33
C ASN A 1491 -31.30 -123.03 -1.54
N CYS A 1492 -30.03 -123.00 -1.92
CA CYS A 1492 -29.58 -122.22 -3.07
C CYS A 1492 -28.28 -122.81 -3.62
N TYR A 1493 -28.34 -123.35 -4.84
CA TYR A 1493 -27.20 -124.01 -5.44
C TYR A 1493 -26.02 -123.06 -5.67
N MET A 1494 -24.82 -123.64 -5.80
CA MET A 1494 -23.61 -122.86 -6.06
C MET A 1494 -22.72 -123.61 -7.02
N VAL A 1495 -21.89 -122.88 -7.77
CA VAL A 1495 -21.07 -123.49 -8.80
C VAL A 1495 -19.95 -122.57 -9.29
N TRP A 1496 -19.41 -122.90 -10.46
CA TRP A 1496 -18.41 -122.08 -11.12
C TRP A 1496 -18.69 -122.05 -12.63
N GLY A 1497 -19.31 -120.97 -13.09
CA GLY A 1497 -19.79 -120.88 -14.47
C GLY A 1497 -18.67 -120.89 -15.51
N GLY A 1498 -18.95 -121.48 -16.66
CA GLY A 1498 -18.00 -121.52 -17.77
C GLY A 1498 -18.14 -120.27 -18.62
N ASP A 1499 -18.03 -120.44 -19.93
CA ASP A 1499 -18.16 -119.31 -20.86
C ASP A 1499 -19.31 -119.56 -21.83
N PHE A 1500 -20.33 -120.26 -21.36
CA PHE A 1500 -21.47 -120.60 -22.20
C PHE A 1500 -22.74 -120.79 -21.38
N VAL A 1501 -23.13 -119.75 -20.66
CA VAL A 1501 -24.34 -119.83 -19.80
C VAL A 1501 -25.59 -120.14 -20.64
N SER A 1502 -26.57 -120.82 -20.03
CA SER A 1502 -27.83 -121.11 -20.75
C SER A 1502 -28.94 -121.54 -19.79
N PRO A 1503 -29.75 -120.58 -19.30
CA PRO A 1503 -30.88 -120.91 -18.39
C PRO A 1503 -31.62 -119.62 -18.01
N GLY A 1504 -32.94 -119.68 -17.84
CA GLY A 1504 -33.71 -118.50 -17.36
C GLY A 1504 -35.00 -118.97 -16.70
N GLN A 1505 -35.15 -120.28 -16.46
CA GLN A 1505 -36.36 -120.83 -15.79
C GLN A 1505 -35.96 -121.60 -14.52
N GLN A 1506 -36.93 -121.87 -13.63
CA GLN A 1506 -36.65 -122.59 -12.36
C GLN A 1506 -36.07 -123.98 -12.64
N GLY A 1507 -34.84 -124.25 -12.18
CA GLY A 1507 -34.21 -125.57 -12.39
C GLY A 1507 -33.26 -125.89 -11.24
N ARG A 1508 -32.94 -127.17 -11.06
CA ARG A 1508 -32.04 -127.59 -10.00
C ARG A 1508 -30.96 -128.53 -10.55
N ILE A 1509 -31.31 -129.27 -11.59
CA ILE A 1509 -30.37 -130.16 -12.25
C ILE A 1509 -30.52 -130.06 -13.76
N SER A 1510 -30.12 -131.11 -14.47
CA SER A 1510 -30.20 -131.16 -15.93
C SER A 1510 -29.46 -129.99 -16.57
N HIS A 1511 -28.14 -129.95 -16.40
CA HIS A 1511 -27.32 -128.89 -16.95
C HIS A 1511 -26.98 -129.16 -18.41
N THR A 1512 -27.47 -130.28 -18.93
CA THR A 1512 -27.23 -130.68 -20.31
C THR A 1512 -25.74 -130.78 -20.62
N ASP A 1513 -25.11 -131.85 -20.16
CA ASP A 1513 -23.69 -132.06 -20.40
C ASP A 1513 -23.47 -133.13 -21.48
N LEU A 1514 -22.23 -133.56 -21.63
CA LEU A 1514 -21.89 -134.58 -22.62
C LEU A 1514 -20.62 -135.31 -22.21
N VAL A 1515 -20.32 -136.42 -22.89
CA VAL A 1515 -19.13 -137.19 -22.59
C VAL A 1515 -18.43 -137.63 -23.87
N ILE A 1516 -17.15 -137.28 -24.00
CA ILE A 1516 -16.37 -137.68 -25.15
C ILE A 1516 -16.00 -139.15 -25.03
N GLY A 1517 -15.50 -139.72 -26.13
CA GLY A 1517 -15.07 -141.11 -26.13
C GLY A 1517 -14.15 -141.39 -27.32
N CYS A 1518 -12.87 -141.08 -27.14
CA CYS A 1518 -11.89 -141.29 -28.19
C CYS A 1518 -11.14 -142.60 -27.97
N LEU A 1519 -11.64 -143.64 -28.64
CA LEU A 1519 -11.03 -144.98 -28.51
C LEU A 1519 -9.73 -145.07 -29.30
N VAL A 1520 -9.05 -146.21 -29.19
CA VAL A 1520 -7.80 -146.43 -29.94
C VAL A 1520 -7.92 -147.72 -30.74
N ASP A 1521 -8.00 -148.87 -30.04
CA ASP A 1521 -8.17 -150.16 -30.73
C ASP A 1521 -9.50 -150.14 -31.48
N LEU A 1522 -9.63 -150.96 -32.55
CA LEU A 1522 -10.85 -150.97 -33.38
C LEU A 1522 -12.10 -150.86 -32.51
N ALA A 1523 -12.12 -151.53 -31.37
CA ALA A 1523 -13.27 -151.41 -30.43
C ALA A 1523 -12.74 -151.43 -28.98
N THR A 1524 -11.53 -150.93 -28.76
CA THR A 1524 -10.94 -151.01 -27.41
C THR A 1524 -10.01 -149.83 -27.12
N GLY A 1525 -9.32 -149.85 -25.97
CA GLY A 1525 -8.43 -148.74 -25.55
C GLY A 1525 -9.14 -147.39 -25.75
N LEU A 1526 -10.35 -147.26 -25.23
CA LEU A 1526 -11.14 -146.03 -25.49
C LEU A 1526 -10.86 -144.94 -24.45
N MET A 1527 -10.44 -143.76 -24.89
CA MET A 1527 -10.30 -142.61 -23.94
C MET A 1527 -11.65 -141.90 -23.90
N THR A 1528 -11.85 -140.99 -22.95
CA THR A 1528 -13.19 -140.35 -22.82
C THR A 1528 -13.08 -139.06 -22.00
N PHE A 1529 -13.91 -138.06 -22.31
CA PHE A 1529 -13.80 -136.75 -21.61
C PHE A 1529 -15.19 -136.15 -21.42
N THR A 1530 -15.71 -136.19 -20.19
CA THR A 1530 -17.07 -135.65 -19.92
C THR A 1530 -17.04 -134.12 -19.93
N ALA A 1531 -17.59 -133.50 -20.98
CA ALA A 1531 -17.64 -132.02 -21.10
C ALA A 1531 -18.81 -131.47 -20.28
N ASN A 1532 -18.67 -130.25 -19.75
CA ASN A 1532 -19.73 -129.73 -18.85
C ASN A 1532 -20.24 -128.36 -19.27
N GLY A 1533 -21.15 -127.77 -18.48
CA GLY A 1533 -21.77 -126.48 -18.86
C GLY A 1533 -21.46 -125.53 -17.73
N LYS A 1534 -22.04 -125.79 -16.57
CA LYS A 1534 -21.66 -125.01 -15.39
C LYS A 1534 -20.41 -125.68 -14.83
N GLU A 1535 -20.07 -126.86 -15.34
CA GLU A 1535 -18.89 -127.63 -14.84
C GLU A 1535 -18.77 -127.39 -13.34
N SER A 1536 -19.90 -127.35 -12.63
CA SER A 1536 -19.92 -127.08 -11.18
C SER A 1536 -21.36 -127.06 -10.68
N ASN A 1537 -21.59 -127.50 -9.43
CA ASN A 1537 -22.97 -127.61 -8.90
C ASN A 1537 -22.99 -127.91 -7.40
N THR A 1538 -24.11 -127.58 -6.72
CA THR A 1538 -24.27 -127.85 -5.27
C THR A 1538 -25.72 -127.54 -4.87
N PHE A 1539 -26.68 -128.29 -5.41
CA PHE A 1539 -28.10 -128.06 -5.13
C PHE A 1539 -28.49 -128.54 -3.74
N PHE A 1540 -28.30 -127.68 -2.74
CA PHE A 1540 -28.66 -127.97 -1.35
C PHE A 1540 -27.97 -129.24 -0.86
N GLN A 1541 -26.64 -129.25 -0.90
CA GLN A 1541 -25.87 -130.41 -0.47
C GLN A 1541 -25.88 -130.54 1.05
N VAL A 1542 -25.94 -129.40 1.73
CA VAL A 1542 -25.97 -129.38 3.19
C VAL A 1542 -27.29 -129.95 3.68
N GLU A 1543 -27.24 -130.66 4.81
CA GLU A 1543 -28.43 -131.28 5.39
C GLU A 1543 -28.77 -130.66 6.73
N PRO A 1544 -29.26 -129.42 6.71
CA PRO A 1544 -29.63 -128.72 7.93
C PRO A 1544 -30.97 -129.22 8.47
N ASN A 1545 -31.39 -128.66 9.60
CA ASN A 1545 -32.67 -129.04 10.21
C ASN A 1545 -33.79 -128.15 9.68
N THR A 1546 -34.99 -128.32 10.24
CA THR A 1546 -36.14 -127.53 9.84
C THR A 1546 -36.13 -126.17 10.52
N LYS A 1547 -35.21 -125.98 11.46
CA LYS A 1547 -35.11 -124.73 12.20
C LYS A 1547 -33.89 -123.92 11.76
N LEU A 1548 -32.88 -124.61 11.24
CA LEU A 1548 -31.64 -123.99 10.78
C LEU A 1548 -30.95 -123.21 11.89
N PHE A 1549 -30.06 -122.31 11.51
CA PHE A 1549 -29.31 -121.51 12.48
C PHE A 1549 -28.80 -120.21 11.86
N PRO A 1550 -27.49 -120.03 11.87
CA PRO A 1550 -26.88 -118.80 11.37
C PRO A 1550 -26.79 -118.79 9.85
N ALA A 1551 -25.61 -119.12 9.32
CA ALA A 1551 -25.38 -119.08 7.89
C ALA A 1551 -24.25 -120.03 7.47
N VAL A 1552 -24.28 -120.45 6.21
CA VAL A 1552 -23.24 -121.33 5.68
C VAL A 1552 -22.06 -120.51 5.18
N PHE A 1553 -21.03 -121.20 4.69
CA PHE A 1553 -19.83 -120.53 4.20
C PHE A 1553 -19.05 -121.46 3.27
N VAL A 1554 -19.72 -121.95 2.23
CA VAL A 1554 -19.09 -122.83 1.27
C VAL A 1554 -18.12 -122.06 0.37
N LEU A 1555 -16.98 -122.66 0.07
CA LEU A 1555 -15.99 -122.05 -0.80
C LEU A 1555 -15.57 -123.01 -1.90
N PRO A 1556 -14.43 -122.74 -2.52
CA PRO A 1556 -13.94 -123.60 -3.60
C PRO A 1556 -12.43 -123.44 -3.76
N THR A 1557 -11.87 -124.16 -4.73
CA THR A 1557 -10.41 -124.09 -5.01
C THR A 1557 -10.13 -124.58 -6.43
N HIS A 1558 -8.85 -124.55 -6.83
CA HIS A 1558 -8.47 -124.98 -8.20
C HIS A 1558 -6.95 -125.15 -8.31
N GLN A 1559 -6.47 -125.59 -9.48
CA GLN A 1559 -5.01 -125.74 -9.71
C GLN A 1559 -4.34 -124.41 -9.39
N ASN A 1560 -3.56 -124.37 -8.30
CA ASN A 1560 -2.91 -123.11 -7.88
C ASN A 1560 -1.61 -123.41 -7.16
N VAL A 1561 -0.52 -122.76 -7.57
CA VAL A 1561 0.78 -122.93 -6.88
C VAL A 1561 0.82 -122.06 -5.64
N ILE A 1562 2.01 -121.58 -5.28
CA ILE A 1562 2.12 -120.77 -4.04
C ILE A 1562 3.49 -120.08 -3.96
N GLN A 1563 3.76 -119.46 -2.80
CA GLN A 1563 5.02 -118.74 -2.61
C GLN A 1563 5.21 -118.43 -1.14
N PHE A 1564 6.08 -119.20 -0.48
CA PHE A 1564 6.34 -119.02 0.95
C PHE A 1564 7.78 -118.58 1.18
N MET A 1573 -2.47 -115.61 -3.75
CA MET A 1573 -3.33 -116.62 -3.11
C MET A 1573 -4.83 -116.34 -3.28
N PRO A 1574 -5.30 -115.09 -3.00
CA PRO A 1574 -6.74 -114.83 -3.17
C PRO A 1574 -7.16 -114.81 -4.63
N LEU A 1575 -8.45 -114.61 -4.87
CA LEU A 1575 -8.95 -114.57 -6.24
C LEU A 1575 -8.44 -113.35 -7.00
N SER A 1576 -8.30 -112.21 -6.32
CA SER A 1576 -7.89 -110.98 -6.99
C SER A 1576 -6.56 -111.11 -7.70
N ALA A 1577 -5.64 -111.94 -7.19
CA ALA A 1577 -4.35 -112.10 -7.83
C ALA A 1577 -4.40 -113.07 -9.01
N ALA A 1578 -5.53 -113.75 -9.21
CA ALA A 1578 -5.58 -114.80 -10.22
C ALA A 1578 -5.96 -114.30 -11.61
N MET A 1579 -6.45 -113.07 -11.73
CA MET A 1579 -6.82 -112.60 -13.06
C MET A 1579 -6.06 -111.36 -13.50
N PHE A 1580 -5.80 -110.42 -12.61
CA PHE A 1580 -5.33 -109.10 -13.02
C PHE A 1580 -3.86 -109.08 -13.44
N LEU A 1581 -3.06 -110.06 -13.01
CA LEU A 1581 -1.68 -110.22 -13.45
C LEU A 1581 -0.79 -109.09 -12.94
N SER A 1582 -1.39 -108.07 -12.31
CA SER A 1582 -0.64 -106.98 -11.73
C SER A 1582 -0.40 -107.15 -10.23
N GLU A 1583 -1.18 -108.00 -9.57
CA GLU A 1583 -0.97 -108.31 -8.16
C GLU A 1583 -0.79 -109.81 -7.94
N ARG A 1584 -0.40 -110.57 -8.97
CA ARG A 1584 -0.28 -112.02 -8.85
C ARG A 1584 0.75 -112.42 -7.80
N LYS A 1585 1.75 -111.59 -7.57
CA LYS A 1585 2.74 -111.84 -6.52
C LYS A 1585 2.35 -111.21 -5.20
N ASN A 1586 1.20 -110.54 -5.14
CA ASN A 1586 0.73 -109.89 -3.91
C ASN A 1586 -0.36 -110.73 -3.28
N PRO A 1587 -0.15 -111.32 -2.11
CA PRO A 1587 -1.18 -112.14 -1.47
C PRO A 1587 -2.27 -111.34 -0.77
N ALA A 1588 -2.22 -110.02 -0.80
CA ALA A 1588 -3.28 -109.23 -0.18
C ALA A 1588 -4.50 -109.18 -1.11
N PRO A 1589 -5.68 -109.58 -0.64
CA PRO A 1589 -6.87 -109.53 -1.49
C PRO A 1589 -7.26 -108.08 -1.80
N GLN A 1590 -7.83 -107.88 -2.99
CA GLN A 1590 -8.26 -106.57 -3.43
C GLN A 1590 -9.59 -106.68 -4.15
N CYS A 1591 -10.30 -105.56 -4.23
CA CYS A 1591 -11.60 -105.50 -4.91
C CYS A 1591 -11.64 -104.25 -5.77
N PRO A 1592 -11.02 -104.28 -6.95
CA PRO A 1592 -11.06 -103.13 -7.84
C PRO A 1592 -12.45 -102.95 -8.43
N PRO A 1593 -12.76 -101.76 -8.96
CA PRO A 1593 -14.11 -101.52 -9.51
C PRO A 1593 -14.47 -102.39 -10.70
N ARG A 1594 -13.53 -103.15 -11.26
CA ARG A 1594 -13.83 -104.02 -12.38
C ARG A 1594 -14.81 -105.13 -12.03
N LEU A 1595 -14.94 -105.47 -10.74
CA LEU A 1595 -15.79 -106.56 -10.34
C LEU A 1595 -17.23 -106.09 -10.17
N GLU A 1596 -18.09 -106.44 -11.12
CA GLU A 1596 -19.49 -106.02 -11.11
C GLU A 1596 -20.38 -107.25 -11.17
N VAL A 1597 -21.54 -107.16 -10.50
CA VAL A 1597 -22.49 -108.28 -10.48
C VAL A 1597 -23.41 -108.17 -11.69
N GLN A 1598 -23.59 -109.27 -12.39
CA GLN A 1598 -24.46 -109.32 -13.55
C GLN A 1598 -25.75 -110.10 -13.25
N MET A 1599 -26.81 -109.73 -13.94
CA MET A 1599 -28.09 -110.43 -13.83
C MET A 1599 -28.64 -110.53 -15.26
N LEU A 1600 -28.75 -111.75 -15.76
CA LEU A 1600 -29.10 -111.95 -17.16
C LEU A 1600 -30.60 -111.76 -17.38
N MET A 1601 -30.93 -111.11 -18.50
CA MET A 1601 -32.29 -110.98 -19.01
C MET A 1601 -32.39 -111.64 -20.37
N PRO A 1602 -33.52 -112.25 -20.70
CA PRO A 1602 -33.66 -112.93 -21.98
C PRO A 1602 -34.08 -112.03 -23.12
N VAL A 1603 -33.41 -110.88 -23.29
CA VAL A 1603 -33.72 -109.97 -24.39
C VAL A 1603 -32.49 -109.13 -24.69
N SER A 1604 -32.34 -108.78 -25.96
CA SER A 1604 -31.25 -107.92 -26.42
C SER A 1604 -31.65 -107.34 -27.77
N TRP A 1605 -30.84 -106.40 -28.25
CA TRP A 1605 -31.10 -105.72 -29.52
C TRP A 1605 -30.05 -106.18 -30.52
N SER A 1606 -30.49 -106.94 -31.52
CA SER A 1606 -29.63 -107.38 -32.60
C SER A 1606 -30.02 -106.65 -33.89
N ARG A 1607 -29.01 -106.36 -34.71
CA ARG A 1607 -29.20 -105.62 -35.94
C ARG A 1607 -29.30 -106.59 -37.11
N MET A 1608 -30.34 -106.45 -37.92
CA MET A 1608 -30.51 -107.32 -39.08
C MET A 1608 -29.50 -106.94 -40.16
N PRO A 1609 -28.73 -107.89 -40.68
CA PRO A 1609 -27.81 -107.58 -41.76
C PRO A 1609 -28.54 -107.10 -43.00
N ASN A 1610 -27.89 -106.21 -43.74
CA ASN A 1610 -28.49 -105.60 -44.92
C ASN A 1610 -28.72 -106.58 -46.06
N HIS A 1611 -28.15 -107.78 -45.98
CA HIS A 1611 -28.32 -108.78 -47.03
C HIS A 1611 -28.28 -110.17 -46.43
N PHE A 1612 -28.81 -111.13 -47.16
CA PHE A 1612 -28.83 -112.53 -46.76
C PHE A 1612 -28.38 -113.41 -47.93
N LEU A 1613 -28.18 -114.68 -47.63
CA LEU A 1613 -27.79 -115.64 -48.66
C LEU A 1613 -28.99 -115.97 -49.53
N GLN A 1614 -28.89 -115.65 -50.82
CA GLN A 1614 -29.99 -115.91 -51.75
C GLN A 1614 -30.19 -117.39 -52.03
N VAL A 1615 -29.20 -118.23 -51.73
CA VAL A 1615 -29.30 -119.66 -51.99
C VAL A 1615 -28.66 -120.45 -50.87
N GLU A 1622 -34.40 -130.37 -54.68
CA GLU A 1622 -35.66 -130.59 -55.38
C GLU A 1622 -35.95 -132.08 -55.51
N ARG A 1623 -35.28 -132.73 -56.45
CA ARG A 1623 -35.42 -134.16 -56.69
C ARG A 1623 -34.11 -134.87 -56.43
N LEU A 1624 -34.17 -136.20 -56.44
CA LEU A 1624 -33.02 -137.07 -56.21
C LEU A 1624 -32.32 -136.70 -54.90
N GLY A 1625 -33.04 -136.87 -53.81
CA GLY A 1625 -32.49 -136.56 -52.50
C GLY A 1625 -32.52 -135.10 -52.11
N TRP A 1626 -33.32 -134.29 -52.82
CA TRP A 1626 -33.54 -132.89 -52.47
C TRP A 1626 -32.22 -132.11 -52.44
N ALA A 1627 -31.61 -132.01 -53.62
CA ALA A 1627 -30.37 -131.29 -53.78
C ALA A 1627 -30.53 -129.83 -53.37
N VAL A 1628 -29.59 -129.33 -52.58
CA VAL A 1628 -29.60 -127.95 -52.11
C VAL A 1628 -28.55 -127.17 -52.89
N GLN A 1629 -28.88 -125.95 -53.30
CA GLN A 1629 -28.00 -125.12 -54.09
C GLN A 1629 -27.61 -123.86 -53.32
N CYS A 1630 -26.34 -123.49 -53.39
CA CYS A 1630 -25.85 -122.27 -52.79
C CYS A 1630 -24.55 -121.88 -53.47
N GLN A 1631 -24.51 -120.71 -54.09
CA GLN A 1631 -23.35 -120.28 -54.85
C GLN A 1631 -22.82 -118.91 -54.46
N ASP A 1632 -23.70 -117.98 -54.09
CA ASP A 1632 -23.30 -116.59 -53.90
C ASP A 1632 -22.45 -116.45 -52.64
N PRO A 1633 -21.26 -115.86 -52.75
CA PRO A 1633 -20.44 -115.63 -51.55
C PRO A 1633 -20.79 -114.31 -50.88
N LEU A 1634 -20.45 -114.24 -49.58
CA LEU A 1634 -20.65 -113.03 -48.81
C LEU A 1634 -19.82 -113.13 -47.53
N THR A 1635 -19.28 -112.00 -47.09
CA THR A 1635 -18.46 -111.97 -45.89
C THR A 1635 -18.71 -110.67 -45.14
N MET A 1636 -18.36 -110.67 -43.86
CA MET A 1636 -18.60 -109.54 -42.97
C MET A 1636 -17.57 -109.59 -41.84
N MET A 1637 -17.15 -108.41 -41.39
CA MET A 1637 -16.12 -108.28 -40.37
C MET A 1637 -16.72 -107.72 -39.08
N ALA A 1638 -16.20 -108.20 -37.95
CA ALA A 1638 -16.82 -107.93 -36.67
C ALA A 1638 -15.78 -108.00 -35.57
N LEU A 1639 -16.16 -107.50 -34.40
CA LEU A 1639 -15.26 -107.46 -33.25
C LEU A 1639 -15.16 -108.82 -32.58
N HIS A 1640 -14.23 -108.91 -31.64
CA HIS A 1640 -14.10 -110.08 -30.77
C HIS A 1640 -13.68 -109.58 -29.40
N ILE A 1641 -14.65 -109.31 -28.54
CA ILE A 1641 -14.36 -108.83 -27.19
C ILE A 1641 -13.63 -109.94 -26.44
N PRO A 1642 -12.44 -109.68 -25.92
CA PRO A 1642 -11.67 -110.75 -25.27
C PRO A 1642 -12.21 -111.12 -23.90
N GLU A 1643 -12.59 -110.12 -23.11
CA GLU A 1643 -12.97 -110.36 -21.71
C GLU A 1643 -14.15 -111.31 -21.60
N GLU A 1644 -15.21 -111.07 -22.37
CA GLU A 1644 -16.39 -111.92 -22.29
C GLU A 1644 -16.34 -113.06 -23.30
N ASN A 1645 -15.43 -113.01 -24.26
CA ASN A 1645 -15.24 -114.06 -25.26
C ASN A 1645 -16.52 -114.30 -26.06
N ARG A 1646 -16.91 -113.27 -26.80
CA ARG A 1646 -18.01 -113.38 -27.75
C ARG A 1646 -17.73 -112.45 -28.92
N CYS A 1647 -18.58 -112.55 -29.94
CA CYS A 1647 -18.45 -111.77 -31.16
C CYS A 1647 -19.67 -110.88 -31.34
N MET A 1648 -19.45 -109.71 -31.93
CA MET A 1648 -20.54 -108.80 -32.26
C MET A 1648 -20.15 -108.00 -33.49
N ASP A 1649 -21.15 -107.63 -34.28
CA ASP A 1649 -20.90 -106.93 -35.53
C ASP A 1649 -20.35 -105.53 -35.27
N ILE A 1650 -19.47 -105.10 -36.18
CA ILE A 1650 -18.94 -103.74 -36.11
C ILE A 1650 -20.04 -102.70 -36.26
N LEU A 1651 -21.10 -103.02 -37.01
CA LEU A 1651 -22.19 -102.09 -37.21
C LEU A 1651 -22.95 -101.80 -35.93
N GLU A 1652 -22.89 -102.70 -34.95
CA GLU A 1652 -23.60 -102.52 -33.69
C GLU A 1652 -23.09 -101.33 -32.90
N LEU A 1653 -21.88 -100.84 -33.20
CA LEU A 1653 -21.33 -99.73 -32.44
C LEU A 1653 -22.14 -98.46 -32.57
N SER A 1654 -22.90 -98.30 -33.65
CA SER A 1654 -23.73 -97.11 -33.84
C SER A 1654 -24.94 -97.09 -32.90
N GLU A 1655 -25.20 -98.18 -32.19
CA GLU A 1655 -26.31 -98.27 -31.25
C GLU A 1655 -25.88 -98.19 -29.80
N ARG A 1656 -24.67 -98.65 -29.48
CA ARG A 1656 -24.22 -98.61 -28.09
C ARG A 1656 -23.92 -97.19 -27.65
N LEU A 1657 -23.36 -96.37 -28.53
CA LEU A 1657 -23.04 -94.97 -28.32
C LEU A 1657 -21.97 -94.74 -27.26
N ASP A 1658 -21.47 -95.79 -26.61
CA ASP A 1658 -20.37 -95.65 -25.66
C ASP A 1658 -19.17 -96.51 -26.02
N LEU A 1659 -19.39 -97.75 -26.45
CA LEU A 1659 -18.28 -98.57 -26.93
C LEU A 1659 -17.70 -98.01 -28.22
N GLN A 1660 -18.50 -97.29 -29.01
CA GLN A 1660 -17.95 -96.65 -30.20
C GLN A 1660 -16.96 -95.56 -29.84
N ARG A 1661 -17.33 -94.67 -28.93
CA ARG A 1661 -16.48 -93.52 -28.61
C ARG A 1661 -15.17 -93.97 -27.98
N PHE A 1662 -15.18 -95.11 -27.28
CA PHE A 1662 -13.93 -95.64 -26.75
C PHE A 1662 -13.05 -96.17 -27.87
N HIS A 1663 -13.62 -96.96 -28.78
CA HIS A 1663 -12.83 -97.55 -29.84
C HIS A 1663 -12.25 -96.50 -30.79
N SER A 1664 -12.86 -95.32 -30.87
CA SER A 1664 -12.29 -94.26 -31.68
C SER A 1664 -10.92 -93.86 -31.17
N HIS A 1665 -10.75 -93.82 -29.85
CA HIS A 1665 -9.45 -93.50 -29.27
C HIS A 1665 -8.42 -94.59 -29.54
N THR A 1666 -8.84 -95.87 -29.52
CA THR A 1666 -7.92 -96.93 -29.90
C THR A 1666 -7.46 -96.76 -31.34
N LEU A 1667 -8.33 -96.23 -32.19
CA LEU A 1667 -7.98 -95.98 -33.58
C LEU A 1667 -6.82 -94.99 -33.68
N ARG A 1668 -6.93 -93.84 -33.01
CA ARG A 1668 -5.91 -92.82 -33.11
C ARG A 1668 -4.63 -93.16 -32.37
N LEU A 1669 -4.69 -94.04 -31.36
CA LEU A 1669 -3.48 -94.43 -30.66
C LEU A 1669 -2.51 -95.16 -31.59
N TYR A 1670 -3.04 -95.88 -32.58
CA TYR A 1670 -2.16 -96.54 -33.54
C TYR A 1670 -1.35 -95.52 -34.33
N ARG A 1671 -1.87 -94.31 -34.52
CA ARG A 1671 -1.08 -93.27 -35.16
C ARG A 1671 -0.04 -92.69 -34.22
N ALA A 1672 -0.36 -92.55 -32.93
CA ALA A 1672 0.60 -92.00 -31.99
C ALA A 1672 1.81 -92.91 -31.85
N VAL A 1673 1.57 -94.21 -31.86
CA VAL A 1673 2.68 -95.20 -31.76
C VAL A 1673 3.29 -95.41 -33.15
N CYS A 1674 2.71 -94.80 -34.18
CA CYS A 1674 3.39 -94.93 -35.50
C CYS A 1674 4.24 -93.69 -35.66
N ALA A 1675 3.60 -92.56 -35.93
CA ALA A 1675 4.31 -91.27 -36.01
C ALA A 1675 5.36 -91.21 -37.13
N LEU A 1676 6.23 -90.21 -37.07
CA LEU A 1676 7.25 -90.00 -38.13
C LEU A 1676 8.17 -91.21 -38.27
N GLY A 1677 8.13 -91.88 -39.42
CA GLY A 1677 8.99 -93.03 -39.69
C GLY A 1677 8.74 -94.18 -38.73
N ASN A 1678 9.75 -94.54 -37.93
CA ASN A 1678 9.59 -95.59 -36.89
C ASN A 1678 9.05 -96.83 -37.57
N ASN A 1679 9.52 -97.09 -38.77
CA ASN A 1679 8.98 -98.23 -39.54
C ASN A 1679 9.05 -99.51 -38.72
N ARG A 1680 10.05 -99.67 -37.85
CA ARG A 1680 10.06 -100.90 -37.06
C ARG A 1680 8.67 -101.18 -36.49
N VAL A 1681 7.98 -100.15 -36.02
CA VAL A 1681 6.63 -100.32 -35.47
C VAL A 1681 5.58 -100.43 -36.57
N ALA A 1682 5.79 -99.79 -37.72
CA ALA A 1682 4.80 -99.86 -38.79
C ALA A 1682 4.60 -101.30 -39.26
N HIS A 1683 5.69 -102.04 -39.46
CA HIS A 1683 5.57 -103.45 -39.79
C HIS A 1683 4.95 -104.23 -38.63
N ALA A 1684 5.24 -103.81 -37.40
CA ALA A 1684 4.71 -104.48 -36.22
C ALA A 1684 3.24 -104.23 -35.99
N LEU A 1685 2.58 -103.48 -36.88
CA LEU A 1685 1.17 -103.17 -36.71
C LEU A 1685 0.27 -103.87 -37.71
N CYS A 1686 0.79 -104.30 -38.86
CA CYS A 1686 -0.05 -104.96 -39.86
C CYS A 1686 -0.66 -106.25 -39.33
N SER A 1687 0.12 -107.04 -38.58
CA SER A 1687 -0.44 -108.26 -38.00
C SER A 1687 -1.55 -107.95 -37.02
N HIS A 1688 -1.40 -106.88 -36.23
CA HIS A 1688 -2.41 -106.57 -35.22
C HIS A 1688 -3.76 -106.24 -35.85
N VAL A 1689 -3.79 -105.44 -36.91
CA VAL A 1689 -5.09 -105.03 -37.41
C VAL A 1689 -5.50 -105.86 -38.61
N ASP A 1690 -4.83 -105.64 -39.75
CA ASP A 1690 -5.07 -106.43 -40.96
C ASP A 1690 -4.26 -105.92 -42.15
N GLN A 1691 -4.43 -106.60 -43.29
CA GLN A 1691 -4.02 -106.09 -44.59
C GLN A 1691 -5.20 -105.87 -45.53
N ALA A 1692 -6.20 -106.73 -45.48
CA ALA A 1692 -7.26 -106.69 -46.48
C ALA A 1692 -8.42 -105.79 -46.08
N GLN A 1693 -8.87 -105.86 -44.83
CA GLN A 1693 -10.10 -105.18 -44.45
C GLN A 1693 -9.99 -103.67 -44.56
N LEU A 1694 -8.79 -103.11 -44.51
CA LEU A 1694 -8.65 -101.67 -44.71
C LEU A 1694 -9.16 -101.25 -46.06
N LEU A 1695 -9.04 -102.12 -47.06
CA LEU A 1695 -9.67 -101.91 -48.36
C LEU A 1695 -11.17 -102.19 -48.32
N HIS A 1696 -11.61 -103.09 -47.43
CA HIS A 1696 -13.04 -103.39 -47.33
C HIS A 1696 -13.82 -102.23 -46.71
N ALA A 1697 -13.13 -101.34 -46.00
CA ALA A 1697 -13.79 -100.18 -45.43
C ALA A 1697 -14.29 -99.21 -46.49
N LEU A 1698 -13.87 -99.37 -47.74
CA LEU A 1698 -14.28 -98.45 -48.79
C LEU A 1698 -15.70 -98.74 -49.24
N GLU A 1699 -15.96 -99.97 -49.69
CA GLU A 1699 -17.27 -100.32 -50.24
C GLU A 1699 -18.40 -100.16 -49.23
N ASP A 1700 -18.09 -100.17 -47.93
CA ASP A 1700 -19.12 -99.92 -46.94
C ASP A 1700 -19.59 -98.47 -47.00
N ALA A 1701 -20.90 -98.29 -46.82
CA ALA A 1701 -21.51 -96.96 -46.78
C ALA A 1701 -22.10 -96.66 -45.42
N HIS A 1702 -22.77 -97.60 -44.79
CA HIS A 1702 -23.43 -97.39 -43.51
C HIS A 1702 -22.48 -97.78 -42.38
N LEU A 1703 -22.00 -96.77 -41.66
CA LEU A 1703 -21.15 -96.89 -40.47
C LEU A 1703 -21.05 -95.50 -39.87
N PRO A 1704 -20.76 -95.39 -38.54
CA PRO A 1704 -20.70 -94.09 -37.94
C PRO A 1704 -19.38 -93.44 -38.37
N GLY A 1705 -19.45 -92.23 -38.89
CA GLY A 1705 -18.22 -91.52 -39.30
C GLY A 1705 -17.16 -91.53 -38.22
N PRO A 1706 -17.39 -90.85 -37.09
CA PRO A 1706 -16.39 -90.76 -36.05
C PRO A 1706 -15.72 -92.07 -35.65
N LEU A 1707 -16.38 -93.21 -35.90
CA LEU A 1707 -15.83 -94.47 -35.37
C LEU A 1707 -14.87 -95.11 -36.33
N ARG A 1708 -15.15 -94.99 -37.62
CA ARG A 1708 -14.28 -95.74 -38.55
C ARG A 1708 -13.98 -94.88 -39.75
N ALA A 1709 -14.74 -93.80 -39.95
CA ALA A 1709 -14.34 -92.91 -41.07
C ALA A 1709 -13.01 -92.27 -40.69
N GLY A 1710 -12.43 -92.65 -39.56
CA GLY A 1710 -11.08 -92.19 -39.22
C GLY A 1710 -10.07 -93.06 -39.95
N TYR A 1711 -10.44 -94.30 -40.28
CA TYR A 1711 -9.49 -95.23 -40.92
C TYR A 1711 -8.74 -94.56 -42.09
N TYR A 1712 -9.44 -93.79 -42.92
CA TYR A 1712 -8.81 -93.11 -44.04
C TYR A 1712 -7.71 -92.16 -43.60
N ASP A 1713 -7.50 -92.03 -42.30
CA ASP A 1713 -6.30 -91.42 -41.76
C ASP A 1713 -5.33 -92.46 -41.22
N LEU A 1714 -5.84 -93.60 -40.74
CA LEU A 1714 -4.96 -94.66 -40.28
C LEU A 1714 -4.20 -95.28 -41.45
N LEU A 1715 -4.88 -95.54 -42.57
CA LEU A 1715 -4.18 -96.03 -43.75
C LEU A 1715 -3.14 -95.03 -44.22
N ILE A 1716 -3.44 -93.74 -44.07
CA ILE A 1716 -2.46 -92.70 -44.35
C ILE A 1716 -1.27 -92.83 -43.42
N SER A 1717 -1.53 -93.10 -42.15
CA SER A 1717 -0.48 -93.05 -41.13
C SER A 1717 0.61 -94.08 -41.33
N ILE A 1718 0.40 -95.12 -42.14
CA ILE A 1718 1.40 -96.16 -42.32
C ILE A 1718 1.82 -96.32 -43.77
N HIS A 1719 1.31 -95.48 -44.67
CA HIS A 1719 1.77 -95.51 -46.05
C HIS A 1719 1.97 -94.13 -46.69
N LEU A 1720 1.49 -93.06 -46.08
CA LEU A 1720 1.82 -91.71 -46.56
C LEU A 1720 3.13 -91.22 -45.96
N GLU A 1721 3.20 -91.19 -44.63
CA GLU A 1721 4.23 -90.46 -43.90
C GLU A 1721 5.64 -90.90 -44.29
N SER A 1722 5.85 -92.19 -44.42
CA SER A 1722 7.17 -92.72 -44.71
C SER A 1722 7.65 -92.38 -46.12
N ALA A 1723 6.77 -91.96 -47.01
CA ALA A 1723 7.15 -91.64 -48.37
C ALA A 1723 6.79 -90.23 -48.79
N CYS A 1724 5.61 -89.73 -48.39
CA CYS A 1724 5.17 -88.42 -48.85
C CYS A 1724 6.03 -87.30 -48.29
N ARG A 1725 6.40 -87.38 -47.01
CA ARG A 1725 7.22 -86.33 -46.42
C ARG A 1725 8.58 -86.23 -47.11
N SER A 1726 9.17 -87.37 -47.47
CA SER A 1726 10.40 -87.33 -48.24
C SER A 1726 10.17 -86.68 -49.60
N ARG A 1727 9.07 -87.02 -50.27
CA ARG A 1727 8.79 -86.44 -51.59
C ARG A 1727 8.48 -84.96 -51.48
N ARG A 1728 7.53 -84.60 -50.61
CA ARG A 1728 6.97 -83.25 -50.60
C ARG A 1728 7.99 -82.16 -50.28
N SER A 1729 8.88 -82.39 -49.32
CA SER A 1729 9.83 -81.36 -48.93
C SER A 1729 10.81 -81.06 -50.05
N MET A 1730 10.92 -81.97 -51.03
CA MET A 1730 11.80 -81.80 -52.17
C MET A 1730 11.10 -81.13 -53.36
N LEU A 1731 9.77 -81.01 -53.31
CA LEU A 1731 9.05 -80.37 -54.41
C LEU A 1731 9.41 -78.90 -54.53
N SER A 1732 9.87 -78.28 -53.45
CA SER A 1732 10.26 -76.87 -53.48
C SER A 1732 11.67 -76.71 -54.06
N GLU A 1733 11.89 -77.30 -55.22
CA GLU A 1733 13.19 -77.27 -55.90
C GLU A 1733 12.98 -77.77 -57.31
N TYR A 1734 13.57 -77.10 -58.30
CA TYR A 1734 13.40 -77.45 -59.70
C TYR A 1734 14.76 -77.71 -60.32
N ILE A 1735 14.95 -78.92 -60.83
CA ILE A 1735 16.21 -79.33 -61.47
C ILE A 1735 15.86 -80.14 -62.71
N VAL A 1736 16.60 -79.91 -63.79
CA VAL A 1736 16.31 -80.60 -65.05
C VAL A 1736 17.61 -81.02 -65.73
N PRO A 1737 17.70 -82.26 -66.20
CA PRO A 1737 18.87 -82.67 -66.99
C PRO A 1737 18.66 -82.43 -68.47
N LEU A 1738 19.64 -82.83 -69.28
CA LEU A 1738 19.56 -82.71 -70.74
C LEU A 1738 19.16 -84.07 -71.30
N THR A 1739 17.93 -84.18 -71.77
CA THR A 1739 17.39 -85.39 -72.37
C THR A 1739 16.67 -85.04 -73.67
N PRO A 1740 16.51 -86.01 -74.57
CA PRO A 1740 15.70 -85.74 -75.78
C PRO A 1740 14.29 -85.28 -75.47
N GLU A 1741 13.66 -85.83 -74.42
CA GLU A 1741 12.36 -85.33 -73.99
C GLU A 1741 12.47 -83.89 -73.50
N THR A 1742 13.54 -83.58 -72.76
CA THR A 1742 13.77 -82.21 -72.32
C THR A 1742 13.94 -81.28 -73.51
N ARG A 1743 14.54 -81.76 -74.60
CA ARG A 1743 14.83 -80.90 -75.73
C ARG A 1743 13.57 -80.35 -76.40
N ALA A 1744 12.43 -81.01 -76.22
CA ALA A 1744 11.17 -80.58 -76.83
C ALA A 1744 10.08 -80.53 -75.77
N ILE A 1745 9.99 -79.39 -75.07
CA ILE A 1745 8.88 -79.15 -74.15
C ILE A 1745 8.62 -77.65 -74.08
N THR A 1746 7.39 -77.26 -74.39
CA THR A 1746 6.93 -75.88 -74.34
C THR A 1746 5.41 -75.94 -74.25
N LEU A 1747 4.75 -74.81 -74.50
CA LEU A 1747 3.30 -74.80 -74.58
C LEU A 1747 2.81 -75.84 -75.57
N PHE A 1748 3.37 -75.84 -76.78
CA PHE A 1748 3.15 -76.79 -77.87
C PHE A 1748 1.70 -77.27 -77.96
N PRO A 1749 0.74 -76.40 -78.29
CA PRO A 1749 -0.63 -76.88 -78.52
C PRO A 1749 -0.79 -77.38 -79.95
N PRO A 1750 -1.01 -78.69 -80.13
CA PRO A 1750 -1.19 -79.22 -81.49
C PRO A 1750 -2.58 -78.89 -82.00
N GLY A 1751 -2.66 -77.99 -82.98
CA GLY A 1751 -3.94 -77.60 -83.53
C GLY A 1751 -3.84 -76.63 -84.68
N ARG A 1752 -4.74 -75.65 -84.72
CA ARG A 1752 -4.78 -74.65 -85.77
C ARG A 1752 -3.94 -73.43 -85.44
N LYS A 1753 -2.88 -73.59 -84.66
CA LYS A 1753 -1.96 -72.54 -84.21
C LYS A 1753 -2.62 -71.53 -83.30
N GLY A 1754 -3.93 -71.65 -83.05
CA GLY A 1754 -4.62 -70.79 -82.13
C GLY A 1754 -4.54 -71.22 -80.69
N GLY A 1755 -4.01 -72.41 -80.42
CA GLY A 1755 -3.89 -72.88 -79.05
C GLY A 1755 -2.95 -72.02 -78.21
N ASN A 1756 -2.01 -71.33 -78.86
CA ASN A 1756 -1.19 -70.37 -78.15
C ASN A 1756 -2.05 -69.24 -77.59
N ALA A 1757 -3.01 -68.76 -78.36
CA ALA A 1757 -3.95 -67.77 -77.87
C ALA A 1757 -5.16 -68.40 -77.20
N ARG A 1758 -5.39 -69.69 -77.40
CA ARG A 1758 -6.50 -70.40 -76.78
C ARG A 1758 -6.07 -70.91 -75.40
N ARG A 1759 -6.87 -71.78 -74.80
CA ARG A 1759 -6.51 -72.35 -73.50
C ARG A 1759 -5.16 -73.04 -73.58
N HIS A 1760 -4.36 -72.86 -72.53
CA HIS A 1760 -3.00 -73.38 -72.54
C HIS A 1760 -2.97 -74.90 -72.65
N GLY A 1761 -4.03 -75.56 -72.21
CA GLY A 1761 -4.08 -77.01 -72.23
C GLY A 1761 -4.70 -77.56 -70.97
N LEU A 1762 -4.14 -78.65 -70.45
CA LEU A 1762 -4.63 -79.27 -69.23
C LEU A 1762 -3.45 -79.56 -68.31
N PRO A 1763 -3.54 -79.21 -67.03
CA PRO A 1763 -2.52 -79.65 -66.07
C PRO A 1763 -2.53 -81.17 -65.96
N GLY A 1764 -1.43 -81.72 -65.48
CA GLY A 1764 -1.27 -83.16 -65.55
C GLY A 1764 -0.81 -83.58 -66.93
N VAL A 1765 0.42 -83.19 -67.26
CA VAL A 1765 0.98 -83.38 -68.60
C VAL A 1765 2.12 -84.36 -68.48
N GLY A 1766 2.81 -84.64 -69.59
CA GLY A 1766 3.82 -85.68 -69.64
C GLY A 1766 5.05 -85.46 -68.76
N VAL A 1767 6.15 -86.14 -69.12
CA VAL A 1767 7.29 -86.25 -68.22
C VAL A 1767 7.84 -84.87 -67.88
N THR A 1768 7.99 -84.61 -66.59
CA THR A 1768 8.57 -83.36 -66.12
C THR A 1768 10.08 -83.45 -65.93
N THR A 1769 10.67 -84.63 -66.10
CA THR A 1769 12.11 -84.83 -66.12
C THR A 1769 12.79 -84.40 -64.83
N SER A 1770 12.01 -84.12 -63.79
CA SER A 1770 12.59 -83.82 -62.49
C SER A 1770 13.08 -85.11 -61.84
N LEU A 1771 14.22 -85.01 -61.15
CA LEU A 1771 14.85 -86.17 -60.53
C LEU A 1771 14.01 -86.60 -59.33
N ARG A 1772 13.15 -87.58 -59.54
CA ARG A 1772 12.28 -88.10 -58.50
C ARG A 1772 12.66 -89.55 -58.21
N PRO A 1773 13.40 -89.84 -57.15
CA PRO A 1773 13.86 -91.20 -56.89
C PRO A 1773 12.70 -92.09 -56.48
N PRO A 1774 12.83 -93.41 -56.68
CA PRO A 1774 11.75 -94.33 -56.30
C PRO A 1774 11.61 -94.41 -54.79
N HIS A 1775 10.47 -94.97 -54.37
CA HIS A 1775 10.07 -94.94 -52.97
C HIS A 1775 10.60 -96.11 -52.15
N HIS A 1776 10.86 -97.26 -52.78
CA HIS A 1776 11.50 -98.40 -52.13
C HIS A 1776 10.68 -98.90 -50.93
N PHE A 1777 9.50 -99.41 -51.24
CA PHE A 1777 8.70 -100.11 -50.23
C PHE A 1777 9.28 -101.49 -49.97
N SER A 1778 8.78 -102.15 -48.92
CA SER A 1778 9.25 -103.46 -48.54
C SER A 1778 8.06 -104.35 -48.18
N PRO A 1779 8.03 -105.59 -48.66
CA PRO A 1779 6.91 -106.48 -48.34
C PRO A 1779 6.91 -106.84 -46.86
N PRO A 1780 5.78 -106.69 -46.18
CA PRO A 1780 5.71 -107.03 -44.75
C PRO A 1780 5.79 -108.53 -44.52
N CYS A 1781 6.41 -108.92 -43.41
CA CYS A 1781 6.53 -110.32 -43.07
C CYS A 1781 7.01 -110.47 -41.63
N PHE A 1782 6.44 -111.45 -40.93
CA PHE A 1782 6.94 -111.90 -39.64
C PHE A 1782 7.44 -113.33 -39.65
N VAL A 1783 7.05 -114.14 -40.64
CA VAL A 1783 7.50 -115.52 -40.71
C VAL A 1783 8.99 -115.66 -40.98
N ALA A 1784 9.63 -114.63 -41.53
CA ALA A 1784 11.06 -114.67 -41.76
C ALA A 1784 11.81 -114.51 -40.45
N ALA A 1785 13.11 -114.81 -40.50
CA ALA A 1785 13.95 -114.71 -39.32
C ALA A 1785 14.12 -113.27 -38.89
N LEU A 1786 14.27 -113.07 -37.58
CA LEU A 1786 14.48 -111.74 -37.05
C LEU A 1786 15.86 -111.20 -37.45
N PRO A 1787 15.98 -109.91 -37.68
CA PRO A 1787 17.28 -109.34 -38.11
C PRO A 1787 18.31 -109.44 -37.01
N ALA A 1788 19.57 -109.59 -37.40
CA ALA A 1788 20.70 -109.71 -36.48
C ALA A 1788 20.48 -110.83 -35.47
N GLU A 1793 21.29 -100.94 -36.07
CA GLU A 1793 22.50 -101.51 -36.66
C GLU A 1793 22.35 -101.64 -38.18
N ALA A 1794 21.11 -101.51 -38.66
CA ALA A 1794 20.82 -101.66 -40.08
C ALA A 1794 19.49 -100.98 -40.35
N PRO A 1795 19.19 -100.64 -41.62
CA PRO A 1795 17.89 -100.06 -41.93
C PRO A 1795 16.77 -101.08 -41.75
N ALA A 1796 16.31 -101.22 -40.52
CA ALA A 1796 15.38 -102.27 -40.10
C ALA A 1796 14.26 -102.50 -41.10
N ARG A 1797 13.47 -101.47 -41.38
CA ARG A 1797 12.36 -101.60 -42.32
C ARG A 1797 12.28 -100.35 -43.17
N LEU A 1798 11.94 -100.55 -44.45
CA LEU A 1798 11.72 -99.41 -45.34
C LEU A 1798 10.31 -98.86 -45.17
N SER A 1799 9.30 -99.68 -45.51
CA SER A 1799 7.89 -99.37 -45.34
C SER A 1799 7.07 -100.61 -45.69
N PRO A 1800 5.96 -100.86 -45.02
CA PRO A 1800 5.09 -101.96 -45.44
C PRO A 1800 4.57 -101.73 -46.84
N ALA A 1801 4.43 -102.81 -47.60
CA ALA A 1801 4.08 -102.75 -49.00
C ALA A 1801 2.61 -103.09 -49.21
N ILE A 1802 2.00 -102.37 -50.15
CA ILE A 1802 0.62 -102.65 -50.57
C ILE A 1802 0.50 -102.40 -52.06
N PRO A 1803 -0.14 -103.34 -52.76
CA PRO A 1803 -0.31 -103.17 -54.22
C PRO A 1803 -1.13 -101.94 -54.54
N LEU A 1804 -0.48 -100.94 -55.14
CA LEU A 1804 -1.11 -99.65 -55.37
C LEU A 1804 -1.92 -99.57 -56.65
N GLU A 1805 -1.61 -100.40 -57.64
CA GLU A 1805 -2.36 -100.36 -58.89
C GLU A 1805 -3.84 -100.66 -58.67
N ALA A 1806 -4.15 -101.69 -57.87
CA ALA A 1806 -5.52 -101.95 -57.49
C ALA A 1806 -6.04 -100.86 -56.55
N LEU A 1807 -5.18 -100.38 -55.66
CA LEU A 1807 -5.57 -99.32 -54.75
C LEU A 1807 -5.92 -98.04 -55.49
N ARG A 1808 -5.17 -97.71 -56.54
CA ARG A 1808 -5.45 -96.49 -57.30
C ARG A 1808 -6.82 -96.53 -57.93
N ASP A 1809 -7.21 -97.68 -58.49
CA ASP A 1809 -8.51 -97.81 -59.11
C ASP A 1809 -9.64 -97.82 -58.09
N LYS A 1810 -9.42 -98.43 -56.93
CA LYS A 1810 -10.49 -98.55 -55.94
C LYS A 1810 -10.81 -97.21 -55.28
N ALA A 1811 -9.80 -96.40 -54.99
CA ALA A 1811 -10.05 -95.12 -54.36
C ALA A 1811 -10.71 -94.13 -55.32
N LEU A 1812 -10.31 -94.16 -56.59
CA LEU A 1812 -10.81 -93.19 -57.56
C LEU A 1812 -12.32 -93.33 -57.77
N ARG A 1813 -12.80 -94.57 -57.89
CA ARG A 1813 -14.20 -94.80 -58.24
C ARG A 1813 -15.17 -94.25 -57.21
N MET A 1814 -14.76 -94.15 -55.95
CA MET A 1814 -15.65 -93.57 -54.94
C MET A 1814 -15.78 -92.06 -55.09
N LEU A 1815 -14.74 -91.38 -55.58
CA LEU A 1815 -14.81 -89.93 -55.70
C LEU A 1815 -15.96 -89.50 -56.60
N GLY A 1816 -16.03 -90.06 -57.81
CA GLY A 1816 -17.15 -89.77 -58.68
C GLY A 1816 -18.47 -90.30 -58.14
N GLU A 1817 -18.44 -91.46 -57.49
CA GLU A 1817 -19.66 -92.02 -56.90
C GLU A 1817 -20.22 -91.10 -55.82
N ALA A 1818 -19.35 -90.54 -54.98
CA ALA A 1818 -19.80 -89.61 -53.96
C ALA A 1818 -20.42 -88.37 -54.57
N VAL A 1819 -19.82 -87.84 -55.64
CA VAL A 1819 -20.36 -86.65 -56.29
C VAL A 1819 -21.69 -86.98 -56.97
N ARG A 1820 -21.75 -88.10 -57.68
CA ARG A 1820 -22.98 -88.48 -58.35
C ARG A 1820 -24.11 -88.71 -57.35
N ASP A 1821 -23.81 -89.38 -56.24
CA ASP A 1821 -24.80 -89.56 -55.19
C ASP A 1821 -25.06 -88.30 -54.39
N GLY A 1822 -24.12 -87.34 -54.40
CA GLY A 1822 -24.31 -86.13 -53.64
C GLY A 1822 -25.32 -85.18 -54.24
N GLY A 1823 -25.59 -85.31 -55.54
CA GLY A 1823 -26.53 -84.43 -56.21
C GLY A 1823 -27.98 -84.70 -55.90
N GLN A 1824 -28.32 -85.88 -55.39
CA GLN A 1824 -29.70 -86.22 -55.10
C GLN A 1824 -30.23 -85.52 -53.85
N HIS A 1825 -29.35 -84.91 -53.05
CA HIS A 1825 -29.75 -84.20 -51.83
C HIS A 1825 -30.55 -85.10 -50.89
N ALA A 1826 -30.18 -86.36 -50.81
CA ALA A 1826 -30.89 -87.30 -49.96
C ALA A 1826 -30.43 -87.18 -48.51
N ARG A 1827 -31.35 -87.52 -47.61
CA ARG A 1827 -31.04 -87.62 -46.18
C ARG A 1827 -30.37 -88.94 -45.83
N ASP A 1828 -29.75 -89.59 -46.81
CA ASP A 1828 -29.00 -90.80 -46.52
C ASP A 1828 -27.51 -90.57 -46.75
N PRO A 1829 -26.90 -89.65 -45.98
CA PRO A 1829 -25.50 -89.32 -46.23
C PRO A 1829 -24.54 -90.15 -45.40
N VAL A 1830 -23.62 -90.85 -46.06
CA VAL A 1830 -22.63 -91.63 -45.34
C VAL A 1830 -22.06 -90.81 -44.20
N GLY A 1831 -22.12 -91.33 -42.99
CA GLY A 1831 -21.62 -90.62 -41.84
C GLY A 1831 -22.64 -89.77 -41.13
N GLY A 1832 -23.82 -89.59 -41.68
CA GLY A 1832 -24.86 -88.81 -41.04
C GLY A 1832 -24.94 -87.39 -41.56
N SER A 1833 -23.81 -86.79 -41.84
CA SER A 1833 -23.75 -85.40 -42.28
C SER A 1833 -22.97 -85.30 -43.58
N VAL A 1834 -23.16 -84.18 -44.29
CA VAL A 1834 -22.42 -83.94 -45.51
C VAL A 1834 -20.94 -83.79 -45.22
N GLU A 1835 -20.59 -83.33 -44.02
CA GLU A 1835 -19.19 -83.20 -43.64
C GLU A 1835 -18.47 -84.54 -43.75
N PHE A 1836 -19.04 -85.60 -43.18
CA PHE A 1836 -18.48 -86.92 -43.34
C PHE A 1836 -18.85 -87.56 -44.67
N GLN A 1837 -19.88 -87.04 -45.37
CA GLN A 1837 -20.19 -87.58 -46.68
C GLN A 1837 -19.04 -87.33 -47.65
N PHE A 1838 -18.52 -86.11 -47.67
CA PHE A 1838 -17.24 -85.85 -48.34
C PHE A 1838 -16.10 -86.21 -47.39
N VAL A 1839 -16.13 -87.48 -47.02
CA VAL A 1839 -15.19 -88.18 -46.16
C VAL A 1839 -13.76 -87.90 -46.64
N PRO A 1840 -12.75 -87.98 -45.77
CA PRO A 1840 -11.38 -87.69 -46.21
C PRO A 1840 -10.85 -88.60 -47.32
N VAL A 1841 -11.70 -89.44 -47.91
CA VAL A 1841 -11.35 -90.05 -49.19
C VAL A 1841 -10.87 -88.97 -50.15
N LEU A 1842 -11.48 -87.79 -50.08
CA LEU A 1842 -10.94 -86.64 -50.82
C LEU A 1842 -9.52 -86.32 -50.38
N LYS A 1843 -9.27 -86.35 -49.07
CA LYS A 1843 -7.90 -86.18 -48.58
C LYS A 1843 -7.00 -87.30 -49.12
N LEU A 1844 -7.50 -88.53 -49.14
CA LEU A 1844 -6.74 -89.64 -49.69
C LEU A 1844 -6.42 -89.44 -51.17
N VAL A 1845 -7.35 -88.84 -51.92
CA VAL A 1845 -7.09 -88.58 -53.33
C VAL A 1845 -5.92 -87.62 -53.48
N SER A 1846 -5.90 -86.54 -52.68
CA SER A 1846 -4.78 -85.61 -52.71
C SER A 1846 -3.47 -86.28 -52.34
N THR A 1847 -3.52 -87.31 -51.48
CA THR A 1847 -2.31 -88.03 -51.11
C THR A 1847 -1.67 -88.68 -52.33
N LEU A 1848 -2.45 -89.45 -53.08
CA LEU A 1848 -1.91 -90.12 -54.25
C LEU A 1848 -1.61 -89.17 -55.39
N LEU A 1849 -2.28 -88.01 -55.42
CA LEU A 1849 -2.03 -87.05 -56.49
C LEU A 1849 -0.62 -86.48 -56.41
N VAL A 1850 -0.15 -86.14 -55.21
CA VAL A 1850 1.21 -85.63 -55.07
C VAL A 1850 2.24 -86.75 -55.26
N MET A 1851 1.83 -88.00 -55.06
CA MET A 1851 2.73 -89.14 -55.28
C MET A 1851 2.96 -89.43 -56.75
N GLY A 1852 2.13 -88.88 -57.64
CA GLY A 1852 2.28 -89.17 -59.06
C GLY A 1852 1.77 -90.53 -59.45
N ILE A 1853 1.02 -91.20 -58.58
CA ILE A 1853 0.52 -92.54 -58.89
C ILE A 1853 -0.44 -92.49 -60.06
N PHE A 1854 -1.23 -91.43 -60.17
CA PHE A 1854 -2.17 -91.29 -61.27
C PHE A 1854 -1.42 -91.15 -62.60
N GLY A 1855 -2.03 -91.67 -63.65
CA GLY A 1855 -1.47 -91.56 -64.98
C GLY A 1855 -1.93 -90.31 -65.70
N ASP A 1856 -1.59 -90.18 -66.98
CA ASP A 1856 -1.99 -89.01 -67.76
C ASP A 1856 -3.51 -88.95 -67.91
N GLU A 1857 -4.13 -90.09 -68.20
CA GLU A 1857 -5.59 -90.12 -68.31
C GLU A 1857 -6.25 -90.02 -66.95
N ASP A 1858 -5.62 -90.58 -65.90
CA ASP A 1858 -6.23 -90.60 -64.58
C ASP A 1858 -6.46 -89.19 -64.06
N VAL A 1859 -5.46 -88.31 -64.18
CA VAL A 1859 -5.65 -86.92 -63.75
C VAL A 1859 -6.71 -86.24 -64.61
N LYS A 1860 -6.77 -86.60 -65.90
CA LYS A 1860 -7.85 -86.09 -66.74
C LYS A 1860 -9.20 -86.57 -66.24
N GLN A 1861 -9.27 -87.82 -65.77
CA GLN A 1861 -10.51 -88.32 -65.19
C GLN A 1861 -10.88 -87.55 -63.92
N ILE A 1862 -9.89 -87.21 -63.11
CA ILE A 1862 -10.14 -86.42 -61.91
C ILE A 1862 -10.73 -85.06 -62.23
N LEU A 1863 -10.23 -84.39 -63.27
CA LEU A 1863 -10.75 -83.08 -63.63
C LEU A 1863 -12.22 -83.13 -64.02
N LYS A 1864 -12.75 -84.30 -64.36
CA LYS A 1864 -14.13 -84.44 -64.77
C LYS A 1864 -15.11 -84.11 -63.66
N MET A 1865 -14.65 -84.02 -62.41
CA MET A 1865 -15.51 -83.54 -61.34
C MET A 1865 -15.76 -82.04 -61.44
N ILE A 1866 -14.93 -81.32 -62.18
CA ILE A 1866 -15.15 -79.91 -62.48
C ILE A 1866 -15.18 -79.79 -64.00
N GLU A 1867 -15.67 -80.86 -64.65
CA GLU A 1867 -15.64 -80.96 -66.11
C GLU A 1867 -16.24 -79.76 -66.84
N PRO A 1868 -17.41 -79.23 -66.47
CA PRO A 1868 -17.96 -78.09 -67.23
C PRO A 1868 -17.03 -76.89 -67.31
N GLU A 1869 -16.28 -76.61 -66.23
CA GLU A 1869 -15.28 -75.55 -66.28
C GLU A 1869 -14.00 -76.01 -66.96
N VAL A 1870 -13.65 -77.29 -66.83
CA VAL A 1870 -12.48 -77.83 -67.51
C VAL A 1870 -12.67 -77.75 -69.02
N PHE A 1871 -13.83 -78.18 -69.51
CA PHE A 1871 -14.19 -78.12 -70.92
C PHE A 1871 -13.14 -78.84 -71.77
N THR A 1872 -13.07 -80.16 -71.53
CA THR A 1872 -12.12 -81.01 -72.22
C THR A 1872 -12.13 -80.74 -73.72
N GLU A 1873 -10.93 -80.65 -74.30
CA GLU A 1873 -10.80 -80.21 -75.69
C GLU A 1873 -11.45 -81.17 -76.68
N GLU A 1874 -11.72 -82.40 -76.28
CA GLU A 1874 -12.38 -83.37 -77.16
C GLU A 1874 -13.79 -82.93 -77.51
N LEU A 1922 -28.25 -83.35 -65.00
CA LEU A 1922 -26.95 -83.01 -65.55
C LEU A 1922 -25.84 -83.23 -64.54
N GLU A 1923 -24.63 -83.49 -65.03
CA GLU A 1923 -23.47 -83.73 -64.18
C GLU A 1923 -22.98 -82.38 -63.64
N GLU A 1924 -23.61 -81.95 -62.55
CA GLU A 1924 -23.26 -80.68 -61.93
C GLU A 1924 -21.83 -80.72 -61.41
N GLY A 1925 -21.12 -79.61 -61.53
CA GLY A 1925 -19.75 -79.55 -61.06
C GLY A 1925 -19.66 -79.60 -59.56
N LEU A 1926 -18.46 -79.92 -59.08
CA LEU A 1926 -18.27 -80.11 -57.65
C LEU A 1926 -18.25 -78.79 -56.89
N LEU A 1927 -17.89 -77.70 -57.57
CA LEU A 1927 -17.82 -76.40 -56.90
C LEU A 1927 -19.19 -75.84 -56.55
N GLN A 1928 -20.26 -76.34 -57.18
CA GLN A 1928 -21.58 -75.78 -56.96
C GLN A 1928 -22.21 -76.20 -55.64
N MET A 1929 -21.91 -77.38 -55.13
CA MET A 1929 -22.52 -77.82 -53.88
C MET A 1929 -21.96 -77.04 -52.71
N LYS A 1930 -22.88 -76.60 -51.84
CA LYS A 1930 -22.52 -75.76 -50.69
C LYS A 1930 -21.85 -76.65 -49.64
N LEU A 1931 -20.53 -76.67 -49.66
CA LEU A 1931 -19.77 -77.42 -48.67
C LEU A 1931 -19.56 -76.55 -47.44
N PRO A 1932 -20.11 -76.96 -46.29
CA PRO A 1932 -20.35 -75.99 -45.21
C PRO A 1932 -19.13 -75.26 -44.64
N GLU A 1933 -18.20 -75.99 -44.03
CA GLU A 1933 -17.12 -75.29 -43.34
C GLU A 1933 -15.73 -75.84 -43.62
N SER A 1934 -15.59 -77.15 -43.71
CA SER A 1934 -14.27 -77.77 -43.69
C SER A 1934 -13.91 -78.44 -45.01
N VAL A 1935 -14.90 -78.82 -45.82
CA VAL A 1935 -14.57 -79.42 -47.11
C VAL A 1935 -13.84 -78.42 -48.00
N LYS A 1936 -14.07 -77.12 -47.78
CA LYS A 1936 -13.43 -76.11 -48.60
C LYS A 1936 -11.91 -76.13 -48.45
N LEU A 1937 -11.42 -76.22 -47.21
CA LEU A 1937 -9.97 -76.23 -47.02
C LEU A 1937 -9.34 -77.47 -47.64
N GLN A 1938 -9.99 -78.63 -47.54
CA GLN A 1938 -9.57 -79.78 -48.32
C GLN A 1938 -9.75 -79.54 -49.81
N MET A 1939 -10.86 -78.93 -50.21
CA MET A 1939 -11.01 -78.51 -51.60
C MET A 1939 -9.93 -77.53 -52.00
N CYS A 1940 -9.63 -76.56 -51.13
CA CYS A 1940 -8.51 -75.66 -51.40
C CYS A 1940 -7.19 -76.41 -51.42
N ASN A 1941 -7.01 -77.37 -50.52
CA ASN A 1941 -5.75 -78.10 -50.47
C ASN A 1941 -5.53 -78.94 -51.73
N LEU A 1942 -6.60 -79.34 -52.41
CA LEU A 1942 -6.42 -80.06 -53.66
C LEU A 1942 -5.93 -79.11 -54.76
N LEU A 1943 -6.18 -77.81 -54.60
CA LEU A 1943 -5.85 -76.85 -55.64
C LEU A 1943 -4.37 -76.50 -55.72
N GLU A 1944 -3.62 -76.56 -54.62
CA GLU A 1944 -2.20 -76.19 -54.73
C GLU A 1944 -1.45 -77.12 -55.67
N TYR A 1945 -1.89 -78.36 -55.84
CA TYR A 1945 -1.15 -79.25 -56.72
C TYR A 1945 -1.22 -78.78 -58.16
N PHE A 1946 -2.40 -78.36 -58.61
CA PHE A 1946 -2.54 -77.93 -60.00
C PHE A 1946 -1.79 -76.64 -60.29
N CYS A 1947 -1.90 -75.64 -59.40
CA CYS A 1947 -1.13 -74.42 -59.59
C CYS A 1947 0.36 -74.69 -59.47
N ASP A 1948 0.76 -75.66 -58.64
CA ASP A 1948 2.16 -76.03 -58.55
C ASP A 1948 2.63 -76.71 -59.82
N GLN A 1949 1.78 -77.55 -60.42
CA GLN A 1949 2.16 -78.21 -61.66
C GLN A 1949 2.39 -77.22 -62.79
N GLU A 1950 1.53 -76.19 -62.90
CA GLU A 1950 1.70 -75.22 -63.96
C GLU A 1950 3.00 -74.45 -63.83
N LEU A 1951 3.34 -74.03 -62.60
CA LEU A 1951 4.60 -73.32 -62.39
C LEU A 1951 5.79 -74.22 -62.68
N GLN A 1952 5.74 -75.47 -62.22
CA GLN A 1952 6.82 -76.41 -62.51
C GLN A 1952 6.93 -76.68 -64.00
N HIS A 1953 5.79 -76.80 -64.69
CA HIS A 1953 5.82 -76.95 -66.14
C HIS A 1953 6.38 -75.72 -66.82
N ARG A 1954 6.03 -74.53 -66.34
CA ARG A 1954 6.51 -73.29 -66.95
C ARG A 1954 8.02 -73.16 -66.83
N VAL A 1955 8.58 -73.46 -65.67
CA VAL A 1955 10.03 -73.35 -65.50
C VAL A 1955 10.74 -74.39 -66.35
N GLU A 1956 10.18 -75.59 -66.47
CA GLU A 1956 10.81 -76.63 -67.29
C GLU A 1956 10.86 -76.20 -68.75
N SER A 1957 9.81 -75.57 -69.25
CA SER A 1957 9.80 -75.10 -70.63
C SER A 1957 10.88 -74.05 -70.87
N LEU A 1958 11.09 -73.16 -69.91
CA LEU A 1958 12.15 -72.16 -70.05
C LEU A 1958 13.52 -72.81 -70.17
N ALA A 1959 13.76 -73.86 -69.39
CA ALA A 1959 15.05 -74.55 -69.46
C ALA A 1959 15.28 -75.20 -70.81
N ALA A 1960 14.22 -75.74 -71.42
CA ALA A 1960 14.36 -76.33 -72.75
C ALA A 1960 14.79 -75.28 -73.76
N PHE A 1961 14.19 -74.10 -73.71
CA PHE A 1961 14.57 -73.03 -74.62
C PHE A 1961 15.98 -72.53 -74.34
N ALA A 1962 16.34 -72.42 -73.06
CA ALA A 1962 17.63 -71.87 -72.67
C ALA A 1962 18.79 -72.81 -72.98
N GLU A 1963 18.51 -74.05 -73.36
CA GLU A 1963 19.57 -74.99 -73.72
C GLU A 1963 19.76 -75.15 -75.22
N ARG A 1964 18.69 -75.03 -76.01
CA ARG A 1964 18.85 -75.01 -77.45
C ARG A 1964 19.39 -73.68 -77.96
N TYR A 1965 19.06 -72.57 -77.29
CA TYR A 1965 19.52 -71.26 -77.74
C TYR A 1965 20.98 -71.02 -77.35
N VAL A 1966 21.42 -71.57 -76.21
CA VAL A 1966 22.82 -71.43 -75.83
C VAL A 1966 23.72 -72.24 -76.75
N ASP A 1967 23.19 -73.28 -77.39
CA ASP A 1967 23.98 -74.03 -78.38
C ASP A 1967 24.28 -73.16 -79.59
N LYS A 1968 23.32 -72.34 -80.03
CA LYS A 1968 23.50 -71.45 -81.16
C LYS A 1968 24.07 -70.10 -80.76
N LEU A 1969 24.37 -69.90 -79.47
CA LEU A 1969 24.93 -68.63 -78.99
C LEU A 1969 26.44 -68.63 -78.99
N GLN A 1970 27.07 -69.53 -78.24
CA GLN A 1970 28.53 -69.60 -78.25
C GLN A 1970 29.06 -70.08 -79.59
N ALA A 1971 28.26 -70.81 -80.37
CA ALA A 1971 28.65 -71.17 -81.72
C ALA A 1971 28.73 -69.97 -82.65
N ASN A 1972 27.80 -69.01 -82.52
CA ASN A 1972 27.90 -67.77 -83.29
C ASN A 1972 29.07 -66.93 -82.81
N GLN A 1973 29.25 -66.84 -81.48
CA GLN A 1973 30.39 -66.12 -80.93
C GLN A 1973 31.70 -66.73 -81.38
N ARG A 1974 31.80 -68.06 -81.34
CA ARG A 1974 32.99 -68.74 -81.86
C ARG A 1974 33.11 -68.53 -83.38
N SER A 1975 31.97 -68.53 -84.07
CA SER A 1975 31.98 -68.14 -85.48
C SER A 1975 32.36 -66.67 -85.63
N ARG A 1976 31.87 -65.82 -84.72
CA ARG A 1976 32.31 -64.43 -84.69
C ARG A 1976 33.77 -64.30 -84.27
N TYR A 1977 34.26 -65.18 -83.39
CA TYR A 1977 35.66 -65.16 -83.00
C TYR A 1977 36.57 -65.47 -84.18
N ALA A 1978 36.08 -66.24 -85.15
CA ALA A 1978 36.85 -66.47 -86.37
C ALA A 1978 36.87 -65.24 -87.27
N LEU A 1979 35.82 -64.41 -87.20
CA LEU A 1979 35.79 -63.18 -87.98
C LEU A 1979 36.78 -62.14 -87.47
N LEU A 1980 37.19 -62.23 -86.20
CA LEU A 1980 38.21 -61.35 -85.64
C LEU A 1980 39.57 -62.03 -85.55
N MET A 1981 39.72 -63.20 -86.17
CA MET A 1981 41.00 -63.89 -86.25
C MET A 1981 41.52 -63.96 -87.68
N ARG A 1982 40.70 -64.50 -88.60
CA ARG A 1982 41.07 -64.52 -90.00
C ARG A 1982 40.90 -63.15 -90.67
N ALA A 1983 39.93 -62.36 -90.23
CA ALA A 1983 39.67 -61.03 -90.77
C ALA A 1983 39.65 -60.01 -89.64
N PHE A 1984 40.68 -60.06 -88.80
CA PHE A 1984 40.75 -59.17 -87.64
C PHE A 1984 40.80 -57.70 -88.07
N THR A 1985 41.60 -57.39 -89.09
CA THR A 1985 41.83 -56.02 -89.55
C THR A 1985 42.31 -55.15 -88.39
N MET A 1986 43.46 -55.55 -87.86
CA MET A 1986 44.00 -54.92 -86.65
C MET A 1986 44.24 -53.44 -86.87
N SER A 1987 43.64 -52.63 -86.00
CA SER A 1987 43.78 -51.18 -86.05
C SER A 1987 43.44 -50.63 -84.66
N ALA A 1988 43.24 -49.33 -84.57
CA ALA A 1988 42.88 -48.70 -83.30
C ALA A 1988 41.52 -49.14 -82.79
N ALA A 1989 40.53 -49.29 -83.68
CA ALA A 1989 39.21 -49.76 -83.25
C ALA A 1989 39.20 -51.27 -83.02
N GLU A 1990 39.91 -52.03 -83.86
CA GLU A 1990 39.93 -53.48 -83.73
C GLU A 1990 40.68 -53.94 -82.50
N THR A 1991 41.68 -53.19 -82.04
CA THR A 1991 42.42 -53.52 -80.83
C THR A 1991 41.67 -53.10 -79.57
N ALA A 1992 40.53 -52.42 -79.69
CA ALA A 1992 39.73 -52.02 -78.55
C ALA A 1992 38.34 -52.64 -78.56
N ARG A 1993 37.64 -52.63 -79.69
CA ARG A 1993 36.27 -53.14 -79.73
C ARG A 1993 36.22 -54.62 -79.41
N ARG A 1994 37.18 -55.40 -79.92
CA ARG A 1994 37.20 -56.84 -79.71
C ARG A 1994 37.83 -57.25 -78.39
N THR A 1995 38.29 -56.29 -77.58
CA THR A 1995 39.06 -56.60 -76.38
C THR A 1995 38.25 -57.35 -75.33
N ARG A 1996 36.94 -57.10 -75.23
CA ARG A 1996 36.17 -57.56 -74.09
C ARG A 1996 36.07 -59.08 -74.03
N GLU A 1997 36.45 -59.79 -75.09
CA GLU A 1997 36.22 -61.23 -75.14
C GLU A 1997 37.18 -61.97 -74.21
N PHE A 1998 38.47 -61.62 -74.23
CA PHE A 1998 39.41 -62.21 -73.29
C PHE A 1998 39.06 -61.81 -71.85
N ARG A 1999 38.74 -60.54 -71.64
CA ARG A 1999 38.24 -60.07 -70.35
C ARG A 1999 36.76 -60.41 -70.25
N SER A 2000 36.06 -59.80 -69.29
CA SER A 2000 34.61 -59.91 -69.18
C SER A 2000 34.18 -61.37 -69.08
N PRO A 2001 34.41 -62.02 -67.96
CA PRO A 2001 34.01 -63.44 -67.81
C PRO A 2001 32.55 -63.63 -68.14
N PRO A 2002 32.14 -64.86 -68.47
CA PRO A 2002 30.74 -65.09 -68.91
C PRO A 2002 29.71 -64.68 -67.89
N GLN A 2003 30.08 -64.48 -66.61
CA GLN A 2003 29.16 -63.90 -65.66
C GLN A 2003 28.76 -62.49 -66.08
N GLU A 2004 29.72 -61.70 -66.54
CA GLU A 2004 29.43 -60.36 -67.05
C GLU A 2004 29.37 -60.31 -68.57
N GLN A 2005 29.97 -61.28 -69.26
CA GLN A 2005 29.94 -61.27 -70.72
C GLN A 2005 28.52 -61.43 -71.24
N ILE A 2006 27.80 -62.45 -70.75
CA ILE A 2006 26.51 -62.80 -71.33
C ILE A 2006 25.50 -61.68 -71.11
N ASN A 2007 25.53 -61.04 -69.93
CA ASN A 2007 24.55 -60.01 -69.63
C ASN A 2007 24.64 -58.84 -70.61
N MET A 2008 25.83 -58.57 -71.17
CA MET A 2008 25.93 -57.58 -72.23
C MET A 2008 25.11 -58.02 -73.44
N LEU A 2009 25.24 -59.29 -73.84
CA LEU A 2009 24.53 -59.81 -75.00
C LEU A 2009 23.03 -59.94 -74.75
N LEU A 2010 22.62 -60.24 -73.52
CA LEU A 2010 21.20 -60.36 -73.21
C LEU A 2010 20.44 -59.06 -73.39
N HIS A 2011 21.05 -57.93 -73.04
CA HIS A 2011 20.30 -56.67 -73.02
C HIS A 2011 19.92 -56.21 -74.42
N PHE A 2012 20.68 -56.63 -75.44
CA PHE A 2012 20.41 -56.13 -76.79
C PHE A 2012 19.04 -56.54 -77.28
N LYS A 2013 18.69 -57.82 -77.15
CA LYS A 2013 17.42 -58.30 -77.68
C LYS A 2013 16.24 -57.40 -77.40
N ASP A 2014 15.74 -57.43 -76.18
CA ASP A 2014 14.54 -56.64 -75.85
C ASP A 2014 14.80 -55.14 -75.83
N GLU A 2015 16.06 -54.74 -75.94
CA GLU A 2015 16.39 -53.33 -75.88
C GLU A 2015 15.54 -52.53 -76.84
N ALA A 2016 15.13 -51.32 -76.45
CA ALA A 2016 14.38 -50.46 -77.35
C ALA A 2016 15.35 -50.07 -78.45
N ASP A 2017 16.08 -51.04 -78.95
CA ASP A 2017 17.10 -50.79 -79.98
C ASP A 2017 17.94 -49.56 -79.63
N GLU A 2018 18.26 -49.40 -78.36
CA GLU A 2018 18.95 -48.22 -77.84
C GLU A 2018 20.26 -48.57 -77.14
N GLU A 2019 20.97 -49.59 -77.65
CA GLU A 2019 22.25 -49.95 -77.04
C GLU A 2019 23.30 -50.38 -78.07
N ASP A 2020 23.17 -49.92 -79.32
CA ASP A 2020 24.09 -50.31 -80.39
C ASP A 2020 24.16 -51.84 -80.51
N CYS A 2021 23.01 -52.41 -80.86
CA CYS A 2021 22.88 -53.86 -80.93
C CYS A 2021 23.86 -54.43 -81.95
N PRO A 2022 24.43 -55.60 -81.68
CA PRO A 2022 25.47 -56.15 -82.57
C PRO A 2022 24.91 -56.68 -83.86
N LEU A 2023 25.78 -57.30 -84.65
CA LEU A 2023 25.41 -57.84 -85.97
C LEU A 2023 24.23 -58.81 -85.93
N PRO A 2024 24.16 -59.80 -85.01
CA PRO A 2024 23.07 -60.78 -85.11
C PRO A 2024 21.69 -60.15 -84.94
N GLU A 2025 20.90 -60.17 -86.00
CA GLU A 2025 19.57 -59.59 -86.01
C GLU A 2025 18.45 -60.61 -86.07
N ASP A 2026 18.78 -61.87 -86.35
CA ASP A 2026 17.76 -62.92 -86.40
C ASP A 2026 17.54 -63.57 -85.04
N ILE A 2027 18.57 -63.59 -84.19
CA ILE A 2027 18.48 -64.24 -82.89
C ILE A 2027 17.98 -63.24 -81.85
N ARG A 2028 17.76 -62.01 -82.27
CA ARG A 2028 17.17 -61.00 -81.39
C ARG A 2028 15.66 -60.92 -81.54
N GLN A 2029 15.05 -61.75 -82.38
CA GLN A 2029 13.61 -61.77 -82.55
C GLN A 2029 12.94 -62.96 -81.89
N ASP A 2030 13.54 -64.15 -81.96
CA ASP A 2030 12.96 -65.32 -81.29
C ASP A 2030 12.91 -65.10 -79.78
N LEU A 2031 13.97 -64.50 -79.22
CA LEU A 2031 13.94 -64.11 -77.81
C LEU A 2031 12.82 -63.11 -77.55
N GLN A 2032 12.63 -62.14 -78.45
CA GLN A 2032 11.48 -61.26 -78.34
C GLN A 2032 10.17 -62.02 -78.46
N ASP A 2033 10.11 -62.98 -79.38
CA ASP A 2033 8.92 -63.83 -79.50
C ASP A 2033 8.77 -64.74 -78.29
N PHE A 2034 9.88 -65.30 -77.79
CA PHE A 2034 9.80 -66.19 -76.65
C PHE A 2034 9.32 -65.46 -75.41
N HIS A 2035 9.85 -64.26 -75.15
CA HIS A 2035 9.34 -63.44 -74.06
C HIS A 2035 7.88 -63.08 -74.27
N GLN A 2036 7.50 -62.76 -75.51
CA GLN A 2036 6.11 -62.46 -75.80
C GLN A 2036 5.22 -63.68 -75.60
N ASP A 2037 5.72 -64.86 -76.00
CA ASP A 2037 4.94 -66.08 -75.85
C ASP A 2037 4.68 -66.44 -74.39
N LEU A 2038 5.67 -66.31 -73.51
CA LEU A 2038 5.52 -66.74 -72.13
C LEU A 2038 4.51 -65.86 -71.40
N LEU A 2039 4.61 -64.54 -71.57
CA LEU A 2039 3.67 -63.65 -70.86
C LEU A 2039 2.23 -63.88 -71.30
N ALA A 2040 2.02 -64.31 -72.55
CA ALA A 2040 0.68 -64.70 -72.97
C ALA A 2040 0.20 -65.91 -72.19
N HIS A 2041 1.08 -66.90 -71.98
CA HIS A 2041 0.72 -68.06 -71.18
C HIS A 2041 0.49 -67.69 -69.72
N CYS A 2042 1.30 -66.79 -69.18
CA CYS A 2042 1.19 -66.41 -67.78
C CYS A 2042 0.02 -65.44 -67.60
N GLY A 2043 -0.07 -64.84 -66.42
CA GLY A 2043 -1.19 -63.97 -66.10
C GLY A 2043 -1.24 -62.66 -66.86
N ILE A 2044 -0.18 -62.32 -67.60
CA ILE A 2044 -0.18 -61.10 -68.39
C ILE A 2044 -1.19 -61.24 -69.51
N GLN A 2045 -2.20 -60.37 -69.51
CA GLN A 2045 -3.23 -60.41 -70.54
C GLN A 2045 -2.71 -59.93 -71.89
N LEU A 2046 -1.49 -59.37 -71.93
CA LEU A 2046 -0.91 -58.85 -73.17
C LEU A 2046 -1.83 -57.83 -73.83
N GLU A 2047 -2.46 -56.99 -73.01
CA GLU A 2047 -3.38 -55.96 -73.50
C GLU A 2047 -2.55 -54.83 -74.12
N GLY A 2048 -2.11 -55.07 -75.36
CA GLY A 2048 -1.28 -54.12 -76.07
C GLY A 2048 0.16 -54.57 -76.21
N LYS A 2089 -20.58 -66.09 -67.59
CA LYS A 2089 -19.42 -66.18 -68.47
C LYS A 2089 -18.53 -67.37 -68.08
N LYS A 2090 -18.05 -68.10 -69.08
CA LYS A 2090 -17.18 -69.24 -68.87
C LYS A 2090 -15.72 -68.79 -68.78
N PRO A 2091 -15.07 -69.00 -67.63
CA PRO A 2091 -13.66 -68.60 -67.53
C PRO A 2091 -12.76 -69.28 -68.55
N GLN A 2092 -13.02 -70.56 -68.85
CA GLN A 2092 -12.27 -71.32 -69.84
C GLN A 2092 -10.78 -71.38 -69.52
N SER A 2093 -10.39 -71.09 -68.29
CA SER A 2093 -9.00 -71.10 -67.89
C SER A 2093 -8.89 -71.31 -66.39
N LEU A 2094 -7.80 -71.94 -65.98
CA LEU A 2094 -7.59 -72.21 -64.56
C LEU A 2094 -7.45 -70.93 -63.77
N GLN A 2095 -6.68 -69.96 -64.27
CA GLN A 2095 -6.45 -68.72 -63.55
C GLN A 2095 -7.75 -67.95 -63.36
N GLU A 2096 -8.58 -67.87 -64.40
CA GLU A 2096 -9.84 -67.16 -64.28
C GLU A 2096 -10.87 -67.93 -63.45
N LEU A 2097 -10.85 -69.26 -63.51
CA LEU A 2097 -11.79 -70.05 -62.72
C LEU A 2097 -11.54 -69.89 -61.23
N VAL A 2098 -10.28 -69.96 -60.82
CA VAL A 2098 -9.96 -69.78 -59.40
C VAL A 2098 -10.31 -68.37 -58.94
N SER A 2099 -9.99 -67.37 -59.76
CA SER A 2099 -10.23 -65.98 -59.37
C SER A 2099 -11.70 -65.70 -59.14
N HIS A 2100 -12.58 -66.23 -59.99
CA HIS A 2100 -14.01 -66.04 -59.78
C HIS A 2100 -14.53 -66.88 -58.61
N MET A 2101 -14.06 -68.12 -58.49
CA MET A 2101 -14.60 -69.03 -57.49
C MET A 2101 -14.27 -68.56 -56.07
N VAL A 2102 -13.03 -68.12 -55.84
CA VAL A 2102 -12.64 -67.75 -54.48
C VAL A 2102 -13.41 -66.53 -54.00
N VAL A 2103 -13.70 -65.59 -54.90
CA VAL A 2103 -14.33 -64.34 -54.49
C VAL A 2103 -15.72 -64.61 -53.93
N ARG A 2104 -16.50 -65.45 -54.61
CA ARG A 2104 -17.87 -65.70 -54.16
C ARG A 2104 -17.94 -66.33 -52.78
N TRP A 2105 -16.88 -67.05 -52.36
CA TRP A 2105 -16.86 -67.59 -51.00
C TRP A 2105 -16.86 -66.47 -49.98
N ALA A 2106 -15.97 -65.49 -50.14
CA ALA A 2106 -15.97 -64.34 -49.24
C ALA A 2106 -17.22 -63.49 -49.45
N GLN A 2107 -17.68 -63.36 -50.70
CA GLN A 2107 -18.91 -62.62 -50.96
C GLN A 2107 -20.12 -63.37 -50.43
N GLU A 2108 -19.97 -64.65 -50.13
CA GLU A 2108 -21.01 -65.41 -49.45
C GLU A 2108 -20.98 -65.10 -47.97
N ASP A 2109 -21.67 -65.91 -47.16
CA ASP A 2109 -21.73 -65.67 -45.72
C ASP A 2109 -20.34 -65.54 -45.12
N TYR A 2110 -20.30 -64.88 -43.96
CA TYR A 2110 -19.03 -64.57 -43.31
C TYR A 2110 -18.26 -65.84 -42.98
N VAL A 2111 -16.95 -65.77 -43.07
CA VAL A 2111 -16.09 -66.95 -42.97
C VAL A 2111 -15.43 -66.95 -41.60
N GLN A 2112 -15.67 -68.02 -40.84
CA GLN A 2112 -14.99 -68.27 -39.58
C GLN A 2112 -13.75 -69.12 -39.86
N SER A 2113 -13.16 -69.72 -38.81
CA SER A 2113 -12.02 -70.63 -38.96
C SER A 2113 -10.84 -69.93 -39.62
N PRO A 2114 -10.15 -69.04 -38.91
CA PRO A 2114 -9.06 -68.27 -39.52
C PRO A 2114 -8.02 -69.11 -40.24
N GLU A 2115 -7.89 -70.39 -39.92
CA GLU A 2115 -6.99 -71.24 -40.67
C GLU A 2115 -7.37 -71.32 -42.14
N LEU A 2116 -8.67 -71.40 -42.44
CA LEU A 2116 -9.10 -71.42 -43.83
C LEU A 2116 -8.81 -70.09 -44.51
N VAL A 2117 -8.89 -68.98 -43.76
CA VAL A 2117 -8.72 -67.65 -44.34
C VAL A 2117 -7.36 -67.52 -44.99
N ARG A 2118 -6.30 -68.00 -44.34
CA ARG A 2118 -4.97 -67.88 -44.92
C ARG A 2118 -4.86 -68.67 -46.22
N ALA A 2119 -5.76 -69.63 -46.43
CA ALA A 2119 -5.71 -70.44 -47.65
C ALA A 2119 -6.23 -69.70 -48.87
N MET A 2120 -7.26 -68.86 -48.73
CA MET A 2120 -7.83 -68.22 -49.92
C MET A 2120 -6.93 -67.12 -50.45
N PHE A 2121 -6.61 -66.13 -49.62
CA PHE A 2121 -5.83 -64.99 -50.08
C PHE A 2121 -4.51 -65.41 -50.70
N SER A 2122 -3.87 -66.46 -50.17
CA SER A 2122 -2.61 -66.91 -50.74
C SER A 2122 -2.80 -67.45 -52.15
N LEU A 2123 -3.78 -68.34 -52.34
CA LEU A 2123 -4.04 -68.87 -53.67
C LEU A 2123 -4.37 -67.76 -54.65
N LEU A 2124 -5.13 -66.77 -54.20
CA LEU A 2124 -5.51 -65.67 -55.09
C LEU A 2124 -4.30 -64.84 -55.50
N HIS A 2125 -3.37 -64.61 -54.57
CA HIS A 2125 -2.18 -63.81 -54.89
C HIS A 2125 -1.40 -64.41 -56.04
N ARG A 2126 -1.30 -65.72 -56.11
CA ARG A 2126 -0.55 -66.37 -57.17
C ARG A 2126 -1.27 -66.30 -58.51
N GLN A 2127 -2.54 -65.91 -58.51
CA GLN A 2127 -3.32 -65.86 -59.75
C GLN A 2127 -3.25 -64.51 -60.43
N TYR A 2128 -2.54 -63.54 -59.87
CA TYR A 2128 -2.39 -62.24 -60.50
C TYR A 2128 -0.96 -61.94 -60.90
N ASP A 2129 -0.02 -62.02 -59.97
CA ASP A 2129 1.39 -61.76 -60.25
C ASP A 2129 2.14 -63.07 -60.47
N GLY A 2130 1.82 -63.74 -61.57
CA GLY A 2130 2.45 -65.01 -61.87
C GLY A 2130 3.95 -64.90 -62.05
N LEU A 2131 4.42 -63.81 -62.63
CA LEU A 2131 5.86 -63.61 -62.77
C LEU A 2131 6.54 -63.51 -61.41
N GLY A 2132 5.88 -62.85 -60.45
CA GLY A 2132 6.41 -62.80 -59.10
C GLY A 2132 6.58 -64.17 -58.49
N GLU A 2133 5.63 -65.07 -58.74
CA GLU A 2133 5.82 -66.46 -58.35
C GLU A 2133 6.93 -67.12 -59.14
N LEU A 2134 7.03 -66.81 -60.44
CA LEU A 2134 8.13 -67.33 -61.26
C LEU A 2134 9.47 -66.84 -60.74
N LEU A 2135 9.56 -65.56 -60.38
CA LEU A 2135 10.79 -65.05 -59.80
C LEU A 2135 11.05 -65.61 -58.41
N ARG A 2136 9.99 -65.99 -57.68
CA ARG A 2136 10.16 -66.53 -56.34
C ARG A 2136 10.81 -67.90 -56.34
N ALA A 2137 10.93 -68.55 -57.49
CA ALA A 2137 11.57 -69.86 -57.58
C ALA A 2137 12.63 -69.96 -58.67
N LEU A 2138 12.75 -68.98 -59.55
CA LEU A 2138 13.78 -69.02 -60.57
C LEU A 2138 15.20 -69.15 -60.02
N PRO A 2139 15.62 -68.44 -58.97
CA PRO A 2139 16.98 -68.65 -58.44
C PRO A 2139 17.23 -70.07 -57.96
N ARG A 2140 16.21 -70.80 -57.54
CA ARG A 2140 16.36 -72.18 -57.08
C ARG A 2140 16.36 -73.18 -58.23
N ALA A 2141 16.17 -72.72 -59.46
CA ALA A 2141 16.28 -73.60 -60.61
C ALA A 2141 17.74 -73.84 -60.97
N TYR A 2142 18.01 -75.02 -61.53
CA TYR A 2142 19.37 -75.39 -61.91
C TYR A 2142 19.30 -76.28 -63.13
N THR A 2143 20.40 -76.31 -63.87
CA THR A 2143 20.53 -77.14 -65.06
C THR A 2143 21.78 -78.00 -64.95
N ILE A 2144 21.64 -79.28 -65.27
CA ILE A 2144 22.76 -80.21 -65.19
C ILE A 2144 22.87 -80.98 -66.49
N SER A 2145 24.03 -81.60 -66.72
CA SER A 2145 24.41 -82.42 -67.87
C SER A 2145 24.09 -83.89 -67.59
N PRO A 2146 23.75 -84.66 -68.62
CA PRO A 2146 23.48 -86.08 -68.41
C PRO A 2146 24.74 -86.84 -68.04
N SER A 2147 24.58 -88.16 -67.89
CA SER A 2147 25.64 -89.08 -67.50
C SER A 2147 26.19 -88.79 -66.11
N SER A 2148 25.50 -87.96 -65.32
CA SER A 2148 25.90 -87.67 -63.95
C SER A 2148 24.72 -87.72 -62.99
N VAL A 2149 23.54 -88.08 -63.46
CA VAL A 2149 22.35 -88.08 -62.61
C VAL A 2149 22.44 -89.15 -61.54
N GLU A 2150 23.01 -90.31 -61.87
CA GLU A 2150 23.08 -91.41 -60.92
C GLU A 2150 23.87 -91.03 -59.68
N ASP A 2151 24.97 -90.29 -59.84
CA ASP A 2151 25.66 -89.75 -58.67
C ASP A 2151 24.85 -88.67 -57.98
N THR A 2152 24.13 -87.85 -58.75
CA THR A 2152 23.25 -86.85 -58.15
C THR A 2152 22.13 -87.51 -57.37
N MET A 2153 21.55 -88.58 -57.93
CA MET A 2153 20.49 -89.29 -57.23
C MET A 2153 20.99 -89.84 -55.90
N SER A 2154 22.22 -90.37 -55.88
CA SER A 2154 22.82 -90.76 -54.61
C SER A 2154 22.99 -89.56 -53.69
N LEU A 2155 23.40 -88.40 -54.24
CA LEU A 2155 23.45 -87.18 -53.44
C LEU A 2155 22.06 -86.81 -52.95
N LEU A 2156 21.07 -86.85 -53.85
CA LEU A 2156 19.70 -86.55 -53.47
C LEU A 2156 19.14 -87.54 -52.48
N GLU A 2157 19.41 -88.83 -52.66
CA GLU A 2157 18.92 -89.83 -51.73
C GLU A 2157 19.47 -89.64 -50.33
N CYS A 2158 20.76 -89.31 -50.23
CA CYS A 2158 21.36 -89.05 -48.93
C CYS A 2158 20.72 -87.85 -48.23
N LEU A 2159 20.24 -86.88 -49.02
CA LEU A 2159 19.61 -85.70 -48.43
C LEU A 2159 18.33 -86.05 -47.70
N GLY A 2160 17.61 -87.07 -48.16
CA GLY A 2160 16.32 -87.37 -47.58
C GLY A 2160 16.39 -87.79 -46.12
N GLN A 2161 17.31 -88.70 -45.78
CA GLN A 2161 17.40 -89.15 -44.40
C GLN A 2161 17.85 -88.05 -43.46
N ILE A 2162 18.75 -87.18 -43.93
CA ILE A 2162 19.23 -86.08 -43.08
C ILE A 2162 18.08 -85.16 -42.70
N ARG A 2163 17.26 -84.79 -43.69
CA ARG A 2163 16.10 -83.96 -43.40
C ARG A 2163 15.07 -84.68 -42.55
N SER A 2164 14.91 -85.99 -42.75
CA SER A 2164 13.95 -86.75 -41.96
C SER A 2164 14.33 -86.78 -40.49
N LEU A 2165 15.62 -86.93 -40.19
CA LEU A 2165 16.09 -86.99 -38.82
C LEU A 2165 16.05 -85.63 -38.13
N LEU A 2166 15.85 -84.55 -38.87
CA LEU A 2166 15.77 -83.23 -38.26
C LEU A 2166 14.59 -83.10 -37.31
N ILE A 2167 13.54 -83.89 -37.51
CA ILE A 2167 12.34 -83.85 -36.70
C ILE A 2167 12.24 -85.06 -35.77
N VAL A 2168 13.34 -85.78 -35.57
CA VAL A 2168 13.38 -86.96 -34.73
C VAL A 2168 14.25 -86.65 -33.51
N GLN A 2169 13.76 -87.03 -32.33
CA GLN A 2169 14.55 -86.82 -31.12
C GLN A 2169 15.86 -87.58 -31.22
N MET A 2170 16.95 -86.90 -30.84
CA MET A 2170 18.29 -87.45 -31.02
C MET A 2170 18.50 -88.67 -30.13
N GLY A 2171 19.15 -89.68 -30.68
CA GLY A 2171 19.45 -90.89 -29.95
C GLY A 2171 20.63 -91.64 -30.53
N PRO A 2172 21.20 -92.56 -29.74
CA PRO A 2172 22.33 -93.34 -30.25
C PRO A 2172 21.99 -94.13 -31.50
N GLN A 2173 20.75 -94.61 -31.63
CA GLN A 2173 20.33 -95.23 -32.88
C GLN A 2173 20.30 -94.23 -34.01
N GLU A 2174 19.85 -92.99 -33.76
CA GLU A 2174 19.86 -91.98 -34.80
C GLU A 2174 21.24 -91.38 -35.02
N GLU A 2175 22.11 -91.42 -34.01
CA GLU A 2175 23.42 -90.78 -34.11
C GLU A 2175 24.27 -91.41 -35.21
N ASN A 2176 24.58 -92.70 -35.07
CA ASN A 2176 25.48 -93.37 -36.00
C ASN A 2176 24.94 -93.39 -37.43
N LEU A 2177 23.63 -93.43 -37.62
CA LEU A 2177 23.08 -93.43 -38.97
C LEU A 2177 23.39 -92.15 -39.72
N MET A 2178 23.15 -91.00 -39.09
CA MET A 2178 23.39 -89.74 -39.79
C MET A 2178 24.88 -89.47 -39.98
N ILE A 2179 25.73 -90.00 -39.10
CA ILE A 2179 27.16 -89.90 -39.32
C ILE A 2179 27.55 -90.65 -40.59
N GLN A 2180 26.98 -91.83 -40.81
CA GLN A 2180 27.28 -92.60 -42.01
C GLN A 2180 26.84 -91.85 -43.27
N SER A 2181 25.71 -91.15 -43.19
CA SER A 2181 25.26 -90.36 -44.35
C SER A 2181 26.25 -89.27 -44.70
N ILE A 2182 26.89 -88.66 -43.70
CA ILE A 2182 27.89 -87.63 -43.97
C ILE A 2182 29.06 -88.21 -44.76
N GLY A 2183 29.52 -89.39 -44.36
CA GLY A 2183 30.56 -90.05 -45.13
C GLY A 2183 30.13 -90.38 -46.54
N ASN A 2184 28.86 -90.76 -46.72
CA ASN A 2184 28.33 -91.03 -48.05
C ASN A 2184 28.32 -89.76 -48.90
N ILE A 2185 27.92 -88.64 -48.30
CA ILE A 2185 27.74 -87.41 -49.08
C ILE A 2185 29.04 -86.67 -49.33
N MET A 2186 30.04 -86.83 -48.47
CA MET A 2186 31.33 -86.18 -48.65
C MET A 2186 32.26 -86.99 -49.55
N ASN A 2187 31.85 -88.19 -49.92
CA ASN A 2187 32.63 -89.11 -50.75
C ASN A 2187 31.85 -89.49 -52.00
N ASN A 2188 31.27 -88.49 -52.66
CA ASN A 2188 30.48 -88.71 -53.85
C ASN A 2188 31.05 -88.08 -55.11
N LYS A 2189 32.17 -87.37 -55.01
CA LYS A 2189 32.92 -86.79 -56.14
C LYS A 2189 32.10 -85.73 -56.87
N VAL A 2190 30.89 -85.46 -56.40
CA VAL A 2190 30.07 -84.43 -57.03
C VAL A 2190 30.01 -83.16 -56.18
N PHE A 2191 30.17 -83.29 -54.86
CA PHE A 2191 30.15 -82.11 -54.00
C PHE A 2191 31.28 -81.16 -54.34
N TYR A 2192 32.33 -81.65 -54.99
CA TYR A 2192 33.42 -80.81 -55.46
C TYR A 2192 33.24 -80.36 -56.91
N GLN A 2193 32.11 -80.71 -57.54
CA GLN A 2193 31.93 -80.42 -58.96
C GLN A 2193 31.22 -79.09 -59.19
N HIS A 2194 30.04 -78.91 -58.62
CA HIS A 2194 29.19 -77.75 -58.92
C HIS A 2194 28.79 -77.07 -57.62
N PRO A 2195 29.68 -76.27 -57.03
CA PRO A 2195 29.38 -75.67 -55.72
C PRO A 2195 28.14 -74.79 -55.70
N ASN A 2196 27.82 -74.11 -56.80
CA ASN A 2196 26.61 -73.30 -56.83
C ASN A 2196 25.35 -74.15 -56.68
N LEU A 2197 25.41 -75.42 -57.08
CA LEU A 2197 24.27 -76.31 -56.90
C LEU A 2197 23.99 -76.58 -55.43
N MET A 2198 25.03 -76.98 -54.67
CA MET A 2198 24.80 -77.31 -53.27
C MET A 2198 24.50 -76.08 -52.44
N ARG A 2199 25.07 -74.93 -52.81
CA ARG A 2199 24.63 -73.69 -52.19
C ARG A 2199 23.16 -73.43 -52.49
N ALA A 2200 22.69 -73.79 -53.69
CA ALA A 2200 21.28 -73.66 -54.02
C ALA A 2200 20.43 -74.62 -53.20
N LEU A 2201 21.00 -75.78 -52.83
CA LEU A 2201 20.27 -76.73 -52.02
C LEU A 2201 20.45 -76.49 -50.53
N GLY A 2202 21.46 -75.72 -50.13
CA GLY A 2202 21.56 -75.25 -48.76
C GLY A 2202 21.63 -76.32 -47.69
N MET A 2203 22.44 -77.35 -47.90
CA MET A 2203 22.56 -78.39 -46.89
C MET A 2203 23.23 -77.87 -45.63
N HIS A 2204 23.99 -76.77 -45.75
CA HIS A 2204 24.72 -76.24 -44.61
C HIS A 2204 23.80 -75.76 -43.49
N GLU A 2205 22.68 -75.11 -43.83
CA GLU A 2205 21.73 -74.74 -42.78
C GLU A 2205 21.20 -75.95 -42.04
N THR A 2206 20.89 -77.02 -42.79
CA THR A 2206 20.50 -78.26 -42.14
C THR A 2206 21.65 -78.80 -41.28
N VAL A 2207 22.88 -78.71 -41.76
CA VAL A 2207 24.03 -79.04 -40.91
C VAL A 2207 24.08 -78.11 -39.70
N MET A 2208 23.76 -76.84 -39.89
CA MET A 2208 23.63 -75.96 -38.74
C MET A 2208 22.53 -76.41 -37.79
N GLU A 2209 21.39 -76.86 -38.33
CA GLU A 2209 20.27 -77.26 -37.49
C GLU A 2209 20.61 -78.43 -36.60
N VAL A 2210 21.29 -79.45 -37.13
CA VAL A 2210 21.63 -80.60 -36.31
C VAL A 2210 22.64 -80.22 -35.22
N MET A 2211 23.57 -79.31 -35.49
CA MET A 2211 24.48 -78.85 -34.46
C MET A 2211 23.79 -78.05 -33.37
N VAL A 2212 22.80 -77.24 -33.71
CA VAL A 2212 22.09 -76.49 -32.70
C VAL A 2212 21.35 -77.45 -31.75
N ASN A 2213 20.74 -78.49 -32.31
CA ASN A 2213 20.02 -79.44 -31.47
C ASN A 2213 20.93 -80.14 -30.48
N VAL A 2214 22.09 -80.61 -30.94
CA VAL A 2214 22.99 -81.33 -30.04
C VAL A 2214 23.62 -80.40 -29.01
N LEU A 2215 23.90 -79.15 -29.39
CA LEU A 2215 24.47 -78.21 -28.44
C LEU A 2215 23.42 -77.70 -27.44
N GLY A 2216 22.15 -77.72 -27.82
CA GLY A 2216 21.10 -77.26 -26.93
C GLY A 2216 20.67 -78.32 -25.94
N GLY A 2217 19.69 -77.95 -25.11
CA GLY A 2217 19.16 -78.86 -24.12
C GLY A 2217 19.87 -78.78 -22.78
N GLY A 2218 21.13 -79.19 -22.74
CA GLY A 2218 21.91 -79.16 -21.52
C GLY A 2218 23.06 -78.18 -21.58
N GLU A 2219 23.00 -77.13 -20.76
CA GLU A 2219 24.07 -76.14 -20.74
C GLU A 2219 25.38 -76.77 -20.27
N THR A 2220 25.31 -77.60 -19.22
CA THR A 2220 26.50 -78.26 -18.69
C THR A 2220 26.39 -79.77 -18.86
N GLU A 2222 28.32 -81.83 -20.34
CA GLU A 2222 28.54 -82.85 -21.36
C GLU A 2222 29.20 -82.24 -22.59
N ILE A 2223 30.04 -83.04 -23.23
CA ILE A 2223 30.61 -82.73 -24.53
C ILE A 2223 30.13 -83.81 -25.48
N ARG A 2224 28.91 -84.31 -25.19
CA ARG A 2224 28.42 -85.60 -25.67
C ARG A 2224 28.34 -85.65 -27.19
N PHE A 2225 28.38 -86.87 -27.70
CA PHE A 2225 28.62 -87.23 -29.10
C PHE A 2225 29.81 -86.51 -29.73
N PRO A 2226 31.05 -86.84 -29.39
CA PRO A 2226 32.17 -86.54 -30.28
C PRO A 2226 32.16 -87.50 -31.47
N LYS A 2227 33.04 -87.18 -32.43
CA LYS A 2227 33.26 -87.80 -33.75
C LYS A 2227 32.12 -87.45 -34.71
N MET A 2228 31.04 -86.85 -34.20
CA MET A 2228 30.05 -86.21 -35.05
C MET A 2228 30.16 -84.70 -34.99
N VAL A 2229 30.57 -84.15 -33.84
CA VAL A 2229 30.91 -82.73 -33.78
C VAL A 2229 32.15 -82.45 -34.61
N THR A 2230 33.04 -83.43 -34.76
CA THR A 2230 34.20 -83.24 -35.62
C THR A 2230 33.81 -83.42 -37.09
N SER A 2231 33.15 -84.54 -37.42
CA SER A 2231 32.90 -84.88 -38.80
C SER A 2231 31.91 -83.95 -39.47
N CYS A 2232 31.02 -83.31 -38.70
CA CYS A 2232 30.21 -82.25 -39.29
C CYS A 2232 31.06 -81.02 -39.56
N CYS A 2233 31.92 -80.66 -38.61
CA CYS A 2233 32.66 -79.43 -38.74
C CYS A 2233 33.82 -79.55 -39.71
N ARG A 2234 34.45 -80.72 -39.79
CA ARG A 2234 35.47 -80.90 -40.81
C ARG A 2234 34.87 -81.10 -42.19
N PHE A 2235 33.60 -81.50 -42.28
CA PHE A 2235 32.89 -81.40 -43.55
C PHE A 2235 32.73 -79.94 -43.95
N LEU A 2236 32.52 -79.08 -42.96
CA LEU A 2236 32.17 -77.70 -43.24
C LEU A 2236 33.35 -76.94 -43.83
N CYS A 2237 34.58 -77.39 -43.53
CA CYS A 2237 35.76 -76.73 -44.07
C CYS A 2237 35.94 -77.00 -45.56
N TYR A 2238 35.40 -78.10 -46.08
CA TYR A 2238 35.49 -78.36 -47.52
C TYR A 2238 34.62 -77.39 -48.30
N PHE A 2239 33.37 -77.23 -47.88
CA PHE A 2239 32.49 -76.24 -48.51
C PHE A 2239 32.93 -74.82 -48.19
N CYS A 2240 33.68 -74.64 -47.10
CA CYS A 2240 34.34 -73.36 -46.88
C CYS A 2240 35.44 -73.12 -47.90
N ARG A 2241 36.01 -74.18 -48.47
CA ARG A 2241 37.17 -74.01 -49.33
C ARG A 2241 36.79 -73.75 -50.79
N ILE A 2242 35.90 -74.56 -51.37
CA ILE A 2242 35.78 -74.54 -52.81
C ILE A 2242 34.79 -73.48 -53.28
N SER A 2243 35.22 -72.22 -53.17
CA SER A 2243 34.71 -71.01 -53.82
C SER A 2243 35.55 -69.86 -53.31
N ARG A 2244 35.28 -68.68 -53.87
CA ARG A 2244 35.62 -67.43 -53.20
C ARG A 2244 34.42 -66.80 -52.54
N GLN A 2245 33.29 -67.50 -52.53
CA GLN A 2245 32.00 -66.90 -52.22
C GLN A 2245 31.23 -67.73 -51.21
N ASN A 2246 31.47 -69.04 -51.18
CA ASN A 2246 30.77 -69.92 -50.23
C ASN A 2246 31.18 -69.60 -48.80
N GLN A 2247 32.45 -69.29 -48.59
CA GLN A 2247 32.92 -68.96 -47.26
C GLN A 2247 32.50 -67.56 -46.83
N ARG A 2248 32.05 -66.71 -47.77
CA ARG A 2248 31.35 -65.48 -47.37
C ARG A 2248 30.04 -65.82 -46.70
N SER A 2249 29.37 -66.87 -47.16
CA SER A 2249 28.10 -67.28 -46.56
C SER A 2249 28.30 -67.83 -45.16
N MET A 2250 29.48 -68.37 -44.87
CA MET A 2250 29.79 -68.77 -43.50
C MET A 2250 30.29 -67.62 -42.66
N PHE A 2251 30.77 -66.55 -43.29
CA PHE A 2251 31.25 -65.40 -42.55
C PHE A 2251 30.10 -64.68 -41.85
N ASP A 2252 28.89 -64.79 -42.41
CA ASP A 2252 27.71 -64.27 -41.73
C ASP A 2252 27.44 -65.02 -40.44
N HIS A 2253 27.78 -66.31 -40.37
CA HIS A 2253 27.52 -67.12 -39.20
C HIS A 2253 28.69 -67.14 -38.23
N LEU A 2254 29.56 -66.13 -38.26
CA LEU A 2254 30.82 -66.25 -37.54
C LEU A 2254 30.61 -66.13 -36.03
N SER A 2255 30.13 -64.97 -35.58
CA SER A 2255 29.86 -64.76 -34.16
C SER A 2255 28.73 -65.65 -33.66
N TYR A 2256 27.87 -66.11 -34.57
CA TYR A 2256 26.93 -67.19 -34.29
C TYR A 2256 27.65 -68.42 -33.74
N LEU A 2257 28.62 -68.94 -34.50
CA LEU A 2257 29.34 -70.12 -34.05
C LEU A 2257 30.44 -69.80 -33.06
N LEU A 2258 31.03 -68.59 -33.12
CA LEU A 2258 32.14 -68.28 -32.24
C LEU A 2258 31.67 -68.10 -30.81
N GLU A 2259 30.41 -67.66 -30.62
CA GLU A 2259 29.83 -67.67 -29.29
C GLU A 2259 29.67 -69.10 -28.77
N ASN A 2260 29.38 -70.04 -29.66
CA ASN A 2260 29.37 -71.45 -29.26
C ASN A 2260 30.77 -72.01 -29.15
N SER A 2261 31.73 -71.45 -29.89
CA SER A 2261 33.06 -72.03 -29.99
C SER A 2261 33.92 -71.80 -28.75
N GLY A 2262 33.50 -70.93 -27.84
CA GLY A 2262 34.29 -70.74 -26.65
C GLY A 2262 34.12 -71.79 -25.58
N ILE A 2263 33.21 -72.75 -25.76
CA ILE A 2263 32.88 -73.73 -24.74
C ILE A 2263 33.34 -75.13 -25.09
N GLY A 2264 33.97 -75.32 -26.25
CA GLY A 2264 34.45 -76.65 -26.61
C GLY A 2264 35.89 -76.85 -26.20
N LEU A 2265 36.76 -76.95 -27.21
CA LEU A 2265 38.23 -76.99 -27.05
C LEU A 2265 38.67 -78.20 -26.23
N GLY A 2266 38.25 -79.37 -26.67
CA GLY A 2266 38.62 -80.61 -26.01
C GLY A 2266 39.51 -81.49 -26.85
N MET A 2267 38.89 -82.50 -27.47
CA MET A 2267 39.61 -83.45 -28.30
C MET A 2267 40.12 -82.77 -29.57
N GLN A 2268 41.23 -83.28 -30.09
CA GLN A 2268 41.83 -82.79 -31.32
C GLN A 2268 40.95 -83.12 -32.53
N GLY A 2269 41.35 -82.58 -33.67
CA GLY A 2269 40.60 -82.78 -34.90
C GLY A 2269 39.92 -81.51 -35.35
N SER A 2270 38.67 -81.62 -35.76
CA SER A 2270 37.91 -80.42 -36.06
C SER A 2270 37.49 -79.73 -34.77
N THR A 2271 37.06 -78.49 -34.92
CA THR A 2271 36.78 -77.58 -33.81
C THR A 2271 35.91 -76.48 -34.40
N PRO A 2272 34.87 -76.00 -33.69
CA PRO A 2272 34.09 -74.86 -34.22
C PRO A 2272 34.91 -73.60 -34.42
N LEU A 2273 35.97 -73.41 -33.63
CA LEU A 2273 36.91 -72.34 -33.89
C LEU A 2273 37.66 -72.58 -35.20
N ASP A 2274 37.93 -73.85 -35.53
CA ASP A 2274 38.79 -74.17 -36.67
C ASP A 2274 38.11 -73.81 -37.99
N VAL A 2275 36.80 -74.00 -38.09
CA VAL A 2275 36.12 -73.64 -39.33
C VAL A 2275 35.97 -72.13 -39.45
N ALA A 2276 36.02 -71.39 -38.34
CA ALA A 2276 36.08 -69.94 -38.42
C ALA A 2276 37.44 -69.48 -38.90
N ALA A 2277 38.49 -70.26 -38.62
CA ALA A 2277 39.82 -69.93 -39.10
C ALA A 2277 39.91 -70.08 -40.61
N ALA A 2278 39.32 -71.14 -41.14
CA ALA A 2278 39.27 -71.29 -42.59
C ALA A 2278 38.32 -70.31 -43.24
N SER A 2279 37.43 -69.70 -42.46
CA SER A 2279 36.45 -68.76 -42.99
C SER A 2279 37.02 -67.37 -43.27
N VAL A 2280 38.32 -67.14 -43.08
CA VAL A 2280 38.88 -65.81 -43.26
C VAL A 2280 40.18 -65.82 -44.06
N ILE A 2281 40.70 -67.00 -44.41
CA ILE A 2281 41.95 -67.09 -45.18
C ILE A 2281 41.78 -66.55 -46.60
N ASP A 2282 40.55 -66.54 -47.13
CA ASP A 2282 40.27 -65.88 -48.41
C ASP A 2282 40.50 -64.38 -48.24
N ASN A 2283 41.59 -63.91 -48.81
CA ASN A 2283 42.25 -62.69 -48.36
C ASN A 2283 41.52 -61.44 -48.84
N ASN A 2284 41.53 -60.42 -47.96
CA ASN A 2284 41.27 -59.02 -48.23
C ASN A 2284 39.82 -58.72 -48.60
N GLU A 2285 38.96 -59.71 -48.75
CA GLU A 2285 37.54 -59.47 -48.97
C GLU A 2285 36.74 -59.54 -47.69
N LEU A 2286 37.23 -60.29 -46.71
CA LEU A 2286 36.62 -60.36 -45.39
C LEU A 2286 37.52 -59.77 -44.32
N ALA A 2287 38.80 -59.56 -44.61
CA ALA A 2287 39.66 -58.82 -43.70
C ALA A 2287 39.33 -57.34 -43.69
N LEU A 2288 38.62 -56.84 -44.69
CA LEU A 2288 38.15 -55.46 -44.65
C LEU A 2288 36.69 -55.35 -44.26
N ALA A 2289 35.92 -56.44 -44.36
CA ALA A 2289 34.58 -56.52 -43.80
C ALA A 2289 34.61 -57.19 -42.43
N LEU A 2290 35.67 -56.92 -41.68
CA LEU A 2290 35.71 -57.45 -40.32
C LEU A 2290 34.66 -56.68 -39.54
N GLN A 2291 34.51 -56.94 -38.26
CA GLN A 2291 33.43 -56.29 -37.52
C GLN A 2291 33.67 -56.08 -36.04
N GLU A 2292 34.83 -56.50 -35.54
CA GLU A 2292 35.07 -56.41 -34.10
C GLU A 2292 34.06 -57.34 -33.46
N GLN A 2293 32.94 -57.59 -34.13
CA GLN A 2293 31.96 -58.55 -33.66
C GLN A 2293 32.60 -59.53 -32.69
N ASP A 2294 33.76 -60.08 -33.05
CA ASP A 2294 34.35 -61.19 -32.31
C ASP A 2294 35.80 -61.00 -31.90
N LEU A 2295 36.53 -60.01 -32.45
CA LEU A 2295 37.83 -59.71 -31.90
C LEU A 2295 37.72 -59.08 -30.52
N GLU A 2296 36.58 -58.45 -30.25
CA GLU A 2296 36.20 -58.16 -28.87
C GLU A 2296 36.07 -59.44 -28.06
N LYS A 2297 35.57 -60.50 -28.68
CA LYS A 2297 35.25 -61.73 -27.95
C LYS A 2297 36.47 -62.62 -27.76
N VAL A 2298 37.27 -62.81 -28.82
CA VAL A 2298 38.34 -63.79 -28.75
C VAL A 2298 39.48 -63.33 -27.86
N VAL A 2299 39.60 -62.02 -27.63
CA VAL A 2299 40.52 -61.54 -26.61
C VAL A 2299 39.99 -61.89 -25.23
N SER A 2300 38.67 -61.76 -25.04
CA SER A 2300 38.07 -62.16 -23.78
C SER A 2300 38.09 -63.67 -23.59
N TYR A 2301 38.00 -64.43 -24.69
CA TYR A 2301 38.26 -65.86 -24.60
C TYR A 2301 39.72 -66.15 -24.29
N LEU A 2302 40.62 -65.30 -24.78
CA LEU A 2302 42.02 -65.40 -24.41
C LEU A 2302 42.27 -64.86 -23.00
N ALA A 2303 41.44 -63.91 -22.57
CA ALA A 2303 41.60 -63.34 -21.23
C ALA A 2303 41.30 -64.38 -20.15
N GLY A 2304 40.29 -65.22 -20.38
CA GLY A 2304 40.08 -66.35 -19.50
C GLY A 2304 41.03 -67.50 -19.76
N CYS A 2305 41.64 -67.54 -20.93
CA CYS A 2305 42.55 -68.63 -21.27
C CYS A 2305 43.85 -68.56 -20.49
N GLY A 2306 44.25 -67.37 -20.05
CA GLY A 2306 45.41 -67.23 -19.19
C GLY A 2306 45.11 -67.30 -17.72
N LEU A 2307 43.84 -67.48 -17.34
CA LEU A 2307 43.45 -67.53 -15.94
C LEU A 2307 42.81 -68.86 -15.53
N GLN A 2308 42.37 -69.68 -16.47
CA GLN A 2308 41.92 -71.03 -16.16
C GLN A 2308 43.13 -71.94 -16.03
N SER A 2309 42.90 -73.20 -15.68
CA SER A 2309 44.00 -74.12 -15.42
C SER A 2309 43.76 -75.47 -16.06
N CYS A 2310 43.33 -75.45 -17.34
CA CYS A 2310 43.11 -76.61 -18.21
C CYS A 2310 42.16 -77.63 -17.59
N PRO A 2311 40.85 -77.38 -17.64
CA PRO A 2311 39.88 -78.27 -16.95
C PRO A 2311 39.88 -79.71 -17.43
N MET A 2312 40.17 -79.95 -18.70
CA MET A 2312 40.31 -81.31 -19.20
C MET A 2312 41.59 -81.98 -18.73
N LEU A 2313 42.54 -81.22 -18.22
CA LEU A 2313 43.74 -81.76 -17.61
C LEU A 2313 43.66 -81.80 -16.09
N LEU A 2314 42.63 -81.19 -15.51
CA LEU A 2314 42.40 -81.31 -14.07
C LEU A 2314 42.05 -82.74 -13.69
N ALA A 2315 41.11 -83.35 -14.43
CA ALA A 2315 40.65 -84.70 -14.14
C ALA A 2315 41.45 -85.75 -14.89
N LYS A 2316 42.72 -85.48 -15.21
CA LYS A 2316 43.56 -86.49 -15.85
C LYS A 2316 44.97 -86.50 -15.27
N GLY A 2317 45.16 -85.96 -14.07
CA GLY A 2317 46.46 -86.01 -13.41
C GLY A 2317 47.51 -85.12 -14.03
N TYR A 2318 47.34 -83.81 -13.92
CA TYR A 2318 48.28 -82.83 -14.45
C TYR A 2318 48.47 -81.73 -13.41
N PRO A 2319 49.65 -81.11 -13.36
CA PRO A 2319 49.97 -80.19 -12.24
C PRO A 2319 49.17 -78.89 -12.19
N ASP A 2320 48.30 -78.62 -13.17
CA ASP A 2320 47.29 -77.55 -13.13
C ASP A 2320 47.92 -76.16 -13.01
N ILE A 2321 48.75 -75.83 -13.99
CA ILE A 2321 49.34 -74.50 -14.03
C ILE A 2321 48.25 -73.50 -14.41
N GLY A 2322 48.28 -72.31 -13.80
CA GLY A 2322 47.18 -71.38 -13.88
C GLY A 2322 47.02 -70.59 -15.17
N TRP A 2323 47.43 -71.17 -16.29
CA TRP A 2323 47.13 -70.68 -17.62
C TRP A 2323 47.01 -71.89 -18.52
N ASN A 2324 46.90 -71.69 -19.84
CA ASN A 2324 46.63 -72.79 -20.76
C ASN A 2324 47.76 -72.89 -21.78
N PRO A 2325 48.77 -73.73 -21.52
CA PRO A 2325 49.75 -74.05 -22.56
C PRO A 2325 49.16 -74.84 -23.71
N CYS A 2326 48.09 -75.60 -23.46
CA CYS A 2326 47.36 -76.23 -24.54
C CYS A 2326 46.46 -75.22 -25.24
N GLY A 2327 45.51 -74.66 -24.50
CA GLY A 2327 44.39 -73.95 -25.11
C GLY A 2327 44.75 -72.64 -25.76
N GLY A 2328 45.86 -72.02 -25.35
CA GLY A 2328 46.30 -70.79 -26.00
C GLY A 2328 46.77 -71.02 -27.42
N GLU A 2329 47.36 -72.17 -27.69
CA GLU A 2329 47.73 -72.53 -29.05
C GLU A 2329 46.53 -72.97 -29.88
N ARG A 2330 45.43 -73.35 -29.23
CA ARG A 2330 44.18 -73.53 -29.95
C ARG A 2330 43.64 -72.19 -30.43
N TYR A 2331 43.85 -71.15 -29.64
CA TYR A 2331 43.68 -69.77 -30.11
C TYR A 2331 44.95 -69.37 -30.86
N LEU A 2332 45.07 -68.07 -31.18
CA LEU A 2332 46.27 -67.41 -31.70
C LEU A 2332 46.70 -67.86 -33.09
N ASP A 2333 46.04 -68.88 -33.65
CA ASP A 2333 46.14 -69.16 -35.07
C ASP A 2333 44.95 -68.59 -35.82
N PHE A 2334 43.83 -68.41 -35.15
CA PHE A 2334 42.75 -67.61 -35.69
C PHE A 2334 43.15 -66.15 -35.78
N LEU A 2335 43.86 -65.65 -34.77
CA LEU A 2335 44.37 -64.29 -34.81
C LEU A 2335 45.45 -64.15 -35.86
N ARG A 2336 46.25 -65.21 -36.06
CA ARG A 2336 47.27 -65.21 -37.09
C ARG A 2336 46.67 -65.18 -38.48
N PHE A 2337 45.54 -65.86 -38.67
CA PHE A 2337 44.99 -65.99 -40.01
C PHE A 2337 44.19 -64.78 -40.47
N ALA A 2338 44.14 -63.72 -39.67
CA ALA A 2338 43.56 -62.48 -40.16
C ALA A 2338 44.50 -61.75 -41.11
N VAL A 2339 45.81 -61.90 -40.90
CA VAL A 2339 46.81 -61.04 -41.54
C VAL A 2339 47.77 -61.95 -42.33
N PHE A 2340 47.24 -63.00 -42.95
CA PHE A 2340 48.09 -64.16 -43.23
C PHE A 2340 48.60 -64.31 -44.66
N VAL A 2341 47.71 -64.54 -45.62
CA VAL A 2341 48.10 -64.75 -47.02
C VAL A 2341 49.24 -63.87 -47.51
N ASN A 2342 48.92 -62.69 -48.03
CA ASN A 2342 49.94 -61.82 -48.58
C ASN A 2342 50.60 -60.99 -47.49
N GLY A 2343 51.37 -61.65 -46.62
CA GLY A 2343 52.03 -60.94 -45.55
C GLY A 2343 51.05 -60.08 -44.79
N GLU A 2344 51.44 -58.86 -44.46
CA GLU A 2344 50.57 -57.97 -43.72
C GLU A 2344 49.72 -57.14 -44.68
N SER A 2345 48.41 -57.30 -44.59
CA SER A 2345 47.53 -56.52 -45.44
C SER A 2345 47.48 -55.09 -44.95
N VAL A 2346 47.11 -54.92 -43.69
CA VAL A 2346 47.04 -53.57 -43.12
C VAL A 2346 47.02 -53.65 -41.60
N GLU A 2347 47.51 -52.57 -40.96
CA GLU A 2347 47.39 -52.41 -39.53
C GLU A 2347 45.93 -52.35 -39.07
N GLU A 2348 45.02 -51.89 -39.96
CA GLU A 2348 43.60 -51.87 -39.64
C GLU A 2348 43.02 -53.26 -39.39
N ASN A 2349 43.67 -54.30 -39.90
CA ASN A 2349 43.44 -55.64 -39.38
C ASN A 2349 43.95 -55.75 -37.95
N ALA A 2350 45.17 -55.30 -37.70
CA ALA A 2350 45.94 -55.73 -36.55
C ALA A 2350 46.16 -54.66 -35.50
N ASN A 2351 45.74 -53.41 -35.74
CA ASN A 2351 45.80 -52.41 -34.69
C ASN A 2351 44.85 -52.76 -33.56
N VAL A 2352 43.57 -52.97 -33.90
CA VAL A 2352 42.58 -53.38 -32.93
C VAL A 2352 42.84 -54.78 -32.38
N VAL A 2353 43.64 -55.58 -33.08
CA VAL A 2353 44.20 -56.77 -32.46
C VAL A 2353 45.16 -56.37 -31.35
N VAL A 2354 46.17 -55.57 -31.70
CA VAL A 2354 47.23 -55.24 -30.74
C VAL A 2354 46.73 -54.27 -29.68
N ARG A 2355 45.98 -53.23 -30.08
CA ARG A 2355 45.53 -52.23 -29.13
C ARG A 2355 44.49 -52.75 -28.15
N LEU A 2356 43.85 -53.88 -28.44
CA LEU A 2356 43.07 -54.57 -27.41
C LEU A 2356 43.89 -55.58 -26.63
N LEU A 2357 44.93 -56.14 -27.26
CA LEU A 2357 45.74 -57.14 -26.58
C LEU A 2357 46.61 -56.52 -25.49
N ILE A 2358 46.90 -55.22 -25.59
CA ILE A 2358 47.69 -54.57 -24.56
C ILE A 2358 46.86 -54.08 -23.38
N ARG A 2359 45.57 -53.83 -23.58
CA ARG A 2359 44.72 -53.37 -22.48
C ARG A 2359 44.46 -54.47 -21.47
N LYS A 2360 44.57 -55.72 -21.87
CA LYS A 2360 44.48 -56.86 -20.96
C LYS A 2360 45.77 -57.64 -21.06
N PRO A 2361 46.79 -57.28 -20.27
CA PRO A 2361 48.08 -57.99 -20.34
C PRO A 2361 48.05 -59.38 -19.72
N GLU A 2362 46.94 -59.79 -19.12
CA GLU A 2362 46.78 -61.17 -18.70
C GLU A 2362 46.61 -62.12 -19.87
N CYS A 2363 46.31 -61.60 -21.07
CA CYS A 2363 46.27 -62.43 -22.27
C CYS A 2363 47.65 -62.93 -22.66
N PHE A 2364 48.71 -62.27 -22.23
CA PHE A 2364 50.06 -62.78 -22.37
C PHE A 2364 50.26 -64.01 -21.48
N GLY A 2365 51.35 -64.72 -21.72
CA GLY A 2365 51.83 -65.69 -20.78
C GLY A 2365 52.29 -64.99 -19.51
N PRO A 2366 52.07 -65.61 -18.35
CA PRO A 2366 52.46 -64.95 -17.10
C PRO A 2366 53.95 -64.90 -16.88
N ALA A 2367 54.74 -65.67 -17.63
CA ALA A 2367 56.19 -65.61 -17.59
C ALA A 2367 56.75 -64.47 -18.45
N LEU A 2368 55.90 -63.65 -19.03
CA LEU A 2368 56.32 -62.52 -19.85
C LEU A 2368 55.85 -61.20 -19.29
N ARG A 2369 54.55 -61.02 -19.07
CA ARG A 2369 53.97 -59.72 -18.71
C ARG A 2369 53.63 -59.65 -17.24
N GLY A 2370 54.45 -60.23 -16.37
CA GLY A 2370 54.21 -60.15 -14.95
C GLY A 2370 54.51 -58.75 -14.42
N GLU A 2371 53.70 -58.31 -13.47
CA GLU A 2371 53.90 -57.01 -12.86
C GLU A 2371 55.10 -56.99 -11.92
N GLY A 2372 55.59 -58.15 -11.51
CA GLY A 2372 56.80 -58.25 -10.74
C GLY A 2372 57.97 -58.67 -11.61
N GLY A 2373 58.31 -59.97 -11.56
CA GLY A 2373 59.39 -60.48 -12.39
C GLY A 2373 58.91 -61.51 -13.38
N SER A 2374 59.26 -61.34 -14.64
CA SER A 2374 58.81 -62.27 -15.69
C SER A 2374 59.83 -62.19 -16.83
N GLY A 2375 60.74 -63.17 -16.87
CA GLY A 2375 61.72 -63.24 -17.94
C GLY A 2375 61.25 -64.16 -19.05
N LEU A 2376 61.42 -63.71 -20.29
CA LEU A 2376 61.00 -64.48 -21.45
C LEU A 2376 62.08 -65.44 -21.91
N LEU A 2377 63.34 -64.98 -21.94
CA LEU A 2377 64.45 -65.90 -22.19
C LEU A 2377 64.61 -66.87 -21.03
N ALA A 2378 64.30 -66.43 -19.81
CA ALA A 2378 64.28 -67.32 -18.67
C ALA A 2378 63.09 -68.28 -18.73
N ALA A 2379 62.01 -67.90 -19.42
CA ALA A 2379 60.88 -68.81 -19.57
C ALA A 2379 61.23 -69.98 -20.48
N ILE A 2380 61.91 -69.70 -21.59
CA ILE A 2380 62.28 -70.77 -22.51
C ILE A 2380 63.43 -71.60 -21.93
N GLU A 2381 64.32 -70.95 -21.18
CA GLU A 2381 65.38 -71.68 -20.48
C GLU A 2381 64.82 -72.60 -19.40
N GLU A 2382 63.71 -72.20 -18.77
CA GLU A 2382 63.02 -73.11 -17.86
C GLU A 2382 62.23 -74.17 -18.64
N ALA A 2383 61.82 -73.84 -19.86
CA ALA A 2383 61.01 -74.77 -20.65
C ALA A 2383 61.82 -75.92 -21.22
N ILE A 2384 63.14 -75.79 -21.31
CA ILE A 2384 63.97 -76.89 -21.78
C ILE A 2384 64.10 -77.97 -20.71
N ARG A 2385 64.21 -77.56 -19.45
CA ARG A 2385 64.31 -78.53 -18.36
C ARG A 2385 63.01 -79.29 -18.13
N ILE A 2386 61.87 -78.65 -18.43
CA ILE A 2386 60.58 -79.35 -18.33
C ILE A 2386 60.48 -80.43 -19.41
N SER A 2387 61.06 -80.17 -20.59
CA SER A 2387 61.19 -81.21 -21.59
C SER A 2387 62.18 -82.29 -21.19
N GLU A 2388 63.08 -81.99 -20.24
CA GLU A 2388 64.00 -82.98 -19.71
C GLU A 2388 63.48 -83.64 -18.44
N ASP A 2389 62.59 -82.98 -17.69
CA ASP A 2389 62.05 -83.56 -16.47
C ASP A 2389 60.69 -84.19 -16.77
N PRO A 2390 60.56 -85.52 -16.74
CA PRO A 2390 59.27 -86.14 -17.09
C PRO A 2390 58.21 -86.00 -16.02
N ALA A 2391 58.54 -85.53 -14.83
CA ALA A 2391 57.63 -85.51 -13.70
C ALA A 2391 56.73 -84.28 -13.68
N ARG A 2392 56.68 -83.51 -14.76
CA ARG A 2392 55.83 -82.34 -14.85
C ARG A 2392 54.52 -82.61 -15.58
N ASP A 2393 54.19 -83.87 -15.83
CA ASP A 2393 53.01 -84.20 -16.62
C ASP A 2393 52.30 -85.42 -16.05
N GLY A 2394 51.41 -86.01 -16.84
CA GLY A 2394 50.71 -87.21 -16.44
C GLY A 2394 51.52 -88.46 -16.73
N PRO A 2395 52.01 -89.12 -15.67
CA PRO A 2395 52.81 -90.33 -15.81
C PRO A 2395 52.68 -91.25 -14.60
N ASN A 2414 47.40 -87.14 -23.30
CA ASN A 2414 47.82 -88.51 -23.58
C ASN A 2414 48.64 -88.58 -24.87
N ARG A 2415 48.76 -87.43 -25.54
CA ARG A 2415 49.49 -87.35 -26.80
C ARG A 2415 50.94 -86.90 -26.60
N VAL A 2416 51.14 -85.72 -26.02
CA VAL A 2416 52.45 -85.09 -25.96
C VAL A 2416 52.74 -84.67 -24.52
N HIS A 2417 53.89 -84.03 -24.34
CA HIS A 2417 54.32 -83.54 -23.03
C HIS A 2417 53.68 -82.18 -22.77
N LEU A 2418 54.16 -81.50 -21.72
CA LEU A 2418 53.68 -80.16 -21.39
C LEU A 2418 54.67 -79.05 -21.70
N GLY A 2419 55.98 -79.34 -21.65
CA GLY A 2419 56.97 -78.32 -21.90
C GLY A 2419 57.01 -77.86 -23.34
N HIS A 2420 56.60 -78.73 -24.27
CA HIS A 2420 56.42 -78.29 -25.64
C HIS A 2420 55.24 -77.34 -25.77
N ALA A 2421 54.18 -77.59 -25.01
CA ALA A 2421 53.01 -76.71 -25.03
C ALA A 2421 53.29 -75.36 -24.38
N ILE A 2422 54.31 -75.29 -23.52
CA ILE A 2422 54.82 -74.01 -23.06
C ILE A 2422 55.37 -73.21 -24.24
N MET A 2423 56.34 -73.79 -24.94
CA MET A 2423 57.13 -73.03 -25.90
C MET A 2423 56.37 -72.81 -27.20
N SER A 2424 55.53 -73.77 -27.60
CA SER A 2424 54.77 -73.61 -28.84
C SER A 2424 53.71 -72.53 -28.72
N PHE A 2425 53.22 -72.30 -27.50
CA PHE A 2425 52.43 -71.10 -27.25
C PHE A 2425 53.29 -69.85 -27.33
N TYR A 2426 54.47 -69.90 -26.71
CA TYR A 2426 55.37 -68.76 -26.75
C TYR A 2426 55.96 -68.55 -28.14
N ALA A 2427 56.02 -69.61 -28.96
CA ALA A 2427 56.37 -69.43 -30.36
C ALA A 2427 55.16 -69.04 -31.20
N ALA A 2428 53.96 -69.01 -30.62
CA ALA A 2428 52.78 -68.54 -31.33
C ALA A 2428 52.45 -67.09 -31.03
N LEU A 2429 52.80 -66.60 -29.83
CA LEU A 2429 52.61 -65.19 -29.52
C LEU A 2429 53.58 -64.33 -30.31
N ILE A 2430 54.78 -64.83 -30.57
CA ILE A 2430 55.77 -64.07 -31.31
C ILE A 2430 55.44 -64.04 -32.79
N ASP A 2431 55.07 -65.19 -33.35
CA ASP A 2431 54.74 -65.28 -34.77
C ASP A 2431 53.47 -64.52 -35.12
N LEU A 2432 52.60 -64.26 -34.14
CA LEU A 2432 51.50 -63.34 -34.34
C LEU A 2432 52.01 -61.93 -34.58
N LEU A 2433 52.82 -61.42 -33.64
CA LEU A 2433 53.28 -60.04 -33.70
C LEU A 2433 54.25 -59.82 -34.85
N GLY A 2434 54.92 -60.89 -35.29
CA GLY A 2434 55.69 -60.80 -36.52
C GLY A 2434 54.81 -60.62 -37.74
N ARG A 2435 53.71 -61.37 -37.79
CA ARG A 2435 52.72 -61.13 -38.84
C ARG A 2435 51.82 -59.95 -38.52
N CYS A 2436 51.83 -59.47 -37.28
CA CYS A 2436 51.24 -58.19 -36.93
C CYS A 2436 52.26 -57.07 -36.98
N ALA A 2437 53.22 -57.16 -37.90
CA ALA A 2437 54.20 -56.10 -38.09
C ALA A 2437 53.49 -54.81 -38.48
N PRO A 2438 53.95 -53.66 -37.98
CA PRO A 2438 53.18 -52.42 -38.15
C PRO A 2438 53.15 -51.92 -39.56
N GLU A 2439 54.10 -52.33 -40.38
CA GLU A 2439 54.14 -51.89 -41.77
C GLU A 2439 54.96 -52.90 -42.55
N MET A 2440 54.86 -52.78 -43.87
CA MET A 2440 55.82 -53.38 -44.77
C MET A 2440 56.90 -52.35 -45.08
N HIS A 2441 57.72 -52.64 -46.10
CA HIS A 2441 58.73 -51.71 -46.55
C HIS A 2441 58.12 -50.44 -47.16
N LEU A 2442 56.86 -50.52 -47.61
CA LEU A 2442 56.14 -49.39 -48.19
C LEU A 2442 55.95 -48.25 -47.21
N ILE A 2443 55.17 -48.48 -46.16
CA ILE A 2443 54.68 -47.40 -45.34
C ILE A 2443 55.36 -47.33 -43.98
N GLN A 2444 56.45 -48.08 -43.80
CA GLN A 2444 57.27 -47.86 -42.61
C GLN A 2444 58.12 -46.61 -42.75
N ALA A 2445 58.39 -46.20 -43.98
CA ALA A 2445 59.25 -45.05 -44.24
C ALA A 2445 58.48 -43.76 -44.44
N GLY A 2446 57.17 -43.82 -44.66
CA GLY A 2446 56.41 -42.63 -44.96
C GLY A 2446 55.18 -42.44 -44.11
N LYS A 2447 55.26 -42.78 -42.83
CA LYS A 2447 54.11 -42.67 -41.95
C LYS A 2447 54.61 -42.47 -40.52
N GLY A 2448 53.91 -41.60 -39.78
CA GLY A 2448 54.21 -41.40 -38.38
C GLY A 2448 53.27 -42.14 -37.46
N GLU A 2449 52.19 -42.69 -38.01
CA GLU A 2449 51.21 -43.41 -37.20
C GLU A 2449 51.69 -44.82 -36.89
N ALA A 2450 52.32 -45.48 -37.84
CA ALA A 2450 52.79 -46.85 -37.64
C ALA A 2450 54.00 -46.93 -36.73
N LEU A 2451 54.64 -45.80 -36.42
CA LEU A 2451 55.78 -45.81 -35.52
C LEU A 2451 55.38 -46.20 -34.10
N ARG A 2452 54.15 -45.86 -33.71
CA ARG A 2452 53.64 -46.17 -32.38
C ARG A 2452 53.57 -47.67 -32.15
N ILE A 2453 53.06 -48.40 -33.14
CA ILE A 2453 52.94 -49.86 -33.03
C ILE A 2453 54.32 -50.49 -33.02
N ARG A 2454 55.25 -49.92 -33.81
CA ARG A 2454 56.61 -50.45 -33.81
C ARG A 2454 57.34 -50.06 -32.54
N ALA A 2455 56.93 -48.97 -31.90
CA ALA A 2455 57.47 -48.64 -30.59
C ALA A 2455 57.00 -49.63 -29.54
N ILE A 2456 55.77 -50.12 -29.69
CA ILE A 2456 55.24 -51.07 -28.72
C ILE A 2456 55.88 -52.44 -28.87
N LEU A 2457 56.00 -52.91 -30.12
CA LEU A 2457 56.53 -54.25 -30.39
C LEU A 2457 58.01 -54.34 -30.03
N ARG A 2458 58.75 -53.24 -30.20
CA ARG A 2458 60.13 -53.23 -29.75
C ARG A 2458 60.22 -53.11 -28.24
N SER A 2459 59.19 -52.55 -27.60
CA SER A 2459 59.22 -52.42 -26.15
C SER A 2459 58.77 -53.69 -25.45
N LEU A 2460 57.91 -54.48 -26.08
CA LEU A 2460 57.48 -55.74 -25.47
C LEU A 2460 58.62 -56.76 -25.47
N VAL A 2461 59.07 -57.16 -26.66
CA VAL A 2461 60.21 -58.05 -26.80
C VAL A 2461 61.42 -57.21 -27.17
N PRO A 2462 62.48 -57.23 -26.37
CA PRO A 2462 63.71 -56.54 -26.76
C PRO A 2462 64.59 -57.41 -27.63
N LEU A 2463 65.62 -56.79 -28.19
CA LEU A 2463 66.67 -57.54 -28.85
C LEU A 2463 67.59 -58.13 -27.77
N ASP A 2464 68.42 -59.10 -28.20
CA ASP A 2464 69.34 -59.88 -27.36
C ASP A 2464 68.61 -60.76 -26.36
N ASP A 2465 67.32 -60.97 -26.55
CA ASP A 2465 66.57 -62.06 -25.96
C ASP A 2465 66.17 -63.08 -26.99
N LEU A 2466 65.70 -62.62 -28.15
CA LEU A 2466 65.43 -63.50 -29.27
C LEU A 2466 66.70 -64.07 -29.90
N VAL A 2467 67.84 -63.43 -29.66
CA VAL A 2467 69.11 -63.90 -30.22
C VAL A 2467 69.50 -65.22 -29.59
N GLY A 2468 69.42 -65.32 -28.26
CA GLY A 2468 69.70 -66.57 -27.59
C GLY A 2468 68.68 -67.66 -27.86
N ILE A 2469 67.46 -67.28 -28.21
CA ILE A 2469 66.45 -68.26 -28.62
C ILE A 2469 66.84 -68.89 -29.96
N ILE A 2470 67.45 -68.10 -30.84
CA ILE A 2470 67.98 -68.65 -32.08
C ILE A 2470 69.16 -69.58 -31.80
N SER A 2471 70.04 -69.18 -30.88
CA SER A 2471 71.20 -70.00 -30.54
C SER A 2471 70.91 -70.93 -29.36
N LEU A 2472 69.77 -71.58 -29.39
CA LEU A 2472 69.42 -72.51 -28.32
C LEU A 2472 69.75 -73.93 -28.75
N PRO A 2473 70.89 -74.45 -28.29
CA PRO A 2473 71.31 -75.80 -28.71
C PRO A 2473 70.25 -76.84 -28.37
N LEU A 2474 70.17 -77.90 -29.17
CA LEU A 2474 69.20 -78.95 -28.92
C LEU A 2474 69.81 -80.31 -29.21
N GLN A 2475 69.18 -81.07 -30.10
CA GLN A 2475 69.69 -82.39 -30.45
C GLN A 2475 69.46 -82.70 -31.92
N ILE A 2476 70.05 -83.78 -32.41
CA ILE A 2476 69.87 -84.17 -33.80
C ILE A 2476 69.57 -85.66 -33.83
N PRO A 2477 68.51 -86.09 -34.49
CA PRO A 2477 68.23 -87.53 -34.60
C PRO A 2477 69.18 -88.25 -35.55
N THR A 2478 70.38 -88.56 -35.05
CA THR A 2478 71.36 -89.35 -35.81
C THR A 2478 71.99 -90.33 -34.83
N GLY A 2483 75.34 -99.19 -33.82
CA GLY A 2483 74.03 -98.99 -34.40
C GLY A 2483 73.91 -97.68 -35.16
N ALA A 2484 72.67 -97.33 -35.49
CA ALA A 2484 72.41 -96.09 -36.23
C ALA A 2484 72.43 -94.89 -35.28
N LEU A 2485 72.45 -93.70 -35.86
CA LEU A 2485 72.44 -92.48 -35.07
C LEU A 2485 71.10 -92.31 -34.35
N VAL A 2486 71.17 -91.85 -33.10
CA VAL A 2486 69.99 -91.67 -32.27
C VAL A 2486 69.47 -90.25 -32.52
N GLN A 2487 68.52 -90.13 -33.43
CA GLN A 2487 67.92 -88.85 -33.74
C GLN A 2487 66.80 -88.55 -32.76
N PRO A 2488 66.82 -87.42 -32.06
CA PRO A 2488 65.75 -87.12 -31.11
C PRO A 2488 64.41 -86.93 -31.81
N LYS A 2489 63.34 -87.24 -31.09
CA LYS A 2489 61.99 -87.10 -31.64
C LYS A 2489 61.67 -85.64 -31.92
N MET A 2490 61.01 -85.40 -33.06
CA MET A 2490 60.70 -84.03 -33.45
C MET A 2490 59.63 -83.42 -32.56
N SER A 2491 58.71 -84.24 -32.03
CA SER A 2491 57.64 -83.74 -31.18
C SER A 2491 58.01 -83.71 -29.71
N ALA A 2492 59.25 -84.05 -29.36
CA ALA A 2492 59.67 -84.09 -27.96
C ALA A 2492 61.04 -83.48 -27.76
N SER A 2493 61.42 -82.51 -28.59
CA SER A 2493 62.73 -81.87 -28.49
C SER A 2493 62.66 -80.52 -29.21
N PHE A 2494 63.77 -79.80 -29.15
CA PHE A 2494 63.86 -78.50 -29.82
C PHE A 2494 63.82 -78.68 -31.33
N VAL A 2495 63.16 -77.74 -32.00
CA VAL A 2495 62.97 -77.81 -33.44
C VAL A 2495 63.33 -76.46 -34.06
N PRO A 2496 64.05 -76.43 -35.18
CA PRO A 2496 64.42 -75.13 -35.77
C PRO A 2496 63.24 -74.30 -36.24
N ASP A 2497 62.05 -74.88 -36.35
CA ASP A 2497 60.86 -74.08 -36.66
C ASP A 2497 60.65 -72.99 -35.63
N HIS A 2498 61.03 -73.23 -34.37
CA HIS A 2498 61.00 -72.18 -33.36
C HIS A 2498 61.98 -71.07 -33.69
N LYS A 2499 63.18 -71.43 -34.16
CA LYS A 2499 64.16 -70.43 -34.58
C LYS A 2499 63.70 -69.67 -35.82
N ALA A 2500 62.83 -70.27 -36.63
CA ALA A 2500 62.30 -69.55 -37.79
C ALA A 2500 61.51 -68.32 -37.37
N SER A 2501 60.73 -68.43 -36.29
CA SER A 2501 60.02 -67.26 -35.77
C SER A 2501 60.99 -66.20 -35.29
N MET A 2502 62.08 -66.62 -34.64
CA MET A 2502 63.09 -65.67 -34.19
C MET A 2502 63.70 -64.93 -35.36
N VAL A 2503 64.03 -65.66 -36.43
CA VAL A 2503 64.60 -65.04 -37.62
C VAL A 2503 63.61 -64.08 -38.27
N LEU A 2504 62.34 -64.48 -38.34
CA LEU A 2504 61.33 -63.62 -38.93
C LEU A 2504 61.16 -62.33 -38.13
N PHE A 2505 61.13 -62.44 -36.79
CA PHE A 2505 61.06 -61.25 -35.96
C PHE A 2505 62.28 -60.36 -36.15
N LEU A 2506 63.46 -60.97 -36.20
CA LEU A 2506 64.69 -60.21 -36.47
C LEU A 2506 64.56 -59.40 -37.75
N ASP A 2507 64.16 -60.07 -38.84
CA ASP A 2507 64.06 -59.40 -40.13
C ASP A 2507 63.02 -58.28 -40.08
N ARG A 2508 61.84 -58.57 -39.54
CA ARG A 2508 60.73 -57.63 -39.65
C ARG A 2508 60.77 -56.50 -38.62
N VAL A 2509 61.60 -56.60 -37.57
CA VAL A 2509 61.69 -55.55 -36.56
C VAL A 2509 63.08 -54.93 -36.51
N TYR A 2510 64.11 -55.75 -36.28
CA TYR A 2510 65.45 -55.22 -36.01
C TYR A 2510 66.27 -55.07 -37.29
N GLY A 2511 66.51 -56.18 -37.99
CA GLY A 2511 67.39 -56.16 -39.15
C GLY A 2511 68.85 -56.06 -38.74
N ILE A 2512 69.72 -56.15 -39.73
CA ILE A 2512 71.16 -56.07 -39.52
C ILE A 2512 71.76 -55.16 -40.58
N GLU A 2513 72.65 -54.26 -40.16
CA GLU A 2513 73.39 -53.42 -41.11
C GLU A 2513 74.88 -53.71 -41.06
N ASN A 2514 75.54 -53.53 -39.91
CA ASN A 2514 76.96 -53.87 -39.79
C ASN A 2514 77.34 -54.55 -38.49
N GLN A 2515 76.57 -54.39 -37.41
CA GLN A 2515 77.02 -54.86 -36.10
C GLN A 2515 76.81 -56.37 -35.93
N ASP A 2516 75.55 -56.82 -35.99
CA ASP A 2516 75.26 -58.23 -35.84
C ASP A 2516 75.68 -59.06 -37.04
N PHE A 2517 76.07 -58.40 -38.14
CA PHE A 2517 76.43 -59.12 -39.36
C PHE A 2517 77.68 -59.98 -39.18
N LEU A 2518 78.42 -59.79 -38.10
CA LEU A 2518 79.56 -60.66 -37.82
C LEU A 2518 79.18 -61.84 -36.93
N LEU A 2519 78.66 -61.55 -35.73
CA LEU A 2519 78.37 -62.61 -34.78
C LEU A 2519 77.21 -63.50 -35.21
N HIS A 2520 76.19 -62.93 -35.87
CA HIS A 2520 75.07 -63.76 -36.33
C HIS A 2520 75.53 -64.75 -37.38
N VAL A 2521 76.34 -64.29 -38.36
CA VAL A 2521 76.84 -65.18 -39.38
C VAL A 2521 77.81 -66.19 -38.79
N LEU A 2522 78.61 -65.78 -37.81
CA LEU A 2522 79.50 -66.73 -37.15
C LEU A 2522 78.72 -67.82 -36.43
N ASP A 2523 77.62 -67.45 -35.76
CA ASP A 2523 76.82 -68.43 -35.05
C ASP A 2523 76.11 -69.38 -36.02
N VAL A 2524 75.54 -68.83 -37.11
CA VAL A 2524 74.84 -69.68 -38.07
C VAL A 2524 75.76 -70.42 -39.01
N GLY A 2525 77.07 -70.13 -38.97
CA GLY A 2525 77.98 -70.78 -39.89
C GLY A 2525 78.16 -72.26 -39.62
N PHE A 2526 78.22 -72.66 -38.35
CA PHE A 2526 78.54 -74.03 -37.99
C PHE A 2526 77.32 -74.93 -37.83
N LEU A 2527 76.11 -74.42 -38.07
CA LEU A 2527 74.93 -75.28 -38.04
C LEU A 2527 74.99 -76.38 -39.09
N PRO A 2528 75.30 -76.11 -40.37
CA PRO A 2528 75.48 -77.20 -41.33
C PRO A 2528 76.86 -77.83 -41.18
N ASP A 2529 76.90 -79.03 -40.63
CA ASP A 2529 78.15 -79.77 -40.43
C ASP A 2529 78.32 -80.72 -41.61
N MET A 2530 79.29 -80.42 -42.47
CA MET A 2530 79.51 -81.17 -43.71
C MET A 2530 78.23 -81.24 -44.53
N ARG A 2531 77.70 -80.05 -44.83
CA ARG A 2531 76.40 -79.90 -45.50
C ARG A 2531 75.30 -80.61 -44.70
N ALA A 2532 75.33 -80.43 -43.38
CA ALA A 2532 74.40 -81.08 -42.46
C ALA A 2532 74.41 -82.60 -42.65
N ALA A 2533 75.61 -83.16 -42.79
CA ALA A 2533 75.82 -84.58 -43.03
C ALA A 2533 75.08 -85.03 -44.29
N ALA A 2534 75.52 -84.46 -45.42
CA ALA A 2534 74.89 -84.73 -46.70
C ALA A 2534 74.94 -86.20 -47.09
N SER A 2535 75.89 -86.97 -46.57
CA SER A 2535 75.95 -88.38 -46.84
C SER A 2535 74.73 -89.08 -46.26
N LEU A 2536 74.30 -90.16 -46.92
CA LEU A 2536 73.07 -90.84 -46.53
C LEU A 2536 73.27 -91.59 -45.22
N ASP A 2537 72.90 -90.94 -44.11
CA ASP A 2537 73.04 -91.53 -42.79
C ASP A 2537 71.72 -91.69 -42.05
N THR A 2538 70.88 -90.64 -42.02
CA THR A 2538 69.61 -90.70 -41.30
C THR A 2538 68.42 -90.40 -42.21
N ALA A 2539 68.46 -89.28 -42.95
CA ALA A 2539 67.35 -88.84 -43.79
C ALA A 2539 66.06 -88.66 -42.99
N THR A 2540 66.19 -88.21 -41.74
CA THR A 2540 65.03 -87.97 -40.88
C THR A 2540 64.91 -86.53 -40.41
N PHE A 2541 66.01 -85.81 -40.28
CA PHE A 2541 66.00 -84.42 -39.81
C PHE A 2541 66.32 -83.53 -41.01
N SER A 2542 65.29 -83.17 -41.77
CA SER A 2542 65.42 -82.28 -42.91
C SER A 2542 64.93 -80.87 -42.60
N THR A 2543 64.59 -80.59 -41.34
CA THR A 2543 64.09 -79.26 -40.99
C THR A 2543 65.18 -78.20 -41.12
N THR A 2544 66.46 -78.61 -41.05
CA THR A 2544 67.54 -77.66 -41.28
C THR A 2544 67.50 -77.13 -42.70
N GLU A 2545 67.23 -78.00 -43.67
CA GLU A 2545 67.08 -77.54 -45.05
C GLU A 2545 65.87 -76.63 -45.20
N MET A 2546 64.80 -76.89 -44.43
CA MET A 2546 63.64 -76.01 -44.46
C MET A 2546 63.98 -74.63 -43.92
N ALA A 2547 64.71 -74.57 -42.81
CA ALA A 2547 65.13 -73.28 -42.25
C ALA A 2547 66.21 -72.60 -43.08
N LEU A 2548 66.88 -73.34 -43.96
CA LEU A 2548 67.81 -72.71 -44.88
C LEU A 2548 67.10 -71.72 -45.78
N ALA A 2549 65.94 -72.10 -46.32
CA ALA A 2549 65.17 -71.21 -47.18
C ALA A 2549 64.62 -69.99 -46.43
N LEU A 2550 64.65 -70.02 -45.10
CA LEU A 2550 64.17 -68.90 -44.30
C LEU A 2550 65.29 -68.00 -43.79
N ASN A 2551 66.48 -68.54 -43.55
CA ASN A 2551 67.58 -67.72 -43.07
C ASN A 2551 68.51 -67.23 -44.17
N ARG A 2552 68.74 -68.02 -45.23
CA ARG A 2552 69.55 -67.54 -46.34
C ARG A 2552 68.89 -66.37 -47.05
N TYR A 2553 67.56 -66.31 -47.04
CA TYR A 2553 66.87 -65.17 -47.63
C TYR A 2553 67.21 -63.87 -46.90
N LEU A 2554 67.24 -63.91 -45.56
CA LEU A 2554 67.69 -62.75 -44.81
C LEU A 2554 69.16 -62.49 -45.08
N CYS A 2555 69.97 -63.55 -45.18
CA CYS A 2555 71.39 -63.38 -45.47
C CYS A 2555 71.61 -62.66 -46.79
N LEU A 2556 70.71 -62.85 -47.77
CA LEU A 2556 70.85 -62.17 -49.05
C LEU A 2556 70.45 -60.71 -48.98
N ALA A 2557 69.59 -60.35 -48.02
CA ALA A 2557 69.10 -58.98 -47.93
C ALA A 2557 70.20 -57.98 -47.58
N VAL A 2558 71.36 -58.45 -47.13
CA VAL A 2558 72.46 -57.57 -46.76
C VAL A 2558 73.73 -58.06 -47.44
N LEU A 2559 74.65 -57.12 -47.68
CA LEU A 2559 75.98 -57.42 -48.20
C LEU A 2559 77.02 -56.66 -47.38
N PRO A 2560 77.19 -57.01 -46.10
CA PRO A 2560 78.12 -56.26 -45.25
C PRO A 2560 79.50 -56.89 -45.14
N LEU A 2561 79.67 -58.11 -45.66
CA LEU A 2561 80.95 -58.81 -45.55
C LEU A 2561 81.80 -58.51 -46.78
N ILE A 2562 82.28 -57.27 -46.84
CA ILE A 2562 82.99 -56.76 -48.00
C ILE A 2562 84.43 -56.34 -47.67
N THR A 2563 84.63 -55.69 -46.52
CA THR A 2563 85.88 -54.96 -46.31
C THR A 2563 87.06 -55.87 -45.99
N LYS A 2564 87.02 -56.56 -44.85
CA LYS A 2564 88.16 -57.33 -44.38
C LYS A 2564 87.69 -58.22 -43.24
N CYS A 2565 88.66 -58.82 -42.53
CA CYS A 2565 88.45 -59.67 -41.36
C CYS A 2565 87.29 -60.65 -41.58
N ALA A 2566 87.48 -61.53 -42.56
CA ALA A 2566 86.48 -62.51 -42.94
C ALA A 2566 87.10 -63.91 -42.92
N PRO A 2567 87.14 -64.55 -41.75
CA PRO A 2567 87.59 -65.94 -41.69
C PRO A 2567 86.48 -66.97 -41.88
N LEU A 2568 85.31 -66.54 -42.39
CA LEU A 2568 84.23 -67.44 -42.73
C LEU A 2568 84.39 -68.04 -44.12
N PHE A 2569 85.62 -68.14 -44.63
CA PHE A 2569 85.85 -68.86 -45.87
C PHE A 2569 85.40 -70.31 -45.76
N ALA A 2570 85.58 -70.91 -44.57
CA ALA A 2570 85.04 -72.24 -44.33
C ALA A 2570 83.52 -72.23 -44.41
N GLY A 2571 82.89 -71.14 -43.97
CA GLY A 2571 81.45 -71.03 -44.10
C GLY A 2571 81.00 -70.96 -45.56
N THR A 2572 81.73 -70.21 -46.37
CA THR A 2572 81.42 -70.15 -47.80
C THR A 2572 81.62 -71.52 -48.46
N GLU A 2573 82.69 -72.23 -48.06
CA GLU A 2573 82.91 -73.57 -48.58
C GLU A 2573 81.78 -74.51 -48.18
N HIS A 2574 81.31 -74.40 -46.93
CA HIS A 2574 80.20 -75.22 -46.47
C HIS A 2574 78.93 -74.91 -47.26
N ARG A 2575 78.66 -73.64 -47.52
CA ARG A 2575 77.50 -73.27 -48.33
C ARG A 2575 77.62 -73.82 -49.75
N ALA A 2576 78.81 -73.72 -50.33
CA ALA A 2576 79.02 -74.25 -51.68
C ALA A 2576 78.82 -75.76 -51.72
N ILE A 2577 79.32 -76.47 -50.70
CA ILE A 2577 79.14 -77.92 -50.67
C ILE A 2577 77.68 -78.29 -50.41
N MET A 2578 76.95 -77.45 -49.67
CA MET A 2578 75.52 -77.67 -49.50
C MET A 2578 74.79 -77.51 -50.82
N VAL A 2579 75.17 -76.52 -51.62
CA VAL A 2579 74.59 -76.36 -52.95
C VAL A 2579 74.93 -77.56 -53.82
N ASP A 2580 76.19 -78.01 -53.79
CA ASP A 2580 76.62 -79.08 -54.67
C ASP A 2580 76.11 -80.45 -54.21
N SER A 2581 76.01 -80.67 -52.91
CA SER A 2581 75.58 -81.95 -52.36
C SER A 2581 74.16 -81.81 -51.84
N MET A 2582 73.22 -82.43 -52.54
CA MET A 2582 71.81 -82.46 -52.17
C MET A 2582 71.31 -83.89 -52.08
N LEU A 2583 72.16 -84.78 -51.55
CA LEU A 2583 71.77 -86.20 -51.46
C LEU A 2583 70.61 -86.39 -50.51
N HIS A 2584 70.60 -85.67 -49.39
CA HIS A 2584 69.56 -85.81 -48.37
C HIS A 2584 68.40 -84.89 -48.73
N THR A 2585 67.25 -85.49 -49.07
CA THR A 2585 66.01 -84.77 -49.35
C THR A 2585 66.23 -83.68 -50.39
N VAL A 2586 66.57 -84.11 -51.60
CA VAL A 2586 66.80 -83.17 -52.70
C VAL A 2586 65.53 -82.39 -52.99
N TYR A 2587 65.68 -81.07 -53.18
CA TYR A 2587 64.56 -80.20 -53.47
C TYR A 2587 65.04 -79.12 -54.43
N ARG A 2588 64.52 -79.15 -55.66
CA ARG A 2588 64.97 -78.19 -56.67
C ARG A 2588 64.58 -76.76 -56.28
N LEU A 2589 63.41 -76.60 -55.67
CA LEU A 2589 62.99 -75.26 -55.24
C LEU A 2589 63.94 -74.68 -54.20
N SER A 2590 64.32 -75.48 -53.21
CA SER A 2590 65.29 -75.02 -52.22
C SER A 2590 66.69 -74.91 -52.82
N ARG A 2591 66.99 -75.77 -53.80
CA ARG A 2591 68.27 -75.68 -54.49
C ARG A 2591 68.41 -74.36 -55.24
N GLY A 2592 67.32 -73.85 -55.83
CA GLY A 2592 67.38 -72.55 -56.46
C GLY A 2592 67.72 -71.44 -55.49
N ARG A 2593 67.09 -71.46 -54.31
CA ARG A 2593 67.41 -70.47 -53.29
C ARG A 2593 68.85 -70.59 -52.82
N SER A 2594 69.35 -71.82 -52.64
CA SER A 2594 70.73 -72.00 -52.22
C SER A 2594 71.71 -71.50 -53.28
N LEU A 2595 71.43 -71.80 -54.55
CA LEU A 2595 72.34 -71.39 -55.61
C LEU A 2595 72.32 -69.87 -55.81
N THR A 2596 71.14 -69.25 -55.70
CA THR A 2596 71.12 -67.79 -55.77
C THR A 2596 71.75 -67.16 -54.54
N LYS A 2597 71.70 -67.82 -53.38
CA LYS A 2597 72.46 -67.36 -52.23
C LYS A 2597 73.95 -67.37 -52.51
N ALA A 2598 74.45 -68.47 -53.08
CA ALA A 2598 75.87 -68.52 -53.44
C ALA A 2598 76.23 -67.45 -54.46
N GLN A 2599 75.38 -67.25 -55.46
CA GLN A 2599 75.65 -66.25 -56.49
C GLN A 2599 75.68 -64.85 -55.90
N ARG A 2600 74.71 -64.52 -55.04
CA ARG A 2600 74.70 -63.21 -54.40
C ARG A 2600 75.90 -63.01 -53.50
N ASP A 2601 76.31 -64.06 -52.78
CA ASP A 2601 77.48 -63.94 -51.91
C ASP A 2601 78.75 -63.70 -52.72
N VAL A 2602 78.91 -64.42 -53.85
CA VAL A 2602 80.14 -64.26 -54.63
C VAL A 2602 80.13 -63.02 -55.51
N ILE A 2603 78.95 -62.44 -55.78
CA ILE A 2603 78.90 -61.24 -56.63
C ILE A 2603 79.21 -59.97 -55.87
N GLU A 2604 79.23 -60.00 -54.54
CA GLU A 2604 79.44 -58.80 -53.73
C GLU A 2604 80.85 -58.71 -53.17
N ASP A 2605 81.44 -59.84 -52.76
CA ASP A 2605 82.77 -59.85 -52.16
C ASP A 2605 83.64 -60.88 -52.87
N CYS A 2606 84.91 -60.53 -53.06
CA CYS A 2606 85.88 -61.38 -53.72
C CYS A 2606 87.27 -60.82 -53.42
N LEU A 2607 88.27 -61.35 -54.14
CA LEU A 2607 89.68 -60.94 -54.08
C LEU A 2607 90.18 -60.70 -52.65
N MET A 2608 89.75 -61.54 -51.71
CA MET A 2608 90.27 -61.49 -50.36
C MET A 2608 91.19 -62.66 -50.03
N ALA A 2609 91.20 -63.70 -50.85
CA ALA A 2609 92.07 -64.86 -50.65
C ALA A 2609 92.25 -65.54 -52.00
N LEU A 2610 92.79 -66.74 -51.98
CA LEU A 2610 92.93 -67.51 -53.22
C LEU A 2610 92.36 -68.92 -53.11
N CYS A 2611 92.52 -69.58 -51.96
CA CYS A 2611 92.06 -70.96 -51.81
C CYS A 2611 90.55 -71.08 -51.78
N ARG A 2612 89.85 -70.09 -51.22
CA ARG A 2612 88.40 -70.16 -51.03
C ARG A 2612 87.63 -70.17 -52.34
N TYR A 2613 88.28 -69.89 -53.46
CA TYR A 2613 87.66 -69.96 -54.77
C TYR A 2613 88.11 -71.15 -55.59
N ILE A 2614 89.41 -71.46 -55.59
CA ILE A 2614 89.90 -72.60 -56.36
C ILE A 2614 89.45 -73.91 -55.74
N ARG A 2615 89.45 -74.00 -54.40
CA ARG A 2615 89.03 -75.24 -53.76
C ARG A 2615 87.60 -75.65 -54.11
N PRO A 2616 86.59 -74.77 -54.04
CA PRO A 2616 85.28 -75.15 -54.57
C PRO A 2616 85.29 -75.42 -56.07
N SER A 2617 86.13 -74.71 -56.82
CA SER A 2617 86.23 -74.89 -58.25
C SER A 2617 87.16 -76.03 -58.65
N MET A 2618 87.80 -76.69 -57.67
CA MET A 2618 88.63 -77.85 -58.00
C MET A 2618 87.80 -78.98 -58.60
N LEU A 2619 86.58 -79.18 -58.09
CA LEU A 2619 85.69 -80.19 -58.66
C LEU A 2619 85.33 -79.85 -60.10
N GLN A 2620 85.05 -78.57 -60.37
CA GLN A 2620 84.75 -78.17 -61.75
C GLN A 2620 85.96 -78.34 -62.66
N HIS A 2621 87.15 -78.02 -62.16
CA HIS A 2621 88.37 -78.21 -62.95
C HIS A 2621 88.62 -79.67 -63.26
N LEU A 2622 88.40 -80.55 -62.27
CA LEU A 2622 88.61 -81.98 -62.50
C LEU A 2622 87.42 -82.61 -63.22
N LEU A 2623 86.23 -82.51 -62.63
CA LEU A 2623 85.00 -83.04 -63.22
C LEU A 2623 84.23 -81.88 -63.85
N ARG A 2624 84.60 -81.54 -65.08
CA ARG A 2624 83.96 -80.44 -65.79
C ARG A 2624 82.67 -80.85 -66.48
N ARG A 2625 82.34 -82.13 -66.50
CA ARG A 2625 81.12 -82.61 -67.13
C ARG A 2625 79.99 -82.81 -66.12
N LEU A 2626 80.21 -82.43 -64.87
CA LEU A 2626 79.16 -82.58 -63.85
C LEU A 2626 77.99 -81.65 -64.14
N VAL A 2627 76.77 -82.17 -63.95
CA VAL A 2627 75.56 -81.40 -64.24
C VAL A 2627 75.19 -80.45 -63.13
N PHE A 2628 75.78 -80.59 -61.94
CA PHE A 2628 75.46 -79.74 -60.80
C PHE A 2628 76.47 -78.63 -60.58
N ASP A 2629 77.36 -78.39 -61.55
CA ASP A 2629 78.39 -77.37 -61.42
C ASP A 2629 78.04 -76.09 -62.18
N VAL A 2630 76.81 -75.95 -62.66
CA VAL A 2630 76.42 -74.75 -63.40
C VAL A 2630 76.51 -73.50 -62.53
N PRO A 2631 76.04 -73.50 -61.27
CA PRO A 2631 76.34 -72.34 -60.41
C PRO A 2631 77.83 -72.05 -60.27
N ILE A 2632 78.65 -73.10 -60.19
CA ILE A 2632 80.08 -72.90 -60.02
C ILE A 2632 80.68 -72.23 -61.26
N LEU A 2633 80.30 -72.71 -62.44
CA LEU A 2633 80.79 -72.09 -63.67
C LEU A 2633 80.28 -70.66 -63.82
N ASN A 2634 79.02 -70.42 -63.44
CA ASN A 2634 78.47 -69.08 -63.50
C ASN A 2634 79.25 -68.12 -62.60
N GLU A 2635 79.57 -68.55 -61.38
CA GLU A 2635 80.35 -67.71 -60.48
C GLU A 2635 81.77 -67.50 -60.99
N PHE A 2636 82.40 -68.56 -61.49
CA PHE A 2636 83.76 -68.48 -62.01
C PHE A 2636 83.85 -67.65 -63.29
N ALA A 2637 82.74 -67.45 -63.98
CA ALA A 2637 82.71 -66.55 -65.12
C ALA A 2637 82.32 -65.13 -64.75
N LYS A 2638 81.49 -64.96 -63.72
CA LYS A 2638 81.06 -63.63 -63.31
C LYS A 2638 82.13 -62.89 -62.51
N MET A 2639 82.93 -63.61 -61.72
CA MET A 2639 83.95 -62.95 -60.92
C MET A 2639 85.00 -62.22 -61.76
N PRO A 2640 85.64 -62.83 -62.77
CA PRO A 2640 86.58 -62.07 -63.58
C PRO A 2640 85.94 -60.92 -64.35
N LEU A 2641 84.67 -61.08 -64.74
CA LEU A 2641 83.97 -60.00 -65.44
C LEU A 2641 83.82 -58.79 -64.54
N LYS A 2642 83.51 -59.01 -63.26
CA LYS A 2642 83.32 -57.93 -62.32
C LYS A 2642 84.62 -57.45 -61.69
N LEU A 2643 85.72 -58.18 -61.88
CA LEU A 2643 87.01 -57.78 -61.31
C LEU A 2643 87.99 -57.30 -62.38
N LEU A 2644 88.27 -58.13 -63.38
CA LEU A 2644 89.22 -57.80 -64.45
C LEU A 2644 90.58 -57.42 -63.89
N THR A 2645 90.98 -58.07 -62.80
CA THR A 2645 92.30 -57.94 -62.19
C THR A 2645 92.50 -56.55 -61.59
N ASN A 2646 91.53 -55.66 -61.79
CA ASN A 2646 91.62 -54.33 -61.22
C ASN A 2646 91.50 -54.38 -59.71
N HIS A 2647 92.43 -53.71 -59.01
CA HIS A 2647 92.50 -53.75 -57.55
C HIS A 2647 92.64 -55.18 -57.05
N TYR A 2648 93.36 -56.00 -57.81
CA TYR A 2648 93.54 -57.41 -57.49
C TYR A 2648 94.92 -57.85 -57.96
N GLU A 2649 95.61 -58.62 -57.13
CA GLU A 2649 96.95 -59.10 -57.42
C GLU A 2649 96.91 -60.59 -57.72
N ARG A 2650 97.56 -60.99 -58.82
CA ARG A 2650 97.57 -62.39 -59.20
C ARG A 2650 98.47 -63.20 -58.26
N CYS A 2651 98.30 -64.51 -58.31
CA CYS A 2651 99.05 -65.43 -57.46
C CYS A 2651 99.06 -66.80 -58.14
N TRP A 2652 99.44 -67.83 -57.38
CA TRP A 2652 99.45 -69.19 -57.93
C TRP A 2652 98.05 -69.63 -58.35
N LYS A 2653 97.01 -69.07 -57.74
CA LYS A 2653 95.65 -69.36 -58.18
C LYS A 2653 95.41 -68.89 -59.60
N TYR A 2654 95.94 -67.71 -59.95
CA TYR A 2654 95.84 -67.23 -61.32
C TYR A 2654 96.68 -68.05 -62.28
N TYR A 2655 97.69 -68.78 -61.78
CA TYR A 2655 98.53 -69.60 -62.65
C TYR A 2655 97.82 -70.87 -63.10
N CYS A 2656 96.85 -71.35 -62.33
CA CYS A 2656 96.13 -72.57 -62.66
C CYS A 2656 94.92 -72.33 -63.55
N LEU A 2657 94.56 -71.07 -63.80
CA LEU A 2657 93.42 -70.78 -64.68
C LEU A 2657 93.62 -71.31 -66.10
N PRO A 2658 94.77 -71.14 -66.76
CA PRO A 2658 94.91 -71.74 -68.10
C PRO A 2658 94.71 -73.24 -68.13
N THR A 2659 95.21 -73.96 -67.11
CA THR A 2659 94.98 -75.39 -67.05
C THR A 2659 93.50 -75.71 -66.89
N GLY A 2660 92.80 -74.94 -66.04
CA GLY A 2660 91.38 -75.15 -65.87
C GLY A 2660 90.60 -74.93 -67.16
N TRP A 2661 90.90 -73.85 -67.87
CA TRP A 2661 90.23 -73.60 -69.15
C TRP A 2661 90.55 -74.69 -70.17
N ALA A 2662 91.82 -75.13 -70.21
CA ALA A 2662 92.21 -76.15 -71.16
C ALA A 2662 91.47 -77.46 -70.91
N ASN A 2663 91.42 -77.90 -69.65
CA ASN A 2663 90.73 -79.16 -69.36
C ASN A 2663 89.22 -79.01 -69.51
N PHE A 2664 88.67 -77.82 -69.23
CA PHE A 2664 87.25 -77.60 -69.48
C PHE A 2664 86.92 -77.74 -70.97
N GLY A 2665 87.71 -77.12 -71.83
CA GLY A 2665 87.50 -77.30 -73.26
C GLY A 2665 87.72 -78.74 -73.70
N VAL A 2666 88.71 -79.41 -73.12
CA VAL A 2666 88.99 -80.80 -73.47
C VAL A 2666 87.80 -81.68 -73.16
N THR A 2667 87.25 -81.55 -71.95
CA THR A 2667 86.04 -82.27 -71.60
C THR A 2667 84.86 -81.80 -72.43
N SER A 2668 84.90 -80.57 -72.95
CA SER A 2668 83.78 -80.07 -73.75
C SER A 2668 83.72 -80.75 -75.12
N GLU A 2669 84.86 -80.93 -75.79
CA GLU A 2669 84.80 -81.40 -77.17
C GLU A 2669 85.20 -82.87 -77.36
N GLU A 2670 85.84 -83.49 -76.36
CA GLU A 2670 86.37 -84.84 -76.56
C GLU A 2670 85.24 -85.86 -76.63
N GLU A 2671 84.46 -85.99 -75.55
CA GLU A 2671 83.41 -86.98 -75.46
C GLU A 2671 82.11 -86.31 -75.01
N LEU A 2672 80.99 -86.96 -75.33
CA LEU A 2672 79.66 -86.48 -74.96
C LEU A 2672 79.42 -85.08 -75.53
N HIS A 2673 79.35 -85.03 -76.86
CA HIS A 2673 79.15 -83.78 -77.59
C HIS A 2673 78.05 -82.95 -76.95
N LEU A 2674 78.41 -81.75 -76.51
CA LEU A 2674 77.55 -80.97 -75.65
C LEU A 2674 76.35 -80.42 -76.42
N THR A 2675 75.20 -80.44 -75.77
CA THR A 2675 74.00 -79.88 -76.37
C THR A 2675 74.02 -78.35 -76.28
N ARG A 2676 73.16 -77.72 -77.09
CA ARG A 2676 73.22 -76.28 -77.26
C ARG A 2676 72.86 -75.53 -75.98
N LYS A 2677 71.90 -76.07 -75.21
CA LYS A 2677 71.33 -75.32 -74.09
C LYS A 2677 72.39 -74.95 -73.07
N LEU A 2678 73.26 -75.89 -72.70
CA LEU A 2678 74.30 -75.58 -71.72
C LEU A 2678 75.62 -75.22 -72.39
N PHE A 2679 75.80 -75.55 -73.66
CA PHE A 2679 76.96 -75.06 -74.39
C PHE A 2679 76.93 -73.55 -74.52
N TRP A 2680 75.73 -72.98 -74.68
CA TRP A 2680 75.59 -71.53 -74.71
C TRP A 2680 76.02 -70.91 -73.38
N GLY A 2681 75.63 -71.54 -72.27
CA GLY A 2681 76.00 -71.07 -70.95
C GLY A 2681 77.40 -71.44 -70.50
N ILE A 2682 78.11 -72.25 -71.26
CA ILE A 2682 79.47 -72.64 -70.92
C ILE A 2682 80.51 -71.75 -71.63
N PHE A 2683 80.09 -70.58 -72.11
CA PHE A 2683 80.99 -69.67 -72.81
C PHE A 2683 81.72 -68.81 -71.78
N ASP A 2684 82.84 -69.33 -71.30
CA ASP A 2684 83.66 -68.61 -70.33
C ASP A 2684 84.39 -67.45 -71.01
N SER A 2685 84.62 -66.40 -70.23
CA SER A 2685 85.31 -65.21 -70.75
C SER A 2685 86.74 -65.54 -71.17
N LEU A 2686 87.46 -66.28 -70.33
CA LEU A 2686 88.85 -66.66 -70.59
C LEU A 2686 89.72 -65.42 -70.85
N ALA A 2687 89.49 -64.37 -70.06
CA ALA A 2687 90.22 -63.13 -70.21
C ALA A 2687 91.45 -63.14 -69.30
N HIS A 2688 92.09 -61.98 -69.16
CA HIS A 2688 93.28 -61.80 -68.31
C HIS A 2688 94.40 -62.73 -68.77
N LYS A 2689 94.88 -62.48 -69.99
CA LYS A 2689 96.00 -63.23 -70.54
C LYS A 2689 97.31 -62.60 -70.09
N LYS A 2690 98.42 -63.05 -70.66
CA LYS A 2690 99.73 -62.51 -70.31
C LYS A 2690 100.70 -62.63 -71.49
N ASN A 2734 87.52 -83.70 -50.61
CA ASN A 2734 87.92 -85.05 -51.00
C ASN A 2734 89.42 -85.24 -50.83
N PHE A 2735 90.17 -85.09 -51.92
CA PHE A 2735 91.62 -85.22 -51.93
C PHE A 2735 92.05 -86.60 -51.40
N ASP A 2736 91.67 -87.61 -52.17
CA ASP A 2736 92.05 -88.97 -51.83
C ASP A 2736 93.57 -89.11 -51.86
N PRO A 2737 94.19 -89.61 -50.79
CA PRO A 2737 95.66 -89.64 -50.74
C PRO A 2737 96.24 -90.66 -51.70
N ARG A 2738 97.35 -90.28 -52.33
CA ARG A 2738 98.11 -91.16 -53.22
C ARG A 2738 99.57 -91.08 -52.80
N PRO A 2739 99.94 -91.75 -51.71
CA PRO A 2739 101.32 -91.63 -51.20
C PRO A 2739 102.34 -92.22 -52.15
N VAL A 2740 103.54 -91.65 -52.11
CA VAL A 2740 104.66 -92.12 -52.91
C VAL A 2740 105.45 -93.15 -52.10
N GLU A 2741 105.95 -94.17 -52.79
CA GLU A 2741 106.71 -95.24 -52.13
C GLU A 2741 107.99 -94.69 -51.50
N THR A 2742 108.06 -94.72 -50.17
CA THR A 2742 109.22 -94.20 -49.46
C THR A 2742 109.81 -95.20 -48.46
N LEU A 2743 109.15 -96.31 -48.19
CA LEU A 2743 109.62 -97.30 -47.21
C LEU A 2743 110.43 -98.42 -47.85
N ASN A 2744 110.66 -98.38 -49.16
CA ASN A 2744 111.38 -99.44 -49.85
C ASN A 2744 112.84 -99.11 -50.12
N VAL A 2745 113.15 -97.85 -50.40
CA VAL A 2745 114.52 -97.45 -50.71
C VAL A 2745 115.34 -97.41 -49.42
N ILE A 2746 116.55 -97.94 -49.47
CA ILE A 2746 117.47 -97.92 -48.34
C ILE A 2746 118.36 -96.69 -48.45
N ILE A 2747 118.45 -95.93 -47.38
CA ILE A 2747 119.25 -94.69 -47.40
C ILE A 2747 120.73 -95.06 -47.50
N PRO A 2748 121.53 -94.28 -48.20
CA PRO A 2748 122.98 -94.54 -48.24
C PRO A 2748 123.67 -94.06 -46.98
N GLU A 2749 124.94 -94.44 -46.85
CA GLU A 2749 125.74 -94.03 -45.69
C GLU A 2749 126.08 -92.55 -45.71
N LYS A 2750 126.03 -91.92 -46.88
CA LYS A 2750 126.37 -90.50 -46.99
C LYS A 2750 125.28 -89.58 -46.44
N LEU A 2751 124.10 -90.11 -46.12
CA LEU A 2751 122.98 -89.31 -45.67
C LEU A 2751 122.66 -89.48 -44.18
N ASP A 2752 123.26 -90.47 -43.52
CA ASP A 2752 123.03 -90.63 -42.09
C ASP A 2752 123.57 -89.44 -41.31
N SER A 2753 124.72 -88.92 -41.72
CA SER A 2753 125.26 -87.71 -41.09
C SER A 2753 124.32 -86.52 -41.30
N PHE A 2754 123.74 -86.41 -42.49
CA PHE A 2754 122.76 -85.35 -42.75
C PHE A 2754 121.55 -85.50 -41.84
N ILE A 2755 121.05 -86.73 -41.68
CA ILE A 2755 119.88 -86.96 -40.82
C ILE A 2755 120.20 -86.54 -39.38
N ASN A 2756 121.33 -87.01 -38.86
CA ASN A 2756 121.67 -86.71 -37.47
C ASN A 2756 121.91 -85.21 -37.27
N LYS A 2757 122.62 -84.58 -38.20
CA LYS A 2757 122.89 -83.15 -38.08
C LYS A 2757 121.62 -82.33 -38.16
N PHE A 2758 120.68 -82.71 -39.04
CA PHE A 2758 119.42 -81.99 -39.12
C PHE A 2758 118.60 -82.18 -37.85
N ALA A 2759 118.60 -83.38 -37.27
CA ALA A 2759 117.89 -83.60 -36.02
C ALA A 2759 118.46 -82.73 -34.91
N GLU A 2760 119.80 -82.69 -34.80
CA GLU A 2760 120.42 -81.83 -33.79
C GLU A 2760 120.14 -80.36 -34.04
N TYR A 2761 120.14 -79.94 -35.31
CA TYR A 2761 119.86 -78.55 -35.64
C TYR A 2761 118.43 -78.18 -35.26
N THR A 2762 117.46 -79.05 -35.55
CA THR A 2762 116.09 -78.78 -35.17
C THR A 2762 115.95 -78.71 -33.65
N HIS A 2763 116.59 -79.63 -32.93
CA HIS A 2763 116.53 -79.61 -31.48
C HIS A 2763 117.13 -78.32 -30.91
N GLU A 2764 118.28 -77.89 -31.45
CA GLU A 2764 118.92 -76.68 -30.91
C GLU A 2764 118.17 -75.42 -31.32
N LYS A 2765 117.52 -75.41 -32.48
CA LYS A 2765 116.68 -74.28 -32.85
C LYS A 2765 115.48 -74.16 -31.91
N TRP A 2766 114.84 -75.29 -31.61
CA TRP A 2766 113.74 -75.25 -30.65
C TRP A 2766 114.24 -74.85 -29.27
N ALA A 2767 115.44 -75.29 -28.89
CA ALA A 2767 116.01 -74.91 -27.60
C ALA A 2767 116.28 -73.41 -27.55
N PHE A 2768 116.78 -72.83 -28.65
CA PHE A 2768 116.97 -71.38 -28.70
C PHE A 2768 115.65 -70.64 -28.60
N ASP A 2769 114.63 -71.12 -29.30
CA ASP A 2769 113.30 -70.50 -29.17
C ASP A 2769 112.77 -70.60 -27.74
N LYS A 2770 113.07 -71.70 -27.05
CA LYS A 2770 112.59 -71.86 -25.68
C LYS A 2770 113.35 -70.96 -24.70
N ILE A 2771 114.67 -70.87 -24.85
CA ILE A 2771 115.44 -69.99 -23.98
C ILE A 2771 115.13 -68.53 -24.29
N GLN A 2772 114.63 -68.24 -25.48
CA GLN A 2772 114.06 -66.92 -25.74
C GLN A 2772 112.87 -66.67 -24.83
N ASN A 2773 112.06 -67.70 -24.58
CA ASN A 2773 110.96 -67.65 -23.63
C ASN A 2773 111.41 -67.91 -22.20
N ASN A 2774 112.73 -67.93 -21.95
CA ASN A 2774 113.28 -68.12 -20.61
C ASN A 2774 112.89 -69.48 -20.02
N TRP A 2775 113.02 -70.52 -20.85
CA TRP A 2775 112.73 -71.87 -20.39
C TRP A 2775 113.92 -72.42 -19.58
N SER A 2776 113.65 -73.48 -18.82
CA SER A 2776 114.66 -74.10 -17.98
C SER A 2776 114.58 -75.61 -18.12
N TYR A 2777 115.70 -76.28 -17.89
CA TYR A 2777 115.77 -77.73 -17.98
C TYR A 2777 115.13 -78.38 -16.76
N GLY A 2778 114.60 -79.58 -16.97
CA GLY A 2778 113.96 -80.31 -15.88
C GLY A 2778 113.72 -81.74 -16.28
N GLU A 2779 113.21 -82.52 -15.32
CA GLU A 2779 112.93 -83.93 -15.55
C GLU A 2779 111.50 -84.14 -16.05
N ASN A 2780 110.52 -83.71 -15.27
CA ASN A 2780 109.12 -83.85 -15.65
C ASN A 2780 108.73 -82.73 -16.62
N VAL A 2781 107.54 -82.88 -17.21
CA VAL A 2781 106.99 -81.90 -18.13
C VAL A 2781 106.02 -81.01 -17.36
N ASP A 2782 106.22 -79.70 -17.47
CA ASP A 2782 105.39 -78.72 -16.76
C ASP A 2782 105.07 -77.57 -17.67
N GLU A 2783 103.99 -76.86 -17.35
CA GLU A 2783 103.56 -75.69 -18.10
C GLU A 2783 104.01 -74.38 -17.44
N GLU A 2784 103.68 -74.18 -16.15
CA GLU A 2784 104.10 -72.96 -15.48
C GLU A 2784 105.58 -73.00 -15.13
N LEU A 2785 106.14 -74.18 -14.90
CA LEU A 2785 107.56 -74.32 -14.60
C LEU A 2785 108.42 -74.44 -15.85
N LYS A 2786 107.80 -74.60 -17.02
CA LYS A 2786 108.46 -74.72 -18.32
C LYS A 2786 109.74 -75.56 -18.23
N THR A 2787 109.57 -76.77 -17.71
CA THR A 2787 110.67 -77.73 -17.58
C THR A 2787 110.41 -78.93 -18.48
N HIS A 2788 111.46 -79.38 -19.17
CA HIS A 2788 111.35 -80.50 -20.09
C HIS A 2788 112.70 -81.17 -20.23
N PRO A 2789 112.76 -82.50 -20.32
CA PRO A 2789 114.04 -83.20 -20.47
C PRO A 2789 114.70 -83.05 -21.84
N MET A 2790 114.12 -82.26 -22.74
CA MET A 2790 114.72 -82.07 -24.05
C MET A 2790 115.85 -81.05 -24.06
N LEU A 2791 116.06 -80.34 -22.95
CA LEU A 2791 117.15 -79.38 -22.83
C LEU A 2791 118.29 -80.06 -22.08
N ARG A 2792 119.03 -80.90 -22.80
CA ARG A 2792 120.13 -81.68 -22.25
C ARG A 2792 121.32 -81.60 -23.19
N PRO A 2793 122.54 -81.78 -22.65
CA PRO A 2793 123.73 -81.79 -23.51
C PRO A 2793 123.73 -82.96 -24.48
N TYR A 2794 124.44 -82.77 -25.59
CA TYR A 2794 124.50 -83.79 -26.62
C TYR A 2794 125.19 -85.06 -26.13
N LYS A 2795 126.11 -84.94 -25.17
CA LYS A 2795 126.84 -86.10 -24.69
C LYS A 2795 126.01 -87.03 -23.82
N THR A 2796 124.80 -86.64 -23.44
CA THR A 2796 123.97 -87.45 -22.55
C THR A 2796 122.53 -87.51 -23.07
N PHE A 2797 122.37 -87.72 -24.38
CA PHE A 2797 121.05 -87.84 -24.97
C PHE A 2797 120.52 -89.26 -24.79
N SER A 2798 119.27 -89.47 -25.24
CA SER A 2798 118.62 -90.76 -25.18
C SER A 2798 118.28 -91.25 -26.58
N GLU A 2799 118.28 -92.58 -26.74
CA GLU A 2799 118.02 -93.16 -28.05
C GLU A 2799 116.60 -92.86 -28.52
N LYS A 2800 115.63 -92.94 -27.61
CA LYS A 2800 114.23 -92.71 -27.99
C LYS A 2800 114.02 -91.28 -28.49
N ASP A 2801 114.58 -90.30 -27.79
CA ASP A 2801 114.44 -88.91 -28.20
C ASP A 2801 115.10 -88.67 -29.56
N LYS A 2802 116.30 -89.22 -29.75
CA LYS A 2802 116.97 -89.07 -31.04
C LYS A 2802 116.16 -89.70 -32.17
N GLU A 2803 115.59 -90.89 -31.92
CA GLU A 2803 114.80 -91.56 -32.94
C GLU A 2803 113.55 -90.76 -33.29
N ILE A 2804 112.83 -90.28 -32.27
CA ILE A 2804 111.59 -89.55 -32.54
C ILE A 2804 111.89 -88.21 -33.20
N TYR A 2805 113.05 -87.63 -32.92
CA TYR A 2805 113.40 -86.35 -33.55
C TYR A 2805 113.86 -86.56 -35.00
N ARG A 2806 114.55 -87.66 -35.26
CA ARG A 2806 115.07 -87.91 -36.61
C ARG A 2806 114.09 -88.65 -37.52
N TRP A 2807 112.97 -89.13 -36.98
CA TRP A 2807 111.99 -89.81 -37.83
C TRP A 2807 111.44 -88.95 -38.96
N PRO A 2808 111.01 -87.70 -38.76
CA PRO A 2808 110.34 -86.97 -39.86
C PRO A 2808 111.18 -86.81 -41.12
N ILE A 2809 112.49 -86.59 -41.00
CA ILE A 2809 113.31 -86.32 -42.17
C ILE A 2809 113.57 -87.60 -42.96
N LYS A 2810 113.39 -88.77 -42.32
CA LYS A 2810 113.66 -90.05 -43.00
C LYS A 2810 112.88 -90.17 -44.29
N GLU A 2811 111.56 -90.21 -44.20
CA GLU A 2811 110.72 -90.35 -45.39
C GLU A 2811 110.87 -89.16 -46.33
N SER A 2812 111.12 -87.96 -45.79
CA SER A 2812 111.30 -86.78 -46.64
C SER A 2812 112.47 -86.96 -47.59
N LEU A 2813 113.59 -87.48 -47.07
CA LEU A 2813 114.75 -87.74 -47.94
C LEU A 2813 114.58 -89.01 -48.77
N LYS A 2814 113.90 -90.03 -48.24
CA LYS A 2814 113.74 -91.27 -48.99
C LYS A 2814 112.86 -91.05 -50.22
N ALA A 2815 111.83 -90.21 -50.11
CA ALA A 2815 111.01 -89.91 -51.27
C ALA A 2815 111.81 -89.19 -52.34
N MET A 2816 112.67 -88.25 -51.94
CA MET A 2816 113.52 -87.57 -52.91
C MET A 2816 114.49 -88.53 -53.59
N ILE A 2817 115.06 -89.47 -52.82
CA ILE A 2817 115.93 -90.47 -53.41
C ILE A 2817 115.17 -91.34 -54.39
N ALA A 2818 113.95 -91.76 -54.02
CA ALA A 2818 113.16 -92.61 -54.90
C ALA A 2818 112.61 -91.86 -56.11
N TRP A 2819 112.64 -90.53 -56.09
CA TRP A 2819 112.15 -89.73 -57.21
C TRP A 2819 113.18 -89.57 -58.33
N GLU A 2820 114.20 -90.43 -58.34
CA GLU A 2820 115.23 -90.43 -59.39
C GLU A 2820 115.94 -89.08 -59.48
N TRP A 2821 116.58 -88.72 -58.37
CA TRP A 2821 117.39 -87.50 -58.29
C TRP A 2821 118.74 -87.84 -57.68
N THR A 2822 119.80 -87.35 -58.31
CA THR A 2822 121.16 -87.65 -57.87
C THR A 2822 121.59 -86.68 -56.77
N ILE A 2823 122.28 -87.22 -55.77
CA ILE A 2823 122.82 -86.44 -54.66
C ILE A 2823 124.34 -86.56 -54.71
N GLU A 2824 125.01 -85.43 -54.84
CA GLU A 2824 126.47 -85.38 -54.94
C GLU A 2824 127.02 -84.39 -53.93
N LYS A 2825 128.14 -84.75 -53.31
CA LYS A 2825 128.80 -83.90 -52.31
C LYS A 2825 129.72 -82.93 -53.06
N ALA A 2826 129.40 -81.65 -52.98
CA ALA A 2826 130.19 -80.61 -53.65
C ALA A 2826 131.08 -79.83 -52.70
N ARG A 2827 130.59 -79.49 -51.51
CA ARG A 2827 131.37 -78.72 -50.55
C ARG A 2827 131.43 -79.42 -49.20
N GLU A 2828 132.00 -78.76 -48.20
CA GLU A 2828 132.13 -79.29 -46.86
C GLU A 2828 131.15 -78.57 -45.93
N GLY A 2829 130.43 -79.33 -45.12
CA GLY A 2829 129.47 -78.77 -44.19
C GLY A 2829 130.09 -77.84 -43.17
N GLU A 2830 129.78 -76.56 -43.27
CA GLU A 2830 130.31 -75.56 -42.35
C GLU A 2830 129.62 -75.64 -40.99
N TYR A 2855 122.31 -73.59 -20.27
CA TYR A 2855 122.68 -74.11 -21.58
C TYR A 2855 122.04 -73.27 -22.69
N ASN A 2856 122.85 -72.47 -23.37
CA ASN A 2856 122.38 -71.63 -24.46
C ASN A 2856 122.90 -72.18 -25.78
N PRO A 2857 122.02 -72.66 -26.66
CA PRO A 2857 122.49 -73.13 -27.97
C PRO A 2857 122.97 -71.98 -28.85
N GLN A 2858 123.76 -72.35 -29.86
CA GLN A 2858 124.36 -71.38 -30.78
C GLN A 2858 123.96 -71.77 -32.21
N PRO A 2859 122.79 -71.33 -32.66
CA PRO A 2859 122.36 -71.67 -34.02
C PRO A 2859 123.08 -70.84 -35.06
N PRO A 2860 123.67 -71.48 -36.07
CA PRO A 2860 124.34 -70.72 -37.13
C PRO A 2860 123.32 -69.95 -37.97
N ASP A 2861 123.78 -68.83 -38.52
CA ASP A 2861 122.93 -68.01 -39.36
C ASP A 2861 122.68 -68.70 -40.70
N LEU A 2862 121.39 -68.79 -41.08
CA LEU A 2862 121.00 -69.46 -42.31
C LEU A 2862 120.17 -68.56 -43.22
N SER A 2863 120.00 -67.29 -42.88
CA SER A 2863 119.18 -66.37 -43.65
C SER A 2863 119.95 -65.66 -44.75
N GLY A 2864 121.24 -65.94 -44.89
CA GLY A 2864 122.08 -65.32 -45.90
C GLY A 2864 122.14 -66.05 -47.22
N VAL A 2865 121.30 -67.05 -47.43
CA VAL A 2865 121.30 -67.85 -48.66
C VAL A 2865 120.04 -67.50 -49.45
N THR A 2866 120.22 -67.19 -50.72
CA THR A 2866 119.10 -66.85 -51.61
C THR A 2866 118.48 -68.14 -52.14
N LEU A 2867 117.50 -68.00 -53.04
CA LEU A 2867 116.81 -69.14 -53.62
C LEU A 2867 116.72 -68.96 -55.14
N SER A 2868 116.61 -70.09 -55.83
CA SER A 2868 116.50 -70.12 -57.29
C SER A 2868 115.14 -70.64 -57.71
N ARG A 2869 114.76 -70.32 -58.95
CA ARG A 2869 113.48 -70.76 -59.47
C ARG A 2869 113.39 -72.28 -59.56
N GLU A 2870 114.47 -72.92 -59.99
CA GLU A 2870 114.50 -74.39 -60.06
C GLU A 2870 114.35 -74.99 -58.68
N LEU A 2871 115.02 -74.42 -57.68
CA LEU A 2871 114.93 -74.93 -56.32
C LEU A 2871 113.54 -74.72 -55.72
N GLN A 2872 112.77 -73.77 -56.23
CA GLN A 2872 111.42 -73.55 -55.72
C GLN A 2872 110.52 -74.76 -55.99
N ALA A 2873 110.63 -75.35 -57.18
CA ALA A 2873 109.85 -76.55 -57.49
C ALA A 2873 110.23 -77.70 -56.57
N MET A 2874 111.53 -77.88 -56.33
CA MET A 2874 111.99 -78.93 -55.42
C MET A 2874 111.46 -78.71 -54.02
N ALA A 2875 111.50 -77.46 -53.54
CA ALA A 2875 111.00 -77.16 -52.20
C ALA A 2875 109.50 -77.42 -52.10
N GLU A 2876 108.74 -77.01 -53.12
CA GLU A 2876 107.30 -77.26 -53.10
C GLU A 2876 106.99 -78.74 -53.12
N GLN A 2877 107.69 -79.51 -53.97
CA GLN A 2877 107.45 -80.94 -54.04
C GLN A 2877 107.82 -81.63 -52.73
N LEU A 2878 108.92 -81.20 -52.10
CA LEU A 2878 109.32 -81.78 -50.82
C LEU A 2878 108.30 -81.45 -49.72
N ALA A 2879 107.81 -80.20 -49.70
CA ALA A 2879 106.77 -79.84 -48.74
C ALA A 2879 105.47 -80.58 -49.00
N GLU A 2880 105.21 -80.98 -50.25
CA GLU A 2880 104.04 -81.79 -50.55
C GLU A 2880 104.09 -83.14 -49.83
N ASN A 2881 105.31 -83.65 -49.58
CA ASN A 2881 105.44 -84.97 -48.96
C ASN A 2881 104.88 -84.98 -47.54
N TYR A 2882 105.13 -83.92 -46.77
CA TYR A 2882 104.61 -83.85 -45.41
C TYR A 2882 103.09 -83.89 -45.40
N HIS A 2883 102.45 -83.07 -46.23
CA HIS A 2883 100.99 -83.07 -46.29
C HIS A 2883 100.46 -84.39 -46.82
N ASN A 2884 101.17 -85.01 -47.77
CA ASN A 2884 100.73 -86.31 -48.30
C ASN A 2884 100.75 -87.38 -47.21
N THR A 2885 101.86 -87.48 -46.47
CA THR A 2885 101.97 -88.49 -45.42
C THR A 2885 101.09 -88.16 -44.22
N TRP A 2886 100.68 -86.90 -44.06
CA TRP A 2886 99.70 -86.58 -43.02
C TRP A 2886 98.28 -86.95 -43.45
N GLY A 2887 97.92 -86.63 -44.70
CA GLY A 2887 96.60 -86.96 -45.18
C GLY A 2887 96.39 -88.46 -45.33
N ARG A 2888 97.44 -89.19 -45.67
CA ARG A 2888 97.31 -90.64 -45.80
C ARG A 2888 96.93 -91.28 -44.48
N LYS A 2889 97.53 -90.81 -43.38
CA LYS A 2889 97.15 -91.31 -42.06
C LYS A 2889 95.81 -90.74 -41.61
N LYS A 2890 95.49 -89.51 -42.00
CA LYS A 2890 94.19 -88.93 -41.66
C LYS A 2890 93.05 -89.64 -42.37
N LYS A 2891 93.33 -90.30 -43.49
CA LYS A 2891 92.28 -91.04 -44.19
C LYS A 2891 91.69 -92.12 -43.30
N GLN A 2892 92.54 -92.93 -42.67
CA GLN A 2892 92.06 -93.90 -41.69
C GLN A 2892 91.42 -93.22 -40.49
N GLU A 2893 91.83 -91.99 -40.17
CA GLU A 2893 91.23 -91.28 -39.05
C GLU A 2893 89.76 -90.96 -39.32
N LEU A 2894 89.46 -90.40 -40.49
CA LEU A 2894 88.03 -90.14 -40.76
C LEU A 2894 87.29 -91.40 -41.15
N GLU A 2895 88.00 -92.46 -41.57
CA GLU A 2895 87.36 -93.76 -41.72
C GLU A 2895 86.87 -94.27 -40.37
N ALA A 2896 87.69 -94.14 -39.33
CA ALA A 2896 87.27 -94.50 -37.99
C ALA A 2896 86.16 -93.59 -37.49
N LYS A 2897 86.26 -92.29 -37.80
CA LYS A 2897 85.21 -91.35 -37.40
C LYS A 2897 83.89 -91.68 -38.10
N GLY A 2898 83.95 -92.05 -39.37
CA GLY A 2898 82.76 -92.38 -40.13
C GLY A 2898 82.30 -91.35 -41.13
N GLY A 2899 83.08 -90.28 -41.33
CA GLY A 2899 82.71 -89.26 -42.29
C GLY A 2899 82.90 -87.85 -41.78
N GLY A 2900 83.34 -86.95 -42.66
CA GLY A 2900 83.56 -85.57 -42.29
C GLY A 2900 84.45 -84.83 -43.27
N THR A 2901 84.20 -83.53 -43.44
CA THR A 2901 84.97 -82.70 -44.35
C THR A 2901 85.82 -81.71 -43.53
N HIS A 2902 87.11 -81.65 -43.84
CA HIS A 2902 88.04 -80.77 -43.15
C HIS A 2902 88.66 -79.81 -44.15
N PRO A 2903 88.71 -78.51 -43.86
CA PRO A 2903 89.31 -77.55 -44.82
C PRO A 2903 90.79 -77.77 -45.05
N LEU A 2904 91.49 -78.45 -44.13
CA LEU A 2904 92.92 -78.67 -44.29
C LEU A 2904 93.26 -79.79 -45.26
N LEU A 2905 92.28 -80.62 -45.62
CA LEU A 2905 92.51 -81.73 -46.55
C LEU A 2905 92.24 -81.27 -47.98
N VAL A 2906 93.19 -80.48 -48.48
CA VAL A 2906 93.08 -79.90 -49.83
C VAL A 2906 94.40 -80.14 -50.55
N PRO A 2907 94.36 -80.18 -51.89
CA PRO A 2907 95.60 -80.33 -52.66
C PRO A 2907 96.55 -79.18 -52.41
N TYR A 2908 97.86 -79.47 -52.53
CA TYR A 2908 98.86 -78.46 -52.24
C TYR A 2908 98.82 -77.30 -53.23
N ASP A 2909 98.37 -77.56 -54.46
CA ASP A 2909 98.23 -76.48 -55.43
C ASP A 2909 97.17 -75.47 -54.99
N THR A 2910 96.19 -75.90 -54.19
CA THR A 2910 95.19 -74.98 -53.68
C THR A 2910 95.76 -74.08 -52.59
N LEU A 2911 96.83 -74.52 -51.92
CA LEU A 2911 97.38 -73.77 -50.80
C LEU A 2911 97.91 -72.41 -51.27
N THR A 2912 97.72 -71.41 -50.42
CA THR A 2912 98.20 -70.05 -50.65
C THR A 2912 99.36 -69.76 -49.70
N ALA A 2913 99.95 -68.57 -49.85
CA ALA A 2913 101.09 -68.19 -49.01
C ALA A 2913 100.71 -68.13 -47.54
N LYS A 2914 99.52 -67.61 -47.25
CA LYS A 2914 99.08 -67.53 -45.85
C LYS A 2914 98.99 -68.90 -45.20
N GLU A 2915 98.45 -69.88 -45.92
CA GLU A 2915 98.44 -71.25 -45.43
C GLU A 2915 99.80 -71.93 -45.57
N LYS A 2916 100.60 -71.53 -46.56
CA LYS A 2916 101.95 -72.07 -46.72
C LYS A 2916 102.89 -71.64 -45.60
N ALA A 2917 102.57 -70.56 -44.88
CA ALA A 2917 103.42 -70.09 -43.79
C ALA A 2917 103.57 -71.10 -42.66
N ARG A 2918 102.66 -72.08 -42.57
CA ARG A 2918 102.75 -73.12 -41.54
C ARG A 2918 103.24 -74.45 -42.10
N ASP A 2919 103.51 -74.54 -43.41
CA ASP A 2919 103.96 -75.77 -44.03
C ASP A 2919 105.28 -75.65 -44.77
N ARG A 2920 105.64 -74.45 -45.23
CA ARG A 2920 106.89 -74.28 -45.96
C ARG A 2920 108.10 -74.29 -45.04
N GLU A 2921 107.92 -73.92 -43.77
CA GLU A 2921 109.05 -73.79 -42.85
C GLU A 2921 109.76 -75.12 -42.66
N LYS A 2922 109.00 -76.20 -42.46
CA LYS A 2922 109.62 -77.52 -42.30
C LYS A 2922 110.36 -77.97 -43.54
N ALA A 2923 110.01 -77.43 -44.72
CA ALA A 2923 110.74 -77.72 -45.94
C ALA A 2923 111.78 -76.66 -46.28
N GLN A 2924 111.57 -75.41 -45.86
CA GLN A 2924 112.55 -74.36 -46.11
C GLN A 2924 113.76 -74.48 -45.20
N GLU A 2925 113.59 -75.08 -44.02
CA GLU A 2925 114.71 -75.20 -43.10
C GLU A 2925 115.74 -76.24 -43.52
N LEU A 2926 115.42 -77.08 -44.50
CA LEU A 2926 116.35 -78.12 -44.93
C LEU A 2926 117.06 -77.79 -46.25
N LEU A 2927 116.48 -76.94 -47.09
CA LEU A 2927 117.19 -76.53 -48.30
C LEU A 2927 118.44 -75.72 -47.96
N LYS A 2928 118.34 -74.81 -47.00
CA LYS A 2928 119.53 -74.11 -46.52
C LYS A 2928 120.51 -75.08 -45.87
N PHE A 2929 120.00 -76.07 -45.14
CA PHE A 2929 120.86 -77.06 -44.51
C PHE A 2929 121.67 -77.83 -45.54
N LEU A 2930 121.02 -78.28 -46.62
CA LEU A 2930 121.73 -79.01 -47.66
C LEU A 2930 122.64 -78.10 -48.47
N GLN A 2931 122.27 -76.82 -48.62
CA GLN A 2931 123.15 -75.87 -49.30
C GLN A 2931 124.44 -75.68 -48.52
N MET A 2932 124.33 -75.50 -47.20
CA MET A 2932 125.52 -75.30 -46.38
C MET A 2932 126.28 -76.59 -46.11
N ASN A 2933 125.62 -77.74 -46.24
CA ASN A 2933 126.32 -79.01 -46.06
C ASN A 2933 127.23 -79.32 -47.25
N GLY A 2934 126.82 -78.94 -48.44
CA GLY A 2934 127.59 -79.19 -49.64
C GLY A 2934 126.98 -80.18 -50.63
N TYR A 2935 125.68 -80.42 -50.57
CA TYR A 2935 125.02 -81.33 -51.48
C TYR A 2935 124.61 -80.62 -52.76
N ALA A 2936 124.66 -81.35 -53.87
CA ALA A 2936 124.30 -80.82 -55.18
C ALA A 2936 123.21 -81.68 -55.80
N VAL A 2937 122.16 -81.03 -56.29
CA VAL A 2937 121.04 -81.71 -56.94
C VAL A 2937 120.88 -81.14 -58.34
N THR A 2938 120.86 -82.02 -59.33
CA THR A 2938 120.73 -81.63 -60.73
C THR A 2938 119.48 -82.28 -61.33
N ARG A 2939 118.84 -81.54 -62.22
CA ARG A 2939 117.63 -82.02 -62.88
C ARG A 2939 117.84 -82.16 -64.38
N SER A 2949 115.88 -68.84 -70.50
CA SER A 2949 114.90 -67.86 -70.04
C SER A 2949 113.63 -68.55 -69.57
N SER A 2950 112.86 -67.85 -68.74
CA SER A 2950 111.63 -68.39 -68.19
C SER A 2950 110.45 -68.31 -69.15
N ILE A 2951 110.58 -67.57 -70.26
CA ILE A 2951 109.49 -67.45 -71.20
C ILE A 2951 109.17 -68.80 -71.85
N GLU A 2952 110.20 -69.55 -72.23
CA GLU A 2952 109.98 -70.85 -72.86
C GLU A 2952 109.29 -71.82 -71.90
N LYS A 2953 109.73 -71.82 -70.63
CA LYS A 2953 109.07 -72.66 -69.63
C LYS A 2953 107.63 -72.20 -69.40
N ARG A 2954 107.41 -70.88 -69.38
CA ARG A 2954 106.07 -70.33 -69.20
C ARG A 2954 105.30 -70.40 -70.52
N PHE A 2955 104.15 -69.73 -70.57
CA PHE A 2955 103.29 -69.76 -71.76
C PHE A 2955 103.88 -68.85 -72.84
N ALA A 2956 104.99 -69.31 -73.41
CA ALA A 2956 105.56 -68.61 -74.56
C ALA A 2956 104.60 -68.65 -75.75
N PHE A 2957 103.98 -69.80 -75.97
CA PHE A 2957 102.94 -69.89 -77.02
C PHE A 2957 101.74 -69.03 -76.66
N GLY A 2958 101.21 -69.20 -75.45
CA GLY A 2958 100.10 -68.38 -75.01
C GLY A 2958 98.77 -68.81 -75.57
N PHE A 2959 97.74 -68.03 -75.20
CA PHE A 2959 96.38 -68.32 -75.66
C PHE A 2959 96.24 -68.18 -77.17
N LEU A 2960 96.94 -67.21 -77.76
CA LEU A 2960 96.87 -67.04 -79.21
C LEU A 2960 97.40 -68.27 -79.95
N GLN A 2961 98.55 -68.80 -79.51
CA GLN A 2961 99.08 -69.98 -80.17
C GLN A 2961 98.29 -71.24 -79.82
N GLN A 2962 97.68 -71.29 -78.63
CA GLN A 2962 96.77 -72.39 -78.32
C GLN A 2962 95.57 -72.38 -79.27
N LEU A 2963 95.00 -71.21 -79.52
CA LEU A 2963 93.91 -71.09 -80.48
C LEU A 2963 94.39 -71.42 -81.89
N LEU A 2964 95.64 -71.07 -82.20
CA LEU A 2964 96.18 -71.42 -83.51
C LEU A 2964 96.35 -72.93 -83.68
N ARG A 2965 96.75 -73.62 -82.62
CA ARG A 2965 96.81 -75.08 -82.66
C ARG A 2965 95.41 -75.68 -82.79
N TRP A 2966 94.43 -75.09 -82.09
CA TRP A 2966 93.05 -75.50 -82.28
C TRP A 2966 92.61 -75.32 -83.72
N MET A 2967 93.01 -74.21 -84.35
CA MET A 2967 92.71 -74.00 -85.76
C MET A 2967 93.48 -74.95 -86.66
N ASP A 2968 94.67 -75.37 -86.24
CA ASP A 2968 95.42 -76.37 -87.00
C ASP A 2968 94.68 -77.70 -87.02
N ILE A 2969 94.12 -78.10 -85.88
CA ILE A 2969 93.27 -79.30 -85.86
C ILE A 2969 91.98 -79.04 -86.65
N SER A 2970 91.44 -77.83 -86.56
CA SER A 2970 90.26 -77.48 -87.34
C SER A 2970 90.54 -77.50 -88.83
N GLN A 2971 91.80 -77.41 -89.23
CA GLN A 2971 92.15 -77.58 -90.64
C GLN A 2971 91.76 -78.96 -91.13
N GLU A 2972 92.19 -80.01 -90.41
CA GLU A 2972 91.77 -81.36 -90.76
C GLU A 2972 90.27 -81.53 -90.59
N PHE A 2973 89.69 -80.90 -89.56
CA PHE A 2973 88.25 -80.99 -89.36
C PHE A 2973 87.49 -80.41 -90.56
N ILE A 2974 87.94 -79.25 -91.06
CA ILE A 2974 87.31 -78.62 -92.21
C ILE A 2974 87.55 -79.42 -93.47
N ALA A 2975 88.73 -80.05 -93.58
CA ALA A 2975 88.97 -80.95 -94.71
C ALA A 2975 87.96 -82.08 -94.73
N HIS A 2976 87.71 -82.69 -93.56
CA HIS A 2976 86.70 -83.74 -93.47
C HIS A 2976 85.31 -83.20 -93.80
N LEU A 2977 84.99 -82.00 -93.30
CA LEU A 2977 83.68 -81.41 -93.54
C LEU A 2977 83.46 -81.12 -95.01
N GLU A 2978 84.50 -80.64 -95.70
CA GLU A 2978 84.39 -80.37 -97.13
C GLU A 2978 84.33 -81.67 -97.92
N ALA A 2979 85.04 -82.70 -97.47
CA ALA A 2979 84.97 -84.00 -98.14
C ALA A 2979 83.57 -84.58 -98.06
N VAL A 2980 82.94 -84.49 -96.89
CA VAL A 2980 81.59 -85.04 -96.76
C VAL A 2980 80.56 -84.11 -97.40
N VAL A 2981 80.87 -82.81 -97.49
CA VAL A 2981 79.95 -81.87 -98.13
C VAL A 2981 79.93 -82.10 -99.64
N SER A 2982 81.08 -82.34 -100.24
CA SER A 2982 81.17 -82.55 -101.68
C SER A 2982 80.49 -83.85 -102.10
N GLU A 2992 80.61 -83.41 -88.26
CA GLU A 2992 79.55 -83.93 -87.41
C GLU A 2992 79.55 -83.26 -86.04
N GLN A 2993 80.71 -83.26 -85.39
CA GLN A 2993 80.87 -82.66 -84.07
C GLN A 2993 81.76 -81.42 -84.07
N GLU A 2994 82.85 -81.44 -84.84
CA GLU A 2994 83.74 -80.28 -84.88
C GLU A 2994 83.07 -79.08 -85.52
N ILE A 2995 82.10 -79.30 -86.41
CA ILE A 2995 81.39 -78.19 -87.03
C ILE A 2995 80.62 -77.40 -85.98
N LYS A 2996 79.93 -78.09 -85.07
CA LYS A 2996 79.22 -77.41 -84.00
C LYS A 2996 80.18 -76.66 -83.09
N PHE A 2997 81.33 -77.28 -82.77
CA PHE A 2997 82.36 -76.58 -81.99
C PHE A 2997 82.76 -75.27 -82.66
N PHE A 2998 83.11 -75.34 -83.94
CA PHE A 2998 83.57 -74.15 -84.65
C PHE A 2998 82.49 -73.08 -84.72
N ALA A 2999 81.25 -73.49 -84.99
CA ALA A 2999 80.15 -72.54 -85.14
C ALA A 2999 79.60 -72.04 -83.81
N LYS A 3000 79.99 -72.64 -82.69
CA LYS A 3000 79.42 -72.25 -81.41
C LYS A 3000 80.43 -71.60 -80.47
N ILE A 3001 81.56 -72.24 -80.19
CA ILE A 3001 82.41 -71.87 -79.06
C ILE A 3001 83.65 -71.09 -79.51
N LEU A 3002 84.50 -71.70 -80.33
CA LEU A 3002 85.80 -71.11 -80.59
C LEU A 3002 85.70 -69.83 -81.42
N LEU A 3003 84.74 -69.74 -82.32
CA LEU A 3003 84.62 -68.54 -83.15
C LEU A 3003 84.30 -67.31 -82.33
N PRO A 3004 83.27 -67.28 -81.46
CA PRO A 3004 83.12 -66.15 -80.55
C PRO A 3004 84.28 -65.99 -79.59
N LEU A 3005 84.95 -67.08 -79.23
CA LEU A 3005 86.10 -67.00 -78.34
C LEU A 3005 87.19 -66.10 -78.92
N ILE A 3006 87.59 -66.37 -80.16
CA ILE A 3006 88.60 -65.52 -80.80
C ILE A 3006 88.01 -64.15 -81.10
N ASN A 3007 86.75 -64.09 -81.52
CA ASN A 3007 86.13 -62.81 -81.84
C ASN A 3007 86.13 -61.87 -80.65
N GLN A 3008 86.09 -62.41 -79.43
CA GLN A 3008 86.16 -61.59 -78.22
C GLN A 3008 87.58 -61.40 -77.71
N TYR A 3009 88.42 -62.44 -77.80
CA TYR A 3009 89.79 -62.33 -77.31
C TYR A 3009 90.59 -61.31 -78.12
N PHE A 3010 90.45 -61.33 -79.45
CA PHE A 3010 91.17 -60.35 -80.27
C PHE A 3010 90.66 -58.94 -80.02
N THR A 3011 89.36 -58.78 -79.78
CA THR A 3011 88.81 -57.46 -79.45
C THR A 3011 89.38 -56.95 -78.13
N ASN A 3012 89.41 -57.80 -77.10
CA ASN A 3012 89.90 -57.40 -75.80
C ASN A 3012 91.41 -57.29 -75.72
N HIS A 3013 92.14 -57.83 -76.71
CA HIS A 3013 93.59 -57.81 -76.72
C HIS A 3013 94.15 -57.15 -77.97
N CYS A 3014 93.40 -56.26 -78.60
CA CYS A 3014 93.92 -55.55 -79.77
C CYS A 3014 95.11 -54.69 -79.40
N LEU A 3015 95.04 -53.99 -78.26
CA LEU A 3015 96.16 -53.23 -77.75
C LEU A 3015 97.02 -54.12 -76.84
N TYR A 3016 98.27 -53.70 -76.67
CA TYR A 3016 99.30 -54.38 -75.89
C TYR A 3016 99.70 -55.73 -76.49
N PHE A 3017 99.10 -56.14 -77.60
CA PHE A 3017 99.49 -57.35 -78.31
C PHE A 3017 99.83 -57.07 -79.77
N LEU A 3018 99.97 -55.80 -80.14
CA LEU A 3018 100.31 -55.40 -81.50
C LEU A 3018 101.56 -54.55 -81.59
N SER A 3019 101.81 -53.69 -80.60
CA SER A 3019 103.00 -52.85 -80.59
C SER A 3019 104.26 -53.68 -80.34
N ALA A 3031 103.66 -56.25 -75.96
CA ALA A 3031 104.92 -56.14 -76.68
C ALA A 3031 105.48 -57.53 -77.01
N SER A 3032 104.75 -58.28 -77.83
CA SER A 3032 105.14 -59.62 -78.22
C SER A 3032 105.72 -59.61 -79.63
N ASN A 3033 106.66 -60.53 -79.88
CA ASN A 3033 107.33 -60.64 -81.17
C ASN A 3033 107.00 -61.94 -81.88
N LYS A 3034 107.07 -63.07 -81.18
CA LYS A 3034 106.71 -64.33 -81.80
C LYS A 3034 105.24 -64.37 -82.17
N GLU A 3035 104.38 -63.82 -81.31
CA GLU A 3035 102.95 -63.85 -81.60
C GLU A 3035 102.55 -62.92 -82.75
N LYS A 3036 103.34 -61.88 -83.00
CA LYS A 3036 103.12 -61.01 -84.15
C LYS A 3036 103.27 -61.79 -85.46
N GLU A 3037 104.21 -62.73 -85.49
CA GLU A 3037 104.51 -63.49 -86.71
C GLU A 3037 103.42 -64.49 -87.09
N MET A 3038 102.60 -64.93 -86.13
CA MET A 3038 101.60 -65.95 -86.42
C MET A 3038 100.17 -65.47 -86.28
N ILE A 3039 99.94 -64.28 -85.73
CA ILE A 3039 98.60 -63.71 -85.78
C ILE A 3039 98.23 -63.37 -87.23
N THR A 3040 99.18 -62.84 -88.00
CA THR A 3040 98.91 -62.58 -89.40
C THR A 3040 98.68 -63.89 -90.15
N SER A 3041 99.45 -64.93 -89.82
CA SER A 3041 99.22 -66.23 -90.44
C SER A 3041 97.85 -66.78 -90.08
N LEU A 3042 97.42 -66.59 -88.82
CA LEU A 3042 96.10 -67.03 -88.41
C LEU A 3042 95.02 -66.31 -89.22
N PHE A 3043 95.20 -64.99 -89.42
CA PHE A 3043 94.30 -64.26 -90.31
C PHE A 3043 94.35 -64.85 -91.71
N CYS A 3044 95.51 -65.30 -92.15
CA CYS A 3044 95.65 -65.89 -93.48
C CYS A 3044 94.82 -67.16 -93.63
N LYS A 3045 94.97 -68.11 -92.71
CA LYS A 3045 94.17 -69.33 -92.87
C LYS A 3045 92.72 -69.10 -92.49
N LEU A 3046 92.40 -68.03 -91.76
CA LEU A 3046 91.00 -67.68 -91.56
C LEU A 3046 90.38 -67.17 -92.86
N ALA A 3047 91.11 -66.34 -93.61
CA ALA A 3047 90.62 -65.89 -94.90
C ALA A 3047 90.51 -67.07 -95.87
N ALA A 3048 91.51 -67.95 -95.87
CA ALA A 3048 91.48 -69.13 -96.73
C ALA A 3048 90.48 -70.19 -96.29
N LEU A 3049 89.98 -70.09 -95.05
CA LEU A 3049 89.02 -71.07 -94.56
C LEU A 3049 87.73 -71.04 -95.37
N VAL A 3050 87.23 -69.84 -95.66
CA VAL A 3050 86.04 -69.70 -96.50
C VAL A 3050 86.43 -69.81 -97.96
N ARG A 3051 85.73 -70.69 -98.68
CA ARG A 3051 85.99 -70.89 -100.09
C ARG A 3051 85.39 -69.72 -100.89
N HIS A 3052 85.38 -69.86 -102.22
CA HIS A 3052 84.80 -68.81 -103.06
C HIS A 3052 83.30 -68.64 -102.81
N ARG A 3053 82.65 -69.62 -102.19
CA ARG A 3053 81.26 -69.53 -101.78
C ARG A 3053 81.16 -69.63 -100.27
N VAL A 3054 80.03 -69.18 -99.74
CA VAL A 3054 79.75 -69.22 -98.31
C VAL A 3054 78.62 -70.17 -97.98
N SER A 3055 78.14 -70.93 -98.97
CA SER A 3055 77.02 -71.85 -98.72
C SER A 3055 77.45 -73.01 -97.83
N LEU A 3056 78.72 -73.41 -97.89
CA LEU A 3056 79.18 -74.52 -97.06
C LEU A 3056 79.10 -74.16 -95.58
N PHE A 3057 79.41 -72.91 -95.22
CA PHE A 3057 79.23 -72.46 -93.85
C PHE A 3057 77.75 -72.22 -93.54
N GLY A 3058 76.96 -71.84 -94.54
CA GLY A 3058 75.54 -71.64 -94.36
C GLY A 3058 75.23 -70.35 -93.62
N THR A 3059 73.94 -70.19 -93.31
CA THR A 3059 73.46 -69.04 -92.55
C THR A 3059 73.61 -69.24 -91.05
N ASP A 3060 74.08 -70.40 -90.61
CA ASP A 3060 74.26 -70.65 -89.18
C ASP A 3060 75.33 -69.73 -88.59
N ALA A 3061 76.41 -69.49 -89.34
CA ALA A 3061 77.54 -68.70 -88.85
C ALA A 3061 77.85 -67.58 -89.83
N PRO A 3062 77.06 -66.51 -89.84
CA PRO A 3062 77.46 -65.31 -90.59
C PRO A 3062 78.52 -64.48 -89.89
N ALA A 3063 78.84 -64.81 -88.64
CA ALA A 3063 79.85 -64.09 -87.87
C ALA A 3063 81.28 -64.45 -88.28
N VAL A 3064 81.44 -65.34 -89.26
CA VAL A 3064 82.78 -65.63 -89.77
C VAL A 3064 83.39 -64.38 -90.38
N VAL A 3065 82.60 -63.60 -91.13
CA VAL A 3065 83.11 -62.34 -91.67
C VAL A 3065 83.40 -61.35 -90.56
N ASN A 3066 82.66 -61.43 -89.45
CA ASN A 3066 82.92 -60.52 -88.33
C ASN A 3066 84.26 -60.83 -87.66
N CYS A 3067 84.53 -62.11 -87.41
CA CYS A 3067 85.82 -62.45 -86.80
C CYS A 3067 86.95 -62.23 -87.80
N LEU A 3068 86.69 -62.38 -89.10
CA LEU A 3068 87.70 -62.01 -90.08
C LEU A 3068 87.99 -60.51 -90.03
N HIS A 3069 86.95 -59.69 -89.90
CA HIS A 3069 87.12 -58.26 -89.71
C HIS A 3069 87.99 -57.98 -88.49
N ILE A 3070 87.69 -58.64 -87.38
CA ILE A 3070 88.39 -58.37 -86.12
C ILE A 3070 89.84 -58.80 -86.21
N LEU A 3071 90.10 -59.98 -86.79
CA LEU A 3071 91.47 -60.46 -86.95
C LEU A 3071 92.27 -59.56 -87.90
N ALA A 3072 91.65 -59.11 -88.99
CA ALA A 3072 92.32 -58.20 -89.90
C ALA A 3072 92.63 -56.88 -89.22
N ARG A 3073 91.71 -56.41 -88.38
CA ARG A 3073 91.93 -55.18 -87.61
C ARG A 3073 92.95 -55.37 -86.48
N SER A 3074 93.38 -56.59 -86.23
CA SER A 3074 94.42 -56.88 -85.22
C SER A 3074 95.53 -57.66 -85.91
N LEU A 3075 96.45 -56.93 -86.55
CA LEU A 3075 97.60 -57.51 -87.22
C LEU A 3075 98.86 -56.95 -86.55
N ASP A 3076 99.41 -57.72 -85.62
CA ASP A 3076 100.55 -57.23 -84.84
C ASP A 3076 101.77 -56.98 -85.72
N ALA A 3077 102.06 -57.89 -86.65
CA ALA A 3077 103.23 -57.75 -87.52
C ALA A 3077 102.86 -56.93 -88.74
N ARG A 3078 102.54 -55.67 -88.50
CA ARG A 3078 102.34 -54.73 -89.60
C ARG A 3078 103.62 -54.55 -90.40
N THR A 3079 104.75 -54.43 -89.72
CA THR A 3079 106.05 -54.31 -90.36
C THR A 3079 106.96 -55.52 -90.10
N VAL A 3080 106.71 -56.28 -89.04
CA VAL A 3080 107.56 -57.43 -88.74
C VAL A 3080 107.37 -58.52 -89.78
N MET A 3081 106.13 -58.73 -90.25
CA MET A 3081 105.87 -59.75 -91.24
C MET A 3081 106.56 -59.48 -92.56
N LYS A 3082 106.88 -58.21 -92.85
CA LYS A 3082 107.60 -57.86 -94.07
C LYS A 3082 109.09 -57.72 -93.86
N SER A 3083 109.53 -57.43 -92.64
CA SER A 3083 110.95 -57.29 -92.33
C SER A 3083 111.59 -58.58 -91.84
N GLY A 3084 110.81 -59.65 -91.68
CA GLY A 3084 111.33 -60.90 -91.22
C GLY A 3084 111.87 -61.76 -92.34
N PRO A 3085 112.24 -63.01 -92.03
CA PRO A 3085 112.74 -63.92 -93.06
C PRO A 3085 111.66 -64.42 -94.02
N GLU A 3086 110.41 -64.00 -93.85
CA GLU A 3086 109.33 -64.28 -94.79
C GLU A 3086 109.09 -65.78 -94.97
N ILE A 3087 108.69 -66.42 -93.88
CA ILE A 3087 108.26 -67.81 -93.94
C ILE A 3087 106.80 -67.91 -94.33
N VAL A 3088 105.95 -67.13 -93.66
CA VAL A 3088 104.52 -67.11 -93.96
C VAL A 3088 104.13 -65.95 -94.87
N LYS A 3089 105.08 -65.07 -95.21
CA LYS A 3089 104.78 -63.97 -96.13
C LYS A 3089 104.31 -64.49 -97.48
N ALA A 3090 104.72 -65.71 -97.84
CA ALA A 3090 104.19 -66.34 -99.06
C ALA A 3090 102.68 -66.57 -98.93
N GLY A 3091 102.22 -66.96 -97.75
CA GLY A 3091 100.79 -67.14 -97.55
C GLY A 3091 100.02 -65.83 -97.65
N LEU A 3092 100.58 -64.75 -97.09
CA LEU A 3092 99.93 -63.44 -97.21
C LEU A 3092 99.90 -62.99 -98.67
N ARG A 3093 101.00 -63.22 -99.40
CA ARG A 3093 101.03 -62.90 -100.82
C ARG A 3093 99.98 -63.69 -101.58
N SER A 3094 99.84 -64.98 -101.27
CA SER A 3094 98.84 -65.80 -101.93
C SER A 3094 97.43 -65.30 -101.63
N PHE A 3095 97.17 -64.93 -100.38
CA PHE A 3095 95.85 -64.41 -100.01
C PHE A 3095 95.55 -63.10 -100.76
N PHE A 3096 96.51 -62.19 -100.80
CA PHE A 3096 96.30 -60.92 -101.49
C PHE A 3096 96.11 -61.15 -103.00
N GLU A 3097 96.89 -62.04 -103.60
CA GLU A 3097 96.75 -62.33 -105.01
C GLU A 3097 95.39 -62.97 -105.30
N SER A 3098 94.94 -63.87 -104.42
CA SER A 3098 93.62 -64.48 -104.60
C SER A 3098 92.52 -63.44 -104.50
N ALA A 3099 92.63 -62.51 -103.54
CA ALA A 3099 91.63 -61.45 -103.43
C ALA A 3099 91.61 -60.57 -104.67
N SER A 3100 92.79 -60.20 -105.17
CA SER A 3100 92.85 -59.36 -106.37
C SER A 3100 92.29 -60.09 -107.59
N GLU A 3101 92.62 -61.38 -107.74
CA GLU A 3101 92.11 -62.16 -108.86
C GLU A 3101 90.60 -62.32 -108.78
N ASP A 3102 90.06 -62.56 -107.57
CA ASP A 3102 88.62 -62.69 -107.41
C ASP A 3102 87.92 -61.37 -107.75
N ILE A 3103 88.50 -60.25 -107.30
CA ILE A 3103 87.92 -58.95 -107.65
C ILE A 3103 87.94 -58.74 -109.16
N GLU A 3104 89.08 -59.04 -109.80
CA GLU A 3104 89.18 -58.87 -111.24
C GLU A 3104 88.24 -59.78 -112.00
N LYS A 3105 87.91 -60.94 -111.43
CA LYS A 3105 86.99 -61.87 -112.08
C LYS A 3105 85.56 -61.34 -112.10
N MET A 3106 85.25 -60.31 -111.31
CA MET A 3106 83.91 -59.76 -111.30
C MET A 3106 83.59 -59.00 -112.59
N VAL A 3107 84.61 -58.62 -113.37
CA VAL A 3107 84.35 -57.94 -114.63
C VAL A 3107 83.71 -58.87 -115.66
N GLU A 3108 83.85 -60.18 -115.48
CA GLU A 3108 83.21 -61.14 -116.37
C GLU A 3108 81.74 -61.34 -116.07
N ASN A 3109 81.25 -60.81 -114.95
CA ASN A 3109 79.85 -60.93 -114.56
C ASN A 3109 79.13 -59.59 -114.54
N LEU A 3110 79.65 -58.61 -113.80
CA LEU A 3110 78.99 -57.31 -113.71
C LEU A 3110 79.06 -56.56 -115.04
N ARG A 3111 80.23 -56.57 -115.69
CA ARG A 3111 80.42 -55.85 -116.93
C ARG A 3111 79.98 -56.65 -118.16
N LEU A 3112 79.52 -57.87 -117.99
CA LEU A 3112 79.06 -58.71 -119.09
C LEU A 3112 77.60 -59.13 -118.99
N GLY A 3113 77.07 -59.29 -117.78
CA GLY A 3113 75.70 -59.70 -117.59
C GLY A 3113 75.13 -59.34 -116.24
N GLY A 3126 77.24 -63.77 -110.70
CA GLY A 3126 75.99 -64.52 -110.71
C GLY A 3126 75.99 -65.70 -109.76
N GLN A 3127 76.90 -66.64 -110.00
CA GLN A 3127 77.03 -67.84 -109.17
C GLN A 3127 78.46 -67.94 -108.66
N ASN A 3128 78.61 -68.19 -107.36
CA ASN A 3128 79.88 -68.39 -106.66
C ASN A 3128 80.75 -67.14 -106.63
N LEU A 3129 80.32 -66.03 -107.21
CA LEU A 3129 81.08 -64.79 -107.20
C LEU A 3129 80.40 -63.64 -106.48
N THR A 3130 79.06 -63.65 -106.39
CA THR A 3130 78.37 -62.61 -105.65
C THR A 3130 78.47 -62.82 -104.14
N TYR A 3131 78.86 -64.01 -103.70
CA TYR A 3131 79.02 -64.27 -102.27
C TYR A 3131 80.26 -63.62 -101.70
N THR A 3132 81.24 -63.29 -102.54
CA THR A 3132 82.47 -62.65 -102.09
C THR A 3132 82.38 -61.12 -102.09
N THR A 3133 81.29 -60.56 -102.60
CA THR A 3133 81.07 -59.12 -102.51
C THR A 3133 80.52 -58.70 -101.16
N VAL A 3134 80.07 -59.65 -100.34
CA VAL A 3134 79.57 -59.39 -99.00
C VAL A 3134 80.42 -60.05 -97.92
N ALA A 3135 81.46 -60.79 -98.30
CA ALA A 3135 82.31 -61.49 -97.35
C ALA A 3135 83.80 -61.25 -97.54
N LEU A 3136 84.23 -60.74 -98.69
CA LEU A 3136 85.65 -60.47 -98.94
C LEU A 3136 85.96 -58.99 -99.07
N LEU A 3137 85.14 -58.24 -99.79
CA LEU A 3137 85.38 -56.80 -99.96
C LEU A 3137 85.43 -56.05 -98.63
N PRO A 3138 84.50 -56.25 -97.68
CA PRO A 3138 84.64 -55.54 -96.40
C PRO A 3138 85.92 -55.87 -95.66
N VAL A 3139 86.40 -57.10 -95.75
CA VAL A 3139 87.68 -57.44 -95.12
C VAL A 3139 88.82 -56.70 -95.79
N LEU A 3140 88.78 -56.57 -97.11
CA LEU A 3140 89.80 -55.79 -97.83
C LEU A 3140 89.76 -54.33 -97.39
N THR A 3141 88.57 -53.76 -97.25
CA THR A 3141 88.47 -52.38 -96.78
C THR A 3141 89.03 -52.24 -95.37
N THR A 3142 88.72 -53.20 -94.50
CA THR A 3142 89.24 -53.16 -93.14
C THR A 3142 90.76 -53.25 -93.12
N LEU A 3143 91.34 -54.12 -93.95
CA LEU A 3143 92.79 -54.22 -94.02
C LEU A 3143 93.42 -52.95 -94.54
N PHE A 3144 92.83 -52.35 -95.57
CA PHE A 3144 93.37 -51.10 -96.11
C PHE A 3144 93.29 -49.99 -95.07
N GLN A 3145 92.18 -49.89 -94.34
CA GLN A 3145 92.08 -48.91 -93.27
C GLN A 3145 93.07 -49.19 -92.16
N HIS A 3146 93.32 -50.47 -91.85
CA HIS A 3146 94.33 -50.82 -90.87
C HIS A 3146 95.71 -50.33 -91.27
N ILE A 3147 96.07 -50.54 -92.55
CA ILE A 3147 97.37 -50.09 -93.03
C ILE A 3147 97.46 -48.57 -93.02
N ALA A 3148 96.39 -47.89 -93.44
CA ALA A 3148 96.44 -46.44 -93.59
C ALA A 3148 96.41 -45.72 -92.25
N GLN A 3149 95.68 -46.27 -91.27
CA GLN A 3149 95.44 -45.54 -90.02
C GLN A 3149 96.72 -45.34 -89.24
N HIS A 3150 97.58 -46.36 -89.15
CA HIS A 3150 98.79 -46.30 -88.36
C HIS A 3150 100.04 -45.99 -89.18
N GLN A 3151 99.86 -45.55 -90.43
CA GLN A 3151 100.98 -45.19 -91.30
C GLN A 3151 101.97 -46.34 -91.44
N PHE A 3152 101.45 -47.55 -91.63
CA PHE A 3152 102.29 -48.72 -91.80
C PHE A 3152 103.06 -48.72 -93.12
N GLY A 3153 102.72 -47.80 -94.04
CA GLY A 3153 103.36 -47.73 -95.35
C GLY A 3153 104.85 -47.48 -95.32
N ASP A 3154 105.44 -47.28 -94.13
CA ASP A 3154 106.89 -47.15 -94.03
C ASP A 3154 107.58 -48.41 -94.56
N ASP A 3155 107.32 -49.55 -93.93
CA ASP A 3155 107.76 -50.86 -94.43
C ASP A 3155 106.55 -51.79 -94.40
N VAL A 3156 105.71 -51.71 -95.44
CA VAL A 3156 104.60 -52.64 -95.60
C VAL A 3156 104.54 -53.25 -96.99
N ILE A 3157 105.13 -52.62 -98.01
CA ILE A 3157 105.17 -53.20 -99.35
C ILE A 3157 106.61 -53.62 -99.64
N LEU A 3158 106.92 -54.88 -99.35
CA LEU A 3158 108.28 -55.41 -99.48
C LEU A 3158 108.25 -56.69 -100.28
N ASP A 3159 109.34 -57.45 -100.25
CA ASP A 3159 109.36 -58.77 -100.89
C ASP A 3159 108.20 -59.62 -100.37
N ASP A 3160 107.52 -60.28 -101.30
CA ASP A 3160 106.27 -61.02 -101.11
C ASP A 3160 105.07 -60.10 -100.91
N VAL A 3161 105.27 -58.78 -100.95
CA VAL A 3161 104.17 -57.83 -100.94
C VAL A 3161 104.17 -56.96 -102.19
N GLN A 3162 105.35 -56.54 -102.66
CA GLN A 3162 105.43 -55.78 -103.90
C GLN A 3162 104.92 -56.58 -105.10
N VAL A 3163 105.16 -57.89 -105.09
CA VAL A 3163 104.67 -58.74 -106.18
C VAL A 3163 103.15 -58.74 -106.22
N SER A 3164 102.50 -58.44 -105.09
CA SER A 3164 101.05 -58.34 -105.07
C SER A 3164 100.56 -56.91 -105.29
N CYS A 3165 101.32 -55.91 -104.85
CA CYS A 3165 100.94 -54.53 -105.11
C CYS A 3165 101.02 -54.19 -106.59
N TYR A 3166 102.04 -54.71 -107.28
CA TYR A 3166 102.19 -54.46 -108.71
C TYR A 3166 101.04 -55.06 -109.51
N ARG A 3167 100.37 -56.08 -108.97
CA ARG A 3167 99.18 -56.63 -109.60
C ARG A 3167 97.90 -55.94 -109.15
N THR A 3168 97.84 -55.50 -107.89
CA THR A 3168 96.63 -54.84 -107.40
C THR A 3168 96.46 -53.45 -107.99
N LEU A 3169 97.56 -52.76 -108.31
CA LEU A 3169 97.42 -51.48 -109.00
C LEU A 3169 96.82 -51.66 -110.39
N CYS A 3170 97.27 -52.69 -111.12
CA CYS A 3170 96.66 -53.00 -112.41
C CYS A 3170 95.22 -53.45 -112.24
N SER A 3171 94.91 -54.16 -111.16
CA SER A 3171 93.53 -54.59 -110.93
C SER A 3171 92.61 -53.39 -110.71
N ILE A 3172 93.04 -52.45 -109.87
CA ILE A 3172 92.20 -51.27 -109.62
C ILE A 3172 92.13 -50.39 -110.86
N TYR A 3173 93.18 -50.42 -111.69
CA TYR A 3173 93.08 -49.76 -112.99
C TYR A 3173 92.03 -50.43 -113.86
N SER A 3174 91.96 -51.76 -113.83
CA SER A 3174 91.00 -52.49 -114.65
C SER A 3174 89.56 -52.21 -114.21
N LEU A 3175 89.29 -52.31 -112.91
CA LEU A 3175 87.96 -52.00 -112.39
C LEU A 3175 87.85 -50.58 -111.86
N GLY A 3176 88.59 -49.63 -112.43
CA GLY A 3176 88.35 -48.23 -112.17
C GLY A 3176 87.27 -47.61 -113.03
N THR A 3177 86.67 -48.39 -113.93
CA THR A 3177 85.62 -47.89 -114.81
C THR A 3177 84.27 -48.57 -114.59
N THR A 3178 84.19 -49.59 -113.74
CA THR A 3178 82.94 -50.29 -113.50
C THR A 3178 81.95 -49.40 -112.74
N GLU A 3184 76.08 -51.40 -110.40
CA GLU A 3184 74.69 -51.14 -110.02
C GLU A 3184 74.61 -50.70 -108.56
N LYS A 3185 74.21 -51.62 -107.69
CA LYS A 3185 74.08 -51.34 -106.27
C LYS A 3185 75.37 -51.58 -105.50
N LEU A 3186 76.42 -52.07 -106.15
CA LEU A 3186 77.69 -52.34 -105.50
C LEU A 3186 78.64 -51.16 -105.55
N ARG A 3187 78.24 -50.05 -106.18
CA ARG A 3187 79.13 -48.90 -106.33
C ARG A 3187 79.64 -48.34 -105.01
N PRO A 3188 78.81 -48.15 -103.97
CA PRO A 3188 79.37 -47.65 -102.70
C PRO A 3188 80.46 -48.53 -102.11
N ALA A 3189 80.32 -49.85 -102.23
CA ALA A 3189 81.34 -50.75 -101.69
C ALA A 3189 82.66 -50.59 -102.42
N LEU A 3190 82.63 -50.52 -103.76
CA LEU A 3190 83.85 -50.31 -104.53
C LEU A 3190 84.47 -48.96 -104.22
N GLY A 3191 83.63 -47.93 -104.08
CA GLY A 3191 84.16 -46.61 -103.74
C GLY A 3191 84.83 -46.59 -102.38
N GLU A 3192 84.22 -47.24 -101.39
CA GLU A 3192 84.83 -47.32 -100.06
C GLU A 3192 86.14 -48.09 -100.10
N CYS A 3193 86.18 -49.20 -100.85
CA CYS A 3193 87.40 -49.97 -100.97
C CYS A 3193 88.51 -49.16 -101.62
N LEU A 3194 88.19 -48.44 -102.70
CA LEU A 3194 89.17 -47.62 -103.38
C LEU A 3194 89.67 -46.50 -102.47
N ALA A 3195 88.77 -45.87 -101.71
CA ALA A 3195 89.18 -44.82 -100.78
C ALA A 3195 90.10 -45.38 -99.70
N ARG A 3196 89.77 -46.55 -99.16
CA ARG A 3196 90.61 -47.14 -98.12
C ARG A 3196 91.98 -47.52 -98.68
N LEU A 3197 92.03 -48.07 -99.89
CA LEU A 3197 93.31 -48.45 -100.47
C LEU A 3197 94.16 -47.23 -100.80
N ALA A 3198 93.55 -46.19 -101.37
CA ALA A 3198 94.30 -45.01 -101.76
C ALA A 3198 94.89 -44.26 -100.57
N ALA A 3199 94.31 -44.44 -99.38
CA ALA A 3199 94.83 -43.78 -98.19
C ALA A 3199 96.13 -44.39 -97.69
N ALA A 3200 96.53 -45.54 -98.22
CA ALA A 3200 97.77 -46.18 -97.81
C ALA A 3200 98.99 -45.38 -98.27
N ARG A 3248 95.41 -31.39 -113.59
CA ARG A 3248 95.37 -32.33 -114.70
C ARG A 3248 94.39 -33.47 -114.42
N LEU A 3249 94.71 -34.27 -113.40
CA LEU A 3249 93.83 -35.37 -113.02
C LEU A 3249 92.49 -34.87 -112.51
N MET A 3250 92.49 -33.79 -111.74
CA MET A 3250 91.28 -33.26 -111.14
C MET A 3250 90.61 -32.19 -112.00
N ALA A 3251 91.16 -31.89 -113.18
CA ALA A 3251 90.53 -30.90 -114.05
C ALA A 3251 89.20 -31.40 -114.60
N ASP A 3252 89.08 -32.70 -114.82
CA ASP A 3252 87.82 -33.25 -115.30
C ASP A 3252 86.69 -33.05 -114.30
N ILE A 3253 86.99 -33.18 -113.01
CA ILE A 3253 85.98 -32.97 -111.97
C ILE A 3253 85.44 -31.55 -112.03
N GLY A 3254 86.34 -30.56 -112.16
CA GLY A 3254 85.90 -29.19 -112.32
C GLY A 3254 85.15 -28.97 -113.62
N GLY A 3255 85.51 -29.71 -114.66
CA GLY A 3255 84.82 -29.56 -115.94
C GLY A 3255 83.35 -29.91 -115.87
N LEU A 3256 83.00 -30.97 -115.12
CA LEU A 3256 81.63 -31.43 -115.02
C LEU A 3256 80.94 -30.95 -113.75
N ALA A 3257 81.49 -29.94 -113.07
CA ALA A 3257 80.87 -29.42 -111.86
C ALA A 3257 79.47 -28.87 -112.15
N GLU A 3258 79.34 -28.13 -113.25
CA GLU A 3258 78.04 -27.63 -113.66
C GLU A 3258 77.24 -28.73 -114.38
N SER A 3259 75.95 -28.49 -114.51
CA SER A 3259 75.03 -29.41 -115.19
C SER A 3259 75.05 -30.80 -114.54
N GLY A 3260 74.64 -30.85 -113.28
CA GLY A 3260 74.56 -32.09 -112.55
C GLY A 3260 73.15 -32.64 -112.47
N ALA A 3261 72.50 -32.41 -111.33
CA ALA A 3261 71.12 -32.82 -111.09
C ALA A 3261 70.91 -34.33 -111.21
N ARG A 3262 71.96 -35.11 -110.97
CA ARG A 3262 71.86 -36.56 -111.06
C ARG A 3262 72.97 -37.17 -110.22
N TYR A 3263 72.63 -38.22 -109.47
CA TYR A 3263 73.59 -38.93 -108.65
C TYR A 3263 74.28 -40.08 -109.38
N THR A 3264 73.65 -40.64 -110.41
CA THR A 3264 74.23 -41.76 -111.13
C THR A 3264 74.09 -41.68 -112.65
N GLU A 3265 73.43 -40.66 -113.19
CA GLU A 3265 73.21 -40.62 -114.64
C GLU A 3265 74.45 -40.11 -115.37
N MET A 3266 74.79 -38.83 -115.16
CA MET A 3266 76.06 -38.32 -115.66
C MET A 3266 77.18 -38.63 -114.66
N PRO A 3267 77.04 -38.24 -113.37
CA PRO A 3267 78.12 -38.51 -112.40
C PRO A 3267 78.07 -39.92 -111.82
N HIS A 3268 78.31 -40.92 -112.68
CA HIS A 3268 78.35 -42.30 -112.20
C HIS A 3268 79.74 -42.69 -111.75
N VAL A 3269 80.74 -42.44 -112.61
CA VAL A 3269 82.13 -42.73 -112.25
C VAL A 3269 82.60 -41.79 -111.13
N ILE A 3270 82.05 -40.57 -111.09
CA ILE A 3270 82.45 -39.59 -110.10
C ILE A 3270 82.13 -40.08 -108.69
N GLU A 3271 80.99 -40.76 -108.52
CA GLU A 3271 80.58 -41.20 -107.18
C GLU A 3271 81.62 -42.14 -106.58
N ILE A 3272 82.27 -42.97 -107.40
CA ILE A 3272 83.26 -43.89 -106.88
C ILE A 3272 84.69 -43.38 -106.95
N THR A 3273 84.95 -42.36 -107.79
CA THR A 3273 86.31 -41.85 -107.90
C THR A 3273 86.58 -40.64 -107.02
N LEU A 3274 85.55 -39.94 -106.55
CA LEU A 3274 85.77 -38.81 -105.65
C LEU A 3274 86.45 -39.21 -104.35
N PRO A 3275 86.02 -40.26 -103.63
CA PRO A 3275 86.77 -40.68 -102.44
C PRO A 3275 88.20 -41.10 -102.75
N MET A 3276 88.47 -41.59 -103.97
CA MET A 3276 89.83 -42.01 -104.31
C MET A 3276 90.82 -40.88 -104.13
N LEU A 3277 90.65 -39.78 -104.87
CA LEU A 3277 91.55 -38.65 -104.69
C LEU A 3277 91.29 -37.91 -103.40
N CYS A 3278 90.05 -37.94 -102.88
CA CYS A 3278 89.79 -37.33 -101.58
C CYS A 3278 90.59 -37.96 -100.45
N SER A 3279 91.01 -39.21 -100.63
CA SER A 3279 91.93 -39.85 -99.69
C SER A 3279 93.38 -39.81 -100.15
N TYR A 3280 93.63 -39.75 -101.46
CA TYR A 3280 95.01 -39.72 -101.95
C TYR A 3280 95.67 -38.38 -101.68
N LEU A 3281 94.95 -37.28 -101.91
CA LEU A 3281 95.55 -35.95 -101.73
C LEU A 3281 96.00 -35.68 -100.30
N PRO A 3282 95.22 -35.97 -99.25
CA PRO A 3282 95.75 -35.77 -97.89
C PRO A 3282 96.99 -36.59 -97.59
N ARG A 3283 97.13 -37.76 -98.21
CA ARG A 3283 98.32 -38.58 -98.01
C ARG A 3283 99.56 -37.95 -98.63
N TRP A 3284 99.39 -36.99 -99.53
CA TRP A 3284 100.52 -36.32 -100.17
C TRP A 3284 100.72 -34.92 -99.60
N CYS A 3304 109.65 -33.52 -105.26
CA CYS A 3304 109.57 -34.88 -104.76
C CYS A 3304 108.36 -35.05 -103.84
N THR A 3305 108.07 -34.02 -103.06
CA THR A 3305 106.96 -34.05 -102.12
C THR A 3305 106.42 -32.63 -101.97
N ALA A 3306 105.64 -32.40 -100.91
CA ALA A 3306 105.08 -31.09 -100.59
C ALA A 3306 104.19 -30.58 -101.74
N VAL A 3307 103.14 -31.35 -102.01
CA VAL A 3307 102.16 -30.95 -103.02
C VAL A 3307 101.38 -29.75 -102.52
N THR A 3308 101.21 -28.75 -103.39
CA THR A 3308 100.54 -27.52 -102.99
C THR A 3308 99.08 -27.78 -102.60
N SER A 3309 98.57 -26.95 -101.71
CA SER A 3309 97.22 -27.10 -101.18
C SER A 3309 96.16 -26.46 -102.07
N ASP A 3310 96.56 -25.83 -103.18
CA ASP A 3310 95.58 -25.26 -104.10
C ASP A 3310 94.66 -26.35 -104.67
N HIS A 3311 95.23 -27.53 -104.93
CA HIS A 3311 94.42 -28.64 -105.42
C HIS A 3311 93.38 -29.05 -104.38
N LEU A 3312 93.76 -29.08 -103.10
CA LEU A 3312 92.81 -29.45 -102.05
C LEU A 3312 91.67 -28.43 -101.95
N ASN A 3313 91.99 -27.14 -102.00
CA ASN A 3313 90.95 -26.12 -101.93
C ASN A 3313 90.03 -26.19 -103.15
N SER A 3314 90.61 -26.41 -104.34
CA SER A 3314 89.80 -26.54 -105.54
C SER A 3314 88.88 -27.76 -105.45
N LEU A 3315 89.39 -28.87 -104.92
CA LEU A 3315 88.57 -30.06 -104.75
C LEU A 3315 87.43 -29.82 -103.76
N LEU A 3316 87.72 -29.12 -102.66
CA LEU A 3316 86.66 -28.80 -101.70
C LEU A 3316 85.60 -27.92 -102.32
N GLY A 3317 86.01 -26.89 -103.07
CA GLY A 3317 85.03 -26.06 -103.74
C GLY A 3317 84.22 -26.82 -104.77
N ASN A 3318 84.87 -27.70 -105.52
CA ASN A 3318 84.19 -28.49 -106.54
C ASN A 3318 83.17 -29.44 -105.91
N ILE A 3319 83.53 -30.09 -104.80
CA ILE A 3319 82.59 -31.00 -104.16
C ILE A 3319 81.44 -30.22 -103.54
N LEU A 3320 81.70 -29.04 -102.97
CA LEU A 3320 80.61 -28.22 -102.45
C LEU A 3320 79.66 -27.80 -103.57
N ARG A 3321 80.20 -27.39 -104.71
CA ARG A 3321 79.36 -27.01 -105.83
C ARG A 3321 78.57 -28.20 -106.38
N ILE A 3322 79.19 -29.38 -106.45
CA ILE A 3322 78.50 -30.56 -106.94
C ILE A 3322 77.35 -30.94 -105.99
N ILE A 3323 77.59 -30.84 -104.69
CA ILE A 3323 76.54 -31.16 -103.72
C ILE A 3323 75.41 -30.15 -103.81
N VAL A 3324 75.73 -28.86 -103.91
CA VAL A 3324 74.69 -27.84 -103.98
C VAL A 3324 73.96 -27.86 -105.32
N ASN A 3325 74.54 -28.47 -106.34
CA ASN A 3325 73.85 -28.59 -107.63
C ASN A 3325 72.58 -29.42 -107.49
N ASN A 3326 72.64 -30.50 -106.71
CA ASN A 3326 71.47 -31.34 -106.44
C ASN A 3326 70.68 -30.80 -105.25
N LEU A 3327 70.35 -29.51 -105.30
CA LEU A 3327 69.69 -28.88 -104.16
C LEU A 3327 68.28 -29.43 -103.95
N GLY A 3328 67.54 -29.64 -105.03
CA GLY A 3328 66.16 -30.07 -104.91
C GLY A 3328 65.89 -31.45 -105.49
N ILE A 3329 66.84 -32.36 -105.34
CA ILE A 3329 66.63 -33.72 -105.83
C ILE A 3329 65.63 -34.44 -104.92
N ASP A 3330 64.91 -35.40 -105.50
CA ASP A 3330 63.91 -36.14 -104.74
C ASP A 3330 64.56 -37.18 -103.84
N GLU A 3331 65.27 -38.14 -104.44
CA GLU A 3331 65.98 -39.18 -103.69
C GLU A 3331 67.47 -39.06 -103.97
N ALA A 3332 68.25 -38.96 -102.90
CA ALA A 3332 69.70 -38.82 -103.02
C ALA A 3332 70.34 -39.36 -101.75
N THR A 3333 71.12 -40.43 -101.89
CA THR A 3333 71.84 -41.02 -100.76
C THR A 3333 73.31 -40.62 -100.73
N TRP A 3334 73.91 -40.32 -101.88
CA TRP A 3334 75.32 -39.98 -101.94
C TRP A 3334 75.66 -38.71 -101.17
N MET A 3335 74.66 -37.90 -100.84
CA MET A 3335 74.91 -36.70 -100.05
C MET A 3335 75.41 -37.06 -98.65
N LYS A 3336 74.85 -38.09 -98.05
CA LYS A 3336 75.24 -38.51 -96.70
C LYS A 3336 76.57 -39.24 -96.67
N ARG A 3337 77.13 -39.61 -97.83
CA ARG A 3337 78.41 -40.31 -97.88
C ARG A 3337 79.55 -39.43 -98.37
N LEU A 3338 79.29 -38.57 -99.36
CA LEU A 3338 80.32 -37.68 -99.85
C LEU A 3338 80.76 -36.69 -98.78
N ALA A 3339 79.82 -36.19 -97.98
CA ALA A 3339 80.17 -35.29 -96.89
C ALA A 3339 81.06 -35.97 -95.86
N VAL A 3340 80.75 -37.23 -95.53
CA VAL A 3340 81.59 -37.97 -94.58
C VAL A 3340 82.97 -38.20 -95.17
N PHE A 3341 83.03 -38.57 -96.46
CA PHE A 3341 84.32 -38.83 -97.08
C PHE A 3341 85.17 -37.57 -97.21
N ALA A 3342 84.53 -36.40 -97.36
CA ALA A 3342 85.23 -35.15 -97.57
C ALA A 3342 85.51 -34.39 -96.28
N GLN A 3343 85.17 -34.96 -95.11
CA GLN A 3343 85.43 -34.27 -93.85
C GLN A 3343 86.91 -34.01 -93.60
N PRO A 3344 87.82 -34.98 -93.75
CA PRO A 3344 89.24 -34.66 -93.52
C PRO A 3344 89.83 -33.70 -94.54
N ILE A 3345 89.21 -33.55 -95.71
CA ILE A 3345 89.76 -32.67 -96.74
C ILE A 3345 89.57 -31.19 -96.44
N VAL A 3346 88.72 -30.85 -95.46
CA VAL A 3346 88.44 -29.45 -95.15
C VAL A 3346 89.35 -28.91 -94.04
N SER A 3347 90.13 -29.77 -93.38
CA SER A 3347 91.02 -29.29 -92.33
C SER A 3347 92.08 -28.34 -92.88
N ARG A 3348 92.64 -28.67 -94.04
CA ARG A 3348 93.63 -27.81 -94.71
C ARG A 3348 92.91 -27.11 -95.87
N ALA A 3349 92.27 -26.00 -95.56
CA ALA A 3349 91.51 -25.24 -96.55
C ALA A 3349 91.89 -23.76 -96.48
N ARG A 3350 91.85 -23.11 -97.64
CA ARG A 3350 92.20 -21.70 -97.70
C ARG A 3350 91.13 -20.87 -96.99
N PRO A 3351 91.53 -19.86 -96.20
CA PRO A 3351 90.55 -19.03 -95.49
C PRO A 3351 89.59 -18.30 -96.41
N GLU A 3352 90.04 -17.87 -97.59
CA GLU A 3352 89.23 -17.05 -98.48
C GLU A 3352 88.68 -17.80 -99.67
N LEU A 3353 89.36 -18.84 -100.16
CA LEU A 3353 88.86 -19.57 -101.32
C LEU A 3353 87.56 -20.29 -101.01
N LEU A 3354 87.46 -20.92 -99.85
CA LEU A 3354 86.26 -21.67 -99.50
C LEU A 3354 85.12 -20.74 -99.09
N HIS A 3355 85.42 -19.63 -98.42
CA HIS A 3355 84.37 -18.74 -97.95
C HIS A 3355 83.60 -18.09 -99.09
N SER A 3356 84.17 -18.03 -100.28
CA SER A 3356 83.44 -17.56 -101.45
C SER A 3356 82.44 -18.59 -101.96
N HIS A 3357 82.55 -19.84 -101.53
CA HIS A 3357 81.63 -20.91 -101.91
C HIS A 3357 80.65 -21.29 -100.81
N PHE A 3358 81.06 -21.18 -99.54
CA PHE A 3358 80.18 -21.56 -98.45
C PHE A 3358 78.99 -20.59 -98.31
N ILE A 3359 79.22 -19.30 -98.52
CA ILE A 3359 78.18 -18.29 -98.37
C ILE A 3359 77.05 -18.52 -99.37
N PRO A 3360 77.32 -18.65 -100.69
CA PRO A 3360 76.20 -18.86 -101.62
C PRO A 3360 75.43 -20.15 -101.38
N THR A 3361 76.09 -21.24 -100.99
CA THR A 3361 75.40 -22.51 -100.80
C THR A 3361 74.44 -22.43 -99.62
N ILE A 3362 74.94 -21.97 -98.47
CA ILE A 3362 74.08 -21.83 -97.29
C ILE A 3362 73.02 -20.76 -97.52
N GLY A 3363 73.34 -19.76 -98.36
CA GLY A 3363 72.33 -18.76 -98.70
C GLY A 3363 71.19 -19.35 -99.50
N ARG A 3364 71.51 -20.19 -100.49
CA ARG A 3364 70.47 -20.89 -101.24
C ARG A 3364 69.68 -21.82 -100.33
N LEU A 3365 70.35 -22.48 -99.39
CA LEU A 3365 69.66 -23.34 -98.43
C LEU A 3365 68.68 -22.53 -97.58
N ARG A 3366 69.12 -21.35 -97.11
CA ARG A 3366 68.23 -20.49 -96.32
C ARG A 3366 67.07 -19.97 -97.16
N LYS A 3367 67.32 -19.67 -98.43
CA LYS A 3367 66.24 -19.25 -99.32
C LYS A 3367 65.22 -20.36 -99.49
N ARG A 3368 65.69 -21.59 -99.65
CA ARG A 3368 64.77 -22.73 -99.74
C ARG A 3368 63.98 -22.90 -98.46
N ALA A 3369 64.64 -22.73 -97.31
CA ALA A 3369 63.94 -22.84 -96.03
C ALA A 3369 62.88 -21.75 -95.90
N GLY A 3370 63.19 -20.53 -96.33
CA GLY A 3370 62.22 -19.46 -96.30
C GLY A 3370 61.06 -19.68 -97.25
N LYS A 3371 61.33 -20.29 -98.40
CA LYS A 3371 60.25 -20.60 -99.34
C LYS A 3371 59.38 -21.74 -98.84
N VAL A 3372 59.95 -22.64 -98.03
CA VAL A 3372 59.19 -23.80 -97.56
C VAL A 3372 58.46 -23.56 -96.24
N VAL A 3373 58.92 -22.59 -95.43
CA VAL A 3373 58.21 -22.31 -94.18
C VAL A 3373 56.87 -21.65 -94.48
N ALA A 3374 56.79 -20.88 -95.57
CA ALA A 3374 55.55 -20.20 -95.93
C ALA A 3374 54.43 -21.19 -96.23
N GLU A 3375 54.75 -22.36 -96.78
CA GLU A 3375 53.73 -23.35 -97.03
C GLU A 3375 53.08 -23.83 -95.73
N GLU A 3376 53.91 -24.13 -94.72
CA GLU A 3376 53.37 -24.53 -93.43
C GLU A 3376 52.63 -23.39 -92.75
N GLU A 3377 53.11 -22.15 -92.93
CA GLU A 3377 52.43 -21.00 -92.35
C GLU A 3377 51.04 -20.82 -92.94
N GLN A 3378 50.92 -20.98 -94.27
CA GLN A 3378 49.63 -20.84 -94.92
C GLN A 3378 48.76 -22.08 -94.76
N LEU A 3379 49.35 -23.21 -94.34
CA LEU A 3379 48.56 -24.41 -94.11
C LEU A 3379 47.55 -24.20 -93.00
N ARG A 3380 47.96 -23.53 -91.92
CA ARG A 3380 47.06 -23.26 -90.80
C ARG A 3380 46.05 -22.19 -91.15
N GLU A 3386 42.47 -31.89 -97.59
CA GLU A 3386 43.22 -30.66 -97.78
C GLU A 3386 44.37 -30.54 -96.80
N ALA A 3387 44.04 -30.66 -95.50
CA ALA A 3387 45.07 -30.56 -94.46
C ALA A 3387 46.05 -31.72 -94.54
N GLU A 3388 45.55 -32.93 -94.80
CA GLU A 3388 46.42 -34.10 -94.81
C GLU A 3388 47.41 -34.06 -95.98
N GLU A 3389 46.93 -33.69 -97.17
CA GLU A 3389 47.82 -33.62 -98.32
C GLU A 3389 48.89 -32.55 -98.13
N GLY A 3390 48.50 -31.38 -97.62
CA GLY A 3390 49.48 -30.35 -97.35
C GLY A 3390 50.49 -30.77 -96.29
N GLU A 3391 50.01 -31.46 -95.25
CA GLU A 3391 50.92 -31.95 -94.22
C GLU A 3391 51.92 -32.94 -94.78
N LEU A 3392 51.46 -33.86 -95.63
CA LEU A 3392 52.37 -34.81 -96.25
C LEU A 3392 53.39 -34.10 -97.15
N LEU A 3393 52.92 -33.13 -97.93
CA LEU A 3393 53.84 -32.41 -98.82
C LEU A 3393 54.89 -31.63 -98.03
N VAL A 3394 54.48 -30.94 -96.97
CA VAL A 3394 55.44 -30.18 -96.18
C VAL A 3394 56.36 -31.13 -95.41
N ARG A 3395 55.87 -32.30 -95.00
CA ARG A 3395 56.74 -33.27 -94.36
C ARG A 3395 57.82 -33.77 -95.32
N ASP A 3396 57.45 -34.07 -96.57
CA ASP A 3396 58.43 -34.48 -97.55
C ASP A 3396 59.44 -33.37 -97.83
N GLU A 3397 58.94 -32.13 -97.98
CA GLU A 3397 59.85 -31.01 -98.22
C GLU A 3397 60.80 -30.79 -97.05
N PHE A 3398 60.30 -30.93 -95.82
CA PHE A 3398 61.13 -30.76 -94.65
C PHE A 3398 62.15 -31.87 -94.53
N SER A 3399 61.78 -33.10 -94.92
CA SER A 3399 62.75 -34.19 -94.94
C SER A 3399 63.85 -33.91 -95.96
N VAL A 3400 63.49 -33.40 -97.13
CA VAL A 3400 64.49 -33.04 -98.13
C VAL A 3400 65.41 -31.94 -97.59
N LEU A 3401 64.83 -30.93 -96.95
CA LEU A 3401 65.63 -29.84 -96.38
C LEU A 3401 66.55 -30.36 -95.28
N CYS A 3402 66.07 -31.29 -94.45
CA CYS A 3402 66.89 -31.87 -93.40
C CYS A 3402 68.04 -32.67 -93.99
N ARG A 3403 67.79 -33.41 -95.07
CA ARG A 3403 68.86 -34.16 -95.72
C ARG A 3403 69.91 -33.20 -96.28
N ASP A 3404 69.48 -32.12 -96.91
CA ASP A 3404 70.43 -31.14 -97.43
C ASP A 3404 71.22 -30.48 -96.29
N LEU A 3405 70.54 -30.17 -95.19
CA LEU A 3405 71.21 -29.58 -94.03
C LEU A 3405 72.25 -30.52 -93.46
N TYR A 3406 71.92 -31.80 -93.33
CA TYR A 3406 72.87 -32.76 -92.79
C TYR A 3406 73.96 -33.14 -93.80
N ALA A 3407 73.77 -32.84 -95.07
CA ALA A 3407 74.82 -32.97 -96.06
C ALA A 3407 75.78 -31.79 -96.09
N LEU A 3408 75.30 -30.58 -95.78
CA LEU A 3408 76.14 -29.38 -95.82
C LEU A 3408 76.76 -29.00 -94.48
N TYR A 3409 75.98 -29.02 -93.41
CA TYR A 3409 76.45 -28.52 -92.12
C TYR A 3409 77.71 -29.21 -91.58
N PRO A 3410 77.88 -30.53 -91.70
CA PRO A 3410 79.15 -31.12 -91.21
C PRO A 3410 80.38 -30.55 -91.88
N LEU A 3411 80.31 -30.17 -93.16
CA LEU A 3411 81.42 -29.51 -93.82
C LEU A 3411 81.61 -28.07 -93.35
N LEU A 3412 80.62 -27.50 -92.66
CA LEU A 3412 80.71 -26.15 -92.13
C LEU A 3412 81.18 -26.11 -90.67
N ILE A 3413 80.81 -27.11 -89.88
CA ILE A 3413 81.21 -27.13 -88.47
C ILE A 3413 82.73 -27.26 -88.35
N ARG A 3414 83.33 -28.14 -89.16
CA ARG A 3414 84.78 -28.28 -89.12
C ARG A 3414 85.48 -27.01 -89.63
N TYR A 3415 84.93 -26.39 -90.68
CA TYR A 3415 85.49 -25.14 -91.18
C TYR A 3415 85.32 -24.00 -90.17
N VAL A 3416 84.34 -24.09 -89.28
CA VAL A 3416 84.16 -23.08 -88.24
C VAL A 3416 85.06 -23.35 -87.03
N ASP A 3417 85.34 -24.63 -86.74
CA ASP A 3417 86.23 -24.96 -85.62
C ASP A 3417 87.59 -24.32 -85.79
N ASN A 3418 88.15 -24.41 -87.00
CA ASN A 3418 89.30 -23.59 -87.35
C ASN A 3418 88.82 -22.30 -88.00
N ASN A 3419 89.76 -21.40 -88.28
CA ASN A 3419 89.50 -20.09 -88.86
C ASN A 3419 88.57 -19.24 -88.01
N ARG A 3420 88.33 -19.62 -86.76
CA ARG A 3420 87.49 -18.84 -85.87
C ARG A 3420 88.29 -17.84 -85.04
N ALA A 3421 89.51 -18.22 -84.64
CA ALA A 3421 90.39 -17.26 -83.98
C ALA A 3421 90.75 -16.11 -84.91
N HIS A 3422 90.94 -16.42 -86.20
CA HIS A 3422 91.17 -15.36 -87.18
C HIS A 3422 89.95 -14.46 -87.31
N TRP A 3423 88.75 -15.04 -87.31
CA TRP A 3423 87.53 -14.26 -87.41
C TRP A 3423 87.21 -13.48 -86.13
N LEU A 3424 87.82 -13.83 -85.01
CA LEU A 3424 87.61 -13.12 -83.75
C LEU A 3424 88.64 -12.02 -83.53
N THR A 3425 89.94 -12.33 -83.69
CA THR A 3425 90.96 -11.31 -83.55
C THR A 3425 90.82 -10.22 -84.61
N GLU A 3426 90.54 -10.61 -85.84
CA GLU A 3426 90.29 -9.67 -86.94
C GLU A 3426 88.88 -9.91 -87.47
N PRO A 3427 87.90 -9.09 -87.07
CA PRO A 3427 86.52 -9.35 -87.50
C PRO A 3427 86.37 -9.25 -89.01
N ASN A 3428 85.51 -10.11 -89.55
CA ASN A 3428 85.25 -10.18 -90.99
C ASN A 3428 83.75 -10.10 -91.20
N ALA A 3429 83.34 -9.24 -92.14
CA ALA A 3429 81.92 -9.03 -92.41
C ALA A 3429 81.25 -10.31 -92.89
N ASN A 3430 81.96 -11.11 -93.69
CA ASN A 3430 81.39 -12.35 -94.19
C ASN A 3430 81.07 -13.32 -93.06
N ALA A 3431 81.92 -13.36 -92.03
CA ALA A 3431 81.64 -14.21 -90.88
C ALA A 3431 80.37 -13.78 -90.18
N GLU A 3432 80.16 -12.47 -90.01
CA GLU A 3432 78.94 -11.98 -89.39
C GLU A 3432 77.72 -12.31 -90.25
N GLU A 3433 77.84 -12.17 -91.57
CA GLU A 3433 76.73 -12.51 -92.46
C GLU A 3433 76.40 -14.00 -92.37
N LEU A 3434 77.42 -14.85 -92.31
CA LEU A 3434 77.20 -16.28 -92.15
C LEU A 3434 76.53 -16.59 -90.83
N PHE A 3435 76.95 -15.90 -89.76
CA PHE A 3435 76.28 -16.09 -88.47
C PHE A 3435 74.80 -15.69 -88.56
N ARG A 3436 74.51 -14.57 -89.22
CA ARG A 3436 73.13 -14.13 -89.36
C ARG A 3436 72.31 -15.16 -90.11
N MET A 3437 72.86 -15.71 -91.19
CA MET A 3437 72.16 -16.73 -91.96
C MET A 3437 71.92 -18.00 -91.16
N VAL A 3438 72.95 -18.44 -90.41
CA VAL A 3438 72.81 -19.63 -89.58
C VAL A 3438 71.74 -19.40 -88.50
N GLY A 3439 71.75 -18.22 -87.88
CA GLY A 3439 70.73 -17.91 -86.89
C GLY A 3439 69.33 -17.84 -87.49
N GLU A 3440 69.23 -17.35 -88.72
CA GLU A 3440 67.94 -17.34 -89.41
C GLU A 3440 67.43 -18.76 -89.62
N ILE A 3441 68.31 -19.67 -90.06
CA ILE A 3441 67.91 -21.07 -90.19
C ILE A 3441 67.52 -21.63 -88.83
N PHE A 3442 68.24 -21.27 -87.78
CA PHE A 3442 67.95 -21.81 -86.45
C PHE A 3442 66.58 -21.36 -85.97
N ILE A 3443 66.25 -20.07 -86.14
CA ILE A 3443 64.96 -19.58 -85.68
C ILE A 3443 63.84 -20.12 -86.55
N TYR A 3444 64.10 -20.35 -87.83
CA TYR A 3444 63.12 -21.02 -88.68
C TYR A 3444 62.84 -22.42 -88.17
N TRP A 3445 63.88 -23.14 -87.75
CA TRP A 3445 63.69 -24.46 -87.17
C TRP A 3445 62.94 -24.38 -85.84
N SER A 3446 63.24 -23.36 -85.03
CA SER A 3446 62.66 -23.28 -83.70
C SER A 3446 61.17 -22.98 -83.74
N LYS A 3447 60.77 -22.01 -84.56
CA LYS A 3447 59.36 -21.61 -84.64
C LYS A 3447 58.59 -22.47 -85.63
N SER A 3448 58.76 -23.79 -85.51
CA SER A 3448 58.00 -24.76 -86.32
C SER A 3448 58.20 -26.15 -85.74
N HIS A 3449 57.10 -26.87 -85.49
CA HIS A 3449 57.20 -28.22 -84.94
C HIS A 3449 57.56 -29.25 -85.99
N ASN A 3450 57.11 -29.04 -87.23
CA ASN A 3450 57.36 -30.02 -88.29
C ASN A 3450 58.84 -30.16 -88.60
N PHE A 3451 59.59 -29.05 -88.54
CA PHE A 3451 61.03 -29.13 -88.78
C PHE A 3451 61.71 -30.03 -87.76
N LYS A 3452 61.39 -29.84 -86.47
CA LYS A 3452 61.98 -30.67 -85.43
C LYS A 3452 61.56 -32.13 -85.57
N ARG A 3453 60.28 -32.37 -85.86
CA ARG A 3453 59.82 -33.74 -86.02
C ARG A 3453 60.52 -34.43 -87.20
N GLU A 3454 60.65 -33.72 -88.32
CA GLU A 3454 61.30 -34.30 -89.48
C GLU A 3454 62.78 -34.54 -89.24
N GLU A 3455 63.46 -33.62 -88.54
CA GLU A 3455 64.86 -33.83 -88.21
C GLU A 3455 65.05 -35.06 -87.32
N GLN A 3456 64.20 -35.19 -86.29
CA GLN A 3456 64.30 -36.35 -85.41
C GLN A 3456 64.03 -37.64 -86.17
N ASN A 3457 63.00 -37.64 -87.03
CA ASN A 3457 62.71 -38.83 -87.82
C ASN A 3457 63.87 -39.17 -88.75
N PHE A 3458 64.48 -38.15 -89.36
CA PHE A 3458 65.61 -38.36 -90.25
C PHE A 3458 66.78 -39.03 -89.51
N VAL A 3459 67.14 -38.49 -88.35
CA VAL A 3459 68.32 -39.02 -87.65
C VAL A 3459 68.04 -40.42 -87.13
N VAL A 3460 66.82 -40.68 -86.64
CA VAL A 3460 66.54 -42.01 -86.12
C VAL A 3460 66.42 -43.02 -87.26
N GLN A 3461 65.94 -42.59 -88.42
CA GLN A 3461 65.78 -43.52 -89.55
C GLN A 3461 67.12 -43.89 -90.16
N ASN A 3462 67.99 -42.90 -90.40
CA ASN A 3462 69.27 -43.17 -91.02
C ASN A 3462 70.39 -43.44 -90.01
N GLU A 3463 70.08 -43.46 -88.72
CA GLU A 3463 71.04 -43.78 -87.67
C GLU A 3463 72.27 -42.88 -87.74
N ILE A 3464 72.03 -41.59 -87.98
CA ILE A 3464 73.12 -40.62 -88.03
C ILE A 3464 73.68 -40.43 -86.64
N ASN A 3465 75.00 -40.55 -86.51
CA ASN A 3465 75.63 -40.40 -85.20
C ASN A 3465 75.45 -39.00 -84.65
N ASN A 3466 75.62 -37.98 -85.50
CA ASN A 3466 75.47 -36.57 -85.14
C ASN A 3466 76.46 -36.13 -84.06
N MET A 3467 77.42 -36.99 -83.73
CA MET A 3467 78.43 -36.67 -82.72
C MET A 3467 79.82 -36.74 -83.33
N SER A 3468 79.99 -37.60 -84.35
CA SER A 3468 81.27 -37.69 -85.03
C SER A 3468 81.59 -36.42 -85.81
N PHE A 3469 80.55 -35.73 -86.30
CA PHE A 3469 80.77 -34.47 -87.00
C PHE A 3469 81.38 -33.42 -86.08
N LEU A 3470 80.91 -33.35 -84.83
CA LEU A 3470 81.45 -32.44 -83.85
C LEU A 3470 82.54 -33.07 -82.99
N THR A 3471 82.88 -34.34 -83.25
CA THR A 3471 83.91 -35.07 -82.50
C THR A 3471 83.61 -35.09 -81.01
N TYR A 3503 64.83 -36.25 -77.85
CA TYR A 3503 65.75 -36.94 -76.97
C TYR A 3503 67.16 -36.38 -77.12
N SER A 3504 67.73 -36.53 -78.32
CA SER A 3504 69.08 -36.04 -78.60
C SER A 3504 69.05 -34.61 -79.14
N VAL A 3505 68.40 -33.71 -78.41
CA VAL A 3505 68.32 -32.32 -78.84
C VAL A 3505 69.68 -31.63 -78.72
N GLN A 3506 70.42 -31.94 -77.64
CA GLN A 3506 71.74 -31.34 -77.45
C GLN A 3506 72.73 -31.81 -78.51
N THR A 3507 72.46 -32.92 -79.19
CA THR A 3507 73.34 -33.44 -80.22
C THR A 3507 72.90 -33.00 -81.61
N SER A 3508 71.87 -32.15 -81.70
CA SER A 3508 71.36 -31.71 -82.99
C SER A 3508 72.41 -30.90 -83.74
N LEU A 3509 72.37 -31.00 -85.07
CA LEU A 3509 73.37 -30.35 -85.90
C LEU A 3509 73.15 -28.84 -85.95
N ILE A 3510 71.90 -28.40 -86.11
CA ILE A 3510 71.61 -26.98 -86.22
C ILE A 3510 71.96 -26.25 -84.93
N VAL A 3511 71.58 -26.82 -83.79
CA VAL A 3511 71.87 -26.19 -82.50
C VAL A 3511 73.37 -26.13 -82.26
N ALA A 3512 74.09 -27.20 -82.59
CA ALA A 3512 75.54 -27.19 -82.41
C ALA A 3512 76.20 -26.15 -83.29
N THR A 3513 75.77 -26.04 -84.55
CA THR A 3513 76.34 -25.04 -85.45
C THR A 3513 76.06 -23.63 -84.95
N LEU A 3514 74.84 -23.38 -84.48
CA LEU A 3514 74.51 -22.06 -83.96
C LEU A 3514 75.32 -21.73 -82.71
N LYS A 3515 75.51 -22.73 -81.83
CA LYS A 3515 76.32 -22.51 -80.63
C LYS A 3515 77.77 -22.22 -81.00
N LYS A 3516 78.29 -22.89 -82.03
CA LYS A 3516 79.66 -22.63 -82.45
C LYS A 3516 79.80 -21.25 -83.09
N MET A 3517 78.78 -20.80 -83.81
CA MET A 3517 78.84 -19.52 -84.51
C MET A 3517 78.36 -18.34 -83.67
N LEU A 3518 77.82 -18.59 -82.47
CA LEU A 3518 77.31 -17.50 -81.64
C LEU A 3518 78.37 -16.47 -81.25
N PRO A 3519 79.60 -16.84 -80.87
CA PRO A 3519 80.60 -15.80 -80.56
C PRO A 3519 80.87 -14.85 -81.72
N ILE A 3520 80.72 -15.32 -82.96
CA ILE A 3520 80.86 -14.41 -84.11
C ILE A 3520 79.82 -13.29 -84.01
N GLY A 3521 78.57 -13.66 -83.69
CA GLY A 3521 77.53 -12.65 -83.55
C GLY A 3521 77.73 -11.77 -82.34
N LEU A 3522 78.19 -12.35 -81.22
CA LEU A 3522 78.40 -11.56 -80.02
C LEU A 3522 79.55 -10.57 -80.17
N ASN A 3523 80.53 -10.89 -81.01
CA ASN A 3523 81.66 -9.99 -81.20
C ASN A 3523 81.23 -8.67 -81.82
N MET A 3524 80.35 -8.72 -82.83
CA MET A 3524 79.92 -7.50 -83.50
C MET A 3524 79.04 -6.63 -82.62
N CYS A 3525 78.46 -7.18 -81.56
CA CYS A 3525 77.60 -6.41 -80.66
C CYS A 3525 78.45 -5.74 -79.59
N ALA A 3526 78.33 -4.43 -79.49
CA ALA A 3526 79.12 -3.67 -78.52
C ALA A 3526 78.67 -4.02 -77.10
N PRO A 3527 79.58 -3.93 -76.13
CA PRO A 3527 79.17 -4.16 -74.73
C PRO A 3527 78.14 -3.16 -74.23
N THR A 3528 78.05 -1.99 -74.85
CA THR A 3528 77.02 -1.03 -74.49
C THR A 3528 75.63 -1.54 -74.84
N ASP A 3529 75.50 -2.29 -75.94
CA ASP A 3529 74.22 -2.87 -76.33
C ASP A 3529 73.77 -3.98 -75.39
N GLN A 3530 74.66 -4.45 -74.51
CA GLN A 3530 74.26 -5.44 -73.52
C GLN A 3530 73.22 -4.87 -72.55
N ASP A 3531 73.06 -3.55 -72.49
CA ASP A 3531 71.99 -2.97 -71.70
C ASP A 3531 70.64 -3.14 -72.40
N LEU A 3532 70.59 -2.94 -73.71
CA LEU A 3532 69.36 -3.11 -74.48
C LEU A 3532 69.08 -4.56 -74.85
N ILE A 3533 70.01 -5.47 -74.59
CA ILE A 3533 69.79 -6.88 -74.92
C ILE A 3533 68.53 -7.41 -74.21
N MET A 3534 68.44 -7.20 -72.89
CA MET A 3534 67.28 -7.72 -72.17
C MET A 3534 66.01 -6.96 -72.54
N LEU A 3535 66.13 -5.68 -72.89
CA LEU A 3535 64.96 -4.93 -73.35
C LEU A 3535 64.42 -5.52 -74.64
N ALA A 3536 65.30 -5.85 -75.58
CA ALA A 3536 64.87 -6.49 -76.82
C ALA A 3536 64.30 -7.88 -76.56
N LYS A 3537 64.90 -8.62 -75.61
CA LYS A 3537 64.38 -9.94 -75.27
C LYS A 3537 62.97 -9.83 -74.69
N THR A 3538 62.73 -8.87 -73.81
CA THR A 3538 61.40 -8.67 -73.26
C THR A 3538 60.41 -8.24 -74.34
N ARG A 3539 60.85 -7.40 -75.27
CA ARG A 3539 59.98 -7.00 -76.37
C ARG A 3539 59.60 -8.19 -77.23
N TYR A 3540 60.56 -9.09 -77.51
CA TYR A 3540 60.29 -10.29 -78.29
C TYR A 3540 59.53 -11.34 -77.50
N ALA A 3541 59.48 -11.22 -76.18
CA ALA A 3541 58.73 -12.18 -75.37
C ALA A 3541 57.24 -12.18 -75.66
N LEU A 3542 56.72 -11.15 -76.31
CA LEU A 3542 55.30 -11.03 -76.64
C LEU A 3542 55.03 -11.41 -78.08
N LYS A 3543 55.78 -12.37 -78.62
CA LYS A 3543 55.63 -12.82 -80.01
C LYS A 3543 55.75 -11.65 -80.99
N ASP A 3544 56.68 -10.75 -80.72
CA ASP A 3544 56.90 -9.59 -81.57
C ASP A 3544 57.65 -9.97 -82.84
N THR A 3545 57.62 -9.07 -83.81
CA THR A 3545 58.31 -9.25 -85.08
C THR A 3545 59.57 -8.38 -85.11
N ASP A 3546 60.40 -8.63 -86.12
CA ASP A 3546 61.68 -7.91 -86.23
C ASP A 3546 61.45 -6.42 -86.46
N GLU A 3547 60.49 -6.06 -87.33
CA GLU A 3547 60.27 -4.66 -87.65
C GLU A 3547 59.80 -3.86 -86.44
N GLU A 3548 58.82 -4.39 -85.71
CA GLU A 3548 58.31 -3.68 -84.55
C GLU A 3548 59.34 -3.63 -83.42
N VAL A 3549 60.12 -4.69 -83.25
CA VAL A 3549 61.18 -4.67 -82.25
C VAL A 3549 62.23 -3.61 -82.59
N ARG A 3550 62.61 -3.53 -83.87
CA ARG A 3550 63.57 -2.52 -84.29
C ARG A 3550 63.02 -1.12 -84.09
N GLU A 3551 61.74 -0.91 -84.42
CA GLU A 3551 61.13 0.40 -84.21
C GLU A 3551 61.09 0.77 -82.74
N PHE A 3552 60.72 -0.19 -81.87
CA PHE A 3552 60.69 0.09 -80.44
C PHE A 3552 62.08 0.41 -79.91
N LEU A 3553 63.10 -0.34 -80.36
CA LEU A 3553 64.46 -0.07 -79.92
C LEU A 3553 64.93 1.31 -80.38
N GLN A 3554 64.62 1.69 -81.62
CA GLN A 3554 64.99 3.01 -82.11
C GLN A 3554 64.23 4.12 -81.39
N ASN A 3555 63.04 3.80 -80.88
CA ASN A 3555 62.26 4.81 -80.15
C ASN A 3555 62.97 5.22 -78.86
N ASN A 3556 63.71 4.31 -78.23
CA ASN A 3556 64.39 4.58 -76.96
C ASN A 3556 65.83 4.11 -77.03
N LEU A 3557 66.53 4.49 -78.10
CA LEU A 3557 67.92 4.09 -78.27
C LEU A 3557 68.89 4.86 -77.37
N HIS A 3558 68.39 5.69 -76.46
CA HIS A 3558 69.23 6.48 -75.58
C HIS A 3558 69.46 5.82 -74.22
N LEU A 3559 68.89 4.64 -73.99
CA LEU A 3559 69.04 3.98 -72.70
C LEU A 3559 70.34 3.16 -72.59
N GLN A 3560 71.07 2.99 -73.68
CA GLN A 3560 72.32 2.28 -73.64
C GLN A 3560 73.44 3.18 -73.13
N GLY A 3561 74.53 2.55 -72.67
CA GLY A 3561 75.67 3.29 -72.19
C GLY A 3561 76.09 2.93 -70.78
N LYS A 3562 76.05 3.92 -69.88
CA LYS A 3562 76.47 3.74 -68.49
C LYS A 3562 77.91 3.23 -68.40
N VAL A 3563 78.76 3.74 -69.28
CA VAL A 3563 80.16 3.32 -69.29
C VAL A 3563 80.86 3.77 -68.00
N GLU A 3564 80.60 4.99 -67.56
CA GLU A 3564 81.22 5.51 -66.34
C GLU A 3564 80.46 5.11 -65.08
N GLY A 3565 79.25 4.59 -65.21
CA GLY A 3565 78.46 4.21 -64.05
C GLY A 3565 78.75 2.83 -63.48
N SER A 3566 79.56 2.03 -64.16
CA SER A 3566 79.90 0.70 -63.71
C SER A 3566 81.40 0.48 -63.85
N PRO A 3567 82.00 -0.33 -62.98
CA PRO A 3567 83.44 -0.60 -63.10
C PRO A 3567 83.75 -1.75 -64.04
N SER A 3568 82.76 -2.61 -64.29
CA SER A 3568 82.96 -3.78 -65.14
C SER A 3568 82.90 -3.45 -66.63
N LEU A 3569 82.53 -2.23 -67.00
CA LEU A 3569 82.41 -1.84 -68.40
C LEU A 3569 83.64 -1.13 -68.93
N ARG A 3570 84.53 -0.65 -68.07
CA ARG A 3570 85.70 0.09 -68.53
C ARG A 3570 86.62 -0.80 -69.36
N TRP A 3571 87.00 -1.96 -68.81
CA TRP A 3571 87.92 -2.83 -69.52
C TRP A 3571 87.29 -3.45 -70.75
N GLN A 3572 85.96 -3.67 -70.74
CA GLN A 3572 85.30 -4.18 -71.93
C GLN A 3572 85.38 -3.17 -73.07
N MET A 3573 85.11 -1.89 -72.79
CA MET A 3573 85.23 -0.86 -73.82
C MET A 3573 86.68 -0.72 -74.28
N ALA A 3574 87.63 -0.79 -73.33
CA ALA A 3574 89.04 -0.72 -73.72
C ALA A 3574 89.42 -1.87 -74.65
N LEU A 3575 88.95 -3.08 -74.35
CA LEU A 3575 89.21 -4.22 -75.22
C LEU A 3575 88.57 -4.03 -76.58
N TYR A 3576 87.34 -3.52 -76.62
CA TYR A 3576 86.67 -3.32 -77.91
C TYR A 3576 87.41 -2.30 -78.76
N ARG A 3577 87.88 -1.21 -78.16
CA ARG A 3577 88.56 -0.18 -78.93
C ARG A 3577 89.98 -0.56 -79.30
N GLY A 3578 90.66 -1.35 -78.47
CA GLY A 3578 92.09 -1.56 -78.63
C GLY A 3578 92.54 -2.38 -79.83
N LEU A 3579 92.29 -3.68 -79.80
CA LEU A 3579 92.87 -4.57 -80.79
C LEU A 3579 92.18 -4.57 -82.16
N PRO A 3580 90.83 -4.52 -82.28
CA PRO A 3580 90.23 -4.64 -83.61
C PRO A 3580 90.52 -3.44 -84.50
N GLY A 3581 90.01 -3.48 -85.73
CA GLY A 3581 90.21 -2.41 -86.68
C GLY A 3581 89.23 -1.27 -86.47
N ARG A 3582 88.58 -0.84 -87.55
CA ARG A 3582 87.60 0.22 -87.44
C ARG A 3582 86.44 -0.22 -86.57
N GLU A 3583 86.02 0.67 -85.66
CA GLU A 3583 84.94 0.37 -84.72
C GLU A 3583 83.58 0.72 -85.29
N GLU A 3584 83.29 0.18 -86.48
CA GLU A 3584 82.01 0.39 -87.17
C GLU A 3584 81.71 1.89 -87.33
N ASP A 3585 82.75 2.65 -87.67
CA ASP A 3585 82.71 4.10 -87.88
C ASP A 3585 82.37 4.88 -86.61
N ALA A 3586 82.20 4.20 -85.47
CA ALA A 3586 81.94 4.78 -84.15
C ALA A 3586 80.62 5.52 -84.05
N ASP A 3587 79.83 5.61 -85.12
CA ASP A 3587 78.56 6.31 -85.06
C ASP A 3587 77.65 5.75 -86.16
N ASP A 3588 76.71 4.88 -85.78
CA ASP A 3588 75.72 4.34 -86.70
C ASP A 3588 74.49 3.92 -85.93
N PRO A 3589 73.59 4.88 -85.61
CA PRO A 3589 72.30 4.51 -85.02
C PRO A 3589 71.54 3.44 -85.80
N GLU A 3590 71.57 3.51 -87.13
CA GLU A 3590 70.83 2.56 -87.95
C GLU A 3590 71.36 1.14 -87.80
N LYS A 3591 72.69 0.99 -87.73
CA LYS A 3591 73.29 -0.34 -87.61
C LYS A 3591 73.14 -0.92 -86.21
N ILE A 3592 72.94 -0.08 -85.18
CA ILE A 3592 72.86 -0.58 -83.82
C ILE A 3592 71.64 -1.48 -83.65
N VAL A 3593 70.47 -1.03 -84.10
CA VAL A 3593 69.26 -1.83 -83.95
C VAL A 3593 69.36 -3.09 -84.81
N ARG A 3594 69.95 -2.98 -86.01
CA ARG A 3594 70.10 -4.14 -86.88
C ARG A 3594 70.97 -5.21 -86.23
N ARG A 3595 72.08 -4.81 -85.60
CA ARG A 3595 72.97 -5.75 -84.95
C ARG A 3595 72.48 -6.20 -83.58
N VAL A 3596 71.51 -5.49 -82.99
CA VAL A 3596 70.96 -5.91 -81.71
C VAL A 3596 69.79 -6.87 -81.88
N GLN A 3597 68.93 -6.63 -82.88
CA GLN A 3597 67.74 -7.46 -83.05
C GLN A 3597 68.11 -8.91 -83.33
N GLU A 3598 69.08 -9.14 -84.22
CA GLU A 3598 69.45 -10.51 -84.58
C GLU A 3598 70.02 -11.26 -83.39
N VAL A 3599 70.93 -10.63 -82.64
CA VAL A 3599 71.55 -11.32 -81.52
C VAL A 3599 70.53 -11.56 -80.41
N SER A 3600 69.61 -10.61 -80.19
CA SER A 3600 68.58 -10.83 -79.19
C SER A 3600 67.65 -11.97 -79.59
N ALA A 3601 67.27 -12.04 -80.87
CA ALA A 3601 66.42 -13.14 -81.32
C ALA A 3601 67.12 -14.48 -81.18
N VAL A 3602 68.42 -14.54 -81.53
CA VAL A 3602 69.16 -15.79 -81.41
C VAL A 3602 69.28 -16.21 -79.94
N LEU A 3603 69.57 -15.25 -79.05
CA LEU A 3603 69.68 -15.57 -77.64
C LEU A 3603 68.35 -16.04 -77.07
N TYR A 3604 67.25 -15.42 -77.50
CA TYR A 3604 65.93 -15.88 -77.09
C TYR A 3604 65.68 -17.31 -77.55
N HIS A 3605 65.88 -17.57 -78.84
CA HIS A 3605 65.60 -18.90 -79.40
C HIS A 3605 66.50 -19.98 -78.81
N LEU A 3606 67.71 -19.62 -78.37
CA LEU A 3606 68.59 -20.60 -77.74
C LEU A 3606 68.10 -21.05 -76.37
N GLU A 3607 67.28 -20.24 -75.70
CA GLU A 3607 66.86 -20.57 -74.34
C GLU A 3607 65.97 -21.82 -74.32
N GLN A 3608 65.06 -21.95 -75.29
CA GLN A 3608 64.11 -23.06 -75.26
C GLN A 3608 64.79 -24.39 -75.59
N THR A 3609 65.88 -24.36 -76.37
CA THR A 3609 66.55 -25.60 -76.74
C THR A 3609 67.12 -26.31 -75.51
N GLU A 3610 67.73 -25.54 -74.60
CA GLU A 3610 68.25 -26.13 -73.37
C GLU A 3610 67.15 -26.43 -72.36
N HIS A 3611 65.96 -25.85 -72.54
CA HIS A 3611 64.85 -26.09 -71.62
C HIS A 3611 63.74 -26.88 -72.30
N THR A 3639 39.74 -66.99 -69.93
CA THR A 3639 39.08 -66.40 -71.09
C THR A 3639 38.01 -67.33 -71.64
N PRO A 3640 36.82 -66.79 -71.91
CA PRO A 3640 35.75 -67.60 -72.50
C PRO A 3640 36.12 -68.01 -73.91
N LEU A 3641 36.97 -69.02 -74.04
CA LEU A 3641 37.39 -69.47 -75.36
C LEU A 3641 36.22 -69.47 -76.32
N TYR A 3642 36.46 -69.01 -77.55
CA TYR A 3642 35.41 -68.99 -78.55
C TYR A 3642 34.46 -70.16 -78.35
N ASN A 3643 33.19 -69.86 -78.10
CA ASN A 3643 32.19 -70.91 -77.85
C ASN A 3643 32.46 -71.68 -76.58
N LEU A 3644 31.39 -71.95 -75.85
CA LEU A 3644 31.54 -72.68 -74.61
C LEU A 3644 30.42 -73.69 -74.46
N PRO A 3645 30.63 -74.69 -73.60
CA PRO A 3645 29.57 -75.66 -73.28
C PRO A 3645 28.19 -75.00 -73.28
N THR A 3646 27.20 -75.75 -73.76
CA THR A 3646 25.89 -75.16 -74.03
C THR A 3646 25.14 -74.85 -72.74
N HIS A 3647 25.27 -75.72 -71.73
CA HIS A 3647 24.46 -75.56 -70.52
C HIS A 3647 24.87 -74.32 -69.73
N ARG A 3648 26.17 -74.05 -69.62
CA ARG A 3648 26.62 -72.85 -68.92
C ARG A 3648 26.10 -71.60 -69.62
N ALA A 3649 26.19 -71.58 -70.95
CA ALA A 3649 25.69 -70.43 -71.71
C ALA A 3649 24.19 -70.27 -71.54
N CYS A 3650 23.46 -71.38 -71.51
CA CYS A 3650 22.02 -71.32 -71.30
C CYS A 3650 21.70 -70.75 -69.92
N ASN A 3651 22.44 -71.17 -68.89
CA ASN A 3651 22.23 -70.62 -67.56
C ASN A 3651 22.52 -69.12 -67.53
N MET A 3652 23.63 -68.71 -68.18
CA MET A 3652 23.97 -67.29 -68.20
C MET A 3652 22.88 -66.49 -68.90
N PHE A 3653 22.41 -66.97 -70.06
CA PHE A 3653 21.34 -66.28 -70.77
C PHE A 3653 20.04 -66.27 -69.98
N LEU A 3654 19.78 -67.30 -69.18
CA LEU A 3654 18.70 -67.22 -68.22
C LEU A 3654 18.90 -66.05 -67.27
N GLU A 3655 20.10 -65.95 -66.69
CA GLU A 3655 20.41 -64.80 -65.85
C GLU A 3655 20.45 -63.51 -66.67
N SER A 3656 21.08 -63.54 -67.83
CA SER A 3656 21.29 -62.34 -68.64
C SER A 3656 20.07 -61.97 -69.46
N TYR A 3657 18.87 -62.46 -69.12
CA TYR A 3657 17.66 -62.15 -69.87
C TYR A 3657 16.96 -60.92 -69.29
N LYS A 3658 17.74 -59.97 -68.77
CA LYS A 3658 17.20 -58.86 -68.00
C LYS A 3658 16.20 -58.03 -68.80
N ALA A 3659 16.53 -57.73 -70.06
CA ALA A 3659 15.79 -56.71 -70.80
C ALA A 3659 14.31 -57.07 -70.93
N ALA A 3660 14.00 -58.32 -71.25
CA ALA A 3660 12.62 -58.74 -71.45
C ALA A 3660 12.13 -59.69 -70.36
N TRP A 3661 12.60 -59.49 -69.12
CA TRP A 3661 12.04 -60.22 -67.99
C TRP A 3661 10.67 -59.62 -67.63
N ILE A 3662 10.12 -60.09 -66.51
CA ILE A 3662 8.86 -59.55 -65.99
C ILE A 3662 9.01 -58.10 -65.58
N LEU A 3663 10.23 -57.56 -65.57
CA LEU A 3663 10.45 -56.18 -65.16
C LEU A 3663 9.90 -55.24 -66.22
N THR A 3664 8.58 -55.21 -66.35
CA THR A 3664 7.87 -54.41 -67.34
C THR A 3664 6.72 -53.69 -66.67
N GLU A 3665 6.15 -52.72 -67.37
CA GLU A 3665 5.02 -51.94 -66.87
C GLU A 3665 3.76 -52.80 -66.95
N ASP A 3666 3.60 -53.68 -65.97
CA ASP A 3666 2.43 -54.54 -65.93
C ASP A 3666 1.23 -53.83 -65.31
N HIS A 3667 1.33 -53.50 -64.02
CA HIS A 3667 0.26 -52.83 -63.27
C HIS A 3667 -1.11 -53.47 -63.47
N SER A 3668 -1.14 -54.78 -63.78
CA SER A 3668 -2.40 -55.43 -64.11
C SER A 3668 -3.13 -55.97 -62.90
N PHE A 3669 -2.50 -55.99 -61.72
CA PHE A 3669 -3.09 -56.58 -60.54
C PHE A 3669 -3.08 -55.62 -59.37
N GLU A 3670 -3.15 -54.31 -59.66
CA GLU A 3670 -3.09 -53.29 -58.63
C GLU A 3670 -4.40 -52.54 -58.49
N ASP A 3671 -4.94 -52.01 -59.59
CA ASP A 3671 -6.20 -51.28 -59.50
C ASP A 3671 -7.39 -52.23 -59.59
N ARG A 3672 -7.49 -53.00 -60.67
CA ARG A 3672 -8.64 -53.87 -60.87
C ARG A 3672 -8.66 -55.06 -59.91
N MET A 3673 -7.49 -55.57 -59.51
CA MET A 3673 -7.46 -56.67 -58.55
C MET A 3673 -7.98 -56.25 -57.19
N ILE A 3674 -8.09 -54.93 -56.95
CA ILE A 3674 -8.72 -54.47 -55.71
C ILE A 3674 -10.15 -54.04 -55.98
N ASP A 3675 -10.40 -53.48 -57.17
CA ASP A 3675 -11.75 -53.05 -57.51
C ASP A 3675 -12.71 -54.24 -57.53
N ASP A 3676 -12.28 -55.35 -58.12
CA ASP A 3676 -13.13 -56.54 -58.13
C ASP A 3676 -13.25 -57.17 -56.75
N LEU A 3677 -12.27 -56.98 -55.87
CA LEU A 3677 -12.34 -57.51 -54.52
C LEU A 3677 -13.28 -56.72 -53.63
N SER A 3678 -13.35 -55.40 -53.81
CA SER A 3678 -14.19 -54.55 -52.96
C SER A 3678 -15.67 -54.69 -53.25
N LYS A 3679 -16.05 -54.86 -54.51
CA LYS A 3679 -17.47 -54.92 -54.86
C LYS A 3679 -18.00 -56.35 -54.96
N ALA A 3680 -17.14 -57.36 -54.81
CA ALA A 3680 -17.61 -58.74 -54.94
C ALA A 3680 -18.63 -59.09 -53.86
N GLY A 3681 -18.38 -58.67 -52.62
CA GLY A 3681 -19.37 -58.84 -51.57
C GLY A 3681 -20.53 -57.89 -51.67
N GLU A 3682 -20.40 -56.85 -52.50
CA GLU A 3682 -21.48 -55.90 -52.75
C GLU A 3682 -22.36 -56.29 -53.92
N GLN A 3683 -22.44 -57.58 -54.22
CA GLN A 3683 -23.27 -58.04 -55.33
C GLN A 3683 -24.75 -57.80 -55.02
N GLU A 3684 -25.49 -57.33 -56.03
CA GLU A 3684 -26.91 -57.06 -55.83
C GLU A 3684 -27.68 -58.33 -55.50
N GLU A 3685 -27.35 -59.43 -56.19
CA GLU A 3685 -28.01 -60.71 -55.88
C GLU A 3685 -27.65 -61.18 -54.48
N GLU A 3686 -26.49 -60.80 -53.97
CA GLU A 3686 -26.07 -61.15 -52.62
C GLU A 3686 -26.54 -60.11 -51.61
N GLU A 3687 -27.83 -59.79 -51.64
CA GLU A 3687 -28.40 -58.81 -50.72
C GLU A 3687 -29.90 -59.07 -50.63
N GLU A 3688 -30.35 -59.59 -49.49
CA GLU A 3688 -31.79 -59.86 -49.30
C GLU A 3688 -32.10 -59.68 -47.80
N GLU A 3689 -32.54 -58.46 -47.46
CA GLU A 3689 -32.99 -58.13 -46.11
C GLU A 3689 -31.94 -58.51 -45.06
N VAL A 3690 -30.71 -58.09 -45.32
CA VAL A 3690 -29.61 -58.41 -44.41
C VAL A 3690 -29.83 -57.76 -43.05
N GLU A 3691 -30.22 -56.48 -43.04
CA GLU A 3691 -30.43 -55.71 -41.81
C GLU A 3691 -29.18 -55.68 -40.94
N GLU A 3692 -28.01 -55.77 -41.58
CA GLU A 3692 -26.73 -55.74 -40.89
C GLU A 3692 -25.66 -55.42 -41.92
N LYS A 3693 -24.40 -55.51 -41.53
CA LYS A 3693 -23.27 -55.23 -42.42
C LYS A 3693 -22.19 -56.29 -42.19
N LYS A 3694 -22.25 -57.37 -42.94
CA LYS A 3694 -21.19 -58.36 -42.89
C LYS A 3694 -19.93 -57.81 -43.56
N PRO A 3695 -18.76 -58.20 -43.11
CA PRO A 3695 -17.52 -57.63 -43.65
C PRO A 3695 -17.35 -57.93 -45.13
N ASP A 3696 -16.74 -56.98 -45.84
CA ASP A 3696 -16.39 -57.18 -47.23
C ASP A 3696 -15.25 -58.18 -47.34
N PRO A 3697 -15.08 -58.81 -48.51
CA PRO A 3697 -13.95 -59.74 -48.66
C PRO A 3697 -12.61 -59.11 -48.36
N LEU A 3698 -12.39 -57.87 -48.79
CA LEU A 3698 -11.20 -57.14 -48.39
C LEU A 3698 -11.22 -56.84 -46.90
N HIS A 3699 -12.40 -56.50 -46.37
CA HIS A 3699 -12.52 -56.21 -44.95
C HIS A 3699 -12.20 -57.44 -44.11
N GLN A 3700 -12.63 -58.63 -44.55
CA GLN A 3700 -12.31 -59.85 -43.81
C GLN A 3700 -10.80 -60.09 -43.78
N LEU A 3701 -10.12 -59.84 -44.90
CA LEU A 3701 -8.67 -60.07 -44.92
C LEU A 3701 -7.94 -59.08 -44.03
N VAL A 3702 -8.32 -57.81 -44.08
CA VAL A 3702 -7.65 -56.84 -43.20
C VAL A 3702 -7.95 -57.15 -41.75
N LEU A 3703 -9.17 -57.64 -41.46
CA LEU A 3703 -9.47 -58.08 -40.11
C LEU A 3703 -8.64 -59.29 -39.72
N HIS A 3704 -8.37 -60.18 -40.67
CA HIS A 3704 -7.53 -61.35 -40.37
C HIS A 3704 -6.13 -60.92 -39.97
N PHE A 3705 -5.53 -59.98 -40.71
CA PHE A 3705 -4.23 -59.46 -40.30
C PHE A 3705 -4.32 -58.74 -38.95
N SER A 3706 -5.39 -58.00 -38.72
CA SER A 3706 -5.54 -57.33 -37.43
C SER A 3706 -5.57 -58.33 -36.29
N ARG A 3707 -6.32 -59.42 -36.46
CA ARG A 3707 -6.39 -60.44 -35.43
C ARG A 3707 -5.05 -61.14 -35.24
N THR A 3708 -4.34 -61.41 -36.33
CA THR A 3708 -3.01 -61.99 -36.23
C THR A 3708 -2.06 -61.07 -35.48
N ALA A 3709 -2.27 -59.76 -35.59
CA ALA A 3709 -1.40 -58.80 -34.92
C ALA A 3709 -1.45 -58.90 -33.39
N LEU A 3710 -2.51 -59.48 -32.84
CA LEU A 3710 -2.69 -59.47 -31.39
C LEU A 3710 -2.09 -60.67 -30.69
N THR A 3711 -1.55 -61.64 -31.43
CA THR A 3711 -0.90 -62.79 -30.83
C THR A 3711 0.50 -62.38 -30.39
N GLU A 3712 0.67 -62.13 -29.10
CA GLU A 3712 1.94 -61.64 -28.60
C GLU A 3712 3.02 -62.71 -28.71
N LYS A 3713 4.21 -62.29 -29.12
CA LYS A 3713 5.35 -63.19 -29.29
C LYS A 3713 6.62 -62.37 -29.15
N SER A 3714 7.72 -63.07 -28.88
CA SER A 3714 9.01 -62.40 -28.75
C SER A 3714 9.41 -61.73 -30.07
N LYS A 3715 9.36 -62.48 -31.18
CA LYS A 3715 9.70 -61.93 -32.48
C LYS A 3715 8.53 -62.06 -33.44
N LEU A 3716 8.76 -61.76 -34.72
CA LEU A 3716 7.72 -61.84 -35.73
C LEU A 3716 8.27 -62.54 -36.96
N ASP A 3717 7.42 -63.34 -37.61
CA ASP A 3717 7.81 -64.09 -38.78
C ASP A 3717 7.85 -63.17 -40.01
N GLU A 3718 8.42 -63.70 -41.10
CA GLU A 3718 8.54 -62.91 -42.32
C GLU A 3718 7.17 -62.62 -42.93
N ASP A 3719 6.36 -63.65 -43.12
CA ASP A 3719 5.01 -63.53 -43.65
C ASP A 3719 5.01 -62.82 -45.01
N TYR A 3720 5.61 -63.48 -46.00
CA TYR A 3720 5.66 -62.93 -47.34
C TYR A 3720 4.27 -62.58 -47.88
N LEU A 3721 3.26 -63.33 -47.45
CA LEU A 3721 1.89 -63.01 -47.86
C LEU A 3721 1.49 -61.62 -47.37
N TYR A 3722 1.85 -61.28 -46.14
CA TYR A 3722 1.61 -59.92 -45.65
C TYR A 3722 2.39 -58.91 -46.48
N MET A 3723 3.62 -59.25 -46.85
CA MET A 3723 4.42 -58.35 -47.69
C MET A 3723 3.71 -58.02 -48.98
N ALA A 3724 3.25 -59.03 -49.71
CA ALA A 3724 2.65 -58.80 -51.01
C ALA A 3724 1.40 -57.94 -50.91
N TYR A 3725 0.55 -58.23 -49.92
CA TYR A 3725 -0.70 -57.48 -49.81
C TYR A 3725 -0.46 -56.06 -49.32
N ALA A 3726 0.51 -55.84 -48.42
CA ALA A 3726 0.84 -54.47 -48.05
C ALA A 3726 1.37 -53.70 -49.24
N ASP A 3727 2.21 -54.34 -50.06
CA ASP A 3727 2.71 -53.66 -51.25
C ASP A 3727 1.58 -53.32 -52.21
N ILE A 3728 0.63 -54.23 -52.38
CA ILE A 3728 -0.50 -53.95 -53.26
C ILE A 3728 -1.35 -52.82 -52.72
N MET A 3729 -1.57 -52.80 -51.40
CA MET A 3729 -2.33 -51.70 -50.79
C MET A 3729 -1.63 -50.37 -51.03
N ALA A 3730 -0.31 -50.33 -50.88
CA ALA A 3730 0.42 -49.09 -51.12
C ALA A 3730 0.33 -48.68 -52.58
N LYS A 3731 0.55 -49.61 -53.50
CA LYS A 3731 0.53 -49.30 -54.93
C LYS A 3731 -0.86 -48.87 -55.40
N SER A 3732 -1.93 -49.33 -54.75
CA SER A 3732 -3.27 -48.91 -55.14
C SER A 3732 -3.41 -47.39 -55.10
N CYS A 3733 -2.98 -46.77 -53.99
CA CYS A 3733 -3.00 -45.32 -53.91
C CYS A 3733 -1.85 -44.69 -54.68
N HIS A 3734 -0.69 -45.35 -54.72
CA HIS A 3734 0.46 -44.78 -55.41
C HIS A 3734 0.26 -44.66 -56.91
N LEU A 3735 -0.60 -45.48 -57.52
CA LEU A 3735 -0.84 -45.36 -58.95
C LEU A 3735 -1.38 -44.00 -59.32
N GLU A 3736 -2.36 -43.51 -58.56
CA GLU A 3736 -2.85 -42.15 -58.74
C GLU A 3736 -1.92 -41.10 -58.14
N GLU A 3737 -1.26 -41.43 -57.02
CA GLU A 3737 -0.29 -40.50 -56.44
C GLU A 3737 0.92 -40.32 -57.35
N GLY A 3738 1.38 -41.39 -57.98
CA GLY A 3738 2.52 -41.29 -58.88
C GLY A 3738 2.14 -40.60 -60.18
N GLY A 3739 3.08 -39.82 -60.71
CA GLY A 3739 2.85 -39.06 -61.91
C GLY A 3739 2.10 -37.77 -61.74
N GLU A 3740 1.73 -37.41 -60.51
CA GLU A 3740 0.99 -36.19 -60.23
C GLU A 3740 1.81 -35.15 -59.49
N ASN A 3741 3.12 -35.34 -59.40
CA ASN A 3741 3.99 -34.39 -58.72
C ASN A 3741 5.43 -34.52 -59.21
N GLU A 3747 8.45 -28.06 -69.45
CA GLU A 3747 9.17 -27.68 -68.24
C GLU A 3747 8.34 -26.75 -67.37
N GLU A 3748 7.41 -26.03 -68.00
CA GLU A 3748 6.53 -25.10 -67.29
C GLU A 3748 5.13 -25.21 -67.90
N VAL A 3749 4.30 -26.07 -67.31
CA VAL A 3749 2.92 -26.27 -67.74
C VAL A 3749 2.02 -26.03 -66.53
N GLU A 3750 1.03 -25.15 -66.70
CA GLU A 3750 0.13 -24.81 -65.62
C GLU A 3750 -1.13 -25.66 -65.68
N VAL A 3751 -1.78 -25.82 -64.53
CA VAL A 3751 -2.94 -26.68 -64.37
C VAL A 3751 -4.09 -25.84 -63.81
N SER A 3752 -5.27 -25.99 -64.40
CA SER A 3752 -6.43 -25.25 -63.96
C SER A 3752 -6.93 -25.75 -62.61
N PHE A 3753 -7.81 -24.96 -62.00
CA PHE A 3753 -8.40 -25.36 -60.71
C PHE A 3753 -9.22 -26.63 -60.86
N GLU A 3754 -9.97 -26.75 -61.96
CA GLU A 3754 -10.84 -27.91 -62.14
C GLU A 3754 -10.05 -29.20 -62.22
N GLU A 3755 -8.93 -29.20 -62.96
CA GLU A 3755 -8.11 -30.38 -63.08
C GLU A 3755 -7.47 -30.77 -61.75
N LYS A 3756 -6.96 -29.79 -60.99
CA LYS A 3756 -6.41 -30.09 -59.67
C LYS A 3756 -7.47 -30.65 -58.75
N GLU A 3757 -8.68 -30.08 -58.78
CA GLU A 3757 -9.75 -30.56 -57.94
C GLU A 3757 -10.13 -31.99 -58.29
N MET A 3758 -10.25 -32.30 -59.57
CA MET A 3758 -10.66 -33.65 -59.96
C MET A 3758 -9.56 -34.67 -59.65
N GLU A 3759 -8.29 -34.29 -59.85
CA GLU A 3759 -7.21 -35.22 -59.53
C GLU A 3759 -7.06 -35.42 -58.03
N LYS A 3760 -7.39 -34.42 -57.21
CA LYS A 3760 -7.41 -34.62 -55.76
C LYS A 3760 -8.58 -35.50 -55.34
N GLN A 3761 -9.75 -35.30 -55.96
CA GLN A 3761 -10.90 -36.13 -55.66
C GLN A 3761 -10.66 -37.58 -56.03
N ARG A 3762 -9.97 -37.82 -57.15
CA ARG A 3762 -9.64 -39.19 -57.52
C ARG A 3762 -8.76 -39.87 -56.49
N LEU A 3763 -7.81 -39.14 -55.91
CA LEU A 3763 -7.00 -39.73 -54.85
C LEU A 3763 -7.84 -39.99 -53.61
N LEU A 3764 -8.59 -38.98 -53.15
CA LEU A 3764 -9.36 -39.14 -51.93
C LEU A 3764 -10.38 -40.25 -52.03
N TYR A 3765 -10.94 -40.46 -53.23
CA TYR A 3765 -11.80 -41.61 -53.42
C TYR A 3765 -11.03 -42.91 -53.23
N GLN A 3766 -9.78 -42.96 -53.68
CA GLN A 3766 -8.97 -44.16 -53.48
C GLN A 3766 -8.70 -44.42 -52.01
N GLN A 3767 -8.40 -43.41 -51.20
CA GLN A 3767 -8.29 -43.68 -49.77
C GLN A 3767 -9.62 -44.09 -49.16
N SER A 3768 -10.72 -43.46 -49.58
CA SER A 3768 -12.03 -43.88 -49.07
C SER A 3768 -12.32 -45.33 -49.43
N ARG A 3769 -11.76 -45.81 -50.55
CA ARG A 3769 -11.95 -47.19 -50.96
C ARG A 3769 -11.40 -48.15 -49.92
N LEU A 3770 -10.24 -47.83 -49.35
CA LEU A 3770 -9.51 -48.77 -48.50
C LEU A 3770 -10.08 -48.84 -47.09
N HIS A 3771 -11.31 -48.36 -46.88
CA HIS A 3771 -12.02 -48.49 -45.62
C HIS A 3771 -11.17 -47.93 -44.47
N THR A 3772 -10.97 -46.61 -44.55
CA THR A 3772 -10.08 -45.92 -43.62
C THR A 3772 -10.34 -46.28 -42.16
N ARG A 3773 -11.54 -46.79 -41.84
CA ARG A 3773 -11.79 -47.32 -40.51
C ARG A 3773 -10.89 -48.50 -40.19
N GLY A 3774 -10.67 -49.39 -41.16
CA GLY A 3774 -9.94 -50.62 -40.91
C GLY A 3774 -8.44 -50.53 -41.07
N ALA A 3775 -7.98 -49.99 -42.21
CA ALA A 3775 -6.55 -50.02 -42.53
C ALA A 3775 -5.73 -49.23 -41.51
N ALA A 3776 -6.26 -48.10 -41.05
CA ALA A 3776 -5.56 -47.31 -40.06
C ALA A 3776 -5.45 -48.03 -38.72
N GLU A 3777 -6.34 -48.97 -38.46
CA GLU A 3777 -6.32 -49.73 -37.22
C GLU A 3777 -5.39 -50.94 -37.29
N MET A 3778 -4.90 -51.28 -38.47
CA MET A 3778 -3.92 -52.35 -38.64
C MET A 3778 -2.51 -51.81 -38.83
N VAL A 3779 -2.36 -50.74 -39.60
CA VAL A 3779 -1.04 -50.15 -39.80
C VAL A 3779 -0.50 -49.61 -38.48
N LEU A 3780 -1.36 -49.10 -37.62
CA LEU A 3780 -0.90 -48.62 -36.32
C LEU A 3780 -0.45 -49.78 -35.44
N GLN A 3781 -1.18 -50.89 -35.46
CA GLN A 3781 -0.84 -52.01 -34.59
C GLN A 3781 0.39 -52.76 -35.09
N MET A 3782 0.70 -52.66 -36.38
CA MET A 3782 2.00 -53.15 -36.85
C MET A 3782 3.14 -52.45 -36.12
N ILE A 3783 3.00 -51.14 -35.86
CA ILE A 3783 4.07 -50.40 -35.21
C ILE A 3783 4.28 -50.89 -33.79
N SER A 3784 3.19 -51.14 -33.06
CA SER A 3784 3.29 -51.63 -31.69
C SER A 3784 3.83 -53.06 -31.62
N ALA A 3785 3.96 -53.73 -32.77
CA ALA A 3785 4.57 -55.06 -32.83
C ALA A 3785 6.08 -54.92 -32.77
N CYS A 3786 6.79 -55.98 -33.15
CA CYS A 3786 8.26 -56.03 -33.11
C CYS A 3786 8.86 -54.69 -33.50
N LYS A 3787 9.74 -54.19 -32.64
CA LYS A 3787 10.16 -52.80 -32.70
C LYS A 3787 11.68 -52.65 -32.75
N GLY A 3788 12.39 -53.48 -32.00
CA GLY A 3788 13.83 -53.31 -31.90
C GLY A 3788 14.53 -53.50 -33.23
N GLU A 3789 14.17 -54.54 -33.97
CA GLU A 3789 14.86 -54.87 -35.21
C GLU A 3789 14.35 -53.98 -36.35
N THR A 3790 15.20 -53.82 -37.36
CA THR A 3790 14.82 -53.11 -38.57
C THR A 3790 14.36 -54.10 -39.64
N GLY A 3791 13.36 -54.89 -39.26
CA GLY A 3791 12.84 -55.91 -40.16
C GLY A 3791 12.08 -55.32 -41.32
N ALA A 3792 11.85 -56.16 -42.33
CA ALA A 3792 11.11 -55.73 -43.50
C ALA A 3792 9.65 -55.43 -43.20
N MET A 3793 9.12 -55.90 -42.07
CA MET A 3793 7.77 -55.55 -41.67
C MET A 3793 7.62 -54.05 -41.54
N VAL A 3794 8.56 -53.40 -40.84
CA VAL A 3794 8.47 -51.96 -40.64
C VAL A 3794 8.58 -51.23 -41.97
N SER A 3795 9.50 -51.68 -42.83
CA SER A 3795 9.68 -51.06 -44.13
C SER A 3795 8.42 -51.16 -45.00
N SER A 3796 7.76 -52.31 -45.00
CA SER A 3796 6.56 -52.49 -45.80
C SER A 3796 5.32 -51.93 -45.12
N THR A 3797 5.41 -51.58 -43.84
CA THR A 3797 4.30 -50.96 -43.13
C THR A 3797 4.29 -49.45 -43.25
N LEU A 3798 5.44 -48.80 -43.11
CA LEU A 3798 5.48 -47.35 -43.25
C LEU A 3798 5.15 -46.90 -44.66
N LYS A 3799 5.48 -47.73 -45.66
CA LYS A 3799 5.09 -47.38 -47.02
C LYS A 3799 3.58 -47.33 -47.18
N LEU A 3800 2.87 -48.31 -46.64
CA LEU A 3800 1.41 -48.26 -46.66
C LEU A 3800 0.90 -47.07 -45.85
N GLY A 3801 1.52 -46.82 -44.69
CA GLY A 3801 1.07 -45.71 -43.87
C GLY A 3801 1.17 -44.36 -44.57
N ILE A 3802 2.29 -44.13 -45.28
CA ILE A 3802 2.43 -42.88 -46.00
C ILE A 3802 1.53 -42.86 -47.24
N SER A 3803 1.32 -44.02 -47.86
CA SER A 3803 0.43 -44.07 -49.02
C SER A 3803 -1.01 -43.78 -48.64
N ILE A 3804 -1.41 -44.04 -47.40
CA ILE A 3804 -2.77 -43.76 -46.95
C ILE A 3804 -2.94 -42.26 -46.80
N LEU A 3805 -2.15 -41.65 -45.93
CA LEU A 3805 -2.30 -40.24 -45.57
C LEU A 3805 -1.33 -39.35 -46.31
N ASN A 3806 -1.06 -39.68 -47.58
CA ASN A 3806 -0.14 -38.91 -48.41
C ASN A 3806 -0.56 -37.44 -48.49
N GLY A 3807 -1.70 -37.17 -49.11
CA GLY A 3807 -2.12 -35.80 -49.32
C GLY A 3807 -3.00 -35.24 -48.22
N GLY A 3808 -2.46 -35.14 -47.01
CA GLY A 3808 -3.24 -34.58 -45.93
C GLY A 3808 -4.09 -35.62 -45.23
N ASN A 3809 -5.38 -35.68 -45.61
CA ASN A 3809 -6.32 -36.67 -45.08
C ASN A 3809 -6.43 -36.57 -43.57
N ALA A 3810 -6.96 -35.43 -43.13
CA ALA A 3810 -7.19 -35.22 -41.69
C ALA A 3810 -8.15 -36.24 -41.12
N GLU A 3811 -8.94 -36.90 -41.97
CA GLU A 3811 -9.88 -37.90 -41.49
C GLU A 3811 -9.15 -39.07 -40.82
N VAL A 3812 -8.16 -39.64 -41.50
CA VAL A 3812 -7.43 -40.77 -40.93
C VAL A 3812 -6.60 -40.31 -39.74
N GLN A 3813 -6.12 -39.07 -39.76
CA GLN A 3813 -5.44 -38.53 -38.59
C GLN A 3813 -6.36 -38.52 -37.39
N GLN A 3814 -7.63 -38.15 -37.59
CA GLN A 3814 -8.59 -38.16 -36.50
C GLN A 3814 -8.76 -39.57 -35.93
N LYS A 3815 -8.90 -40.57 -36.82
CA LYS A 3815 -9.08 -41.94 -36.36
C LYS A 3815 -7.87 -42.43 -35.58
N MET A 3816 -6.67 -42.18 -36.09
CA MET A 3816 -5.47 -42.65 -35.41
C MET A 3816 -5.30 -41.97 -34.06
N LEU A 3817 -5.52 -40.65 -34.01
CA LEU A 3817 -5.38 -39.95 -32.73
C LEU A 3817 -6.40 -40.43 -31.72
N ASP A 3818 -7.65 -40.64 -32.16
CA ASP A 3818 -8.66 -41.15 -31.25
C ASP A 3818 -8.33 -42.55 -30.76
N TYR A 3819 -7.83 -43.41 -31.64
CA TYR A 3819 -7.46 -44.76 -31.24
C TYR A 3819 -6.34 -44.74 -30.21
N LEU A 3820 -5.32 -43.91 -30.43
CA LEU A 3820 -4.23 -43.83 -29.47
C LEU A 3820 -4.70 -43.27 -28.13
N LYS A 3821 -5.54 -42.22 -28.17
CA LYS A 3821 -6.02 -41.64 -26.92
C LYS A 3821 -7.03 -42.52 -26.20
N ASP A 3822 -7.64 -43.49 -26.89
CA ASP A 3822 -8.59 -44.38 -26.25
C ASP A 3822 -7.92 -45.64 -25.71
N LYS A 3823 -7.07 -46.27 -26.52
CA LYS A 3823 -6.44 -47.52 -26.11
C LYS A 3823 -5.54 -47.30 -24.89
N LYS A 3824 -4.80 -46.18 -24.86
CA LYS A 3824 -4.05 -45.74 -23.68
C LYS A 3824 -3.01 -46.77 -23.25
N GLU A 3825 -2.01 -46.99 -24.09
CA GLU A 3825 -0.87 -47.81 -23.71
C GLU A 3825 0.39 -47.28 -24.38
N VAL A 3826 1.53 -47.60 -23.76
CA VAL A 3826 2.85 -47.38 -24.37
C VAL A 3826 3.12 -48.55 -25.31
N GLY A 3827 4.17 -48.43 -26.11
CA GLY A 3827 4.50 -49.43 -27.10
C GLY A 3827 4.57 -48.89 -28.51
N PHE A 3828 4.28 -47.61 -28.70
CA PHE A 3828 4.35 -46.96 -30.00
C PHE A 3828 5.46 -45.91 -30.05
N PHE A 3829 5.44 -44.96 -29.13
CA PHE A 3829 6.49 -43.94 -29.09
C PHE A 3829 7.84 -44.55 -28.73
N GLN A 3830 7.86 -45.45 -27.74
CA GLN A 3830 9.10 -46.13 -27.40
C GLN A 3830 9.57 -47.02 -28.55
N SER A 3831 8.64 -47.53 -29.34
CA SER A 3831 9.02 -48.33 -30.51
C SER A 3831 9.68 -47.46 -31.56
N ILE A 3832 9.06 -46.33 -31.89
CA ILE A 3832 9.60 -45.49 -32.95
C ILE A 3832 10.91 -44.84 -32.52
N GLN A 3833 11.04 -44.47 -31.25
CA GLN A 3833 12.31 -43.92 -30.80
C GLN A 3833 13.42 -44.97 -30.83
N ALA A 3834 13.09 -46.21 -30.47
CA ALA A 3834 14.07 -47.28 -30.61
C ALA A 3834 14.47 -47.47 -32.06
N LEU A 3835 13.49 -47.36 -32.97
CA LEU A 3835 13.80 -47.48 -34.39
C LEU A 3835 14.73 -46.36 -34.85
N MET A 3836 14.42 -45.12 -34.49
CA MET A 3836 15.19 -44.00 -35.05
C MET A 3836 16.56 -43.87 -34.38
N GLN A 3837 16.71 -44.41 -33.17
CA GLN A 3837 18.05 -44.51 -32.59
C GLN A 3837 18.96 -45.38 -33.45
N THR A 3838 18.39 -46.38 -34.12
CA THR A 3838 19.15 -47.21 -35.05
C THR A 3838 19.11 -46.58 -36.46
N CYS A 3839 19.87 -45.51 -36.60
CA CYS A 3839 19.99 -44.80 -37.87
C CYS A 3839 21.44 -44.37 -38.04
N SER A 3840 22.09 -44.89 -39.08
CA SER A 3840 23.50 -44.64 -39.30
C SER A 3840 23.73 -43.24 -39.88
N VAL A 3841 24.99 -42.84 -39.89
CA VAL A 3841 25.44 -41.59 -40.46
C VAL A 3841 26.61 -41.88 -41.39
N LEU A 3842 27.20 -40.82 -41.93
CA LEU A 3842 28.39 -40.98 -42.75
C LEU A 3842 29.55 -41.49 -41.90
N ASP A 3843 30.19 -42.57 -42.35
CA ASP A 3843 31.33 -43.15 -41.65
C ASP A 3843 32.59 -42.89 -42.46
N LEU A 3844 33.56 -42.22 -41.83
CA LEU A 3844 34.86 -42.04 -42.46
C LEU A 3844 35.58 -43.39 -42.61
N ASN A 3845 35.43 -44.27 -41.62
CA ASN A 3845 36.08 -45.56 -41.69
C ASN A 3845 35.53 -46.39 -42.84
N ALA A 3846 34.20 -46.48 -42.95
CA ALA A 3846 33.59 -47.20 -44.07
C ALA A 3846 33.91 -46.49 -45.38
N PHE A 3847 34.02 -45.16 -45.34
CA PHE A 3847 34.45 -44.42 -46.52
C PHE A 3847 35.80 -44.91 -47.02
N GLU A 3848 36.76 -45.03 -46.10
CA GLU A 3848 38.08 -45.52 -46.47
C GLU A 3848 38.04 -46.98 -46.90
N ARG A 3849 37.19 -47.78 -46.25
CA ARG A 3849 37.06 -49.18 -46.64
C ARG A 3849 36.58 -49.31 -48.07
N GLN A 3850 35.56 -48.55 -48.45
CA GLN A 3850 35.06 -48.65 -49.81
C GLN A 3850 36.04 -48.02 -50.79
N ASN A 3851 36.81 -47.02 -50.36
CA ASN A 3851 37.85 -46.49 -51.25
C ASN A 3851 38.92 -47.54 -51.54
N LYS A 3852 39.41 -48.22 -50.51
CA LYS A 3852 40.42 -49.24 -50.74
C LYS A 3852 39.85 -50.44 -51.48
N ALA A 3853 38.55 -50.69 -51.34
CA ALA A 3853 37.92 -51.74 -52.13
C ALA A 3853 37.83 -51.34 -53.60
N GLU A 3854 37.41 -50.11 -53.89
CA GLU A 3854 37.37 -49.63 -55.27
C GLU A 3854 38.76 -49.55 -55.88
N GLY A 3855 39.79 -49.37 -55.05
CA GLY A 3855 41.16 -49.47 -55.55
C GLY A 3855 41.57 -50.86 -55.97
N LEU A 3856 40.73 -51.86 -55.68
CA LEU A 3856 40.96 -53.24 -56.09
C LEU A 3856 40.06 -53.66 -57.24
N GLY A 3857 39.82 -52.75 -58.19
CA GLY A 3857 38.92 -52.99 -59.30
C GLY A 3857 39.47 -53.82 -60.44
N MET A 3858 40.60 -54.49 -60.24
CA MET A 3858 41.23 -55.29 -61.28
C MET A 3858 40.80 -56.76 -61.23
N VAL A 3859 39.58 -57.03 -60.80
CA VAL A 3859 39.06 -58.40 -60.70
C VAL A 3859 38.94 -58.99 -62.10
N ASN A 3860 38.80 -60.32 -62.18
CA ASN A 3860 38.72 -61.02 -63.45
C ASN A 3860 37.39 -60.70 -64.15
N GLY A 3863 33.59 -60.38 -62.75
CA GLY A 3863 33.83 -60.34 -61.32
C GLY A 3863 34.15 -58.95 -60.82
N THR A 3864 34.14 -57.97 -61.74
CA THR A 3864 34.40 -56.58 -61.39
C THR A 3864 33.14 -55.83 -60.97
N VAL A 3865 31.98 -56.47 -61.04
CA VAL A 3865 30.72 -55.84 -60.66
C VAL A 3865 30.15 -56.47 -59.40
N ILE A 3866 30.99 -57.13 -58.61
CA ILE A 3866 30.52 -57.72 -57.36
C ILE A 3866 30.07 -56.64 -56.39
N ASN A 3867 30.84 -55.56 -56.30
CA ASN A 3867 30.51 -54.42 -55.46
C ASN A 3867 30.62 -53.12 -56.26
N ARG A 3868 30.12 -53.16 -57.50
CA ARG A 3868 30.19 -51.98 -58.36
C ARG A 3868 29.38 -50.81 -57.78
N GLN A 3869 28.16 -51.11 -57.32
CA GLN A 3869 27.34 -50.06 -56.71
C GLN A 3869 27.72 -49.84 -55.25
N ASN A 3870 27.54 -50.88 -54.42
CA ASN A 3870 27.89 -50.84 -53.00
C ASN A 3870 27.21 -49.67 -52.29
N GLY A 3871 25.98 -49.37 -52.68
CA GLY A 3871 25.26 -48.27 -52.06
C GLY A 3871 24.85 -48.54 -50.63
N GLU A 3872 24.70 -49.81 -50.25
CA GLU A 3872 24.37 -50.19 -48.88
C GLU A 3872 25.61 -50.51 -48.06
N LYS A 3873 26.74 -49.92 -48.40
CA LYS A 3873 28.00 -50.16 -47.72
C LYS A 3873 28.33 -49.10 -46.68
N VAL A 3874 27.93 -47.86 -46.91
CA VAL A 3874 28.20 -46.78 -45.95
C VAL A 3874 26.93 -46.38 -45.21
N MET A 3875 25.83 -46.19 -45.93
CA MET A 3875 24.57 -45.75 -45.34
C MET A 3875 23.60 -46.90 -45.10
N ALA A 3876 23.22 -47.62 -46.17
CA ALA A 3876 22.32 -48.78 -46.09
C ALA A 3876 21.02 -48.46 -45.35
N ASP A 3877 20.68 -47.19 -45.21
CA ASP A 3877 19.51 -46.78 -44.45
C ASP A 3877 18.67 -45.71 -45.11
N ASP A 3878 19.11 -45.14 -46.24
CA ASP A 3878 18.42 -43.98 -46.81
C ASP A 3878 16.96 -44.28 -47.10
N GLU A 3879 16.68 -45.37 -47.83
CA GLU A 3879 15.31 -45.72 -48.18
C GLU A 3879 14.44 -45.97 -46.98
N PHE A 3880 15.04 -46.22 -45.82
CA PHE A 3880 14.28 -46.40 -44.58
C PHE A 3880 14.31 -45.14 -43.72
N THR A 3881 15.47 -44.49 -43.59
CA THR A 3881 15.56 -43.34 -42.69
C THR A 3881 14.79 -42.14 -43.23
N GLN A 3882 14.80 -41.92 -44.55
CA GLN A 3882 14.00 -40.83 -45.09
C GLN A 3882 12.52 -41.12 -44.94
N ASP A 3883 12.13 -42.38 -45.14
CA ASP A 3883 10.72 -42.76 -45.02
C ASP A 3883 10.23 -42.62 -43.60
N LEU A 3884 11.07 -42.94 -42.61
CA LEU A 3884 10.64 -42.87 -41.22
C LEU A 3884 10.26 -41.45 -40.83
N PHE A 3885 11.04 -40.46 -41.26
CA PHE A 3885 10.70 -39.08 -40.96
C PHE A 3885 9.65 -38.52 -41.91
N ARG A 3886 9.54 -39.05 -43.12
CA ARG A 3886 8.44 -38.65 -44.00
C ARG A 3886 7.10 -39.02 -43.38
N PHE A 3887 7.03 -40.20 -42.77
CA PHE A 3887 5.80 -40.61 -42.10
C PHE A 3887 5.43 -39.63 -40.99
N LEU A 3888 6.40 -39.25 -40.17
CA LEU A 3888 6.13 -38.29 -39.10
C LEU A 3888 5.71 -36.94 -39.66
N GLN A 3889 6.37 -36.50 -40.73
CA GLN A 3889 6.00 -35.23 -41.35
C GLN A 3889 4.55 -35.24 -41.82
N LEU A 3890 4.15 -36.32 -42.50
CA LEU A 3890 2.80 -36.39 -43.03
C LEU A 3890 1.76 -36.70 -41.97
N LEU A 3891 2.16 -37.19 -40.79
CA LEU A 3891 1.19 -37.37 -39.71
C LEU A 3891 0.55 -36.05 -39.31
N CYS A 3892 1.33 -34.99 -39.22
CA CYS A 3892 0.83 -33.70 -38.77
C CYS A 3892 1.06 -32.63 -39.83
N GLU A 3893 0.82 -32.97 -41.10
CA GLU A 3893 0.89 -31.96 -42.15
C GLU A 3893 -0.21 -30.93 -41.98
N GLY A 3894 -1.45 -31.39 -41.82
CA GLY A 3894 -2.52 -30.50 -41.41
C GLY A 3894 -2.23 -29.97 -40.03
N HIS A 3895 -2.34 -28.65 -39.84
CA HIS A 3895 -1.98 -28.03 -38.57
C HIS A 3895 -3.07 -28.36 -37.56
N ASN A 3896 -2.99 -29.58 -37.03
CA ASN A 3896 -4.02 -30.08 -36.12
C ASN A 3896 -3.99 -29.34 -34.79
N ASN A 3897 -2.82 -28.84 -34.38
CA ASN A 3897 -2.61 -28.01 -33.20
C ASN A 3897 -2.87 -28.76 -31.90
N ASP A 3898 -3.25 -30.02 -31.95
CA ASP A 3898 -3.38 -30.87 -30.77
C ASP A 3898 -2.63 -32.18 -30.93
N PHE A 3899 -2.51 -32.68 -32.16
CA PHE A 3899 -1.69 -33.86 -32.40
C PHE A 3899 -0.25 -33.61 -32.02
N GLN A 3900 0.27 -32.41 -32.31
CA GLN A 3900 1.60 -32.05 -31.86
C GLN A 3900 1.69 -32.05 -30.34
N ASN A 3901 0.64 -31.56 -29.67
CA ASN A 3901 0.60 -31.65 -28.21
C ASN A 3901 0.55 -33.10 -27.74
N TYR A 3902 -0.02 -34.01 -28.52
CA TYR A 3902 0.03 -35.42 -28.19
C TYR A 3902 1.42 -36.01 -28.39
N LEU A 3903 2.17 -35.50 -29.37
CA LEU A 3903 3.56 -35.93 -29.52
C LEU A 3903 4.46 -35.41 -28.41
N ARG A 3904 4.23 -34.17 -27.96
CA ARG A 3904 5.07 -33.62 -26.89
C ARG A 3904 4.89 -34.38 -25.59
N THR A 3905 3.66 -34.75 -25.27
CA THR A 3905 3.38 -35.47 -24.03
C THR A 3905 2.16 -36.37 -24.24
N GLN A 3906 2.09 -37.41 -23.42
CA GLN A 3906 1.00 -38.39 -23.47
C GLN A 3906 0.32 -38.40 -22.11
N THR A 3907 -0.65 -37.52 -21.92
CA THR A 3907 -1.35 -37.44 -20.64
C THR A 3907 -2.14 -38.70 -20.35
N GLY A 3908 -2.79 -39.28 -21.36
CA GLY A 3908 -3.52 -40.52 -21.14
C GLY A 3908 -2.60 -41.67 -20.77
N ASN A 3909 -1.44 -41.75 -21.41
CA ASN A 3909 -0.47 -42.78 -21.08
C ASN A 3909 0.16 -42.49 -19.72
N THR A 3910 0.74 -43.53 -19.12
CA THR A 3910 1.34 -43.40 -17.80
C THR A 3910 2.74 -42.82 -17.84
N THR A 3911 3.37 -42.72 -19.01
CA THR A 3911 4.72 -42.20 -19.14
C THR A 3911 4.76 -41.13 -20.23
N THR A 3912 5.93 -40.51 -20.35
CA THR A 3912 6.17 -39.47 -21.36
C THR A 3912 7.44 -39.81 -22.12
N ILE A 3913 7.41 -39.60 -23.44
CA ILE A 3913 8.49 -39.98 -24.31
C ILE A 3913 9.16 -38.76 -24.95
N ASN A 3914 8.39 -37.75 -25.33
CA ASN A 3914 8.90 -36.50 -25.89
C ASN A 3914 9.72 -36.77 -27.17
N ILE A 3915 9.00 -37.23 -28.19
CA ILE A 3915 9.61 -37.59 -29.46
C ILE A 3915 10.33 -36.40 -30.07
N ILE A 3916 9.87 -35.18 -29.79
CA ILE A 3916 10.45 -33.99 -30.42
C ILE A 3916 11.93 -33.88 -30.07
N ILE A 3917 12.26 -34.06 -28.79
CA ILE A 3917 13.64 -33.88 -28.34
C ILE A 3917 14.56 -34.91 -28.98
N CYS A 3918 14.12 -36.17 -29.02
CA CYS A 3918 14.98 -37.21 -29.60
C CYS A 3918 15.12 -37.03 -31.11
N THR A 3919 14.06 -36.57 -31.78
CA THR A 3919 14.18 -36.27 -33.20
C THR A 3919 15.19 -35.17 -33.44
N VAL A 3920 15.18 -34.14 -32.59
CA VAL A 3920 16.21 -33.09 -32.66
C VAL A 3920 17.58 -33.69 -32.39
N ASP A 3921 17.66 -34.63 -31.46
CA ASP A 3921 18.92 -35.24 -31.09
C ASP A 3921 19.52 -36.03 -32.24
N TYR A 3922 18.68 -36.64 -33.07
CA TYR A 3922 19.20 -37.32 -34.25
C TYR A 3922 19.85 -36.35 -35.22
N LEU A 3923 19.22 -35.19 -35.44
CA LEU A 3923 19.85 -34.14 -36.24
C LEU A 3923 21.17 -33.71 -35.61
N LEU A 3924 21.18 -33.56 -34.29
CA LEU A 3924 22.43 -33.24 -33.60
C LEU A 3924 23.51 -34.26 -33.92
N ARG A 3925 23.19 -35.55 -33.77
CA ARG A 3925 24.16 -36.61 -34.00
C ARG A 3925 24.69 -36.64 -35.43
N LEU A 3926 23.82 -36.45 -36.42
CA LEU A 3926 24.31 -36.40 -37.80
C LEU A 3926 25.07 -35.11 -38.09
N GLN A 3927 24.87 -34.07 -37.28
CA GLN A 3927 25.57 -32.81 -37.52
C GLN A 3927 27.08 -32.96 -37.45
N GLU A 3928 27.59 -33.57 -36.37
CA GLU A 3928 29.04 -33.71 -36.29
C GLU A 3928 29.54 -34.74 -37.28
N SER A 3929 28.70 -35.69 -37.69
CA SER A 3929 29.11 -36.59 -38.77
C SER A 3929 29.39 -35.82 -40.04
N ILE A 3930 28.48 -34.93 -40.42
CA ILE A 3930 28.70 -34.10 -41.60
C ILE A 3930 29.90 -33.19 -41.38
N SER A 3931 30.04 -32.63 -40.18
CA SER A 3931 31.14 -31.71 -39.89
C SER A 3931 32.49 -32.41 -40.01
N ASP A 3932 32.58 -33.64 -39.50
CA ASP A 3932 33.83 -34.39 -39.59
C ASP A 3932 34.08 -34.86 -41.01
N PHE A 3933 33.04 -35.17 -41.78
CA PHE A 3933 33.26 -35.46 -43.19
C PHE A 3933 33.83 -34.26 -43.92
N TYR A 3934 33.35 -33.05 -43.58
CA TYR A 3934 33.97 -31.85 -44.11
C TYR A 3934 35.42 -31.72 -43.66
N TRP A 3935 35.66 -31.90 -42.36
CA TRP A 3935 36.99 -31.72 -41.80
C TRP A 3935 38.00 -32.69 -42.39
N TYR A 3936 37.56 -33.87 -42.81
CA TYR A 3936 38.43 -34.77 -43.54
C TYR A 3936 38.85 -34.16 -44.87
N TYR A 3937 37.91 -33.57 -45.60
CA TYR A 3937 38.20 -32.99 -46.91
C TYR A 3937 38.80 -31.59 -46.83
N SER A 3938 39.30 -31.19 -45.66
CA SER A 3938 39.96 -29.89 -45.55
C SER A 3938 41.27 -29.84 -46.34
N GLY A 3939 41.81 -30.98 -46.73
CA GLY A 3939 43.07 -31.02 -47.44
C GLY A 3939 42.98 -30.58 -48.89
N LYS A 3940 42.26 -31.34 -49.71
CA LYS A 3940 42.16 -31.04 -51.13
C LYS A 3940 40.84 -30.35 -51.45
N ASP A 3941 40.83 -29.64 -52.57
CA ASP A 3941 39.64 -28.92 -53.03
C ASP A 3941 38.75 -29.77 -53.93
N VAL A 3942 39.31 -30.74 -54.63
CA VAL A 3942 38.53 -31.58 -55.53
C VAL A 3942 37.81 -32.66 -54.74
N ILE A 3943 36.57 -32.93 -55.12
CA ILE A 3943 35.75 -33.97 -54.49
C ILE A 3943 35.44 -35.03 -55.53
N GLU A 3944 35.66 -36.29 -55.17
CA GLU A 3944 35.50 -37.38 -56.12
C GLU A 3944 34.03 -37.57 -56.49
N GLU A 3945 33.82 -38.24 -57.63
CA GLU A 3945 32.47 -38.55 -58.06
C GLU A 3945 31.75 -39.43 -57.04
N GLN A 3946 32.47 -40.41 -56.48
CA GLN A 3946 31.87 -41.23 -55.43
C GLN A 3946 31.60 -40.41 -54.18
N GLY A 3947 32.46 -39.42 -53.89
CA GLY A 3947 32.20 -38.55 -52.77
C GLY A 3947 30.90 -37.77 -52.93
N LYS A 3948 30.68 -37.21 -54.12
CA LYS A 3948 29.41 -36.54 -54.39
C LYS A 3948 28.25 -37.52 -54.35
N ARG A 3949 28.46 -38.74 -54.85
CA ARG A 3949 27.42 -39.75 -54.85
C ARG A 3949 26.96 -40.07 -53.43
N ASN A 3950 27.90 -40.22 -52.51
CA ASN A 3950 27.60 -40.54 -51.13
C ASN A 3950 27.22 -39.30 -50.31
N PHE A 3951 27.51 -38.10 -50.79
CA PHE A 3951 27.14 -36.89 -50.09
C PHE A 3951 25.75 -36.39 -50.47
N SER A 3952 25.31 -36.67 -51.70
CA SER A 3952 23.95 -36.36 -52.09
C SER A 3952 22.96 -37.16 -51.26
N LYS A 3953 23.27 -38.42 -50.97
CA LYS A 3953 22.43 -39.22 -50.10
C LYS A 3953 22.36 -38.61 -48.71
N ALA A 3954 23.50 -38.13 -48.21
CA ALA A 3954 23.52 -37.52 -46.89
C ALA A 3954 22.69 -36.24 -46.84
N MET A 3955 22.77 -35.41 -47.89
CA MET A 3955 22.04 -34.15 -47.86
C MET A 3955 20.56 -34.33 -48.12
N SER A 3956 20.16 -35.33 -48.91
CA SER A 3956 18.75 -35.55 -49.18
C SER A 3956 18.00 -35.94 -47.91
N VAL A 3957 18.57 -36.84 -47.12
CA VAL A 3957 17.91 -37.23 -45.87
C VAL A 3957 17.92 -36.07 -44.87
N ALA A 3958 18.96 -35.23 -44.91
CA ALA A 3958 18.95 -34.03 -44.08
C ALA A 3958 17.79 -33.12 -44.46
N LYS A 3959 17.56 -32.95 -45.77
CA LYS A 3959 16.42 -32.16 -46.22
C LYS A 3959 15.10 -32.78 -45.78
N GLN A 3960 15.01 -34.11 -45.85
CA GLN A 3960 13.80 -34.79 -45.41
C GLN A 3960 13.56 -34.56 -43.91
N VAL A 3961 14.61 -34.64 -43.11
CA VAL A 3961 14.51 -34.36 -41.69
C VAL A 3961 14.06 -32.93 -41.46
N PHE A 3962 14.59 -32.00 -42.26
CA PHE A 3962 14.19 -30.60 -42.13
C PHE A 3962 12.71 -30.44 -42.42
N ASN A 3963 12.23 -31.08 -43.47
CA ASN A 3963 10.81 -31.00 -43.83
C ASN A 3963 9.96 -31.60 -42.72
N SER A 3964 10.41 -32.71 -42.14
CA SER A 3964 9.68 -33.30 -41.03
C SER A 3964 9.63 -32.36 -39.83
N LEU A 3965 10.73 -31.68 -39.55
CA LEU A 3965 10.78 -30.74 -38.44
C LEU A 3965 9.91 -29.51 -38.69
N THR A 3966 9.64 -29.19 -39.95
CA THR A 3966 8.83 -28.00 -40.25
C THR A 3966 7.48 -28.04 -39.53
N GLU A 3967 6.78 -29.17 -39.63
CA GLU A 3967 5.38 -29.22 -39.22
C GLU A 3967 5.17 -29.03 -37.73
N TYR A 3968 6.20 -29.21 -36.90
CA TYR A 3968 6.00 -29.19 -35.47
C TYR A 3968 5.82 -27.79 -34.91
N ILE A 3969 6.10 -26.75 -35.70
CA ILE A 3969 6.05 -25.38 -35.17
C ILE A 3969 4.95 -24.57 -35.86
N GLN A 3970 4.64 -24.92 -37.11
CA GLN A 3970 3.56 -24.24 -37.82
C GLN A 3970 2.23 -24.53 -37.13
N GLY A 3971 1.29 -23.59 -37.26
CA GLY A 3971 0.08 -23.67 -36.47
C GLY A 3971 0.41 -23.36 -35.03
N PRO A 3972 0.70 -22.08 -34.75
CA PRO A 3972 1.54 -21.74 -33.59
C PRO A 3972 1.12 -22.38 -32.28
N CYS A 3973 1.97 -23.27 -31.77
CA CYS A 3973 1.81 -23.88 -30.46
C CYS A 3973 2.95 -23.37 -29.59
N THR A 3974 2.60 -22.69 -28.50
CA THR A 3974 3.62 -22.09 -27.65
C THR A 3974 4.51 -23.14 -26.99
N GLY A 3975 3.92 -24.27 -26.57
CA GLY A 3975 4.70 -25.28 -25.89
C GLY A 3975 5.81 -25.86 -26.74
N ASN A 3976 5.48 -26.23 -27.99
CA ASN A 3976 6.50 -26.81 -28.86
C ASN A 3976 7.59 -25.81 -29.20
N GLN A 3977 7.22 -24.56 -29.50
CA GLN A 3977 8.23 -23.55 -29.80
C GLN A 3977 9.13 -23.29 -28.60
N GLN A 3978 8.54 -23.23 -27.40
CA GLN A 3978 9.35 -23.06 -26.19
C GLN A 3978 10.27 -24.24 -25.97
N SER A 3979 9.79 -25.45 -26.22
CA SER A 3979 10.63 -26.64 -26.06
C SER A 3979 11.80 -26.61 -27.03
N LEU A 3980 11.55 -26.22 -28.29
CA LEU A 3980 12.64 -26.11 -29.24
C LEU A 3980 13.63 -25.03 -28.84
N ALA A 3981 13.13 -23.90 -28.33
CA ALA A 3981 14.03 -22.82 -27.92
C ALA A 3981 14.90 -23.25 -26.75
N HIS A 3982 14.31 -23.88 -25.73
CA HIS A 3982 15.06 -24.33 -24.57
C HIS A 3982 15.86 -25.60 -24.86
N SER A 3983 15.66 -26.23 -26.00
CA SER A 3983 16.42 -27.41 -26.37
C SER A 3983 17.82 -27.01 -26.83
N ARG A 3984 18.71 -27.99 -26.86
CA ARG A 3984 20.07 -27.78 -27.35
C ARG A 3984 20.14 -27.90 -28.87
N LEU A 3985 19.38 -27.04 -29.55
CA LEU A 3985 19.36 -26.97 -31.00
C LEU A 3985 20.15 -25.77 -31.54
N TRP A 3986 20.25 -24.70 -30.76
CA TRP A 3986 20.95 -23.50 -31.22
C TRP A 3986 22.41 -23.80 -31.50
N ASP A 3987 23.04 -24.62 -30.65
CA ASP A 3987 24.39 -25.08 -30.95
C ASP A 3987 24.43 -25.87 -32.25
N ALA A 3988 23.42 -26.72 -32.47
CA ALA A 3988 23.38 -27.51 -33.70
C ALA A 3988 23.26 -26.63 -34.94
N VAL A 3989 22.40 -25.61 -34.89
CA VAL A 3989 22.26 -24.73 -36.04
C VAL A 3989 23.49 -23.84 -36.22
N VAL A 3990 24.13 -23.42 -35.12
CA VAL A 3990 25.38 -22.67 -35.23
C VAL A 3990 26.45 -23.52 -35.90
N GLY A 3991 26.53 -24.79 -35.50
CA GLY A 3991 27.46 -25.69 -36.16
C GLY A 3991 27.15 -25.88 -37.63
N PHE A 3992 25.87 -25.98 -37.98
CA PHE A 3992 25.50 -26.10 -39.39
C PHE A 3992 25.89 -24.86 -40.18
N LEU A 3993 25.67 -23.68 -39.60
CA LEU A 3993 26.08 -22.45 -40.27
C LEU A 3993 27.59 -22.41 -40.45
N HIS A 3994 28.34 -22.80 -39.42
CA HIS A 3994 29.79 -22.84 -39.54
C HIS A 3994 30.24 -23.82 -40.61
N VAL A 3995 29.60 -24.99 -40.69
CA VAL A 3995 29.91 -25.93 -41.76
C VAL A 3995 29.65 -25.29 -43.12
N PHE A 3996 28.48 -24.71 -43.28
CA PHE A 3996 28.15 -24.05 -44.54
C PHE A 3996 29.04 -22.88 -44.84
N ALA A 3997 29.77 -22.35 -43.87
CA ALA A 3997 30.66 -21.23 -44.14
C ALA A 3997 31.87 -21.60 -44.98
N HIS A 3998 32.03 -22.88 -45.37
CA HIS A 3998 33.22 -23.30 -46.09
C HIS A 3998 32.94 -23.75 -47.52
N MET A 3999 32.07 -24.75 -47.73
CA MET A 3999 31.97 -25.34 -49.05
C MET A 3999 31.28 -24.39 -50.03
N MET A 4000 30.48 -23.45 -49.53
CA MET A 4000 29.90 -22.47 -50.44
C MET A 4000 30.98 -21.56 -51.02
N MET A 4001 32.16 -21.51 -50.41
CA MET A 4001 33.35 -20.94 -51.02
C MET A 4001 34.21 -22.00 -51.68
N LYS A 4002 34.46 -23.11 -50.98
CA LYS A 4002 35.43 -24.10 -51.43
C LYS A 4002 34.97 -24.77 -52.73
N LEU A 4003 33.75 -25.29 -52.75
CA LEU A 4003 33.21 -25.92 -53.94
C LEU A 4003 32.94 -24.94 -55.06
N ALA A 4004 32.88 -23.63 -54.75
CA ALA A 4004 32.68 -22.63 -55.77
C ALA A 4004 33.87 -22.52 -56.72
N GLN A 4005 35.01 -23.12 -56.37
CA GLN A 4005 36.21 -23.07 -57.19
C GLN A 4005 36.23 -24.17 -58.26
N ASP A 4006 35.07 -24.72 -58.60
CA ASP A 4006 34.99 -25.78 -59.59
C ASP A 4006 33.83 -25.51 -60.54
N SER A 4007 33.93 -26.08 -61.74
CA SER A 4007 32.90 -25.91 -62.76
C SER A 4007 32.04 -27.14 -62.96
N SER A 4008 32.51 -28.32 -62.55
CA SER A 4008 31.74 -29.55 -62.69
C SER A 4008 30.81 -29.83 -61.52
N GLN A 4009 30.81 -28.95 -60.51
CA GLN A 4009 29.98 -29.13 -59.32
C GLN A 4009 28.74 -28.25 -59.34
N ILE A 4010 28.38 -27.69 -60.49
CA ILE A 4010 27.27 -26.75 -60.56
C ILE A 4010 25.98 -27.41 -60.08
N GLU A 4011 25.73 -28.65 -60.48
CA GLU A 4011 24.56 -29.37 -60.00
C GLU A 4011 24.61 -29.58 -58.50
N LEU A 4012 25.77 -29.95 -57.97
CA LEU A 4012 25.90 -30.13 -56.53
C LEU A 4012 25.69 -28.82 -55.78
N LEU A 4013 26.25 -27.73 -56.30
CA LEU A 4013 26.06 -26.43 -55.65
C LEU A 4013 24.60 -26.02 -55.65
N LYS A 4014 23.93 -26.16 -56.80
CA LYS A 4014 22.53 -25.76 -56.88
C LYS A 4014 21.67 -26.62 -55.97
N GLU A 4015 21.95 -27.91 -55.89
CA GLU A 4015 21.21 -28.79 -54.98
C GLU A 4015 21.46 -28.42 -53.53
N LEU A 4016 22.70 -28.06 -53.19
CA LEU A 4016 23.04 -27.69 -51.82
C LEU A 4016 22.38 -26.38 -51.42
N LEU A 4017 22.23 -25.46 -52.36
CA LEU A 4017 21.74 -24.13 -52.00
C LEU A 4017 20.28 -24.13 -51.53
N ASP A 4018 19.51 -25.20 -51.68
CA ASP A 4018 18.17 -25.24 -51.12
C ASP A 4018 18.17 -25.57 -49.64
N LEU A 4019 19.27 -26.11 -49.11
CA LEU A 4019 19.28 -26.60 -47.74
C LEU A 4019 19.17 -25.45 -46.74
N GLN A 4020 19.96 -24.39 -46.93
CA GLN A 4020 19.93 -23.29 -45.98
C GLN A 4020 18.57 -22.61 -45.95
N LYS A 4021 17.80 -22.72 -47.03
CA LYS A 4021 16.42 -22.25 -46.99
C LYS A 4021 15.63 -23.02 -45.95
N ASP A 4022 15.91 -24.31 -45.81
CA ASP A 4022 15.19 -25.14 -44.86
C ASP A 4022 15.49 -24.75 -43.41
N MET A 4023 16.58 -24.03 -43.15
CA MET A 4023 16.83 -23.54 -41.80
C MET A 4023 16.38 -22.10 -41.62
N VAL A 4024 16.46 -21.28 -42.68
CA VAL A 4024 15.92 -19.94 -42.56
C VAL A 4024 14.40 -19.98 -42.39
N VAL A 4025 13.72 -20.94 -42.99
CA VAL A 4025 12.28 -21.08 -42.77
C VAL A 4025 12.00 -21.48 -41.33
N MET A 4026 12.87 -22.29 -40.72
CA MET A 4026 12.73 -22.57 -39.30
C MET A 4026 12.92 -21.31 -38.48
N LEU A 4027 13.96 -20.54 -38.79
CA LEU A 4027 14.26 -19.35 -38.00
C LEU A 4027 13.15 -18.33 -38.07
N LEU A 4028 12.56 -18.13 -39.24
CA LEU A 4028 11.42 -17.22 -39.36
C LEU A 4028 10.16 -17.84 -38.77
N SER A 4029 10.06 -19.17 -38.83
CA SER A 4029 8.83 -19.85 -38.42
C SER A 4029 8.66 -19.87 -36.91
N LEU A 4030 9.76 -19.83 -36.16
CA LEU A 4030 9.63 -19.78 -34.72
C LEU A 4030 9.04 -18.46 -34.23
N LEU A 4031 9.08 -17.42 -35.06
CA LEU A 4031 8.44 -16.16 -34.71
C LEU A 4031 6.93 -16.32 -34.80
N GLU A 4032 6.44 -16.52 -36.02
CA GLU A 4032 5.05 -16.88 -36.33
C GLU A 4032 4.07 -16.14 -35.41
N GLY A 4033 4.16 -14.82 -35.47
CA GLY A 4033 3.44 -13.98 -34.54
C GLY A 4033 4.29 -13.67 -33.32
N ASN A 4034 5.53 -13.25 -33.57
CA ASN A 4034 6.48 -13.02 -32.50
C ASN A 4034 6.08 -11.80 -31.67
N VAL A 4035 6.17 -11.95 -30.35
CA VAL A 4035 5.92 -10.82 -29.45
C VAL A 4035 7.11 -9.87 -29.50
N VAL A 4036 6.86 -8.61 -29.14
CA VAL A 4036 7.92 -7.59 -29.18
C VAL A 4036 9.07 -7.98 -28.26
N ASN A 4037 8.77 -8.44 -27.05
CA ASN A 4037 9.80 -8.76 -26.06
C ASN A 4037 9.43 -10.05 -25.32
N GLY A 4038 9.07 -11.08 -26.09
CA GLY A 4038 8.65 -12.34 -25.51
C GLY A 4038 9.80 -13.26 -25.12
N MET A 4039 10.91 -12.68 -24.67
CA MET A 4039 12.10 -13.39 -24.20
C MET A 4039 12.69 -14.32 -25.25
N ILE A 4040 12.19 -14.28 -26.49
CA ILE A 4040 12.73 -15.09 -27.57
C ILE A 4040 13.49 -14.24 -28.57
N ALA A 4041 13.00 -13.02 -28.85
CA ALA A 4041 13.67 -12.15 -29.79
C ALA A 4041 15.12 -11.89 -29.40
N ARG A 4042 15.40 -11.80 -28.09
CA ARG A 4042 16.77 -11.66 -27.65
C ARG A 4042 17.60 -12.90 -27.98
N GLN A 4043 16.97 -14.07 -27.98
CA GLN A 4043 17.67 -15.33 -28.15
C GLN A 4043 18.19 -15.53 -29.58
N MET A 4044 17.43 -15.12 -30.59
CA MET A 4044 17.96 -15.16 -31.95
C MET A 4044 19.13 -14.21 -32.12
N VAL A 4045 19.05 -13.03 -31.50
CA VAL A 4045 20.19 -12.11 -31.52
C VAL A 4045 21.40 -12.76 -30.88
N ASP A 4046 21.19 -13.43 -29.74
CA ASP A 4046 22.30 -14.08 -29.04
C ASP A 4046 22.94 -15.16 -29.91
N MET A 4047 22.12 -16.02 -30.52
CA MET A 4047 22.68 -17.09 -31.33
C MET A 4047 23.35 -16.54 -32.59
N LEU A 4048 22.85 -15.44 -33.14
CA LEU A 4048 23.54 -14.79 -34.26
C LEU A 4048 24.88 -14.24 -33.82
N VAL A 4049 24.94 -13.64 -32.63
CA VAL A 4049 26.20 -13.13 -32.10
C VAL A 4049 27.20 -14.26 -31.92
N GLU A 4050 26.73 -15.41 -31.43
CA GLU A 4050 27.61 -16.55 -31.23
C GLU A 4050 28.25 -16.99 -32.54
N SER A 4051 27.47 -17.00 -33.63
CA SER A 4051 27.95 -17.40 -34.94
C SER A 4051 28.26 -16.18 -35.81
N SER A 4052 28.35 -15.00 -35.20
CA SER A 4052 28.67 -13.79 -35.95
C SER A 4052 30.03 -13.88 -36.63
N SER A 4053 30.91 -14.77 -36.15
CA SER A 4053 32.18 -14.99 -36.81
C SER A 4053 32.03 -15.81 -38.08
N ASN A 4054 30.83 -16.29 -38.39
CA ASN A 4054 30.60 -17.07 -39.59
C ASN A 4054 29.64 -16.41 -40.58
N VAL A 4055 28.67 -15.65 -40.09
CA VAL A 4055 27.62 -15.11 -40.96
C VAL A 4055 28.21 -14.10 -41.94
N GLU A 4056 29.31 -13.44 -41.55
CA GLU A 4056 29.83 -12.35 -42.37
C GLU A 4056 30.38 -12.83 -43.70
N MET A 4057 31.02 -14.00 -43.75
CA MET A 4057 31.47 -14.52 -45.04
C MET A 4057 30.30 -14.75 -45.98
N ILE A 4058 29.21 -15.34 -45.47
CA ILE A 4058 28.06 -15.64 -46.30
C ILE A 4058 27.41 -14.37 -46.80
N LEU A 4059 27.24 -13.38 -45.90
CA LEU A 4059 26.58 -12.15 -46.32
C LEU A 4059 27.45 -11.35 -47.27
N LYS A 4060 28.78 -11.40 -47.12
CA LYS A 4060 29.64 -10.74 -48.10
C LYS A 4060 29.60 -11.44 -49.45
N PHE A 4061 29.52 -12.77 -49.35
CA PHE A 4061 29.43 -13.59 -50.52
C PHE A 4061 28.02 -13.47 -51.02
N PHE A 4062 27.09 -12.97 -50.22
CA PHE A 4062 25.77 -12.74 -50.76
C PHE A 4062 26.02 -11.52 -51.60
N ASP A 4063 26.70 -10.56 -51.00
CA ASP A 4063 27.07 -9.38 -51.75
C ASP A 4063 28.04 -9.82 -52.81
N MET A 4064 28.78 -10.90 -52.55
CA MET A 4064 29.81 -11.29 -53.51
C MET A 4064 29.15 -11.78 -54.74
N PHE A 4065 28.04 -12.49 -54.59
CA PHE A 4065 27.33 -13.05 -55.72
C PHE A 4065 26.49 -11.99 -56.38
N LEU A 4066 26.15 -10.94 -55.66
CA LEU A 4066 25.45 -9.87 -56.37
C LEU A 4066 26.50 -9.17 -57.23
N LYS A 4067 27.75 -9.16 -56.76
CA LYS A 4067 28.81 -8.56 -57.55
C LYS A 4067 29.17 -9.50 -58.69
N LEU A 4068 28.87 -10.78 -58.50
CA LEU A 4068 29.18 -11.78 -59.50
C LEU A 4068 28.13 -11.62 -60.55
N LYS A 4069 26.96 -11.15 -60.17
CA LYS A 4069 25.90 -10.90 -61.11
C LYS A 4069 26.30 -9.68 -61.87
N ASP A 4070 26.92 -8.73 -61.16
CA ASP A 4070 27.41 -7.55 -61.84
C ASP A 4070 28.39 -8.00 -62.90
N ILE A 4071 29.20 -9.00 -62.57
CA ILE A 4071 30.20 -9.50 -63.51
C ILE A 4071 29.50 -10.10 -64.69
N VAL A 4072 28.57 -11.01 -64.42
CA VAL A 4072 27.80 -11.60 -65.47
C VAL A 4072 27.46 -10.41 -66.29
N GLY A 4073 27.21 -9.28 -65.61
CA GLY A 4073 26.77 -8.17 -66.45
C GLY A 4073 27.89 -7.42 -67.13
N SER A 4074 29.08 -7.38 -66.53
CA SER A 4074 30.26 -6.77 -67.15
C SER A 4074 30.83 -7.78 -68.12
N GLU A 4075 31.09 -8.97 -67.62
CA GLU A 4075 31.54 -10.02 -68.49
C GLU A 4075 30.71 -9.89 -69.72
N ALA A 4076 29.43 -9.65 -69.52
CA ALA A 4076 28.57 -9.42 -70.65
C ALA A 4076 28.88 -8.01 -71.08
N PHE A 4077 28.15 -7.04 -70.55
CA PHE A 4077 28.41 -5.65 -70.87
C PHE A 4077 28.87 -5.43 -72.31
N GLN A 4078 29.97 -4.69 -72.52
CA GLN A 4078 30.49 -4.44 -73.86
C GLN A 4078 31.72 -3.57 -73.79
N ASP A 4079 31.52 -2.26 -73.75
CA ASP A 4079 32.63 -1.35 -73.61
C ASP A 4079 33.87 -1.85 -74.30
N TYR A 4080 34.91 -2.14 -73.55
CA TYR A 4080 36.16 -2.56 -74.15
C TYR A 4080 36.05 -3.86 -74.88
N VAL A 4081 34.83 -4.37 -75.03
CA VAL A 4081 34.67 -5.67 -75.65
C VAL A 4081 35.54 -5.68 -76.86
N THR A 4082 35.22 -4.82 -77.81
CA THR A 4082 35.99 -4.75 -79.01
C THR A 4082 36.44 -6.15 -79.31
N ASP A 4083 37.68 -6.46 -78.99
CA ASP A 4083 38.18 -7.81 -79.14
C ASP A 4083 37.03 -8.77 -79.10
N PRO A 4084 36.59 -9.26 -80.26
CA PRO A 4084 35.40 -10.09 -80.21
C PRO A 4084 35.71 -11.57 -80.21
N ARG A 4085 35.38 -12.26 -81.30
CA ARG A 4085 35.60 -13.70 -81.39
C ARG A 4085 35.04 -14.43 -80.19
N LEU A 4087 34.30 -16.31 -77.25
CA LEU A 4087 33.85 -15.18 -76.46
C LEU A 4087 34.84 -14.06 -76.57
N ILE A 4088 35.86 -14.11 -75.76
CA ILE A 4088 36.86 -13.07 -75.76
C ILE A 4088 37.97 -13.47 -74.81
N SER A 4089 39.17 -13.66 -75.31
CA SER A 4089 40.24 -14.13 -74.41
C SER A 4089 40.25 -13.63 -72.98
N LYS A 4090 40.65 -14.48 -72.05
CA LYS A 4090 40.78 -14.02 -70.69
C LYS A 4090 41.83 -12.96 -70.78
N LYS A 4091 42.78 -13.19 -71.67
CA LYS A 4091 43.84 -12.22 -71.86
C LYS A 4091 43.26 -10.86 -71.72
N ASP A 4092 42.50 -10.43 -72.72
CA ASP A 4092 42.02 -9.06 -72.56
C ASP A 4092 40.97 -8.91 -71.49
N PHE A 4093 40.40 -10.01 -71.04
CA PHE A 4093 39.45 -9.91 -69.95
C PHE A 4093 40.14 -9.35 -68.72
N GLN A 4094 41.33 -9.85 -68.45
CA GLN A 4094 42.04 -9.44 -67.24
C GLN A 4094 42.11 -7.93 -67.12
N LYS A 4095 42.46 -7.25 -68.21
CA LYS A 4095 42.48 -5.79 -68.20
C LYS A 4095 41.08 -5.19 -68.21
N ALA A 4096 40.07 -5.97 -68.59
CA ALA A 4096 38.72 -5.45 -68.68
C ALA A 4096 38.11 -5.17 -67.32
N MET A 4097 38.53 -5.89 -66.27
CA MET A 4097 38.00 -5.68 -64.93
C MET A 4097 39.00 -5.10 -63.95
N ASP A 4098 40.30 -5.17 -64.25
CA ASP A 4098 41.28 -4.54 -63.36
C ASP A 4098 41.12 -3.03 -63.35
N SER A 4099 40.83 -2.42 -64.50
CA SER A 4099 40.68 -0.98 -64.57
C SER A 4099 39.52 -0.50 -63.71
N GLN A 4100 38.40 -1.20 -63.76
CA GLN A 4100 37.24 -0.82 -62.95
C GLN A 4100 37.46 -1.16 -61.48
N LYS A 4101 36.73 -0.46 -60.62
CA LYS A 4101 36.80 -0.68 -59.19
C LYS A 4101 35.96 -1.90 -58.80
N GLN A 4102 35.69 -2.04 -57.50
CA GLN A 4102 34.85 -3.09 -56.92
C GLN A 4102 35.27 -4.49 -57.33
N PHE A 4103 36.54 -4.67 -57.71
CA PHE A 4103 37.08 -5.96 -58.09
C PHE A 4103 38.32 -6.28 -57.26
N THR A 4104 38.48 -7.54 -56.91
CA THR A 4104 39.59 -8.03 -56.11
C THR A 4104 40.45 -8.98 -56.95
N GLY A 4105 41.76 -8.83 -56.82
CA GLY A 4105 42.71 -9.60 -57.59
C GLY A 4105 42.47 -11.10 -57.53
N PRO A 4106 42.62 -11.69 -56.34
CA PRO A 4106 42.37 -13.15 -56.22
C PRO A 4106 40.96 -13.54 -56.59
N GLU A 4107 39.97 -12.67 -56.36
CA GLU A 4107 38.61 -12.99 -56.77
C GLU A 4107 38.49 -13.09 -58.28
N ILE A 4108 39.22 -12.24 -59.02
CA ILE A 4108 39.20 -12.32 -60.47
C ILE A 4108 39.75 -13.66 -60.95
N GLN A 4109 40.87 -14.08 -60.37
CA GLN A 4109 41.42 -15.41 -60.69
C GLN A 4109 40.47 -16.50 -60.27
N PHE A 4110 39.74 -16.30 -59.17
CA PHE A 4110 38.70 -17.24 -58.78
C PHE A 4110 37.61 -17.32 -59.84
N LEU A 4111 37.21 -16.18 -60.40
CA LEU A 4111 36.29 -16.20 -61.52
C LEU A 4111 36.92 -16.86 -62.74
N LEU A 4112 38.20 -16.59 -62.99
CA LEU A 4112 38.87 -17.25 -64.09
C LEU A 4112 38.97 -18.75 -63.86
N SER A 4113 39.12 -19.17 -62.60
CA SER A 4113 39.06 -20.59 -62.29
C SER A 4113 37.68 -21.16 -62.63
N CYS A 4114 36.63 -20.40 -62.35
CA CYS A 4114 35.29 -20.81 -62.74
C CYS A 4114 35.10 -20.82 -64.25
N SER A 4115 36.06 -20.19 -64.93
CA SER A 4115 36.02 -20.11 -66.37
C SER A 4115 36.75 -21.26 -67.04
N GLU A 4116 36.87 -21.17 -68.35
CA GLU A 4116 37.50 -22.26 -69.07
C GLU A 4116 38.44 -21.68 -70.11
N ALA A 4117 38.29 -22.11 -71.35
CA ALA A 4117 39.15 -21.60 -72.41
C ALA A 4117 40.58 -21.56 -71.95
N ASP A 4118 41.28 -20.51 -72.30
CA ASP A 4118 42.67 -20.36 -71.93
C ASP A 4118 43.24 -19.18 -72.69
N GLU A 4119 42.93 -19.11 -73.98
CA GLU A 4119 43.39 -18.01 -74.81
C GLU A 4119 42.22 -17.15 -75.26
N ASN A 4120 41.06 -17.35 -74.64
CA ASN A 4120 39.87 -16.60 -75.00
C ASN A 4120 38.82 -16.84 -73.95
N GLU A 4121 37.58 -17.08 -74.38
CA GLU A 4121 36.51 -17.38 -73.43
C GLU A 4121 35.23 -17.82 -74.16
N MET A 4122 34.13 -17.95 -73.42
CA MET A 4122 32.86 -18.37 -74.02
C MET A 4122 31.67 -17.64 -73.42
N ILE A 4123 30.57 -17.57 -74.15
CA ILE A 4123 29.42 -16.79 -73.69
C ILE A 4123 28.90 -17.09 -72.29
N ASN A 4124 28.94 -18.36 -71.89
CA ASN A 4124 28.29 -18.76 -70.64
C ASN A 4124 28.99 -18.49 -69.35
N PHE A 4125 30.02 -17.71 -69.31
CA PHE A 4125 30.73 -17.55 -68.05
C PHE A 4125 29.89 -17.41 -66.78
N GLU A 4126 30.10 -16.26 -66.18
CA GLU A 4126 29.29 -16.01 -65.04
C GLU A 4126 27.89 -16.10 -65.60
N GLU A 4127 27.75 -16.26 -66.93
CA GLU A 4127 26.46 -16.34 -67.54
C GLU A 4127 25.71 -17.41 -66.82
N PHE A 4128 25.98 -18.68 -67.15
CA PHE A 4128 25.34 -19.80 -66.46
C PHE A 4128 25.58 -19.71 -64.98
N ALA A 4129 26.77 -19.22 -64.61
CA ALA A 4129 27.01 -19.23 -63.17
C ALA A 4129 25.77 -18.68 -62.46
N ASN A 4130 25.37 -17.45 -62.81
CA ASN A 4130 24.21 -16.83 -62.15
C ASN A 4130 22.89 -17.34 -62.70
N ARG A 4131 22.86 -17.59 -64.00
CA ARG A 4131 21.69 -18.13 -64.64
C ARG A 4131 21.01 -19.01 -63.65
N PHE A 4132 21.76 -19.91 -63.04
CA PHE A 4132 21.03 -20.66 -62.03
C PHE A 4132 20.87 -19.84 -60.76
N GLN A 4133 21.90 -19.14 -60.28
CA GLN A 4133 21.83 -18.44 -58.96
C GLN A 4133 20.53 -17.72 -58.50
N GLU A 4134 19.37 -18.04 -59.05
CA GLU A 4134 18.11 -17.47 -58.57
C GLU A 4134 17.75 -18.02 -57.20
N PRO A 4135 18.15 -19.27 -56.93
CA PRO A 4135 17.92 -19.76 -55.56
C PRO A 4135 18.82 -18.97 -54.64
N ALA A 4136 20.03 -18.67 -55.06
CA ALA A 4136 20.92 -17.86 -54.26
C ALA A 4136 20.24 -16.54 -54.00
N ARG A 4137 19.55 -16.03 -55.01
CA ARG A 4137 18.79 -14.80 -54.84
C ARG A 4137 17.72 -14.94 -53.75
N ASP A 4138 16.80 -15.89 -53.90
CA ASP A 4138 15.71 -16.00 -52.92
C ASP A 4138 16.24 -16.14 -51.50
N ILE A 4139 16.91 -17.23 -51.17
CA ILE A 4139 17.56 -17.36 -49.86
C ILE A 4139 18.02 -16.00 -49.37
N GLY A 4140 18.50 -15.15 -50.27
CA GLY A 4140 18.93 -13.82 -49.86
C GLY A 4140 17.79 -13.02 -49.25
N PHE A 4141 16.60 -13.10 -49.85
CA PHE A 4141 15.44 -12.45 -49.26
C PHE A 4141 15.14 -13.02 -47.89
N ASN A 4142 15.23 -14.35 -47.75
CA ASN A 4142 15.01 -14.98 -46.46
C ASN A 4142 16.00 -14.48 -45.43
N VAL A 4143 17.26 -14.31 -45.83
CA VAL A 4143 18.23 -13.65 -44.96
C VAL A 4143 17.83 -12.22 -44.70
N ALA A 4144 17.40 -11.51 -45.74
CA ALA A 4144 17.04 -10.10 -45.58
C ALA A 4144 15.84 -9.94 -44.66
N VAL A 4145 14.82 -10.78 -44.81
CA VAL A 4145 13.62 -10.63 -44.00
C VAL A 4145 13.91 -10.98 -42.55
N LEU A 4146 14.74 -12.01 -42.31
CA LEU A 4146 14.97 -12.46 -40.95
C LEU A 4146 15.60 -11.37 -40.10
N LEU A 4147 16.63 -10.70 -40.64
CA LEU A 4147 17.20 -9.57 -39.93
C LEU A 4147 16.23 -8.39 -39.90
N THR A 4148 15.41 -8.24 -40.95
CA THR A 4148 14.42 -7.18 -40.96
C THR A 4148 13.37 -7.39 -39.85
N ASN A 4149 12.90 -8.63 -39.69
CA ASN A 4149 11.86 -8.88 -38.70
C ASN A 4149 12.35 -8.52 -37.30
N LEU A 4150 13.51 -9.04 -36.90
CA LEU A 4150 14.04 -8.76 -35.58
C LEU A 4150 14.42 -7.30 -35.41
N SER A 4151 14.61 -6.57 -36.52
CA SER A 4151 14.97 -5.16 -36.42
C SER A 4151 13.88 -4.36 -35.73
N GLU A 4152 12.62 -4.62 -36.09
CA GLU A 4152 11.49 -3.95 -35.46
C GLU A 4152 10.80 -4.81 -34.40
N HIS A 4153 10.95 -6.14 -34.45
CA HIS A 4153 10.39 -6.97 -33.40
C HIS A 4153 11.02 -6.64 -32.05
N VAL A 4154 12.33 -6.45 -32.02
CA VAL A 4154 13.02 -6.04 -30.81
C VAL A 4154 13.94 -4.86 -31.15
N PRO A 4155 13.42 -3.64 -31.14
CA PRO A 4155 14.28 -2.47 -31.42
C PRO A 4155 15.21 -2.17 -30.26
N HIS A 4156 15.95 -1.06 -30.37
CA HIS A 4156 16.91 -0.63 -29.34
C HIS A 4156 17.97 -1.71 -29.10
N ASP A 4157 18.42 -2.33 -30.19
CA ASP A 4157 19.45 -3.36 -30.13
C ASP A 4157 20.62 -2.96 -31.02
N PRO A 4158 21.62 -2.26 -30.49
CA PRO A 4158 22.72 -1.78 -31.35
C PRO A 4158 23.50 -2.90 -32.01
N ARG A 4159 23.61 -4.07 -31.37
CA ARG A 4159 24.34 -5.16 -31.97
C ARG A 4159 23.70 -5.61 -33.28
N LEU A 4160 22.36 -5.65 -33.31
CA LEU A 4160 21.67 -5.98 -34.55
C LEU A 4160 21.96 -4.96 -35.64
N ARG A 4161 22.04 -3.68 -35.26
CA ARG A 4161 22.35 -2.64 -36.23
C ARG A 4161 23.70 -2.86 -36.88
N ASN A 4162 24.62 -3.52 -36.18
CA ASN A 4162 25.91 -3.84 -36.77
C ASN A 4162 25.77 -4.86 -37.90
N PHE A 4163 24.84 -5.80 -37.76
CA PHE A 4163 24.62 -6.79 -38.81
C PHE A 4163 24.13 -6.12 -40.09
N LEU A 4164 23.17 -5.20 -39.98
CA LEU A 4164 22.65 -4.54 -41.16
C LEU A 4164 23.65 -3.57 -41.78
N GLU A 4165 24.72 -3.23 -41.06
CA GLU A 4165 25.72 -2.32 -41.58
C GLU A 4165 26.52 -2.89 -42.74
N LEU A 4166 26.39 -4.19 -43.01
CA LEU A 4166 27.10 -4.83 -44.11
C LEU A 4166 26.18 -5.23 -45.25
N ALA A 4167 24.98 -5.72 -44.93
CA ALA A 4167 24.05 -6.25 -45.93
C ALA A 4167 23.11 -5.16 -46.41
N GLU A 4168 23.69 -4.05 -46.88
CA GLU A 4168 22.87 -2.98 -47.44
C GLU A 4168 22.36 -3.34 -48.83
N SER A 4169 23.22 -3.93 -49.67
CA SER A 4169 22.85 -4.18 -51.05
C SER A 4169 21.75 -5.23 -51.17
N ILE A 4170 21.68 -6.16 -50.21
CA ILE A 4170 20.64 -7.18 -50.25
C ILE A 4170 19.26 -6.54 -50.09
N LEU A 4171 19.14 -5.59 -49.17
CA LEU A 4171 17.84 -4.99 -48.90
C LEU A 4171 17.36 -4.14 -50.07
N GLU A 4172 18.25 -3.35 -50.68
CA GLU A 4172 17.83 -2.46 -51.75
C GLU A 4172 17.34 -3.22 -52.97
N TYR A 4173 18.02 -4.31 -53.33
CA TYR A 4173 17.61 -5.10 -54.49
C TYR A 4173 16.36 -5.92 -54.23
N PHE A 4174 15.97 -6.07 -52.96
CA PHE A 4174 14.80 -6.87 -52.59
C PHE A 4174 13.64 -6.02 -52.09
N ARG A 4175 13.86 -4.74 -51.81
CA ARG A 4175 12.74 -3.84 -51.50
C ARG A 4175 11.67 -3.83 -52.58
N PRO A 4176 11.99 -3.85 -53.89
CA PRO A 4176 10.92 -3.98 -54.88
C PRO A 4176 10.33 -5.37 -54.94
N TYR A 4177 10.67 -6.21 -53.95
CA TYR A 4177 10.12 -7.57 -53.88
C TYR A 4177 9.72 -7.95 -52.46
N LEU A 4178 9.53 -6.99 -51.58
CA LEU A 4178 9.07 -7.24 -50.21
C LEU A 4178 7.70 -6.61 -50.01
N GLY A 4179 6.72 -7.44 -49.69
CA GLY A 4179 5.35 -6.99 -49.47
C GLY A 4179 4.97 -7.15 -48.01
N ARG A 4180 4.28 -6.14 -47.47
CA ARG A 4180 3.91 -6.12 -46.08
C ARG A 4180 2.39 -6.17 -45.94
N ILE A 4181 1.94 -6.54 -44.74
CA ILE A 4181 0.52 -6.66 -44.45
C ILE A 4181 0.35 -6.61 -42.95
N GLU A 4182 -0.83 -6.20 -42.50
CA GLU A 4182 -1.19 -6.21 -41.08
C GLU A 4182 -2.53 -6.90 -40.95
N ILE A 4183 -2.61 -7.89 -40.07
CA ILE A 4183 -3.82 -8.68 -39.87
C ILE A 4183 -4.25 -8.56 -38.41
N MET A 4184 -5.49 -8.94 -38.15
CA MET A 4184 -6.10 -8.79 -36.83
C MET A 4184 -7.11 -9.91 -36.65
N GLY A 4185 -6.69 -10.99 -35.99
CA GLY A 4185 -7.57 -12.11 -35.78
C GLY A 4185 -6.87 -13.32 -35.20
N ALA A 4186 -7.61 -14.13 -34.43
CA ALA A 4186 -7.16 -15.36 -33.79
C ALA A 4186 -6.14 -15.10 -32.69
N SER A 4187 -5.72 -13.85 -32.48
CA SER A 4187 -4.76 -13.53 -31.42
C SER A 4187 -5.14 -12.28 -30.63
N ARG A 4188 -6.21 -11.58 -31.01
CA ARG A 4188 -6.62 -10.32 -30.36
C ARG A 4188 -5.51 -9.29 -30.40
N ARG A 4189 -4.64 -9.37 -31.40
CA ARG A 4189 -3.50 -8.47 -31.55
C ARG A 4189 -3.00 -8.51 -32.97
N ILE A 4190 -2.32 -7.44 -33.37
CA ILE A 4190 -1.93 -7.20 -34.76
C ILE A 4190 -0.46 -7.54 -34.94
N GLU A 4191 -0.13 -8.20 -36.05
CA GLU A 4191 1.22 -8.62 -36.37
C GLU A 4191 1.54 -8.26 -37.81
N ARG A 4192 2.78 -8.54 -38.22
CA ARG A 4192 3.25 -8.27 -39.56
C ARG A 4192 3.69 -9.57 -40.22
N ILE A 4193 3.36 -9.70 -41.50
CA ILE A 4193 3.68 -10.88 -42.28
C ILE A 4193 4.32 -10.43 -43.58
N TYR A 4194 5.46 -11.03 -43.92
CA TYR A 4194 6.22 -10.64 -45.09
C TYR A 4194 6.19 -11.76 -46.12
N PHE A 4195 6.48 -11.41 -47.37
CA PHE A 4195 6.41 -12.37 -48.47
C PHE A 4195 6.96 -11.70 -49.72
N GLU A 4196 7.55 -12.50 -50.60
CA GLU A 4196 7.91 -12.02 -51.93
C GLU A 4196 6.66 -11.95 -52.80
N ILE A 4197 6.63 -10.96 -53.68
CA ILE A 4197 5.41 -10.72 -54.46
C ILE A 4197 5.43 -11.50 -55.76
N SER A 4198 6.34 -11.13 -56.66
CA SER A 4198 6.39 -11.69 -58.01
C SER A 4198 7.54 -11.01 -58.75
N GLU A 4199 7.76 -11.45 -59.98
CA GLU A 4199 8.70 -10.78 -60.87
C GLU A 4199 7.99 -10.01 -61.97
N THR A 4200 6.78 -10.40 -62.35
CA THR A 4200 6.04 -9.76 -63.44
C THR A 4200 4.78 -9.05 -62.97
N ASN A 4201 4.09 -9.57 -61.95
CA ASN A 4201 2.82 -8.99 -61.53
C ASN A 4201 2.98 -7.56 -61.02
N ARG A 4202 4.04 -7.29 -60.26
CA ARG A 4202 4.24 -5.94 -59.74
C ARG A 4202 4.43 -4.94 -60.86
N ALA A 4203 5.21 -5.30 -61.88
CA ALA A 4203 5.42 -4.42 -63.03
C ALA A 4203 4.15 -4.24 -63.85
N GLN A 4204 3.38 -5.31 -64.06
CA GLN A 4204 2.19 -5.21 -64.89
C GLN A 4204 1.07 -4.46 -64.18
N TRP A 4205 1.06 -4.46 -62.86
CA TRP A 4205 0.00 -3.78 -62.11
C TRP A 4205 -0.04 -2.29 -62.40
N GLU A 4206 1.11 -1.68 -62.72
CA GLU A 4206 1.17 -0.27 -63.09
C GLU A 4206 0.80 -0.17 -64.57
N MET A 4207 -0.51 -0.03 -64.83
CA MET A 4207 -1.03 0.03 -66.19
C MET A 4207 -2.12 1.09 -66.22
N PRO A 4208 -2.14 1.94 -67.24
CA PRO A 4208 -3.24 2.91 -67.36
C PRO A 4208 -4.61 2.26 -67.50
N GLN A 4209 -4.65 0.99 -67.92
CA GLN A 4209 -5.92 0.29 -68.03
C GLN A 4209 -6.61 0.16 -66.68
N VAL A 4210 -5.85 -0.14 -65.63
CA VAL A 4210 -6.42 -0.46 -64.33
C VAL A 4210 -6.38 0.74 -63.39
N LYS A 4211 -5.36 1.59 -63.54
CA LYS A 4211 -5.20 2.70 -62.60
C LYS A 4211 -6.35 3.69 -62.69
N GLU A 4212 -7.03 3.75 -63.83
CA GLU A 4212 -8.23 4.56 -63.92
C GLU A 4212 -9.40 3.91 -63.18
N SER A 4213 -9.46 2.58 -63.22
CA SER A 4213 -10.55 1.86 -62.56
C SER A 4213 -10.51 2.07 -61.05
N LYS A 4214 -9.32 2.00 -60.45
CA LYS A 4214 -9.20 2.18 -59.01
C LYS A 4214 -9.58 3.59 -58.59
N ARG A 4215 -9.33 4.58 -59.46
CA ARG A 4215 -9.79 5.93 -59.17
C ARG A 4215 -11.30 5.98 -59.08
N GLN A 4216 -11.99 5.28 -59.97
CA GLN A 4216 -13.43 5.09 -59.82
C GLN A 4216 -13.75 4.29 -58.57
N PHE A 4217 -12.95 3.26 -58.29
CA PHE A 4217 -13.19 2.42 -57.13
C PHE A 4217 -13.09 3.22 -55.84
N ILE A 4218 -12.02 4.00 -55.68
CA ILE A 4218 -11.87 4.78 -54.46
C ILE A 4218 -12.96 5.84 -54.36
N PHE A 4219 -13.55 6.25 -55.49
CA PHE A 4219 -14.65 7.19 -55.43
C PHE A 4219 -15.89 6.53 -54.80
N ASP A 4220 -16.22 5.32 -55.23
CA ASP A 4220 -17.47 4.70 -54.79
C ASP A 4220 -17.44 4.38 -53.30
N VAL A 4221 -16.29 3.93 -52.78
CA VAL A 4221 -16.21 3.49 -51.40
C VAL A 4221 -16.47 4.62 -50.42
N VAL A 4222 -16.21 5.87 -50.80
CA VAL A 4222 -16.23 6.98 -49.84
C VAL A 4222 -17.55 7.74 -49.83
N ASN A 4223 -18.21 7.93 -50.97
CA ASN A 4223 -19.46 8.69 -50.97
C ASN A 4223 -20.57 7.91 -50.28
N GLU A 4224 -20.59 6.60 -50.42
CA GLU A 4224 -21.56 5.75 -49.72
C GLU A 4224 -20.80 4.92 -48.70
N GLY A 4225 -21.18 5.05 -47.43
CA GLY A 4225 -20.52 4.35 -46.36
C GLY A 4225 -21.47 3.80 -45.32
N GLY A 4226 -21.28 2.53 -44.95
CA GLY A 4226 -22.12 1.90 -43.95
C GLY A 4226 -21.36 0.94 -43.07
N GLU A 4227 -21.87 -0.28 -42.93
CA GLU A 4227 -21.22 -1.29 -42.11
C GLU A 4227 -20.05 -1.91 -42.88
N ALA A 4228 -19.54 -3.05 -42.40
CA ALA A 4228 -18.36 -3.68 -42.99
C ALA A 4228 -18.53 -4.04 -44.46
N GLU A 4229 -19.74 -3.90 -45.02
CA GLU A 4229 -19.92 -4.12 -46.45
C GLU A 4229 -19.06 -3.19 -47.30
N LYS A 4230 -18.61 -2.08 -46.72
CA LYS A 4230 -17.65 -1.22 -47.42
C LYS A 4230 -16.38 -1.99 -47.76
N MET A 4231 -15.87 -2.76 -46.80
CA MET A 4231 -14.71 -3.61 -47.05
C MET A 4231 -15.07 -4.84 -47.86
N GLU A 4232 -16.31 -5.31 -47.74
CA GLU A 4232 -16.73 -6.49 -48.50
C GLU A 4232 -16.57 -6.28 -49.99
N LEU A 4233 -17.12 -5.18 -50.51
CA LEU A 4233 -16.94 -4.86 -51.92
C LEU A 4233 -15.49 -4.58 -52.27
N PHE A 4234 -14.68 -4.15 -51.29
CA PHE A 4234 -13.26 -3.95 -51.56
C PHE A 4234 -12.59 -5.25 -51.96
N VAL A 4235 -12.89 -6.34 -51.25
CA VAL A 4235 -12.40 -7.64 -51.67
C VAL A 4235 -13.02 -8.04 -53.00
N SER A 4236 -14.29 -7.69 -53.20
CA SER A 4236 -14.95 -7.99 -54.46
C SER A 4236 -14.24 -7.32 -55.63
N PHE A 4237 -13.81 -6.07 -55.45
CA PHE A 4237 -13.03 -5.41 -56.47
C PHE A 4237 -11.72 -6.14 -56.73
N CYS A 4238 -11.06 -6.59 -55.66
CA CYS A 4238 -9.80 -7.32 -55.81
C CYS A 4238 -9.99 -8.60 -56.61
N GLU A 4239 -11.07 -9.33 -56.34
CA GLU A 4239 -11.37 -10.51 -57.13
C GLU A 4239 -11.65 -10.14 -58.58
N ASP A 4240 -12.39 -9.05 -58.79
CA ASP A 4240 -12.67 -8.61 -60.15
C ASP A 4240 -11.42 -8.07 -60.83
N THR A 4241 -10.56 -7.39 -60.07
CA THR A 4241 -9.40 -6.73 -60.67
C THR A 4241 -8.45 -7.74 -61.30
N ILE A 4242 -8.19 -8.85 -60.61
CA ILE A 4242 -7.26 -9.84 -61.14
C ILE A 4242 -7.83 -10.49 -62.39
N PHE A 4243 -9.15 -10.67 -62.45
CA PHE A 4243 -9.77 -11.21 -63.66
C PHE A 4243 -9.53 -10.28 -64.84
N GLU A 4244 -9.64 -8.97 -64.63
CA GLU A 4244 -9.22 -8.02 -65.65
C GLU A 4244 -7.75 -8.20 -65.99
N MET A 4245 -6.93 -8.37 -64.96
CA MET A 4245 -5.50 -8.62 -65.20
C MET A 4245 -5.27 -9.99 -65.82
N GLN A 4246 -6.09 -10.98 -65.45
CA GLN A 4246 -5.95 -12.31 -66.03
C GLN A 4246 -6.17 -12.26 -67.54
N ILE A 4247 -7.27 -11.65 -67.98
CA ILE A 4247 -7.53 -11.53 -69.41
C ILE A 4247 -6.56 -10.58 -70.10
N ALA A 4248 -5.92 -9.68 -69.34
CA ALA A 4248 -4.98 -8.76 -69.95
C ALA A 4248 -3.78 -9.48 -70.52
N ALA A 4249 -3.26 -10.48 -69.79
CA ALA A 4249 -2.12 -11.23 -70.27
C ALA A 4249 -2.42 -12.07 -71.49
N GLN A 4250 -3.68 -12.39 -71.74
CA GLN A 4250 -4.07 -13.23 -72.87
C GLN A 4250 -4.24 -12.45 -74.16
N ILE A 4251 -4.09 -11.13 -74.11
CA ILE A 4251 -4.31 -10.26 -75.27
C ILE A 4251 -3.02 -9.68 -75.81
N SER A 4252 -2.04 -9.40 -74.96
CA SER A 4252 -0.79 -8.79 -75.37
C SER A 4252 0.14 -9.85 -75.94
N GLU A 4253 0.70 -9.58 -77.11
CA GLU A 4253 1.60 -10.52 -77.77
C GLU A 4253 2.93 -10.60 -77.04
N ARG A 4318 -7.03 52.37 -90.79
CA ARG A 4318 -8.03 51.32 -90.63
C ARG A 4318 -7.26 50.02 -90.36
N LEU A 4319 -7.95 48.87 -90.41
CA LEU A 4319 -7.38 47.59 -90.06
C LEU A 4319 -7.69 46.60 -91.17
N ARG A 4320 -7.17 45.38 -91.01
CA ARG A 4320 -7.49 44.32 -91.95
C ARG A 4320 -8.97 43.97 -91.88
N ARG A 4321 -9.52 43.53 -93.01
CA ARG A 4321 -10.90 43.08 -93.09
C ARG A 4321 -10.91 41.58 -92.89
N LEU A 4322 -11.64 41.12 -91.87
CA LEU A 4322 -11.69 39.71 -91.53
C LEU A 4322 -12.87 39.06 -92.25
N THR A 4323 -12.58 38.07 -93.09
CA THR A 4323 -13.63 37.32 -93.75
C THR A 4323 -14.13 36.22 -92.81
N ALA A 4324 -15.19 35.53 -93.18
CA ALA A 4324 -15.78 34.53 -92.29
C ALA A 4324 -14.85 33.34 -92.09
N ARG A 4325 -14.25 32.84 -93.18
CA ARG A 4325 -13.45 31.62 -93.09
C ARG A 4325 -12.24 31.81 -92.19
N GLU A 4326 -11.57 32.95 -92.29
CA GLU A 4326 -10.36 33.17 -91.50
C GLU A 4326 -10.67 33.15 -90.01
N ALA A 4327 -11.68 33.90 -89.59
CA ALA A 4327 -12.08 33.92 -88.19
C ALA A 4327 -12.54 32.54 -87.74
N ALA A 4328 -13.28 31.84 -88.60
CA ALA A 4328 -13.74 30.49 -88.26
C ALA A 4328 -12.57 29.56 -88.01
N THR A 4329 -11.57 29.59 -88.90
CA THR A 4329 -10.40 28.73 -88.72
C THR A 4329 -9.66 29.08 -87.44
N ALA A 4330 -9.45 30.37 -87.18
CA ALA A 4330 -8.72 30.77 -85.98
C ALA A 4330 -9.45 30.31 -84.71
N LEU A 4331 -10.75 30.58 -84.64
CA LEU A 4331 -11.51 30.20 -83.44
C LEU A 4331 -11.62 28.69 -83.29
N ALA A 4332 -11.75 27.96 -84.40
CA ALA A 4332 -11.83 26.50 -84.31
C ALA A 4332 -10.51 25.90 -83.89
N ALA A 4333 -9.40 26.48 -84.35
CA ALA A 4333 -8.10 26.05 -83.86
C ALA A 4333 -7.96 26.32 -82.37
N LEU A 4334 -8.47 27.47 -81.92
CA LEU A 4334 -8.47 27.76 -80.48
C LEU A 4334 -9.26 26.71 -79.70
N LEU A 4335 -10.46 26.39 -80.18
CA LEU A 4335 -11.31 25.43 -79.49
C LEU A 4335 -10.67 24.04 -79.46
N TRP A 4336 -10.09 23.61 -80.59
CA TRP A 4336 -9.46 22.30 -80.63
C TRP A 4336 -8.22 22.25 -79.75
N ALA A 4337 -7.47 23.35 -79.70
CA ALA A 4337 -6.31 23.39 -78.81
C ALA A 4337 -6.73 23.32 -77.35
N VAL A 4338 -7.82 23.99 -77.00
CA VAL A 4338 -8.34 23.93 -75.64
C VAL A 4338 -8.76 22.49 -75.30
N VAL A 4339 -9.46 21.84 -76.22
CA VAL A 4339 -9.89 20.46 -75.98
C VAL A 4339 -8.68 19.53 -75.87
N ALA A 4340 -7.72 19.66 -76.76
CA ALA A 4340 -6.60 18.73 -76.81
C ALA A 4340 -5.64 18.91 -75.64
N ARG A 4341 -5.72 20.03 -74.92
CA ARG A 4341 -4.90 20.25 -73.73
C ARG A 4341 -5.49 19.57 -72.49
N ALA A 4342 -6.69 19.01 -72.60
CA ALA A 4342 -7.28 18.23 -71.53
C ALA A 4342 -8.02 17.03 -72.09
N GLY A 4343 -7.81 16.74 -73.37
CA GLY A 4343 -8.56 15.72 -74.08
C GLY A 4343 -8.34 14.30 -73.61
N GLY A 4542 -8.98 -23.62 -91.45
CA GLY A 4542 -8.82 -23.34 -90.03
C GLY A 4542 -7.52 -22.64 -89.70
N GLU A 4543 -6.65 -22.51 -90.70
CA GLU A 4543 -5.36 -21.85 -90.48
C GLU A 4543 -5.53 -20.35 -90.27
N LEU A 4544 -6.47 -19.73 -90.98
CA LEU A 4544 -6.67 -18.29 -90.83
C LEU A 4544 -7.32 -17.95 -89.50
N GLU A 4545 -7.87 -18.94 -88.80
CA GLU A 4545 -8.54 -18.68 -87.53
C GLU A 4545 -7.57 -18.11 -86.50
N VAL A 4546 -6.35 -18.66 -86.42
CA VAL A 4546 -5.35 -18.15 -85.50
C VAL A 4546 -4.99 -16.71 -85.86
N GLN A 4547 -4.78 -16.45 -87.15
CA GLN A 4547 -4.48 -15.09 -87.58
C GLN A 4547 -5.64 -14.16 -87.34
N ARG A 4548 -6.87 -14.64 -87.57
CA ARG A 4548 -8.05 -13.83 -87.31
C ARG A 4548 -8.14 -13.44 -85.83
N VAL A 4549 -7.88 -14.39 -84.93
CA VAL A 4549 -7.83 -14.06 -83.51
C VAL A 4549 -6.64 -13.15 -83.22
N LYS A 4550 -5.49 -13.45 -83.82
CA LYS A 4550 -4.32 -12.58 -83.64
C LYS A 4550 -4.58 -11.19 -84.20
N PHE A 4551 -5.37 -11.10 -85.27
CA PHE A 4551 -5.75 -9.79 -85.79
C PHE A 4551 -6.58 -9.02 -84.78
N LEU A 4552 -7.50 -9.70 -84.10
CA LEU A 4552 -8.32 -9.03 -83.09
C LEU A 4552 -7.48 -8.58 -81.91
N ASN A 4553 -6.35 -9.24 -81.65
CA ASN A 4553 -5.46 -8.80 -80.59
C ASN A 4553 -4.92 -7.40 -80.87
N TYR A 4554 -4.62 -7.11 -82.14
CA TYR A 4554 -4.17 -5.78 -82.51
C TYR A 4554 -5.24 -4.74 -82.22
N LEU A 4555 -6.49 -5.04 -82.54
CA LEU A 4555 -7.58 -4.09 -82.31
C LEU A 4555 -7.76 -3.80 -80.82
N SER A 4556 -7.79 -4.87 -80.01
CA SER A 4556 -7.96 -4.70 -78.57
C SER A 4556 -6.72 -4.12 -77.91
N ARG A 4557 -5.57 -4.12 -78.59
CA ARG A 4557 -4.38 -3.55 -78.01
C ARG A 4557 -4.54 -2.06 -77.75
N ASN A 4558 -5.11 -1.34 -78.72
CA ASN A 4558 -5.29 0.10 -78.65
C ASN A 4558 -6.75 0.43 -79.00
N PHE A 4559 -7.61 0.39 -77.99
CA PHE A 4559 -9.03 0.68 -78.18
C PHE A 4559 -9.34 2.15 -77.95
N TYR A 4560 -8.87 2.70 -76.82
CA TYR A 4560 -9.13 4.10 -76.52
C TYR A 4560 -8.49 5.02 -77.57
N THR A 4561 -7.31 4.64 -78.05
CA THR A 4561 -6.69 5.42 -79.11
C THR A 4561 -7.56 5.44 -80.36
N LEU A 4562 -8.11 4.27 -80.73
CA LEU A 4562 -9.00 4.21 -81.88
C LEU A 4562 -10.25 5.06 -81.66
N ARG A 4563 -10.80 5.02 -80.44
CA ARG A 4563 -11.95 5.87 -80.11
C ARG A 4563 -11.61 7.34 -80.26
N PHE A 4564 -10.35 7.72 -80.02
CA PHE A 4564 -9.97 9.12 -80.06
C PHE A 4564 -10.04 9.69 -81.47
N LEU A 4565 -9.83 8.86 -82.50
CA LEU A 4565 -9.88 9.35 -83.87
C LEU A 4565 -11.26 9.90 -84.21
N ALA A 4566 -12.31 9.36 -83.60
CA ALA A 4566 -13.65 9.85 -83.86
C ALA A 4566 -13.78 11.32 -83.46
N LEU A 4567 -13.15 11.71 -82.34
CA LEU A 4567 -13.24 13.09 -81.89
C LEU A 4567 -12.70 14.06 -82.93
N PHE A 4568 -11.47 13.81 -83.39
CA PHE A 4568 -10.85 14.70 -84.37
C PHE A 4568 -11.57 14.62 -85.70
N LEU A 4569 -11.97 13.42 -86.11
CA LEU A 4569 -12.65 13.27 -87.39
C LEU A 4569 -14.03 13.90 -87.36
N ALA A 4570 -14.67 13.95 -86.19
CA ALA A 4570 -15.98 14.57 -86.10
C ALA A 4570 -15.92 16.07 -86.32
N PHE A 4571 -14.82 16.71 -85.91
CA PHE A 4571 -14.68 18.14 -86.12
C PHE A 4571 -14.64 18.49 -87.60
N ALA A 4572 -13.74 17.83 -88.35
CA ALA A 4572 -13.54 18.18 -89.74
C ALA A 4572 -14.81 17.94 -90.57
N ILE A 4573 -15.44 16.79 -90.35
CA ILE A 4573 -16.67 16.49 -91.10
C ILE A 4573 -17.78 17.47 -90.75
N ASN A 4574 -17.74 18.06 -89.57
CA ASN A 4574 -18.76 19.02 -89.15
C ASN A 4574 -18.34 20.46 -89.36
N PHE A 4575 -17.04 20.76 -89.24
CA PHE A 4575 -16.57 22.12 -89.45
C PHE A 4575 -16.84 22.59 -90.87
N ILE A 4576 -16.50 21.74 -91.86
CA ILE A 4576 -16.70 22.11 -93.25
C ILE A 4576 -18.17 22.11 -93.65
N LEU A 4577 -19.03 21.49 -92.85
CA LEU A 4577 -20.46 21.51 -93.12
C LEU A 4577 -21.04 22.92 -93.02
N LEU A 4578 -20.24 23.81 -92.43
CA LEU A 4578 -20.64 25.21 -92.23
C LEU A 4578 -20.45 26.09 -93.44
N PHE A 4579 -20.44 25.50 -94.62
CA PHE A 4579 -20.40 26.26 -95.87
C PHE A 4579 -21.56 25.93 -96.79
N TYR A 4580 -22.63 25.33 -96.28
CA TYR A 4580 -23.77 25.02 -97.12
C TYR A 4580 -24.50 26.30 -97.56
N LYS A 4581 -25.22 26.19 -98.67
CA LYS A 4581 -25.96 27.32 -99.22
C LYS A 4581 -27.16 26.78 -99.98
N VAL A 4582 -28.34 26.86 -99.37
CA VAL A 4582 -29.55 26.38 -100.02
C VAL A 4582 -29.90 27.29 -101.19
N SER A 4583 -30.50 26.70 -102.23
CA SER A 4583 -30.91 27.46 -103.40
C SER A 4583 -32.09 26.76 -104.06
N ASP A 4584 -32.90 27.52 -104.78
CA ASP A 4584 -34.03 26.97 -105.52
C ASP A 4584 -33.62 26.62 -106.96
N SER A 4585 -32.53 25.88 -107.10
CA SER A 4585 -32.03 25.46 -108.39
C SER A 4585 -31.06 24.30 -108.23
N PRO A 4586 -31.29 23.18 -108.90
CA PRO A 4586 -30.35 22.06 -108.82
C PRO A 4586 -28.99 22.46 -109.34
N PRO A 4587 -27.90 21.96 -108.72
CA PRO A 4587 -26.54 22.29 -109.15
C PRO A 4587 -26.14 21.59 -110.44
N ASN A 4626 -40.52 22.29 -105.56
CA ASN A 4626 -39.47 21.63 -104.79
C ASN A 4626 -38.16 22.41 -104.86
N MET A 4627 -37.31 22.24 -103.85
CA MET A 4627 -36.02 22.91 -103.79
C MET A 4627 -34.92 21.88 -103.62
N VAL A 4628 -33.68 22.31 -103.89
CA VAL A 4628 -32.51 21.45 -103.81
C VAL A 4628 -31.55 22.05 -102.80
N TYR A 4629 -31.15 21.24 -101.81
CA TYR A 4629 -30.22 21.69 -100.77
C TYR A 4629 -28.82 21.75 -101.37
N TYR A 4630 -28.58 22.81 -102.13
CA TYR A 4630 -27.29 23.00 -102.77
C TYR A 4630 -26.18 23.15 -101.73
N PHE A 4631 -25.00 22.65 -102.09
CA PHE A 4631 -23.81 22.80 -101.25
C PHE A 4631 -22.82 23.70 -101.96
N LEU A 4632 -22.43 24.78 -101.29
CA LEU A 4632 -21.42 25.69 -101.83
C LEU A 4632 -20.07 25.34 -101.25
N GLU A 4633 -19.07 25.27 -102.12
CA GLU A 4633 -17.71 24.98 -101.72
C GLU A 4633 -16.84 26.23 -101.82
N GLU A 4634 -15.57 26.06 -101.52
CA GLU A 4634 -14.57 27.12 -101.64
C GLU A 4634 -13.64 26.79 -102.80
N SER A 4635 -12.61 27.63 -102.97
CA SER A 4635 -11.68 27.47 -104.09
C SER A 4635 -10.87 26.20 -104.00
N THR A 4636 -10.79 25.57 -102.83
CA THR A 4636 -9.93 24.41 -102.65
C THR A 4636 -10.49 23.19 -103.39
N GLY A 4637 -9.61 22.24 -103.66
CA GLY A 4637 -9.97 21.04 -104.40
C GLY A 4637 -10.65 19.96 -103.59
N TYR A 4638 -10.67 20.07 -102.27
CA TYR A 4638 -11.36 19.09 -101.43
C TYR A 4638 -12.84 19.45 -101.30
N MET A 4639 -13.51 18.91 -100.28
CA MET A 4639 -14.95 18.73 -100.22
C MET A 4639 -15.50 18.25 -101.56
N GLU A 4640 -14.79 17.29 -102.16
CA GLU A 4640 -15.29 16.52 -103.30
C GLU A 4640 -16.23 15.44 -102.77
N PRO A 4641 -16.76 14.57 -103.65
CA PRO A 4641 -17.47 13.38 -103.16
C PRO A 4641 -16.64 12.52 -102.22
N ALA A 4642 -15.37 12.87 -102.01
CA ALA A 4642 -14.57 12.22 -100.97
C ALA A 4642 -15.15 12.42 -99.59
N LEU A 4643 -16.03 13.41 -99.41
CA LEU A 4643 -16.79 13.50 -98.17
C LEU A 4643 -17.62 12.24 -97.95
N TRP A 4644 -18.19 11.70 -99.03
CA TRP A 4644 -18.84 10.39 -98.93
C TRP A 4644 -17.85 9.33 -98.51
N CYS A 4645 -16.63 9.36 -99.05
CA CYS A 4645 -15.56 8.52 -98.54
C CYS A 4645 -15.17 8.90 -97.13
N LEU A 4646 -15.21 10.20 -96.80
CA LEU A 4646 -15.00 10.62 -95.42
C LEU A 4646 -16.14 10.15 -94.52
N SER A 4647 -17.36 10.10 -95.04
CA SER A 4647 -18.49 9.63 -94.24
C SER A 4647 -18.30 8.17 -93.84
N LEU A 4648 -17.99 7.30 -94.81
CA LEU A 4648 -17.71 5.91 -94.46
C LEU A 4648 -16.43 5.80 -93.64
N LEU A 4649 -15.49 6.72 -93.84
CA LEU A 4649 -14.29 6.73 -93.02
C LEU A 4649 -14.63 6.92 -91.55
N HIS A 4650 -15.60 7.79 -91.27
CA HIS A 4650 -16.06 7.97 -89.89
C HIS A 4650 -16.74 6.72 -89.37
N THR A 4651 -17.48 6.02 -90.23
CA THR A 4651 -18.21 4.84 -89.77
C THR A 4651 -17.27 3.67 -89.52
N LEU A 4652 -16.28 3.49 -90.40
CA LEU A 4652 -15.39 2.34 -90.28
C LEU A 4652 -14.59 2.40 -88.99
N VAL A 4653 -14.05 3.57 -88.64
CA VAL A 4653 -13.28 3.68 -87.40
C VAL A 4653 -14.19 3.43 -86.21
N ALA A 4654 -15.47 3.73 -86.34
CA ALA A 4654 -16.43 3.36 -85.30
C ALA A 4654 -16.78 1.87 -85.37
N PHE A 4655 -16.77 1.30 -86.58
CA PHE A 4655 -17.18 -0.10 -86.72
C PHE A 4655 -16.23 -1.03 -85.99
N LEU A 4656 -14.92 -0.77 -86.07
CA LEU A 4656 -13.96 -1.61 -85.37
C LEU A 4656 -14.11 -1.49 -83.86
N CYS A 4657 -14.64 -0.35 -83.38
CA CYS A 4657 -14.85 -0.20 -81.95
C CYS A 4657 -15.85 -1.21 -81.42
N ILE A 4658 -16.79 -1.65 -82.25
CA ILE A 4658 -17.74 -2.67 -81.84
C ILE A 4658 -17.02 -3.96 -81.49
N ILE A 4659 -16.12 -4.41 -82.37
CA ILE A 4659 -15.41 -5.66 -82.13
C ILE A 4659 -14.48 -5.53 -80.93
N GLY A 4660 -13.74 -4.42 -80.84
CA GLY A 4660 -12.86 -4.23 -79.71
C GLY A 4660 -13.61 -4.20 -78.39
N TYR A 4661 -14.75 -3.50 -78.35
CA TYR A 4661 -15.57 -3.51 -77.15
C TYR A 4661 -16.10 -4.91 -76.87
N ASN A 4662 -16.51 -5.63 -77.92
CA ASN A 4662 -17.03 -6.99 -77.74
C ASN A 4662 -15.94 -7.98 -77.36
N CYS A 4663 -14.67 -7.67 -77.65
CA CYS A 4663 -13.58 -8.60 -77.37
C CYS A 4663 -12.76 -8.21 -76.16
N LEU A 4664 -12.95 -7.02 -75.60
CA LEU A 4664 -12.15 -6.57 -74.48
C LEU A 4664 -12.96 -6.16 -73.27
N LYS A 4665 -14.12 -5.53 -73.47
CA LYS A 4665 -14.89 -4.99 -72.35
C LYS A 4665 -16.00 -5.91 -71.87
N VAL A 4666 -16.32 -6.98 -72.60
CA VAL A 4666 -17.38 -7.87 -72.15
C VAL A 4666 -16.91 -9.33 -72.02
N PRO A 4667 -15.71 -9.61 -71.48
CA PRO A 4667 -15.54 -10.89 -70.79
C PRO A 4667 -15.70 -10.72 -69.30
N LEU A 4668 -15.75 -9.46 -68.85
CA LEU A 4668 -15.91 -9.13 -67.45
C LEU A 4668 -17.36 -8.87 -67.07
N VAL A 4669 -18.15 -8.33 -67.99
CA VAL A 4669 -19.55 -8.07 -67.69
C VAL A 4669 -20.26 -9.36 -67.32
N ILE A 4670 -19.94 -10.45 -68.01
CA ILE A 4670 -20.44 -11.76 -67.62
C ILE A 4670 -19.93 -12.13 -66.24
N PHE A 4671 -18.66 -11.87 -65.97
CA PHE A 4671 -18.06 -12.26 -64.70
C PHE A 4671 -18.72 -11.54 -63.53
N LYS A 4672 -19.05 -10.27 -63.71
CA LYS A 4672 -19.70 -9.52 -62.63
C LYS A 4672 -21.03 -10.15 -62.25
N ARG A 4673 -21.83 -10.52 -63.25
CA ARG A 4673 -23.09 -11.19 -62.97
C ARG A 4673 -22.88 -12.63 -62.52
N GLU A 4674 -21.83 -13.28 -63.03
CA GLU A 4674 -21.54 -14.65 -62.61
C GLU A 4674 -21.18 -14.71 -61.13
N LYS A 4675 -20.34 -13.79 -60.67
CA LYS A 4675 -19.87 -13.86 -59.29
C LYS A 4675 -21.00 -13.61 -58.30
N GLU A 4676 -21.84 -12.61 -58.56
CA GLU A 4676 -22.86 -12.23 -57.59
C GLU A 4676 -23.88 -13.36 -57.39
N LEU A 4677 -24.25 -14.05 -58.47
CA LEU A 4677 -25.20 -15.14 -58.33
C LEU A 4677 -24.57 -16.32 -57.60
N ALA A 4678 -23.33 -16.66 -57.93
CA ALA A 4678 -22.66 -17.75 -57.22
C ALA A 4678 -22.47 -17.42 -55.75
N ARG A 4679 -22.05 -16.18 -55.46
CA ARG A 4679 -21.93 -15.76 -54.07
C ARG A 4679 -23.30 -15.72 -53.40
N LYS A 4680 -24.34 -15.37 -54.17
CA LYS A 4680 -25.70 -15.46 -53.64
C LYS A 4680 -26.04 -16.89 -53.25
N LEU A 4681 -25.83 -17.84 -54.16
CA LEU A 4681 -26.22 -19.22 -53.90
C LEU A 4681 -25.47 -19.83 -52.74
N GLU A 4682 -24.26 -19.35 -52.44
CA GLU A 4682 -23.51 -19.89 -51.31
C GLU A 4682 -24.15 -19.50 -49.98
N PHE A 4683 -24.68 -18.28 -49.89
CA PHE A 4683 -25.30 -17.78 -48.67
C PHE A 4683 -26.82 -17.78 -48.72
N ASP A 4684 -27.39 -17.38 -49.85
CA ASP A 4684 -28.83 -17.18 -49.96
C ASP A 4684 -29.46 -18.26 -50.83
N GLY A 4685 -30.70 -18.59 -50.49
CA GLY A 4685 -31.49 -19.52 -51.27
C GLY A 4685 -32.78 -18.88 -51.74
N LEU A 4686 -32.70 -17.62 -52.16
CA LEU A 4686 -33.88 -16.89 -52.61
C LEU A 4686 -34.59 -17.65 -53.73
N TYR A 4687 -33.83 -18.17 -54.70
CA TYR A 4687 -34.40 -18.99 -55.75
C TYR A 4687 -34.86 -20.36 -55.24
N ILE A 4688 -34.49 -20.74 -54.02
CA ILE A 4688 -34.79 -22.06 -53.48
C ILE A 4688 -35.71 -21.96 -52.26
N THR A 4689 -35.36 -21.10 -51.31
CA THR A 4689 -36.03 -21.13 -50.01
C THR A 4689 -37.38 -20.41 -50.04
N GLU A 4690 -37.37 -19.09 -50.28
CA GLU A 4690 -38.61 -18.34 -50.15
C GLU A 4690 -39.31 -18.12 -51.49
N GLN A 4691 -38.70 -17.33 -52.37
CA GLN A 4691 -39.23 -17.00 -53.68
C GLN A 4691 -38.24 -16.09 -54.39
N PRO A 4692 -38.18 -16.11 -55.72
CA PRO A 4692 -37.43 -15.05 -56.42
C PRO A 4692 -38.10 -13.71 -56.23
N GLY A 4693 -37.28 -12.66 -56.33
CA GLY A 4693 -37.77 -11.30 -56.16
C GLY A 4693 -38.84 -10.91 -57.17
N ASP A 4695 -41.48 -6.62 -60.19
CA ASP A 4695 -40.64 -6.36 -59.04
C ASP A 4695 -39.36 -7.20 -59.08
N ASP A 4696 -39.09 -7.78 -60.24
CA ASP A 4696 -37.92 -8.63 -60.41
C ASP A 4696 -37.11 -8.23 -61.64
N VAL A 4697 -36.95 -6.93 -61.87
CA VAL A 4697 -36.20 -6.42 -63.02
C VAL A 4697 -34.75 -6.90 -62.92
N LYS A 4698 -34.25 -7.48 -64.00
CA LYS A 4698 -32.88 -7.99 -64.10
C LYS A 4698 -32.68 -9.19 -63.18
N GLY A 4699 -33.70 -9.54 -62.40
CA GLY A 4699 -33.63 -10.73 -61.58
C GLY A 4699 -34.50 -11.85 -62.11
N GLN A 4700 -35.65 -11.50 -62.68
CA GLN A 4700 -36.51 -12.51 -63.28
C GLN A 4700 -35.83 -13.17 -64.48
N TRP A 4701 -35.09 -12.38 -65.25
CA TRP A 4701 -34.35 -12.92 -66.39
C TRP A 4701 -33.30 -13.94 -65.96
N ASP A 4702 -32.84 -13.88 -64.71
CA ASP A 4702 -31.79 -14.75 -64.24
C ASP A 4702 -32.21 -16.21 -64.09
N ARG A 4703 -33.52 -16.48 -64.07
CA ARG A 4703 -33.96 -17.87 -63.92
C ARG A 4703 -33.56 -18.74 -65.10
N LEU A 4704 -33.25 -18.14 -66.25
CA LEU A 4704 -32.90 -18.94 -67.42
C LEU A 4704 -31.60 -19.71 -67.21
N VAL A 4705 -30.60 -19.10 -66.57
CA VAL A 4705 -29.28 -19.72 -66.46
C VAL A 4705 -29.25 -20.89 -65.50
N LEU A 4706 -30.29 -21.06 -64.67
CA LEU A 4706 -30.29 -22.12 -63.67
C LEU A 4706 -30.21 -23.50 -64.33
N ASN A 4707 -30.97 -23.71 -65.40
CA ASN A 4707 -30.98 -24.98 -66.10
C ASN A 4707 -29.86 -25.11 -67.12
N THR A 4708 -29.14 -24.04 -67.40
CA THR A 4708 -28.06 -24.11 -68.38
C THR A 4708 -26.89 -24.87 -67.79
N PRO A 4709 -26.41 -25.94 -68.45
CA PRO A 4709 -25.27 -26.70 -67.92
C PRO A 4709 -23.97 -25.91 -67.87
N SER A 4710 -23.85 -24.79 -68.58
CA SER A 4710 -22.61 -24.03 -68.67
C SER A 4710 -22.69 -22.73 -67.89
N PHE A 4711 -23.34 -22.76 -66.73
CA PHE A 4711 -23.38 -21.56 -65.87
C PHE A 4711 -22.00 -21.09 -65.43
N PRO A 4712 -21.10 -21.94 -64.91
CA PRO A 4712 -19.83 -21.42 -64.41
C PRO A 4712 -18.80 -21.17 -65.49
N SER A 4713 -19.26 -21.04 -66.74
CA SER A 4713 -18.35 -20.96 -67.89
C SER A 4713 -17.36 -19.82 -67.77
N ASN A 4714 -17.69 -18.77 -67.02
CA ASN A 4714 -16.79 -17.64 -66.85
C ASN A 4714 -16.24 -17.51 -65.44
N TYR A 4715 -17.04 -17.82 -64.41
CA TYR A 4715 -16.61 -17.62 -63.04
C TYR A 4715 -15.50 -18.60 -62.66
N TRP A 4716 -14.75 -18.24 -61.62
CA TRP A 4716 -13.65 -19.09 -61.17
C TRP A 4716 -14.14 -20.45 -60.71
N ASP A 4717 -15.13 -20.46 -59.83
CA ASP A 4717 -15.66 -21.73 -59.34
C ASP A 4717 -16.44 -22.43 -60.44
N LYS A 4718 -16.21 -23.73 -60.57
CA LYS A 4718 -16.93 -24.56 -61.54
C LYS A 4718 -17.60 -25.75 -60.86
N PHE A 4719 -17.86 -25.64 -59.54
CA PHE A 4719 -18.49 -26.72 -58.80
C PHE A 4719 -19.59 -26.20 -57.88
N VAL A 4720 -20.22 -25.07 -58.24
CA VAL A 4720 -21.18 -24.43 -57.35
C VAL A 4720 -22.38 -25.32 -57.08
N LYS A 4721 -22.74 -26.17 -58.04
CA LYS A 4721 -23.92 -27.02 -57.89
C LYS A 4721 -23.75 -28.00 -56.72
N ARG A 4722 -22.52 -28.38 -56.40
CA ARG A 4722 -22.29 -29.31 -55.31
C ARG A 4722 -22.35 -28.64 -53.93
N LYS A 4723 -21.88 -27.40 -53.80
CA LYS A 4723 -22.01 -26.74 -52.50
C LYS A 4723 -23.47 -26.48 -52.14
N VAL A 4724 -24.28 -26.02 -53.10
CA VAL A 4724 -25.67 -25.70 -52.80
C VAL A 4724 -26.44 -26.96 -52.43
N LEU A 4725 -26.11 -28.09 -53.06
CA LEU A 4725 -26.76 -29.34 -52.73
C LEU A 4725 -26.47 -29.77 -51.31
N ASP A 4726 -25.24 -29.52 -50.83
CA ASP A 4726 -24.86 -29.95 -49.49
C ASP A 4726 -25.68 -29.27 -48.42
N LYS A 4727 -25.93 -27.96 -48.57
CA LYS A 4727 -26.60 -27.20 -47.52
C LYS A 4727 -28.11 -27.25 -47.59
N HIS A 4728 -28.68 -27.40 -48.80
CA HIS A 4728 -30.13 -27.32 -48.96
C HIS A 4728 -30.75 -28.55 -49.62
N GLY A 4729 -29.95 -29.41 -50.25
CA GLY A 4729 -30.53 -30.59 -50.89
C GLY A 4729 -31.16 -31.56 -49.92
N ASP A 4730 -30.52 -31.78 -48.77
CA ASP A 4730 -31.03 -32.75 -47.81
C ASP A 4730 -32.25 -32.21 -47.06
N ILE A 4731 -32.19 -30.94 -46.64
CA ILE A 4731 -33.29 -30.36 -45.88
C ILE A 4731 -34.57 -30.27 -46.70
N PHE A 4732 -34.45 -30.23 -48.03
CA PHE A 4732 -35.57 -30.19 -48.95
C PHE A 4732 -35.63 -31.50 -49.73
N GLY A 4733 -36.55 -31.55 -50.69
CA GLY A 4733 -36.57 -32.67 -51.62
C GLY A 4733 -35.31 -32.70 -52.44
N ARG A 4734 -34.45 -33.67 -52.19
CA ARG A 4734 -33.14 -33.70 -52.84
C ARG A 4734 -33.27 -33.84 -54.35
N GLU A 4735 -34.25 -34.63 -54.82
CA GLU A 4735 -34.49 -34.73 -56.25
C GLU A 4735 -34.96 -33.39 -56.81
N ARG A 4736 -35.77 -32.65 -56.05
CA ARG A 4736 -36.25 -31.35 -56.50
C ARG A 4736 -35.10 -30.36 -56.67
N ILE A 4737 -34.19 -30.32 -55.70
CA ILE A 4737 -33.02 -29.45 -55.81
C ILE A 4737 -32.11 -29.93 -56.94
N ALA A 4738 -31.92 -31.24 -57.05
CA ALA A 4738 -31.10 -31.80 -58.11
C ALA A 4738 -31.72 -31.62 -59.49
N GLU A 4739 -33.00 -31.26 -59.57
CA GLU A 4739 -33.68 -31.03 -60.84
C GLU A 4739 -33.75 -29.56 -61.23
N LEU A 4740 -34.10 -28.69 -60.28
CA LEU A 4740 -34.29 -27.29 -60.60
C LEU A 4740 -32.98 -26.63 -61.05
N LEU A 4741 -31.87 -26.98 -60.42
CA LEU A 4741 -30.59 -26.34 -60.67
C LEU A 4741 -29.77 -27.09 -61.71
N GLY A 4742 -30.42 -27.80 -62.61
CA GLY A 4742 -29.71 -28.55 -63.65
C GLY A 4742 -29.47 -29.99 -63.23
N MET A 4743 -28.20 -30.40 -63.20
CA MET A 4743 -27.79 -31.75 -62.82
C MET A 4743 -28.53 -32.80 -63.65
N ASP A 4744 -28.26 -32.80 -64.95
CA ASP A 4744 -28.86 -33.78 -65.85
C ASP A 4744 -28.37 -35.18 -65.51
N LEU A 4745 -29.23 -35.99 -64.90
CA LEU A 4745 -28.91 -37.35 -64.47
C LEU A 4745 -27.76 -37.38 -63.47
N ALA A 4746 -27.40 -36.24 -62.88
CA ALA A 4746 -26.29 -36.17 -61.95
C ALA A 4746 -26.63 -36.70 -60.57
N SER A 4747 -27.91 -36.98 -60.30
CA SER A 4747 -28.27 -37.58 -59.02
C SER A 4747 -27.61 -38.93 -58.84
N LEU A 4748 -27.54 -39.73 -59.90
CA LEU A 4748 -26.81 -40.98 -59.88
C LEU A 4748 -25.42 -40.87 -60.51
N GLU A 4749 -25.14 -39.78 -61.24
CA GLU A 4749 -23.84 -39.57 -61.86
C GLU A 4749 -22.90 -38.76 -60.98
N ILE A 4750 -23.32 -38.38 -59.77
CA ILE A 4750 -22.44 -37.62 -58.88
C ILE A 4750 -21.24 -38.47 -58.48
N THR A 4751 -21.49 -39.73 -58.11
CA THR A 4751 -20.41 -40.65 -57.76
C THR A 4751 -19.80 -41.35 -58.96
N ALA A 4752 -20.43 -41.24 -60.14
CA ALA A 4752 -19.89 -41.90 -61.32
C ALA A 4752 -18.54 -41.35 -61.73
N HIS A 4753 -18.36 -40.03 -61.64
CA HIS A 4753 -17.11 -39.38 -62.01
C HIS A 4753 -16.08 -39.45 -60.89
N ASN A 4754 -15.80 -40.67 -60.43
CA ASN A 4754 -14.84 -40.90 -59.36
C ASN A 4754 -13.84 -42.00 -59.66
N GLU A 4755 -14.11 -42.90 -60.61
CA GLU A 4755 -13.19 -43.99 -60.91
C GLU A 4755 -12.02 -43.51 -61.76
N ARG A 4756 -12.31 -42.96 -62.93
CA ARG A 4756 -11.27 -42.48 -63.84
C ARG A 4756 -11.91 -41.43 -64.75
N LYS A 4757 -11.10 -40.92 -65.68
CA LYS A 4757 -11.58 -39.90 -66.61
C LYS A 4757 -10.79 -39.93 -67.90
N PRO A 4758 -11.41 -40.29 -69.02
CA PRO A 4758 -10.72 -40.25 -70.32
C PRO A 4758 -10.67 -38.82 -70.86
N ASP A 4759 -9.90 -38.64 -71.92
CA ASP A 4759 -9.70 -37.33 -72.55
C ASP A 4759 -10.15 -37.39 -74.00
N PRO A 4760 -11.37 -36.93 -74.31
CA PRO A 4760 -11.81 -36.94 -75.70
C PRO A 4760 -11.07 -35.90 -76.52
N PRO A 4761 -10.88 -36.14 -77.82
CA PRO A 4761 -10.20 -35.15 -78.66
C PRO A 4761 -11.09 -33.95 -78.93
N PRO A 4762 -10.51 -32.79 -79.24
CA PRO A 4762 -11.35 -31.61 -79.52
C PRO A 4762 -12.07 -31.76 -80.86
N GLY A 4763 -13.32 -31.31 -80.88
CA GLY A 4763 -14.13 -31.37 -82.08
C GLY A 4763 -14.58 -30.01 -82.56
N LEU A 4764 -13.68 -29.03 -82.53
CA LEU A 4764 -14.03 -27.68 -82.91
C LEU A 4764 -14.37 -27.61 -84.40
N LEU A 4765 -15.26 -26.67 -84.73
CA LEU A 4765 -15.72 -26.42 -86.10
C LEU A 4765 -16.50 -27.62 -86.66
N THR A 4766 -16.74 -28.63 -85.83
CA THR A 4766 -17.52 -29.79 -86.21
C THR A 4766 -18.80 -29.93 -85.42
N TRP A 4767 -18.71 -29.87 -84.09
CA TRP A 4767 -19.88 -29.95 -83.21
C TRP A 4767 -20.10 -28.64 -82.46
N LEU A 4768 -19.81 -27.50 -83.10
CA LEU A 4768 -19.97 -26.22 -82.44
C LEU A 4768 -21.43 -25.93 -82.12
N MET A 4769 -22.36 -26.44 -82.92
CA MET A 4769 -23.77 -26.23 -82.64
C MET A 4769 -24.22 -26.99 -81.39
N SER A 4770 -23.44 -27.97 -80.94
CA SER A 4770 -23.75 -28.71 -79.72
C SER A 4770 -23.30 -27.93 -78.49
N ILE A 4771 -23.87 -26.73 -78.34
CA ILE A 4771 -23.58 -25.85 -77.22
C ILE A 4771 -24.89 -25.39 -76.62
N ASP A 4772 -24.80 -24.79 -75.44
CA ASP A 4772 -25.99 -24.30 -74.75
C ASP A 4772 -26.52 -23.06 -75.43
N VAL A 4773 -27.25 -23.25 -76.53
CA VAL A 4773 -27.82 -22.12 -77.26
C VAL A 4773 -28.79 -21.35 -76.37
N LYS A 4774 -29.47 -22.05 -75.45
CA LYS A 4774 -30.34 -21.38 -74.50
C LYS A 4774 -29.56 -20.40 -73.64
N TYR A 4775 -28.35 -20.80 -73.20
CA TYR A 4775 -27.51 -19.89 -72.44
C TYR A 4775 -27.02 -18.72 -73.29
N GLN A 4776 -26.84 -18.95 -74.60
CA GLN A 4776 -26.43 -17.86 -75.47
C GLN A 4776 -27.46 -16.74 -75.48
N ILE A 4777 -28.75 -17.09 -75.47
CA ILE A 4777 -29.80 -16.09 -75.36
C ILE A 4777 -29.68 -15.34 -74.05
N TRP A 4778 -29.32 -16.04 -72.97
CA TRP A 4778 -29.15 -15.38 -71.68
C TRP A 4778 -28.02 -14.37 -71.73
N LYS A 4779 -26.93 -14.71 -72.39
CA LYS A 4779 -25.81 -13.77 -72.51
C LYS A 4779 -26.21 -12.52 -73.28
N PHE A 4780 -26.95 -12.69 -74.37
CA PHE A 4780 -27.34 -11.55 -75.19
C PHE A 4780 -28.26 -10.60 -74.43
N GLY A 4781 -29.16 -11.16 -73.61
CA GLY A 4781 -30.04 -10.33 -72.82
C GLY A 4781 -29.29 -9.40 -71.88
N VAL A 4782 -28.20 -9.90 -71.30
CA VAL A 4782 -27.36 -9.05 -70.46
C VAL A 4782 -26.71 -7.96 -71.29
N ILE A 4783 -26.28 -8.29 -72.51
CA ILE A 4783 -25.59 -7.31 -73.35
C ILE A 4783 -26.51 -6.15 -73.70
N PHE A 4784 -27.74 -6.46 -74.10
CA PHE A 4784 -28.69 -5.41 -74.48
C PHE A 4784 -29.17 -4.60 -73.28
N THR A 4785 -28.89 -5.03 -72.06
CA THR A 4785 -29.21 -4.26 -70.87
C THR A 4785 -28.03 -3.44 -70.38
N ASP A 4786 -26.85 -3.60 -70.97
CA ASP A 4786 -25.69 -2.84 -70.55
C ASP A 4786 -25.86 -1.36 -70.89
N ASN A 4787 -25.50 -0.50 -69.94
CA ASN A 4787 -25.58 0.93 -70.18
C ASN A 4787 -24.55 1.39 -71.21
N SER A 4788 -23.31 0.93 -71.07
CA SER A 4788 -22.25 1.41 -71.96
C SER A 4788 -22.41 0.87 -73.38
N PHE A 4789 -22.82 -0.39 -73.51
CA PHE A 4789 -22.88 -0.99 -74.84
C PHE A 4789 -23.88 -0.28 -75.73
N LEU A 4790 -25.05 0.06 -75.20
CA LEU A 4790 -26.08 0.69 -76.02
C LEU A 4790 -25.61 2.06 -76.51
N TYR A 4791 -24.98 2.85 -75.64
CA TYR A 4791 -24.57 4.20 -76.03
C TYR A 4791 -23.59 4.17 -77.19
N LEU A 4792 -22.61 3.27 -77.14
CA LEU A 4792 -21.67 3.16 -78.26
C LEU A 4792 -22.38 2.62 -79.49
N GLY A 4793 -23.26 1.63 -79.33
CA GLY A 4793 -24.05 1.16 -80.45
C GLY A 4793 -25.00 2.23 -80.97
N TRP A 4794 -25.62 2.97 -80.06
CA TRP A 4794 -26.48 4.08 -80.47
C TRP A 4794 -25.70 5.13 -81.27
N TYR A 4795 -24.39 5.22 -81.04
CA TYR A 4795 -23.56 6.09 -81.84
C TYR A 4795 -23.44 5.57 -83.27
N MET A 4796 -23.46 4.25 -83.44
CA MET A 4796 -23.29 3.67 -84.76
C MET A 4796 -24.43 4.03 -85.71
N VAL A 4797 -25.66 4.00 -85.21
CA VAL A 4797 -26.82 4.04 -86.10
C VAL A 4797 -26.89 5.36 -86.86
N MET A 4798 -26.57 6.47 -86.19
CA MET A 4798 -26.53 7.75 -86.89
C MET A 4798 -25.43 7.78 -87.94
N SER A 4799 -24.26 7.20 -87.64
CA SER A 4799 -23.18 7.18 -88.62
C SER A 4799 -23.62 6.45 -89.89
N LEU A 4800 -24.27 5.31 -89.73
CA LEU A 4800 -24.87 4.64 -90.88
C LEU A 4800 -25.97 5.50 -91.49
N LEU A 4801 -26.83 6.07 -90.66
CA LEU A 4801 -27.90 6.91 -91.17
C LEU A 4801 -27.40 8.23 -91.72
N GLY A 4802 -26.19 8.65 -91.33
CA GLY A 4802 -25.66 9.91 -91.80
C GLY A 4802 -25.32 9.91 -93.28
N HIS A 4803 -25.23 8.74 -93.90
CA HIS A 4803 -24.90 8.68 -95.32
C HIS A 4803 -26.00 9.24 -96.21
N TYR A 4804 -27.22 9.38 -95.68
CA TYR A 4804 -28.23 10.13 -96.41
C TYR A 4804 -27.82 11.59 -96.51
N ASN A 4805 -28.34 12.26 -97.53
CA ASN A 4805 -27.98 13.65 -97.81
C ASN A 4805 -28.61 14.53 -96.72
N ASN A 4806 -27.98 14.54 -95.56
CA ASN A 4806 -28.52 15.22 -94.39
C ASN A 4806 -27.35 15.66 -93.51
N PHE A 4807 -27.67 16.32 -92.40
CA PHE A 4807 -26.68 16.85 -91.49
C PHE A 4807 -26.56 16.03 -90.21
N PHE A 4808 -26.92 14.75 -90.25
CA PHE A 4808 -26.96 13.93 -89.05
C PHE A 4808 -25.59 13.80 -88.41
N PHE A 4809 -24.53 14.09 -89.17
CA PHE A 4809 -23.17 14.00 -88.64
C PHE A 4809 -22.91 14.97 -87.50
N ALA A 4810 -23.74 16.01 -87.35
CA ALA A 4810 -23.54 16.94 -86.24
C ALA A 4810 -23.85 16.29 -84.90
N ALA A 4811 -24.79 15.34 -84.87
CA ALA A 4811 -25.16 14.70 -83.61
C ALA A 4811 -24.02 13.89 -83.02
N HIS A 4812 -23.06 13.46 -83.84
CA HIS A 4812 -21.91 12.74 -83.31
C HIS A 4812 -21.13 13.57 -82.31
N LEU A 4813 -21.17 14.90 -82.46
CA LEU A 4813 -20.40 15.77 -81.58
C LEU A 4813 -20.92 15.74 -80.15
N LEU A 4814 -22.24 15.78 -79.98
CA LEU A 4814 -22.82 16.02 -78.67
C LEU A 4814 -22.56 14.86 -77.72
N ASP A 4815 -22.86 13.63 -78.16
CA ASP A 4815 -22.85 12.50 -77.26
C ASP A 4815 -21.45 12.03 -76.88
N ILE A 4816 -20.41 12.58 -77.50
CA ILE A 4816 -19.04 12.22 -77.15
C ILE A 4816 -18.30 13.38 -76.50
N ALA A 4817 -18.59 14.61 -76.91
CA ALA A 4817 -17.99 15.78 -76.27
C ALA A 4817 -18.31 15.84 -74.79
N MET A 4818 -19.36 15.14 -74.36
CA MET A 4818 -19.70 15.01 -72.95
C MET A 4818 -18.69 14.15 -72.19
N GLY A 4819 -17.76 13.48 -72.88
CA GLY A 4819 -16.80 12.63 -72.20
C GLY A 4819 -15.89 13.36 -71.23
N VAL A 4820 -15.79 14.68 -71.34
CA VAL A 4820 -15.01 15.44 -70.38
C VAL A 4820 -15.65 15.36 -69.00
N LYS A 4821 -14.82 15.17 -67.98
CA LYS A 4821 -15.33 14.96 -66.64
C LYS A 4821 -16.05 16.21 -66.12
N THR A 4822 -15.42 17.37 -66.24
CA THR A 4822 -16.03 18.58 -65.71
C THR A 4822 -17.29 18.95 -66.49
N LEU A 4823 -17.37 18.55 -67.76
CA LEU A 4823 -18.60 18.80 -68.51
C LEU A 4823 -19.70 17.84 -68.09
N ARG A 4824 -19.34 16.62 -67.70
CA ARG A 4824 -20.34 15.64 -67.29
C ARG A 4824 -21.11 16.10 -66.06
N THR A 4825 -20.42 16.77 -65.13
CA THR A 4825 -21.10 17.28 -63.94
C THR A 4825 -22.18 18.28 -64.31
N ILE A 4826 -21.89 19.15 -65.28
CA ILE A 4826 -22.86 20.16 -65.68
C ILE A 4826 -24.12 19.50 -66.25
N LEU A 4827 -23.95 18.57 -67.18
CA LEU A 4827 -25.11 17.96 -67.83
C LEU A 4827 -25.85 17.05 -66.87
N SER A 4828 -25.14 16.37 -65.98
CA SER A 4828 -25.80 15.48 -65.03
C SER A 4828 -26.54 16.24 -63.94
N SER A 4829 -26.29 17.55 -63.82
CA SER A 4829 -26.93 18.33 -62.76
C SER A 4829 -28.44 18.33 -62.92
N VAL A 4830 -28.93 18.53 -64.15
CA VAL A 4830 -30.38 18.52 -64.38
C VAL A 4830 -30.94 17.13 -64.12
N THR A 4831 -30.18 16.07 -64.43
CA THR A 4831 -30.65 14.72 -64.17
C THR A 4831 -30.77 14.46 -62.67
N HIS A 4832 -29.85 15.02 -61.88
CA HIS A 4832 -29.79 14.69 -60.45
C HIS A 4832 -31.05 15.12 -59.73
N ASN A 4833 -31.57 16.31 -60.04
CA ASN A 4833 -32.76 16.83 -59.40
C ASN A 4833 -34.00 16.71 -60.26
N GLY A 4834 -34.04 15.74 -61.17
CA GLY A 4834 -35.17 15.62 -62.08
C GLY A 4834 -36.48 15.35 -61.38
N LYS A 4835 -36.44 14.64 -60.25
CA LYS A 4835 -37.65 14.31 -59.52
C LYS A 4835 -38.27 15.49 -58.80
N GLN A 4836 -37.58 16.62 -58.74
CA GLN A 4836 -38.00 17.77 -57.96
C GLN A 4836 -38.70 18.83 -58.82
N LEU A 4837 -38.06 19.25 -59.91
CA LEU A 4837 -38.63 20.31 -60.74
C LEU A 4837 -39.83 19.85 -61.54
N VAL A 4838 -39.96 18.54 -61.79
CA VAL A 4838 -41.06 18.03 -62.60
C VAL A 4838 -42.40 18.31 -61.93
N MET A 4839 -42.44 18.22 -60.59
CA MET A 4839 -43.65 18.58 -59.86
C MET A 4839 -43.78 20.09 -59.68
N THR A 4840 -42.70 20.84 -59.83
CA THR A 4840 -42.72 22.29 -59.65
C THR A 4840 -43.14 23.03 -60.90
N VAL A 4841 -42.60 22.65 -62.07
CA VAL A 4841 -42.99 23.28 -63.32
C VAL A 4841 -44.47 23.05 -63.60
N GLY A 4842 -45.03 21.95 -63.09
CA GLY A 4842 -46.45 21.73 -63.22
C GLY A 4842 -47.26 22.81 -62.53
N LEU A 4843 -46.80 23.29 -61.37
CA LEU A 4843 -47.50 24.38 -60.70
C LEU A 4843 -47.45 25.65 -61.53
N LEU A 4844 -46.40 25.83 -62.34
CA LEU A 4844 -46.36 26.98 -63.24
C LEU A 4844 -47.48 26.91 -64.26
N ALA A 4845 -47.74 25.72 -64.79
CA ALA A 4845 -48.74 25.59 -65.85
C ALA A 4845 -50.15 25.83 -65.35
N VAL A 4846 -50.39 25.65 -64.05
CA VAL A 4846 -51.73 25.85 -63.53
C VAL A 4846 -51.97 27.27 -63.05
N VAL A 4847 -50.93 27.95 -62.55
CA VAL A 4847 -51.10 29.33 -62.10
C VAL A 4847 -51.47 30.22 -63.29
N VAL A 4848 -50.78 30.05 -64.42
CA VAL A 4848 -51.11 30.83 -65.60
C VAL A 4848 -52.52 30.50 -66.07
N TYR A 4849 -52.95 29.24 -65.90
CA TYR A 4849 -54.30 28.87 -66.30
C TYR A 4849 -55.34 29.69 -65.54
N LEU A 4850 -55.13 29.91 -64.25
CA LEU A 4850 -56.03 30.78 -63.50
C LEU A 4850 -56.06 32.17 -64.10
N TYR A 4851 -54.89 32.75 -64.35
CA TYR A 4851 -54.85 34.05 -65.02
C TYR A 4851 -55.34 33.96 -66.46
N THR A 4852 -55.32 32.78 -67.07
CA THR A 4852 -55.80 32.66 -68.44
C THR A 4852 -57.32 32.82 -68.49
N VAL A 4853 -58.04 32.13 -67.61
CA VAL A 4853 -59.50 32.16 -67.68
C VAL A 4853 -60.05 33.50 -67.22
N VAL A 4854 -59.43 34.14 -66.23
CA VAL A 4854 -59.98 35.37 -65.69
C VAL A 4854 -59.98 36.48 -66.75
N ALA A 4855 -58.91 36.57 -67.53
CA ALA A 4855 -58.87 37.56 -68.58
C ALA A 4855 -59.81 37.20 -69.72
N PHE A 4856 -59.89 35.91 -70.07
CA PHE A 4856 -60.77 35.49 -71.15
C PHE A 4856 -62.23 35.76 -70.81
N ASN A 4857 -62.56 35.84 -69.53
CA ASN A 4857 -63.93 36.08 -69.11
C ASN A 4857 -64.25 37.57 -68.99
N PHE A 4858 -63.29 38.39 -68.56
CA PHE A 4858 -63.53 39.80 -68.29
C PHE A 4858 -62.72 40.72 -69.19
N PHE A 4859 -61.43 40.45 -69.37
CA PHE A 4859 -60.53 41.33 -70.09
C PHE A 4859 -60.39 40.98 -71.56
N ARG A 4860 -61.43 40.39 -72.15
CA ARG A 4860 -61.34 39.93 -73.53
C ARG A 4860 -61.17 41.09 -74.50
N LYS A 4861 -61.77 42.24 -74.22
CA LYS A 4861 -61.81 43.34 -75.17
C LYS A 4861 -60.59 44.25 -75.11
N PHE A 4862 -59.47 43.78 -74.54
CA PHE A 4862 -58.27 44.60 -74.45
C PHE A 4862 -57.07 44.04 -75.20
N TYR A 4863 -57.02 42.74 -75.48
CA TYR A 4863 -55.83 42.17 -76.11
C TYR A 4863 -55.60 42.78 -77.48
N ASN A 4864 -56.49 42.53 -78.42
CA ASN A 4864 -56.60 43.33 -79.64
C ASN A 4864 -55.27 43.59 -80.34
N LYS A 4865 -54.64 42.54 -80.90
CA LYS A 4865 -53.33 42.68 -81.53
C LYS A 4865 -53.37 43.70 -82.67
N SER A 4866 -54.56 43.97 -83.20
CA SER A 4866 -54.82 45.12 -84.06
C SER A 4866 -53.97 45.09 -85.34
N GLU A 4867 -54.23 44.08 -86.16
CA GLU A 4867 -53.75 44.13 -87.54
C GLU A 4867 -54.55 45.18 -88.31
N ASP A 4868 -54.06 45.55 -89.49
CA ASP A 4868 -54.49 46.78 -90.13
C ASP A 4868 -55.99 46.82 -90.45
N GLU A 4869 -56.70 47.72 -89.77
CA GLU A 4869 -58.09 48.11 -90.00
C GLU A 4869 -59.10 47.02 -89.65
N ASP A 4870 -58.66 45.82 -89.28
CA ASP A 4870 -59.57 44.78 -88.87
C ASP A 4870 -58.97 44.04 -87.68
N GLU A 4871 -59.83 43.44 -86.87
CA GLU A 4871 -59.39 42.66 -85.70
C GLU A 4871 -60.10 41.31 -85.65
N PRO A 4872 -59.77 40.39 -86.56
CA PRO A 4872 -60.26 39.02 -86.42
C PRO A 4872 -59.36 38.12 -85.58
N ASP A 4873 -58.17 38.59 -85.20
CA ASP A 4873 -57.18 37.77 -84.49
C ASP A 4873 -57.15 38.22 -83.04
N MET A 4874 -58.10 37.72 -82.25
CA MET A 4874 -58.17 38.01 -80.83
C MET A 4874 -57.70 36.78 -80.07
N LYS A 4875 -56.63 36.94 -79.29
CA LYS A 4875 -56.08 35.81 -78.56
C LYS A 4875 -57.08 35.27 -77.54
N CYS A 4876 -57.96 36.12 -77.04
CA CYS A 4876 -58.99 35.69 -76.09
C CYS A 4876 -60.31 35.37 -76.79
N ASP A 4877 -60.26 34.45 -77.75
CA ASP A 4877 -61.47 33.94 -78.40
C ASP A 4877 -61.70 32.46 -78.10
N ASP A 4878 -60.70 31.62 -78.30
CA ASP A 4878 -60.81 30.20 -78.02
C ASP A 4878 -60.22 29.90 -76.65
N MET A 4879 -60.76 28.86 -76.01
CA MET A 4879 -60.28 28.48 -74.69
C MET A 4879 -58.81 28.10 -74.73
N MET A 4880 -58.36 27.45 -75.80
CA MET A 4880 -56.98 27.02 -75.89
C MET A 4880 -56.08 28.08 -76.51
N THR A 4881 -56.61 28.92 -77.38
CA THR A 4881 -55.78 29.93 -78.03
C THR A 4881 -55.20 30.91 -77.02
N CYS A 4882 -56.01 31.36 -76.07
CA CYS A 4882 -55.52 32.29 -75.07
C CYS A 4882 -54.45 31.62 -74.19
N TYR A 4883 -54.64 30.34 -73.86
CA TYR A 4883 -53.65 29.63 -73.07
C TYR A 4883 -52.32 29.56 -73.81
N LEU A 4884 -52.34 29.26 -75.10
CA LEU A 4884 -51.09 29.19 -75.86
C LEU A 4884 -50.42 30.55 -75.94
N PHE A 4885 -51.20 31.63 -75.95
CA PHE A 4885 -50.63 32.96 -76.11
C PHE A 4885 -49.76 33.34 -74.92
N HIS A 4886 -50.21 33.03 -73.70
CA HIS A 4886 -49.52 33.53 -72.52
C HIS A 4886 -48.15 32.88 -72.35
N MET A 4887 -48.05 31.57 -72.55
CA MET A 4887 -46.77 30.90 -72.39
C MET A 4887 -45.93 30.92 -73.65
N TYR A 4888 -46.37 31.57 -74.71
CA TYR A 4888 -45.51 31.88 -75.83
C TYR A 4888 -44.93 33.29 -75.75
N VAL A 4889 -45.57 34.19 -75.00
CA VAL A 4889 -45.13 35.56 -74.86
C VAL A 4889 -44.91 35.94 -73.40
N GLY A 4890 -45.89 35.66 -72.55
CA GLY A 4890 -45.87 36.22 -71.20
C GLY A 4890 -44.66 35.79 -70.39
N VAL A 4891 -44.39 34.48 -70.35
CA VAL A 4891 -43.26 33.99 -69.57
C VAL A 4891 -41.93 34.26 -70.24
N ARG A 4892 -41.91 34.48 -71.55
CA ARG A 4892 -40.70 34.87 -72.26
C ARG A 4892 -40.62 36.39 -72.44
N ALA A 4893 -41.63 37.13 -71.98
CA ALA A 4893 -41.61 38.58 -72.15
C ALA A 4893 -40.47 39.22 -71.38
N GLY A 4894 -40.24 38.78 -70.14
CA GLY A 4894 -39.26 39.43 -69.31
C GLY A 4894 -39.68 40.83 -68.94
N GLY A 4895 -40.69 40.96 -68.08
CA GLY A 4895 -41.24 42.26 -67.76
C GLY A 4895 -42.74 42.22 -67.57
N GLY A 4896 -43.35 41.05 -67.74
CA GLY A 4896 -44.75 40.86 -67.45
C GLY A 4896 -45.60 40.90 -68.71
N ILE A 4897 -46.87 40.50 -68.52
CA ILE A 4897 -47.82 40.46 -69.62
C ILE A 4897 -48.14 41.85 -70.14
N GLY A 4898 -47.92 42.89 -69.35
CA GLY A 4898 -48.26 44.24 -69.74
C GLY A 4898 -47.24 44.88 -70.65
N ASP A 4899 -46.61 44.07 -71.50
CA ASP A 4899 -45.66 44.58 -72.48
C ASP A 4899 -46.11 44.36 -73.92
N GLU A 4900 -47.05 43.45 -74.16
CA GLU A 4900 -47.59 43.23 -75.51
C GLU A 4900 -49.10 43.38 -75.52
N ILE A 4901 -49.67 44.05 -74.53
CA ILE A 4901 -51.11 44.27 -74.44
C ILE A 4901 -51.37 45.74 -74.75
N GLU A 4902 -52.64 46.07 -74.96
CA GLU A 4902 -53.00 47.45 -75.27
C GLU A 4902 -52.93 48.32 -74.02
N ASP A 4903 -53.16 49.61 -74.24
CA ASP A 4903 -53.04 50.59 -73.15
C ASP A 4903 -54.18 50.42 -72.16
N PRO A 4904 -53.90 50.22 -70.88
CA PRO A 4904 -54.96 50.19 -69.86
C PRO A 4904 -55.41 51.56 -69.38
N ALA A 4905 -55.09 52.63 -70.09
CA ALA A 4905 -55.45 53.98 -69.67
C ALA A 4905 -56.92 54.30 -69.85
N GLY A 4906 -57.74 53.37 -70.35
CA GLY A 4906 -59.14 53.65 -70.52
C GLY A 4906 -59.86 53.86 -69.20
N ASP A 4907 -60.93 54.64 -69.26
CA ASP A 4907 -61.67 55.00 -68.05
C ASP A 4907 -62.27 53.77 -67.39
N GLU A 4908 -62.84 52.87 -68.18
CA GLU A 4908 -63.47 51.68 -67.61
C GLU A 4908 -62.41 50.70 -67.12
N TYR A 4909 -62.58 50.25 -65.87
CA TYR A 4909 -61.75 49.20 -65.29
C TYR A 4909 -60.27 49.59 -65.26
N GLU A 4910 -59.99 50.89 -65.12
CA GLU A 4910 -58.61 51.35 -65.15
C GLU A 4910 -57.81 50.76 -63.99
N LEU A 4911 -58.39 50.74 -62.80
CA LEU A 4911 -57.69 50.25 -61.61
C LEU A 4911 -57.68 48.73 -61.50
N TYR A 4912 -58.50 48.03 -62.30
CA TYR A 4912 -58.52 46.58 -62.20
C TYR A 4912 -57.32 45.95 -62.90
N ARG A 4913 -56.94 46.47 -64.07
CA ARG A 4913 -55.84 45.87 -64.81
C ARG A 4913 -54.54 45.93 -64.04
N VAL A 4914 -54.25 47.07 -63.41
CA VAL A 4914 -53.01 47.20 -62.66
C VAL A 4914 -52.97 46.20 -61.51
N VAL A 4915 -54.13 45.85 -60.97
CA VAL A 4915 -54.19 44.74 -60.02
C VAL A 4915 -53.85 43.43 -60.73
N PHE A 4916 -54.45 43.20 -61.90
CA PHE A 4916 -54.13 42.01 -62.67
C PHE A 4916 -52.68 42.02 -63.13
N ASP A 4917 -52.20 43.16 -63.63
CA ASP A 4917 -50.87 43.21 -64.21
C ASP A 4917 -49.79 43.03 -63.16
N ILE A 4918 -49.86 43.80 -62.06
CA ILE A 4918 -48.80 43.76 -61.06
C ILE A 4918 -48.75 42.39 -60.38
N THR A 4919 -49.91 41.84 -60.02
CA THR A 4919 -49.93 40.52 -59.41
C THR A 4919 -49.33 39.47 -60.31
N PHE A 4920 -49.48 39.63 -61.63
CA PHE A 4920 -48.80 38.75 -62.56
C PHE A 4920 -47.29 38.89 -62.44
N PHE A 4921 -46.80 40.11 -62.26
CA PHE A 4921 -45.36 40.34 -62.23
C PHE A 4921 -44.71 39.63 -61.05
N PHE A 4922 -45.33 39.66 -59.88
CA PHE A 4922 -44.75 39.01 -58.71
C PHE A 4922 -44.80 37.50 -58.83
N PHE A 4923 -45.93 36.96 -59.27
CA PHE A 4923 -46.20 35.55 -59.04
C PHE A 4923 -45.77 34.63 -60.17
N VAL A 4924 -45.12 35.14 -61.22
CA VAL A 4924 -44.50 34.22 -62.17
C VAL A 4924 -43.05 34.59 -62.41
N ILE A 4925 -42.78 35.84 -62.77
CA ILE A 4925 -41.43 36.22 -63.19
C ILE A 4925 -40.50 36.36 -62.00
N VAL A 4926 -40.93 37.11 -60.98
CA VAL A 4926 -40.04 37.40 -59.86
C VAL A 4926 -39.75 36.13 -59.06
N ILE A 4927 -40.76 35.28 -58.86
CA ILE A 4927 -40.62 34.18 -57.91
C ILE A 4927 -40.39 32.85 -58.61
N LEU A 4928 -41.35 32.43 -59.43
CA LEU A 4928 -41.35 31.05 -59.93
C LEU A 4928 -40.14 30.77 -60.79
N LEU A 4929 -39.79 31.69 -61.70
CA LEU A 4929 -38.61 31.47 -62.53
C LEU A 4929 -37.34 31.44 -61.68
N ALA A 4930 -37.27 32.28 -60.64
CA ALA A 4930 -36.11 32.27 -59.76
C ALA A 4930 -35.97 30.92 -59.06
N ILE A 4931 -37.09 30.33 -58.63
CA ILE A 4931 -37.05 29.03 -57.97
C ILE A 4931 -36.49 27.97 -58.92
N ILE A 4932 -37.02 27.95 -60.15
CA ILE A 4932 -36.54 26.97 -61.13
C ILE A 4932 -35.06 27.15 -61.39
N GLN A 4933 -34.62 28.40 -61.53
CA GLN A 4933 -33.19 28.67 -61.66
C GLN A 4933 -32.44 28.25 -60.39
N GLY A 4934 -33.09 28.38 -59.24
CA GLY A 4934 -32.42 28.07 -57.99
C GLY A 4934 -32.03 26.61 -57.85
N LEU A 4935 -32.95 25.71 -58.18
CA LEU A 4935 -32.67 24.27 -58.00
C LEU A 4935 -31.54 23.81 -58.92
N ILE A 4936 -31.53 24.27 -60.17
CA ILE A 4936 -30.51 23.83 -61.10
C ILE A 4936 -29.13 24.32 -60.67
N ILE A 4937 -29.04 25.58 -60.24
CA ILE A 4937 -27.76 26.10 -59.77
C ILE A 4937 -27.34 25.42 -58.47
N ASP A 4938 -28.31 25.14 -57.60
CA ASP A 4938 -27.99 24.45 -56.36
C ASP A 4938 -27.48 23.04 -56.60
N ALA A 4939 -27.69 22.48 -57.79
CA ALA A 4939 -27.13 21.17 -58.10
C ALA A 4939 -25.62 21.18 -58.00
N PHE A 4940 -24.98 22.24 -58.50
CA PHE A 4940 -23.55 22.40 -58.29
C PHE A 4940 -23.20 22.61 -56.83
N GLY A 4941 -24.14 23.10 -56.02
CA GLY A 4941 -23.90 23.24 -54.60
C GLY A 4941 -23.67 21.93 -53.89
N GLU A 4942 -23.96 20.80 -54.54
CA GLU A 4942 -23.69 19.48 -53.99
C GLU A 4942 -22.67 18.71 -54.80
N LEU A 4943 -22.73 18.79 -56.13
CA LEU A 4943 -21.81 18.03 -56.97
C LEU A 4943 -20.37 18.49 -56.76
N ARG A 4944 -20.16 19.80 -56.67
CA ARG A 4944 -18.81 20.31 -56.42
C ARG A 4944 -18.28 19.86 -55.07
N ASP A 4945 -19.15 19.83 -54.05
CA ASP A 4945 -18.72 19.42 -52.72
C ASP A 4945 -18.26 17.96 -52.72
N GLN A 4946 -18.97 17.10 -53.46
CA GLN A 4946 -18.57 15.70 -53.54
C GLN A 4946 -17.19 15.53 -54.18
N GLN A 4947 -16.76 16.48 -55.01
CA GLN A 4947 -15.43 16.42 -55.58
C GLN A 4947 -14.35 16.88 -54.61
N GLU A 4948 -14.73 17.46 -53.47
CA GLU A 4948 -13.80 17.87 -52.45
C GLU A 4948 -13.73 16.89 -51.28
N GLN A 4949 -14.84 16.22 -50.97
CA GLN A 4949 -14.83 15.24 -49.89
C GLN A 4949 -13.94 14.05 -50.24
N VAL A 4950 -13.81 13.73 -51.53
CA VAL A 4950 -12.92 12.65 -51.96
C VAL A 4950 -11.45 13.03 -51.80
N LYS A 4951 -11.14 14.27 -51.46
CA LYS A 4951 -9.78 14.69 -51.20
C LYS A 4951 -9.46 14.81 -49.72
N GLU A 4952 -10.44 15.18 -48.88
CA GLU A 4952 -10.19 15.32 -47.46
C GLU A 4952 -9.97 13.98 -46.78
N ASP A 4953 -10.65 12.92 -47.26
CA ASP A 4953 -10.45 11.60 -46.69
C ASP A 4953 -9.02 11.12 -46.89
N MET A 4954 -8.44 11.41 -48.06
CA MET A 4954 -7.07 10.99 -48.33
C MET A 4954 -6.08 11.69 -47.40
N GLU A 4955 -6.34 12.95 -47.06
CA GLU A 4955 -5.43 13.68 -46.20
C GLU A 4955 -5.51 13.22 -44.75
N THR A 4956 -6.66 12.68 -44.34
CA THR A 4956 -6.88 12.31 -42.94
C THR A 4956 -6.94 10.80 -42.72
N LYS A 4957 -7.82 10.10 -43.42
CA LYS A 4957 -8.07 8.69 -43.17
C LYS A 4957 -7.31 7.82 -44.17
N CYS A 4958 -6.92 6.64 -43.71
CA CYS A 4958 -6.24 5.66 -44.53
C CYS A 4958 -7.17 4.65 -45.17
N PHE A 4959 -8.46 4.67 -44.81
CA PHE A 4959 -9.50 3.84 -45.41
C PHE A 4959 -9.33 2.36 -45.07
N ILE A 4960 -8.25 2.01 -44.36
CA ILE A 4960 -7.98 0.64 -43.98
C ILE A 4960 -8.32 0.39 -42.52
N CYS A 4961 -7.70 1.16 -41.61
CA CYS A 4961 -7.99 1.07 -40.19
C CYS A 4961 -8.60 2.38 -39.72
N GLY A 4962 -9.46 2.28 -38.70
CA GLY A 4962 -10.20 3.44 -38.23
C GLY A 4962 -9.36 4.46 -37.48
N ILE A 4963 -8.35 5.00 -38.15
CA ILE A 4963 -7.47 6.00 -37.57
C ILE A 4963 -7.31 7.16 -38.55
N GLY A 4964 -7.26 8.38 -38.02
CA GLY A 4964 -6.98 9.55 -38.82
C GLY A 4964 -5.49 9.84 -38.88
N SER A 4965 -5.17 10.98 -39.50
CA SER A 4965 -3.79 11.41 -39.61
C SER A 4965 -3.28 12.12 -38.36
N ASP A 4966 -4.15 12.41 -37.39
CA ASP A 4966 -3.75 13.19 -36.24
C ASP A 4966 -2.64 12.51 -35.45
N TYR A 4967 -2.76 11.20 -35.24
CA TYR A 4967 -1.71 10.48 -34.53
C TYR A 4967 -0.45 10.33 -35.38
N PHE A 4968 -0.60 10.32 -36.70
CA PHE A 4968 0.54 10.14 -37.58
C PHE A 4968 1.31 11.43 -37.82
N ASP A 4969 0.77 12.57 -37.43
CA ASP A 4969 1.49 13.84 -37.55
C ASP A 4969 2.27 14.19 -36.29
N THR A 4970 2.23 13.34 -35.26
CA THR A 4970 3.08 13.55 -34.09
C THR A 4970 4.55 13.45 -34.47
N THR A 4971 4.89 12.50 -35.31
CA THR A 4971 6.20 12.29 -35.90
C THR A 4971 6.22 12.85 -37.33
N PRO A 4972 7.36 13.37 -37.78
CA PRO A 4972 7.44 13.87 -39.16
C PRO A 4972 7.23 12.75 -40.16
N HIS A 4973 6.52 13.06 -41.24
CA HIS A 4973 6.25 12.13 -42.34
C HIS A 4973 5.50 10.88 -41.89
N GLY A 4974 4.91 10.91 -40.70
CA GLY A 4974 4.28 9.72 -40.16
C GLY A 4974 3.08 9.25 -40.97
N PHE A 4975 2.27 10.19 -41.46
CA PHE A 4975 1.20 9.81 -42.38
C PHE A 4975 1.74 9.46 -43.75
N GLU A 4976 2.86 10.08 -44.15
CA GLU A 4976 3.46 9.75 -45.44
C GLU A 4976 4.01 8.34 -45.46
N THR A 4977 4.78 7.97 -44.44
CA THR A 4977 5.30 6.60 -44.38
C THR A 4977 4.19 5.58 -44.16
N HIS A 4978 3.04 6.02 -43.64
CA HIS A 4978 1.92 5.10 -43.44
C HIS A 4978 1.38 4.54 -44.74
N THR A 4979 1.65 5.19 -45.87
CA THR A 4979 1.20 4.73 -47.17
C THR A 4979 2.21 3.85 -47.89
N LEU A 4980 3.35 3.57 -47.27
CA LEU A 4980 4.38 2.80 -47.95
C LEU A 4980 4.67 1.46 -47.30
N GLU A 4981 4.91 1.44 -45.99
CA GLU A 4981 5.22 0.21 -45.27
C GLU A 4981 4.04 -0.34 -44.49
N GLU A 4982 3.12 0.51 -44.06
CA GLU A 4982 1.86 0.06 -43.49
C GLU A 4982 0.94 -0.34 -44.64
N HIS A 4983 -0.33 -0.58 -44.32
CA HIS A 4983 -1.30 -0.95 -45.33
C HIS A 4983 -1.40 0.14 -46.39
N ASN A 4984 -0.97 -0.18 -47.60
CA ASN A 4984 -1.01 0.75 -48.72
C ASN A 4984 -2.18 0.48 -49.66
N LEU A 4985 -3.09 -0.41 -49.28
CA LEU A 4985 -4.26 -0.80 -50.08
C LEU A 4985 -3.89 -1.19 -51.51
N ALA A 4986 -2.62 -1.52 -51.74
CA ALA A 4986 -2.13 -1.95 -53.04
C ALA A 4986 -1.43 -3.30 -52.98
N ASN A 4987 -0.66 -3.56 -51.93
CA ASN A 4987 0.01 -4.84 -51.77
C ASN A 4987 -0.98 -5.97 -51.50
N TYR A 4988 -2.19 -5.65 -51.05
CA TYR A 4988 -3.16 -6.67 -50.70
C TYR A 4988 -3.51 -7.54 -51.89
N MET A 4989 -3.71 -6.92 -53.06
CA MET A 4989 -4.01 -7.69 -54.27
C MET A 4989 -2.83 -8.60 -54.63
N PHE A 4990 -1.61 -8.08 -54.47
CA PHE A 4990 -0.44 -8.94 -54.62
C PHE A 4990 -0.46 -10.07 -53.61
N PHE A 4991 -0.84 -9.76 -52.36
CA PHE A 4991 -0.84 -10.76 -51.30
C PHE A 4991 -1.81 -11.90 -51.63
N LEU A 4992 -3.00 -11.57 -52.13
CA LEU A 4992 -3.93 -12.61 -52.54
C LEU A 4992 -3.40 -13.39 -53.73
N MET A 4993 -2.81 -12.69 -54.71
CA MET A 4993 -2.28 -13.35 -55.89
C MET A 4993 -1.22 -14.39 -55.54
N TYR A 4994 -0.44 -14.13 -54.49
CA TYR A 4994 0.56 -15.10 -54.06
C TYR A 4994 -0.09 -16.39 -53.56
N LEU A 4995 -1.33 -16.32 -53.11
CA LEU A 4995 -1.97 -17.49 -52.51
C LEU A 4995 -2.33 -18.53 -53.56
N ILE A 4996 -2.74 -18.10 -54.76
CA ILE A 4996 -3.15 -19.05 -55.78
C ILE A 4996 -1.98 -19.94 -56.20
N ASN A 4997 -0.81 -19.34 -56.41
CA ASN A 4997 0.35 -20.08 -56.88
C ASN A 4997 1.08 -20.81 -55.76
N LYS A 4998 0.45 -20.96 -54.59
CA LYS A 4998 1.04 -21.65 -53.47
C LYS A 4998 0.14 -22.83 -53.09
N ASP A 4999 0.73 -24.01 -52.99
CA ASP A 4999 -0.03 -25.20 -52.67
C ASP A 4999 -0.51 -25.16 -51.22
N GLU A 5000 -1.52 -25.99 -50.93
CA GLU A 5000 -2.05 -26.06 -49.58
C GLU A 5000 -1.00 -26.58 -48.60
N THR A 5001 -0.06 -27.39 -49.08
CA THR A 5001 0.96 -27.95 -48.19
C THR A 5001 1.93 -26.88 -47.72
N GLU A 5002 2.25 -25.92 -48.58
CA GLU A 5002 3.32 -24.97 -48.31
C GLU A 5002 2.88 -23.76 -47.49
N HIS A 5003 1.58 -23.64 -47.19
CA HIS A 5003 1.11 -22.48 -46.44
C HIS A 5003 1.71 -22.48 -45.03
N THR A 5004 2.05 -21.29 -44.55
CA THR A 5004 2.61 -21.14 -43.22
C THR A 5004 1.51 -21.26 -42.18
N GLY A 5005 1.88 -21.06 -40.91
CA GLY A 5005 0.91 -21.15 -39.83
C GLY A 5005 -0.13 -20.05 -39.84
N GLN A 5006 0.09 -19.00 -40.62
CA GLN A 5006 -0.86 -17.91 -40.73
C GLN A 5006 -1.39 -17.70 -42.14
N GLU A 5007 -0.61 -18.07 -43.16
CA GLU A 5007 -1.12 -17.97 -44.53
C GLU A 5007 -2.32 -18.89 -44.74
N SER A 5008 -2.26 -20.11 -44.21
CA SER A 5008 -3.42 -20.98 -44.26
C SER A 5008 -4.55 -20.48 -43.36
N TYR A 5009 -4.23 -19.70 -42.33
CA TYR A 5009 -5.27 -19.18 -41.45
C TYR A 5009 -6.21 -18.25 -42.21
N VAL A 5010 -5.65 -17.30 -42.97
CA VAL A 5010 -6.50 -16.38 -43.71
C VAL A 5010 -7.20 -17.08 -44.85
N TRP A 5011 -6.55 -18.08 -45.46
CA TRP A 5011 -7.13 -18.74 -46.63
C TRP A 5011 -8.45 -19.42 -46.29
N LYS A 5012 -8.49 -20.16 -45.19
CA LYS A 5012 -9.75 -20.76 -44.76
C LYS A 5012 -10.76 -19.68 -44.38
N MET A 5013 -10.30 -18.69 -43.61
CA MET A 5013 -11.17 -17.61 -43.19
C MET A 5013 -11.68 -16.80 -44.38
N TYR A 5014 -10.86 -16.65 -45.42
CA TYR A 5014 -11.31 -15.98 -46.64
C TYR A 5014 -12.44 -16.73 -47.31
N GLN A 5015 -12.37 -18.07 -47.34
CA GLN A 5015 -13.38 -18.84 -48.06
C GLN A 5015 -14.77 -18.67 -47.45
N GLU A 5016 -14.88 -18.61 -46.14
CA GLU A 5016 -16.17 -18.38 -45.50
C GLU A 5016 -16.56 -16.90 -45.51
N ARG A 5017 -15.74 -16.04 -46.11
CA ARG A 5017 -16.10 -14.68 -46.50
C ARG A 5017 -16.33 -13.74 -45.33
N CYS A 5018 -15.81 -14.04 -44.15
CA CYS A 5018 -15.75 -13.03 -43.11
C CYS A 5018 -14.58 -12.09 -43.38
N TRP A 5019 -14.65 -10.90 -42.79
CA TRP A 5019 -13.65 -9.87 -43.02
C TRP A 5019 -13.24 -9.20 -41.72
N ASP A 5020 -13.04 -10.00 -40.68
CA ASP A 5020 -12.57 -9.47 -39.40
C ASP A 5020 -11.05 -9.35 -39.35
N PHE A 5021 -10.32 -9.88 -40.33
CA PHE A 5021 -8.88 -9.88 -40.26
C PHE A 5021 -8.27 -8.51 -40.55
N PHE A 5022 -9.05 -7.60 -41.13
CA PHE A 5022 -8.56 -6.27 -41.40
C PHE A 5022 -8.36 -5.50 -40.09
N PRO A 5023 -7.39 -4.57 -40.05
CA PRO A 5023 -7.03 -3.92 -38.79
C PRO A 5023 -8.20 -3.21 -38.11
N ALA A 5024 -8.78 -2.22 -38.79
CA ALA A 5024 -9.95 -1.50 -38.31
C ALA A 5024 -9.74 -0.92 -36.92
N GLY A 5025 -8.78 0.00 -36.82
CA GLY A 5025 -8.62 0.77 -35.60
C GLY A 5025 -7.24 0.75 -34.98
N ASP A 5026 -6.35 -0.11 -35.46
CA ASP A 5026 -5.02 -0.20 -34.89
C ASP A 5026 -4.05 -0.71 -35.95
N CYS A 5027 -2.90 -0.06 -36.07
CA CYS A 5027 -1.86 -0.45 -37.02
C CYS A 5027 -0.51 -0.53 -36.30
N PHE A 5028 -0.26 -1.67 -35.64
CA PHE A 5028 1.05 -2.11 -35.16
C PHE A 5028 1.62 -1.22 -34.06
N ARG A 5029 0.97 -0.13 -33.68
CA ARG A 5029 1.61 0.83 -32.78
C ARG A 5029 0.73 1.21 -31.60
N LYS A 5030 -0.59 1.16 -31.76
CA LYS A 5030 -1.47 1.47 -30.64
C LYS A 5030 -1.42 0.36 -29.58
N GLN A 5031 -1.40 -0.89 -30.01
CA GLN A 5031 -1.18 -1.99 -29.09
C GLN A 5031 0.25 -2.01 -28.58
N TYR A 5032 1.17 -1.39 -29.32
CA TYR A 5032 2.58 -1.32 -28.95
C TYR A 5032 2.97 0.10 -28.54
N GLU A 5033 2.06 0.80 -27.85
CA GLU A 5033 2.32 2.17 -27.46
C GLU A 5033 3.18 2.25 -26.20
N ASP A 5034 2.67 1.71 -25.09
CA ASP A 5034 3.40 1.76 -23.83
C ASP A 5034 4.57 0.77 -23.78
N GLN A 5035 4.48 -0.33 -24.51
CA GLN A 5035 5.56 -1.32 -24.48
C GLN A 5035 6.84 -0.75 -25.08
N LEU A 5036 6.76 -0.20 -26.29
CA LEU A 5036 7.92 0.38 -26.95
C LEU A 5036 7.50 1.25 -28.13
N SER A 5037 7.95 2.50 -28.16
CA SER A 5037 7.63 3.41 -29.24
C SER A 5037 8.21 2.93 -30.57
N GLN B 12 28.26 -24.27 -11.62
CA GLN B 12 27.38 -24.30 -12.79
C GLN B 12 27.99 -25.13 -13.91
N PHE B 13 28.79 -24.48 -14.76
CA PHE B 13 29.40 -25.13 -15.91
C PHE B 13 30.79 -24.53 -16.14
N LEU B 14 31.61 -25.27 -16.87
CA LEU B 14 32.99 -24.89 -17.11
C LEU B 14 33.15 -24.28 -18.50
N ARG B 15 33.98 -23.24 -18.57
CA ARG B 15 34.27 -22.54 -19.82
C ARG B 15 35.78 -22.42 -19.96
N THR B 16 36.20 -21.79 -21.05
CA THR B 16 37.61 -21.53 -21.23
C THR B 16 38.05 -20.38 -20.34
N ASP B 17 39.37 -20.24 -20.18
CA ASP B 17 39.96 -19.18 -19.37
C ASP B 17 39.44 -19.20 -17.93
N ASP B 18 39.25 -20.39 -17.38
CA ASP B 18 38.79 -20.55 -16.01
C ASP B 18 39.94 -21.01 -15.12
N GLU B 19 39.80 -20.71 -13.83
CA GLU B 19 40.84 -21.00 -12.84
C GLU B 19 40.39 -22.22 -12.03
N VAL B 20 40.90 -23.39 -12.39
CA VAL B 20 40.46 -24.66 -11.82
C VAL B 20 41.66 -25.48 -11.40
N VAL B 21 41.40 -26.47 -10.54
CA VAL B 21 42.44 -27.34 -10.00
C VAL B 21 41.99 -28.78 -10.14
N LEU B 22 42.94 -29.70 -10.01
CA LEU B 22 42.67 -31.13 -9.98
C LEU B 22 42.32 -31.55 -8.54
N GLN B 23 41.76 -32.75 -8.42
CA GLN B 23 41.34 -33.24 -7.11
C GLN B 23 41.15 -34.74 -7.15
N CYS B 24 41.85 -35.45 -6.26
CA CYS B 24 41.69 -36.88 -6.05
C CYS B 24 41.70 -37.17 -4.55
N SER B 25 41.17 -38.33 -4.18
CA SER B 25 41.05 -38.70 -2.77
C SER B 25 41.06 -40.22 -2.66
N ALA B 26 42.17 -40.77 -2.15
CA ALA B 26 42.30 -42.20 -1.90
C ALA B 26 42.68 -42.41 -0.45
N THR B 27 42.03 -43.35 0.21
CA THR B 27 42.28 -43.62 1.62
C THR B 27 43.59 -44.39 1.81
N VAL B 28 44.34 -44.01 2.83
CA VAL B 28 45.59 -44.67 3.20
C VAL B 28 45.56 -45.13 4.65
N LEU B 29 45.08 -44.29 5.56
CA LEU B 29 44.98 -44.60 6.98
C LEU B 29 43.54 -44.89 7.37
N LYS B 30 42.80 -45.60 6.52
CA LYS B 30 41.37 -45.85 6.69
C LYS B 30 40.59 -44.54 6.76
N GLU B 31 41.11 -43.51 6.10
CA GLU B 31 40.46 -42.21 6.04
C GLU B 31 40.86 -41.53 4.73
N GLN B 32 39.91 -40.80 4.15
CA GLN B 32 40.16 -40.12 2.90
C GLN B 32 41.17 -39.00 3.07
N LEU B 33 42.01 -38.82 2.05
CA LEU B 33 43.00 -37.75 2.02
C LEU B 33 42.91 -37.08 0.66
N LYS B 34 42.45 -35.83 0.66
CA LYS B 34 42.33 -35.07 -0.59
C LYS B 34 43.70 -34.60 -1.02
N LEU B 35 44.11 -35.01 -2.21
CA LEU B 35 45.43 -34.68 -2.76
C LEU B 35 45.25 -33.99 -4.11
N CYS B 36 45.86 -32.82 -4.26
CA CYS B 36 45.85 -32.10 -5.52
C CYS B 36 47.18 -32.27 -6.24
N LEU B 37 47.18 -31.99 -7.53
CA LEU B 37 48.36 -32.12 -8.36
C LEU B 37 49.09 -30.79 -8.43
N ALA B 38 50.42 -30.85 -8.35
CA ALA B 38 51.25 -29.66 -8.38
C ALA B 38 52.61 -30.00 -8.93
N ALA B 39 53.32 -28.98 -9.40
CA ALA B 39 54.67 -29.13 -9.91
C ALA B 39 55.41 -27.82 -9.70
N GLU B 40 56.57 -27.89 -9.06
CA GLU B 40 57.33 -26.67 -8.78
C GLU B 40 57.81 -26.00 -10.06
N GLY B 41 58.16 -26.79 -11.07
CA GLY B 41 58.58 -26.24 -12.34
C GLY B 41 60.07 -25.98 -12.39
N PHE B 42 60.46 -24.74 -12.14
CA PHE B 42 61.86 -24.34 -12.16
C PHE B 42 62.67 -25.20 -11.20
N GLY B 43 63.57 -26.02 -11.73
CA GLY B 43 64.33 -26.93 -10.91
C GLY B 43 63.65 -28.22 -10.54
N ASN B 44 62.41 -28.43 -11.01
CA ASN B 44 61.72 -29.70 -10.76
C ASN B 44 60.67 -29.87 -11.86
N ARG B 45 60.98 -30.71 -12.85
CA ARG B 45 60.07 -30.94 -13.96
C ARG B 45 59.00 -31.97 -13.66
N LEU B 46 59.07 -32.63 -12.50
CA LEU B 46 58.08 -33.64 -12.17
C LEU B 46 56.97 -33.05 -11.30
N CYS B 47 56.06 -33.92 -10.87
CA CYS B 47 54.88 -33.52 -10.11
C CYS B 47 54.80 -34.29 -8.80
N PHE B 48 54.28 -33.64 -7.77
CA PHE B 48 54.08 -34.25 -6.46
C PHE B 48 52.63 -33.99 -6.01
N LEU B 49 52.35 -34.34 -4.75
CA LEU B 49 51.00 -34.27 -4.20
C LEU B 49 51.02 -33.44 -2.92
N GLU B 50 50.02 -32.56 -2.76
CA GLU B 50 49.91 -31.71 -1.59
C GLU B 50 48.65 -32.09 -0.82
N PRO B 51 48.76 -32.56 0.42
CA PRO B 51 47.55 -32.82 1.22
C PRO B 51 46.92 -31.53 1.71
N THR B 52 45.59 -31.51 1.65
CA THR B 52 44.80 -30.35 2.04
C THR B 52 43.64 -30.78 2.94
N SER B 53 43.88 -31.79 3.78
CA SER B 53 42.86 -32.29 4.70
C SER B 53 42.99 -31.76 6.12
N ASN B 54 44.20 -31.39 6.54
CA ASN B 54 44.42 -30.84 7.88
C ASN B 54 44.62 -29.33 7.84
N ALA B 55 43.89 -28.65 6.95
CA ALA B 55 44.02 -27.20 6.85
C ALA B 55 43.61 -26.51 8.15
N GLN B 56 42.78 -27.16 8.97
CA GLN B 56 42.42 -26.63 10.28
C GLN B 56 43.62 -26.54 11.22
N ASN B 57 44.63 -27.39 11.04
CA ASN B 57 45.84 -27.36 11.86
C ASN B 57 47.08 -27.06 11.04
N VAL B 58 47.32 -27.80 9.97
CA VAL B 58 48.49 -27.63 9.11
C VAL B 58 48.04 -26.97 7.82
N PRO B 59 48.39 -25.70 7.58
CA PRO B 59 47.94 -25.02 6.37
C PRO B 59 48.72 -25.49 5.15
N PRO B 60 48.03 -26.04 4.15
CA PRO B 60 48.70 -26.43 2.92
C PRO B 60 49.00 -25.22 2.03
N ASP B 61 49.94 -25.42 1.11
CA ASP B 61 50.34 -24.36 0.16
C ASP B 61 49.70 -24.65 -1.18
N LEU B 62 48.67 -23.89 -1.52
CA LEU B 62 47.91 -24.07 -2.75
C LEU B 62 48.41 -23.18 -3.89
N ALA B 63 49.47 -22.41 -3.68
CA ALA B 63 49.96 -21.52 -4.71
C ALA B 63 50.57 -22.28 -5.89
N ILE B 64 50.96 -23.54 -5.68
CA ILE B 64 51.59 -24.35 -6.71
C ILE B 64 50.62 -25.35 -7.32
N CYS B 65 49.53 -25.67 -6.62
CA CYS B 65 48.62 -26.72 -7.05
C CYS B 65 47.65 -26.28 -8.13
N CYS B 66 47.50 -24.98 -8.36
CA CYS B 66 46.46 -24.49 -9.24
C CYS B 66 46.91 -24.51 -10.70
N PHE B 67 45.98 -24.84 -11.59
CA PHE B 67 46.16 -24.77 -13.04
C PHE B 67 45.20 -23.76 -13.64
N THR B 68 45.33 -23.54 -14.94
CA THR B 68 44.46 -22.63 -15.67
C THR B 68 44.24 -23.16 -17.07
N LEU B 69 42.97 -23.21 -17.50
CA LEU B 69 42.66 -23.61 -18.86
C LEU B 69 42.99 -22.49 -19.84
N GLU B 70 43.55 -22.86 -20.98
CA GLU B 70 43.96 -21.90 -21.99
C GLU B 70 43.25 -22.10 -23.31
N GLN B 71 43.22 -23.33 -23.83
CA GLN B 71 42.64 -23.60 -25.14
C GLN B 71 41.77 -24.83 -25.06
N SER B 72 40.63 -24.78 -25.75
CA SER B 72 39.71 -25.91 -25.86
C SER B 72 39.34 -26.08 -27.32
N LEU B 73 39.52 -27.29 -27.84
CA LEU B 73 39.25 -27.56 -29.24
C LEU B 73 38.67 -28.96 -29.38
N SER B 74 37.99 -29.18 -30.51
CA SER B 74 37.47 -30.50 -30.81
C SER B 74 38.59 -31.43 -31.26
N VAL B 75 38.25 -32.69 -31.48
CA VAL B 75 39.26 -33.68 -31.84
C VAL B 75 39.82 -33.42 -33.24
N ARG B 76 38.97 -33.07 -34.21
CA ARG B 76 39.46 -32.85 -35.56
C ARG B 76 40.18 -31.52 -35.68
N ALA B 77 39.71 -30.49 -34.98
CA ALA B 77 40.31 -29.16 -35.07
C ALA B 77 41.75 -29.15 -34.59
N LEU B 78 42.05 -29.85 -33.50
CA LEU B 78 43.42 -29.86 -32.98
C LEU B 78 44.38 -30.46 -33.99
N GLN B 79 43.97 -31.55 -34.65
CA GLN B 79 44.80 -32.14 -35.69
C GLN B 79 45.05 -31.17 -36.82
N GLU B 80 44.03 -30.43 -37.23
CA GLU B 80 44.22 -29.38 -38.23
C GLU B 80 45.10 -28.26 -37.69
N MET B 81 44.97 -27.95 -36.39
CA MET B 81 45.79 -26.89 -35.81
C MET B 81 47.27 -27.22 -35.87
N LEU B 82 47.63 -28.47 -35.61
CA LEU B 82 49.03 -28.88 -35.66
C LEU B 82 49.54 -29.07 -37.09
N ALA B 83 48.66 -29.00 -38.08
CA ALA B 83 49.06 -29.08 -39.48
C ALA B 83 49.60 -27.75 -39.99
N ASN B 84 49.93 -26.82 -39.12
CA ASN B 84 50.45 -25.52 -39.52
C ASN B 84 51.56 -25.05 -38.59
N GLY B 97 37.12 -16.34 -27.03
CA GLY B 97 36.18 -15.86 -26.04
C GLY B 97 35.98 -16.84 -24.89
N HIS B 98 34.81 -17.46 -24.84
CA HIS B 98 34.48 -18.44 -23.80
C HIS B 98 33.67 -19.57 -24.43
N ARG B 99 34.37 -20.62 -24.85
CA ARG B 99 33.71 -21.83 -25.32
C ARG B 99 33.15 -22.60 -24.13
N THR B 100 32.38 -23.65 -24.41
CA THR B 100 31.77 -24.46 -23.37
C THR B 100 32.39 -25.86 -23.38
N LEU B 101 32.84 -26.31 -22.22
CA LEU B 101 33.47 -27.61 -22.10
C LEU B 101 32.48 -28.72 -22.43
N LEU B 102 32.90 -29.64 -23.29
CA LEU B 102 32.08 -30.77 -23.68
C LEU B 102 32.91 -32.05 -23.57
N TYR B 103 32.24 -33.13 -23.20
CA TYR B 103 32.91 -34.42 -23.07
C TYR B 103 33.22 -34.96 -24.46
N GLY B 104 34.50 -35.03 -24.80
CA GLY B 104 34.94 -35.42 -26.13
C GLY B 104 35.86 -34.42 -26.80
N HIS B 105 36.34 -33.41 -26.09
CA HIS B 105 37.21 -32.40 -26.70
C HIS B 105 38.66 -32.57 -26.24
N ALA B 106 39.55 -31.78 -26.83
CA ALA B 106 40.93 -31.70 -26.41
C ALA B 106 41.10 -30.56 -25.43
N ILE B 107 42.02 -30.72 -24.49
CA ILE B 107 42.21 -29.77 -23.39
C ILE B 107 43.69 -29.44 -23.30
N LEU B 108 43.99 -28.18 -22.99
CA LEU B 108 45.35 -27.71 -22.80
C LEU B 108 45.43 -26.98 -21.46
N LEU B 109 46.08 -27.59 -20.48
CA LEU B 109 46.27 -26.96 -19.19
C LEU B 109 47.45 -26.00 -19.23
N ARG B 110 47.54 -25.17 -18.19
CA ARG B 110 48.68 -24.28 -18.01
C ARG B 110 48.88 -24.05 -16.52
N HIS B 111 50.09 -24.26 -16.04
CA HIS B 111 50.39 -24.01 -14.64
C HIS B 111 50.24 -22.51 -14.37
N ALA B 112 49.53 -22.17 -13.31
CA ALA B 112 49.15 -20.78 -13.11
C ALA B 112 50.32 -19.90 -12.66
N HIS B 113 51.33 -20.48 -12.02
CA HIS B 113 52.42 -19.67 -11.47
C HIS B 113 53.56 -19.51 -12.47
N SER B 114 54.11 -20.62 -12.94
CA SER B 114 55.24 -20.59 -13.86
C SER B 114 54.82 -20.24 -15.27
N ARG B 115 53.53 -20.12 -15.55
CA ARG B 115 53.02 -19.82 -16.88
C ARG B 115 53.46 -20.88 -17.89
N MET B 116 53.56 -22.11 -17.40
CA MET B 116 53.91 -23.26 -18.23
C MET B 116 52.71 -24.17 -18.47
N TYR B 117 52.71 -24.76 -19.67
CA TYR B 117 51.63 -25.60 -20.17
C TYR B 117 51.93 -27.06 -19.87
N LEU B 118 50.95 -27.78 -19.35
CA LEU B 118 51.15 -29.18 -18.99
C LEU B 118 51.39 -30.04 -20.23
N SER B 119 52.36 -30.93 -20.14
CA SER B 119 52.67 -31.86 -21.23
C SER B 119 52.98 -33.21 -20.60
N CYS B 120 53.39 -34.18 -21.43
CA CYS B 120 53.75 -35.51 -20.96
C CYS B 120 55.16 -35.83 -21.44
N LEU B 121 55.96 -36.42 -20.55
CA LEU B 121 57.36 -36.70 -20.86
C LEU B 121 57.52 -38.06 -21.50
N THR B 122 58.78 -38.44 -21.75
CA THR B 122 59.12 -39.72 -22.35
C THR B 122 60.18 -40.47 -21.54
N THR B 123 60.16 -40.32 -20.21
CA THR B 123 61.12 -40.98 -19.35
C THR B 123 60.41 -42.03 -18.50
N SER B 124 61.16 -42.68 -17.62
CA SER B 124 60.63 -43.71 -16.75
C SER B 124 60.95 -43.37 -15.30
N ARG B 125 59.95 -43.45 -14.44
CA ARG B 125 60.09 -43.20 -13.02
C ARG B 125 59.71 -44.45 -12.24
N SER B 126 60.23 -44.54 -11.01
CA SER B 126 59.97 -45.60 -10.04
C SER B 126 60.47 -46.96 -10.48
N MET B 127 61.11 -47.08 -11.66
CA MET B 127 61.65 -48.34 -12.15
C MET B 127 60.58 -49.42 -12.17
N THR B 128 59.38 -49.06 -12.61
CA THR B 128 58.24 -49.96 -12.58
C THR B 128 58.31 -51.06 -13.63
N ASP B 129 59.31 -51.02 -14.52
CA ASP B 129 59.39 -51.95 -15.64
C ASP B 129 58.10 -51.90 -16.47
N LYS B 130 57.69 -50.67 -16.79
CA LYS B 130 56.38 -50.43 -17.38
C LYS B 130 56.50 -49.23 -18.30
N LEU B 131 55.35 -48.65 -18.66
CA LEU B 131 55.30 -47.49 -19.55
C LEU B 131 54.74 -46.29 -18.80
N ALA B 132 55.20 -46.09 -17.56
CA ALA B 132 54.63 -45.08 -16.68
C ALA B 132 54.64 -43.70 -17.33
N PHE B 133 55.79 -43.28 -17.86
CA PHE B 133 55.93 -42.01 -18.56
C PHE B 133 55.50 -40.85 -17.67
N ASP B 134 56.31 -40.63 -16.63
CA ASP B 134 56.03 -39.59 -15.65
C ASP B 134 55.74 -38.25 -16.31
N VAL B 135 54.71 -37.57 -15.81
CA VAL B 135 54.21 -36.36 -16.43
C VAL B 135 55.14 -35.19 -16.12
N GLY B 136 55.36 -34.34 -17.11
CA GLY B 136 56.22 -33.18 -16.93
C GLY B 136 56.01 -32.08 -17.95
N LEU B 137 56.07 -30.83 -17.48
CA LEU B 137 55.84 -29.67 -18.33
C LEU B 137 57.10 -28.81 -18.43
N GLN B 138 57.68 -28.74 -19.63
CA GLN B 138 58.98 -28.09 -19.74
C GLN B 138 59.02 -26.86 -20.64
N GLU B 139 58.76 -27.03 -21.94
CA GLU B 139 58.78 -25.87 -22.83
C GLU B 139 57.75 -25.97 -23.95
N ASP B 140 56.90 -27.00 -23.97
CA ASP B 140 56.17 -27.38 -25.17
C ASP B 140 55.11 -26.35 -25.58
N ALA B 141 55.51 -25.38 -26.39
CA ALA B 141 54.53 -24.50 -27.03
C ALA B 141 53.83 -25.20 -28.18
N THR B 142 54.55 -26.05 -28.93
CA THR B 142 53.95 -26.85 -30.00
C THR B 142 53.18 -28.01 -29.36
N GLY B 143 51.90 -28.09 -29.69
CA GLY B 143 51.02 -29.03 -29.05
C GLY B 143 50.95 -30.42 -29.65
N GLU B 144 52.00 -31.22 -29.48
CA GLU B 144 51.92 -32.61 -29.89
C GLU B 144 51.71 -33.54 -28.71
N ALA B 145 52.49 -33.37 -27.64
CA ALA B 145 52.36 -34.20 -26.46
C ALA B 145 51.82 -33.44 -25.26
N CYS B 146 51.30 -32.22 -25.46
CA CYS B 146 50.75 -31.43 -24.37
C CYS B 146 49.23 -31.35 -24.43
N TRP B 147 48.59 -32.26 -25.15
CA TRP B 147 47.14 -32.28 -25.28
C TRP B 147 46.58 -33.57 -24.71
N TRP B 148 45.33 -33.50 -24.26
CA TRP B 148 44.65 -34.64 -23.65
C TRP B 148 43.23 -34.67 -24.17
N THR B 149 42.74 -35.86 -24.50
CA THR B 149 41.34 -36.01 -24.85
C THR B 149 40.49 -35.98 -23.58
N MET B 150 39.17 -36.04 -23.76
CA MET B 150 38.25 -36.00 -22.63
C MET B 150 37.16 -37.04 -22.85
N HIS B 151 36.92 -37.86 -21.84
CA HIS B 151 35.89 -38.87 -21.88
C HIS B 151 35.11 -38.90 -20.57
N PRO B 152 33.83 -39.22 -20.62
CA PRO B 152 33.04 -39.35 -19.39
C PRO B 152 33.44 -40.60 -18.62
N ALA B 153 33.22 -40.54 -17.31
CA ALA B 153 33.63 -41.64 -16.44
C ALA B 153 32.58 -42.76 -16.45
N SER B 154 31.37 -42.45 -16.01
CA SER B 154 30.28 -43.42 -15.93
C SER B 154 29.25 -43.13 -17.02
N LYS B 155 28.13 -43.86 -16.98
CA LYS B 155 27.06 -43.68 -17.95
C LYS B 155 26.11 -42.54 -17.58
N GLN B 156 26.32 -41.89 -16.44
CA GLN B 156 25.49 -40.74 -16.08
C GLN B 156 25.63 -39.62 -17.10
N ARG B 157 26.86 -39.36 -17.55
CA ARG B 157 27.12 -38.41 -18.62
C ARG B 157 27.39 -39.15 -19.93
N SER B 158 27.45 -38.39 -21.02
CA SER B 158 27.68 -38.95 -22.34
C SER B 158 28.41 -37.91 -23.18
N GLU B 159 28.68 -38.27 -24.44
CA GLU B 159 29.46 -37.41 -25.31
C GLU B 159 28.69 -36.14 -25.67
N GLY B 160 29.43 -35.04 -25.79
CA GLY B 160 28.85 -33.78 -26.20
C GLY B 160 28.10 -33.03 -25.14
N GLU B 161 28.04 -33.54 -23.91
CA GLU B 161 27.28 -32.91 -22.85
C GLU B 161 28.11 -31.83 -22.16
N LYS B 162 27.41 -30.92 -21.49
CA LYS B 162 28.09 -29.85 -20.76
C LYS B 162 28.74 -30.41 -19.50
N VAL B 163 29.91 -29.89 -19.17
CA VAL B 163 30.64 -30.33 -17.98
C VAL B 163 30.19 -29.49 -16.79
N ARG B 164 29.73 -30.15 -15.74
CA ARG B 164 29.28 -29.46 -14.53
C ARG B 164 30.38 -29.43 -13.48
N VAL B 165 30.17 -28.59 -12.47
CA VAL B 165 31.16 -28.45 -11.40
C VAL B 165 31.18 -29.74 -10.58
N GLY B 166 32.37 -30.28 -10.37
CA GLY B 166 32.53 -31.45 -9.54
C GLY B 166 32.10 -32.76 -10.16
N ASP B 167 32.23 -32.88 -11.49
CA ASP B 167 31.92 -34.13 -12.16
C ASP B 167 33.09 -35.10 -11.99
N ASP B 168 32.91 -36.35 -12.40
CA ASP B 168 33.95 -37.36 -12.34
C ASP B 168 34.64 -37.43 -13.69
N LEU B 169 35.90 -36.98 -13.73
CA LEU B 169 36.60 -36.76 -14.98
C LEU B 169 37.61 -37.87 -15.25
N ILE B 170 37.74 -38.21 -16.53
CA ILE B 170 38.72 -39.17 -17.01
C ILE B 170 39.51 -38.51 -18.14
N LEU B 171 40.84 -38.51 -18.01
CA LEU B 171 41.72 -37.85 -18.96
C LEU B 171 42.58 -38.89 -19.66
N VAL B 172 42.60 -38.85 -20.98
CA VAL B 172 43.34 -39.80 -21.80
C VAL B 172 44.29 -39.03 -22.69
N SER B 173 45.54 -39.49 -22.78
CA SER B 173 46.57 -38.79 -23.52
C SER B 173 46.29 -38.82 -25.02
N VAL B 174 46.93 -37.91 -25.74
CA VAL B 174 46.81 -37.82 -27.19
C VAL B 174 47.96 -38.51 -27.90
N SER B 175 49.19 -38.08 -27.62
CA SER B 175 50.35 -38.67 -28.29
C SER B 175 50.66 -40.06 -27.75
N SER B 176 50.53 -40.25 -26.44
CA SER B 176 50.84 -41.53 -25.82
C SER B 176 49.62 -42.42 -25.61
N GLU B 177 48.43 -41.83 -25.49
CA GLU B 177 47.17 -42.58 -25.42
C GLU B 177 47.13 -43.48 -24.19
N ARG B 178 47.35 -42.88 -23.03
CA ARG B 178 47.21 -43.54 -21.75
C ARG B 178 46.35 -42.67 -20.83
N TYR B 179 45.99 -43.24 -19.68
CA TYR B 179 45.11 -42.55 -18.73
C TYR B 179 45.93 -41.61 -17.86
N LEU B 180 45.35 -41.11 -16.77
CA LEU B 180 46.07 -40.31 -15.78
C LEU B 180 45.93 -41.05 -14.46
N HIS B 181 46.87 -41.95 -14.18
CA HIS B 181 46.74 -42.89 -13.07
C HIS B 181 47.44 -42.34 -11.84
N LEU B 182 46.71 -42.30 -10.72
CA LEU B 182 47.33 -42.07 -9.41
C LEU B 182 47.95 -43.38 -8.96
N SER B 183 49.18 -43.62 -9.38
CA SER B 183 49.85 -44.91 -9.17
C SER B 183 50.78 -44.79 -7.96
N THR B 184 50.26 -45.20 -6.80
CA THR B 184 51.09 -45.34 -5.62
C THR B 184 51.80 -46.68 -5.65
N ALA B 185 52.84 -46.80 -4.83
CA ALA B 185 53.64 -48.02 -4.79
C ALA B 185 54.12 -48.23 -3.36
N SER B 186 55.10 -49.11 -3.18
CA SER B 186 55.67 -49.34 -1.86
C SER B 186 56.24 -48.07 -1.25
N GLY B 187 56.68 -47.13 -2.08
CA GLY B 187 57.12 -45.84 -1.58
C GLY B 187 55.94 -44.91 -1.32
N GLU B 188 56.09 -43.64 -1.67
CA GLU B 188 55.04 -42.66 -1.46
C GLU B 188 54.00 -42.79 -2.59
N LEU B 189 53.08 -41.83 -2.66
CA LEU B 189 52.05 -41.80 -3.69
C LEU B 189 52.60 -41.02 -4.87
N GLN B 190 52.63 -41.65 -6.04
CA GLN B 190 53.18 -41.05 -7.25
C GLN B 190 52.09 -40.83 -8.28
N VAL B 191 52.30 -39.85 -9.15
CA VAL B 191 51.36 -39.48 -10.19
C VAL B 191 52.02 -39.70 -11.54
N ASP B 192 51.36 -40.46 -12.41
CA ASP B 192 51.88 -40.75 -13.74
C ASP B 192 50.71 -41.22 -14.61
N ALA B 193 51.02 -41.75 -15.80
CA ALA B 193 50.02 -42.11 -16.81
C ALA B 193 50.32 -43.52 -17.32
N SER B 194 49.87 -44.54 -16.60
CA SER B 194 50.30 -45.88 -16.99
C SER B 194 49.20 -46.90 -17.23
N PHE B 195 48.42 -47.24 -16.20
CA PHE B 195 47.63 -48.47 -16.19
C PHE B 195 46.12 -48.24 -16.13
N MET B 196 45.61 -47.51 -15.14
CA MET B 196 44.18 -47.31 -14.99
C MET B 196 43.84 -45.83 -14.94
N GLN B 197 42.54 -45.56 -14.87
CA GLN B 197 42.01 -44.21 -14.84
C GLN B 197 42.08 -43.65 -13.42
N THR B 198 41.60 -42.42 -13.27
CA THR B 198 41.47 -41.79 -11.96
C THR B 198 40.30 -40.81 -11.98
N LEU B 199 39.45 -40.88 -10.96
CA LEU B 199 38.34 -39.95 -10.80
C LEU B 199 38.88 -38.58 -10.39
N TRP B 200 38.94 -37.66 -11.35
CA TRP B 200 39.39 -36.31 -11.07
C TRP B 200 38.21 -35.34 -11.06
N ASN B 201 38.36 -34.26 -10.30
CA ASN B 201 37.30 -33.26 -10.17
C ASN B 201 37.89 -31.87 -10.37
N MET B 202 37.28 -31.10 -11.26
CA MET B 202 37.60 -29.68 -11.33
C MET B 202 37.00 -28.94 -10.15
N ASN B 203 37.62 -27.82 -9.81
CA ASN B 203 37.12 -26.99 -8.73
C ASN B 203 37.18 -25.52 -9.15
N PRO B 204 36.06 -24.84 -9.26
CA PRO B 204 36.09 -23.42 -9.61
C PRO B 204 36.66 -22.58 -8.47
N ILE B 205 37.99 -22.69 -8.28
CA ILE B 205 38.66 -21.94 -7.22
C ILE B 205 38.60 -20.44 -7.47
N CYS B 206 38.39 -20.02 -8.71
CA CYS B 206 38.25 -18.61 -9.03
C CYS B 206 37.48 -18.49 -10.33
N SER B 207 37.23 -17.24 -10.73
CA SER B 207 36.47 -16.98 -11.95
C SER B 207 36.84 -15.58 -12.44
N CYS B 208 36.03 -15.02 -13.32
CA CYS B 208 36.29 -13.70 -13.88
C CYS B 208 36.04 -12.63 -12.83
N CYS B 209 37.11 -12.17 -12.19
CA CYS B 209 37.00 -11.18 -11.14
C CYS B 209 36.65 -9.81 -11.72
N GLU B 210 36.23 -8.90 -10.84
CA GLU B 210 36.03 -7.53 -11.23
C GLU B 210 37.35 -6.77 -11.13
N GLU B 211 37.34 -5.49 -11.48
CA GLU B 211 38.55 -4.68 -11.52
C GLU B 211 38.59 -3.80 -10.28
N GLY B 212 39.77 -3.71 -9.67
CA GLY B 212 39.92 -2.95 -8.44
C GLY B 212 39.20 -3.53 -7.26
N TYR B 213 39.16 -4.85 -7.13
CA TYR B 213 38.54 -5.51 -5.98
C TYR B 213 39.44 -6.61 -5.46
N VAL B 214 39.43 -6.80 -4.15
CA VAL B 214 40.31 -7.77 -3.51
C VAL B 214 39.74 -9.17 -3.71
N THR B 215 40.56 -10.06 -4.26
CA THR B 215 40.21 -11.46 -4.45
C THR B 215 41.27 -12.34 -3.79
N GLY B 216 40.96 -13.63 -3.68
CA GLY B 216 41.86 -14.54 -3.01
C GLY B 216 43.10 -14.85 -3.83
N GLY B 217 44.11 -15.36 -3.13
CA GLY B 217 45.37 -15.74 -3.75
C GLY B 217 46.29 -14.60 -4.10
N HIS B 218 45.90 -13.35 -3.84
CA HIS B 218 46.73 -12.22 -4.18
C HIS B 218 47.93 -12.11 -3.24
N VAL B 219 48.97 -11.43 -3.71
CA VAL B 219 50.12 -11.08 -2.90
C VAL B 219 50.21 -9.55 -2.90
N LEU B 220 49.81 -8.94 -1.78
CA LEU B 220 49.61 -7.50 -1.72
C LEU B 220 50.23 -6.93 -0.44
N ARG B 221 50.49 -5.63 -0.46
CA ARG B 221 51.07 -4.92 0.66
C ARG B 221 49.97 -4.32 1.54
N LEU B 222 50.40 -3.79 2.68
CA LEU B 222 49.50 -3.16 3.66
C LEU B 222 50.06 -1.77 3.95
N PHE B 223 49.71 -0.80 3.11
CA PHE B 223 50.19 0.55 3.29
C PHE B 223 49.55 1.16 4.55
N HIS B 224 50.34 1.91 5.30
CA HIS B 224 49.91 2.49 6.55
C HIS B 224 50.02 4.01 6.50
N GLY B 225 49.25 4.68 7.34
CA GLY B 225 49.31 6.13 7.42
C GLY B 225 48.79 6.81 6.17
N HIS B 226 49.29 8.02 5.91
CA HIS B 226 48.79 8.85 4.81
C HIS B 226 49.85 9.13 3.76
N MET B 227 51.10 9.37 4.16
CA MET B 227 52.13 9.79 3.21
C MET B 227 53.00 8.63 2.74
N ASP B 228 53.72 7.98 3.66
CA ASP B 228 54.61 6.88 3.27
C ASP B 228 54.81 5.99 4.50
N GLU B 229 54.09 4.86 4.52
CA GLU B 229 54.25 3.87 5.58
C GLU B 229 53.53 2.60 5.15
N CYS B 230 54.13 1.44 5.43
CA CYS B 230 53.52 0.17 5.07
C CYS B 230 54.05 -0.92 5.98
N LEU B 231 53.34 -2.05 5.99
CA LEU B 231 53.70 -3.17 6.83
C LEU B 231 54.97 -3.85 6.32
N THR B 232 55.82 -4.28 7.25
CA THR B 232 57.07 -4.94 6.90
C THR B 232 57.55 -5.75 8.10
N ILE B 233 58.46 -6.68 7.83
CA ILE B 233 59.13 -7.45 8.87
C ILE B 233 60.63 -7.27 8.73
N SER B 234 61.39 -7.75 9.70
CA SER B 234 62.84 -7.60 9.67
C SER B 234 63.45 -8.50 8.58
N ALA B 235 64.56 -8.03 8.04
CA ALA B 235 65.25 -8.76 6.99
C ALA B 235 66.07 -9.91 7.58
N ALA B 236 66.71 -10.66 6.69
CA ALA B 236 67.48 -11.83 7.11
C ALA B 236 68.82 -11.40 7.68
N ASP B 237 69.69 -12.38 7.91
CA ASP B 237 71.02 -12.16 8.51
C ASP B 237 70.90 -11.50 9.87
N SER B 238 69.86 -11.87 10.62
CA SER B 238 69.64 -11.37 11.97
C SER B 238 69.26 -12.53 12.88
N ASP B 239 69.70 -12.46 14.13
CA ASP B 239 69.40 -13.50 15.11
C ASP B 239 67.96 -13.45 15.60
N ASP B 240 67.21 -12.40 15.25
CA ASP B 240 65.84 -12.23 15.71
C ASP B 240 64.87 -13.22 15.08
N GLN B 241 65.34 -14.11 14.23
CA GLN B 241 64.53 -15.11 13.54
C GLN B 241 63.45 -14.46 12.67
N ARG B 242 63.60 -13.16 12.40
CA ARG B 242 62.66 -12.40 11.59
C ARG B 242 61.23 -12.55 12.11
N ARG B 243 61.05 -12.15 13.36
CA ARG B 243 59.77 -12.29 14.04
C ARG B 243 59.09 -10.95 14.34
N LEU B 244 59.86 -9.88 14.51
CA LEU B 244 59.31 -8.60 14.94
C LEU B 244 58.73 -7.86 13.75
N VAL B 245 57.54 -7.31 13.93
CA VAL B 245 56.83 -6.56 12.89
C VAL B 245 57.14 -5.08 13.06
N TYR B 246 57.38 -4.40 11.95
CA TYR B 246 57.72 -2.99 11.97
C TYR B 246 57.02 -2.29 10.81
N TYR B 247 57.27 -0.98 10.71
CA TYR B 247 56.81 -0.16 9.61
C TYR B 247 57.99 0.62 9.05
N GLU B 248 57.84 1.10 7.82
CA GLU B 248 58.89 1.87 7.18
C GLU B 248 58.24 2.78 6.15
N GLY B 249 58.96 3.84 5.79
CA GLY B 249 58.46 4.80 4.81
C GLY B 249 58.60 4.31 3.39
N GLY B 250 59.07 5.18 2.50
CA GLY B 250 59.17 4.84 1.09
C GLY B 250 60.42 4.06 0.73
N ALA B 251 60.82 3.12 1.59
CA ALA B 251 61.98 2.27 1.32
C ALA B 251 61.58 0.82 1.11
N VAL B 252 60.88 0.20 2.08
CA VAL B 252 60.44 -1.18 1.92
C VAL B 252 59.18 -1.28 1.07
N CYS B 253 58.58 -0.15 0.72
CA CYS B 253 57.34 -0.15 -0.07
C CYS B 253 57.52 -0.80 -1.43
N THR B 254 58.76 -0.95 -1.91
CA THR B 254 59.06 -1.68 -3.13
C THR B 254 60.15 -2.72 -2.84
N HIS B 255 59.95 -3.49 -1.78
CA HIS B 255 60.85 -4.57 -1.38
C HIS B 255 60.05 -5.85 -1.23
N ALA B 256 60.78 -6.97 -1.20
CA ALA B 256 60.13 -8.28 -1.09
C ALA B 256 59.54 -8.54 0.28
N ARG B 257 60.04 -7.89 1.33
CA ARG B 257 59.50 -8.09 2.66
C ARG B 257 58.07 -7.57 2.79
N SER B 258 57.76 -6.47 2.11
CA SER B 258 56.46 -5.83 2.24
C SER B 258 55.32 -6.65 1.63
N LEU B 259 55.63 -7.70 0.89
CA LEU B 259 54.62 -8.51 0.24
C LEU B 259 53.99 -9.49 1.23
N TRP B 260 52.66 -9.56 1.20
CA TRP B 260 51.90 -10.51 2.00
C TRP B 260 50.86 -11.18 1.12
N ARG B 261 50.65 -12.48 1.33
CA ARG B 261 49.68 -13.25 0.57
C ARG B 261 48.45 -13.52 1.42
N LEU B 262 47.28 -13.16 0.90
CA LEU B 262 46.02 -13.41 1.58
C LEU B 262 45.53 -14.81 1.19
N GLU B 263 45.65 -15.76 2.12
CA GLU B 263 45.23 -17.13 1.88
C GLU B 263 43.97 -17.41 2.68
N PRO B 264 42.82 -17.57 2.03
CA PRO B 264 41.57 -17.74 2.77
C PRO B 264 41.48 -19.09 3.45
N LEU B 265 40.55 -19.16 4.42
CA LEU B 265 40.28 -20.38 5.16
C LEU B 265 39.42 -21.36 4.37
N ARG B 266 38.89 -20.95 3.22
CA ARG B 266 37.99 -21.79 2.45
C ARG B 266 38.76 -22.87 1.69
N ILE B 267 38.01 -23.78 1.08
CA ILE B 267 38.61 -24.85 0.29
C ILE B 267 38.46 -24.52 -1.19
N SER B 268 37.22 -24.31 -1.63
CA SER B 268 36.94 -23.97 -3.02
C SER B 268 36.56 -22.49 -3.14
N TRP B 269 36.60 -21.99 -4.38
CA TRP B 269 36.23 -20.62 -4.69
C TRP B 269 37.04 -19.62 -3.87
N SER B 270 38.33 -19.91 -3.69
CA SER B 270 39.17 -19.06 -2.87
C SER B 270 39.37 -17.68 -3.48
N GLY B 271 39.26 -17.56 -4.80
CA GLY B 271 39.51 -16.29 -5.46
C GLY B 271 38.28 -15.43 -5.59
N SER B 272 37.24 -15.72 -4.82
CA SER B 272 36.02 -14.95 -4.88
C SER B 272 36.22 -13.57 -4.26
N HIS B 273 35.23 -12.71 -4.43
CA HIS B 273 35.30 -11.36 -3.87
C HIS B 273 35.22 -11.40 -2.35
N LEU B 274 36.09 -10.64 -1.70
CA LEU B 274 36.16 -10.62 -0.25
C LEU B 274 35.11 -9.69 0.32
N ARG B 275 34.58 -10.03 1.48
CA ARG B 275 33.53 -9.26 2.14
C ARG B 275 33.94 -8.94 3.57
N TRP B 276 33.39 -7.85 4.10
CA TRP B 276 33.69 -7.44 5.46
C TRP B 276 33.18 -8.47 6.46
N GLY B 277 33.90 -8.61 7.57
CA GLY B 277 33.55 -9.59 8.57
C GLY B 277 33.79 -11.01 8.10
N GLN B 278 35.05 -11.37 7.89
CA GLN B 278 35.35 -12.68 7.35
C GLN B 278 36.72 -13.16 7.83
N PRO B 279 36.79 -14.34 8.43
CA PRO B 279 38.07 -14.82 8.97
C PRO B 279 38.98 -15.34 7.87
N LEU B 280 40.27 -15.00 7.98
CA LEU B 280 41.23 -15.37 6.97
C LEU B 280 42.58 -15.59 7.63
N ARG B 281 43.48 -16.25 6.90
CA ARG B 281 44.87 -16.35 7.28
C ARG B 281 45.72 -15.43 6.42
N ILE B 282 46.88 -15.04 6.94
CA ILE B 282 47.79 -14.16 6.23
C ILE B 282 49.18 -14.80 6.24
N ARG B 283 49.81 -14.88 5.07
CA ARG B 283 51.09 -15.55 4.90
C ARG B 283 52.07 -14.64 4.19
N HIS B 284 53.32 -14.68 4.62
CA HIS B 284 54.39 -13.98 3.92
C HIS B 284 55.05 -14.92 2.91
N VAL B 285 55.16 -14.46 1.66
CA VAL B 285 55.61 -15.35 0.58
C VAL B 285 57.10 -15.60 0.66
N THR B 286 57.91 -14.54 0.76
CA THR B 286 59.36 -14.73 0.80
C THR B 286 59.79 -15.37 2.10
N THR B 287 59.13 -15.02 3.21
CA THR B 287 59.44 -15.63 4.49
C THR B 287 58.92 -17.05 4.58
N GLY B 288 57.82 -17.35 3.92
CA GLY B 288 57.21 -18.67 4.02
C GLY B 288 56.70 -18.97 5.41
N ARG B 289 56.11 -17.98 6.08
CA ARG B 289 55.64 -18.13 7.45
C ARG B 289 54.28 -17.44 7.58
N TYR B 290 53.74 -17.49 8.79
CA TYR B 290 52.49 -16.84 9.13
C TYR B 290 52.67 -15.84 10.26
N LEU B 291 51.76 -14.88 10.35
CA LEU B 291 51.77 -13.87 11.40
C LEU B 291 50.67 -14.22 12.39
N ALA B 292 51.05 -14.35 13.66
CA ALA B 292 50.09 -14.77 14.67
C ALA B 292 50.59 -14.38 16.06
N LEU B 293 49.64 -14.35 17.01
CA LEU B 293 49.93 -14.15 18.43
C LEU B 293 49.34 -15.37 19.15
N THR B 294 50.21 -16.26 19.62
CA THR B 294 49.72 -17.53 20.17
C THR B 294 49.19 -17.36 21.59
N GLU B 295 50.07 -17.09 22.55
CA GLU B 295 49.60 -16.79 23.89
C GLU B 295 50.25 -15.55 24.49
N ASP B 296 51.57 -15.41 24.31
CA ASP B 296 52.30 -14.32 24.94
C ASP B 296 53.36 -13.67 24.07
N GLN B 297 53.75 -14.28 22.94
CA GLN B 297 54.90 -13.81 22.17
C GLN B 297 54.68 -12.46 21.52
N GLY B 298 53.46 -11.95 21.49
CA GLY B 298 53.16 -10.69 20.84
C GLY B 298 52.90 -10.87 19.37
N LEU B 299 53.03 -9.76 18.65
CA LEU B 299 52.83 -9.75 17.20
C LEU B 299 54.08 -10.27 16.49
N VAL B 300 54.29 -11.58 16.53
CA VAL B 300 55.48 -12.18 15.95
C VAL B 300 55.08 -13.05 14.75
N VAL B 301 56.07 -13.47 13.99
CA VAL B 301 55.86 -14.23 12.76
C VAL B 301 55.98 -15.70 13.14
N VAL B 302 54.82 -16.36 13.27
CA VAL B 302 54.81 -17.77 13.62
C VAL B 302 55.25 -18.61 12.41
N ASP B 303 55.71 -19.81 12.68
CA ASP B 303 56.17 -20.71 11.62
C ASP B 303 54.98 -21.17 10.78
N ALA B 304 55.28 -21.76 9.63
CA ALA B 304 54.26 -22.13 8.65
C ALA B 304 53.54 -23.42 8.98
N CYS B 305 53.75 -23.96 10.18
CA CYS B 305 53.02 -25.14 10.61
C CYS B 305 52.27 -24.94 11.91
N LYS B 306 52.37 -23.76 12.52
CA LYS B 306 51.77 -23.46 13.81
C LYS B 306 50.73 -22.36 13.67
N ALA B 307 49.86 -22.50 12.66
CA ALA B 307 48.79 -21.56 12.37
C ALA B 307 47.45 -22.29 12.34
N HIS B 308 47.20 -23.07 13.38
CA HIS B 308 46.06 -23.99 13.42
C HIS B 308 44.75 -23.27 13.67
N THR B 309 44.44 -22.27 12.83
CA THR B 309 43.12 -21.64 12.77
C THR B 309 42.83 -20.86 14.04
N LYS B 310 43.72 -20.92 15.02
CA LYS B 310 43.49 -20.32 16.32
C LYS B 310 44.49 -19.19 16.60
N ALA B 311 45.73 -19.37 16.17
CA ALA B 311 46.80 -18.41 16.45
C ALA B 311 46.68 -17.14 15.63
N THR B 312 46.34 -17.22 14.35
CA THR B 312 46.16 -16.00 13.57
C THR B 312 44.77 -15.42 13.78
N SER B 313 43.74 -16.14 13.31
CA SER B 313 42.35 -15.71 13.43
C SER B 313 42.16 -14.21 13.21
N PHE B 314 42.55 -13.72 12.04
CA PHE B 314 42.39 -12.31 11.71
C PHE B 314 41.12 -12.07 10.89
N CYS B 315 40.66 -10.82 10.88
CA CYS B 315 39.51 -10.44 10.08
C CYS B 315 39.58 -8.95 9.79
N PHE B 316 38.89 -8.55 8.72
CA PHE B 316 38.84 -7.17 8.28
C PHE B 316 37.49 -6.57 8.67
N ARG B 317 37.53 -5.41 9.33
CA ARG B 317 36.33 -4.74 9.80
C ARG B 317 36.36 -3.26 9.41
N VAL B 318 35.17 -2.72 9.19
CA VAL B 318 35.04 -1.32 8.80
C VAL B 318 35.47 -0.40 9.94
N SER B 319 35.10 -0.74 11.17
CA SER B 319 35.43 0.10 12.33
C SER B 319 35.60 -0.81 13.53
N LYS B 320 35.62 -0.20 14.72
CA LYS B 320 35.81 -0.94 15.97
C LYS B 320 34.50 -0.98 16.74
N GLU B 321 33.39 -1.13 16.02
CA GLU B 321 32.06 -1.03 16.58
C GLU B 321 31.67 -2.34 17.27
N LYS B 322 30.38 -2.50 17.52
CA LYS B 322 29.84 -3.59 18.33
C LYS B 322 29.38 -4.77 17.49
N LEU B 323 30.12 -5.08 16.44
CA LEU B 323 29.85 -6.21 15.56
C LEU B 323 29.49 -7.47 16.34
N ASP B 324 28.53 -8.23 15.81
CA ASP B 324 28.11 -9.47 16.42
C ASP B 324 29.00 -10.65 16.06
N THR B 325 29.97 -10.45 15.17
CA THR B 325 30.89 -11.50 14.73
C THR B 325 30.13 -12.71 14.17
N ALA B 326 29.08 -12.43 13.41
CA ALA B 326 28.29 -13.48 12.78
C ALA B 326 28.10 -13.19 11.30
N PRO B 327 29.16 -12.81 10.58
CA PRO B 327 29.05 -12.53 9.14
C PRO B 327 29.54 -13.65 8.23
N LYS B 328 29.84 -14.84 8.76
CA LYS B 328 30.41 -15.94 7.98
C LYS B 328 29.33 -16.55 7.12
N ARG B 329 29.23 -16.06 5.88
CA ARG B 329 28.27 -16.54 4.90
C ARG B 329 29.01 -17.12 3.71
N ASP B 330 28.67 -18.35 3.33
CA ASP B 330 29.31 -19.00 2.20
C ASP B 330 28.66 -18.57 0.89
N VAL B 331 29.48 -18.38 -0.14
CA VAL B 331 29.03 -18.00 -1.47
C VAL B 331 29.45 -19.07 -2.45
N GLU B 332 28.50 -19.53 -3.27
CA GLU B 332 28.77 -20.57 -4.25
C GLU B 332 29.16 -20.02 -5.61
N GLY B 333 29.29 -18.70 -5.72
CA GLY B 333 29.76 -18.06 -6.94
C GLY B 333 30.87 -17.06 -6.67
N MET B 334 31.03 -16.08 -7.56
CA MET B 334 32.05 -15.07 -7.37
C MET B 334 31.72 -14.13 -6.21
N GLY B 335 30.44 -13.85 -5.98
CA GLY B 335 30.03 -12.96 -4.92
C GLY B 335 30.11 -11.50 -5.34
N PRO B 336 29.50 -10.61 -4.56
CA PRO B 336 29.50 -9.19 -4.90
C PRO B 336 30.85 -8.57 -4.61
N PRO B 337 31.38 -7.77 -5.54
CA PRO B 337 32.64 -7.07 -5.31
C PRO B 337 32.46 -5.92 -4.33
N GLU B 338 33.06 -6.03 -3.15
CA GLU B 338 32.89 -5.05 -2.10
C GLU B 338 34.18 -4.29 -1.79
N ILE B 339 35.26 -4.99 -1.47
CA ILE B 339 36.48 -4.35 -1.00
C ILE B 339 37.32 -3.94 -2.20
N LYS B 340 37.62 -2.65 -2.30
CA LYS B 340 38.42 -2.11 -3.39
C LYS B 340 39.88 -1.98 -2.94
N TYR B 341 40.70 -1.36 -3.78
CA TYR B 341 42.10 -1.10 -3.48
C TYR B 341 42.32 0.41 -3.36
N GLY B 342 42.97 0.82 -2.28
CA GLY B 342 43.29 2.21 -2.06
C GLY B 342 42.18 3.04 -1.43
N GLU B 343 40.99 2.46 -1.23
CA GLU B 343 39.89 3.18 -0.61
C GLU B 343 39.13 2.35 0.41
N SER B 344 39.51 1.08 0.61
CA SER B 344 38.81 0.22 1.54
C SER B 344 38.93 0.71 2.98
N LEU B 345 40.09 1.23 3.37
CA LEU B 345 40.34 1.71 4.72
C LEU B 345 40.03 0.62 5.75
N CYS B 346 40.58 -0.56 5.50
CA CYS B 346 40.32 -1.72 6.36
C CYS B 346 40.88 -1.50 7.75
N PHE B 347 40.14 -1.97 8.75
CA PHE B 347 40.61 -2.05 10.12
C PHE B 347 40.61 -3.52 10.52
N VAL B 348 41.80 -4.11 10.60
CA VAL B 348 41.92 -5.53 10.88
C VAL B 348 41.65 -5.79 12.36
N GLN B 349 40.82 -6.79 12.63
CA GLN B 349 40.49 -7.19 13.99
C GLN B 349 40.68 -8.70 14.13
N HIS B 350 41.26 -9.11 15.26
CA HIS B 350 41.39 -10.53 15.55
C HIS B 350 40.01 -11.16 15.72
N VAL B 351 39.91 -12.43 15.35
CA VAL B 351 38.61 -13.11 15.42
C VAL B 351 38.31 -13.56 16.84
N ALA B 352 39.19 -14.37 17.42
CA ALA B 352 38.93 -14.91 18.76
C ALA B 352 39.00 -13.83 19.82
N SER B 353 40.06 -13.02 19.80
CA SER B 353 40.27 -12.04 20.86
C SER B 353 39.64 -10.68 20.55
N GLY B 354 39.46 -10.35 19.27
CA GLY B 354 38.89 -9.06 18.93
C GLY B 354 39.86 -7.91 19.03
N LEU B 355 41.14 -8.17 19.21
CA LEU B 355 42.13 -7.11 19.35
C LEU B 355 42.37 -6.41 18.02
N TRP B 356 42.72 -5.13 18.11
CA TRP B 356 43.01 -4.30 16.95
C TRP B 356 44.51 -4.01 16.89
N LEU B 357 44.97 -3.69 15.70
CA LEU B 357 46.39 -3.48 15.43
C LEU B 357 46.72 -2.00 15.45
N THR B 358 47.76 -1.63 16.20
CA THR B 358 48.29 -0.29 16.21
C THR B 358 49.76 -0.38 16.60
N TYR B 359 50.49 0.72 16.39
CA TYR B 359 51.89 0.77 16.75
C TYR B 359 52.06 1.20 18.20
N ALA B 360 52.96 0.53 18.91
CA ALA B 360 53.22 0.87 20.30
C ALA B 360 54.02 2.17 20.41
N ALA B 361 54.80 2.48 19.39
CA ALA B 361 55.65 3.68 19.33
C ALA B 361 56.57 3.73 20.54
N PRO B 362 57.14 2.60 20.96
CA PRO B 362 58.10 2.64 22.07
C PRO B 362 59.49 3.01 21.59
N ASP B 363 59.95 4.21 21.93
CA ASP B 363 61.27 4.66 21.51
C ASP B 363 62.01 5.28 22.68
N PRO B 364 63.30 5.04 22.79
CA PRO B 364 64.11 5.70 23.82
C PRO B 364 64.65 7.03 23.30
N LYS B 365 65.48 7.67 24.13
CA LYS B 365 66.10 8.92 23.71
C LYS B 365 67.00 8.72 22.50
N ALA B 366 67.79 7.64 22.50
CA ALA B 366 68.66 7.37 21.37
C ALA B 366 67.89 6.79 20.18
N LEU B 367 66.81 6.05 20.45
CA LEU B 367 66.05 5.41 19.39
C LEU B 367 65.36 6.38 18.46
N ARG B 368 64.94 7.55 18.97
CA ARG B 368 64.33 8.55 18.11
C ARG B 368 65.32 9.07 17.08
N LEU B 369 66.55 9.32 17.49
CA LEU B 369 67.60 9.79 16.59
C LEU B 369 68.42 8.65 15.99
N GLY B 370 68.15 7.41 16.39
CA GLY B 370 68.88 6.27 15.87
C GLY B 370 68.10 5.49 14.83
N VAL B 371 67.54 4.36 15.23
CA VAL B 371 66.75 3.55 14.32
C VAL B 371 65.34 4.12 14.21
N LEU B 372 64.94 4.48 12.99
CA LEU B 372 63.62 5.07 12.75
C LEU B 372 62.62 3.97 12.40
N LYS B 373 62.24 3.21 13.42
CA LYS B 373 61.33 2.09 13.27
C LYS B 373 60.25 2.15 14.34
N LYS B 374 59.08 1.61 14.00
CA LYS B 374 57.97 1.50 14.93
C LYS B 374 57.42 0.09 14.86
N LYS B 375 56.94 -0.41 15.99
CA LYS B 375 56.43 -1.78 16.08
C LYS B 375 54.93 -1.76 16.32
N ALA B 376 54.21 -2.52 15.50
CA ALA B 376 52.77 -2.67 15.68
C ALA B 376 52.46 -3.70 16.76
N ILE B 377 51.35 -3.48 17.46
CA ILE B 377 50.89 -4.38 18.51
C ILE B 377 49.40 -4.61 18.35
N LEU B 378 48.93 -5.72 18.91
CA LEU B 378 47.51 -6.06 18.95
C LEU B 378 46.92 -5.42 20.20
N HIS B 379 46.41 -4.20 20.04
CA HIS B 379 45.91 -3.42 21.16
C HIS B 379 44.38 -3.46 21.23
N GLN B 380 43.85 -3.24 22.43
CA GLN B 380 42.41 -3.28 22.64
C GLN B 380 41.72 -2.03 22.10
N GLU B 381 42.44 -0.92 21.95
CA GLU B 381 41.85 0.31 21.45
C GLU B 381 42.48 0.77 20.14
N GLY B 382 43.79 0.96 20.11
CA GLY B 382 44.47 1.39 18.90
C GLY B 382 44.34 2.88 18.66
N HIS B 383 45.11 3.36 17.70
CA HIS B 383 45.09 4.75 17.29
C HIS B 383 43.94 4.97 16.30
N MET B 384 43.66 6.23 15.97
CA MET B 384 42.59 6.58 15.05
C MET B 384 43.11 6.93 13.66
N ASP B 385 44.40 6.70 13.38
CA ASP B 385 45.00 7.00 12.10
C ASP B 385 45.72 5.79 11.54
N ASP B 386 45.10 4.61 11.63
CA ASP B 386 45.70 3.40 11.07
C ASP B 386 45.78 3.50 9.55
N ALA B 387 44.67 3.88 8.91
CA ALA B 387 44.61 4.10 7.46
C ALA B 387 45.14 2.89 6.69
N LEU B 388 44.74 1.70 7.13
CA LEU B 388 45.19 0.47 6.51
C LEU B 388 44.36 0.12 5.28
N PHE B 389 44.68 0.72 4.15
CA PHE B 389 44.07 0.33 2.88
C PHE B 389 45.05 -0.51 2.08
N LEU B 390 44.51 -1.42 1.29
CA LEU B 390 45.28 -2.46 0.62
C LEU B 390 45.66 -2.05 -0.79
N THR B 391 46.86 -2.45 -1.21
CA THR B 391 47.36 -2.15 -2.54
C THR B 391 47.97 -3.42 -3.11
N ARG B 392 47.61 -3.74 -4.36
CA ARG B 392 48.05 -4.96 -5.02
C ARG B 392 48.86 -4.62 -6.27
N CYS B 393 49.92 -5.39 -6.50
CA CYS B 393 50.81 -5.20 -7.64
C CYS B 393 50.74 -6.44 -8.53
N GLN B 394 49.78 -6.45 -9.45
CA GLN B 394 49.59 -7.60 -10.32
C GLN B 394 50.54 -7.56 -11.51
N GLN B 395 51.80 -7.95 -11.29
CA GLN B 395 52.79 -7.91 -12.36
C GLN B 395 53.71 -9.12 -12.22
N GLU B 396 54.81 -9.09 -12.98
CA GLU B 396 55.79 -10.17 -12.96
C GLU B 396 56.43 -10.35 -11.59
N GLU B 397 56.49 -9.28 -10.78
CA GLU B 397 57.11 -9.38 -9.47
C GLU B 397 56.38 -10.39 -8.58
N SER B 398 55.09 -10.62 -8.83
CA SER B 398 54.36 -11.62 -8.05
C SER B 398 54.97 -13.00 -8.23
N GLN B 399 55.30 -13.38 -9.47
CA GLN B 399 55.92 -14.68 -9.70
C GLN B 399 57.32 -14.76 -9.12
N ALA B 400 58.11 -13.70 -9.26
CA ALA B 400 59.51 -13.74 -8.85
C ALA B 400 59.66 -13.99 -7.36
N ALA B 401 58.66 -13.61 -6.56
CA ALA B 401 58.74 -13.79 -5.12
C ALA B 401 58.79 -15.26 -4.77
N ARG B 402 58.06 -16.10 -5.50
CA ARG B 402 57.99 -17.52 -5.17
C ARG B 402 59.35 -18.19 -5.20
N MET B 403 60.16 -17.92 -6.23
CA MET B 403 61.46 -18.57 -6.33
C MET B 403 62.35 -18.17 -5.15
N ILE B 404 62.20 -16.94 -4.66
CA ILE B 404 63.00 -16.49 -3.54
C ILE B 404 62.74 -17.38 -2.33
N HIS B 405 61.47 -17.70 -2.08
CA HIS B 405 61.12 -18.73 -1.12
C HIS B 405 61.68 -20.09 -1.54
N SER B 406 61.61 -20.41 -2.82
CA SER B 406 61.98 -21.73 -3.29
C SER B 406 63.48 -21.90 -3.53
N THR B 407 64.23 -20.81 -3.60
CA THR B 407 65.66 -20.91 -3.85
C THR B 407 66.40 -21.40 -2.61
N ALA B 408 66.30 -20.65 -1.50
CA ALA B 408 66.91 -21.06 -0.26
C ALA B 408 66.31 -22.34 0.29
N GLY B 409 65.10 -22.69 -0.14
CA GLY B 409 64.51 -23.94 0.29
C GLY B 409 65.33 -25.15 -0.13
N LEU B 410 65.99 -25.07 -1.28
CA LEU B 410 66.89 -26.12 -1.71
C LEU B 410 68.33 -25.87 -1.28
N TYR B 411 68.75 -24.61 -1.23
CA TYR B 411 70.15 -24.31 -0.91
C TYR B 411 70.47 -24.65 0.54
N ASN B 412 69.62 -24.23 1.48
CA ASN B 412 69.87 -24.49 2.88
C ASN B 412 69.90 -25.98 3.21
N GLN B 413 68.99 -26.76 2.63
CA GLN B 413 69.01 -28.20 2.81
C GLN B 413 70.11 -28.87 2.00
N PHE B 414 70.81 -28.12 1.16
CA PHE B 414 72.01 -28.60 0.50
C PHE B 414 73.29 -28.19 1.21
N ILE B 415 73.34 -27.00 1.80
CA ILE B 415 74.53 -26.58 2.55
C ILE B 415 74.76 -27.51 3.72
N LYS B 416 73.68 -27.88 4.43
CA LYS B 416 73.82 -28.80 5.56
C LYS B 416 74.37 -30.14 5.12
N GLY B 417 74.10 -30.55 3.88
CA GLY B 417 74.63 -31.81 3.40
C GLY B 417 76.14 -31.82 3.31
N LEU B 418 76.76 -30.68 2.98
CA LEU B 418 78.21 -30.61 2.97
C LEU B 418 78.79 -30.77 4.36
N ASP B 419 78.13 -30.21 5.38
CA ASP B 419 78.62 -30.30 6.75
C ASP B 419 78.66 -31.71 7.29
N SER B 420 77.87 -32.63 6.72
CA SER B 420 77.87 -34.01 7.17
C SER B 420 79.15 -34.75 6.84
N PHE B 421 79.96 -34.24 5.93
CA PHE B 421 81.23 -34.87 5.57
C PHE B 421 82.34 -33.87 5.35
N SER B 422 82.13 -32.59 5.67
CA SER B 422 83.12 -31.57 5.37
C SER B 422 84.42 -31.82 6.14
N GLY B 423 84.33 -32.16 7.42
CA GLY B 423 85.49 -32.37 8.25
C GLY B 423 85.79 -33.80 8.64
N LYS B 424 85.09 -34.78 8.06
CA LYS B 424 85.29 -36.17 8.43
C LYS B 424 85.86 -36.94 7.25
N PRO B 425 86.92 -37.73 7.45
CA PRO B 425 87.43 -38.58 6.37
C PRO B 425 86.40 -39.62 5.95
N ARG B 426 86.46 -39.99 4.69
CA ARG B 426 85.52 -40.92 4.09
C ARG B 426 86.12 -42.31 4.07
N GLY B 427 85.60 -43.19 4.92
CA GLY B 427 86.05 -44.57 4.92
C GLY B 427 85.48 -45.36 3.76
N SER B 428 86.05 -46.54 3.53
CA SER B 428 85.60 -47.41 2.46
C SER B 428 84.22 -47.96 2.78
N GLY B 429 83.23 -47.59 1.98
CA GLY B 429 81.87 -48.04 2.19
C GLY B 429 80.88 -46.90 2.08
N PRO B 430 80.01 -46.76 3.08
CA PRO B 430 79.06 -45.65 3.08
C PRO B 430 79.77 -44.34 3.32
N PRO B 431 79.78 -43.43 2.34
CA PRO B 431 80.53 -42.18 2.49
C PRO B 431 79.90 -41.24 3.49
N ALA B 432 78.57 -41.23 3.56
CA ALA B 432 77.85 -40.31 4.42
C ALA B 432 76.48 -40.90 4.73
N GLY B 433 75.59 -40.08 5.27
CA GLY B 433 74.26 -40.52 5.62
C GLY B 433 73.26 -40.20 4.54
N PRO B 434 72.46 -39.16 4.75
CA PRO B 434 71.46 -38.78 3.74
C PRO B 434 72.11 -38.38 2.42
N ALA B 435 71.42 -38.69 1.33
CA ALA B 435 71.93 -38.42 0.00
C ALA B 435 71.98 -36.92 -0.27
N LEU B 436 72.94 -36.53 -1.11
CA LEU B 436 73.14 -35.12 -1.43
C LEU B 436 72.30 -34.73 -2.64
N PRO B 437 71.47 -33.69 -2.51
CA PRO B 437 70.72 -33.20 -3.67
C PRO B 437 71.64 -32.58 -4.70
N ILE B 438 71.76 -33.20 -5.86
CA ILE B 438 72.71 -32.78 -6.90
C ILE B 438 71.98 -32.30 -8.15
N GLU B 439 71.23 -33.19 -8.80
CA GLU B 439 70.60 -32.84 -10.07
C GLU B 439 69.55 -31.75 -9.90
N ALA B 440 68.82 -31.75 -8.78
CA ALA B 440 67.84 -30.70 -8.53
C ALA B 440 68.49 -29.32 -8.43
N VAL B 441 69.73 -29.24 -7.98
CA VAL B 441 70.43 -27.96 -7.93
C VAL B 441 70.88 -27.53 -9.32
N ILE B 442 71.40 -28.47 -10.10
CA ILE B 442 71.90 -28.15 -11.44
C ILE B 442 70.77 -27.62 -12.31
N LEU B 443 69.61 -28.27 -12.26
CA LEU B 443 68.46 -27.81 -13.03
C LEU B 443 68.03 -26.43 -12.57
N SER B 444 68.05 -26.17 -11.27
CA SER B 444 67.68 -24.86 -10.76
C SER B 444 68.65 -23.78 -11.21
N LEU B 445 69.95 -24.08 -11.21
CA LEU B 445 70.93 -23.08 -11.64
C LEU B 445 70.74 -22.68 -13.09
N GLN B 446 70.49 -23.66 -13.96
CA GLN B 446 70.29 -23.34 -15.38
C GLN B 446 69.07 -22.46 -15.59
N ASP B 447 67.99 -22.71 -14.87
CA ASP B 447 66.81 -21.86 -14.97
C ASP B 447 67.13 -20.45 -14.51
N LEU B 448 67.88 -20.30 -13.42
CA LEU B 448 68.19 -18.98 -12.90
C LEU B 448 69.09 -18.18 -13.84
N ILE B 449 70.06 -18.83 -14.47
CA ILE B 449 70.96 -18.12 -15.38
C ILE B 449 70.17 -17.55 -16.55
N GLY B 450 69.28 -18.35 -17.13
CA GLY B 450 68.42 -17.84 -18.19
C GLY B 450 67.40 -16.84 -17.70
N TYR B 451 67.07 -16.87 -16.41
CA TYR B 451 66.09 -15.93 -15.88
C TYR B 451 66.65 -14.51 -15.84
N PHE B 452 67.97 -14.36 -15.79
CA PHE B 452 68.61 -13.06 -15.67
C PHE B 452 69.41 -12.67 -16.90
N GLU B 453 69.16 -13.31 -18.04
CA GLU B 453 69.91 -13.00 -19.24
C GLU B 453 69.56 -11.59 -19.73
N PRO B 454 70.55 -10.80 -20.14
CA PRO B 454 70.27 -9.47 -20.65
C PRO B 454 69.47 -9.53 -21.94
N PRO B 455 68.65 -8.51 -22.21
CA PRO B 455 67.91 -8.49 -23.47
C PRO B 455 68.85 -8.33 -24.66
N SER B 456 68.39 -8.82 -25.80
CA SER B 456 69.21 -8.84 -27.01
C SER B 456 69.55 -7.42 -27.47
N GLU B 457 70.76 -7.26 -27.99
CA GLU B 457 71.18 -5.95 -28.49
C GLU B 457 70.42 -5.56 -29.75
N GLU B 458 70.10 -6.53 -30.60
CA GLU B 458 69.38 -6.25 -31.84
C GLU B 458 67.95 -5.76 -31.60
N LEU B 459 67.45 -5.88 -30.38
CA LEU B 459 66.11 -5.40 -30.07
C LEU B 459 66.02 -3.90 -30.25
N GLN B 460 64.80 -3.42 -30.53
CA GLN B 460 64.57 -2.01 -30.75
C GLN B 460 64.90 -1.20 -29.49
N HIS B 461 65.30 0.06 -29.70
CA HIS B 461 65.69 0.91 -28.58
C HIS B 461 64.54 1.13 -27.60
N GLU B 462 63.32 1.33 -28.11
CA GLU B 462 62.19 1.57 -27.22
C GLU B 462 61.92 0.38 -26.31
N GLU B 463 61.91 -0.83 -26.88
CA GLU B 463 61.61 -2.02 -26.07
C GLU B 463 62.73 -2.33 -25.09
N LYS B 464 63.97 -2.01 -25.46
CA LYS B 464 65.11 -2.30 -24.59
C LYS B 464 65.00 -1.56 -23.27
N GLN B 465 64.54 -0.29 -23.31
CA GLN B 465 64.50 0.52 -22.09
C GLN B 465 63.60 -0.09 -21.04
N SER B 466 62.44 -0.63 -21.44
CA SER B 466 61.55 -1.25 -20.47
C SER B 466 62.13 -2.54 -19.90
N LYS B 467 62.83 -3.31 -20.73
CA LYS B 467 63.40 -4.58 -20.27
C LYS B 467 64.43 -4.39 -19.17
N LEU B 468 65.32 -3.40 -19.32
CA LEU B 468 66.34 -3.18 -18.30
C LEU B 468 65.72 -2.85 -16.95
N ARG B 469 64.71 -1.99 -16.93
CA ARG B 469 64.05 -1.68 -15.67
C ARG B 469 63.36 -2.91 -15.09
N SER B 470 62.72 -3.72 -15.94
CA SER B 470 62.08 -4.94 -15.49
C SER B 470 63.08 -6.02 -15.08
N LEU B 471 64.36 -5.85 -15.39
CA LEU B 471 65.39 -6.79 -14.98
C LEU B 471 66.14 -6.34 -13.73
N ARG B 472 66.58 -5.08 -13.68
CA ARG B 472 67.22 -4.58 -12.48
C ARG B 472 66.28 -4.58 -11.28
N ASN B 473 64.97 -4.46 -11.52
CA ASN B 473 64.02 -4.67 -10.43
C ASN B 473 64.15 -6.07 -9.86
N ARG B 474 64.24 -7.08 -10.73
CA ARG B 474 64.49 -8.43 -10.27
C ARG B 474 65.89 -8.58 -9.68
N GLN B 475 66.85 -7.78 -10.14
CA GLN B 475 68.14 -7.73 -9.47
C GLN B 475 68.00 -7.20 -8.04
N SER B 476 67.18 -6.17 -7.86
CA SER B 476 66.98 -5.57 -6.56
C SER B 476 66.18 -6.46 -5.61
N LEU B 477 65.28 -7.28 -6.12
CA LEU B 477 64.47 -8.16 -5.27
C LEU B 477 65.27 -9.32 -4.70
N PHE B 478 66.50 -9.50 -5.16
CA PHE B 478 67.39 -10.53 -4.62
C PHE B 478 68.48 -9.91 -3.76
N GLN B 479 68.25 -8.69 -3.29
CA GLN B 479 69.12 -8.04 -2.31
C GLN B 479 68.49 -7.93 -0.93
N GLU B 480 67.20 -7.61 -0.86
CA GLU B 480 66.52 -7.55 0.43
C GLU B 480 66.51 -8.90 1.11
N GLU B 481 66.39 -9.98 0.34
CA GLU B 481 66.51 -11.33 0.84
C GLU B 481 67.95 -11.82 0.83
N GLY B 482 68.88 -10.95 0.42
CA GLY B 482 70.29 -11.28 0.40
C GLY B 482 70.69 -12.07 -0.83
N MET B 483 70.40 -13.37 -0.82
CA MET B 483 70.55 -14.26 -1.96
C MET B 483 71.96 -14.26 -2.55
N LEU B 484 72.91 -13.62 -1.88
CA LEU B 484 74.28 -13.52 -2.35
C LEU B 484 75.26 -14.15 -1.38
N SER B 485 75.12 -13.84 -0.09
CA SER B 485 75.93 -14.53 0.92
C SER B 485 75.70 -16.03 0.89
N LEU B 486 74.44 -16.45 0.70
CA LEU B 486 74.13 -17.87 0.54
C LEU B 486 74.89 -18.49 -0.62
N VAL B 487 74.95 -17.79 -1.76
CA VAL B 487 75.79 -18.26 -2.85
C VAL B 487 77.26 -18.25 -2.44
N LEU B 488 77.69 -17.19 -1.76
CA LEU B 488 79.06 -17.15 -1.25
C LEU B 488 79.31 -18.24 -0.24
N ASN B 489 78.33 -18.51 0.64
CA ASN B 489 78.49 -19.60 1.60
C ASN B 489 78.61 -20.94 0.90
N CYS B 490 77.81 -21.17 -0.14
CA CYS B 490 77.97 -22.40 -0.92
C CYS B 490 79.34 -22.48 -1.56
N ILE B 491 79.85 -21.36 -2.06
CA ILE B 491 81.21 -21.33 -2.59
C ILE B 491 82.22 -21.63 -1.48
N ASP B 492 82.06 -20.99 -0.33
CA ASP B 492 83.07 -21.05 0.71
C ASP B 492 83.29 -22.47 1.21
N ARG B 493 82.21 -23.22 1.44
CA ARG B 493 82.34 -24.58 1.94
C ARG B 493 82.87 -25.54 0.89
N LEU B 494 82.64 -25.26 -0.39
CA LEU B 494 83.23 -26.04 -1.47
C LEU B 494 84.53 -25.44 -1.98
N ASN B 495 84.97 -24.34 -1.38
CA ASN B 495 86.14 -23.62 -1.86
C ASN B 495 87.44 -24.34 -1.53
N VAL B 496 87.53 -24.97 -0.37
CA VAL B 496 88.80 -25.56 0.09
C VAL B 496 88.86 -26.97 -0.47
N TYR B 497 89.28 -27.06 -1.73
CA TYR B 497 89.49 -28.34 -2.40
C TYR B 497 90.52 -28.09 -3.51
N THR B 498 91.69 -28.70 -3.37
CA THR B 498 92.78 -28.38 -4.28
C THR B 498 92.56 -29.00 -5.66
N THR B 499 92.51 -30.33 -5.73
CA THR B 499 92.26 -31.03 -6.98
C THR B 499 90.81 -31.48 -7.10
N ALA B 500 90.24 -31.97 -6.00
CA ALA B 500 88.85 -32.40 -5.95
C ALA B 500 88.55 -33.48 -6.99
N ALA B 501 89.59 -34.22 -7.36
CA ALA B 501 89.43 -35.44 -8.17
C ALA B 501 89.36 -36.66 -7.26
N HIS B 502 90.39 -36.87 -6.45
CA HIS B 502 90.30 -37.75 -5.31
C HIS B 502 90.14 -36.98 -4.00
N PHE B 503 90.50 -35.69 -4.00
CA PHE B 503 90.34 -34.86 -2.83
C PHE B 503 88.90 -34.49 -2.55
N ALA B 504 88.00 -34.66 -3.52
CA ALA B 504 86.57 -34.51 -3.29
C ALA B 504 85.90 -35.83 -2.98
N GLU B 505 86.67 -36.90 -2.84
CA GLU B 505 86.11 -38.23 -2.53
C GLU B 505 85.82 -38.37 -1.04
N TYR B 506 85.08 -37.40 -0.49
CA TYR B 506 84.56 -37.50 0.86
C TYR B 506 83.05 -37.67 0.91
N ALA B 507 82.33 -37.26 -0.12
CA ALA B 507 80.93 -37.63 -0.29
C ALA B 507 80.77 -38.94 -1.04
N GLY B 508 81.87 -39.57 -1.45
CA GLY B 508 81.83 -40.81 -2.19
C GLY B 508 81.94 -40.59 -3.69
N GLU B 509 81.72 -41.68 -4.41
CA GLU B 509 81.72 -41.60 -5.86
C GLU B 509 80.50 -40.83 -6.35
N GLU B 510 80.47 -40.58 -7.66
CA GLU B 510 79.40 -39.94 -8.42
C GLU B 510 79.08 -38.54 -7.93
N ALA B 511 79.80 -38.03 -6.94
CA ALA B 511 79.62 -36.65 -6.47
C ALA B 511 80.74 -35.74 -6.90
N ALA B 512 81.99 -36.22 -6.90
CA ALA B 512 83.09 -35.46 -7.46
C ALA B 512 83.01 -35.40 -8.98
N GLU B 513 82.26 -36.31 -9.61
CA GLU B 513 82.09 -36.27 -11.06
C GLU B 513 81.39 -35.00 -11.51
N SER B 514 80.36 -34.57 -10.78
CA SER B 514 79.64 -33.35 -11.08
C SER B 514 80.26 -32.13 -10.43
N TRP B 515 81.36 -32.30 -9.68
CA TRP B 515 81.95 -31.19 -8.96
C TRP B 515 82.46 -30.12 -9.91
N LYS B 516 83.11 -30.51 -11.00
CA LYS B 516 83.73 -29.54 -11.88
C LYS B 516 82.71 -28.60 -12.52
N GLU B 517 81.59 -29.14 -12.99
CA GLU B 517 80.59 -28.31 -13.65
C GLU B 517 79.84 -27.44 -12.65
N ILE B 518 79.70 -27.92 -11.41
CA ILE B 518 79.01 -27.12 -10.39
C ILE B 518 79.76 -25.82 -10.14
N VAL B 519 81.09 -25.91 -10.04
CA VAL B 519 81.88 -24.71 -9.77
C VAL B 519 81.72 -23.71 -10.91
N ASN B 520 81.81 -24.18 -12.15
CA ASN B 520 81.68 -23.28 -13.30
C ASN B 520 80.33 -22.60 -13.33
N LEU B 521 79.25 -23.35 -13.07
CA LEU B 521 77.92 -22.76 -13.09
C LEU B 521 77.68 -21.78 -11.95
N LEU B 522 78.28 -22.01 -10.79
CA LEU B 522 78.03 -21.14 -9.64
C LEU B 522 78.50 -19.71 -9.90
N TYR B 523 79.68 -19.56 -10.49
CA TYR B 523 80.20 -18.23 -10.76
C TYR B 523 79.38 -17.52 -11.83
N GLU B 524 78.79 -18.28 -12.77
CA GLU B 524 77.94 -17.66 -13.78
C GLU B 524 76.73 -17.00 -13.14
N LEU B 525 76.10 -17.66 -12.16
CA LEU B 525 74.98 -17.05 -11.46
C LEU B 525 75.43 -15.79 -10.73
N LEU B 526 76.60 -15.82 -10.10
CA LEU B 526 77.12 -14.62 -9.46
C LEU B 526 77.39 -13.53 -10.49
N ALA B 527 77.95 -13.91 -11.64
CA ALA B 527 78.25 -12.92 -12.67
C ALA B 527 76.98 -12.29 -13.24
N SER B 528 75.89 -13.06 -13.30
CA SER B 528 74.65 -12.53 -13.87
C SER B 528 73.96 -11.54 -12.94
N LEU B 529 74.10 -11.70 -11.63
CA LEU B 529 73.40 -10.86 -10.67
C LEU B 529 74.14 -9.57 -10.37
N ILE B 530 75.28 -9.33 -11.01
CA ILE B 530 76.11 -8.17 -10.73
C ILE B 530 76.19 -7.24 -11.93
N ARG B 531 76.26 -7.80 -13.14
CA ARG B 531 76.43 -6.99 -14.34
C ARG B 531 75.29 -5.99 -14.48
N GLY B 532 75.63 -4.77 -14.86
CA GLY B 532 74.66 -3.71 -15.04
C GLY B 532 74.37 -2.86 -13.82
N ASN B 533 73.92 -3.50 -12.74
CA ASN B 533 73.58 -2.77 -11.53
C ASN B 533 74.83 -2.26 -10.84
N ARG B 534 74.75 -1.02 -10.35
CA ARG B 534 75.85 -0.43 -9.61
C ARG B 534 75.72 -0.65 -8.10
N ALA B 535 74.50 -0.72 -7.58
CA ALA B 535 74.31 -0.95 -6.15
C ALA B 535 74.89 -2.31 -5.74
N ASN B 536 74.75 -3.33 -6.59
CA ASN B 536 75.33 -4.62 -6.28
C ASN B 536 76.85 -4.56 -6.18
N CYS B 537 77.49 -3.80 -7.08
CA CYS B 537 78.95 -3.74 -7.11
C CYS B 537 79.53 -3.11 -5.85
N ALA B 538 78.78 -2.23 -5.20
CA ALA B 538 79.30 -1.57 -3.99
C ALA B 538 79.40 -2.52 -2.81
N LEU B 539 78.82 -3.72 -2.91
CA LEU B 539 78.80 -4.66 -1.80
C LEU B 539 80.09 -5.46 -1.66
N PHE B 540 80.97 -5.42 -2.66
CA PHE B 540 82.20 -6.20 -2.62
C PHE B 540 83.44 -5.36 -2.41
N SER B 541 83.30 -4.11 -1.97
CA SER B 541 84.48 -3.29 -1.67
C SER B 541 85.29 -3.90 -0.54
N THR B 542 84.62 -4.38 0.51
CA THR B 542 85.33 -5.04 1.60
C THR B 542 85.81 -6.43 1.19
N ASN B 543 85.19 -7.01 0.17
CA ASN B 543 85.53 -8.35 -0.31
C ASN B 543 86.45 -8.30 -1.52
N LEU B 544 87.13 -7.18 -1.73
CA LEU B 544 88.07 -7.08 -2.84
C LEU B 544 89.18 -8.11 -2.71
N ASP B 545 89.76 -8.22 -1.51
CA ASP B 545 90.78 -9.24 -1.29
C ASP B 545 90.21 -10.65 -1.36
N TRP B 546 88.91 -10.81 -1.13
CA TRP B 546 88.32 -12.14 -1.15
C TRP B 546 88.28 -12.70 -2.56
N VAL B 547 87.81 -11.91 -3.54
CA VAL B 547 87.62 -12.42 -4.89
C VAL B 547 88.97 -12.73 -5.54
N VAL B 548 89.94 -11.82 -5.37
CA VAL B 548 91.25 -12.04 -5.98
C VAL B 548 92.01 -13.16 -5.27
N SER B 549 91.59 -13.54 -4.07
CA SER B 549 92.33 -14.48 -3.26
C SER B 549 92.43 -15.87 -3.89
N LYS B 550 91.35 -16.38 -4.48
CA LYS B 550 91.33 -17.79 -4.85
C LYS B 550 92.20 -18.07 -6.07
N LEU B 551 91.80 -17.55 -7.23
CA LEU B 551 92.52 -17.71 -8.49
C LEU B 551 93.12 -19.12 -8.60
N ASP B 552 92.23 -20.12 -8.67
CA ASP B 552 92.64 -21.51 -8.47
C ASP B 552 93.32 -22.16 -9.67
N ARG B 553 93.61 -21.41 -10.72
CA ARG B 553 94.33 -21.92 -11.89
C ARG B 553 93.64 -23.11 -12.56
N LEU B 554 92.39 -23.40 -12.18
CA LEU B 554 91.67 -24.53 -12.73
C LEU B 554 90.29 -24.18 -13.26
N GLU B 555 89.65 -23.15 -12.72
CA GLU B 555 88.34 -22.71 -13.18
C GLU B 555 88.19 -21.18 -13.25
N ALA B 556 89.13 -20.42 -12.71
CA ALA B 556 89.00 -18.97 -12.69
C ALA B 556 88.97 -18.36 -14.09
N SER B 557 89.63 -18.98 -15.06
CA SER B 557 89.63 -18.45 -16.41
C SER B 557 88.24 -18.44 -17.02
N SER B 558 87.30 -19.20 -16.46
CA SER B 558 85.96 -19.24 -17.01
C SER B 558 85.13 -18.06 -16.54
N GLY B 559 84.96 -17.91 -15.23
CA GLY B 559 84.10 -16.86 -14.71
C GLY B 559 84.72 -15.94 -13.67
N ILE B 560 85.66 -16.46 -12.88
CA ILE B 560 86.24 -15.66 -11.81
C ILE B 560 87.00 -14.47 -12.36
N LEU B 561 87.73 -14.65 -13.46
CA LEU B 561 88.32 -13.51 -14.14
C LEU B 561 87.23 -12.59 -14.67
N GLU B 562 86.16 -13.17 -15.20
CA GLU B 562 85.07 -12.36 -15.75
C GLU B 562 84.31 -11.62 -14.65
N VAL B 563 84.03 -12.31 -13.54
CA VAL B 563 83.24 -11.70 -12.48
C VAL B 563 83.96 -10.51 -11.86
N LEU B 564 85.29 -10.54 -11.81
CA LEU B 564 86.07 -9.37 -11.42
C LEU B 564 85.87 -8.21 -12.37
N TYR B 565 85.82 -8.47 -13.68
CA TYR B 565 85.59 -7.43 -14.66
C TYR B 565 84.20 -6.81 -14.53
N CYS B 566 83.26 -7.52 -13.89
CA CYS B 566 81.91 -6.98 -13.75
C CYS B 566 81.87 -5.79 -12.80
N VAL B 567 82.60 -5.86 -11.69
CA VAL B 567 82.52 -4.83 -10.68
C VAL B 567 83.44 -3.65 -10.97
N LEU B 568 84.54 -3.88 -11.68
CA LEU B 568 85.53 -2.84 -11.93
C LEU B 568 85.06 -1.80 -12.94
N ILE B 569 83.83 -1.91 -13.43
CA ILE B 569 83.27 -0.94 -14.36
C ILE B 569 82.24 -0.04 -13.71
N GLU B 570 81.43 -0.55 -12.78
CA GLU B 570 80.31 0.20 -12.23
C GLU B 570 80.70 1.02 -11.01
N SER B 571 81.41 0.43 -10.05
CA SER B 571 81.73 1.13 -8.81
C SER B 571 83.17 1.61 -8.84
N PRO B 572 83.40 2.93 -8.94
CA PRO B 572 84.79 3.43 -8.86
C PRO B 572 85.39 3.36 -7.47
N GLU B 573 84.57 3.17 -6.43
CA GLU B 573 85.09 3.04 -5.08
C GLU B 573 86.01 1.84 -4.95
N VAL B 574 85.62 0.72 -5.56
CA VAL B 574 86.47 -0.46 -5.57
C VAL B 574 87.79 -0.16 -6.27
N LEU B 575 87.75 0.65 -7.32
CA LEU B 575 88.98 1.05 -8.00
C LEU B 575 89.88 1.87 -7.08
N ASN B 576 89.30 2.59 -6.12
CA ASN B 576 90.06 3.51 -5.29
C ASN B 576 90.69 2.85 -4.06
N ILE B 577 90.51 1.54 -3.87
CA ILE B 577 91.00 0.88 -2.68
C ILE B 577 91.95 -0.26 -3.04
N ILE B 578 92.67 -0.09 -4.16
CA ILE B 578 93.68 -1.09 -4.53
C ILE B 578 94.87 -1.00 -3.59
N GLN B 579 95.66 -2.07 -3.54
CA GLN B 579 96.71 -2.22 -2.55
C GLN B 579 98.07 -2.59 -3.14
N GLU B 580 98.21 -2.62 -4.46
CA GLU B 580 99.48 -2.84 -5.14
C GLU B 580 99.94 -4.30 -5.01
N ASN B 581 99.23 -5.08 -4.21
CA ASN B 581 99.48 -6.51 -4.14
C ASN B 581 98.59 -7.30 -5.07
N HIS B 582 97.35 -6.85 -5.27
CA HIS B 582 96.44 -7.53 -6.19
C HIS B 582 96.94 -7.45 -7.63
N ILE B 583 97.38 -6.27 -8.05
CA ILE B 583 97.85 -6.09 -9.43
C ILE B 583 99.07 -6.94 -9.73
N LYS B 584 99.95 -7.15 -8.75
CA LYS B 584 101.07 -8.06 -8.95
C LYS B 584 100.58 -9.47 -9.22
N SER B 585 99.54 -9.91 -8.50
CA SER B 585 98.93 -11.19 -8.78
C SER B 585 98.29 -11.22 -10.16
N ILE B 586 97.69 -10.11 -10.58
CA ILE B 586 97.12 -10.05 -11.93
C ILE B 586 98.20 -10.22 -12.98
N ILE B 587 99.35 -9.58 -12.80
CA ILE B 587 100.46 -9.77 -13.72
C ILE B 587 100.89 -11.23 -13.75
N SER B 588 100.93 -11.88 -12.58
CA SER B 588 101.23 -13.30 -12.55
C SER B 588 100.19 -14.12 -13.29
N LEU B 589 98.91 -13.73 -13.18
CA LEU B 589 97.86 -14.45 -13.89
C LEU B 589 98.09 -14.44 -15.40
N LEU B 590 98.64 -13.35 -15.93
CA LEU B 590 98.96 -13.32 -17.36
C LEU B 590 100.03 -14.35 -17.70
N ASP B 591 101.04 -14.48 -16.84
CA ASP B 591 102.13 -15.42 -17.12
C ASP B 591 101.72 -16.87 -16.88
N LYS B 592 100.91 -17.13 -15.85
CA LYS B 592 100.55 -18.50 -15.51
C LYS B 592 99.56 -19.12 -16.49
N HIS B 593 98.90 -18.31 -17.33
CA HIS B 593 97.90 -18.83 -18.24
C HIS B 593 98.08 -18.40 -19.69
N GLY B 594 98.92 -17.41 -19.96
CA GLY B 594 99.21 -17.00 -21.32
C GLY B 594 98.52 -15.70 -21.68
N ARG B 595 98.66 -15.36 -22.96
CA ARG B 595 98.12 -14.11 -23.49
C ARG B 595 96.61 -14.24 -23.64
N ASN B 596 95.87 -13.40 -22.94
CA ASN B 596 94.42 -13.47 -22.90
C ASN B 596 93.83 -12.10 -23.21
N HIS B 597 92.62 -12.13 -23.76
CA HIS B 597 91.94 -10.88 -24.10
C HIS B 597 91.58 -10.10 -22.84
N LYS B 598 90.94 -10.76 -21.88
CA LYS B 598 90.29 -10.06 -20.78
C LYS B 598 91.28 -9.53 -19.76
N VAL B 599 92.42 -10.20 -19.57
CA VAL B 599 93.39 -9.73 -18.59
C VAL B 599 93.92 -8.35 -18.97
N LEU B 600 93.89 -7.99 -20.25
CA LEU B 600 94.24 -6.64 -20.65
C LEU B 600 93.07 -5.69 -20.62
N ASP B 601 91.84 -6.18 -20.84
CA ASP B 601 90.68 -5.31 -20.74
C ASP B 601 90.50 -4.79 -19.32
N VAL B 602 90.72 -5.63 -18.32
CA VAL B 602 90.64 -5.18 -16.93
C VAL B 602 91.67 -4.09 -16.65
N LEU B 603 92.90 -4.31 -17.11
CA LEU B 603 93.95 -3.32 -16.90
C LEU B 603 93.61 -2.00 -17.56
N CYS B 604 93.06 -2.03 -18.77
CA CYS B 604 92.65 -0.80 -19.43
C CYS B 604 91.56 -0.08 -18.64
N SER B 605 90.67 -0.83 -18.02
CA SER B 605 89.60 -0.27 -17.23
C SER B 605 90.01 0.06 -15.81
N LEU B 606 91.20 -0.38 -15.38
CA LEU B 606 91.63 -0.10 -14.01
C LEU B 606 92.24 1.29 -13.89
N CYS B 607 92.68 1.88 -14.99
CA CYS B 607 93.30 3.20 -14.95
C CYS B 607 92.26 4.29 -14.72
N VAL B 608 91.32 4.42 -15.65
CA VAL B 608 90.30 5.47 -15.60
C VAL B 608 89.00 4.87 -15.10
N CYS B 609 88.40 5.51 -14.09
CA CYS B 609 87.12 5.06 -13.58
C CYS B 609 85.97 5.74 -14.30
N ASN B 610 85.91 7.07 -14.24
CA ASN B 610 84.94 7.83 -15.02
C ASN B 610 85.55 9.20 -15.34
N GLY B 611 86.15 9.30 -16.52
CA GLY B 611 86.76 10.55 -16.94
C GLY B 611 88.05 10.85 -16.22
N VAL B 612 87.99 10.92 -14.89
CA VAL B 612 89.17 11.16 -14.09
C VAL B 612 89.94 9.85 -13.91
N ALA B 613 91.23 9.96 -13.64
CA ALA B 613 92.08 8.79 -13.46
C ALA B 613 92.96 9.00 -12.23
N VAL B 614 93.29 7.89 -11.57
CA VAL B 614 94.12 7.91 -10.37
C VAL B 614 95.58 7.74 -10.78
N ARG B 615 96.45 8.54 -10.17
CA ARG B 615 97.88 8.45 -10.44
C ARG B 615 98.53 7.24 -9.79
N SER B 616 97.89 6.65 -8.79
CA SER B 616 98.53 5.58 -8.03
C SER B 616 98.79 4.36 -8.89
N ASN B 617 97.76 3.85 -9.58
CA ASN B 617 97.94 2.63 -10.35
C ASN B 617 98.75 2.88 -11.62
N GLN B 618 98.65 4.08 -12.20
CA GLN B 618 99.35 4.36 -13.45
C GLN B 618 100.85 4.16 -13.30
N ASP B 619 101.43 4.62 -12.18
CA ASP B 619 102.84 4.38 -11.94
C ASP B 619 103.11 2.90 -11.71
N LEU B 620 102.21 2.22 -10.99
CA LEU B 620 102.43 0.82 -10.64
C LEU B 620 102.43 -0.06 -11.87
N ILE B 621 101.50 0.16 -12.80
CA ILE B 621 101.44 -0.67 -13.99
C ILE B 621 102.68 -0.47 -14.85
N THR B 622 103.18 0.77 -14.93
CA THR B 622 104.39 1.01 -15.68
C THR B 622 105.58 0.25 -15.10
N GLU B 623 105.70 0.25 -13.77
CA GLU B 623 106.82 -0.44 -13.13
C GLU B 623 106.73 -1.95 -13.35
N ASN B 624 105.53 -2.52 -13.27
CA ASN B 624 105.34 -3.93 -13.55
C ASN B 624 105.30 -4.24 -15.04
N LEU B 625 105.24 -3.22 -15.89
CA LEU B 625 105.53 -3.39 -17.31
C LEU B 625 107.03 -3.54 -17.42
N LEU B 626 107.48 -4.79 -17.32
CA LEU B 626 108.90 -5.06 -17.13
C LEU B 626 109.71 -4.51 -18.31
N PRO B 627 110.70 -3.66 -18.05
CA PRO B 627 111.63 -3.28 -19.13
C PRO B 627 112.40 -4.46 -19.70
N GLY B 628 112.46 -5.58 -18.97
CA GLY B 628 113.01 -6.79 -19.54
C GLY B 628 112.21 -7.31 -20.71
N ARG B 629 110.96 -6.86 -20.84
CA ARG B 629 110.14 -7.12 -22.02
C ARG B 629 109.89 -8.62 -22.21
N GLU B 630 109.65 -9.32 -21.12
CA GLU B 630 109.45 -10.76 -21.16
C GLU B 630 107.99 -11.16 -21.31
N LEU B 631 107.07 -10.21 -21.36
CA LEU B 631 105.65 -10.54 -21.37
C LEU B 631 104.95 -10.09 -22.64
N LEU B 632 105.14 -8.84 -23.06
CA LEU B 632 104.45 -8.31 -24.22
C LEU B 632 105.31 -8.46 -25.48
N LEU B 633 104.87 -7.82 -26.55
CA LEU B 633 105.56 -7.86 -27.83
C LEU B 633 106.32 -6.56 -28.07
N GLN B 634 107.45 -6.69 -28.78
CA GLN B 634 108.30 -5.55 -29.10
C GLN B 634 108.64 -5.59 -30.58
N THR B 635 108.94 -4.41 -31.12
CA THR B 635 109.20 -4.30 -32.54
C THR B 635 110.25 -3.22 -32.80
N ASN B 636 110.88 -3.32 -33.97
CA ASN B 636 111.91 -2.36 -34.37
C ASN B 636 112.12 -2.48 -35.88
N LEU B 637 112.73 -1.44 -36.45
CA LEU B 637 113.05 -1.44 -37.87
C LEU B 637 114.30 -2.29 -38.12
N ILE B 638 114.26 -3.08 -39.19
CA ILE B 638 115.37 -3.95 -39.56
C ILE B 638 115.60 -3.85 -41.07
N ASN B 639 116.88 -3.77 -41.45
CA ASN B 639 117.25 -3.76 -42.86
C ASN B 639 117.24 -5.18 -43.43
N TYR B 640 117.28 -5.25 -44.75
CA TYR B 640 117.30 -6.53 -45.46
C TYR B 640 118.72 -7.03 -45.61
N VAL B 641 118.87 -8.35 -45.75
CA VAL B 641 120.16 -8.99 -45.95
C VAL B 641 120.01 -10.10 -46.98
N THR B 642 121.00 -10.19 -47.88
CA THR B 642 121.05 -11.23 -48.90
C THR B 642 122.49 -11.70 -49.06
N SER B 643 122.65 -12.89 -49.62
CA SER B 643 123.97 -13.49 -49.80
C SER B 643 124.00 -14.24 -51.12
N ILE B 644 125.13 -14.16 -51.82
CA ILE B 644 125.31 -14.71 -53.16
C ILE B 644 126.46 -15.71 -53.14
N ARG B 645 126.28 -16.86 -53.79
CA ARG B 645 127.33 -17.86 -53.79
C ARG B 645 127.92 -18.03 -55.19
N PRO B 646 129.23 -18.25 -55.29
CA PRO B 646 129.80 -18.79 -56.53
C PRO B 646 129.61 -20.30 -56.59
N ASN B 647 129.71 -20.85 -57.79
CA ASN B 647 129.49 -22.28 -58.01
C ASN B 647 130.79 -23.04 -57.74
N ILE B 648 131.10 -23.21 -56.46
CA ILE B 648 132.27 -23.97 -56.02
C ILE B 648 131.83 -24.93 -54.92
N PHE B 649 132.28 -26.18 -55.02
CA PHE B 649 131.89 -27.21 -54.07
C PHE B 649 133.12 -28.01 -53.65
N VAL B 650 133.30 -28.19 -52.35
CA VAL B 650 134.42 -28.93 -51.79
C VAL B 650 133.89 -29.87 -50.72
N GLY B 651 134.27 -31.15 -50.81
CA GLY B 651 133.84 -32.14 -49.84
C GLY B 651 134.99 -33.03 -49.42
N ARG B 652 134.72 -33.84 -48.40
CA ARG B 652 135.71 -34.78 -47.85
C ARG B 652 135.01 -36.09 -47.51
N ALA B 653 135.41 -37.17 -48.17
CA ALA B 653 134.83 -38.48 -47.94
C ALA B 653 135.84 -39.53 -48.39
N GLU B 654 135.42 -40.80 -48.33
CA GLU B 654 136.28 -41.90 -48.77
C GLU B 654 136.31 -41.93 -50.30
N GLY B 655 137.40 -41.42 -50.87
CA GLY B 655 137.52 -41.33 -52.31
C GLY B 655 138.07 -39.99 -52.75
N SER B 656 137.36 -39.31 -53.65
CA SER B 656 137.78 -37.98 -54.07
C SER B 656 137.73 -37.02 -52.88
N THR B 657 138.80 -36.25 -52.71
CA THR B 657 138.94 -35.36 -51.57
C THR B 657 139.04 -33.89 -51.97
N GLN B 658 139.45 -33.60 -53.20
CA GLN B 658 139.63 -32.22 -53.67
C GLN B 658 140.62 -31.46 -52.79
N TYR B 659 141.64 -32.17 -52.31
CA TYR B 659 142.79 -31.61 -51.59
C TYR B 659 142.42 -31.14 -50.19
N GLY B 660 141.13 -31.16 -49.87
CA GLY B 660 140.63 -30.86 -48.53
C GLY B 660 141.22 -29.65 -47.83
N LYS B 661 141.80 -28.71 -48.59
CA LYS B 661 142.51 -27.58 -48.01
C LYS B 661 142.41 -26.41 -48.97
N TRP B 662 141.59 -25.42 -48.64
CA TRP B 662 141.30 -24.31 -49.53
C TRP B 662 141.55 -22.98 -48.81
N TYR B 663 141.40 -21.89 -49.57
CA TYR B 663 141.81 -20.58 -49.10
C TYR B 663 141.09 -19.51 -49.90
N PHE B 664 140.52 -18.53 -49.20
CA PHE B 664 139.80 -17.42 -49.81
C PHE B 664 140.48 -16.09 -49.51
N GLU B 665 140.34 -15.17 -50.45
CA GLU B 665 140.73 -13.77 -50.27
C GLU B 665 139.66 -12.91 -50.93
N VAL B 666 139.20 -11.87 -50.23
CA VAL B 666 138.12 -11.01 -50.70
C VAL B 666 138.58 -9.57 -50.63
N MET B 667 138.37 -8.83 -51.72
CA MET B 667 138.68 -7.41 -51.78
C MET B 667 137.40 -6.60 -51.81
N VAL B 668 137.28 -5.64 -50.90
CA VAL B 668 136.08 -4.83 -50.73
C VAL B 668 136.48 -3.37 -50.65
N ASP B 669 135.74 -2.51 -51.34
CA ASP B 669 135.95 -1.06 -51.33
C ASP B 669 134.59 -0.38 -51.20
N GLU B 670 134.18 -0.11 -49.96
CA GLU B 670 132.91 0.54 -49.68
C GLU B 670 133.02 1.35 -48.41
N VAL B 671 132.48 2.57 -48.46
CA VAL B 671 132.43 3.45 -47.29
C VAL B 671 130.98 3.87 -47.13
N VAL B 672 130.22 3.07 -46.38
CA VAL B 672 128.84 3.40 -46.01
C VAL B 672 128.69 3.10 -44.53
N PRO B 673 129.16 3.96 -43.64
CA PRO B 673 129.14 3.63 -42.20
C PRO B 673 127.73 3.50 -41.65
N PHE B 674 126.92 4.53 -41.82
CA PHE B 674 125.54 4.54 -41.33
C PHE B 674 124.58 4.79 -42.48
N LEU B 675 123.59 3.92 -42.60
CA LEU B 675 122.47 4.15 -43.50
C LEU B 675 121.37 4.87 -42.72
N THR B 676 120.17 4.95 -43.29
CA THR B 676 119.08 5.64 -42.62
C THR B 676 118.64 4.95 -41.34
N ALA B 677 118.89 3.64 -41.21
CA ALA B 677 118.43 2.88 -40.05
C ALA B 677 119.55 2.66 -39.04
N GLN B 678 120.63 2.00 -39.45
CA GLN B 678 121.75 1.72 -38.56
C GLN B 678 122.98 1.44 -39.43
N ALA B 679 124.02 0.90 -38.80
CA ALA B 679 125.22 0.53 -39.53
C ALA B 679 124.93 -0.61 -40.50
N THR B 680 125.74 -0.69 -41.54
CA THR B 680 125.52 -1.68 -42.61
C THR B 680 126.08 -3.03 -42.18
N HIS B 681 125.35 -4.08 -42.56
CA HIS B 681 125.76 -5.45 -42.30
C HIS B 681 126.70 -5.93 -43.39
N LEU B 682 127.80 -6.58 -43.00
CA LEU B 682 128.77 -7.08 -43.96
C LEU B 682 129.57 -8.20 -43.30
N ARG B 683 129.43 -9.42 -43.80
CA ARG B 683 130.17 -10.57 -43.29
C ARG B 683 130.57 -11.47 -44.46
N VAL B 684 131.38 -12.48 -44.17
CA VAL B 684 131.82 -13.44 -45.17
C VAL B 684 132.23 -14.72 -44.45
N GLY B 685 132.00 -15.86 -45.09
CA GLY B 685 132.36 -17.13 -44.47
C GLY B 685 132.08 -18.37 -45.30
N TRP B 686 131.55 -19.40 -44.65
CA TRP B 686 131.38 -20.72 -45.25
C TRP B 686 130.03 -21.30 -44.82
N ALA B 687 129.55 -22.27 -45.60
CA ALA B 687 128.30 -22.94 -45.30
C ALA B 687 128.36 -24.37 -45.83
N LEU B 688 127.51 -25.23 -45.26
CA LEU B 688 127.46 -26.66 -45.62
C LEU B 688 126.00 -27.04 -45.89
N THR B 689 125.53 -26.76 -47.12
CA THR B 689 124.24 -27.20 -47.62
C THR B 689 123.08 -26.86 -46.69
N GLU B 690 123.33 -25.99 -45.72
CA GLU B 690 122.36 -25.66 -44.67
C GLU B 690 122.35 -24.16 -44.45
N GLY B 691 122.22 -23.41 -45.53
CA GLY B 691 122.31 -21.96 -45.49
C GLY B 691 120.95 -21.34 -45.31
N TYR B 692 120.34 -20.89 -46.41
CA TYR B 692 119.02 -20.27 -46.42
C TYR B 692 119.05 -18.89 -45.77
N SER B 693 120.11 -18.14 -46.05
CA SER B 693 120.10 -16.71 -45.78
C SER B 693 118.94 -15.99 -46.44
N PRO B 694 118.39 -16.44 -47.59
CA PRO B 694 117.12 -15.89 -48.07
C PRO B 694 115.96 -16.22 -47.16
N TYR B 695 114.74 -15.94 -47.61
CA TYR B 695 113.55 -15.82 -46.78
C TYR B 695 113.74 -14.62 -45.87
N PRO B 696 113.83 -13.40 -46.43
CA PRO B 696 114.18 -12.20 -45.66
C PRO B 696 113.07 -11.75 -44.69
N GLY B 697 112.66 -12.67 -43.81
CA GLY B 697 111.67 -12.36 -42.81
C GLY B 697 112.28 -12.30 -41.42
N GLY B 698 112.10 -13.35 -40.63
CA GLY B 698 112.66 -13.42 -39.30
C GLY B 698 113.49 -14.68 -39.12
N GLY B 699 114.49 -14.59 -38.26
CA GLY B 699 115.34 -15.72 -37.95
C GLY B 699 115.38 -16.00 -36.46
N GLU B 700 116.53 -16.45 -35.96
CA GLU B 700 116.64 -16.73 -34.53
C GLU B 700 116.57 -15.45 -33.71
N GLY B 701 117.34 -14.44 -34.11
CA GLY B 701 117.32 -13.17 -33.39
C GLY B 701 116.43 -12.16 -34.08
N TRP B 702 117.03 -11.10 -34.60
CA TRP B 702 116.31 -10.08 -35.37
C TRP B 702 116.68 -10.28 -36.83
N GLY B 703 115.93 -11.15 -37.50
CA GLY B 703 116.20 -11.43 -38.91
C GLY B 703 117.23 -12.53 -39.09
N GLY B 704 116.96 -13.40 -40.06
CA GLY B 704 117.86 -14.48 -40.40
C GLY B 704 118.99 -14.02 -41.29
N ASN B 705 120.00 -13.37 -40.70
CA ASN B 705 121.07 -12.75 -41.47
C ASN B 705 121.86 -13.80 -42.24
N GLY B 706 122.79 -13.30 -43.07
CA GLY B 706 123.52 -14.12 -44.01
C GLY B 706 124.27 -15.31 -43.43
N VAL B 707 125.28 -15.04 -42.61
CA VAL B 707 126.17 -16.09 -42.13
C VAL B 707 126.47 -15.84 -40.65
N GLY B 708 126.57 -16.92 -39.88
CA GLY B 708 127.01 -16.82 -38.51
C GLY B 708 125.92 -16.70 -37.47
N ASP B 709 124.67 -16.97 -37.84
CA ASP B 709 123.57 -16.94 -36.90
C ASP B 709 122.99 -18.32 -36.62
N ASP B 710 123.62 -19.38 -37.11
CA ASP B 710 123.14 -20.74 -36.88
C ASP B 710 124.35 -21.63 -36.61
N LEU B 711 124.08 -22.91 -36.36
CA LEU B 711 125.13 -23.92 -36.23
C LEU B 711 125.47 -24.55 -37.58
N TYR B 712 125.20 -23.84 -38.67
CA TYR B 712 125.41 -24.37 -40.01
C TYR B 712 126.32 -23.50 -40.87
N SER B 713 126.88 -22.43 -40.32
CA SER B 713 127.75 -21.54 -41.07
C SER B 713 128.69 -20.84 -40.11
N TYR B 714 129.75 -20.25 -40.66
CA TYR B 714 130.77 -19.57 -39.87
C TYR B 714 131.11 -18.25 -40.54
N GLY B 715 130.92 -17.15 -39.82
CA GLY B 715 131.12 -15.83 -40.40
C GLY B 715 132.09 -14.96 -39.64
N PHE B 716 132.33 -13.75 -40.15
CA PHE B 716 133.31 -12.84 -39.56
C PHE B 716 133.04 -11.43 -40.09
N ASP B 717 133.20 -10.44 -39.22
CA ASP B 717 132.91 -9.06 -39.61
C ASP B 717 133.99 -8.07 -39.16
N GLY B 718 135.20 -8.54 -38.91
CA GLY B 718 136.29 -7.66 -38.51
C GLY B 718 136.80 -7.97 -37.12
N LEU B 719 135.87 -8.29 -36.21
CA LEU B 719 136.23 -8.69 -34.83
C LEU B 719 135.08 -9.50 -34.19
N HIS B 720 134.95 -10.78 -34.51
CA HIS B 720 133.88 -11.63 -34.02
C HIS B 720 134.24 -13.08 -34.30
N LEU B 721 133.35 -13.97 -33.85
CA LEU B 721 133.39 -15.38 -34.25
C LEU B 721 131.93 -15.76 -34.49
N TRP B 722 131.47 -15.57 -35.73
CA TRP B 722 130.04 -15.63 -36.03
C TRP B 722 129.64 -17.06 -36.37
N THR B 723 128.92 -17.69 -35.45
CA THR B 723 128.22 -18.95 -35.69
C THR B 723 127.20 -19.16 -34.59
N GLY B 724 125.93 -19.25 -34.99
CA GLY B 724 124.88 -19.38 -33.99
C GLY B 724 124.75 -18.21 -33.06
N HIS B 725 124.78 -17.00 -33.62
CA HIS B 725 124.66 -15.79 -32.82
C HIS B 725 125.78 -15.71 -31.79
N VAL B 726 127.02 -15.79 -32.25
CA VAL B 726 128.15 -15.67 -31.34
C VAL B 726 128.94 -14.42 -31.68
N ALA B 727 129.08 -13.53 -30.71
CA ALA B 727 129.77 -12.27 -30.95
C ALA B 727 131.22 -12.31 -30.49
N ARG B 728 131.65 -13.46 -29.96
CA ARG B 728 133.01 -13.58 -29.45
C ARG B 728 134.00 -12.85 -30.35
N PRO B 729 134.56 -11.72 -29.87
CA PRO B 729 135.53 -11.09 -30.77
C PRO B 729 136.84 -11.87 -30.79
N VAL B 730 137.81 -11.31 -31.48
CA VAL B 730 139.11 -11.97 -31.66
C VAL B 730 140.22 -11.10 -31.10
N THR B 731 141.42 -11.66 -31.01
CA THR B 731 142.60 -10.97 -30.50
C THR B 731 143.62 -10.91 -31.63
N SER B 732 143.53 -9.86 -32.45
CA SER B 732 144.42 -9.67 -33.58
C SER B 732 144.85 -8.21 -33.65
N PRO B 733 146.00 -7.92 -34.26
CA PRO B 733 146.41 -6.52 -34.40
C PRO B 733 145.39 -5.72 -35.20
N GLY B 734 145.20 -4.46 -34.80
CA GLY B 734 144.23 -3.60 -35.45
C GLY B 734 142.81 -4.08 -35.28
N GLN B 735 142.36 -4.19 -34.04
CA GLN B 735 141.01 -4.68 -33.77
C GLN B 735 139.96 -3.68 -34.21
N HIS B 736 139.35 -3.93 -35.37
CA HIS B 736 138.29 -3.08 -35.90
C HIS B 736 137.44 -3.92 -36.85
N LEU B 737 136.32 -3.34 -37.28
CA LEU B 737 135.38 -4.05 -38.13
C LEU B 737 135.88 -4.04 -39.57
N LEU B 738 135.03 -4.45 -40.51
CA LEU B 738 135.44 -4.56 -41.90
C LEU B 738 135.57 -3.19 -42.54
N ALA B 739 136.71 -2.55 -42.36
CA ALA B 739 137.02 -1.30 -43.02
C ALA B 739 137.27 -1.54 -44.50
N PRO B 740 137.04 -0.54 -45.35
CA PRO B 740 137.31 -0.70 -46.78
C PRO B 740 138.80 -0.87 -47.06
N GLU B 741 139.08 -1.38 -48.26
CA GLU B 741 140.45 -1.58 -48.74
C GLU B 741 141.21 -2.58 -47.85
N ASP B 742 140.64 -3.76 -47.73
CA ASP B 742 141.23 -4.82 -46.91
C ASP B 742 141.04 -6.16 -47.60
N VAL B 743 141.92 -7.11 -47.25
CA VAL B 743 141.87 -8.46 -47.78
C VAL B 743 141.82 -9.44 -46.60
N VAL B 744 140.90 -10.39 -46.66
CA VAL B 744 140.71 -11.37 -45.59
C VAL B 744 141.27 -12.70 -46.05
N SER B 745 142.14 -13.29 -45.23
CA SER B 745 142.74 -14.59 -45.51
C SER B 745 141.94 -15.65 -44.74
N CYS B 746 141.07 -16.35 -45.45
CA CYS B 746 140.25 -17.39 -44.86
C CYS B 746 140.95 -18.74 -45.07
N CYS B 747 141.37 -19.35 -43.96
CA CYS B 747 142.07 -20.63 -44.01
C CYS B 747 141.10 -21.77 -43.76
N LEU B 748 141.13 -22.76 -44.64
CA LEU B 748 140.25 -23.93 -44.57
C LEU B 748 141.11 -25.18 -44.44
N ASP B 749 140.96 -25.89 -43.33
CA ASP B 749 141.65 -27.16 -43.10
C ASP B 749 140.63 -28.22 -42.75
N LEU B 750 140.72 -29.37 -43.42
CA LEU B 750 139.85 -30.51 -43.16
C LEU B 750 140.56 -31.63 -42.42
N SER B 751 141.79 -31.40 -41.96
CA SER B 751 142.51 -32.44 -41.23
C SER B 751 141.90 -32.65 -39.85
N VAL B 752 141.63 -31.57 -39.12
CA VAL B 752 141.08 -31.68 -37.77
C VAL B 752 139.59 -32.00 -37.82
N PRO B 753 138.75 -31.24 -38.57
CA PRO B 753 138.94 -30.05 -39.39
C PRO B 753 138.99 -28.75 -38.59
N SER B 754 139.75 -27.78 -39.07
CA SER B 754 139.90 -26.50 -38.39
C SER B 754 139.79 -25.37 -39.40
N ILE B 755 139.16 -24.27 -38.99
CA ILE B 755 138.98 -23.10 -39.85
C ILE B 755 139.46 -21.87 -39.10
N SER B 756 140.32 -21.08 -39.73
CA SER B 756 140.83 -19.85 -39.15
C SER B 756 140.80 -18.75 -40.21
N PHE B 757 140.73 -17.51 -39.74
CA PHE B 757 140.69 -16.34 -40.61
C PHE B 757 141.91 -15.47 -40.34
N ARG B 758 142.25 -14.57 -41.26
CA ARG B 758 143.47 -13.73 -41.11
C ARG B 758 143.33 -12.44 -41.92
N ILE B 759 143.46 -11.27 -41.30
CA ILE B 759 143.18 -10.01 -42.06
C ILE B 759 144.48 -9.43 -42.62
N ASN B 760 144.70 -9.55 -43.93
CA ASN B 760 145.90 -8.95 -44.56
C ASN B 760 147.15 -9.34 -43.78
N GLY B 761 147.11 -10.45 -43.05
CA GLY B 761 148.25 -10.83 -42.21
C GLY B 761 147.87 -10.92 -40.74
N CYS B 762 147.15 -9.93 -40.22
CA CYS B 762 146.77 -9.89 -38.77
C CYS B 762 146.60 -11.32 -38.27
N PRO B 763 147.52 -11.85 -37.42
CA PRO B 763 147.46 -13.27 -37.07
C PRO B 763 146.36 -13.54 -36.05
N VAL B 764 145.13 -13.66 -36.54
CA VAL B 764 143.95 -13.77 -35.69
C VAL B 764 144.05 -15.05 -34.86
N GLN B 765 143.77 -14.93 -33.57
CA GLN B 765 143.80 -16.08 -32.66
C GLN B 765 142.40 -16.67 -32.52
N GLY B 766 141.90 -17.18 -33.64
CA GLY B 766 140.58 -17.78 -33.68
C GLY B 766 140.50 -18.98 -34.61
N VAL B 767 140.07 -20.12 -34.09
CA VAL B 767 139.98 -21.36 -34.85
C VAL B 767 138.64 -22.02 -34.56
N PHE B 768 137.98 -22.50 -35.61
CA PHE B 768 136.74 -23.26 -35.47
C PHE B 768 137.04 -24.74 -35.65
N GLU B 769 136.63 -25.55 -34.68
CA GLU B 769 136.95 -26.97 -34.66
C GLU B 769 135.73 -27.78 -34.25
N ALA B 770 135.88 -29.11 -34.31
CA ALA B 770 134.85 -30.06 -33.86
C ALA B 770 133.52 -29.82 -34.55
N PHE B 771 133.57 -29.76 -35.89
CA PHE B 771 132.37 -29.59 -36.70
C PHE B 771 132.33 -30.67 -37.77
N ASN B 772 131.15 -31.25 -37.96
CA ASN B 772 130.99 -32.35 -38.90
C ASN B 772 131.12 -31.86 -40.34
N LEU B 773 131.42 -32.80 -41.23
CA LEU B 773 131.62 -32.53 -42.65
C LEU B 773 130.60 -33.27 -43.50
N ASP B 774 129.34 -33.28 -43.07
CA ASP B 774 128.29 -34.04 -43.75
C ASP B 774 127.73 -33.22 -44.92
N GLY B 775 128.63 -32.86 -45.82
CA GLY B 775 128.25 -32.09 -46.99
C GLY B 775 129.35 -31.22 -47.56
N LEU B 776 129.05 -30.53 -48.66
CA LEU B 776 130.04 -29.69 -49.33
C LEU B 776 130.16 -28.33 -48.63
N PHE B 777 131.01 -27.48 -49.18
CA PHE B 777 131.23 -26.14 -48.66
C PHE B 777 130.80 -25.10 -49.68
N PHE B 778 130.62 -23.86 -49.21
CA PHE B 778 130.14 -22.79 -50.04
C PHE B 778 130.89 -21.49 -49.76
N PRO B 779 131.29 -20.76 -50.80
CA PRO B 779 131.77 -19.38 -50.61
C PRO B 779 130.59 -18.45 -50.39
N VAL B 780 130.42 -18.00 -49.16
CA VAL B 780 129.26 -17.20 -48.77
C VAL B 780 129.76 -15.85 -48.24
N VAL B 781 129.17 -14.78 -48.76
CA VAL B 781 129.44 -13.43 -48.30
C VAL B 781 128.12 -12.77 -47.91
N SER B 782 128.09 -12.11 -46.76
CA SER B 782 126.90 -11.46 -46.25
C SER B 782 127.07 -9.96 -46.33
N PHE B 783 126.01 -9.27 -46.75
CA PHE B 783 126.07 -7.83 -46.96
C PHE B 783 124.67 -7.26 -46.89
N SER B 784 124.57 -6.04 -46.35
CA SER B 784 123.31 -5.32 -46.33
C SER B 784 123.20 -4.44 -47.57
N ALA B 785 122.22 -3.53 -47.59
CA ALA B 785 122.02 -2.66 -48.74
C ALA B 785 123.15 -1.64 -48.84
N GLY B 786 123.41 -1.19 -50.07
CA GLY B 786 124.40 -0.18 -50.32
C GLY B 786 125.84 -0.67 -50.30
N VAL B 787 126.08 -1.97 -50.41
CA VAL B 787 127.41 -2.55 -50.31
C VAL B 787 127.77 -3.21 -51.63
N LYS B 788 128.93 -2.85 -52.17
CA LYS B 788 129.47 -3.46 -53.39
C LYS B 788 130.74 -4.23 -53.02
N VAL B 789 130.79 -5.50 -53.42
CA VAL B 789 131.87 -6.40 -53.04
C VAL B 789 132.43 -7.04 -54.30
N ARG B 790 133.71 -7.41 -54.24
CA ARG B 790 134.42 -8.02 -55.36
C ARG B 790 135.06 -9.33 -54.91
N PHE B 791 134.82 -10.39 -55.68
CA PHE B 791 135.44 -11.69 -55.43
C PHE B 791 136.88 -11.70 -55.94
N LEU B 792 137.52 -12.85 -55.77
CA LEU B 792 138.81 -13.12 -56.39
C LEU B 792 138.75 -14.50 -57.03
N LEU B 793 138.98 -14.55 -58.34
CA LEU B 793 138.79 -15.80 -59.09
C LEU B 793 139.83 -16.86 -58.75
N GLY B 794 140.95 -16.47 -58.14
CA GLY B 794 142.00 -17.42 -57.86
C GLY B 794 142.91 -17.61 -59.05
N GLY B 795 142.64 -18.65 -59.84
CA GLY B 795 143.42 -18.93 -61.02
C GLY B 795 143.37 -17.88 -62.10
N ARG B 796 142.16 -17.45 -62.49
CA ARG B 796 142.02 -16.56 -63.64
C ARG B 796 142.27 -15.10 -63.25
N HIS B 797 141.42 -14.56 -62.39
CA HIS B 797 141.53 -13.17 -61.98
C HIS B 797 141.79 -13.01 -60.48
N GLY B 798 142.38 -14.02 -59.85
CA GLY B 798 142.77 -13.88 -58.47
C GLY B 798 144.16 -13.28 -58.38
N GLU B 799 144.21 -11.96 -58.19
CA GLU B 799 145.47 -11.22 -58.12
C GLU B 799 145.81 -11.06 -56.64
N PHE B 800 146.29 -12.16 -56.06
CA PHE B 800 146.46 -12.24 -54.62
C PHE B 800 147.56 -11.30 -54.17
N LYS B 801 147.17 -10.16 -53.58
CA LYS B 801 148.15 -9.22 -53.05
C LYS B 801 148.90 -9.76 -51.84
N PHE B 802 148.35 -10.78 -51.19
CA PHE B 802 149.04 -11.48 -50.11
C PHE B 802 149.18 -12.94 -50.51
N LEU B 803 150.36 -13.48 -50.27
CA LEU B 803 150.64 -14.84 -50.71
C LEU B 803 149.81 -15.86 -49.93
N PRO B 804 149.27 -16.85 -50.61
CA PRO B 804 148.47 -17.88 -49.92
C PRO B 804 149.34 -18.73 -49.03
N PRO B 805 148.76 -19.40 -48.04
CA PRO B 805 149.53 -20.35 -47.25
C PRO B 805 150.07 -21.46 -48.13
N PRO B 806 151.22 -22.05 -47.78
CA PRO B 806 151.92 -22.91 -48.74
C PRO B 806 151.08 -24.04 -49.29
N GLY B 807 150.66 -23.90 -50.54
CA GLY B 807 149.92 -24.94 -51.24
C GLY B 807 148.55 -25.24 -50.67
N TYR B 808 147.59 -24.33 -50.85
CA TYR B 808 146.20 -24.56 -50.44
C TYR B 808 145.29 -24.25 -51.62
N ALA B 809 145.15 -25.22 -52.53
CA ALA B 809 144.15 -25.30 -53.60
C ALA B 809 143.72 -23.93 -54.11
N PRO B 810 144.61 -23.17 -54.77
CA PRO B 810 144.28 -21.80 -55.19
C PRO B 810 143.26 -21.73 -56.32
N CYS B 811 142.14 -22.44 -56.15
CA CYS B 811 141.02 -22.43 -57.08
C CYS B 811 141.47 -22.83 -58.49
N HIS B 812 142.31 -23.86 -58.55
CA HIS B 812 142.85 -24.36 -59.81
C HIS B 812 142.39 -25.77 -60.15
N GLU B 813 142.60 -26.73 -59.25
CA GLU B 813 142.34 -28.12 -59.59
C GLU B 813 140.85 -28.44 -59.60
N ALA B 814 140.13 -28.05 -58.54
CA ALA B 814 138.70 -28.34 -58.41
C ALA B 814 137.95 -27.01 -58.53
N VAL B 815 137.67 -26.61 -59.75
CA VAL B 815 136.86 -25.42 -60.01
C VAL B 815 136.09 -25.61 -61.31
N LEU B 816 134.76 -25.52 -61.23
CA LEU B 816 133.87 -25.71 -62.37
C LEU B 816 134.18 -27.03 -63.09
N PRO B 817 133.91 -28.17 -62.47
CA PRO B 817 134.28 -29.45 -63.10
C PRO B 817 133.61 -29.69 -64.45
N ARG B 818 132.36 -29.25 -64.63
CA ARG B 818 131.69 -29.40 -65.91
C ARG B 818 130.87 -28.18 -66.32
N GLU B 819 130.96 -27.07 -65.59
CA GLU B 819 130.16 -25.89 -65.89
C GLU B 819 131.04 -24.65 -65.96
N ARG B 820 130.42 -23.47 -66.01
CA ARG B 820 131.13 -22.20 -66.05
C ARG B 820 131.10 -21.56 -64.67
N LEU B 821 131.57 -20.33 -64.58
CA LEU B 821 131.60 -19.58 -63.33
C LEU B 821 130.38 -18.67 -63.25
N ARG B 822 129.60 -18.82 -62.17
CA ARG B 822 128.39 -18.04 -61.98
C ARG B 822 128.20 -17.72 -60.51
N LEU B 823 127.61 -16.56 -60.24
CA LEU B 823 127.22 -16.19 -58.89
C LEU B 823 125.69 -16.14 -58.79
N GLU B 824 125.16 -16.73 -57.72
CA GLU B 824 123.71 -16.85 -57.59
C GLU B 824 123.30 -16.92 -56.13
N PRO B 825 122.08 -16.50 -55.80
CA PRO B 825 121.59 -16.65 -54.42
C PRO B 825 121.39 -18.11 -54.07
N ILE B 826 121.52 -18.42 -52.78
CA ILE B 826 121.40 -19.78 -52.29
C ILE B 826 119.92 -20.13 -52.13
N LYS B 827 119.46 -21.11 -52.90
CA LYS B 827 118.10 -21.67 -52.78
C LYS B 827 117.04 -20.57 -52.87
N GLU B 828 117.16 -19.75 -53.91
CA GLU B 828 116.17 -18.71 -54.14
C GLU B 828 114.86 -19.32 -54.63
N TYR B 829 113.76 -18.63 -54.34
CA TYR B 829 112.44 -19.08 -54.76
C TYR B 829 111.75 -18.14 -55.74
N ARG B 830 112.21 -16.89 -55.83
CA ARG B 830 111.66 -15.92 -56.77
C ARG B 830 112.81 -15.24 -57.49
N ARG B 831 112.64 -15.05 -58.80
CA ARG B 831 113.65 -14.40 -59.62
C ARG B 831 112.99 -13.37 -60.52
N GLU B 832 113.72 -12.30 -60.80
CA GLU B 832 113.23 -11.25 -61.67
C GLU B 832 113.22 -11.72 -63.12
N GLY B 833 112.19 -11.34 -63.86
CA GLY B 833 112.08 -11.66 -65.26
C GLY B 833 111.84 -10.42 -66.10
N PRO B 834 111.97 -10.56 -67.42
CA PRO B 834 111.67 -9.41 -68.30
C PRO B 834 110.23 -8.92 -68.15
N ARG B 835 109.30 -9.81 -67.87
CA ARG B 835 107.90 -9.45 -67.65
C ARG B 835 107.25 -10.58 -66.90
N GLY B 836 106.54 -10.28 -65.81
CA GLY B 836 105.96 -11.32 -65.00
C GLY B 836 107.05 -12.11 -64.29
N PRO B 837 107.65 -11.49 -63.27
CA PRO B 837 108.85 -12.09 -62.65
C PRO B 837 108.62 -13.54 -62.25
N HIS B 838 109.59 -14.38 -62.59
CA HIS B 838 109.39 -15.82 -62.61
C HIS B 838 109.61 -16.43 -61.24
N LEU B 839 108.88 -17.51 -61.00
CA LEU B 839 109.01 -18.32 -59.78
C LEU B 839 109.88 -19.54 -60.08
N VAL B 840 110.46 -20.09 -59.01
CA VAL B 840 111.32 -21.27 -59.16
C VAL B 840 111.12 -22.16 -57.93
N GLY B 841 111.08 -23.46 -58.16
CA GLY B 841 110.89 -24.42 -57.10
C GLY B 841 112.18 -24.73 -56.38
N PRO B 842 112.19 -25.82 -55.61
CA PRO B 842 113.40 -26.20 -54.86
C PRO B 842 114.53 -26.57 -55.80
N SER B 843 115.76 -26.23 -55.40
CA SER B 843 116.94 -26.60 -56.15
C SER B 843 117.48 -27.94 -55.67
N ARG B 844 117.93 -28.77 -56.61
CA ARG B 844 118.46 -30.09 -56.29
C ARG B 844 119.93 -29.98 -55.94
N CYS B 845 120.31 -30.53 -54.78
CA CYS B 845 121.70 -30.52 -54.33
C CYS B 845 122.49 -31.54 -55.14
N LEU B 846 123.61 -31.10 -55.71
CA LEU B 846 124.42 -31.96 -56.58
C LEU B 846 125.41 -32.76 -55.73
N SER B 847 124.94 -33.86 -55.14
CA SER B 847 125.77 -34.84 -54.45
C SER B 847 126.63 -34.17 -53.37
N HIS B 848 125.92 -33.60 -52.39
CA HIS B 848 126.60 -32.98 -51.25
C HIS B 848 127.49 -34.00 -50.54
N THR B 849 126.94 -35.17 -50.25
CA THR B 849 127.71 -36.28 -49.73
C THR B 849 127.85 -37.37 -50.79
N ASP B 850 128.74 -38.33 -50.52
CA ASP B 850 128.97 -39.46 -51.42
C ASP B 850 129.31 -38.98 -52.84
N PHE B 851 130.14 -37.95 -52.93
CA PHE B 851 130.56 -37.38 -54.20
C PHE B 851 131.84 -38.02 -54.73
N VAL B 852 132.12 -39.27 -54.36
CA VAL B 852 133.32 -39.97 -54.78
C VAL B 852 132.88 -41.14 -55.66
N PRO B 853 133.66 -41.51 -56.68
CA PRO B 853 133.25 -42.62 -57.55
C PRO B 853 133.39 -43.97 -56.85
N CYS B 854 132.81 -44.98 -57.48
CA CYS B 854 132.84 -46.34 -56.95
C CYS B 854 132.88 -47.34 -58.10
N PRO B 855 134.02 -47.97 -58.36
CA PRO B 855 134.09 -48.95 -59.45
C PRO B 855 133.21 -50.15 -59.17
N VAL B 856 132.71 -50.75 -60.26
CA VAL B 856 131.86 -51.92 -60.18
C VAL B 856 132.75 -53.15 -60.05
N ASP B 857 132.50 -53.94 -59.01
CA ASP B 857 133.27 -55.15 -58.76
C ASP B 857 132.71 -56.34 -59.52
N ILE B 861 136.17 -61.81 -60.05
CA ILE B 861 135.30 -62.92 -60.42
C ILE B 861 136.09 -63.95 -61.23
N VAL B 862 135.37 -64.86 -61.88
CA VAL B 862 135.97 -65.89 -62.71
C VAL B 862 135.49 -65.74 -64.14
N LEU B 863 136.12 -66.48 -65.05
CA LEU B 863 135.78 -66.42 -66.46
C LEU B 863 135.63 -67.83 -67.02
N PRO B 864 134.53 -68.09 -67.74
CA PRO B 864 134.37 -69.41 -68.34
C PRO B 864 135.43 -69.67 -69.40
N PRO B 865 135.79 -70.94 -69.64
CA PRO B 865 136.85 -71.23 -70.61
C PRO B 865 136.54 -70.75 -72.02
N HIS B 866 135.27 -70.77 -72.45
CA HIS B 866 134.95 -70.30 -73.79
C HIS B 866 135.15 -68.80 -73.95
N LEU B 867 135.11 -68.05 -72.85
CA LEU B 867 135.45 -66.63 -72.88
C LEU B 867 136.94 -66.37 -72.70
N GLU B 868 137.72 -67.39 -72.34
CA GLU B 868 139.16 -67.20 -72.22
C GLU B 868 139.84 -67.18 -73.57
N ARG B 869 139.36 -67.97 -74.52
CA ARG B 869 139.96 -68.00 -75.85
C ARG B 869 139.72 -66.67 -76.58
N ILE B 870 138.55 -66.07 -76.38
CA ILE B 870 138.22 -64.82 -77.07
C ILE B 870 138.94 -63.63 -76.46
N ARG B 871 139.51 -63.79 -75.26
CA ARG B 871 140.25 -62.70 -74.64
C ARG B 871 141.44 -62.28 -75.49
N GLU B 872 142.18 -63.25 -76.02
CA GLU B 872 143.29 -62.91 -76.92
C GLU B 872 142.76 -62.26 -78.20
N LYS B 873 141.69 -62.81 -78.78
CA LYS B 873 141.11 -62.20 -79.98
C LYS B 873 140.57 -60.81 -79.70
N LEU B 874 139.92 -60.61 -78.54
CA LEU B 874 139.52 -59.27 -78.15
C LEU B 874 140.71 -58.35 -77.94
N ALA B 875 141.78 -58.88 -77.32
CA ALA B 875 143.00 -58.09 -77.16
C ALA B 875 143.68 -57.80 -78.49
N GLU B 876 143.38 -58.58 -79.54
CA GLU B 876 143.92 -58.28 -80.86
C GLU B 876 143.21 -57.09 -81.49
N ASN B 877 141.89 -57.21 -81.68
CA ASN B 877 141.13 -56.17 -82.36
C ASN B 877 141.19 -54.85 -81.60
N ILE B 878 141.25 -54.90 -80.26
CA ILE B 878 141.48 -53.69 -79.50
C ILE B 878 142.83 -53.09 -79.86
N HIS B 879 143.86 -53.95 -79.95
CA HIS B 879 145.17 -53.47 -80.38
C HIS B 879 145.22 -53.10 -81.85
N GLU B 880 144.43 -53.77 -82.69
CA GLU B 880 144.37 -53.39 -84.10
C GLU B 880 143.82 -51.97 -84.26
N LEU B 881 142.77 -51.63 -83.51
CA LEU B 881 142.23 -50.29 -83.55
C LEU B 881 143.13 -49.29 -82.83
N TRP B 882 143.72 -49.68 -81.71
CA TRP B 882 144.64 -48.79 -80.99
C TRP B 882 145.86 -48.44 -81.85
N ALA B 883 146.41 -49.42 -82.55
CA ALA B 883 147.50 -49.15 -83.47
C ALA B 883 147.03 -48.49 -84.75
N LEU B 884 145.75 -48.64 -85.10
CA LEU B 884 145.21 -48.00 -86.30
C LEU B 884 145.25 -46.48 -86.19
N THR B 885 144.89 -45.94 -85.03
CA THR B 885 144.84 -44.49 -84.87
C THR B 885 146.22 -43.86 -85.01
N ARG B 886 147.27 -44.54 -84.54
CA ARG B 886 148.61 -43.97 -84.58
C ARG B 886 149.06 -43.73 -86.01
N ILE B 887 148.86 -44.71 -86.89
CA ILE B 887 149.22 -44.52 -88.30
C ILE B 887 148.33 -43.47 -88.95
N GLU B 888 147.05 -43.41 -88.56
CA GLU B 888 146.17 -42.38 -89.08
C GLU B 888 146.64 -40.97 -88.75
N GLN B 889 147.34 -40.79 -87.63
CA GLN B 889 147.90 -39.51 -87.25
C GLN B 889 149.37 -39.37 -87.63
N GLY B 890 149.91 -40.34 -88.38
CA GLY B 890 151.28 -40.28 -88.82
C GLY B 890 152.30 -40.77 -87.81
N TRP B 891 151.87 -41.47 -86.77
CA TRP B 891 152.77 -42.02 -85.76
C TRP B 891 153.32 -43.33 -86.31
N THR B 892 154.59 -43.30 -86.71
CA THR B 892 155.23 -44.47 -87.30
C THR B 892 155.74 -45.40 -86.20
N TYR B 893 156.44 -46.46 -86.61
CA TYR B 893 157.00 -47.43 -85.69
C TYR B 893 158.49 -47.17 -85.54
N GLY B 894 158.97 -47.16 -84.29
CA GLY B 894 160.36 -46.96 -84.01
C GLY B 894 160.78 -47.60 -82.69
N PRO B 895 162.04 -48.02 -82.60
CA PRO B 895 162.51 -48.64 -81.36
C PRO B 895 162.51 -47.69 -80.18
N VAL B 896 162.56 -46.38 -80.41
CA VAL B 896 162.51 -45.38 -79.35
C VAL B 896 161.16 -44.67 -79.43
N ARG B 897 160.42 -44.69 -78.33
CA ARG B 897 159.11 -44.05 -78.28
C ARG B 897 159.33 -42.54 -78.18
N ASP B 898 158.99 -41.82 -79.25
CA ASP B 898 159.20 -40.40 -79.34
C ASP B 898 157.93 -39.71 -79.81
N ASP B 899 157.75 -38.47 -79.36
CA ASP B 899 156.57 -37.69 -79.73
C ASP B 899 156.82 -36.82 -80.95
N ASN B 900 157.94 -36.09 -80.99
CA ASN B 900 158.25 -35.24 -82.13
C ASN B 900 158.59 -36.07 -83.36
N LYS B 901 159.24 -37.22 -83.19
CA LYS B 901 159.60 -38.07 -84.32
C LYS B 901 158.43 -38.92 -84.81
N ARG B 902 157.30 -38.92 -84.09
CA ARG B 902 156.13 -39.72 -84.45
C ARG B 902 156.49 -41.20 -84.54
N LEU B 903 157.09 -41.71 -83.47
CA LEU B 903 157.50 -43.10 -83.38
C LEU B 903 156.66 -43.79 -82.31
N HIS B 904 155.99 -44.88 -82.70
CA HIS B 904 155.13 -45.64 -81.80
C HIS B 904 155.61 -47.08 -81.76
N PRO B 905 156.32 -47.49 -80.71
CA PRO B 905 156.92 -48.84 -80.69
C PRO B 905 155.94 -49.96 -80.46
N CYS B 906 154.63 -49.68 -80.37
CA CYS B 906 153.63 -50.71 -80.15
C CYS B 906 152.83 -51.02 -81.41
N LEU B 907 153.37 -50.69 -82.59
CA LEU B 907 152.71 -50.98 -83.86
C LEU B 907 153.14 -52.37 -84.33
N VAL B 908 152.84 -53.38 -83.50
CA VAL B 908 153.25 -54.74 -83.74
C VAL B 908 152.05 -55.67 -83.55
N ASN B 909 152.17 -56.89 -84.06
CA ASN B 909 151.12 -57.89 -83.94
C ASN B 909 150.96 -58.32 -82.48
N PHE B 910 149.86 -59.01 -82.21
CA PHE B 910 149.62 -59.52 -80.86
C PHE B 910 150.70 -60.52 -80.45
N HIS B 911 151.10 -61.40 -81.37
CA HIS B 911 152.22 -62.28 -81.10
C HIS B 911 153.53 -61.52 -81.01
N SER B 912 153.63 -60.38 -81.71
CA SER B 912 154.83 -59.57 -81.71
C SER B 912 154.83 -58.52 -80.60
N LEU B 913 153.80 -58.50 -79.77
CA LEU B 913 153.74 -57.52 -78.69
C LEU B 913 154.84 -57.80 -77.65
N PRO B 914 155.39 -56.77 -77.03
CA PRO B 914 156.27 -56.98 -75.88
C PRO B 914 155.52 -57.64 -74.74
N GLU B 915 156.26 -58.40 -73.94
CA GLU B 915 155.63 -59.12 -72.82
C GLU B 915 154.85 -58.22 -71.88
N PRO B 916 155.37 -57.07 -71.42
CA PRO B 916 154.50 -56.16 -70.65
C PRO B 916 153.29 -55.68 -71.43
N GLU B 917 153.45 -55.44 -72.73
CA GLU B 917 152.35 -54.96 -73.56
C GLU B 917 151.34 -56.05 -73.90
N ARG B 918 151.81 -57.28 -74.15
CA ARG B 918 150.87 -58.37 -74.45
C ARG B 918 150.00 -58.69 -73.25
N ASN B 919 150.58 -58.69 -72.05
CA ASN B 919 149.81 -58.91 -70.82
C ASN B 919 148.95 -57.71 -70.45
N TYR B 920 149.25 -56.53 -71.00
CA TYR B 920 148.43 -55.33 -70.77
C TYR B 920 147.13 -55.36 -71.55
N ASN B 921 147.16 -55.86 -72.79
CA ASN B 921 145.92 -56.00 -73.55
C ASN B 921 145.09 -57.17 -73.05
N LEU B 922 145.74 -58.20 -72.50
CA LEU B 922 145.01 -59.36 -71.99
C LEU B 922 144.31 -59.04 -70.67
N GLN B 923 144.96 -58.29 -69.78
CA GLN B 923 144.33 -57.95 -68.50
C GLN B 923 143.08 -57.11 -68.70
N MET B 924 143.15 -56.11 -69.59
CA MET B 924 141.97 -55.28 -69.84
C MET B 924 140.90 -56.05 -70.60
N SER B 925 141.30 -56.97 -71.49
CA SER B 925 140.32 -57.76 -72.23
C SER B 925 139.57 -58.71 -71.31
N GLY B 926 140.29 -59.37 -70.38
CA GLY B 926 139.62 -60.26 -69.44
C GLY B 926 138.70 -59.52 -68.50
N GLU B 927 139.15 -58.38 -67.97
CA GLU B 927 138.31 -57.57 -67.11
C GLU B 927 137.13 -56.97 -67.84
N THR B 928 137.28 -56.65 -69.13
CA THR B 928 136.15 -56.18 -69.92
C THR B 928 135.07 -57.25 -70.01
N LEU B 929 135.47 -58.50 -70.25
CA LEU B 929 134.51 -59.60 -70.23
C LEU B 929 133.92 -59.79 -68.84
N LYS B 930 134.75 -59.66 -67.80
CA LYS B 930 134.28 -59.78 -66.43
C LYS B 930 133.26 -58.70 -66.07
N THR B 931 133.47 -57.46 -66.54
CA THR B 931 132.50 -56.41 -66.29
C THR B 931 131.17 -56.72 -66.95
N LEU B 932 131.21 -57.29 -68.17
CA LEU B 932 129.98 -57.68 -68.85
C LEU B 932 129.22 -58.76 -68.08
N LEU B 933 129.91 -59.57 -67.29
CA LEU B 933 129.24 -60.64 -66.54
C LEU B 933 128.36 -60.06 -65.44
N ALA B 934 128.87 -59.08 -64.71
CA ALA B 934 128.15 -58.49 -63.58
C ALA B 934 127.32 -57.29 -64.01
N LEU B 935 126.46 -57.52 -65.00
CA LEU B 935 125.56 -56.47 -65.49
C LEU B 935 124.14 -56.96 -65.75
N GLY B 936 123.80 -58.20 -65.43
CA GLY B 936 122.46 -58.70 -65.69
C GLY B 936 122.16 -58.91 -67.16
N CYS B 937 123.18 -59.11 -67.99
CA CYS B 937 123.03 -59.28 -69.42
C CYS B 937 123.36 -60.71 -69.81
N HIS B 938 122.83 -61.14 -70.95
CA HIS B 938 122.99 -62.50 -71.44
C HIS B 938 124.16 -62.53 -72.42
N VAL B 939 125.28 -63.08 -71.96
CA VAL B 939 126.50 -63.22 -72.77
C VAL B 939 126.70 -64.71 -73.03
N GLY B 940 126.82 -65.07 -74.30
CA GLY B 940 126.98 -66.45 -74.67
C GLY B 940 127.07 -66.61 -76.17
N MET B 941 127.17 -67.86 -76.61
CA MET B 941 127.22 -68.16 -78.03
C MET B 941 125.91 -67.82 -78.72
N ALA B 942 126.00 -67.38 -79.97
CA ALA B 942 124.83 -67.05 -80.76
C ALA B 942 124.62 -67.99 -81.93
N ASP B 943 125.60 -68.11 -82.83
CA ASP B 943 125.50 -69.02 -83.96
C ASP B 943 126.80 -69.77 -84.17
N GLU B 944 127.90 -69.25 -83.62
CA GLU B 944 129.24 -69.81 -83.76
C GLU B 944 129.69 -69.91 -85.22
N LYS B 945 129.05 -69.16 -86.12
CA LYS B 945 129.44 -69.13 -87.52
C LYS B 945 129.72 -67.73 -88.05
N ALA B 946 129.23 -66.68 -87.39
CA ALA B 946 129.55 -65.32 -87.82
C ALA B 946 131.04 -65.01 -87.70
N GLU B 947 131.75 -65.71 -86.82
CA GLU B 947 133.20 -65.51 -86.72
C GLU B 947 133.92 -65.98 -87.98
N ASP B 948 133.36 -66.99 -88.66
CA ASP B 948 133.94 -67.45 -89.92
C ASP B 948 133.75 -66.45 -91.05
N ASN B 949 132.72 -65.60 -90.98
CA ASN B 949 132.49 -64.58 -91.99
C ASN B 949 133.22 -63.28 -91.68
N LEU B 950 133.99 -63.22 -90.59
CA LEU B 950 134.71 -62.01 -90.25
C LEU B 950 135.74 -61.67 -91.32
N LYS B 951 135.91 -60.37 -91.56
CA LYS B 951 136.83 -59.86 -92.57
C LYS B 951 137.75 -58.83 -91.92
N LYS B 952 138.90 -58.60 -92.57
CA LYS B 952 139.88 -57.65 -92.10
C LYS B 952 139.87 -56.41 -92.99
N THR B 953 140.09 -55.26 -92.37
CA THR B 953 140.05 -53.99 -93.10
C THR B 953 141.25 -53.91 -94.04
N LYS B 954 140.99 -53.98 -95.35
CA LYS B 954 142.03 -53.89 -96.35
C LYS B 954 142.52 -52.44 -96.42
N LEU B 955 143.84 -52.25 -96.39
CA LEU B 955 144.39 -50.92 -96.30
C LEU B 955 145.41 -50.68 -97.40
N PRO B 956 145.58 -49.43 -97.84
CA PRO B 956 146.57 -49.14 -98.89
C PRO B 956 148.00 -49.19 -98.37
N LYS B 957 148.96 -48.81 -99.21
CA LYS B 957 150.36 -48.82 -98.82
C LYS B 957 150.69 -47.78 -97.74
N THR B 958 149.77 -46.85 -97.47
CA THR B 958 150.01 -45.86 -96.43
C THR B 958 150.16 -46.50 -95.06
N TYR B 959 149.34 -47.49 -94.75
CA TYR B 959 149.40 -48.17 -93.46
C TYR B 959 150.52 -49.18 -93.39
N MET B 960 151.23 -49.43 -94.50
CA MET B 960 152.38 -50.31 -94.46
C MET B 960 153.51 -49.66 -93.67
N MET B 961 153.80 -50.24 -92.52
CA MET B 961 154.79 -49.71 -91.60
C MET B 961 156.12 -50.44 -91.80
N SER B 962 157.19 -49.91 -91.20
CA SER B 962 158.50 -50.51 -91.35
C SER B 962 158.58 -51.92 -90.78
N ASN B 963 157.67 -52.28 -89.87
CA ASN B 963 157.66 -53.61 -89.27
C ASN B 963 156.62 -54.53 -89.90
N GLY B 964 155.99 -54.11 -90.98
CA GLY B 964 155.06 -55.00 -91.69
C GLY B 964 153.76 -55.25 -90.97
N TYR B 965 153.38 -54.40 -90.02
CA TYR B 965 152.17 -54.57 -89.25
C TYR B 965 151.05 -53.74 -89.86
N LYS B 966 150.01 -54.40 -90.36
CA LYS B 966 148.82 -53.74 -90.88
C LYS B 966 147.72 -53.78 -89.83
N PRO B 967 147.31 -52.63 -89.29
CA PRO B 967 146.19 -52.63 -88.33
C PRO B 967 144.88 -52.91 -89.06
N ALA B 968 144.37 -54.12 -88.90
CA ALA B 968 143.17 -54.59 -89.61
C ALA B 968 142.11 -54.99 -88.60
N PRO B 969 141.21 -54.08 -88.26
CA PRO B 969 140.08 -54.44 -87.39
C PRO B 969 139.03 -55.22 -88.16
N LEU B 970 138.10 -55.82 -87.42
CA LEU B 970 137.04 -56.62 -88.01
C LEU B 970 136.01 -55.73 -88.68
N ASP B 971 135.65 -56.06 -89.92
CA ASP B 971 134.64 -55.33 -90.67
C ASP B 971 133.27 -55.78 -90.20
N LEU B 972 132.64 -54.97 -89.34
CA LEU B 972 131.32 -55.26 -88.78
C LEU B 972 130.39 -54.08 -88.99
N SER B 973 130.39 -53.53 -90.21
CA SER B 973 129.50 -52.43 -90.51
C SER B 973 128.03 -52.83 -90.54
N HIS B 974 127.78 -54.13 -90.64
CA HIS B 974 126.42 -54.63 -90.59
C HIS B 974 126.02 -54.88 -89.15
N VAL B 975 126.95 -55.41 -88.35
CA VAL B 975 126.65 -55.74 -86.95
C VAL B 975 126.44 -54.50 -86.10
N ARG B 976 125.73 -54.64 -84.99
CA ARG B 976 125.50 -53.52 -84.09
C ARG B 976 125.02 -53.99 -82.73
N LEU B 977 125.22 -53.17 -81.70
CA LEU B 977 124.77 -53.53 -80.36
C LEU B 977 123.25 -53.47 -80.25
N THR B 978 122.70 -54.18 -79.28
CA THR B 978 121.24 -54.23 -79.13
C THR B 978 120.63 -52.95 -78.55
N PRO B 979 119.32 -52.77 -78.74
CA PRO B 979 118.65 -51.61 -78.12
C PRO B 979 118.94 -51.48 -76.64
N ALA B 980 119.47 -52.52 -75.99
CA ALA B 980 119.61 -52.50 -74.54
C ALA B 980 121.02 -52.11 -74.10
N GLN B 981 122.04 -52.67 -74.74
CA GLN B 981 123.42 -52.42 -74.33
C GLN B 981 123.90 -51.02 -74.68
N THR B 982 123.12 -50.25 -75.44
CA THR B 982 123.47 -48.85 -75.69
C THR B 982 123.58 -48.07 -74.38
N THR B 983 122.87 -48.51 -73.34
CA THR B 983 123.02 -47.94 -72.00
C THR B 983 123.93 -48.78 -71.12
N LEU B 984 123.99 -50.09 -71.34
CA LEU B 984 124.92 -50.94 -70.59
C LEU B 984 126.36 -50.60 -70.92
N VAL B 985 126.63 -50.16 -72.15
CA VAL B 985 127.98 -49.73 -72.51
C VAL B 985 128.37 -48.53 -71.68
N ASP B 986 127.48 -47.56 -71.51
CA ASP B 986 127.75 -46.45 -70.59
C ASP B 986 127.88 -46.93 -69.16
N ARG B 987 127.10 -47.95 -68.77
CA ARG B 987 127.23 -48.52 -67.43
C ARG B 987 128.60 -49.14 -67.21
N LEU B 988 129.12 -49.88 -68.20
CA LEU B 988 130.45 -50.44 -68.08
C LEU B 988 131.52 -49.37 -68.22
N ALA B 989 131.23 -48.30 -68.98
CA ALA B 989 132.19 -47.22 -69.14
C ALA B 989 132.49 -46.53 -67.81
N GLU B 990 131.45 -46.30 -67.01
CA GLU B 990 131.66 -45.71 -65.68
C GLU B 990 132.48 -46.64 -64.80
N ASN B 991 132.26 -47.95 -64.90
CA ASN B 991 133.04 -48.90 -64.10
C ASN B 991 134.51 -48.86 -64.47
N GLY B 992 134.83 -48.81 -65.75
CA GLY B 992 136.20 -48.75 -66.19
C GLY B 992 136.90 -47.46 -65.80
N HIS B 993 136.21 -46.33 -65.99
CA HIS B 993 136.79 -45.04 -65.60
C HIS B 993 136.96 -44.95 -64.09
N ASN B 994 135.97 -45.41 -63.32
CA ASN B 994 136.11 -45.41 -61.87
C ASN B 994 137.23 -46.33 -61.40
N VAL B 995 137.37 -47.50 -62.03
CA VAL B 995 138.47 -48.40 -61.69
C VAL B 995 139.80 -47.73 -61.98
N TRP B 996 139.92 -47.09 -63.16
CA TRP B 996 141.14 -46.36 -63.47
C TRP B 996 141.36 -45.21 -62.52
N ALA B 997 140.30 -44.48 -62.16
CA ALA B 997 140.43 -43.38 -61.20
C ALA B 997 140.78 -43.90 -59.82
N ARG B 998 140.20 -45.03 -59.42
CA ARG B 998 140.51 -45.59 -58.11
C ARG B 998 141.96 -46.04 -58.00
N ASP B 999 142.65 -46.21 -59.14
CA ASP B 999 144.06 -46.58 -59.12
C ASP B 999 144.97 -45.37 -59.26
N ARG B 1000 144.67 -44.47 -60.20
CA ARG B 1000 145.53 -43.32 -60.45
C ARG B 1000 145.30 -42.18 -59.47
N VAL B 1001 144.19 -42.18 -58.74
CA VAL B 1001 143.89 -41.08 -57.81
C VAL B 1001 143.75 -41.63 -56.40
N ALA B 1002 142.78 -42.53 -56.20
CA ALA B 1002 142.58 -43.12 -54.88
C ALA B 1002 143.81 -43.92 -54.45
N GLN B 1003 144.35 -44.73 -55.36
CA GLN B 1003 145.59 -45.44 -55.07
C GLN B 1003 146.82 -44.65 -55.52
N GLY B 1004 146.70 -43.86 -56.58
CA GLY B 1004 147.82 -43.09 -57.08
C GLY B 1004 148.09 -41.83 -56.30
N TRP B 1005 147.10 -40.94 -56.23
CA TRP B 1005 147.24 -39.66 -55.54
C TRP B 1005 148.42 -38.86 -56.09
N SER B 1006 148.52 -38.81 -57.41
CA SER B 1006 149.60 -38.08 -58.08
C SER B 1006 149.19 -36.63 -58.24
N TYR B 1007 150.00 -35.72 -57.69
CA TYR B 1007 149.72 -34.29 -57.76
C TYR B 1007 150.18 -33.77 -59.11
N SER B 1008 149.38 -34.06 -60.13
CA SER B 1008 149.65 -33.65 -61.50
C SER B 1008 148.49 -32.82 -62.02
N ALA B 1009 148.81 -31.77 -62.76
CA ALA B 1009 147.80 -30.89 -63.33
C ALA B 1009 146.97 -31.61 -64.40
N ARG B 1020 143.69 -34.88 -63.40
CA ARG B 1020 142.34 -34.64 -63.89
C ARG B 1020 141.46 -35.88 -63.77
N LEU B 1021 141.27 -36.34 -62.53
CA LEU B 1021 140.46 -37.51 -62.24
C LEU B 1021 139.28 -37.09 -61.36
N VAL B 1022 138.07 -37.44 -61.78
CA VAL B 1022 136.86 -37.12 -61.02
C VAL B 1022 135.91 -38.31 -61.09
N PRO B 1023 134.79 -38.27 -60.39
CA PRO B 1023 133.83 -39.38 -60.48
C PRO B 1023 133.28 -39.52 -61.89
N TYR B 1024 133.12 -40.78 -62.32
CA TYR B 1024 132.72 -41.08 -63.68
C TYR B 1024 131.25 -40.85 -63.95
N ARG B 1025 130.46 -40.58 -62.92
CA ARG B 1025 129.03 -40.31 -63.12
C ARG B 1025 128.78 -39.02 -63.89
N LEU B 1026 129.52 -37.96 -63.55
CA LEU B 1026 129.41 -36.69 -64.25
C LEU B 1026 130.79 -36.04 -64.40
N LEU B 1027 131.78 -36.83 -64.80
CA LEU B 1027 133.13 -36.30 -64.94
C LEU B 1027 133.18 -35.19 -65.98
N ASP B 1028 132.91 -35.52 -67.23
CA ASP B 1028 132.87 -34.55 -68.31
C ASP B 1028 132.20 -35.19 -69.51
N GLU B 1029 131.77 -34.33 -70.44
CA GLU B 1029 131.15 -34.84 -71.66
C GLU B 1029 132.17 -35.49 -72.58
N ALA B 1030 133.34 -34.86 -72.75
CA ALA B 1030 134.37 -35.40 -73.61
C ALA B 1030 134.98 -36.68 -73.05
N THR B 1031 135.19 -36.74 -71.73
CA THR B 1031 135.74 -37.94 -71.12
C THR B 1031 134.82 -39.14 -71.30
N LYS B 1032 133.51 -38.94 -71.14
CA LYS B 1032 132.57 -40.03 -71.35
C LYS B 1032 132.51 -40.45 -72.80
N ARG B 1033 132.64 -39.51 -73.74
CA ARG B 1033 132.62 -39.87 -75.15
C ARG B 1033 133.78 -40.80 -75.50
N SER B 1034 134.97 -40.50 -74.99
CA SER B 1034 136.12 -41.39 -75.22
C SER B 1034 135.90 -42.75 -74.57
N ASN B 1035 135.36 -42.77 -73.36
CA ASN B 1035 135.07 -44.05 -72.71
C ASN B 1035 133.91 -44.77 -73.40
N ARG B 1036 132.91 -44.01 -73.88
CA ARG B 1036 131.86 -44.62 -74.69
C ARG B 1036 132.42 -45.12 -76.02
N ASP B 1037 133.36 -44.36 -76.61
CA ASP B 1037 134.01 -44.81 -77.83
C ASP B 1037 134.85 -46.06 -77.59
N SER B 1038 135.52 -46.16 -76.44
CA SER B 1038 136.33 -47.33 -76.13
C SER B 1038 135.50 -48.60 -76.05
N LEU B 1039 134.26 -48.52 -75.57
CA LEU B 1039 133.35 -49.65 -75.57
C LEU B 1039 132.43 -49.67 -76.80
N CYS B 1040 132.51 -48.65 -77.65
CA CYS B 1040 131.71 -48.66 -78.88
C CYS B 1040 132.13 -49.79 -79.81
N GLN B 1041 133.44 -50.05 -79.89
CA GLN B 1041 133.97 -51.13 -80.71
C GLN B 1041 134.36 -52.36 -79.89
N ALA B 1042 133.75 -52.53 -78.72
CA ALA B 1042 134.00 -53.67 -77.86
C ALA B 1042 132.81 -54.61 -77.80
N VAL B 1043 131.63 -54.11 -77.49
CA VAL B 1043 130.43 -54.95 -77.53
C VAL B 1043 130.11 -55.36 -78.95
N ARG B 1044 130.24 -54.43 -79.90
CA ARG B 1044 129.98 -54.74 -81.30
C ARG B 1044 130.99 -55.73 -81.85
N THR B 1045 132.24 -55.66 -81.39
CA THR B 1045 133.26 -56.60 -81.85
C THR B 1045 132.91 -58.03 -81.48
N LEU B 1046 132.43 -58.25 -80.25
CA LEU B 1046 132.13 -59.61 -79.80
C LEU B 1046 130.97 -60.22 -80.56
N LEU B 1047 130.04 -59.42 -81.10
CA LEU B 1047 128.98 -59.96 -81.94
C LEU B 1047 129.53 -60.55 -83.23
N GLY B 1048 130.65 -60.01 -83.72
CA GLY B 1048 131.26 -60.56 -84.92
C GLY B 1048 131.87 -61.93 -84.69
N TYR B 1049 132.21 -62.26 -83.44
CA TYR B 1049 132.77 -63.54 -83.09
C TYR B 1049 131.71 -64.59 -82.77
N GLY B 1050 130.43 -64.25 -82.89
CA GLY B 1050 129.35 -65.13 -82.52
C GLY B 1050 128.91 -65.03 -81.07
N TYR B 1051 129.43 -64.08 -80.31
CA TYR B 1051 129.10 -63.92 -78.89
C TYR B 1051 127.90 -63.01 -78.75
N ASN B 1052 126.77 -63.56 -78.36
CA ASN B 1052 125.56 -62.76 -78.18
C ASN B 1052 125.63 -61.95 -76.89
N ILE B 1053 125.36 -60.65 -76.98
CA ILE B 1053 125.34 -59.75 -75.84
C ILE B 1053 123.98 -59.06 -75.82
N GLU B 1054 123.28 -59.14 -74.69
CA GLU B 1054 121.97 -58.51 -74.56
C GLU B 1054 121.84 -57.79 -73.21
N ASP B 1070 112.97 -33.39 -53.38
CA ASP B 1070 112.60 -33.33 -51.98
C ASP B 1070 111.10 -33.11 -51.81
N ARG B 1071 110.67 -31.86 -51.90
CA ARG B 1071 109.28 -31.48 -51.74
C ARG B 1071 108.89 -30.49 -52.82
N VAL B 1072 107.62 -30.10 -52.82
CA VAL B 1072 107.04 -29.25 -53.86
C VAL B 1072 106.55 -27.96 -53.21
N ARG B 1073 107.02 -26.83 -53.70
CA ARG B 1073 106.57 -25.54 -53.20
C ARG B 1073 105.15 -25.26 -53.67
N ILE B 1074 104.37 -24.64 -52.81
CA ILE B 1074 102.98 -24.31 -53.11
C ILE B 1074 102.83 -22.79 -53.07
N PHE B 1075 101.90 -22.27 -53.86
CA PHE B 1075 101.67 -20.84 -53.93
C PHE B 1075 100.18 -20.55 -53.91
N ARG B 1076 99.80 -19.50 -53.17
CA ARG B 1076 98.40 -19.12 -53.01
C ARG B 1076 98.34 -17.67 -52.61
N ALA B 1077 97.15 -17.08 -52.77
CA ALA B 1077 96.92 -15.70 -52.40
C ALA B 1077 96.50 -15.59 -50.94
N GLU B 1078 96.21 -14.36 -50.50
CA GLU B 1078 95.80 -14.15 -49.12
C GLU B 1078 94.37 -14.64 -48.92
N LYS B 1079 94.05 -14.93 -47.65
CA LYS B 1079 92.69 -15.33 -47.33
C LYS B 1079 91.70 -14.18 -47.52
N SER B 1080 92.20 -12.95 -47.61
CA SER B 1080 91.33 -11.79 -47.75
C SER B 1080 90.65 -11.71 -49.11
N TYR B 1081 91.31 -12.17 -50.18
CA TYR B 1081 90.78 -12.05 -51.53
C TYR B 1081 89.86 -13.20 -51.90
N THR B 1082 89.28 -13.88 -50.92
CA THR B 1082 88.42 -15.02 -51.19
C THR B 1082 87.12 -14.57 -51.85
N VAL B 1083 86.91 -15.01 -53.08
CA VAL B 1083 85.69 -14.66 -53.81
C VAL B 1083 84.66 -15.76 -53.64
N GLN B 1084 83.39 -15.41 -53.84
CA GLN B 1084 82.31 -16.38 -53.71
C GLN B 1084 81.23 -16.21 -54.78
N SER B 1085 81.55 -15.60 -55.93
CA SER B 1085 80.57 -15.39 -56.98
C SER B 1085 81.31 -14.91 -58.23
N GLY B 1086 80.55 -14.75 -59.32
CA GLY B 1086 81.07 -14.16 -60.53
C GLY B 1086 81.92 -15.10 -61.35
N ARG B 1087 82.50 -14.54 -62.41
CA ARG B 1087 83.36 -15.26 -63.33
C ARG B 1087 84.76 -14.65 -63.28
N TRP B 1088 85.77 -15.50 -63.25
CA TRP B 1088 87.13 -15.05 -62.97
C TRP B 1088 88.12 -15.76 -63.88
N TYR B 1089 89.24 -15.09 -64.12
CA TYR B 1089 90.28 -15.61 -65.01
C TYR B 1089 91.64 -15.16 -64.52
N PHE B 1090 92.59 -16.10 -64.52
CA PHE B 1090 94.00 -15.81 -64.32
C PHE B 1090 94.81 -16.64 -65.30
N GLU B 1091 95.94 -16.09 -65.72
CA GLU B 1091 96.74 -16.69 -66.79
C GLU B 1091 98.08 -17.12 -66.23
N PHE B 1092 98.45 -18.39 -66.48
CA PHE B 1092 99.67 -18.97 -65.98
C PHE B 1092 100.60 -19.33 -67.14
N GLU B 1093 101.89 -19.09 -66.96
CA GLU B 1093 102.91 -19.41 -67.95
C GLU B 1093 103.93 -20.35 -67.33
N ALA B 1094 104.15 -21.49 -67.96
CA ALA B 1094 105.10 -22.50 -67.47
C ALA B 1094 106.33 -22.49 -68.37
N VAL B 1095 107.41 -21.88 -67.90
CA VAL B 1095 108.65 -21.87 -68.66
C VAL B 1095 109.19 -23.28 -68.83
N THR B 1096 109.28 -24.02 -67.74
CA THR B 1096 109.65 -25.43 -67.81
C THR B 1096 108.40 -26.29 -67.98
N THR B 1097 108.61 -27.55 -68.32
CA THR B 1097 107.53 -28.50 -68.55
C THR B 1097 107.52 -29.63 -67.53
N GLY B 1098 108.11 -29.43 -66.36
CA GLY B 1098 108.17 -30.45 -65.35
C GLY B 1098 106.88 -30.66 -64.61
N GLU B 1099 106.97 -30.98 -63.31
CA GLU B 1099 105.78 -31.30 -62.51
C GLU B 1099 105.23 -30.01 -61.91
N MET B 1100 104.22 -29.46 -62.55
CA MET B 1100 103.53 -28.29 -62.02
C MET B 1100 102.03 -28.56 -62.07
N ARG B 1101 101.30 -27.94 -61.14
CA ARG B 1101 99.86 -28.11 -61.06
C ARG B 1101 99.20 -26.76 -60.81
N VAL B 1102 98.16 -26.46 -61.60
CA VAL B 1102 97.49 -25.17 -61.58
C VAL B 1102 95.99 -25.41 -61.46
N GLY B 1103 95.34 -24.66 -60.58
CA GLY B 1103 93.90 -24.77 -60.41
C GLY B 1103 93.34 -23.90 -59.30
N TRP B 1104 92.22 -24.31 -58.72
CA TRP B 1104 91.60 -23.61 -57.61
C TRP B 1104 91.75 -24.42 -56.33
N ALA B 1105 91.72 -23.74 -55.20
CA ALA B 1105 91.92 -24.39 -53.91
C ALA B 1105 91.12 -23.68 -52.83
N ARG B 1106 90.69 -24.45 -51.84
CA ARG B 1106 90.04 -23.87 -50.67
C ARG B 1106 91.09 -23.27 -49.72
N PRO B 1107 90.72 -22.27 -48.93
CA PRO B 1107 91.71 -21.59 -48.09
C PRO B 1107 92.32 -22.46 -47.00
N GLU B 1108 91.68 -23.55 -46.58
CA GLU B 1108 92.21 -24.36 -45.50
C GLU B 1108 93.12 -25.47 -46.04
N LEU B 1109 94.04 -25.11 -46.91
CA LEU B 1109 94.90 -26.10 -47.55
C LEU B 1109 96.02 -26.48 -46.60
N ARG B 1110 95.99 -27.73 -46.13
CA ARG B 1110 96.98 -28.19 -45.17
C ARG B 1110 98.32 -28.39 -45.87
N PRO B 1111 99.42 -27.84 -45.35
CA PRO B 1111 100.74 -28.13 -45.92
C PRO B 1111 101.19 -29.55 -45.61
N ASP B 1112 102.39 -29.91 -46.04
CA ASP B 1112 102.93 -31.28 -45.91
C ASP B 1112 102.07 -32.31 -46.64
N VAL B 1113 101.11 -31.87 -47.43
CA VAL B 1113 100.27 -32.75 -48.24
C VAL B 1113 100.34 -32.25 -49.68
N GLU B 1114 100.60 -33.17 -50.61
CA GLU B 1114 100.75 -32.76 -52.00
C GLU B 1114 99.41 -32.24 -52.54
N LEU B 1115 99.51 -31.31 -53.49
CA LEU B 1115 98.38 -30.52 -53.93
C LEU B 1115 97.35 -31.41 -54.62
N GLY B 1116 96.08 -31.25 -54.24
CA GLY B 1116 95.00 -32.01 -54.84
C GLY B 1116 94.83 -33.42 -54.34
N ALA B 1117 95.44 -33.77 -53.21
CA ALA B 1117 95.40 -35.13 -52.68
C ALA B 1117 94.03 -35.50 -52.14
N ASP B 1118 93.12 -34.53 -52.02
CA ASP B 1118 91.81 -34.78 -51.43
C ASP B 1118 90.86 -33.72 -51.96
N GLU B 1119 89.70 -33.59 -51.31
CA GLU B 1119 88.65 -32.68 -51.73
C GLU B 1119 89.01 -31.21 -51.50
N LEU B 1120 90.12 -30.94 -50.81
CA LEU B 1120 90.45 -29.58 -50.43
C LEU B 1120 90.92 -28.73 -51.60
N ALA B 1121 91.13 -29.32 -52.77
CA ALA B 1121 91.63 -28.60 -53.93
C ALA B 1121 91.03 -29.16 -55.21
N TYR B 1122 91.00 -28.32 -56.23
CA TYR B 1122 90.64 -28.72 -57.60
C TYR B 1122 91.75 -28.22 -58.51
N VAL B 1123 92.65 -29.12 -58.89
CA VAL B 1123 93.87 -28.74 -59.59
C VAL B 1123 94.08 -29.69 -60.76
N PHE B 1124 94.85 -29.23 -61.74
CA PHE B 1124 95.19 -30.00 -62.93
C PHE B 1124 96.70 -30.14 -63.06
N ASN B 1125 97.14 -31.34 -63.46
CA ASN B 1125 98.54 -31.62 -63.72
C ASN B 1125 98.73 -31.79 -65.22
N GLY B 1126 99.57 -30.95 -65.81
CA GLY B 1126 99.77 -30.99 -67.24
C GLY B 1126 101.07 -31.63 -67.68
N HIS B 1127 101.85 -32.12 -66.72
CA HIS B 1127 103.05 -32.87 -67.07
C HIS B 1127 102.72 -34.22 -67.68
N ARG B 1128 101.52 -34.74 -67.41
CA ARG B 1128 101.05 -35.99 -68.00
C ARG B 1128 99.63 -35.89 -68.52
N GLY B 1129 99.03 -34.71 -68.52
CA GLY B 1129 97.65 -34.56 -68.93
C GLY B 1129 96.68 -35.27 -68.01
N GLN B 1130 96.74 -34.94 -66.72
CA GLN B 1130 95.93 -35.64 -65.72
C GLN B 1130 95.35 -34.61 -64.75
N ARG B 1131 94.08 -34.75 -64.44
CA ARG B 1131 93.42 -33.90 -63.45
C ARG B 1131 93.29 -34.66 -62.13
N TRP B 1132 93.50 -33.94 -61.02
CA TRP B 1132 93.55 -34.56 -59.70
C TRP B 1132 92.44 -34.01 -58.83
N HIS B 1133 91.64 -34.91 -58.27
CA HIS B 1133 90.70 -34.58 -57.21
C HIS B 1133 90.31 -35.87 -56.52
N LEU B 1134 90.68 -35.99 -55.24
CA LEU B 1134 90.49 -37.24 -54.50
C LEU B 1134 91.10 -38.42 -55.25
N GLY B 1135 92.26 -38.19 -55.85
CA GLY B 1135 92.89 -39.14 -56.75
C GLY B 1135 93.20 -38.49 -58.09
N SER B 1136 93.87 -39.26 -58.93
CA SER B 1136 94.31 -38.80 -60.23
C SER B 1136 93.41 -39.32 -61.34
N GLU B 1137 93.15 -38.48 -62.34
CA GLU B 1137 92.35 -38.86 -63.50
C GLU B 1137 92.98 -38.22 -64.73
N PRO B 1138 93.19 -38.98 -65.81
CA PRO B 1138 93.78 -38.41 -67.03
C PRO B 1138 92.89 -37.31 -67.60
N PHE B 1139 93.52 -36.26 -68.13
CA PHE B 1139 92.78 -35.13 -68.69
C PHE B 1139 93.67 -34.42 -69.70
N GLY B 1140 93.43 -34.68 -70.98
CA GLY B 1140 94.10 -33.94 -72.04
C GLY B 1140 95.55 -34.34 -72.25
N ARG B 1141 96.22 -33.52 -73.09
CA ARG B 1141 97.59 -33.63 -73.58
C ARG B 1141 98.58 -33.11 -72.55
N PRO B 1142 99.86 -33.48 -72.69
CA PRO B 1142 100.89 -32.89 -71.82
C PRO B 1142 101.20 -31.44 -72.20
N TRP B 1143 102.20 -30.86 -71.55
CA TRP B 1143 102.56 -29.47 -71.75
C TRP B 1143 103.68 -29.33 -72.79
N GLN B 1144 103.80 -28.12 -73.32
CA GLN B 1144 104.82 -27.77 -74.28
C GLN B 1144 105.61 -26.56 -73.78
N SER B 1145 106.49 -26.04 -74.63
CA SER B 1145 107.27 -24.87 -74.26
C SER B 1145 106.38 -23.63 -74.16
N GLY B 1146 106.80 -22.68 -73.33
CA GLY B 1146 106.01 -21.50 -73.08
C GLY B 1146 104.85 -21.80 -72.16
N ASP B 1147 103.89 -22.58 -72.66
CA ASP B 1147 102.80 -23.16 -71.86
C ASP B 1147 102.02 -22.06 -71.14
N VAL B 1148 101.42 -21.19 -71.95
CA VAL B 1148 100.53 -20.15 -71.44
C VAL B 1148 99.19 -20.81 -71.15
N VAL B 1149 98.93 -21.08 -69.87
CA VAL B 1149 97.75 -21.81 -69.44
C VAL B 1149 96.83 -20.87 -68.70
N GLY B 1150 95.54 -20.90 -69.04
CA GLY B 1150 94.53 -20.13 -68.36
C GLY B 1150 93.54 -21.03 -67.66
N CYS B 1151 92.80 -20.48 -66.72
CA CYS B 1151 91.81 -21.23 -65.96
C CYS B 1151 90.51 -20.45 -65.87
N MET B 1152 89.39 -21.14 -66.00
CA MET B 1152 88.07 -20.55 -65.86
C MET B 1152 87.46 -20.98 -64.54
N ILE B 1153 86.49 -20.20 -64.09
CA ILE B 1153 85.67 -20.57 -62.94
C ILE B 1153 84.36 -19.80 -63.01
N ASP B 1154 83.27 -20.48 -62.67
CA ASP B 1154 81.95 -19.86 -62.58
C ASP B 1154 81.19 -20.54 -61.45
N LEU B 1155 81.36 -20.03 -60.23
CA LEU B 1155 80.65 -20.59 -59.08
C LEU B 1155 79.14 -20.45 -59.23
N THR B 1156 78.67 -19.47 -60.00
CA THR B 1156 77.27 -19.41 -60.34
C THR B 1156 76.83 -20.65 -61.11
N GLU B 1157 77.66 -21.07 -62.09
CA GLU B 1157 77.35 -22.27 -62.86
C GLU B 1157 77.93 -23.52 -62.22
N ASN B 1158 78.73 -23.39 -61.18
CA ASN B 1158 79.37 -24.53 -60.51
C ASN B 1158 80.18 -25.36 -61.51
N THR B 1159 80.94 -24.66 -62.35
CA THR B 1159 81.62 -25.29 -63.47
C THR B 1159 83.03 -24.74 -63.61
N ILE B 1160 83.99 -25.63 -63.87
CA ILE B 1160 85.37 -25.26 -64.10
C ILE B 1160 85.70 -25.52 -65.56
N ILE B 1161 86.56 -24.68 -66.13
CA ILE B 1161 87.04 -24.87 -67.50
C ILE B 1161 88.54 -24.58 -67.52
N PHE B 1162 89.30 -25.53 -68.07
CA PHE B 1162 90.75 -25.37 -68.23
C PHE B 1162 91.07 -25.06 -69.68
N THR B 1163 92.01 -24.14 -69.89
CA THR B 1163 92.42 -23.73 -71.23
C THR B 1163 93.93 -23.82 -71.34
N LEU B 1164 94.41 -24.34 -72.47
CA LEU B 1164 95.84 -24.51 -72.71
C LEU B 1164 96.22 -23.76 -73.98
N ASN B 1165 97.21 -22.86 -73.86
CA ASN B 1165 97.75 -22.11 -74.99
C ASN B 1165 96.63 -21.43 -75.78
N GLY B 1166 95.68 -20.83 -75.07
CA GLY B 1166 94.53 -20.24 -75.71
C GLY B 1166 93.63 -21.23 -76.38
N GLU B 1167 93.46 -22.42 -75.80
CA GLU B 1167 92.60 -23.44 -76.38
C GLU B 1167 91.96 -24.24 -75.25
N VAL B 1168 90.65 -24.44 -75.33
CA VAL B 1168 89.93 -25.18 -74.30
C VAL B 1168 90.38 -26.63 -74.30
N LEU B 1169 90.59 -27.18 -73.10
CA LEU B 1169 90.98 -28.57 -72.97
C LEU B 1169 89.77 -29.49 -73.02
N MET B 1170 90.02 -30.74 -73.40
CA MET B 1170 88.98 -31.75 -73.53
C MET B 1170 89.09 -32.74 -72.38
N SER B 1171 87.99 -33.43 -72.13
CA SER B 1171 87.92 -34.44 -71.08
C SER B 1171 87.95 -35.84 -71.71
N ASP B 1172 87.94 -36.86 -70.84
CA ASP B 1172 87.87 -38.23 -71.31
C ASP B 1172 86.53 -38.53 -71.99
N SER B 1173 85.47 -37.82 -71.61
CA SER B 1173 84.17 -37.95 -72.24
C SER B 1173 83.89 -36.85 -73.26
N GLY B 1174 84.89 -36.04 -73.58
CA GLY B 1174 84.72 -34.98 -74.56
C GLY B 1174 84.15 -33.69 -74.03
N SER B 1175 83.90 -33.59 -72.72
CA SER B 1175 83.40 -32.37 -72.14
C SER B 1175 84.56 -31.41 -71.87
N GLU B 1176 84.23 -30.19 -71.45
CA GLU B 1176 85.20 -29.14 -71.19
C GLU B 1176 85.39 -29.01 -69.68
N THR B 1177 86.30 -29.82 -69.14
CA THR B 1177 86.65 -29.79 -67.72
C THR B 1177 85.42 -29.99 -66.84
N ALA B 1178 84.82 -31.17 -67.00
CA ALA B 1178 83.54 -31.47 -66.37
C ALA B 1178 83.74 -31.65 -64.86
N PHE B 1179 83.86 -30.52 -64.17
CA PHE B 1179 83.85 -30.45 -62.71
C PHE B 1179 82.56 -29.78 -62.32
N ARG B 1180 81.53 -30.59 -62.11
CA ARG B 1180 80.18 -30.09 -61.92
C ARG B 1180 79.71 -30.36 -60.49
N GLU B 1181 78.63 -29.70 -60.09
CA GLU B 1181 78.06 -29.81 -58.76
C GLU B 1181 79.10 -29.44 -57.70
N ILE B 1182 79.52 -28.18 -57.77
CA ILE B 1182 80.52 -27.63 -56.86
C ILE B 1182 79.80 -26.76 -55.83
N GLU B 1183 80.01 -27.08 -54.56
CA GLU B 1183 79.31 -26.42 -53.48
C GLU B 1183 80.01 -25.10 -53.11
N ILE B 1184 79.22 -24.18 -52.56
CA ILE B 1184 79.74 -22.84 -52.25
C ILE B 1184 80.83 -22.93 -51.19
N GLY B 1185 80.49 -23.44 -50.00
CA GLY B 1185 81.43 -23.51 -48.91
C GLY B 1185 81.92 -22.15 -48.45
N ASP B 1186 83.23 -21.98 -48.39
CA ASP B 1186 83.84 -20.72 -47.98
C ASP B 1186 84.65 -20.05 -49.09
N GLY B 1187 84.23 -20.20 -50.34
CA GLY B 1187 84.95 -19.60 -51.44
C GLY B 1187 86.13 -20.42 -51.91
N PHE B 1188 86.88 -19.83 -52.83
CA PHE B 1188 88.00 -20.51 -53.47
C PHE B 1188 89.09 -19.50 -53.82
N LEU B 1189 90.30 -20.01 -54.01
CA LEU B 1189 91.46 -19.17 -54.29
C LEU B 1189 92.31 -19.82 -55.36
N PRO B 1190 93.08 -19.06 -56.12
CA PRO B 1190 94.02 -19.67 -57.07
C PRO B 1190 95.16 -20.37 -56.33
N VAL B 1191 95.72 -21.39 -56.97
CA VAL B 1191 96.80 -22.18 -56.38
C VAL B 1191 97.74 -22.63 -57.49
N CYS B 1192 99.02 -22.80 -57.12
CA CYS B 1192 100.05 -23.22 -58.06
C CYS B 1192 101.04 -24.13 -57.34
N SER B 1193 101.81 -24.88 -58.12
CA SER B 1193 102.82 -25.78 -57.60
C SER B 1193 104.09 -25.68 -58.44
N LEU B 1194 105.21 -26.05 -57.84
CA LEU B 1194 106.50 -26.08 -58.52
C LEU B 1194 107.32 -27.24 -58.00
N GLY B 1195 107.78 -28.10 -58.91
CA GLY B 1195 108.61 -29.22 -58.54
C GLY B 1195 110.07 -28.83 -58.41
N PRO B 1196 110.93 -29.81 -58.17
CA PRO B 1196 112.37 -29.52 -58.04
C PRO B 1196 112.95 -29.06 -59.37
N GLY B 1197 113.69 -27.96 -59.33
CA GLY B 1197 114.31 -27.43 -60.53
C GLY B 1197 113.34 -26.97 -61.61
N GLN B 1198 112.20 -26.41 -61.20
CA GLN B 1198 111.16 -26.01 -62.13
C GLN B 1198 110.93 -24.50 -62.01
N VAL B 1199 110.81 -23.83 -63.16
CA VAL B 1199 110.58 -22.39 -63.20
C VAL B 1199 109.26 -22.12 -63.93
N GLY B 1200 108.84 -20.87 -63.88
CA GLY B 1200 107.59 -20.44 -64.48
C GLY B 1200 106.93 -19.41 -63.60
N HIS B 1201 106.20 -18.48 -64.23
CA HIS B 1201 105.56 -17.38 -63.52
C HIS B 1201 104.04 -17.46 -63.68
N LEU B 1202 103.34 -16.58 -62.97
CA LEU B 1202 101.88 -16.56 -62.96
C LEU B 1202 101.40 -15.12 -63.07
N ASN B 1203 100.44 -14.89 -63.96
CA ASN B 1203 99.76 -13.60 -64.05
C ASN B 1203 98.38 -13.70 -63.44
N LEU B 1204 97.92 -12.60 -62.86
CA LEU B 1204 96.65 -12.60 -62.13
C LEU B 1204 95.67 -11.55 -62.66
N GLY B 1205 95.94 -10.95 -63.81
CA GLY B 1205 95.05 -9.93 -64.33
C GLY B 1205 95.27 -8.56 -63.75
N GLN B 1206 96.48 -8.26 -63.28
CA GLN B 1206 96.78 -6.92 -62.77
C GLN B 1206 96.58 -5.87 -63.85
N ASP B 1207 97.06 -6.14 -65.06
CA ASP B 1207 96.86 -5.27 -66.21
C ASP B 1207 96.30 -6.08 -67.36
N VAL B 1208 95.31 -5.51 -68.06
CA VAL B 1208 94.68 -6.23 -69.16
C VAL B 1208 95.68 -6.47 -70.28
N SER B 1209 96.48 -5.46 -70.62
CA SER B 1209 97.47 -5.62 -71.67
C SER B 1209 98.57 -6.61 -71.30
N SER B 1210 98.89 -6.73 -70.00
CA SER B 1210 99.91 -7.68 -69.57
C SER B 1210 99.49 -9.12 -69.79
N LEU B 1211 98.18 -9.39 -69.85
CA LEU B 1211 97.69 -10.73 -70.11
C LEU B 1211 98.10 -11.16 -71.52
N ARG B 1212 98.52 -12.42 -71.66
CA ARG B 1212 99.15 -12.84 -72.90
C ARG B 1212 98.14 -12.95 -74.03
N PHE B 1213 97.18 -13.86 -73.91
CA PHE B 1213 96.17 -14.00 -74.95
C PHE B 1213 94.93 -13.21 -74.57
N PHE B 1214 94.27 -13.60 -73.48
CA PHE B 1214 93.08 -12.94 -72.94
C PHE B 1214 92.10 -12.53 -74.05
N ALA B 1215 92.02 -13.36 -75.08
CA ALA B 1215 91.11 -13.09 -76.20
C ALA B 1215 90.29 -14.30 -76.64
N ILE B 1216 90.73 -15.52 -76.37
CA ILE B 1216 89.98 -16.69 -76.79
C ILE B 1216 88.70 -16.84 -75.99
N CYS B 1217 88.77 -16.59 -74.68
CA CYS B 1217 87.63 -16.79 -73.80
C CYS B 1217 87.42 -15.65 -72.81
N GLY B 1218 88.30 -14.66 -72.77
CA GLY B 1218 88.26 -13.65 -71.73
C GLY B 1218 87.09 -12.68 -71.80
N LEU B 1219 87.07 -11.83 -72.82
CA LEU B 1219 86.14 -10.71 -72.84
C LEU B 1219 84.71 -11.16 -73.11
N GLN B 1220 84.51 -12.02 -74.08
CA GLN B 1220 83.18 -12.32 -74.59
C GLN B 1220 82.38 -13.29 -73.72
N GLU B 1221 83.02 -13.93 -72.74
CA GLU B 1221 82.38 -15.00 -71.99
C GLU B 1221 81.98 -14.58 -70.59
N GLY B 1222 82.03 -13.28 -70.29
CA GLY B 1222 81.62 -12.80 -68.99
C GLY B 1222 82.64 -13.00 -67.88
N PHE B 1223 83.80 -13.54 -68.20
CA PHE B 1223 84.84 -13.70 -67.18
C PHE B 1223 85.55 -12.38 -66.95
N GLU B 1224 86.07 -12.23 -65.72
CA GLU B 1224 86.72 -11.00 -65.31
C GLU B 1224 88.11 -11.34 -64.78
N PRO B 1225 89.13 -10.55 -65.15
CA PRO B 1225 90.45 -10.74 -64.55
C PRO B 1225 90.38 -10.57 -63.05
N PHE B 1226 91.15 -11.39 -62.35
CA PHE B 1226 91.03 -11.46 -60.89
C PHE B 1226 91.44 -10.16 -60.23
N ALA B 1227 92.68 -9.74 -60.46
CA ALA B 1227 93.24 -8.57 -59.78
C ALA B 1227 93.18 -7.34 -60.70
N ILE B 1228 91.95 -6.95 -61.04
CA ILE B 1228 91.75 -5.79 -61.91
C ILE B 1228 91.63 -4.50 -61.11
N ASN B 1229 90.76 -4.46 -60.11
CA ASN B 1229 90.55 -3.25 -59.32
C ASN B 1229 91.35 -3.32 -58.01
N MET B 1230 92.65 -3.51 -58.18
CA MET B 1230 93.61 -3.41 -57.09
C MET B 1230 94.46 -2.17 -57.28
N GLN B 1231 95.28 -1.89 -56.27
CA GLN B 1231 96.31 -0.86 -56.37
C GLN B 1231 97.70 -1.40 -56.03
N ARG B 1232 97.83 -2.70 -55.77
CA ARG B 1232 99.10 -3.26 -55.35
C ARG B 1232 99.12 -4.77 -55.60
N PRO B 1233 100.27 -5.35 -55.88
CA PRO B 1233 100.33 -6.79 -56.19
C PRO B 1233 99.95 -7.64 -54.98
N VAL B 1234 99.43 -8.83 -55.30
CA VAL B 1234 99.13 -9.82 -54.26
C VAL B 1234 100.42 -10.40 -53.72
N THR B 1235 100.45 -10.69 -52.42
CA THR B 1235 101.70 -11.10 -51.79
C THR B 1235 102.05 -12.56 -52.05
N THR B 1236 101.10 -13.38 -52.50
CA THR B 1236 101.36 -14.75 -52.94
C THR B 1236 102.01 -15.58 -51.83
N TRP B 1237 101.19 -15.89 -50.82
CA TRP B 1237 101.62 -16.78 -49.75
C TRP B 1237 102.16 -18.09 -50.31
N PHE B 1238 103.27 -18.55 -49.74
CA PHE B 1238 103.89 -19.81 -50.13
C PHE B 1238 104.12 -20.67 -48.89
N SER B 1239 104.68 -21.85 -49.10
CA SER B 1239 104.89 -22.81 -48.03
C SER B 1239 106.34 -22.79 -47.57
N LYS B 1240 106.55 -22.53 -46.27
CA LYS B 1240 107.88 -22.53 -45.70
C LYS B 1240 108.41 -23.95 -45.59
N SER B 1241 109.72 -24.10 -45.73
CA SER B 1241 110.39 -25.39 -45.76
C SER B 1241 111.34 -25.57 -44.59
N LEU B 1242 110.91 -25.18 -43.38
CA LEU B 1242 111.73 -25.36 -42.20
C LEU B 1242 110.85 -25.91 -41.07
N PRO B 1243 111.35 -26.90 -40.34
CA PRO B 1243 110.57 -27.53 -39.25
C PRO B 1243 110.59 -26.76 -37.93
N GLN B 1244 109.65 -25.83 -37.80
CA GLN B 1244 109.49 -25.08 -36.57
C GLN B 1244 108.57 -25.83 -35.60
N PHE B 1245 108.64 -25.47 -34.33
CA PHE B 1245 107.77 -26.09 -33.34
C PHE B 1245 106.33 -25.64 -33.53
N GLU B 1246 105.40 -26.46 -33.01
CA GLU B 1246 103.98 -26.18 -33.10
C GLU B 1246 103.27 -27.00 -32.04
N PRO B 1247 102.32 -26.43 -31.31
CA PRO B 1247 101.61 -27.21 -30.29
C PRO B 1247 100.80 -28.33 -30.91
N VAL B 1248 100.67 -29.42 -30.16
CA VAL B 1248 99.96 -30.60 -30.62
C VAL B 1248 98.46 -30.29 -30.66
N PRO B 1249 97.80 -30.47 -31.79
CA PRO B 1249 96.37 -30.19 -31.88
C PRO B 1249 95.58 -31.10 -30.97
N PRO B 1250 94.49 -30.60 -30.38
CA PRO B 1250 93.66 -31.45 -29.52
C PRO B 1250 93.00 -32.60 -30.27
N GLU B 1251 92.83 -32.48 -31.58
CA GLU B 1251 92.16 -33.49 -32.39
C GLU B 1251 93.17 -34.02 -33.40
N HIS B 1252 93.82 -35.12 -33.04
CA HIS B 1252 94.77 -35.75 -33.94
C HIS B 1252 94.37 -37.20 -34.19
N PRO B 1253 94.57 -37.71 -35.41
CA PRO B 1253 94.13 -39.08 -35.72
C PRO B 1253 94.69 -40.14 -34.79
N HIS B 1254 95.96 -40.03 -34.43
CA HIS B 1254 96.61 -41.04 -33.60
C HIS B 1254 97.57 -40.46 -32.57
N TYR B 1255 97.51 -39.16 -32.31
CA TYR B 1255 98.30 -38.54 -31.26
C TYR B 1255 97.37 -37.89 -30.24
N GLU B 1256 97.60 -38.18 -28.96
CA GLU B 1256 96.84 -37.57 -27.90
C GLU B 1256 97.63 -37.62 -26.60
N VAL B 1257 97.54 -36.55 -25.82
CA VAL B 1257 98.26 -36.41 -24.57
C VAL B 1257 97.25 -36.10 -23.48
N ALA B 1258 97.60 -36.47 -22.25
CA ALA B 1258 96.68 -36.31 -21.12
C ALA B 1258 97.41 -35.64 -19.97
N ARG B 1259 96.83 -34.58 -19.43
CA ARG B 1259 97.36 -33.94 -18.23
C ARG B 1259 97.12 -34.84 -17.03
N MET B 1260 98.19 -35.14 -16.29
CA MET B 1260 98.05 -35.92 -15.08
C MET B 1260 97.64 -35.00 -13.92
N ASP B 1261 97.51 -35.59 -12.74
CA ASP B 1261 97.14 -34.84 -11.54
C ASP B 1261 98.22 -35.00 -10.48
N GLY B 1262 98.23 -34.05 -9.54
CA GLY B 1262 99.19 -34.10 -8.46
C GLY B 1262 98.69 -34.90 -7.29
N THR B 1263 99.10 -36.17 -7.19
CA THR B 1263 98.69 -37.03 -6.12
C THR B 1263 99.61 -36.87 -4.91
N VAL B 1264 99.20 -37.42 -3.77
CA VAL B 1264 100.01 -37.35 -2.56
C VAL B 1264 101.33 -38.10 -2.72
N ASP B 1265 101.36 -39.14 -3.55
CA ASP B 1265 102.56 -39.91 -3.78
C ASP B 1265 103.22 -39.63 -5.12
N THR B 1266 102.48 -39.17 -6.12
CA THR B 1266 103.03 -38.93 -7.43
C THR B 1266 102.86 -37.46 -7.84
N PRO B 1267 103.92 -36.82 -8.33
CA PRO B 1267 103.78 -35.46 -8.84
C PRO B 1267 103.04 -35.46 -10.16
N PRO B 1268 102.45 -34.33 -10.56
CA PRO B 1268 101.76 -34.27 -11.85
C PRO B 1268 102.72 -34.56 -12.99
N CYS B 1269 102.21 -35.25 -14.01
CA CYS B 1269 103.02 -35.71 -15.12
C CYS B 1269 102.34 -35.36 -16.44
N LEU B 1270 103.02 -35.66 -17.54
CA LEU B 1270 102.52 -35.45 -18.89
C LEU B 1270 102.63 -36.78 -19.62
N ARG B 1271 101.59 -37.59 -19.53
CA ARG B 1271 101.59 -38.92 -20.15
C ARG B 1271 101.27 -38.81 -21.63
N LEU B 1272 102.19 -39.26 -22.47
CA LEU B 1272 101.92 -39.38 -23.89
C LEU B 1272 101.41 -40.78 -24.21
N ALA B 1273 100.51 -40.86 -25.18
CA ALA B 1273 99.92 -42.13 -25.58
C ALA B 1273 99.84 -42.19 -27.10
N HIS B 1274 99.39 -43.32 -27.61
CA HIS B 1274 99.29 -43.51 -29.06
C HIS B 1274 98.23 -44.56 -29.35
N ARG B 1275 97.55 -44.39 -30.48
CA ARG B 1275 96.57 -45.36 -30.93
C ARG B 1275 97.26 -46.50 -31.67
N THR B 1276 98.04 -47.29 -30.94
CA THR B 1276 98.81 -48.38 -31.52
C THR B 1276 97.93 -49.49 -32.07
N TRP B 1277 97.19 -49.16 -33.15
CA TRP B 1277 96.23 -50.14 -33.72
C TRP B 1277 96.61 -50.52 -35.16
N GLY B 1278 96.10 -49.77 -36.14
CA GLY B 1278 96.35 -50.11 -37.56
C GLY B 1278 96.72 -48.85 -38.34
N SER B 1279 97.61 -48.97 -39.33
CA SER B 1279 98.05 -47.80 -40.13
C SER B 1279 98.50 -46.68 -39.19
N GLN B 1280 99.01 -47.03 -38.02
CA GLN B 1280 99.39 -46.00 -37.01
C GLN B 1280 100.92 -45.85 -36.96
N ASN B 1281 101.62 -46.46 -37.91
CA ASN B 1281 103.10 -46.36 -37.96
C ASN B 1281 103.50 -44.88 -37.90
N SER B 1282 104.57 -44.59 -37.16
CA SER B 1282 105.01 -43.18 -37.01
C SER B 1282 106.53 -43.16 -36.92
N LEU B 1283 107.18 -42.15 -37.52
CA LEU B 1283 108.62 -42.19 -37.33
C LEU B 1283 109.01 -41.68 -35.95
N VAL B 1284 109.82 -40.62 -35.92
CA VAL B 1284 110.33 -40.07 -34.66
C VAL B 1284 109.75 -38.70 -34.35
N GLU B 1285 108.61 -38.68 -33.68
CA GLU B 1285 107.97 -37.43 -33.28
C GLU B 1285 108.73 -36.77 -32.15
N MET B 1286 109.81 -36.07 -32.49
CA MET B 1286 110.66 -35.41 -31.48
C MET B 1286 109.89 -34.33 -30.73
N LEU B 1287 109.39 -34.69 -29.55
CA LEU B 1287 108.60 -33.76 -28.74
C LEU B 1287 109.46 -32.65 -28.15
N PHE B 1288 108.80 -31.69 -27.49
CA PHE B 1288 109.50 -30.58 -26.85
C PHE B 1288 108.64 -29.97 -25.75
N LEU B 1289 109.18 -28.97 -25.05
CA LEU B 1289 108.45 -28.31 -23.99
C LEU B 1289 108.14 -26.86 -24.36
N ARG B 1290 107.21 -26.25 -23.63
CA ARG B 1290 106.78 -24.89 -23.93
C ARG B 1290 107.20 -23.89 -22.86
N LEU B 1291 108.51 -23.66 -22.75
CA LEU B 1291 109.05 -22.69 -21.80
C LEU B 1291 110.50 -22.39 -22.13
N SER B 1292 111.21 -21.79 -21.18
CA SER B 1292 112.62 -21.47 -21.36
C SER B 1292 113.29 -21.21 -20.03
N LEU B 1293 114.29 -22.02 -19.71
CA LEU B 1293 115.07 -21.85 -18.49
C LEU B 1293 116.38 -21.15 -18.79
N PRO B 1294 116.44 -19.85 -18.48
CA PRO B 1294 117.62 -19.06 -18.78
C PRO B 1294 118.68 -19.20 -17.70
N VAL B 1295 119.94 -18.96 -18.07
CA VAL B 1295 121.05 -19.04 -17.09
C VAL B 1295 121.43 -17.63 -16.64
N GLN B 1296 121.78 -17.45 -15.36
CA GLN B 1296 122.07 -16.10 -14.82
C GLN B 1296 123.34 -15.51 -15.45
N THR B 1431 127.72 -15.55 -14.16
CA THR B 1431 127.29 -16.61 -13.26
C THR B 1431 128.13 -17.87 -13.45
N THR B 1432 127.61 -19.00 -12.97
CA THR B 1432 128.28 -20.28 -13.11
C THR B 1432 127.27 -21.38 -13.31
N TYR B 1433 127.37 -22.08 -14.44
CA TYR B 1433 126.43 -23.14 -14.77
C TYR B 1433 127.14 -24.44 -15.13
N TYR B 1434 126.73 -25.52 -14.47
CA TYR B 1434 127.30 -26.84 -14.74
C TYR B 1434 126.21 -27.90 -14.61
N TYR B 1435 125.35 -27.99 -15.61
CA TYR B 1435 124.22 -28.91 -15.58
C TYR B 1435 124.68 -30.36 -15.58
N SER B 1436 123.79 -31.25 -15.16
CA SER B 1436 124.09 -32.68 -15.09
C SER B 1436 122.90 -33.51 -15.50
N VAL B 1437 123.15 -34.81 -15.75
CA VAL B 1437 122.05 -35.73 -16.13
C VAL B 1437 122.24 -37.09 -15.44
N ARG B 1438 121.36 -37.44 -14.50
CA ARG B 1438 121.43 -38.74 -13.79
C ARG B 1438 120.49 -39.75 -14.44
N VAL B 1439 120.55 -41.03 -14.03
CA VAL B 1439 119.72 -42.07 -14.68
C VAL B 1439 119.63 -43.32 -13.79
N PHE B 1440 118.41 -43.76 -13.47
CA PHE B 1440 118.20 -44.94 -12.60
C PHE B 1440 119.32 -44.99 -11.55
N ALA B 1441 119.53 -43.90 -10.83
CA ALA B 1441 120.59 -43.82 -9.79
C ALA B 1441 121.97 -44.09 -10.41
N GLY B 1442 122.41 -43.24 -11.33
CA GLY B 1442 123.78 -43.35 -11.90
C GLY B 1442 124.33 -41.94 -12.10
N GLN B 1443 125.45 -41.77 -12.81
CA GLN B 1443 126.03 -40.41 -12.90
C GLN B 1443 126.98 -40.23 -14.09
N GLU B 1444 126.45 -40.07 -15.31
CA GLU B 1444 127.31 -39.72 -16.43
C GLU B 1444 126.92 -38.35 -16.98
N PRO B 1445 127.38 -37.30 -16.29
CA PRO B 1445 126.99 -35.94 -16.64
C PRO B 1445 127.88 -35.36 -17.74
N SER B 1446 128.56 -34.26 -17.41
CA SER B 1446 129.37 -33.51 -18.37
C SER B 1446 128.54 -33.03 -19.55
N CYS B 1447 129.22 -32.52 -20.58
CA CYS B 1447 128.55 -32.01 -21.78
C CYS B 1447 127.50 -30.98 -21.44
N VAL B 1448 127.75 -30.18 -20.40
CA VAL B 1448 126.79 -29.21 -19.93
C VAL B 1448 127.45 -28.16 -19.04
N TRP B 1449 128.42 -27.44 -19.61
CA TRP B 1449 129.13 -26.40 -18.87
C TRP B 1449 129.80 -25.42 -19.81
N VAL B 1450 128.98 -24.78 -20.65
CA VAL B 1450 129.51 -23.80 -21.63
C VAL B 1450 128.43 -22.79 -22.02
N GLY B 1451 128.21 -21.77 -21.17
CA GLY B 1451 127.16 -20.78 -21.45
C GLY B 1451 127.30 -19.58 -20.52
N TRP B 1452 127.30 -18.36 -21.07
CA TRP B 1452 127.32 -17.16 -20.22
C TRP B 1452 125.90 -16.97 -19.65
N VAL B 1453 124.95 -16.65 -20.52
CA VAL B 1453 123.54 -16.49 -20.08
C VAL B 1453 122.58 -16.87 -21.22
N THR B 1454 122.55 -18.14 -21.62
CA THR B 1454 121.62 -18.59 -22.68
C THR B 1454 120.36 -19.16 -22.03
N PRO B 1455 119.58 -19.98 -22.76
CA PRO B 1455 118.30 -20.48 -22.21
C PRO B 1455 117.91 -21.80 -22.89
N ASP B 1456 118.36 -22.92 -22.35
CA ASP B 1456 117.99 -24.23 -22.87
C ASP B 1456 116.56 -24.58 -22.48
N TYR B 1457 116.00 -25.58 -23.14
CA TYR B 1457 114.63 -25.99 -22.88
C TYR B 1457 114.53 -27.50 -22.72
N HIS B 1458 113.48 -27.96 -22.05
CA HIS B 1458 113.27 -29.38 -21.83
C HIS B 1458 112.94 -30.10 -23.14
N GLN B 1459 113.64 -31.21 -23.38
CA GLN B 1459 113.43 -31.98 -24.61
C GLN B 1459 113.35 -33.46 -24.31
N HIS B 1460 112.82 -34.23 -25.27
CA HIS B 1460 112.67 -35.67 -25.12
C HIS B 1460 112.42 -36.34 -26.47
N ASP B 1461 113.31 -36.11 -27.43
CA ASP B 1461 113.17 -36.67 -28.76
C ASP B 1461 113.22 -38.20 -28.71
N MET B 1462 112.13 -38.85 -29.12
CA MET B 1462 112.03 -40.29 -29.01
C MET B 1462 111.50 -40.95 -30.28
N ASN B 1463 110.94 -42.14 -30.10
CA ASN B 1463 110.36 -42.90 -31.21
C ASN B 1463 109.17 -43.71 -30.72
N PHE B 1464 108.48 -44.37 -31.65
CA PHE B 1464 107.29 -45.13 -31.31
C PHE B 1464 107.64 -46.42 -30.57
N ASP B 1465 106.63 -47.06 -29.98
CA ASP B 1465 106.83 -48.29 -29.23
C ASP B 1465 105.63 -49.22 -29.36
N LEU B 1466 104.55 -48.70 -29.97
CA LEU B 1466 103.33 -49.46 -30.19
C LEU B 1466 102.76 -50.03 -28.89
N SER B 1467 102.66 -49.18 -27.87
CA SER B 1467 102.12 -49.59 -26.59
C SER B 1467 101.79 -48.37 -25.74
N LYS B 1468 102.82 -47.78 -25.14
CA LYS B 1468 102.67 -46.57 -24.33
C LYS B 1468 104.02 -45.89 -24.22
N VAL B 1469 104.16 -44.75 -24.91
CA VAL B 1469 105.45 -44.08 -25.01
C VAL B 1469 105.83 -43.34 -23.73
N ARG B 1470 106.54 -42.23 -23.90
CA ARG B 1470 107.07 -41.46 -22.78
C ARG B 1470 105.98 -40.84 -21.91
N ALA B 1471 106.33 -40.56 -20.66
CA ALA B 1471 105.41 -39.92 -19.72
C ALA B 1471 106.18 -38.96 -18.83
N VAL B 1472 106.50 -37.78 -19.37
CA VAL B 1472 107.27 -36.78 -18.65
C VAL B 1472 106.57 -36.37 -17.36
N THR B 1473 107.33 -36.34 -16.27
CA THR B 1473 106.78 -36.01 -14.96
C THR B 1473 107.53 -34.87 -14.31
N VAL B 1474 106.80 -33.95 -13.68
CA VAL B 1474 107.41 -32.83 -13.00
C VAL B 1474 107.57 -33.12 -11.52
N THR B 1475 108.62 -33.87 -11.17
CA THR B 1475 108.87 -34.26 -9.79
C THR B 1475 109.69 -33.19 -9.06
N MET B 1476 110.12 -33.52 -7.84
CA MET B 1476 110.89 -32.60 -7.03
C MET B 1476 111.90 -33.33 -6.16
N GLY B 1477 113.17 -32.96 -6.28
CA GLY B 1477 114.22 -33.55 -5.46
C GLY B 1477 114.41 -32.73 -4.19
N ASP B 1478 115.39 -33.11 -3.38
CA ASP B 1478 115.65 -32.42 -2.12
C ASP B 1478 116.78 -31.42 -2.25
N GLU B 1479 116.97 -30.88 -3.46
CA GLU B 1479 118.03 -29.93 -3.70
C GLU B 1479 117.73 -29.06 -4.92
N GLN B 1480 118.51 -29.22 -5.97
CA GLN B 1480 118.37 -28.41 -7.19
C GLN B 1480 117.23 -28.93 -8.07
N GLY B 1481 117.19 -28.43 -9.30
CA GLY B 1481 116.13 -28.80 -10.24
C GLY B 1481 116.33 -30.22 -10.77
N ASN B 1482 115.25 -30.98 -10.82
CA ASN B 1482 115.30 -32.35 -11.32
C ASN B 1482 114.04 -32.69 -12.11
N VAL B 1483 114.19 -32.87 -13.42
CA VAL B 1483 113.06 -33.19 -14.28
C VAL B 1483 112.95 -34.68 -14.52
N HIS B 1484 111.90 -35.29 -13.97
CA HIS B 1484 111.69 -36.73 -14.11
C HIS B 1484 111.11 -37.07 -15.48
N SER B 1485 111.33 -38.30 -15.92
CA SER B 1485 110.83 -38.76 -17.22
C SER B 1485 110.79 -40.29 -17.28
N SER B 1486 109.60 -40.85 -17.12
CA SER B 1486 109.45 -42.33 -17.15
C SER B 1486 109.34 -42.83 -18.59
N LEU B 1487 109.65 -44.11 -18.83
CA LEU B 1487 109.59 -44.69 -20.20
C LEU B 1487 109.71 -46.21 -20.16
N LYS B 1488 108.87 -46.92 -20.93
CA LYS B 1488 108.88 -48.40 -20.90
C LYS B 1488 108.79 -48.99 -22.32
N CYS B 1489 109.85 -48.84 -23.14
CA CYS B 1489 109.84 -49.33 -24.53
C CYS B 1489 111.14 -50.06 -24.85
N SER B 1490 112.24 -49.31 -25.03
CA SER B 1490 113.53 -49.92 -25.39
C SER B 1490 114.62 -48.85 -25.48
N ASN B 1491 114.72 -48.21 -26.65
CA ASN B 1491 115.75 -47.21 -26.88
C ASN B 1491 115.17 -45.89 -27.36
N CYS B 1492 115.40 -44.83 -26.60
CA CYS B 1492 114.91 -43.50 -26.94
C CYS B 1492 115.78 -42.44 -26.27
N TYR B 1493 116.50 -41.66 -27.07
CA TYR B 1493 117.43 -40.67 -26.55
C TYR B 1493 116.73 -39.57 -25.75
N MET B 1494 117.49 -38.89 -24.90
CA MET B 1494 116.96 -37.78 -24.10
C MET B 1494 118.00 -36.68 -23.99
N VAL B 1495 117.54 -35.45 -23.79
CA VAL B 1495 118.44 -34.30 -23.79
C VAL B 1495 117.80 -33.05 -23.20
N TRP B 1496 118.41 -31.91 -23.50
CA TRP B 1496 117.88 -30.61 -23.11
C TRP B 1496 118.07 -29.62 -24.25
N GLY B 1497 117.00 -29.38 -25.01
CA GLY B 1497 117.09 -28.58 -26.24
C GLY B 1497 117.44 -27.12 -25.99
N GLY B 1498 118.18 -26.54 -26.93
CA GLY B 1498 118.55 -25.13 -26.86
C GLY B 1498 117.45 -24.26 -27.48
N ASP B 1499 117.87 -23.23 -28.20
CA ASP B 1499 116.91 -22.34 -28.87
C ASP B 1499 117.15 -22.34 -30.37
N PHE B 1500 117.59 -23.47 -30.90
CA PHE B 1500 117.89 -23.58 -32.32
C PHE B 1500 117.74 -25.02 -32.81
N VAL B 1501 116.54 -25.56 -32.66
CA VAL B 1501 116.28 -26.97 -33.09
C VAL B 1501 116.54 -27.13 -34.59
N SER B 1502 116.95 -28.34 -35.00
CA SER B 1502 117.16 -28.61 -36.44
C SER B 1502 117.24 -30.11 -36.73
N PRO B 1503 116.10 -30.75 -37.05
CA PRO B 1503 116.08 -32.20 -37.39
C PRO B 1503 114.65 -32.64 -37.71
N GLY B 1504 114.48 -33.57 -38.66
CA GLY B 1504 113.14 -34.12 -38.94
C GLY B 1504 113.28 -35.51 -39.56
N GLN B 1505 114.49 -36.09 -39.55
CA GLN B 1505 114.72 -37.45 -40.09
C GLN B 1505 115.31 -38.37 -39.01
N GLN B 1506 115.28 -39.69 -39.23
CA GLN B 1506 115.79 -40.67 -38.23
C GLN B 1506 117.28 -40.42 -37.97
N GLY B 1507 117.66 -40.11 -36.73
CA GLY B 1507 119.08 -39.87 -36.38
C GLY B 1507 119.33 -40.27 -34.93
N ARG B 1508 120.60 -40.51 -34.58
CA ARG B 1508 120.96 -40.88 -33.22
C ARG B 1508 122.13 -40.03 -32.73
N ILE B 1509 122.98 -39.61 -33.66
CA ILE B 1509 124.11 -38.75 -33.33
C ILE B 1509 124.24 -37.66 -34.38
N SER B 1510 125.45 -37.11 -34.52
CA SER B 1510 125.74 -36.05 -35.48
C SER B 1510 124.82 -34.85 -35.28
N HIS B 1511 124.96 -34.18 -34.14
CA HIS B 1511 124.14 -33.03 -33.81
C HIS B 1511 124.71 -31.76 -34.44
N THR B 1512 125.82 -31.91 -35.16
CA THR B 1512 126.49 -30.80 -35.84
C THR B 1512 126.87 -29.69 -34.85
N ASP B 1513 127.92 -29.92 -34.09
CA ASP B 1513 128.39 -28.93 -33.12
C ASP B 1513 129.64 -28.23 -33.63
N LEU B 1514 130.28 -27.47 -32.75
CA LEU B 1514 131.50 -26.74 -33.11
C LEU B 1514 132.33 -26.46 -31.86
N VAL B 1515 133.57 -26.02 -32.06
CA VAL B 1515 134.45 -25.71 -30.95
C VAL B 1515 135.22 -24.42 -31.20
N ILE B 1516 135.08 -23.48 -30.26
CA ILE B 1516 135.80 -22.22 -30.36
C ILE B 1516 137.27 -22.43 -30.02
N GLY B 1517 138.09 -21.41 -30.31
CA GLY B 1517 139.51 -21.48 -30.00
C GLY B 1517 140.12 -20.08 -30.01
N CYS B 1518 139.98 -19.38 -28.89
CA CYS B 1518 140.53 -18.04 -28.76
C CYS B 1518 141.87 -18.06 -28.05
N LEU B 1519 142.93 -18.08 -28.87
CA LEU B 1519 144.30 -18.14 -28.33
C LEU B 1519 144.73 -16.77 -27.79
N VAL B 1520 145.92 -16.71 -27.21
CA VAL B 1520 146.45 -15.44 -26.69
C VAL B 1520 147.83 -15.19 -27.30
N ASP B 1521 148.81 -16.04 -26.94
CA ASP B 1521 150.16 -15.91 -27.52
C ASP B 1521 150.07 -16.13 -29.03
N LEU B 1522 151.03 -15.57 -29.80
CA LEU B 1522 151.00 -15.66 -31.28
C LEU B 1522 150.55 -17.05 -31.72
N ALA B 1523 151.00 -18.10 -31.05
CA ALA B 1523 150.54 -19.48 -31.37
C ALA B 1523 150.40 -20.28 -30.07
N THR B 1524 150.06 -19.61 -28.97
CA THR B 1524 149.99 -20.32 -27.67
C THR B 1524 148.94 -19.71 -26.74
N GLY B 1525 148.86 -20.19 -25.49
CA GLY B 1525 147.84 -19.71 -24.51
C GLY B 1525 146.46 -19.68 -25.18
N LEU B 1526 146.05 -20.77 -25.81
CA LEU B 1526 144.78 -20.76 -26.57
C LEU B 1526 143.58 -21.14 -25.69
N MET B 1527 142.57 -20.28 -25.62
CA MET B 1527 141.32 -20.66 -24.91
C MET B 1527 140.41 -21.33 -25.94
N THR B 1528 139.33 -21.97 -25.50
CA THR B 1528 138.47 -22.72 -26.46
C THR B 1528 137.09 -22.99 -25.85
N PHE B 1529 136.05 -23.02 -26.68
CA PHE B 1529 134.68 -23.19 -26.15
C PHE B 1529 133.84 -24.02 -27.11
N THR B 1530 133.59 -25.29 -26.77
CA THR B 1530 132.81 -26.18 -27.66
C THR B 1530 131.33 -25.80 -27.62
N ALA B 1531 130.82 -25.18 -28.70
CA ALA B 1531 129.39 -24.78 -28.78
C ALA B 1531 128.54 -25.98 -29.20
N ASN B 1532 127.28 -26.02 -28.75
CA ASN B 1532 126.46 -27.23 -29.01
C ASN B 1532 125.11 -26.89 -29.65
N GLY B 1533 124.27 -27.90 -29.87
CA GLY B 1533 122.99 -27.69 -30.58
C GLY B 1533 121.91 -28.15 -29.63
N LYS B 1534 121.88 -29.45 -29.37
CA LYS B 1534 120.97 -29.95 -28.34
C LYS B 1534 121.71 -29.79 -27.01
N GLU B 1535 123.01 -29.46 -27.08
CA GLU B 1535 123.85 -29.32 -25.85
C GLU B 1535 123.37 -30.34 -24.83
N SER B 1536 123.04 -31.56 -25.28
CA SER B 1536 122.52 -32.62 -24.40
C SER B 1536 122.20 -33.86 -25.22
N ASN B 1537 122.37 -35.06 -24.64
CA ASN B 1537 122.17 -36.32 -25.41
C ASN B 1537 122.20 -37.55 -24.50
N THR B 1538 121.59 -38.66 -24.96
CA THR B 1538 121.58 -39.94 -24.19
C THR B 1538 120.99 -41.04 -25.09
N PHE B 1539 121.66 -41.37 -26.19
CA PHE B 1539 121.18 -42.38 -27.13
C PHE B 1539 121.34 -43.79 -26.58
N PHE B 1540 120.36 -44.25 -25.81
CA PHE B 1540 120.35 -45.59 -25.24
C PHE B 1540 121.61 -45.86 -24.41
N GLN B 1541 121.83 -45.03 -23.39
CA GLN B 1541 123.00 -45.17 -22.53
C GLN B 1541 122.86 -46.38 -21.61
N VAL B 1542 121.62 -46.67 -21.22
CA VAL B 1542 121.35 -47.81 -20.34
C VAL B 1542 121.61 -49.11 -21.09
N GLU B 1543 122.12 -50.11 -20.36
CA GLU B 1543 122.43 -51.40 -20.95
C GLU B 1543 121.54 -52.50 -20.39
N PRO B 1544 120.27 -52.49 -20.77
CA PRO B 1544 119.32 -53.49 -20.30
C PRO B 1544 119.51 -54.81 -21.02
N ASN B 1545 118.71 -55.81 -20.66
CA ASN B 1545 118.78 -57.12 -21.29
C ASN B 1545 117.83 -57.18 -22.49
N THR B 1546 117.71 -58.36 -23.09
CA THR B 1546 116.83 -58.56 -24.23
C THR B 1546 115.39 -58.77 -23.78
N LYS B 1547 115.19 -58.90 -22.48
CA LYS B 1547 113.86 -59.11 -21.92
C LYS B 1547 113.33 -57.86 -21.22
N LEU B 1548 114.25 -57.02 -20.76
CA LEU B 1548 113.92 -55.78 -20.06
C LEU B 1548 113.07 -56.04 -18.82
N PHE B 1549 112.40 -55.01 -18.34
CA PHE B 1549 111.57 -55.12 -17.14
C PHE B 1549 110.49 -54.04 -17.10
N PRO B 1550 110.51 -53.22 -16.06
CA PRO B 1550 109.50 -52.20 -15.87
C PRO B 1550 109.75 -50.96 -16.73
N ALA B 1551 110.35 -49.93 -16.13
CA ALA B 1551 110.60 -48.69 -16.83
C ALA B 1551 111.77 -47.92 -16.22
N VAL B 1552 112.39 -47.06 -17.02
CA VAL B 1552 113.50 -46.23 -16.55
C VAL B 1552 112.97 -44.96 -15.91
N PHE B 1553 113.89 -44.13 -15.41
CA PHE B 1553 113.50 -42.88 -14.76
C PHE B 1553 114.68 -41.91 -14.73
N VAL B 1554 115.24 -41.63 -15.91
CA VAL B 1554 116.36 -40.71 -16.02
C VAL B 1554 115.91 -39.27 -15.79
N LEU B 1555 116.73 -38.50 -15.09
CA LEU B 1555 116.43 -37.10 -14.84
C LEU B 1555 117.63 -36.23 -15.21
N PRO B 1556 117.65 -35.00 -14.68
CA PRO B 1556 118.74 -34.07 -14.97
C PRO B 1556 118.83 -33.01 -13.88
N THR B 1557 119.80 -32.10 -14.04
CA THR B 1557 120.00 -31.00 -13.07
C THR B 1557 120.77 -29.85 -13.73
N HIS B 1558 121.00 -28.78 -12.97
CA HIS B 1558 121.72 -27.60 -13.52
C HIS B 1558 122.14 -26.64 -12.39
N GLN B 1559 122.84 -25.56 -12.74
CA GLN B 1559 123.24 -24.54 -11.74
C GLN B 1559 122.00 -24.08 -10.99
N ASN B 1560 121.89 -24.45 -9.70
CA ASN B 1560 120.70 -24.09 -8.92
C ASN B 1560 121.06 -23.94 -7.45
N VAL B 1561 120.66 -22.82 -6.84
CA VAL B 1561 120.91 -22.61 -5.39
C VAL B 1561 119.85 -23.34 -4.58
N ILE B 1562 119.50 -22.79 -3.41
CA ILE B 1562 118.53 -23.50 -2.55
C ILE B 1562 118.05 -22.59 -1.42
N GLN B 1563 117.28 -23.16 -0.48
CA GLN B 1563 116.74 -22.40 0.64
C GLN B 1563 116.21 -23.34 1.70
N PHE B 1564 116.99 -23.51 2.78
CA PHE B 1564 116.60 -24.41 3.86
C PHE B 1564 116.36 -23.63 5.15
N MET B 1573 112.75 -25.27 -5.92
CA MET B 1573 113.49 -26.50 -6.21
C MET B 1573 113.02 -27.21 -7.50
N PRO B 1574 111.68 -27.41 -7.68
CA PRO B 1574 111.23 -28.08 -8.91
C PRO B 1574 111.40 -27.20 -10.14
N LEU B 1575 111.05 -27.75 -11.30
CA LEU B 1575 111.17 -26.99 -12.54
C LEU B 1575 110.20 -25.82 -12.59
N SER B 1576 109.00 -25.99 -12.04
CA SER B 1576 107.98 -24.94 -12.12
C SER B 1576 108.43 -23.63 -11.50
N ALA B 1577 109.29 -23.67 -10.48
CA ALA B 1577 109.75 -22.45 -9.86
C ALA B 1577 110.89 -21.80 -10.64
N ALA B 1578 111.41 -22.47 -11.66
CA ALA B 1578 112.61 -21.97 -12.33
C ALA B 1578 112.30 -21.01 -13.48
N MET B 1579 111.05 -20.93 -13.93
CA MET B 1579 110.76 -20.02 -15.04
C MET B 1579 109.76 -18.94 -14.69
N PHE B 1580 108.72 -19.25 -13.92
CA PHE B 1580 107.58 -18.35 -13.79
C PHE B 1580 107.86 -17.15 -12.89
N LEU B 1581 108.86 -17.23 -12.00
CA LEU B 1581 109.31 -16.11 -11.19
C LEU B 1581 108.26 -15.70 -10.16
N SER B 1582 107.06 -16.31 -10.23
CA SER B 1582 106.01 -16.06 -9.27
C SER B 1582 105.96 -17.10 -8.15
N GLU B 1583 106.55 -18.27 -8.38
CA GLU B 1583 106.65 -19.30 -7.35
C GLU B 1583 108.09 -19.71 -7.09
N ARG B 1584 109.06 -18.86 -7.43
CA ARG B 1584 110.48 -19.22 -7.28
C ARG B 1584 110.84 -19.50 -5.83
N LYS B 1585 110.14 -18.89 -4.89
CA LYS B 1585 110.36 -19.16 -3.47
C LYS B 1585 109.45 -20.26 -2.95
N ASN B 1586 108.61 -20.84 -3.81
CA ASN B 1586 107.71 -21.91 -3.41
C ASN B 1586 108.25 -23.25 -3.90
N PRO B 1587 108.65 -24.16 -3.01
CA PRO B 1587 109.18 -25.46 -3.45
C PRO B 1587 108.11 -26.46 -3.86
N ALA B 1588 106.84 -26.10 -3.82
CA ALA B 1588 105.80 -27.02 -4.27
C ALA B 1588 105.73 -27.02 -5.79
N PRO B 1589 105.85 -28.18 -6.44
CA PRO B 1589 105.77 -28.23 -7.90
C PRO B 1589 104.35 -27.89 -8.38
N GLN B 1590 104.27 -27.27 -9.55
CA GLN B 1590 103.01 -26.88 -10.15
C GLN B 1590 103.04 -27.15 -11.64
N CYS B 1591 101.85 -27.26 -12.23
CA CYS B 1591 101.72 -27.50 -13.68
C CYS B 1591 100.64 -26.57 -14.22
N PRO B 1592 100.97 -25.30 -14.46
CA PRO B 1592 100.00 -24.38 -15.02
C PRO B 1592 99.71 -24.71 -16.48
N PRO B 1593 98.60 -24.21 -17.03
CA PRO B 1593 98.26 -24.54 -18.43
C PRO B 1593 99.26 -24.04 -19.46
N ARG B 1594 100.23 -23.22 -19.07
CA ARG B 1594 101.22 -22.74 -20.01
C ARG B 1594 102.09 -23.86 -20.58
N LEU B 1595 102.18 -25.00 -19.90
CA LEU B 1595 103.04 -26.07 -20.33
C LEU B 1595 102.33 -26.95 -21.36
N GLU B 1596 102.71 -26.82 -22.63
CA GLU B 1596 102.08 -27.56 -23.71
C GLU B 1596 103.16 -28.34 -24.48
N VAL B 1597 102.78 -29.51 -24.97
CA VAL B 1597 103.71 -30.35 -25.72
C VAL B 1597 103.67 -29.95 -27.19
N GLN B 1598 104.85 -29.78 -27.78
CA GLN B 1598 104.96 -29.41 -29.18
C GLN B 1598 105.47 -30.59 -30.02
N MET B 1599 105.06 -30.61 -31.28
CA MET B 1599 105.53 -31.62 -32.23
C MET B 1599 105.79 -30.87 -33.54
N LEU B 1600 107.05 -30.84 -33.95
CA LEU B 1600 107.43 -30.02 -35.10
C LEU B 1600 107.05 -30.69 -36.41
N MET B 1601 106.57 -29.89 -37.36
CA MET B 1601 106.32 -30.27 -38.73
C MET B 1601 107.18 -29.44 -39.66
N PRO B 1602 107.66 -30.01 -40.76
CA PRO B 1602 108.52 -29.26 -41.67
C PRO B 1602 107.77 -28.42 -42.69
N VAL B 1603 106.79 -27.63 -42.25
CA VAL B 1603 106.05 -26.76 -43.16
C VAL B 1603 105.47 -25.60 -42.37
N SER B 1604 105.37 -24.45 -43.03
CA SER B 1604 104.79 -23.26 -42.44
C SER B 1604 104.40 -22.32 -43.57
N TRP B 1605 103.68 -21.25 -43.22
CA TRP B 1605 103.21 -20.28 -44.20
C TRP B 1605 103.99 -18.98 -44.00
N SER B 1606 104.83 -18.65 -44.97
CA SER B 1606 105.57 -17.41 -44.96
C SER B 1606 105.03 -16.49 -46.05
N ARG B 1607 105.05 -15.19 -45.76
CA ARG B 1607 104.50 -14.18 -46.66
C ARG B 1607 105.64 -13.56 -47.47
N MET B 1608 105.48 -13.53 -48.78
CA MET B 1608 106.50 -12.94 -49.65
C MET B 1608 106.48 -11.43 -49.51
N PRO B 1609 107.61 -10.79 -49.24
CA PRO B 1609 107.64 -9.33 -49.17
C PRO B 1609 107.27 -8.71 -50.51
N ASN B 1610 106.63 -7.54 -50.43
CA ASN B 1610 106.15 -6.85 -51.63
C ASN B 1610 107.27 -6.35 -52.53
N HIS B 1611 108.51 -6.34 -52.05
CA HIS B 1611 109.64 -5.86 -52.84
C HIS B 1611 110.89 -6.62 -52.45
N PHE B 1612 111.88 -6.61 -53.34
CA PHE B 1612 113.16 -7.24 -53.12
C PHE B 1612 114.29 -6.28 -53.51
N LEU B 1613 115.51 -6.68 -53.18
CA LEU B 1613 116.67 -5.88 -53.53
C LEU B 1613 116.97 -6.01 -55.01
N GLN B 1614 116.89 -4.88 -55.73
CA GLN B 1614 117.13 -4.89 -57.16
C GLN B 1614 118.60 -5.12 -57.52
N VAL B 1615 119.51 -4.97 -56.56
CA VAL B 1615 120.93 -5.15 -56.82
C VAL B 1615 121.61 -5.81 -55.64
N GLU B 1622 131.04 -8.60 -62.65
CA GLU B 1622 131.18 -8.86 -64.08
C GLU B 1622 132.61 -9.28 -64.41
N ARG B 1623 133.51 -8.31 -64.47
CA ARG B 1623 134.92 -8.54 -64.75
C ARG B 1623 135.77 -8.11 -63.56
N LEU B 1624 137.05 -8.46 -63.64
CA LEU B 1624 138.03 -8.15 -62.60
C LEU B 1624 137.55 -8.64 -61.24
N GLY B 1625 137.42 -9.96 -61.14
CA GLY B 1625 136.98 -10.56 -59.89
C GLY B 1625 135.48 -10.54 -59.66
N TRP B 1626 134.70 -10.29 -60.71
CA TRP B 1626 133.24 -10.37 -60.65
C TRP B 1626 132.68 -9.42 -59.57
N ALA B 1627 132.88 -8.13 -59.83
CA ALA B 1627 132.40 -7.10 -58.93
C ALA B 1627 130.88 -7.17 -58.79
N VAL B 1628 130.40 -7.10 -57.55
CA VAL B 1628 128.97 -7.15 -57.25
C VAL B 1628 128.51 -5.74 -56.88
N GLN B 1629 127.34 -5.35 -57.39
CA GLN B 1629 126.80 -4.02 -57.17
C GLN B 1629 125.51 -4.10 -56.38
N CYS B 1630 125.36 -3.19 -55.41
CA CYS B 1630 124.14 -3.08 -54.63
C CYS B 1630 124.08 -1.69 -54.02
N GLN B 1631 123.05 -0.92 -54.36
CA GLN B 1631 122.95 0.46 -53.90
C GLN B 1631 121.62 0.79 -53.23
N ASP B 1632 120.52 0.19 -53.68
CA ASP B 1632 119.20 0.60 -53.23
C ASP B 1632 118.97 0.18 -51.78
N PRO B 1633 118.60 1.11 -50.90
CA PRO B 1633 118.30 0.73 -49.52
C PRO B 1633 116.84 0.31 -49.36
N LEU B 1634 116.60 -0.46 -48.29
CA LEU B 1634 115.25 -0.90 -47.95
C LEU B 1634 115.26 -1.41 -46.52
N THR B 1635 114.16 -1.17 -45.80
CA THR B 1635 114.05 -1.59 -44.41
C THR B 1635 112.62 -2.01 -44.14
N MET B 1636 112.45 -2.80 -43.07
CA MET B 1636 111.16 -3.36 -42.69
C MET B 1636 111.17 -3.63 -41.19
N MET B 1637 110.01 -3.44 -40.56
CA MET B 1637 109.87 -3.59 -39.13
C MET B 1637 109.01 -4.81 -38.80
N ALA B 1638 109.36 -5.47 -37.69
CA ALA B 1638 108.78 -6.76 -37.39
C ALA B 1638 108.82 -7.01 -35.89
N LEU B 1639 108.07 -8.02 -35.46
CA LEU B 1639 107.97 -8.35 -34.05
C LEU B 1639 109.19 -9.12 -33.57
N HIS B 1640 109.26 -9.32 -32.26
CA HIS B 1640 110.26 -10.17 -31.64
C HIS B 1640 109.60 -10.85 -30.46
N ILE B 1641 109.05 -12.03 -30.69
CA ILE B 1641 108.39 -12.79 -29.62
C ILE B 1641 109.45 -13.18 -28.60
N PRO B 1642 109.30 -12.81 -27.34
CA PRO B 1642 110.34 -13.10 -26.34
C PRO B 1642 110.38 -14.56 -25.93
N GLU B 1643 109.21 -15.17 -25.73
CA GLU B 1643 109.14 -16.52 -25.17
C GLU B 1643 109.86 -17.53 -26.05
N GLU B 1644 109.60 -17.52 -27.35
CA GLU B 1644 110.24 -18.48 -28.25
C GLU B 1644 111.53 -17.94 -28.85
N ASN B 1645 111.78 -16.64 -28.72
CA ASN B 1645 113.01 -16.01 -29.20
C ASN B 1645 113.18 -16.21 -30.71
N ARG B 1646 112.25 -15.64 -31.46
CA ARG B 1646 112.36 -15.58 -32.91
C ARG B 1646 111.70 -14.31 -33.40
N CYS B 1647 111.84 -14.06 -34.69
CA CYS B 1647 111.31 -12.86 -35.33
C CYS B 1647 110.29 -13.24 -36.39
N MET B 1648 109.29 -12.39 -36.57
CA MET B 1648 108.29 -12.58 -37.62
C MET B 1648 107.79 -11.21 -38.05
N ASP B 1649 107.41 -11.11 -39.32
CA ASP B 1649 106.98 -9.84 -39.89
C ASP B 1649 105.66 -9.39 -39.27
N ILE B 1650 105.53 -8.07 -39.13
CA ILE B 1650 104.28 -7.49 -38.65
C ILE B 1650 103.12 -7.79 -39.60
N LEU B 1651 103.41 -7.93 -40.89
CA LEU B 1651 102.37 -8.21 -41.87
C LEU B 1651 101.75 -9.58 -41.68
N GLU B 1652 102.47 -10.50 -41.03
CA GLU B 1652 101.96 -11.86 -40.82
C GLU B 1652 100.74 -11.88 -39.91
N LEU B 1653 100.51 -10.82 -39.14
CA LEU B 1653 99.38 -10.81 -38.21
C LEU B 1653 98.04 -10.91 -38.92
N SER B 1654 97.95 -10.49 -40.18
CA SER B 1654 96.70 -10.57 -40.93
C SER B 1654 96.34 -12.00 -41.30
N GLU B 1655 97.23 -12.96 -41.08
CA GLU B 1655 96.99 -14.36 -41.39
C GLU B 1655 96.72 -15.20 -40.15
N ARG B 1656 97.30 -14.84 -39.01
CA ARG B 1656 97.10 -15.62 -37.79
C ARG B 1656 95.68 -15.46 -37.27
N LEU B 1657 95.13 -14.26 -37.36
CA LEU B 1657 93.77 -13.90 -36.95
C LEU B 1657 93.52 -14.03 -35.45
N ASP B 1658 94.52 -14.47 -34.68
CA ASP B 1658 94.39 -14.51 -33.23
C ASP B 1658 95.47 -13.72 -32.51
N LEU B 1659 96.71 -13.80 -32.97
CA LEU B 1659 97.76 -12.96 -32.41
C LEU B 1659 97.53 -11.49 -32.73
N GLN B 1660 96.84 -11.20 -33.84
CA GLN B 1660 96.51 -9.81 -34.13
C GLN B 1660 95.54 -9.24 -33.11
N ARG B 1661 94.46 -9.96 -32.83
CA ARG B 1661 93.42 -9.43 -31.95
C ARG B 1661 93.94 -9.24 -30.53
N PHE B 1662 94.93 -10.05 -30.13
CA PHE B 1662 95.55 -9.83 -28.82
C PHE B 1662 96.39 -8.57 -28.83
N HIS B 1663 97.23 -8.39 -29.85
CA HIS B 1663 98.11 -7.23 -29.89
C HIS B 1663 97.34 -5.92 -30.00
N SER B 1664 96.11 -5.95 -30.52
CA SER B 1664 95.31 -4.74 -30.54
C SER B 1664 95.05 -4.23 -29.15
N HIS B 1665 94.80 -5.13 -28.20
CA HIS B 1665 94.59 -4.73 -26.82
C HIS B 1665 95.85 -4.16 -26.19
N THR B 1666 97.03 -4.71 -26.52
CA THR B 1666 98.27 -4.12 -26.05
C THR B 1666 98.43 -2.70 -26.57
N LEU B 1667 97.92 -2.44 -27.78
CA LEU B 1667 97.97 -1.10 -28.35
C LEU B 1667 97.20 -0.11 -27.48
N ARG B 1668 95.95 -0.43 -27.15
CA ARG B 1668 95.13 0.50 -26.38
C ARG B 1668 95.53 0.61 -24.92
N LEU B 1669 96.20 -0.40 -24.36
CA LEU B 1669 96.65 -0.30 -22.99
C LEU B 1669 97.67 0.82 -22.81
N TYR B 1670 98.45 1.10 -23.84
CA TYR B 1670 99.40 2.21 -23.75
C TYR B 1670 98.67 3.54 -23.58
N ARG B 1671 97.45 3.65 -24.10
CA ARG B 1671 96.67 4.85 -23.85
C ARG B 1671 96.10 4.88 -22.44
N ALA B 1672 95.69 3.73 -21.90
CA ALA B 1672 95.14 3.70 -20.56
C ALA B 1672 96.19 4.12 -19.53
N VAL B 1673 97.42 3.68 -19.75
CA VAL B 1673 98.53 4.04 -18.82
C VAL B 1673 99.07 5.41 -19.20
N CYS B 1674 98.57 6.01 -20.28
CA CYS B 1674 99.02 7.40 -20.56
C CYS B 1674 97.97 8.32 -19.97
N ALA B 1675 96.82 8.41 -20.63
CA ALA B 1675 95.69 9.19 -20.10
C ALA B 1675 95.99 10.69 -19.97
N LEU B 1676 95.14 11.39 -19.23
CA LEU B 1676 95.27 12.86 -19.07
C LEU B 1676 96.62 13.24 -18.45
N GLY B 1677 97.46 13.94 -19.20
CA GLY B 1677 98.76 14.40 -18.71
C GLY B 1677 99.68 13.25 -18.33
N ASN B 1678 100.04 13.15 -17.04
CA ASN B 1678 100.85 12.02 -16.55
C ASN B 1678 102.10 11.93 -17.41
N ASN B 1679 102.64 13.08 -17.78
CA ASN B 1679 103.79 13.08 -18.70
C ASN B 1679 104.91 12.19 -18.15
N ARG B 1680 105.07 12.09 -16.83
CA ARG B 1680 106.12 11.20 -16.36
C ARG B 1680 106.09 9.87 -17.11
N VAL B 1681 104.90 9.32 -17.34
CA VAL B 1681 104.76 8.07 -18.07
C VAL B 1681 104.90 8.26 -19.58
N ALA B 1682 104.50 9.41 -20.11
CA ALA B 1682 104.61 9.63 -21.55
C ALA B 1682 106.06 9.54 -22.02
N HIS B 1683 106.98 10.17 -21.29
CA HIS B 1683 108.39 10.03 -21.61
C HIS B 1683 108.85 8.59 -21.40
N ALA B 1684 108.28 7.91 -20.40
CA ALA B 1684 108.64 6.54 -20.10
C ALA B 1684 108.13 5.54 -21.12
N LEU B 1685 107.46 6.00 -22.17
CA LEU B 1685 106.91 5.10 -23.17
C LEU B 1685 107.63 5.17 -24.51
N CYS B 1686 108.32 6.27 -24.82
CA CYS B 1686 109.01 6.38 -26.10
C CYS B 1686 110.08 5.31 -26.27
N SER B 1687 110.83 5.01 -25.21
CA SER B 1687 111.84 3.96 -25.31
C SER B 1687 111.20 2.61 -25.58
N HIS B 1688 110.05 2.34 -24.96
CA HIS B 1688 109.41 1.04 -25.13
C HIS B 1688 108.99 0.79 -26.57
N VAL B 1689 108.39 1.77 -27.24
CA VAL B 1689 107.88 1.47 -28.57
C VAL B 1689 108.84 1.96 -29.64
N ASP B 1690 108.92 3.28 -29.81
CA ASP B 1690 109.86 3.89 -30.75
C ASP B 1690 109.70 5.40 -30.84
N GLN B 1691 110.53 6.02 -31.69
CA GLN B 1691 110.32 7.38 -32.16
C GLN B 1691 110.08 7.46 -33.66
N ALA B 1692 110.77 6.62 -34.44
CA ALA B 1692 110.74 6.77 -35.89
C ALA B 1692 109.61 5.97 -36.54
N GLN B 1693 109.40 4.72 -36.13
CA GLN B 1693 108.48 3.85 -36.85
C GLN B 1693 107.05 4.35 -36.81
N LEU B 1694 106.67 5.17 -35.82
CA LEU B 1694 105.33 5.73 -35.81
C LEU B 1694 105.08 6.56 -37.05
N LEU B 1695 106.12 7.21 -37.58
CA LEU B 1695 106.04 7.87 -38.87
C LEU B 1695 106.07 6.89 -40.02
N HIS B 1696 106.73 5.73 -39.85
CA HIS B 1696 106.79 4.73 -40.91
C HIS B 1696 105.43 4.06 -41.13
N ALA B 1697 104.55 4.13 -40.14
CA ALA B 1697 103.22 3.56 -40.28
C ALA B 1697 102.38 4.30 -41.32
N LEU B 1698 102.82 5.48 -41.76
CA LEU B 1698 102.04 6.25 -42.72
C LEU B 1698 102.19 5.69 -44.12
N GLU B 1699 103.42 5.58 -44.62
CA GLU B 1699 103.65 5.15 -46.00
C GLU B 1699 103.15 3.73 -46.26
N ASP B 1700 102.98 2.92 -45.21
CA ASP B 1700 102.41 1.59 -45.41
C ASP B 1700 100.94 1.70 -45.80
N ALA B 1701 100.53 0.83 -46.72
CA ALA B 1701 99.14 0.73 -47.15
C ALA B 1701 98.52 -0.59 -46.77
N HIS B 1702 99.23 -1.69 -46.93
CA HIS B 1702 98.70 -3.03 -46.66
C HIS B 1702 99.03 -3.42 -45.22
N LEU B 1703 98.00 -3.44 -44.38
CA LEU B 1703 98.03 -3.88 -42.99
C LEU B 1703 96.59 -3.97 -42.51
N PRO B 1704 96.30 -4.78 -41.46
CA PRO B 1704 94.94 -4.91 -41.03
C PRO B 1704 94.59 -3.65 -40.25
N GLY B 1705 93.49 -3.01 -40.60
CA GLY B 1705 93.05 -1.80 -39.88
C GLY B 1705 93.04 -2.00 -38.38
N PRO B 1706 92.15 -2.85 -37.85
CA PRO B 1706 92.03 -3.02 -36.42
C PRO B 1706 93.34 -3.24 -35.67
N LEU B 1707 94.39 -3.70 -36.35
CA LEU B 1707 95.61 -4.07 -35.61
C LEU B 1707 96.55 -2.91 -35.46
N ARG B 1708 96.61 -2.05 -36.47
CA ARG B 1708 97.63 -0.99 -36.37
C ARG B 1708 97.05 0.31 -36.86
N ALA B 1709 95.92 0.26 -37.56
CA ALA B 1709 95.31 1.56 -37.93
C ALA B 1709 94.82 2.21 -36.64
N GLY B 1710 95.09 1.60 -35.49
CA GLY B 1710 94.78 2.25 -34.21
C GLY B 1710 95.91 3.21 -33.88
N TYR B 1711 97.12 2.96 -34.39
CA TYR B 1711 98.29 3.81 -34.05
C TYR B 1711 97.94 5.30 -34.17
N TYR B 1712 97.24 5.70 -35.22
CA TYR B 1712 96.86 7.09 -35.41
C TYR B 1712 96.03 7.64 -34.25
N ASP B 1713 95.71 6.79 -33.28
CA ASP B 1713 95.21 7.23 -32.00
C ASP B 1713 96.28 7.16 -30.92
N LEU B 1714 97.22 6.22 -31.04
CA LEU B 1714 98.32 6.15 -30.08
C LEU B 1714 99.24 7.36 -30.21
N LEU B 1715 99.58 7.75 -31.44
CA LEU B 1715 100.37 8.97 -31.63
C LEU B 1715 99.64 10.18 -31.08
N ILE B 1716 98.31 10.18 -31.21
CA ILE B 1716 97.50 11.22 -30.60
C ILE B 1716 97.64 11.19 -29.08
N SER B 1717 97.64 9.99 -28.50
CA SER B 1717 97.58 9.84 -27.06
C SER B 1717 98.78 10.42 -26.32
N ILE B 1718 99.90 10.67 -27.01
CA ILE B 1718 101.10 11.16 -26.35
C ILE B 1718 101.57 12.50 -26.92
N HIS B 1719 100.83 13.07 -27.86
CA HIS B 1719 101.16 14.40 -28.35
C HIS B 1719 99.97 15.34 -28.56
N LEU B 1720 98.75 14.83 -28.55
CA LEU B 1720 97.57 15.71 -28.56
C LEU B 1720 97.19 16.14 -27.15
N GLU B 1721 96.94 15.17 -26.28
CA GLU B 1721 96.26 15.39 -25.01
C GLU B 1721 96.97 16.43 -24.15
N SER B 1722 98.28 16.35 -24.08
CA SER B 1722 99.05 17.24 -23.22
C SER B 1722 99.04 18.69 -23.71
N ALA B 1723 98.65 18.95 -24.95
CA ALA B 1723 98.62 20.29 -25.48
C ALA B 1723 97.27 20.72 -26.01
N CYS B 1724 96.54 19.83 -26.68
CA CYS B 1724 95.27 20.22 -27.29
C CYS B 1724 94.22 20.56 -26.25
N ARG B 1725 94.13 19.78 -25.17
CA ARG B 1725 93.13 20.06 -24.16
C ARG B 1725 93.36 21.42 -23.50
N SER B 1726 94.63 21.79 -23.27
CA SER B 1726 94.91 23.12 -22.79
C SER B 1726 94.48 24.18 -23.80
N ARG B 1727 94.76 23.96 -25.08
CA ARG B 1727 94.38 24.94 -26.10
C ARG B 1727 92.87 25.01 -26.26
N ARG B 1728 92.22 23.86 -26.46
CA ARG B 1728 90.82 23.83 -26.88
C ARG B 1728 89.87 24.45 -25.86
N SER B 1729 90.06 24.18 -24.57
CA SER B 1729 89.13 24.70 -23.57
C SER B 1729 89.19 26.21 -23.48
N MET B 1730 90.25 26.82 -24.01
CA MET B 1730 90.43 28.25 -24.02
C MET B 1730 89.87 28.90 -25.30
N LEU B 1731 89.54 28.10 -26.31
CA LEU B 1731 89.00 28.67 -27.54
C LEU B 1731 87.65 29.31 -27.32
N SER B 1732 86.93 28.90 -26.28
CA SER B 1732 85.62 29.49 -25.97
C SER B 1732 85.78 30.80 -25.22
N GLU B 1733 86.59 31.70 -25.76
CA GLU B 1733 86.87 33.00 -25.16
C GLU B 1733 87.58 33.84 -26.20
N TYR B 1734 87.19 35.10 -26.34
CA TYR B 1734 87.74 36.00 -27.33
C TYR B 1734 88.31 37.23 -26.65
N ILE B 1735 89.61 37.46 -26.83
CA ILE B 1735 90.31 38.61 -26.24
C ILE B 1735 91.26 39.16 -27.29
N VAL B 1736 91.33 40.48 -27.37
CA VAL B 1736 92.18 41.12 -28.39
C VAL B 1736 92.91 42.32 -27.79
N PRO B 1737 94.21 42.45 -28.02
CA PRO B 1737 94.93 43.67 -27.60
C PRO B 1737 94.91 44.73 -28.67
N LEU B 1738 95.59 45.85 -28.41
CA LEU B 1738 95.72 46.95 -29.36
C LEU B 1738 97.07 46.83 -30.05
N THR B 1739 97.07 46.42 -31.30
CA THR B 1739 98.27 46.28 -32.12
C THR B 1739 98.05 46.93 -33.48
N PRO B 1740 99.12 47.31 -34.18
CA PRO B 1740 98.94 47.82 -35.55
C PRO B 1740 98.23 46.84 -36.46
N GLU B 1741 98.49 45.54 -36.32
CA GLU B 1741 97.73 44.54 -37.07
C GLU B 1741 96.26 44.56 -36.66
N THR B 1742 95.99 44.70 -35.36
CA THR B 1742 94.61 44.82 -34.89
C THR B 1742 93.94 46.05 -35.47
N ARG B 1743 94.69 47.13 -35.68
CA ARG B 1743 94.10 48.38 -36.14
C ARG B 1743 93.48 48.27 -37.53
N ALA B 1744 93.92 47.29 -38.33
CA ALA B 1744 93.42 47.11 -39.70
C ALA B 1744 93.01 45.66 -39.90
N ILE B 1745 91.77 45.33 -39.52
CA ILE B 1745 91.21 44.02 -39.83
C ILE B 1745 89.70 44.15 -39.97
N THR B 1746 89.18 43.75 -41.12
CA THR B 1746 87.76 43.75 -41.43
C THR B 1746 87.57 42.76 -42.58
N LEU B 1747 86.41 42.82 -43.23
CA LEU B 1747 86.19 42.02 -44.42
C LEU B 1747 87.30 42.25 -45.44
N PHE B 1748 87.59 43.52 -45.73
CA PHE B 1748 88.68 44.00 -46.59
C PHE B 1748 88.94 43.09 -47.80
N PRO B 1749 88.00 42.97 -48.75
CA PRO B 1749 88.30 42.22 -49.97
C PRO B 1749 89.01 43.11 -50.98
N PRO B 1750 90.28 42.81 -51.28
CA PRO B 1750 91.01 43.62 -52.27
C PRO B 1750 90.56 43.26 -53.68
N GLY B 1751 89.84 44.18 -54.33
CA GLY B 1751 89.36 43.92 -55.68
C GLY B 1751 88.63 45.10 -56.29
N ARG B 1752 87.54 44.82 -57.02
CA ARG B 1752 86.74 45.84 -57.67
C ARG B 1752 85.63 46.36 -56.80
N LYS B 1753 85.82 46.36 -55.48
CA LYS B 1753 84.86 46.80 -54.46
C LYS B 1753 83.61 45.94 -54.41
N GLY B 1754 83.49 44.94 -55.29
CA GLY B 1754 82.38 44.01 -55.25
C GLY B 1754 82.57 42.86 -54.31
N GLY B 1755 83.76 42.70 -53.74
CA GLY B 1755 84.00 41.61 -52.81
C GLY B 1755 83.16 41.72 -51.54
N ASN B 1756 82.75 42.93 -51.19
CA ASN B 1756 81.82 43.10 -50.09
C ASN B 1756 80.49 42.42 -50.40
N ALA B 1757 80.00 42.55 -51.63
CA ALA B 1757 78.81 41.84 -52.06
C ALA B 1757 79.13 40.46 -52.61
N ARG B 1758 80.38 40.18 -52.93
CA ARG B 1758 80.79 38.87 -53.44
C ARG B 1758 81.11 37.96 -52.25
N ARG B 1759 81.74 36.81 -52.52
CA ARG B 1759 82.12 35.90 -51.45
C ARG B 1759 83.02 36.61 -50.44
N HIS B 1760 82.78 36.32 -49.16
CA HIS B 1760 83.49 37.02 -48.10
C HIS B 1760 84.99 36.77 -48.17
N GLY B 1761 85.40 35.64 -48.74
CA GLY B 1761 86.81 35.29 -48.82
C GLY B 1761 87.03 33.83 -48.54
N LEU B 1762 88.09 33.52 -47.79
CA LEU B 1762 88.40 32.14 -47.44
C LEU B 1762 88.71 32.07 -45.94
N PRO B 1763 88.13 31.12 -45.22
CA PRO B 1763 88.55 30.89 -43.83
C PRO B 1763 90.00 30.45 -43.80
N GLY B 1764 90.63 30.61 -42.64
CA GLY B 1764 92.06 30.42 -42.57
C GLY B 1764 92.78 31.66 -43.07
N VAL B 1765 92.65 32.74 -42.30
CA VAL B 1765 93.15 34.06 -42.69
C VAL B 1765 94.26 34.42 -41.73
N GLY B 1766 94.83 35.63 -41.87
CA GLY B 1766 96.00 36.02 -41.12
C GLY B 1766 95.82 36.13 -39.61
N VAL B 1767 96.71 36.90 -38.98
CA VAL B 1767 96.85 36.87 -37.52
C VAL B 1767 95.53 37.26 -36.87
N THR B 1768 95.07 36.41 -35.95
CA THR B 1768 93.86 36.69 -35.18
C THR B 1768 94.15 37.42 -33.88
N THR B 1769 95.42 37.63 -33.54
CA THR B 1769 95.84 38.46 -32.41
C THR B 1769 95.29 37.97 -31.08
N SER B 1770 94.73 36.77 -31.05
CA SER B 1770 94.30 36.20 -29.78
C SER B 1770 95.52 35.69 -29.02
N LEU B 1771 95.47 35.86 -27.69
CA LEU B 1771 96.59 35.50 -26.83
C LEU B 1771 96.67 33.97 -26.76
N ARG B 1772 97.53 33.40 -27.58
CA ARG B 1772 97.72 31.95 -27.63
C ARG B 1772 99.15 31.63 -27.17
N PRO B 1773 99.35 31.18 -25.94
CA PRO B 1773 100.70 30.94 -25.44
C PRO B 1773 101.33 29.73 -26.12
N PRO B 1774 102.66 29.66 -26.15
CA PRO B 1774 103.32 28.51 -26.78
C PRO B 1774 103.12 27.24 -25.97
N HIS B 1775 103.41 26.11 -26.61
CA HIS B 1775 103.08 24.81 -26.06
C HIS B 1775 104.16 24.23 -25.16
N HIS B 1776 105.42 24.59 -25.36
CA HIS B 1776 106.53 24.21 -24.47
C HIS B 1776 106.68 22.69 -24.39
N PHE B 1777 107.04 22.10 -25.51
CA PHE B 1777 107.43 20.69 -25.53
C PHE B 1777 108.82 20.52 -24.93
N SER B 1778 109.20 19.26 -24.69
CA SER B 1778 110.48 18.95 -24.10
C SER B 1778 111.10 17.76 -24.83
N PRO B 1779 112.39 17.82 -25.17
CA PRO B 1779 113.03 16.70 -25.86
C PRO B 1779 113.12 15.48 -24.96
N PRO B 1780 112.68 14.32 -25.43
CA PRO B 1780 112.76 13.10 -24.61
C PRO B 1780 114.19 12.62 -24.43
N CYS B 1781 114.47 12.05 -23.26
CA CYS B 1781 115.79 11.54 -22.98
C CYS B 1781 115.76 10.68 -21.71
N PHE B 1782 116.50 9.58 -21.75
CA PHE B 1782 116.80 8.78 -20.56
C PHE B 1782 118.27 8.76 -20.19
N VAL B 1783 119.17 9.10 -21.12
CA VAL B 1783 120.59 9.10 -20.83
C VAL B 1783 121.00 10.17 -19.82
N ALA B 1784 120.19 11.21 -19.65
CA ALA B 1784 120.49 12.23 -18.66
C ALA B 1784 120.22 11.71 -17.26
N ALA B 1785 120.72 12.45 -16.27
CA ALA B 1785 120.55 12.07 -14.88
C ALA B 1785 119.10 12.17 -14.46
N LEU B 1786 118.70 11.30 -13.54
CA LEU B 1786 117.34 11.32 -13.03
C LEU B 1786 117.10 12.58 -12.18
N PRO B 1787 115.90 13.13 -12.21
CA PRO B 1787 115.62 14.36 -11.44
C PRO B 1787 115.69 14.11 -9.95
N ALA B 1788 116.09 15.14 -9.20
CA ALA B 1788 116.22 15.07 -7.75
C ALA B 1788 117.10 13.90 -7.31
N GLU B 1793 107.71 17.13 -6.90
CA GLU B 1793 108.56 18.18 -6.32
C GLU B 1793 108.93 19.22 -7.38
N ALA B 1794 108.69 18.89 -8.64
CA ALA B 1794 109.03 19.76 -9.75
C ALA B 1794 108.22 19.34 -10.96
N PRO B 1795 108.06 20.21 -11.97
CA PRO B 1795 107.35 19.81 -13.18
C PRO B 1795 108.14 18.77 -13.97
N ALA B 1796 108.00 17.51 -13.57
CA ALA B 1796 108.80 16.39 -14.06
C ALA B 1796 109.03 16.44 -15.56
N ARG B 1797 107.95 16.43 -16.34
CA ARG B 1797 108.07 16.46 -17.80
C ARG B 1797 106.99 17.35 -18.37
N LEU B 1798 107.35 18.08 -19.42
CA LEU B 1798 106.36 18.90 -20.13
C LEU B 1798 105.58 18.05 -21.13
N SER B 1799 106.28 17.52 -22.14
CA SER B 1799 105.74 16.62 -23.15
C SER B 1799 106.87 16.12 -24.02
N PRO B 1800 106.83 14.88 -24.49
CA PRO B 1800 107.84 14.42 -25.45
C PRO B 1800 107.78 15.25 -26.72
N ALA B 1801 108.95 15.50 -27.31
CA ALA B 1801 109.07 16.38 -28.45
C ALA B 1801 109.22 15.59 -29.74
N ILE B 1802 108.58 16.11 -30.79
CA ILE B 1802 108.72 15.54 -32.13
C ILE B 1802 108.72 16.67 -33.15
N PRO B 1803 109.66 16.62 -34.10
CA PRO B 1803 109.72 17.67 -35.13
C PRO B 1803 108.45 17.71 -35.96
N LEU B 1804 107.68 18.79 -35.80
CA LEU B 1804 106.36 18.90 -36.41
C LEU B 1804 106.39 19.41 -37.84
N GLU B 1805 107.42 20.17 -38.22
CA GLU B 1805 107.47 20.68 -39.58
C GLU B 1805 107.51 19.56 -40.61
N ALA B 1806 108.33 18.53 -40.38
CA ALA B 1806 108.30 17.36 -41.23
C ALA B 1806 106.99 16.58 -41.05
N LEU B 1807 106.50 16.52 -39.81
CA LEU B 1807 105.25 15.83 -39.54
C LEU B 1807 104.08 16.48 -40.25
N ARG B 1808 104.06 17.81 -40.31
CA ARG B 1808 102.96 18.51 -40.98
C ARG B 1808 102.90 18.16 -42.45
N ASP B 1809 104.06 18.10 -43.11
CA ASP B 1809 104.09 17.77 -44.53
C ASP B 1809 103.75 16.31 -44.78
N LYS B 1810 104.18 15.41 -43.90
CA LYS B 1810 103.96 13.98 -44.13
C LYS B 1810 102.50 13.60 -43.97
N ALA B 1811 101.81 14.16 -42.98
CA ALA B 1811 100.42 13.82 -42.77
C ALA B 1811 99.52 14.40 -43.87
N LEU B 1812 99.83 15.61 -44.34
CA LEU B 1812 98.97 16.27 -45.31
C LEU B 1812 98.92 15.51 -46.63
N ARG B 1813 100.07 15.02 -47.10
CA ARG B 1813 100.14 14.41 -48.42
C ARG B 1813 99.28 13.16 -48.55
N MET B 1814 99.03 12.45 -47.45
CA MET B 1814 98.15 11.29 -47.51
C MET B 1814 96.69 11.67 -47.69
N LEU B 1815 96.27 12.82 -47.16
CA LEU B 1815 94.87 13.21 -47.27
C LEU B 1815 94.43 13.31 -48.72
N GLY B 1816 95.17 14.07 -49.53
CA GLY B 1816 94.87 14.13 -50.95
C GLY B 1816 95.09 12.82 -51.66
N GLU B 1817 96.11 12.07 -51.25
CA GLU B 1817 96.37 10.76 -51.86
C GLU B 1817 95.20 9.81 -51.62
N ALA B 1818 94.64 9.81 -50.41
CA ALA B 1818 93.49 8.96 -50.12
C ALA B 1818 92.29 9.36 -50.97
N VAL B 1819 92.06 10.66 -51.15
CA VAL B 1819 90.94 11.11 -51.96
C VAL B 1819 91.16 10.76 -53.42
N ARG B 1820 92.37 11.02 -53.93
CA ARG B 1820 92.67 10.71 -55.32
C ARG B 1820 92.54 9.21 -55.59
N ASP B 1821 93.05 8.38 -54.68
CA ASP B 1821 92.89 6.94 -54.82
C ASP B 1821 91.49 6.46 -54.51
N GLY B 1822 90.70 7.25 -53.77
CA GLY B 1822 89.36 6.83 -53.43
C GLY B 1822 88.39 6.91 -54.58
N GLY B 1823 88.70 7.72 -55.59
CA GLY B 1823 87.81 7.88 -56.73
C GLY B 1823 87.80 6.71 -57.69
N GLN B 1824 88.81 5.84 -57.66
CA GLN B 1824 88.88 4.72 -58.57
C GLN B 1824 87.90 3.60 -58.21
N HIS B 1825 87.30 3.65 -57.02
CA HIS B 1825 86.34 2.64 -56.57
C HIS B 1825 86.92 1.23 -56.64
N ALA B 1826 88.20 1.10 -56.31
CA ALA B 1826 88.85 -0.19 -56.36
C ALA B 1826 88.56 -1.00 -55.10
N ARG B 1827 88.59 -2.32 -55.27
CA ARG B 1827 88.49 -3.26 -54.16
C ARG B 1827 89.82 -3.43 -53.43
N ASP B 1828 90.71 -2.45 -53.54
CA ASP B 1828 91.96 -2.52 -52.80
C ASP B 1828 91.99 -1.39 -51.77
N PRO B 1829 91.06 -1.41 -50.80
CA PRO B 1829 91.00 -0.31 -49.84
C PRO B 1829 91.81 -0.56 -48.59
N VAL B 1830 92.74 0.33 -48.28
CA VAL B 1830 93.53 0.18 -47.07
C VAL B 1830 92.62 -0.16 -45.91
N GLY B 1831 92.92 -1.24 -45.22
CA GLY B 1831 92.10 -1.66 -44.11
C GLY B 1831 90.99 -2.62 -44.45
N GLY B 1832 90.73 -2.86 -45.73
CA GLY B 1832 89.70 -3.79 -46.13
C GLY B 1832 88.41 -3.12 -46.51
N SER B 1833 88.03 -2.09 -45.77
CA SER B 1833 86.77 -1.39 -45.97
C SER B 1833 87.02 0.10 -46.16
N VAL B 1834 86.02 0.78 -46.73
CA VAL B 1834 86.11 2.22 -46.90
C VAL B 1834 86.14 2.91 -45.55
N GLU B 1835 85.54 2.31 -44.53
CA GLU B 1835 85.57 2.89 -43.19
C GLU B 1835 86.99 3.09 -42.71
N PHE B 1836 87.84 2.06 -42.82
CA PHE B 1836 89.24 2.22 -42.50
C PHE B 1836 90.04 2.87 -43.62
N GLN B 1837 89.49 2.91 -44.85
CA GLN B 1837 90.20 3.61 -45.92
C GLN B 1837 90.30 5.10 -45.61
N PHE B 1838 89.20 5.71 -45.18
CA PHE B 1838 89.25 7.05 -44.59
C PHE B 1838 89.61 6.92 -43.11
N VAL B 1839 90.78 6.31 -42.93
CA VAL B 1839 91.45 6.06 -41.66
C VAL B 1839 91.48 7.35 -40.84
N PRO B 1840 91.57 7.26 -39.50
CA PRO B 1840 91.58 8.48 -38.69
C PRO B 1840 92.73 9.44 -38.97
N VAL B 1841 93.52 9.19 -40.01
CA VAL B 1841 94.39 10.24 -40.54
C VAL B 1841 93.58 11.52 -40.73
N LEU B 1842 92.32 11.38 -41.15
CA LEU B 1842 91.41 12.53 -41.17
C LEU B 1842 91.25 13.11 -39.77
N LYS B 1843 91.08 12.25 -38.77
CA LYS B 1843 91.05 12.73 -37.39
C LYS B 1843 92.37 13.42 -37.02
N LEU B 1844 93.49 12.85 -37.45
CA LEU B 1844 94.78 13.48 -37.20
C LEU B 1844 94.90 14.84 -37.87
N VAL B 1845 94.30 15.01 -39.06
CA VAL B 1845 94.33 16.31 -39.71
C VAL B 1845 93.60 17.35 -38.87
N SER B 1846 92.42 16.99 -38.35
CA SER B 1846 91.69 17.90 -37.46
C SER B 1846 92.48 18.24 -36.22
N THR B 1847 93.32 17.31 -35.74
CA THR B 1847 94.14 17.58 -34.57
C THR B 1847 95.09 18.75 -34.82
N LEU B 1848 95.84 18.68 -35.92
CA LEU B 1848 96.78 19.75 -36.22
C LEU B 1848 96.09 21.03 -36.68
N LEU B 1849 94.87 20.92 -37.20
CA LEU B 1849 94.16 22.11 -37.65
C LEU B 1849 93.81 23.02 -36.48
N VAL B 1850 93.34 22.46 -35.37
CA VAL B 1850 93.04 23.28 -34.20
C VAL B 1850 94.31 23.78 -33.52
N MET B 1851 95.43 23.10 -33.74
CA MET B 1851 96.71 23.54 -33.19
C MET B 1851 97.29 24.74 -33.92
N GLY B 1852 96.78 25.06 -35.11
CA GLY B 1852 97.33 26.17 -35.87
C GLY B 1852 98.64 25.85 -36.53
N ILE B 1853 99.03 24.58 -36.60
CA ILE B 1853 100.31 24.21 -37.20
C ILE B 1853 100.32 24.55 -38.68
N PHE B 1854 99.18 24.40 -39.35
CA PHE B 1854 99.10 24.72 -40.76
C PHE B 1854 99.30 26.22 -40.99
N GLY B 1855 99.90 26.55 -42.13
CA GLY B 1855 100.10 27.93 -42.50
C GLY B 1855 98.94 28.50 -43.30
N ASP B 1856 99.10 29.71 -43.81
CA ASP B 1856 98.03 30.35 -44.59
C ASP B 1856 97.76 29.57 -45.88
N GLU B 1857 98.82 29.15 -46.57
CA GLU B 1857 98.65 28.36 -47.78
C GLU B 1857 98.22 26.94 -47.45
N ASP B 1858 98.67 26.39 -46.32
CA ASP B 1858 98.37 25.00 -45.99
C ASP B 1858 96.87 24.79 -45.83
N VAL B 1859 96.19 25.68 -45.11
CA VAL B 1859 94.74 25.56 -44.97
C VAL B 1859 94.07 25.74 -46.32
N LYS B 1860 94.62 26.61 -47.17
CA LYS B 1860 94.12 26.73 -48.53
C LYS B 1860 94.28 25.43 -49.30
N GLN B 1861 95.41 24.74 -49.08
CA GLN B 1861 95.60 23.43 -49.71
C GLN B 1861 94.58 22.42 -49.21
N ILE B 1862 94.26 22.47 -47.92
CA ILE B 1862 93.25 21.57 -47.37
C ILE B 1862 91.89 21.79 -48.01
N LEU B 1863 91.49 23.04 -48.24
CA LEU B 1863 90.20 23.31 -48.86
C LEU B 1863 90.09 22.72 -50.25
N LYS B 1864 91.21 22.39 -50.90
CA LYS B 1864 91.20 21.85 -52.24
C LYS B 1864 90.54 20.49 -52.33
N MET B 1865 90.31 19.82 -51.19
CA MET B 1865 89.52 18.60 -51.20
C MET B 1865 88.04 18.87 -51.45
N ILE B 1866 87.59 20.11 -51.23
CA ILE B 1866 86.24 20.54 -51.57
C ILE B 1866 86.39 21.71 -52.53
N GLU B 1867 87.46 21.67 -53.33
CA GLU B 1867 87.81 22.78 -54.21
C GLU B 1867 86.69 23.26 -55.12
N PRO B 1868 85.92 22.41 -55.79
CA PRO B 1868 84.87 22.92 -56.68
C PRO B 1868 83.86 23.82 -55.98
N GLU B 1869 83.51 23.50 -54.73
CA GLU B 1869 82.64 24.38 -53.96
C GLU B 1869 83.40 25.56 -53.37
N VAL B 1870 84.68 25.37 -53.03
CA VAL B 1870 85.50 26.47 -52.53
C VAL B 1870 85.65 27.54 -53.62
N PHE B 1871 85.97 27.11 -54.84
CA PHE B 1871 86.11 28.00 -55.99
C PHE B 1871 87.12 29.11 -55.70
N THR B 1872 88.37 28.67 -55.51
CA THR B 1872 89.46 29.57 -55.20
C THR B 1872 89.46 30.77 -56.13
N GLU B 1873 89.66 31.96 -55.54
CA GLU B 1873 89.49 33.21 -56.29
C GLU B 1873 90.49 33.36 -57.42
N GLU B 1874 91.58 32.60 -57.41
CA GLU B 1874 92.58 32.66 -58.48
C GLU B 1874 91.99 32.19 -59.80
N LEU B 1922 88.02 13.85 -63.49
CA LEU B 1922 87.98 15.14 -62.80
C LEU B 1922 88.19 14.96 -61.30
N GLU B 1923 88.72 16.01 -60.66
CA GLU B 1923 88.98 15.98 -59.22
C GLU B 1923 87.65 16.18 -58.49
N GLU B 1924 86.95 15.06 -58.30
CA GLU B 1924 85.66 15.09 -57.63
C GLU B 1924 85.83 15.53 -56.18
N GLY B 1925 84.88 16.31 -55.68
CA GLY B 1925 84.95 16.78 -54.32
C GLY B 1925 84.74 15.67 -53.32
N LEU B 1926 85.16 15.94 -52.08
CA LEU B 1926 85.12 14.91 -51.05
C LEU B 1926 83.71 14.64 -50.55
N LEU B 1927 82.82 15.63 -50.67
CA LEU B 1927 81.45 15.46 -50.18
C LEU B 1927 80.64 14.50 -51.04
N GLN B 1928 81.07 14.23 -52.27
CA GLN B 1928 80.28 13.41 -53.18
C GLN B 1928 80.36 11.92 -52.86
N MET B 1929 81.47 11.43 -52.33
CA MET B 1929 81.59 10.01 -52.05
C MET B 1929 80.72 9.61 -50.87
N LYS B 1930 79.99 8.50 -51.05
CA LYS B 1930 79.04 8.02 -50.05
C LYS B 1930 79.82 7.41 -48.89
N LEU B 1931 80.05 8.22 -47.86
CA LEU B 1931 80.72 7.73 -46.66
C LEU B 1931 79.70 7.11 -45.73
N PRO B 1932 79.81 5.81 -45.46
CA PRO B 1932 78.64 5.06 -44.97
C PRO B 1932 78.03 5.52 -43.65
N GLU B 1933 78.76 5.44 -42.54
CA GLU B 1933 78.13 5.71 -41.26
C GLU B 1933 78.93 6.64 -40.35
N SER B 1934 80.24 6.47 -40.31
CA SER B 1934 81.04 7.11 -39.28
C SER B 1934 81.98 8.18 -39.81
N VAL B 1935 82.33 8.13 -41.09
CA VAL B 1935 83.19 9.18 -41.63
C VAL B 1935 82.49 10.53 -41.59
N LYS B 1936 81.15 10.52 -41.63
CA LYS B 1936 80.41 11.77 -41.61
C LYS B 1936 80.63 12.55 -40.32
N LEU B 1937 80.58 11.87 -39.17
CA LEU B 1937 80.78 12.59 -37.91
C LEU B 1937 82.19 13.16 -37.82
N GLN B 1938 83.20 12.42 -38.29
CA GLN B 1938 84.52 13.01 -38.45
C GLN B 1938 84.52 14.11 -39.51
N MET B 1939 83.83 13.88 -40.62
CA MET B 1939 83.64 14.96 -41.59
C MET B 1939 82.92 16.14 -40.97
N CYS B 1940 81.87 15.88 -40.18
CA CYS B 1940 81.21 16.95 -39.45
C CYS B 1940 82.14 17.59 -38.43
N ASN B 1941 82.95 16.78 -37.75
CA ASN B 1941 83.85 17.33 -36.74
C ASN B 1941 84.91 18.23 -37.36
N LEU B 1942 85.26 18.03 -38.62
CA LEU B 1942 86.20 18.93 -39.27
C LEU B 1942 85.54 20.28 -39.54
N LEU B 1943 84.21 20.31 -39.62
CA LEU B 1943 83.51 21.53 -39.99
C LEU B 1943 83.41 22.56 -38.86
N GLU B 1944 83.39 22.14 -37.60
CA GLU B 1944 83.26 23.16 -36.55
C GLU B 1944 84.45 24.12 -36.54
N TYR B 1945 85.62 23.69 -37.02
CA TYR B 1945 86.75 24.61 -36.99
C TYR B 1945 86.53 25.79 -37.92
N PHE B 1946 86.02 25.53 -39.13
CA PHE B 1946 85.82 26.61 -40.09
C PHE B 1946 84.73 27.58 -39.65
N CYS B 1947 83.59 27.05 -39.17
CA CYS B 1947 82.55 27.95 -38.67
C CYS B 1947 83.02 28.68 -37.42
N ASP B 1948 83.88 28.05 -36.61
CA ASP B 1948 84.44 28.73 -35.46
C ASP B 1948 85.40 29.84 -35.89
N GLN B 1949 86.19 29.60 -36.94
CA GLN B 1949 87.10 30.63 -37.41
C GLN B 1949 86.37 31.86 -37.91
N GLU B 1950 85.25 31.66 -38.63
CA GLU B 1950 84.51 32.80 -39.15
C GLU B 1950 83.95 33.66 -38.02
N LEU B 1951 83.38 33.01 -37.00
CA LEU B 1951 82.84 33.77 -35.86
C LEU B 1951 83.96 34.50 -35.12
N GLN B 1952 85.08 33.83 -34.89
CA GLN B 1952 86.21 34.47 -34.23
C GLN B 1952 86.75 35.62 -35.08
N HIS B 1953 86.80 35.44 -36.39
CA HIS B 1953 87.21 36.54 -37.26
C HIS B 1953 86.22 37.68 -37.23
N ARG B 1954 84.92 37.37 -37.19
CA ARG B 1954 83.90 38.42 -37.17
C ARG B 1954 83.98 39.26 -35.91
N VAL B 1955 84.15 38.63 -34.75
CA VAL B 1955 84.24 39.39 -33.51
C VAL B 1955 85.51 40.23 -33.48
N GLU B 1956 86.61 39.71 -34.02
CA GLU B 1956 87.86 40.48 -34.04
C GLU B 1956 87.71 41.73 -34.89
N SER B 1957 87.01 41.63 -36.02
CA SER B 1957 86.80 42.80 -36.87
C SER B 1957 85.98 43.87 -36.16
N LEU B 1958 84.98 43.46 -35.38
CA LEU B 1958 84.19 44.43 -34.62
C LEU B 1958 85.06 45.19 -33.63
N ALA B 1959 85.98 44.49 -32.97
CA ALA B 1959 86.86 45.15 -32.01
C ALA B 1959 87.76 46.18 -32.67
N ALA B 1960 88.24 45.89 -33.89
CA ALA B 1960 89.06 46.86 -34.61
C ALA B 1960 88.28 48.14 -34.88
N PHE B 1961 87.03 48.01 -35.30
CA PHE B 1961 86.21 49.18 -35.55
C PHE B 1961 85.88 49.92 -34.26
N ALA B 1962 85.61 49.19 -33.18
CA ALA B 1962 85.20 49.78 -31.92
C ALA B 1962 86.35 50.49 -31.21
N GLU B 1963 87.58 50.34 -31.68
CA GLU B 1963 88.73 51.02 -31.08
C GLU B 1963 89.16 52.25 -31.86
N ARG B 1964 89.02 52.25 -33.19
CA ARG B 1964 89.27 53.46 -33.95
C ARG B 1964 88.15 54.48 -33.81
N TYR B 1965 86.91 54.02 -33.65
CA TYR B 1965 85.78 54.95 -33.54
C TYR B 1965 85.70 55.57 -32.15
N VAL B 1966 86.11 54.83 -31.11
CA VAL B 1966 86.12 55.40 -29.77
C VAL B 1966 87.21 56.47 -29.64
N ASP B 1967 88.25 56.40 -30.47
CA ASP B 1967 89.26 57.46 -30.47
C ASP B 1967 88.68 58.77 -30.96
N LYS B 1968 87.81 58.72 -31.97
CA LYS B 1968 87.17 59.91 -32.52
C LYS B 1968 85.87 60.25 -31.81
N LEU B 1969 85.50 59.49 -30.77
CA LEU B 1969 84.27 59.74 -30.02
C LEU B 1969 84.50 60.65 -28.83
N GLN B 1970 85.34 60.24 -27.88
CA GLN B 1970 85.64 61.10 -26.74
C GLN B 1970 86.41 62.34 -27.16
N ALA B 1971 87.14 62.29 -28.27
CA ALA B 1971 87.78 63.48 -28.81
C ALA B 1971 86.78 64.51 -29.29
N ASN B 1972 85.69 64.08 -29.93
CA ASN B 1972 84.63 65.02 -30.31
C ASN B 1972 83.91 65.54 -29.08
N GLN B 1973 83.62 64.65 -28.12
CA GLN B 1973 83.00 65.08 -26.87
C GLN B 1973 83.87 66.06 -26.12
N ARG B 1974 85.17 65.78 -26.05
CA ARG B 1974 86.10 66.73 -25.44
C ARG B 1974 86.18 68.02 -26.28
N SER B 1975 86.13 67.87 -27.60
CA SER B 1975 85.99 69.05 -28.46
C SER B 1975 84.65 69.73 -28.22
N ARG B 1976 83.58 68.94 -28.03
CA ARG B 1976 82.29 69.49 -27.65
C ARG B 1976 82.33 70.07 -26.24
N TYR B 1977 83.10 69.49 -25.33
CA TYR B 1977 83.23 70.03 -23.99
C TYR B 1977 83.87 71.41 -24.00
N ALA B 1978 84.71 71.69 -24.99
CA ALA B 1978 85.27 73.02 -25.14
C ALA B 1978 84.23 74.01 -25.66
N LEU B 1979 83.25 73.53 -26.44
CA LEU B 1979 82.19 74.39 -26.92
C LEU B 1979 81.24 74.83 -25.81
N LEU B 1980 81.16 74.08 -24.71
CA LEU B 1980 80.37 74.46 -23.55
C LEU B 1980 81.23 75.04 -22.44
N MET B 1981 82.49 75.34 -22.71
CA MET B 1981 83.37 76.01 -21.75
C MET B 1981 83.77 77.40 -22.24
N ARG B 1982 84.33 77.49 -23.45
CA ARG B 1982 84.65 78.79 -24.03
C ARG B 1982 83.41 79.52 -24.56
N ALA B 1983 82.42 78.78 -25.03
CA ALA B 1983 81.17 79.35 -25.56
C ALA B 1983 79.98 78.70 -24.86
N PHE B 1984 80.04 78.66 -23.53
CA PHE B 1984 78.98 78.01 -22.75
C PHE B 1984 77.64 78.71 -22.95
N THR B 1985 77.64 80.04 -22.95
CA THR B 1985 76.42 80.85 -23.03
C THR B 1985 75.44 80.45 -21.92
N MET B 1986 75.91 80.64 -20.69
CA MET B 1986 75.18 80.18 -19.52
C MET B 1986 73.81 80.83 -19.44
N SER B 1987 72.78 79.99 -19.36
CA SER B 1987 71.40 80.45 -19.27
C SER B 1987 70.58 79.30 -18.67
N ALA B 1988 69.26 79.41 -18.75
CA ALA B 1988 68.37 78.37 -18.24
C ALA B 1988 68.51 77.06 -19.01
N ALA B 1989 68.65 77.11 -20.34
CA ALA B 1989 68.83 75.90 -21.12
C ALA B 1989 70.26 75.37 -21.01
N GLU B 1990 71.25 76.25 -20.98
CA GLU B 1990 72.64 75.83 -20.91
C GLU B 1990 73.00 75.23 -19.56
N THR B 1991 72.34 75.65 -18.48
CA THR B 1991 72.56 75.08 -17.16
C THR B 1991 71.82 73.76 -16.96
N ALA B 1992 71.01 73.34 -17.93
CA ALA B 1992 70.30 72.07 -17.85
C ALA B 1992 70.69 71.10 -18.96
N ARG B 1993 70.77 71.56 -20.20
CA ARG B 1993 71.06 70.65 -21.32
C ARG B 1993 72.44 70.04 -21.18
N ARG B 1994 73.43 70.82 -20.75
CA ARG B 1994 74.80 70.34 -20.63
C ARG B 1994 75.07 69.61 -19.32
N THR B 1995 74.06 69.48 -18.44
CA THR B 1995 74.28 68.95 -17.11
C THR B 1995 74.70 67.48 -17.11
N ARG B 1996 74.24 66.68 -18.08
CA ARG B 1996 74.37 65.24 -17.99
C ARG B 1996 75.82 64.78 -18.05
N GLU B 1997 76.76 65.66 -18.42
CA GLU B 1997 78.13 65.23 -18.64
C GLU B 1997 78.84 64.92 -17.33
N PHE B 1998 78.70 65.79 -16.32
CA PHE B 1998 79.25 65.48 -15.01
C PHE B 1998 78.56 64.27 -14.39
N ARG B 1999 77.24 64.20 -14.49
CA ARG B 1999 76.49 63.03 -14.09
C ARG B 1999 76.57 61.99 -15.20
N SER B 2000 75.70 60.97 -15.14
CA SER B 2000 75.57 59.99 -16.22
C SER B 2000 76.90 59.33 -16.52
N PRO B 2001 77.39 58.44 -15.66
CA PRO B 2001 78.67 57.77 -15.89
C PRO B 2001 78.69 57.11 -17.26
N PRO B 2002 79.88 56.83 -17.80
CA PRO B 2002 79.97 56.28 -19.17
C PRO B 2002 79.23 54.97 -19.36
N GLN B 2003 78.88 54.26 -18.27
CA GLN B 2003 78.00 53.11 -18.40
C GLN B 2003 76.65 53.52 -18.95
N GLU B 2004 76.11 54.63 -18.47
CA GLU B 2004 74.85 55.16 -19.00
C GLU B 2004 75.05 56.31 -19.98
N GLN B 2005 76.20 56.97 -19.94
CA GLN B 2005 76.44 58.07 -20.87
C GLN B 2005 76.47 57.59 -22.31
N ILE B 2006 77.27 56.55 -22.59
CA ILE B 2006 77.51 56.14 -23.97
C ILE B 2006 76.22 55.63 -24.61
N ASN B 2007 75.41 54.89 -23.85
CA ASN B 2007 74.19 54.32 -24.41
C ASN B 2007 73.24 55.39 -24.94
N MET B 2008 73.27 56.59 -24.35
CA MET B 2008 72.50 57.69 -24.91
C MET B 2008 73.01 58.04 -26.30
N LEU B 2009 74.33 58.12 -26.46
CA LEU B 2009 74.94 58.47 -27.75
C LEU B 2009 74.79 57.36 -28.78
N LEU B 2010 74.80 56.10 -28.34
CA LEU B 2010 74.65 54.98 -29.27
C LEU B 2010 73.30 54.97 -29.97
N HIS B 2011 72.23 55.32 -29.26
CA HIS B 2011 70.89 55.15 -29.81
C HIS B 2011 70.63 56.11 -30.97
N PHE B 2012 71.33 57.24 -31.00
CA PHE B 2012 71.03 58.24 -32.04
C PHE B 2012 71.31 57.69 -33.43
N LYS B 2013 72.48 57.10 -33.64
CA LYS B 2013 72.85 56.64 -34.97
C LYS B 2013 71.73 55.93 -35.72
N ASP B 2014 71.47 54.68 -35.36
CA ASP B 2014 70.46 53.90 -36.09
C ASP B 2014 69.04 54.38 -35.85
N GLU B 2015 68.87 55.31 -34.92
CA GLU B 2015 67.53 55.79 -34.60
C GLU B 2015 66.79 56.20 -35.86
N ALA B 2016 65.49 55.93 -35.91
CA ALA B 2016 64.69 56.38 -37.05
C ALA B 2016 64.65 57.89 -36.96
N ASP B 2017 65.79 58.49 -36.71
CA ASP B 2017 65.88 59.94 -36.53
C ASP B 2017 64.75 60.46 -35.64
N GLU B 2018 64.43 59.71 -34.60
CA GLU B 2018 63.29 60.00 -33.72
C GLU B 2018 63.72 60.16 -32.27
N GLU B 2019 64.90 60.74 -32.03
CA GLU B 2019 65.35 60.95 -30.66
C GLU B 2019 66.10 62.27 -30.47
N ASP B 2020 65.86 63.26 -31.33
CA ASP B 2020 66.56 64.54 -31.27
C ASP B 2020 68.07 64.33 -31.32
N CYS B 2021 68.52 63.78 -32.45
CA CYS B 2021 69.92 63.42 -32.61
C CYS B 2021 70.80 64.65 -32.47
N PRO B 2022 71.98 64.51 -31.88
CA PRO B 2022 72.83 65.69 -31.62
C PRO B 2022 73.49 66.23 -32.86
N LEU B 2023 74.36 67.22 -32.67
CA LEU B 2023 75.05 67.88 -33.78
C LEU B 2023 75.81 66.93 -34.70
N PRO B 2024 76.60 65.95 -34.21
CA PRO B 2024 77.40 65.14 -35.14
C PRO B 2024 76.55 64.33 -36.11
N GLU B 2025 76.64 64.68 -37.38
CA GLU B 2025 75.86 64.02 -38.43
C GLU B 2025 76.70 63.16 -39.36
N ASP B 2026 78.03 63.28 -39.30
CA ASP B 2026 78.90 62.47 -40.14
C ASP B 2026 79.26 61.15 -39.49
N ILE B 2027 79.29 61.11 -38.15
CA ILE B 2027 79.68 59.90 -37.43
C ILE B 2027 78.46 59.04 -37.17
N ARG B 2028 77.29 59.51 -37.59
CA ARG B 2028 76.07 58.72 -37.50
C ARG B 2028 75.79 57.94 -38.77
N GLN B 2029 76.65 58.04 -39.78
CA GLN B 2029 76.48 57.31 -41.03
C GLN B 2029 77.41 56.12 -41.16
N ASP B 2030 78.68 56.26 -40.75
CA ASP B 2030 79.61 55.13 -40.81
C ASP B 2030 79.13 53.99 -39.92
N LEU B 2031 78.61 54.33 -38.73
CA LEU B 2031 77.98 53.32 -37.88
C LEU B 2031 76.79 52.68 -38.58
N GLN B 2032 75.98 53.48 -39.27
CA GLN B 2032 74.92 52.91 -40.10
C GLN B 2032 75.48 52.05 -41.21
N ASP B 2033 76.57 52.50 -41.85
CA ASP B 2033 77.23 51.69 -42.87
C ASP B 2033 77.88 50.45 -42.25
N PHE B 2034 78.52 50.61 -41.09
CA PHE B 2034 79.17 49.48 -40.45
C PHE B 2034 78.17 48.40 -40.06
N HIS B 2035 77.04 48.80 -39.46
CA HIS B 2035 75.98 47.84 -39.18
C HIS B 2035 75.44 47.22 -40.45
N GLN B 2036 75.28 48.02 -41.51
CA GLN B 2036 74.82 47.48 -42.79
C GLN B 2036 75.85 46.52 -43.38
N ASP B 2037 77.14 46.84 -43.25
CA ASP B 2037 78.18 45.99 -43.78
C ASP B 2037 78.24 44.62 -43.09
N LEU B 2038 78.12 44.58 -41.77
CA LEU B 2038 78.26 43.32 -41.05
C LEU B 2038 77.13 42.36 -41.38
N LEU B 2039 75.89 42.84 -41.39
CA LEU B 2039 74.76 41.96 -41.68
C LEU B 2039 74.84 41.38 -43.09
N ALA B 2040 75.44 42.12 -44.03
CA ALA B 2040 75.69 41.55 -45.35
C ALA B 2040 76.66 40.38 -45.26
N HIS B 2041 77.72 40.52 -44.46
CA HIS B 2041 78.65 39.43 -44.26
C HIS B 2041 78.00 38.25 -43.54
N CYS B 2042 77.16 38.52 -42.55
CA CYS B 2042 76.53 37.47 -41.77
C CYS B 2042 75.38 36.86 -42.57
N GLY B 2043 74.57 36.03 -41.91
CA GLY B 2043 73.50 35.33 -42.57
C GLY B 2043 72.35 36.18 -43.07
N ILE B 2044 72.31 37.46 -42.68
CA ILE B 2044 71.26 38.35 -43.15
C ILE B 2044 71.43 38.57 -44.64
N GLN B 2045 70.43 38.17 -45.42
CA GLN B 2045 70.49 38.34 -46.87
C GLN B 2045 70.34 39.79 -47.28
N LEU B 2046 69.99 40.68 -46.34
CA LEU B 2046 69.78 42.11 -46.63
C LEU B 2046 68.77 42.29 -47.76
N GLU B 2047 67.71 41.49 -47.74
CA GLU B 2047 66.65 41.55 -48.75
C GLU B 2047 65.79 42.79 -48.46
N GLY B 2048 66.31 43.94 -48.88
CA GLY B 2048 65.63 45.20 -48.65
C GLY B 2048 66.32 46.06 -47.61
N LYS B 2089 72.85 24.40 -58.80
CA LYS B 2089 73.27 25.75 -58.42
C LYS B 2089 74.49 25.71 -57.50
N LYS B 2090 75.45 26.60 -57.76
CA LYS B 2090 76.66 26.68 -56.95
C LYS B 2090 76.43 27.59 -55.75
N PRO B 2091 76.53 27.05 -54.52
CA PRO B 2091 76.34 27.91 -53.34
C PRO B 2091 77.32 29.07 -53.28
N GLN B 2092 78.57 28.86 -53.69
CA GLN B 2092 79.61 29.89 -53.71
C GLN B 2092 79.83 30.52 -52.34
N SER B 2093 79.40 29.87 -51.28
CA SER B 2093 79.55 30.40 -49.93
C SER B 2093 79.52 29.26 -48.93
N LEU B 2094 80.22 29.44 -47.82
CA LEU B 2094 80.27 28.41 -46.79
C LEU B 2094 78.90 28.19 -46.17
N GLN B 2095 78.17 29.26 -45.86
CA GLN B 2095 76.87 29.12 -45.22
C GLN B 2095 75.89 28.38 -46.12
N GLU B 2096 75.87 28.70 -47.41
CA GLU B 2096 74.96 28.02 -48.32
C GLU B 2096 75.41 26.59 -48.63
N LEU B 2097 76.72 26.35 -48.67
CA LEU B 2097 77.21 25.00 -48.93
C LEU B 2097 76.83 24.04 -47.81
N VAL B 2098 77.02 24.46 -46.57
CA VAL B 2098 76.65 23.60 -45.43
C VAL B 2098 75.14 23.36 -45.41
N SER B 2099 74.36 24.41 -45.65
CA SER B 2099 72.91 24.29 -45.58
C SER B 2099 72.37 23.30 -46.59
N HIS B 2100 72.90 23.31 -47.82
CA HIS B 2100 72.46 22.33 -48.81
C HIS B 2100 72.99 20.94 -48.51
N MET B 2101 74.25 20.84 -48.08
CA MET B 2101 74.88 19.53 -47.91
C MET B 2101 74.23 18.75 -46.76
N VAL B 2102 73.95 19.41 -45.64
CA VAL B 2102 73.41 18.69 -44.49
C VAL B 2102 72.02 18.14 -44.78
N VAL B 2103 71.23 18.88 -45.55
CA VAL B 2103 69.84 18.47 -45.78
C VAL B 2103 69.79 17.15 -46.53
N ARG B 2104 70.61 17.01 -47.57
CA ARG B 2104 70.56 15.79 -48.39
C ARG B 2104 70.93 14.55 -47.59
N TRP B 2105 71.72 14.68 -46.52
CA TRP B 2105 72.00 13.53 -45.67
C TRP B 2105 70.74 13.00 -45.02
N ALA B 2106 69.95 13.89 -44.41
CA ALA B 2106 68.68 13.46 -43.84
C ALA B 2106 67.70 13.07 -44.94
N GLN B 2107 67.71 13.79 -46.06
CA GLN B 2107 66.85 13.42 -47.18
C GLN B 2107 67.30 12.11 -47.82
N GLU B 2108 68.52 11.68 -47.54
CA GLU B 2108 68.99 10.36 -47.95
C GLU B 2108 68.43 9.32 -47.01
N ASP B 2109 68.97 8.09 -47.07
CA ASP B 2109 68.49 7.00 -46.23
C ASP B 2109 68.46 7.41 -44.76
N TYR B 2110 67.62 6.70 -44.00
CA TYR B 2110 67.40 7.03 -42.59
C TYR B 2110 68.70 6.93 -41.81
N VAL B 2111 68.85 7.80 -40.83
CA VAL B 2111 70.11 7.97 -40.11
C VAL B 2111 69.98 7.31 -38.74
N GLN B 2112 70.85 6.33 -38.48
CA GLN B 2112 70.98 5.71 -37.17
C GLN B 2112 72.05 6.47 -36.38
N SER B 2113 72.54 5.88 -35.28
CA SER B 2113 73.62 6.46 -34.48
C SER B 2113 73.24 7.83 -33.95
N PRO B 2114 72.35 7.91 -32.96
CA PRO B 2114 71.88 9.21 -32.47
C PRO B 2114 72.98 10.19 -32.10
N GLU B 2115 74.18 9.72 -31.82
CA GLU B 2115 75.28 10.65 -31.58
C GLU B 2115 75.55 11.53 -32.79
N LEU B 2116 75.48 10.97 -33.99
CA LEU B 2116 75.68 11.78 -35.19
C LEU B 2116 74.54 12.78 -35.36
N VAL B 2117 73.33 12.40 -34.95
CA VAL B 2117 72.16 13.25 -35.15
C VAL B 2117 72.35 14.60 -34.49
N ARG B 2118 72.87 14.62 -33.26
CA ARG B 2118 73.06 15.89 -32.56
C ARG B 2118 74.08 16.77 -33.30
N ALA B 2119 74.90 16.17 -34.14
CA ALA B 2119 75.91 16.95 -34.86
C ALA B 2119 75.32 17.75 -36.02
N MET B 2120 74.32 17.22 -36.73
CA MET B 2120 73.82 17.95 -37.90
C MET B 2120 72.97 19.14 -37.50
N PHE B 2121 71.92 18.92 -36.73
CA PHE B 2121 71.01 20.00 -36.38
C PHE B 2121 71.72 21.17 -35.72
N SER B 2122 72.75 20.91 -34.91
CA SER B 2122 73.48 21.99 -34.28
C SER B 2122 74.22 22.84 -35.30
N LEU B 2123 74.97 22.19 -36.21
CA LEU B 2123 75.68 22.94 -37.24
C LEU B 2123 74.73 23.75 -38.09
N LEU B 2124 73.56 23.18 -38.39
CA LEU B 2124 72.59 23.89 -39.22
C LEU B 2124 72.04 25.12 -38.51
N HIS B 2125 71.79 25.02 -37.20
CA HIS B 2125 71.25 26.15 -36.45
C HIS B 2125 72.15 27.37 -36.55
N ARG B 2126 73.46 27.16 -36.54
CA ARG B 2126 74.39 28.29 -36.61
C ARG B 2126 74.44 28.91 -38.00
N GLN B 2127 73.87 28.23 -39.00
CA GLN B 2127 73.92 28.73 -40.37
C GLN B 2127 72.73 29.61 -40.72
N TYR B 2128 71.80 29.83 -39.80
CA TYR B 2128 70.66 30.70 -40.05
C TYR B 2128 70.66 31.93 -39.17
N ASP B 2129 70.72 31.76 -37.85
CA ASP B 2129 70.74 32.88 -36.91
C ASP B 2129 72.17 33.19 -36.47
N GLY B 2130 72.96 33.69 -37.41
CA GLY B 2130 74.34 34.01 -37.12
C GLY B 2130 74.49 35.06 -36.04
N LEU B 2131 73.60 36.04 -36.02
CA LEU B 2131 73.65 37.05 -34.96
C LEU B 2131 73.42 36.44 -33.60
N GLY B 2132 72.51 35.46 -33.51
CA GLY B 2132 72.32 34.75 -32.27
C GLY B 2132 73.57 34.06 -31.77
N GLU B 2133 74.34 33.49 -32.69
CA GLU B 2133 75.66 32.97 -32.32
C GLU B 2133 76.61 34.10 -31.94
N LEU B 2134 76.54 35.23 -32.66
CA LEU B 2134 77.36 36.39 -32.30
C LEU B 2134 77.00 36.90 -30.92
N LEU B 2135 75.71 36.97 -30.61
CA LEU B 2135 75.29 37.38 -29.28
C LEU B 2135 75.63 36.34 -28.22
N ARG B 2136 75.72 35.06 -28.61
CA ARG B 2136 76.04 34.00 -27.67
C ARG B 2136 77.48 34.08 -27.16
N ALA B 2137 78.33 34.88 -27.79
CA ALA B 2137 79.71 35.03 -27.36
C ALA B 2137 80.16 36.48 -27.20
N LEU B 2138 79.37 37.45 -27.63
CA LEU B 2138 79.75 38.85 -27.45
C LEU B 2138 80.00 39.24 -26.00
N PRO B 2139 79.19 38.85 -25.01
CA PRO B 2139 79.51 39.20 -23.62
C PRO B 2139 80.85 38.65 -23.14
N ARG B 2140 81.33 37.55 -23.70
CA ARG B 2140 82.62 36.97 -23.32
C ARG B 2140 83.78 37.63 -24.03
N ALA B 2141 83.52 38.56 -24.94
CA ALA B 2141 84.59 39.31 -25.57
C ALA B 2141 85.12 40.40 -24.66
N TYR B 2142 86.40 40.72 -24.80
CA TYR B 2142 87.03 41.73 -23.97
C TYR B 2142 88.10 42.43 -24.79
N THR B 2143 88.43 43.65 -24.37
CA THR B 2143 89.46 44.45 -25.02
C THR B 2143 90.47 44.91 -23.98
N ILE B 2144 91.75 44.79 -24.30
CA ILE B 2144 92.81 45.17 -23.39
C ILE B 2144 93.80 46.06 -24.11
N SER B 2145 94.62 46.78 -23.35
CA SER B 2145 95.67 47.70 -23.77
C SER B 2145 97.01 46.96 -23.87
N PRO B 2146 97.88 47.37 -24.78
CA PRO B 2146 99.19 46.72 -24.89
C PRO B 2146 100.06 47.02 -23.68
N SER B 2147 101.29 46.49 -23.73
CA SER B 2147 102.29 46.62 -22.67
C SER B 2147 101.85 45.94 -21.38
N SER B 2148 100.80 45.12 -21.42
CA SER B 2148 100.34 44.38 -20.26
C SER B 2148 100.04 42.92 -20.59
N VAL B 2149 100.29 42.49 -21.82
CA VAL B 2149 99.96 41.13 -22.24
C VAL B 2149 100.83 40.12 -21.52
N GLU B 2150 102.10 40.44 -21.29
CA GLU B 2150 103.02 39.50 -20.67
C GLU B 2150 102.56 39.10 -19.27
N ASP B 2151 102.03 40.05 -18.50
CA ASP B 2151 101.41 39.69 -17.23
C ASP B 2151 100.12 38.92 -17.42
N THR B 2152 99.34 39.28 -18.45
CA THR B 2152 98.13 38.52 -18.76
C THR B 2152 98.46 37.10 -19.18
N MET B 2153 99.51 36.94 -19.99
CA MET B 2153 99.92 35.60 -20.40
C MET B 2153 100.30 34.76 -19.20
N SER B 2154 101.00 35.35 -18.23
CA SER B 2154 101.25 34.65 -16.97
C SER B 2154 99.95 34.31 -16.26
N LEU B 2155 98.98 35.24 -16.26
CA LEU B 2155 97.66 34.94 -15.71
C LEU B 2155 97.01 33.82 -16.49
N LEU B 2156 97.05 33.92 -17.82
CA LEU B 2156 96.48 32.88 -18.67
C LEU B 2156 97.19 31.55 -18.51
N GLU B 2157 98.52 31.56 -18.43
CA GLU B 2157 99.26 30.31 -18.26
C GLU B 2157 98.90 29.62 -16.95
N CYS B 2158 98.77 30.38 -15.88
CA CYS B 2158 98.38 29.80 -14.60
C CYS B 2158 97.00 29.16 -14.66
N LEU B 2159 96.11 29.70 -15.50
CA LEU B 2159 94.77 29.14 -15.62
C LEU B 2159 94.79 27.74 -16.18
N GLY B 2160 95.75 27.43 -17.06
CA GLY B 2160 95.74 26.14 -17.72
C GLY B 2160 95.90 24.96 -16.77
N GLN B 2161 96.88 25.04 -15.84
CA GLN B 2161 97.09 23.93 -14.93
C GLN B 2161 95.93 23.73 -13.98
N ILE B 2162 95.29 24.83 -13.55
CA ILE B 2162 94.16 24.72 -12.63
C ILE B 2162 93.01 23.96 -13.29
N ARG B 2163 92.70 24.31 -14.54
CA ARG B 2163 91.66 23.59 -15.27
C ARG B 2163 92.06 22.15 -15.57
N SER B 2164 93.35 21.91 -15.83
CA SER B 2164 93.80 20.55 -16.11
C SER B 2164 93.63 19.64 -14.91
N LEU B 2165 93.92 20.15 -13.71
CA LEU B 2165 93.82 19.36 -12.49
C LEU B 2165 92.38 19.12 -12.07
N LEU B 2166 91.42 19.82 -12.68
CA LEU B 2166 90.01 19.60 -12.35
C LEU B 2166 89.54 18.21 -12.69
N ILE B 2167 90.19 17.55 -13.65
CA ILE B 2167 89.82 16.22 -14.09
C ILE B 2167 90.82 15.17 -13.62
N VAL B 2168 91.66 15.51 -12.64
CA VAL B 2168 92.67 14.60 -12.10
C VAL B 2168 92.28 14.26 -10.67
N GLN B 2169 92.38 12.98 -10.33
CA GLN B 2169 92.09 12.56 -8.96
C GLN B 2169 93.04 13.25 -8.00
N MET B 2170 92.49 13.77 -6.90
CA MET B 2170 93.25 14.58 -5.97
C MET B 2170 94.32 13.74 -5.26
N GLY B 2171 95.50 14.32 -5.11
CA GLY B 2171 96.60 13.65 -4.44
C GLY B 2171 97.60 14.63 -3.87
N PRO B 2172 98.45 14.15 -2.96
CA PRO B 2172 99.47 15.03 -2.39
C PRO B 2172 100.41 15.60 -3.44
N GLN B 2173 100.70 14.86 -4.50
CA GLN B 2173 101.46 15.43 -5.61
C GLN B 2173 100.67 16.51 -6.32
N GLU B 2174 99.36 16.33 -6.50
CA GLU B 2174 98.55 17.37 -7.12
C GLU B 2174 98.22 18.50 -6.16
N GLU B 2175 98.22 18.23 -4.85
CA GLU B 2175 97.82 19.24 -3.87
C GLU B 2175 98.75 20.45 -3.89
N ASN B 2176 100.03 20.23 -3.58
CA ASN B 2176 100.98 21.33 -3.46
C ASN B 2176 101.16 22.10 -4.76
N LEU B 2177 101.04 21.45 -5.91
CA LEU B 2177 101.19 22.17 -7.18
C LEU B 2177 100.11 23.22 -7.37
N MET B 2178 98.85 22.86 -7.15
CA MET B 2178 97.78 23.83 -7.38
C MET B 2178 97.78 24.93 -6.32
N ILE B 2179 98.27 24.64 -5.12
CA ILE B 2179 98.44 25.69 -4.12
C ILE B 2179 99.45 26.71 -4.61
N GLN B 2180 100.55 26.26 -5.22
CA GLN B 2180 101.54 27.20 -5.73
C GLN B 2180 100.96 28.08 -6.84
N SER B 2181 100.10 27.50 -7.67
CA SER B 2181 99.46 28.30 -8.72
C SER B 2181 98.61 29.42 -8.14
N ILE B 2182 97.94 29.17 -7.01
CA ILE B 2182 97.14 30.21 -6.38
C ILE B 2182 98.02 31.38 -5.96
N GLY B 2183 99.17 31.08 -5.36
CA GLY B 2183 100.11 32.14 -5.03
C GLY B 2183 100.61 32.89 -6.25
N ASN B 2184 100.81 32.18 -7.36
CA ASN B 2184 101.22 32.83 -8.59
C ASN B 2184 100.14 33.77 -9.11
N ILE B 2185 98.88 33.32 -9.04
CA ILE B 2185 97.79 34.10 -9.65
C ILE B 2185 97.31 35.24 -8.76
N MET B 2186 97.47 35.14 -7.45
CA MET B 2186 97.07 36.20 -6.53
C MET B 2186 98.16 37.26 -6.37
N ASN B 2187 99.33 37.02 -6.94
CA ASN B 2187 100.48 37.91 -6.84
C ASN B 2187 100.95 38.32 -8.23
N ASN B 2188 100.00 38.71 -9.08
CA ASN B 2188 100.30 39.10 -10.45
C ASN B 2188 99.99 40.56 -10.76
N LYS B 2189 99.46 41.32 -9.81
CA LYS B 2189 99.21 42.76 -9.91
C LYS B 2189 98.17 43.08 -10.99
N VAL B 2190 97.64 42.05 -11.65
CA VAL B 2190 96.62 42.29 -12.66
C VAL B 2190 95.23 41.89 -12.17
N PHE B 2191 95.15 40.95 -11.23
CA PHE B 2191 93.85 40.55 -10.70
C PHE B 2191 93.15 41.71 -10.00
N TYR B 2192 93.91 42.71 -9.59
CA TYR B 2192 93.34 43.92 -9.01
C TYR B 2192 93.13 45.03 -10.03
N GLN B 2193 93.41 44.76 -11.32
CA GLN B 2193 93.35 45.81 -12.33
C GLN B 2193 91.98 45.87 -13.01
N HIS B 2194 91.52 44.76 -13.59
CA HIS B 2194 90.32 44.76 -14.42
C HIS B 2194 89.37 43.67 -13.93
N PRO B 2195 88.63 43.94 -12.85
CA PRO B 2195 87.77 42.89 -12.27
C PRO B 2195 86.72 42.34 -13.22
N ASN B 2196 86.20 43.15 -14.15
CA ASN B 2196 85.23 42.63 -15.11
C ASN B 2196 85.84 41.58 -16.02
N LEU B 2197 87.16 41.62 -16.24
CA LEU B 2197 87.81 40.60 -17.04
C LEU B 2197 87.78 39.24 -16.35
N MET B 2198 88.19 39.18 -15.07
CA MET B 2198 88.24 37.90 -14.39
C MET B 2198 86.85 37.37 -14.10
N ARG B 2199 85.88 38.26 -13.87
CA ARG B 2199 84.51 37.81 -13.81
C ARG B 2199 84.08 37.22 -15.16
N ALA B 2200 84.56 37.78 -16.27
CA ALA B 2200 84.28 37.22 -17.57
C ALA B 2200 84.95 35.86 -17.76
N LEU B 2201 86.09 35.65 -17.09
CA LEU B 2201 86.76 34.36 -17.18
C LEU B 2201 86.30 33.38 -16.12
N GLY B 2202 85.63 33.86 -15.07
CA GLY B 2202 84.95 32.97 -14.14
C GLY B 2202 85.82 31.94 -13.44
N MET B 2203 86.98 32.35 -12.94
CA MET B 2203 87.84 31.41 -12.24
C MET B 2203 87.22 30.96 -10.93
N HIS B 2204 86.29 31.76 -10.40
CA HIS B 2204 85.69 31.44 -9.11
C HIS B 2204 84.89 30.14 -9.14
N GLU B 2205 84.14 29.89 -10.22
CA GLU B 2205 83.45 28.60 -10.32
C GLU B 2205 84.43 27.44 -10.29
N THR B 2206 85.54 27.58 -11.02
CA THR B 2206 86.58 26.56 -10.94
C THR B 2206 87.13 26.46 -9.51
N VAL B 2207 87.31 27.59 -8.84
CA VAL B 2207 87.67 27.54 -7.41
C VAL B 2207 86.56 26.86 -6.62
N MET B 2208 85.30 27.10 -6.97
CA MET B 2208 84.23 26.34 -6.34
C MET B 2208 84.34 24.85 -6.63
N GLU B 2209 84.69 24.49 -7.87
CA GLU B 2209 84.76 23.08 -8.25
C GLU B 2209 85.80 22.34 -7.44
N VAL B 2210 86.99 22.91 -7.25
CA VAL B 2210 88.02 22.22 -6.49
C VAL B 2210 87.62 22.06 -5.02
N MET B 2211 86.92 23.04 -4.44
CA MET B 2211 86.44 22.90 -3.08
C MET B 2211 85.36 21.83 -2.94
N VAL B 2212 84.48 21.69 -3.93
CA VAL B 2212 83.46 20.66 -3.85
C VAL B 2212 84.12 19.27 -3.86
N ASN B 2213 85.14 19.09 -4.70
CA ASN B 2213 85.81 17.80 -4.77
C ASN B 2213 86.45 17.42 -3.44
N VAL B 2214 87.17 18.36 -2.82
CA VAL B 2214 87.85 18.04 -1.57
C VAL B 2214 86.86 17.84 -0.42
N LEU B 2215 85.75 18.59 -0.42
CA LEU B 2215 84.76 18.41 0.63
C LEU B 2215 83.94 17.14 0.42
N GLY B 2216 83.82 16.67 -0.81
CA GLY B 2216 83.06 15.46 -1.08
C GLY B 2216 83.85 14.20 -0.82
N GLY B 2217 83.20 13.06 -1.08
CA GLY B 2217 83.84 11.77 -0.90
C GLY B 2217 83.63 11.19 0.48
N GLY B 2218 84.22 11.82 1.50
CA GLY B 2218 84.09 11.35 2.86
C GLY B 2218 83.33 12.31 3.75
N GLU B 2219 82.15 11.89 4.22
CA GLU B 2219 81.36 12.74 5.10
C GLU B 2219 82.09 13.01 6.40
N THR B 2220 82.71 11.97 6.97
CA THR B 2220 83.44 12.12 8.23
C THR B 2220 84.92 11.84 8.02
N GLU B 2222 87.47 13.66 8.60
CA GLU B 2222 88.67 14.33 8.13
C GLU B 2222 88.39 15.81 7.90
N ILE B 2223 89.41 16.62 8.16
CA ILE B 2223 89.42 18.03 7.80
C ILE B 2223 90.57 18.22 6.83
N ARG B 2224 90.82 17.16 6.04
CA ARG B 2224 92.08 16.94 5.34
C ARG B 2224 92.38 18.05 4.34
N PHE B 2225 93.66 18.18 4.04
CA PHE B 2225 94.29 19.31 3.36
C PHE B 2225 93.88 20.68 3.92
N PRO B 2226 94.34 21.08 5.11
CA PRO B 2226 94.37 22.50 5.44
C PRO B 2226 95.51 23.19 4.69
N LYS B 2227 95.50 24.53 4.79
CA LYS B 2227 96.36 25.53 4.14
C LYS B 2227 96.01 25.67 2.66
N MET B 2228 95.17 24.77 2.13
CA MET B 2228 94.54 24.97 0.84
C MET B 2228 93.08 25.36 0.99
N VAL B 2229 92.41 24.84 2.02
CA VAL B 2229 91.07 25.32 2.34
C VAL B 2229 91.13 26.77 2.82
N THR B 2230 92.25 27.18 3.41
CA THR B 2230 92.40 28.57 3.79
C THR B 2230 92.76 29.43 2.58
N SER B 2231 93.80 29.04 1.84
CA SER B 2231 94.34 29.87 0.79
C SER B 2231 93.40 30.01 -0.39
N CYS B 2232 92.51 29.03 -0.61
CA CYS B 2232 91.45 29.25 -1.59
C CYS B 2232 90.43 30.24 -1.07
N CYS B 2233 90.06 30.11 0.19
CA CYS B 2233 88.99 30.93 0.72
C CYS B 2233 89.45 32.34 1.03
N ARG B 2234 90.71 32.51 1.45
CA ARG B 2234 91.21 33.86 1.63
C ARG B 2234 91.55 34.52 0.31
N PHE B 2235 91.76 33.74 -0.76
CA PHE B 2235 91.77 34.31 -2.10
C PHE B 2235 90.40 34.86 -2.45
N LEU B 2236 89.36 34.17 -1.99
CA LEU B 2236 88.01 34.50 -2.42
C LEU B 2236 87.55 35.83 -1.84
N CYS B 2237 88.13 36.23 -0.70
CA CYS B 2237 87.76 37.51 -0.09
C CYS B 2237 88.31 38.70 -0.87
N TYR B 2238 89.39 38.52 -1.63
CA TYR B 2238 89.90 39.62 -2.45
C TYR B 2238 88.96 39.92 -3.60
N PHE B 2239 88.54 38.89 -4.33
CA PHE B 2239 87.55 39.08 -5.39
C PHE B 2239 86.18 39.43 -4.83
N CYS B 2240 85.93 39.07 -3.56
CA CYS B 2240 84.75 39.59 -2.89
C CYS B 2240 84.86 41.09 -2.65
N ARG B 2241 86.08 41.63 -2.56
CA ARG B 2241 86.24 43.01 -2.17
C ARG B 2241 86.18 43.97 -3.37
N ILE B 2242 86.94 43.70 -4.44
CA ILE B 2242 87.14 44.74 -5.43
C ILE B 2242 86.05 44.75 -6.48
N SER B 2243 84.87 45.22 -6.06
CA SER B 2243 83.72 45.68 -6.84
C SER B 2243 82.65 46.06 -5.85
N ARG B 2244 81.56 46.60 -6.38
CA ARG B 2244 80.27 46.59 -5.69
C ARG B 2244 79.36 45.51 -6.23
N GLN B 2245 79.87 44.66 -7.12
CA GLN B 2245 79.03 43.79 -7.93
C GLN B 2245 79.54 42.36 -7.93
N ASN B 2246 80.86 42.18 -7.73
CA ASN B 2246 81.43 40.83 -7.71
C ASN B 2246 80.94 40.05 -6.51
N GLN B 2247 80.80 40.72 -5.37
CA GLN B 2247 80.31 40.05 -4.18
C GLN B 2247 78.81 39.80 -4.23
N ARG B 2248 78.08 40.45 -5.14
CA ARG B 2248 76.72 40.01 -5.43
C ARG B 2248 76.73 38.63 -6.05
N SER B 2249 77.73 38.34 -6.88
CA SER B 2249 77.82 37.03 -7.52
C SER B 2249 78.15 35.94 -6.51
N MET B 2250 78.80 36.30 -5.40
CA MET B 2250 79.00 35.34 -4.32
C MET B 2250 77.82 35.26 -3.40
N PHE B 2251 76.96 36.27 -3.39
CA PHE B 2251 75.79 36.26 -2.54
C PHE B 2251 74.79 35.20 -3.00
N ASP B 2252 74.80 34.88 -4.30
CA ASP B 2252 74.00 33.78 -4.81
C ASP B 2252 74.46 32.45 -4.23
N HIS B 2253 75.76 32.30 -3.95
CA HIS B 2253 76.30 31.06 -3.44
C HIS B 2253 76.34 31.01 -1.92
N LEU B 2254 75.49 31.79 -1.24
CA LEU B 2254 75.67 31.96 0.20
C LEU B 2254 75.27 30.70 0.96
N SER B 2255 73.99 30.33 0.87
CA SER B 2255 73.50 29.13 1.54
C SER B 2255 74.11 27.86 0.95
N TYR B 2256 74.58 27.95 -0.30
CA TYR B 2256 75.44 26.92 -0.88
C TYR B 2256 76.65 26.64 0.00
N LEU B 2257 77.43 27.69 0.29
CA LEU B 2257 78.61 27.49 1.12
C LEU B 2257 78.30 27.47 2.61
N LEU B 2258 77.22 28.14 3.04
CA LEU B 2258 76.94 28.20 4.47
C LEU B 2258 76.44 26.86 4.98
N GLU B 2259 75.79 26.07 4.12
CA GLU B 2259 75.48 24.70 4.48
C GLU B 2259 76.75 23.87 4.65
N ASN B 2260 77.78 24.17 3.86
CA ASN B 2260 79.08 23.52 4.07
C ASN B 2260 79.82 24.15 5.24
N SER B 2261 79.55 25.42 5.54
CA SER B 2261 80.34 26.15 6.53
C SER B 2261 80.03 25.76 7.97
N GLY B 2262 78.96 25.02 8.21
CA GLY B 2262 78.69 24.62 9.57
C GLY B 2262 79.51 23.46 10.08
N ILE B 2263 80.33 22.84 9.24
CA ILE B 2263 81.05 21.62 9.59
C ILE B 2263 82.55 21.85 9.72
N GLY B 2264 83.03 23.06 9.50
CA GLY B 2264 84.46 23.32 9.63
C GLY B 2264 84.80 23.82 11.02
N LEU B 2265 85.21 25.10 11.09
CA LEU B 2265 85.45 25.84 12.34
C LEU B 2265 86.54 25.19 13.18
N GLY B 2266 87.70 25.01 12.55
CA GLY B 2266 88.84 24.44 13.24
C GLY B 2266 89.99 25.41 13.40
N MET B 2267 90.98 25.29 12.53
CA MET B 2267 92.16 26.13 12.56
C MET B 2267 91.80 27.57 12.19
N GLN B 2268 92.55 28.52 12.74
CA GLN B 2268 92.38 29.94 12.46
C GLN B 2268 92.77 30.26 11.02
N GLY B 2269 92.51 31.50 10.64
CA GLY B 2269 92.80 31.95 9.29
C GLY B 2269 91.54 32.18 8.49
N SER B 2270 91.53 31.72 7.25
CA SER B 2270 90.30 31.78 6.48
C SER B 2270 89.34 30.70 6.96
N THR B 2271 88.09 30.84 6.55
CA THR B 2271 86.97 30.04 7.02
C THR B 2271 85.86 30.22 6.00
N PRO B 2272 85.12 29.17 5.62
CA PRO B 2272 83.98 29.37 4.69
C PRO B 2272 82.92 30.31 5.24
N LEU B 2273 82.76 30.38 6.55
CA LEU B 2273 81.90 31.38 7.15
C LEU B 2273 82.48 32.78 6.93
N ASP B 2274 83.81 32.90 6.93
CA ASP B 2274 84.45 34.22 6.89
C ASP B 2274 84.23 34.91 5.55
N VAL B 2275 84.23 34.16 4.45
CA VAL B 2275 83.99 34.79 3.16
C VAL B 2275 82.52 35.14 2.99
N ALA B 2276 81.62 34.49 3.73
CA ALA B 2276 80.22 34.92 3.74
C ALA B 2276 80.07 36.20 4.52
N ALA B 2277 80.94 36.44 5.51
CA ALA B 2277 80.90 37.68 6.27
C ALA B 2277 81.33 38.85 5.41
N ALA B 2278 82.36 38.67 4.60
CA ALA B 2278 82.75 39.72 3.66
C ALA B 2278 81.76 39.87 2.53
N SER B 2279 80.89 38.88 2.32
CA SER B 2279 79.93 38.93 1.24
C SER B 2279 78.71 39.80 1.54
N VAL B 2280 78.65 40.49 2.68
CA VAL B 2280 77.47 41.27 3.03
C VAL B 2280 77.83 42.65 3.56
N ILE B 2281 79.11 42.96 3.73
CA ILE B 2281 79.52 44.27 4.24
C ILE B 2281 79.21 45.39 3.24
N ASP B 2282 79.11 45.07 1.95
CA ASP B 2282 78.64 46.03 0.95
C ASP B 2282 77.20 46.39 1.25
N ASN B 2283 77.00 47.59 1.77
CA ASN B 2283 75.84 47.91 2.58
C ASN B 2283 74.59 48.14 1.74
N ASN B 2284 73.45 47.70 2.29
CA ASN B 2284 72.09 48.08 1.94
C ASN B 2284 71.64 47.57 0.58
N GLU B 2285 72.50 46.94 -0.21
CA GLU B 2285 72.09 46.32 -1.46
C GLU B 2285 71.81 44.83 -1.30
N LEU B 2286 72.45 44.20 -0.32
CA LEU B 2286 72.20 42.81 0.01
C LEU B 2286 71.58 42.66 1.39
N ALA B 2287 71.62 43.69 2.22
CA ALA B 2287 70.87 43.68 3.46
C ALA B 2287 69.38 43.82 3.23
N LEU B 2288 68.95 44.27 2.07
CA LEU B 2288 67.53 44.29 1.74
C LEU B 2288 67.14 43.13 0.84
N ALA B 2289 68.09 42.51 0.15
CA ALA B 2289 67.87 41.26 -0.56
C ALA B 2289 68.29 40.07 0.30
N LEU B 2290 68.06 40.18 1.60
CA LEU B 2290 68.34 39.04 2.46
C LEU B 2290 67.30 37.99 2.12
N GLN B 2291 67.31 36.86 2.79
CA GLN B 2291 66.39 35.80 2.40
C GLN B 2291 65.95 34.86 3.51
N GLU B 2292 66.46 35.06 4.72
CA GLU B 2292 66.16 34.12 5.80
C GLU B 2292 66.80 32.81 5.39
N GLN B 2293 66.98 32.61 4.09
CA GLN B 2293 67.68 31.43 3.60
C GLN B 2293 68.57 30.84 4.68
N ASP B 2294 69.35 31.69 5.37
CA ASP B 2294 70.39 31.21 6.27
C ASP B 2294 70.36 31.81 7.67
N LEU B 2295 69.60 32.89 7.91
CA LEU B 2295 69.41 33.31 9.29
C LEU B 2295 68.54 32.34 10.05
N GLU B 2296 67.71 31.59 9.34
CA GLU B 2296 67.13 30.37 9.89
C GLU B 2296 68.21 29.37 10.26
N LYS B 2297 69.28 29.30 9.47
CA LYS B 2297 70.30 28.27 9.66
C LYS B 2297 71.32 28.65 10.72
N VAL B 2298 71.81 29.90 10.69
CA VAL B 2298 72.92 30.26 11.57
C VAL B 2298 72.48 30.36 13.02
N VAL B 2299 71.19 30.56 13.28
CA VAL B 2299 70.69 30.44 14.63
C VAL B 2299 70.71 28.98 15.06
N SER B 2300 70.35 28.07 14.15
CA SER B 2300 70.43 26.65 14.44
C SER B 2300 71.86 26.17 14.55
N TYR B 2301 72.78 26.79 13.79
CA TYR B 2301 74.20 26.54 14.03
C TYR B 2301 74.64 27.11 15.36
N LEU B 2302 74.05 28.22 15.79
CA LEU B 2302 74.30 28.75 17.12
C LEU B 2302 73.56 27.94 18.19
N ALA B 2303 72.43 27.34 17.82
CA ALA B 2303 71.68 26.53 18.77
C ALA B 2303 72.45 25.28 19.19
N GLY B 2304 73.15 24.66 18.24
CA GLY B 2304 74.06 23.60 18.60
C GLY B 2304 75.38 24.10 19.17
N CYS B 2305 75.72 25.36 18.93
CA CYS B 2305 76.97 25.91 19.42
C CYS B 2305 76.97 26.10 20.93
N GLY B 2306 75.80 26.27 21.53
CA GLY B 2306 75.69 26.34 22.97
C GLY B 2306 75.45 25.01 23.64
N LEU B 2307 75.37 23.92 22.88
CA LEU B 2307 75.12 22.60 23.43
C LEU B 2307 76.24 21.60 23.16
N GLN B 2308 77.13 21.87 22.22
CA GLN B 2308 78.32 21.05 22.04
C GLN B 2308 79.38 21.47 23.06
N SER B 2309 80.50 20.76 23.07
CA SER B 2309 81.52 21.01 24.09
C SER B 2309 82.91 21.04 23.48
N CYS B 2310 83.05 21.78 22.36
CA CYS B 2310 84.30 22.05 21.63
C CYS B 2310 85.03 20.77 21.25
N PRO B 2311 84.60 20.08 20.19
CA PRO B 2311 85.19 18.77 19.84
C PRO B 2311 86.67 18.81 19.52
N MET B 2312 87.17 19.90 18.96
CA MET B 2312 88.61 20.05 18.75
C MET B 2312 89.38 20.30 20.03
N LEU B 2313 88.69 20.65 21.11
CA LEU B 2313 89.30 20.77 22.42
C LEU B 2313 89.06 19.54 23.30
N LEU B 2314 88.20 18.63 22.85
CA LEU B 2314 88.03 17.36 23.57
C LEU B 2314 89.31 16.52 23.50
N ALA B 2315 89.88 16.39 22.29
CA ALA B 2315 91.08 15.59 22.08
C ALA B 2315 92.36 16.40 22.24
N LYS B 2316 92.34 17.46 23.05
CA LYS B 2316 93.56 18.22 23.30
C LYS B 2316 93.69 18.62 24.76
N GLY B 2317 92.99 17.94 25.67
CA GLY B 2317 93.12 18.19 27.09
C GLY B 2317 92.52 19.50 27.55
N TYR B 2318 91.20 19.61 27.51
CA TYR B 2318 90.49 20.81 27.93
C TYR B 2318 89.26 20.38 28.74
N PRO B 2319 88.83 21.19 29.71
CA PRO B 2319 87.80 20.73 30.66
C PRO B 2319 86.40 20.51 30.08
N ASP B 2320 86.17 20.81 28.80
CA ASP B 2320 84.97 20.42 28.04
C ASP B 2320 83.69 21.02 28.64
N ILE B 2321 83.66 22.35 28.68
CA ILE B 2321 82.47 23.04 29.14
C ILE B 2321 81.39 22.91 28.07
N GLY B 2322 80.14 22.74 28.49
CA GLY B 2322 79.07 22.36 27.58
C GLY B 2322 78.51 23.44 26.67
N TRP B 2323 79.33 24.40 26.29
CA TRP B 2323 79.03 25.36 25.25
C TRP B 2323 80.35 25.70 24.58
N ASN B 2324 80.37 26.69 23.68
CA ASN B 2324 81.55 26.99 22.90
C ASN B 2324 82.00 28.42 23.15
N PRO B 2325 82.93 28.63 24.09
CA PRO B 2325 83.57 29.95 24.22
C PRO B 2325 84.45 30.29 23.04
N CYS B 2326 84.97 29.29 22.34
CA CYS B 2326 85.67 29.54 21.09
C CYS B 2326 84.67 29.77 19.96
N GLY B 2327 83.86 28.76 19.67
CA GLY B 2327 83.09 28.73 18.42
C GLY B 2327 81.98 29.75 18.33
N GLY B 2328 81.49 30.23 19.47
CA GLY B 2328 80.47 31.27 19.43
C GLY B 2328 81.00 32.60 18.92
N GLU B 2329 82.27 32.89 19.21
CA GLU B 2329 82.91 34.08 18.66
C GLU B 2329 83.29 33.89 17.19
N ARG B 2330 83.38 32.66 16.72
CA ARG B 2330 83.50 32.42 15.29
C ARG B 2330 82.19 32.77 14.59
N TYR B 2331 81.07 32.53 15.25
CA TYR B 2331 79.79 33.11 14.85
C TYR B 2331 79.72 34.54 15.39
N LEU B 2332 78.53 35.16 15.31
CA LEU B 2332 78.17 36.42 15.95
C LEU B 2332 78.91 37.64 15.42
N ASP B 2333 79.89 37.45 14.54
CA ASP B 2333 80.43 38.53 13.74
C ASP B 2333 79.82 38.53 12.35
N PHE B 2334 79.36 37.38 11.89
CA PHE B 2334 78.51 37.35 10.71
C PHE B 2334 77.16 37.98 10.99
N LEU B 2335 76.61 37.75 12.18
CA LEU B 2335 75.37 38.40 12.57
C LEU B 2335 75.58 39.89 12.78
N ARG B 2336 76.77 40.26 13.27
CA ARG B 2336 77.11 41.67 13.44
C ARG B 2336 77.22 42.38 12.11
N PHE B 2337 77.74 41.70 11.09
CA PHE B 2337 78.03 42.38 9.84
C PHE B 2337 76.80 42.53 8.94
N ALA B 2338 75.63 42.12 9.41
CA ALA B 2338 74.42 42.44 8.67
C ALA B 2338 74.01 43.90 8.83
N VAL B 2339 74.32 44.49 10.00
CA VAL B 2339 73.75 45.78 10.40
C VAL B 2339 74.92 46.75 10.65
N PHE B 2340 75.97 46.66 9.84
CA PHE B 2340 77.27 47.12 10.32
C PHE B 2340 77.75 48.49 9.84
N VAL B 2341 78.00 48.64 8.54
CA VAL B 2341 78.50 49.90 7.99
C VAL B 2341 77.91 51.16 8.60
N ASN B 2342 76.81 51.63 8.03
CA ASN B 2342 76.21 52.87 8.52
C ASN B 2342 75.31 52.62 9.71
N GLY B 2343 75.92 52.26 10.85
CA GLY B 2343 75.14 52.00 12.04
C GLY B 2343 74.03 51.02 11.75
N GLU B 2344 72.84 51.29 12.28
CA GLU B 2344 71.72 50.40 12.06
C GLU B 2344 70.95 50.82 10.82
N SER B 2345 70.89 49.94 9.83
CA SER B 2345 70.14 50.25 8.62
C SER B 2345 68.66 50.17 8.91
N VAL B 2346 68.21 49.02 9.40
CA VAL B 2346 66.79 48.85 9.71
C VAL B 2346 66.60 47.65 10.63
N GLU B 2347 65.52 47.71 11.43
CA GLU B 2347 65.10 46.57 12.22
C GLU B 2347 64.73 45.36 11.35
N GLU B 2348 64.30 45.60 10.09
CA GLU B 2348 64.01 44.52 9.17
C GLU B 2348 65.23 43.66 8.85
N ASN B 2349 66.43 44.20 9.04
CA ASN B 2349 67.60 43.35 9.16
C ASN B 2349 67.54 42.53 10.43
N ALA B 2350 67.25 43.17 11.56
CA ALA B 2350 67.58 42.65 12.87
C ALA B 2350 66.39 42.22 13.69
N ASN B 2351 65.16 42.44 13.23
CA ASN B 2351 64.01 41.90 13.95
C ASN B 2351 64.01 40.39 13.89
N VAL B 2352 64.08 39.83 12.67
CA VAL B 2352 64.16 38.40 12.48
C VAL B 2352 65.46 37.81 13.00
N VAL B 2353 66.49 38.64 13.19
CA VAL B 2353 67.63 38.23 14.00
C VAL B 2353 67.19 38.03 15.45
N VAL B 2354 66.63 39.09 16.03
CA VAL B 2354 66.30 39.07 17.47
C VAL B 2354 65.10 38.17 17.74
N ARG B 2355 64.04 38.28 16.91
CA ARG B 2355 62.83 37.51 17.16
C ARG B 2355 63.01 36.02 16.94
N LEU B 2356 64.06 35.59 16.24
CA LEU B 2356 64.43 34.18 16.25
C LEU B 2356 65.41 33.84 17.36
N LEU B 2357 66.22 34.81 17.78
CA LEU B 2357 67.20 34.54 18.82
C LEU B 2357 66.54 34.37 20.19
N ILE B 2358 65.34 34.92 20.38
CA ILE B 2358 64.65 34.74 21.65
C ILE B 2358 63.84 33.46 21.73
N ARG B 2359 63.43 32.90 20.59
CA ARG B 2359 62.66 31.65 20.60
C ARG B 2359 63.52 30.46 21.01
N LYS B 2360 64.83 30.55 20.82
CA LYS B 2360 65.77 29.52 21.30
C LYS B 2360 66.74 30.20 22.25
N PRO B 2361 66.40 30.29 23.54
CA PRO B 2361 67.30 30.95 24.50
C PRO B 2361 68.54 30.13 24.85
N GLU B 2362 68.67 28.91 24.33
CA GLU B 2362 69.92 28.18 24.44
C GLU B 2362 71.02 28.76 23.57
N CYS B 2363 70.67 29.62 22.60
CA CYS B 2363 71.69 30.33 21.83
C CYS B 2363 72.45 31.33 22.66
N PHE B 2364 71.89 31.79 23.77
CA PHE B 2364 72.62 32.58 24.75
C PHE B 2364 73.69 31.74 25.43
N GLY B 2365 74.59 32.41 26.13
CA GLY B 2365 75.45 31.74 27.08
C GLY B 2365 74.61 31.21 28.22
N PRO B 2366 74.99 30.05 28.76
CA PRO B 2366 74.19 29.46 29.85
C PRO B 2366 74.33 30.20 31.16
N ALA B 2367 75.33 31.06 31.31
CA ALA B 2367 75.48 31.91 32.48
C ALA B 2367 74.62 33.18 32.41
N LEU B 2368 73.79 33.30 31.38
CA LEU B 2368 72.89 34.44 31.22
C LEU B 2368 71.43 34.04 31.22
N ARG B 2369 71.02 33.13 30.34
CA ARG B 2369 69.61 32.82 30.12
C ARG B 2369 69.23 31.49 30.76
N GLY B 2370 69.78 31.19 31.93
CA GLY B 2370 69.41 29.97 32.62
C GLY B 2370 68.01 30.06 33.20
N GLU B 2371 67.29 28.95 33.16
CA GLU B 2371 65.95 28.91 33.71
C GLU B 2371 65.95 28.90 35.24
N GLY B 2372 67.09 28.61 35.85
CA GLY B 2372 67.24 28.72 37.28
C GLY B 2372 67.97 29.98 37.66
N GLY B 2373 69.28 29.86 37.94
CA GLY B 2373 70.08 31.01 38.27
C GLY B 2373 71.19 31.25 37.27
N SER B 2374 71.29 32.47 36.77
CA SER B 2374 72.30 32.80 35.76
C SER B 2374 72.59 34.29 35.86
N GLY B 2375 73.68 34.64 36.54
CA GLY B 2375 74.08 36.03 36.65
C GLY B 2375 75.11 36.39 35.58
N LEU B 2376 74.90 37.55 34.95
CA LEU B 2376 75.79 38.01 33.90
C LEU B 2376 76.97 38.80 34.45
N LEU B 2377 76.72 39.67 35.44
CA LEU B 2377 77.83 40.31 36.14
C LEU B 2377 78.59 39.30 36.97
N ALA B 2378 77.91 38.27 37.48
CA ALA B 2378 78.57 37.18 38.16
C ALA B 2378 79.34 36.29 37.17
N ALA B 2379 78.93 36.27 35.90
CA ALA B 2379 79.66 35.50 34.91
C ALA B 2379 81.01 36.14 34.60
N ILE B 2380 81.04 37.46 34.45
CA ILE B 2380 82.29 38.14 34.16
C ILE B 2380 83.17 38.19 35.41
N GLU B 2381 82.55 38.30 36.59
CA GLU B 2381 83.30 38.22 37.84
C GLU B 2381 83.92 36.85 38.06
N GLU B 2382 83.26 35.79 37.57
CA GLU B 2382 83.88 34.47 37.58
C GLU B 2382 84.92 34.36 36.46
N ALA B 2383 84.75 35.12 35.39
CA ALA B 2383 85.66 35.03 34.25
C ALA B 2383 87.01 35.69 34.53
N ILE B 2384 87.10 36.57 35.51
CA ILE B 2384 88.38 37.18 35.86
C ILE B 2384 89.27 36.18 36.60
N ARG B 2385 88.67 35.37 37.47
CA ARG B 2385 89.43 34.37 38.21
C ARG B 2385 89.93 33.25 37.32
N ILE B 2386 89.19 32.94 36.24
CA ILE B 2386 89.65 31.93 35.28
C ILE B 2386 90.87 32.46 34.52
N SER B 2387 90.91 33.77 34.25
CA SER B 2387 92.12 34.37 33.72
C SER B 2387 93.25 34.41 34.74
N GLU B 2388 92.93 34.29 36.03
CA GLU B 2388 93.95 34.20 37.08
C GLU B 2388 94.29 32.76 37.44
N ASP B 2389 93.39 31.80 37.20
CA ASP B 2389 93.66 30.41 37.53
C ASP B 2389 94.11 29.69 36.26
N PRO B 2390 95.37 29.27 36.15
CA PRO B 2390 95.85 28.64 34.92
C PRO B 2390 95.37 27.21 34.74
N ALA B 2391 94.75 26.60 35.75
CA ALA B 2391 94.40 25.19 35.72
C ALA B 2391 93.06 24.92 35.04
N ARG B 2392 92.49 25.91 34.35
CA ARG B 2392 91.23 25.74 33.64
C ARG B 2392 91.42 25.46 32.16
N ASP B 2393 92.64 25.15 31.72
CA ASP B 2393 92.92 24.98 30.30
C ASP B 2393 93.90 23.85 30.08
N GLY B 2394 94.47 23.78 28.88
CA GLY B 2394 95.46 22.78 28.56
C GLY B 2394 96.85 23.20 29.00
N PRO B 2395 97.38 22.52 30.03
CA PRO B 2395 98.71 22.83 30.56
C PRO B 2395 99.38 21.61 31.19
N ASN B 2414 96.08 26.08 21.72
CA ASN B 2414 97.52 26.24 21.86
C ASN B 2414 97.93 27.70 21.71
N ARG B 2415 96.95 28.56 21.41
CA ARG B 2415 97.21 29.98 21.21
C ARG B 2415 96.96 30.79 22.48
N VAL B 2416 95.74 30.74 23.02
CA VAL B 2416 95.31 31.62 24.09
C VAL B 2416 94.70 30.78 25.21
N HIS B 2417 94.22 31.48 26.24
CA HIS B 2417 93.59 30.84 27.39
C HIS B 2417 92.12 30.57 27.07
N LEU B 2418 91.35 30.22 28.10
CA LEU B 2418 89.91 29.99 27.95
C LEU B 2418 89.04 31.06 28.56
N GLY B 2419 89.52 31.74 29.62
CA GLY B 2419 88.72 32.76 30.25
C GLY B 2419 88.53 34.00 29.40
N HIS B 2420 89.47 34.27 28.50
CA HIS B 2420 89.25 35.32 27.52
C HIS B 2420 88.17 34.93 26.52
N ALA B 2421 88.11 33.65 26.15
CA ALA B 2421 87.09 33.17 25.23
C ALA B 2421 85.71 33.15 25.87
N ILE B 2422 85.65 33.12 27.20
CA ILE B 2422 84.40 33.37 27.90
C ILE B 2422 83.90 34.78 27.62
N MET B 2423 84.74 35.77 27.95
CA MET B 2423 84.29 37.15 27.99
C MET B 2423 84.18 37.75 26.59
N SER B 2424 85.06 37.34 25.67
CA SER B 2424 85.00 37.87 24.31
C SER B 2424 83.76 37.39 23.57
N PHE B 2425 83.25 36.21 23.93
CA PHE B 2425 81.92 35.83 23.48
C PHE B 2425 80.86 36.69 24.13
N TYR B 2426 80.98 36.91 25.44
CA TYR B 2426 80.01 37.74 26.14
C TYR B 2426 80.14 39.21 25.75
N ALA B 2427 81.31 39.64 25.29
CA ALA B 2427 81.44 40.95 24.69
C ALA B 2427 81.02 40.97 23.23
N ALA B 2428 80.71 39.82 22.64
CA ALA B 2428 80.19 39.76 21.29
C ALA B 2428 78.68 39.67 21.23
N LEU B 2429 78.05 39.07 22.25
CA LEU B 2429 76.60 39.04 22.31
C LEU B 2429 76.05 40.43 22.60
N ILE B 2430 76.76 41.23 23.38
CA ILE B 2430 76.30 42.56 23.72
C ILE B 2430 76.48 43.52 22.54
N ASP B 2431 77.64 43.45 21.89
CA ASP B 2431 77.92 44.33 20.76
C ASP B 2431 77.04 44.00 19.54
N LEU B 2432 76.49 42.80 19.47
CA LEU B 2432 75.46 42.51 18.50
C LEU B 2432 74.21 43.33 18.77
N LEU B 2433 73.67 43.20 19.99
CA LEU B 2433 72.41 43.85 20.34
C LEU B 2433 72.55 45.36 20.40
N GLY B 2434 73.76 45.85 20.64
CA GLY B 2434 74.01 47.27 20.49
C GLY B 2434 73.91 47.73 19.05
N ARG B 2435 74.48 46.94 18.13
CA ARG B 2435 74.27 47.21 16.72
C ARG B 2435 72.94 46.70 16.22
N CYS B 2436 72.25 45.86 17.00
CA CYS B 2436 70.85 45.54 16.76
C CYS B 2436 69.93 46.44 17.56
N ALA B 2437 70.33 47.70 17.75
CA ALA B 2437 69.48 48.68 18.41
C ALA B 2437 68.18 48.85 17.64
N PRO B 2438 67.05 49.00 18.32
CA PRO B 2438 65.75 48.96 17.63
C PRO B 2438 65.51 50.14 16.74
N GLU B 2439 66.19 51.25 16.98
CA GLU B 2439 66.01 52.43 16.16
C GLU B 2439 67.25 53.30 16.31
N MET B 2440 67.35 54.27 15.42
CA MET B 2440 68.24 55.40 15.62
C MET B 2440 67.45 56.52 16.29
N HIS B 2441 68.04 57.73 16.30
CA HIS B 2441 67.36 58.90 16.83
C HIS B 2441 66.15 59.29 15.99
N LEU B 2442 66.10 58.87 14.73
CA LEU B 2442 65.00 59.14 13.82
C LEU B 2442 63.68 58.54 14.28
N ILE B 2443 63.61 57.21 14.32
CA ILE B 2443 62.34 56.54 14.45
C ILE B 2443 62.15 55.92 15.83
N GLN B 2444 63.01 56.26 16.79
CA GLN B 2444 62.72 55.88 18.17
C GLN B 2444 61.65 56.78 18.77
N ALA B 2445 61.50 57.99 18.23
CA ALA B 2445 60.57 58.97 18.76
C ALA B 2445 59.23 58.96 18.05
N GLY B 2446 59.12 58.33 16.88
CA GLY B 2446 57.90 58.39 16.12
C GLY B 2446 57.38 57.04 15.68
N LYS B 2447 57.50 56.03 16.52
CA LYS B 2447 57.07 54.69 16.16
C LYS B 2447 56.70 53.93 17.44
N GLY B 2448 55.62 53.14 17.36
CA GLY B 2448 55.23 52.30 18.46
C GLY B 2448 55.65 50.85 18.27
N GLU B 2449 56.11 50.51 17.07
CA GLU B 2449 56.52 49.14 16.79
C GLU B 2449 57.91 48.86 17.34
N ALA B 2450 58.82 49.82 17.24
CA ALA B 2450 60.18 49.62 17.72
C ALA B 2450 60.29 49.63 19.23
N LEU B 2451 59.24 50.03 19.94
CA LEU B 2451 59.27 50.02 21.40
C LEU B 2451 59.34 48.60 21.94
N ARG B 2452 58.75 47.65 21.22
CA ARG B 2452 58.75 46.24 21.64
C ARG B 2452 60.15 45.68 21.70
N ILE B 2453 60.96 45.97 20.67
CA ILE B 2453 62.34 45.48 20.63
C ILE B 2453 63.16 46.15 21.71
N ARG B 2454 62.89 47.44 21.97
CA ARG B 2454 63.61 48.13 23.03
C ARG B 2454 63.13 47.68 24.40
N ALA B 2455 61.88 47.20 24.48
CA ALA B 2455 61.42 46.59 25.72
C ALA B 2455 62.13 45.27 25.98
N ILE B 2456 62.45 44.53 24.91
CA ILE B 2456 63.12 43.25 25.08
C ILE B 2456 64.58 43.44 25.47
N LEU B 2457 65.27 44.36 24.79
CA LEU B 2457 66.70 44.58 25.02
C LEU B 2457 66.95 45.17 26.41
N ARG B 2458 66.03 45.99 26.90
CA ARG B 2458 66.15 46.47 28.26
C ARG B 2458 65.78 45.39 29.27
N SER B 2459 64.97 44.42 28.86
CA SER B 2459 64.60 43.34 29.78
C SER B 2459 65.64 42.25 29.83
N LEU B 2460 66.39 42.04 28.76
CA LEU B 2460 67.44 41.02 28.78
C LEU B 2460 68.61 41.46 29.66
N VAL B 2461 69.27 42.56 29.27
CA VAL B 2461 70.34 43.14 30.07
C VAL B 2461 69.78 44.34 30.81
N PRO B 2462 69.82 44.36 32.14
CA PRO B 2462 69.40 45.54 32.88
C PRO B 2462 70.54 46.54 33.02
N LEU B 2463 70.19 47.73 33.49
CA LEU B 2463 71.19 48.69 33.91
C LEU B 2463 71.72 48.26 35.29
N ASP B 2464 72.86 48.87 35.66
CA ASP B 2464 73.62 48.60 36.89
C ASP B 2464 74.19 47.19 36.93
N ASP B 2465 74.23 46.52 35.78
CA ASP B 2465 75.07 45.36 35.55
C ASP B 2465 76.19 45.68 34.58
N LEU B 2466 75.86 46.40 33.51
CA LEU B 2466 76.87 46.90 32.59
C LEU B 2466 77.73 48.00 33.19
N VAL B 2467 77.24 48.65 34.25
CA VAL B 2467 77.98 49.73 34.90
C VAL B 2467 79.23 49.17 35.57
N GLY B 2468 79.08 48.09 36.32
CA GLY B 2468 80.22 47.44 36.94
C GLY B 2468 81.17 46.79 35.95
N ILE B 2469 80.67 46.42 34.78
CA ILE B 2469 81.54 45.90 33.72
C ILE B 2469 82.45 47.02 33.19
N ILE B 2470 81.93 48.25 33.15
CA ILE B 2470 82.76 49.39 32.79
C ILE B 2470 83.79 49.66 33.88
N SER B 2471 83.38 49.58 35.15
CA SER B 2471 84.30 49.81 36.26
C SER B 2471 84.95 48.52 36.75
N LEU B 2472 85.42 47.71 35.81
CA LEU B 2472 86.08 46.47 36.19
C LEU B 2472 87.59 46.66 36.15
N PRO B 2473 88.20 46.87 37.33
CA PRO B 2473 89.64 47.13 37.38
C PRO B 2473 90.43 46.00 36.74
N LEU B 2474 91.59 46.32 36.17
CA LEU B 2474 92.42 45.31 35.55
C LEU B 2474 93.88 45.58 35.83
N GLN B 2475 94.69 45.72 34.78
CA GLN B 2475 96.11 45.99 34.95
C GLN B 2475 96.63 46.91 33.85
N ILE B 2476 97.85 47.38 34.00
CA ILE B 2476 98.45 48.25 33.00
C ILE B 2476 99.85 47.76 32.72
N PRO B 2477 100.23 47.53 31.47
CA PRO B 2477 101.61 47.12 31.16
C PRO B 2477 102.62 48.25 31.31
N THR B 2478 103.01 48.51 32.56
CA THR B 2478 104.06 49.49 32.86
C THR B 2478 104.94 48.89 33.95
N GLY B 2483 113.90 48.07 37.08
CA GLY B 2483 113.61 47.78 35.69
C GLY B 2483 112.45 48.59 35.14
N ALA B 2484 111.97 48.19 33.97
CA ALA B 2484 110.85 48.89 33.33
C ALA B 2484 109.53 48.44 33.94
N LEU B 2485 108.47 49.18 33.62
CA LEU B 2485 107.14 48.85 34.11
C LEU B 2485 106.65 47.53 33.51
N VAL B 2486 106.00 46.73 34.34
CA VAL B 2486 105.50 45.42 33.93
C VAL B 2486 104.08 45.63 33.39
N GLN B 2487 103.98 45.79 32.07
CA GLN B 2487 102.69 45.97 31.42
C GLN B 2487 102.06 44.61 31.15
N PRO B 2488 100.84 44.35 31.62
CA PRO B 2488 100.21 43.04 31.36
C PRO B 2488 99.95 42.83 29.88
N LYS B 2489 99.96 41.57 29.48
CA LYS B 2489 99.72 41.21 28.08
C LYS B 2489 98.30 41.58 27.68
N MET B 2490 98.16 42.12 26.46
CA MET B 2490 96.85 42.55 25.99
C MET B 2490 95.93 41.37 25.71
N SER B 2491 96.50 40.22 25.30
CA SER B 2491 95.70 39.04 24.98
C SER B 2491 95.47 38.14 26.18
N ALA B 2492 95.93 38.53 27.37
CA ALA B 2492 95.79 37.69 28.56
C ALA B 2492 95.38 38.50 29.77
N SER B 2493 94.63 39.59 29.57
CA SER B 2493 94.20 40.44 30.67
C SER B 2493 93.00 41.26 30.20
N PHE B 2494 92.45 42.05 31.12
CA PHE B 2494 91.32 42.92 30.80
C PHE B 2494 91.75 44.01 29.83
N VAL B 2495 90.85 44.35 28.91
CA VAL B 2495 91.14 45.33 27.87
C VAL B 2495 89.99 46.33 27.80
N PRO B 2496 90.26 47.63 27.67
CA PRO B 2496 89.16 48.61 27.62
C PRO B 2496 88.24 48.46 26.42
N ASP B 2497 88.65 47.69 25.40
CA ASP B 2497 87.75 47.40 24.28
C ASP B 2497 86.47 46.74 24.77
N HIS B 2498 86.55 45.94 25.85
CA HIS B 2498 85.35 45.39 26.45
C HIS B 2498 84.47 46.48 27.04
N LYS B 2499 85.09 47.48 27.68
CA LYS B 2499 84.34 48.61 28.21
C LYS B 2499 83.74 49.47 27.10
N ALA B 2500 84.33 49.43 25.91
CA ALA B 2500 83.76 50.17 24.78
C ALA B 2500 82.36 49.67 24.44
N SER B 2501 82.17 48.35 24.49
CA SER B 2501 80.83 47.79 24.26
C SER B 2501 79.86 48.24 25.34
N MET B 2502 80.33 48.29 26.59
CA MET B 2502 79.47 48.77 27.68
C MET B 2502 79.05 50.21 27.45
N VAL B 2503 79.99 51.06 27.04
CA VAL B 2503 79.69 52.46 26.77
C VAL B 2503 78.71 52.59 25.60
N LEU B 2504 78.92 51.79 24.56
CA LEU B 2504 78.03 51.84 23.40
C LEU B 2504 76.61 51.42 23.79
N PHE B 2505 76.49 50.35 24.58
CA PHE B 2505 75.17 49.95 25.05
C PHE B 2505 74.53 51.02 25.91
N LEU B 2506 75.31 51.63 26.80
CA LEU B 2506 74.80 52.74 27.61
C LEU B 2506 74.22 53.84 26.74
N ASP B 2507 74.99 54.28 25.75
CA ASP B 2507 74.55 55.37 24.88
C ASP B 2507 73.29 54.97 24.11
N ARG B 2508 73.30 53.78 23.50
CA ARG B 2508 72.24 53.42 22.58
C ARG B 2508 70.96 52.91 23.26
N VAL B 2509 71.00 52.58 24.55
CA VAL B 2509 69.83 52.10 25.26
C VAL B 2509 69.43 53.03 26.40
N TYR B 2510 70.35 53.28 27.34
CA TYR B 2510 69.99 54.00 28.56
C TYR B 2510 70.19 55.50 28.43
N GLY B 2511 71.42 55.93 28.18
CA GLY B 2511 71.74 57.35 28.15
C GLY B 2511 71.80 57.93 29.55
N ILE B 2512 72.19 59.19 29.62
CA ILE B 2512 72.30 59.91 30.89
C ILE B 2512 71.69 61.29 30.72
N GLU B 2513 70.87 61.71 31.69
CA GLU B 2513 70.34 63.07 31.71
C GLU B 2513 70.84 63.85 32.91
N ASN B 2514 70.57 63.40 34.13
CA ASN B 2514 71.09 64.09 35.32
C ASN B 2514 71.58 63.15 36.42
N GLN B 2515 71.12 61.90 36.48
CA GLN B 2515 71.42 61.05 37.63
C GLN B 2515 72.83 60.45 37.54
N ASP B 2516 73.08 59.64 36.51
CA ASP B 2516 74.38 59.02 36.35
C ASP B 2516 75.46 60.01 35.93
N PHE B 2517 75.08 61.23 35.57
CA PHE B 2517 76.04 62.22 35.10
C PHE B 2517 77.04 62.63 36.18
N LEU B 2518 76.78 62.28 37.43
CA LEU B 2518 77.75 62.55 38.49
C LEU B 2518 78.69 61.38 38.72
N LEU B 2519 78.12 60.21 39.05
CA LEU B 2519 78.94 59.05 39.40
C LEU B 2519 79.70 58.49 38.20
N HIS B 2520 79.11 58.51 37.00
CA HIS B 2520 79.82 58.01 35.83
C HIS B 2520 81.04 58.87 35.52
N VAL B 2521 80.89 60.20 35.56
CA VAL B 2521 82.01 61.09 35.32
C VAL B 2521 83.04 60.98 36.43
N LEU B 2522 82.59 60.79 37.68
CA LEU B 2522 83.53 60.60 38.77
C LEU B 2522 84.35 59.33 38.58
N ASP B 2523 83.70 58.24 38.13
CA ASP B 2523 84.42 57.00 37.92
C ASP B 2523 85.39 57.09 36.75
N VAL B 2524 84.96 57.72 35.64
CA VAL B 2524 85.85 57.84 34.49
C VAL B 2524 86.87 58.95 34.63
N GLY B 2525 86.79 59.76 35.68
CA GLY B 2525 87.71 60.87 35.83
C GLY B 2525 89.14 60.42 36.11
N PHE B 2526 89.31 59.39 36.93
CA PHE B 2526 90.64 58.99 37.39
C PHE B 2526 91.29 57.93 36.51
N LEU B 2527 90.65 57.51 35.42
CA LEU B 2527 91.31 56.59 34.50
C LEU B 2527 92.57 57.17 33.88
N PRO B 2528 92.57 58.40 33.34
CA PRO B 2528 93.83 59.00 32.87
C PRO B 2528 94.63 59.57 34.05
N ASP B 2529 95.71 58.88 34.40
CA ASP B 2529 96.59 59.31 35.50
C ASP B 2529 97.74 60.09 34.89
N MET B 2530 97.74 61.40 35.13
CA MET B 2530 98.72 62.32 34.53
C MET B 2530 98.73 62.16 33.02
N ARG B 2531 97.54 62.36 32.43
CA ARG B 2531 97.32 62.13 30.99
C ARG B 2531 97.70 60.69 30.61
N ALA B 2532 97.30 59.74 31.45
CA ALA B 2532 97.64 58.32 31.27
C ALA B 2532 99.14 58.13 31.14
N ALA B 2533 99.90 58.82 31.99
CA ALA B 2533 101.36 58.80 31.99
C ALA B 2533 101.90 59.23 30.62
N ALA B 2534 101.61 60.49 30.29
CA ALA B 2534 101.99 61.04 28.99
C ALA B 2534 103.49 61.03 28.77
N SER B 2535 104.30 61.03 29.84
CA SER B 2535 105.74 60.94 29.69
C SER B 2535 106.12 59.60 29.08
N LEU B 2536 107.23 59.60 28.32
CA LEU B 2536 107.63 58.41 27.58
C LEU B 2536 108.16 57.34 28.53
N ASP B 2537 107.28 56.43 28.93
CA ASP B 2537 107.65 55.36 29.85
C ASP B 2537 107.47 53.97 29.26
N THR B 2538 106.32 53.68 28.64
CA THR B 2538 106.05 52.36 28.08
C THR B 2538 105.74 52.41 26.58
N ALA B 2539 104.79 53.26 26.18
CA ALA B 2539 104.33 53.36 24.79
C ALA B 2539 103.82 52.01 24.27
N THR B 2540 103.19 51.23 25.14
CA THR B 2540 102.63 49.93 24.77
C THR B 2540 101.13 49.83 24.98
N PHE B 2541 100.57 50.55 25.94
CA PHE B 2541 99.14 50.51 26.24
C PHE B 2541 98.52 51.83 25.78
N SER B 2542 98.15 51.87 24.50
CA SER B 2542 97.50 53.03 23.91
C SER B 2542 96.00 52.83 23.73
N THR B 2543 95.46 51.72 24.24
CA THR B 2543 94.03 51.47 24.09
C THR B 2543 93.18 52.46 24.88
N THR B 2544 93.77 53.07 25.92
CA THR B 2544 93.05 54.11 26.65
C THR B 2544 92.77 55.31 25.75
N GLU B 2545 93.75 55.69 24.92
CA GLU B 2545 93.52 56.76 23.96
C GLU B 2545 92.47 56.37 22.93
N MET B 2546 92.43 55.08 22.56
CA MET B 2546 91.40 54.61 21.64
C MET B 2546 90.01 54.72 22.26
N ALA B 2547 89.87 54.32 23.52
CA ALA B 2547 88.59 54.43 24.21
C ALA B 2547 88.24 55.87 24.56
N LEU B 2548 89.21 56.77 24.54
CA LEU B 2548 88.90 58.19 24.71
C LEU B 2548 87.98 58.68 23.62
N ALA B 2549 88.27 58.32 22.36
CA ALA B 2549 87.43 58.72 21.24
C ALA B 2549 86.03 58.10 21.29
N LEU B 2550 85.84 57.08 22.13
CA LEU B 2550 84.53 56.44 22.26
C LEU B 2550 83.74 56.93 23.46
N ASN B 2551 84.41 57.33 24.55
CA ASN B 2551 83.69 57.81 25.72
C ASN B 2551 83.55 59.32 25.78
N ARG B 2552 84.54 60.09 25.29
CA ARG B 2552 84.38 61.53 25.26
C ARG B 2552 83.27 61.96 24.32
N TYR B 2553 83.00 61.17 23.28
CA TYR B 2553 81.89 61.47 22.38
C TYR B 2553 80.56 61.42 23.12
N LEU B 2554 80.37 60.40 23.97
CA LEU B 2554 79.18 60.36 24.80
C LEU B 2554 79.19 61.50 25.80
N CYS B 2555 80.37 61.82 26.36
CA CYS B 2555 80.47 62.93 27.30
C CYS B 2555 80.03 64.24 26.67
N LEU B 2556 80.25 64.41 25.36
CA LEU B 2556 79.83 65.64 24.69
C LEU B 2556 78.34 65.67 24.44
N ALA B 2557 77.69 64.51 24.35
CA ALA B 2557 76.26 64.46 24.04
C ALA B 2557 75.40 65.08 25.14
N VAL B 2558 75.96 65.33 26.33
CA VAL B 2558 75.21 65.90 27.43
C VAL B 2558 75.99 67.06 28.01
N LEU B 2559 75.27 68.01 28.60
CA LEU B 2559 75.85 69.14 29.33
C LEU B 2559 75.13 69.31 30.66
N PRO B 2560 75.27 68.34 31.57
CA PRO B 2560 74.54 68.42 32.84
C PRO B 2560 75.35 69.01 33.99
N LEU B 2561 76.65 69.23 33.79
CA LEU B 2561 77.51 69.75 34.85
C LEU B 2561 77.56 71.28 34.76
N ILE B 2562 76.43 71.89 35.13
CA ILE B 2562 76.24 73.32 34.98
C ILE B 2562 76.00 74.02 36.32
N THR B 2563 75.21 73.41 37.19
CA THR B 2563 74.64 74.16 38.32
C THR B 2563 75.66 74.42 39.43
N LYS B 2564 76.13 73.36 40.09
CA LYS B 2564 76.97 73.50 41.27
C LYS B 2564 77.57 72.13 41.59
N CYS B 2565 78.18 72.03 42.78
CA CYS B 2565 78.77 70.81 43.33
C CYS B 2565 79.58 70.06 42.26
N ALA B 2566 80.63 70.72 41.80
CA ALA B 2566 81.50 70.19 40.76
C ALA B 2566 82.95 70.22 41.24
N PRO B 2567 83.38 69.19 41.98
CA PRO B 2567 84.79 69.10 42.35
C PRO B 2567 85.65 68.35 41.35
N LEU B 2568 85.14 68.14 40.12
CA LEU B 2568 85.92 67.55 39.04
C LEU B 2568 86.76 68.57 38.30
N PHE B 2569 87.14 69.68 38.96
CA PHE B 2569 88.09 70.61 38.36
C PHE B 2569 89.41 69.91 38.06
N ALA B 2570 89.82 68.97 38.92
CA ALA B 2570 90.99 68.15 38.63
C ALA B 2570 90.76 67.31 37.38
N GLY B 2571 89.52 66.85 37.17
CA GLY B 2571 89.22 66.11 35.96
C GLY B 2571 89.34 66.98 34.71
N THR B 2572 88.85 68.22 34.79
CA THR B 2572 89.00 69.14 33.66
C THR B 2572 90.48 69.46 33.40
N GLU B 2573 91.26 69.62 34.48
CA GLU B 2573 92.70 69.84 34.31
C GLU B 2573 93.36 68.64 33.65
N HIS B 2574 92.96 67.43 34.05
CA HIS B 2574 93.51 66.22 33.45
C HIS B 2574 93.16 66.14 31.97
N ARG B 2575 91.92 66.48 31.62
CA ARG B 2575 91.52 66.49 30.21
C ARG B 2575 92.32 67.52 29.42
N ALA B 2576 92.51 68.71 30.00
CA ALA B 2576 93.30 69.74 29.33
C ALA B 2576 94.73 69.31 29.12
N ILE B 2577 95.33 68.65 30.14
CA ILE B 2577 96.70 68.19 29.99
C ILE B 2577 96.80 67.04 29.00
N MET B 2578 95.73 66.23 28.89
CA MET B 2578 95.71 65.19 27.87
C MET B 2578 95.67 65.81 26.48
N VAL B 2579 94.90 66.88 26.31
CA VAL B 2579 94.89 67.59 25.03
C VAL B 2579 96.26 68.18 24.74
N ASP B 2580 96.88 68.81 25.75
CA ASP B 2580 98.15 69.50 25.52
C ASP B 2580 99.31 68.52 25.39
N SER B 2581 99.29 67.41 26.11
CA SER B 2581 100.37 66.44 26.10
C SER B 2581 99.93 65.22 25.29
N MET B 2582 100.52 65.06 24.11
CA MET B 2582 100.26 63.93 23.23
C MET B 2582 101.56 63.22 22.87
N LEU B 2583 102.47 63.12 23.85
CA LEU B 2583 103.77 62.50 23.58
C LEU B 2583 103.61 61.02 23.26
N HIS B 2584 102.71 60.33 23.94
CA HIS B 2584 102.51 58.89 23.75
C HIS B 2584 101.51 58.67 22.62
N THR B 2585 101.98 58.13 21.51
CA THR B 2585 101.13 57.76 20.37
C THR B 2585 100.28 58.95 19.92
N VAL B 2586 100.96 59.98 19.43
CA VAL B 2586 100.27 61.18 18.95
C VAL B 2586 99.37 60.82 17.78
N TYR B 2587 98.15 61.36 17.81
CA TYR B 2587 97.18 61.11 16.75
C TYR B 2587 96.37 62.39 16.56
N ARG B 2588 96.53 63.02 15.39
CA ARG B 2588 95.83 64.29 15.13
C ARG B 2588 94.32 64.08 15.09
N LEU B 2589 93.87 62.96 14.55
CA LEU B 2589 92.44 62.68 14.49
C LEU B 2589 91.84 62.58 15.89
N SER B 2590 92.50 61.87 16.79
CA SER B 2590 92.04 61.78 18.17
C SER B 2590 92.24 63.11 18.90
N ARG B 2591 93.30 63.84 18.53
CA ARG B 2591 93.52 65.16 19.11
C ARG B 2591 92.39 66.13 18.78
N GLY B 2592 91.83 66.04 17.56
CA GLY B 2592 90.68 66.87 17.24
C GLY B 2592 89.48 66.58 18.12
N ARG B 2593 89.21 65.29 18.35
CA ARG B 2593 88.11 64.92 19.24
C ARG B 2593 88.37 65.40 20.67
N SER B 2594 89.61 65.27 21.15
CA SER B 2594 89.93 65.73 22.50
C SER B 2594 89.78 67.25 22.62
N LEU B 2595 90.25 67.99 21.62
CA LEU B 2595 90.16 69.44 21.69
C LEU B 2595 88.72 69.93 21.57
N THR B 2596 87.91 69.29 20.73
CA THR B 2596 86.50 69.66 20.68
C THR B 2596 85.77 69.24 21.94
N LYS B 2597 86.21 68.17 22.61
CA LYS B 2597 85.68 67.84 23.92
C LYS B 2597 85.97 68.95 24.93
N ALA B 2598 87.21 69.43 24.95
CA ALA B 2598 87.54 70.54 25.84
C ALA B 2598 86.73 71.79 25.52
N GLN B 2599 86.58 72.10 24.23
CA GLN B 2599 85.83 73.28 23.83
C GLN B 2599 84.36 73.17 24.23
N ARG B 2600 83.75 72.00 24.01
CA ARG B 2600 82.36 71.80 24.41
C ARG B 2600 82.19 71.87 25.91
N ASP B 2601 83.15 71.33 26.67
CA ASP B 2601 83.07 71.38 28.12
C ASP B 2601 83.17 72.82 28.63
N VAL B 2602 84.08 73.61 28.05
CA VAL B 2602 84.26 74.98 28.53
C VAL B 2602 83.20 75.94 28.00
N ILE B 2603 82.50 75.58 26.92
CA ILE B 2603 81.48 76.48 26.38
C ILE B 2603 80.15 76.37 27.10
N GLU B 2604 79.96 75.35 27.93
CA GLU B 2604 78.68 75.14 28.62
C GLU B 2604 78.71 75.57 30.08
N ASP B 2605 79.83 75.35 30.77
CA ASP B 2605 79.94 75.68 32.19
C ASP B 2605 81.20 76.51 32.43
N CYS B 2606 81.08 77.49 33.32
CA CYS B 2606 82.17 78.38 33.66
C CYS B 2606 81.79 79.11 34.95
N LEU B 2607 82.58 80.13 35.28
CA LEU B 2607 82.39 81.02 36.44
C LEU B 2607 81.98 80.28 37.71
N MET B 2608 82.57 79.11 37.95
CA MET B 2608 82.37 78.38 39.19
C MET B 2608 83.59 78.41 40.10
N ALA B 2609 84.75 78.81 39.59
CA ALA B 2609 85.97 78.91 40.38
C ALA B 2609 86.90 79.90 39.68
N LEU B 2610 88.15 79.93 40.09
CA LEU B 2610 89.14 80.79 39.44
C LEU B 2610 90.40 80.03 39.03
N CYS B 2611 90.86 79.09 39.86
CA CYS B 2611 92.11 78.39 39.57
C CYS B 2611 91.99 77.43 38.39
N ARG B 2612 90.82 76.82 38.21
CA ARG B 2612 90.64 75.79 37.18
C ARG B 2612 90.76 76.33 35.76
N TYR B 2613 90.77 77.65 35.59
CA TYR B 2613 90.98 78.27 34.29
C TYR B 2613 92.35 78.89 34.13
N ILE B 2614 92.85 79.60 35.15
CA ILE B 2614 94.16 80.22 35.04
C ILE B 2614 95.26 79.17 35.05
N ARG B 2615 95.12 78.12 35.87
CA ARG B 2615 96.15 77.09 35.92
C ARG B 2615 96.39 76.41 34.57
N PRO B 2616 95.37 75.96 33.83
CA PRO B 2616 95.62 75.49 32.46
C PRO B 2616 96.15 76.59 31.55
N SER B 2617 95.72 77.83 31.76
CA SER B 2617 96.16 78.95 30.95
C SER B 2617 97.47 79.55 31.42
N MET B 2618 98.05 79.03 32.51
CA MET B 2618 99.36 79.50 32.95
C MET B 2618 100.43 79.21 31.91
N LEU B 2619 100.35 78.05 31.26
CA LEU B 2619 101.30 77.73 30.20
C LEU B 2619 101.17 78.69 29.03
N GLN B 2620 99.93 79.03 28.66
CA GLN B 2620 99.72 80.00 27.58
C GLN B 2620 100.23 81.38 27.97
N HIS B 2621 100.02 81.78 29.23
CA HIS B 2621 100.52 83.07 29.69
C HIS B 2621 102.04 83.12 29.68
N LEU B 2622 102.69 82.03 30.10
CA LEU B 2622 104.15 82.00 30.10
C LEU B 2622 104.71 81.70 28.71
N LEU B 2623 104.33 80.56 28.14
CA LEU B 2623 104.76 80.16 26.80
C LEU B 2623 103.62 80.44 25.82
N ARG B 2624 103.56 81.69 25.37
CA ARG B 2624 102.51 82.11 24.44
C ARG B 2624 102.83 81.78 23.00
N ARG B 2625 104.04 81.30 22.70
CA ARG B 2625 104.42 80.94 21.35
C ARG B 2625 104.27 79.45 21.07
N LEU B 2626 103.72 78.69 22.02
CA LEU B 2626 103.53 77.26 21.82
C LEU B 2626 102.50 77.00 20.73
N VAL B 2627 102.78 76.01 19.89
CA VAL B 2627 101.90 75.69 18.76
C VAL B 2627 100.72 74.82 19.17
N PHE B 2628 100.74 74.24 20.37
CA PHE B 2628 99.67 73.36 20.83
C PHE B 2628 98.71 74.05 21.78
N ASP B 2629 98.78 75.38 21.88
CA ASP B 2629 97.91 76.14 22.79
C ASP B 2629 96.75 76.80 22.07
N VAL B 2630 96.51 76.47 20.80
CA VAL B 2630 95.41 77.09 20.06
C VAL B 2630 94.05 76.75 20.68
N PRO B 2631 93.76 75.51 21.08
CA PRO B 2631 92.53 75.29 21.87
C PRO B 2631 92.46 76.14 23.12
N ILE B 2632 93.59 76.33 23.81
CA ILE B 2632 93.58 77.10 25.05
C ILE B 2632 93.24 78.56 24.77
N LEU B 2633 93.85 79.14 23.73
CA LEU B 2633 93.54 80.51 23.36
C LEU B 2633 92.09 80.65 22.89
N ASN B 2634 91.61 79.66 22.14
CA ASN B 2634 90.22 79.70 21.69
C ASN B 2634 89.25 79.69 22.87
N GLU B 2635 89.51 78.85 23.87
CA GLU B 2635 88.66 78.81 25.05
C GLU B 2635 88.76 80.10 25.86
N PHE B 2636 89.98 80.62 26.03
CA PHE B 2636 90.19 81.85 26.78
C PHE B 2636 89.63 83.07 26.08
N ALA B 2637 89.38 82.99 24.78
CA ALA B 2637 88.69 84.06 24.07
C ALA B 2637 87.18 83.87 24.01
N LYS B 2638 86.71 82.61 23.99
CA LYS B 2638 85.28 82.35 23.92
C LYS B 2638 84.59 82.54 25.27
N MET B 2639 85.28 82.24 26.38
CA MET B 2639 84.65 82.39 27.69
C MET B 2639 84.25 83.83 28.00
N PRO B 2640 85.11 84.85 27.87
CA PRO B 2640 84.66 86.22 28.13
C PRO B 2640 83.58 86.68 27.16
N LEU B 2641 83.61 86.20 25.92
CA LEU B 2641 82.57 86.57 24.96
C LEU B 2641 81.21 86.06 25.41
N LYS B 2642 81.16 84.84 25.94
CA LYS B 2642 79.91 84.26 26.40
C LYS B 2642 79.53 84.65 27.81
N LEU B 2643 80.44 85.30 28.56
CA LEU B 2643 80.16 85.72 29.92
C LEU B 2643 80.03 87.23 30.05
N LEU B 2644 81.05 87.98 29.64
CA LEU B 2644 81.07 89.44 29.72
C LEU B 2644 80.80 89.92 31.15
N THR B 2645 81.31 89.16 32.13
CA THR B 2645 81.28 89.51 33.55
C THR B 2645 79.85 89.50 34.09
N ASN B 2646 78.87 89.27 33.22
CA ASN B 2646 77.49 89.20 33.67
C ASN B 2646 77.27 87.95 34.50
N HIS B 2647 76.63 88.12 35.66
CA HIS B 2647 76.43 87.03 36.63
C HIS B 2647 77.76 86.40 37.02
N TYR B 2648 78.80 87.23 37.11
CA TYR B 2648 80.14 86.77 37.43
C TYR B 2648 80.86 87.85 38.22
N GLU B 2649 81.57 87.44 39.26
CA GLU B 2649 82.29 88.36 40.13
C GLU B 2649 83.79 88.22 39.90
N ARG B 2650 84.46 89.35 39.72
CA ARG B 2650 85.90 89.33 39.48
C ARG B 2650 86.66 88.96 40.75
N CYS B 2651 87.92 88.60 40.57
CA CYS B 2651 88.78 88.18 41.67
C CYS B 2651 90.23 88.39 41.24
N TRP B 2652 91.16 87.80 41.99
CA TRP B 2652 92.58 87.91 41.65
C TRP B 2652 92.87 87.30 40.28
N LYS B 2653 92.06 86.33 39.83
CA LYS B 2653 92.21 85.79 38.49
C LYS B 2653 91.96 86.86 37.44
N TYR B 2654 90.95 87.70 37.65
CA TYR B 2654 90.71 88.82 36.74
C TYR B 2654 91.80 89.86 36.79
N TYR B 2655 92.57 89.91 37.89
CA TYR B 2655 93.65 90.89 38.00
C TYR B 2655 94.86 90.52 37.15
N CYS B 2656 95.05 89.24 36.86
CA CYS B 2656 96.18 88.78 36.06
C CYS B 2656 95.91 88.80 34.56
N LEU B 2657 94.68 89.07 34.15
CA LEU B 2657 94.37 89.14 32.71
C LEU B 2657 95.16 90.22 31.98
N PRO B 2658 95.29 91.45 32.48
CA PRO B 2658 96.12 92.43 31.76
C PRO B 2658 97.56 91.98 31.56
N THR B 2659 98.16 91.33 32.58
CA THR B 2659 99.51 90.82 32.41
C THR B 2659 99.56 89.74 31.34
N GLY B 2660 98.56 88.85 31.33
CA GLY B 2660 98.52 87.82 30.31
C GLY B 2660 98.41 88.40 28.91
N TRP B 2661 97.53 89.37 28.72
CA TRP B 2661 97.40 90.01 27.41
C TRP B 2661 98.68 90.73 27.02
N ALA B 2662 99.31 91.42 27.98
CA ALA B 2662 100.54 92.15 27.68
C ALA B 2662 101.66 91.22 27.24
N ASN B 2663 101.85 90.11 27.97
CA ASN B 2663 102.93 89.19 27.59
C ASN B 2663 102.57 88.43 26.31
N PHE B 2664 101.28 88.17 26.06
CA PHE B 2664 100.89 87.56 24.79
C PHE B 2664 101.24 88.48 23.62
N GLY B 2665 100.91 89.75 23.71
CA GLY B 2665 101.29 90.69 22.67
C GLY B 2665 102.80 90.83 22.55
N VAL B 2666 103.51 90.82 23.68
CA VAL B 2666 104.96 90.93 23.66
C VAL B 2666 105.58 89.78 22.90
N THR B 2667 105.17 88.55 23.22
CA THR B 2667 105.62 87.40 22.47
C THR B 2667 105.13 87.43 21.03
N SER B 2668 104.03 88.14 20.76
CA SER B 2668 103.50 88.21 19.40
C SER B 2668 104.39 89.06 18.50
N GLU B 2669 104.86 90.21 18.98
CA GLU B 2669 105.55 91.13 18.08
C GLU B 2669 107.07 91.18 18.26
N GLU B 2670 107.60 90.66 19.36
CA GLU B 2670 109.03 90.81 19.63
C GLU B 2670 109.86 89.95 18.69
N GLU B 2671 109.68 88.63 18.74
CA GLU B 2671 110.47 87.70 17.96
C GLU B 2671 109.54 86.73 17.22
N LEU B 2672 110.05 86.16 16.13
CA LEU B 2672 109.32 85.20 15.32
C LEU B 2672 108.02 85.81 14.80
N HIS B 2673 108.19 86.81 13.92
CA HIS B 2673 107.08 87.53 13.33
C HIS B 2673 105.99 86.58 12.87
N LEU B 2674 104.80 86.73 13.45
CA LEU B 2674 103.76 85.73 13.31
C LEU B 2674 103.17 85.74 11.90
N THR B 2675 102.90 84.55 11.39
CA THR B 2675 102.28 84.42 10.08
C THR B 2675 100.78 84.72 10.18
N ARG B 2676 100.17 84.97 9.01
CA ARG B 2676 98.81 85.48 8.97
C ARG B 2676 97.81 84.44 9.49
N LYS B 2677 98.05 83.16 9.20
CA LYS B 2677 97.04 82.13 9.45
C LYS B 2677 96.66 82.06 10.92
N LEU B 2678 97.64 82.08 11.82
CA LEU B 2678 97.34 82.02 13.24
C LEU B 2678 97.30 83.40 13.88
N PHE B 2679 97.87 84.42 13.23
CA PHE B 2679 97.70 85.78 13.71
C PHE B 2679 96.24 86.21 13.62
N TRP B 2680 95.53 85.75 12.58
CA TRP B 2680 94.10 86.02 12.48
C TRP B 2680 93.34 85.39 13.64
N GLY B 2681 93.70 84.17 14.01
CA GLY B 2681 93.08 83.48 15.12
C GLY B 2681 93.57 83.89 16.50
N ILE B 2682 94.59 84.71 16.58
CA ILE B 2682 95.12 85.17 17.86
C ILE B 2682 94.54 86.54 18.25
N PHE B 2683 93.42 86.93 17.64
CA PHE B 2683 92.80 88.22 17.93
C PHE B 2683 91.89 88.06 19.15
N ASP B 2684 92.49 88.24 20.32
CA ASP B 2684 91.74 88.15 21.57
C ASP B 2684 90.84 89.37 21.75
N SER B 2685 89.72 89.16 22.43
CA SER B 2685 88.77 90.24 22.66
C SER B 2685 89.38 91.34 23.53
N LEU B 2686 90.07 90.95 24.61
CA LEU B 2686 90.68 91.90 25.54
C LEU B 2686 89.66 92.89 26.07
N ALA B 2687 88.47 92.40 26.39
CA ALA B 2687 87.40 93.24 26.89
C ALA B 2687 87.44 93.27 28.42
N HIS B 2688 86.38 93.81 29.03
CA HIS B 2688 86.24 93.91 30.49
C HIS B 2688 87.39 94.73 31.09
N LYS B 2689 87.44 95.99 30.71
CA LYS B 2689 88.44 96.91 31.24
C LYS B 2689 87.94 97.50 32.56
N LYS B 2690 88.65 98.49 33.07
CA LYS B 2690 88.27 99.13 34.33
C LYS B 2690 88.74 100.59 34.36
N ASN B 2734 103.61 71.82 36.54
CA ASN B 2734 105.05 72.05 36.60
C ASN B 2734 105.43 72.76 37.89
N PHE B 2735 105.58 74.08 37.81
CA PHE B 2735 105.94 74.93 38.94
C PHE B 2735 107.25 74.46 39.59
N ASP B 2736 108.31 74.59 38.80
CA ASP B 2736 109.64 74.25 39.29
C ASP B 2736 110.01 75.14 40.47
N PRO B 2737 110.40 74.57 41.60
CA PRO B 2737 110.65 75.40 42.79
C PRO B 2737 111.90 76.26 42.64
N ARG B 2738 111.81 77.49 43.13
CA ARG B 2738 112.93 78.42 43.17
C ARG B 2738 113.01 78.99 44.59
N PRO B 2739 113.53 78.22 45.54
CA PRO B 2739 113.53 78.67 46.94
C PRO B 2739 114.43 79.88 47.15
N VAL B 2740 114.06 80.69 48.13
CA VAL B 2740 114.82 81.87 48.51
C VAL B 2740 115.80 81.48 49.61
N GLU B 2741 116.99 82.07 49.57
CA GLU B 2741 118.03 81.78 50.55
C GLU B 2741 117.58 82.18 51.96
N THR B 2742 117.39 81.20 52.84
CA THR B 2742 116.95 81.46 54.20
C THR B 2742 117.83 80.82 55.26
N LEU B 2743 118.77 79.95 54.89
CA LEU B 2743 119.62 79.27 55.86
C LEU B 2743 120.96 79.97 56.08
N ASN B 2744 121.18 81.12 55.45
CA ASN B 2744 122.44 81.84 55.58
C ASN B 2744 122.39 83.00 56.57
N VAL B 2745 121.26 83.68 56.66
CA VAL B 2745 121.13 84.83 57.55
C VAL B 2745 120.99 84.34 58.99
N ILE B 2746 121.71 84.98 59.91
CA ILE B 2746 121.63 84.66 61.33
C ILE B 2746 120.60 85.57 61.98
N ILE B 2747 119.68 84.97 62.72
CA ILE B 2747 118.60 85.75 63.35
C ILE B 2747 119.20 86.62 64.46
N PRO B 2748 118.68 87.83 64.67
CA PRO B 2748 119.17 88.66 65.78
C PRO B 2748 118.59 88.21 67.11
N GLU B 2749 119.14 88.78 68.18
CA GLU B 2749 118.66 88.46 69.53
C GLU B 2749 117.27 89.03 69.81
N LYS B 2750 116.85 90.04 69.05
CA LYS B 2750 115.54 90.65 69.28
C LYS B 2750 114.39 89.80 68.77
N LEU B 2751 114.67 88.72 68.04
CA LEU B 2751 113.64 87.89 67.44
C LEU B 2751 113.50 86.52 68.10
N ASP B 2752 114.44 86.14 68.97
CA ASP B 2752 114.31 84.86 69.66
C ASP B 2752 113.09 84.86 70.59
N SER B 2753 112.84 85.99 71.25
CA SER B 2753 111.64 86.10 72.07
C SER B 2753 110.38 85.97 71.22
N PHE B 2754 110.38 86.57 70.03
CA PHE B 2754 109.25 86.43 69.12
C PHE B 2754 109.04 84.97 68.72
N ILE B 2755 110.14 84.27 68.41
CA ILE B 2755 110.04 82.86 68.02
C ILE B 2755 109.43 82.04 69.16
N ASN B 2756 109.97 82.19 70.36
CA ASN B 2756 109.49 81.41 71.50
C ASN B 2756 108.03 81.74 71.83
N LYS B 2757 107.68 83.03 71.82
CA LYS B 2757 106.31 83.43 72.13
C LYS B 2757 105.34 82.92 71.09
N PHE B 2758 105.71 82.95 69.81
CA PHE B 2758 104.84 82.42 68.78
C PHE B 2758 104.67 80.91 68.91
N ALA B 2759 105.74 80.19 69.24
CA ALA B 2759 105.63 78.76 69.45
C ALA B 2759 104.68 78.44 70.60
N GLU B 2760 104.82 79.16 71.72
CA GLU B 2760 103.91 78.96 72.85
C GLU B 2760 102.48 79.32 72.49
N TYR B 2761 102.29 80.39 71.71
CA TYR B 2761 100.95 80.80 71.32
C TYR B 2761 100.30 79.75 70.42
N THR B 2762 101.06 79.19 69.47
CA THR B 2762 100.51 78.14 68.63
C THR B 2762 100.16 76.91 69.45
N HIS B 2763 101.03 76.53 70.39
CA HIS B 2763 100.75 75.38 71.25
C HIS B 2763 99.50 75.59 72.08
N GLU B 2764 99.34 76.79 72.66
CA GLU B 2764 98.17 77.04 73.51
C GLU B 2764 96.90 77.20 72.69
N LYS B 2765 97.00 77.71 71.46
CA LYS B 2765 95.83 77.75 70.59
C LYS B 2765 95.37 76.34 70.23
N TRP B 2766 96.32 75.46 69.89
CA TRP B 2766 95.94 74.08 69.61
C TRP B 2766 95.39 73.41 70.87
N ALA B 2767 95.94 73.73 72.04
CA ALA B 2767 95.43 73.17 73.29
C ALA B 2767 94.01 73.63 73.55
N PHE B 2768 93.71 74.91 73.27
CA PHE B 2768 92.34 75.40 73.42
C PHE B 2768 91.39 74.71 72.44
N ASP B 2769 91.83 74.52 71.21
CA ASP B 2769 91.00 73.78 70.25
C ASP B 2769 90.77 72.34 70.71
N LYS B 2770 91.76 71.73 71.36
CA LYS B 2770 91.61 70.35 71.82
C LYS B 2770 90.68 70.27 73.04
N ILE B 2771 90.82 71.19 73.99
CA ILE B 2771 89.93 71.18 75.14
C ILE B 2771 88.51 71.57 74.72
N GLN B 2772 88.36 72.25 73.60
CA GLN B 2772 87.04 72.42 73.01
C GLN B 2772 86.45 71.06 72.64
N ASN B 2773 87.29 70.15 72.13
CA ASN B 2773 86.91 68.78 71.86
C ASN B 2773 86.98 67.88 73.09
N ASN B 2774 87.15 68.47 74.28
CA ASN B 2774 87.20 67.73 75.54
C ASN B 2774 88.36 66.74 75.58
N TRP B 2775 89.53 67.21 75.15
CA TRP B 2775 90.72 66.37 75.19
C TRP B 2775 91.30 66.34 76.62
N SER B 2776 92.15 65.35 76.86
CA SER B 2776 92.77 65.15 78.16
C SER B 2776 94.25 64.87 77.99
N TYR B 2777 95.04 65.21 79.01
CA TYR B 2777 96.47 64.98 78.98
C TYR B 2777 96.79 63.52 79.22
N GLY B 2778 97.91 63.08 78.66
CA GLY B 2778 98.34 61.70 78.81
C GLY B 2778 99.77 61.53 78.36
N GLU B 2779 100.28 60.31 78.54
CA GLU B 2779 101.65 59.98 78.15
C GLU B 2779 101.72 59.47 76.72
N ASN B 2780 101.02 58.39 76.44
CA ASN B 2780 101.00 57.82 75.10
C ASN B 2780 100.02 58.58 74.21
N VAL B 2781 100.09 58.29 72.90
CA VAL B 2781 99.21 58.89 71.92
C VAL B 2781 98.06 57.93 71.64
N ASP B 2782 96.84 58.44 71.75
CA ASP B 2782 95.64 57.62 71.55
C ASP B 2782 94.62 58.40 70.75
N GLU B 2783 93.71 57.66 70.11
CA GLU B 2783 92.63 58.25 69.32
C GLU B 2783 91.32 58.32 70.11
N GLU B 2784 90.85 57.18 70.64
CA GLU B 2784 89.61 57.19 71.40
C GLU B 2784 89.81 57.80 72.78
N LEU B 2785 91.01 57.68 73.35
CA LEU B 2785 91.32 58.27 74.65
C LEU B 2785 91.78 59.71 74.55
N LYS B 2786 92.04 60.21 73.34
CA LYS B 2786 92.49 61.57 73.06
C LYS B 2786 93.48 62.08 74.11
N THR B 2787 94.54 61.30 74.28
CA THR B 2787 95.62 61.63 75.21
C THR B 2787 96.90 61.89 74.44
N HIS B 2788 97.62 62.94 74.84
CA HIS B 2788 98.86 63.33 74.16
C HIS B 2788 99.74 64.09 75.13
N PRO B 2789 101.06 63.88 75.10
CA PRO B 2789 101.96 64.60 76.01
C PRO B 2789 102.15 66.08 75.68
N MET B 2790 101.45 66.60 74.68
CA MET B 2790 101.59 68.02 74.35
C MET B 2790 100.77 68.93 75.25
N LEU B 2791 99.91 68.37 76.11
CA LEU B 2791 99.13 69.15 77.06
C LEU B 2791 99.84 69.10 78.41
N ARG B 2792 100.89 69.90 78.54
CA ARG B 2792 101.72 69.95 79.72
C ARG B 2792 101.99 71.41 80.10
N PRO B 2793 102.26 71.68 81.38
CA PRO B 2793 102.59 73.04 81.79
C PRO B 2793 103.91 73.52 81.17
N TYR B 2794 104.02 74.84 81.05
CA TYR B 2794 105.21 75.44 80.45
C TYR B 2794 106.46 75.18 81.27
N LYS B 2795 106.32 75.01 82.59
CA LYS B 2795 107.46 74.82 83.46
C LYS B 2795 108.10 73.44 83.31
N THR B 2796 107.47 72.51 82.60
CA THR B 2796 107.98 71.15 82.48
C THR B 2796 107.90 70.68 81.03
N PHE B 2797 108.31 71.54 80.09
CA PHE B 2797 108.32 71.17 78.69
C PHE B 2797 109.60 70.38 78.35
N SER B 2798 109.68 69.95 77.10
CA SER B 2798 110.83 69.20 76.60
C SER B 2798 111.50 69.97 75.47
N GLU B 2799 112.82 69.79 75.35
CA GLU B 2799 113.57 70.50 74.33
C GLU B 2799 113.15 70.09 72.92
N LYS B 2800 112.91 68.79 72.72
CA LYS B 2800 112.55 68.30 71.39
C LYS B 2800 111.21 68.89 70.94
N ASP B 2801 110.22 68.91 71.83
CA ASP B 2801 108.91 69.46 71.48
C ASP B 2801 109.01 70.95 71.17
N LYS B 2802 109.77 71.70 71.99
CA LYS B 2802 109.95 73.12 71.72
C LYS B 2802 110.63 73.35 70.38
N GLU B 2803 111.66 72.56 70.07
CA GLU B 2803 112.37 72.71 68.80
C GLU B 2803 111.46 72.41 67.62
N ILE B 2804 110.70 71.31 67.68
CA ILE B 2804 109.85 70.95 66.56
C ILE B 2804 108.71 71.94 66.40
N TYR B 2805 108.27 72.55 67.50
CA TYR B 2805 107.19 73.54 67.40
C TYR B 2805 107.71 74.88 66.87
N ARG B 2806 108.94 75.24 67.23
CA ARG B 2806 109.50 76.53 66.81
C ARG B 2806 110.22 76.47 65.47
N TRP B 2807 110.42 75.28 64.91
CA TRP B 2807 111.08 75.19 63.60
C TRP B 2807 110.36 75.93 62.48
N PRO B 2808 109.04 75.81 62.29
CA PRO B 2808 108.42 76.42 61.10
C PRO B 2808 108.61 77.93 60.98
N ILE B 2809 108.57 78.67 62.10
CA ILE B 2809 108.64 80.12 62.02
C ILE B 2809 110.07 80.59 61.72
N LYS B 2810 111.07 79.72 61.95
CA LYS B 2810 112.46 80.11 61.74
C LYS B 2810 112.69 80.60 60.32
N GLU B 2811 112.51 79.73 59.33
CA GLU B 2811 112.72 80.12 57.94
C GLU B 2811 111.75 81.21 57.49
N SER B 2812 110.53 81.22 58.04
CA SER B 2812 109.55 82.24 57.68
C SER B 2812 110.08 83.64 58.02
N LEU B 2813 110.66 83.79 59.21
CA LEU B 2813 111.25 85.08 59.58
C LEU B 2813 112.60 85.33 58.91
N LYS B 2814 113.39 84.28 58.69
CA LYS B 2814 114.71 84.48 58.08
C LYS B 2814 114.57 84.94 56.64
N ALA B 2815 113.58 84.43 55.91
CA ALA B 2815 113.35 84.91 54.55
C ALA B 2815 112.97 86.38 54.53
N MET B 2816 112.11 86.80 55.47
CA MET B 2816 111.74 88.21 55.55
C MET B 2816 112.95 89.08 55.88
N ILE B 2817 113.82 88.62 56.79
CA ILE B 2817 115.03 89.36 57.10
C ILE B 2817 115.93 89.47 55.89
N ALA B 2818 116.08 88.36 55.15
CA ALA B 2818 116.94 88.36 53.97
C ALA B 2818 116.34 89.13 52.80
N TRP B 2819 115.04 89.45 52.85
CA TRP B 2819 114.38 90.19 51.79
C TRP B 2819 114.58 91.71 51.92
N GLU B 2820 115.58 92.13 52.70
CA GLU B 2820 115.91 93.55 52.86
C GLU B 2820 114.73 94.36 53.39
N TRP B 2821 114.28 93.97 54.59
CA TRP B 2821 113.20 94.67 55.28
C TRP B 2821 113.64 94.93 56.72
N THR B 2822 113.44 96.16 57.17
CA THR B 2822 113.86 96.57 58.51
C THR B 2822 112.79 96.19 59.54
N ILE B 2823 113.25 95.72 60.69
CA ILE B 2823 112.38 95.37 61.81
C ILE B 2823 112.74 96.28 62.97
N GLU B 2824 111.76 97.04 63.45
CA GLU B 2824 111.95 98.00 64.53
C GLU B 2824 110.90 97.79 65.60
N LYS B 2825 111.32 97.89 66.86
CA LYS B 2825 110.42 97.72 68.00
C LYS B 2825 109.75 99.07 68.29
N ALA B 2826 108.43 99.11 68.10
CA ALA B 2826 107.66 100.33 68.32
C ALA B 2826 106.87 100.32 69.62
N ARG B 2827 106.26 99.19 69.97
CA ARG B 2827 105.46 99.09 71.19
C ARG B 2827 105.93 97.93 72.06
N GLU B 2828 105.19 97.65 73.13
CA GLU B 2828 105.50 96.58 74.05
C GLU B 2828 104.49 95.45 73.87
N GLY B 2829 104.98 94.22 73.79
CA GLY B 2829 104.12 93.06 73.61
C GLY B 2829 103.13 92.86 74.74
N GLU B 2830 101.86 93.05 74.45
CA GLU B 2830 100.81 92.89 75.45
C GLU B 2830 100.55 91.41 75.74
N TYR B 2855 93.84 71.59 82.78
CA TYR B 2855 94.63 72.71 82.26
C TYR B 2855 93.91 73.37 81.08
N ASN B 2856 93.37 74.56 81.32
CA ASN B 2856 92.67 75.32 80.28
C ASN B 2856 93.51 76.51 79.87
N PRO B 2857 94.00 76.56 78.63
CA PRO B 2857 94.76 77.73 78.18
C PRO B 2857 93.87 78.95 78.04
N GLN B 2858 94.52 80.12 78.04
CA GLN B 2858 93.83 81.41 77.95
C GLN B 2858 94.39 82.18 76.76
N PRO B 2859 93.86 81.93 75.56
CA PRO B 2859 94.36 82.64 74.38
C PRO B 2859 93.85 84.06 74.32
N PRO B 2860 94.74 85.04 74.16
CA PRO B 2860 94.28 86.43 74.03
C PRO B 2860 93.52 86.65 72.73
N ASP B 2861 92.59 87.61 72.77
CA ASP B 2861 91.81 87.93 71.59
C ASP B 2861 92.68 88.64 70.56
N LEU B 2862 92.63 88.15 69.31
CA LEU B 2862 93.44 88.71 68.23
C LEU B 2862 92.59 89.12 67.03
N SER B 2863 91.27 89.05 67.13
CA SER B 2863 90.38 89.37 66.02
C SER B 2863 90.01 90.84 65.96
N GLY B 2864 90.50 91.65 66.89
CA GLY B 2864 90.20 93.07 66.94
C GLY B 2864 91.14 93.95 66.15
N VAL B 2865 92.03 93.38 65.35
CA VAL B 2865 93.02 94.14 64.58
C VAL B 2865 92.62 94.07 63.10
N THR B 2866 92.56 95.23 62.47
CA THR B 2866 92.22 95.32 61.05
C THR B 2866 93.47 95.06 60.22
N LEU B 2867 93.34 95.20 58.89
CA LEU B 2867 94.45 94.97 57.97
C LEU B 2867 94.52 96.12 56.97
N SER B 2868 95.72 96.33 56.43
CA SER B 2868 95.98 97.38 55.45
C SER B 2868 96.36 96.77 54.12
N ARG B 2869 96.20 97.58 53.06
CA ARG B 2869 96.53 97.11 51.71
C ARG B 2869 98.01 96.77 51.57
N GLU B 2870 98.87 97.60 52.15
CA GLU B 2870 100.31 97.33 52.11
C GLU B 2870 100.64 96.04 52.83
N LEU B 2871 100.01 95.81 53.98
CA LEU B 2871 100.26 94.58 54.74
C LEU B 2871 99.74 93.35 54.01
N GLN B 2872 98.78 93.50 53.11
CA GLN B 2872 98.27 92.35 52.37
C GLN B 2872 99.36 91.74 51.48
N ALA B 2873 100.16 92.59 50.82
CA ALA B 2873 101.25 92.08 50.00
C ALA B 2873 102.28 91.34 50.84
N MET B 2874 102.61 91.88 52.02
CA MET B 2874 103.55 91.22 52.92
C MET B 2874 103.00 89.87 53.37
N ALA B 2875 101.71 89.82 53.72
CA ALA B 2875 101.11 88.57 54.15
C ALA B 2875 101.12 87.53 53.03
N GLU B 2876 100.78 87.95 51.81
CA GLU B 2876 100.80 87.02 50.69
C GLU B 2876 102.20 86.51 50.40
N GLN B 2877 103.20 87.40 50.43
CA GLN B 2877 104.57 86.99 50.17
C GLN B 2877 105.06 86.04 51.26
N LEU B 2878 104.71 86.31 52.52
CA LEU B 2878 105.11 85.43 53.61
C LEU B 2878 104.44 84.06 53.49
N ALA B 2879 103.15 84.03 53.14
CA ALA B 2879 102.47 82.77 52.92
C ALA B 2879 103.04 82.01 51.72
N GLU B 2880 103.60 82.73 50.74
CA GLU B 2880 104.26 82.07 49.62
C GLU B 2880 105.46 81.24 50.09
N ASN B 2881 106.11 81.65 51.19
CA ASN B 2881 107.29 80.95 51.66
C ASN B 2881 106.98 79.52 52.09
N TYR B 2882 105.85 79.33 52.77
CA TYR B 2882 105.47 77.99 53.21
C TYR B 2882 105.27 77.06 52.02
N HIS B 2883 104.52 77.51 51.02
CA HIS B 2883 104.30 76.69 49.83
C HIS B 2883 105.60 76.47 49.06
N ASN B 2884 106.48 77.47 49.03
CA ASN B 2884 107.76 77.32 48.34
C ASN B 2884 108.62 76.25 49.01
N THR B 2885 108.76 76.32 50.34
CA THR B 2885 109.57 75.35 51.05
C THR B 2885 108.91 73.97 51.10
N TRP B 2886 107.60 73.90 50.90
CA TRP B 2886 106.95 72.59 50.78
C TRP B 2886 107.17 71.99 49.40
N GLY B 2887 107.02 72.80 48.34
CA GLY B 2887 107.23 72.31 46.99
C GLY B 2887 108.68 71.96 46.71
N ARG B 2888 109.61 72.68 47.32
CA ARG B 2888 111.02 72.36 47.11
C ARG B 2888 111.35 70.97 47.63
N LYS B 2889 110.80 70.59 48.78
CA LYS B 2889 111.01 69.24 49.29
C LYS B 2889 110.17 68.22 48.53
N LYS B 2890 108.99 68.62 48.05
CA LYS B 2890 108.16 67.72 47.24
C LYS B 2890 108.80 67.41 45.89
N LYS B 2891 109.68 68.29 45.42
CA LYS B 2891 110.36 68.03 44.14
C LYS B 2891 111.17 66.74 44.21
N GLN B 2892 111.98 66.59 45.26
CA GLN B 2892 112.68 65.32 45.47
C GLN B 2892 111.71 64.17 45.71
N GLU B 2893 110.52 64.45 46.26
CA GLU B 2893 109.55 63.40 46.48
C GLU B 2893 109.06 62.80 45.16
N LEU B 2894 108.66 63.65 44.21
CA LEU B 2894 108.24 63.06 42.93
C LEU B 2894 109.43 62.63 42.09
N GLU B 2895 110.63 63.14 42.37
CA GLU B 2895 111.83 62.57 41.75
C GLU B 2895 112.02 61.12 42.19
N ALA B 2896 111.83 60.84 43.48
CA ALA B 2896 111.89 59.47 43.97
C ALA B 2896 110.74 58.64 43.42
N LYS B 2897 109.55 59.24 43.32
CA LYS B 2897 108.41 58.52 42.75
C LYS B 2897 108.65 58.19 41.28
N GLY B 2898 109.23 59.12 40.54
CA GLY B 2898 109.51 58.92 39.13
C GLY B 2898 108.60 59.65 38.17
N GLY B 2899 107.72 60.52 38.67
CA GLY B 2899 106.83 61.27 37.80
C GLY B 2899 105.41 61.32 38.29
N GLY B 2900 104.75 62.46 38.11
CA GLY B 2900 103.37 62.63 38.53
C GLY B 2900 102.96 64.08 38.64
N THR B 2901 101.69 64.36 38.35
CA THR B 2901 101.15 65.72 38.41
C THR B 2901 100.18 65.82 39.60
N HIS B 2902 100.38 66.85 40.42
CA HIS B 2902 99.54 67.07 41.59
C HIS B 2902 98.87 68.44 41.48
N PRO B 2903 97.56 68.54 41.71
CA PRO B 2903 96.89 69.85 41.62
C PRO B 2903 97.37 70.86 42.63
N LEU B 2904 97.98 70.42 43.74
CA LEU B 2904 98.44 71.35 44.77
C LEU B 2904 99.75 72.03 44.42
N LEU B 2905 100.47 71.53 43.42
CA LEU B 2905 101.75 72.13 43.01
C LEU B 2905 101.50 73.17 41.92
N VAL B 2906 100.97 74.31 42.36
CA VAL B 2906 100.63 75.41 41.46
C VAL B 2906 101.19 76.70 42.05
N PRO B 2907 101.44 77.69 41.19
CA PRO B 2907 101.92 78.99 41.70
C PRO B 2907 100.90 79.64 42.62
N TYR B 2908 101.40 80.44 43.57
CA TYR B 2908 100.52 81.05 44.55
C TYR B 2908 99.57 82.05 43.93
N ASP B 2909 99.96 82.67 42.81
CA ASP B 2909 99.05 83.58 42.11
C ASP B 2909 97.84 82.84 41.56
N THR B 2910 97.97 81.54 41.28
CA THR B 2910 96.83 80.76 40.82
C THR B 2910 95.85 80.48 41.96
N LEU B 2911 96.33 80.50 43.20
CA LEU B 2911 95.48 80.15 44.34
C LEU B 2911 94.32 81.13 44.49
N THR B 2912 93.18 80.59 44.87
CA THR B 2912 91.96 81.37 45.14
C THR B 2912 91.70 81.40 46.63
N ALA B 2913 90.65 82.14 47.02
CA ALA B 2913 90.32 82.27 48.44
C ALA B 2913 89.94 80.93 49.05
N LYS B 2914 89.21 80.10 48.30
CA LYS B 2914 88.81 78.79 48.81
C LYS B 2914 90.03 77.92 49.13
N GLU B 2915 91.02 77.93 48.24
CA GLU B 2915 92.27 77.23 48.52
C GLU B 2915 93.16 77.99 49.49
N LYS B 2916 93.07 79.32 49.52
CA LYS B 2916 93.83 80.12 50.48
C LYS B 2916 93.36 79.92 51.91
N ALA B 2917 92.13 79.43 52.12
CA ALA B 2917 91.62 79.21 53.46
C ALA B 2917 92.43 78.20 54.26
N ARG B 2918 93.22 77.35 53.59
CA ARG B 2918 94.07 76.38 54.28
C ARG B 2918 95.54 76.80 54.30
N ASP B 2919 95.89 77.94 53.71
CA ASP B 2919 97.27 78.40 53.66
C ASP B 2919 97.48 79.79 54.25
N ARG B 2920 96.45 80.64 54.26
CA ARG B 2920 96.60 81.98 54.81
C ARG B 2920 96.63 81.99 56.32
N GLU B 2921 96.02 80.99 56.97
CA GLU B 2921 95.92 80.99 58.43
C GLU B 2921 97.29 80.96 59.09
N LYS B 2922 98.19 80.10 58.60
CA LYS B 2922 99.54 80.04 59.16
C LYS B 2922 100.30 81.34 58.97
N ALA B 2923 99.93 82.16 57.98
CA ALA B 2923 100.53 83.47 57.79
C ALA B 2923 99.72 84.59 58.42
N GLN B 2924 98.40 84.42 58.52
CA GLN B 2924 97.57 85.46 59.16
C GLN B 2924 97.71 85.45 60.68
N GLU B 2925 98.06 84.30 61.27
CA GLU B 2925 98.20 84.23 62.71
C GLU B 2925 99.44 84.93 63.25
N LEU B 2926 100.38 85.30 62.38
CA LEU B 2926 101.60 85.95 62.83
C LEU B 2926 101.63 87.46 62.58
N LEU B 2927 100.85 87.96 61.62
CA LEU B 2927 100.78 89.40 61.44
C LEU B 2927 100.12 90.08 62.64
N LYS B 2928 99.05 89.49 63.17
CA LYS B 2928 98.47 90.00 64.41
C LYS B 2928 99.45 89.86 65.57
N PHE B 2929 100.20 88.76 65.60
CA PHE B 2929 101.20 88.56 66.66
C PHE B 2929 102.25 89.66 66.65
N LEU B 2930 102.77 90.00 65.47
CA LEU B 2930 103.77 91.05 65.38
C LEU B 2930 103.16 92.43 65.61
N GLN B 2931 101.89 92.62 65.24
CA GLN B 2931 101.22 93.88 65.53
C GLN B 2931 101.09 94.09 67.02
N MET B 2932 100.67 93.06 67.76
CA MET B 2932 100.51 93.18 69.20
C MET B 2932 101.84 93.13 69.95
N ASN B 2933 102.88 92.58 69.33
CA ASN B 2933 104.19 92.56 69.98
C ASN B 2933 104.85 93.94 69.95
N GLY B 2934 104.62 94.71 68.90
CA GLY B 2934 105.19 96.03 68.76
C GLY B 2934 106.22 96.20 67.66
N TYR B 2935 106.25 95.32 66.67
CA TYR B 2935 107.19 95.41 65.58
C TYR B 2935 106.66 96.32 64.48
N ALA B 2936 107.57 97.03 63.82
CA ALA B 2936 107.23 97.94 62.74
C ALA B 2936 108.01 97.57 61.49
N VAL B 2937 107.30 97.47 60.36
CA VAL B 2937 107.89 97.14 59.08
C VAL B 2937 107.56 98.26 58.10
N THR B 2938 108.59 98.80 57.45
CA THR B 2938 108.43 99.89 56.50
C THR B 2938 108.97 99.46 55.14
N ARG B 2939 108.30 99.93 54.09
CA ARG B 2939 108.71 99.60 52.72
C ARG B 2939 109.13 100.85 51.96
N SER B 2949 96.94 107.46 46.84
CA SER B 2949 95.76 106.75 46.37
C SER B 2949 96.15 105.47 45.64
N SER B 2950 95.20 104.53 45.56
CA SER B 2950 95.45 103.25 44.92
C SER B 2950 95.35 103.30 43.40
N ILE B 2951 94.85 104.41 42.84
CA ILE B 2951 94.72 104.50 41.39
C ILE B 2951 96.10 104.49 40.73
N GLU B 2952 97.05 105.24 41.29
CA GLU B 2952 98.40 105.28 40.71
C GLU B 2952 99.06 103.91 40.75
N LYS B 2953 98.92 103.19 41.88
CA LYS B 2953 99.46 101.84 41.95
C LYS B 2953 98.75 100.91 40.97
N ARG B 2954 97.43 101.07 40.83
CA ARG B 2954 96.65 100.25 39.89
C ARG B 2954 96.84 100.80 38.48
N PHE B 2955 96.02 100.30 37.55
CA PHE B 2955 96.12 100.70 36.14
C PHE B 2955 95.51 102.09 35.95
N ALA B 2956 96.23 103.09 36.46
CA ALA B 2956 95.84 104.47 36.22
C ALA B 2956 95.93 104.80 34.73
N PHE B 2957 96.99 104.34 34.08
CA PHE B 2957 97.10 104.50 32.63
C PHE B 2957 96.02 103.70 31.91
N GLY B 2958 95.89 102.42 32.24
CA GLY B 2958 94.85 101.61 31.65
C GLY B 2958 95.16 101.15 30.24
N PHE B 2959 94.18 100.43 29.67
CA PHE B 2959 94.33 99.91 28.31
C PHE B 2959 94.43 101.02 27.27
N LEU B 2960 93.71 102.11 27.48
CA LEU B 2960 93.78 103.22 26.53
C LEU B 2960 95.18 103.82 26.47
N GLN B 2961 95.81 104.04 27.64
CA GLN B 2961 97.15 104.59 27.64
C GLN B 2961 98.19 103.56 27.22
N GLN B 2962 97.93 102.28 27.46
CA GLN B 2962 98.82 101.25 26.92
C GLN B 2962 98.79 101.25 25.39
N LEU B 2963 97.60 101.38 24.81
CA LEU B 2963 97.48 101.49 23.36
C LEU B 2963 98.12 102.78 22.86
N LEU B 2964 98.03 103.85 23.66
CA LEU B 2964 98.68 105.10 23.28
C LEU B 2964 100.20 104.98 23.28
N ARG B 2965 100.75 104.24 24.24
CA ARG B 2965 102.18 103.98 24.24
C ARG B 2965 102.58 103.10 23.05
N TRP B 2966 101.74 102.12 22.72
CA TRP B 2966 101.95 101.35 21.51
C TRP B 2966 101.96 102.23 20.27
N MET B 2967 101.06 103.21 20.22
CA MET B 2967 101.04 104.16 19.11
C MET B 2967 102.26 105.09 19.15
N ASP B 2968 102.77 105.38 20.35
CA ASP B 2968 103.98 106.19 20.46
C ASP B 2968 105.17 105.46 19.85
N ILE B 2969 105.27 104.15 20.09
CA ILE B 2969 106.30 103.35 19.42
C ILE B 2969 106.00 103.25 17.92
N SER B 2970 104.71 103.13 17.57
CA SER B 2970 104.33 103.11 16.16
C SER B 2970 104.65 104.42 15.47
N GLN B 2971 104.83 105.50 16.22
CA GLN B 2971 105.29 106.75 15.62
C GLN B 2971 106.66 106.58 14.99
N GLU B 2972 107.61 106.03 15.76
CA GLU B 2972 108.93 105.74 15.19
C GLU B 2972 108.84 104.67 14.11
N PHE B 2973 107.96 103.68 14.30
CA PHE B 2973 107.79 102.66 13.29
C PHE B 2973 107.31 103.26 11.96
N ILE B 2974 106.35 104.18 12.02
CA ILE B 2974 105.83 104.83 10.83
C ILE B 2974 106.86 105.77 10.24
N ALA B 2975 107.68 106.39 11.08
CA ALA B 2975 108.78 107.21 10.56
C ALA B 2975 109.73 106.35 9.74
N HIS B 2976 110.09 105.17 10.25
CA HIS B 2976 110.94 104.25 9.49
C HIS B 2976 110.25 103.80 8.21
N LEU B 2977 108.95 103.50 8.28
CA LEU B 2977 108.22 103.04 7.11
C LEU B 2977 108.16 104.11 6.03
N GLU B 2978 107.97 105.37 6.44
CA GLU B 2978 107.94 106.46 5.47
C GLU B 2978 109.33 106.74 4.91
N ALA B 2979 110.36 106.58 5.74
CA ALA B 2979 111.73 106.75 5.25
C ALA B 2979 112.07 105.72 4.19
N VAL B 2980 111.68 104.46 4.42
CA VAL B 2980 111.99 103.43 3.43
C VAL B 2980 111.04 103.53 2.24
N VAL B 2981 109.84 104.08 2.44
CA VAL B 2981 108.89 104.24 1.34
C VAL B 2981 109.37 105.33 0.38
N SER B 2982 109.88 106.42 0.91
CA SER B 2982 110.35 107.54 0.10
C SER B 2982 111.59 107.15 -0.71
N GLU B 2992 108.78 96.68 7.91
CA GLU B 2992 108.98 95.29 7.59
C GLU B 2992 108.09 94.39 8.45
N GLN B 2993 108.16 94.57 9.76
CA GLN B 2993 107.37 93.80 10.71
C GLN B 2993 106.30 94.62 11.43
N GLU B 2994 106.61 95.85 11.81
CA GLU B 2994 105.63 96.69 12.50
C GLU B 2994 104.47 97.05 11.60
N ILE B 2995 104.69 97.11 10.29
CA ILE B 2995 103.61 97.41 9.36
C ILE B 2995 102.54 96.33 9.41
N LYS B 2996 102.95 95.06 9.42
CA LYS B 2996 101.99 93.97 9.53
C LYS B 2996 101.25 94.02 10.87
N PHE B 2997 101.98 94.32 11.95
CA PHE B 2997 101.32 94.49 13.25
C PHE B 2997 100.23 95.54 13.18
N PHE B 2998 100.56 96.73 12.66
CA PHE B 2998 99.60 97.82 12.60
C PHE B 2998 98.40 97.47 11.72
N ALA B 2999 98.66 96.84 10.58
CA ALA B 2999 97.60 96.52 9.63
C ALA B 2999 96.79 95.30 10.02
N LYS B 3000 97.24 94.53 11.01
CA LYS B 3000 96.55 93.29 11.36
C LYS B 3000 95.92 93.32 12.74
N ILE B 3001 96.66 93.63 13.80
CA ILE B 3001 96.24 93.36 15.16
C ILE B 3001 95.75 94.62 15.88
N LEU B 3002 96.62 95.62 16.03
CA LEU B 3002 96.28 96.74 16.91
C LEU B 3002 95.16 97.60 16.34
N LEU B 3003 95.09 97.74 15.02
CA LEU B 3003 94.05 98.59 14.44
C LEU B 3003 92.65 98.05 14.70
N PRO B 3004 92.32 96.77 14.43
CA PRO B 3004 91.04 96.25 14.89
C PRO B 3004 90.89 96.24 16.39
N LEU B 3005 92.00 96.11 17.13
CA LEU B 3005 91.94 96.13 18.59
C LEU B 3005 91.33 97.43 19.10
N ILE B 3006 91.87 98.57 18.65
CA ILE B 3006 91.31 99.86 19.06
C ILE B 3006 89.94 100.05 18.43
N ASN B 3007 89.76 99.63 17.18
CA ASN B 3007 88.47 99.81 16.51
C ASN B 3007 87.35 99.11 17.26
N GLN B 3008 87.66 98.02 17.97
CA GLN B 3008 86.67 97.32 18.78
C GLN B 3008 86.61 97.83 20.22
N TYR B 3009 87.76 98.16 20.81
CA TYR B 3009 87.78 98.62 22.19
C TYR B 3009 87.06 99.96 22.34
N PHE B 3010 87.28 100.89 21.41
CA PHE B 3010 86.58 102.17 21.49
C PHE B 3010 85.08 102.00 21.25
N THR B 3011 84.69 101.08 20.39
CA THR B 3011 83.27 100.80 20.17
C THR B 3011 82.62 100.25 21.44
N ASN B 3012 83.28 99.28 22.09
CA ASN B 3012 82.74 98.66 23.28
C ASN B 3012 82.86 99.53 24.52
N HIS B 3013 83.66 100.60 24.48
CA HIS B 3013 83.87 101.48 25.61
C HIS B 3013 83.52 102.93 25.30
N CYS B 3014 82.65 103.17 24.32
CA CYS B 3014 82.24 104.54 24.03
C CYS B 3014 81.52 105.16 25.20
N LEU B 3015 80.64 104.41 25.86
CA LEU B 3015 79.98 104.86 27.07
C LEU B 3015 80.82 104.47 28.29
N TYR B 3016 80.58 105.18 29.39
CA TYR B 3016 81.26 105.03 30.67
C TYR B 3016 82.73 105.43 30.60
N PHE B 3017 83.23 105.83 29.43
CA PHE B 3017 84.60 106.32 29.29
C PHE B 3017 84.63 107.72 28.66
N LEU B 3018 83.47 108.39 28.56
CA LEU B 3018 83.38 109.72 27.99
C LEU B 3018 82.75 110.73 28.94
N SER B 3019 81.79 110.32 29.76
CA SER B 3019 81.15 111.21 30.71
C SER B 3019 82.11 111.58 31.84
N ALA B 3031 83.76 107.26 34.04
CA ALA B 3031 83.97 108.60 34.58
C ALA B 3031 85.46 108.86 34.80
N SER B 3032 86.22 108.89 33.71
CA SER B 3032 87.65 109.11 33.76
C SER B 3032 87.98 110.54 33.35
N ASN B 3033 89.06 111.08 33.92
CA ASN B 3033 89.49 112.44 33.65
C ASN B 3033 90.83 112.50 32.94
N LYS B 3034 91.82 111.74 33.41
CA LYS B 3034 93.10 111.71 32.72
C LYS B 3034 92.97 111.11 31.34
N GLU B 3035 92.16 110.06 31.19
CA GLU B 3035 92.03 109.42 29.89
C GLU B 3035 91.26 110.28 28.88
N LYS B 3036 90.40 111.18 29.37
CA LYS B 3036 89.72 112.14 28.49
C LYS B 3036 90.73 113.05 27.80
N GLU B 3037 91.80 113.42 28.51
CA GLU B 3037 92.79 114.36 27.98
C GLU B 3037 93.66 113.77 26.88
N MET B 3038 93.80 112.44 26.81
CA MET B 3038 94.69 111.84 25.83
C MET B 3038 93.98 110.98 24.79
N ILE B 3039 92.69 110.70 24.97
CA ILE B 3039 91.94 110.07 23.89
C ILE B 3039 91.81 111.04 22.71
N THR B 3040 91.56 112.32 23.00
CA THR B 3040 91.51 113.30 21.93
C THR B 3040 92.88 113.43 21.26
N SER B 3041 93.96 113.40 22.06
CA SER B 3041 95.30 113.44 21.47
C SER B 3041 95.56 112.21 20.61
N LEU B 3042 95.09 111.04 21.05
CA LEU B 3042 95.24 109.83 20.25
C LEU B 3042 94.52 109.98 18.92
N PHE B 3043 93.30 110.54 18.95
CA PHE B 3043 92.61 110.85 17.71
C PHE B 3043 93.43 111.82 16.87
N CYS B 3044 94.12 112.75 17.52
CA CYS B 3044 94.94 113.72 16.79
C CYS B 3044 96.08 113.04 16.03
N LYS B 3045 96.87 112.21 16.70
CA LYS B 3045 97.96 111.57 15.96
C LYS B 3045 97.45 110.47 15.05
N LEU B 3046 96.23 109.97 15.27
CA LEU B 3046 95.64 109.06 14.29
C LEU B 3046 95.27 109.80 13.01
N ALA B 3047 94.71 111.00 13.13
CA ALA B 3047 94.43 111.81 11.96
C ALA B 3047 95.72 112.22 11.26
N ALA B 3048 96.73 112.61 12.04
CA ALA B 3048 98.02 112.99 11.46
C ALA B 3048 98.82 111.80 10.93
N LEU B 3049 98.43 110.57 11.30
CA LEU B 3049 99.16 109.40 10.84
C LEU B 3049 99.07 109.26 9.32
N VAL B 3050 97.88 109.46 8.76
CA VAL B 3050 97.70 109.43 7.31
C VAL B 3050 98.13 110.75 6.71
N ARG B 3051 98.99 110.69 5.71
CA ARG B 3051 99.47 111.89 5.04
C ARG B 3051 98.39 112.41 4.09
N HIS B 3052 98.74 113.39 3.26
CA HIS B 3052 97.78 113.93 2.30
C HIS B 3052 97.34 112.88 1.29
N ARG B 3053 98.09 111.80 1.14
CA ARG B 3053 97.72 110.67 0.30
C ARG B 3053 97.54 109.43 1.15
N VAL B 3054 96.83 108.45 0.58
CA VAL B 3054 96.58 107.17 1.25
C VAL B 3054 97.27 106.02 0.55
N SER B 3055 98.12 106.32 -0.46
CA SER B 3055 98.79 105.25 -1.19
C SER B 3055 99.84 104.56 -0.33
N LEU B 3056 100.43 105.27 0.64
CA LEU B 3056 101.43 104.65 1.50
C LEU B 3056 100.82 103.54 2.35
N PHE B 3057 99.59 103.75 2.83
CA PHE B 3057 98.89 102.68 3.53
C PHE B 3057 98.37 101.62 2.57
N GLY B 3058 98.06 102.01 1.33
CA GLY B 3058 97.61 101.07 0.33
C GLY B 3058 96.18 100.61 0.56
N THR B 3059 95.77 99.64 -0.26
CA THR B 3059 94.45 99.04 -0.15
C THR B 3059 94.41 97.93 0.89
N ASP B 3060 95.53 97.60 1.51
CA ASP B 3060 95.55 96.55 2.53
C ASP B 3060 94.72 96.95 3.75
N ALA B 3061 94.78 98.22 4.14
CA ALA B 3061 94.10 98.70 5.34
C ALA B 3061 93.23 99.91 5.00
N PRO B 3062 92.07 99.68 4.39
CA PRO B 3062 91.09 100.77 4.26
C PRO B 3062 90.33 101.06 5.54
N ALA B 3063 90.48 100.22 6.55
CA ALA B 3063 89.80 100.39 7.83
C ALA B 3063 90.44 101.48 8.70
N VAL B 3064 91.50 102.13 8.22
CA VAL B 3064 92.08 103.25 8.94
C VAL B 3064 91.06 104.37 9.07
N VAL B 3065 90.31 104.65 8.00
CA VAL B 3065 89.26 105.66 8.08
C VAL B 3065 88.14 105.21 9.02
N ASN B 3066 87.91 103.90 9.11
CA ASN B 3066 86.88 103.41 10.02
C ASN B 3066 87.27 103.61 11.48
N CYS B 3067 88.51 103.29 11.83
CA CYS B 3067 88.93 103.52 13.21
C CYS B 3067 89.07 105.01 13.50
N LEU B 3068 89.40 105.82 12.49
CA LEU B 3068 89.36 107.26 12.68
C LEU B 3068 87.94 107.74 12.97
N HIS B 3069 86.96 107.21 12.24
CA HIS B 3069 85.56 107.49 12.51
C HIS B 3069 85.22 107.15 13.95
N ILE B 3070 85.62 105.96 14.39
CA ILE B 3070 85.24 105.47 15.71
C ILE B 3070 85.90 106.30 16.80
N LEU B 3071 87.18 106.63 16.63
CA LEU B 3071 87.89 107.46 17.60
C LEU B 3071 87.30 108.87 17.66
N ALA B 3072 86.96 109.45 16.50
CA ALA B 3072 86.33 110.76 16.48
C ALA B 3072 84.98 110.72 17.16
N ARG B 3073 84.23 109.64 16.97
CA ARG B 3073 82.94 109.46 17.64
C ARG B 3073 83.08 109.16 19.13
N SER B 3074 84.29 108.94 19.61
CA SER B 3074 84.56 108.72 21.04
C SER B 3074 85.61 109.73 21.48
N LEU B 3075 85.15 110.94 21.82
CA LEU B 3075 86.01 112.01 22.31
C LEU B 3075 85.54 112.37 23.71
N ASP B 3076 86.21 111.81 24.72
CA ASP B 3076 85.77 112.00 26.10
C ASP B 3076 85.86 113.47 26.53
N ALA B 3077 86.96 114.14 26.17
CA ALA B 3077 87.16 115.54 26.55
C ALA B 3077 86.51 116.45 25.52
N ARG B 3078 85.19 116.37 25.44
CA ARG B 3078 84.44 117.31 24.61
C ARG B 3078 84.59 118.72 25.13
N THR B 3079 84.54 118.91 26.45
CA THR B 3079 84.73 120.21 27.08
C THR B 3079 86.00 120.27 27.94
N VAL B 3080 86.52 119.12 28.38
CA VAL B 3080 87.72 119.13 29.21
C VAL B 3080 88.94 119.57 28.40
N MET B 3081 89.02 119.15 27.15
CA MET B 3081 90.15 119.52 26.31
C MET B 3081 90.22 121.01 26.04
N LYS B 3082 89.09 121.71 26.13
CA LYS B 3082 89.07 123.16 25.96
C LYS B 3082 89.12 123.92 27.26
N SER B 3083 88.70 123.32 28.37
CA SER B 3083 88.72 123.96 29.68
C SER B 3083 89.99 123.67 30.46
N GLY B 3084 90.88 122.83 29.94
CA GLY B 3084 92.10 122.49 30.61
C GLY B 3084 93.21 123.48 30.33
N PRO B 3085 94.44 123.17 30.79
CA PRO B 3085 95.57 124.05 30.54
C PRO B 3085 96.06 124.03 29.09
N GLU B 3086 95.43 123.25 28.22
CA GLU B 3086 95.70 123.26 26.78
C GLU B 3086 97.15 122.91 26.46
N ILE B 3087 97.53 121.69 26.81
CA ILE B 3087 98.83 121.16 26.42
C ILE B 3087 98.77 120.56 25.03
N VAL B 3088 97.76 119.71 24.78
CA VAL B 3088 97.57 119.10 23.46
C VAL B 3088 96.54 119.84 22.62
N LYS B 3089 95.89 120.87 23.17
CA LYS B 3089 94.93 121.65 22.38
C LYS B 3089 95.60 122.28 21.17
N ALA B 3090 96.91 122.53 21.25
CA ALA B 3090 97.65 123.00 20.08
C ALA B 3090 97.63 121.95 18.96
N GLY B 3091 97.73 120.67 19.33
CA GLY B 3091 97.65 119.63 18.32
C GLY B 3091 96.28 119.55 17.67
N LEU B 3092 95.22 119.70 18.47
CA LEU B 3092 93.87 119.71 17.90
C LEU B 3092 93.67 120.92 16.99
N ARG B 3093 94.19 122.08 17.40
CA ARG B 3093 94.13 123.27 16.56
C ARG B 3093 94.87 123.04 15.25
N SER B 3094 96.05 122.42 15.31
CA SER B 3094 96.81 122.14 14.10
C SER B 3094 96.06 121.18 13.19
N PHE B 3095 95.44 120.15 13.76
CA PHE B 3095 94.67 119.20 12.95
C PHE B 3095 93.48 119.89 12.26
N PHE B 3096 92.74 120.71 13.02
CA PHE B 3096 91.60 121.41 12.44
C PHE B 3096 92.05 122.40 11.36
N GLU B 3097 93.14 123.12 11.60
CA GLU B 3097 93.65 124.05 10.60
C GLU B 3097 94.12 123.33 9.35
N SER B 3098 94.76 122.17 9.52
CA SER B 3098 95.18 121.38 8.37
C SER B 3098 93.99 120.88 7.57
N ALA B 3099 92.94 120.43 8.27
CA ALA B 3099 91.73 119.99 7.57
C ALA B 3099 91.09 121.14 6.79
N SER B 3100 90.99 122.31 7.42
CA SER B 3100 90.40 123.46 6.74
C SER B 3100 91.23 123.89 5.54
N GLU B 3101 92.56 123.91 5.69
CA GLU B 3101 93.43 124.29 4.58
C GLU B 3101 93.34 123.28 3.44
N ASP B 3102 93.28 121.98 3.76
CA ASP B 3102 93.17 120.97 2.72
C ASP B 3102 91.84 121.11 1.99
N ILE B 3103 90.75 121.38 2.72
CA ILE B 3103 89.46 121.60 2.08
C ILE B 3103 89.52 122.82 1.17
N GLU B 3104 90.10 123.92 1.66
CA GLU B 3104 90.20 125.13 0.85
C GLU B 3104 91.08 124.94 -0.36
N LYS B 3105 92.05 124.04 -0.29
CA LYS B 3105 92.92 123.77 -1.43
C LYS B 3105 92.20 123.06 -2.56
N MET B 3106 91.01 122.50 -2.30
CA MET B 3106 90.26 121.83 -3.34
C MET B 3106 89.70 122.80 -4.38
N VAL B 3107 89.63 124.09 -4.05
CA VAL B 3107 89.14 125.06 -5.02
C VAL B 3107 90.12 125.26 -6.17
N GLU B 3108 91.39 124.90 -5.97
CA GLU B 3108 92.38 124.99 -7.04
C GLU B 3108 92.30 123.82 -8.02
N ASN B 3109 91.51 122.80 -7.71
CA ASN B 3109 91.35 121.63 -8.56
C ASN B 3109 89.93 121.49 -9.10
N LEU B 3110 88.93 121.46 -8.22
CA LEU B 3110 87.55 121.30 -8.67
C LEU B 3110 87.06 122.54 -9.41
N ARG B 3111 87.36 123.73 -8.90
CA ARG B 3111 86.91 124.97 -9.51
C ARG B 3111 87.83 125.47 -10.61
N LEU B 3112 88.92 124.77 -10.90
CA LEU B 3112 89.85 125.16 -11.94
C LEU B 3112 90.02 124.11 -13.03
N GLY B 3113 89.89 122.83 -12.71
CA GLY B 3113 90.04 121.77 -13.69
C GLY B 3113 89.37 120.47 -13.29
N GLY B 3126 93.04 116.46 -8.28
CA GLY B 3126 93.59 115.54 -9.28
C GLY B 3126 94.56 114.54 -8.71
N GLN B 3127 95.66 115.04 -8.16
CA GLN B 3127 96.70 114.22 -7.57
C GLN B 3127 96.94 114.65 -6.13
N ASN B 3128 96.97 113.68 -5.21
CA ASN B 3128 97.24 113.86 -3.79
C ASN B 3128 96.15 114.65 -3.06
N LEU B 3129 95.11 115.09 -3.74
CA LEU B 3129 94.02 115.82 -3.12
C LEU B 3129 92.68 115.12 -3.20
N THR B 3130 92.46 114.26 -4.19
CA THR B 3130 91.21 113.51 -4.27
C THR B 3130 91.17 112.36 -3.27
N TYR B 3131 92.32 111.99 -2.69
CA TYR B 3131 92.34 110.92 -1.70
C TYR B 3131 91.81 111.38 -0.35
N THR B 3132 91.77 112.69 -0.10
CA THR B 3132 91.27 113.22 1.16
C THR B 3132 89.77 113.51 1.11
N THR B 3133 89.14 113.39 -0.06
CA THR B 3133 87.69 113.52 -0.16
C THR B 3133 86.96 112.25 0.25
N VAL B 3134 87.68 111.13 0.38
CA VAL B 3134 87.11 109.87 0.83
C VAL B 3134 87.70 109.39 2.15
N ALA B 3135 88.64 110.14 2.72
CA ALA B 3135 89.29 109.75 3.97
C ALA B 3135 89.32 110.84 5.03
N LEU B 3136 89.09 112.10 4.67
CA LEU B 3136 89.08 113.19 5.64
C LEU B 3136 87.71 113.82 5.82
N LEU B 3137 86.98 114.06 4.74
CA LEU B 3137 85.65 114.67 4.84
C LEU B 3137 84.70 113.85 5.71
N PRO B 3138 84.59 112.52 5.57
CA PRO B 3138 83.70 111.78 6.47
C PRO B 3138 84.08 111.90 7.94
N VAL B 3139 85.37 111.98 8.25
CA VAL B 3139 85.79 112.17 9.63
C VAL B 3139 85.36 113.54 10.13
N LEU B 3140 85.45 114.56 9.28
CA LEU B 3140 84.98 115.90 9.65
C LEU B 3140 83.47 115.88 9.91
N THR B 3141 82.71 115.19 9.07
CA THR B 3141 81.27 115.09 9.30
C THR B 3141 80.97 114.37 10.61
N THR B 3142 81.71 113.30 10.89
CA THR B 3142 81.52 112.57 12.14
C THR B 3142 81.84 113.44 13.35
N LEU B 3143 82.91 114.22 13.28
CA LEU B 3143 83.25 115.12 14.38
C LEU B 3143 82.19 116.19 14.57
N PHE B 3144 81.70 116.77 13.48
CA PHE B 3144 80.66 117.79 13.59
C PHE B 3144 79.39 117.21 14.19
N GLN B 3145 79.00 116.00 13.76
CA GLN B 3145 77.84 115.34 14.35
C GLN B 3145 78.07 115.02 15.82
N HIS B 3146 79.30 114.63 16.18
CA HIS B 3146 79.63 114.40 17.58
C HIS B 3146 79.43 115.65 18.42
N ILE B 3147 79.91 116.80 17.92
CA ILE B 3147 79.75 118.05 18.66
C ILE B 3147 78.29 118.44 18.75
N ALA B 3148 77.53 118.29 17.66
CA ALA B 3148 76.16 118.77 17.63
C ALA B 3148 75.23 117.88 18.44
N GLN B 3149 75.47 116.57 18.46
CA GLN B 3149 74.51 115.64 19.06
C GLN B 3149 74.38 115.84 20.55
N HIS B 3150 75.49 116.05 21.26
CA HIS B 3150 75.48 116.18 22.71
C HIS B 3150 75.51 117.63 23.18
N GLN B 3151 75.27 118.59 22.28
CA GLN B 3151 75.24 120.01 22.63
C GLN B 3151 76.54 120.43 23.31
N PHE B 3152 77.67 119.99 22.76
CA PHE B 3152 78.97 120.36 23.31
C PHE B 3152 79.31 121.83 23.09
N GLY B 3153 78.52 122.55 22.28
CA GLY B 3153 78.78 123.95 21.98
C GLY B 3153 78.76 124.87 23.18
N ASP B 3154 78.45 124.36 24.37
CA ASP B 3154 78.53 125.17 25.58
C ASP B 3154 79.95 125.71 25.77
N ASP B 3155 80.91 124.80 25.95
CA ASP B 3155 82.34 125.15 25.96
C ASP B 3155 83.05 124.19 25.01
N VAL B 3156 83.02 124.50 23.72
CA VAL B 3156 83.80 123.75 22.73
C VAL B 3156 84.61 124.65 21.82
N ILE B 3157 84.27 125.92 21.66
CA ILE B 3157 85.07 126.84 20.86
C ILE B 3157 85.75 127.82 21.80
N LEU B 3158 86.97 127.50 22.22
CA LEU B 3158 87.72 128.29 23.19
C LEU B 3158 89.10 128.58 22.66
N ASP B 3159 90.01 129.04 23.52
CA ASP B 3159 91.40 129.24 23.13
C ASP B 3159 91.96 127.96 22.52
N ASP B 3160 92.66 128.10 21.41
CA ASP B 3160 93.15 127.05 20.53
C ASP B 3160 92.04 126.39 19.73
N VAL B 3161 90.79 126.84 19.87
CA VAL B 3161 89.70 126.40 19.03
C VAL B 3161 89.07 127.56 18.27
N GLN B 3162 88.93 128.72 18.91
CA GLN B 3162 88.41 129.90 18.22
C GLN B 3162 89.31 130.33 17.08
N VAL B 3163 90.63 130.16 17.25
CA VAL B 3163 91.57 130.51 16.18
C VAL B 3163 91.35 129.64 14.95
N SER B 3164 90.76 128.45 15.14
CA SER B 3164 90.43 127.59 14.01
C SER B 3164 89.01 127.80 13.51
N CYS B 3165 88.07 128.15 14.40
CA CYS B 3165 86.71 128.44 13.95
C CYS B 3165 86.65 129.70 13.11
N TYR B 3166 87.43 130.72 13.49
CA TYR B 3166 87.47 131.97 12.73
C TYR B 3166 88.01 131.75 11.32
N ARG B 3167 88.81 130.70 11.11
CA ARG B 3167 89.26 130.36 9.78
C ARG B 3167 88.32 129.40 9.05
N THR B 3168 87.67 128.50 9.79
CA THR B 3168 86.76 127.55 9.15
C THR B 3168 85.48 128.23 8.67
N LEU B 3169 85.03 129.29 9.35
CA LEU B 3169 83.88 130.02 8.83
C LEU B 3169 84.21 130.69 7.50
N CYS B 3170 85.41 131.29 7.39
CA CYS B 3170 85.83 131.84 6.12
C CYS B 3170 86.02 130.75 5.08
N SER B 3171 86.49 129.57 5.49
CA SER B 3171 86.65 128.47 4.54
C SER B 3171 85.30 128.03 3.97
N ILE B 3172 84.30 127.86 4.84
CA ILE B 3172 82.99 127.43 4.34
C ILE B 3172 82.34 128.55 3.54
N TYR B 3173 82.66 129.81 3.86
CA TYR B 3173 82.23 130.91 2.98
C TYR B 3173 82.88 130.79 1.61
N SER B 3174 84.16 130.42 1.56
CA SER B 3174 84.86 130.30 0.28
C SER B 3174 84.29 129.17 -0.57
N LEU B 3175 84.13 127.98 0.00
CA LEU B 3175 83.53 126.87 -0.71
C LEU B 3175 82.03 126.72 -0.45
N GLY B 3176 81.33 127.82 -0.20
CA GLY B 3176 79.88 127.80 -0.22
C GLY B 3176 79.26 127.96 -1.58
N THR B 3177 80.08 128.11 -2.62
CA THR B 3177 79.59 128.27 -3.99
C THR B 3177 80.00 127.14 -4.92
N THR B 3178 80.84 126.21 -4.48
CA THR B 3178 81.28 125.12 -5.32
C THR B 3178 80.14 124.15 -5.62
N GLU B 3184 80.78 118.39 -8.83
CA GLU B 3184 80.25 117.33 -9.69
C GLU B 3184 79.55 116.26 -8.85
N LYS B 3185 80.24 115.14 -8.64
CA LYS B 3185 79.70 114.03 -7.87
C LYS B 3185 80.00 114.15 -6.37
N LEU B 3186 80.75 115.17 -5.96
CA LEU B 3186 81.09 115.37 -4.56
C LEU B 3186 80.09 116.24 -3.83
N ARG B 3187 79.07 116.74 -4.52
CA ARG B 3187 78.11 117.65 -3.89
C ARG B 3187 77.42 117.07 -2.66
N PRO B 3188 76.92 115.82 -2.67
CA PRO B 3188 76.30 115.30 -1.45
C PRO B 3188 77.22 115.29 -0.24
N ALA B 3189 78.51 115.00 -0.44
CA ALA B 3189 79.44 114.99 0.68
C ALA B 3189 79.61 116.37 1.28
N LEU B 3190 79.78 117.39 0.43
CA LEU B 3190 79.90 118.76 0.92
C LEU B 3190 78.62 119.21 1.61
N GLY B 3191 77.46 118.83 1.06
CA GLY B 3191 76.21 119.19 1.70
C GLY B 3191 76.05 118.56 3.07
N GLU B 3192 76.41 117.28 3.19
CA GLU B 3192 76.36 116.60 4.48
C GLU B 3192 77.31 117.24 5.48
N CYS B 3193 78.53 117.58 5.03
CA CYS B 3193 79.49 118.23 5.92
C CYS B 3193 78.99 119.58 6.39
N LEU B 3194 78.42 120.38 5.49
CA LEU B 3194 77.89 121.67 5.86
C LEU B 3194 76.72 121.54 6.83
N ALA B 3195 75.83 120.56 6.59
CA ALA B 3195 74.72 120.33 7.50
C ALA B 3195 75.21 119.93 8.89
N ARG B 3196 76.21 119.04 8.94
CA ARG B 3196 76.73 118.60 10.23
C ARG B 3196 77.41 119.77 10.97
N LEU B 3197 78.16 120.60 10.25
CA LEU B 3197 78.83 121.72 10.89
C LEU B 3197 77.82 122.76 11.38
N ALA B 3198 76.82 123.08 10.56
CA ALA B 3198 75.85 124.10 10.93
C ALA B 3198 75.01 123.70 12.14
N ALA B 3199 74.89 122.41 12.41
CA ALA B 3199 74.12 121.96 13.56
C ALA B 3199 74.83 122.20 14.89
N ALA B 3200 76.10 122.59 14.86
CA ALA B 3200 76.85 122.86 16.08
C ALA B 3200 76.33 124.12 16.77
N ARG B 3248 64.82 136.99 4.71
CA ARG B 3248 65.93 137.60 3.99
C ARG B 3248 66.83 136.54 3.37
N LEU B 3249 67.48 135.76 4.24
CA LEU B 3249 68.36 134.70 3.76
C LEU B 3249 67.58 133.61 3.03
N MET B 3250 66.39 133.28 3.52
CA MET B 3250 65.58 132.21 2.94
C MET B 3250 64.59 132.72 1.90
N ALA B 3251 64.58 134.02 1.61
CA ALA B 3251 63.68 134.55 0.59
C ALA B 3251 64.05 134.06 -0.80
N ASP B 3252 65.35 133.85 -1.05
CA ASP B 3252 65.77 133.35 -2.35
C ASP B 3252 65.22 131.95 -2.62
N ILE B 3253 65.17 131.11 -1.59
CA ILE B 3253 64.64 129.75 -1.74
C ILE B 3253 63.18 129.80 -2.18
N GLY B 3254 62.38 130.67 -1.54
CA GLY B 3254 61.01 130.84 -1.97
C GLY B 3254 60.90 131.46 -3.34
N GLY B 3255 61.86 132.29 -3.72
CA GLY B 3255 61.83 132.90 -5.05
C GLY B 3255 61.93 131.88 -6.17
N LEU B 3256 62.78 130.86 -6.00
CA LEU B 3256 63.00 129.85 -7.02
C LEU B 3256 62.21 128.58 -6.77
N ALA B 3257 61.19 128.62 -5.91
CA ALA B 3257 60.38 127.44 -5.65
C ALA B 3257 59.68 126.96 -6.92
N GLU B 3258 59.13 127.89 -7.69
CA GLU B 3258 58.52 127.55 -8.96
C GLU B 3258 59.58 127.38 -10.04
N SER B 3259 59.19 126.74 -11.15
CA SER B 3259 60.06 126.51 -12.30
C SER B 3259 61.30 125.71 -11.90
N GLY B 3260 61.06 124.48 -11.45
CA GLY B 3260 62.13 123.59 -11.08
C GLY B 3260 62.44 122.56 -12.14
N ALA B 3261 61.92 121.34 -11.95
CA ALA B 3261 62.06 120.24 -12.90
C ALA B 3261 63.52 119.86 -13.16
N ARG B 3262 64.40 120.13 -12.20
CA ARG B 3262 65.81 119.80 -12.35
C ARG B 3262 66.44 119.67 -10.97
N TYR B 3263 67.27 118.65 -10.79
CA TYR B 3263 67.97 118.43 -9.54
C TYR B 3263 69.31 119.14 -9.46
N THR B 3264 69.94 119.43 -10.60
CA THR B 3264 71.24 120.07 -10.60
C THR B 3264 71.40 121.17 -11.64
N GLU B 3265 70.40 121.43 -12.49
CA GLU B 3265 70.59 122.42 -13.55
C GLU B 3265 70.40 123.83 -13.01
N MET B 3266 69.18 124.18 -12.60
CA MET B 3266 68.96 125.43 -11.90
C MET B 3266 69.26 125.26 -10.41
N PRO B 3267 68.64 124.28 -9.72
CA PRO B 3267 68.90 124.12 -8.27
C PRO B 3267 70.16 123.32 -7.98
N HIS B 3268 71.32 123.89 -8.33
CA HIS B 3268 72.58 123.22 -8.03
C HIS B 3268 73.10 123.62 -6.66
N VAL B 3269 73.16 124.93 -6.40
CA VAL B 3269 73.59 125.42 -5.09
C VAL B 3269 72.55 125.05 -4.01
N ILE B 3270 71.27 124.98 -4.40
CA ILE B 3270 70.21 124.68 -3.46
C ILE B 3270 70.39 123.30 -2.85
N GLU B 3271 70.85 122.33 -3.65
CA GLU B 3271 70.99 120.96 -3.16
C GLU B 3271 71.96 120.89 -1.99
N ILE B 3272 73.00 121.71 -1.99
CA ILE B 3272 73.97 121.69 -0.91
C ILE B 3272 73.69 122.72 0.18
N THR B 3273 72.90 123.76 -0.11
CA THR B 3273 72.63 124.77 0.90
C THR B 3273 71.34 124.54 1.68
N LEU B 3274 70.41 123.72 1.16
CA LEU B 3274 69.19 123.43 1.90
C LEU B 3274 69.46 122.74 3.24
N PRO B 3275 70.29 121.69 3.32
CA PRO B 3275 70.61 121.13 4.64
C PRO B 3275 71.29 122.12 5.57
N MET B 3276 72.02 123.10 5.03
CA MET B 3276 72.70 124.08 5.88
C MET B 3276 71.71 124.79 6.79
N LEU B 3277 70.75 125.52 6.21
CA LEU B 3277 69.75 126.18 7.05
C LEU B 3277 68.77 125.20 7.66
N CYS B 3278 68.52 124.05 7.00
CA CYS B 3278 67.66 123.03 7.60
C CYS B 3278 68.20 122.50 8.91
N SER B 3279 69.51 122.60 9.12
CA SER B 3279 70.11 122.29 10.41
C SER B 3279 70.37 123.51 11.28
N TYR B 3280 70.58 124.68 10.66
CA TYR B 3280 70.85 125.88 11.45
C TYR B 3280 69.60 126.38 12.16
N LEU B 3281 68.46 126.38 11.46
CA LEU B 3281 67.23 126.91 12.06
C LEU B 3281 66.79 126.15 13.30
N PRO B 3282 66.77 124.81 13.33
CA PRO B 3282 66.42 124.12 14.59
C PRO B 3282 67.35 124.44 15.73
N ARG B 3283 68.62 124.73 15.45
CA ARG B 3283 69.56 125.10 16.50
C ARG B 3283 69.25 126.46 17.11
N TRP B 3284 68.44 127.28 16.43
CA TRP B 3284 68.08 128.59 16.93
C TRP B 3284 66.65 128.59 17.46
N CYS B 3304 67.63 138.60 21.03
CA CYS B 3304 68.86 137.85 21.25
C CYS B 3304 68.68 136.38 20.86
N THR B 3305 67.50 135.85 21.13
CA THR B 3305 67.19 134.46 20.83
C THR B 3305 65.71 134.35 20.53
N ALA B 3306 65.17 133.13 20.57
CA ALA B 3306 63.76 132.85 20.34
C ALA B 3306 63.33 133.31 18.94
N VAL B 3307 63.96 132.72 17.93
CA VAL B 3307 63.60 133.00 16.55
C VAL B 3307 62.22 132.43 16.26
N THR B 3308 61.38 133.22 15.60
CA THR B 3308 60.00 132.80 15.34
C THR B 3308 59.97 131.57 14.43
N SER B 3309 58.93 130.77 14.59
CA SER B 3309 58.78 129.52 13.84
C SER B 3309 58.15 129.72 12.47
N ASP B 3310 57.79 130.96 12.11
CA ASP B 3310 57.25 131.21 10.77
C ASP B 3310 58.26 130.85 9.69
N HIS B 3311 59.54 131.12 9.96
CA HIS B 3311 60.59 130.76 9.01
C HIS B 3311 60.64 129.24 8.82
N LEU B 3312 60.50 128.48 9.91
CA LEU B 3312 60.54 127.02 9.80
C LEU B 3312 59.36 126.50 8.98
N ASN B 3313 58.16 127.02 9.22
CA ASN B 3313 56.99 126.59 8.45
C ASN B 3313 57.14 126.96 6.98
N SER B 3314 57.64 128.17 6.70
CA SER B 3314 57.85 128.58 5.32
C SER B 3314 58.88 127.68 4.64
N LEU B 3315 59.95 127.32 5.35
CA LEU B 3315 60.95 126.43 4.79
C LEU B 3315 60.37 125.03 4.51
N LEU B 3316 59.55 124.52 5.42
CA LEU B 3316 58.91 123.23 5.19
C LEU B 3316 58.00 123.27 3.98
N GLY B 3317 57.19 124.33 3.86
CA GLY B 3317 56.34 124.46 2.69
C GLY B 3317 57.14 124.59 1.40
N ASN B 3318 58.23 125.35 1.44
CA ASN B 3318 59.06 125.53 0.25
C ASN B 3318 59.72 124.23 -0.17
N ILE B 3319 60.22 123.44 0.79
CA ILE B 3319 60.86 122.18 0.43
C ILE B 3319 59.81 121.20 -0.08
N LEU B 3320 58.60 121.19 0.49
CA LEU B 3320 57.55 120.33 -0.04
C LEU B 3320 57.18 120.72 -1.46
N ARG B 3321 57.06 122.01 -1.74
CA ARG B 3321 56.76 122.46 -3.09
C ARG B 3321 57.89 122.13 -4.06
N ILE B 3322 59.15 122.29 -3.63
CA ILE B 3322 60.27 121.98 -4.50
C ILE B 3322 60.30 120.49 -4.81
N ILE B 3323 60.02 119.65 -3.83
CA ILE B 3323 60.00 118.20 -4.06
C ILE B 3323 58.86 117.82 -5.00
N VAL B 3324 57.67 118.39 -4.79
CA VAL B 3324 56.53 118.06 -5.63
C VAL B 3324 56.67 118.65 -7.04
N ASN B 3325 57.54 119.64 -7.22
CA ASN B 3325 57.77 120.19 -8.55
C ASN B 3325 58.35 119.13 -9.48
N ASN B 3326 59.28 118.32 -8.97
CA ASN B 3326 59.87 117.22 -9.74
C ASN B 3326 59.02 115.96 -9.61
N LEU B 3327 57.72 116.10 -9.89
CA LEU B 3327 56.80 114.97 -9.70
C LEU B 3327 57.09 113.84 -10.68
N GLY B 3328 57.37 114.18 -11.94
CA GLY B 3328 57.56 113.17 -12.96
C GLY B 3328 58.96 113.13 -13.55
N ILE B 3329 59.97 113.38 -12.72
CA ILE B 3329 61.34 113.31 -13.20
C ILE B 3329 61.73 111.86 -13.45
N ASP B 3330 62.65 111.65 -14.38
CA ASP B 3330 63.09 110.29 -14.71
C ASP B 3330 64.05 109.75 -13.66
N GLU B 3331 65.19 110.41 -13.48
CA GLU B 3331 66.18 110.02 -12.48
C GLU B 3331 66.34 111.15 -11.48
N ALA B 3332 66.18 110.82 -10.20
CA ALA B 3332 66.29 111.81 -9.14
C ALA B 3332 66.69 111.09 -7.85
N THR B 3333 67.87 111.42 -7.34
CA THR B 3333 68.36 110.84 -6.08
C THR B 3333 68.19 111.78 -4.90
N TRP B 3334 68.19 113.09 -5.14
CA TRP B 3334 68.09 114.06 -4.05
C TRP B 3334 66.77 113.97 -3.30
N MET B 3335 65.77 113.31 -3.87
CA MET B 3335 64.50 113.13 -3.17
C MET B 3335 64.68 112.28 -1.91
N LYS B 3336 65.51 111.23 -2.00
CA LYS B 3336 65.74 110.33 -0.88
C LYS B 3336 66.65 110.93 0.19
N ARG B 3337 67.29 112.07 -0.09
CA ARG B 3337 68.18 112.72 0.87
C ARG B 3337 67.58 113.97 1.48
N LEU B 3338 66.88 114.78 0.68
CA LEU B 3338 66.25 115.98 1.20
C LEU B 3338 65.17 115.64 2.22
N ALA B 3339 64.41 114.58 1.98
CA ALA B 3339 63.39 114.16 2.94
C ALA B 3339 64.01 113.74 4.27
N VAL B 3340 65.13 113.02 4.21
CA VAL B 3340 65.82 112.62 5.44
C VAL B 3340 66.36 113.84 6.16
N PHE B 3341 66.94 114.78 5.42
CA PHE B 3341 67.51 115.97 6.04
C PHE B 3341 66.43 116.86 6.65
N ALA B 3342 65.22 116.87 6.07
CA ALA B 3342 64.15 117.74 6.51
C ALA B 3342 63.23 117.09 7.54
N GLN B 3343 63.53 115.86 7.98
CA GLN B 3343 62.68 115.20 8.97
C GLN B 3343 62.61 115.95 10.29
N PRO B 3344 63.72 116.39 10.91
CA PRO B 3344 63.59 117.13 12.17
C PRO B 3344 62.92 118.49 12.02
N ILE B 3345 62.88 119.05 10.81
CA ILE B 3345 62.29 120.38 10.63
C ILE B 3345 60.77 120.37 10.68
N VAL B 3346 60.13 119.19 10.62
CA VAL B 3346 58.68 119.11 10.62
C VAL B 3346 58.10 118.93 12.02
N SER B 3347 58.94 118.68 13.03
CA SER B 3347 58.43 118.52 14.38
C SER B 3347 57.76 119.79 14.89
N ARG B 3348 58.37 120.95 14.61
CA ARG B 3348 57.80 122.24 14.98
C ARG B 3348 57.21 122.87 13.72
N ALA B 3349 55.97 122.51 13.42
CA ALA B 3349 55.29 122.99 12.22
C ALA B 3349 53.90 123.50 12.59
N ARG B 3350 53.46 124.52 11.85
CA ARG B 3350 52.15 125.10 12.11
C ARG B 3350 51.06 124.11 11.72
N PRO B 3351 50.00 123.98 12.53
CA PRO B 3351 48.92 123.03 12.21
C PRO B 3351 48.22 123.34 10.90
N GLU B 3352 48.08 124.62 10.53
CA GLU B 3352 47.30 125.00 9.36
C GLU B 3352 48.16 125.41 8.18
N LEU B 3353 49.36 125.96 8.40
CA LEU B 3353 50.20 126.38 7.28
C LEU B 3353 50.65 125.20 6.44
N LEU B 3354 51.04 124.10 7.07
CA LEU B 3354 51.53 122.94 6.32
C LEU B 3354 50.38 122.16 5.69
N HIS B 3355 49.22 122.09 6.36
CA HIS B 3355 48.12 121.29 5.83
C HIS B 3355 47.57 121.86 4.53
N SER B 3356 47.80 123.14 4.25
CA SER B 3356 47.44 123.71 2.96
C SER B 3356 48.37 123.27 1.84
N HIS B 3357 49.53 122.71 2.18
CA HIS B 3357 50.49 122.21 1.21
C HIS B 3357 50.52 120.69 1.10
N PHE B 3358 50.26 119.98 2.22
CA PHE B 3358 50.30 118.53 2.18
C PHE B 3358 49.16 117.94 1.35
N ILE B 3359 47.97 118.54 1.42
CA ILE B 3359 46.80 118.03 0.71
C ILE B 3359 47.03 118.08 -0.80
N PRO B 3360 47.43 119.22 -1.40
CA PRO B 3360 47.62 119.22 -2.86
C PRO B 3360 48.72 118.28 -3.35
N THR B 3361 49.81 118.13 -2.59
CA THR B 3361 50.90 117.27 -3.04
C THR B 3361 50.48 115.81 -3.06
N ILE B 3362 49.90 115.33 -1.96
CA ILE B 3362 49.43 113.94 -1.91
C ILE B 3362 48.27 113.74 -2.87
N GLY B 3363 47.49 114.80 -3.12
CA GLY B 3363 46.43 114.69 -4.11
C GLY B 3363 46.96 114.49 -5.52
N ARG B 3364 48.00 115.24 -5.88
CA ARG B 3364 48.65 115.04 -7.17
C ARG B 3364 49.28 113.65 -7.25
N LEU B 3365 49.85 113.18 -6.14
CA LEU B 3365 50.42 111.83 -6.12
C LEU B 3365 49.33 110.79 -6.34
N ARG B 3366 48.18 110.95 -5.70
CA ARG B 3366 47.07 110.01 -5.90
C ARG B 3366 46.53 110.08 -7.32
N LYS B 3367 46.49 111.28 -7.91
CA LYS B 3367 46.07 111.41 -9.30
C LYS B 3367 47.03 110.68 -10.23
N ARG B 3368 48.33 110.80 -9.97
CA ARG B 3368 49.31 110.06 -10.76
C ARG B 3368 49.13 108.56 -10.59
N ALA B 3369 48.87 108.11 -9.36
CA ALA B 3369 48.64 106.69 -9.13
C ALA B 3369 47.40 106.21 -9.87
N GLY B 3370 46.33 107.01 -9.87
CA GLY B 3370 45.14 106.65 -10.61
C GLY B 3370 45.34 106.63 -12.10
N LYS B 3371 46.17 107.54 -12.62
CA LYS B 3371 46.47 107.54 -14.05
C LYS B 3371 47.37 106.37 -14.44
N VAL B 3372 48.19 105.89 -13.51
CA VAL B 3372 49.11 104.80 -13.83
C VAL B 3372 48.54 103.41 -13.59
N VAL B 3373 47.53 103.29 -12.71
CA VAL B 3373 46.93 101.96 -12.51
C VAL B 3373 46.14 101.55 -13.73
N ALA B 3374 45.57 102.52 -14.45
CA ALA B 3374 44.77 102.21 -15.64
C ALA B 3374 45.61 101.54 -16.72
N GLU B 3375 46.90 101.89 -16.83
CA GLU B 3375 47.75 101.24 -17.80
C GLU B 3375 47.90 99.75 -17.51
N GLU B 3376 48.14 99.40 -16.24
CA GLU B 3376 48.22 97.99 -15.87
C GLU B 3376 46.88 97.29 -16.03
N GLU B 3377 45.78 98.00 -15.75
CA GLU B 3377 44.45 97.41 -15.90
C GLU B 3377 44.17 97.08 -17.36
N GLN B 3378 44.53 97.99 -18.27
CA GLN B 3378 44.32 97.75 -19.69
C GLN B 3378 45.37 96.83 -20.29
N LEU B 3379 46.47 96.60 -19.59
CA LEU B 3379 47.49 95.67 -20.09
C LEU B 3379 46.93 94.26 -20.19
N ARG B 3380 46.16 93.83 -19.20
CA ARG B 3380 45.56 92.51 -19.20
C ARG B 3380 44.43 92.41 -20.21
N GLU B 3386 54.43 92.98 -27.13
CA GLU B 3386 53.38 93.87 -26.64
C GLU B 3386 53.28 93.82 -25.13
N ALA B 3387 53.11 92.60 -24.59
CA ALA B 3387 52.99 92.44 -23.14
C ALA B 3387 54.29 92.82 -22.43
N GLU B 3388 55.43 92.44 -23.00
CA GLU B 3388 56.70 92.69 -22.34
C GLU B 3388 57.02 94.19 -22.28
N GLU B 3389 56.79 94.90 -23.39
CA GLU B 3389 57.06 96.34 -23.40
C GLU B 3389 56.15 97.08 -22.41
N GLY B 3390 54.87 96.72 -22.40
CA GLY B 3390 53.97 97.34 -21.44
C GLY B 3390 54.34 97.03 -20.00
N GLU B 3391 54.77 95.79 -19.75
CA GLU B 3391 55.20 95.42 -18.40
C GLU B 3391 56.42 96.22 -17.97
N LEU B 3392 57.38 96.39 -18.87
CA LEU B 3392 58.56 97.19 -18.55
C LEU B 3392 58.18 98.65 -18.29
N LEU B 3393 57.29 99.20 -19.12
CA LEU B 3393 56.89 100.59 -18.95
C LEU B 3393 56.16 100.80 -17.62
N VAL B 3394 55.24 99.89 -17.28
CA VAL B 3394 54.51 100.04 -16.02
C VAL B 3394 55.44 99.78 -14.84
N ARG B 3395 56.43 98.90 -14.99
CA ARG B 3395 57.40 98.70 -13.93
C ARG B 3395 58.22 99.97 -13.67
N ASP B 3396 58.67 100.63 -14.74
CA ASP B 3396 59.39 101.88 -14.58
C ASP B 3396 58.51 102.95 -13.94
N GLU B 3397 57.26 103.06 -14.40
CA GLU B 3397 56.34 104.04 -13.82
C GLU B 3397 56.08 103.76 -12.35
N PHE B 3398 55.92 102.49 -11.99
CA PHE B 3398 55.68 102.12 -10.61
C PHE B 3398 56.90 102.38 -9.74
N SER B 3399 58.10 102.18 -10.30
CA SER B 3399 59.31 102.52 -9.56
C SER B 3399 59.39 104.02 -9.32
N VAL B 3400 59.04 104.83 -10.32
CA VAL B 3400 59.01 106.28 -10.14
C VAL B 3400 57.99 106.66 -9.07
N LEU B 3401 56.81 106.06 -9.11
CA LEU B 3401 55.78 106.35 -8.12
C LEU B 3401 56.23 105.93 -6.72
N CYS B 3402 56.92 104.79 -6.60
CA CYS B 3402 57.43 104.34 -5.31
C CYS B 3402 58.48 105.30 -4.78
N ARG B 3403 59.35 105.80 -5.66
CA ARG B 3403 60.35 106.77 -5.23
C ARG B 3403 59.68 108.05 -4.73
N ASP B 3404 58.67 108.53 -5.45
CA ASP B 3404 57.96 109.72 -5.00
C ASP B 3404 57.24 109.47 -3.67
N LEU B 3405 56.64 108.29 -3.52
CA LEU B 3405 55.97 107.94 -2.27
C LEU B 3405 56.95 107.90 -1.11
N TYR B 3406 58.12 107.31 -1.31
CA TYR B 3406 59.11 107.24 -0.25
C TYR B 3406 59.81 108.57 -0.01
N ALA B 3407 59.71 109.51 -0.95
CA ALA B 3407 60.17 110.87 -0.73
C ALA B 3407 59.17 111.74 0.02
N LEU B 3408 57.87 111.49 -0.14
CA LEU B 3408 56.84 112.30 0.51
C LEU B 3408 56.33 111.73 1.83
N TYR B 3409 56.05 110.43 1.88
CA TYR B 3409 55.41 109.84 3.05
C TYR B 3409 56.18 110.01 4.36
N PRO B 3410 57.51 109.91 4.41
CA PRO B 3410 58.19 110.15 5.70
C PRO B 3410 57.94 111.54 6.26
N LEU B 3411 57.79 112.56 5.42
CA LEU B 3411 57.43 113.88 5.90
C LEU B 3411 55.97 113.97 6.36
N LEU B 3412 55.15 112.98 6.01
CA LEU B 3412 53.75 112.94 6.43
C LEU B 3412 53.54 112.10 7.69
N ILE B 3413 54.32 111.04 7.88
CA ILE B 3413 54.15 110.20 9.06
C ILE B 3413 54.49 110.98 10.33
N ARG B 3414 55.58 111.76 10.29
CA ARG B 3414 55.93 112.56 11.46
C ARG B 3414 54.90 113.65 11.71
N TYR B 3415 54.38 114.28 10.65
CA TYR B 3415 53.35 115.29 10.80
C TYR B 3415 52.03 114.68 11.30
N VAL B 3416 51.82 113.39 11.07
CA VAL B 3416 50.63 112.72 11.59
C VAL B 3416 50.82 112.26 13.03
N ASP B 3417 52.06 111.91 13.42
CA ASP B 3417 52.32 111.50 14.80
C ASP B 3417 51.93 112.60 15.78
N ASN B 3418 52.31 113.84 15.48
CA ASN B 3418 51.76 114.98 16.18
C ASN B 3418 50.54 115.49 15.42
N ASN B 3419 49.86 116.48 16.00
CA ASN B 3419 48.64 117.07 15.46
C ASN B 3419 47.53 116.06 15.25
N ARG B 3420 47.64 114.87 15.83
CA ARG B 3420 46.60 113.85 15.73
C ARG B 3420 45.61 113.93 16.89
N ALA B 3421 46.09 114.26 18.09
CA ALA B 3421 45.18 114.50 19.20
C ALA B 3421 44.28 115.69 18.93
N HIS B 3422 44.83 116.73 18.28
CA HIS B 3422 44.01 117.87 17.87
C HIS B 3422 42.96 117.44 16.84
N TRP B 3423 43.35 116.59 15.89
CA TRP B 3423 42.42 116.12 14.88
C TRP B 3423 41.39 115.13 15.43
N LEU B 3424 41.63 114.55 16.60
CA LEU B 3424 40.69 113.63 17.21
C LEU B 3424 39.73 114.32 18.18
N THR B 3425 40.26 115.15 19.09
CA THR B 3425 39.40 115.88 20.00
C THR B 3425 38.50 116.86 19.25
N GLU B 3426 39.06 117.56 18.26
CA GLU B 3426 38.29 118.47 17.41
C GLU B 3426 38.40 117.97 15.97
N PRO B 3427 37.39 117.27 15.45
CA PRO B 3427 37.50 116.72 14.10
C PRO B 3427 37.65 117.82 13.05
N ASN B 3428 38.45 117.52 12.03
CA ASN B 3428 38.72 118.45 10.94
C ASN B 3428 38.45 117.74 9.63
N ALA B 3429 37.71 118.42 8.74
CA ALA B 3429 37.34 117.82 7.46
C ALA B 3429 38.56 117.50 6.62
N ASN B 3430 39.59 118.35 6.66
CA ASN B 3430 40.79 118.11 5.89
C ASN B 3430 41.50 116.83 6.32
N ALA B 3431 41.49 116.54 7.63
CA ALA B 3431 42.07 115.29 8.10
C ALA B 3431 41.34 114.09 7.54
N GLU B 3432 40.00 114.14 7.50
CA GLU B 3432 39.22 113.05 6.92
C GLU B 3432 39.51 112.90 5.43
N GLU B 3433 39.62 114.02 4.71
CA GLU B 3433 39.94 113.96 3.29
C GLU B 3433 41.32 113.35 3.06
N LEU B 3434 42.29 113.72 3.90
CA LEU B 3434 43.62 113.14 3.80
C LEU B 3434 43.59 111.64 4.08
N PHE B 3435 42.80 111.23 5.07
CA PHE B 3435 42.65 109.80 5.34
C PHE B 3435 42.06 109.08 4.13
N ARG B 3436 41.04 109.67 3.51
CA ARG B 3436 40.42 109.06 2.34
C ARG B 3436 41.43 108.90 1.21
N MET B 3437 42.24 109.94 0.98
CA MET B 3437 43.25 109.88 -0.07
C MET B 3437 44.32 108.83 0.22
N VAL B 3438 44.77 108.76 1.49
CA VAL B 3438 45.76 107.76 1.87
C VAL B 3438 45.19 106.35 1.70
N GLY B 3439 43.94 106.15 2.10
CA GLY B 3439 43.31 104.86 1.92
C GLY B 3439 43.12 104.50 0.45
N GLU B 3440 42.85 105.50 -0.38
CA GLU B 3440 42.76 105.26 -1.82
C GLU B 3440 44.10 104.78 -2.38
N ILE B 3441 45.19 105.44 -1.97
CA ILE B 3441 46.52 104.98 -2.39
C ILE B 3441 46.78 103.56 -1.87
N PHE B 3442 46.35 103.28 -0.63
CA PHE B 3442 46.59 101.96 -0.06
C PHE B 3442 45.86 100.87 -0.83
N ILE B 3443 44.59 101.11 -1.19
CA ILE B 3443 43.84 100.09 -1.90
C ILE B 3443 44.34 99.97 -3.33
N TYR B 3444 44.82 101.06 -3.92
CA TYR B 3444 45.47 100.97 -5.23
C TYR B 3444 46.71 100.08 -5.15
N TRP B 3445 47.50 100.22 -4.08
CA TRP B 3445 48.65 99.35 -3.89
C TRP B 3445 48.23 97.91 -3.66
N SER B 3446 47.14 97.70 -2.91
CA SER B 3446 46.74 96.35 -2.55
C SER B 3446 46.23 95.56 -3.74
N LYS B 3447 45.36 96.18 -4.55
CA LYS B 3447 44.78 95.48 -5.70
C LYS B 3447 45.67 95.59 -6.93
N SER B 3448 46.95 95.29 -6.75
CA SER B 3448 47.92 95.24 -7.85
C SER B 3448 49.21 94.59 -7.36
N HIS B 3449 49.69 93.58 -8.08
CA HIS B 3449 50.92 92.90 -7.69
C HIS B 3449 52.17 93.69 -8.07
N ASN B 3450 52.11 94.42 -9.18
CA ASN B 3450 53.28 95.15 -9.65
C ASN B 3450 53.69 96.25 -8.67
N PHE B 3451 52.73 96.90 -8.03
CA PHE B 3451 53.07 97.93 -7.05
C PHE B 3451 53.86 97.34 -5.90
N LYS B 3452 53.41 96.20 -5.35
CA LYS B 3452 54.13 95.57 -4.26
C LYS B 3452 55.51 95.09 -4.69
N ARG B 3453 55.60 94.48 -5.89
CA ARG B 3453 56.89 94.02 -6.37
C ARG B 3453 57.86 95.19 -6.55
N GLU B 3454 57.39 96.29 -7.13
CA GLU B 3454 58.26 97.44 -7.34
C GLU B 3454 58.67 98.08 -6.02
N GLU B 3455 57.76 98.15 -5.05
CA GLU B 3455 58.13 98.69 -3.74
C GLU B 3455 59.19 97.83 -3.07
N GLN B 3456 59.02 96.51 -3.10
CA GLN B 3456 60.00 95.62 -2.51
C GLN B 3456 61.35 95.75 -3.20
N ASN B 3457 61.34 95.79 -4.54
CA ASN B 3457 62.59 95.95 -5.28
C ASN B 3457 63.26 97.28 -4.94
N PHE B 3458 62.47 98.35 -4.82
CA PHE B 3458 63.00 99.66 -4.48
C PHE B 3458 63.70 99.64 -3.12
N VAL B 3459 63.03 99.09 -2.10
CA VAL B 3459 63.61 99.13 -0.76
C VAL B 3459 64.84 98.24 -0.68
N VAL B 3460 64.81 97.08 -1.33
CA VAL B 3460 65.98 96.20 -1.26
C VAL B 3460 67.14 96.77 -2.06
N GLN B 3461 66.85 97.48 -3.15
CA GLN B 3461 67.92 98.03 -3.99
C GLN B 3461 68.59 99.22 -3.31
N ASN B 3462 67.81 100.15 -2.76
CA ASN B 3462 68.38 101.33 -2.13
C ASN B 3462 68.63 101.16 -0.64
N GLU B 3463 68.38 99.97 -0.10
CA GLU B 3463 68.66 99.67 1.31
C GLU B 3463 67.98 100.67 2.25
N ILE B 3464 66.73 101.00 1.93
CA ILE B 3464 65.96 101.91 2.77
C ILE B 3464 65.62 101.22 4.07
N ASN B 3465 65.92 101.88 5.19
CA ASN B 3465 65.65 101.29 6.49
C ASN B 3465 64.16 101.08 6.71
N ASN B 3466 63.34 102.07 6.34
CA ASN B 3466 61.89 102.03 6.47
C ASN B 3466 61.42 101.90 7.91
N MET B 3467 62.35 102.02 8.86
CA MET B 3467 62.01 101.92 10.28
C MET B 3467 62.40 103.20 11.00
N SER B 3468 63.44 103.88 10.49
CA SER B 3468 63.84 105.15 11.08
C SER B 3468 62.80 106.24 10.86
N PHE B 3469 62.04 106.15 9.76
CA PHE B 3469 60.97 107.11 9.52
C PHE B 3469 59.89 107.01 10.58
N LEU B 3470 59.53 105.79 10.98
CA LEU B 3470 58.56 105.56 12.03
C LEU B 3470 59.19 105.41 13.40
N THR B 3471 60.52 105.52 13.50
CA THR B 3471 61.26 105.39 14.76
C THR B 3471 60.97 104.06 15.44
N TYR B 3503 58.68 90.15 2.58
CA TYR B 3503 59.33 89.87 3.84
C TYR B 3503 59.04 90.95 4.86
N SER B 3504 59.47 92.18 4.57
CA SER B 3504 59.26 93.32 5.46
C SER B 3504 57.96 94.05 5.13
N VAL B 3505 56.85 93.30 5.08
CA VAL B 3505 55.56 93.90 4.77
C VAL B 3505 55.08 94.77 5.92
N GLN B 3506 55.31 94.32 7.17
CA GLN B 3506 54.90 95.11 8.34
C GLN B 3506 55.68 96.40 8.46
N THR B 3507 56.84 96.50 7.81
CA THR B 3507 57.66 97.70 7.86
C THR B 3507 57.40 98.61 6.66
N SER B 3508 56.43 98.26 5.81
CA SER B 3508 56.16 99.05 4.62
C SER B 3508 55.66 100.44 4.99
N LEU B 3509 55.98 101.41 4.14
CA LEU B 3509 55.64 102.80 4.43
C LEU B 3509 54.15 103.06 4.25
N ILE B 3510 53.56 102.54 3.17
CA ILE B 3510 52.15 102.78 2.90
C ILE B 3510 51.27 102.16 3.98
N VAL B 3511 51.57 100.93 4.37
CA VAL B 3511 50.78 100.25 5.40
C VAL B 3511 50.90 100.97 6.73
N ALA B 3512 52.11 101.41 7.08
CA ALA B 3512 52.30 102.14 8.33
C ALA B 3512 51.54 103.45 8.33
N THR B 3513 51.58 104.19 7.21
CA THR B 3513 50.85 105.45 7.13
C THR B 3513 49.34 105.23 7.23
N LEU B 3514 48.84 104.19 6.56
CA LEU B 3514 47.42 103.90 6.64
C LEU B 3514 47.01 103.50 8.06
N LYS B 3515 47.85 102.71 8.73
CA LYS B 3515 47.55 102.32 10.11
C LYS B 3515 47.56 103.54 11.03
N LYS B 3516 48.46 104.48 10.80
CA LYS B 3516 48.50 105.68 11.62
C LYS B 3516 47.29 106.58 11.35
N MET B 3517 46.82 106.63 10.12
CA MET B 3517 45.70 107.49 9.75
C MET B 3517 44.33 106.84 9.90
N LEU B 3518 44.29 105.54 10.21
CA LEU B 3518 43.00 104.85 10.34
C LEU B 3518 42.10 105.41 11.43
N PRO B 3519 42.58 105.77 12.63
CA PRO B 3519 41.67 106.37 13.62
C PRO B 3519 40.99 107.64 13.13
N ILE B 3520 41.63 108.40 12.24
CA ILE B 3520 40.97 109.57 11.66
C ILE B 3520 39.71 109.14 10.92
N GLY B 3521 39.82 108.06 10.13
CA GLY B 3521 38.66 107.56 9.41
C GLY B 3521 37.62 106.95 10.33
N LEU B 3522 38.06 106.24 11.36
CA LEU B 3522 37.11 105.62 12.29
C LEU B 3522 36.35 106.65 13.10
N ASN B 3523 36.96 107.81 13.36
CA ASN B 3523 36.29 108.84 14.14
C ASN B 3523 35.05 109.36 13.44
N MET B 3524 35.13 109.60 12.13
CA MET B 3524 34.00 110.13 11.39
C MET B 3524 32.86 109.13 11.26
N CYS B 3525 33.12 107.85 11.45
CA CYS B 3525 32.09 106.82 11.33
C CYS B 3525 31.38 106.66 12.67
N ALA B 3526 30.07 106.82 12.66
CA ALA B 3526 29.29 106.71 13.89
C ALA B 3526 29.31 105.27 14.40
N PRO B 3527 29.20 105.09 15.72
CA PRO B 3527 29.12 103.72 16.25
C PRO B 3527 27.90 102.95 15.77
N THR B 3528 26.86 103.65 15.33
CA THR B 3528 25.69 102.97 14.75
C THR B 3528 26.05 102.29 13.44
N ASP B 3529 26.94 102.89 12.64
CA ASP B 3529 27.37 102.30 11.39
C ASP B 3529 28.22 101.05 11.60
N GLN B 3530 28.66 100.79 12.83
CA GLN B 3530 29.40 99.56 13.11
C GLN B 3530 28.52 98.33 12.90
N ASP B 3531 27.20 98.50 12.83
CA ASP B 3531 26.33 97.38 12.48
C ASP B 3531 26.42 97.07 10.99
N LEU B 3532 26.44 98.10 10.14
CA LEU B 3532 26.54 97.91 8.70
C LEU B 3532 27.98 97.70 8.22
N ILE B 3533 28.96 97.84 9.11
CA ILE B 3533 30.36 97.64 8.71
C ILE B 3533 30.56 96.22 8.15
N MET B 3534 30.11 95.20 8.89
CA MET B 3534 30.31 93.83 8.41
C MET B 3534 29.45 93.53 7.20
N LEU B 3535 28.28 94.17 7.10
CA LEU B 3535 27.45 94.00 5.90
C LEU B 3535 28.17 94.52 4.67
N ALA B 3536 28.78 95.70 4.78
CA ALA B 3536 29.56 96.25 3.67
C ALA B 3536 30.77 95.39 3.37
N LYS B 3537 31.42 94.85 4.41
CA LYS B 3537 32.56 93.97 4.19
C LYS B 3537 32.15 92.71 3.44
N THR B 3538 31.02 92.11 3.81
CA THR B 3538 30.53 90.94 3.10
C THR B 3538 30.14 91.28 1.66
N ARG B 3539 29.55 92.45 1.45
CA ARG B 3539 29.22 92.88 0.09
C ARG B 3539 30.48 93.03 -0.76
N TYR B 3540 31.54 93.61 -0.18
CA TYR B 3540 32.80 93.77 -0.90
C TYR B 3540 33.57 92.47 -1.03
N ALA B 3541 33.22 91.45 -0.25
CA ALA B 3541 33.90 90.16 -0.35
C ALA B 3541 33.72 89.49 -1.70
N LEU B 3542 32.75 89.92 -2.50
CA LEU B 3542 32.48 89.35 -3.82
C LEU B 3542 33.05 90.21 -4.93
N LYS B 3543 34.19 90.86 -4.68
CA LYS B 3543 34.84 91.73 -5.66
C LYS B 3543 33.90 92.82 -6.16
N ASP B 3544 33.12 93.38 -5.24
CA ASP B 3544 32.17 94.43 -5.58
C ASP B 3544 32.87 95.77 -5.77
N THR B 3545 32.16 96.71 -6.38
CA THR B 3545 32.66 98.05 -6.63
C THR B 3545 32.01 99.02 -5.64
N ASP B 3546 32.56 100.24 -5.62
CA ASP B 3546 32.08 101.25 -4.67
C ASP B 3546 30.63 101.64 -4.96
N GLU B 3547 30.29 101.81 -6.25
CA GLU B 3547 28.95 102.25 -6.60
C GLU B 3547 27.88 101.23 -6.21
N GLU B 3548 28.12 99.96 -6.54
CA GLU B 3548 27.15 98.93 -6.22
C GLU B 3548 27.07 98.68 -4.71
N VAL B 3549 28.19 98.77 -4.00
CA VAL B 3549 28.16 98.64 -2.55
C VAL B 3549 27.35 99.77 -1.93
N ARG B 3550 27.55 101.01 -2.41
CA ARG B 3550 26.78 102.13 -1.90
C ARG B 3550 25.30 101.97 -2.19
N GLU B 3551 24.96 101.51 -3.40
CA GLU B 3551 23.56 101.29 -3.73
C GLU B 3551 22.94 100.22 -2.84
N PHE B 3552 23.66 99.11 -2.62
CA PHE B 3552 23.14 98.06 -1.76
C PHE B 3552 22.96 98.55 -0.34
N LEU B 3553 23.91 99.34 0.18
CA LEU B 3553 23.78 99.87 1.53
C LEU B 3553 22.59 100.83 1.64
N GLN B 3554 22.39 101.68 0.63
CA GLN B 3554 21.25 102.58 0.64
C GLN B 3554 19.93 101.83 0.51
N ASN B 3555 19.97 100.65 -0.13
CA ASN B 3555 18.74 99.86 -0.27
C ASN B 3555 18.22 99.38 1.08
N ASN B 3556 19.11 99.13 2.04
CA ASN B 3556 18.74 98.63 3.36
C ASN B 3556 19.43 99.43 4.45
N LEU B 3557 19.35 100.76 4.35
CA LEU B 3557 19.97 101.64 5.34
C LEU B 3557 19.22 101.69 6.66
N HIS B 3558 18.18 100.89 6.83
CA HIS B 3558 17.39 100.90 8.06
C HIS B 3558 17.83 99.84 9.06
N LEU B 3559 18.85 99.05 8.74
CA LEU B 3559 19.30 97.99 9.65
C LEU B 3559 20.27 98.49 10.72
N GLN B 3560 20.73 99.74 10.62
CA GLN B 3560 21.62 100.28 11.63
C GLN B 3560 20.82 100.77 12.83
N GLY B 3561 21.52 100.91 13.96
CA GLY B 3561 20.89 101.40 15.17
C GLY B 3561 21.06 100.49 16.36
N LYS B 3562 19.94 100.00 16.90
CA LYS B 3562 19.93 99.14 18.09
C LYS B 3562 20.63 99.81 19.27
N VAL B 3563 20.42 101.11 19.40
CA VAL B 3563 21.05 101.86 20.49
C VAL B 3563 20.50 101.39 21.85
N GLU B 3564 19.19 101.17 21.93
CA GLU B 3564 18.57 100.73 23.18
C GLU B 3564 18.62 99.21 23.34
N GLY B 3565 18.97 98.47 22.31
CA GLY B 3565 19.02 97.02 22.39
C GLY B 3565 20.30 96.44 22.95
N SER B 3566 21.32 97.26 23.16
CA SER B 3566 22.59 96.81 23.69
C SER B 3566 23.06 97.76 24.78
N PRO B 3567 23.79 97.26 25.78
CA PRO B 3567 24.29 98.15 26.84
C PRO B 3567 25.62 98.80 26.48
N SER B 3568 26.34 98.20 25.54
CA SER B 3568 27.66 98.70 25.15
C SER B 3568 27.60 99.88 24.19
N LEU B 3569 26.42 100.23 23.68
CA LEU B 3569 26.26 101.33 22.74
C LEU B 3569 25.85 102.64 23.39
N ARG B 3570 25.37 102.61 24.63
CA ARG B 3570 24.91 103.83 25.28
C ARG B 3570 26.06 104.82 25.48
N TRP B 3571 27.15 104.35 26.10
CA TRP B 3571 28.26 105.25 26.37
C TRP B 3571 28.98 105.67 25.10
N GLN B 3572 28.99 104.82 24.07
CA GLN B 3572 29.59 105.23 22.81
C GLN B 3572 28.82 106.38 22.17
N MET B 3573 27.48 106.30 22.16
CA MET B 3573 26.68 107.40 21.64
C MET B 3573 26.84 108.65 22.50
N ALA B 3574 26.90 108.47 23.83
CA ALA B 3574 27.11 109.63 24.70
C ALA B 3574 28.44 110.31 24.41
N LEU B 3575 29.50 109.52 24.20
CA LEU B 3575 30.79 110.07 23.86
C LEU B 3575 30.75 110.79 22.52
N TYR B 3576 30.07 110.20 21.53
CA TYR B 3576 29.99 110.84 20.21
C TYR B 3576 29.26 112.16 20.28
N ARG B 3577 28.17 112.24 21.04
CA ARG B 3577 27.40 113.47 21.12
C ARG B 3577 28.06 114.52 22.01
N GLY B 3578 28.79 114.10 23.04
CA GLY B 3578 29.24 115.03 24.06
C GLY B 3578 30.31 116.03 23.67
N LEU B 3579 31.54 115.56 23.47
CA LEU B 3579 32.67 116.46 23.30
C LEU B 3579 32.79 117.11 21.92
N PRO B 3580 32.56 116.40 20.79
CA PRO B 3580 32.82 117.03 19.49
C PRO B 3580 31.85 118.16 19.18
N GLY B 3581 32.03 118.80 18.02
CA GLY B 3581 31.17 119.89 17.61
C GLY B 3581 29.88 119.41 16.98
N ARG B 3582 29.55 119.96 15.81
CA ARG B 3582 28.34 119.53 15.12
C ARG B 3582 28.44 118.07 14.74
N GLU B 3583 27.36 117.32 14.99
CA GLU B 3583 27.32 115.89 14.71
C GLU B 3583 26.87 115.59 13.29
N GLU B 3584 27.56 116.21 12.32
CA GLU B 3584 27.28 116.02 10.90
C GLU B 3584 25.80 116.31 10.58
N ASP B 3585 25.27 117.37 11.20
CA ASP B 3585 23.90 117.85 11.06
C ASP B 3585 22.87 116.85 11.58
N ALA B 3586 23.30 115.71 12.14
CA ALA B 3586 22.47 114.69 12.77
C ALA B 3586 21.53 113.98 11.80
N ASP B 3587 21.51 114.35 10.52
CA ASP B 3587 20.63 113.71 9.56
C ASP B 3587 21.22 113.88 8.16
N ASP B 3588 21.85 112.83 7.64
CA ASP B 3588 22.39 112.82 6.29
C ASP B 3588 22.47 111.39 5.78
N PRO B 3589 21.35 110.84 5.29
CA PRO B 3589 21.41 109.52 4.63
C PRO B 3589 22.47 109.43 3.54
N GLU B 3590 22.64 110.48 2.73
CA GLU B 3590 23.59 110.44 1.64
C GLU B 3590 25.03 110.32 2.13
N LYS B 3591 25.37 111.03 3.21
CA LYS B 3591 26.73 110.99 3.74
C LYS B 3591 27.03 109.69 4.48
N ILE B 3592 26.00 108.97 4.96
CA ILE B 3592 26.24 107.76 5.73
C ILE B 3592 26.90 106.70 4.87
N VAL B 3593 26.36 106.45 3.67
CA VAL B 3593 26.93 105.43 2.80
C VAL B 3593 28.31 105.86 2.33
N ARG B 3594 28.51 107.16 2.07
CA ARG B 3594 29.81 107.65 1.63
C ARG B 3594 30.87 107.42 2.69
N ARG B 3595 30.54 107.69 3.97
CA ARG B 3595 31.49 107.51 5.05
C ARG B 3595 31.61 106.06 5.50
N VAL B 3596 30.67 105.19 5.11
CA VAL B 3596 30.77 103.78 5.46
C VAL B 3596 31.55 102.99 4.42
N GLN B 3597 31.36 103.30 3.13
CA GLN B 3597 32.02 102.53 2.08
C GLN B 3597 33.53 102.63 2.18
N GLU B 3598 34.05 103.84 2.39
CA GLU B 3598 35.51 104.02 2.44
C GLU B 3598 36.12 103.28 3.61
N VAL B 3599 35.52 103.39 4.80
CA VAL B 3599 36.09 102.74 5.97
C VAL B 3599 35.98 101.22 5.84
N SER B 3600 34.88 100.72 5.27
CA SER B 3600 34.75 99.29 5.07
C SER B 3600 35.79 98.77 4.08
N ALA B 3601 36.03 99.51 2.99
CA ALA B 3601 37.05 99.10 2.03
C ALA B 3601 38.43 99.10 2.65
N VAL B 3602 38.74 100.13 3.45
CA VAL B 3602 40.05 100.21 4.10
C VAL B 3602 40.22 99.04 5.08
N LEU B 3603 39.18 98.75 5.87
CA LEU B 3603 39.26 97.66 6.82
C LEU B 3603 39.42 96.32 6.12
N TYR B 3604 38.72 96.14 4.99
CA TYR B 3604 38.90 94.92 4.20
C TYR B 3604 40.33 94.80 3.70
N HIS B 3605 40.84 95.86 3.06
CA HIS B 3605 42.18 95.80 2.48
C HIS B 3605 43.27 95.64 3.53
N LEU B 3606 43.03 96.11 4.76
CA LEU B 3606 44.01 95.92 5.83
C LEU B 3606 44.13 94.48 6.28
N GLU B 3607 43.10 93.66 6.06
CA GLU B 3607 43.12 92.29 6.56
C GLU B 3607 44.21 91.45 5.86
N GLN B 3608 44.35 91.62 4.54
CA GLN B 3608 45.29 90.78 3.80
C GLN B 3608 46.74 91.13 4.11
N THR B 3609 47.02 92.39 4.48
CA THR B 3609 48.39 92.79 4.77
C THR B 3609 48.95 92.02 5.96
N GLU B 3610 48.14 91.86 7.02
CA GLU B 3610 48.58 91.09 8.17
C GLU B 3610 48.52 89.58 7.93
N HIS B 3611 47.82 89.14 6.89
CA HIS B 3611 47.71 87.72 6.57
C HIS B 3611 48.44 87.40 5.27
N THR B 3639 83.38 62.00 -12.75
CA THR B 3639 82.90 62.64 -13.97
C THR B 3639 83.74 62.20 -15.16
N PRO B 3640 83.07 61.82 -16.26
CA PRO B 3640 83.80 61.45 -17.48
C PRO B 3640 84.50 62.66 -18.06
N LEU B 3641 85.63 63.04 -17.49
CA LEU B 3641 86.36 64.19 -17.98
C LEU B 3641 86.35 64.24 -19.49
N TYR B 3642 86.15 65.43 -20.05
CA TYR B 3642 86.15 65.58 -21.49
C TYR B 3642 87.10 64.58 -22.14
N ASN B 3643 86.57 63.71 -22.98
CA ASN B 3643 87.40 62.67 -23.63
C ASN B 3643 87.97 61.68 -22.65
N LEU B 3644 87.95 60.42 -23.04
CA LEU B 3644 88.46 59.39 -22.17
C LEU B 3644 89.24 58.37 -22.97
N PRO B 3645 90.11 57.60 -22.29
CA PRO B 3645 90.83 56.50 -22.95
C PRO B 3645 89.98 55.83 -24.02
N THR B 3646 90.63 55.44 -25.10
CA THR B 3646 89.91 55.00 -26.29
C THR B 3646 89.27 53.63 -26.09
N HIS B 3647 89.96 52.73 -25.37
CA HIS B 3647 89.47 51.36 -25.27
C HIS B 3647 88.19 51.28 -24.44
N ARG B 3648 88.11 52.03 -23.35
CA ARG B 3648 86.89 52.04 -22.54
C ARG B 3648 85.71 52.56 -23.36
N ALA B 3649 85.94 53.64 -24.11
CA ALA B 3649 84.87 54.19 -24.95
C ALA B 3649 84.46 53.19 -26.03
N CYS B 3650 85.42 52.48 -26.60
CA CYS B 3650 85.10 51.47 -27.61
C CYS B 3650 84.26 50.36 -27.01
N ASN B 3651 84.61 49.91 -25.79
CA ASN B 3651 83.81 48.89 -25.13
C ASN B 3651 82.40 49.39 -24.86
N MET B 3652 82.28 50.63 -24.38
CA MET B 3652 80.95 51.19 -24.11
C MET B 3652 80.13 51.26 -25.38
N PHE B 3653 80.72 51.75 -26.47
CA PHE B 3653 80.01 51.82 -27.74
C PHE B 3653 79.66 50.45 -28.28
N LEU B 3654 80.49 49.44 -28.00
CA LEU B 3654 80.08 48.06 -28.28
C LEU B 3654 78.81 47.74 -27.51
N GLU B 3655 78.79 48.02 -26.20
CA GLU B 3655 77.57 47.83 -25.42
C GLU B 3655 76.47 48.78 -25.88
N SER B 3656 76.79 50.04 -26.10
CA SER B 3656 75.80 51.06 -26.42
C SER B 3656 75.39 51.05 -27.88
N TYR B 3657 75.63 49.97 -28.62
CA TYR B 3657 75.27 49.89 -30.03
C TYR B 3657 73.86 49.31 -30.21
N LYS B 3658 72.97 49.59 -29.26
CA LYS B 3658 71.67 48.94 -29.19
C LYS B 3658 70.85 49.15 -30.46
N ALA B 3659 70.83 50.38 -30.97
CA ALA B 3659 69.85 50.74 -31.99
C ALA B 3659 70.00 49.88 -33.24
N ALA B 3660 71.22 49.65 -33.70
CA ALA B 3660 71.46 48.89 -34.92
C ALA B 3660 72.11 47.54 -34.65
N TRP B 3661 71.78 46.91 -33.52
CA TRP B 3661 72.21 45.53 -33.27
C TRP B 3661 71.35 44.58 -34.11
N ILE B 3662 71.52 43.28 -33.86
CA ILE B 3662 70.72 42.26 -34.52
C ILE B 3662 69.26 42.36 -34.14
N LEU B 3663 68.92 43.21 -33.17
CA LEU B 3663 67.54 43.35 -32.72
C LEU B 3663 66.73 44.05 -33.79
N THR B 3664 66.52 43.36 -34.91
CA THR B 3664 65.80 43.89 -36.07
C THR B 3664 64.81 42.85 -36.55
N GLU B 3665 63.90 43.28 -37.42
CA GLU B 3665 62.88 42.40 -37.98
C GLU B 3665 63.53 41.51 -39.04
N ASP B 3666 64.20 40.46 -38.58
CA ASP B 3666 64.85 39.52 -39.49
C ASP B 3666 63.87 38.50 -40.04
N HIS B 3667 63.34 37.64 -39.16
CA HIS B 3667 62.40 36.58 -39.53
C HIS B 3667 62.85 35.78 -40.74
N SER B 3668 64.16 35.70 -40.98
CA SER B 3668 64.66 35.05 -42.18
C SER B 3668 64.86 33.55 -42.01
N PHE B 3669 64.78 33.02 -40.80
CA PHE B 3669 65.06 31.62 -40.54
C PHE B 3669 63.92 30.95 -39.80
N GLU B 3670 62.69 31.43 -40.01
CA GLU B 3670 61.53 30.91 -39.31
C GLU B 3670 60.57 30.20 -40.26
N ASP B 3671 60.16 30.84 -41.35
CA ASP B 3671 59.25 30.19 -42.28
C ASP B 3671 60.00 29.33 -43.28
N ARG B 3672 60.92 29.92 -44.04
CA ARG B 3672 61.62 29.19 -45.08
C ARG B 3672 62.62 28.17 -44.52
N MET B 3673 63.22 28.44 -43.35
CA MET B 3673 64.13 27.46 -42.76
C MET B 3673 63.40 26.21 -42.33
N ILE B 3674 62.07 26.25 -42.24
CA ILE B 3674 61.31 25.03 -41.97
C ILE B 3674 60.71 24.49 -43.26
N ASP B 3675 60.34 25.39 -44.18
CA ASP B 3675 59.77 24.94 -45.45
C ASP B 3675 60.78 24.11 -46.23
N ASP B 3676 62.04 24.56 -46.27
CA ASP B 3676 63.06 23.78 -46.97
C ASP B 3676 63.42 22.51 -46.22
N LEU B 3677 63.23 22.46 -44.90
CA LEU B 3677 63.50 21.26 -44.13
C LEU B 3677 62.43 20.20 -44.31
N SER B 3678 61.17 20.59 -44.46
CA SER B 3678 60.07 19.64 -44.58
C SER B 3678 60.03 18.95 -45.93
N LYS B 3679 60.35 19.65 -47.01
CA LYS B 3679 60.26 19.06 -48.35
C LYS B 3679 61.58 18.48 -48.85
N ALA B 3680 62.67 18.64 -48.10
CA ALA B 3680 63.96 18.15 -48.56
C ALA B 3680 63.96 16.64 -48.71
N GLY B 3681 63.38 15.93 -47.74
CA GLY B 3681 63.21 14.49 -47.87
C GLY B 3681 62.12 14.09 -48.84
N GLU B 3682 61.27 15.05 -49.23
CA GLU B 3682 60.23 14.82 -50.21
C GLU B 3682 60.68 15.10 -51.64
N GLN B 3683 61.97 14.98 -51.91
CA GLN B 3683 62.48 15.23 -53.25
C GLN B 3683 61.97 14.17 -54.22
N GLU B 3684 61.57 14.61 -55.42
CA GLU B 3684 61.06 13.67 -56.41
C GLU B 3684 62.12 12.67 -56.83
N GLU B 3685 63.36 13.13 -57.01
CA GLU B 3685 64.45 12.22 -57.35
C GLU B 3685 64.72 11.24 -56.22
N GLU B 3686 64.44 11.63 -54.99
CA GLU B 3686 64.61 10.76 -53.82
C GLU B 3686 63.35 9.94 -53.56
N GLU B 3687 62.85 9.27 -54.60
CA GLU B 3687 61.65 8.45 -54.46
C GLU B 3687 61.66 7.43 -55.59
N GLU B 3688 61.90 6.16 -55.25
CA GLU B 3688 61.91 5.09 -56.26
C GLU B 3688 61.42 3.81 -55.58
N GLU B 3689 60.11 3.56 -55.71
CA GLU B 3689 59.49 2.32 -55.22
C GLU B 3689 59.83 2.06 -53.76
N VAL B 3690 59.66 3.09 -52.94
CA VAL B 3690 59.98 2.97 -51.51
C VAL B 3690 59.08 1.95 -50.84
N GLU B 3691 57.78 2.00 -51.12
CA GLU B 3691 56.78 1.11 -50.52
C GLU B 3691 56.79 1.19 -49.00
N GLU B 3692 57.16 2.36 -48.47
CA GLU B 3692 57.22 2.60 -47.04
C GLU B 3692 57.24 4.11 -46.83
N LYS B 3693 57.46 4.54 -45.59
CA LYS B 3693 57.51 5.96 -45.26
C LYS B 3693 58.67 6.19 -44.27
N LYS B 3694 59.84 6.48 -44.80
CA LYS B 3694 60.96 6.85 -43.95
C LYS B 3694 60.73 8.24 -43.37
N PRO B 3695 61.22 8.50 -42.16
CA PRO B 3695 60.94 9.79 -41.52
C PRO B 3695 61.52 10.96 -42.30
N ASP B 3696 60.81 12.08 -42.24
CA ASP B 3696 61.30 13.31 -42.83
C ASP B 3696 62.46 13.85 -42.01
N PRO B 3697 63.31 14.70 -42.61
CA PRO B 3697 64.42 15.28 -41.82
C PRO B 3697 63.95 15.99 -40.57
N LEU B 3698 62.85 16.74 -40.65
CA LEU B 3698 62.26 17.31 -39.46
C LEU B 3698 61.70 16.22 -38.55
N HIS B 3699 61.10 15.19 -39.14
CA HIS B 3699 60.56 14.10 -38.36
C HIS B 3699 61.65 13.36 -37.61
N GLN B 3700 62.82 13.16 -38.23
CA GLN B 3700 63.92 12.50 -37.55
C GLN B 3700 64.39 13.33 -36.34
N LEU B 3701 64.45 14.65 -36.49
CA LEU B 3701 64.90 15.48 -35.37
C LEU B 3701 63.89 15.46 -34.23
N VAL B 3702 62.60 15.57 -34.54
CA VAL B 3702 61.61 15.52 -33.45
C VAL B 3702 61.62 14.14 -32.80
N LEU B 3703 61.85 13.09 -33.59
CA LEU B 3703 62.00 11.76 -33.00
C LEU B 3703 63.24 11.68 -32.13
N HIS B 3704 64.31 12.37 -32.51
CA HIS B 3704 65.52 12.37 -31.68
C HIS B 3704 65.25 13.00 -30.32
N PHE B 3705 64.56 14.14 -30.30
CA PHE B 3705 64.18 14.72 -29.01
C PHE B 3705 63.23 13.80 -28.24
N SER B 3706 62.31 13.15 -28.93
CA SER B 3706 61.41 12.23 -28.24
C SER B 3706 62.18 11.10 -27.58
N ARG B 3707 63.16 10.53 -28.29
CA ARG B 3707 63.97 9.46 -27.74
C ARG B 3707 64.81 9.95 -26.57
N THR B 3708 65.38 11.16 -26.68
CA THR B 3708 66.12 11.74 -25.58
C THR B 3708 65.25 11.94 -24.36
N ALA B 3709 63.95 12.20 -24.57
CA ALA B 3709 63.04 12.43 -23.46
C ALA B 3709 62.86 11.20 -22.56
N LEU B 3710 63.17 10.01 -23.06
CA LEU B 3710 62.88 8.79 -22.31
C LEU B 3710 64.02 8.34 -21.43
N THR B 3711 65.17 9.00 -21.47
CA THR B 3711 66.29 8.66 -20.60
C THR B 3711 66.03 9.26 -19.23
N GLU B 3712 65.59 8.43 -18.30
CA GLU B 3712 65.22 8.91 -16.97
C GLU B 3712 66.45 9.39 -16.21
N LYS B 3713 66.29 10.52 -15.52
CA LYS B 3713 67.37 11.12 -14.74
C LYS B 3713 66.74 11.95 -13.64
N SER B 3714 67.54 12.25 -12.61
CA SER B 3714 67.07 13.08 -11.51
C SER B 3714 66.71 14.48 -12.00
N LYS B 3715 67.62 15.12 -12.74
CA LYS B 3715 67.37 16.46 -13.26
C LYS B 3715 67.48 16.47 -14.77
N LEU B 3716 67.44 17.66 -15.37
CA LEU B 3716 67.53 17.79 -16.82
C LEU B 3716 68.51 18.91 -17.16
N ASP B 3717 69.27 18.71 -18.24
CA ASP B 3717 70.27 19.68 -18.66
C ASP B 3717 69.59 20.85 -19.38
N GLU B 3718 70.38 21.91 -19.60
CA GLU B 3718 69.84 23.11 -20.25
C GLU B 3718 69.46 22.82 -21.70
N ASP B 3719 70.37 22.24 -22.47
CA ASP B 3719 70.14 21.88 -23.86
C ASP B 3719 69.67 23.08 -24.69
N TYR B 3720 70.59 24.05 -24.84
CA TYR B 3720 70.29 25.24 -25.61
C TYR B 3720 69.83 24.90 -27.03
N LEU B 3721 70.34 23.78 -27.58
CA LEU B 3721 69.88 23.36 -28.90
C LEU B 3721 68.38 23.07 -28.89
N TYR B 3722 67.89 22.42 -27.85
CA TYR B 3722 66.45 22.21 -27.71
C TYR B 3722 65.73 23.55 -27.60
N MET B 3723 66.31 24.49 -26.86
CA MET B 3723 65.71 25.82 -26.73
C MET B 3723 65.49 26.47 -28.09
N ALA B 3724 66.54 26.51 -28.91
CA ALA B 3724 66.44 27.21 -30.18
C ALA B 3724 65.40 26.58 -31.09
N TYR B 3725 65.38 25.25 -31.16
CA TYR B 3725 64.44 24.59 -32.06
C TYR B 3725 63.01 24.69 -31.55
N ALA B 3726 62.79 24.63 -30.23
CA ALA B 3726 61.45 24.85 -29.72
C ALA B 3726 60.98 26.26 -30.02
N ASP B 3727 61.87 27.24 -29.88
CA ASP B 3727 61.50 28.62 -30.21
C ASP B 3727 61.16 28.76 -31.68
N ILE B 3728 61.93 28.11 -32.55
CA ILE B 3728 61.64 28.18 -33.98
C ILE B 3728 60.31 27.52 -34.30
N MET B 3729 60.02 26.37 -33.66
CA MET B 3729 58.74 25.71 -33.86
C MET B 3729 57.59 26.62 -33.44
N ALA B 3730 57.73 27.30 -32.31
CA ALA B 3730 56.68 28.21 -31.87
C ALA B 3730 56.52 29.36 -32.83
N LYS B 3731 57.62 29.99 -33.24
CA LYS B 3731 57.55 31.15 -34.13
C LYS B 3731 57.01 30.78 -35.51
N SER B 3732 57.18 29.54 -35.96
CA SER B 3732 56.63 29.13 -37.25
C SER B 3732 55.12 29.37 -37.31
N CYS B 3733 54.40 28.91 -36.28
CA CYS B 3733 52.97 29.17 -36.23
C CYS B 3733 52.66 30.60 -35.78
N HIS B 3734 53.49 31.17 -34.91
CA HIS B 3734 53.24 32.52 -34.41
C HIS B 3734 53.34 33.59 -35.50
N LEU B 3735 54.11 33.35 -36.56
CA LEU B 3735 54.21 34.33 -37.63
C LEU B 3735 52.87 34.61 -38.26
N GLU B 3736 52.11 33.55 -38.56
CA GLU B 3736 50.74 33.71 -39.04
C GLU B 3736 49.76 34.04 -37.91
N GLU B 3737 49.99 33.50 -36.71
CA GLU B 3737 49.13 33.85 -35.58
C GLU B 3737 49.30 35.32 -35.19
N GLY B 3738 50.52 35.83 -35.22
CA GLY B 3738 50.75 37.22 -34.88
C GLY B 3738 50.25 38.15 -35.98
N GLY B 3739 49.72 39.30 -35.54
CA GLY B 3739 49.16 40.26 -36.46
C GLY B 3739 47.76 39.98 -36.92
N GLU B 3740 47.14 38.89 -36.45
CA GLU B 3740 45.79 38.52 -36.85
C GLU B 3740 44.77 38.68 -35.73
N ASN B 3741 45.14 39.35 -34.64
CA ASN B 3741 44.24 39.57 -33.52
C ASN B 3741 44.67 40.78 -32.70
N GLU B 3747 40.62 51.93 -36.54
CA GLU B 3747 40.15 51.52 -35.22
C GLU B 3747 38.97 50.57 -35.32
N GLU B 3748 38.23 50.67 -36.43
CA GLU B 3748 37.07 49.81 -36.67
C GLU B 3748 37.07 49.42 -38.15
N VAL B 3749 37.68 48.28 -38.45
CA VAL B 3749 37.74 47.73 -39.81
C VAL B 3749 37.15 46.32 -39.77
N GLU B 3750 36.18 46.07 -40.64
CA GLU B 3750 35.52 44.78 -40.68
C GLU B 3750 36.17 43.87 -41.72
N VAL B 3751 36.03 42.56 -41.52
CA VAL B 3751 36.66 41.55 -42.35
C VAL B 3751 35.56 40.64 -42.90
N SER B 3752 35.63 40.35 -44.20
CA SER B 3752 34.65 39.49 -44.84
C SER B 3752 34.84 38.03 -44.40
N PHE B 3753 33.83 37.22 -44.70
CA PHE B 3753 33.90 35.79 -44.38
C PHE B 3753 35.03 35.12 -45.14
N GLU B 3754 35.23 35.49 -46.41
CA GLU B 3754 36.25 34.84 -47.23
C GLU B 3754 37.65 35.07 -46.66
N GLU B 3755 37.94 36.31 -46.24
CA GLU B 3755 39.24 36.62 -45.68
C GLU B 3755 39.48 35.89 -44.36
N LYS B 3756 38.48 35.84 -43.48
CA LYS B 3756 38.63 35.08 -42.24
C LYS B 3756 38.85 33.61 -42.53
N GLU B 3757 38.11 33.05 -43.48
CA GLU B 3757 38.27 31.65 -43.81
C GLU B 3757 39.67 31.36 -44.35
N MET B 3758 40.17 32.20 -45.24
CA MET B 3758 41.49 31.95 -45.81
C MET B 3758 42.59 32.13 -44.77
N GLU B 3759 42.45 33.13 -43.89
CA GLU B 3759 43.47 33.31 -42.86
C GLU B 3759 43.43 32.20 -41.82
N LYS B 3760 42.26 31.61 -41.56
CA LYS B 3760 42.21 30.44 -40.69
C LYS B 3760 42.81 29.22 -41.36
N GLN B 3761 42.54 29.04 -42.66
CA GLN B 3761 43.11 27.93 -43.39
C GLN B 3761 44.63 28.02 -43.45
N ARG B 3762 45.17 29.24 -43.60
CA ARG B 3762 46.62 29.40 -43.59
C ARG B 3762 47.23 28.98 -42.27
N LEU B 3763 46.57 29.27 -41.16
CA LEU B 3763 47.08 28.81 -39.87
C LEU B 3763 46.99 27.29 -39.78
N LEU B 3764 45.82 26.72 -40.07
CA LEU B 3764 45.64 25.28 -39.92
C LEU B 3764 46.58 24.50 -40.81
N TYR B 3765 46.91 25.04 -41.99
CA TYR B 3765 47.92 24.41 -42.81
C TYR B 3765 49.28 24.42 -42.10
N GLN B 3766 49.60 25.50 -41.39
CA GLN B 3766 50.85 25.56 -40.64
C GLN B 3766 50.89 24.52 -39.53
N GLN B 3767 49.81 24.31 -38.78
CA GLN B 3767 49.84 23.22 -37.81
C GLN B 3767 49.93 21.86 -38.50
N SER B 3768 49.22 21.68 -39.61
CA SER B 3768 49.35 20.41 -40.33
C SER B 3768 50.77 20.17 -40.81
N ARG B 3769 51.52 21.26 -41.06
CA ARG B 3769 52.90 21.13 -41.48
C ARG B 3769 53.74 20.45 -40.42
N LEU B 3770 53.52 20.78 -39.15
CA LEU B 3770 54.38 20.34 -38.07
C LEU B 3770 54.13 18.90 -37.65
N HIS B 3771 53.44 18.12 -38.49
CA HIS B 3771 53.23 16.69 -38.27
C HIS B 3771 52.62 16.45 -36.89
N THR B 3772 51.38 16.93 -36.75
CA THR B 3772 50.68 16.90 -35.47
C THR B 3772 50.74 15.54 -34.78
N ARG B 3773 51.00 14.47 -35.53
CA ARG B 3773 51.24 13.17 -34.92
C ARG B 3773 52.48 13.19 -34.03
N GLY B 3774 53.54 13.86 -34.47
CA GLY B 3774 54.81 13.82 -33.76
C GLY B 3774 54.98 14.86 -32.67
N ALA B 3775 54.72 16.14 -33.00
CA ALA B 3775 55.03 17.22 -32.08
C ALA B 3775 54.21 17.12 -30.79
N ALA B 3776 52.95 16.71 -30.91
CA ALA B 3776 52.11 16.55 -29.74
C ALA B 3776 52.60 15.42 -28.84
N GLU B 3777 53.33 14.47 -29.39
CA GLU B 3777 53.85 13.36 -28.61
C GLU B 3777 55.19 13.68 -27.95
N MET B 3778 55.80 14.80 -28.29
CA MET B 3778 57.02 15.27 -27.65
C MET B 3778 56.74 16.39 -26.64
N VAL B 3779 55.86 17.31 -26.99
CA VAL B 3779 55.53 18.39 -26.06
C VAL B 3779 54.86 17.83 -24.81
N LEU B 3780 54.07 16.77 -24.95
CA LEU B 3780 53.46 16.15 -23.79
C LEU B 3780 54.50 15.48 -22.90
N GLN B 3781 55.48 14.80 -23.51
CA GLN B 3781 56.46 14.08 -22.72
C GLN B 3781 57.47 15.02 -22.07
N MET B 3782 57.64 16.23 -22.62
CA MET B 3782 58.39 17.24 -21.89
C MET B 3782 57.76 17.53 -20.53
N ILE B 3783 56.43 17.55 -20.46
CA ILE B 3783 55.76 17.86 -19.21
C ILE B 3783 56.02 16.77 -18.18
N SER B 3784 55.97 15.51 -18.59
CA SER B 3784 56.23 14.40 -17.68
C SER B 3784 57.68 14.34 -17.23
N ALA B 3785 58.56 15.15 -17.84
CA ALA B 3785 59.95 15.25 -17.42
C ALA B 3785 60.04 16.14 -16.19
N CYS B 3786 61.25 16.61 -15.88
CA CYS B 3786 61.51 17.45 -14.70
C CYS B 3786 60.37 18.41 -14.45
N LYS B 3787 59.86 18.39 -13.21
CA LYS B 3787 58.59 19.01 -12.90
C LYS B 3787 58.68 19.99 -11.74
N GLY B 3788 59.47 19.65 -10.72
CA GLY B 3788 59.51 20.47 -9.52
C GLY B 3788 60.03 21.87 -9.79
N GLU B 3789 61.12 21.98 -10.55
CA GLU B 3789 61.76 23.26 -10.78
C GLU B 3789 61.01 24.04 -11.87
N THR B 3790 61.16 25.36 -11.82
CA THR B 3790 60.62 26.24 -12.85
C THR B 3790 61.70 26.55 -13.89
N GLY B 3791 62.25 25.47 -14.45
CA GLY B 3791 63.32 25.62 -15.43
C GLY B 3791 62.83 26.20 -16.73
N ALA B 3792 63.79 26.64 -17.55
CA ALA B 3792 63.45 27.20 -18.85
C ALA B 3792 62.88 26.17 -19.81
N MET B 3793 63.07 24.87 -19.53
CA MET B 3793 62.45 23.84 -20.35
C MET B 3793 60.94 23.99 -20.36
N VAL B 3794 60.34 24.17 -19.19
CA VAL B 3794 58.88 24.29 -19.11
C VAL B 3794 58.42 25.56 -19.83
N SER B 3795 59.15 26.66 -19.65
CA SER B 3795 58.80 27.91 -20.30
C SER B 3795 58.85 27.80 -21.82
N SER B 3796 59.88 27.14 -22.36
CA SER B 3796 60.00 27.00 -23.80
C SER B 3796 59.16 25.86 -24.35
N THR B 3797 58.61 25.02 -23.49
CA THR B 3797 57.71 23.95 -23.91
C THR B 3797 56.26 24.39 -23.98
N LEU B 3798 55.77 25.12 -22.97
CA LEU B 3798 54.39 25.57 -23.01
C LEU B 3798 54.15 26.57 -24.13
N LYS B 3799 55.18 27.34 -24.50
CA LYS B 3799 55.02 28.24 -25.64
C LYS B 3799 54.76 27.47 -26.92
N LEU B 3800 55.52 26.40 -27.17
CA LEU B 3800 55.25 25.56 -28.33
C LEU B 3800 53.87 24.91 -28.21
N GLY B 3801 53.52 24.45 -27.01
CA GLY B 3801 52.23 23.80 -26.84
C GLY B 3801 51.06 24.71 -27.17
N ILE B 3802 51.13 25.97 -26.73
CA ILE B 3802 50.06 26.90 -27.04
C ILE B 3802 50.12 27.32 -28.51
N SER B 3803 51.32 27.41 -29.08
CA SER B 3803 51.43 27.76 -30.49
C SER B 3803 50.86 26.67 -31.39
N ILE B 3804 50.85 25.41 -30.95
CA ILE B 3804 50.27 24.33 -31.73
C ILE B 3804 48.76 24.45 -31.76
N LEU B 3805 48.14 24.40 -30.59
CA LEU B 3805 46.69 24.35 -30.46
C LEU B 3805 46.10 25.71 -30.14
N ASN B 3806 46.68 26.77 -30.71
CA ASN B 3806 46.21 28.14 -30.50
C ASN B 3806 44.74 28.29 -30.86
N GLY B 3807 44.41 28.15 -32.13
CA GLY B 3807 43.05 28.38 -32.57
C GLY B 3807 42.18 27.13 -32.58
N GLY B 3808 41.95 26.55 -31.41
CA GLY B 3808 41.10 25.38 -31.34
C GLY B 3808 41.86 24.10 -31.60
N ASN B 3809 41.78 23.60 -32.85
CA ASN B 3809 42.51 22.41 -33.28
C ASN B 3809 42.14 21.20 -32.43
N ALA B 3810 40.87 20.81 -32.56
CA ALA B 3810 40.39 19.62 -31.85
C ALA B 3810 41.13 18.37 -32.27
N GLU B 3811 41.79 18.40 -33.43
CA GLU B 3811 42.54 17.24 -33.89
C GLU B 3811 43.68 16.89 -32.92
N VAL B 3812 44.50 17.87 -32.56
CA VAL B 3812 45.62 17.60 -31.65
C VAL B 3812 45.09 17.29 -30.26
N GLN B 3813 43.96 17.89 -29.87
CA GLN B 3813 43.33 17.52 -28.62
C GLN B 3813 42.98 16.05 -28.60
N GLN B 3814 42.46 15.53 -29.72
CA GLN B 3814 42.13 14.11 -29.80
C GLN B 3814 43.38 13.25 -29.60
N LYS B 3815 44.48 13.62 -30.28
CA LYS B 3815 45.71 12.84 -30.16
C LYS B 3815 46.24 12.85 -28.73
N MET B 3816 46.27 14.02 -28.09
CA MET B 3816 46.79 14.11 -26.73
C MET B 3816 45.92 13.32 -25.76
N LEU B 3817 44.59 13.46 -25.88
CA LEU B 3817 43.71 12.73 -24.97
C LEU B 3817 43.85 11.23 -25.17
N ASP B 3818 43.93 10.77 -26.42
CA ASP B 3818 44.12 9.34 -26.67
C ASP B 3818 45.45 8.85 -26.12
N TYR B 3819 46.52 9.63 -26.28
CA TYR B 3819 47.82 9.22 -25.76
C TYR B 3819 47.79 9.10 -24.24
N LEU B 3820 47.18 10.07 -23.57
CA LEU B 3820 47.10 10.00 -22.11
C LEU B 3820 46.25 8.82 -21.66
N LYS B 3821 45.10 8.60 -22.32
CA LYS B 3821 44.25 7.48 -21.93
C LYS B 3821 44.82 6.13 -22.29
N ASP B 3822 45.79 6.07 -23.21
CA ASP B 3822 46.40 4.80 -23.57
C ASP B 3822 47.64 4.50 -22.73
N LYS B 3823 48.52 5.48 -22.57
CA LYS B 3823 49.77 5.26 -21.84
C LYS B 3823 49.48 4.91 -20.38
N LYS B 3824 48.50 5.58 -19.76
CA LYS B 3824 47.98 5.22 -18.43
C LYS B 3824 49.07 5.27 -17.36
N GLU B 3825 49.58 6.47 -17.10
CA GLU B 3825 50.49 6.67 -15.98
C GLU B 3825 50.28 8.06 -15.39
N VAL B 3826 50.66 8.19 -14.12
CA VAL B 3826 50.75 9.49 -13.45
C VAL B 3826 52.09 10.11 -13.84
N GLY B 3827 52.28 11.38 -13.50
CA GLY B 3827 53.47 12.11 -13.86
C GLY B 3827 53.21 13.35 -14.67
N PHE B 3828 51.94 13.63 -15.00
CA PHE B 3828 51.55 14.82 -15.73
C PHE B 3828 50.71 15.76 -14.87
N PHE B 3829 49.62 15.26 -14.30
CA PHE B 3829 48.78 16.09 -13.44
C PHE B 3829 49.51 16.48 -12.17
N GLN B 3830 50.22 15.52 -11.55
CA GLN B 3830 51.02 15.85 -10.37
C GLN B 3830 52.15 16.80 -10.73
N SER B 3831 52.65 16.73 -11.96
CA SER B 3831 53.69 17.67 -12.38
C SER B 3831 53.12 19.08 -12.50
N ILE B 3832 51.98 19.22 -13.17
CA ILE B 3832 51.43 20.55 -13.40
C ILE B 3832 50.93 21.16 -12.09
N GLN B 3833 50.37 20.35 -11.19
CA GLN B 3833 49.95 20.88 -9.91
C GLN B 3833 51.14 21.32 -9.07
N ALA B 3834 52.24 20.56 -9.13
CA ALA B 3834 53.45 21.01 -8.45
C ALA B 3834 53.95 22.32 -9.03
N LEU B 3835 53.85 22.46 -10.37
CA LEU B 3835 54.26 23.71 -11.00
C LEU B 3835 53.40 24.88 -10.53
N MET B 3836 52.07 24.71 -10.53
CA MET B 3836 51.21 25.85 -10.26
C MET B 3836 51.18 26.18 -8.77
N GLN B 3837 51.51 25.21 -7.91
CA GLN B 3837 51.71 25.54 -6.50
C GLN B 3837 52.85 26.55 -6.33
N THR B 3838 53.85 26.50 -7.20
CA THR B 3838 54.94 27.47 -7.19
C THR B 3838 54.56 28.67 -8.07
N CYS B 3839 53.66 29.48 -7.55
CA CYS B 3839 53.21 30.69 -8.23
C CYS B 3839 53.04 31.79 -7.19
N SER B 3840 53.82 32.85 -7.33
CA SER B 3840 53.83 33.92 -6.35
C SER B 3840 52.61 34.83 -6.50
N VAL B 3841 52.41 35.68 -5.50
CA VAL B 3841 51.36 36.68 -5.49
C VAL B 3841 51.99 38.03 -5.14
N LEU B 3842 51.15 39.04 -5.00
CA LEU B 3842 51.62 40.34 -4.57
C LEU B 3842 52.15 40.26 -3.14
N ASP B 3843 53.37 40.74 -2.93
CA ASP B 3843 53.99 40.75 -1.61
C ASP B 3843 54.07 42.18 -1.11
N LEU B 3844 53.46 42.43 0.05
CA LEU B 3844 53.60 43.74 0.70
C LEU B 3844 55.04 43.96 1.15
N ASN B 3845 55.70 42.91 1.63
CA ASN B 3845 57.08 43.06 2.07
C ASN B 3845 58.00 43.42 0.92
N ALA B 3846 57.89 42.69 -0.19
CA ALA B 3846 58.69 43.03 -1.36
C ALA B 3846 58.28 44.38 -1.92
N PHE B 3847 57.00 44.73 -1.78
CA PHE B 3847 56.55 46.06 -2.17
C PHE B 3847 57.32 47.13 -1.41
N GLU B 3848 57.42 46.98 -0.09
CA GLU B 3848 58.17 47.94 0.71
C GLU B 3848 59.66 47.90 0.39
N ARG B 3849 60.19 46.72 0.11
CA ARG B 3849 61.60 46.61 -0.25
C ARG B 3849 61.90 47.40 -1.51
N GLN B 3850 61.08 47.25 -2.54
CA GLN B 3850 61.33 47.98 -3.78
C GLN B 3850 61.04 49.46 -3.60
N ASN B 3851 60.11 49.82 -2.71
CA ASN B 3851 59.90 51.25 -2.42
C ASN B 3851 61.13 51.86 -1.78
N LYS B 3852 61.70 51.21 -0.77
CA LYS B 3852 62.88 51.76 -0.13
C LYS B 3852 64.09 51.71 -1.05
N ALA B 3853 64.11 50.76 -1.99
CA ALA B 3853 65.17 50.75 -3.00
C ALA B 3853 65.03 51.92 -3.97
N GLU B 3854 63.82 52.18 -4.46
CA GLU B 3854 63.58 53.33 -5.33
C GLU B 3854 63.82 54.64 -4.61
N GLY B 3855 63.66 54.66 -3.28
CA GLY B 3855 64.05 55.83 -2.52
C GLY B 3855 65.54 56.09 -2.48
N LEU B 3856 66.34 55.13 -2.97
CA LEU B 3856 67.79 55.27 -3.06
C LEU B 3856 68.25 55.52 -4.49
N GLY B 3857 67.50 56.31 -5.24
CA GLY B 3857 67.78 56.57 -6.64
C GLY B 3857 68.88 57.58 -6.92
N MET B 3858 69.66 57.95 -5.92
CA MET B 3858 70.72 58.94 -6.07
C MET B 3858 72.07 58.31 -6.40
N VAL B 3859 72.08 57.18 -7.11
CA VAL B 3859 73.31 56.49 -7.47
C VAL B 3859 74.11 57.35 -8.44
N ASN B 3860 75.39 57.02 -8.62
CA ASN B 3860 76.28 57.79 -9.47
C ASN B 3860 75.90 57.61 -10.94
N GLY B 3863 74.75 54.34 -13.08
CA GLY B 3863 74.51 53.40 -12.00
C GLY B 3863 73.12 53.52 -11.42
N THR B 3864 72.32 54.44 -11.98
CA THR B 3864 70.95 54.65 -11.53
C THR B 3864 69.95 53.75 -12.26
N VAL B 3865 70.40 52.96 -13.23
CA VAL B 3865 69.54 52.07 -13.98
C VAL B 3865 69.84 50.61 -13.66
N ILE B 3866 70.48 50.35 -12.52
CA ILE B 3866 70.77 48.97 -12.13
C ILE B 3866 69.48 48.22 -11.87
N ASN B 3867 68.53 48.85 -11.19
CA ASN B 3867 67.22 48.27 -10.92
C ASN B 3867 66.12 49.25 -11.31
N ARG B 3868 66.29 49.90 -12.46
CA ARG B 3868 65.30 50.87 -12.93
C ARG B 3868 63.95 50.21 -13.19
N GLN B 3869 63.96 49.06 -13.86
CA GLN B 3869 62.71 48.35 -14.12
C GLN B 3869 62.30 47.50 -12.93
N ASN B 3870 63.14 46.51 -12.57
CA ASN B 3870 62.91 45.64 -11.42
C ASN B 3870 61.54 44.97 -11.50
N GLY B 3871 61.13 44.59 -12.70
CA GLY B 3871 59.85 43.94 -12.87
C GLY B 3871 59.79 42.54 -12.31
N GLU B 3872 60.94 41.86 -12.22
CA GLU B 3872 61.03 40.52 -11.64
C GLU B 3872 61.40 40.56 -10.17
N LYS B 3873 61.04 41.63 -9.48
CA LYS B 3873 61.35 41.81 -8.07
C LYS B 3873 60.19 41.45 -7.15
N VAL B 3874 58.96 41.67 -7.59
CA VAL B 3874 57.79 41.34 -6.77
C VAL B 3874 57.07 40.12 -7.31
N MET B 3875 56.85 40.06 -8.62
CA MET B 3875 56.13 38.95 -9.24
C MET B 3875 57.05 37.92 -9.87
N ALA B 3876 57.88 38.35 -10.84
CA ALA B 3876 58.85 37.49 -11.51
C ALA B 3876 58.22 36.21 -12.08
N ASP B 3877 56.91 36.20 -12.24
CA ASP B 3877 56.20 35.01 -12.68
C ASP B 3877 55.14 35.26 -13.75
N ASP B 3878 54.85 36.52 -14.08
CA ASP B 3878 53.72 36.82 -14.96
C ASP B 3878 53.84 36.09 -16.29
N GLU B 3879 54.97 36.24 -16.97
CA GLU B 3879 55.17 35.62 -18.28
C GLU B 3879 55.07 34.11 -18.23
N PHE B 3880 55.21 33.52 -17.05
CA PHE B 3880 55.05 32.08 -16.88
C PHE B 3880 53.68 31.72 -16.31
N THR B 3881 53.20 32.46 -15.31
CA THR B 3881 51.94 32.09 -14.67
C THR B 3881 50.75 32.32 -15.59
N GLN B 3882 50.77 33.39 -16.39
CA GLN B 3882 49.68 33.58 -17.34
C GLN B 3882 49.71 32.51 -18.42
N ASP B 3883 50.91 32.15 -18.87
CA ASP B 3883 51.04 31.13 -19.90
C ASP B 3883 50.58 29.77 -19.42
N LEU B 3884 50.85 29.44 -18.15
CA LEU B 3884 50.47 28.14 -17.62
C LEU B 3884 48.97 27.94 -17.67
N PHE B 3885 48.20 28.96 -17.30
CA PHE B 3885 46.75 28.84 -17.37
C PHE B 3885 46.21 29.07 -18.77
N ARG B 3886 46.92 29.82 -19.61
CA ARG B 3886 46.52 29.93 -21.02
C ARG B 3886 46.56 28.57 -21.69
N PHE B 3887 47.60 27.78 -21.39
CA PHE B 3887 47.69 26.44 -21.95
C PHE B 3887 46.48 25.60 -21.55
N LEU B 3888 46.13 25.63 -20.27
CA LEU B 3888 44.96 24.86 -19.81
C LEU B 3888 43.68 25.36 -20.46
N GLN B 3889 43.54 26.68 -20.60
CA GLN B 3889 42.35 27.22 -21.26
C GLN B 3889 42.23 26.72 -22.69
N LEU B 3890 43.33 26.75 -23.43
CA LEU B 3890 43.28 26.34 -24.82
C LEU B 3890 43.25 24.83 -25.00
N LEU B 3891 43.57 24.05 -23.96
CA LEU B 3891 43.41 22.60 -24.07
C LEU B 3891 41.96 22.22 -24.31
N CYS B 3892 41.04 22.86 -23.62
CA CYS B 3892 39.63 22.51 -23.71
C CYS B 3892 38.81 23.71 -24.17
N GLU B 3893 39.32 24.46 -25.15
CA GLU B 3893 38.53 25.55 -25.73
C GLU B 3893 37.33 24.99 -26.48
N GLY B 3894 37.56 24.03 -27.36
CA GLY B 3894 36.46 23.28 -27.93
C GLY B 3894 35.74 22.51 -26.85
N HIS B 3895 34.41 22.61 -26.80
CA HIS B 3895 33.64 21.99 -25.72
C HIS B 3895 33.63 20.48 -25.97
N ASN B 3896 34.74 19.85 -25.59
CA ASN B 3896 34.90 18.42 -25.85
C ASN B 3896 33.96 17.58 -25.00
N ASN B 3897 33.58 18.08 -23.82
CA ASN B 3897 32.60 17.49 -22.91
C ASN B 3897 33.07 16.16 -22.33
N ASP B 3898 34.24 15.68 -22.67
CA ASP B 3898 34.84 14.51 -22.06
C ASP B 3898 36.26 14.77 -21.59
N PHE B 3899 36.97 15.68 -22.26
CA PHE B 3899 38.29 16.07 -21.78
C PHE B 3899 38.20 16.70 -20.40
N GLN B 3900 37.17 17.51 -20.16
CA GLN B 3900 36.94 18.04 -18.83
C GLN B 3900 36.69 16.93 -17.82
N ASN B 3901 35.94 15.90 -18.23
CA ASN B 3901 35.77 14.73 -17.37
C ASN B 3901 37.09 14.01 -17.13
N TYR B 3902 38.02 14.06 -18.07
CA TYR B 3902 39.35 13.51 -17.85
C TYR B 3902 40.17 14.36 -16.88
N LEU B 3903 39.96 15.67 -16.89
CA LEU B 3903 40.62 16.52 -15.90
C LEU B 3903 40.05 16.32 -14.50
N ARG B 3904 38.73 16.12 -14.38
CA ARG B 3904 38.14 15.93 -13.06
C ARG B 3904 38.63 14.65 -12.41
N THR B 3905 38.75 13.58 -13.18
CA THR B 3905 39.19 12.30 -12.65
C THR B 3905 39.91 11.52 -13.75
N GLN B 3906 40.77 10.61 -13.32
CA GLN B 3906 41.57 9.77 -14.22
C GLN B 3906 41.24 8.32 -13.92
N THR B 3907 40.20 7.80 -14.55
CA THR B 3907 39.79 6.41 -14.32
C THR B 3907 40.85 5.43 -14.78
N GLY B 3908 41.49 5.68 -15.92
CA GLY B 3908 42.54 4.80 -16.37
C GLY B 3908 43.74 4.79 -15.44
N ASN B 3909 44.11 5.96 -14.93
CA ASN B 3909 45.20 6.04 -13.97
C ASN B 3909 44.77 5.44 -12.63
N THR B 3910 45.78 5.09 -11.82
CA THR B 3910 45.51 4.46 -10.53
C THR B 3910 45.17 5.46 -9.44
N THR B 3911 45.37 6.76 -9.68
CA THR B 3911 45.10 7.79 -8.68
C THR B 3911 44.25 8.89 -9.31
N THR B 3912 43.84 9.83 -8.45
CA THR B 3912 43.05 10.99 -8.86
C THR B 3912 43.71 12.25 -8.34
N ILE B 3913 43.72 13.30 -9.18
CA ILE B 3913 44.40 14.53 -8.86
C ILE B 3913 43.44 15.69 -8.71
N ASN B 3914 42.40 15.76 -9.54
CA ASN B 3914 41.36 16.78 -9.47
C ASN B 3914 41.97 18.19 -9.61
N ILE B 3915 42.48 18.44 -10.81
CA ILE B 3915 43.15 19.70 -11.12
C ILE B 3915 42.20 20.88 -10.91
N ILE B 3916 40.90 20.66 -11.08
CA ILE B 3916 39.93 21.77 -10.99
C ILE B 3916 40.00 22.41 -9.62
N ILE B 3917 40.00 21.58 -8.57
CA ILE B 3917 39.96 22.10 -7.21
C ILE B 3917 41.21 22.90 -6.89
N CYS B 3918 42.38 22.38 -7.28
CA CYS B 3918 43.62 23.10 -6.97
C CYS B 3918 43.73 24.39 -7.80
N THR B 3919 43.24 24.37 -9.04
CA THR B 3919 43.21 25.60 -9.81
C THR B 3919 42.33 26.65 -9.14
N VAL B 3920 41.18 26.23 -8.60
CA VAL B 3920 40.34 27.14 -7.83
C VAL B 3920 41.08 27.61 -6.59
N ASP B 3921 41.84 26.72 -5.97
CA ASP B 3921 42.56 27.05 -4.75
C ASP B 3921 43.62 28.11 -5.00
N TYR B 3922 44.24 28.11 -6.19
CA TYR B 3922 45.18 29.17 -6.52
C TYR B 3922 44.51 30.53 -6.59
N LEU B 3923 43.32 30.59 -7.21
CA LEU B 3923 42.53 31.82 -7.18
C LEU B 3923 42.21 32.22 -5.76
N LEU B 3924 41.83 31.25 -4.93
CA LEU B 3924 41.59 31.54 -3.51
C LEU B 3924 42.81 32.20 -2.87
N ARG B 3925 43.99 31.59 -3.05
CA ARG B 3925 45.21 32.11 -2.44
C ARG B 3925 45.56 33.51 -2.91
N LEU B 3926 45.42 33.79 -4.21
CA LEU B 3926 45.68 35.16 -4.66
C LEU B 3926 44.60 36.13 -4.22
N GLN B 3927 43.41 35.63 -3.86
CA GLN B 3927 42.33 36.52 -3.45
C GLN B 3927 42.70 37.34 -2.22
N GLU B 3928 43.18 36.67 -1.16
CA GLU B 3928 43.53 37.44 0.03
C GLU B 3928 44.78 38.26 -0.20
N SER B 3929 45.65 37.86 -1.13
CA SER B 3929 46.77 38.72 -1.48
C SER B 3929 46.29 40.05 -2.04
N ILE B 3930 45.35 40.00 -2.97
CA ILE B 3930 44.77 41.23 -3.51
C ILE B 3930 44.04 41.99 -2.42
N SER B 3931 43.30 41.28 -1.56
CA SER B 3931 42.53 41.92 -0.51
C SER B 3931 43.44 42.65 0.47
N ASP B 3932 44.56 42.04 0.84
CA ASP B 3932 45.50 42.68 1.76
C ASP B 3932 46.24 43.82 1.08
N PHE B 3933 46.51 43.71 -0.22
CA PHE B 3933 47.08 44.86 -0.92
C PHE B 3933 46.12 46.04 -0.91
N TYR B 3934 44.81 45.77 -1.06
CA TYR B 3934 43.83 46.82 -0.88
C TYR B 3934 43.84 47.37 0.54
N TRP B 3935 43.83 46.47 1.53
CA TRP B 3935 43.76 46.88 2.93
C TRP B 3935 44.96 47.72 3.35
N TYR B 3936 46.12 47.50 2.72
CA TYR B 3936 47.25 48.38 2.94
C TYR B 3936 46.96 49.79 2.46
N TYR B 3937 46.36 49.92 1.29
CA TYR B 3937 46.07 51.23 0.72
C TYR B 3937 44.79 51.86 1.25
N SER B 3938 44.27 51.35 2.38
CA SER B 3938 43.09 51.96 2.98
C SER B 3938 43.37 53.35 3.52
N GLY B 3939 44.64 53.71 3.70
CA GLY B 3939 45.00 55.01 4.25
C GLY B 3939 44.80 56.17 3.29
N LYS B 3940 45.57 56.19 2.20
CA LYS B 3940 45.51 57.29 1.26
C LYS B 3940 44.69 56.91 0.03
N ASP B 3941 44.19 57.93 -0.66
CA ASP B 3941 43.39 57.74 -1.86
C ASP B 3941 44.24 57.70 -3.14
N VAL B 3942 45.39 58.35 -3.14
CA VAL B 3942 46.24 58.39 -4.32
C VAL B 3942 47.05 57.10 -4.41
N ILE B 3943 47.19 56.58 -5.63
CA ILE B 3943 47.96 55.37 -5.90
C ILE B 3943 49.12 55.74 -6.80
N GLU B 3944 50.32 55.31 -6.42
CA GLU B 3944 51.52 55.69 -7.15
C GLU B 3944 51.54 55.06 -8.54
N GLU B 3945 52.36 55.65 -9.41
CA GLU B 3945 52.53 55.10 -10.75
C GLU B 3945 53.10 53.69 -10.70
N GLN B 3946 54.07 53.46 -9.81
CA GLN B 3946 54.60 52.11 -9.64
C GLN B 3946 53.54 51.17 -9.07
N GLY B 3947 52.66 51.69 -8.20
CA GLY B 3947 51.57 50.87 -7.70
C GLY B 3947 50.65 50.40 -8.81
N LYS B 3948 50.28 51.31 -9.72
CA LYS B 3948 49.47 50.92 -10.87
C LYS B 3948 50.24 49.96 -11.77
N ARG B 3949 51.54 50.20 -11.93
CA ARG B 3949 52.37 49.34 -12.77
C ARG B 3949 52.37 47.91 -12.26
N ASN B 3950 52.50 47.73 -10.95
CA ASN B 3950 52.52 46.41 -10.35
C ASN B 3950 51.12 45.84 -10.12
N PHE B 3951 50.08 46.66 -10.17
CA PHE B 3951 48.72 46.18 -10.02
C PHE B 3951 48.09 45.76 -11.34
N SER B 3952 48.51 46.38 -12.44
CA SER B 3952 48.07 45.93 -13.75
C SER B 3952 48.54 44.52 -14.03
N LYS B 3953 49.77 44.20 -13.63
CA LYS B 3953 50.27 42.84 -13.76
C LYS B 3953 49.42 41.87 -12.95
N ALA B 3954 49.04 42.27 -11.74
CA ALA B 3954 48.22 41.41 -10.90
C ALA B 3954 46.85 41.17 -11.51
N MET B 3955 46.23 42.22 -12.08
CA MET B 3955 44.89 42.06 -12.62
C MET B 3955 44.88 41.33 -13.95
N SER B 3956 45.94 41.47 -14.76
CA SER B 3956 45.98 40.78 -16.04
C SER B 3956 46.02 39.27 -15.86
N VAL B 3957 46.84 38.79 -14.93
CA VAL B 3957 46.91 37.35 -14.68
C VAL B 3957 45.61 36.86 -14.05
N ALA B 3958 44.95 37.69 -13.24
CA ALA B 3958 43.64 37.33 -12.72
C ALA B 3958 42.65 37.15 -13.86
N LYS B 3959 42.67 38.05 -14.84
CA LYS B 3959 41.81 37.90 -16.01
C LYS B 3959 42.14 36.63 -16.78
N GLN B 3960 43.43 36.32 -16.92
CA GLN B 3960 43.83 35.10 -17.61
C GLN B 3960 43.31 33.86 -16.87
N VAL B 3961 43.41 33.85 -15.55
CA VAL B 3961 42.87 32.77 -14.75
C VAL B 3961 41.37 32.65 -14.94
N PHE B 3962 40.69 33.80 -15.00
CA PHE B 3962 39.24 33.79 -15.22
C PHE B 3962 38.90 33.16 -16.56
N ASN B 3963 39.64 33.53 -17.60
CA ASN B 3963 39.40 32.98 -18.93
C ASN B 3963 39.67 31.47 -18.94
N SER B 3964 40.72 31.04 -18.23
CA SER B 3964 40.99 29.62 -18.13
C SER B 3964 39.85 28.88 -17.42
N LEU B 3965 39.31 29.49 -16.37
CA LEU B 3965 38.22 28.88 -15.64
C LEU B 3965 36.93 28.83 -16.45
N THR B 3966 36.79 29.72 -17.44
CA THR B 3966 35.57 29.74 -18.24
C THR B 3966 35.28 28.37 -18.86
N GLU B 3967 36.28 27.77 -19.49
CA GLU B 3967 36.04 26.61 -20.34
C GLU B 3967 35.57 25.38 -19.59
N TYR B 3968 35.76 25.32 -18.27
CA TYR B 3968 35.46 24.10 -17.54
C TYR B 3968 33.97 23.89 -17.32
N ILE B 3969 33.14 24.90 -17.57
CA ILE B 3969 31.71 24.78 -17.27
C ILE B 3969 30.88 24.84 -18.55
N GLN B 3970 31.38 25.54 -19.56
CA GLN B 3970 30.67 25.59 -20.84
C GLN B 3970 30.63 24.20 -21.47
N GLY B 3971 29.60 23.96 -22.28
CA GLY B 3971 29.36 22.61 -22.75
C GLY B 3971 28.86 21.77 -21.60
N PRO B 3972 27.60 22.02 -21.18
CA PRO B 3972 27.20 21.71 -19.79
C PRO B 3972 27.54 20.31 -19.33
N CYS B 3973 28.45 20.22 -18.35
CA CYS B 3973 28.78 18.97 -17.68
C CYS B 3973 28.31 19.10 -16.24
N THR B 3974 27.40 18.22 -15.84
CA THR B 3974 26.83 18.32 -14.50
C THR B 3974 27.88 18.09 -13.42
N GLY B 3975 28.81 17.16 -13.63
CA GLY B 3975 29.80 16.87 -12.61
C GLY B 3975 30.68 18.05 -12.27
N ASN B 3976 31.20 18.73 -13.30
CA ASN B 3976 32.08 19.87 -13.05
C ASN B 3976 31.33 21.01 -12.38
N GLN B 3977 30.11 21.31 -12.84
CA GLN B 3977 29.33 22.37 -12.22
C GLN B 3977 29.01 22.05 -10.76
N GLN B 3978 28.65 20.79 -10.49
CA GLN B 3978 28.40 20.39 -9.11
C GLN B 3978 29.65 20.49 -8.25
N SER B 3979 30.80 20.12 -8.81
CA SER B 3979 32.06 20.22 -8.06
C SER B 3979 32.37 21.67 -7.74
N LEU B 3980 32.18 22.58 -8.71
CA LEU B 3980 32.40 23.99 -8.44
C LEU B 3980 31.44 24.52 -7.39
N ALA B 3981 30.17 24.09 -7.46
CA ALA B 3981 29.19 24.56 -6.48
C ALA B 3981 29.54 24.09 -5.08
N HIS B 3982 29.88 22.81 -4.92
CA HIS B 3982 30.23 22.26 -3.63
C HIS B 3982 31.64 22.66 -3.19
N SER B 3983 32.42 23.27 -4.06
CA SER B 3983 33.75 23.74 -3.71
C SER B 3983 33.66 25.02 -2.88
N ARG B 3984 34.75 25.35 -2.22
CA ARG B 3984 34.84 26.59 -1.44
C ARG B 3984 35.23 27.77 -2.33
N LEU B 3985 34.39 28.03 -3.33
CA LEU B 3985 34.57 29.15 -4.23
C LEU B 3985 33.62 30.32 -3.93
N TRP B 3986 32.46 30.03 -3.36
CA TRP B 3986 31.48 31.07 -3.07
C TRP B 3986 32.04 32.09 -2.10
N ASP B 3987 32.79 31.62 -1.10
CA ASP B 3987 33.49 32.56 -0.21
C ASP B 3987 34.50 33.39 -1.00
N ALA B 3988 35.20 32.77 -1.94
CA ALA B 3988 36.18 33.50 -2.74
C ALA B 3988 35.53 34.58 -3.59
N VAL B 3989 34.39 34.27 -4.22
CA VAL B 3989 33.71 35.28 -5.02
C VAL B 3989 33.06 36.35 -4.16
N VAL B 3990 32.57 35.98 -2.97
CA VAL B 3990 32.04 36.99 -2.04
C VAL B 3990 33.15 37.95 -1.62
N GLY B 3991 34.33 37.39 -1.34
CA GLY B 3991 35.46 38.25 -1.02
C GLY B 3991 35.85 39.15 -2.17
N PHE B 3992 35.81 38.63 -3.40
CA PHE B 3992 36.12 39.46 -4.56
C PHE B 3992 35.11 40.59 -4.72
N LEU B 3993 33.83 40.28 -4.52
CA LEU B 3993 32.81 41.33 -4.59
C LEU B 3993 33.03 42.38 -3.51
N HIS B 3994 33.35 41.94 -2.30
CA HIS B 3994 33.63 42.89 -1.23
C HIS B 3994 34.84 43.76 -1.55
N VAL B 3995 35.90 43.17 -2.12
CA VAL B 3995 37.04 43.96 -2.55
C VAL B 3995 36.62 45.00 -3.57
N PHE B 3996 35.90 44.56 -4.59
CA PHE B 3996 35.42 45.48 -5.61
C PHE B 3996 34.48 46.51 -5.08
N ALA B 3997 33.90 46.32 -3.90
CA ALA B 3997 33.00 47.32 -3.35
C ALA B 3997 33.69 48.61 -2.92
N HIS B 3998 35.02 48.70 -3.06
CA HIS B 3998 35.74 49.87 -2.57
C HIS B 3998 36.38 50.69 -3.67
N MET B 3999 37.26 50.11 -4.50
CA MET B 3999 38.04 50.93 -5.40
C MET B 3999 37.18 51.49 -6.53
N MET B 4000 36.06 50.84 -6.85
CA MET B 4000 35.18 51.43 -7.85
C MET B 4000 34.56 52.72 -7.35
N MET B 4001 34.58 52.96 -6.04
CA MET B 4001 34.31 54.28 -5.47
C MET B 4001 35.60 55.06 -5.21
N LYS B 4002 36.59 54.41 -4.60
CA LYS B 4002 37.78 55.11 -4.13
C LYS B 4002 38.58 55.68 -5.30
N LEU B 4003 38.91 54.84 -6.28
CA LEU B 4003 39.65 55.29 -7.45
C LEU B 4003 38.84 56.21 -8.34
N ALA B 4004 37.51 56.24 -8.18
CA ALA B 4004 36.68 57.15 -8.94
C ALA B 4004 36.92 58.61 -8.59
N GLN B 4005 37.61 58.87 -7.49
CA GLN B 4005 37.90 60.24 -7.05
C GLN B 4005 39.15 60.81 -7.71
N ASP B 4006 39.57 60.26 -8.84
CA ASP B 4006 40.76 60.73 -9.53
C ASP B 4006 40.48 60.83 -11.02
N SER B 4007 41.26 61.68 -11.69
CA SER B 4007 41.12 61.89 -13.12
C SER B 4007 42.22 61.24 -13.94
N SER B 4008 43.36 60.93 -13.34
CA SER B 4008 44.47 60.30 -14.04
C SER B 4008 44.39 58.78 -14.06
N GLN B 4009 43.36 58.20 -13.43
CA GLN B 4009 43.20 56.76 -13.35
C GLN B 4009 42.17 56.23 -14.33
N ILE B 4010 41.77 57.03 -15.31
CA ILE B 4010 40.69 56.64 -16.22
C ILE B 4010 41.05 55.35 -16.94
N GLU B 4011 42.29 55.22 -17.41
CA GLU B 4011 42.72 53.99 -18.05
C GLU B 4011 42.67 52.81 -17.08
N LEU B 4012 43.13 53.02 -15.85
CA LEU B 4012 43.07 51.95 -14.85
C LEU B 4012 41.63 51.55 -14.55
N LEU B 4013 40.75 52.53 -14.41
CA LEU B 4013 39.34 52.23 -14.14
C LEU B 4013 38.72 51.44 -15.29
N LYS B 4014 38.95 51.90 -16.53
CA LYS B 4014 38.36 51.21 -17.67
C LYS B 4014 38.91 49.80 -17.80
N GLU B 4015 40.20 49.61 -17.54
CA GLU B 4015 40.78 48.27 -17.58
C GLU B 4015 40.20 47.39 -16.48
N LEU B 4016 39.99 47.95 -15.29
CA LEU B 4016 39.45 47.18 -14.18
C LEU B 4016 37.99 46.78 -14.43
N LEU B 4017 37.24 47.63 -15.11
CA LEU B 4017 35.81 47.37 -15.26
C LEU B 4017 35.50 46.13 -16.12
N ASP B 4018 36.45 45.55 -16.83
CA ASP B 4018 36.19 44.30 -17.54
C ASP B 4018 36.25 43.09 -16.64
N LEU B 4019 36.86 43.22 -15.46
CA LEU B 4019 37.10 42.06 -14.61
C LEU B 4019 35.79 41.48 -14.06
N GLN B 4020 34.91 42.34 -13.54
CA GLN B 4020 33.67 41.86 -12.97
C GLN B 4020 32.80 41.17 -14.01
N LYS B 4021 32.97 41.53 -15.28
CA LYS B 4021 32.29 40.78 -16.33
C LYS B 4021 32.75 39.33 -16.33
N ASP B 4022 34.02 39.09 -16.04
CA ASP B 4022 34.55 37.74 -16.03
C ASP B 4022 33.97 36.89 -14.90
N MET B 4023 33.40 37.51 -13.87
CA MET B 4023 32.72 36.74 -12.84
C MET B 4023 31.21 36.66 -13.06
N VAL B 4024 30.61 37.71 -13.64
CA VAL B 4024 29.20 37.60 -13.97
C VAL B 4024 28.98 36.56 -15.06
N VAL B 4025 29.92 36.39 -15.98
CA VAL B 4025 29.79 35.33 -16.98
C VAL B 4025 29.89 33.97 -16.32
N MET B 4026 30.71 33.83 -15.27
CA MET B 4026 30.72 32.59 -14.50
C MET B 4026 29.38 32.36 -13.84
N LEU B 4027 28.83 33.40 -13.20
CA LEU B 4027 27.59 33.24 -12.46
C LEU B 4027 26.45 32.86 -13.37
N LEU B 4028 26.36 33.47 -14.55
CA LEU B 4028 25.32 33.09 -15.50
C LEU B 4028 25.63 31.74 -16.14
N SER B 4029 26.92 31.41 -16.27
CA SER B 4029 27.32 30.22 -17.00
C SER B 4029 27.05 28.95 -16.20
N LEU B 4030 27.05 29.04 -14.88
CA LEU B 4030 26.73 27.86 -14.08
C LEU B 4030 25.28 27.44 -14.23
N LEU B 4031 24.41 28.34 -14.70
CA LEU B 4031 23.03 27.98 -14.97
C LEU B 4031 22.96 27.12 -16.22
N GLU B 4032 23.30 27.71 -17.36
CA GLU B 4032 23.49 27.04 -18.64
C GLU B 4032 22.46 25.92 -18.84
N GLY B 4033 21.19 26.32 -18.79
CA GLY B 4033 20.10 25.37 -18.77
C GLY B 4033 19.73 25.01 -17.34
N ASN B 4034 19.55 26.04 -16.51
CA ASN B 4034 19.28 25.84 -15.10
C ASN B 4034 17.90 25.24 -14.89
N VAL B 4035 17.83 24.25 -14.01
CA VAL B 4035 16.54 23.67 -13.63
C VAL B 4035 15.80 24.64 -12.71
N VAL B 4036 14.47 24.50 -12.67
CA VAL B 4036 13.65 25.39 -11.85
C VAL B 4036 14.04 25.29 -10.38
N ASN B 4037 14.23 24.07 -9.88
CA ASN B 4037 14.54 23.85 -8.46
C ASN B 4037 15.61 22.77 -8.32
N GLY B 4038 16.69 22.91 -9.09
CA GLY B 4038 17.75 21.92 -9.08
C GLY B 4038 18.75 22.09 -7.95
N MET B 4039 18.28 22.54 -6.79
CA MET B 4039 19.07 22.73 -5.57
C MET B 4039 20.25 23.68 -5.77
N ILE B 4040 20.35 24.34 -6.92
CA ILE B 4040 21.41 25.30 -7.17
C ILE B 4040 20.87 26.72 -7.18
N ALA B 4041 19.66 26.92 -7.72
CA ALA B 4041 19.07 28.25 -7.76
C ALA B 4041 18.97 28.87 -6.38
N ARG B 4042 18.70 28.06 -5.35
CA ARG B 4042 18.70 28.56 -3.99
C ARG B 4042 20.09 29.03 -3.56
N GLN B 4043 21.14 28.38 -4.07
CA GLN B 4043 22.50 28.65 -3.65
C GLN B 4043 23.01 30.01 -4.11
N MET B 4044 22.68 30.42 -5.34
CA MET B 4044 23.03 31.78 -5.76
C MET B 4044 22.32 32.82 -4.92
N VAL B 4045 21.05 32.57 -4.59
CA VAL B 4045 20.33 33.48 -3.69
C VAL B 4045 21.04 33.56 -2.35
N ASP B 4046 21.46 32.40 -1.82
CA ASP B 4046 22.15 32.37 -0.53
C ASP B 4046 23.44 33.18 -0.58
N MET B 4047 24.26 32.96 -1.61
CA MET B 4047 25.53 33.67 -1.68
C MET B 4047 25.31 35.17 -1.92
N LEU B 4048 24.26 35.54 -2.65
CA LEU B 4048 23.93 36.97 -2.78
C LEU B 4048 23.53 37.56 -1.44
N VAL B 4049 22.74 36.81 -0.66
CA VAL B 4049 22.34 37.28 0.67
C VAL B 4049 23.56 37.47 1.56
N GLU B 4050 24.53 36.55 1.47
CA GLU B 4050 25.73 36.66 2.27
C GLU B 4050 26.49 37.95 1.95
N SER B 4051 26.57 38.31 0.67
CA SER B 4051 27.26 39.52 0.24
C SER B 4051 26.27 40.65 -0.04
N SER B 4052 25.03 40.51 0.43
CA SER B 4052 24.03 41.56 0.23
C SER B 4052 24.45 42.87 0.89
N SER B 4053 25.36 42.82 1.86
CA SER B 4053 25.89 44.03 2.45
C SER B 4053 26.89 44.74 1.54
N ASN B 4054 27.22 44.14 0.40
CA ASN B 4054 28.15 44.75 -0.54
C ASN B 4054 27.53 45.09 -1.89
N VAL B 4055 26.56 44.30 -2.34
CA VAL B 4055 26.02 44.48 -3.70
C VAL B 4055 25.30 45.81 -3.83
N GLU B 4056 24.76 46.32 -2.71
CA GLU B 4056 23.92 47.51 -2.78
C GLU B 4056 24.71 48.75 -3.18
N MET B 4057 25.95 48.90 -2.73
CA MET B 4057 26.75 50.04 -3.17
C MET B 4057 26.95 50.01 -4.68
N ILE B 4058 27.27 48.83 -5.23
CA ILE B 4058 27.53 48.72 -6.65
C ILE B 4058 26.28 49.01 -7.45
N LEU B 4059 25.14 48.44 -7.01
CA LEU B 4059 23.91 48.65 -7.78
C LEU B 4059 23.43 50.09 -7.67
N LYS B 4060 23.66 50.76 -6.53
CA LYS B 4060 23.32 52.18 -6.44
C LYS B 4060 24.22 53.03 -7.32
N PHE B 4061 25.49 52.59 -7.34
CA PHE B 4061 26.48 53.25 -8.14
C PHE B 4061 26.24 52.82 -9.56
N PHE B 4062 25.46 51.77 -9.79
CA PHE B 4062 25.13 51.45 -11.16
C PHE B 4062 24.13 52.52 -11.47
N ASP B 4063 23.20 52.69 -10.54
CA ASP B 4063 22.23 53.76 -10.70
C ASP B 4063 23.00 55.05 -10.59
N MET B 4064 24.12 55.04 -9.87
CA MET B 4064 24.81 56.31 -9.64
C MET B 4064 25.41 56.75 -10.93
N PHE B 4065 25.90 55.80 -11.73
CA PHE B 4065 26.53 56.12 -12.99
C PHE B 4065 25.49 56.37 -14.04
N LEU B 4066 24.29 55.85 -13.85
CA LEU B 4066 23.26 56.23 -14.83
C LEU B 4066 22.89 57.68 -14.52
N LYS B 4067 22.99 58.06 -13.24
CA LYS B 4067 22.71 59.45 -12.89
C LYS B 4067 23.87 60.32 -13.32
N LEU B 4068 25.04 59.69 -13.46
CA LEU B 4068 26.23 60.42 -13.85
C LEU B 4068 26.10 60.64 -15.31
N LYS B 4069 25.40 59.75 -16.00
CA LYS B 4069 25.16 59.90 -17.41
C LYS B 4069 24.16 61.01 -17.54
N ASP B 4070 23.21 61.05 -16.61
CA ASP B 4070 22.25 62.14 -16.62
C ASP B 4070 23.03 63.44 -16.51
N ILE B 4071 24.06 63.43 -15.68
CA ILE B 4071 24.86 64.64 -15.48
C ILE B 4071 25.55 64.98 -16.77
N VAL B 4072 26.24 64.02 -17.35
CA VAL B 4072 26.88 64.23 -18.61
C VAL B 4072 25.81 64.93 -19.36
N GLY B 4073 24.56 64.52 -19.13
CA GLY B 4073 23.55 65.16 -19.97
C GLY B 4073 23.11 66.52 -19.50
N SER B 4074 23.15 66.78 -18.19
CA SER B 4074 22.84 68.11 -17.63
C SER B 4074 24.08 68.95 -17.80
N GLU B 4075 25.19 68.45 -17.30
CA GLU B 4075 26.44 69.15 -17.50
C GLU B 4075 26.40 69.63 -18.91
N ALA B 4076 25.94 68.76 -19.80
CA ALA B 4076 25.78 69.17 -21.16
C ALA B 4076 24.53 70.01 -21.16
N PHE B 4077 23.38 69.39 -21.40
CA PHE B 4077 22.12 70.11 -21.37
C PHE B 4077 22.23 71.55 -21.88
N GLN B 4078 21.71 72.53 -21.14
CA GLN B 4078 21.78 73.93 -21.55
C GLN B 4078 21.11 74.81 -20.53
N ASP B 4079 19.80 74.96 -20.65
CA ASP B 4079 19.06 75.73 -19.67
C ASP B 4079 19.85 76.88 -19.13
N TYR B 4080 20.16 76.86 -17.85
CA TYR B 4080 20.87 77.97 -17.23
C TYR B 4080 22.25 78.17 -17.79
N VAL B 4081 22.58 77.44 -18.85
CA VAL B 4081 23.92 77.52 -19.38
C VAL B 4081 24.28 78.96 -19.44
N THR B 4082 23.56 79.70 -20.27
CA THR B 4082 23.82 81.11 -20.39
C THR B 4082 25.30 81.28 -20.25
N ASP B 4083 25.74 81.70 -19.08
CA ASP B 4083 27.15 81.80 -18.79
C ASP B 4083 27.90 80.86 -19.69
N PRO B 4084 28.51 81.38 -20.76
CA PRO B 4084 29.13 80.44 -21.68
C PRO B 4084 30.61 80.28 -21.46
N ARG B 4085 31.42 80.76 -22.40
CA ARG B 4085 32.88 80.63 -22.30
C ARG B 4085 33.30 79.20 -22.02
N LEU B 4087 34.49 76.07 -20.81
CA LEU B 4087 33.19 75.46 -20.67
C LEU B 4087 32.27 76.39 -19.94
N ILE B 4088 32.34 76.36 -18.63
CA ILE B 4088 31.48 77.21 -17.82
C ILE B 4088 31.87 77.04 -16.38
N SER B 4089 32.33 78.10 -15.74
CA SER B 4089 32.80 77.94 -14.35
C SER B 4089 32.06 76.96 -13.46
N LYS B 4090 32.79 76.29 -12.58
CA LYS B 4090 32.12 75.42 -11.63
C LYS B 4090 31.27 76.36 -10.85
N LYS B 4091 31.79 77.57 -10.65
CA LYS B 4091 31.05 78.57 -9.92
C LYS B 4091 29.61 78.43 -10.27
N ASP B 4092 29.25 78.84 -11.48
CA ASP B 4092 27.81 78.75 -11.74
C ASP B 4092 27.33 77.33 -11.91
N PHE B 4093 28.23 76.39 -12.09
CA PHE B 4093 27.80 75.02 -12.17
C PHE B 4093 27.15 74.61 -10.86
N GLN B 4094 27.76 74.99 -9.76
CA GLN B 4094 27.27 74.58 -8.45
C GLN B 4094 25.79 74.88 -8.30
N LYS B 4095 25.37 76.08 -8.69
CA LYS B 4095 23.95 76.42 -8.64
C LYS B 4095 23.16 75.73 -9.75
N ALA B 4096 23.83 75.25 -10.79
CA ALA B 4096 23.13 74.63 -11.90
C ALA B 4096 22.53 73.28 -11.53
N MET B 4097 23.11 72.56 -10.57
CA MET B 4097 22.59 71.26 -10.16
C MET B 4097 22.01 71.24 -8.75
N ASP B 4098 22.33 72.24 -7.92
CA ASP B 4098 21.71 72.29 -6.59
C ASP B 4098 20.21 72.53 -6.68
N SER B 4099 19.78 73.38 -7.62
CA SER B 4099 18.36 73.67 -7.75
C SER B 4099 17.57 72.43 -8.13
N GLN B 4100 18.09 71.63 -9.05
CA GLN B 4100 17.41 70.41 -9.46
C GLN B 4100 17.52 69.34 -8.39
N LYS B 4101 16.57 68.40 -8.43
CA LYS B 4101 16.55 67.29 -7.49
C LYS B 4101 17.54 66.21 -7.93
N GLN B 4102 17.41 65.02 -7.35
CA GLN B 4102 18.20 63.83 -7.67
C GLN B 4102 19.70 64.08 -7.60
N PHE B 4103 20.13 65.08 -6.85
CA PHE B 4103 21.54 65.39 -6.67
C PHE B 4103 21.89 65.42 -5.18
N THR B 4104 23.09 64.96 -4.87
CA THR B 4104 23.59 64.89 -3.50
C THR B 4104 24.79 65.83 -3.36
N GLY B 4105 24.82 66.56 -2.24
CA GLY B 4105 25.85 67.53 -1.98
C GLY B 4105 27.26 67.00 -2.15
N PRO B 4106 27.66 66.04 -1.31
CA PRO B 4106 29.02 65.46 -1.45
C PRO B 4106 29.25 64.81 -2.80
N GLU B 4107 28.21 64.25 -3.42
CA GLU B 4107 28.38 63.67 -4.75
C GLU B 4107 28.72 64.74 -5.78
N ILE B 4108 28.14 65.94 -5.65
CA ILE B 4108 28.46 67.03 -6.56
C ILE B 4108 29.93 67.41 -6.44
N GLN B 4109 30.41 67.54 -5.21
CA GLN B 4109 31.84 67.80 -4.99
C GLN B 4109 32.69 66.66 -5.49
N PHE B 4110 32.19 65.42 -5.39
CA PHE B 4110 32.88 64.29 -5.98
C PHE B 4110 32.98 64.44 -7.49
N LEU B 4111 31.90 64.89 -8.13
CA LEU B 4111 31.97 65.20 -9.56
C LEU B 4111 32.92 66.35 -9.82
N LEU B 4112 32.90 67.38 -8.96
CA LEU B 4112 33.84 68.48 -9.12
C LEU B 4112 35.27 68.02 -8.92
N SER B 4113 35.48 67.03 -8.03
CA SER B 4113 36.80 66.43 -7.91
C SER B 4113 37.20 65.74 -9.21
N CYS B 4114 36.25 65.07 -9.86
CA CYS B 4114 36.51 64.47 -11.16
C CYS B 4114 36.76 65.51 -12.24
N SER B 4115 36.41 66.76 -11.89
CA SER B 4115 36.58 67.86 -12.81
C SER B 4115 37.92 68.54 -12.67
N GLU B 4116 38.08 69.64 -13.37
CA GLU B 4116 39.36 70.33 -13.34
C GLU B 4116 39.12 71.82 -13.22
N ALA B 4117 39.73 72.58 -14.12
CA ALA B 4117 39.55 74.02 -14.09
C ALA B 4117 39.66 74.53 -12.69
N ASP B 4118 38.79 75.47 -12.33
CA ASP B 4118 38.80 76.04 -11.00
C ASP B 4118 37.87 77.24 -11.01
N GLU B 4119 37.98 78.06 -12.04
CA GLU B 4119 37.12 79.23 -12.17
C GLU B 4119 36.18 79.07 -13.36
N ASN B 4120 36.10 77.86 -13.89
CA ASN B 4120 35.25 77.60 -15.04
C ASN B 4120 35.14 76.11 -15.22
N GLU B 4121 35.25 75.65 -16.47
CA GLU B 4121 35.22 74.21 -16.73
C GLU B 4121 35.58 73.90 -18.19
N MET B 4122 35.41 72.65 -18.61
CA MET B 4122 35.72 72.26 -19.99
C MET B 4122 34.73 71.25 -20.54
N ILE B 4123 34.61 71.17 -21.86
CA ILE B 4123 33.61 70.31 -22.47
C ILE B 4123 33.57 68.85 -22.02
N ASN B 4124 34.74 68.28 -21.75
CA ASN B 4124 34.81 66.84 -21.51
C ASN B 4124 34.44 66.33 -20.16
N PHE B 4125 33.82 67.09 -19.31
CA PHE B 4125 33.56 66.58 -17.97
C PHE B 4125 33.08 65.14 -17.85
N GLU B 4126 31.89 65.07 -17.29
CA GLU B 4126 31.33 63.77 -17.23
C GLU B 4126 31.30 63.34 -18.68
N GLU B 4127 31.66 64.24 -19.61
CA GLU B 4127 31.65 63.92 -21.01
C GLU B 4127 32.45 62.67 -21.16
N PHE B 4128 33.78 62.80 -21.18
CA PHE B 4128 34.65 61.64 -21.26
C PHE B 4128 34.34 60.66 -20.17
N ALA B 4129 33.99 61.19 -18.99
CA ALA B 4129 33.78 60.23 -17.92
C ALA B 4129 32.93 59.07 -18.45
N ASN B 4130 31.74 59.38 -18.97
CA ASN B 4130 30.85 58.32 -19.46
C ASN B 4130 31.23 57.85 -20.85
N ARG B 4131 31.70 58.77 -21.67
CA ARG B 4131 32.16 58.43 -23.01
C ARG B 4131 32.73 57.06 -22.94
N PHE B 4132 33.62 56.82 -21.99
CA PHE B 4132 34.06 55.45 -21.94
C PHE B 4132 33.02 54.57 -21.28
N GLN B 4133 32.42 54.97 -20.17
CA GLN B 4133 31.49 54.08 -19.40
C GLN B 4133 30.52 53.12 -20.12
N GLU B 4134 30.74 52.78 -21.38
CA GLU B 4134 29.91 51.79 -22.07
C GLU B 4134 30.16 50.39 -21.52
N PRO B 4135 31.38 50.13 -21.06
CA PRO B 4135 31.59 48.84 -20.39
C PRO B 4135 30.80 48.84 -19.11
N ALA B 4136 30.77 49.96 -18.41
CA ALA B 4136 29.98 50.06 -17.20
C ALA B 4136 28.55 49.76 -17.57
N ARG B 4137 28.12 50.24 -18.72
CA ARG B 4137 26.78 49.94 -19.19
C ARG B 4137 26.56 48.43 -19.37
N ASP B 4138 27.37 47.78 -20.20
CA ASP B 4138 27.14 46.35 -20.46
C ASP B 4138 27.11 45.55 -19.17
N ILE B 4139 28.22 45.44 -18.46
CA ILE B 4139 28.22 44.79 -17.14
C ILE B 4139 26.88 45.00 -16.45
N GLY B 4140 26.28 46.18 -16.61
CA GLY B 4140 24.98 46.42 -16.01
C GLY B 4140 23.92 45.46 -16.52
N PHE B 4141 23.92 45.19 -17.82
CA PHE B 4141 23.00 44.20 -18.37
C PHE B 4141 23.28 42.83 -17.77
N ASN B 4142 24.56 42.47 -17.63
CA ASN B 4142 24.92 41.20 -17.02
C ASN B 4142 24.41 41.12 -15.59
N VAL B 4143 24.50 42.22 -14.85
CA VAL B 4143 23.86 42.28 -13.54
C VAL B 4143 22.36 42.17 -13.67
N ALA B 4144 21.78 42.88 -14.64
CA ALA B 4144 20.33 42.87 -14.81
C ALA B 4144 19.83 41.48 -15.18
N VAL B 4145 20.52 40.79 -16.09
CA VAL B 4145 20.05 39.49 -16.53
C VAL B 4145 20.19 38.47 -15.41
N LEU B 4146 21.26 38.54 -14.63
CA LEU B 4146 21.51 37.53 -13.62
C LEU B 4146 20.40 37.51 -12.58
N LEU B 4147 20.00 38.68 -12.09
CA LEU B 4147 18.86 38.74 -11.19
C LEU B 4147 17.56 38.41 -11.92
N THR B 4148 17.47 38.76 -13.21
CA THR B 4148 16.29 38.42 -13.98
C THR B 4148 16.14 36.90 -14.13
N ASN B 4149 17.25 36.20 -14.42
CA ASN B 4149 17.16 34.77 -14.63
C ASN B 4149 16.64 34.06 -13.37
N LEU B 4150 17.25 34.33 -12.23
CA LEU B 4150 16.83 33.70 -10.99
C LEU B 4150 15.44 34.14 -10.56
N SER B 4151 14.95 35.27 -11.08
CA SER B 4151 13.62 35.73 -10.72
C SER B 4151 12.56 34.73 -11.14
N GLU B 4152 12.68 34.19 -12.36
CA GLU B 4152 11.74 33.19 -12.85
C GLU B 4152 12.30 31.77 -12.77
N HIS B 4153 13.61 31.59 -12.69
CA HIS B 4153 14.15 30.26 -12.50
C HIS B 4153 13.70 29.67 -11.17
N VAL B 4154 13.71 30.47 -10.11
CA VAL B 4154 13.20 30.05 -8.81
C VAL B 4154 12.26 31.13 -8.28
N PRO B 4155 10.98 31.10 -8.67
CA PRO B 4155 10.03 32.09 -8.15
C PRO B 4155 9.68 31.83 -6.69
N HIS B 4156 8.74 32.62 -6.16
CA HIS B 4156 8.29 32.49 -4.77
C HIS B 4156 9.46 32.70 -3.80
N ASP B 4157 10.32 33.65 -4.12
CA ASP B 4157 11.47 33.99 -3.30
C ASP B 4157 11.41 35.47 -2.91
N PRO B 4158 10.79 35.82 -1.79
CA PRO B 4158 10.64 37.24 -1.44
C PRO B 4158 11.96 37.96 -1.25
N ARG B 4159 13.01 37.25 -0.79
CA ARG B 4159 14.29 37.90 -0.60
C ARG B 4159 14.85 38.42 -1.92
N LEU B 4160 14.69 37.64 -2.99
CA LEU B 4160 15.12 38.10 -4.31
C LEU B 4160 14.36 39.35 -4.73
N ARG B 4161 13.06 39.40 -4.41
CA ARG B 4161 12.26 40.57 -4.76
C ARG B 4161 12.80 41.83 -4.09
N ASN B 4162 13.46 41.69 -2.94
CA ASN B 4162 14.07 42.84 -2.30
C ASN B 4162 15.23 43.39 -3.12
N PHE B 4163 15.99 42.50 -3.78
CA PHE B 4163 17.10 42.95 -4.62
C PHE B 4163 16.59 43.80 -5.78
N LEU B 4164 15.53 43.35 -6.46
CA LEU B 4164 15.01 44.10 -7.59
C LEU B 4164 14.33 45.40 -7.17
N GLU B 4165 14.04 45.56 -5.87
CA GLU B 4165 13.39 46.77 -5.39
C GLU B 4165 14.28 48.00 -5.49
N LEU B 4166 15.57 47.83 -5.77
CA LEU B 4166 16.49 48.96 -5.90
C LEU B 4166 16.94 49.19 -7.34
N ALA B 4167 17.17 48.11 -8.09
CA ALA B 4167 17.72 48.21 -9.44
C ALA B 4167 16.59 48.26 -10.47
N GLU B 4168 15.69 49.23 -10.28
CA GLU B 4168 14.62 49.42 -11.26
C GLU B 4168 15.13 50.10 -12.53
N SER B 4169 15.98 51.12 -12.37
CA SER B 4169 16.41 51.90 -13.51
C SER B 4169 17.28 51.10 -14.47
N ILE B 4170 18.01 50.11 -13.94
CA ILE B 4170 18.85 49.28 -14.81
C ILE B 4170 17.99 48.48 -15.78
N LEU B 4171 16.88 47.91 -15.30
CA LEU B 4171 16.05 47.08 -16.15
C LEU B 4171 15.35 47.88 -17.23
N GLU B 4172 14.84 49.07 -16.90
CA GLU B 4172 14.09 49.84 -17.87
C GLU B 4172 14.96 50.32 -19.02
N TYR B 4173 16.19 50.74 -18.72
CA TYR B 4173 17.09 51.21 -19.77
C TYR B 4173 17.65 50.07 -20.61
N PHE B 4174 17.53 48.83 -20.13
CA PHE B 4174 18.05 47.67 -20.83
C PHE B 4174 16.97 46.78 -21.44
N ARG B 4175 15.71 47.00 -21.07
CA ARG B 4175 14.61 46.29 -21.75
C ARG B 4175 14.62 46.49 -23.26
N PRO B 4176 14.91 47.68 -23.81
CA PRO B 4176 15.04 47.77 -25.27
C PRO B 4176 16.32 47.14 -25.79
N TYR B 4177 17.02 46.39 -24.92
CA TYR B 4177 18.24 45.70 -25.33
C TYR B 4177 18.31 44.28 -24.78
N LEU B 4178 17.19 43.71 -24.37
CA LEU B 4178 17.13 42.32 -23.89
C LEU B 4178 16.27 41.50 -24.84
N GLY B 4179 16.87 40.48 -25.42
CA GLY B 4179 16.18 39.59 -26.36
C GLY B 4179 16.03 38.21 -25.77
N ARG B 4180 14.85 37.62 -25.96
CA ARG B 4180 14.53 36.33 -25.40
C ARG B 4180 14.32 35.30 -26.50
N ILE B 4181 14.41 34.03 -26.13
CA ILE B 4181 14.26 32.93 -27.07
C ILE B 4181 13.92 31.69 -26.27
N GLU B 4182 13.26 30.73 -26.93
CA GLU B 4182 12.98 29.43 -26.33
C GLU B 4182 13.42 28.36 -27.32
N ILE B 4183 14.22 27.41 -26.85
CA ILE B 4183 14.76 26.36 -27.70
C ILE B 4183 14.32 25.00 -27.13
N MET B 4184 14.47 23.97 -27.96
CA MET B 4184 13.99 22.63 -27.62
C MET B 4184 14.90 21.63 -28.32
N GLY B 4185 15.90 21.13 -27.60
CA GLY B 4185 16.82 20.18 -28.18
C GLY B 4185 18.00 19.87 -27.29
N ALA B 4186 18.54 18.66 -27.40
CA ALA B 4186 19.69 18.14 -26.68
C ALA B 4186 19.41 17.97 -25.19
N SER B 4187 18.23 18.35 -24.71
CA SER B 4187 17.87 18.18 -23.30
C SER B 4187 16.46 17.64 -23.10
N ARG B 4188 15.68 17.45 -24.16
CA ARG B 4188 14.29 17.00 -24.07
C ARG B 4188 13.46 17.93 -23.20
N ARG B 4189 13.84 19.20 -23.14
CA ARG B 4189 13.16 20.20 -22.32
C ARG B 4189 13.53 21.58 -22.80
N ILE B 4190 12.66 22.54 -22.49
CA ILE B 4190 12.73 23.89 -23.04
C ILE B 4190 13.32 24.83 -21.99
N GLU B 4191 14.20 25.73 -22.43
CA GLU B 4191 14.87 26.69 -21.57
C GLU B 4191 14.82 28.07 -22.20
N ARG B 4192 15.35 29.05 -21.48
CA ARG B 4192 15.39 30.43 -21.93
C ARG B 4192 16.84 30.90 -22.01
N ILE B 4193 17.14 31.65 -23.06
CA ILE B 4193 18.47 32.18 -23.30
C ILE B 4193 18.36 33.66 -23.60
N TYR B 4194 19.17 34.46 -22.91
CA TYR B 4194 19.12 35.91 -23.03
C TYR B 4194 20.38 36.42 -23.71
N PHE B 4195 20.30 37.63 -24.25
CA PHE B 4195 21.41 38.22 -24.99
C PHE B 4195 21.06 39.66 -25.32
N GLU B 4196 22.08 40.51 -25.41
CA GLU B 4196 21.90 41.85 -25.94
C GLU B 4196 21.79 41.79 -27.46
N ILE B 4197 20.98 42.67 -28.01
CA ILE B 4197 20.69 42.60 -29.44
C ILE B 4197 21.68 43.44 -30.24
N SER B 4198 21.61 44.76 -30.08
CA SER B 4198 22.40 45.70 -30.87
C SER B 4198 22.04 47.10 -30.42
N GLU B 4199 22.72 48.08 -31.00
CA GLU B 4199 22.36 49.48 -30.81
C GLU B 4199 21.70 50.08 -32.03
N THR B 4200 21.96 49.56 -33.22
CA THR B 4200 21.41 50.10 -34.46
C THR B 4200 20.44 49.15 -35.16
N ASN B 4201 20.66 47.84 -35.08
CA ASN B 4201 19.83 46.89 -35.82
C ASN B 4201 18.38 46.93 -35.35
N ARG B 4202 18.14 47.03 -34.05
CA ARG B 4202 16.77 47.07 -33.55
C ARG B 4202 16.02 48.27 -34.08
N ALA B 4203 16.67 49.44 -34.10
CA ALA B 4203 16.04 50.64 -34.63
C ALA B 4203 15.82 50.57 -36.13
N GLN B 4204 16.78 50.02 -36.88
CA GLN B 4204 16.64 49.97 -38.32
C GLN B 4204 15.61 48.93 -38.76
N TRP B 4205 15.38 47.91 -37.95
CA TRP B 4205 14.43 46.86 -38.32
C TRP B 4205 13.03 47.40 -38.51
N GLU B 4206 12.67 48.47 -37.79
CA GLU B 4206 11.36 49.12 -37.95
C GLU B 4206 11.47 50.06 -39.15
N MET B 4207 11.18 49.51 -40.34
CA MET B 4207 11.27 50.26 -41.58
C MET B 4207 10.09 49.87 -42.45
N PRO B 4208 9.42 50.84 -43.08
CA PRO B 4208 8.33 50.49 -44.01
C PRO B 4208 8.79 49.64 -45.18
N GLN B 4209 10.09 49.64 -45.49
CA GLN B 4209 10.59 48.80 -46.58
C GLN B 4209 10.38 47.32 -46.28
N VAL B 4210 10.60 46.92 -45.03
CA VAL B 4210 10.60 45.50 -44.69
C VAL B 4210 9.28 45.07 -44.06
N LYS B 4211 8.63 45.99 -43.34
CA LYS B 4211 7.41 45.62 -42.62
C LYS B 4211 6.29 45.24 -43.57
N GLU B 4212 6.33 45.72 -44.81
CA GLU B 4212 5.37 45.26 -45.80
C GLU B 4212 5.70 43.84 -46.27
N SER B 4213 6.99 43.53 -46.36
CA SER B 4213 7.40 42.20 -46.82
C SER B 4213 6.95 41.12 -45.86
N LYS B 4214 7.10 41.35 -44.55
CA LYS B 4214 6.69 40.35 -43.57
C LYS B 4214 5.18 40.13 -43.59
N ARG B 4215 4.41 41.18 -43.92
CA ARG B 4215 2.97 41.00 -44.08
C ARG B 4215 2.68 40.03 -45.21
N GLN B 4216 3.41 40.14 -46.31
CA GLN B 4216 3.35 39.13 -47.36
C GLN B 4216 3.86 37.79 -46.85
N PHE B 4217 4.94 37.82 -46.06
CA PHE B 4217 5.52 36.58 -45.55
C PHE B 4217 4.53 35.83 -44.67
N ILE B 4218 3.91 36.53 -43.71
CA ILE B 4218 2.96 35.86 -42.83
C ILE B 4218 1.75 35.38 -43.62
N PHE B 4219 1.45 35.99 -44.76
CA PHE B 4219 0.36 35.51 -45.59
C PHE B 4219 0.70 34.13 -46.18
N ASP B 4220 1.90 33.98 -46.72
CA ASP B 4220 2.24 32.75 -47.45
C ASP B 4220 2.30 31.56 -46.51
N VAL B 4221 2.82 31.75 -45.29
CA VAL B 4221 3.02 30.63 -44.38
C VAL B 4221 1.71 29.98 -43.96
N VAL B 4222 0.60 30.72 -43.97
CA VAL B 4222 -0.64 30.22 -43.39
C VAL B 4222 -1.59 29.60 -44.41
N ASN B 4223 -1.68 30.13 -45.63
CA ASN B 4223 -2.61 29.56 -46.60
C ASN B 4223 -2.14 28.18 -47.06
N GLU B 4224 -0.84 27.98 -47.19
CA GLU B 4224 -0.29 26.67 -47.53
C GLU B 4224 0.46 26.14 -46.31
N GLY B 4225 0.06 24.97 -45.83
CA GLY B 4225 0.65 24.38 -44.66
C GLY B 4225 0.86 22.88 -44.77
N GLY B 4226 2.06 22.43 -44.41
CA GLY B 4226 2.38 21.01 -44.47
C GLY B 4226 3.27 20.57 -43.34
N GLU B 4227 4.36 19.87 -43.68
CA GLU B 4227 5.30 19.40 -42.67
C GLU B 4227 6.21 20.54 -42.24
N ALA B 4228 7.31 20.22 -41.55
CA ALA B 4228 8.21 21.22 -40.99
C ALA B 4228 8.79 22.17 -42.04
N GLU B 4229 8.57 21.91 -43.33
CA GLU B 4229 9.00 22.86 -44.36
C GLU B 4229 8.38 24.23 -44.19
N LYS B 4230 7.26 24.32 -43.47
CA LYS B 4230 6.69 25.62 -43.13
C LYS B 4230 7.70 26.46 -42.35
N MET B 4231 8.36 25.85 -41.37
CA MET B 4231 9.40 26.55 -40.62
C MET B 4231 10.69 26.67 -41.42
N GLU B 4232 10.93 25.73 -42.33
CA GLU B 4232 12.15 25.78 -43.15
C GLU B 4232 12.23 27.07 -43.94
N LEU B 4233 11.16 27.40 -44.67
CA LEU B 4233 11.12 28.66 -45.40
C LEU B 4233 11.14 29.87 -44.46
N PHE B 4234 10.68 29.69 -43.22
CA PHE B 4234 10.74 30.80 -42.27
C PHE B 4234 12.18 31.20 -42.00
N VAL B 4235 13.06 30.23 -41.81
CA VAL B 4235 14.49 30.54 -41.71
C VAL B 4235 15.00 31.10 -43.02
N SER B 4236 14.51 30.57 -44.14
CA SER B 4236 14.92 31.08 -45.44
C SER B 4236 14.57 32.56 -45.60
N PHE B 4237 13.39 32.96 -45.12
CA PHE B 4237 13.04 34.37 -45.13
C PHE B 4237 14.00 35.19 -44.27
N CYS B 4238 14.36 34.64 -43.10
CA CYS B 4238 15.28 35.35 -42.21
C CYS B 4238 16.64 35.55 -42.87
N GLU B 4239 17.14 34.53 -43.56
CA GLU B 4239 18.38 34.69 -44.30
C GLU B 4239 18.22 35.72 -45.41
N ASP B 4240 17.08 35.69 -46.10
CA ASP B 4240 16.85 36.67 -47.16
C ASP B 4240 16.64 38.07 -46.58
N THR B 4241 15.97 38.16 -45.43
CA THR B 4241 15.61 39.45 -44.88
C THR B 4241 16.85 40.28 -44.53
N ILE B 4242 17.85 39.64 -43.92
CA ILE B 4242 19.04 40.38 -43.53
C ILE B 4242 19.81 40.85 -44.76
N PHE B 4243 19.80 40.06 -45.83
CA PHE B 4243 20.43 40.51 -47.07
C PHE B 4243 19.77 41.77 -47.60
N GLU B 4244 18.44 41.84 -47.53
CA GLU B 4244 17.76 43.09 -47.82
C GLU B 4244 18.22 44.19 -46.87
N MET B 4245 18.33 43.85 -45.60
CA MET B 4245 18.83 44.83 -44.62
C MET B 4245 20.31 45.13 -44.84
N GLN B 4246 21.08 44.12 -45.27
CA GLN B 4246 22.50 44.35 -45.54
C GLN B 4246 22.68 45.39 -46.64
N ILE B 4247 21.99 45.21 -47.77
CA ILE B 4247 22.09 46.17 -48.86
C ILE B 4247 21.43 47.51 -48.51
N ALA B 4248 20.52 47.51 -47.53
CA ALA B 4248 19.87 48.75 -47.14
C ALA B 4248 20.85 49.74 -46.56
N ALA B 4249 21.78 49.27 -45.72
CA ALA B 4249 22.77 50.14 -45.12
C ALA B 4249 23.75 50.71 -46.13
N GLN B 4250 23.91 50.07 -47.27
CA GLN B 4250 24.87 50.51 -48.29
C GLN B 4250 24.30 51.59 -49.20
N ILE B 4251 23.03 51.94 -49.04
CA ILE B 4251 22.36 52.90 -49.91
C ILE B 4251 22.09 54.22 -49.22
N SER B 4252 21.81 54.21 -47.92
CA SER B 4252 21.48 55.42 -47.18
C SER B 4252 22.75 56.16 -46.81
N GLU B 4253 22.78 57.45 -47.09
CA GLU B 4253 23.95 58.29 -46.81
C GLU B 4253 24.10 58.50 -45.30
N ARG B 4318 -36.31 77.65 -60.72
CA ARG B 4318 -35.47 76.69 -61.42
C ARG B 4318 -34.13 76.64 -60.66
N LEU B 4319 -33.12 76.01 -61.26
CA LEU B 4319 -31.84 75.78 -60.61
C LEU B 4319 -30.72 76.22 -61.55
N ARG B 4320 -29.49 76.12 -61.06
CA ARG B 4320 -28.35 76.42 -61.91
C ARG B 4320 -28.24 75.40 -63.03
N ARG B 4321 -27.71 75.83 -64.17
CA ARG B 4321 -27.47 74.97 -65.31
C ARG B 4321 -26.04 74.46 -65.23
N LEU B 4322 -25.88 73.14 -65.17
CA LEU B 4322 -24.58 72.52 -65.03
C LEU B 4322 -24.00 72.22 -66.40
N THR B 4323 -22.84 72.81 -66.71
CA THR B 4323 -22.16 72.52 -67.96
C THR B 4323 -21.34 71.24 -67.79
N ALA B 4324 -20.76 70.73 -68.86
CA ALA B 4324 -20.03 69.47 -68.79
C ALA B 4324 -18.76 69.59 -67.95
N ARG B 4325 -18.00 70.67 -68.16
CA ARG B 4325 -16.70 70.79 -67.49
C ARG B 4325 -16.86 70.87 -65.98
N GLU B 4326 -17.85 71.62 -65.49
CA GLU B 4326 -18.01 71.78 -64.05
C GLU B 4326 -18.30 70.44 -63.38
N ALA B 4327 -19.26 69.69 -63.91
CA ALA B 4327 -19.58 68.38 -63.36
C ALA B 4327 -18.39 67.44 -63.46
N ALA B 4328 -17.67 67.50 -64.59
CA ALA B 4328 -16.49 66.66 -64.75
C ALA B 4328 -15.44 66.95 -63.69
N THR B 4329 -15.17 68.23 -63.45
CA THR B 4329 -14.18 68.59 -62.44
C THR B 4329 -14.63 68.14 -61.05
N ALA B 4330 -15.90 68.36 -60.72
CA ALA B 4330 -16.38 67.96 -59.39
C ALA B 4330 -16.27 66.45 -59.19
N LEU B 4331 -16.74 65.67 -60.17
CA LEU B 4331 -16.70 64.21 -60.04
C LEU B 4331 -15.27 63.68 -60.05
N ALA B 4332 -14.39 64.29 -60.85
CA ALA B 4332 -13.00 63.84 -60.88
C ALA B 4332 -12.28 64.16 -59.58
N ALA B 4333 -12.60 65.32 -58.99
CA ALA B 4333 -12.06 65.62 -57.67
C ALA B 4333 -12.56 64.61 -56.63
N LEU B 4334 -13.84 64.23 -56.74
CA LEU B 4334 -14.37 63.19 -55.85
C LEU B 4334 -13.61 61.88 -56.01
N LEU B 4335 -13.39 61.46 -57.26
CA LEU B 4335 -12.71 60.20 -57.52
C LEU B 4335 -11.27 60.24 -57.01
N TRP B 4336 -10.57 61.35 -57.25
CA TRP B 4336 -9.18 61.46 -56.81
C TRP B 4336 -9.10 61.51 -55.29
N ALA B 4337 -10.07 62.18 -54.64
CA ALA B 4337 -10.08 62.19 -53.19
C ALA B 4337 -10.32 60.80 -52.62
N VAL B 4338 -11.20 60.04 -53.26
CA VAL B 4338 -11.46 58.66 -52.82
C VAL B 4338 -10.18 57.83 -52.96
N VAL B 4339 -9.49 57.96 -54.09
CA VAL B 4339 -8.26 57.20 -54.31
C VAL B 4339 -7.19 57.62 -53.30
N ALA B 4340 -7.01 58.92 -53.09
CA ALA B 4340 -5.94 59.40 -52.25
C ALA B 4340 -6.16 59.11 -50.77
N ARG B 4341 -7.39 58.78 -50.38
CA ARG B 4341 -7.68 58.41 -48.99
C ARG B 4341 -7.33 56.94 -48.70
N ALA B 4342 -6.95 56.19 -49.72
CA ALA B 4342 -6.46 54.82 -49.54
C ALA B 4342 -5.31 54.54 -50.49
N GLY B 4343 -4.78 55.58 -51.11
CA GLY B 4343 -3.77 55.44 -52.16
C GLY B 4343 -2.44 54.88 -51.71
N GLY B 4542 37.44 59.46 -63.75
CA GLY B 4542 36.95 58.53 -62.75
C GLY B 4542 36.40 59.21 -61.51
N GLU B 4543 36.59 60.53 -61.43
CA GLU B 4543 36.11 61.28 -60.28
C GLU B 4543 34.59 61.37 -60.25
N LEU B 4544 33.96 61.50 -61.43
CA LEU B 4544 32.50 61.59 -61.47
C LEU B 4544 31.84 60.26 -61.15
N GLU B 4545 32.60 59.17 -61.17
CA GLU B 4545 32.02 57.85 -60.91
C GLU B 4545 31.44 57.77 -59.51
N VAL B 4546 32.15 58.31 -58.51
CA VAL B 4546 31.64 58.32 -57.15
C VAL B 4546 30.36 59.14 -57.06
N GLN B 4547 30.37 60.32 -57.69
CA GLN B 4547 29.16 61.15 -57.70
C GLN B 4547 28.04 60.48 -58.45
N ARG B 4548 28.36 59.81 -59.57
CA ARG B 4548 27.34 59.09 -60.33
C ARG B 4548 26.69 58.00 -59.48
N VAL B 4549 27.50 57.24 -58.74
CA VAL B 4549 26.95 56.26 -57.82
C VAL B 4549 26.19 56.95 -56.69
N LYS B 4550 26.76 58.03 -56.15
CA LYS B 4550 26.06 58.79 -55.11
C LYS B 4550 24.76 59.38 -55.64
N PHE B 4551 24.74 59.76 -56.92
CA PHE B 4551 23.50 60.24 -57.52
C PHE B 4551 22.45 59.14 -57.54
N LEU B 4552 22.85 57.91 -57.86
CA LEU B 4552 21.90 56.79 -57.87
C LEU B 4552 21.38 56.49 -56.48
N ASN B 4553 22.15 56.82 -55.44
CA ASN B 4553 21.67 56.63 -54.08
C ASN B 4553 20.45 57.50 -53.80
N TYR B 4554 20.44 58.72 -54.35
CA TYR B 4554 19.27 59.58 -54.20
C TYR B 4554 18.04 58.96 -54.84
N LEU B 4555 18.20 58.39 -56.04
CA LEU B 4555 17.07 57.78 -56.73
C LEU B 4555 16.51 56.60 -55.96
N SER B 4556 17.40 55.70 -55.50
CA SER B 4556 16.96 54.54 -54.74
C SER B 4556 16.47 54.90 -53.35
N ARG B 4557 16.76 56.11 -52.87
CA ARG B 4557 16.29 56.51 -51.55
C ARG B 4557 14.77 56.57 -51.50
N ASN B 4558 14.15 57.14 -52.54
CA ASN B 4558 12.71 57.30 -52.62
C ASN B 4558 12.23 56.78 -53.98
N PHE B 4559 11.96 55.48 -54.04
CA PHE B 4559 11.49 54.84 -55.27
C PHE B 4559 9.97 54.82 -55.34
N TYR B 4560 9.32 54.36 -54.28
CA TYR B 4560 7.86 54.29 -54.28
C TYR B 4560 7.25 55.69 -54.40
N THR B 4561 7.88 56.68 -53.78
CA THR B 4561 7.40 58.05 -53.93
C THR B 4561 7.47 58.49 -55.38
N LEU B 4562 8.58 58.18 -56.07
CA LEU B 4562 8.70 58.52 -57.47
C LEU B 4562 7.65 57.80 -58.31
N ARG B 4563 7.39 56.53 -57.99
CA ARG B 4563 6.33 55.79 -58.68
C ARG B 4563 4.97 56.44 -58.48
N PHE B 4564 4.76 57.09 -57.34
CA PHE B 4564 3.46 57.67 -57.05
C PHE B 4564 3.14 58.84 -57.96
N LEU B 4565 4.16 59.57 -58.44
CA LEU B 4565 3.91 60.70 -59.32
C LEU B 4565 3.22 60.27 -60.60
N ALA B 4566 3.48 59.05 -61.06
CA ALA B 4566 2.84 58.56 -62.27
C ALA B 4566 1.33 58.51 -62.11
N LEU B 4567 0.85 58.13 -60.92
CA LEU B 4567 -0.58 58.04 -60.69
C LEU B 4567 -1.26 59.39 -60.89
N PHE B 4568 -0.75 60.42 -60.21
CA PHE B 4568 -1.36 61.75 -60.31
C PHE B 4568 -1.16 62.32 -61.70
N LEU B 4569 0.03 62.12 -62.28
CA LEU B 4569 0.29 62.66 -63.61
C LEU B 4569 -0.54 61.96 -64.67
N ALA B 4570 -0.89 60.69 -64.46
CA ALA B 4570 -1.71 59.99 -65.43
C ALA B 4570 -3.12 60.53 -65.48
N PHE B 4571 -3.65 61.03 -64.36
CA PHE B 4571 -4.99 61.60 -64.36
C PHE B 4571 -5.06 62.84 -65.23
N ALA B 4572 -4.16 63.80 -64.99
CA ALA B 4572 -4.23 65.07 -65.69
C ALA B 4572 -4.03 64.90 -67.20
N ILE B 4573 -3.05 64.08 -67.59
CA ILE B 4573 -2.82 63.86 -69.01
C ILE B 4573 -4.00 63.15 -69.66
N ASN B 4574 -4.78 62.40 -68.89
CA ASN B 4574 -5.94 61.70 -69.42
C ASN B 4574 -7.24 62.44 -69.20
N PHE B 4575 -7.35 63.20 -68.10
CA PHE B 4575 -8.57 63.95 -67.83
C PHE B 4575 -8.82 64.99 -68.92
N ILE B 4576 -7.77 65.75 -69.27
CA ILE B 4576 -7.92 66.79 -70.28
C ILE B 4576 -8.07 66.22 -71.68
N LEU B 4577 -7.74 64.95 -71.88
CA LEU B 4577 -7.94 64.31 -73.18
C LEU B 4577 -9.42 64.21 -73.55
N LEU B 4578 -10.27 64.44 -72.54
CA LEU B 4578 -11.72 64.36 -72.71
C LEU B 4578 -12.33 65.62 -73.29
N PHE B 4579 -11.56 66.40 -74.02
CA PHE B 4579 -12.07 67.55 -74.75
C PHE B 4579 -11.77 67.49 -76.24
N TYR B 4580 -11.44 66.32 -76.77
CA TYR B 4580 -11.17 66.21 -78.20
C TYR B 4580 -12.45 66.42 -79.01
N LYS B 4581 -12.26 66.81 -80.28
CA LYS B 4581 -13.38 67.05 -81.18
C LYS B 4581 -12.90 66.80 -82.60
N VAL B 4582 -13.27 65.64 -83.16
CA VAL B 4582 -12.87 65.31 -84.52
C VAL B 4582 -13.60 66.21 -85.50
N SER B 4583 -12.95 66.51 -86.62
CA SER B 4583 -13.54 67.34 -87.65
C SER B 4583 -12.93 66.98 -88.99
N ASP B 4584 -13.67 67.22 -90.07
CA ASP B 4584 -13.18 67.00 -91.42
C ASP B 4584 -12.53 68.26 -91.99
N SER B 4585 -11.62 68.85 -91.23
CA SER B 4585 -10.91 70.05 -91.64
C SER B 4585 -9.66 70.23 -90.79
N PRO B 4586 -8.49 70.35 -91.40
CA PRO B 4586 -7.27 70.59 -90.63
C PRO B 4586 -7.36 71.90 -89.87
N PRO B 4587 -6.81 71.96 -88.64
CA PRO B 4587 -6.85 73.17 -87.83
C PRO B 4587 -5.88 74.24 -88.32
N ASN B 4626 -9.61 62.07 -96.62
CA ASN B 4626 -8.95 61.96 -95.33
C ASN B 4626 -9.49 62.97 -94.33
N MET B 4627 -9.37 62.66 -93.04
CA MET B 4627 -9.83 63.54 -91.98
C MET B 4627 -8.70 63.83 -91.02
N VAL B 4628 -8.87 64.88 -90.21
CA VAL B 4628 -7.88 65.32 -89.24
C VAL B 4628 -8.49 65.25 -87.86
N TYR B 4629 -7.81 64.54 -86.95
CA TYR B 4629 -8.28 64.40 -85.57
C TYR B 4629 -8.03 65.72 -84.84
N TYR B 4630 -8.89 66.69 -85.10
CA TYR B 4630 -8.77 67.99 -84.48
C TYR B 4630 -8.92 67.89 -82.96
N PHE B 4631 -8.19 68.75 -82.26
CA PHE B 4631 -8.30 68.85 -80.81
C PHE B 4631 -8.90 70.19 -80.45
N LEU B 4632 -10.01 70.16 -79.71
CA LEU B 4632 -10.64 71.39 -79.23
C LEU B 4632 -10.20 71.67 -77.82
N GLU B 4633 -9.83 72.92 -77.57
CA GLU B 4633 -9.40 73.36 -76.25
C GLU B 4633 -10.47 74.24 -75.61
N GLU B 4634 -10.16 74.73 -74.43
CA GLU B 4634 -11.02 75.66 -73.70
C GLU B 4634 -10.35 77.04 -73.69
N SER B 4635 -10.99 77.97 -72.97
CA SER B 4635 -10.50 79.35 -72.93
C SER B 4635 -9.14 79.48 -72.25
N THR B 4636 -8.72 78.48 -71.48
CA THR B 4636 -7.50 78.58 -70.71
C THR B 4636 -6.27 78.54 -71.62
N GLY B 4637 -5.16 79.05 -71.11
CA GLY B 4637 -3.92 79.13 -71.86
C GLY B 4637 -3.11 77.85 -71.92
N TYR B 4638 -3.45 76.85 -71.12
CA TYR B 4638 -2.75 75.57 -71.16
C TYR B 4638 -3.35 74.66 -72.24
N MET B 4639 -3.10 73.36 -72.14
CA MET B 4639 -3.16 72.41 -73.25
C MET B 4639 -2.54 73.01 -74.51
N GLU B 4640 -1.40 73.66 -74.33
CA GLU B 4640 -0.53 74.06 -75.44
C GLU B 4640 0.29 72.85 -75.88
N PRO B 4641 1.21 73.00 -76.85
CA PRO B 4641 2.16 71.93 -77.12
C PRO B 4641 2.97 71.50 -75.90
N ALA B 4642 2.78 72.18 -74.77
CA ALA B 4642 3.36 71.71 -73.51
C ALA B 4642 2.84 70.35 -73.11
N LEU B 4643 1.72 69.91 -73.67
CA LEU B 4643 1.29 68.53 -73.51
C LEU B 4643 2.35 67.57 -74.05
N TRP B 4644 2.98 67.94 -75.17
CA TRP B 4644 4.14 67.17 -75.64
C TRP B 4644 5.25 67.20 -74.61
N CYS B 4645 5.49 68.35 -73.99
CA CYS B 4645 6.39 68.40 -72.84
C CYS B 4645 5.83 67.64 -71.65
N LEU B 4646 4.51 67.66 -71.46
CA LEU B 4646 3.89 66.82 -70.44
C LEU B 4646 4.02 65.34 -70.79
N SER B 4647 3.97 65.00 -72.08
CA SER B 4647 4.11 63.60 -72.49
C SER B 4647 5.49 63.08 -72.11
N LEU B 4648 6.55 63.80 -72.47
CA LEU B 4648 7.89 63.38 -72.06
C LEU B 4648 8.05 63.48 -70.55
N LEU B 4649 7.34 64.42 -69.92
CA LEU B 4649 7.37 64.50 -68.46
C LEU B 4649 6.87 63.21 -67.82
N HIS B 4650 5.83 62.62 -68.40
CA HIS B 4650 5.35 61.33 -67.91
C HIS B 4650 6.38 60.23 -68.15
N THR B 4651 7.09 60.29 -69.27
CA THR B 4651 8.04 59.23 -69.58
C THR B 4651 9.28 59.33 -68.70
N LEU B 4652 9.76 60.56 -68.46
CA LEU B 4652 10.99 60.73 -67.70
C LEU B 4652 10.84 60.23 -66.28
N VAL B 4653 9.72 60.55 -65.62
CA VAL B 4653 9.52 60.08 -64.25
C VAL B 4653 9.42 58.57 -64.23
N ALA B 4654 8.95 57.97 -65.32
CA ALA B 4654 8.99 56.52 -65.44
C ALA B 4654 10.39 56.02 -65.78
N PHE B 4655 11.15 56.82 -66.53
CA PHE B 4655 12.48 56.37 -66.96
C PHE B 4655 13.41 56.15 -65.77
N LEU B 4656 13.36 57.06 -64.78
CA LEU B 4656 14.21 56.90 -63.61
C LEU B 4656 13.81 55.67 -62.79
N CYS B 4657 12.54 55.25 -62.90
CA CYS B 4657 12.11 54.06 -62.18
C CYS B 4657 12.85 52.82 -62.66
N ILE B 4658 13.28 52.80 -63.92
CA ILE B 4658 14.06 51.68 -64.43
C ILE B 4658 15.36 51.55 -63.66
N ILE B 4659 16.08 52.65 -63.51
CA ILE B 4659 17.37 52.61 -62.81
C ILE B 4659 17.18 52.27 -61.35
N GLY B 4660 16.20 52.89 -60.69
CA GLY B 4660 15.94 52.60 -59.29
C GLY B 4660 15.57 51.15 -59.07
N TYR B 4661 14.71 50.59 -59.93
CA TYR B 4661 14.39 49.18 -59.85
C TYR B 4661 15.63 48.32 -60.11
N ASN B 4662 16.45 48.72 -61.09
CA ASN B 4662 17.65 47.96 -61.40
C ASN B 4662 18.72 48.09 -60.33
N CYS B 4663 18.66 49.14 -59.51
CA CYS B 4663 19.68 49.36 -58.49
C CYS B 4663 19.22 49.02 -57.08
N LEU B 4664 17.94 48.74 -56.88
CA LEU B 4664 17.43 48.46 -55.55
C LEU B 4664 16.69 47.15 -55.44
N LYS B 4665 15.94 46.75 -56.46
CA LYS B 4665 15.11 45.56 -56.37
C LYS B 4665 15.75 44.32 -56.96
N VAL B 4666 16.87 44.44 -57.68
CA VAL B 4666 17.49 43.25 -58.24
C VAL B 4666 18.96 43.10 -57.82
N PRO B 4667 19.32 43.33 -56.55
CA PRO B 4667 20.48 42.60 -56.02
C PRO B 4667 20.02 41.40 -55.21
N LEU B 4668 18.71 41.33 -54.96
CA LEU B 4668 18.12 40.23 -54.22
C LEU B 4668 17.58 39.13 -55.12
N VAL B 4669 17.09 39.49 -56.30
CA VAL B 4669 16.57 38.48 -57.21
C VAL B 4669 17.66 37.47 -57.56
N ILE B 4670 18.89 37.95 -57.75
CA ILE B 4670 20.02 37.05 -57.92
C ILE B 4670 20.21 36.20 -56.68
N PHE B 4671 20.12 36.82 -55.50
CA PHE B 4671 20.37 36.11 -54.25
C PHE B 4671 19.37 34.98 -54.05
N LYS B 4672 18.11 35.21 -54.40
CA LYS B 4672 17.09 34.17 -54.23
C LYS B 4672 17.44 32.94 -55.06
N ARG B 4673 17.85 33.14 -56.31
CA ARG B 4673 18.25 32.02 -57.14
C ARG B 4673 19.61 31.47 -56.71
N GLU B 4674 20.49 32.34 -56.21
CA GLU B 4674 21.79 31.88 -55.74
C GLU B 4674 21.66 30.93 -54.56
N LYS B 4675 20.81 31.30 -53.59
CA LYS B 4675 20.71 30.50 -52.37
C LYS B 4675 20.12 29.12 -52.65
N GLU B 4676 19.06 29.05 -53.46
CA GLU B 4676 18.37 27.79 -53.66
C GLU B 4676 19.28 26.77 -54.35
N LEU B 4677 20.07 27.21 -55.32
CA LEU B 4677 20.97 26.29 -56.00
C LEU B 4677 22.09 25.83 -55.07
N ALA B 4678 22.67 26.74 -54.30
CA ALA B 4678 23.71 26.35 -53.35
C ALA B 4678 23.16 25.41 -52.29
N ARG B 4679 21.97 25.72 -51.76
CA ARG B 4679 21.34 24.83 -50.81
C ARG B 4679 20.97 23.50 -51.48
N LYS B 4680 20.60 23.55 -52.76
CA LYS B 4680 20.39 22.31 -53.51
C LYS B 4680 21.66 21.48 -53.56
N LEU B 4681 22.78 22.08 -53.96
CA LEU B 4681 24.02 21.33 -54.13
C LEU B 4681 24.52 20.75 -52.83
N GLU B 4682 24.19 21.35 -51.68
CA GLU B 4682 24.64 20.80 -50.41
C GLU B 4682 23.93 19.49 -50.09
N PHE B 4683 22.64 19.39 -50.43
CA PHE B 4683 21.85 18.19 -50.16
C PHE B 4683 21.63 17.33 -51.39
N ASP B 4684 21.34 17.94 -52.53
CA ASP B 4684 20.95 17.22 -53.73
C ASP B 4684 22.05 17.26 -54.78
N GLY B 4685 22.13 16.19 -55.55
CA GLY B 4685 23.04 16.10 -56.66
C GLY B 4685 22.31 15.84 -57.96
N LEU B 4686 21.16 16.50 -58.14
CA LEU B 4686 20.36 16.31 -59.33
C LEU B 4686 21.17 16.57 -60.60
N TYR B 4687 21.96 17.65 -60.60
CA TYR B 4687 22.86 17.92 -61.71
C TYR B 4687 24.03 16.94 -61.78
N ILE B 4688 24.25 16.14 -60.74
CA ILE B 4688 25.40 15.24 -60.66
C ILE B 4688 24.95 13.78 -60.63
N THR B 4689 24.00 13.45 -59.76
CA THR B 4689 23.70 12.05 -59.49
C THR B 4689 22.79 11.43 -60.56
N GLU B 4690 21.56 11.92 -60.68
CA GLU B 4690 20.61 11.26 -61.57
C GLU B 4690 20.52 11.92 -62.94
N GLN B 4691 20.00 13.15 -62.99
CA GLN B 4691 19.82 13.91 -64.22
C GLN B 4691 19.22 15.26 -63.85
N PRO B 4692 19.47 16.31 -64.62
CA PRO B 4692 18.68 17.54 -64.46
C PRO B 4692 17.24 17.31 -64.85
N GLY B 4693 16.36 18.11 -64.25
CA GLY B 4693 14.94 18.01 -64.51
C GLY B 4693 14.56 18.23 -65.97
N ASP B 4695 10.52 19.96 -69.85
CA ASP B 4695 10.18 19.64 -68.46
C ASP B 4695 11.20 20.24 -67.50
N ASP B 4696 12.01 21.17 -68.01
CA ASP B 4696 13.04 21.80 -67.21
C ASP B 4696 12.99 23.31 -67.32
N VAL B 4697 11.79 23.88 -67.32
CA VAL B 4697 11.62 25.34 -67.43
C VAL B 4697 12.28 26.01 -66.23
N LYS B 4698 13.11 27.01 -66.51
CA LYS B 4698 13.83 27.78 -65.50
C LYS B 4698 14.87 26.92 -64.79
N GLY B 4699 14.93 25.63 -65.12
CA GLY B 4699 15.95 24.77 -64.57
C GLY B 4699 17.00 24.40 -65.60
N GLN B 4700 16.58 24.23 -66.86
CA GLN B 4700 17.54 23.95 -67.92
C GLN B 4700 18.49 25.12 -68.13
N TRP B 4701 17.97 26.34 -68.01
CA TRP B 4701 18.81 27.53 -68.14
C TRP B 4701 19.88 27.59 -67.06
N ASP B 4702 19.68 26.92 -65.93
CA ASP B 4702 20.60 26.99 -64.82
C ASP B 4702 21.93 26.28 -65.08
N ARG B 4703 22.00 25.42 -66.10
CA ARG B 4703 23.25 24.72 -66.38
C ARG B 4703 24.37 25.66 -66.80
N LEU B 4704 24.03 26.88 -67.26
CA LEU B 4704 25.06 27.80 -67.72
C LEU B 4704 25.98 28.24 -66.58
N VAL B 4705 25.42 28.49 -65.39
CA VAL B 4705 26.20 29.04 -64.29
C VAL B 4705 27.19 28.05 -63.69
N LEU B 4706 27.05 26.76 -63.99
CA LEU B 4706 27.91 25.74 -63.40
C LEU B 4706 29.37 25.98 -63.76
N ASN B 4707 29.65 26.30 -65.02
CA ASN B 4707 31.01 26.54 -65.48
C ASN B 4707 31.48 27.96 -65.23
N THR B 4708 30.60 28.85 -64.82
CA THR B 4708 31.00 30.23 -64.58
C THR B 4708 31.82 30.31 -63.30
N PRO B 4709 33.04 30.85 -63.34
CA PRO B 4709 33.87 30.94 -62.13
C PRO B 4709 33.29 31.87 -61.06
N SER B 4710 32.34 32.74 -61.39
CA SER B 4710 31.81 33.73 -60.46
C SER B 4710 30.39 33.38 -60.02
N PHE B 4711 30.12 32.09 -59.81
CA PHE B 4711 28.80 31.68 -59.31
C PHE B 4711 28.48 32.28 -57.94
N PRO B 4712 29.35 32.22 -56.92
CA PRO B 4712 28.95 32.71 -55.60
C PRO B 4712 29.06 34.22 -55.46
N SER B 4713 29.08 34.94 -56.59
CA SER B 4713 29.34 36.37 -56.58
C SER B 4713 28.36 37.14 -55.71
N ASN B 4714 27.16 36.61 -55.49
CA ASN B 4714 26.17 37.28 -54.66
C ASN B 4714 25.88 36.55 -53.35
N TYR B 4715 25.88 35.21 -53.36
CA TYR B 4715 25.52 34.46 -52.17
C TYR B 4715 26.57 34.61 -51.08
N TRP B 4716 26.16 34.34 -49.84
CA TRP B 4716 27.07 34.46 -48.71
C TRP B 4716 28.24 33.49 -48.84
N ASP B 4717 27.95 32.22 -49.07
CA ASP B 4717 29.01 31.23 -49.20
C ASP B 4717 29.77 31.45 -50.50
N LYS B 4718 31.09 31.39 -50.42
CA LYS B 4718 31.96 31.52 -51.59
C LYS B 4718 32.89 30.32 -51.72
N PHE B 4719 32.52 29.18 -51.11
CA PHE B 4719 33.35 27.98 -51.18
C PHE B 4719 32.51 26.74 -51.46
N VAL B 4720 31.38 26.90 -52.17
CA VAL B 4720 30.45 25.79 -52.36
C VAL B 4720 31.09 24.66 -53.15
N LYS B 4721 32.02 24.99 -54.04
CA LYS B 4721 32.65 23.97 -54.89
C LYS B 4721 33.42 22.95 -54.05
N ARG B 4722 33.92 23.35 -52.89
CA ARG B 4722 34.68 22.43 -52.05
C ARG B 4722 33.78 21.49 -51.24
N LYS B 4723 32.62 21.96 -50.77
CA LYS B 4723 31.73 21.03 -50.06
C LYS B 4723 31.20 19.94 -50.98
N VAL B 4724 30.79 20.30 -52.20
CA VAL B 4724 30.22 19.32 -53.12
C VAL B 4724 31.26 18.29 -53.51
N LEU B 4725 32.51 18.71 -53.66
CA LEU B 4725 33.58 17.77 -53.98
C LEU B 4725 33.79 16.76 -52.87
N ASP B 4726 33.66 17.18 -51.62
CA ASP B 4726 33.90 16.28 -50.50
C ASP B 4726 32.93 15.12 -50.48
N LYS B 4727 31.64 15.39 -50.74
CA LYS B 4727 30.61 14.37 -50.61
C LYS B 4727 30.45 13.50 -51.85
N HIS B 4728 30.71 14.05 -53.05
CA HIS B 4728 30.45 13.33 -54.28
C HIS B 4728 31.66 13.19 -55.20
N GLY B 4729 32.73 13.95 -54.97
CA GLY B 4729 33.89 13.82 -55.83
C GLY B 4729 34.58 12.47 -55.75
N ASP B 4730 34.69 11.93 -54.54
CA ASP B 4730 35.39 10.65 -54.36
C ASP B 4730 34.54 9.48 -54.85
N ILE B 4731 33.25 9.49 -54.53
CA ILE B 4731 32.38 8.38 -54.92
C ILE B 4731 32.24 8.27 -56.43
N PHE B 4732 32.45 9.37 -57.15
CA PHE B 4732 32.40 9.41 -58.60
C PHE B 4732 33.80 9.68 -59.15
N GLY B 4733 33.87 9.86 -60.47
CA GLY B 4733 35.12 10.30 -61.07
C GLY B 4733 35.48 11.67 -60.59
N ARG B 4734 36.52 11.77 -59.76
CA ARG B 4734 36.86 13.04 -59.14
C ARG B 4734 37.24 14.09 -60.18
N GLU B 4735 37.94 13.69 -61.24
CA GLU B 4735 38.25 14.62 -62.32
C GLU B 4735 36.97 15.08 -63.01
N ARG B 4736 35.99 14.18 -63.17
CA ARG B 4736 34.73 14.55 -63.81
C ARG B 4736 33.98 15.59 -63.00
N ILE B 4737 33.90 15.40 -61.67
CA ILE B 4737 33.26 16.38 -60.81
C ILE B 4737 34.06 17.68 -60.80
N ALA B 4738 35.39 17.58 -60.74
CA ALA B 4738 36.24 18.75 -60.75
C ALA B 4738 36.21 19.48 -62.09
N GLU B 4739 35.67 18.86 -63.14
CA GLU B 4739 35.57 19.48 -64.45
C GLU B 4739 34.19 20.08 -64.73
N LEU B 4740 33.12 19.35 -64.40
CA LEU B 4740 31.79 19.80 -64.73
C LEU B 4740 31.43 21.08 -63.97
N LEU B 4741 31.82 21.18 -62.71
CA LEU B 4741 31.44 22.28 -61.85
C LEU B 4741 32.48 23.40 -61.85
N GLY B 4742 33.23 23.54 -62.93
CA GLY B 4742 34.24 24.59 -63.02
C GLY B 4742 35.61 24.08 -62.60
N MET B 4743 36.20 24.72 -61.59
CA MET B 4743 37.51 24.36 -61.04
C MET B 4743 38.57 24.31 -62.15
N ASP B 4744 38.83 25.48 -62.74
CA ASP B 4744 39.85 25.58 -63.78
C ASP B 4744 41.22 25.29 -63.21
N LEU B 4745 41.77 24.12 -63.52
CA LEU B 4745 43.07 23.66 -63.02
C LEU B 4745 43.11 23.58 -61.50
N ALA B 4746 41.94 23.60 -60.84
CA ALA B 4746 41.89 23.57 -59.39
C ALA B 4746 42.11 22.18 -58.81
N SER B 4747 42.15 21.14 -59.66
CA SER B 4747 42.45 19.80 -59.17
C SER B 4747 43.83 19.75 -58.55
N LEU B 4748 44.81 20.42 -59.16
CA LEU B 4748 46.13 20.56 -58.58
C LEU B 4748 46.35 21.89 -57.88
N GLU B 4749 45.46 22.87 -58.10
CA GLU B 4749 45.55 24.17 -57.45
C GLU B 4749 44.76 24.25 -56.15
N ILE B 4750 44.12 23.15 -55.74
CA ILE B 4750 43.36 23.17 -54.49
C ILE B 4750 44.30 23.38 -53.31
N THR B 4751 45.42 22.66 -53.29
CA THR B 4751 46.42 22.82 -52.24
C THR B 4751 47.40 23.95 -52.51
N ALA B 4752 47.40 24.50 -53.73
CA ALA B 4752 48.34 25.58 -54.04
C ALA B 4752 48.07 26.83 -53.22
N HIS B 4753 46.81 27.17 -53.01
CA HIS B 4753 46.43 28.35 -52.25
C HIS B 4753 46.47 28.09 -50.74
N ASN B 4754 47.61 27.62 -50.26
CA ASN B 4754 47.80 27.32 -48.84
C ASN B 4754 49.07 27.89 -48.25
N GLU B 4755 50.07 28.26 -49.07
CA GLU B 4755 51.33 28.78 -48.54
C GLU B 4755 51.18 30.24 -48.13
N ARG B 4756 50.81 31.10 -49.08
CA ARG B 4756 50.66 32.53 -48.82
C ARG B 4756 49.70 33.09 -49.86
N LYS B 4757 49.48 34.40 -49.79
CA LYS B 4757 48.58 35.07 -50.73
C LYS B 4757 48.95 36.52 -50.90
N PRO B 4758 49.40 36.93 -52.08
CA PRO B 4758 49.69 38.35 -52.34
C PRO B 4758 48.40 39.12 -52.62
N ASP B 4759 48.53 40.44 -52.66
CA ASP B 4759 47.40 41.34 -52.87
C ASP B 4759 47.64 42.18 -54.12
N PRO B 4760 47.06 41.80 -55.26
CA PRO B 4760 47.24 42.60 -56.47
C PRO B 4760 46.48 43.91 -56.37
N PRO B 4761 46.96 44.97 -57.02
CA PRO B 4761 46.25 46.25 -56.99
C PRO B 4761 44.99 46.20 -57.85
N PRO B 4762 44.01 47.05 -57.57
CA PRO B 4762 42.78 47.04 -58.38
C PRO B 4762 43.05 47.61 -59.78
N GLY B 4763 42.42 46.98 -60.77
CA GLY B 4763 42.57 47.40 -62.15
C GLY B 4763 41.26 47.81 -62.78
N LEU B 4764 40.44 48.55 -62.04
CA LEU B 4764 39.13 48.95 -62.53
C LEU B 4764 39.28 49.91 -63.71
N LEU B 4765 38.28 49.85 -64.60
CA LEU B 4765 38.21 50.68 -65.80
C LEU B 4765 39.35 50.37 -66.77
N THR B 4766 40.15 49.35 -66.47
CA THR B 4766 41.23 48.92 -67.34
C THR B 4766 41.03 47.51 -67.86
N TRP B 4767 40.76 46.56 -66.97
CA TRP B 4767 40.50 45.17 -67.35
C TRP B 4767 39.07 44.76 -67.04
N LEU B 4768 38.11 45.69 -67.19
CA LEU B 4768 36.72 45.38 -66.89
C LEU B 4768 36.17 44.33 -67.84
N MET B 4769 36.66 44.27 -69.07
CA MET B 4769 36.19 43.26 -70.01
C MET B 4769 36.64 41.86 -69.60
N SER B 4770 37.63 41.75 -68.72
CA SER B 4770 38.10 40.46 -68.23
C SER B 4770 37.20 39.96 -67.10
N ILE B 4771 35.92 39.78 -67.44
CA ILE B 4771 34.91 39.30 -66.51
C ILE B 4771 34.15 38.16 -67.17
N ASP B 4772 33.38 37.45 -66.37
CA ASP B 4772 32.61 36.32 -66.87
C ASP B 4772 31.43 36.81 -67.68
N VAL B 4773 31.70 37.18 -68.94
CA VAL B 4773 30.63 37.66 -69.83
C VAL B 4773 29.58 36.57 -70.03
N LYS B 4774 30.00 35.30 -70.01
CA LYS B 4774 29.05 34.20 -70.10
C LYS B 4774 28.07 34.23 -68.94
N TYR B 4775 28.57 34.52 -67.72
CA TYR B 4775 27.68 34.65 -66.58
C TYR B 4775 26.77 35.87 -66.70
N GLN B 4776 27.24 36.93 -67.37
CA GLN B 4776 26.40 38.10 -67.57
C GLN B 4776 25.15 37.74 -68.37
N ILE B 4777 25.29 36.88 -69.38
CA ILE B 4777 24.14 36.41 -70.13
C ILE B 4777 23.20 35.64 -69.21
N TRP B 4778 23.75 34.87 -68.28
CA TRP B 4778 22.91 34.13 -67.34
C TRP B 4778 22.11 35.08 -66.47
N LYS B 4779 22.72 36.16 -66.02
CA LYS B 4779 22.00 37.14 -65.19
C LYS B 4779 20.86 37.77 -65.96
N PHE B 4780 21.10 38.13 -67.23
CA PHE B 4780 20.07 38.79 -68.02
C PHE B 4780 18.88 37.88 -68.26
N GLY B 4781 19.14 36.58 -68.47
CA GLY B 4781 18.05 35.65 -68.67
C GLY B 4781 17.10 35.59 -67.48
N VAL B 4782 17.66 35.68 -66.28
CA VAL B 4782 16.82 35.73 -65.09
C VAL B 4782 16.00 37.00 -65.07
N ILE B 4783 16.60 38.12 -65.49
CA ILE B 4783 15.90 39.40 -65.45
C ILE B 4783 14.68 39.39 -66.37
N PHE B 4784 14.87 38.89 -67.59
CA PHE B 4784 13.77 38.86 -68.56
C PHE B 4784 12.70 37.84 -68.19
N THR B 4785 12.95 36.97 -67.22
CA THR B 4785 11.94 36.04 -66.73
C THR B 4785 11.24 36.56 -65.48
N ASP B 4786 11.68 37.68 -64.92
CA ASP B 4786 11.04 38.23 -63.73
C ASP B 4786 9.64 38.72 -64.06
N ASN B 4787 8.69 38.41 -63.18
CA ASN B 4787 7.32 38.87 -63.37
C ASN B 4787 7.22 40.38 -63.18
N SER B 4788 7.83 40.92 -62.13
CA SER B 4788 7.68 42.34 -61.84
C SER B 4788 8.42 43.21 -62.85
N PHE B 4789 9.61 42.78 -63.27
CA PHE B 4789 10.42 43.62 -64.14
C PHE B 4789 9.73 43.87 -65.47
N LEU B 4790 9.13 42.85 -66.06
CA LEU B 4790 8.49 43.01 -67.36
C LEU B 4790 7.32 43.98 -67.27
N TYR B 4791 6.50 43.87 -66.23
CA TYR B 4791 5.31 44.72 -66.13
C TYR B 4791 5.70 46.20 -66.08
N LEU B 4792 6.71 46.54 -65.28
CA LEU B 4792 7.16 47.93 -65.24
C LEU B 4792 7.78 48.33 -66.56
N GLY B 4793 8.58 47.45 -67.17
CA GLY B 4793 9.12 47.73 -68.49
C GLY B 4793 8.03 47.81 -69.54
N TRP B 4794 7.05 46.91 -69.46
CA TRP B 4794 5.91 46.97 -70.37
C TRP B 4794 5.15 48.28 -70.24
N TYR B 4795 5.22 48.91 -69.06
CA TYR B 4795 4.64 50.23 -68.89
C TYR B 4795 5.41 51.28 -69.68
N MET B 4796 6.72 51.10 -69.82
CA MET B 4796 7.54 52.08 -70.51
C MET B 4796 7.18 52.21 -71.98
N VAL B 4797 6.93 51.08 -72.65
CA VAL B 4797 6.88 51.08 -74.11
C VAL B 4797 5.70 51.93 -74.61
N MET B 4798 4.56 51.86 -73.93
CA MET B 4798 3.44 52.72 -74.31
C MET B 4798 3.76 54.20 -74.09
N SER B 4799 4.45 54.53 -73.00
CA SER B 4799 4.81 55.92 -72.75
C SER B 4799 5.67 56.47 -73.88
N LEU B 4800 6.65 55.68 -74.32
CA LEU B 4800 7.41 56.06 -75.51
C LEU B 4800 6.51 56.08 -76.73
N LEU B 4801 5.69 55.06 -76.90
CA LEU B 4801 4.79 54.99 -78.04
C LEU B 4801 3.68 56.03 -77.96
N GLY B 4802 3.39 56.54 -76.77
CA GLY B 4802 2.33 57.51 -76.62
C GLY B 4802 2.63 58.85 -77.26
N HIS B 4803 3.89 59.11 -77.60
CA HIS B 4803 4.25 60.38 -78.21
C HIS B 4803 3.69 60.54 -79.61
N TYR B 4804 3.27 59.44 -80.25
CA TYR B 4804 2.52 59.57 -81.48
C TYR B 4804 1.18 60.23 -81.20
N ASN B 4805 0.62 60.86 -82.23
CA ASN B 4805 -0.63 61.61 -82.09
C ASN B 4805 -1.77 60.60 -81.91
N ASN B 4806 -1.88 60.08 -80.70
CA ASN B 4806 -2.83 59.03 -80.38
C ASN B 4806 -3.23 59.15 -78.92
N PHE B 4807 -4.12 58.25 -78.48
CA PHE B 4807 -4.64 58.26 -77.13
C PHE B 4807 -4.04 57.16 -76.26
N PHE B 4808 -2.84 56.69 -76.59
CA PHE B 4808 -2.27 55.55 -75.89
C PHE B 4808 -2.04 55.85 -74.42
N PHE B 4809 -2.03 57.13 -74.05
CA PHE B 4809 -1.82 57.51 -72.66
C PHE B 4809 -2.93 57.01 -71.73
N ALA B 4810 -4.08 56.64 -72.27
CA ALA B 4810 -5.15 56.12 -71.42
C ALA B 4810 -4.80 54.76 -70.85
N ALA B 4811 -4.03 53.95 -71.59
CA ALA B 4811 -3.68 52.62 -71.12
C ALA B 4811 -2.81 52.66 -69.87
N HIS B 4812 -2.11 53.77 -69.62
CA HIS B 4812 -1.32 53.88 -68.40
C HIS B 4812 -2.19 53.77 -67.15
N LEU B 4813 -3.46 54.17 -67.26
CA LEU B 4813 -4.34 54.15 -66.09
C LEU B 4813 -4.64 52.73 -65.63
N LEU B 4814 -4.91 51.83 -66.57
CA LEU B 4814 -5.46 50.53 -66.21
C LEU B 4814 -4.45 49.69 -65.43
N ASP B 4815 -3.23 49.56 -65.96
CA ASP B 4815 -2.28 48.61 -65.41
C ASP B 4815 -1.68 49.05 -64.08
N ILE B 4816 -1.94 50.27 -63.63
CA ILE B 4816 -1.44 50.74 -62.35
C ILE B 4816 -2.58 50.95 -61.35
N ALA B 4817 -3.75 51.38 -61.82
CA ALA B 4817 -4.90 51.51 -60.93
C ALA B 4817 -5.27 50.20 -60.27
N MET B 4818 -4.82 49.08 -60.84
CA MET B 4818 -4.99 47.76 -60.24
C MET B 4818 -4.14 47.59 -58.99
N GLY B 4819 -3.22 48.51 -58.69
CA GLY B 4819 -2.36 48.37 -57.53
C GLY B 4819 -3.10 48.33 -56.21
N VAL B 4820 -4.34 48.78 -56.18
CA VAL B 4820 -5.14 48.69 -54.96
C VAL B 4820 -5.40 47.23 -54.61
N LYS B 4821 -5.25 46.90 -53.34
CA LYS B 4821 -5.37 45.51 -52.92
C LYS B 4821 -6.78 44.97 -53.15
N THR B 4822 -7.79 45.70 -52.70
CA THR B 4822 -9.16 45.21 -52.84
C THR B 4822 -9.57 45.14 -54.31
N LEU B 4823 -8.98 45.98 -55.16
CA LEU B 4823 -9.28 45.89 -56.58
C LEU B 4823 -8.58 44.68 -57.21
N ARG B 4824 -7.41 44.31 -56.70
CA ARG B 4824 -6.68 43.17 -57.25
C ARG B 4824 -7.46 41.87 -57.09
N THR B 4825 -8.17 41.73 -55.96
CA THR B 4825 -8.97 40.53 -55.76
C THR B 4825 -10.05 40.40 -56.82
N ILE B 4826 -10.68 41.51 -57.19
CA ILE B 4826 -11.74 41.48 -58.18
C ILE B 4826 -11.20 41.01 -59.53
N LEU B 4827 -10.11 41.62 -59.98
CA LEU B 4827 -9.58 41.28 -61.31
C LEU B 4827 -8.97 39.88 -61.32
N SER B 4828 -8.35 39.47 -60.21
CA SER B 4828 -7.76 38.14 -60.16
C SER B 4828 -8.80 37.04 -60.06
N SER B 4829 -10.05 37.40 -59.77
CA SER B 4829 -11.09 36.39 -59.61
C SER B 4829 -11.30 35.60 -60.90
N VAL B 4830 -11.35 36.30 -62.04
CA VAL B 4830 -11.52 35.61 -63.32
C VAL B 4830 -10.30 34.76 -63.62
N THR B 4831 -9.11 35.20 -63.23
CA THR B 4831 -7.91 34.41 -63.46
C THR B 4831 -7.93 33.12 -62.63
N HIS B 4832 -8.47 33.20 -61.41
CA HIS B 4832 -8.39 32.06 -60.49
C HIS B 4832 -9.12 30.85 -61.04
N ASN B 4833 -10.31 31.06 -61.62
CA ASN B 4833 -11.11 29.97 -62.15
C ASN B 4833 -11.03 29.87 -63.66
N GLY B 4834 -9.94 30.32 -64.27
CA GLY B 4834 -9.83 30.32 -65.72
C GLY B 4834 -9.89 28.93 -66.33
N LYS B 4835 -9.40 27.92 -65.61
CA LYS B 4835 -9.38 26.56 -66.12
C LYS B 4835 -10.76 25.92 -66.15
N GLN B 4836 -11.75 26.54 -65.54
CA GLN B 4836 -13.07 25.96 -65.38
C GLN B 4836 -14.07 26.44 -66.44
N LEU B 4837 -14.19 27.76 -66.61
CA LEU B 4837 -15.16 28.30 -67.55
C LEU B 4837 -14.75 28.10 -69.00
N VAL B 4838 -13.46 27.91 -69.27
CA VAL B 4838 -12.99 27.76 -70.64
C VAL B 4838 -13.58 26.51 -71.28
N MET B 4839 -13.74 25.43 -70.49
CA MET B 4839 -14.40 24.24 -70.99
C MET B 4839 -15.92 24.36 -70.96
N THR B 4840 -16.46 25.30 -70.19
CA THR B 4840 -17.90 25.48 -70.07
C THR B 4840 -18.47 26.36 -71.16
N VAL B 4841 -17.81 27.49 -71.46
CA VAL B 4841 -18.27 28.37 -72.53
C VAL B 4841 -18.22 27.65 -73.87
N GLY B 4842 -17.33 26.67 -74.01
CA GLY B 4842 -17.31 25.87 -75.21
C GLY B 4842 -18.60 25.11 -75.42
N LEU B 4843 -19.20 24.60 -74.33
CA LEU B 4843 -20.48 23.92 -74.45
C LEU B 4843 -21.57 24.88 -74.91
N LEU B 4844 -21.44 26.17 -74.58
CA LEU B 4844 -22.40 27.15 -75.08
C LEU B 4844 -22.33 27.25 -76.59
N ALA B 4845 -21.12 27.22 -77.15
CA ALA B 4845 -20.96 27.41 -78.59
C ALA B 4845 -21.49 26.24 -79.39
N VAL B 4846 -21.59 25.06 -78.77
CA VAL B 4846 -22.07 23.90 -79.51
C VAL B 4846 -23.58 23.72 -79.38
N VAL B 4847 -24.17 24.11 -78.25
CA VAL B 4847 -25.61 23.99 -78.09
C VAL B 4847 -26.33 24.89 -79.09
N VAL B 4848 -25.86 26.13 -79.25
CA VAL B 4848 -26.46 27.02 -80.23
C VAL B 4848 -26.27 26.46 -81.63
N TYR B 4849 -25.15 25.79 -81.88
CA TYR B 4849 -24.92 25.20 -83.19
C TYR B 4849 -26.01 24.18 -83.54
N LEU B 4850 -26.42 23.37 -82.57
CA LEU B 4850 -27.53 22.46 -82.81
C LEU B 4850 -28.79 23.21 -83.18
N TYR B 4851 -29.13 24.24 -82.41
CA TYR B 4851 -30.27 25.08 -82.77
C TYR B 4851 -30.01 25.87 -84.04
N THR B 4852 -28.75 26.08 -84.41
CA THR B 4852 -28.48 26.81 -85.64
C THR B 4852 -28.85 25.99 -86.86
N VAL B 4853 -28.45 24.72 -86.90
CA VAL B 4853 -28.68 23.91 -88.09
C VAL B 4853 -30.15 23.54 -88.23
N VAL B 4854 -30.85 23.30 -87.12
CA VAL B 4854 -32.22 22.84 -87.20
C VAL B 4854 -33.12 23.91 -87.83
N ALA B 4855 -32.91 25.17 -87.47
CA ALA B 4855 -33.69 26.23 -88.08
C ALA B 4855 -33.28 26.46 -89.52
N PHE B 4856 -31.98 26.38 -89.81
CA PHE B 4856 -31.52 26.58 -91.19
C PHE B 4856 -32.06 25.52 -92.13
N ASN B 4857 -32.41 24.35 -91.59
CA ASN B 4857 -32.93 23.27 -92.40
C ASN B 4857 -34.44 23.33 -92.57
N PHE B 4858 -35.17 23.77 -91.53
CA PHE B 4858 -36.63 23.74 -91.53
C PHE B 4858 -37.24 25.13 -91.44
N PHE B 4859 -36.75 25.97 -90.53
CA PHE B 4859 -37.35 27.27 -90.25
C PHE B 4859 -36.73 28.40 -91.06
N ARG B 4860 -36.22 28.09 -92.25
CA ARG B 4860 -35.51 29.11 -93.04
C ARG B 4860 -36.44 30.22 -93.48
N LYS B 4861 -37.71 29.92 -93.77
CA LYS B 4861 -38.62 30.87 -94.37
C LYS B 4861 -39.32 31.76 -93.36
N PHE B 4862 -38.80 31.88 -92.13
CA PHE B 4862 -39.42 32.72 -91.12
C PHE B 4862 -38.57 33.88 -90.64
N TYR B 4863 -37.25 33.83 -90.80
CA TYR B 4863 -36.40 34.89 -90.25
C TYR B 4863 -36.73 36.22 -90.91
N ASN B 4864 -36.45 36.36 -92.20
CA ASN B 4864 -37.03 37.42 -93.02
C ASN B 4864 -36.96 38.80 -92.40
N LYS B 4865 -35.75 39.36 -92.26
CA LYS B 4865 -35.58 40.67 -91.61
C LYS B 4865 -36.38 41.75 -92.33
N SER B 4866 -36.72 41.51 -93.59
CA SER B 4866 -37.74 42.28 -94.31
C SER B 4866 -37.36 43.77 -94.43
N GLU B 4867 -36.27 44.01 -95.16
CA GLU B 4867 -36.01 45.37 -95.63
C GLU B 4867 -37.02 45.72 -96.72
N ASP B 4868 -37.10 47.01 -97.05
CA ASP B 4868 -38.26 47.53 -97.77
C ASP B 4868 -38.46 46.89 -99.15
N GLU B 4869 -39.57 46.15 -99.28
CA GLU B 4869 -40.12 45.58 -100.51
C GLU B 4869 -39.28 44.46 -101.10
N ASP B 4870 -38.11 44.16 -100.54
CA ASP B 4870 -37.30 43.06 -101.02
C ASP B 4870 -36.70 42.34 -99.82
N GLU B 4871 -36.38 41.07 -100.01
CA GLU B 4871 -35.76 40.25 -98.96
C GLU B 4871 -34.57 39.48 -99.51
N PRO B 4872 -33.46 40.16 -99.82
CA PRO B 4872 -32.23 39.44 -100.14
C PRO B 4872 -31.36 39.13 -98.93
N ASP B 4873 -31.70 39.65 -97.75
CA ASP B 4873 -30.88 39.51 -96.55
C ASP B 4873 -31.55 38.52 -95.62
N MET B 4874 -31.35 37.23 -95.89
CA MET B 4874 -31.89 36.16 -95.06
C MET B 4874 -30.76 35.57 -94.24
N LYS B 4875 -30.89 35.65 -92.92
CA LYS B 4875 -29.83 35.16 -92.06
C LYS B 4875 -29.64 33.65 -92.22
N CYS B 4876 -30.68 32.93 -92.59
CA CYS B 4876 -30.58 31.49 -92.82
C CYS B 4876 -30.35 31.17 -94.30
N ASP B 4877 -29.28 31.72 -94.86
CA ASP B 4877 -28.86 31.39 -96.22
C ASP B 4877 -27.51 30.68 -96.25
N ASP B 4878 -26.50 31.23 -95.59
CA ASP B 4878 -25.19 30.63 -95.52
C ASP B 4878 -25.04 29.86 -94.22
N MET B 4879 -24.23 28.80 -94.27
CA MET B 4879 -24.01 27.98 -93.08
C MET B 4879 -23.41 28.80 -91.95
N MET B 4880 -22.52 29.74 -92.27
CA MET B 4880 -21.88 30.54 -91.24
C MET B 4880 -22.66 31.80 -90.90
N THR B 4881 -23.41 32.34 -91.84
CA THR B 4881 -24.15 33.57 -91.58
C THR B 4881 -25.19 33.37 -90.48
N CYS B 4882 -25.92 32.26 -90.53
CA CYS B 4882 -26.92 32.00 -89.50
C CYS B 4882 -26.26 31.81 -88.14
N TYR B 4883 -25.10 31.15 -88.10
CA TYR B 4883 -24.39 30.97 -86.84
C TYR B 4883 -23.99 32.31 -86.25
N LEU B 4884 -23.48 33.22 -87.07
CA LEU B 4884 -23.09 34.53 -86.55
C LEU B 4884 -24.30 35.31 -86.06
N PHE B 4885 -25.46 35.10 -86.66
CA PHE B 4885 -26.64 35.87 -86.29
C PHE B 4885 -27.09 35.56 -84.87
N HIS B 4886 -27.06 34.29 -84.47
CA HIS B 4886 -27.65 33.91 -83.19
C HIS B 4886 -26.84 34.44 -82.02
N MET B 4887 -25.52 34.35 -82.09
CA MET B 4887 -24.70 34.84 -80.98
C MET B 4887 -24.36 36.32 -81.10
N TYR B 4888 -24.88 37.01 -82.10
CA TYR B 4888 -24.85 38.46 -82.10
C TYR B 4888 -26.15 39.07 -81.58
N VAL B 4889 -27.25 38.32 -81.61
CA VAL B 4889 -28.55 38.80 -81.15
C VAL B 4889 -29.14 37.89 -80.07
N GLY B 4890 -29.16 36.58 -80.33
CA GLY B 4890 -29.94 35.69 -79.47
C GLY B 4890 -29.47 35.68 -78.02
N VAL B 4891 -28.17 35.52 -77.80
CA VAL B 4891 -27.65 35.48 -76.44
C VAL B 4891 -27.59 36.85 -75.80
N ARG B 4892 -27.57 37.92 -76.59
CA ARG B 4892 -27.65 39.27 -76.07
C ARG B 4892 -29.08 39.81 -76.10
N ALA B 4893 -30.04 39.03 -76.60
CA ALA B 4893 -31.41 39.51 -76.66
C ALA B 4893 -32.00 39.74 -75.29
N GLY B 4894 -31.75 38.83 -74.35
CA GLY B 4894 -32.38 38.92 -73.05
C GLY B 4894 -33.87 38.71 -73.14
N GLY B 4895 -34.29 37.48 -73.40
CA GLY B 4895 -35.70 37.20 -73.62
C GLY B 4895 -35.92 36.15 -74.69
N GLY B 4896 -34.85 35.65 -75.28
CA GLY B 4896 -34.93 34.55 -76.21
C GLY B 4896 -34.88 35.02 -77.66
N ILE B 4897 -34.72 34.02 -78.54
CA ILE B 4897 -34.64 34.29 -79.97
C ILE B 4897 -35.94 34.82 -80.52
N GLY B 4898 -37.06 34.58 -79.84
CA GLY B 4898 -38.36 34.99 -80.33
C GLY B 4898 -38.67 36.45 -80.09
N ASP B 4899 -37.64 37.29 -80.13
CA ASP B 4899 -37.82 38.73 -79.97
C ASP B 4899 -37.42 39.52 -81.22
N GLU B 4900 -36.64 38.93 -82.12
CA GLU B 4900 -36.27 39.59 -83.37
C GLU B 4900 -36.65 38.74 -84.58
N ILE B 4901 -37.56 37.78 -84.40
CA ILE B 4901 -38.01 36.91 -85.47
C ILE B 4901 -39.43 37.33 -85.85
N GLU B 4902 -39.90 36.81 -86.98
CA GLU B 4902 -41.25 37.15 -87.43
C GLU B 4902 -42.30 36.44 -86.59
N ASP B 4903 -43.56 36.76 -86.89
CA ASP B 4903 -44.68 36.23 -86.11
C ASP B 4903 -44.86 34.75 -86.40
N PRO B 4904 -44.85 33.89 -85.39
CA PRO B 4904 -45.16 32.46 -85.60
C PRO B 4904 -46.64 32.13 -85.64
N ALA B 4905 -47.51 33.12 -85.81
CA ALA B 4905 -48.95 32.90 -85.81
C ALA B 4905 -49.45 32.23 -87.08
N GLY B 4906 -48.59 31.91 -88.05
CA GLY B 4906 -49.04 31.26 -89.25
C GLY B 4906 -49.59 29.87 -89.00
N ASP B 4907 -50.50 29.46 -89.87
CA ASP B 4907 -51.17 28.17 -89.70
C ASP B 4907 -50.18 27.02 -89.79
N GLU B 4908 -49.26 27.08 -90.74
CA GLU B 4908 -48.30 26.00 -90.90
C GLU B 4908 -47.26 26.02 -89.78
N TYR B 4909 -47.07 24.86 -89.15
CA TYR B 4909 -46.02 24.67 -88.15
C TYR B 4909 -46.18 25.62 -86.96
N GLU B 4910 -47.42 25.97 -86.63
CA GLU B 4910 -47.65 26.93 -85.55
C GLU B 4910 -47.17 26.38 -84.22
N LEU B 4911 -47.43 25.11 -83.95
CA LEU B 4911 -47.06 24.50 -82.67
C LEU B 4911 -45.60 24.07 -82.62
N TYR B 4912 -44.91 24.04 -83.76
CA TYR B 4912 -43.51 23.61 -83.74
C TYR B 4912 -42.59 24.72 -83.24
N ARG B 4913 -42.84 25.97 -83.65
CA ARG B 4913 -41.96 27.05 -83.25
C ARG B 4913 -41.96 27.25 -81.75
N VAL B 4914 -43.13 27.20 -81.12
CA VAL B 4914 -43.19 27.41 -79.67
C VAL B 4914 -42.41 26.31 -78.95
N VAL B 4915 -42.34 25.12 -79.54
CA VAL B 4915 -41.43 24.10 -79.01
C VAL B 4915 -39.99 24.54 -79.20
N PHE B 4916 -39.66 25.03 -80.39
CA PHE B 4916 -38.31 25.55 -80.63
C PHE B 4916 -38.02 26.77 -79.78
N ASP B 4917 -38.97 27.69 -79.69
CA ASP B 4917 -38.71 28.95 -79.00
C ASP B 4917 -38.55 28.74 -77.50
N ILE B 4918 -39.50 28.04 -76.87
CA ILE B 4918 -39.47 27.89 -75.42
C ILE B 4918 -38.26 27.08 -74.98
N THR B 4919 -37.96 25.98 -75.69
CA THR B 4919 -36.78 25.19 -75.34
C THR B 4919 -35.51 26.01 -75.44
N PHE B 4920 -35.47 26.97 -76.37
CA PHE B 4920 -34.34 27.89 -76.42
C PHE B 4920 -34.27 28.72 -75.15
N PHE B 4921 -35.41 29.16 -74.64
CA PHE B 4921 -35.42 30.05 -73.48
C PHE B 4921 -34.83 29.37 -72.26
N PHE B 4922 -35.17 28.11 -72.02
CA PHE B 4922 -34.64 27.41 -70.85
C PHE B 4922 -33.16 27.12 -70.98
N PHE B 4923 -32.73 26.66 -72.15
CA PHE B 4923 -31.44 25.99 -72.25
C PHE B 4923 -30.29 26.91 -72.62
N VAL B 4924 -30.50 28.22 -72.74
CA VAL B 4924 -29.35 29.11 -72.86
C VAL B 4924 -29.44 30.24 -71.85
N ILE B 4925 -30.55 30.97 -71.84
CA ILE B 4925 -30.65 32.19 -71.04
C ILE B 4925 -30.85 31.86 -69.58
N VAL B 4926 -31.81 30.99 -69.27
CA VAL B 4926 -32.15 30.72 -67.87
C VAL B 4926 -31.01 29.99 -67.17
N ILE B 4927 -30.38 29.04 -67.85
CA ILE B 4927 -29.44 28.14 -67.17
C ILE B 4927 -28.00 28.51 -67.45
N LEU B 4928 -27.59 28.46 -68.72
CA LEU B 4928 -26.17 28.53 -69.04
C LEU B 4928 -25.56 29.86 -68.62
N LEU B 4929 -26.24 30.97 -68.90
CA LEU B 4929 -25.71 32.27 -68.48
C LEU B 4929 -25.63 32.36 -66.95
N ALA B 4930 -26.61 31.80 -66.24
CA ALA B 4930 -26.57 31.81 -64.79
C ALA B 4930 -25.36 31.05 -64.27
N ILE B 4931 -25.04 29.91 -64.90
CA ILE B 4931 -23.88 29.13 -64.47
C ILE B 4931 -22.60 29.95 -64.64
N ILE B 4932 -22.45 30.58 -65.81
CA ILE B 4932 -21.25 31.38 -66.06
C ILE B 4932 -21.16 32.51 -65.04
N GLN B 4933 -22.27 33.18 -64.76
CA GLN B 4933 -22.30 34.18 -63.71
C GLN B 4933 -21.99 33.56 -62.35
N GLY B 4934 -22.42 32.32 -62.15
CA GLY B 4934 -22.24 31.69 -60.85
C GLY B 4934 -20.78 31.48 -60.48
N LEU B 4935 -19.98 30.97 -61.42
CA LEU B 4935 -18.58 30.67 -61.12
C LEU B 4935 -17.80 31.94 -60.79
N ILE B 4936 -18.03 33.02 -61.55
CA ILE B 4936 -17.28 34.24 -61.33
C ILE B 4936 -17.62 34.85 -59.97
N ILE B 4937 -18.91 34.87 -59.61
CA ILE B 4937 -19.29 35.39 -58.31
C ILE B 4937 -18.79 34.48 -57.19
N ASP B 4938 -18.82 33.16 -57.42
CA ASP B 4938 -18.32 32.24 -56.41
C ASP B 4938 -16.82 32.41 -56.18
N ALA B 4939 -16.11 33.07 -57.09
CA ALA B 4939 -14.69 33.33 -56.85
C ALA B 4939 -14.49 34.17 -55.60
N PHE B 4940 -15.33 35.18 -55.39
CA PHE B 4940 -15.30 35.90 -54.13
C PHE B 4940 -15.71 35.04 -52.96
N GLY B 4941 -16.47 33.97 -53.20
CA GLY B 4941 -16.81 33.05 -52.13
C GLY B 4941 -15.63 32.34 -51.53
N GLU B 4942 -14.46 32.41 -52.17
CA GLU B 4942 -13.23 31.84 -51.64
C GLU B 4942 -12.19 32.90 -51.35
N LEU B 4943 -12.04 33.90 -52.21
CA LEU B 4943 -11.01 34.92 -52.01
C LEU B 4943 -11.28 35.73 -50.74
N ARG B 4944 -12.53 36.08 -50.50
CA ARG B 4944 -12.87 36.82 -49.28
C ARG B 4944 -12.58 35.98 -48.04
N ASP B 4945 -12.87 34.68 -48.10
CA ASP B 4945 -12.63 33.82 -46.95
C ASP B 4945 -11.14 33.76 -46.60
N GLN B 4946 -10.28 33.70 -47.63
CA GLN B 4946 -8.85 33.69 -47.38
C GLN B 4946 -8.36 34.96 -46.70
N GLN B 4947 -9.07 36.07 -46.86
CA GLN B 4947 -8.72 37.29 -46.16
C GLN B 4947 -9.16 37.29 -44.70
N GLU B 4948 -9.99 36.32 -44.30
CA GLU B 4948 -10.41 36.19 -42.92
C GLU B 4948 -9.65 35.11 -42.16
N GLN B 4949 -9.23 34.05 -42.86
CA GLN B 4949 -8.46 33.01 -42.20
C GLN B 4949 -7.10 33.53 -41.73
N VAL B 4950 -6.55 34.52 -42.42
CA VAL B 4950 -5.29 35.13 -42.00
C VAL B 4950 -5.46 35.98 -40.74
N LYS B 4951 -6.68 36.18 -40.27
CA LYS B 4951 -6.92 36.89 -39.03
C LYS B 4951 -7.25 35.98 -37.86
N GLU B 4952 -7.90 34.83 -38.12
CA GLU B 4952 -8.25 33.92 -37.04
C GLU B 4952 -7.03 33.22 -36.47
N ASP B 4953 -6.02 32.94 -37.31
CA ASP B 4953 -4.80 32.31 -36.83
C ASP B 4953 -4.09 33.21 -35.83
N MET B 4954 -4.07 34.52 -36.09
CA MET B 4954 -3.41 35.46 -35.19
C MET B 4954 -4.09 35.49 -33.82
N GLU B 4955 -5.42 35.36 -33.80
CA GLU B 4955 -6.14 35.41 -32.54
C GLU B 4955 -5.96 34.15 -31.71
N THR B 4956 -5.67 33.02 -32.38
CA THR B 4956 -5.59 31.73 -31.70
C THR B 4956 -4.18 31.17 -31.63
N LYS B 4957 -3.51 31.03 -32.77
CA LYS B 4957 -2.22 30.36 -32.82
C LYS B 4957 -1.07 31.38 -32.86
N CYS B 4958 0.05 30.98 -32.28
CA CYS B 4958 1.25 31.80 -32.26
C CYS B 4958 2.20 31.50 -33.41
N PHE B 4959 1.92 30.46 -34.20
CA PHE B 4959 2.67 30.11 -35.41
C PHE B 4959 4.08 29.61 -35.07
N ILE B 4960 4.46 29.63 -33.80
CA ILE B 4960 5.77 29.18 -33.37
C ILE B 4960 5.71 27.79 -32.74
N CYS B 4961 4.90 27.64 -31.68
CA CYS B 4961 4.70 26.37 -31.04
C CYS B 4961 3.24 25.94 -31.21
N GLY B 4962 3.03 24.63 -31.25
CA GLY B 4962 1.71 24.08 -31.54
C GLY B 4962 0.72 24.24 -30.40
N ILE B 4963 0.46 25.49 -30.01
CA ILE B 4963 -0.48 25.80 -28.94
C ILE B 4963 -1.41 26.91 -29.40
N GLY B 4964 -2.68 26.81 -29.02
CA GLY B 4964 -3.63 27.87 -29.27
C GLY B 4964 -3.69 28.87 -28.14
N SER B 4965 -4.64 29.80 -28.25
CA SER B 4965 -4.82 30.81 -27.22
C SER B 4965 -5.65 30.32 -26.04
N ASP B 4966 -6.23 29.12 -26.13
CA ASP B 4966 -7.13 28.65 -25.09
C ASP B 4966 -6.44 28.55 -23.74
N TYR B 4967 -5.21 28.02 -23.72
CA TYR B 4967 -4.47 27.93 -22.47
C TYR B 4967 -3.99 29.30 -22.01
N PHE B 4968 -3.77 30.23 -22.93
CA PHE B 4968 -3.27 31.54 -22.58
C PHE B 4968 -4.37 32.49 -22.11
N ASP B 4969 -5.64 32.12 -22.27
CA ASP B 4969 -6.74 32.93 -21.76
C ASP B 4969 -7.17 32.52 -20.36
N THR B 4970 -6.53 31.50 -19.77
CA THR B 4970 -6.81 31.16 -18.38
C THR B 4970 -6.42 32.31 -17.46
N THR B 4971 -5.30 32.93 -17.73
CA THR B 4971 -4.79 34.12 -17.06
C THR B 4971 -5.08 35.36 -17.91
N PRO B 4972 -5.34 36.51 -17.29
CA PRO B 4972 -5.57 37.73 -18.07
C PRO B 4972 -4.34 38.12 -18.87
N HIS B 4973 -4.57 38.60 -20.09
CA HIS B 4973 -3.52 39.07 -20.99
C HIS B 4973 -2.49 37.98 -21.32
N GLY B 4974 -2.81 36.72 -21.05
CA GLY B 4974 -1.85 35.66 -21.23
C GLY B 4974 -1.43 35.45 -22.68
N PHE B 4975 -2.38 35.57 -23.61
CA PHE B 4975 -2.03 35.54 -25.02
C PHE B 4975 -1.36 36.84 -25.45
N GLU B 4976 -1.72 37.96 -24.81
CA GLU B 4976 -1.09 39.23 -25.13
C GLU B 4976 0.37 39.25 -24.73
N THR B 4977 0.68 38.84 -23.50
CA THR B 4977 2.07 38.79 -23.07
C THR B 4977 2.86 37.72 -23.83
N HIS B 4978 2.17 36.74 -24.41
CA HIS B 4978 2.85 35.70 -25.18
C HIS B 4978 3.54 36.25 -26.41
N THR B 4979 3.15 37.43 -26.88
CA THR B 4979 3.75 38.05 -28.05
C THR B 4979 4.89 39.00 -27.70
N LEU B 4980 5.23 39.15 -26.43
CA LEU B 4980 6.25 40.11 -26.05
C LEU B 4980 7.48 39.47 -25.44
N GLU B 4981 7.32 38.60 -24.44
CA GLU B 4981 8.44 37.95 -23.77
C GLU B 4981 8.66 36.52 -24.24
N GLU B 4982 7.61 35.84 -24.68
CA GLU B 4982 7.76 34.55 -25.33
C GLU B 4982 8.20 34.78 -26.77
N HIS B 4983 8.19 33.73 -27.57
CA HIS B 4983 8.57 33.84 -28.97
C HIS B 4983 7.68 34.84 -29.68
N ASN B 4984 8.27 35.96 -30.10
CA ASN B 4984 7.56 37.01 -30.80
C ASN B 4984 7.80 36.98 -32.30
N LEU B 4985 8.46 35.93 -32.80
CA LEU B 4985 8.80 35.75 -34.22
C LEU B 4985 9.48 36.98 -34.81
N ALA B 4986 10.04 37.84 -33.96
CA ALA B 4986 10.76 39.04 -34.38
C ALA B 4986 12.16 39.10 -33.81
N ASN B 4987 12.36 38.69 -32.56
CA ASN B 4987 13.68 38.67 -31.96
C ASN B 4987 14.58 37.61 -32.58
N TYR B 4988 14.00 36.62 -33.26
CA TYR B 4988 14.79 35.53 -33.82
C TYR B 4988 15.78 36.04 -34.85
N MET B 4989 15.35 36.96 -35.71
CA MET B 4989 16.27 37.53 -36.70
C MET B 4989 17.39 38.30 -36.01
N PHE B 4990 17.05 39.03 -34.95
CA PHE B 4990 18.09 39.65 -34.12
C PHE B 4990 19.01 38.59 -33.53
N PHE B 4991 18.44 37.48 -33.06
CA PHE B 4991 19.23 36.43 -32.42
C PHE B 4991 20.24 35.85 -33.40
N LEU B 4992 19.82 35.61 -34.64
CA LEU B 4992 20.76 35.12 -35.64
C LEU B 4992 21.81 36.17 -35.97
N MET B 4993 21.38 37.43 -36.10
CA MET B 4993 22.32 38.50 -36.42
C MET B 4993 23.43 38.63 -35.38
N TYR B 4994 23.12 38.35 -34.12
CA TYR B 4994 24.14 38.39 -33.08
C TYR B 4994 25.21 37.32 -33.30
N LEU B 4995 24.87 36.25 -34.00
CA LEU B 4995 25.81 35.14 -34.15
C LEU B 4995 26.94 35.49 -35.09
N ILE B 4996 26.67 36.27 -36.15
CA ILE B 4996 27.71 36.59 -37.12
C ILE B 4996 28.83 37.40 -36.47
N ASN B 4997 28.46 38.40 -35.67
CA ASN B 4997 29.44 39.29 -35.06
C ASN B 4997 30.06 38.69 -33.79
N LYS B 4998 29.91 37.38 -33.58
CA LYS B 4998 30.49 36.71 -32.43
C LYS B 4998 31.42 35.61 -32.92
N ASP B 4999 32.65 35.61 -32.41
CA ASP B 4999 33.64 34.64 -32.83
C ASP B 4999 33.26 33.24 -32.32
N GLU B 5000 33.87 32.23 -32.95
CA GLU B 5000 33.63 30.86 -32.53
C GLU B 5000 34.12 30.61 -31.11
N THR B 5001 35.14 31.36 -30.68
CA THR B 5001 35.68 31.16 -29.34
C THR B 5001 34.72 31.62 -28.26
N GLU B 5002 33.98 32.69 -28.53
CA GLU B 5002 33.17 33.35 -27.51
C GLU B 5002 31.78 32.73 -27.33
N HIS B 5003 31.41 31.76 -28.17
CA HIS B 5003 30.08 31.16 -28.06
C HIS B 5003 29.93 30.44 -26.72
N THR B 5004 28.75 30.55 -26.14
CA THR B 5004 28.45 29.89 -24.87
C THR B 5004 28.22 28.41 -25.10
N GLY B 5005 27.86 27.70 -24.02
CA GLY B 5005 27.61 26.28 -24.12
C GLY B 5005 26.39 25.91 -24.93
N GLN B 5006 25.53 26.89 -25.22
CA GLN B 5006 24.34 26.65 -26.03
C GLN B 5006 24.31 27.47 -27.31
N GLU B 5007 24.97 28.63 -27.34
CA GLU B 5007 25.03 29.40 -28.57
C GLU B 5007 25.77 28.63 -29.66
N SER B 5008 26.88 27.98 -29.31
CA SER B 5008 27.55 27.12 -30.26
C SER B 5008 26.74 25.88 -30.59
N TYR B 5009 25.85 25.46 -29.69
CA TYR B 5009 25.03 24.28 -29.96
C TYR B 5009 24.11 24.52 -31.16
N VAL B 5010 23.40 25.65 -31.17
CA VAL B 5010 22.51 25.93 -32.28
C VAL B 5010 23.28 26.23 -33.55
N TRP B 5011 24.46 26.85 -33.42
CA TRP B 5011 25.21 27.25 -34.61
C TRP B 5011 25.61 26.05 -35.45
N LYS B 5012 26.14 25.01 -34.82
CA LYS B 5012 26.45 23.78 -35.55
C LYS B 5012 25.18 23.14 -36.09
N MET B 5013 24.16 23.05 -35.25
CA MET B 5013 22.90 22.46 -35.66
C MET B 5013 22.25 23.25 -36.78
N TYR B 5014 22.40 24.58 -36.78
CA TYR B 5014 21.89 25.40 -37.87
C TYR B 5014 22.57 25.07 -39.19
N GLN B 5015 23.88 24.82 -39.16
CA GLN B 5015 24.60 24.59 -40.42
C GLN B 5015 24.12 23.34 -41.13
N GLU B 5016 23.82 22.28 -40.41
CA GLU B 5016 23.28 21.07 -41.03
C GLU B 5016 21.79 21.19 -41.33
N ARG B 5017 21.17 22.33 -41.03
CA ARG B 5017 19.87 22.73 -41.54
C ARG B 5017 18.71 21.92 -40.99
N CYS B 5018 18.89 21.25 -39.85
CA CYS B 5018 17.73 20.72 -39.16
C CYS B 5018 17.04 21.84 -38.38
N TRP B 5019 15.77 21.62 -38.06
CA TRP B 5019 14.96 22.64 -37.39
C TRP B 5019 14.15 22.03 -36.26
N ASP B 5020 14.78 21.17 -35.47
CA ASP B 5020 14.11 20.59 -34.31
C ASP B 5020 14.22 21.48 -33.08
N PHE B 5021 15.02 22.54 -33.12
CA PHE B 5021 15.23 23.36 -31.93
C PHE B 5021 14.04 24.26 -31.62
N PHE B 5022 13.13 24.45 -32.58
CA PHE B 5022 11.95 25.26 -32.34
C PHE B 5022 11.02 24.55 -31.36
N PRO B 5023 10.25 25.31 -30.56
CA PRO B 5023 9.45 24.70 -29.49
C PRO B 5023 8.47 23.65 -29.98
N ALA B 5024 7.53 24.06 -30.84
CA ALA B 5024 6.57 23.16 -31.46
C ALA B 5024 5.79 22.35 -30.42
N GLY B 5025 5.03 23.06 -29.60
CA GLY B 5025 4.10 22.39 -28.71
C GLY B 5025 4.22 22.73 -27.24
N ASP B 5026 5.27 23.43 -26.85
CA ASP B 5026 5.47 23.77 -25.45
C ASP B 5026 6.30 25.04 -25.35
N CYS B 5027 5.86 25.97 -24.51
CA CYS B 5027 6.57 27.24 -24.28
C CYS B 5027 6.72 27.46 -22.77
N PHE B 5028 7.75 26.85 -22.19
CA PHE B 5028 8.30 27.16 -20.87
C PHE B 5028 7.33 26.86 -19.73
N ARG B 5029 6.11 26.43 -19.99
CA ARG B 5029 5.12 26.34 -18.91
C ARG B 5029 4.40 25.00 -18.87
N LYS B 5030 4.28 24.32 -20.02
CA LYS B 5030 3.65 23.00 -20.01
C LYS B 5030 4.55 21.97 -19.33
N GLN B 5031 5.85 22.02 -19.60
CA GLN B 5031 6.79 21.19 -18.88
C GLN B 5031 6.94 21.65 -17.43
N TYR B 5032 6.61 22.91 -17.16
CA TYR B 5032 6.69 23.49 -15.82
C TYR B 5032 5.29 23.72 -15.24
N GLU B 5033 4.36 22.82 -15.52
CA GLU B 5033 3.00 22.99 -15.05
C GLU B 5033 2.84 22.55 -13.60
N ASP B 5034 3.09 21.27 -13.33
CA ASP B 5034 2.94 20.75 -11.98
C ASP B 5034 4.06 21.18 -11.04
N GLN B 5035 5.25 21.44 -11.57
CA GLN B 5035 6.38 21.83 -10.72
C GLN B 5035 6.12 23.19 -10.07
N LEU B 5036 5.78 24.19 -10.88
CA LEU B 5036 5.51 25.52 -10.36
C LEU B 5036 4.80 26.38 -11.41
N SER B 5037 3.67 26.96 -11.05
CA SER B 5037 2.91 27.81 -11.96
C SER B 5037 3.70 29.06 -12.33
N GLN C 12 29.95 20.20 14.75
CA GLN C 12 30.05 20.56 13.34
C GLN C 12 31.15 21.60 13.11
N PHE C 13 30.78 22.88 13.23
CA PHE C 13 31.71 23.98 13.00
C PHE C 13 31.38 25.12 13.95
N LEU C 14 32.35 26.00 14.14
CA LEU C 14 32.23 27.10 15.08
C LEU C 14 31.90 28.40 14.36
N ARG C 15 31.03 29.19 14.98
CA ARG C 15 30.61 30.48 14.45
C ARG C 15 30.75 31.52 15.55
N THR C 16 30.39 32.75 15.23
CA THR C 16 30.38 33.80 16.23
C THR C 16 29.18 33.64 17.14
N ASP C 17 29.22 34.34 18.29
CA ASP C 17 28.14 34.31 19.27
C ASP C 17 27.83 32.89 19.74
N ASP C 18 28.86 32.08 19.91
CA ASP C 18 28.71 30.71 20.39
C ASP C 18 29.17 30.61 21.84
N GLU C 19 28.64 29.61 22.53
CA GLU C 19 28.92 29.39 23.94
C GLU C 19 29.89 28.23 24.07
N VAL C 20 31.17 28.54 24.25
CA VAL C 20 32.23 27.54 24.23
C VAL C 20 33.15 27.75 25.42
N VAL C 21 33.92 26.70 25.73
CA VAL C 21 34.84 26.71 26.87
C VAL C 21 36.20 26.20 26.40
N LEU C 22 37.21 26.47 27.22
CA LEU C 22 38.55 25.95 27.01
C LEU C 22 38.66 24.55 27.61
N GLN C 23 39.71 23.84 27.23
CA GLN C 23 39.90 22.47 27.70
C GLN C 23 41.34 22.04 27.51
N CYS C 24 41.98 21.61 28.60
CA CYS C 24 43.32 21.03 28.58
C CYS C 24 43.34 19.82 29.51
N SER C 25 44.32 18.94 29.30
CA SER C 25 44.42 17.70 30.07
C SER C 25 45.88 17.27 30.12
N ALA C 26 46.50 17.41 31.30
CA ALA C 26 47.87 16.97 31.54
C ALA C 26 47.88 16.05 32.73
N THR C 27 48.58 14.92 32.61
CA THR C 27 48.63 13.92 33.67
C THR C 27 49.55 14.38 34.80
N VAL C 28 49.12 14.14 36.03
CA VAL C 28 49.89 14.45 37.24
C VAL C 28 50.08 13.21 38.10
N LEU C 29 49.03 12.42 38.30
CA LEU C 29 49.07 11.20 39.08
C LEU C 29 49.07 9.96 38.19
N LYS C 30 49.79 10.02 37.07
CA LYS C 30 49.78 8.98 36.04
C LYS C 30 48.38 8.76 35.49
N GLU C 31 47.57 9.81 35.51
CA GLU C 31 46.22 9.77 34.98
C GLU C 31 45.84 11.17 34.50
N GLN C 32 45.09 11.22 33.40
CA GLN C 32 44.68 12.49 32.84
C GLN C 32 43.71 13.22 33.75
N LEU C 33 43.85 14.54 33.80
CA LEU C 33 42.96 15.40 34.57
C LEU C 33 42.53 16.55 33.67
N LYS C 34 41.25 16.57 33.33
CA LYS C 34 40.71 17.62 32.47
C LYS C 34 40.53 18.89 33.29
N LEU C 35 41.20 19.95 32.88
CA LEU C 35 41.18 21.23 33.58
C LEU C 35 40.71 22.32 32.62
N CYS C 36 39.69 23.08 33.03
CA CYS C 36 39.21 24.20 32.25
C CYS C 36 39.71 25.50 32.85
N LEU C 37 39.65 26.56 32.06
CA LEU C 37 40.11 27.88 32.47
C LEU C 37 38.93 28.68 33.03
N ALA C 38 39.19 29.39 34.13
CA ALA C 38 38.15 30.19 34.77
C ALA C 38 38.79 31.34 35.50
N ALA C 39 37.99 32.36 35.79
CA ALA C 39 38.43 33.52 36.53
C ALA C 39 37.23 34.11 37.26
N GLU C 40 37.37 34.30 38.57
CA GLU C 40 36.25 34.81 39.36
C GLU C 40 35.89 36.23 38.96
N GLY C 41 36.89 37.04 38.60
CA GLY C 41 36.64 38.39 38.15
C GLY C 41 36.63 39.38 39.30
N PHE C 42 35.43 39.71 39.78
CA PHE C 42 35.26 40.65 40.88
C PHE C 42 36.05 40.20 42.10
N GLY C 43 37.08 40.95 42.47
CA GLY C 43 37.94 40.57 43.56
C GLY C 43 39.03 39.58 43.23
N ASN C 44 39.13 39.15 41.96
CA ASN C 44 40.21 38.26 41.55
C ASN C 44 40.40 38.44 40.05
N ARG C 45 41.44 39.19 39.67
CA ARG C 45 41.72 39.44 38.26
C ARG C 45 42.51 38.33 37.60
N LEU C 46 42.96 37.33 38.35
CA LEU C 46 43.74 36.26 37.76
C LEU C 46 42.84 35.06 37.43
N CYS C 47 43.47 33.98 36.97
CA CYS C 47 42.77 32.80 36.51
C CYS C 47 43.28 31.56 37.25
N PHE C 48 42.39 30.61 37.48
CA PHE C 48 42.72 29.34 38.12
C PHE C 48 42.17 28.19 37.26
N LEU C 49 42.25 26.98 37.81
CA LEU C 49 41.88 25.76 37.08
C LEU C 49 40.86 24.98 37.90
N GLU C 50 39.82 24.47 37.23
CA GLU C 50 38.77 23.69 37.88
C GLU C 50 38.81 22.27 37.35
N PRO C 51 39.07 21.27 38.19
CA PRO C 51 39.00 19.87 37.73
C PRO C 51 37.57 19.41 37.55
N THR C 52 37.35 18.67 36.47
CA THR C 52 36.04 18.16 36.10
C THR C 52 36.12 16.68 35.74
N SER C 53 37.00 15.95 36.43
CA SER C 53 37.17 14.52 36.18
C SER C 53 36.43 13.63 37.17
N ASN C 54 36.17 14.11 38.39
CA ASN C 54 35.44 13.34 39.40
C ASN C 54 34.02 13.84 39.55
N ALA C 55 33.39 14.24 38.43
CA ALA C 55 32.02 14.73 38.50
C ALA C 55 31.06 13.65 38.98
N GLN C 56 31.43 12.38 38.83
CA GLN C 56 30.63 11.28 39.36
C GLN C 56 30.56 11.29 40.89
N ASN C 57 31.58 11.84 41.56
CA ASN C 57 31.59 11.94 43.02
C ASN C 57 31.63 13.37 43.50
N VAL C 58 32.57 14.17 43.01
CA VAL C 58 32.73 15.57 43.41
C VAL C 58 32.24 16.45 42.27
N PRO C 59 31.10 17.13 42.41
CA PRO C 59 30.59 17.95 41.32
C PRO C 59 31.37 19.24 41.17
N PRO C 60 31.97 19.47 40.01
CA PRO C 60 32.66 20.73 39.77
C PRO C 60 31.69 21.87 39.48
N ASP C 61 32.18 23.09 39.65
CA ASP C 61 31.38 24.30 39.40
C ASP C 61 31.80 24.88 38.05
N LEU C 62 30.96 24.71 37.06
CA LEU C 62 31.23 25.16 35.69
C LEU C 62 30.64 26.53 35.40
N ALA C 63 30.02 27.18 36.38
CA ALA C 63 29.41 28.47 36.13
C ALA C 63 30.44 29.57 35.88
N ILE C 64 31.69 29.35 36.30
CA ILE C 64 32.76 30.33 36.15
C ILE C 64 33.68 29.99 34.99
N CYS C 65 33.71 28.73 34.57
CA CYS C 65 34.67 28.27 33.57
C CYS C 65 34.28 28.63 32.14
N CYS C 66 33.03 29.01 31.91
CA CYS C 66 32.54 29.18 30.54
C CYS C 66 32.88 30.56 30.00
N PHE C 67 33.22 30.62 28.72
CA PHE C 67 33.43 31.85 27.97
C PHE C 67 32.40 31.98 26.85
N THR C 68 32.44 33.10 26.16
CA THR C 68 31.54 33.36 25.04
C THR C 68 32.27 34.18 23.99
N LEU C 69 32.19 33.74 22.73
CA LEU C 69 32.77 34.51 21.64
C LEU C 69 31.91 35.71 21.32
N GLU C 70 32.55 36.84 21.05
CA GLU C 70 31.84 38.08 20.76
C GLU C 70 32.16 38.63 19.38
N GLN C 71 33.44 38.73 19.02
CA GLN C 71 33.84 39.33 17.76
C GLN C 71 34.90 38.46 17.10
N SER C 72 34.79 38.32 15.78
CA SER C 72 35.77 37.59 14.97
C SER C 72 36.13 38.46 13.78
N LEU C 73 37.43 38.69 13.59
CA LEU C 73 37.89 39.54 12.51
C LEU C 73 39.19 38.98 11.94
N SER C 74 39.49 39.38 10.71
CA SER C 74 40.75 39.00 10.09
C SER C 74 41.90 39.81 10.68
N VAL C 75 43.12 39.48 10.26
CA VAL C 75 44.30 40.12 10.81
C VAL C 75 44.37 41.60 10.41
N ARG C 76 44.07 41.91 9.15
CA ARG C 76 44.16 43.29 8.69
C ARG C 76 43.00 44.13 9.22
N ALA C 77 41.81 43.54 9.28
CA ALA C 77 40.62 44.28 9.73
C ALA C 77 40.74 44.77 11.15
N LEU C 78 41.28 43.96 12.05
CA LEU C 78 41.41 44.36 13.45
C LEU C 78 42.32 45.58 13.58
N GLN C 79 43.43 45.59 12.83
CA GLN C 79 44.31 46.75 12.84
C GLN C 79 43.60 48.00 12.36
N GLU C 80 42.80 47.87 11.30
CA GLU C 80 41.97 48.99 10.85
C GLU C 80 40.93 49.36 11.89
N MET C 81 40.38 48.36 12.60
CA MET C 81 39.37 48.64 13.62
C MET C 81 39.93 49.49 14.74
N LEU C 82 41.16 49.22 15.17
CA LEU C 82 41.79 50.00 16.23
C LEU C 82 42.30 51.36 15.75
N ALA C 83 42.26 51.62 14.45
CA ALA C 83 42.64 52.91 13.90
C ALA C 83 41.52 53.94 14.03
N ASN C 84 40.51 53.67 14.84
CA ASN C 84 39.40 54.60 15.02
C ASN C 84 38.95 54.65 16.47
N GLY C 97 26.27 39.16 12.35
CA GLY C 97 25.49 37.94 12.22
C GLY C 97 26.20 36.72 12.76
N HIS C 98 26.63 35.84 11.86
CA HIS C 98 27.34 34.62 12.23
C HIS C 98 28.43 34.36 11.19
N ARG C 99 29.63 34.85 11.46
CA ARG C 99 30.79 34.54 10.63
C ARG C 99 31.24 33.11 10.92
N THR C 100 32.19 32.64 10.13
CA THR C 100 32.72 31.28 10.27
C THR C 100 34.17 31.34 10.73
N LEU C 101 34.47 30.61 11.80
CA LEU C 101 35.81 30.59 12.35
C LEU C 101 36.80 30.00 11.35
N LEU C 102 37.91 30.70 11.14
CA LEU C 102 38.95 30.25 10.24
C LEU C 102 40.30 30.36 10.94
N TYR C 103 41.19 29.43 10.63
CA TYR C 103 42.52 29.43 11.21
C TYR C 103 43.34 30.56 10.59
N GLY C 104 43.66 31.56 11.39
CA GLY C 104 44.34 32.76 10.91
C GLY C 104 43.63 34.06 11.24
N HIS C 105 42.59 34.03 12.07
CA HIS C 105 41.85 35.25 12.39
C HIS C 105 42.16 35.72 13.81
N ALA C 106 41.63 36.89 14.16
CA ALA C 106 41.68 37.41 15.51
C ALA C 106 40.43 37.02 16.26
N ILE C 107 40.56 36.82 17.58
CA ILE C 107 39.48 36.29 18.40
C ILE C 107 39.37 37.18 19.63
N LEU C 108 38.13 37.42 20.07
CA LEU C 108 37.85 38.20 21.27
C LEU C 108 36.92 37.39 22.17
N LEU C 109 37.45 36.88 23.28
CA LEU C 109 36.64 36.14 24.23
C LEU C 109 35.89 37.10 25.15
N ARG C 110 34.92 36.54 25.87
CA ARG C 110 34.20 37.29 26.90
C ARG C 110 33.75 36.32 27.97
N HIS C 111 34.06 36.62 29.22
CA HIS C 111 33.61 35.80 30.33
C HIS C 111 32.08 35.84 30.39
N ALA C 112 31.47 34.67 30.49
CA ALA C 112 30.02 34.61 30.34
C ALA C 112 29.26 35.17 31.55
N HIS C 113 29.87 35.15 32.73
CA HIS C 113 29.15 35.56 33.94
C HIS C 113 29.34 37.06 34.22
N SER C 114 30.59 37.49 34.34
CA SER C 114 30.90 38.87 34.67
C SER C 114 30.73 39.79 33.48
N ARG C 115 30.47 39.25 32.29
CA ARG C 115 30.32 40.04 31.07
C ARG C 115 31.60 40.84 30.78
N MET C 116 32.73 40.24 31.14
CA MET C 116 34.04 40.82 30.89
C MET C 116 34.79 40.08 29.79
N TYR C 117 35.57 40.87 29.04
CA TYR C 117 36.31 40.41 27.87
C TYR C 117 37.72 40.02 28.27
N LEU C 118 38.19 38.87 27.81
CA LEU C 118 39.51 38.39 28.17
C LEU C 118 40.60 39.29 27.58
N SER C 119 41.61 39.60 28.39
CA SER C 119 42.74 40.40 27.95
C SER C 119 44.00 39.79 28.56
N CYS C 120 45.14 40.44 28.35
CA CYS C 120 46.41 39.99 28.91
C CYS C 120 47.02 41.13 29.72
N LEU C 121 47.57 40.79 30.88
CA LEU C 121 48.10 41.80 31.80
C LEU C 121 49.57 42.07 31.51
N THR C 122 50.17 42.92 32.34
CA THR C 122 51.57 43.30 32.22
C THR C 122 52.32 43.14 33.54
N THR C 123 51.94 42.14 34.34
CA THR C 123 52.58 41.90 35.62
C THR C 123 53.34 40.58 35.58
N SER C 124 53.94 40.20 36.71
CA SER C 124 54.72 38.98 36.81
C SER C 124 54.19 38.13 37.96
N ARG C 125 53.96 36.85 37.69
CA ARG C 125 53.49 35.90 38.69
C ARG C 125 54.51 34.79 38.84
N SER C 126 54.47 34.13 40.01
CA SER C 126 55.29 32.99 40.39
C SER C 126 56.77 33.31 40.50
N MET C 127 57.18 34.57 40.27
CA MET C 127 58.58 34.98 40.38
C MET C 127 59.47 34.11 39.51
N THR C 128 59.01 33.81 38.30
CA THR C 128 59.71 32.90 37.41
C THR C 128 60.97 33.49 36.80
N ASP C 129 61.24 34.78 37.03
CA ASP C 129 62.35 35.48 36.39
C ASP C 129 62.24 35.36 34.87
N LYS C 130 61.05 35.64 34.36
CA LYS C 130 60.71 35.37 32.98
C LYS C 130 59.72 36.42 32.51
N LEU C 131 59.04 36.15 31.39
CA LEU C 131 58.06 37.07 30.83
C LEU C 131 56.68 36.44 30.87
N ALA C 132 56.34 35.81 32.00
CA ALA C 132 55.12 35.02 32.10
C ALA C 132 53.89 35.85 31.73
N PHE C 133 53.75 37.04 32.31
CA PHE C 133 52.65 37.95 32.01
C PHE C 133 51.30 37.28 32.24
N ASP C 134 51.03 37.02 33.52
CA ASP C 134 49.81 36.32 33.91
C ASP C 134 48.58 36.98 33.31
N VAL C 135 47.68 36.14 32.81
CA VAL C 135 46.52 36.59 32.05
C VAL C 135 45.48 37.18 32.99
N GLY C 136 44.85 38.27 32.57
CA GLY C 136 43.83 38.91 33.37
C GLY C 136 42.90 39.82 32.59
N LEU C 137 41.61 39.79 32.95
CA LEU C 137 40.60 40.57 32.26
C LEU C 137 39.97 41.60 33.20
N GLN C 138 40.20 42.88 32.92
CA GLN C 138 39.78 43.89 33.88
C GLN C 138 38.75 44.89 33.38
N GLU C 139 39.10 45.70 32.38
CA GLU C 139 38.13 46.66 31.86
C GLU C 139 38.27 46.87 30.35
N ASP C 140 39.13 46.15 29.66
CA ASP C 140 39.60 46.55 28.34
C ASP C 140 38.51 46.47 27.27
N ALA C 141 37.77 47.55 27.09
CA ALA C 141 36.88 47.67 25.94
C ALA C 141 37.65 47.97 24.67
N THR C 142 38.71 48.78 24.76
CA THR C 142 39.58 49.06 23.62
C THR C 142 40.48 47.84 23.40
N GLY C 143 40.42 47.32 22.18
CA GLY C 143 41.09 46.07 21.87
C GLY C 143 42.54 46.17 21.42
N GLU C 144 43.45 46.49 22.35
CA GLU C 144 44.86 46.44 22.01
C GLU C 144 45.52 45.19 22.55
N ALA C 145 45.29 44.87 23.83
CA ALA C 145 45.87 43.69 24.45
C ALA C 145 44.84 42.63 24.77
N CYS C 146 43.61 42.75 24.25
CA CYS C 146 42.57 41.77 24.51
C CYS C 146 42.27 40.92 23.27
N TRP C 147 43.18 40.88 22.31
CA TRP C 147 43.00 40.11 21.09
C TRP C 147 44.08 39.04 20.98
N TRP C 148 43.74 37.97 20.27
CA TRP C 148 44.63 36.83 20.10
C TRP C 148 44.54 36.37 18.66
N THR C 149 45.68 36.06 18.05
CA THR C 149 45.67 35.46 16.73
C THR C 149 45.29 33.98 16.85
N MET C 150 45.18 33.32 15.69
CA MET C 150 44.80 31.91 15.67
C MET C 150 45.69 31.19 14.66
N HIS C 151 46.27 30.08 15.08
CA HIS C 151 47.11 29.26 14.22
C HIS C 151 46.79 27.79 14.42
N PRO C 152 46.91 26.99 13.37
CA PRO C 152 46.71 25.54 13.51
C PRO C 152 47.84 24.90 14.28
N ALA C 153 47.53 23.78 14.92
CA ALA C 153 48.51 23.09 15.76
C ALA C 153 49.44 22.22 14.91
N SER C 154 48.87 21.23 14.23
CA SER C 154 49.64 20.30 13.41
C SER C 154 49.39 20.59 11.93
N LYS C 155 49.92 19.72 11.07
CA LYS C 155 49.74 19.86 9.63
C LYS C 155 48.43 19.28 9.12
N GLN C 156 47.63 18.68 10.00
CA GLN C 156 46.32 18.17 9.58
C GLN C 156 45.43 19.30 9.09
N ARG C 157 45.45 20.43 9.77
CA ARG C 157 44.75 21.63 9.34
C ARG C 157 45.73 22.63 8.73
N SER C 158 45.19 23.68 8.12
CA SER C 158 46.01 24.70 7.48
C SER C 158 45.25 26.03 7.55
N GLU C 159 45.86 27.07 6.98
CA GLU C 159 45.30 28.41 7.07
C GLU C 159 44.00 28.51 6.26
N GLY C 160 43.07 29.30 6.78
CA GLY C 160 41.83 29.56 6.10
C GLY C 160 40.79 28.47 6.17
N GLU C 161 41.07 27.37 6.88
CA GLU C 161 40.16 26.25 6.94
C GLU C 161 39.11 26.46 8.03
N LYS C 162 38.01 25.74 7.91
CA LYS C 162 36.94 25.83 8.91
C LYS C 162 37.36 25.12 10.19
N VAL C 163 36.98 25.69 11.32
CA VAL C 163 37.31 25.11 12.62
C VAL C 163 36.22 24.12 13.01
N ARG C 164 36.61 22.88 13.28
CA ARG C 164 35.67 21.84 13.68
C ARG C 164 35.62 21.71 15.20
N VAL C 165 34.60 21.00 15.67
CA VAL C 165 34.43 20.79 17.11
C VAL C 165 35.54 19.88 17.61
N GLY C 166 36.21 20.31 18.67
CA GLY C 166 37.23 19.49 19.29
C GLY C 166 38.55 19.41 18.55
N ASP C 167 38.92 20.47 17.83
CA ASP C 167 40.20 20.52 17.16
C ASP C 167 41.29 20.87 18.17
N ASP C 168 42.55 20.79 17.75
CA ASP C 168 43.69 21.13 18.60
C ASP C 168 44.09 22.56 18.31
N LEU C 169 43.85 23.45 19.28
CA LEU C 169 43.97 24.88 19.07
C LEU C 169 45.25 25.43 19.68
N ILE C 170 45.82 26.41 18.99
CA ILE C 170 46.99 27.14 19.46
C ILE C 170 46.66 28.64 19.39
N LEU C 171 46.84 29.33 20.51
CA LEU C 171 46.50 30.74 20.63
C LEU C 171 47.76 31.55 20.86
N VAL C 172 47.96 32.59 20.06
CA VAL C 172 49.14 33.43 20.13
C VAL C 172 48.68 34.87 20.35
N SER C 173 49.34 35.57 21.26
CA SER C 173 48.94 36.92 21.63
C SER C 173 49.20 37.90 20.48
N VAL C 174 48.53 39.05 20.56
CA VAL C 174 48.67 40.11 19.57
C VAL C 174 49.64 41.18 20.03
N SER C 175 49.37 41.80 21.18
CA SER C 175 50.23 42.87 21.67
C SER C 175 51.54 42.32 22.23
N SER C 176 51.48 41.19 22.93
CA SER C 176 52.67 40.60 23.54
C SER C 176 53.30 39.51 22.69
N GLU C 177 52.53 38.84 21.84
CA GLU C 177 53.06 37.87 20.88
C GLU C 177 53.71 36.69 21.59
N ARG C 178 52.96 36.07 22.49
CA ARG C 178 53.36 34.84 23.16
C ARG C 178 52.22 33.83 23.06
N TYR C 179 52.52 32.59 23.47
CA TYR C 179 51.56 31.51 23.38
C TYR C 179 50.61 31.54 24.57
N LEU C 180 49.85 30.47 24.79
CA LEU C 180 49.01 30.32 25.99
C LEU C 180 49.48 29.05 26.67
N HIS C 181 50.45 29.19 27.57
CA HIS C 181 51.15 28.04 28.15
C HIS C 181 50.51 27.64 29.46
N LEU C 182 50.17 26.35 29.58
CA LEU C 182 49.81 25.78 30.87
C LEU C 182 51.10 25.49 31.62
N SER C 183 51.59 26.50 32.33
CA SER C 183 52.92 26.44 32.97
C SER C 183 52.74 26.09 34.44
N THR C 184 52.85 24.79 34.74
CA THR C 184 52.91 24.36 36.13
C THR C 184 54.33 24.49 36.65
N ALA C 185 54.47 24.45 37.97
CA ALA C 185 55.77 24.61 38.60
C ALA C 185 55.79 23.76 39.86
N SER C 186 56.77 24.00 40.73
CA SER C 186 56.86 23.27 41.99
C SER C 186 55.60 23.44 42.83
N GLY C 187 54.89 24.56 42.69
CA GLY C 187 53.62 24.73 43.35
C GLY C 187 52.49 24.04 42.60
N GLU C 188 51.34 24.70 42.52
CA GLU C 188 50.19 24.13 41.83
C GLU C 188 50.35 24.35 40.32
N LEU C 189 49.29 24.07 39.57
CA LEU C 189 49.28 24.26 38.12
C LEU C 189 48.81 25.68 37.83
N GLN C 190 49.63 26.45 37.13
CA GLN C 190 49.34 27.84 36.83
C GLN C 190 49.14 28.03 35.34
N VAL C 191 48.37 29.05 34.98
CA VAL C 191 48.04 29.38 33.60
C VAL C 191 48.60 30.76 33.29
N ASP C 192 49.38 30.86 32.22
CA ASP C 192 49.98 32.11 31.80
C ASP C 192 50.40 31.98 30.35
N ALA C 193 51.17 32.97 29.86
CA ALA C 193 51.54 33.05 28.43
C ALA C 193 53.04 33.31 28.34
N SER C 194 53.85 32.25 28.41
CA SER C 194 55.28 32.49 28.49
C SER C 194 56.15 31.79 27.46
N PHE C 195 56.18 30.45 27.47
CA PHE C 195 57.25 29.68 26.84
C PHE C 195 56.79 28.79 25.69
N MET C 196 55.83 27.90 25.92
CA MET C 196 55.39 26.97 24.88
C MET C 196 53.89 27.08 24.66
N GLN C 197 53.42 26.31 23.69
CA GLN C 197 52.02 26.28 23.31
C GLN C 197 51.24 25.36 24.25
N THR C 198 49.94 25.24 23.98
CA THR C 198 49.07 24.31 24.69
C THR C 198 47.96 23.85 23.77
N LEU C 199 47.71 22.54 23.73
CA LEU C 199 46.61 21.97 22.97
C LEU C 199 45.29 22.29 23.67
N TRP C 200 44.57 23.27 23.14
CA TRP C 200 43.28 23.64 23.68
C TRP C 200 42.16 23.15 22.77
N ASN C 201 41.00 22.90 23.37
CA ASN C 201 39.83 22.41 22.63
C ASN C 201 38.61 23.23 23.00
N MET C 202 37.91 23.73 21.98
CA MET C 202 36.60 24.30 22.21
C MET C 202 35.58 23.21 22.47
N ASN C 203 34.53 23.58 23.18
CA ASN C 203 33.45 22.64 23.46
C ASN C 203 32.11 23.34 23.28
N PRO C 204 31.29 22.91 22.33
CA PRO C 204 29.98 23.52 22.17
C PRO C 204 29.05 23.19 23.33
N ILE C 205 29.33 23.79 24.49
CA ILE C 205 28.52 23.56 25.68
C ILE C 205 27.10 24.06 25.50
N CYS C 206 26.87 24.99 24.58
CA CYS C 206 25.52 25.48 24.30
C CYS C 206 25.52 26.05 22.89
N SER C 207 24.34 26.49 22.46
CA SER C 207 24.17 27.03 21.12
C SER C 207 22.95 27.95 21.13
N CYS C 208 22.44 28.28 19.96
CA CYS C 208 21.29 29.16 19.83
C CYS C 208 20.03 28.45 20.30
N CYS C 209 19.63 28.71 21.55
CA CYS C 209 18.47 28.07 22.11
C CYS C 209 17.19 28.62 21.50
N GLU C 210 16.09 27.90 21.72
CA GLU C 210 14.78 28.39 21.35
C GLU C 210 14.24 29.29 22.46
N GLU C 211 13.05 29.84 22.25
CA GLU C 211 12.45 30.78 23.20
C GLU C 211 11.39 30.06 24.01
N GLY C 212 11.38 30.31 25.31
CA GLY C 212 10.45 29.64 26.19
C GLY C 212 10.70 28.15 26.34
N TYR C 213 11.96 27.73 26.38
CA TYR C 213 12.31 26.32 26.58
C TYR C 213 13.42 26.22 27.60
N VAL C 214 13.38 25.15 28.40
CA VAL C 214 14.34 24.96 29.47
C VAL C 214 15.65 24.46 28.88
N THR C 215 16.74 25.16 29.18
CA THR C 215 18.08 24.78 28.77
C THR C 215 18.98 24.70 29.99
N GLY C 216 20.17 24.13 29.80
CA GLY C 216 21.08 23.94 30.90
C GLY C 216 21.71 25.25 31.37
N GLY C 217 22.24 25.19 32.59
CA GLY C 217 22.91 26.33 33.19
C GLY C 217 22.00 27.41 33.72
N HIS C 218 20.69 27.27 33.59
CA HIS C 218 19.77 28.29 34.05
C HIS C 218 19.69 28.29 35.57
N VAL C 219 19.27 29.43 36.11
CA VAL C 219 18.96 29.58 37.53
C VAL C 219 17.48 29.99 37.62
N LEU C 220 16.64 29.04 38.00
CA LEU C 220 15.19 29.20 37.91
C LEU C 220 14.52 28.72 39.19
N ARG C 221 13.29 29.20 39.40
CA ARG C 221 12.50 28.84 40.56
C ARG C 221 11.60 27.65 40.24
N LEU C 222 10.95 27.14 41.29
CA LEU C 222 10.02 26.00 41.19
C LEU C 222 8.71 26.44 41.83
N PHE C 223 7.86 27.09 41.05
CA PHE C 223 6.58 27.55 41.56
C PHE C 223 5.67 26.35 41.84
N HIS C 224 4.93 26.42 42.94
CA HIS C 224 4.09 25.33 43.38
C HIS C 224 2.64 25.79 43.46
N GLY C 225 1.72 24.84 43.37
CA GLY C 225 0.30 25.15 43.49
C GLY C 225 -0.22 25.96 42.32
N HIS C 226 -1.28 26.73 42.57
CA HIS C 226 -1.97 27.47 41.52
C HIS C 226 -1.89 28.97 41.70
N MET C 227 -2.01 29.47 42.94
CA MET C 227 -2.09 30.91 43.18
C MET C 227 -0.75 31.52 43.55
N ASP C 228 -0.17 31.09 44.68
CA ASP C 228 1.11 31.67 45.12
C ASP C 228 1.79 30.64 46.02
N GLU C 229 2.77 29.94 45.46
CA GLU C 229 3.58 28.99 46.22
C GLU C 229 4.78 28.59 45.37
N CYS C 230 5.95 28.47 46.00
CA CYS C 230 7.15 28.09 45.28
C CYS C 230 8.14 27.45 46.24
N LEU C 231 9.13 26.76 45.67
CA LEU C 231 10.13 26.07 46.46
C LEU C 231 11.08 27.07 47.13
N THR C 232 11.45 26.76 48.37
CA THR C 232 12.35 27.62 49.12
C THR C 232 13.00 26.80 50.23
N ILE C 233 14.10 27.34 50.77
CA ILE C 233 14.77 26.76 51.93
C ILE C 233 14.85 27.81 53.02
N SER C 234 15.27 27.41 54.21
CA SER C 234 15.35 28.33 55.34
C SER C 234 16.50 29.31 55.14
N ALA C 235 16.31 30.51 55.68
CA ALA C 235 17.31 31.56 55.57
C ALA C 235 18.45 31.33 56.56
N ALA C 236 19.44 32.21 56.51
CA ALA C 236 20.61 32.09 57.36
C ALA C 236 20.30 32.55 58.77
N ASP C 237 21.35 32.66 59.58
CA ASP C 237 21.24 33.05 60.99
C ASP C 237 20.34 32.08 61.76
N SER C 238 20.41 30.80 61.40
CA SER C 238 19.66 29.75 62.06
C SER C 238 20.57 28.55 62.30
N ASP C 239 20.35 27.87 63.42
CA ASP C 239 21.15 26.70 63.77
C ASP C 239 20.79 25.48 62.94
N ASP C 240 19.71 25.53 62.15
CA ASP C 240 19.26 24.41 61.36
C ASP C 240 20.18 24.08 60.19
N GLN C 241 21.28 24.81 60.03
CA GLN C 241 22.24 24.62 58.95
C GLN C 241 21.60 24.81 57.57
N ARG C 242 20.40 25.40 57.54
CA ARG C 242 19.65 25.64 56.31
C ARG C 242 19.49 24.35 55.50
N ARG C 243 18.86 23.37 56.14
CA ARG C 243 18.68 22.05 55.54
C ARG C 243 17.23 21.73 55.21
N LEU C 244 16.27 22.30 55.94
CA LEU C 244 14.86 21.94 55.80
C LEU C 244 14.26 22.67 54.61
N VAL C 245 13.51 21.95 53.79
CA VAL C 245 12.86 22.50 52.60
C VAL C 245 11.44 22.90 52.97
N TYR C 246 11.00 24.05 52.49
CA TYR C 246 9.68 24.56 52.79
C TYR C 246 9.09 25.20 51.54
N TYR C 247 7.87 25.72 51.69
CA TYR C 247 7.19 26.49 50.66
C TYR C 247 6.71 27.81 51.26
N GLU C 248 6.44 28.77 50.38
CA GLU C 248 5.96 30.07 50.83
C GLU C 248 5.15 30.68 49.70
N GLY C 249 4.29 31.63 50.06
CA GLY C 249 3.45 32.31 49.08
C GLY C 249 4.20 33.37 48.30
N GLY C 250 3.57 34.53 48.14
CA GLY C 250 4.17 35.60 47.35
C GLY C 250 5.18 36.44 48.09
N ALA C 251 6.01 35.80 48.92
CA ALA C 251 7.06 36.51 49.66
C ALA C 251 8.44 36.09 49.20
N VAL C 252 8.77 34.79 49.23
CA VAL C 252 10.08 34.33 48.77
C VAL C 252 10.13 34.20 47.25
N CYS C 253 8.99 34.38 46.58
CA CYS C 253 8.94 34.24 45.12
C CYS C 253 9.83 35.24 44.41
N THR C 254 10.25 36.32 45.09
CA THR C 254 11.22 37.27 44.56
C THR C 254 12.35 37.46 45.58
N HIS C 255 12.89 36.34 46.07
CA HIS C 255 14.00 36.33 47.00
C HIS C 255 15.11 35.44 46.46
N ALA C 256 16.30 35.59 47.03
CA ALA C 256 17.46 34.82 46.57
C ALA C 256 17.38 33.35 46.94
N ARG C 257 16.65 33.00 47.99
CA ARG C 257 16.53 31.60 48.38
C ARG C 257 15.78 30.77 47.34
N SER C 258 14.78 31.36 46.70
CA SER C 258 13.93 30.63 45.76
C SER C 258 14.66 30.24 44.48
N LEU C 259 15.87 30.74 44.25
CA LEU C 259 16.61 30.45 43.04
C LEU C 259 17.29 29.09 43.14
N TRP C 260 17.16 28.31 42.07
CA TRP C 260 17.83 27.01 41.96
C TRP C 260 18.47 26.92 40.58
N ARG C 261 19.66 26.33 40.53
CA ARG C 261 20.40 26.16 39.29
C ARG C 261 20.33 24.71 38.84
N LEU C 262 19.90 24.49 37.60
CA LEU C 262 19.83 23.16 37.02
C LEU C 262 21.18 22.84 36.38
N GLU C 263 21.96 21.98 37.04
CA GLU C 263 23.27 21.60 36.53
C GLU C 263 23.21 20.17 36.03
N PRO C 264 23.31 19.95 34.72
CA PRO C 264 23.15 18.59 34.19
C PRO C 264 24.33 17.70 34.52
N LEU C 265 24.09 16.39 34.38
CA LEU C 265 25.11 15.37 34.61
C LEU C 265 26.06 15.24 33.43
N ARG C 266 25.78 15.90 32.31
CA ARG C 266 26.59 15.77 31.11
C ARG C 266 27.89 16.56 31.24
N ILE C 267 28.77 16.38 30.26
CA ILE C 267 30.04 17.09 30.23
C ILE C 267 29.95 18.21 29.20
N SER C 268 29.64 17.86 27.96
CA SER C 268 29.50 18.84 26.89
C SER C 268 28.03 19.04 26.54
N TRP C 269 27.76 20.14 25.81
CA TRP C 269 26.42 20.47 25.35
C TRP C 269 25.44 20.56 26.50
N SER C 270 25.88 21.12 27.63
CA SER C 270 25.04 21.19 28.81
C SER C 270 23.83 22.09 28.61
N GLY C 271 23.93 23.07 27.71
CA GLY C 271 22.85 24.02 27.52
C GLY C 271 21.84 23.59 26.48
N SER C 272 21.83 22.31 26.14
CA SER C 272 20.91 21.80 25.14
C SER C 272 19.49 21.76 25.71
N HIS C 273 18.53 21.50 24.83
CA HIS C 273 17.13 21.43 25.25
C HIS C 273 16.90 20.20 26.12
N LEU C 274 16.18 20.39 27.22
CA LEU C 274 15.92 19.32 28.17
C LEU C 274 14.75 18.48 27.71
N ARG C 275 14.79 17.19 28.00
CA ARG C 275 13.77 16.23 27.60
C ARG C 275 13.28 15.45 28.80
N TRP C 276 12.04 14.97 28.71
CA TRP C 276 11.45 14.20 29.79
C TRP C 276 12.21 12.89 29.99
N GLY C 277 12.26 12.44 31.24
CA GLY C 277 12.99 11.23 31.56
C GLY C 277 14.49 11.40 31.45
N GLN C 278 15.06 12.23 32.30
CA GLN C 278 16.48 12.53 32.18
C GLN C 278 17.07 12.87 33.55
N PRO C 279 18.12 12.17 33.96
CA PRO C 279 18.70 12.41 35.30
C PRO C 279 19.54 13.68 35.33
N LEU C 280 19.38 14.44 36.41
CA LEU C 280 20.07 15.71 36.55
C LEU C 280 20.36 15.96 38.02
N ARG C 281 21.28 16.89 38.26
CA ARG C 281 21.52 17.42 39.59
C ARG C 281 20.90 18.80 39.74
N ILE C 282 20.62 19.18 40.98
CA ILE C 282 20.02 20.48 41.27
C ILE C 282 20.86 21.14 42.36
N ARG C 283 21.23 22.40 42.14
CA ARG C 283 22.11 23.14 43.03
C ARG C 283 21.50 24.48 43.38
N HIS C 284 21.65 24.89 44.63
CA HIS C 284 21.25 26.23 45.04
C HIS C 284 22.45 27.18 44.93
N VAL C 285 22.23 28.31 44.26
CA VAL C 285 23.35 29.20 43.93
C VAL C 285 23.81 29.97 45.15
N THR C 286 22.89 30.63 45.86
CA THR C 286 23.29 31.42 47.03
C THR C 286 23.75 30.53 48.16
N THR C 287 23.11 29.37 48.33
CA THR C 287 23.53 28.43 49.36
C THR C 287 24.82 27.72 48.98
N GLY C 288 25.05 27.50 47.70
CA GLY C 288 26.23 26.75 47.26
C GLY C 288 26.20 25.31 47.72
N ARG C 289 25.03 24.67 47.68
CA ARG C 289 24.88 23.30 48.15
C ARG C 289 23.97 22.55 47.17
N TYR C 290 23.72 21.29 47.49
CA TYR C 290 22.84 20.43 46.72
C TYR C 290 21.71 19.90 47.58
N LEU C 291 20.62 19.51 46.93
CA LEU C 291 19.45 18.94 47.60
C LEU C 291 19.45 17.44 47.34
N ALA C 292 19.41 16.66 48.41
CA ALA C 292 19.50 15.21 48.27
C ALA C 292 18.96 14.54 49.53
N LEU C 293 18.62 13.25 49.37
CA LEU C 293 18.23 12.38 50.47
C LEU C 293 19.19 11.19 50.44
N THR C 294 20.12 11.14 51.40
CA THR C 294 21.18 10.14 51.34
C THR C 294 20.68 8.77 51.79
N GLU C 295 20.39 8.62 53.08
CA GLU C 295 19.80 7.37 53.54
C GLU C 295 18.59 7.58 54.44
N ASP C 296 18.68 8.54 55.37
CA ASP C 296 17.62 8.75 56.35
C ASP C 296 17.31 10.20 56.66
N GLN C 297 18.15 11.16 56.26
CA GLN C 297 18.00 12.54 56.70
C GLN C 297 16.77 13.23 56.14
N GLY C 298 16.10 12.63 55.17
CA GLY C 298 14.94 13.25 54.56
C GLY C 298 15.32 14.19 53.43
N LEU C 299 14.38 15.07 53.12
CA LEU C 299 14.60 16.07 52.07
C LEU C 299 15.42 17.24 52.60
N VAL C 300 16.72 17.03 52.77
CA VAL C 300 17.59 18.05 53.34
C VAL C 300 18.58 18.53 52.28
N VAL C 301 19.27 19.61 52.58
CA VAL C 301 20.19 20.25 51.65
C VAL C 301 21.57 19.69 51.96
N VAL C 302 22.02 18.75 51.12
CA VAL C 302 23.33 18.15 51.31
C VAL C 302 24.41 19.14 50.89
N ASP C 303 25.61 18.94 51.40
CA ASP C 303 26.74 19.82 51.10
C ASP C 303 27.15 19.65 49.64
N ALA C 304 27.97 20.58 49.15
CA ALA C 304 28.34 20.64 47.75
C ALA C 304 29.43 19.65 47.36
N CYS C 305 29.78 18.73 48.26
CA CYS C 305 30.75 17.70 47.93
C CYS C 305 30.20 16.29 48.14
N LYS C 306 28.97 16.15 48.62
CA LYS C 306 28.36 14.87 48.94
C LYS C 306 27.16 14.62 48.05
N ALA C 307 27.33 14.84 46.75
CA ALA C 307 26.31 14.64 45.74
C ALA C 307 26.82 13.70 44.66
N HIS C 308 27.36 12.57 45.09
CA HIS C 308 28.07 11.65 44.20
C HIS C 308 27.13 10.83 43.33
N THR C 309 26.26 11.52 42.58
CA THR C 309 25.45 10.93 41.52
C THR C 309 24.42 9.96 42.08
N LYS C 310 24.45 9.73 43.39
CA LYS C 310 23.60 8.73 44.02
C LYS C 310 22.61 9.37 44.99
N ALA C 311 23.05 10.41 45.70
CA ALA C 311 22.24 11.04 46.73
C ALA C 311 21.12 11.89 46.15
N THR C 312 21.37 12.66 45.09
CA THR C 312 20.29 13.44 44.48
C THR C 312 19.48 12.58 43.52
N SER C 313 20.10 12.16 42.41
CA SER C 313 19.45 11.33 41.40
C SER C 313 18.00 11.73 41.13
N PHE C 314 17.78 12.98 40.73
CA PHE C 314 16.44 13.46 40.42
C PHE C 314 16.16 13.39 38.92
N CYS C 315 14.87 13.41 38.57
CA CYS C 315 14.47 13.42 37.18
C CYS C 315 13.08 14.03 37.07
N PHE C 316 12.77 14.54 35.88
CA PHE C 316 11.49 15.17 35.59
C PHE C 316 10.63 14.20 34.77
N ARG C 317 9.40 13.98 35.23
CA ARG C 317 8.48 13.07 34.58
C ARG C 317 7.12 13.72 34.39
N VAL C 318 6.44 13.31 33.32
CA VAL C 318 5.13 13.85 33.00
C VAL C 318 4.10 13.44 34.05
N SER C 319 4.17 12.19 34.51
CA SER C 319 3.19 11.70 35.50
C SER C 319 3.89 10.66 36.36
N LYS C 320 3.10 9.90 37.12
CA LYS C 320 3.63 8.88 38.03
C LYS C 320 3.34 7.50 37.47
N GLU C 321 3.43 7.37 36.16
CA GLU C 321 3.04 6.16 35.45
C GLU C 321 4.14 5.09 35.55
N LYS C 322 4.05 4.09 34.69
CA LYS C 322 4.89 2.89 34.74
C LYS C 322 6.11 3.00 33.84
N LEU C 323 6.71 4.18 33.78
CA LEU C 323 7.92 4.43 33.00
C LEU C 323 8.96 3.33 33.19
N ASP C 324 9.64 2.98 32.10
CA ASP C 324 10.68 1.97 32.12
C ASP C 324 12.02 2.51 32.58
N THR C 325 12.13 3.83 32.80
CA THR C 325 13.37 4.47 33.24
C THR C 325 14.52 4.16 32.27
N ALA C 326 14.22 4.19 30.98
CA ALA C 326 15.24 3.95 29.96
C ALA C 326 15.18 5.04 28.90
N PRO C 327 15.10 6.31 29.30
CA PRO C 327 15.06 7.42 28.33
C PRO C 327 16.38 8.16 28.14
N LYS C 328 17.49 7.65 28.68
CA LYS C 328 18.78 8.34 28.64
C LYS C 328 19.36 8.22 27.24
N ARG C 329 19.08 9.22 26.42
CA ARG C 329 19.57 9.29 25.04
C ARG C 329 20.46 10.51 24.89
N ASP C 330 21.67 10.32 24.37
CA ASP C 330 22.59 11.42 24.17
C ASP C 330 22.30 12.14 22.85
N VAL C 331 22.43 13.46 22.87
CA VAL C 331 22.21 14.30 21.70
C VAL C 331 23.49 15.07 21.41
N GLU C 332 23.94 15.02 20.15
CA GLU C 332 25.16 15.69 19.74
C GLU C 332 24.91 17.10 19.22
N GLY C 333 23.67 17.57 19.28
CA GLY C 333 23.33 18.93 18.90
C GLY C 333 22.48 19.62 19.96
N MET C 334 21.71 20.62 19.55
CA MET C 334 20.84 21.32 20.48
C MET C 334 19.69 20.44 20.96
N GLY C 335 19.17 19.57 20.09
CA GLY C 335 18.06 18.72 20.43
C GLY C 335 16.73 19.42 20.25
N PRO C 336 15.63 18.66 20.27
CA PRO C 336 14.31 19.25 20.08
C PRO C 336 13.86 19.98 21.33
N PRO C 337 13.33 21.20 21.19
CA PRO C 337 12.80 21.94 22.34
C PRO C 337 11.47 21.34 22.81
N GLU C 338 11.48 20.76 24.00
CA GLU C 338 10.31 20.08 24.54
C GLU C 338 9.72 20.79 25.75
N ILE C 339 10.51 21.02 26.79
CA ILE C 339 9.99 21.54 28.05
C ILE C 339 9.93 23.06 27.98
N LYS C 340 8.74 23.61 28.18
CA LYS C 340 8.53 25.05 28.14
C LYS C 340 8.55 25.61 29.57
N TYR C 341 8.21 26.89 29.71
CA TYR C 341 8.12 27.55 31.00
C TYR C 341 6.67 27.93 31.27
N GLY C 342 6.18 27.59 32.45
CA GLY C 342 4.84 27.93 32.85
C GLY C 342 3.75 26.98 32.38
N GLU C 343 4.09 25.98 31.56
CA GLU C 343 3.12 25.02 31.08
C GLU C 343 3.64 23.59 31.11
N SER C 344 4.89 23.37 31.51
CA SER C 344 5.46 22.03 31.52
C SER C 344 4.75 21.11 32.50
N LEU C 345 4.36 21.63 33.67
CA LEU C 345 3.70 20.85 34.71
C LEU C 345 4.53 19.61 35.08
N CYS C 346 5.81 19.87 35.34
CA CYS C 346 6.74 18.78 35.64
C CYS C 346 6.38 18.10 36.95
N PHE C 347 6.55 16.78 36.97
CA PHE C 347 6.46 15.99 38.19
C PHE C 347 7.83 15.34 38.41
N VAL C 348 8.56 15.86 39.39
CA VAL C 348 9.92 15.38 39.64
C VAL C 348 9.88 14.03 40.33
N GLN C 349 10.67 13.09 39.83
CA GLN C 349 10.78 11.76 40.41
C GLN C 349 12.25 11.41 40.62
N HIS C 350 12.55 10.80 41.77
CA HIS C 350 13.89 10.33 42.03
C HIS C 350 14.27 9.23 41.04
N VAL C 351 15.55 9.15 40.71
CA VAL C 351 16.00 8.18 39.72
C VAL C 351 16.15 6.79 40.35
N ALA C 352 16.97 6.69 41.39
CA ALA C 352 17.22 5.38 42.00
C ALA C 352 16.00 4.86 42.73
N SER C 353 15.37 5.69 43.56
CA SER C 353 14.27 5.23 44.39
C SER C 353 12.91 5.41 43.73
N GLY C 354 12.78 6.35 42.80
CA GLY C 354 11.50 6.57 42.16
C GLY C 354 10.50 7.35 43.00
N LEU C 355 10.93 7.91 44.12
CA LEU C 355 10.02 8.64 45.00
C LEU C 355 9.61 9.96 44.38
N TRP C 356 8.40 10.40 44.72
CA TRP C 356 7.84 11.65 44.25
C TRP C 356 7.79 12.66 45.40
N LEU C 357 7.76 13.93 45.04
CA LEU C 357 7.82 15.03 45.99
C LEU C 357 6.43 15.55 46.28
N THR C 358 6.10 15.68 47.57
CA THR C 358 4.87 16.30 48.02
C THR C 358 5.11 16.86 49.41
N TYR C 359 4.20 17.71 49.87
CA TYR C 359 4.30 18.28 51.20
C TYR C 359 3.65 17.36 52.23
N ALA C 360 4.32 17.21 53.37
CA ALA C 360 3.79 16.37 54.43
C ALA C 360 2.63 17.06 55.15
N ALA C 361 2.62 18.39 55.14
CA ALA C 361 1.59 19.21 55.79
C ALA C 361 1.48 18.84 57.27
N PRO C 362 2.59 18.60 57.95
CA PRO C 362 2.51 18.33 59.39
C PRO C 362 2.45 19.61 60.20
N ASP C 363 1.29 19.91 60.78
CA ASP C 363 1.13 21.12 61.57
C ASP C 363 0.43 20.80 62.88
N PRO C 364 0.85 21.44 63.97
CA PRO C 364 0.15 21.27 65.25
C PRO C 364 -0.97 22.31 65.37
N LYS C 365 -1.61 22.31 66.55
CA LYS C 365 -2.66 23.29 66.79
C LYS C 365 -2.12 24.71 66.75
N ALA C 366 -0.95 24.93 67.36
CA ALA C 366 -0.36 26.26 67.34
C ALA C 366 0.30 26.58 66.00
N LEU C 367 0.80 25.56 65.30
CA LEU C 367 1.50 25.77 64.04
C LEU C 367 0.60 26.30 62.94
N ARG C 368 -0.68 25.92 62.94
CA ARG C 368 -1.60 26.45 61.94
C ARG C 368 -1.78 27.95 62.09
N LEU C 369 -1.91 28.44 63.32
CA LEU C 369 -2.04 29.86 63.60
C LEU C 369 -0.71 30.55 63.86
N GLY C 370 0.39 29.80 63.87
CA GLY C 370 1.70 30.37 64.12
C GLY C 370 2.52 30.52 62.85
N VAL C 371 3.47 29.61 62.63
CA VAL C 371 4.29 29.66 61.44
C VAL C 371 3.54 29.03 60.28
N LEU C 372 3.34 29.81 59.21
CA LEU C 372 2.61 29.35 58.03
C LEU C 372 3.58 28.77 57.01
N LYS C 373 4.09 27.58 57.33
CA LYS C 373 5.06 26.90 56.51
C LYS C 373 4.66 25.44 56.32
N LYS C 374 5.06 24.88 55.18
CA LYS C 374 4.84 23.47 54.87
C LYS C 374 6.14 22.88 54.38
N LYS C 375 6.35 21.60 54.69
CA LYS C 375 7.59 20.92 54.33
C LYS C 375 7.31 19.84 53.29
N ALA C 376 8.07 19.86 52.21
CA ALA C 376 7.96 18.83 51.18
C ALA C 376 8.73 17.58 51.59
N ILE C 377 8.23 16.43 51.15
CA ILE C 377 8.85 15.14 51.42
C ILE C 377 8.88 14.32 50.14
N LEU C 378 9.78 13.35 50.11
CA LEU C 378 9.89 12.40 49.01
C LEU C 378 8.96 11.23 49.32
N HIS C 379 7.73 11.33 48.84
CA HIS C 379 6.69 10.36 49.14
C HIS C 379 6.49 9.38 47.98
N GLN C 380 5.99 8.19 48.31
CA GLN C 380 5.77 7.16 47.30
C GLN C 380 4.54 7.45 46.45
N GLU C 381 3.60 8.25 46.93
CA GLU C 381 2.39 8.58 46.18
C GLU C 381 2.27 10.06 45.87
N GLY C 382 2.29 10.90 46.89
CA GLY C 382 2.19 12.34 46.69
C GLY C 382 0.76 12.79 46.46
N HIS C 383 0.58 14.10 46.48
CA HIS C 383 -0.71 14.72 46.23
C HIS C 383 -0.93 14.85 44.72
N MET C 384 -2.13 15.23 44.32
CA MET C 384 -2.48 15.38 42.92
C MET C 384 -2.50 16.84 42.47
N ASP C 385 -2.03 17.76 43.31
CA ASP C 385 -2.01 19.18 42.99
C ASP C 385 -0.63 19.76 43.20
N ASP C 386 0.40 19.04 42.75
CA ASP C 386 1.77 19.55 42.86
C ASP C 386 1.95 20.79 41.99
N ALA C 387 1.52 20.71 40.73
CA ALA C 387 1.55 21.84 39.79
C ALA C 387 2.95 22.47 39.71
N LEU C 388 3.97 21.61 39.65
CA LEU C 388 5.34 22.08 39.61
C LEU C 388 5.76 22.45 38.20
N PHE C 389 5.43 23.65 37.76
CA PHE C 389 5.93 24.17 36.49
C PHE C 389 7.04 25.17 36.76
N LEU C 390 7.98 25.25 35.83
CA LEU C 390 9.22 25.98 36.01
C LEU C 390 9.13 27.39 35.44
N THR C 391 9.77 28.33 36.12
CA THR C 391 9.79 29.73 35.70
C THR C 391 11.22 30.24 35.81
N ARG C 392 11.69 30.90 34.75
CA ARG C 392 13.06 31.39 34.68
C ARG C 392 13.07 32.91 34.55
N CYS C 393 14.02 33.55 35.23
CA CYS C 393 14.16 35.00 35.23
C CYS C 393 15.52 35.35 34.62
N GLN C 394 15.54 35.49 33.29
CA GLN C 394 16.77 35.78 32.58
C GLN C 394 17.09 37.27 32.62
N GLN C 395 17.63 37.75 33.72
CA GLN C 395 17.92 39.18 33.85
C GLN C 395 19.22 39.35 34.64
N GLU C 396 19.49 40.59 35.04
CA GLU C 396 20.69 40.91 35.81
C GLU C 396 20.72 40.20 37.15
N GLU C 397 19.55 39.86 37.71
CA GLU C 397 19.51 39.20 39.01
C GLU C 397 20.23 37.84 38.97
N SER C 398 20.30 37.22 37.79
CA SER C 398 21.02 35.95 37.68
C SER C 398 22.49 36.14 38.04
N GLN C 399 23.13 37.20 37.53
CA GLN C 399 24.53 37.44 37.85
C GLN C 399 24.72 37.82 39.31
N ALA C 400 23.83 38.65 39.86
CA ALA C 400 24.02 39.15 41.22
C ALA C 400 24.03 38.04 42.25
N ALA C 401 23.36 36.92 41.96
CA ALA C 401 23.30 35.81 42.91
C ALA C 401 24.68 35.23 43.15
N ARG C 402 25.51 35.17 42.11
CA ARG C 402 26.82 34.54 42.23
C ARG C 402 27.69 35.23 43.28
N MET C 403 27.73 36.56 43.28
CA MET C 403 28.57 37.26 44.24
C MET C 403 28.12 36.98 45.67
N ILE C 404 26.82 36.80 45.87
CA ILE C 404 26.30 36.52 47.21
C ILE C 404 26.92 35.23 47.73
N HIS C 405 26.99 34.21 46.87
CA HIS C 405 27.78 33.02 47.18
C HIS C 405 29.26 33.36 47.34
N SER C 406 29.78 34.23 46.49
CA SER C 406 31.21 34.51 46.47
C SER C 406 31.64 35.55 47.51
N THR C 407 30.71 36.31 48.07
CA THR C 407 31.07 37.33 49.04
C THR C 407 31.45 36.70 50.38
N ALA C 408 30.50 35.96 50.99
CA ALA C 408 30.78 35.28 52.24
C ALA C 408 31.85 34.20 52.08
N GLY C 409 32.07 33.73 50.85
CA GLY C 409 33.13 32.76 50.64
C GLY C 409 34.49 33.29 51.01
N LEU C 410 34.72 34.59 50.82
CA LEU C 410 35.96 35.22 51.25
C LEU C 410 35.86 35.80 52.65
N TYR C 411 34.69 36.31 53.03
CA TYR C 411 34.56 36.96 54.34
C TYR C 411 34.69 35.96 55.47
N ASN C 412 33.98 34.83 55.39
CA ASN C 412 34.03 33.84 56.46
C ASN C 412 35.42 33.27 56.66
N GLN C 413 36.15 32.98 55.57
CA GLN C 413 37.52 32.52 55.68
C GLN C 413 38.49 33.65 56.04
N PHE C 414 38.01 34.88 56.08
CA PHE C 414 38.77 36.00 56.61
C PHE C 414 38.44 36.31 58.06
N ILE C 415 37.19 36.17 58.48
CA ILE C 415 36.83 36.39 59.88
C ILE C 415 37.57 35.41 60.77
N LYS C 416 37.64 34.15 60.36
CA LYS C 416 38.36 33.15 61.14
C LYS C 416 39.83 33.50 61.29
N GLY C 417 40.41 34.20 60.31
CA GLY C 417 41.79 34.60 60.41
C GLY C 417 42.05 35.56 61.55
N LEU C 418 41.09 36.45 61.84
CA LEU C 418 41.24 37.34 62.99
C LEU C 418 41.25 36.58 64.30
N ASP C 419 40.43 35.53 64.42
CA ASP C 419 40.35 34.75 65.64
C ASP C 419 41.64 34.03 65.99
N SER C 420 42.51 33.79 65.00
CA SER C 420 43.78 33.12 65.26
C SER C 420 44.75 33.97 66.05
N PHE C 421 44.53 35.27 66.13
CA PHE C 421 45.41 36.15 66.90
C PHE C 421 44.64 37.23 67.66
N SER C 422 43.30 37.15 67.70
CA SER C 422 42.51 38.20 68.32
C SER C 422 42.83 38.33 69.81
N GLY C 423 42.92 37.21 70.52
CA GLY C 423 43.16 37.22 71.94
C GLY C 423 44.53 36.77 72.40
N LYS C 424 45.48 36.57 71.49
CA LYS C 424 46.80 36.09 71.85
C LYS C 424 47.84 37.16 71.56
N PRO C 425 48.73 37.44 72.50
CA PRO C 425 49.83 38.39 72.23
C PRO C 425 50.75 37.86 71.15
N ARG C 426 51.34 38.78 70.41
CA ARG C 426 52.20 38.46 69.28
C ARG C 426 53.66 38.51 69.72
N GLY C 427 54.28 37.35 69.83
CA GLY C 427 55.69 37.30 70.16
C GLY C 427 56.57 37.67 68.99
N SER C 428 57.84 37.91 69.27
CA SER C 428 58.81 38.27 68.25
C SER C 428 59.08 37.07 67.35
N GLY C 429 58.71 37.17 66.09
CA GLY C 429 58.90 36.10 65.14
C GLY C 429 57.66 35.86 64.30
N PRO C 430 57.22 34.60 64.24
CA PRO C 430 55.99 34.29 63.50
C PRO C 430 54.78 34.83 64.23
N PRO C 431 54.07 35.80 63.65
CA PRO C 431 52.95 36.42 64.35
C PRO C 431 51.76 35.49 64.48
N ALA C 432 51.54 34.64 63.48
CA ALA C 432 50.38 33.77 63.46
C ALA C 432 50.69 32.58 62.56
N GLY C 433 49.66 31.82 62.20
CA GLY C 433 49.83 30.65 61.37
C GLY C 433 49.54 30.96 59.91
N PRO C 434 48.37 30.57 59.43
CA PRO C 434 48.03 30.83 58.03
C PRO C 434 47.97 32.32 57.73
N ALA C 435 48.35 32.68 56.51
CA ALA C 435 48.40 34.07 56.09
C ALA C 435 46.99 34.65 55.99
N LEU C 436 46.90 35.96 56.24
CA LEU C 436 45.62 36.66 56.22
C LEU C 436 45.32 37.17 54.81
N PRO C 437 44.16 36.82 54.25
CA PRO C 437 43.77 37.37 52.95
C PRO C 437 43.48 38.86 53.05
N ILE C 438 44.31 39.68 52.43
CA ILE C 438 44.23 41.14 52.55
C ILE C 438 43.86 41.78 51.21
N GLU C 439 44.72 41.62 50.20
CA GLU C 439 44.51 42.30 48.93
C GLU C 439 43.26 41.79 48.22
N ALA C 440 42.95 40.50 48.33
CA ALA C 440 41.74 39.97 47.73
C ALA C 440 40.48 40.59 48.32
N VAL C 441 40.51 41.01 49.58
CA VAL C 441 39.37 41.68 50.18
C VAL C 441 39.25 43.12 49.69
N ILE C 442 40.39 43.81 49.60
CA ILE C 442 40.38 45.21 49.17
C ILE C 442 39.85 45.32 47.75
N LEU C 443 40.29 44.45 46.86
CA LEU C 443 39.80 44.46 45.49
C LEU C 443 38.32 44.17 45.45
N SER C 444 37.84 43.24 46.28
CA SER C 444 36.42 42.93 46.31
C SER C 444 35.60 44.11 46.82
N LEU C 445 36.08 44.81 47.84
CA LEU C 445 35.34 45.96 48.36
C LEU C 445 35.17 47.05 47.32
N GLN C 446 36.23 47.35 46.57
CA GLN C 446 36.14 48.39 45.55
C GLN C 446 35.13 48.03 44.47
N ASP C 447 35.09 46.77 44.06
CA ASP C 447 34.10 46.34 43.09
C ASP C 447 32.69 46.50 43.63
N LEU C 448 32.47 46.14 44.90
CA LEU C 448 31.15 46.23 45.48
C LEU C 448 30.67 47.68 45.63
N ILE C 449 31.56 48.59 46.00
CA ILE C 449 31.16 49.99 46.15
C ILE C 449 30.69 50.55 44.81
N GLY C 450 31.43 50.28 43.75
CA GLY C 450 30.99 50.70 42.42
C GLY C 450 29.77 49.95 41.94
N TYR C 451 29.53 48.75 42.47
CA TYR C 451 28.37 47.97 42.04
C TYR C 451 27.07 48.60 42.52
N PHE C 452 27.12 49.39 43.59
CA PHE C 452 25.93 49.98 44.19
C PHE C 452 25.89 51.49 44.07
N GLU C 453 26.67 52.07 43.16
CA GLU C 453 26.69 53.52 43.02
C GLU C 453 25.35 54.01 42.46
N PRO C 454 24.81 55.10 43.00
CA PRO C 454 23.55 55.63 42.49
C PRO C 454 23.71 56.12 41.06
N PRO C 455 22.64 56.08 40.26
CA PRO C 455 22.72 56.61 38.90
C PRO C 455 22.92 58.12 38.91
N SER C 456 23.53 58.61 37.84
CA SER C 456 23.88 60.03 37.74
C SER C 456 22.63 60.91 37.74
N GLU C 457 22.75 62.07 38.38
CA GLU C 457 21.63 63.01 38.42
C GLU C 457 21.35 63.61 37.05
N GLU C 458 22.39 63.85 36.26
CA GLU C 458 22.22 64.44 34.93
C GLU C 458 21.49 63.51 33.97
N LEU C 459 21.31 62.25 34.32
CA LEU C 459 20.59 61.32 33.46
C LEU C 459 19.14 61.75 33.30
N GLN C 460 18.54 61.35 32.18
CA GLN C 460 17.16 61.71 31.89
C GLN C 460 16.22 61.12 32.93
N HIS C 461 15.09 61.81 33.14
CA HIS C 461 14.13 61.38 34.14
C HIS C 461 13.57 59.99 33.84
N GLU C 462 13.27 59.70 32.57
CA GLU C 462 12.71 58.40 32.24
C GLU C 462 13.67 57.26 32.56
N GLU C 463 14.95 57.42 32.19
CA GLU C 463 15.91 56.34 32.44
C GLU C 463 16.22 56.19 33.91
N LYS C 464 16.16 57.28 34.67
CA LYS C 464 16.47 57.23 36.09
C LYS C 464 15.50 56.32 36.83
N GLN C 465 14.21 56.37 36.46
CA GLN C 465 13.20 55.60 37.20
C GLN C 465 13.47 54.10 37.13
N SER C 466 13.89 53.60 35.96
CA SER C 466 14.19 52.18 35.85
C SER C 466 15.43 51.79 36.63
N LYS C 467 16.44 52.66 36.66
CA LYS C 467 17.67 52.36 37.38
C LYS C 467 17.46 52.17 38.88
N LEU C 468 16.66 53.05 39.49
CA LEU C 468 16.43 52.92 40.93
C LEU C 468 15.78 51.59 41.28
N ARG C 469 14.78 51.17 40.50
CA ARG C 469 14.16 49.88 40.76
C ARG C 469 15.15 48.75 40.56
N SER C 470 15.98 48.83 39.53
CA SER C 470 17.00 47.82 39.28
C SER C 470 18.13 47.85 40.30
N LEU C 471 18.21 48.89 41.12
CA LEU C 471 19.21 48.98 42.17
C LEU C 471 18.67 48.56 43.54
N ARG C 472 17.51 49.08 43.94
CA ARG C 472 16.91 48.66 45.19
C ARG C 472 16.56 47.18 45.18
N ASN C 473 16.29 46.60 44.01
CA ASN C 473 16.16 45.15 43.93
C ASN C 473 17.44 44.47 44.36
N ARG C 474 18.59 44.95 43.88
CA ARG C 474 19.86 44.44 44.34
C ARG C 474 20.11 44.78 45.81
N GLN C 475 19.56 45.90 46.29
CA GLN C 475 19.60 46.16 47.72
C GLN C 475 18.81 45.10 48.50
N SER C 476 17.66 44.72 47.97
CA SER C 476 16.81 43.73 48.63
C SER C 476 17.39 42.32 48.57
N LEU C 477 18.14 41.99 47.54
CA LEU C 477 18.73 40.65 47.41
C LEU C 477 19.88 40.42 48.38
N PHE C 478 20.32 41.46 49.06
CA PHE C 478 21.37 41.35 50.07
C PHE C 478 20.78 41.48 51.48
N GLN C 479 19.48 41.27 51.60
CA GLN C 479 18.81 41.17 52.90
C GLN C 479 18.37 39.76 53.25
N GLU C 480 17.85 39.01 52.28
CA GLU C 480 17.46 37.63 52.55
C GLU C 480 18.66 36.79 52.94
N GLU C 481 19.82 37.07 52.35
CA GLU C 481 21.08 36.44 52.73
C GLU C 481 21.77 37.19 53.86
N GLY C 482 21.14 38.26 54.35
CA GLY C 482 21.67 39.04 55.44
C GLY C 482 22.71 40.04 54.99
N MET C 483 23.93 39.57 54.75
CA MET C 483 25.02 40.32 54.15
C MET C 483 25.33 41.62 54.90
N LEU C 484 24.74 41.82 56.07
CA LEU C 484 24.94 43.02 56.86
C LEU C 484 25.54 42.71 58.22
N SER C 485 24.99 41.71 58.91
CA SER C 485 25.61 41.26 60.16
C SER C 485 27.04 40.80 59.93
N LEU C 486 27.28 40.10 58.82
CA LEU C 486 28.64 39.71 58.46
C LEU C 486 29.57 40.91 58.33
N VAL C 487 29.10 41.98 57.69
CA VAL C 487 29.87 43.22 57.67
C VAL C 487 30.02 43.78 59.08
N LEU C 488 28.92 43.76 59.86
CA LEU C 488 29.01 44.20 61.24
C LEU C 488 29.94 43.32 62.05
N ASN C 489 29.89 41.99 61.82
CA ASN C 489 30.82 41.09 62.52
C ASN C 489 32.26 41.39 62.16
N CYS C 490 32.54 41.67 60.89
CA CYS C 490 33.89 42.07 60.52
C CYS C 490 34.29 43.37 61.20
N ILE C 491 33.37 44.32 61.31
CA ILE C 491 33.64 45.54 62.05
C ILE C 491 33.89 45.22 63.53
N ASP C 492 33.05 44.39 64.12
CA ASP C 492 33.08 44.18 65.56
C ASP C 492 34.42 43.60 66.02
N ARG C 493 34.93 42.60 65.30
CA ARG C 493 36.19 41.99 65.69
C ARG C 493 37.39 42.89 65.45
N LEU C 494 37.31 43.80 64.48
CA LEU C 494 38.34 44.80 64.26
C LEU C 494 38.04 46.11 64.99
N ASN C 495 36.93 46.16 65.72
CA ASN C 495 36.49 47.40 66.36
C ASN C 495 37.34 47.76 67.57
N VAL C 496 37.77 46.77 68.35
CA VAL C 496 38.45 47.03 69.62
C VAL C 496 39.93 47.18 69.30
N TYR C 497 40.30 48.38 68.86
CA TYR C 497 41.69 48.73 68.60
C TYR C 497 41.80 50.24 68.72
N THR C 498 42.55 50.70 69.72
CA THR C 498 42.57 52.12 70.02
C THR C 498 43.37 52.91 68.99
N THR C 499 44.67 52.62 68.90
CA THR C 499 45.53 53.27 67.91
C THR C 499 45.77 52.40 66.69
N ALA C 500 45.97 51.10 66.91
CA ALA C 500 46.16 50.13 65.84
C ALA C 500 47.35 50.50 64.95
N ALA C 501 48.29 51.24 65.53
CA ALA C 501 49.59 51.48 64.89
C ALA C 501 50.61 50.46 65.37
N HIS C 502 50.84 50.41 66.68
CA HIS C 502 51.48 49.27 67.31
C HIS C 502 50.48 48.35 68.00
N PHE C 503 49.28 48.86 68.29
CA PHE C 503 48.24 48.05 68.91
C PHE C 503 47.62 47.06 67.95
N ALA C 504 47.82 47.23 66.64
CA ALA C 504 47.40 46.24 65.65
C ALA C 504 48.53 45.29 65.30
N GLU C 505 49.67 45.40 65.98
CA GLU C 505 50.82 44.52 65.71
C GLU C 505 50.66 43.17 66.40
N TYR C 506 49.51 42.53 66.17
CA TYR C 506 49.29 41.16 66.59
C TYR C 506 49.22 40.19 65.43
N ALA C 507 48.88 40.64 64.23
CA ALA C 507 49.05 39.84 63.02
C ALA C 507 50.43 40.02 62.42
N GLY C 508 51.29 40.85 63.02
CA GLY C 508 52.62 41.10 62.51
C GLY C 508 52.68 42.37 61.68
N GLU C 509 53.84 42.55 61.04
CA GLU C 509 54.01 43.68 60.15
C GLU C 509 53.15 43.51 58.90
N GLU C 510 53.14 44.56 58.07
CA GLU C 510 52.48 44.64 56.77
C GLU C 510 50.98 44.40 56.83
N ALA C 511 50.42 44.19 58.03
CA ALA C 511 48.98 44.03 58.19
C ALA C 511 48.33 45.25 58.83
N ALA C 512 49.00 45.88 59.80
CA ALA C 512 48.52 47.15 60.33
C ALA C 512 48.71 48.29 59.34
N GLU C 513 49.59 48.11 58.34
CA GLU C 513 49.78 49.13 57.32
C GLU C 513 48.51 49.35 56.51
N SER C 514 47.81 48.27 56.16
CA SER C 514 46.57 48.35 55.41
C SER C 514 45.35 48.51 56.33
N TRP C 515 45.57 48.54 57.65
CA TRP C 515 44.45 48.61 58.57
C TRP C 515 43.65 49.88 58.40
N LYS C 516 44.32 51.02 58.24
CA LYS C 516 43.62 52.29 58.20
C LYS C 516 42.66 52.38 57.01
N GLU C 517 43.10 51.95 55.83
CA GLU C 517 42.25 52.06 54.65
C GLU C 517 41.12 51.04 54.69
N ILE C 518 41.35 49.90 55.33
CA ILE C 518 40.29 48.89 55.43
C ILE C 518 39.10 49.44 56.20
N VAL C 519 39.36 50.13 57.31
CA VAL C 519 38.27 50.68 58.11
C VAL C 519 37.47 51.70 57.31
N ASN C 520 38.16 52.59 56.59
CA ASN C 520 37.47 53.60 55.80
C ASN C 520 36.60 52.97 54.73
N LEU C 521 37.12 51.96 54.03
CA LEU C 521 36.35 51.32 52.97
C LEU C 521 35.16 50.53 53.50
N LEU C 522 35.27 49.94 54.69
CA LEU C 522 34.18 49.10 55.21
C LEU C 522 32.92 49.91 55.44
N TYR C 523 33.06 51.11 56.01
CA TYR C 523 31.88 51.93 56.27
C TYR C 523 31.25 52.43 54.97
N GLU C 524 32.07 52.62 53.92
CA GLU C 524 31.51 53.03 52.64
C GLU C 524 30.57 51.97 52.09
N LEU C 525 30.95 50.70 52.19
CA LEU C 525 30.05 49.63 51.75
C LEU C 525 28.77 49.62 52.57
N LEU C 526 28.87 49.83 53.88
CA LEU C 526 27.67 49.93 54.70
C LEU C 526 26.84 51.14 54.29
N ALA C 527 27.49 52.27 54.02
CA ALA C 527 26.75 53.46 53.63
C ALA C 527 26.04 53.28 52.30
N SER C 528 26.63 52.51 51.38
CA SER C 528 26.03 52.32 50.07
C SER C 528 24.80 51.43 50.11
N LEU C 529 24.75 50.47 51.03
CA LEU C 529 23.66 49.51 51.08
C LEU C 529 22.46 50.02 51.86
N ILE C 530 22.52 51.24 52.37
CA ILE C 530 21.47 51.79 53.22
C ILE C 530 20.78 52.97 52.55
N ARG C 531 21.54 53.82 51.86
CA ARG C 531 20.99 55.03 51.25
C ARG C 531 19.87 54.68 50.29
N GLY C 532 18.80 55.46 50.35
CA GLY C 532 17.65 55.27 49.48
C GLY C 532 16.57 54.35 50.01
N ASN C 533 16.93 53.11 50.32
CA ASN C 533 15.97 52.14 50.81
C ASN C 533 15.54 52.47 52.22
N ARG C 534 14.23 52.33 52.48
CA ARG C 534 13.70 52.56 53.81
C ARG C 534 13.64 51.27 54.64
N ALA C 535 13.42 50.13 54.00
CA ALA C 535 13.38 48.87 54.72
C ALA C 535 14.71 48.58 55.41
N ASN C 536 15.83 48.91 54.77
CA ASN C 536 17.12 48.73 55.39
C ASN C 536 17.28 49.57 56.65
N CYS C 537 16.79 50.82 56.61
CA CYS C 537 16.96 51.72 57.74
C CYS C 537 16.22 51.25 58.99
N ALA C 538 15.13 50.50 58.81
CA ALA C 538 14.36 50.04 59.97
C ALA C 538 15.10 48.97 60.77
N LEU C 539 16.19 48.43 60.23
CA LEU C 539 16.91 47.35 60.88
C LEU C 539 17.87 47.82 61.97
N PHE C 540 18.14 49.13 62.05
CA PHE C 540 19.08 49.65 63.04
C PHE C 540 18.41 50.42 64.16
N SER C 541 17.10 50.29 64.33
CA SER C 541 16.44 50.94 65.45
C SER C 541 16.95 50.42 66.78
N THR C 542 17.13 49.11 66.90
CA THR C 542 17.70 48.54 68.12
C THR C 542 19.19 48.82 68.22
N ASN C 543 19.84 49.09 67.09
CA ASN C 543 21.28 49.36 67.05
C ASN C 543 21.58 50.85 67.03
N LEU C 544 20.63 51.68 67.45
CA LEU C 544 20.87 53.11 67.51
C LEU C 544 22.02 53.44 68.45
N ASP C 545 22.01 52.84 69.64
CA ASP C 545 23.12 53.04 70.57
C ASP C 545 24.41 52.44 70.06
N TRP C 546 24.33 51.44 69.17
CA TRP C 546 25.54 50.81 68.68
C TRP C 546 26.32 51.73 67.77
N VAL C 547 25.65 52.38 66.80
CA VAL C 547 26.36 53.19 65.82
C VAL C 547 26.98 54.42 66.48
N VAL C 548 26.21 55.09 67.35
CA VAL C 548 26.73 56.29 68.01
C VAL C 548 27.81 55.93 69.03
N SER C 549 27.90 54.67 69.43
CA SER C 549 28.79 54.27 70.50
C SER C 549 30.27 54.50 70.17
N LYS C 550 30.70 54.19 68.95
CA LYS C 550 32.14 54.13 68.68
C LYS C 550 32.76 55.53 68.62
N LEU C 551 32.39 56.30 67.59
CA LEU C 551 32.87 57.66 67.38
C LEU C 551 34.35 57.78 67.77
N ASP C 552 35.20 57.08 67.01
CA ASP C 552 36.58 56.84 67.43
C ASP C 552 37.54 58.01 67.22
N ARG C 553 37.02 59.17 66.81
CA ARG C 553 37.83 60.38 66.65
C ARG C 553 39.00 60.21 65.68
N LEU C 554 39.03 59.11 64.93
CA LEU C 554 40.12 58.84 64.00
C LEU C 554 39.65 58.50 62.59
N GLU C 555 38.45 57.94 62.44
CA GLU C 555 37.91 57.62 61.12
C GLU C 555 36.41 57.93 60.99
N ALA C 556 35.72 58.26 62.07
CA ALA C 556 34.28 58.50 62.00
C ALA C 556 33.93 59.69 61.13
N SER C 557 34.81 60.69 61.04
CA SER C 557 34.53 61.85 60.21
C SER C 557 34.41 61.50 58.74
N SER C 558 34.90 60.33 58.34
CA SER C 558 34.83 59.94 56.94
C SER C 558 33.47 59.35 56.60
N GLY C 559 33.08 58.28 57.27
CA GLY C 559 31.84 57.61 56.93
C GLY C 559 30.86 57.39 58.07
N ILE C 560 31.37 57.23 59.29
CA ILE C 560 30.49 56.94 60.41
C ILE C 560 29.54 58.09 60.69
N LEU C 561 30.03 59.33 60.60
CA LEU C 561 29.12 60.47 60.65
C LEU C 561 28.15 60.43 59.48
N GLU C 562 28.64 60.07 58.30
CA GLU C 562 27.78 60.03 57.12
C GLU C 562 26.76 58.90 57.21
N VAL C 563 27.19 57.72 57.66
CA VAL C 563 26.29 56.57 57.70
C VAL C 563 25.15 56.80 58.67
N LEU C 564 25.37 57.56 59.74
CA LEU C 564 24.28 57.98 60.61
C LEU C 564 23.28 58.87 59.89
N TYR C 565 23.76 59.78 59.04
CA TYR C 565 22.88 60.63 58.27
C TYR C 565 22.04 59.85 57.26
N CYS C 566 22.47 58.64 56.91
CA CYS C 566 21.72 57.85 55.93
C CYS C 566 20.39 57.37 56.51
N VAL C 567 20.39 56.93 57.76
CA VAL C 567 19.19 56.35 58.34
C VAL C 567 18.23 57.39 58.91
N LEU C 568 18.74 58.54 59.33
CA LEU C 568 17.93 59.57 59.97
C LEU C 568 17.03 60.30 58.99
N ILE C 569 17.03 59.92 57.71
CA ILE C 569 16.16 60.52 56.72
C ILE C 569 15.01 59.61 56.32
N GLU C 570 15.22 58.30 56.25
CA GLU C 570 14.23 57.38 55.71
C GLU C 570 13.28 56.86 56.79
N SER C 571 13.79 56.41 57.94
CA SER C 571 12.95 55.82 58.96
C SER C 571 12.70 56.81 60.08
N PRO C 572 11.48 57.32 60.22
CA PRO C 572 11.19 58.21 61.37
C PRO C 572 11.11 57.48 62.69
N GLU C 573 10.99 56.14 62.68
CA GLU C 573 10.95 55.40 63.93
C GLU C 573 12.24 55.56 64.71
N VAL C 574 13.38 55.55 64.02
CA VAL C 574 14.66 55.79 64.66
C VAL C 574 14.69 57.19 65.28
N LEU C 575 14.07 58.16 64.61
CA LEU C 575 13.99 59.50 65.17
C LEU C 575 13.17 59.52 66.45
N ASN C 576 12.21 58.60 66.60
CA ASN C 576 11.29 58.63 67.73
C ASN C 576 11.82 57.91 68.96
N ILE C 577 13.04 57.35 68.92
CA ILE C 577 13.55 56.58 70.03
C ILE C 577 14.86 57.16 70.54
N ILE C 578 15.01 58.49 70.42
CA ILE C 578 16.20 59.14 70.96
C ILE C 578 16.12 59.16 72.49
N GLN C 579 17.28 59.35 73.13
CA GLN C 579 17.41 59.18 74.56
C GLN C 579 18.08 60.35 75.27
N GLU C 580 18.36 61.45 74.56
CA GLU C 580 18.89 62.68 75.14
C GLU C 580 20.36 62.51 75.56
N ASN C 581 20.87 61.29 75.48
CA ASN C 581 22.29 61.06 75.70
C ASN C 581 23.08 61.06 74.41
N HIS C 582 22.49 60.58 73.32
CA HIS C 582 23.17 60.58 72.03
C HIS C 582 23.42 62.01 71.54
N ILE C 583 22.41 62.87 71.64
CA ILE C 583 22.55 64.24 71.17
C ILE C 583 23.61 65.01 71.93
N LYS C 584 23.78 64.74 73.23
CA LYS C 584 24.87 65.35 73.97
C LYS C 584 26.21 64.94 73.39
N SER C 585 26.36 63.66 73.01
CA SER C 585 27.56 63.22 72.35
C SER C 585 27.74 63.89 70.99
N ILE C 586 26.63 64.11 70.27
CA ILE C 586 26.72 64.81 68.99
C ILE C 586 27.24 66.23 69.19
N ILE C 587 26.76 66.92 70.22
CA ILE C 587 27.27 68.25 70.52
C ILE C 587 28.77 68.19 70.83
N SER C 588 29.20 67.17 71.56
CA SER C 588 30.62 67.00 71.81
C SER C 588 31.39 66.76 70.51
N LEU C 589 30.80 66.00 69.58
CA LEU C 589 31.46 65.75 68.31
C LEU C 589 31.74 67.05 67.56
N LEU C 590 30.86 68.04 67.68
CA LEU C 590 31.12 69.33 67.05
C LEU C 590 32.35 69.99 67.67
N ASP C 591 32.49 69.91 68.99
CA ASP C 591 33.61 70.56 69.67
C ASP C 591 34.92 69.79 69.47
N LYS C 592 34.86 68.46 69.47
CA LYS C 592 36.08 67.67 69.37
C LYS C 592 36.71 67.69 67.97
N HIS C 593 35.97 68.12 66.95
CA HIS C 593 36.48 68.11 65.59
C HIS C 593 36.34 69.43 64.85
N GLY C 594 35.54 70.36 65.36
CA GLY C 594 35.42 71.68 64.76
C GLY C 594 34.13 71.84 64.01
N ARG C 595 34.03 72.98 63.33
CA ARG C 595 32.83 73.36 62.60
C ARG C 595 32.75 72.54 61.32
N ASN C 596 31.69 71.76 61.18
CA ASN C 596 31.54 70.84 60.06
C ASN C 596 30.17 71.05 59.43
N HIS C 597 30.10 70.75 58.13
CA HIS C 597 28.84 70.88 57.40
C HIS C 597 27.81 69.88 57.90
N LYS C 598 28.19 68.61 57.99
CA LYS C 598 27.22 67.54 58.16
C LYS C 598 26.67 67.47 59.58
N VAL C 599 27.47 67.85 60.59
CA VAL C 599 26.99 67.79 61.96
C VAL C 599 25.80 68.71 62.16
N LEU C 600 25.67 69.76 61.35
CA LEU C 600 24.47 70.59 61.40
C LEU C 600 23.36 70.08 60.51
N ASP C 601 23.68 69.41 59.40
CA ASP C 601 22.65 68.84 58.56
C ASP C 601 21.86 67.76 59.30
N VAL C 602 22.55 66.93 60.08
CA VAL C 602 21.86 65.92 60.88
C VAL C 602 20.91 66.57 61.88
N LEU C 603 21.39 67.60 62.56
CA LEU C 603 20.55 68.30 63.54
C LEU C 603 19.32 68.91 62.88
N CYS C 604 19.48 69.51 61.70
CA CYS C 604 18.33 70.05 60.99
C CYS C 604 17.33 68.96 60.63
N SER C 605 17.82 67.78 60.30
CA SER C 605 16.97 66.66 59.94
C SER C 605 16.47 65.89 61.15
N LEU C 606 17.00 66.17 62.34
CA LEU C 606 16.56 65.44 63.53
C LEU C 606 15.28 66.03 64.11
N CYS C 607 14.97 67.27 63.78
CA CYS C 607 13.77 67.91 64.31
C CYS C 607 12.51 67.37 63.65
N VAL C 608 12.40 67.55 62.34
CA VAL C 608 11.22 67.15 61.59
C VAL C 608 11.51 65.85 60.86
N CYS C 609 10.62 64.87 61.02
CA CYS C 609 10.78 63.60 60.32
C CYS C 609 10.06 63.63 58.98
N ASN C 610 8.74 63.85 58.99
CA ASN C 610 7.99 64.04 57.75
C ASN C 610 6.81 64.97 58.06
N GLY C 611 7.01 66.26 57.80
CA GLY C 611 5.96 67.24 58.04
C GLY C 611 5.74 67.52 59.51
N VAL C 612 5.44 66.48 60.28
CA VAL C 612 5.24 66.62 61.71
C VAL C 612 6.60 66.64 62.41
N ALA C 613 6.65 67.24 63.59
CA ALA C 613 7.88 67.33 64.36
C ALA C 613 7.61 66.96 65.81
N VAL C 614 8.61 66.40 66.46
CA VAL C 614 8.52 65.98 67.85
C VAL C 614 8.98 67.12 68.75
N ARG C 615 8.22 67.36 69.82
CA ARG C 615 8.58 68.39 70.77
C ARG C 615 9.74 68.00 71.67
N SER C 616 10.05 66.71 71.77
CA SER C 616 11.06 66.27 72.73
C SER C 616 12.44 66.81 72.39
N ASN C 617 12.88 66.60 71.15
CA ASN C 617 14.24 67.02 70.80
C ASN C 617 14.33 68.54 70.65
N GLN C 618 13.26 69.20 70.23
CA GLN C 618 13.31 70.64 70.02
C GLN C 618 13.71 71.37 71.29
N ASP C 619 13.15 70.97 72.44
CA ASP C 619 13.56 71.57 73.70
C ASP C 619 15.01 71.21 74.03
N LEU C 620 15.40 69.96 73.76
CA LEU C 620 16.73 69.51 74.13
C LEU C 620 17.81 70.25 73.36
N ILE C 621 17.61 70.46 72.06
CA ILE C 621 18.61 71.14 71.26
C ILE C 621 18.75 72.59 71.71
N THR C 622 17.64 73.23 72.07
CA THR C 622 17.73 74.59 72.57
C THR C 622 18.54 74.68 73.85
N GLU C 623 18.33 73.72 74.76
CA GLU C 623 19.07 73.75 76.03
C GLU C 623 20.56 73.51 75.81
N ASN C 624 20.91 72.61 74.90
CA ASN C 624 22.30 72.38 74.56
C ASN C 624 22.86 73.43 73.60
N LEU C 625 22.00 74.29 73.05
CA LEU C 625 22.47 75.51 72.39
C LEU C 625 22.86 76.45 73.52
N LEU C 626 24.12 76.36 73.91
CA LEU C 626 24.57 77.00 75.14
C LEU C 626 24.36 78.51 75.06
N PRO C 627 23.64 79.10 76.01
CA PRO C 627 23.60 80.57 76.09
C PRO C 627 24.96 81.20 76.33
N GLY C 628 25.94 80.42 76.80
CA GLY C 628 27.30 80.91 76.87
C GLY C 628 27.89 81.20 75.51
N ARG C 629 27.28 80.66 74.45
CA ARG C 629 27.61 81.02 73.08
C ARG C 629 29.06 80.68 72.74
N GLU C 630 29.52 79.53 73.21
CA GLU C 630 30.90 79.11 73.01
C GLU C 630 31.09 78.25 71.76
N LEU C 631 30.03 77.96 71.02
CA LEU C 631 30.13 77.05 69.88
C LEU C 631 29.81 77.72 68.57
N LEU C 632 28.69 78.44 68.47
CA LEU C 632 28.28 79.03 67.22
C LEU C 632 28.77 80.48 67.12
N LEU C 633 28.27 81.19 66.13
CA LEU C 633 28.63 82.58 65.87
C LEU C 633 27.53 83.52 66.35
N GLN C 634 27.95 84.70 66.80
CA GLN C 634 27.03 85.73 67.29
C GLN C 634 27.37 87.05 66.64
N THR C 635 26.37 87.92 66.56
CA THR C 635 26.55 89.20 65.89
C THR C 635 25.70 90.27 66.57
N ASN C 636 26.09 91.52 66.35
CA ASN C 636 25.39 92.66 66.92
C ASN C 636 25.80 93.92 66.16
N LEU C 637 24.99 94.97 66.30
CA LEU C 637 25.27 96.25 65.69
C LEU C 637 26.34 96.99 66.50
N ILE C 638 27.29 97.61 65.80
CA ILE C 638 28.37 98.35 66.44
C ILE C 638 28.57 99.68 65.70
N ASN C 639 28.75 100.75 66.46
CA ASN C 639 29.04 102.05 65.88
C ASN C 639 30.52 102.16 65.50
N TYR C 640 30.82 103.18 64.71
CA TYR C 640 32.19 103.44 64.28
C TYR C 640 32.93 104.29 65.30
N VAL C 641 34.26 104.18 65.31
CA VAL C 641 35.11 104.95 66.20
C VAL C 641 36.34 105.41 65.43
N THR C 642 36.74 106.66 65.65
CA THR C 642 37.94 107.24 65.05
C THR C 642 38.64 108.11 66.08
N SER C 643 39.92 108.37 65.84
CA SER C 643 40.74 109.15 66.76
C SER C 643 41.70 110.01 65.95
N ILE C 644 41.91 111.24 66.42
CA ILE C 644 42.71 112.25 65.72
C ILE C 644 43.86 112.69 66.63
N ARG C 645 45.06 112.81 66.07
CA ARG C 645 46.19 113.22 66.89
C ARG C 645 46.69 114.60 66.48
N PRO C 646 47.12 115.41 67.45
CA PRO C 646 47.95 116.58 67.13
C PRO C 646 49.40 116.16 66.92
N ASN C 647 50.17 117.02 66.25
CA ASN C 647 51.56 116.73 65.93
C ASN C 647 52.45 117.13 67.10
N ILE C 648 52.44 116.29 68.13
CA ILE C 648 53.28 116.47 69.32
C ILE C 648 53.96 115.14 69.63
N PHE C 649 55.26 115.19 69.91
CA PHE C 649 56.04 114.00 70.17
C PHE C 649 56.93 114.23 71.39
N VAL C 650 56.91 113.29 72.33
CA VAL C 650 57.70 113.36 73.54
C VAL C 650 58.35 112.00 73.77
N GLY C 651 59.67 112.00 73.99
CA GLY C 651 60.40 110.77 74.24
C GLY C 651 61.37 110.92 75.39
N ARG C 652 61.95 109.80 75.79
CA ARG C 652 62.91 109.75 76.90
C ARG C 652 64.02 108.77 76.54
N ALA C 653 65.24 109.27 76.44
CA ALA C 653 66.39 108.44 76.10
C ALA C 653 67.65 109.14 76.60
N GLU C 654 68.81 108.56 76.29
CA GLU C 654 70.08 109.15 76.68
C GLU C 654 70.38 110.34 75.77
N GLY C 655 70.16 111.54 76.27
CA GLY C 655 70.34 112.74 75.49
C GLY C 655 69.19 113.72 75.66
N SER C 656 68.58 114.14 74.56
CA SER C 656 67.42 115.02 74.66
C SER C 656 66.27 114.30 75.36
N THR C 657 65.66 114.99 76.32
CA THR C 657 64.61 114.40 77.14
C THR C 657 63.27 115.11 77.01
N GLN C 658 63.26 116.37 76.57
CA GLN C 658 62.03 117.15 76.44
C GLN C 658 61.29 117.25 77.78
N TYR C 659 62.05 117.32 78.87
CA TYR C 659 61.56 117.58 80.22
C TYR C 659 60.81 116.39 80.79
N GLY C 660 60.57 115.37 79.98
CA GLY C 660 59.97 114.11 80.42
C GLY C 660 58.76 114.20 81.33
N LYS C 661 58.07 115.35 81.33
CA LYS C 661 56.97 115.59 82.27
C LYS C 661 55.99 116.54 81.60
N TRP C 662 54.85 116.02 81.18
CA TRP C 662 53.87 116.80 80.42
C TRP C 662 52.49 116.69 81.07
N TYR C 663 51.54 117.44 80.51
CA TYR C 663 50.25 117.62 81.14
C TYR C 663 49.23 118.06 80.09
N PHE C 664 48.07 117.41 80.09
CA PHE C 664 46.99 117.70 79.16
C PHE C 664 45.75 118.18 79.90
N GLU C 665 44.99 119.04 79.23
CA GLU C 665 43.66 119.45 79.66
C GLU C 665 42.77 119.52 78.44
N VAL C 666 41.57 118.95 78.52
CA VAL C 666 40.65 118.86 77.39
C VAL C 666 39.31 119.42 77.81
N MET C 667 38.75 120.30 76.98
CA MET C 667 37.42 120.85 77.21
C MET C 667 36.44 120.30 76.20
N VAL C 668 35.33 119.75 76.68
CA VAL C 668 34.33 119.09 75.85
C VAL C 668 32.96 119.60 76.23
N ASP C 669 32.12 119.89 75.24
CA ASP C 669 30.74 120.35 75.43
C ASP C 669 29.85 119.59 74.45
N GLU C 670 29.31 118.46 74.90
CA GLU C 670 28.44 117.63 74.07
C GLU C 670 27.44 116.91 74.96
N VAL C 671 26.19 116.91 74.52
CA VAL C 671 25.12 116.19 75.21
C VAL C 671 24.46 115.29 74.18
N VAL C 672 24.99 114.08 74.02
CA VAL C 672 24.39 113.04 73.17
C VAL C 672 24.41 111.75 73.96
N PRO C 673 23.49 111.54 74.89
CA PRO C 673 23.56 110.35 75.76
C PRO C 673 23.38 109.05 74.99
N PHE C 674 22.27 108.93 74.26
CA PHE C 674 21.98 107.75 73.47
C PHE C 674 21.78 108.11 72.01
N LEU C 675 22.50 107.40 71.15
CA LEU C 675 22.26 107.49 69.71
C LEU C 675 21.25 106.39 69.34
N THR C 676 21.09 106.14 68.04
CA THR C 676 20.13 105.13 67.61
C THR C 676 20.52 103.72 68.04
N ALA C 677 21.80 103.47 68.29
CA ALA C 677 22.27 102.13 68.65
C ALA C 677 22.49 101.97 70.14
N GLN C 678 23.36 102.78 70.73
CA GLN C 678 23.65 102.70 72.15
C GLN C 678 24.27 104.03 72.58
N ALA C 679 24.84 104.04 73.78
CA ALA C 679 25.51 105.24 74.27
C ALA C 679 26.75 105.54 73.43
N THR C 680 27.12 106.82 73.42
CA THR C 680 28.24 107.28 72.59
C THR C 680 29.57 106.97 73.27
N HIS C 681 30.54 106.58 72.44
CA HIS C 681 31.89 106.31 72.91
C HIS C 681 32.69 107.60 72.97
N LEU C 682 33.42 107.81 74.07
CA LEU C 682 34.23 109.01 74.23
C LEU C 682 35.32 108.72 75.25
N ARG C 683 36.58 108.74 74.81
CA ARG C 683 37.72 108.53 75.70
C ARG C 683 38.86 109.46 75.28
N VAL C 684 39.92 109.48 76.08
CA VAL C 684 41.09 110.29 75.79
C VAL C 684 42.27 109.69 76.55
N GLY C 685 43.46 109.78 75.96
CA GLY C 685 44.64 109.23 76.60
C GLY C 685 45.95 109.41 75.85
N TRP C 686 46.76 108.35 75.82
CA TRP C 686 48.12 108.41 75.29
C TRP C 686 48.40 107.14 74.49
N ALA C 687 49.41 107.23 73.62
CA ALA C 687 49.82 106.09 72.81
C ALA C 687 51.31 106.21 72.51
N LEU C 688 51.92 105.07 72.18
CA LEU C 688 53.36 104.98 71.89
C LEU C 688 53.55 104.23 70.57
N THR C 689 53.42 104.96 69.45
CA THR C 689 53.74 104.48 68.12
C THR C 689 53.07 103.14 67.78
N GLU C 690 52.09 102.75 68.58
CA GLU C 690 51.45 101.44 68.48
C GLU C 690 49.94 101.61 68.63
N GLY C 691 49.38 102.53 67.87
CA GLY C 691 47.98 102.89 67.99
C GLY C 691 47.14 102.09 67.03
N TYR C 692 46.79 102.68 65.88
CA TYR C 692 45.99 102.04 64.85
C TYR C 692 44.54 101.87 65.29
N SER C 693 44.03 102.89 65.97
CA SER C 693 42.58 103.00 66.14
C SER C 693 41.82 102.98 64.83
N PRO C 694 42.38 103.44 63.69
CA PRO C 694 41.72 103.18 62.40
C PRO C 694 41.72 101.71 62.04
N TYR C 695 41.33 101.40 60.81
CA TYR C 695 40.89 100.07 60.38
C TYR C 695 39.59 99.77 61.11
N PRO C 696 38.51 100.53 60.85
CA PRO C 696 37.27 100.41 61.62
C PRO C 696 36.50 99.12 61.35
N GLY C 697 37.18 97.99 61.56
CA GLY C 697 36.55 96.70 61.40
C GLY C 697 36.34 96.01 62.74
N GLY C 698 37.20 95.05 63.06
CA GLY C 698 37.12 94.35 64.32
C GLY C 698 38.44 94.41 65.07
N GLY C 699 38.36 94.37 66.38
CA GLY C 699 39.53 94.39 67.23
C GLY C 699 39.56 93.19 68.17
N GLU C 700 40.08 93.39 69.38
CA GLU C 700 40.12 92.29 70.35
C GLU C 700 38.73 91.92 70.81
N GLY C 701 37.93 92.92 71.20
CA GLY C 701 36.57 92.65 71.63
C GLY C 701 35.57 92.87 70.53
N TRP C 702 34.71 93.88 70.69
CA TRP C 702 33.75 94.28 69.67
C TRP C 702 34.25 95.57 69.05
N GLY C 703 35.10 95.45 68.04
CA GLY C 703 35.66 96.62 67.38
C GLY C 703 36.92 97.11 68.06
N GLY C 704 37.89 97.50 67.23
CA GLY C 704 39.13 98.06 67.73
C GLY C 704 39.01 99.52 68.07
N ASN C 705 38.44 99.82 69.24
CA ASN C 705 38.13 101.18 69.62
C ASN C 705 39.40 102.02 69.75
N GLY C 706 39.21 103.32 69.98
CA GLY C 706 40.28 104.29 69.97
C GLY C 706 41.44 104.02 70.90
N VAL C 707 41.21 104.05 72.20
CA VAL C 707 42.27 103.97 73.18
C VAL C 707 41.82 103.07 74.34
N GLY C 708 42.76 102.29 74.87
CA GLY C 708 42.49 101.52 76.06
C GLY C 708 42.02 100.10 75.84
N ASP C 709 42.16 99.58 74.63
CA ASP C 709 41.80 98.20 74.35
C ASP C 709 43.01 97.33 74.04
N ASP C 710 44.22 97.83 74.21
CA ASP C 710 45.43 97.06 73.96
C ASP C 710 46.43 97.37 75.07
N LEU C 711 47.59 96.71 75.00
CA LEU C 711 48.71 97.01 75.88
C LEU C 711 49.61 98.10 75.31
N TYR C 712 49.07 98.95 74.44
CA TYR C 712 49.85 99.98 73.77
C TYR C 712 49.29 101.37 73.97
N SER C 713 48.24 101.54 74.77
CA SER C 713 47.64 102.84 75.00
C SER C 713 46.93 102.83 76.34
N TYR C 714 46.62 104.02 76.85
CA TYR C 714 45.98 104.17 78.15
C TYR C 714 44.86 105.20 78.02
N GLY C 715 43.63 104.79 78.33
CA GLY C 715 42.48 105.66 78.15
C GLY C 715 41.65 105.85 79.40
N PHE C 716 40.60 106.67 79.28
CA PHE C 716 39.76 107.00 80.43
C PHE C 716 38.45 107.58 79.91
N ASP C 717 37.35 107.24 80.59
CA ASP C 717 36.03 107.68 80.15
C ASP C 717 35.16 108.21 81.29
N GLY C 718 35.75 108.63 82.38
CA GLY C 718 35.00 109.17 83.50
C GLY C 718 35.14 108.34 84.75
N LEU C 719 35.15 107.01 84.58
CA LEU C 719 35.36 106.08 85.70
C LEU C 719 35.86 104.71 85.18
N HIS C 720 37.14 104.58 84.87
CA HIS C 720 37.72 103.37 84.31
C HIS C 720 39.23 103.46 84.41
N LEU C 721 39.88 102.39 83.97
CA LEU C 721 41.33 102.38 83.73
C LEU C 721 41.51 101.61 82.43
N TRP C 722 41.48 102.33 81.30
CA TRP C 722 41.36 101.70 79.99
C TRP C 722 42.75 101.39 79.44
N THR C 723 43.10 100.11 79.44
CA THR C 723 44.26 99.59 78.72
C THR C 723 44.11 98.09 78.59
N GLY C 724 44.08 97.61 77.35
CA GLY C 724 43.87 96.18 77.12
C GLY C 724 42.55 95.67 77.62
N HIS C 725 41.47 96.40 77.32
CA HIS C 725 40.14 95.99 77.73
C HIS C 725 40.06 95.88 79.25
N VAL C 726 40.40 96.95 79.94
CA VAL C 726 40.31 96.96 81.39
C VAL C 726 39.27 97.98 81.82
N ALA C 727 38.25 97.52 82.54
CA ALA C 727 37.18 98.41 82.96
C ALA C 727 37.36 98.91 84.39
N ARG C 728 38.45 98.50 85.03
CA ARG C 728 38.68 98.89 86.41
C ARG C 728 38.28 100.34 86.65
N PRO C 729 37.19 100.56 87.39
CA PRO C 729 36.88 101.98 87.62
C PRO C 729 37.84 102.60 88.63
N VAL C 730 37.57 103.84 88.98
CA VAL C 730 38.44 104.60 89.88
C VAL C 730 37.67 105.03 91.11
N THR C 731 38.38 105.54 92.10
CA THR C 731 37.80 106.02 93.36
C THR C 731 38.10 107.51 93.46
N SER C 732 37.20 108.33 92.91
CA SER C 732 37.34 109.78 92.92
C SER C 732 36.01 110.42 93.22
N PRO C 733 36.01 111.65 93.76
CA PRO C 733 34.73 112.32 94.02
C PRO C 733 33.93 112.51 92.74
N GLY C 734 32.61 112.38 92.86
CA GLY C 734 31.74 112.51 91.70
C GLY C 734 31.96 111.42 90.68
N GLN C 735 31.78 110.16 91.09
CA GLN C 735 32.01 109.04 90.18
C GLN C 735 30.95 108.98 89.09
N HIS C 736 31.29 109.45 87.90
CA HIS C 736 30.40 109.42 86.76
C HIS C 736 31.24 109.45 85.49
N LEU C 737 30.59 109.24 84.35
CA LEU C 737 31.28 109.17 83.07
C LEU C 737 31.59 110.58 82.58
N LEU C 738 32.03 110.70 81.33
CA LEU C 738 32.44 111.99 80.79
C LEU C 738 31.24 112.88 80.52
N ALA C 739 30.76 113.57 81.54
CA ALA C 739 29.70 114.54 81.39
C ALA C 739 30.23 115.78 80.67
N PRO C 740 29.37 116.52 79.98
CA PRO C 740 29.82 117.74 79.31
C PRO C 740 30.26 118.81 80.31
N GLU C 741 31.00 119.79 79.78
CA GLU C 741 31.50 120.93 80.56
C GLU C 741 32.42 120.46 81.69
N ASP C 742 33.47 119.75 81.31
CA ASP C 742 34.45 119.23 82.26
C ASP C 742 35.84 119.34 81.67
N VAL C 743 36.84 119.38 82.56
CA VAL C 743 38.24 119.44 82.18
C VAL C 743 38.98 118.29 82.85
N VAL C 744 39.77 117.56 82.07
CA VAL C 744 40.51 116.40 82.56
C VAL C 744 41.97 116.78 82.70
N SER C 745 42.54 116.53 83.89
CA SER C 745 43.94 116.80 84.17
C SER C 745 44.71 115.49 84.00
N CYS C 746 45.39 115.35 82.86
CA CYS C 746 46.18 114.17 82.56
C CYS C 746 47.63 114.44 82.97
N CYS C 747 48.10 113.69 83.98
CA CYS C 747 49.45 113.86 84.48
C CYS C 747 50.37 112.82 83.85
N LEU C 748 51.50 113.29 83.32
CA LEU C 748 52.48 112.44 82.65
C LEU C 748 53.81 112.57 83.39
N ASP C 749 54.28 111.46 83.95
CA ASP C 749 55.58 111.41 84.61
C ASP C 749 56.40 110.28 84.01
N LEU C 750 57.65 110.59 83.66
CA LEU C 750 58.58 109.61 83.12
C LEU C 750 59.65 109.19 84.11
N SER C 751 59.54 109.63 85.37
CA SER C 751 60.53 109.26 86.37
C SER C 751 60.40 107.79 86.74
N VAL C 752 59.19 107.32 86.99
CA VAL C 752 58.97 105.92 87.39
C VAL C 752 59.06 105.00 86.18
N PRO C 753 58.33 105.24 85.07
CA PRO C 753 57.34 106.27 84.72
C PRO C 753 55.95 105.98 85.28
N SER C 754 55.20 107.03 85.59
CA SER C 754 53.86 106.89 86.15
C SER C 754 52.92 107.86 85.46
N ILE C 755 51.68 107.42 85.23
CA ILE C 755 50.66 108.25 84.58
C ILE C 755 49.41 108.24 85.43
N SER C 756 48.88 109.42 85.73
CA SER C 756 47.67 109.56 86.50
C SER C 756 46.77 110.61 85.85
N PHE C 757 45.47 110.50 86.10
CA PHE C 757 44.49 111.41 85.55
C PHE C 757 43.77 112.13 86.70
N ARG C 758 43.11 113.25 86.40
CA ARG C 758 42.45 114.05 87.47
C ARG C 758 41.32 114.89 86.88
N ILE C 759 40.09 114.77 87.38
CA ILE C 759 38.95 115.48 86.71
C ILE C 759 38.68 116.81 87.39
N ASN C 760 39.07 117.92 86.76
CA ASN C 760 38.77 119.26 87.32
C ASN C 760 39.21 119.32 88.78
N GLY C 761 40.16 118.48 89.18
CA GLY C 761 40.55 118.42 90.60
C GLY C 761 40.33 117.05 91.20
N CYS C 762 39.16 116.44 90.97
CA CYS C 762 38.82 115.12 91.56
C CYS C 762 40.09 114.31 91.72
N PRO C 763 40.60 114.07 92.95
CA PRO C 763 41.92 113.44 93.10
C PRO C 763 41.84 111.94 92.87
N VAL C 764 41.85 111.56 91.59
CA VAL C 764 41.63 110.17 91.19
C VAL C 764 42.75 109.30 91.75
N GLN C 765 42.36 108.16 92.33
CA GLN C 765 43.32 107.22 92.91
C GLN C 765 43.66 106.14 91.87
N GLY C 766 44.28 106.59 90.78
CA GLY C 766 44.67 105.69 89.72
C GLY C 766 45.98 106.08 89.06
N VAL C 767 46.94 105.16 89.03
CA VAL C 767 48.26 105.41 88.47
C VAL C 767 48.64 104.23 87.59
N PHE C 768 49.19 104.53 86.41
CA PHE C 768 49.72 103.51 85.51
C PHE C 768 51.24 103.48 85.61
N GLU C 769 51.80 102.30 85.87
CA GLU C 769 53.22 102.15 86.12
C GLU C 769 53.75 100.92 85.40
N ALA C 770 55.07 100.75 85.46
CA ALA C 770 55.76 99.57 84.91
C ALA C 770 55.45 99.37 83.44
N PHE C 771 55.63 100.44 82.66
CA PHE C 771 55.42 100.39 81.22
C PHE C 771 56.65 100.93 80.51
N ASN C 772 57.07 100.24 79.45
CA ASN C 772 58.28 100.61 78.73
C ASN C 772 58.07 101.91 77.96
N LEU C 773 59.18 102.56 77.63
CA LEU C 773 59.20 103.83 76.91
C LEU C 773 59.91 103.70 75.58
N ASP C 774 59.65 102.62 74.85
CA ASP C 774 60.34 102.34 73.60
C ASP C 774 59.67 103.09 72.44
N GLY C 775 59.60 104.41 72.61
CA GLY C 775 59.00 105.25 71.59
C GLY C 775 58.42 106.55 72.13
N LEU C 776 57.89 107.37 71.22
CA LEU C 776 57.35 108.67 71.60
C LEU C 776 55.92 108.52 72.14
N PHE C 777 55.32 109.65 72.48
CA PHE C 777 53.96 109.69 73.00
C PHE C 777 53.06 110.46 72.05
N PHE C 778 51.75 110.27 72.21
CA PHE C 778 50.77 110.87 71.34
C PHE C 778 49.58 111.41 72.12
N PRO C 779 49.11 112.61 71.80
CA PRO C 779 47.81 113.07 72.32
C PRO C 779 46.68 112.41 71.54
N VAL C 780 46.00 111.47 72.17
CA VAL C 780 44.98 110.66 71.51
C VAL C 780 43.65 110.86 72.24
N VAL C 781 42.61 111.16 71.48
CA VAL C 781 41.25 111.28 72.00
C VAL C 781 40.35 110.35 71.20
N SER C 782 39.50 109.59 71.90
CA SER C 782 38.60 108.64 71.28
C SER C 782 37.18 109.15 71.39
N PHE C 783 36.42 109.00 70.30
CA PHE C 783 35.06 109.53 70.25
C PHE C 783 34.27 108.78 69.20
N SER C 784 32.98 108.58 69.46
CA SER C 784 32.08 107.97 68.50
C SER C 784 31.43 109.07 67.66
N ALA C 785 30.40 108.71 66.89
CA ALA C 785 29.72 109.67 66.04
C ALA C 785 28.92 110.65 66.87
N GLY C 786 28.74 111.86 66.33
CA GLY C 786 27.95 112.88 66.97
C GLY C 786 28.64 113.61 68.11
N VAL C 787 29.96 113.54 68.21
CA VAL C 787 30.71 114.12 69.31
C VAL C 787 31.64 115.20 68.77
N LYS C 788 31.56 116.38 69.36
CA LYS C 788 32.44 117.50 69.03
C LYS C 788 33.32 117.80 70.24
N VAL C 789 34.64 117.85 70.02
CA VAL C 789 35.61 118.00 71.09
C VAL C 789 36.54 119.15 70.75
N ARG C 790 37.08 119.78 71.79
CA ARG C 790 37.98 120.92 71.64
C ARG C 790 39.27 120.66 72.41
N PHE C 791 40.41 120.87 71.73
CA PHE C 791 41.72 120.74 72.35
C PHE C 791 42.04 121.99 73.17
N LEU C 792 43.23 121.97 73.76
CA LEU C 792 43.79 123.16 74.40
C LEU C 792 45.23 123.30 73.93
N LEU C 793 45.55 124.43 73.31
CA LEU C 793 46.86 124.60 72.68
C LEU C 793 47.99 124.72 73.69
N GLY C 794 47.69 125.01 74.95
CA GLY C 794 48.72 125.19 75.94
C GLY C 794 49.25 126.62 75.92
N GLY C 795 50.35 126.82 75.20
CA GLY C 795 50.96 128.13 75.09
C GLY C 795 50.11 129.17 74.39
N ARG C 796 49.58 128.85 73.21
CA ARG C 796 48.88 129.85 72.40
C ARG C 796 47.44 130.04 72.87
N HIS C 797 46.63 129.00 72.73
CA HIS C 797 45.22 129.06 73.09
C HIS C 797 44.85 128.10 74.22
N GLY C 798 45.82 127.74 75.06
CA GLY C 798 45.50 126.95 76.22
C GLY C 798 45.11 127.85 77.37
N GLU C 799 43.80 128.03 77.55
CA GLU C 799 43.27 128.90 78.60
C GLU C 799 42.91 128.01 79.78
N PHE C 800 43.95 127.59 80.50
CA PHE C 800 43.80 126.57 81.53
C PHE C 800 42.98 127.10 82.68
N LYS C 801 41.71 126.67 82.75
CA LYS C 801 40.85 127.06 83.86
C LYS C 801 41.28 126.46 85.19
N PHE C 802 42.08 125.39 85.14
CA PHE C 802 42.68 124.82 86.34
C PHE C 802 44.19 124.87 86.18
N LEU C 803 44.86 125.26 87.26
CA LEU C 803 46.29 125.46 87.18
C LEU C 803 47.02 124.13 87.00
N PRO C 804 48.02 124.09 86.14
CA PRO C 804 48.78 122.85 85.92
C PRO C 804 49.59 122.50 87.14
N PRO C 805 49.98 121.23 87.28
CA PRO C 805 50.89 120.86 88.36
C PRO C 805 52.20 121.61 88.23
N PRO C 806 52.89 121.89 89.34
CA PRO C 806 54.00 122.84 89.29
C PRO C 806 55.07 122.50 88.27
N GLY C 807 55.08 123.25 87.17
CA GLY C 807 56.11 123.10 86.15
C GLY C 807 56.08 121.78 85.42
N TYR C 808 55.09 121.55 84.56
CA TYR C 808 55.03 120.35 83.72
C TYR C 808 54.79 120.79 82.27
N ALA C 809 55.87 121.19 81.59
CA ALA C 809 55.98 121.39 80.14
C ALA C 809 54.67 121.85 79.51
N PRO C 810 54.18 123.06 79.82
CA PRO C 810 52.86 123.50 79.32
C PRO C 810 52.84 123.77 77.81
N CYS C 811 53.33 122.81 77.03
CA CYS C 811 53.31 122.86 75.58
C CYS C 811 54.01 124.12 75.05
N HIS C 812 55.16 124.43 75.66
CA HIS C 812 55.94 125.61 75.31
C HIS C 812 57.30 125.27 74.71
N GLU C 813 58.11 124.48 75.42
CA GLU C 813 59.49 124.26 74.98
C GLU C 813 59.57 123.30 73.80
N ALA C 814 58.89 122.16 73.90
CA ALA C 814 58.93 121.14 72.85
C ALA C 814 57.55 121.08 72.20
N VAL C 815 57.33 121.95 71.23
CA VAL C 815 56.09 121.94 70.45
C VAL C 815 56.38 122.43 69.04
N LEU C 816 56.08 121.60 68.04
CA LEU C 816 56.32 121.90 66.64
C LEU C 816 57.77 122.33 66.42
N PRO C 817 58.74 121.43 66.57
CA PRO C 817 60.15 121.85 66.46
C PRO C 817 60.51 122.42 65.09
N ARG C 818 59.92 121.92 64.00
CA ARG C 818 60.20 122.46 62.68
C ARG C 818 58.94 122.57 61.81
N GLU C 819 57.76 122.32 62.35
CA GLU C 819 56.53 122.35 61.55
C GLU C 819 55.47 123.22 62.21
N ARG C 820 54.24 123.15 61.70
CA ARG C 820 53.12 123.90 62.26
C ARG C 820 52.26 122.97 63.10
N LEU C 821 51.11 123.47 63.55
CA LEU C 821 50.17 122.69 64.35
C LEU C 821 49.09 122.12 63.45
N ARG C 822 48.93 120.79 63.49
CA ARG C 822 47.95 120.10 62.67
C ARG C 822 47.35 118.93 63.44
N LEU C 823 46.09 118.64 63.15
CA LEU C 823 45.43 117.45 63.68
C LEU C 823 45.13 116.48 62.55
N GLU C 824 45.44 115.20 62.77
CA GLU C 824 45.32 114.21 61.71
C GLU C 824 45.07 112.82 62.29
N PRO C 825 44.42 111.94 61.53
CA PRO C 825 44.25 110.55 62.00
C PRO C 825 45.58 109.82 62.03
N ILE C 826 45.67 108.84 62.93
CA ILE C 826 46.90 108.08 63.11
C ILE C 826 46.98 106.99 62.04
N LYS C 827 48.00 107.08 61.19
CA LYS C 827 48.31 106.06 60.18
C LYS C 827 47.10 105.74 59.31
N GLU C 828 46.50 106.80 58.78
CA GLU C 828 45.37 106.63 57.87
C GLU C 828 45.85 106.08 56.52
N TYR C 829 44.96 105.36 55.85
CA TYR C 829 45.27 104.79 54.55
C TYR C 829 44.41 105.35 53.42
N ARG C 830 43.29 105.98 53.74
CA ARG C 830 42.42 106.60 52.74
C ARG C 830 42.06 108.00 53.20
N ARG C 831 42.08 108.94 52.27
CA ARG C 831 41.74 110.32 52.57
C ARG C 831 40.79 110.86 51.51
N GLU C 832 39.91 111.76 51.93
CA GLU C 832 38.97 112.38 51.02
C GLU C 832 39.68 113.38 50.12
N GLY C 833 39.27 113.42 48.85
CA GLY C 833 39.81 114.36 47.90
C GLY C 833 38.72 115.15 47.21
N PRO C 834 39.10 116.20 46.49
CA PRO C 834 38.09 116.97 45.73
C PRO C 834 37.36 116.11 44.70
N ARG C 835 38.04 115.13 44.13
CA ARG C 835 37.44 114.21 43.17
C ARG C 835 38.31 112.97 43.09
N GLY C 836 37.72 111.79 43.21
CA GLY C 836 38.50 110.58 43.25
C GLY C 836 39.31 110.51 44.53
N PRO C 837 38.63 110.22 45.64
CA PRO C 837 39.28 110.32 46.95
C PRO C 837 40.59 109.55 47.00
N HIS C 838 41.61 110.19 47.54
CA HIS C 838 42.99 109.76 47.36
C HIS C 838 43.38 108.69 48.36
N LEU C 839 44.28 107.82 47.92
CA LEU C 839 44.87 106.78 48.76
C LEU C 839 46.24 107.24 49.24
N VAL C 840 46.69 106.65 50.35
CA VAL C 840 47.99 106.99 50.92
C VAL C 840 48.61 105.73 51.51
N GLY C 841 49.92 105.58 51.31
CA GLY C 841 50.63 104.43 51.81
C GLY C 841 51.01 104.58 53.26
N PRO C 842 51.94 103.74 53.72
CA PRO C 842 52.36 103.80 55.13
C PRO C 842 53.06 105.11 55.44
N SER C 843 52.84 105.61 56.66
CA SER C 843 53.52 106.81 57.12
C SER C 843 54.82 106.45 57.82
N ARG C 844 55.86 107.26 57.59
CA ARG C 844 57.17 107.02 58.18
C ARG C 844 57.22 107.65 59.56
N CYS C 845 57.62 106.86 60.56
CA CYS C 845 57.74 107.35 61.93
C CYS C 845 58.99 108.20 62.05
N LEU C 846 58.84 109.41 62.58
CA LEU C 846 59.95 110.36 62.67
C LEU C 846 60.73 110.12 63.96
N SER C 847 61.63 109.13 63.93
CA SER C 847 62.59 108.88 65.01
C SER C 847 61.88 108.71 66.36
N HIS C 848 61.05 107.67 66.41
CA HIS C 848 60.36 107.34 67.66
C HIS C 848 61.36 107.08 68.78
N THR C 849 62.37 106.26 68.50
CA THR C 849 63.47 106.07 69.43
C THR C 849 64.73 106.72 68.87
N ASP C 850 65.76 106.82 69.71
CA ASP C 850 67.06 107.39 69.33
C ASP C 850 66.89 108.79 68.73
N PHE C 851 66.02 109.59 69.34
CA PHE C 851 65.76 110.95 68.90
C PHE C 851 66.66 111.98 69.57
N VAL C 852 67.85 111.57 70.00
CA VAL C 852 68.80 112.45 70.68
C VAL C 852 70.01 112.60 69.78
N PRO C 853 70.67 113.75 69.75
CA PRO C 853 71.85 113.93 68.87
C PRO C 853 73.05 113.17 69.40
N CYS C 854 74.06 113.06 68.54
CA CYS C 854 75.29 112.36 68.87
C CYS C 854 76.47 113.04 68.18
N PRO C 855 77.31 113.77 68.91
CA PRO C 855 78.46 114.43 68.28
C PRO C 855 79.45 113.41 67.74
N VAL C 856 80.14 113.81 66.67
CA VAL C 856 81.14 112.97 66.03
C VAL C 856 82.45 113.11 66.79
N ASP C 857 82.99 111.98 67.22
CA ASP C 857 84.25 111.98 67.97
C ASP C 857 85.45 111.95 67.03
N ILE C 861 91.39 113.16 69.36
CA ILE C 861 92.40 112.67 68.43
C ILE C 861 93.66 113.52 68.54
N VAL C 862 94.55 113.39 67.56
CA VAL C 862 95.80 114.14 67.51
C VAL C 862 95.82 114.99 66.25
N LEU C 863 96.79 115.89 66.17
CA LEU C 863 96.93 116.79 65.04
C LEU C 863 98.37 116.81 64.56
N PRO C 864 98.59 116.64 63.24
CA PRO C 864 99.95 116.70 62.72
C PRO C 864 100.55 118.09 62.91
N PRO C 865 101.88 118.19 63.02
CA PRO C 865 102.50 119.51 63.25
C PRO C 865 102.22 120.52 62.15
N HIS C 866 102.12 120.08 60.89
CA HIS C 866 101.85 121.02 59.81
C HIS C 866 100.45 121.62 59.89
N LEU C 867 99.52 120.92 60.56
CA LEU C 867 98.19 121.48 60.82
C LEU C 867 98.14 122.29 62.10
N GLU C 868 99.19 122.24 62.93
CA GLU C 868 99.20 123.05 64.14
C GLU C 868 99.52 124.50 63.84
N ARG C 869 100.39 124.76 62.86
CA ARG C 869 100.73 126.14 62.52
C ARG C 869 99.53 126.86 61.90
N ILE C 870 98.73 126.14 61.11
CA ILE C 870 97.59 126.77 60.45
C ILE C 870 96.43 127.00 61.41
N ARG C 871 96.46 126.38 62.59
CA ARG C 871 95.41 126.60 63.57
C ARG C 871 95.33 128.06 63.99
N GLU C 872 96.48 128.69 64.24
CA GLU C 872 96.48 130.12 64.55
C GLU C 872 95.98 130.94 63.37
N LYS C 873 96.45 130.62 62.16
CA LYS C 873 95.98 131.33 60.97
C LYS C 873 94.49 131.12 60.74
N LEU C 874 93.99 129.89 60.95
CA LEU C 874 92.57 129.66 60.88
C LEU C 874 91.82 130.41 61.97
N ALA C 875 92.39 130.46 63.18
CA ALA C 875 91.79 131.24 64.26
C ALA C 875 91.84 132.74 63.97
N GLU C 876 92.73 133.18 63.08
CA GLU C 876 92.75 134.59 62.69
C GLU C 876 91.59 134.92 61.76
N ASN C 877 91.54 134.26 60.60
CA ASN C 877 90.53 134.57 59.60
C ASN C 877 89.12 134.32 60.13
N ILE C 878 88.95 133.31 61.00
CA ILE C 878 87.67 133.15 61.68
C ILE C 878 87.36 134.37 62.53
N HIS C 879 88.37 134.86 63.27
CA HIS C 879 88.17 136.08 64.05
C HIS C 879 88.08 137.32 63.18
N GLU C 880 88.76 137.35 62.03
CA GLU C 880 88.63 138.47 61.12
C GLU C 880 87.18 138.60 60.62
N LEU C 881 86.57 137.48 60.25
CA LEU C 881 85.18 137.50 59.82
C LEU C 881 84.23 137.71 60.99
N TRP C 882 84.50 137.11 62.14
CA TRP C 882 83.65 137.31 63.31
C TRP C 882 83.64 138.78 63.75
N ALA C 883 84.81 139.42 63.75
CA ALA C 883 84.87 140.85 64.04
C ALA C 883 84.37 141.70 62.89
N LEU C 884 84.39 141.17 61.66
CA LEU C 884 83.89 141.91 60.51
C LEU C 884 82.40 142.20 60.62
N THR C 885 81.61 141.23 61.07
CA THR C 885 80.16 141.41 61.15
C THR C 885 79.79 142.48 62.16
N ARG C 886 80.54 142.58 63.26
CA ARG C 886 80.19 143.55 64.30
C ARG C 886 80.27 144.97 63.77
N ILE C 887 81.35 145.30 63.06
CA ILE C 887 81.46 146.64 62.48
C ILE C 887 80.42 146.86 61.40
N GLU C 888 80.09 145.81 60.63
CA GLU C 888 79.04 145.92 59.63
C GLU C 888 77.70 146.27 60.22
N GLN C 889 77.43 145.87 61.47
CA GLN C 889 76.20 146.21 62.16
C GLN C 889 76.36 147.41 63.08
N GLY C 890 77.51 148.08 63.04
CA GLY C 890 77.74 149.26 63.85
C GLY C 890 78.21 148.98 65.27
N TRP C 891 78.64 147.75 65.55
CA TRP C 891 79.14 147.39 66.88
C TRP C 891 80.59 147.84 66.95
N THR C 892 80.82 148.91 67.70
CA THR C 892 82.16 149.48 67.83
C THR C 892 82.95 148.73 68.90
N TYR C 893 84.16 149.21 69.18
CA TYR C 893 85.03 148.62 70.18
C TYR C 893 84.98 149.45 71.45
N GLY C 894 84.84 148.77 72.59
CA GLY C 894 84.80 149.44 73.87
C GLY C 894 85.26 148.53 74.99
N PRO C 895 85.84 149.11 76.04
CA PRO C 895 86.30 148.29 77.17
C PRO C 895 85.18 147.60 77.91
N VAL C 896 83.95 148.11 77.81
CA VAL C 896 82.79 147.50 78.45
C VAL C 896 81.91 146.92 77.35
N ARG C 897 81.61 145.63 77.45
CA ARG C 897 80.78 144.96 76.45
C ARG C 897 79.33 145.36 76.71
N ASP C 898 78.77 146.15 75.79
CA ASP C 898 77.43 146.67 75.93
C ASP C 898 76.65 146.43 74.64
N ASP C 899 75.34 146.27 74.80
CA ASP C 899 74.45 146.03 73.65
C ASP C 899 73.86 147.31 73.10
N ASN C 900 73.33 148.18 73.98
CA ASN C 900 72.75 149.44 73.53
C ASN C 900 73.82 150.40 73.03
N LYS C 901 75.01 150.39 73.62
CA LYS C 901 76.09 151.27 73.20
C LYS C 901 76.82 150.76 71.97
N ARG C 902 76.52 149.53 71.52
CA ARG C 902 77.18 148.92 70.37
C ARG C 902 78.70 148.87 70.57
N LEU C 903 79.10 148.28 71.70
CA LEU C 903 80.50 148.13 72.05
C LEU C 903 80.86 146.66 72.04
N HIS C 904 81.88 146.30 71.26
CA HIS C 904 82.33 144.92 71.13
C HIS C 904 83.80 144.85 71.50
N PRO C 905 84.13 144.37 72.71
CA PRO C 905 85.53 144.40 73.18
C PRO C 905 86.43 143.37 72.53
N CYS C 906 85.94 142.59 71.56
CA CYS C 906 86.75 141.59 70.88
C CYS C 906 87.14 142.01 69.48
N LEU C 907 87.11 143.31 69.18
CA LEU C 907 87.52 143.83 67.88
C LEU C 907 89.02 144.13 67.90
N VAL C 908 89.80 143.08 68.17
CA VAL C 908 91.23 143.19 68.31
C VAL C 908 91.92 142.11 67.48
N ASN C 909 93.21 142.30 67.24
CA ASN C 909 94.00 141.35 66.48
C ASN C 909 94.15 140.03 67.24
N PHE C 910 94.60 139.00 66.53
CA PHE C 910 94.83 137.70 67.16
C PHE C 910 95.89 137.81 68.25
N HIS C 911 96.97 138.55 67.99
CA HIS C 911 97.96 138.81 69.03
C HIS C 911 97.40 139.70 70.12
N SER C 912 96.43 140.55 69.79
CA SER C 912 95.82 141.46 70.75
C SER C 912 94.61 140.85 71.44
N LEU C 913 94.28 139.60 71.14
CA LEU C 913 93.14 138.96 71.78
C LEU C 913 93.40 138.76 73.27
N PRO C 914 92.37 138.84 74.11
CA PRO C 914 92.52 138.44 75.51
C PRO C 914 92.84 136.96 75.61
N GLU C 915 93.56 136.61 76.67
CA GLU C 915 93.97 135.21 76.86
C GLU C 915 92.81 134.23 76.84
N PRO C 916 91.69 134.45 77.54
CA PRO C 916 90.54 133.55 77.35
C PRO C 916 90.02 133.54 75.92
N GLU C 917 90.04 134.69 75.25
CA GLU C 917 89.55 134.78 73.88
C GLU C 917 90.51 134.19 72.86
N ARG C 918 91.82 134.37 73.06
CA ARG C 918 92.79 133.79 72.12
C ARG C 918 92.76 132.28 72.16
N ASN C 919 92.64 131.70 73.36
CA ASN C 919 92.52 130.25 73.51
C ASN C 919 91.16 129.72 73.08
N TYR C 920 90.16 130.60 72.99
CA TYR C 920 88.82 130.22 72.51
C TYR C 920 88.79 130.02 71.00
N ASN C 921 89.49 130.88 70.25
CA ASN C 921 89.58 130.70 68.81
C ASN C 921 90.50 129.54 68.44
N LEU C 922 91.51 129.27 69.28
CA LEU C 922 92.43 128.18 69.00
C LEU C 922 91.79 126.81 69.27
N GLN C 923 91.00 126.70 70.34
CA GLN C 923 90.36 125.42 70.64
C GLN C 923 89.37 125.01 69.55
N MET C 924 88.57 125.97 69.07
CA MET C 924 87.62 125.66 68.00
C MET C 924 88.34 125.42 66.67
N SER C 925 89.45 126.14 66.42
CA SER C 925 90.20 125.93 65.18
C SER C 925 90.85 124.56 65.15
N GLY C 926 91.44 124.12 66.27
CA GLY C 926 92.04 122.80 66.31
C GLY C 926 91.01 121.69 66.18
N GLU C 927 89.88 121.82 66.88
CA GLU C 927 88.82 120.84 66.76
C GLU C 927 88.18 120.84 65.38
N THR C 928 88.12 121.99 64.72
CA THR C 928 87.62 122.03 63.34
C THR C 928 88.51 121.21 62.42
N LEU C 929 89.84 121.34 62.57
CA LEU C 929 90.75 120.50 61.81
C LEU C 929 90.60 119.04 62.20
N LYS C 930 90.43 118.77 63.50
CA LYS C 930 90.23 117.40 63.97
C LYS C 930 88.96 116.77 63.40
N THR C 931 87.87 117.54 63.30
CA THR C 931 86.66 117.02 62.70
C THR C 931 86.87 116.66 61.24
N LEU C 932 87.65 117.48 60.52
CA LEU C 932 87.95 117.18 59.13
C LEU C 932 88.76 115.88 58.98
N LEU C 933 89.51 115.50 60.00
CA LEU C 933 90.32 114.28 59.92
C LEU C 933 89.43 113.05 59.91
N ALA C 934 88.42 113.01 60.78
CA ALA C 934 87.55 111.85 60.92
C ALA C 934 86.32 111.97 60.02
N LEU C 935 86.59 112.16 58.73
CA LEU C 935 85.51 112.24 57.73
C LEU C 935 85.82 111.48 56.45
N GLY C 936 86.91 110.74 56.35
CA GLY C 936 87.24 110.03 55.13
C GLY C 936 87.65 110.93 53.99
N CYS C 937 88.15 112.13 54.28
CA CYS C 937 88.54 113.10 53.28
C CYS C 937 90.05 113.27 53.28
N HIS C 938 90.58 113.72 52.15
CA HIS C 938 92.02 113.89 51.95
C HIS C 938 92.39 115.33 52.28
N VAL C 939 93.02 115.52 53.43
CA VAL C 939 93.49 116.83 53.89
C VAL C 939 95.01 116.81 53.87
N GLY C 940 95.60 117.78 53.17
CA GLY C 940 97.03 117.84 53.05
C GLY C 940 97.46 119.01 52.19
N MET C 941 98.77 119.11 51.99
CA MET C 941 99.32 120.17 51.15
C MET C 941 98.90 119.99 49.69
N ALA C 942 98.70 121.11 49.00
CA ALA C 942 98.34 121.10 47.59
C ALA C 942 99.42 121.65 46.69
N ASP C 943 99.85 122.90 46.91
CA ASP C 943 100.91 123.50 46.12
C ASP C 943 101.88 124.26 47.01
N GLU C 944 101.44 124.63 48.22
CA GLU C 944 102.22 125.40 49.18
C GLU C 944 102.64 126.76 48.64
N LYS C 945 101.97 127.25 47.58
CA LYS C 945 102.24 128.56 47.03
C LYS C 945 101.01 129.46 46.94
N ALA C 946 99.80 128.91 46.98
CA ALA C 946 98.60 129.75 47.00
C ALA C 946 98.51 130.61 48.23
N GLU C 947 99.15 130.20 49.33
CA GLU C 947 99.16 131.03 50.53
C GLU C 947 99.94 132.31 50.32
N ASP C 948 100.95 132.27 49.45
CA ASP C 948 101.71 133.47 49.12
C ASP C 948 100.90 134.46 48.29
N ASN C 949 99.91 134.00 47.53
CA ASN C 949 99.05 134.87 46.75
C ASN C 949 97.85 135.37 47.52
N LEU C 950 97.72 135.00 48.81
CA LEU C 950 96.59 135.45 49.60
C LEU C 950 96.61 136.97 49.76
N LYS C 951 95.41 137.56 49.78
CA LYS C 951 95.23 138.99 49.88
C LYS C 951 94.25 139.29 51.01
N LYS C 952 94.32 140.52 51.52
CA LYS C 952 93.47 140.96 52.60
C LYS C 952 92.41 141.93 52.06
N THR C 953 91.21 141.85 52.63
CA THR C 953 90.11 142.68 52.17
C THR C 953 90.37 144.13 52.53
N LYS C 954 90.63 144.97 51.52
CA LYS C 954 90.87 146.38 51.73
C LYS C 954 89.55 147.06 52.09
N LEU C 955 89.56 147.87 53.15
CA LEU C 955 88.33 148.44 53.66
C LEU C 955 88.44 149.95 53.79
N PRO C 956 87.33 150.68 53.67
CA PRO C 956 87.38 152.14 53.81
C PRO C 956 87.56 152.58 55.25
N LYS C 957 87.49 153.89 55.50
CA LYS C 957 87.64 154.42 56.84
C LYS C 957 86.50 154.02 57.77
N THR C 958 85.40 153.48 57.23
CA THR C 958 84.29 153.06 58.08
C THR C 958 84.70 151.94 59.03
N TYR C 959 85.49 150.99 58.56
CA TYR C 959 85.93 149.88 59.39
C TYR C 959 87.08 150.26 60.30
N MET C 960 87.62 151.48 60.18
CA MET C 960 88.65 151.93 61.09
C MET C 960 88.05 152.15 62.48
N MET C 961 88.46 151.30 63.41
CA MET C 961 87.93 151.32 64.77
C MET C 961 88.89 152.08 65.68
N SER C 962 88.43 152.39 66.89
CA SER C 962 89.24 153.15 67.83
C SER C 962 90.53 152.43 68.22
N ASN C 963 90.58 151.11 68.06
CA ASN C 963 91.77 150.33 68.40
C ASN C 963 92.61 149.98 67.18
N GLY C 964 92.30 150.53 66.02
CA GLY C 964 93.14 150.32 64.85
C GLY C 964 93.06 148.93 64.25
N TYR C 965 92.00 148.17 64.56
CA TYR C 965 91.86 146.82 64.07
C TYR C 965 90.98 146.81 62.83
N LYS C 966 91.55 146.42 61.69
CA LYS C 966 90.82 146.26 60.45
C LYS C 966 90.51 144.79 60.23
N PRO C 967 89.23 144.39 60.25
CA PRO C 967 88.89 142.99 59.96
C PRO C 967 89.09 142.70 58.47
N ALA C 968 90.17 141.99 58.15
CA ALA C 968 90.56 141.72 56.77
C ALA C 968 90.61 140.22 56.55
N PRO C 969 89.53 139.62 56.06
CA PRO C 969 89.55 138.20 55.70
C PRO C 969 90.30 137.99 54.38
N LEU C 970 90.60 136.73 54.10
CA LEU C 970 91.32 136.36 52.89
C LEU C 970 90.41 136.47 51.68
N ASP C 971 90.90 137.13 50.63
CA ASP C 971 90.15 137.28 49.38
C ASP C 971 90.30 135.99 48.59
N LEU C 972 89.27 135.14 48.63
CA LEU C 972 89.26 133.85 47.94
C LEU C 972 88.00 133.73 47.09
N SER C 973 87.68 134.79 46.35
CA SER C 973 86.52 134.75 45.47
C SER C 973 86.69 133.81 44.30
N HIS C 974 87.93 133.43 44.02
CA HIS C 974 88.20 132.46 42.97
C HIS C 974 88.14 131.06 43.54
N VAL C 975 88.65 130.88 44.75
CA VAL C 975 88.69 129.55 45.37
C VAL C 975 87.30 129.06 45.75
N ARG C 976 87.14 127.75 45.88
CA ARG C 976 85.85 127.18 46.27
C ARG C 976 86.01 125.74 46.72
N LEU C 977 85.05 125.26 47.53
CA LEU C 977 85.11 123.87 47.99
C LEU C 977 84.79 122.90 46.86
N THR C 978 85.23 121.65 47.02
CA THR C 978 85.04 120.66 45.96
C THR C 978 83.60 120.15 45.85
N PRO C 979 83.25 119.55 44.70
CA PRO C 979 81.91 118.94 44.58
C PRO C 979 81.57 118.00 45.72
N ALA C 980 82.55 117.58 46.52
CA ALA C 980 82.31 116.56 47.53
C ALA C 980 82.07 117.15 48.91
N GLN C 981 82.88 118.13 49.31
CA GLN C 981 82.77 118.69 50.66
C GLN C 981 81.55 119.57 50.84
N THR C 982 80.81 119.86 49.77
CA THR C 982 79.55 120.59 49.91
C THR C 982 78.58 119.83 50.82
N THR C 983 78.71 118.50 50.89
CA THR C 983 77.96 117.70 51.84
C THR C 983 78.76 117.37 53.09
N LEU C 984 80.08 117.27 52.98
CA LEU C 984 80.91 117.05 54.16
C LEU C 984 80.87 118.25 55.09
N VAL C 985 80.70 119.45 54.56
CA VAL C 985 80.55 120.63 55.40
C VAL C 985 79.29 120.51 56.25
N ASP C 986 78.18 120.06 55.66
CA ASP C 986 76.99 119.78 56.45
C ASP C 986 77.22 118.64 57.44
N ARG C 987 78.03 117.64 57.04
CA ARG C 987 78.37 116.56 57.96
C ARG C 987 79.15 117.07 59.17
N LEU C 988 80.12 117.97 58.95
CA LEU C 988 80.84 118.54 60.08
C LEU C 988 79.99 119.54 60.84
N ALA C 989 79.04 120.19 60.16
CA ALA C 989 78.17 121.14 60.84
C ALA C 989 77.31 120.45 61.90
N GLU C 990 76.78 119.27 61.58
CA GLU C 990 76.02 118.51 62.57
C GLU C 990 76.89 118.11 63.74
N ASN C 991 78.15 117.75 63.49
CA ASN C 991 79.05 117.38 64.58
C ASN C 991 79.30 118.55 65.51
N GLY C 992 79.52 119.74 64.97
CA GLY C 992 79.75 120.91 65.79
C GLY C 992 78.54 121.32 66.60
N HIS C 993 77.37 121.32 65.96
CA HIS C 993 76.14 121.66 66.67
C HIS C 993 75.81 120.63 67.74
N ASN C 994 75.98 119.34 67.43
CA ASN C 994 75.75 118.30 68.42
C ASN C 994 76.73 118.40 69.58
N VAL C 995 78.00 118.70 69.29
CA VAL C 995 78.98 118.88 70.35
C VAL C 995 78.59 120.06 71.23
N TRP C 996 78.19 121.18 70.61
CA TRP C 996 77.72 122.32 71.39
C TRP C 996 76.46 121.99 72.17
N ALA C 997 75.53 121.25 71.56
CA ALA C 997 74.32 120.84 72.27
C ALA C 997 74.64 119.87 73.39
N ARG C 998 75.57 118.95 73.16
CA ARG C 998 75.95 118.00 74.21
C ARG C 998 76.59 118.68 75.41
N ASP C 999 77.05 119.93 75.25
CA ASP C 999 77.63 120.67 76.36
C ASP C 999 76.61 121.60 77.02
N ARG C 1000 75.85 122.35 76.21
CA ARG C 1000 74.91 123.32 76.75
C ARG C 1000 73.59 122.70 77.19
N VAL C 1001 73.29 121.47 76.77
CA VAL C 1001 72.02 120.83 77.12
C VAL C 1001 72.29 119.53 77.87
N ALA C 1002 72.99 118.60 77.22
CA ALA C 1002 73.30 117.32 77.86
C ALA C 1002 74.19 117.54 79.08
N GLN C 1003 75.22 118.38 78.94
CA GLN C 1003 76.05 118.74 80.08
C GLN C 1003 75.55 120.00 80.78
N GLY C 1004 74.94 120.92 80.05
CA GLY C 1004 74.45 122.15 80.64
C GLY C 1004 73.13 122.01 81.35
N TRP C 1005 72.10 121.56 80.62
CA TRP C 1005 70.76 121.41 81.17
C TRP C 1005 70.26 122.72 81.78
N SER C 1006 70.45 123.81 81.04
CA SER C 1006 70.03 125.14 81.49
C SER C 1006 68.58 125.35 81.09
N TYR C 1007 67.72 125.63 82.08
CA TYR C 1007 66.30 125.84 81.84
C TYR C 1007 66.10 127.27 81.37
N SER C 1008 66.43 127.51 80.12
CA SER C 1008 66.32 128.82 79.49
C SER C 1008 65.42 128.72 78.27
N ALA C 1009 64.57 129.72 78.08
CA ALA C 1009 63.66 129.76 76.94
C ALA C 1009 64.42 129.92 75.63
N ARG C 1020 66.93 126.43 73.61
CA ARG C 1020 66.56 126.06 72.24
C ARG C 1020 67.62 125.16 71.62
N LEU C 1021 67.82 123.99 72.21
CA LEU C 1021 68.79 123.00 71.74
C LEU C 1021 68.04 121.73 71.36
N VAL C 1022 68.27 121.25 70.14
CA VAL C 1022 67.65 120.01 69.66
C VAL C 1022 68.67 119.23 68.86
N PRO C 1023 68.34 118.03 68.40
CA PRO C 1023 69.28 117.27 67.57
C PRO C 1023 69.58 118.00 66.28
N TYR C 1024 70.85 117.93 65.86
CA TYR C 1024 71.32 118.68 64.71
C TYR C 1024 70.92 118.06 63.38
N ARG C 1025 70.36 116.86 63.40
CA ARG C 1025 69.92 116.22 62.16
C ARG C 1025 68.75 116.96 61.51
N LEU C 1026 67.78 117.39 62.31
CA LEU C 1026 66.64 118.15 61.81
C LEU C 1026 66.25 119.24 62.81
N LEU C 1027 67.24 119.95 63.34
CA LEU C 1027 66.96 120.99 64.32
C LEU C 1027 66.06 122.08 63.74
N ASP C 1028 66.56 122.80 62.75
CA ASP C 1028 65.80 123.83 62.07
C ASP C 1028 66.52 124.21 60.79
N GLU C 1029 65.79 124.86 59.88
CA GLU C 1029 66.39 125.31 58.64
C GLU C 1029 67.34 126.48 58.86
N ALA C 1030 66.94 127.44 59.69
CA ALA C 1030 67.77 128.60 59.97
C ALA C 1030 69.01 128.23 60.78
N THR C 1031 68.88 127.33 61.75
CA THR C 1031 70.02 126.92 62.55
C THR C 1031 71.08 126.23 61.69
N LYS C 1032 70.65 125.37 60.76
CA LYS C 1032 71.61 124.72 59.88
C LYS C 1032 72.26 125.70 58.93
N ARG C 1033 71.53 126.72 58.46
CA ARG C 1033 72.12 127.71 57.58
C ARG C 1033 73.26 128.45 58.26
N SER C 1034 73.07 128.84 59.52
CA SER C 1034 74.14 129.50 60.27
C SER C 1034 75.32 128.56 60.48
N ASN C 1035 75.05 127.29 60.80
CA ASN C 1035 76.13 126.33 60.95
C ASN C 1035 76.78 126.00 59.60
N ARG C 1036 75.97 125.95 58.53
CA ARG C 1036 76.54 125.81 57.19
C ARG C 1036 77.34 127.04 56.81
N ASP C 1037 76.85 128.23 57.19
CA ASP C 1037 77.60 129.45 56.95
C ASP C 1037 78.91 129.49 57.74
N SER C 1038 78.90 128.98 58.97
CA SER C 1038 80.11 128.95 59.78
C SER C 1038 81.21 128.10 59.16
N LEU C 1039 80.86 127.01 58.48
CA LEU C 1039 81.82 126.21 57.75
C LEU C 1039 81.91 126.60 56.28
N CYS C 1040 81.08 127.54 55.82
CA CYS C 1040 81.17 128.00 54.44
C CYS C 1040 82.50 128.70 54.18
N GLN C 1041 82.97 129.49 55.16
CA GLN C 1041 84.24 130.19 55.05
C GLN C 1041 85.35 129.51 55.85
N ALA C 1042 85.22 128.20 56.09
CA ALA C 1042 86.22 127.43 56.80
C ALA C 1042 86.95 126.45 55.89
N VAL C 1043 86.22 125.63 55.15
CA VAL C 1043 86.87 124.75 54.17
C VAL C 1043 87.46 125.56 53.03
N ARG C 1044 86.74 126.58 52.56
CA ARG C 1044 87.25 127.43 51.49
C ARG C 1044 88.46 128.23 51.94
N THR C 1045 88.50 128.63 53.21
CA THR C 1045 89.66 129.38 53.72
C THR C 1045 90.93 128.55 53.65
N LEU C 1046 90.86 127.28 54.02
CA LEU C 1046 92.05 126.43 54.04
C LEU C 1046 92.61 126.18 52.65
N LEU C 1047 91.77 126.24 51.61
CA LEU C 1047 92.28 126.11 50.24
C LEU C 1047 93.16 127.30 49.87
N GLY C 1048 92.89 128.47 50.46
CA GLY C 1048 93.74 129.62 50.18
C GLY C 1048 95.11 129.50 50.79
N TYR C 1049 95.27 128.67 51.82
CA TYR C 1049 96.55 128.44 52.47
C TYR C 1049 97.35 127.31 51.81
N GLY C 1050 96.84 126.72 50.74
CA GLY C 1050 97.47 125.59 50.10
C GLY C 1050 97.06 124.23 50.64
N TYR C 1051 96.07 124.18 51.54
CA TYR C 1051 95.63 122.93 52.16
C TYR C 1051 94.53 122.32 51.31
N ASN C 1052 94.83 121.20 50.65
CA ASN C 1052 93.83 120.54 49.82
C ASN C 1052 92.83 119.78 50.69
N ILE C 1053 91.54 119.98 50.43
CA ILE C 1053 90.46 119.30 51.13
C ILE C 1053 89.59 118.64 50.08
N GLU C 1054 89.35 117.33 50.23
CA GLU C 1054 88.52 116.59 49.29
C GLU C 1054 87.57 115.65 50.02
N ASP C 1070 59.04 100.74 55.60
CA ASP C 1070 58.67 99.46 56.18
C ASP C 1070 58.21 98.48 55.10
N ARG C 1071 56.94 98.59 54.73
CA ARG C 1071 56.33 97.72 53.74
C ARG C 1071 55.49 98.55 52.78
N VAL C 1072 54.92 97.88 51.78
CA VAL C 1072 54.18 98.53 50.70
C VAL C 1072 52.74 98.03 50.73
N ARG C 1073 51.79 98.96 50.82
CA ARG C 1073 50.38 98.60 50.79
C ARG C 1073 49.98 98.18 49.39
N ILE C 1074 49.10 97.19 49.31
CA ILE C 1074 48.62 96.67 48.03
C ILE C 1074 47.12 96.90 47.97
N PHE C 1075 46.60 97.07 46.75
CA PHE C 1075 45.19 97.32 46.55
C PHE C 1075 44.68 96.48 45.39
N ARG C 1076 43.47 95.93 45.56
CA ARG C 1076 42.86 95.05 44.57
C ARG C 1076 41.36 95.04 44.78
N ALA C 1077 40.64 94.59 43.76
CA ALA C 1077 39.19 94.50 43.82
C ALA C 1077 38.77 93.15 44.39
N GLU C 1078 37.46 92.92 44.45
CA GLU C 1078 36.94 91.67 44.99
C GLU C 1078 37.17 90.54 43.98
N LYS C 1079 37.19 89.31 44.50
CA LYS C 1079 37.30 88.15 43.62
C LYS C 1079 36.07 87.98 42.74
N SER C 1080 34.96 88.63 43.09
CA SER C 1080 33.73 88.49 42.35
C SER C 1080 33.78 89.15 40.97
N TYR C 1081 34.52 90.25 40.83
CA TYR C 1081 34.55 91.00 39.57
C TYR C 1081 35.59 90.47 38.60
N THR C 1082 35.99 89.21 38.74
CA THR C 1082 37.02 88.64 37.88
C THR C 1082 36.50 88.48 36.46
N VAL C 1083 37.11 89.20 35.53
CA VAL C 1083 36.70 89.11 34.12
C VAL C 1083 37.59 88.11 33.40
N GLN C 1084 37.09 87.59 32.29
CA GLN C 1084 37.84 86.62 31.50
C GLN C 1084 37.70 86.84 30.00
N SER C 1085 37.36 88.05 29.54
CA SER C 1085 37.19 88.33 28.13
C SER C 1085 37.05 89.84 27.95
N GLY C 1086 36.96 90.26 26.68
CA GLY C 1086 36.67 91.63 26.36
C GLY C 1086 37.87 92.56 26.51
N ARG C 1087 37.59 93.85 26.31
CA ARG C 1087 38.57 94.91 26.42
C ARG C 1087 38.19 95.84 27.56
N TRP C 1088 39.17 96.22 28.36
CA TRP C 1088 38.89 96.92 29.61
C TRP C 1088 39.90 98.05 29.82
N TYR C 1089 39.46 99.05 30.57
CA TYR C 1089 40.27 100.24 30.82
C TYR C 1089 39.96 100.78 32.21
N PHE C 1090 41.02 101.13 32.94
CA PHE C 1090 40.92 101.88 34.18
C PHE C 1090 42.02 102.93 34.20
N GLU C 1091 41.73 104.06 34.84
CA GLU C 1091 42.62 105.22 34.80
C GLU C 1091 43.15 105.48 36.20
N PHE C 1092 44.48 105.60 36.31
CA PHE C 1092 45.15 105.82 37.58
C PHE C 1092 45.85 107.18 37.59
N GLU C 1093 45.77 107.86 38.72
CA GLU C 1093 46.42 109.16 38.90
C GLU C 1093 47.37 109.07 40.08
N ALA C 1094 48.63 109.43 39.85
CA ALA C 1094 49.67 109.39 40.88
C ALA C 1094 50.01 110.82 41.29
N VAL C 1095 49.50 111.24 42.44
CA VAL C 1095 49.81 112.57 42.95
C VAL C 1095 51.30 112.70 43.26
N THR C 1096 51.84 111.74 43.99
CA THR C 1096 53.28 111.69 44.21
C THR C 1096 53.95 110.87 43.11
N THR C 1097 55.27 110.97 43.06
CA THR C 1097 56.07 110.28 42.05
C THR C 1097 56.99 109.23 42.65
N GLY C 1098 56.68 108.74 43.84
CA GLY C 1098 57.52 107.76 44.50
C GLY C 1098 57.38 106.37 43.93
N GLU C 1099 57.49 105.35 44.79
CA GLU C 1099 57.48 103.95 44.35
C GLU C 1099 56.04 103.46 44.31
N MET C 1100 55.45 103.47 43.12
CA MET C 1100 54.12 102.93 42.92
C MET C 1100 54.17 102.01 41.70
N ARG C 1101 53.29 101.00 41.72
CA ARG C 1101 53.22 100.04 40.63
C ARG C 1101 51.76 99.76 40.28
N VAL C 1102 51.45 99.82 38.98
CA VAL C 1102 50.09 99.70 38.48
C VAL C 1102 50.07 98.66 37.37
N GLY C 1103 49.09 97.76 37.41
CA GLY C 1103 48.95 96.75 36.38
C GLY C 1103 47.82 95.76 36.64
N TRP C 1104 47.94 94.56 36.11
CA TRP C 1104 46.97 93.49 36.31
C TRP C 1104 47.57 92.42 37.20
N ALA C 1105 46.70 91.69 37.89
CA ALA C 1105 47.14 90.66 38.82
C ALA C 1105 46.15 89.52 38.88
N ARG C 1106 46.65 88.32 39.14
CA ARG C 1106 45.79 87.18 39.35
C ARG C 1106 45.21 87.21 40.77
N PRO C 1107 44.03 86.61 40.98
CA PRO C 1107 43.38 86.71 42.29
C PRO C 1107 44.13 86.04 43.43
N GLU C 1108 45.02 85.08 43.17
CA GLU C 1108 45.70 84.38 44.25
C GLU C 1108 47.01 85.08 44.61
N LEU C 1109 46.95 86.39 44.80
CA LEU C 1109 48.16 87.16 45.06
C LEU C 1109 48.54 87.01 46.53
N ARG C 1110 49.67 86.34 46.78
CA ARG C 1110 50.11 86.10 48.15
C ARG C 1110 50.62 87.38 48.77
N PRO C 1111 50.17 87.76 49.96
CA PRO C 1111 50.75 88.93 50.64
C PRO C 1111 52.15 88.62 51.17
N ASP C 1112 52.76 89.59 51.84
CA ASP C 1112 54.15 89.50 52.33
C ASP C 1112 55.15 89.31 51.19
N VAL C 1113 54.71 89.44 49.95
CA VAL C 1113 55.58 89.36 48.78
C VAL C 1113 55.35 90.62 47.96
N GLU C 1114 56.44 91.28 47.57
CA GLU C 1114 56.31 92.53 46.84
C GLU C 1114 55.69 92.28 45.46
N LEU C 1115 54.97 93.28 44.97
CA LEU C 1115 54.10 93.12 43.81
C LEU C 1115 54.93 92.83 42.56
N GLY C 1116 54.52 91.82 41.81
CA GLY C 1116 55.19 91.46 40.58
C GLY C 1116 56.45 90.65 40.74
N ALA C 1117 56.69 90.07 41.91
CA ALA C 1117 57.91 89.32 42.18
C ALA C 1117 57.97 88.00 41.43
N ASP C 1118 56.87 87.59 40.79
CA ASP C 1118 56.80 86.30 40.13
C ASP C 1118 55.72 86.38 39.06
N GLU C 1119 55.31 85.22 38.56
CA GLU C 1119 54.33 85.12 37.48
C GLU C 1119 52.92 85.51 37.92
N LEU C 1120 52.71 85.69 39.23
CA LEU C 1120 51.36 85.92 39.75
C LEU C 1120 50.81 87.29 39.40
N ALA C 1121 51.63 88.18 38.84
CA ALA C 1121 51.20 89.54 38.53
C ALA C 1121 51.87 90.03 37.27
N TYR C 1122 51.23 90.99 36.62
CA TYR C 1122 51.80 91.74 35.49
C TYR C 1122 51.64 93.21 35.81
N VAL C 1123 52.72 93.83 36.27
CA VAL C 1123 52.66 95.19 36.80
C VAL C 1123 53.82 95.99 36.24
N PHE C 1124 53.66 97.31 36.25
CA PHE C 1124 54.67 98.25 35.77
C PHE C 1124 55.06 99.22 36.88
N ASN C 1125 56.36 99.51 36.96
CA ASN C 1125 56.89 100.48 37.90
C ASN C 1125 57.35 101.71 37.12
N GLY C 1126 56.76 102.86 37.43
CA GLY C 1126 57.07 104.07 36.70
C GLY C 1126 57.98 105.04 37.45
N HIS C 1127 58.40 104.66 38.66
CA HIS C 1127 59.38 105.46 39.37
C HIS C 1127 60.75 105.42 38.72
N ARG C 1128 61.02 104.38 37.93
CA ARG C 1128 62.27 104.27 37.17
C ARG C 1128 62.05 103.84 35.74
N GLY C 1129 60.81 103.75 35.28
CA GLY C 1129 60.52 103.28 33.94
C GLY C 1129 60.91 101.83 33.74
N GLN C 1130 60.37 100.95 34.59
CA GLN C 1130 60.74 99.54 34.56
C GLN C 1130 59.49 98.69 34.71
N ARG C 1131 59.38 97.65 33.89
CA ARG C 1131 58.28 96.70 34.00
C ARG C 1131 58.77 95.43 34.70
N TRP C 1132 57.91 94.87 35.56
CA TRP C 1132 58.29 93.75 36.40
C TRP C 1132 57.44 92.54 36.07
N HIS C 1133 58.09 91.42 35.78
CA HIS C 1133 57.44 90.12 35.69
C HIS C 1133 58.51 89.06 35.79
N LEU C 1134 58.48 88.27 36.87
CA LEU C 1134 59.53 87.30 37.16
C LEU C 1134 60.90 87.97 37.16
N GLY C 1135 60.96 89.17 37.71
CA GLY C 1135 62.13 90.02 37.63
C GLY C 1135 61.78 91.39 37.06
N SER C 1136 62.78 92.26 37.06
CA SER C 1136 62.62 93.63 36.61
C SER C 1136 63.19 93.81 35.21
N GLU C 1137 62.50 94.62 34.40
CA GLU C 1137 62.95 94.95 33.06
C GLU C 1137 62.63 96.42 32.80
N PRO C 1138 63.59 97.19 32.29
CA PRO C 1138 63.34 98.62 32.01
C PRO C 1138 62.23 98.78 30.98
N PHE C 1139 61.40 99.81 31.16
CA PHE C 1139 60.29 100.05 30.25
C PHE C 1139 59.90 101.53 30.34
N GLY C 1140 60.35 102.31 29.36
CA GLY C 1140 59.91 103.69 29.24
C GLY C 1140 60.56 104.62 30.25
N ARG C 1141 60.01 105.86 30.27
CA ARG C 1141 60.41 107.03 31.04
C ARG C 1141 59.88 106.95 32.47
N PRO C 1142 60.45 107.74 33.39
CA PRO C 1142 59.89 107.82 34.74
C PRO C 1142 58.59 108.63 34.77
N TRP C 1143 58.07 108.86 35.96
CA TRP C 1143 56.80 109.55 36.15
C TRP C 1143 57.02 111.05 36.39
N GLN C 1144 55.95 111.81 36.17
CA GLN C 1144 55.94 113.24 36.40
C GLN C 1144 54.79 113.60 37.34
N SER C 1145 54.57 114.90 37.52
CA SER C 1145 53.48 115.36 38.38
C SER C 1145 52.13 115.03 37.76
N GLY C 1146 51.13 114.86 38.61
CA GLY C 1146 49.81 114.47 38.16
C GLY C 1146 49.77 113.00 37.81
N ASP C 1147 50.46 112.64 36.74
CA ASP C 1147 50.72 111.24 36.36
C ASP C 1147 49.40 110.47 36.20
N VAL C 1148 48.61 110.94 35.24
CA VAL C 1148 47.37 110.26 34.88
C VAL C 1148 47.76 109.07 33.99
N VAL C 1149 47.76 107.88 34.56
CA VAL C 1149 48.22 106.67 33.89
C VAL C 1149 47.04 105.76 33.63
N GLY C 1150 46.93 105.26 32.41
CA GLY C 1150 45.90 104.30 32.04
C GLY C 1150 46.51 102.97 31.68
N CYS C 1151 45.69 101.93 31.69
CA CYS C 1151 46.14 100.59 31.37
C CYS C 1151 45.16 99.93 30.41
N MET C 1152 45.69 99.19 29.44
CA MET C 1152 44.89 98.44 28.49
C MET C 1152 44.99 96.95 28.82
N ILE C 1153 44.01 96.20 28.34
CA ILE C 1153 44.03 94.75 28.40
C ILE C 1153 43.10 94.20 27.34
N ASP C 1154 43.53 93.14 26.68
CA ASP C 1154 42.71 92.42 25.70
C ASP C 1154 43.06 90.95 25.80
N LEU C 1155 42.38 90.22 26.69
CA LEU C 1155 42.62 88.79 26.83
C LEU C 1155 42.28 88.03 25.55
N THR C 1156 41.38 88.57 24.72
CA THR C 1156 41.18 88.00 23.39
C THR C 1156 42.45 88.06 22.56
N GLU C 1157 43.14 89.20 22.61
CA GLU C 1157 44.40 89.34 21.88
C GLU C 1157 45.60 88.90 22.70
N ASN C 1158 45.41 88.61 23.98
CA ASN C 1158 46.50 88.21 24.88
C ASN C 1158 47.60 89.27 24.89
N THR C 1159 47.19 90.54 24.98
CA THR C 1159 48.10 91.65 24.81
C THR C 1159 47.81 92.73 25.84
N ILE C 1160 48.86 93.29 26.43
CA ILE C 1160 48.75 94.38 27.38
C ILE C 1160 49.31 95.64 26.74
N ILE C 1161 48.72 96.79 27.08
CA ILE C 1161 49.22 98.09 26.61
C ILE C 1161 49.17 99.06 27.78
N PHE C 1162 50.30 99.72 28.03
CA PHE C 1162 50.40 100.74 29.07
C PHE C 1162 50.40 102.12 28.44
N THR C 1163 49.68 103.05 29.06
CA THR C 1163 49.58 104.42 28.56
C THR C 1163 49.92 105.39 29.69
N LEU C 1164 50.69 106.42 29.36
CA LEU C 1164 51.12 107.43 30.34
C LEU C 1164 50.66 108.81 29.87
N ASN C 1165 49.92 109.51 30.72
CA ASN C 1165 49.47 110.87 30.46
C ASN C 1165 48.78 110.97 29.11
N GLY C 1166 47.92 109.99 28.81
CA GLY C 1166 47.28 109.93 27.51
C GLY C 1166 48.23 109.68 26.37
N GLU C 1167 49.26 108.86 26.58
CA GLU C 1167 50.22 108.55 25.53
C GLU C 1167 50.70 107.12 25.72
N VAL C 1168 50.71 106.35 24.63
CA VAL C 1168 51.13 104.97 24.70
C VAL C 1168 52.62 104.89 25.03
N LEU C 1169 52.98 103.97 25.92
CA LEU C 1169 54.37 103.78 26.29
C LEU C 1169 55.08 102.89 25.29
N MET C 1170 56.40 103.04 25.23
CA MET C 1170 57.25 102.29 24.33
C MET C 1170 58.04 101.24 25.10
N SER C 1171 58.49 100.23 24.38
CA SER C 1171 59.29 99.16 24.96
C SER C 1171 60.76 99.33 24.58
N ASP C 1172 61.59 98.42 25.09
CA ASP C 1172 63.00 98.42 24.72
C ASP C 1172 63.20 98.08 23.25
N SER C 1173 62.29 97.31 22.65
CA SER C 1173 62.33 96.99 21.24
C SER C 1173 61.39 97.87 20.41
N GLY C 1174 60.81 98.90 21.01
CA GLY C 1174 59.92 99.79 20.29
C GLY C 1174 58.49 99.34 20.18
N SER C 1175 58.13 98.21 20.79
CA SER C 1175 56.76 97.75 20.77
C SER C 1175 55.95 98.45 21.87
N GLU C 1176 54.65 98.21 21.88
CA GLU C 1176 53.73 98.84 22.82
C GLU C 1176 53.37 97.82 23.91
N THR C 1177 54.20 97.76 24.94
CA THR C 1177 53.98 96.88 26.10
C THR C 1177 53.83 95.43 25.66
N ALA C 1178 54.92 94.92 25.08
CA ALA C 1178 54.91 93.60 24.46
C ALA C 1178 54.85 92.52 25.54
N PHE C 1179 53.65 92.33 26.08
CA PHE C 1179 53.33 91.21 26.97
C PHE C 1179 52.41 90.29 26.20
N ARG C 1180 53.00 89.33 25.51
CA ARG C 1180 52.28 88.49 24.56
C ARG C 1180 52.22 87.06 25.08
N GLU C 1181 51.35 86.26 24.48
CA GLU C 1181 51.14 84.87 24.85
C GLU C 1181 50.75 84.75 26.33
N ILE C 1182 49.60 85.36 26.63
CA ILE C 1182 49.06 85.38 27.98
C ILE C 1182 47.92 84.36 28.07
N GLU C 1183 48.05 83.43 29.00
CA GLU C 1183 47.11 82.34 29.13
C GLU C 1183 45.88 82.78 29.93
N ILE C 1184 44.76 82.10 29.66
CA ILE C 1184 43.49 82.47 30.28
C ILE C 1184 43.55 82.29 31.80
N GLY C 1185 43.79 81.06 32.25
CA GLY C 1185 43.81 80.76 33.66
C GLY C 1185 42.49 81.02 34.35
N ASP C 1186 42.51 81.80 35.43
CA ASP C 1186 41.31 82.13 36.17
C ASP C 1186 40.98 83.62 36.14
N GLY C 1187 41.28 84.30 35.04
CA GLY C 1187 40.99 85.71 34.93
C GLY C 1187 42.05 86.59 35.56
N PHE C 1188 41.75 87.88 35.59
CA PHE C 1188 42.69 88.89 36.07
C PHE C 1188 41.94 90.03 36.72
N LEU C 1189 42.65 90.79 37.56
CA LEU C 1189 42.06 91.89 38.31
C LEU C 1189 43.01 93.07 38.32
N PRO C 1190 42.52 94.29 38.46
CA PRO C 1190 43.42 95.43 38.61
C PRO C 1190 44.15 95.39 39.95
N VAL C 1191 45.34 95.98 39.98
CA VAL C 1191 46.17 95.98 41.18
C VAL C 1191 46.94 97.30 41.24
N CYS C 1192 47.24 97.73 42.47
CA CYS C 1192 47.97 98.97 42.69
C CYS C 1192 48.88 98.80 43.91
N SER C 1193 49.86 99.69 44.01
CA SER C 1193 50.81 99.69 45.12
C SER C 1193 51.05 101.11 45.60
N LEU C 1194 51.48 101.24 46.85
CA LEU C 1194 51.82 102.52 47.45
C LEU C 1194 52.99 102.34 48.40
N GLY C 1195 54.05 103.12 48.19
CA GLY C 1195 55.20 103.07 49.05
C GLY C 1195 55.02 103.93 50.29
N PRO C 1196 56.07 104.03 51.10
CA PRO C 1196 55.99 104.86 52.32
C PRO C 1196 55.85 106.34 51.96
N GLY C 1197 54.89 107.00 52.58
CA GLY C 1197 54.68 108.42 52.34
C GLY C 1197 54.27 108.77 50.92
N GLN C 1198 53.48 107.91 50.28
CA GLN C 1198 53.09 108.09 48.89
C GLN C 1198 51.57 108.20 48.80
N VAL C 1199 51.10 109.18 48.02
CA VAL C 1199 49.67 109.40 47.83
C VAL C 1199 49.33 109.24 46.35
N GLY C 1200 48.04 109.23 46.06
CA GLY C 1200 47.53 109.05 44.71
C GLY C 1200 46.27 108.22 44.75
N HIS C 1201 45.37 108.48 43.81
CA HIS C 1201 44.08 107.81 43.75
C HIS C 1201 43.95 107.00 42.45
N LEU C 1202 42.86 106.25 42.36
CA LEU C 1202 42.62 105.37 41.22
C LEU C 1202 41.16 105.51 40.79
N ASN C 1203 40.95 105.66 39.49
CA ASN C 1203 39.61 105.63 38.91
C ASN C 1203 39.39 104.31 38.20
N LEU C 1204 38.14 103.85 38.21
CA LEU C 1204 37.82 102.53 37.66
C LEU C 1204 36.75 102.59 36.58
N GLY C 1205 36.40 103.77 36.09
CA GLY C 1205 35.36 103.87 35.09
C GLY C 1205 33.96 103.87 35.63
N GLN C 1206 33.78 104.31 36.88
CA GLN C 1206 32.43 104.41 37.45
C GLN C 1206 31.56 105.36 36.64
N ASP C 1207 32.11 106.51 36.27
CA ASP C 1207 31.42 107.47 35.42
C ASP C 1207 32.33 107.83 34.26
N VAL C 1208 31.75 107.92 33.06
CA VAL C 1208 32.54 108.22 31.87
C VAL C 1208 33.13 109.62 31.96
N SER C 1209 32.32 110.59 32.40
CA SER C 1209 32.81 111.96 32.53
C SER C 1209 33.87 112.10 33.61
N SER C 1210 33.82 111.26 34.66
CA SER C 1210 34.82 111.33 35.71
C SER C 1210 36.20 110.90 35.23
N LEU C 1211 36.27 110.11 34.16
CA LEU C 1211 37.55 109.71 33.59
C LEU C 1211 38.27 110.94 33.04
N ARG C 1212 39.58 111.00 33.27
CA ARG C 1212 40.30 112.24 32.99
C ARG C 1212 40.45 112.48 31.50
N PHE C 1213 41.17 111.60 30.80
CA PHE C 1213 41.33 111.77 29.36
C PHE C 1213 40.30 110.92 28.63
N PHE C 1214 40.40 109.60 28.78
CA PHE C 1214 39.48 108.62 28.18
C PHE C 1214 39.12 108.98 26.73
N ALA C 1215 40.10 109.54 26.03
CA ALA C 1215 39.89 109.91 24.63
C ALA C 1215 41.01 109.48 23.69
N ILE C 1216 42.22 109.26 24.18
CA ILE C 1216 43.32 108.87 23.32
C ILE C 1216 43.13 107.45 22.80
N CYS C 1217 42.67 106.54 23.67
CA CYS C 1217 42.54 105.14 23.31
C CYS C 1217 41.23 104.51 23.76
N GLY C 1218 40.39 105.24 24.50
CA GLY C 1218 39.22 104.65 25.12
C GLY C 1218 38.11 104.23 24.17
N LEU C 1219 37.46 105.20 23.54
CA LEU C 1219 36.23 104.92 22.81
C LEU C 1219 36.49 104.16 21.51
N GLN C 1220 37.47 104.59 20.74
CA GLN C 1220 37.64 104.12 19.37
C GLN C 1220 38.32 102.76 19.27
N GLU C 1221 38.87 102.24 20.37
CA GLU C 1221 39.68 101.03 20.31
C GLU C 1221 38.96 99.81 20.87
N GLY C 1222 37.66 99.91 21.11
CA GLY C 1222 36.90 98.78 21.59
C GLY C 1222 37.06 98.49 23.07
N PHE C 1223 37.82 99.30 23.79
CA PHE C 1223 37.96 99.10 25.23
C PHE C 1223 36.74 99.65 25.96
N GLU C 1224 36.46 99.06 27.12
CA GLU C 1224 35.29 99.41 27.91
C GLU C 1224 35.75 99.76 29.32
N PRO C 1225 35.20 100.83 29.90
CA PRO C 1225 35.49 101.11 31.31
C PRO C 1225 35.05 99.95 32.18
N PHE C 1226 35.84 99.69 33.22
CA PHE C 1226 35.64 98.48 34.02
C PHE C 1226 34.32 98.52 34.77
N ALA C 1227 34.14 99.54 35.60
CA ALA C 1227 32.97 99.61 36.48
C ALA C 1227 31.93 100.57 35.88
N ILE C 1228 31.42 100.19 34.71
CA ILE C 1228 30.41 101.00 34.04
C ILE C 1228 29.00 100.61 34.46
N ASN C 1229 28.65 99.33 34.38
CA ASN C 1229 27.30 98.88 34.72
C ASN C 1229 27.27 98.34 36.16
N MET C 1230 27.69 99.20 37.08
CA MET C 1230 27.54 98.97 38.51
C MET C 1230 26.50 99.90 39.08
N GLN C 1231 26.18 99.68 40.35
CA GLN C 1231 25.36 100.61 41.11
C GLN C 1231 26.03 101.04 42.40
N ARG C 1232 27.27 100.63 42.65
CA ARG C 1232 27.94 100.93 43.91
C ARG C 1232 29.45 100.79 43.74
N PRO C 1233 30.24 101.56 44.47
CA PRO C 1233 31.70 101.50 44.30
C PRO C 1233 32.27 100.15 44.73
N VAL C 1234 33.39 99.80 44.12
CA VAL C 1234 34.13 98.60 44.50
C VAL C 1234 34.80 98.82 45.84
N THR C 1235 34.87 97.77 46.66
CA THR C 1235 35.34 97.94 48.03
C THR C 1235 36.87 98.01 48.13
N THR C 1236 37.60 97.60 47.09
CA THR C 1236 39.04 97.78 47.00
C THR C 1236 39.76 97.12 48.19
N TRP C 1237 39.76 95.78 48.16
CA TRP C 1237 40.51 95.02 49.14
C TRP C 1237 41.96 95.47 49.20
N PHE C 1238 42.48 95.58 50.43
CA PHE C 1238 43.87 95.96 50.65
C PHE C 1238 44.52 94.95 51.58
N SER C 1239 45.80 95.17 51.88
CA SER C 1239 46.58 94.25 52.69
C SER C 1239 46.70 94.77 54.12
N LYS C 1240 46.25 93.95 55.08
CA LYS C 1240 46.36 94.31 56.48
C LYS C 1240 47.80 94.21 56.95
N SER C 1241 48.17 95.08 57.89
CA SER C 1241 49.53 95.19 58.38
C SER C 1241 49.65 94.82 59.86
N LEU C 1242 49.00 93.73 60.26
CA LEU C 1242 49.10 93.27 61.63
C LEU C 1242 49.30 91.75 61.63
N PRO C 1243 50.21 91.25 62.46
CA PRO C 1243 50.52 89.81 62.51
C PRO C 1243 49.55 88.98 63.34
N GLN C 1244 48.47 88.54 62.70
CA GLN C 1244 47.51 87.66 63.34
C GLN C 1244 47.93 86.20 63.20
N PHE C 1245 47.37 85.35 64.05
CA PHE C 1245 47.66 83.93 63.96
C PHE C 1245 47.04 83.32 62.71
N GLU C 1246 47.61 82.18 62.29
CA GLU C 1246 47.13 81.46 61.13
C GLU C 1246 47.64 80.03 61.21
N PRO C 1247 46.81 79.03 60.91
CA PRO C 1247 47.28 77.65 60.98
C PRO C 1247 48.35 77.38 59.93
N VAL C 1248 49.26 76.48 60.29
CA VAL C 1248 50.38 76.14 59.42
C VAL C 1248 49.86 75.34 58.22
N PRO C 1249 50.14 75.77 57.00
CA PRO C 1249 49.65 75.05 55.82
C PRO C 1249 50.26 73.67 55.75
N PRO C 1250 49.50 72.68 55.26
CA PRO C 1250 50.06 71.33 55.12
C PRO C 1250 51.20 71.25 54.13
N GLU C 1251 51.29 72.18 53.19
CA GLU C 1251 52.31 72.18 52.15
C GLU C 1251 53.16 73.43 52.31
N HIS C 1252 54.26 73.29 53.03
CA HIS C 1252 55.17 74.40 53.21
C HIS C 1252 56.57 74.02 52.73
N PRO C 1253 57.30 74.95 52.12
CA PRO C 1253 58.62 74.62 51.57
C PRO C 1253 59.58 73.99 52.57
N HIS C 1254 59.60 74.50 53.79
CA HIS C 1254 60.55 74.02 54.80
C HIS C 1254 59.95 73.93 56.20
N TYR C 1255 58.63 73.99 56.33
CA TYR C 1255 57.97 73.80 57.61
C TYR C 1255 57.02 72.61 57.51
N GLU C 1256 57.11 71.70 58.47
CA GLU C 1256 56.22 70.57 58.54
C GLU C 1256 56.16 70.04 59.97
N VAL C 1257 54.97 69.63 60.38
CA VAL C 1257 54.73 69.13 61.73
C VAL C 1257 54.08 67.76 61.61
N ALA C 1258 54.28 66.93 62.63
CA ALA C 1258 53.79 65.56 62.61
C ALA C 1258 53.05 65.26 63.91
N ARG C 1259 51.84 64.75 63.79
CA ARG C 1259 51.09 64.29 64.95
C ARG C 1259 51.72 63.02 65.50
N MET C 1260 52.05 63.02 66.79
CA MET C 1260 52.57 61.83 67.42
C MET C 1260 51.42 60.90 67.82
N ASP C 1261 51.76 59.78 68.44
CA ASP C 1261 50.77 58.81 68.89
C ASP C 1261 50.91 58.60 70.38
N GLY C 1262 49.83 58.11 70.99
CA GLY C 1262 49.84 57.84 72.42
C GLY C 1262 50.34 56.45 72.73
N THR C 1263 51.61 56.34 73.10
CA THR C 1263 52.21 55.06 73.42
C THR C 1263 51.98 54.72 74.90
N VAL C 1264 52.26 53.48 75.27
CA VAL C 1264 52.10 53.05 76.65
C VAL C 1264 53.06 53.78 77.58
N ASP C 1265 54.22 54.20 77.07
CA ASP C 1265 55.19 54.92 77.87
C ASP C 1265 55.25 56.40 77.57
N THR C 1266 54.86 56.83 76.38
CA THR C 1266 54.95 58.23 76.01
C THR C 1266 53.56 58.78 75.65
N PRO C 1267 53.18 59.93 76.18
CA PRO C 1267 51.93 60.56 75.78
C PRO C 1267 52.04 61.13 74.38
N PRO C 1268 50.92 61.34 73.69
CA PRO C 1268 50.98 61.94 72.36
C PRO C 1268 51.60 63.32 72.40
N CYS C 1269 52.38 63.64 71.36
CA CYS C 1269 53.14 64.87 71.31
C CYS C 1269 52.93 65.56 69.96
N LEU C 1270 53.51 66.74 69.82
CA LEU C 1270 53.46 67.53 68.59
C LEU C 1270 54.90 67.85 68.21
N ARG C 1271 55.52 66.97 67.42
CA ARG C 1271 56.91 67.14 67.04
C ARG C 1271 57.01 68.11 65.88
N LEU C 1272 57.74 69.21 66.07
CA LEU C 1272 58.07 70.10 64.98
C LEU C 1272 59.41 69.72 64.37
N ALA C 1273 59.51 69.92 63.06
CA ALA C 1273 60.73 69.58 62.32
C ALA C 1273 61.03 70.68 61.33
N HIS C 1274 62.15 70.55 60.64
CA HIS C 1274 62.58 71.56 59.67
C HIS C 1274 63.48 70.91 58.64
N ARG C 1275 63.41 71.40 57.41
CA ARG C 1275 64.28 70.94 56.35
C ARG C 1275 65.62 71.67 56.42
N THR C 1276 66.39 71.38 57.47
CA THR C 1276 67.66 72.04 57.71
C THR C 1276 68.70 71.68 56.65
N TRP C 1277 68.46 72.14 55.41
CA TRP C 1277 69.36 71.78 54.30
C TRP C 1277 70.03 73.02 53.70
N GLY C 1278 69.40 73.65 52.70
CA GLY C 1278 70.02 74.81 52.02
C GLY C 1278 68.98 75.92 51.85
N SER C 1279 69.41 77.19 51.94
CA SER C 1279 68.48 78.33 51.82
C SER C 1279 67.29 78.13 52.76
N GLN C 1280 67.50 77.47 53.89
CA GLN C 1280 66.39 77.15 54.82
C GLN C 1280 66.47 78.06 56.05
N ASN C 1281 67.33 79.07 56.01
CA ASN C 1281 67.47 80.01 57.14
C ASN C 1281 66.09 80.54 57.52
N SER C 1282 65.83 80.69 58.82
CA SER C 1282 64.51 81.15 59.28
C SER C 1282 64.70 82.00 60.53
N LEU C 1283 63.92 83.09 60.69
CA LEU C 1283 64.16 83.78 61.95
C LEU C 1283 63.47 83.08 63.12
N VAL C 1284 62.56 83.77 63.78
CA VAL C 1284 61.89 83.24 64.96
C VAL C 1284 60.41 82.98 64.72
N GLU C 1285 60.10 81.79 64.24
CA GLU C 1285 58.72 81.39 63.99
C GLU C 1285 58.00 81.12 65.30
N MET C 1286 57.54 82.19 65.95
CA MET C 1286 56.86 82.07 67.25
C MET C 1286 55.55 81.28 67.12
N LEU C 1287 55.62 80.00 67.45
CA LEU C 1287 54.46 79.11 67.34
C LEU C 1287 53.41 79.43 68.40
N PHE C 1288 52.26 78.75 68.30
CA PHE C 1288 51.17 78.93 69.26
C PHE C 1288 50.26 77.72 69.27
N LEU C 1289 49.25 77.74 70.14
CA LEU C 1289 48.31 76.63 70.22
C LEU C 1289 46.91 77.07 69.77
N ARG C 1290 46.05 76.10 69.50
CA ARG C 1290 44.71 76.38 69.00
C ARG C 1290 43.62 76.04 70.00
N LEU C 1291 43.58 76.79 71.10
CA LEU C 1291 42.56 76.61 72.13
C LEU C 1291 42.54 77.80 73.07
N SER C 1292 41.90 77.63 74.22
CA SER C 1292 41.84 78.68 75.22
C SER C 1292 41.46 78.12 76.58
N LEU C 1293 42.35 78.28 77.55
CA LEU C 1293 42.09 77.84 78.92
C LEU C 1293 41.65 79.03 79.77
N PRO C 1294 40.35 79.12 80.03
CA PRO C 1294 39.81 80.24 80.79
C PRO C 1294 39.93 80.01 82.29
N VAL C 1295 39.95 81.10 83.06
CA VAL C 1295 40.03 80.99 84.54
C VAL C 1295 38.64 81.20 85.13
N GLN C 1296 38.29 80.47 86.19
CA GLN C 1296 36.93 80.54 86.77
C GLN C 1296 36.66 81.91 87.40
N THR C 1431 37.14 83.53 91.64
CA THR C 1431 37.95 82.34 91.85
C THR C 1431 39.34 82.69 92.37
N THR C 1432 40.27 81.75 92.24
CA THR C 1432 41.65 81.96 92.67
C THR C 1432 42.60 81.26 91.72
N TYR C 1433 43.49 82.03 91.10
CA TYR C 1433 44.44 81.48 90.14
C TYR C 1433 45.87 81.87 90.45
N TYR C 1434 46.75 80.87 90.53
CA TYR C 1434 48.17 81.12 90.79
C TYR C 1434 49.01 80.12 90.00
N TYR C 1435 49.14 80.36 88.70
CA TYR C 1435 49.86 79.45 87.81
C TYR C 1435 51.34 79.38 88.15
N SER C 1436 52.00 78.32 87.70
CA SER C 1436 53.41 78.12 87.97
C SER C 1436 54.12 77.53 86.76
N VAL C 1437 55.45 77.58 86.78
CA VAL C 1437 56.25 77.00 85.68
C VAL C 1437 57.48 76.28 86.24
N ARG C 1438 57.53 74.94 86.11
CA ARG C 1438 58.68 74.14 86.59
C ARG C 1438 59.63 73.84 85.43
N VAL C 1439 60.81 73.27 85.71
CA VAL C 1439 61.81 73.03 84.64
C VAL C 1439 62.86 72.01 85.09
N PHE C 1440 63.04 70.93 84.33
CA PHE C 1440 64.02 69.86 84.68
C PHE C 1440 64.05 69.72 86.21
N ALA C 1441 62.89 69.54 86.84
CA ALA C 1441 62.80 69.39 88.31
C ALA C 1441 63.38 70.63 89.01
N GLY C 1442 62.78 71.80 88.80
CA GLY C 1442 63.20 73.02 89.54
C GLY C 1442 61.94 73.83 89.87
N GLN C 1443 62.07 75.09 90.31
CA GLN C 1443 60.85 75.82 90.73
C GLN C 1443 61.03 77.34 90.75
N GLU C 1444 61.00 78.00 89.58
CA GLU C 1444 60.99 79.45 89.57
C GLU C 1444 59.69 79.95 88.95
N PRO C 1445 58.62 79.94 89.74
CA PRO C 1445 57.30 80.30 89.24
C PRO C 1445 57.07 81.80 89.28
N SER C 1446 56.04 82.21 90.03
CA SER C 1446 55.60 83.61 90.09
C SER C 1446 55.21 84.12 88.72
N CYS C 1447 55.00 85.44 88.62
CA CYS C 1447 54.61 86.09 87.36
C CYS C 1447 53.38 85.43 86.76
N VAL C 1448 52.46 84.97 87.61
CA VAL C 1448 51.29 84.25 87.16
C VAL C 1448 50.22 84.21 88.24
N TRP C 1449 49.77 85.39 88.66
CA TRP C 1449 48.73 85.48 89.69
C TRP C 1449 48.05 86.84 89.65
N VAL C 1450 47.44 87.14 88.50
CA VAL C 1450 46.74 88.44 88.33
C VAL C 1450 45.66 88.32 87.26
N GLY C 1451 44.49 87.77 87.62
CA GLY C 1451 43.41 87.59 86.63
C GLY C 1451 42.10 87.23 87.33
N TRP C 1452 41.02 87.94 87.01
CA TRP C 1452 39.70 87.57 87.57
C TRP C 1452 39.20 86.34 86.81
N VAL C 1453 38.89 86.51 85.52
CA VAL C 1453 38.45 85.36 84.69
C VAL C 1453 38.86 85.58 83.23
N THR C 1454 40.17 85.58 82.94
CA THR C 1454 40.65 85.73 81.55
C THR C 1454 40.90 84.34 80.94
N PRO C 1455 41.70 84.26 79.87
CA PRO C 1455 41.90 82.95 79.19
C PRO C 1455 43.24 82.94 78.45
N ASP C 1456 44.30 82.53 79.12
CA ASP C 1456 45.61 82.41 78.48
C ASP C 1456 45.66 81.17 77.60
N TYR C 1457 46.66 81.12 76.73
CA TYR C 1457 46.81 80.00 75.81
C TYR C 1457 48.24 79.48 75.81
N HIS C 1458 48.40 78.23 75.38
CA HIS C 1458 49.72 77.60 75.33
C HIS C 1458 50.60 78.25 74.26
N GLN C 1459 51.82 78.60 74.64
CA GLN C 1459 52.75 79.24 73.72
C GLN C 1459 54.13 78.62 73.81
N HIS C 1460 54.96 78.86 72.79
CA HIS C 1460 56.31 78.33 72.75
C HIS C 1460 57.16 79.06 71.71
N ASP C 1461 57.24 80.38 71.82
CA ASP C 1461 57.99 81.19 70.89
C ASP C 1461 59.48 80.82 70.94
N MET C 1462 60.01 80.35 69.82
CA MET C 1462 61.38 79.86 69.78
C MET C 1462 62.16 80.37 68.57
N ASN C 1463 63.21 79.62 68.22
CA ASN C 1463 64.05 79.96 67.07
C ASN C 1463 64.57 78.68 66.42
N PHE C 1464 65.26 78.84 65.29
CA PHE C 1464 65.77 77.68 64.55
C PHE C 1464 66.94 77.02 65.27
N ASP C 1465 67.31 75.83 64.83
CA ASP C 1465 68.41 75.09 65.43
C ASP C 1465 69.15 74.26 64.39
N LEU C 1466 68.59 74.20 63.18
CA LEU C 1466 69.18 73.46 62.07
C LEU C 1466 69.42 71.99 62.41
N SER C 1467 68.40 71.34 62.98
CA SER C 1467 68.50 69.94 63.33
C SER C 1467 67.11 69.37 63.62
N LYS C 1468 66.59 69.66 64.80
CA LYS C 1468 65.25 69.23 65.21
C LYS C 1468 64.77 70.12 66.35
N VAL C 1469 63.81 70.99 66.05
CA VAL C 1469 63.36 71.99 67.01
C VAL C 1469 62.48 71.40 68.11
N ARG C 1470 61.54 72.21 68.57
CA ARG C 1470 60.68 71.85 69.70
C ARG C 1470 59.76 70.67 69.38
N ALA C 1471 59.33 69.99 70.43
CA ALA C 1471 58.40 68.86 70.30
C ALA C 1471 57.43 68.86 71.47
N VAL C 1472 56.43 69.74 71.40
CA VAL C 1472 55.45 69.88 72.47
C VAL C 1472 54.72 68.56 72.71
N THR C 1473 54.61 68.18 73.98
CA THR C 1473 53.98 66.92 74.36
C THR C 1473 52.87 67.14 75.37
N VAL C 1474 51.76 66.42 75.20
CA VAL C 1474 50.64 66.53 76.11
C VAL C 1474 50.70 65.42 77.15
N THR C 1475 51.52 65.60 78.18
CA THR C 1475 51.70 64.60 79.22
C THR C 1475 50.66 64.77 80.33
N MET C 1476 50.84 64.02 81.41
CA MET C 1476 49.92 64.07 82.54
C MET C 1476 50.64 63.84 83.86
N GLY C 1477 50.49 64.77 84.78
CA GLY C 1477 51.08 64.63 86.11
C GLY C 1477 50.09 63.95 87.05
N ASP C 1478 50.47 63.84 88.32
CA ASP C 1478 49.62 63.18 89.31
C ASP C 1478 48.85 64.18 90.14
N GLU C 1479 48.56 65.35 89.55
CA GLU C 1479 47.84 66.39 90.24
C GLU C 1479 47.16 67.35 89.27
N GLN C 1480 47.62 68.59 89.24
CA GLN C 1480 47.02 69.62 88.39
C GLN C 1480 47.50 69.50 86.94
N GLY C 1481 47.22 70.53 86.16
CA GLY C 1481 47.58 70.54 84.74
C GLY C 1481 49.08 70.74 84.55
N ASN C 1482 49.67 69.96 83.65
CA ASN C 1482 51.10 70.05 83.37
C ASN C 1482 51.37 69.83 81.88
N VAL C 1483 51.80 70.89 81.20
CA VAL C 1483 52.08 70.80 79.77
C VAL C 1483 53.56 70.57 79.51
N HIS C 1484 53.89 69.38 79.01
CA HIS C 1484 55.29 69.04 78.75
C HIS C 1484 55.76 69.66 77.44
N SER C 1485 57.08 69.85 77.32
CA SER C 1485 57.67 70.44 76.12
C SER C 1485 59.16 70.11 76.04
N SER C 1486 59.50 69.14 75.18
CA SER C 1486 60.92 68.74 75.03
C SER C 1486 61.64 69.67 74.04
N LEU C 1487 62.97 69.74 74.12
CA LEU C 1487 63.76 70.63 73.23
C LEU C 1487 65.25 70.31 73.32
N LYS C 1488 65.95 70.24 72.18
CA LYS C 1488 67.39 69.88 72.18
C LYS C 1488 68.19 70.78 71.23
N CYS C 1489 68.35 72.08 71.56
CA CYS C 1489 69.07 73.03 70.68
C CYS C 1489 70.03 73.88 71.50
N SER C 1490 69.50 74.85 72.27
CA SER C 1490 70.36 75.76 73.05
C SER C 1490 69.50 76.73 73.87
N ASN C 1491 69.10 77.83 73.24
CA ASN C 1491 68.32 78.86 73.92
C ASN C 1491 67.03 79.18 73.19
N CYS C 1492 65.90 78.97 73.85
CA CYS C 1492 64.59 79.25 73.28
C CYS C 1492 63.58 79.50 74.39
N TYR C 1493 63.06 80.73 74.48
CA TYR C 1493 62.15 81.11 75.54
C TYR C 1493 60.84 80.33 75.50
N MET C 1494 60.15 80.29 76.63
CA MET C 1494 58.85 79.61 76.73
C MET C 1494 57.92 80.40 77.62
N VAL C 1495 56.62 80.26 77.41
CA VAL C 1495 55.64 81.06 78.13
C VAL C 1495 54.22 80.52 78.01
N TRP C 1496 53.25 81.37 78.32
CA TRP C 1496 51.84 81.05 78.16
C TRP C 1496 51.10 82.27 77.62
N GLY C 1497 50.84 82.28 76.32
CA GLY C 1497 50.29 83.45 75.64
C GLY C 1497 48.88 83.81 76.09
N GLY C 1498 48.59 85.11 76.10
CA GLY C 1498 47.26 85.60 76.45
C GLY C 1498 46.36 85.63 75.22
N ASP C 1499 45.54 86.66 75.12
CA ASP C 1499 44.64 86.81 73.97
C ASP C 1499 44.94 88.11 73.23
N PHE C 1500 46.20 88.52 73.23
CA PHE C 1500 46.60 89.76 72.60
C PHE C 1500 48.06 89.72 72.15
N VAL C 1501 48.38 88.76 71.29
CA VAL C 1501 49.78 88.61 70.81
C VAL C 1501 50.24 89.88 70.08
N SER C 1502 51.55 90.16 70.13
CA SER C 1502 52.10 91.33 69.41
C SER C 1502 53.62 91.25 69.27
N PRO C 1503 54.12 90.67 68.17
CA PRO C 1503 55.58 90.59 67.93
C PRO C 1503 55.85 89.88 66.60
N GLY C 1504 56.89 90.29 65.87
CA GLY C 1504 57.27 89.58 64.62
C GLY C 1504 58.75 89.82 64.33
N GLN C 1505 59.50 90.40 65.28
CA GLN C 1505 60.95 90.64 65.11
C GLN C 1505 61.75 89.95 66.23
N GLN C 1506 63.07 89.79 66.05
CA GLN C 1506 63.92 89.12 67.06
C GLN C 1506 63.87 89.86 68.39
N GLY C 1507 63.40 89.20 69.46
CA GLY C 1507 63.33 89.83 70.79
C GLY C 1507 63.50 88.77 71.89
N ARG C 1508 63.87 89.21 73.09
CA ARG C 1508 64.06 88.29 74.21
C ARG C 1508 63.32 88.81 75.45
N ILE C 1509 63.20 90.13 75.55
CA ILE C 1509 62.48 90.75 76.65
C ILE C 1509 61.62 91.89 76.13
N SER C 1510 61.30 92.84 77.00
CA SER C 1510 60.48 93.99 76.65
C SER C 1510 59.13 93.57 76.07
N HIS C 1511 58.31 92.93 76.89
CA HIS C 1511 57.00 92.46 76.47
C HIS C 1511 55.97 93.58 76.54
N THR C 1512 56.41 94.76 76.97
CA THR C 1512 55.55 95.93 77.10
C THR C 1512 54.36 95.65 78.02
N ASP C 1513 54.61 95.65 79.32
CA ASP C 1513 53.55 95.41 80.30
C ASP C 1513 53.14 96.71 80.98
N LEU C 1514 52.35 96.59 82.03
CA LEU C 1514 51.89 97.76 82.78
C LEU C 1514 51.53 97.37 84.21
N VAL C 1515 51.33 98.36 85.07
CA VAL C 1515 50.97 98.10 86.45
C VAL C 1515 49.87 99.05 86.92
N ILE C 1516 48.77 98.47 87.41
CA ILE C 1516 47.68 99.26 87.93
C ILE C 1516 48.04 99.84 89.29
N GLY C 1517 47.23 100.77 89.77
CA GLY C 1517 47.46 101.37 91.08
C GLY C 1517 46.20 102.06 91.58
N CYS C 1518 45.30 101.28 92.17
CA CYS C 1518 44.05 101.82 92.70
C CYS C 1518 44.16 102.08 94.20
N LEU C 1519 44.49 103.32 94.52
CA LEU C 1519 44.65 103.72 95.93
C LEU C 1519 43.30 103.88 96.62
N VAL C 1520 43.32 104.15 97.92
CA VAL C 1520 42.07 104.36 98.67
C VAL C 1520 42.16 105.71 99.39
N ASP C 1521 43.07 105.82 100.37
CA ASP C 1521 43.25 107.11 101.08
C ASP C 1521 43.70 108.17 100.08
N LEU C 1522 43.44 109.46 100.37
CA LEU C 1522 43.78 110.55 99.43
C LEU C 1522 45.14 110.30 98.78
N ALA C 1523 46.12 109.81 99.53
CA ALA C 1523 47.44 109.47 98.96
C ALA C 1523 47.98 108.20 99.63
N THR C 1524 47.08 107.30 100.05
CA THR C 1524 47.53 106.10 100.79
C THR C 1524 46.62 104.90 100.54
N GLY C 1525 46.87 103.78 101.24
CA GLY C 1525 46.07 102.53 101.05
C GLY C 1525 45.94 102.23 99.55
N LEU C 1526 47.05 102.22 98.83
CA LEU C 1526 46.98 102.05 97.36
C LEU C 1526 47.01 100.57 96.95
N MET C 1527 46.01 100.11 96.21
CA MET C 1527 46.06 98.72 95.66
C MET C 1527 46.75 98.82 94.30
N THR C 1528 47.14 97.69 93.71
CA THR C 1528 47.90 97.74 92.43
C THR C 1528 47.84 96.39 91.72
N PHE C 1529 47.85 96.40 90.38
CA PHE C 1529 47.72 95.13 89.62
C PHE C 1529 48.56 95.18 88.36
N THR C 1530 49.70 94.47 88.36
CA THR C 1530 50.61 94.49 87.18
C THR C 1530 50.00 93.66 86.04
N ALA C 1531 49.51 94.33 84.99
CA ALA C 1531 48.91 93.63 83.82
C ALA C 1531 50.02 93.17 82.88
N ASN C 1532 49.80 92.05 82.15
CA ASN C 1532 50.89 91.49 81.33
C ASN C 1532 50.46 91.26 79.88
N GLY C 1533 51.36 90.69 79.06
CA GLY C 1533 51.08 90.52 77.62
C GLY C 1533 51.19 89.04 77.36
N LYS C 1534 52.41 88.52 77.47
CA LYS C 1534 52.58 87.07 77.38
C LYS C 1534 52.30 86.53 78.79
N GLU C 1535 52.19 87.43 79.77
CA GLU C 1535 51.97 87.03 81.19
C GLU C 1535 52.72 85.72 81.43
N SER C 1536 53.93 85.59 80.87
CA SER C 1536 54.73 84.35 81.00
C SER C 1536 56.03 84.51 80.21
N ASN C 1537 57.12 83.89 80.69
CA ASN C 1537 58.45 84.07 80.05
C ASN C 1537 59.50 83.11 80.61
N THR C 1538 60.56 82.83 79.83
CA THR C 1538 61.67 81.95 80.28
C THR C 1538 62.80 82.03 79.24
N PHE C 1539 63.42 83.20 79.09
CA PHE C 1539 64.49 83.40 78.12
C PHE C 1539 65.80 82.75 78.56
N PHE C 1540 65.96 81.46 78.25
CA PHE C 1540 67.16 80.71 78.58
C PHE C 1540 67.47 80.76 80.08
N GLN C 1541 66.53 80.30 80.89
CA GLN C 1541 66.69 80.31 82.34
C GLN C 1541 67.69 79.24 82.78
N VAL C 1542 67.71 78.13 82.04
CA VAL C 1542 68.62 77.04 82.36
C VAL C 1542 70.06 77.46 82.08
N GLU C 1543 70.98 76.97 82.91
CA GLU C 1543 72.39 77.32 82.78
C GLU C 1543 73.22 76.10 82.41
N PRO C 1544 73.08 75.63 81.17
CA PRO C 1544 73.83 74.48 80.70
C PRO C 1544 75.28 74.84 80.38
N ASN C 1545 76.05 73.85 79.96
CA ASN C 1545 77.45 74.08 79.61
C ASN C 1545 77.58 74.42 78.12
N THR C 1546 78.81 74.53 77.64
CA THR C 1546 79.06 74.85 76.24
C THR C 1546 78.97 73.59 75.38
N LYS C 1547 78.84 72.44 76.03
CA LYS C 1547 78.75 71.17 75.32
C LYS C 1547 77.33 70.60 75.35
N LEU C 1548 76.57 70.99 76.37
CA LEU C 1548 75.19 70.54 76.56
C LEU C 1548 75.11 69.02 76.65
N PHE C 1549 73.91 68.49 76.43
CA PHE C 1549 73.68 67.05 76.52
C PHE C 1549 72.46 66.62 75.71
N PRO C 1550 71.49 66.02 76.38
CA PRO C 1550 70.30 65.51 75.71
C PRO C 1550 69.29 66.61 75.40
N ALA C 1551 68.28 66.75 76.25
CA ALA C 1551 67.22 67.71 76.04
C ALA C 1551 66.55 68.12 77.35
N VAL C 1552 65.95 69.31 77.35
CA VAL C 1552 65.23 69.79 78.53
C VAL C 1552 63.80 69.28 78.53
N PHE C 1553 63.05 69.64 79.56
CA PHE C 1553 61.66 69.20 79.68
C PHE C 1553 60.90 70.10 80.64
N VAL C 1554 60.91 71.40 80.36
CA VAL C 1554 60.21 72.37 81.19
C VAL C 1554 58.69 72.26 80.99
N LEU C 1555 57.95 72.39 82.08
CA LEU C 1555 56.50 72.34 82.03
C LEU C 1555 55.90 73.54 82.75
N PRO C 1556 54.61 73.43 83.11
CA PRO C 1556 53.93 74.51 83.81
C PRO C 1556 52.72 73.98 84.57
N THR C 1557 52.01 74.89 85.24
CA THR C 1557 50.81 74.52 86.01
C THR C 1557 49.92 75.74 86.23
N HIS C 1558 48.78 75.55 86.90
CA HIS C 1558 47.83 76.67 87.13
C HIS C 1558 46.77 76.28 88.17
N GLN C 1559 45.89 77.22 88.53
CA GLN C 1559 44.79 76.92 89.48
C GLN C 1559 44.02 75.71 88.97
N ASN C 1560 44.14 74.57 89.67
CA ASN C 1560 43.47 73.33 89.22
C ASN C 1560 43.12 72.46 90.41
N VAL C 1561 41.87 72.01 90.49
CA VAL C 1561 41.45 71.11 91.59
C VAL C 1561 41.86 69.68 91.23
N ILE C 1562 41.07 68.69 91.69
CA ILE C 1562 41.46 67.29 91.44
C ILE C 1562 40.31 66.34 91.78
N GLN C 1563 40.59 65.03 91.74
CA GLN C 1563 39.56 64.02 92.02
C GLN C 1563 40.22 62.67 92.24
N PHE C 1564 40.31 62.26 93.51
CA PHE C 1564 40.94 61.00 93.86
C PHE C 1564 39.92 60.04 94.47
N MET C 1573 42.89 66.01 84.78
CA MET C 1573 44.25 66.40 85.17
C MET C 1573 45.09 66.94 84.00
N PRO C 1574 45.11 66.24 82.83
CA PRO C 1574 45.90 66.76 81.71
C PRO C 1574 45.29 68.01 81.10
N LEU C 1575 45.96 68.56 80.10
CA LEU C 1575 45.46 69.76 79.44
C LEU C 1575 44.18 69.49 78.66
N SER C 1576 44.07 68.31 78.05
CA SER C 1576 42.91 68.01 77.22
C SER C 1576 41.60 68.10 77.97
N ALA C 1577 41.59 67.82 79.28
CA ALA C 1577 40.36 67.91 80.04
C ALA C 1577 40.04 69.33 80.47
N ALA C 1578 40.94 70.28 80.24
CA ALA C 1578 40.76 71.62 80.77
C ALA C 1578 39.98 72.54 79.83
N MET C 1579 39.79 72.16 78.58
CA MET C 1579 39.05 73.05 77.68
C MET C 1579 37.78 72.43 77.12
N PHE C 1580 37.80 71.15 76.77
CA PHE C 1580 36.72 70.57 75.97
C PHE C 1580 35.44 70.33 76.76
N LEU C 1581 35.52 70.22 78.09
CA LEU C 1581 34.35 70.13 78.96
C LEU C 1581 33.62 68.81 78.77
N SER C 1582 34.04 68.01 77.78
CA SER C 1582 33.47 66.69 77.55
C SER C 1582 34.27 65.57 78.19
N GLU C 1583 35.55 65.82 78.49
CA GLU C 1583 36.38 64.85 79.19
C GLU C 1583 36.96 65.42 80.48
N ARG C 1584 36.34 66.46 81.05
CA ARG C 1584 36.88 67.11 82.25
C ARG C 1584 36.96 66.14 83.42
N LYS C 1585 36.09 65.15 83.47
CA LYS C 1585 36.14 64.11 84.50
C LYS C 1585 36.99 62.92 84.09
N ASN C 1586 37.57 62.95 82.90
CA ASN C 1586 38.41 61.85 82.41
C ASN C 1586 39.87 62.24 82.52
N PRO C 1587 40.67 61.59 83.36
CA PRO C 1587 42.09 61.94 83.49
C PRO C 1587 42.97 61.39 82.39
N ALA C 1588 42.42 60.68 81.42
CA ALA C 1588 43.24 60.20 80.31
C ALA C 1588 43.49 61.33 79.31
N PRO C 1589 44.75 61.63 78.99
CA PRO C 1589 45.04 62.69 78.02
C PRO C 1589 44.57 62.29 76.62
N GLN C 1590 44.16 63.29 75.85
CA GLN C 1590 43.69 63.08 74.49
C GLN C 1590 44.21 64.18 73.59
N CYS C 1591 44.24 63.91 72.29
CA CYS C 1591 44.70 64.88 71.29
C CYS C 1591 43.73 64.87 70.12
N PRO C 1592 42.59 65.54 70.25
CA PRO C 1592 41.64 65.61 69.15
C PRO C 1592 42.17 66.47 68.02
N PRO C 1593 41.61 66.35 66.82
CA PRO C 1593 42.12 67.14 65.68
C PRO C 1593 41.97 68.65 65.84
N ARG C 1594 41.25 69.12 66.85
CA ARG C 1594 41.10 70.55 67.06
C ARG C 1594 42.41 71.25 67.38
N LEU C 1595 43.42 70.51 67.86
CA LEU C 1595 44.67 71.11 68.25
C LEU C 1595 45.60 71.28 67.05
N GLU C 1596 45.74 72.50 66.57
CA GLU C 1596 46.56 72.79 65.40
C GLU C 1596 47.61 73.84 65.76
N VAL C 1597 48.78 73.73 65.14
CA VAL C 1597 49.87 74.67 65.40
C VAL C 1597 49.73 75.86 64.47
N GLN C 1598 49.84 77.06 65.03
CA GLN C 1598 49.75 78.29 64.26
C GLN C 1598 51.12 78.96 64.13
N MET C 1599 51.29 79.68 63.04
CA MET C 1599 52.51 80.46 62.80
C MET C 1599 52.05 81.79 62.21
N LEU C 1600 52.28 82.87 62.95
CA LEU C 1600 51.74 84.17 62.55
C LEU C 1600 52.57 84.80 61.44
N MET C 1601 51.87 85.42 60.48
CA MET C 1601 52.45 86.24 59.44
C MET C 1601 51.93 87.66 59.56
N PRO C 1602 52.74 88.66 59.24
CA PRO C 1602 52.31 90.04 59.38
C PRO C 1602 51.56 90.58 58.17
N VAL C 1603 50.55 89.84 57.68
CA VAL C 1603 49.75 90.29 56.55
C VAL C 1603 48.40 89.61 56.60
N SER C 1604 47.38 90.32 56.13
CA SER C 1604 46.03 89.79 56.05
C SER C 1604 45.26 90.64 55.05
N TRP C 1605 44.04 90.19 54.72
CA TRP C 1605 43.19 90.89 53.76
C TRP C 1605 42.02 91.50 54.52
N SER C 1606 41.99 92.82 54.59
CA SER C 1606 40.90 93.55 55.20
C SER C 1606 40.10 94.27 54.11
N ARG C 1607 38.79 94.36 54.32
CA ARG C 1607 37.89 94.96 53.36
C ARG C 1607 37.60 96.40 53.76
N MET C 1608 37.77 97.32 52.83
CA MET C 1608 37.50 98.73 53.11
C MET C 1608 36.00 98.96 53.19
N PRO C 1609 35.50 99.58 54.26
CA PRO C 1609 34.08 99.88 54.34
C PRO C 1609 33.65 100.83 53.24
N ASN C 1610 32.40 100.66 52.80
CA ASN C 1610 31.87 101.45 51.70
C ASN C 1610 31.70 102.93 52.03
N HIS C 1611 31.80 103.31 53.31
CA HIS C 1611 31.65 104.69 53.71
C HIS C 1611 32.52 104.97 54.92
N PHE C 1612 32.80 106.25 55.15
CA PHE C 1612 33.58 106.70 56.29
C PHE C 1612 32.89 107.88 56.96
N LEU C 1613 33.40 108.27 58.11
CA LEU C 1613 32.86 109.42 58.83
C LEU C 1613 33.29 110.71 58.14
N GLN C 1614 32.30 111.47 57.66
CA GLN C 1614 32.60 112.72 56.96
C GLN C 1614 33.11 113.80 57.89
N VAL C 1615 32.93 113.66 59.20
CA VAL C 1615 33.38 114.66 60.16
C VAL C 1615 33.92 114.00 61.41
N GLU C 1622 39.29 124.37 64.48
CA GLU C 1622 39.81 125.49 63.71
C GLU C 1622 40.50 126.51 64.62
N ARG C 1623 39.70 127.31 65.31
CA ARG C 1623 40.18 128.32 66.24
C ARG C 1623 39.70 128.01 67.65
N LEU C 1624 40.25 128.76 68.61
CA LEU C 1624 39.91 128.61 70.03
C LEU C 1624 40.08 127.17 70.48
N GLY C 1625 41.33 126.71 70.42
CA GLY C 1625 41.63 125.35 70.83
C GLY C 1625 41.34 124.28 69.80
N TRP C 1626 41.16 124.67 68.53
CA TRP C 1626 41.00 123.74 67.42
C TRP C 1626 39.80 122.80 67.65
N ALA C 1627 38.62 123.41 67.68
CA ALA C 1627 37.39 122.67 67.86
C ALA C 1627 37.21 121.64 66.75
N VAL C 1628 36.85 120.42 67.14
CA VAL C 1628 36.62 119.33 66.20
C VAL C 1628 35.12 119.09 66.08
N GLN C 1629 34.65 118.88 64.86
CA GLN C 1629 33.23 118.69 64.59
C GLN C 1629 32.98 117.29 64.06
N CYS C 1630 31.90 116.67 64.54
CA CYS C 1630 31.48 115.36 64.06
C CYS C 1630 30.00 115.18 64.42
N GLN C 1631 29.16 115.01 63.41
CA GLN C 1631 27.72 114.91 63.63
C GLN C 1631 27.08 113.68 63.00
N ASP C 1632 27.57 113.23 61.85
CA ASP C 1632 26.89 112.19 61.09
C ASP C 1632 27.01 110.84 61.80
N PRO C 1633 25.90 110.16 62.06
CA PRO C 1633 25.99 108.83 62.67
C PRO C 1633 26.14 107.74 61.62
N LEU C 1634 26.67 106.60 62.07
CA LEU C 1634 26.83 105.43 61.21
C LEU C 1634 27.08 104.22 62.09
N THR C 1635 26.56 103.07 61.68
CA THR C 1635 26.71 101.84 62.44
C THR C 1635 26.86 100.67 61.47
N MET C 1636 27.41 99.57 61.99
CA MET C 1636 27.69 98.38 61.20
C MET C 1636 27.69 97.17 62.13
N MET C 1637 27.23 96.04 61.60
CA MET C 1637 27.09 94.82 62.37
C MET C 1637 28.09 93.77 61.88
N ALA C 1638 28.60 92.97 62.83
CA ALA C 1638 29.72 92.10 62.54
C ALA C 1638 29.70 90.91 63.49
N LEU C 1639 30.50 89.90 63.15
CA LEU C 1639 30.56 88.68 63.93
C LEU C 1639 31.41 88.87 65.18
N HIS C 1640 31.39 87.86 66.04
CA HIS C 1640 32.26 87.78 67.20
C HIS C 1640 32.62 86.32 67.40
N ILE C 1641 33.72 85.89 66.80
CA ILE C 1641 34.17 84.51 66.93
C ILE C 1641 34.54 84.27 68.39
N PRO C 1642 33.94 83.29 69.05
CA PRO C 1642 34.21 83.08 70.48
C PRO C 1642 35.57 82.45 70.75
N GLU C 1643 35.94 81.46 69.94
CA GLU C 1643 37.15 80.68 70.21
C GLU C 1643 38.39 81.54 70.22
N GLU C 1644 38.57 82.40 69.22
CA GLU C 1644 39.76 83.24 69.15
C GLU C 1644 39.53 84.60 69.80
N ASN C 1645 38.29 84.95 70.10
CA ASN C 1645 37.94 86.20 70.79
C ASN C 1645 38.43 87.41 69.99
N ARG C 1646 37.86 87.56 68.80
CA ARG C 1646 38.07 88.76 67.99
C ARG C 1646 36.81 89.03 67.19
N CYS C 1647 36.81 90.18 66.51
CA CYS C 1647 35.68 90.62 65.71
C CYS C 1647 36.08 90.74 64.25
N MET C 1648 35.12 90.47 63.37
CA MET C 1648 35.34 90.64 61.93
C MET C 1648 34.00 90.99 61.29
N ASP C 1649 34.07 91.76 60.21
CA ASP C 1649 32.87 92.23 59.54
C ASP C 1649 32.12 91.08 58.89
N ILE C 1650 30.79 91.20 58.89
CA ILE C 1650 29.95 90.22 58.21
C ILE C 1650 30.24 90.18 56.71
N LEU C 1651 30.64 91.32 56.13
CA LEU C 1651 30.92 91.38 54.71
C LEU C 1651 32.12 90.55 54.32
N GLU C 1652 33.02 90.27 55.27
CA GLU C 1652 34.22 89.49 54.98
C GLU C 1652 33.90 88.06 54.59
N LEU C 1653 32.70 87.57 54.89
CA LEU C 1653 32.36 86.19 54.57
C LEU C 1653 32.37 85.91 53.08
N SER C 1654 32.17 86.92 52.24
CA SER C 1654 32.18 86.73 50.80
C SER C 1654 33.59 86.47 50.25
N GLU C 1655 34.62 86.62 51.08
CA GLU C 1655 36.00 86.38 50.68
C GLU C 1655 36.56 85.08 51.22
N ARG C 1656 36.10 84.63 52.39
CA ARG C 1656 36.62 83.39 52.96
C ARG C 1656 36.15 82.18 52.17
N LEU C 1657 34.91 82.20 51.69
CA LEU C 1657 34.29 81.16 50.88
C LEU C 1657 34.11 79.83 51.61
N ASP C 1658 34.56 79.72 52.87
CA ASP C 1658 34.33 78.52 53.66
C ASP C 1658 33.60 78.80 54.96
N LEU C 1659 33.95 79.88 55.66
CA LEU C 1659 33.20 80.26 56.84
C LEU C 1659 31.79 80.71 56.48
N GLN C 1660 31.59 81.22 55.26
CA GLN C 1660 30.24 81.57 54.84
C GLN C 1660 29.36 80.33 54.71
N ARG C 1661 29.85 79.30 54.01
CA ARG C 1661 29.01 78.13 53.75
C ARG C 1661 28.67 77.40 55.04
N PHE C 1662 29.53 77.49 56.06
CA PHE C 1662 29.19 76.91 57.35
C PHE C 1662 28.09 77.71 58.03
N HIS C 1663 28.22 79.04 58.06
CA HIS C 1663 27.24 79.86 58.75
C HIS C 1663 25.87 79.79 58.09
N SER C 1664 25.79 79.45 56.82
CA SER C 1664 24.50 79.27 56.18
C SER C 1664 23.72 78.15 56.84
N HIS C 1665 24.40 77.07 57.21
CA HIS C 1665 23.73 75.98 57.91
C HIS C 1665 23.26 76.38 59.29
N THR C 1666 24.04 77.21 60.01
CA THR C 1666 23.57 77.72 61.28
C THR C 1666 22.31 78.55 61.11
N LEU C 1667 22.18 79.23 59.97
CA LEU C 1667 20.99 80.01 59.68
C LEU C 1667 19.75 79.11 59.62
N ARG C 1668 19.82 78.03 58.84
CA ARG C 1668 18.65 77.18 58.68
C ARG C 1668 18.35 76.32 59.89
N LEU C 1669 19.35 76.05 60.75
CA LEU C 1669 19.08 75.28 61.95
C LEU C 1669 18.12 76.01 62.88
N TYR C 1670 18.14 77.34 62.87
CA TYR C 1670 17.19 78.09 63.68
C TYR C 1670 15.76 77.83 63.24
N ARG C 1671 15.55 77.53 61.95
CA ARG C 1671 14.22 77.15 61.51
C ARG C 1671 13.86 75.73 61.93
N ALA C 1672 14.82 74.81 61.92
CA ALA C 1672 14.53 73.44 62.32
C ALA C 1672 14.11 73.37 63.78
N VAL C 1673 14.76 74.17 64.61
CA VAL C 1673 14.43 74.21 66.06
C VAL C 1673 13.23 75.14 66.27
N CYS C 1674 12.77 75.81 65.22
CA CYS C 1674 11.53 76.61 65.42
C CYS C 1674 10.38 75.75 64.97
N ALA C 1675 10.22 75.58 63.66
CA ALA C 1675 9.20 74.68 63.11
C ALA C 1675 7.77 75.10 63.45
N LEU C 1676 6.82 74.19 63.25
CA LEU C 1676 5.38 74.49 63.47
C LEU C 1676 5.12 74.90 64.91
N GLY C 1677 4.69 76.15 65.13
CA GLY C 1677 4.35 76.65 66.47
C GLY C 1677 5.55 76.64 67.40
N ASN C 1678 5.48 75.84 68.48
CA ASN C 1678 6.62 75.69 69.41
C ASN C 1678 7.05 77.08 69.86
N ASN C 1679 6.08 77.94 70.07
CA ASN C 1679 6.41 79.34 70.41
C ASN C 1679 7.35 79.38 71.61
N ARG C 1680 7.25 78.43 72.55
CA ARG C 1680 8.19 78.50 73.66
C ARG C 1680 9.61 78.75 73.15
N VAL C 1681 10.00 78.09 72.06
CA VAL C 1681 11.33 78.28 71.49
C VAL C 1681 11.43 79.56 70.67
N ALA C 1682 10.33 80.00 70.05
CA ALA C 1682 10.38 81.22 69.25
C ALA C 1682 10.77 82.42 70.10
N HIS C 1683 10.18 82.56 71.28
CA HIS C 1683 10.59 83.62 72.20
C HIS C 1683 12.02 83.40 72.67
N ALA C 1684 12.42 82.13 72.82
CA ALA C 1684 13.76 81.80 73.27
C ALA C 1684 14.83 82.05 72.23
N LEU C 1685 14.46 82.56 71.06
CA LEU C 1685 15.42 82.80 70.00
C LEU C 1685 15.71 84.27 69.74
N CYS C 1686 14.79 85.17 70.11
CA CYS C 1686 15.01 86.59 69.86
C CYS C 1686 16.24 87.12 70.59
N SER C 1687 16.46 86.68 71.83
CA SER C 1687 17.66 87.12 72.54
C SER C 1687 18.92 86.63 71.86
N HIS C 1688 18.90 85.41 71.33
CA HIS C 1688 20.10 84.86 70.71
C HIS C 1688 20.53 85.66 69.48
N VAL C 1689 19.60 86.04 68.61
CA VAL C 1689 20.04 86.68 67.38
C VAL C 1689 19.90 88.19 67.48
N ASP C 1690 18.65 88.69 67.47
CA ASP C 1690 18.37 90.11 67.63
C ASP C 1690 16.89 90.42 67.47
N GLN C 1691 16.56 91.71 67.61
CA GLN C 1691 15.29 92.26 67.18
C GLN C 1691 15.44 93.30 66.07
N ALA C 1692 16.49 94.10 66.12
CA ALA C 1692 16.59 95.24 65.20
C ALA C 1692 17.31 94.88 63.90
N GLN C 1693 18.42 94.15 63.97
CA GLN C 1693 19.25 93.95 62.79
C GLN C 1693 18.54 93.19 61.69
N LEU C 1694 17.52 92.39 62.02
CA LEU C 1694 16.76 91.71 60.97
C LEU C 1694 16.13 92.70 60.03
N LEU C 1695 15.75 93.88 60.52
CA LEU C 1695 15.32 94.98 59.68
C LEU C 1695 16.48 95.66 58.98
N HIS C 1696 17.67 95.65 59.59
CA HIS C 1696 18.84 96.27 58.97
C HIS C 1696 19.32 95.47 57.75
N ALA C 1697 18.95 94.20 57.67
CA ALA C 1697 19.32 93.39 56.53
C ALA C 1697 18.65 93.85 55.24
N LEU C 1698 17.65 94.72 55.33
CA LEU C 1698 16.94 95.18 54.14
C LEU C 1698 17.76 96.21 53.38
N GLU C 1699 18.13 97.30 54.04
CA GLU C 1699 18.83 98.40 53.37
C GLU C 1699 20.18 97.98 52.80
N ASP C 1700 20.76 96.89 53.29
CA ASP C 1700 22.00 96.39 52.70
C ASP C 1700 21.74 95.84 51.31
N ALA C 1701 22.69 96.10 50.41
CA ALA C 1701 22.64 95.58 49.04
C ALA C 1701 23.77 94.61 48.77
N HIS C 1702 24.97 94.90 49.21
CA HIS C 1702 26.14 94.07 48.95
C HIS C 1702 26.32 93.07 50.08
N LEU C 1703 26.05 91.80 49.79
CA LEU C 1703 26.24 90.65 50.67
C LEU C 1703 26.02 89.40 49.82
N PRO C 1704 26.58 88.24 50.23
CA PRO C 1704 26.42 87.06 49.42
C PRO C 1704 25.01 86.54 49.65
N GLY C 1705 24.28 86.31 48.57
CA GLY C 1705 22.91 85.77 48.69
C GLY C 1705 22.84 84.57 49.61
N PRO C 1706 23.44 83.43 49.21
CA PRO C 1706 23.34 82.22 50.00
C PRO C 1706 23.63 82.38 51.49
N LEU C 1707 24.35 83.42 51.89
CA LEU C 1707 24.77 83.50 53.30
C LEU C 1707 23.76 84.20 54.15
N ARG C 1708 23.11 85.22 53.59
CA ARG C 1708 22.22 85.99 54.47
C ARG C 1708 20.95 86.33 53.73
N ALA C 1709 20.95 86.18 52.41
CA ALA C 1709 19.65 86.39 51.72
C ALA C 1709 18.72 85.26 52.14
N GLY C 1710 19.16 84.40 53.05
CA GLY C 1710 18.25 83.38 53.60
C GLY C 1710 17.43 84.02 54.71
N TYR C 1711 17.95 85.09 55.34
CA TYR C 1711 17.25 85.71 56.49
C TYR C 1711 15.76 85.94 56.16
N TYR C 1712 15.45 86.42 54.96
CA TYR C 1712 14.07 86.66 54.58
C TYR C 1712 13.21 85.40 54.64
N ASP C 1713 13.82 84.27 54.97
CA ASP C 1713 13.09 83.08 55.37
C ASP C 1713 13.14 82.88 56.88
N LEU C 1714 14.22 83.32 57.54
CA LEU C 1714 14.28 83.22 58.99
C LEU C 1714 13.27 84.15 59.65
N LEU C 1715 13.15 85.38 59.17
CA LEU C 1715 12.13 86.28 59.69
C LEU C 1715 10.74 85.70 59.47
N ILE C 1716 10.56 85.01 58.34
CA ILE C 1716 9.32 84.30 58.09
C ILE C 1716 9.10 83.21 59.14
N SER C 1717 10.17 82.49 59.48
CA SER C 1717 10.06 81.31 60.32
C SER C 1717 9.55 81.59 61.73
N ILE C 1718 9.60 82.85 62.19
CA ILE C 1718 9.19 83.17 63.55
C ILE C 1718 8.06 84.20 63.59
N HIS C 1719 7.55 84.61 62.43
CA HIS C 1719 6.39 85.49 62.41
C HIS C 1719 5.34 85.16 61.36
N LEU C 1720 5.64 84.30 60.39
CA LEU C 1720 4.61 83.81 59.47
C LEU C 1720 3.89 82.60 60.05
N GLU C 1721 4.64 81.55 60.37
CA GLU C 1721 4.11 80.23 60.62
C GLU C 1721 3.06 80.23 61.72
N SER C 1722 3.32 80.94 62.81
CA SER C 1722 2.42 80.95 63.95
C SER C 1722 1.09 81.65 63.66
N ALA C 1723 1.00 82.43 62.59
CA ALA C 1723 -0.22 83.13 62.26
C ALA C 1723 -0.76 82.82 60.88
N CYS C 1724 0.11 82.70 59.88
CA CYS C 1724 -0.35 82.51 58.51
C CYS C 1724 -1.03 81.15 58.33
N ARG C 1725 -0.46 80.09 58.91
CA ARG C 1725 -1.07 78.78 58.75
C ARG C 1725 -2.47 78.73 59.36
N SER C 1726 -2.67 79.39 60.50
CA SER C 1726 -4.01 79.50 61.04
C SER C 1726 -4.93 80.26 60.09
N ARG C 1727 -4.45 81.36 59.52
CA ARG C 1727 -5.28 82.15 58.61
C ARG C 1727 -5.56 81.38 57.32
N ARG C 1728 -4.51 80.88 56.67
CA ARG C 1728 -4.62 80.37 55.31
C ARG C 1728 -5.54 79.15 55.20
N SER C 1729 -5.48 78.22 56.14
CA SER C 1729 -6.29 77.01 56.03
C SER C 1729 -7.77 77.33 56.15
N MET C 1730 -8.11 78.51 56.67
CA MET C 1730 -9.48 78.95 56.82
C MET C 1730 -9.97 79.75 55.61
N LEU C 1731 -9.07 80.15 54.71
CA LEU C 1731 -9.49 80.90 53.54
C LEU C 1731 -10.36 80.07 52.62
N SER C 1732 -10.25 78.75 52.69
CA SER C 1732 -11.07 77.87 51.86
C SER C 1732 -12.46 77.68 52.46
N GLU C 1733 -13.11 78.80 52.78
CA GLU C 1733 -14.44 78.80 53.39
C GLU C 1733 -14.97 80.22 53.32
N TYR C 1734 -16.23 80.38 52.95
CA TYR C 1734 -16.85 81.69 52.78
C TYR C 1734 -18.08 81.78 53.67
N ILE C 1735 -18.07 82.75 54.58
CA ILE C 1735 -19.18 82.98 55.51
C ILE C 1735 -19.40 84.48 55.62
N VAL C 1736 -20.66 84.89 55.65
CA VAL C 1736 -20.97 86.32 55.70
C VAL C 1736 -22.13 86.57 56.66
N PRO C 1737 -22.02 87.56 57.54
CA PRO C 1737 -23.16 87.95 58.38
C PRO C 1737 -24.01 89.01 57.72
N LEU C 1738 -25.04 89.46 58.44
CA LEU C 1738 -25.92 90.52 57.96
C LEU C 1738 -25.49 91.84 58.61
N THR C 1739 -24.88 92.71 57.83
CA THR C 1739 -24.41 94.02 58.28
C THR C 1739 -24.84 95.08 57.27
N PRO C 1740 -24.93 96.34 57.69
CA PRO C 1740 -25.21 97.41 56.71
C PRO C 1740 -24.21 97.46 55.57
N GLU C 1741 -22.93 97.20 55.84
CA GLU C 1741 -21.95 97.10 54.77
C GLU C 1741 -22.27 95.91 53.87
N THR C 1742 -22.67 94.78 54.46
CA THR C 1742 -23.07 93.63 53.66
C THR C 1742 -24.27 93.95 52.79
N ARG C 1743 -25.17 94.81 53.27
CA ARG C 1743 -26.40 95.10 52.54
C ARG C 1743 -26.14 95.78 51.19
N ALA C 1744 -24.99 96.43 51.03
CA ALA C 1744 -24.65 97.13 49.79
C ALA C 1744 -23.26 96.71 49.33
N ILE C 1745 -23.20 95.61 48.58
CA ILE C 1745 -21.96 95.20 47.93
C ILE C 1745 -22.30 94.44 46.65
N THR C 1746 -21.78 94.92 45.53
CA THR C 1746 -21.95 94.31 44.22
C THR C 1746 -20.81 94.84 43.34
N LEU C 1747 -20.94 94.68 42.03
CA LEU C 1747 -19.98 95.28 41.12
C LEU C 1747 -19.86 96.77 41.37
N PHE C 1748 -21.00 97.47 41.44
CA PHE C 1748 -21.15 98.88 41.76
C PHE C 1748 -20.02 99.76 41.22
N PRO C 1749 -19.88 99.90 39.89
CA PRO C 1749 -18.90 100.85 39.36
C PRO C 1749 -19.47 102.25 39.30
N PRO C 1750 -18.94 103.17 40.11
CA PRO C 1750 -19.45 104.56 40.10
C PRO C 1750 -18.92 105.29 38.87
N GLY C 1751 -19.81 105.57 37.91
CA GLY C 1751 -19.40 106.26 36.71
C GLY C 1751 -20.55 106.56 35.77
N ARG C 1752 -20.32 106.41 34.46
CA ARG C 1752 -21.32 106.67 33.44
C ARG C 1752 -22.15 105.45 33.10
N LYS C 1753 -22.35 104.55 34.07
CA LYS C 1753 -23.10 103.30 33.95
C LYS C 1753 -22.46 102.32 32.99
N GLY C 1754 -21.36 102.69 32.34
CA GLY C 1754 -20.63 101.79 31.47
C GLY C 1754 -19.65 100.90 32.19
N GLY C 1755 -19.40 101.15 33.48
CA GLY C 1755 -18.47 100.32 34.22
C GLY C 1755 -18.92 98.87 34.34
N ASN C 1756 -20.23 98.64 34.25
CA ASN C 1756 -20.73 97.27 34.20
C ASN C 1756 -20.21 96.56 32.95
N ALA C 1757 -20.20 97.25 31.81
CA ALA C 1757 -19.62 96.70 30.60
C ALA C 1757 -18.13 96.99 30.49
N ARG C 1758 -17.61 97.92 31.27
CA ARG C 1758 -16.19 98.26 31.26
C ARG C 1758 -15.46 97.32 32.24
N ARG C 1759 -14.20 97.64 32.54
CA ARG C 1759 -13.44 96.84 33.50
C ARG C 1759 -14.16 96.76 34.83
N HIS C 1760 -14.14 95.57 35.43
CA HIS C 1760 -14.90 95.34 36.66
C HIS C 1760 -14.41 96.23 37.79
N GLY C 1761 -13.15 96.66 37.74
CA GLY C 1761 -12.59 97.47 38.80
C GLY C 1761 -11.18 97.05 39.12
N LEU C 1762 -10.84 97.03 40.41
CA LEU C 1762 -9.52 96.63 40.85
C LEU C 1762 -9.66 95.65 42.02
N PRO C 1763 -8.94 94.53 42.00
CA PRO C 1763 -8.90 93.67 43.18
C PRO C 1763 -8.25 94.40 44.34
N GLY C 1764 -8.51 93.91 45.54
CA GLY C 1764 -8.12 94.69 46.71
C GLY C 1764 -9.13 95.78 47.00
N VAL C 1765 -10.34 95.36 47.38
CA VAL C 1765 -11.47 96.26 47.55
C VAL C 1765 -11.83 96.27 49.02
N GLY C 1766 -12.89 97.00 49.40
CA GLY C 1766 -13.22 97.21 50.79
C GLY C 1766 -13.62 95.98 51.58
N VAL C 1767 -14.34 96.19 52.69
CA VAL C 1767 -14.54 95.15 53.69
C VAL C 1767 -15.23 93.95 53.06
N THR C 1768 -14.63 92.76 53.24
CA THR C 1768 -15.22 91.52 52.78
C THR C 1768 -16.12 90.86 53.82
N THR C 1769 -16.19 91.41 55.03
CA THR C 1769 -17.13 90.99 56.06
C THR C 1769 -16.96 89.52 56.45
N SER C 1770 -15.89 88.88 56.01
CA SER C 1770 -15.61 87.53 56.44
C SER C 1770 -15.06 87.55 57.86
N LEU C 1771 -15.47 86.54 58.64
CA LEU C 1771 -15.10 86.46 60.05
C LEU C 1771 -13.61 86.10 60.14
N ARG C 1772 -12.78 87.12 60.30
CA ARG C 1772 -11.33 86.94 60.40
C ARG C 1772 -10.88 87.36 61.80
N PRO C 1773 -10.63 86.43 62.71
CA PRO C 1773 -10.27 86.80 64.08
C PRO C 1773 -8.88 87.41 64.13
N PRO C 1774 -8.60 88.22 65.16
CA PRO C 1774 -7.28 88.82 65.28
C PRO C 1774 -6.21 87.79 65.61
N HIS C 1775 -4.96 88.20 65.43
CA HIS C 1775 -3.83 87.28 65.48
C HIS C 1775 -3.26 87.09 66.88
N HIS C 1776 -3.39 88.09 67.76
CA HIS C 1776 -3.00 87.98 69.17
C HIS C 1776 -1.51 87.65 69.32
N PHE C 1777 -0.69 88.60 68.91
CA PHE C 1777 0.74 88.52 69.17
C PHE C 1777 1.02 88.85 70.64
N SER C 1778 2.26 88.60 71.06
CA SER C 1778 2.66 88.84 72.44
C SER C 1778 4.04 89.49 72.46
N PRO C 1779 4.24 90.53 73.26
CA PRO C 1779 5.54 91.19 73.32
C PRO C 1779 6.59 90.27 73.93
N PRO C 1780 7.73 90.11 73.28
CA PRO C 1780 8.79 89.24 73.83
C PRO C 1780 9.44 89.84 75.06
N CYS C 1781 9.83 88.98 75.99
CA CYS C 1781 10.49 89.43 77.21
C CYS C 1781 11.10 88.24 77.94
N PHE C 1782 12.29 88.46 78.49
CA PHE C 1782 12.91 87.54 79.44
C PHE C 1782 13.09 88.13 80.83
N VAL C 1783 13.06 89.46 80.97
CA VAL C 1783 13.22 90.09 82.27
C VAL C 1783 12.07 89.80 83.23
N ALA C 1784 10.91 89.42 82.71
CA ALA C 1784 9.79 89.08 83.57
C ALA C 1784 10.01 87.72 84.22
N ALA C 1785 9.20 87.43 85.23
CA ALA C 1785 9.30 86.18 85.95
C ALA C 1785 8.91 85.01 85.06
N LEU C 1786 9.53 83.86 85.31
CA LEU C 1786 9.21 82.66 84.55
C LEU C 1786 7.81 82.16 84.91
N PRO C 1787 7.09 81.59 83.95
CA PRO C 1787 5.72 81.12 84.22
C PRO C 1787 5.71 79.95 85.19
N ALA C 1788 4.65 79.86 85.98
CA ALA C 1788 4.48 78.81 86.97
C ALA C 1788 5.68 78.73 87.92
N GLU C 1793 1.03 73.55 80.83
CA GLU C 1793 0.04 73.85 81.86
C GLU C 1793 -0.74 75.13 81.51
N ALA C 1794 -0.23 75.88 80.55
CA ALA C 1794 -0.84 77.14 80.14
C ALA C 1794 -0.34 77.48 78.76
N PRO C 1795 -1.04 78.36 78.03
CA PRO C 1795 -0.55 78.77 76.71
C PRO C 1795 0.72 79.61 76.83
N ALA C 1796 1.86 78.93 76.94
CA ALA C 1796 3.15 79.53 77.26
C ALA C 1796 3.40 80.83 76.52
N ARG C 1797 3.38 80.78 75.19
CA ARG C 1797 3.62 81.98 74.39
C ARG C 1797 2.69 81.98 73.20
N LEU C 1798 2.22 83.17 72.84
CA LEU C 1798 1.39 83.31 71.64
C LEU C 1798 2.27 83.42 70.39
N SER C 1799 3.07 84.49 70.31
CA SER C 1799 4.04 84.73 69.25
C SER C 1799 4.84 85.97 69.60
N PRO C 1800 6.13 86.02 69.26
CA PRO C 1800 6.89 87.26 69.46
C PRO C 1800 6.30 88.39 68.64
N ALA C 1801 6.34 89.59 69.20
CA ALA C 1801 5.70 90.75 68.61
C ALA C 1801 6.71 91.64 67.92
N ILE C 1802 6.29 92.19 66.78
CA ILE C 1802 7.10 93.17 66.05
C ILE C 1802 6.17 94.21 65.44
N PRO C 1803 6.53 95.49 65.59
CA PRO C 1803 5.70 96.56 65.02
C PRO C 1803 5.61 96.45 63.51
N LEU C 1804 4.41 96.12 63.02
CA LEU C 1804 4.21 95.82 61.61
C LEU C 1804 3.96 97.06 60.75
N GLU C 1805 3.45 98.14 61.34
CA GLU C 1805 3.19 99.34 60.56
C GLU C 1805 4.47 99.89 59.93
N ALA C 1806 5.56 99.96 60.70
CA ALA C 1806 6.84 100.32 60.13
C ALA C 1806 7.37 99.23 59.21
N LEU C 1807 7.14 97.97 59.59
CA LEU C 1807 7.57 96.86 58.76
C LEU C 1807 6.88 96.86 57.41
N ARG C 1808 5.59 97.19 57.38
CA ARG C 1808 4.86 97.21 56.11
C ARG C 1808 5.44 98.23 55.15
N ASP C 1809 5.80 99.42 55.65
CA ASP C 1809 6.36 100.45 54.80
C ASP C 1809 7.78 100.11 54.36
N LYS C 1810 8.57 99.48 55.22
CA LYS C 1810 9.97 99.19 54.89
C LYS C 1810 10.09 98.10 53.83
N ALA C 1811 9.26 97.06 53.91
CA ALA C 1811 9.34 95.99 52.93
C ALA C 1811 8.83 96.44 51.56
N LEU C 1812 7.78 97.27 51.54
CA LEU C 1812 7.18 97.65 50.26
C LEU C 1812 8.13 98.46 49.40
N ARG C 1813 8.87 99.39 50.01
CA ARG C 1813 9.71 100.31 49.24
C ARG C 1813 10.81 99.60 48.47
N MET C 1814 11.27 98.44 48.94
CA MET C 1814 12.28 97.70 48.19
C MET C 1814 11.71 97.05 46.93
N LEU C 1815 10.44 96.66 46.95
CA LEU C 1815 9.86 96.00 45.79
C LEU C 1815 9.95 96.88 44.55
N GLY C 1816 9.47 98.12 44.64
CA GLY C 1816 9.60 99.04 43.53
C GLY C 1816 11.04 99.41 43.25
N GLU C 1817 11.86 99.54 44.29
CA GLU C 1817 13.27 99.85 44.10
C GLU C 1817 13.98 98.76 43.32
N ALA C 1818 13.69 97.49 43.62
CA ALA C 1818 14.28 96.39 42.88
C ALA C 1818 13.86 96.41 41.42
N VAL C 1819 12.59 96.71 41.14
CA VAL C 1819 12.12 96.77 39.77
C VAL C 1819 12.74 97.95 39.04
N ARG C 1820 12.77 99.12 39.68
CA ARG C 1820 13.36 100.29 39.05
C ARG C 1820 14.84 100.08 38.77
N ASP C 1821 15.57 99.49 39.71
CA ASP C 1821 16.97 99.17 39.49
C ASP C 1821 17.17 97.99 38.57
N GLY C 1822 16.15 97.13 38.41
CA GLY C 1822 16.29 95.97 37.56
C GLY C 1822 16.27 96.29 36.08
N GLY C 1823 15.71 97.44 35.72
CA GLY C 1823 15.61 97.83 34.32
C GLY C 1823 16.91 98.28 33.69
N GLN C 1824 17.90 98.66 34.50
CA GLN C 1824 19.17 99.15 33.98
C GLN C 1824 20.04 98.03 33.42
N HIS C 1825 19.70 96.77 33.68
CA HIS C 1825 20.45 95.61 33.19
C HIS C 1825 21.92 95.69 33.58
N ALA C 1826 22.19 96.17 34.79
CA ALA C 1826 23.55 96.30 35.26
C ALA C 1826 24.08 94.97 35.79
N ARG C 1827 25.40 94.82 35.68
CA ARG C 1827 26.11 93.68 36.28
C ARG C 1827 26.35 93.88 37.77
N ASP C 1828 25.55 94.72 38.42
CA ASP C 1828 25.68 94.88 39.85
C ASP C 1828 24.41 94.37 40.54
N PRO C 1829 24.12 93.07 40.40
CA PRO C 1829 22.87 92.55 40.96
C PRO C 1829 23.03 92.01 42.36
N VAL C 1830 22.25 92.53 43.30
CA VAL C 1830 22.30 92.04 44.67
C VAL C 1830 22.29 90.53 44.66
N GLY C 1831 23.27 89.92 45.30
CA GLY C 1831 23.36 88.48 45.33
C GLY C 1831 24.19 87.87 44.24
N GLY C 1832 24.60 88.64 43.24
CA GLY C 1832 25.42 88.12 42.17
C GLY C 1832 24.64 87.79 40.93
N SER C 1833 23.44 87.24 41.11
CA SER C 1833 22.61 86.80 39.99
C SER C 1833 21.23 87.43 40.10
N VAL C 1834 20.51 87.43 38.97
CA VAL C 1834 19.15 87.95 38.95
C VAL C 1834 18.25 87.09 39.82
N GLU C 1835 18.57 85.80 39.97
CA GLU C 1835 17.78 84.93 40.82
C GLU C 1835 17.72 85.46 42.25
N PHE C 1836 18.87 85.81 42.82
CA PHE C 1836 18.87 86.43 44.13
C PHE C 1836 18.56 87.93 44.08
N GLN C 1837 18.64 88.55 42.89
CA GLN C 1837 18.25 89.96 42.80
C GLN C 1837 16.77 90.12 43.09
N PHE C 1838 15.93 89.28 42.49
CA PHE C 1838 14.54 89.16 42.93
C PHE C 1838 14.46 88.21 44.12
N VAL C 1839 15.20 88.63 45.14
CA VAL C 1839 15.33 88.00 46.45
C VAL C 1839 13.94 87.68 47.00
N PRO C 1840 13.80 86.69 47.88
CA PRO C 1840 12.48 86.35 48.41
C PRO C 1840 11.77 87.47 49.16
N VAL C 1841 12.31 88.68 49.14
CA VAL C 1841 11.52 89.86 49.51
C VAL C 1841 10.18 89.81 48.77
N LEU C 1842 10.19 89.35 47.52
CA LEU C 1842 8.94 89.09 46.81
C LEU C 1842 8.11 88.05 47.55
N LYS C 1843 8.74 86.99 48.03
CA LYS C 1843 8.03 86.02 48.86
C LYS C 1843 7.50 86.68 50.13
N LEU C 1844 8.31 87.55 50.74
CA LEU C 1844 7.85 88.27 51.92
C LEU C 1844 6.65 89.17 51.62
N VAL C 1845 6.61 89.76 50.42
CA VAL C 1845 5.46 90.58 50.06
C VAL C 1845 4.19 89.74 50.02
N SER C 1846 4.27 88.55 49.41
CA SER C 1846 3.12 87.65 49.39
C SER C 1846 2.69 87.24 50.78
N THR C 1847 3.64 87.16 51.72
CA THR C 1847 3.30 86.82 53.10
C THR C 1847 2.35 87.84 53.70
N LEU C 1848 2.72 89.12 53.63
CA LEU C 1848 1.88 90.16 54.19
C LEU C 1848 0.62 90.39 53.39
N LEU C 1849 0.62 90.04 52.10
CA LEU C 1849 -0.56 90.23 51.28
C LEU C 1849 -1.71 89.34 51.74
N VAL C 1850 -1.43 88.07 52.05
CA VAL C 1850 -2.48 87.19 52.54
C VAL C 1850 -2.89 87.54 53.96
N MET C 1851 -2.01 88.22 54.70
CA MET C 1851 -2.34 88.66 56.06
C MET C 1851 -3.29 89.84 56.08
N GLY C 1852 -3.48 90.53 54.95
CA GLY C 1852 -4.34 91.70 54.93
C GLY C 1852 -3.71 92.92 55.55
N ILE C 1853 -2.41 92.90 55.79
CA ILE C 1853 -1.75 94.04 56.43
C ILE C 1853 -1.82 95.26 55.53
N PHE C 1854 -1.74 95.07 54.22
CA PHE C 1854 -1.81 96.18 53.29
C PHE C 1854 -3.20 96.82 53.32
N GLY C 1855 -3.23 98.12 53.11
CA GLY C 1855 -4.47 98.86 53.05
C GLY C 1855 -5.07 98.90 51.66
N ASP C 1856 -6.14 99.67 51.48
CA ASP C 1856 -6.78 99.77 50.16
C ASP C 1856 -5.84 100.43 49.16
N GLU C 1857 -5.16 101.50 49.56
CA GLU C 1857 -4.21 102.14 48.66
C GLU C 1857 -2.95 101.31 48.51
N ASP C 1858 -2.54 100.58 49.55
CA ASP C 1858 -1.29 99.83 49.50
C ASP C 1858 -1.34 98.76 48.41
N VAL C 1859 -2.44 98.01 48.33
CA VAL C 1859 -2.57 97.01 47.28
C VAL C 1859 -2.61 97.68 45.92
N LYS C 1860 -3.23 98.87 45.84
CA LYS C 1860 -3.19 99.64 44.61
C LYS C 1860 -1.76 100.03 44.25
N GLN C 1861 -0.95 100.38 45.26
CA GLN C 1861 0.46 100.67 45.00
C GLN C 1861 1.19 99.44 44.50
N ILE C 1862 0.88 98.27 45.03
CA ILE C 1862 1.50 97.04 44.57
C ILE C 1862 1.19 96.77 43.10
N LEU C 1863 -0.05 97.00 42.66
CA LEU C 1863 -0.40 96.76 41.27
C LEU C 1863 0.40 97.63 40.32
N LYS C 1864 1.00 98.72 40.80
CA LYS C 1864 1.76 99.62 39.96
C LYS C 1864 3.00 98.98 39.36
N MET C 1865 3.41 97.82 39.87
CA MET C 1865 4.48 97.07 39.23
C MET C 1865 4.04 96.44 37.92
N ILE C 1866 2.73 96.29 37.71
CA ILE C 1866 2.16 95.84 36.45
C ILE C 1866 1.21 96.94 35.99
N GLU C 1867 1.55 98.18 36.34
CA GLU C 1867 0.67 99.33 36.09
C GLU C 1867 0.20 99.47 34.65
N PRO C 1868 1.03 99.33 33.62
CA PRO C 1868 0.51 99.50 32.25
C PRO C 1868 -0.63 98.57 31.90
N GLU C 1869 -0.60 97.32 32.40
CA GLU C 1869 -1.72 96.41 32.19
C GLU C 1869 -2.85 96.69 33.17
N VAL C 1870 -2.53 97.15 34.39
CA VAL C 1870 -3.56 97.51 35.35
C VAL C 1870 -4.39 98.68 34.82
N PHE C 1871 -3.71 99.71 34.32
CA PHE C 1871 -4.36 100.88 33.72
C PHE C 1871 -5.33 101.52 34.72
N THR C 1872 -4.74 102.02 35.81
CA THR C 1872 -5.51 102.64 36.88
C THR C 1872 -6.52 103.63 36.31
N GLU C 1873 -7.74 103.57 36.85
CA GLU C 1873 -8.85 104.33 36.28
C GLU C 1873 -8.65 105.84 36.37
N GLU C 1874 -7.75 106.30 37.23
CA GLU C 1874 -7.47 107.73 37.35
C GLU C 1874 -6.87 108.29 36.07
N LEU C 1922 11.00 104.52 30.41
CA LEU C 1922 9.63 104.26 30.82
C LEU C 1922 9.57 103.20 31.90
N GLU C 1923 8.52 103.26 32.73
CA GLU C 1923 8.34 102.30 33.82
C GLU C 1923 7.82 100.99 33.22
N GLU C 1924 8.76 100.17 32.77
CA GLU C 1924 8.42 98.89 32.17
C GLU C 1924 7.76 97.98 33.20
N GLY C 1925 6.78 97.21 32.78
CA GLY C 1925 6.10 96.31 33.68
C GLY C 1925 6.97 95.17 34.12
N LEU C 1926 6.56 94.53 35.21
CA LEU C 1926 7.37 93.48 35.81
C LEU C 1926 7.33 92.19 35.00
N LEU C 1927 6.25 91.98 34.23
CA LEU C 1927 6.12 90.75 33.45
C LEU C 1927 7.08 90.70 32.27
N GLN C 1928 7.62 91.84 31.85
CA GLN C 1928 8.46 91.87 30.66
C GLN C 1928 9.86 91.34 30.89
N MET C 1929 10.42 91.48 32.09
CA MET C 1929 11.78 91.01 32.34
C MET C 1929 11.82 89.49 32.37
N LYS C 1930 12.82 88.94 31.67
CA LYS C 1930 12.97 87.49 31.53
C LYS C 1930 13.48 86.92 32.85
N LEU C 1931 12.56 86.46 33.67
CA LEU C 1931 12.92 85.83 34.94
C LEU C 1931 13.21 84.35 34.70
N PRO C 1932 14.45 83.90 34.93
CA PRO C 1932 14.91 82.66 34.30
C PRO C 1932 14.14 81.39 34.64
N GLU C 1933 14.14 80.96 35.90
CA GLU C 1933 13.56 79.66 36.20
C GLU C 1933 12.62 79.65 37.40
N SER C 1934 12.97 80.37 38.45
CA SER C 1934 12.30 80.19 39.73
C SER C 1934 11.49 81.41 40.15
N VAL C 1935 11.82 82.60 39.64
CA VAL C 1935 11.02 83.76 40.00
C VAL C 1935 9.60 83.63 39.49
N LYS C 1936 9.40 82.85 38.41
CA LYS C 1936 8.07 82.69 37.86
C LYS C 1936 7.12 82.01 38.84
N LEU C 1937 7.58 80.94 39.50
CA LEU C 1937 6.69 80.25 40.44
C LEU C 1937 6.34 81.16 41.62
N GLN C 1938 7.29 81.95 42.11
CA GLN C 1938 6.95 82.99 43.07
C GLN C 1938 6.06 84.06 42.43
N MET C 1939 6.37 84.45 41.19
CA MET C 1939 5.46 85.33 40.46
C MET C 1939 4.09 84.70 40.30
N CYS C 1940 4.05 83.41 39.95
CA CYS C 1940 2.78 82.70 39.89
C CYS C 1940 2.13 82.62 41.27
N ASN C 1941 2.92 82.39 42.31
CA ASN C 1941 2.35 82.28 43.65
C ASN C 1941 1.73 83.59 44.12
N LEU C 1942 2.21 84.73 43.61
CA LEU C 1942 1.59 85.99 43.97
C LEU C 1942 0.22 86.12 43.30
N LEU C 1943 0.00 85.40 42.20
CA LEU C 1943 -1.23 85.54 41.44
C LEU C 1943 -2.44 84.85 42.07
N GLU C 1944 -2.26 83.78 42.84
CA GLU C 1944 -3.45 83.13 43.39
C GLU C 1944 -4.20 84.05 44.34
N TYR C 1945 -3.53 85.02 44.96
CA TYR C 1945 -4.25 85.88 45.89
C TYR C 1945 -5.27 86.74 45.15
N PHE C 1946 -4.89 87.30 44.01
CA PHE C 1946 -5.80 88.17 43.28
C PHE C 1946 -6.98 87.40 42.70
N CYS C 1947 -6.73 86.24 42.09
CA CYS C 1947 -7.85 85.44 41.59
C CYS C 1947 -8.70 84.93 42.74
N ASP C 1948 -8.11 84.67 43.90
CA ASP C 1948 -8.88 84.28 45.07
C ASP C 1948 -9.73 85.43 45.58
N GLN C 1949 -9.20 86.66 45.55
CA GLN C 1949 -9.98 87.80 45.99
C GLN C 1949 -11.20 88.03 45.11
N GLU C 1950 -11.06 87.88 43.80
CA GLU C 1950 -12.19 88.10 42.91
C GLU C 1950 -13.30 87.09 43.17
N LEU C 1951 -12.94 85.82 43.34
CA LEU C 1951 -13.95 84.80 43.64
C LEU C 1951 -14.62 85.06 44.98
N GLN C 1952 -13.83 85.40 46.00
CA GLN C 1952 -14.40 85.71 47.30
C GLN C 1952 -15.29 86.95 47.23
N HIS C 1953 -14.88 87.96 46.45
CA HIS C 1953 -15.74 89.12 46.25
C HIS C 1953 -17.00 88.76 45.51
N ARG C 1954 -16.91 87.89 44.50
CA ARG C 1954 -18.09 87.51 43.72
C ARG C 1954 -19.12 86.78 44.58
N VAL C 1955 -18.67 85.85 45.42
CA VAL C 1955 -19.61 85.12 46.27
C VAL C 1955 -20.24 86.05 47.30
N GLU C 1956 -19.48 87.00 47.83
CA GLU C 1956 -20.02 87.94 48.80
C GLU C 1956 -21.13 88.80 48.18
N SER C 1957 -20.93 89.23 46.93
CA SER C 1957 -21.95 90.02 46.26
C SER C 1957 -23.25 89.23 46.07
N LEU C 1958 -23.14 87.94 45.75
CA LEU C 1958 -24.33 87.11 45.61
C LEU C 1958 -25.11 87.04 46.93
N ALA C 1959 -24.41 86.92 48.05
CA ALA C 1959 -25.08 86.86 49.34
C ALA C 1959 -25.83 88.14 49.65
N ALA C 1960 -25.26 89.30 49.27
CA ALA C 1960 -25.95 90.57 49.49
C ALA C 1960 -27.27 90.60 48.73
N PHE C 1961 -27.26 90.15 47.48
CA PHE C 1961 -28.49 90.12 46.70
C PHE C 1961 -29.48 89.10 47.25
N ALA C 1962 -28.99 87.95 47.69
CA ALA C 1962 -29.86 86.87 48.16
C ALA C 1962 -30.49 87.17 49.50
N GLU C 1963 -30.07 88.23 50.18
CA GLU C 1963 -30.67 88.61 51.46
C GLU C 1963 -31.66 89.76 51.35
N ARG C 1964 -31.45 90.69 50.41
CA ARG C 1964 -32.46 91.71 50.16
C ARG C 1964 -33.64 91.17 49.38
N TYR C 1965 -33.42 90.19 48.49
CA TYR C 1965 -34.51 89.66 47.69
C TYR C 1965 -35.37 88.68 48.49
N VAL C 1966 -34.77 87.96 49.44
CA VAL C 1966 -35.56 87.07 50.28
C VAL C 1966 -36.45 87.86 51.23
N ASP C 1967 -36.08 89.10 51.54
CA ASP C 1967 -36.95 89.95 52.36
C ASP C 1967 -38.24 90.29 51.61
N LYS C 1968 -38.14 90.53 50.30
CA LYS C 1968 -39.30 90.84 49.48
C LYS C 1968 -39.96 89.60 48.90
N LEU C 1969 -39.45 88.41 49.23
CA LEU C 1969 -40.02 87.15 48.73
C LEU C 1969 -41.07 86.58 49.66
N GLN C 1970 -40.71 86.26 50.90
CA GLN C 1970 -41.70 85.76 51.85
C GLN C 1970 -42.71 86.83 52.22
N ALA C 1971 -42.35 88.11 52.10
CA ALA C 1971 -43.32 89.18 52.30
C ALA C 1971 -44.40 89.20 51.23
N ASN C 1972 -44.03 88.93 49.97
CA ASN C 1972 -45.04 88.81 48.91
C ASN C 1972 -45.87 87.55 49.11
N GLN C 1973 -45.22 86.43 49.46
CA GLN C 1973 -45.95 85.20 49.74
C GLN C 1973 -46.89 85.38 50.91
N ARG C 1974 -46.44 86.03 51.98
CA ARG C 1974 -47.33 86.34 53.09
C ARG C 1974 -48.42 87.32 52.66
N SER C 1975 -48.06 88.28 51.81
CA SER C 1975 -49.08 89.12 51.18
C SER C 1975 -49.99 88.30 50.28
N ARG C 1976 -49.41 87.34 49.55
CA ARG C 1976 -50.21 86.41 48.77
C ARG C 1976 -51.02 85.47 49.68
N TYR C 1977 -50.49 85.10 50.84
CA TYR C 1977 -51.23 84.27 51.77
C TYR C 1977 -52.47 84.98 52.29
N ALA C 1978 -52.44 86.31 52.35
CA ALA C 1978 -53.63 87.07 52.72
C ALA C 1978 -54.66 87.07 51.59
N LEU C 1979 -54.20 86.98 50.34
CA LEU C 1979 -55.12 86.91 49.21
C LEU C 1979 -55.89 85.59 49.15
N LEU C 1980 -55.36 84.53 49.76
CA LEU C 1980 -56.05 83.26 49.86
C LEU C 1980 -56.68 83.04 51.23
N MET C 1981 -56.73 84.07 52.06
CA MET C 1981 -57.41 84.02 53.35
C MET C 1981 -58.62 84.95 53.39
N ARG C 1982 -58.41 86.24 53.08
CA ARG C 1982 -59.52 87.17 52.99
C ARG C 1982 -60.33 87.00 51.70
N ALA C 1983 -59.69 86.61 50.62
CA ALA C 1983 -60.34 86.40 49.32
C ALA C 1983 -60.01 85.00 48.80
N PHE C 1984 -60.19 84.00 49.67
CA PHE C 1984 -59.86 82.62 49.31
C PHE C 1984 -60.71 82.14 48.14
N THR C 1985 -62.01 82.45 48.16
CA THR C 1985 -62.97 81.97 47.16
C THR C 1985 -62.92 80.44 47.06
N MET C 1986 -63.25 79.82 48.20
CA MET C 1986 -63.11 78.37 48.34
C MET C 1986 -63.97 77.65 47.32
N SER C 1987 -63.32 76.78 46.54
CA SER C 1987 -63.99 75.99 45.51
C SER C 1987 -63.11 74.77 45.22
N ALA C 1988 -63.40 74.07 44.13
CA ALA C 1988 -62.62 72.91 43.73
C ALA C 1988 -61.19 73.28 43.35
N ALA C 1989 -60.99 74.40 42.65
CA ALA C 1989 -59.64 74.83 42.29
C ALA C 1989 -58.92 75.47 43.47
N GLU C 1990 -59.64 76.24 44.29
CA GLU C 1990 -59.03 76.92 45.41
C GLU C 1990 -58.62 75.96 46.52
N THR C 1991 -59.32 74.84 46.67
CA THR C 1991 -58.96 73.82 47.65
C THR C 1991 -57.82 72.93 47.17
N ALA C 1992 -57.37 73.08 45.93
CA ALA C 1992 -56.26 72.31 45.40
C ALA C 1992 -55.06 73.16 45.01
N ARG C 1993 -55.28 74.28 44.31
CA ARG C 1993 -54.16 75.10 43.85
C ARG C 1993 -53.38 75.68 45.01
N ARG C 1994 -54.06 76.11 46.07
CA ARG C 1994 -53.41 76.73 47.21
C ARG C 1994 -52.87 75.71 48.22
N THR C 1995 -53.06 74.41 47.96
CA THR C 1995 -52.74 73.39 48.95
C THR C 1995 -51.25 73.31 49.26
N ARG C 1996 -50.38 73.59 48.29
CA ARG C 1996 -48.96 73.27 48.43
C ARG C 1996 -48.28 74.07 49.53
N GLU C 1997 -48.94 75.12 50.05
CA GLU C 1997 -48.27 76.01 50.98
C GLU C 1997 -48.08 75.35 52.35
N PHE C 1998 -49.12 74.70 52.87
CA PHE C 1998 -48.97 73.95 54.11
C PHE C 1998 -48.00 72.78 53.93
N ARG C 1999 -48.12 72.06 52.83
CA ARG C 1999 -47.16 71.02 52.46
C ARG C 1999 -45.95 71.68 51.83
N SER C 2000 -45.10 70.89 51.16
CA SER C 2000 -43.99 71.42 50.39
C SER C 2000 -43.08 72.29 51.24
N PRO C 2001 -42.29 71.71 52.14
CA PRO C 2001 -41.41 72.50 52.99
C PRO C 2001 -40.52 73.41 52.16
N PRO C 2002 -39.97 74.48 52.76
CA PRO C 2002 -39.19 75.45 51.97
C PRO C 2002 -37.99 74.85 51.27
N GLN C 2003 -37.55 73.65 51.64
CA GLN C 2003 -36.54 72.95 50.86
C GLN C 2003 -37.05 72.67 49.46
N GLU C 2004 -38.30 72.23 49.34
CA GLU C 2004 -38.91 72.00 48.03
C GLU C 2004 -39.83 73.14 47.61
N GLN C 2005 -40.30 73.95 48.54
CA GLN C 2005 -41.17 75.06 48.18
C GLN C 2005 -40.45 76.08 47.31
N ILE C 2006 -39.27 76.53 47.75
CA ILE C 2006 -38.60 77.64 47.08
C ILE C 2006 -38.19 77.25 45.67
N ASN C 2007 -37.72 76.00 45.48
CA ASN C 2007 -37.26 75.58 44.17
C ASN C 2007 -38.35 75.66 43.11
N MET C 2008 -39.62 75.50 43.51
CA MET C 2008 -40.71 75.72 42.58
C MET C 2008 -40.73 77.19 42.14
N LEU C 2009 -40.58 78.11 43.07
CA LEU C 2009 -40.60 79.54 42.76
C LEU C 2009 -39.36 79.99 42.00
N LEU C 2010 -38.21 79.37 42.25
CA LEU C 2010 -36.99 79.74 41.55
C LEU C 2010 -37.06 79.46 40.06
N HIS C 2011 -37.69 78.36 39.66
CA HIS C 2011 -37.64 77.95 38.26
C HIS C 2011 -38.41 78.90 37.35
N PHE C 2012 -39.40 79.61 37.90
CA PHE C 2012 -40.23 80.45 37.04
C PHE C 2012 -39.42 81.57 36.39
N LYS C 2013 -38.63 82.28 37.18
CA LYS C 2013 -37.89 83.42 36.64
C LYS C 2013 -37.24 83.17 35.29
N ASP C 2014 -36.13 82.45 35.29
CA ASP C 2014 -35.40 82.23 34.04
C ASP C 2014 -36.12 81.31 33.07
N GLU C 2015 -37.22 80.71 33.52
CA GLU C 2015 -37.94 79.77 32.67
C GLU C 2015 -38.24 80.39 31.32
N ALA C 2016 -38.17 79.59 30.25
CA ALA C 2016 -38.53 80.09 28.93
C ALA C 2016 -40.02 80.35 28.97
N ASP C 2017 -40.47 80.97 30.04
CA ASP C 2017 -41.90 81.23 30.24
C ASP C 2017 -42.73 79.99 29.91
N GLU C 2018 -42.23 78.83 30.28
CA GLU C 2018 -42.84 77.54 29.93
C GLU C 2018 -43.18 76.71 31.17
N GLU C 2019 -43.61 77.37 32.25
CA GLU C 2019 -43.98 76.63 33.45
C GLU C 2019 -45.18 77.24 34.18
N ASP C 2020 -46.03 77.98 33.47
CA ASP C 2020 -47.18 78.65 34.08
C ASP C 2020 -46.73 79.54 35.24
N CYS C 2021 -45.94 80.55 34.89
CA CYS C 2021 -45.34 81.43 35.88
C CYS C 2021 -46.43 82.13 36.68
N PRO C 2022 -46.22 82.34 37.98
CA PRO C 2022 -47.28 82.92 38.82
C PRO C 2022 -47.49 84.40 38.58
N LEU C 2023 -48.35 84.99 39.40
CA LEU C 2023 -48.69 86.42 39.27
C LEU C 2023 -47.49 87.36 39.28
N PRO C 2024 -46.50 87.23 40.20
CA PRO C 2024 -45.44 88.23 40.25
C PRO C 2024 -44.61 88.28 38.96
N GLU C 2025 -44.71 89.39 38.25
CA GLU C 2025 -44.01 89.59 36.99
C GLU C 2025 -42.89 90.60 37.06
N ASP C 2026 -42.81 91.37 38.15
CA ASP C 2026 -41.74 92.35 38.30
C ASP C 2026 -40.51 91.76 38.97
N ILE C 2027 -40.70 90.75 39.82
CA ILE C 2027 -39.59 90.15 40.56
C ILE C 2027 -38.98 89.02 39.74
N ARG C 2028 -39.55 88.75 38.57
CA ARG C 2028 -38.98 87.77 37.65
C ARG C 2028 -38.05 88.40 36.63
N GLN C 2029 -37.83 89.71 36.69
CA GLN C 2029 -36.93 90.40 35.78
C GLN C 2029 -35.61 90.79 36.41
N ASP C 2030 -35.62 91.26 37.67
CA ASP C 2030 -34.37 91.60 38.34
C ASP C 2030 -33.50 90.36 38.50
N LEU C 2031 -34.11 89.22 38.83
CA LEU C 2031 -33.37 87.96 38.84
C LEU C 2031 -32.81 87.64 37.46
N GLN C 2032 -33.59 87.87 36.41
CA GLN C 2032 -33.06 87.74 35.06
C GLN C 2032 -31.94 88.74 34.81
N ASP C 2033 -32.10 89.97 35.27
CA ASP C 2033 -31.03 90.96 35.16
C ASP C 2033 -29.84 90.60 36.03
N PHE C 2034 -30.09 90.12 37.25
CA PHE C 2034 -29.00 89.76 38.15
C PHE C 2034 -28.18 88.61 37.58
N HIS C 2035 -28.84 87.57 37.06
CA HIS C 2035 -28.12 86.50 36.39
C HIS C 2035 -27.38 87.01 35.17
N GLN C 2036 -28.00 87.92 34.41
CA GLN C 2036 -27.32 88.50 33.25
C GLN C 2036 -26.13 89.34 33.68
N ASP C 2037 -26.27 90.08 34.78
CA ASP C 2037 -25.18 90.92 35.26
C ASP C 2037 -23.97 90.11 35.71
N LEU C 2038 -24.17 89.01 36.43
CA LEU C 2038 -23.05 88.25 36.97
C LEU C 2038 -22.22 87.61 35.86
N LEU C 2039 -22.89 87.00 34.88
CA LEU C 2039 -22.15 86.33 33.81
C LEU C 2039 -21.34 87.33 32.99
N ALA C 2040 -21.80 88.58 32.89
CA ALA C 2040 -20.97 89.61 32.27
C ALA C 2040 -19.71 89.85 33.07
N HIS C 2041 -19.81 89.90 34.40
CA HIS C 2041 -18.65 90.06 35.24
C HIS C 2041 -17.73 88.85 35.16
N CYS C 2042 -18.29 87.64 35.10
CA CYS C 2042 -17.50 86.42 35.07
C CYS C 2042 -16.95 86.21 33.67
N GLY C 2043 -16.38 85.03 33.43
CA GLY C 2043 -15.74 84.73 32.17
C GLY C 2043 -16.66 84.63 30.97
N ILE C 2044 -17.97 84.60 31.20
CA ILE C 2044 -18.92 84.54 30.09
C ILE C 2044 -18.85 85.84 29.31
N GLN C 2045 -18.48 85.75 28.04
CA GLN C 2045 -18.38 86.94 27.19
C GLN C 2045 -19.75 87.50 26.84
N LEU C 2046 -20.83 86.77 27.15
CA LEU C 2046 -22.20 87.20 26.83
C LEU C 2046 -22.34 87.51 25.34
N GLU C 2047 -21.72 86.67 24.51
CA GLU C 2047 -21.78 86.83 23.06
C GLU C 2047 -23.16 86.38 22.58
N GLY C 2048 -24.13 87.27 22.74
CA GLY C 2048 -25.50 86.99 22.36
C GLY C 2048 -26.41 86.79 23.56
N LYS C 2089 -2.40 94.30 21.51
CA LYS C 2089 -3.71 94.57 22.09
C LYS C 2089 -3.65 94.58 23.61
N LYS C 2090 -4.32 95.56 24.22
CA LYS C 2090 -4.36 95.68 25.67
C LYS C 2090 -5.49 94.82 26.25
N PRO C 2091 -5.16 93.82 27.07
CA PRO C 2091 -6.22 92.99 27.66
C PRO C 2091 -7.21 93.80 28.49
N GLN C 2092 -6.74 94.81 29.22
CA GLN C 2092 -7.58 95.68 30.03
C GLN C 2092 -8.40 94.91 31.07
N SER C 2093 -8.01 93.68 31.37
CA SER C 2093 -8.75 92.86 32.33
C SER C 2093 -7.81 91.81 32.90
N LEU C 2094 -8.08 91.42 34.15
CA LEU C 2094 -7.24 90.43 34.80
C LEU C 2094 -7.35 89.07 34.10
N GLN C 2095 -8.55 88.66 33.73
CA GLN C 2095 -8.73 87.35 33.10
C GLN C 2095 -8.00 87.28 31.77
N GLU C 2096 -8.09 88.34 30.95
CA GLU C 2096 -7.41 88.34 29.67
C GLU C 2096 -5.90 88.51 29.81
N LEU C 2097 -5.45 89.27 30.82
CA LEU C 2097 -4.02 89.45 31.02
C LEU C 2097 -3.34 88.15 31.40
N VAL C 2098 -3.93 87.39 32.31
CA VAL C 2098 -3.35 86.11 32.72
C VAL C 2098 -3.36 85.14 31.54
N SER C 2099 -4.46 85.10 30.79
CA SER C 2099 -4.57 84.15 29.69
C SER C 2099 -3.51 84.38 28.63
N HIS C 2100 -3.23 85.63 28.29
CA HIS C 2100 -2.18 85.91 27.32
C HIS C 2100 -0.79 85.68 27.90
N MET C 2101 -0.57 86.07 29.15
CA MET C 2101 0.76 86.01 29.74
C MET C 2101 1.23 84.56 29.92
N VAL C 2102 0.34 83.69 30.40
CA VAL C 2102 0.77 82.32 30.67
C VAL C 2102 1.13 81.59 29.39
N VAL C 2103 0.43 81.87 28.30
CA VAL C 2103 0.65 81.13 27.06
C VAL C 2103 2.07 81.37 26.54
N ARG C 2104 2.51 82.63 26.54
CA ARG C 2104 3.83 82.94 25.99
C ARG C 2104 4.95 82.26 26.75
N TRP C 2105 4.75 81.94 28.03
CA TRP C 2105 5.77 81.20 28.77
C TRP C 2105 5.98 79.82 28.16
N ALA C 2106 4.90 79.08 27.94
CA ALA C 2106 5.02 77.79 27.27
C ALA C 2106 5.44 77.96 25.82
N GLN C 2107 4.94 78.99 25.15
CA GLN C 2107 5.35 79.25 23.77
C GLN C 2107 6.80 79.71 23.71
N GLU C 2108 7.36 80.12 24.84
CA GLU C 2108 8.79 80.42 24.94
C GLU C 2108 9.56 79.12 25.06
N ASP C 2109 10.84 79.20 25.44
CA ASP C 2109 11.69 78.02 25.56
C ASP C 2109 11.03 76.97 26.45
N TYR C 2110 11.46 75.72 26.25
CA TYR C 2110 10.86 74.58 26.94
C TYR C 2110 11.02 74.73 28.45
N VAL C 2111 10.02 74.27 29.19
CA VAL C 2111 9.93 74.51 30.62
C VAL C 2111 10.32 73.22 31.35
N GLN C 2112 11.36 73.33 32.18
CA GLN C 2112 11.75 72.25 33.09
C GLN C 2112 11.04 72.45 34.42
N SER C 2113 11.50 71.76 35.48
CA SER C 2113 10.96 71.93 36.83
C SER C 2113 9.47 71.62 36.88
N PRO C 2114 9.10 70.34 36.79
CA PRO C 2114 7.67 69.98 36.74
C PRO C 2114 6.82 70.58 37.85
N GLU C 2115 7.42 70.97 38.96
CA GLU C 2115 6.64 71.66 39.99
C GLU C 2115 6.04 72.95 39.46
N LEU C 2116 6.78 73.71 38.66
CA LEU C 2116 6.23 74.93 38.09
C LEU C 2116 5.11 74.61 37.11
N VAL C 2117 5.22 73.49 36.40
CA VAL C 2117 4.25 73.14 35.36
C VAL C 2117 2.85 73.06 35.94
N ARG C 2118 2.69 72.43 37.11
CA ARG C 2118 1.37 72.30 37.71
C ARG C 2118 0.80 73.67 38.07
N ALA C 2119 1.65 74.67 38.19
CA ALA C 2119 1.18 76.01 38.55
C ALA C 2119 0.50 76.73 37.39
N MET C 2120 0.99 76.56 36.15
CA MET C 2120 0.41 77.32 35.04
C MET C 2120 -0.96 76.79 34.65
N PHE C 2121 -1.03 75.52 34.29
CA PHE C 2121 -2.28 74.95 33.80
C PHE C 2121 -3.43 75.14 34.78
N SER C 2122 -3.15 75.07 36.09
CA SER C 2122 -4.21 75.27 37.07
C SER C 2122 -4.74 76.70 37.04
N LEU C 2123 -3.84 77.69 37.06
CA LEU C 2123 -4.28 79.08 36.99
C LEU C 2123 -5.06 79.35 35.73
N LEU C 2124 -4.64 78.76 34.62
CA LEU C 2124 -5.33 78.97 33.35
C LEU C 2124 -6.73 78.38 33.37
N HIS C 2125 -6.90 77.21 33.98
CA HIS C 2125 -8.22 76.57 34.03
C HIS C 2125 -9.25 77.47 34.70
N ARG C 2126 -8.85 78.20 35.73
CA ARG C 2126 -9.79 79.06 36.44
C ARG C 2126 -10.14 80.30 35.63
N GLN C 2127 -9.40 80.57 34.56
CA GLN C 2127 -9.64 81.77 33.76
C GLN C 2127 -10.62 81.53 32.62
N TYR C 2128 -11.13 80.32 32.45
CA TYR C 2128 -12.11 80.03 31.42
C TYR C 2128 -13.47 79.65 31.98
N ASP C 2129 -13.51 78.63 32.84
CA ASP C 2129 -14.76 78.17 33.44
C ASP C 2129 -14.92 78.76 34.84
N GLY C 2130 -15.12 80.07 34.89
CA GLY C 2130 -15.27 80.75 36.17
C GLY C 2130 -16.46 80.25 36.97
N LEU C 2131 -17.56 79.92 36.29
CA LEU C 2131 -18.71 79.38 37.00
C LEU C 2131 -18.38 78.05 37.65
N GLY C 2132 -17.59 77.22 36.97
CA GLY C 2132 -17.14 75.98 37.57
C GLY C 2132 -16.37 76.19 38.86
N GLU C 2133 -15.53 77.22 38.89
CA GLU C 2133 -14.90 77.60 40.15
C GLU C 2133 -15.91 78.14 41.15
N LEU C 2134 -16.90 78.91 40.67
CA LEU C 2134 -17.96 79.39 41.54
C LEU C 2134 -18.76 78.23 42.13
N LEU C 2135 -19.08 77.24 41.30
CA LEU C 2135 -19.76 76.06 41.80
C LEU C 2135 -18.88 75.22 42.70
N ARG C 2136 -17.56 75.27 42.50
CA ARG C 2136 -16.64 74.49 43.33
C ARG C 2136 -16.58 74.98 44.77
N ALA C 2137 -17.13 76.16 45.06
CA ALA C 2137 -17.14 76.69 46.42
C ALA C 2137 -18.50 77.16 46.90
N LEU C 2138 -19.49 77.25 46.02
CA LEU C 2138 -20.82 77.66 46.45
C LEU C 2138 -21.42 76.79 47.55
N PRO C 2139 -21.33 75.45 47.52
CA PRO C 2139 -21.86 74.65 48.63
C PRO C 2139 -21.22 74.96 49.97
N ARG C 2140 -19.97 75.42 49.99
CA ARG C 2140 -19.28 75.76 51.23
C ARG C 2140 -19.61 77.16 51.72
N ALA C 2141 -20.41 77.92 50.97
CA ALA C 2141 -20.86 79.21 51.43
C ALA C 2141 -22.00 79.07 52.42
N TYR C 2142 -22.09 80.02 53.35
CA TYR C 2142 -23.12 80.00 54.38
C TYR C 2142 -23.49 81.43 54.72
N THR C 2143 -24.70 81.58 55.26
CA THR C 2143 -25.20 82.88 55.68
C THR C 2143 -25.68 82.78 57.11
N ILE C 2144 -25.31 83.77 57.93
CA ILE C 2144 -25.68 83.79 59.34
C ILE C 2144 -26.27 85.15 59.68
N SER C 2145 -26.98 85.22 60.81
CA SER C 2145 -27.64 86.38 61.39
C SER C 2145 -26.69 87.08 62.37
N PRO C 2146 -26.80 88.40 62.50
CA PRO C 2146 -25.95 89.11 63.45
C PRO C 2146 -26.31 88.77 64.89
N SER C 2147 -25.61 89.42 65.82
CA SER C 2147 -25.75 89.23 67.25
C SER C 2147 -25.39 87.82 67.70
N SER C 2148 -24.74 87.04 66.83
CA SER C 2148 -24.29 85.69 67.17
C SER C 2148 -22.87 85.44 66.71
N VAL C 2149 -22.20 86.43 66.15
CA VAL C 2149 -20.85 86.24 65.62
C VAL C 2149 -19.86 85.98 66.73
N GLU C 2150 -20.02 86.64 67.88
CA GLU C 2150 -19.06 86.49 68.97
C GLU C 2150 -18.99 85.05 69.46
N ASP C 2151 -20.13 84.36 69.53
CA ASP C 2151 -20.10 82.93 69.82
C ASP C 2151 -19.51 82.13 68.67
N THR C 2152 -19.80 82.53 67.44
CA THR C 2152 -19.19 81.87 66.28
C THR C 2152 -17.69 82.07 66.26
N MET C 2153 -17.23 83.28 66.59
CA MET C 2153 -15.79 83.54 66.64
C MET C 2153 -15.13 82.64 67.67
N SER C 2154 -15.76 82.45 68.82
CA SER C 2154 -15.26 81.48 69.79
C SER C 2154 -15.26 80.07 69.19
N LEU C 2155 -16.31 79.71 68.45
CA LEU C 2155 -16.31 78.43 67.74
C LEU C 2155 -15.19 78.38 66.72
N LEU C 2156 -15.04 79.45 65.94
CA LEU C 2156 -13.98 79.52 64.95
C LEU C 2156 -12.60 79.51 65.59
N GLU C 2157 -12.42 80.25 66.69
CA GLU C 2157 -11.12 80.27 67.35
C GLU C 2157 -10.73 78.90 67.87
N CYS C 2158 -11.68 78.17 68.45
CA CYS C 2158 -11.39 76.81 68.91
C CYS C 2158 -10.97 75.89 67.78
N LEU C 2159 -11.49 76.13 66.57
CA LEU C 2159 -11.13 75.29 65.43
C LEU C 2159 -9.66 75.41 65.08
N GLY C 2160 -9.06 76.59 65.30
CA GLY C 2160 -7.69 76.79 64.87
C GLY C 2160 -6.69 75.89 65.56
N GLN C 2161 -6.78 75.77 66.90
CA GLN C 2161 -5.82 74.95 67.61
C GLN C 2161 -5.98 73.47 67.28
N ILE C 2162 -7.22 73.02 67.06
CA ILE C 2162 -7.44 71.61 66.73
C ILE C 2162 -6.76 71.27 65.42
N ARG C 2163 -6.93 72.11 64.40
CA ARG C 2163 -6.26 71.89 63.12
C ARG C 2163 -4.75 72.03 63.23
N SER C 2164 -4.28 72.94 64.08
CA SER C 2164 -2.84 73.11 64.24
C SER C 2164 -2.18 71.87 64.84
N LEU C 2165 -2.84 71.24 65.82
CA LEU C 2165 -2.30 70.07 66.47
C LEU C 2165 -2.36 68.83 65.59
N LEU C 2166 -3.08 68.88 64.48
CA LEU C 2166 -3.15 67.74 63.57
C LEU C 2166 -1.80 67.40 62.97
N ILE C 2167 -0.89 68.37 62.87
CA ILE C 2167 0.42 68.18 62.29
C ILE C 2167 1.52 68.17 63.36
N VAL C 2168 1.14 68.00 64.62
CA VAL C 2168 2.08 67.99 65.74
C VAL C 2168 2.11 66.57 66.31
N GLN C 2169 3.31 66.07 66.58
CA GLN C 2169 3.44 64.75 67.18
C GLN C 2169 2.75 64.74 68.54
N MET C 2170 1.97 63.68 68.79
CA MET C 2170 1.14 63.61 69.98
C MET C 2170 2.00 63.51 71.23
N GLY C 2171 1.59 64.23 72.27
CA GLY C 2171 2.28 64.22 73.54
C GLY C 2171 1.39 64.61 74.69
N PRO C 2172 1.83 64.30 75.91
CA PRO C 2172 1.03 64.68 77.08
C PRO C 2172 0.80 66.17 77.18
N GLN C 2173 1.75 66.98 76.74
CA GLN C 2173 1.51 68.43 76.67
C GLN C 2173 0.45 68.75 75.63
N GLU C 2174 0.46 68.07 74.48
CA GLU C 2174 -0.57 68.30 73.48
C GLU C 2174 -1.89 67.63 73.83
N GLU C 2175 -1.85 66.56 74.62
CA GLU C 2175 -3.06 65.80 74.93
C GLU C 2175 -4.09 66.65 75.67
N ASN C 2176 -3.73 67.12 76.86
CA ASN C 2176 -4.68 67.85 77.70
C ASN C 2176 -5.18 69.14 77.06
N LEU C 2177 -4.37 69.80 76.24
CA LEU C 2177 -4.82 71.03 75.59
C LEU C 2177 -5.98 70.78 74.64
N MET C 2178 -5.86 69.77 73.77
CA MET C 2178 -6.93 69.53 72.80
C MET C 2178 -8.18 68.98 73.47
N ILE C 2179 -8.03 68.27 74.60
CA ILE C 2179 -9.20 67.85 75.35
C ILE C 2179 -9.96 69.06 75.86
N GLN C 2180 -9.25 70.08 76.35
CA GLN C 2180 -9.91 71.28 76.83
C GLN C 2180 -10.66 72.00 75.71
N SER C 2181 -10.10 71.99 74.50
CA SER C 2181 -10.79 72.60 73.36
C SER C 2181 -12.11 71.90 73.07
N ILE C 2182 -12.17 70.58 73.23
CA ILE C 2182 -13.41 69.86 73.00
C ILE C 2182 -14.48 70.33 73.98
N GLY C 2183 -14.12 70.49 75.25
CA GLY C 2183 -15.07 71.03 76.20
C GLY C 2183 -15.51 72.44 75.86
N ASN C 2184 -14.59 73.25 75.32
CA ASN C 2184 -14.95 74.60 74.90
C ASN C 2184 -15.93 74.56 73.74
N ILE C 2185 -15.71 73.66 72.78
CA ILE C 2185 -16.53 73.65 71.56
C ILE C 2185 -17.86 72.95 71.75
N MET C 2186 -17.97 72.01 72.68
CA MET C 2186 -19.22 71.31 72.94
C MET C 2186 -20.11 72.08 73.92
N ASN C 2187 -19.60 73.16 74.48
CA ASN C 2187 -20.31 73.98 75.46
C ASN C 2187 -20.39 75.42 74.98
N ASN C 2188 -20.77 75.60 73.72
CA ASN C 2188 -20.87 76.92 73.12
C ASN C 2188 -22.28 77.31 72.70
N LYS C 2189 -23.26 76.44 72.88
CA LYS C 2189 -24.69 76.69 72.64
C LYS C 2189 -24.98 76.98 71.16
N VAL C 2190 -23.94 76.93 70.33
CA VAL C 2190 -24.15 77.16 68.90
C VAL C 2190 -24.06 75.86 68.10
N PHE C 2191 -23.32 74.88 68.60
CA PHE C 2191 -23.22 73.60 67.90
C PHE C 2191 -24.58 72.91 67.80
N TYR C 2192 -25.51 73.28 68.67
CA TYR C 2192 -26.88 72.77 68.59
C TYR C 2192 -27.80 73.69 67.81
N GLN C 2193 -27.28 74.78 67.23
CA GLN C 2193 -28.13 75.76 66.58
C GLN C 2193 -28.28 75.49 65.08
N HIS C 2194 -27.18 75.40 64.35
CA HIS C 2194 -27.21 75.32 62.89
C HIS C 2194 -26.39 74.12 62.43
N PRO C 2195 -26.94 72.92 62.51
CA PRO C 2195 -26.16 71.72 62.17
C PRO C 2195 -25.62 71.70 60.76
N ASN C 2196 -26.33 72.28 59.79
CA ASN C 2196 -25.81 72.32 58.43
C ASN C 2196 -24.53 73.14 58.34
N LEU C 2197 -24.33 74.10 59.24
CA LEU C 2197 -23.10 74.88 59.24
C LEU C 2197 -21.90 74.02 59.63
N MET C 2198 -22.00 73.27 60.73
CA MET C 2198 -20.86 72.48 61.17
C MET C 2198 -20.61 71.30 60.25
N ARG C 2199 -21.66 70.74 59.65
CA ARG C 2199 -21.45 69.78 58.59
C ARG C 2199 -20.70 70.42 57.41
N ALA C 2200 -20.98 71.69 57.12
CA ALA C 2200 -20.25 72.39 56.08
C ALA C 2200 -18.80 72.62 56.48
N LEU C 2201 -18.53 72.75 57.78
CA LEU C 2201 -17.17 72.92 58.24
C LEU C 2201 -16.47 71.60 58.51
N GLY C 2202 -17.21 70.50 58.64
CA GLY C 2202 -16.62 69.18 58.67
C GLY C 2202 -15.60 68.93 59.77
N MET C 2203 -15.91 69.33 61.00
CA MET C 2203 -14.98 69.09 62.09
C MET C 2203 -14.87 67.60 62.40
N HIS C 2204 -15.88 66.82 62.01
CA HIS C 2204 -15.89 65.40 62.32
C HIS C 2204 -14.74 64.64 61.66
N GLU C 2205 -14.42 64.97 60.40
CA GLU C 2205 -13.25 64.34 59.78
C GLU C 2205 -11.98 64.64 60.55
N THR C 2206 -11.82 65.89 60.98
CA THR C 2206 -10.68 66.21 61.83
C THR C 2206 -10.75 65.42 63.14
N VAL C 2207 -11.94 65.27 63.72
CA VAL C 2207 -12.08 64.38 64.87
C VAL C 2207 -11.72 62.95 64.48
N MET C 2208 -12.09 62.52 63.28
CA MET C 2208 -11.63 61.23 62.81
C MET C 2208 -10.12 61.18 62.70
N GLU C 2209 -9.49 62.25 62.20
CA GLU C 2209 -8.04 62.26 62.00
C GLU C 2209 -7.30 62.08 63.31
N VAL C 2210 -7.71 62.78 64.37
CA VAL C 2210 -7.01 62.65 65.64
C VAL C 2210 -7.17 61.25 66.23
N MET C 2211 -8.33 60.61 66.04
CA MET C 2211 -8.50 59.24 66.50
C MET C 2211 -7.65 58.25 65.73
N VAL C 2212 -7.48 58.45 64.43
CA VAL C 2212 -6.65 57.54 63.66
C VAL C 2212 -5.20 57.62 64.14
N ASN C 2213 -4.72 58.83 64.43
CA ASN C 2213 -3.35 58.99 64.90
C ASN C 2213 -3.11 58.27 66.21
N VAL C 2214 -4.03 58.43 67.18
CA VAL C 2214 -3.82 57.81 68.48
C VAL C 2214 -3.98 56.29 68.41
N LEU C 2215 -4.88 55.80 67.55
CA LEU C 2215 -5.03 54.35 67.40
C LEU C 2215 -3.89 53.73 66.61
N GLY C 2216 -3.24 54.50 65.76
CA GLY C 2216 -2.13 53.98 64.97
C GLY C 2216 -0.83 53.96 65.74
N GLY C 2217 0.22 53.50 65.05
CA GLY C 2217 1.55 53.45 65.64
C GLY C 2217 1.84 52.13 66.32
N GLY C 2218 1.15 51.85 67.42
CA GLY C 2218 1.35 50.62 68.15
C GLY C 2218 0.14 49.71 68.12
N GLU C 2219 0.29 48.54 67.47
CA GLU C 2219 -0.81 47.58 67.40
C GLU C 2219 -1.19 47.08 68.78
N THR C 2220 -0.19 46.77 69.61
CA THR C 2220 -0.43 46.28 70.96
C THR C 2220 0.10 47.26 71.99
N GLU C 2222 -1.37 48.76 74.38
CA GLU C 2222 -1.77 49.99 75.05
C GLU C 2222 -3.21 50.34 74.71
N ILE C 2223 -3.88 50.93 75.68
CA ILE C 2223 -5.19 51.54 75.49
C ILE C 2223 -5.04 53.02 75.80
N ARG C 2224 -3.83 53.53 75.50
CA ARG C 2224 -3.30 54.77 76.05
C ARG C 2224 -4.16 55.97 75.69
N PHE C 2225 -4.04 57.00 76.51
CA PHE C 2225 -4.93 58.15 76.61
C PHE C 2225 -6.42 57.79 76.64
N PRO C 2226 -6.94 57.25 77.74
CA PRO C 2226 -8.38 57.34 77.99
C PRO C 2226 -8.74 58.75 78.44
N LYS C 2227 -10.06 58.98 78.51
CA LYS C 2227 -10.79 60.22 78.81
C LYS C 2227 -10.72 61.18 77.61
N MET C 2228 -9.89 60.88 76.62
CA MET C 2228 -9.96 61.55 75.33
C MET C 2228 -10.58 60.65 74.28
N VAL C 2229 -10.36 59.34 74.38
CA VAL C 2229 -11.09 58.40 73.53
C VAL C 2229 -12.57 58.40 73.89
N THR C 2230 -12.90 58.71 75.14
CA THR C 2230 -14.30 58.83 75.51
C THR C 2230 -14.87 60.17 75.07
N SER C 2231 -14.20 61.27 75.43
CA SER C 2231 -14.75 62.60 75.21
C SER C 2231 -14.82 62.97 73.74
N CYS C 2232 -13.97 62.38 72.90
CA CYS C 2232 -14.17 62.56 71.46
C CYS C 2232 -15.39 61.78 70.99
N CYS C 2233 -15.53 60.55 71.48
CA CYS C 2233 -16.59 59.70 70.97
C CYS C 2233 -17.94 60.07 71.55
N ARG C 2234 -17.98 60.53 72.80
CA ARG C 2234 -19.26 61.00 73.32
C ARG C 2234 -19.61 62.37 72.79
N PHE C 2235 -18.64 63.13 72.28
CA PHE C 2235 -18.96 64.30 71.48
C PHE C 2235 -19.64 63.89 70.19
N LEU C 2236 -19.21 62.75 69.64
CA LEU C 2236 -19.67 62.35 68.32
C LEU C 2236 -21.13 61.94 68.34
N CYS C 2237 -21.63 61.50 69.50
CA CYS C 2237 -23.03 61.11 69.60
C CYS C 2237 -23.97 62.30 69.57
N TYR C 2238 -23.50 63.50 69.95
CA TYR C 2238 -24.35 64.68 69.86
C TYR C 2238 -24.59 65.08 68.41
N PHE C 2239 -23.53 65.15 67.62
CA PHE C 2239 -23.68 65.41 66.19
C PHE C 2239 -24.32 64.24 65.46
N CYS C 2240 -24.24 63.05 66.04
CA CYS C 2240 -25.04 61.94 65.54
C CYS C 2240 -26.52 62.17 65.79
N ARG C 2241 -26.87 62.96 66.81
CA ARG C 2241 -28.26 63.07 67.20
C ARG C 2241 -28.99 64.18 66.43
N ILE C 2242 -28.43 65.39 66.36
CA ILE C 2242 -29.24 66.51 65.93
C ILE C 2242 -29.24 66.67 64.42
N SER C 2243 -29.94 65.75 63.76
CA SER C 2243 -30.44 65.77 62.38
C SER C 2243 -31.14 64.45 62.15
N ARG C 2244 -31.74 64.34 60.97
CA ARG C 2244 -32.04 63.04 60.38
C ARG C 2244 -31.04 62.65 59.32
N GLN C 2245 -29.98 63.45 59.16
CA GLN C 2245 -29.12 63.37 57.99
C GLN C 2245 -27.65 63.34 58.37
N ASN C 2246 -27.31 63.94 59.52
CA ASN C 2246 -25.92 63.96 59.97
C ASN C 2246 -25.44 62.56 60.31
N GLN C 2247 -26.31 61.75 60.91
CA GLN C 2247 -25.94 60.39 61.25
C GLN C 2247 -25.91 59.47 60.04
N ARG C 2248 -26.50 59.89 58.91
CA ARG C 2248 -26.23 59.20 57.65
C ARG C 2248 -24.78 59.36 57.25
N SER C 2249 -24.20 60.53 57.53
CA SER C 2249 -22.80 60.77 57.19
C SER C 2249 -21.87 59.94 58.05
N MET C 2250 -22.31 59.57 59.25
CA MET C 2250 -21.53 58.63 60.06
C MET C 2250 -21.79 57.19 59.70
N PHE C 2251 -22.91 56.91 59.04
CA PHE C 2251 -23.22 55.55 58.64
C PHE C 2251 -22.27 55.07 57.56
N ASP C 2252 -21.73 56.00 56.76
CA ASP C 2252 -20.70 55.66 55.80
C ASP C 2252 -19.43 55.19 56.50
N HIS C 2253 -19.14 55.71 57.69
CA HIS C 2253 -17.93 55.35 58.42
C HIS C 2253 -18.14 54.20 59.38
N LEU C 2254 -19.15 53.35 59.15
CA LEU C 2254 -19.53 52.39 60.18
C LEU C 2254 -18.51 51.27 60.31
N SER C 2255 -18.33 50.49 59.24
CA SER C 2255 -17.35 49.41 59.25
C SER C 2255 -15.92 49.93 59.35
N TYR C 2256 -15.71 51.19 58.95
CA TYR C 2256 -14.48 51.92 59.25
C TYR C 2256 -14.18 51.89 60.75
N LEU C 2257 -15.13 52.38 61.56
CA LEU C 2257 -14.90 52.41 63.00
C LEU C 2257 -15.18 51.07 63.66
N LEU C 2258 -16.08 50.25 63.09
CA LEU C 2258 -16.42 49.00 63.75
C LEU C 2258 -15.29 48.00 63.65
N GLU C 2259 -14.46 48.09 62.60
CA GLU C 2259 -13.24 47.31 62.56
C GLU C 2259 -12.27 47.75 63.65
N ASN C 2260 -12.27 49.03 63.98
CA ASN C 2260 -11.48 49.50 65.12
C ASN C 2260 -12.18 49.19 66.44
N SER C 2261 -13.51 49.09 66.43
CA SER C 2261 -14.27 48.97 67.67
C SER C 2261 -14.19 47.60 68.32
N GLY C 2262 -13.67 46.60 67.61
CA GLY C 2262 -13.56 45.29 68.22
C GLY C 2262 -12.39 45.12 69.17
N ILE C 2263 -11.51 46.12 69.28
CA ILE C 2263 -10.28 46.00 70.05
C ILE C 2263 -10.29 46.85 71.32
N GLY C 2264 -11.37 47.58 71.57
CA GLY C 2264 -11.42 48.39 72.78
C GLY C 2264 -12.10 47.65 73.92
N LEU C 2265 -13.29 48.13 74.30
CA LEU C 2265 -14.18 47.49 75.27
C LEU C 2265 -13.53 47.34 76.64
N GLY C 2266 -13.07 48.47 77.16
CA GLY C 2266 -12.46 48.50 78.48
C GLY C 2266 -13.26 49.28 79.49
N MET C 2267 -12.83 50.52 79.73
CA MET C 2267 -13.48 51.39 80.69
C MET C 2267 -14.87 51.79 80.20
N GLN C 2268 -15.77 52.03 81.15
CA GLN C 2268 -17.13 52.47 80.86
C GLN C 2268 -17.14 53.89 80.29
N GLY C 2269 -18.32 54.31 79.86
CA GLY C 2269 -18.48 55.63 79.27
C GLY C 2269 -18.76 55.54 77.79
N SER C 2270 -18.10 56.38 77.01
CA SER C 2270 -18.21 56.25 75.56
C SER C 2270 -17.39 55.06 75.09
N THR C 2271 -17.64 54.66 73.85
CA THR C 2271 -17.12 53.44 73.25
C THR C 2271 -17.29 53.62 71.75
N PRO C 2272 -16.31 53.22 70.92
CA PRO C 2272 -16.53 53.30 69.45
C PRO C 2272 -17.69 52.46 68.96
N LEU C 2273 -18.01 51.37 69.65
CA LEU C 2273 -19.23 50.63 69.36
C LEU C 2273 -20.46 51.47 69.70
N ASP C 2274 -20.37 52.30 70.74
CA ASP C 2274 -21.55 53.01 71.24
C ASP C 2274 -22.02 54.07 70.26
N VAL C 2275 -21.10 54.74 69.57
CA VAL C 2275 -21.53 55.73 68.59
C VAL C 2275 -22.07 55.07 67.34
N ALA C 2276 -21.70 53.81 67.07
CA ALA C 2276 -22.33 53.06 65.99
C ALA C 2276 -23.74 52.67 66.36
N ALA C 2277 -24.00 52.49 67.67
CA ALA C 2277 -25.35 52.16 68.11
C ALA C 2277 -26.28 53.35 67.94
N ALA C 2278 -25.80 54.55 68.26
CA ALA C 2278 -26.60 55.75 68.00
C ALA C 2278 -26.71 56.06 66.52
N SER C 2279 -25.84 55.48 65.70
CA SER C 2279 -25.84 55.74 64.27
C SER C 2279 -26.93 54.98 63.51
N VAL C 2280 -27.81 54.23 64.17
CA VAL C 2280 -28.81 53.44 63.47
C VAL C 2280 -30.19 53.56 64.10
N ILE C 2281 -30.33 54.27 65.22
CA ILE C 2281 -31.63 54.42 65.88
C ILE C 2281 -32.59 55.26 65.03
N ASP C 2282 -32.06 56.13 64.15
CA ASP C 2282 -32.90 56.83 63.18
C ASP C 2282 -33.52 55.82 62.23
N ASN C 2283 -34.81 55.58 62.41
CA ASN C 2283 -35.44 54.34 62.01
C ASN C 2283 -35.71 54.30 60.51
N ASN C 2284 -35.56 53.10 59.95
CA ASN C 2284 -36.07 52.63 58.66
C ASN C 2284 -35.40 53.29 57.46
N GLU C 2285 -34.53 54.27 57.65
CA GLU C 2285 -33.77 54.84 56.54
C GLU C 2285 -32.39 54.21 56.40
N LEU C 2286 -31.85 53.69 57.50
CA LEU C 2286 -30.59 52.96 57.48
C LEU C 2286 -30.78 51.50 57.84
N ALA C 2287 -31.92 51.13 58.40
CA ALA C 2287 -32.24 49.72 58.57
C ALA C 2287 -32.56 49.03 57.26
N LEU C 2288 -32.87 49.79 56.21
CA LEU C 2288 -33.04 49.19 54.89
C LEU C 2288 -31.83 49.38 54.01
N ALA C 2289 -30.95 50.34 54.33
CA ALA C 2289 -29.65 50.46 53.70
C ALA C 2289 -28.58 49.78 54.54
N LEU C 2290 -28.95 48.67 55.17
CA LEU C 2290 -27.94 47.91 55.90
C LEU C 2290 -27.02 47.31 54.86
N GLN C 2291 -26.03 46.53 55.26
CA GLN C 2291 -25.08 46.04 54.28
C GLN C 2291 -24.42 44.71 54.61
N GLU C 2292 -24.75 44.13 55.75
CA GLU C 2292 -24.07 42.91 56.17
C GLU C 2292 -22.62 43.30 56.40
N GLN C 2293 -22.18 44.36 55.74
CA GLN C 2293 -20.84 44.88 55.97
C GLN C 2293 -20.31 44.45 57.33
N ASP C 2294 -21.14 44.58 58.38
CA ASP C 2294 -20.67 44.40 59.74
C ASP C 2294 -21.50 43.44 60.59
N LEU C 2295 -22.71 43.05 60.16
CA LEU C 2295 -23.39 41.98 60.87
C LEU C 2295 -22.70 40.65 60.64
N GLU C 2296 -21.98 40.53 59.53
CA GLU C 2296 -20.97 39.48 59.39
C GLU C 2296 -19.91 39.60 60.47
N LYS C 2297 -19.54 40.83 60.82
CA LYS C 2297 -18.41 41.06 61.72
C LYS C 2297 -18.80 40.94 63.18
N VAL C 2298 -19.94 41.54 63.57
CA VAL C 2298 -20.27 41.62 64.99
C VAL C 2298 -20.69 40.27 65.54
N VAL C 2299 -21.13 39.34 64.69
CA VAL C 2299 -21.32 37.97 65.13
C VAL C 2299 -19.97 37.32 65.38
N SER C 2300 -18.98 37.60 64.52
CA SER C 2300 -17.64 37.09 64.74
C SER C 2300 -16.98 37.75 65.94
N TYR C 2301 -17.30 39.03 66.20
CA TYR C 2301 -16.89 39.63 67.46
C TYR C 2301 -17.60 39.00 68.64
N LEU C 2302 -18.85 38.58 68.45
CA LEU C 2302 -19.56 37.83 69.47
C LEU C 2302 -19.06 36.38 69.54
N ALA C 2303 -18.58 35.84 68.41
CA ALA C 2303 -18.08 34.48 68.39
C ALA C 2303 -16.82 34.33 69.24
N GLY C 2304 -15.94 35.33 69.20
CA GLY C 2304 -14.83 35.36 70.13
C GLY C 2304 -15.21 35.82 71.52
N CYS C 2305 -16.35 36.50 71.66
CA CYS C 2305 -16.78 37.00 72.96
C CYS C 2305 -17.22 35.88 73.88
N GLY C 2306 -17.68 34.76 73.33
CA GLY C 2306 -18.01 33.61 74.14
C GLY C 2306 -16.86 32.64 74.34
N LEU C 2307 -15.69 32.93 73.80
CA LEU C 2307 -14.54 32.05 73.92
C LEU C 2307 -13.34 32.69 74.62
N GLN C 2308 -13.31 34.01 74.75
CA GLN C 2308 -12.30 34.67 75.56
C GLN C 2308 -12.72 34.61 77.03
N SER C 2309 -11.87 35.11 77.91
CA SER C 2309 -12.12 34.99 79.34
C SER C 2309 -11.84 36.30 80.07
N CYS C 2310 -12.34 37.41 79.49
CA CYS C 2310 -12.28 38.78 80.03
C CYS C 2310 -10.86 39.22 80.36
N PRO C 2311 -10.07 39.61 79.35
CA PRO C 2311 -8.65 39.93 79.59
C PRO C 2311 -8.40 41.07 80.56
N MET C 2312 -9.29 42.05 80.62
CA MET C 2312 -9.18 43.11 81.62
C MET C 2312 -9.53 42.64 83.02
N LEU C 2313 -10.17 41.48 83.15
CA LEU C 2313 -10.41 40.86 84.44
C LEU C 2313 -9.41 39.77 84.77
N LEU C 2314 -8.57 39.38 83.81
CA LEU C 2314 -7.49 38.44 84.10
C LEU C 2314 -6.46 39.07 85.05
N ALA C 2315 -6.04 40.30 84.76
CA ALA C 2315 -5.04 40.99 85.56
C ALA C 2315 -5.66 41.82 86.67
N LYS C 2316 -6.83 41.44 87.17
CA LYS C 2316 -7.43 42.15 88.30
C LYS C 2316 -8.05 41.19 89.31
N GLY C 2317 -7.65 39.92 89.30
CA GLY C 2317 -8.12 38.96 90.29
C GLY C 2317 -9.57 38.55 90.12
N TYR C 2318 -9.87 37.83 89.05
CA TYR C 2318 -11.22 37.35 88.77
C TYR C 2318 -11.13 35.90 88.30
N PRO C 2319 -12.15 35.08 88.56
CA PRO C 2319 -12.03 33.63 88.33
C PRO C 2319 -11.94 33.20 86.88
N ASP C 2320 -12.03 34.11 85.91
CA ASP C 2320 -11.71 33.89 84.49
C ASP C 2320 -12.59 32.80 83.86
N ILE C 2321 -13.89 33.05 83.88
CA ILE C 2321 -14.83 32.15 83.24
C ILE C 2321 -14.68 32.30 81.73
N GLY C 2322 -14.78 31.19 80.99
CA GLY C 2322 -14.42 31.17 79.59
C GLY C 2322 -15.39 31.77 78.60
N TRP C 2323 -16.14 32.78 79.03
CA TRP C 2323 -16.94 33.63 78.16
C TRP C 2323 -16.95 35.01 78.79
N ASN C 2324 -17.76 35.93 78.27
CA ASN C 2324 -17.73 37.31 78.72
C ASN C 2324 -19.10 37.71 79.25
N PRO C 2325 -19.32 37.59 80.57
CA PRO C 2325 -20.53 38.18 81.17
C PRO C 2325 -20.52 39.69 81.14
N CYS C 2326 -19.35 40.31 81.11
CA CYS C 2326 -19.27 41.75 80.89
C CYS C 2326 -19.45 42.07 79.41
N GLY C 2327 -18.54 41.57 78.57
CA GLY C 2327 -18.41 42.07 77.20
C GLY C 2327 -19.56 41.71 76.28
N GLY C 2328 -20.30 40.65 76.61
CA GLY C 2328 -21.46 40.32 75.80
C GLY C 2328 -22.58 41.34 75.92
N GLU C 2329 -22.73 41.93 77.10
CA GLU C 2329 -23.68 43.02 77.28
C GLU C 2329 -23.19 44.33 76.68
N ARG C 2330 -21.89 44.46 76.44
CA ARG C 2330 -21.40 45.57 75.64
C ARG C 2330 -21.82 45.41 74.19
N TYR C 2331 -21.87 44.18 73.71
CA TYR C 2331 -22.57 43.86 72.46
C TYR C 2331 -24.06 43.73 72.77
N LEU C 2332 -24.83 43.23 71.79
CA LEU C 2332 -26.22 42.81 71.91
C LEU C 2332 -27.21 43.94 72.18
N ASP C 2333 -26.71 45.15 72.41
CA ASP C 2333 -27.55 46.34 72.36
C ASP C 2333 -27.40 47.04 71.02
N PHE C 2334 -26.27 46.86 70.36
CA PHE C 2334 -26.16 47.25 68.96
C PHE C 2334 -27.04 46.37 68.09
N LEU C 2335 -27.10 45.08 68.38
CA LEU C 2335 -27.99 44.19 67.66
C LEU C 2335 -29.44 44.50 67.97
N ARG C 2336 -29.71 44.92 69.22
CA ARG C 2336 -31.06 45.31 69.61
C ARG C 2336 -31.50 46.57 68.89
N PHE C 2337 -30.58 47.50 68.66
CA PHE C 2337 -30.98 48.79 68.12
C PHE C 2337 -31.16 48.78 66.61
N ALA C 2338 -31.03 47.63 65.97
CA ALA C 2338 -31.39 47.55 64.56
C ALA C 2338 -32.90 47.52 64.36
N VAL C 2339 -33.63 46.95 65.33
CA VAL C 2339 -35.04 46.59 65.14
C VAL C 2339 -35.85 47.32 66.23
N PHE C 2340 -35.46 48.55 66.56
CA PHE C 2340 -35.79 49.06 67.89
C PHE C 2340 -36.97 50.03 67.99
N VAL C 2341 -36.86 51.22 67.39
CA VAL C 2341 -37.91 52.23 67.46
C VAL C 2341 -39.33 51.70 67.39
N ASN C 2342 -39.86 51.59 66.18
CA ASN C 2342 -41.24 51.15 66.03
C ASN C 2342 -41.34 49.63 66.05
N GLY C 2343 -41.10 49.04 67.23
CA GLY C 2343 -41.16 47.60 67.34
C GLY C 2343 -40.34 46.93 66.27
N GLU C 2344 -40.87 45.88 65.67
CA GLU C 2344 -40.14 45.17 64.63
C GLU C 2344 -40.45 45.76 63.27
N SER C 2345 -39.43 46.28 62.60
CA SER C 2345 -39.63 46.83 61.27
C SER C 2345 -39.84 45.72 60.28
N VAL C 2346 -38.87 44.81 60.21
CA VAL C 2346 -38.97 43.67 59.29
C VAL C 2346 -38.00 42.58 59.69
N GLU C 2347 -38.36 41.33 59.32
CA GLU C 2347 -37.45 40.21 59.47
C GLU C 2347 -36.18 40.39 58.62
N GLU C 2348 -36.27 41.16 57.52
CA GLU C 2348 -35.09 41.43 56.70
C GLU C 2348 -34.02 42.21 57.45
N ASN C 2349 -34.39 42.91 58.52
CA ASN C 2349 -33.41 43.32 59.51
C ASN C 2349 -32.84 42.11 60.23
N ALA C 2350 -33.70 41.22 60.70
CA ALA C 2350 -33.37 40.29 61.76
C ALA C 2350 -33.28 38.85 61.33
N ASN C 2351 -33.60 38.52 60.08
CA ASN C 2351 -33.37 37.16 59.61
C ASN C 2351 -31.89 36.86 59.55
N VAL C 2352 -31.13 37.70 58.85
CA VAL C 2352 -29.69 37.56 58.77
C VAL C 2352 -29.01 37.81 60.11
N VAL C 2353 -29.70 38.47 61.05
CA VAL C 2353 -29.26 38.43 62.43
C VAL C 2353 -29.39 37.01 62.98
N VAL C 2354 -30.60 36.47 62.91
CA VAL C 2354 -30.88 35.17 63.54
C VAL C 2354 -30.24 34.04 62.75
N ARG C 2355 -30.36 34.06 61.41
CA ARG C 2355 -29.84 32.97 60.59
C ARG C 2355 -28.32 32.90 60.57
N LEU C 2356 -27.62 33.97 60.96
CA LEU C 2356 -26.20 33.86 61.24
C LEU C 2356 -25.91 33.51 62.69
N LEU C 2357 -26.80 33.89 63.61
CA LEU C 2357 -26.57 33.62 65.02
C LEU C 2357 -26.74 32.13 65.34
N ILE C 2358 -27.49 31.40 64.51
CA ILE C 2358 -27.65 29.97 64.75
C ILE C 2358 -26.53 29.13 64.15
N ARG C 2359 -25.85 29.63 63.11
CA ARG C 2359 -24.76 28.87 62.50
C ARG C 2359 -23.55 28.80 63.40
N LYS C 2360 -23.40 29.74 64.32
CA LYS C 2360 -22.34 29.71 65.34
C LYS C 2360 -23.01 29.71 66.70
N PRO C 2361 -23.37 28.54 67.23
CA PRO C 2361 -24.04 28.49 68.54
C PRO C 2361 -23.12 28.77 69.72
N GLU C 2362 -21.82 28.96 69.48
CA GLU C 2362 -20.93 29.46 70.53
C GLU C 2362 -21.18 30.91 70.87
N CYS C 2363 -21.91 31.65 70.01
CA CYS C 2363 -22.30 33.01 70.34
C CYS C 2363 -23.31 33.06 71.47
N PHE C 2364 -24.03 31.98 71.72
CA PHE C 2364 -24.86 31.85 72.91
C PHE C 2364 -23.99 31.77 74.16
N GLY C 2365 -24.63 31.92 75.31
CA GLY C 2365 -24.02 31.55 76.56
C GLY C 2365 -23.82 30.05 76.60
N PRO C 2366 -22.73 29.59 77.21
CA PRO C 2366 -22.47 28.14 77.24
C PRO C 2366 -23.39 27.39 78.17
N ALA C 2367 -24.10 28.07 79.06
CA ALA C 2367 -25.11 27.47 79.92
C ALA C 2367 -26.46 27.29 79.21
N LEU C 2368 -26.53 27.61 77.92
CA LEU C 2368 -27.75 27.46 77.14
C LEU C 2368 -27.58 26.50 75.98
N ARG C 2369 -26.61 26.73 75.10
CA ARG C 2369 -26.48 25.98 73.85
C ARG C 2369 -25.36 24.96 73.93
N GLY C 2370 -25.18 24.31 75.08
CA GLY C 2370 -24.17 23.28 75.19
C GLY C 2370 -24.58 22.02 74.44
N GLU C 2371 -23.60 21.36 73.83
CA GLU C 2371 -23.86 20.13 73.12
C GLU C 2371 -24.12 18.96 74.06
N GLY C 2372 -23.76 19.10 75.33
CA GLY C 2372 -24.09 18.11 76.33
C GLY C 2372 -25.28 18.55 77.17
N GLY C 2373 -25.00 19.09 78.36
CA GLY C 2373 -26.06 19.58 79.22
C GLY C 2373 -25.95 21.06 79.47
N SER C 2374 -27.04 21.79 79.26
CA SER C 2374 -27.03 23.24 79.45
C SER C 2374 -28.45 23.68 79.75
N GLY C 2375 -28.75 23.90 81.03
CA GLY C 2375 -30.05 24.37 81.44
C GLY C 2375 -30.06 25.89 81.59
N LEU C 2376 -31.11 26.51 81.06
CA LEU C 2376 -31.24 27.96 81.12
C LEU C 2376 -31.92 28.42 82.40
N LEU C 2377 -32.98 27.72 82.82
CA LEU C 2377 -33.55 27.99 84.14
C LEU C 2377 -32.60 27.57 85.24
N ALA C 2378 -31.79 26.53 84.99
CA ALA C 2378 -30.74 26.16 85.92
C ALA C 2378 -29.59 27.17 85.91
N ALA C 2379 -29.42 27.90 84.80
CA ALA C 2379 -28.38 28.92 84.75
C ALA C 2379 -28.74 30.11 85.63
N ILE C 2380 -30.00 30.54 85.58
CA ILE C 2380 -30.42 31.67 86.41
C ILE C 2380 -30.55 31.24 87.87
N GLU C 2381 -30.95 29.99 88.11
CA GLU C 2381 -30.98 29.46 89.46
C GLU C 2381 -29.58 29.35 90.06
N GLU C 2382 -28.58 29.08 89.23
CA GLU C 2382 -27.20 29.14 89.70
C GLU C 2382 -26.73 30.60 89.84
N ALA C 2383 -27.32 31.50 89.05
CA ALA C 2383 -26.89 32.90 89.07
C ALA C 2383 -27.37 33.64 90.31
N ILE C 2384 -28.39 33.14 91.00
CA ILE C 2384 -28.84 33.78 92.23
C ILE C 2384 -27.87 33.51 93.37
N ARG C 2385 -27.32 32.29 93.42
CA ARG C 2385 -26.36 31.95 94.47
C ARG C 2385 -25.04 32.67 94.29
N ILE C 2386 -24.66 32.99 93.05
CA ILE C 2386 -23.45 33.77 92.80
C ILE C 2386 -23.64 35.20 93.30
N SER C 2387 -24.86 35.74 93.18
CA SER C 2387 -25.17 37.01 93.82
C SER C 2387 -25.21 36.91 95.34
N GLU C 2388 -25.36 35.69 95.88
CA GLU C 2388 -25.30 35.48 97.32
C GLU C 2388 -23.91 35.07 97.79
N ASP C 2389 -23.08 34.50 96.93
CA ASP C 2389 -21.74 34.08 97.32
C ASP C 2389 -20.75 35.16 96.88
N PRO C 2390 -20.13 35.90 97.81
CA PRO C 2390 -19.22 36.99 97.41
C PRO C 2390 -17.88 36.50 96.90
N ALA C 2391 -17.55 35.23 97.03
CA ALA C 2391 -16.23 34.71 96.71
C ALA C 2391 -16.06 34.37 95.23
N ARG C 2392 -16.98 34.79 94.37
CA ARG C 2392 -16.89 34.55 92.94
C ARG C 2392 -16.33 35.73 92.17
N ASP C 2393 -15.77 36.72 92.86
CA ASP C 2393 -15.32 37.94 92.21
C ASP C 2393 -14.02 38.44 92.82
N GLY C 2394 -13.67 39.68 92.54
CA GLY C 2394 -12.48 40.29 93.10
C GLY C 2394 -12.75 40.88 94.47
N PRO C 2395 -12.19 40.25 95.52
CA PRO C 2395 -12.38 40.70 96.89
C PRO C 2395 -11.20 40.34 97.79
N ASN C 2414 -14.42 46.67 89.42
CA ASN C 2414 -14.38 47.46 90.65
C ASN C 2414 -15.71 48.16 90.90
N ARG C 2415 -16.64 48.01 89.96
CA ARG C 2415 -17.95 48.64 90.06
C ARG C 2415 -19.00 47.70 90.65
N VAL C 2416 -19.23 46.55 90.02
CA VAL C 2416 -20.33 45.67 90.36
C VAL C 2416 -19.81 44.26 90.55
N HIS C 2417 -20.74 43.34 90.82
CA HIS C 2417 -20.41 41.93 91.02
C HIS C 2417 -20.32 41.24 89.66
N LEU C 2418 -20.27 39.90 89.69
CA LEU C 2418 -20.24 39.11 88.46
C LEU C 2418 -21.53 38.38 88.17
N GLY C 2419 -22.30 38.00 89.20
CA GLY C 2419 -23.52 37.27 88.98
C GLY C 2419 -24.61 38.09 88.32
N HIS C 2420 -24.57 39.41 88.51
CA HIS C 2420 -25.45 40.28 87.75
C HIS C 2420 -25.07 40.31 86.28
N ALA C 2421 -23.77 40.27 85.99
CA ALA C 2421 -23.30 40.25 84.61
C ALA C 2421 -23.60 38.93 83.91
N ILE C 2422 -23.81 37.86 84.69
CA ILE C 2422 -24.37 36.63 84.14
C ILE C 2422 -25.77 36.88 83.60
N MET C 2423 -26.66 37.36 84.47
CA MET C 2423 -28.08 37.37 84.16
C MET C 2423 -28.44 38.53 83.22
N SER C 2424 -27.74 39.66 83.34
CA SER C 2424 -28.03 40.79 82.47
C SER C 2424 -27.63 40.51 81.03
N PHE C 2425 -26.62 39.66 80.83
CA PHE C 2425 -26.38 39.12 79.50
C PHE C 2425 -27.49 38.18 79.07
N TYR C 2426 -27.91 37.30 79.98
CA TYR C 2426 -28.99 36.38 79.66
C TYR C 2426 -30.33 37.10 79.54
N ALA C 2427 -30.48 38.25 80.19
CA ALA C 2427 -31.65 39.09 79.94
C ALA C 2427 -31.47 39.97 78.71
N ALA C 2428 -30.30 39.96 78.09
CA ALA C 2428 -30.09 40.68 76.84
C ALA C 2428 -30.22 39.80 75.61
N LEU C 2429 -29.91 38.51 75.74
CA LEU C 2429 -30.11 37.59 74.63
C LEU C 2429 -31.60 37.35 74.40
N ILE C 2430 -32.40 37.36 75.45
CA ILE C 2430 -33.82 37.14 75.31
C ILE C 2430 -34.52 38.37 74.75
N ASP C 2431 -34.17 39.55 75.25
CA ASP C 2431 -34.78 40.79 74.79
C ASP C 2431 -34.39 41.13 73.35
N LEU C 2432 -33.29 40.57 72.85
CA LEU C 2432 -33.00 40.64 71.44
C LEU C 2432 -34.04 39.87 70.63
N LEU C 2433 -34.21 38.58 70.96
CA LEU C 2433 -35.09 37.71 70.19
C LEU C 2433 -36.55 38.10 70.35
N GLY C 2434 -36.88 38.75 71.46
CA GLY C 2434 -38.20 39.34 71.59
C GLY C 2434 -38.41 40.49 70.63
N ARG C 2435 -37.40 41.35 70.50
CA ARG C 2435 -37.45 42.38 69.47
C ARG C 2435 -37.07 41.85 68.10
N CYS C 2436 -36.49 40.65 68.03
CA CYS C 2436 -36.35 39.92 66.78
C CYS C 2436 -37.51 38.96 66.56
N ALA C 2437 -38.70 39.35 67.01
CA ALA C 2437 -39.90 38.56 66.76
C ALA C 2437 -40.13 38.42 65.26
N PRO C 2438 -40.58 37.25 64.79
CA PRO C 2438 -40.61 37.00 63.35
C PRO C 2438 -41.65 37.81 62.62
N GLU C 2439 -42.66 38.29 63.32
CA GLU C 2439 -43.70 39.08 62.70
C GLU C 2439 -44.38 39.90 63.78
N MET C 2440 -45.15 40.87 63.32
CA MET C 2440 -46.15 41.51 64.16
C MET C 2440 -47.48 40.79 63.97
N HIS C 2441 -48.56 41.41 64.46
CA HIS C 2441 -49.90 40.87 64.27
C HIS C 2441 -50.32 40.87 62.80
N LEU C 2442 -49.70 41.72 61.98
CA LEU C 2442 -49.98 41.83 60.55
C LEU C 2442 -49.67 40.55 59.79
N ILE C 2443 -48.40 40.16 59.74
CA ILE C 2443 -47.96 39.15 58.81
C ILE C 2443 -47.62 37.84 59.50
N GLN C 2444 -47.99 37.69 60.77
CA GLN C 2444 -47.90 36.37 61.39
C GLN C 2444 -49.05 35.48 60.93
N ALA C 2445 -50.15 36.09 60.50
CA ALA C 2445 -51.34 35.34 60.11
C ALA C 2445 -51.42 35.09 58.61
N GLY C 2446 -50.62 35.78 57.81
CA GLY C 2446 -50.73 35.65 56.37
C GLY C 2446 -49.42 35.37 55.67
N LYS C 2447 -48.56 34.55 56.27
CA LYS C 2447 -47.26 34.26 55.69
C LYS C 2447 -46.80 32.89 56.17
N GLY C 2448 -46.19 32.13 55.26
CA GLY C 2448 -45.62 30.85 55.62
C GLY C 2448 -44.12 30.91 55.81
N GLU C 2449 -43.50 32.03 55.43
CA GLU C 2449 -42.06 32.17 55.56
C GLU C 2449 -41.67 32.52 56.99
N ALA C 2450 -42.44 33.35 57.66
CA ALA C 2450 -42.13 33.76 59.02
C ALA C 2450 -42.38 32.66 60.04
N LEU C 2451 -43.05 31.58 59.66
CA LEU C 2451 -43.29 30.48 60.58
C LEU C 2451 -41.99 29.77 60.95
N ARG C 2452 -41.03 29.75 60.03
CA ARG C 2452 -39.74 29.11 60.26
C ARG C 2452 -38.99 29.77 61.40
N ILE C 2453 -38.97 31.11 61.41
CA ILE C 2453 -38.27 31.85 62.46
C ILE C 2453 -38.99 31.66 63.78
N ARG C 2454 -40.32 31.60 63.75
CA ARG C 2454 -41.07 31.38 64.98
C ARG C 2454 -40.94 29.93 65.43
N ALA C 2455 -40.68 29.02 64.50
CA ALA C 2455 -40.37 27.65 64.88
C ALA C 2455 -39.02 27.56 65.59
N ILE C 2456 -38.08 28.41 65.17
CA ILE C 2456 -36.75 28.39 65.79
C ILE C 2456 -36.78 29.00 67.18
N LEU C 2457 -37.46 30.15 67.31
CA LEU C 2457 -37.48 30.87 68.58
C LEU C 2457 -38.26 30.09 69.65
N ARG C 2458 -39.29 29.35 69.23
CA ARG C 2458 -39.97 28.49 70.18
C ARG C 2458 -39.16 27.25 70.49
N SER C 2459 -38.26 26.85 69.58
CA SER C 2459 -37.43 25.68 69.84
C SER C 2459 -36.21 26.00 70.68
N LEU C 2460 -35.71 27.23 70.61
CA LEU C 2460 -34.56 27.60 71.44
C LEU C 2460 -34.96 27.74 72.90
N VAL C 2461 -35.86 28.67 73.19
CA VAL C 2461 -36.40 28.83 74.55
C VAL C 2461 -37.79 28.20 74.57
N PRO C 2462 -38.02 27.21 75.42
CA PRO C 2462 -39.37 26.66 75.57
C PRO C 2462 -40.19 27.47 76.57
N LEU C 2463 -41.48 27.16 76.59
CA LEU C 2463 -42.33 27.67 77.66
C LEU C 2463 -42.08 26.83 78.92
N ASP C 2464 -42.56 27.36 80.05
CA ASP C 2464 -42.40 26.81 81.41
C ASP C 2464 -40.94 26.80 81.86
N ASP C 2465 -40.08 27.54 81.17
CA ASP C 2465 -38.79 27.96 81.68
C ASP C 2465 -38.76 29.45 81.96
N LEU C 2466 -39.32 30.24 81.06
CA LEU C 2466 -39.50 31.67 81.29
C LEU C 2466 -40.54 31.97 82.35
N VAL C 2467 -41.43 31.01 82.63
CA VAL C 2467 -42.48 31.21 83.63
C VAL C 2467 -41.87 31.31 85.02
N GLY C 2468 -40.96 30.38 85.35
CA GLY C 2468 -40.26 30.44 86.62
C GLY C 2468 -39.31 31.62 86.75
N ILE C 2469 -38.83 32.14 85.63
CA ILE C 2469 -38.01 33.35 85.65
C ILE C 2469 -38.87 34.56 86.06
N ILE C 2470 -40.13 34.57 85.64
CA ILE C 2470 -41.05 35.60 86.09
C ILE C 2470 -41.34 35.44 87.58
N SER C 2471 -41.55 34.20 88.03
CA SER C 2471 -41.83 33.95 89.44
C SER C 2471 -40.55 33.67 90.24
N LEU C 2472 -39.53 34.48 90.02
CA LEU C 2472 -38.29 34.29 90.75
C LEU C 2472 -38.24 35.27 91.93
N PRO C 2473 -38.56 34.77 93.13
CA PRO C 2473 -38.60 35.66 94.30
C PRO C 2473 -37.27 36.36 94.52
N LEU C 2474 -37.30 37.56 95.08
CA LEU C 2474 -36.08 38.30 95.34
C LEU C 2474 -36.17 39.02 96.67
N GLN C 2475 -36.00 40.34 96.65
CA GLN C 2475 -36.07 41.12 97.88
C GLN C 2475 -36.70 42.49 97.63
N ILE C 2476 -37.00 43.21 98.69
CA ILE C 2476 -37.58 44.54 98.56
C ILE C 2476 -36.83 45.47 99.48
N PRO C 2477 -36.34 46.61 99.00
CA PRO C 2477 -35.67 47.57 99.90
C PRO C 2477 -36.64 48.32 100.80
N THR C 2478 -37.05 47.66 101.89
CA THR C 2478 -37.90 48.29 102.91
C THR C 2478 -37.37 47.84 104.26
N GLY C 2483 -35.74 50.58 113.24
CA GLY C 2483 -35.26 51.41 112.15
C GLY C 2483 -36.13 51.33 110.91
N ALA C 2484 -35.62 51.85 109.80
CA ALA C 2484 -36.35 51.83 108.54
C ALA C 2484 -36.22 50.47 107.87
N LEU C 2485 -37.05 50.26 106.84
CA LEU C 2485 -37.02 49.01 106.10
C LEU C 2485 -35.71 48.88 105.32
N VAL C 2486 -35.17 47.66 105.31
CA VAL C 2486 -33.90 47.38 104.64
C VAL C 2486 -34.23 47.00 103.19
N GLN C 2487 -34.18 47.98 102.30
CA GLN C 2487 -34.44 47.75 100.89
C GLN C 2487 -33.17 47.27 100.21
N PRO C 2488 -33.17 46.12 99.53
CA PRO C 2488 -31.96 45.65 98.86
C PRO C 2488 -31.54 46.58 97.74
N LYS C 2489 -30.23 46.61 97.48
CA LYS C 2489 -29.68 47.45 96.43
C LYS C 2489 -30.19 47.00 95.06
N MET C 2490 -30.52 47.98 94.21
CA MET C 2490 -31.06 47.66 92.89
C MET C 2490 -30.00 47.05 91.98
N SER C 2491 -28.73 47.44 92.16
CA SER C 2491 -27.65 46.93 91.32
C SER C 2491 -27.01 45.67 91.86
N ALA C 2492 -27.53 45.12 92.97
CA ALA C 2492 -26.94 43.93 93.58
C ALA C 2492 -28.00 42.93 94.01
N SER C 2493 -29.14 42.89 93.32
CA SER C 2493 -30.22 42.00 93.66
C SER C 2493 -31.13 41.82 92.44
N PHE C 2494 -32.14 40.97 92.59
CA PHE C 2494 -33.10 40.74 91.51
C PHE C 2494 -33.93 42.00 91.27
N VAL C 2495 -34.24 42.24 89.99
CA VAL C 2495 -34.97 43.44 89.60
C VAL C 2495 -36.10 43.04 88.66
N PRO C 2496 -37.30 43.61 88.81
CA PRO C 2496 -38.41 43.21 87.93
C PRO C 2496 -38.20 43.56 86.47
N ASP C 2497 -37.21 44.40 86.15
CA ASP C 2497 -36.88 44.65 84.75
C ASP C 2497 -36.51 43.36 84.03
N HIS C 2498 -35.91 42.40 84.75
CA HIS C 2498 -35.66 41.09 84.16
C HIS C 2498 -36.97 40.37 83.85
N LYS C 2499 -37.95 40.47 84.75
CA LYS C 2499 -39.25 39.88 84.50
C LYS C 2499 -39.99 40.57 83.36
N ALA C 2500 -39.66 41.83 83.08
CA ALA C 2500 -40.27 42.53 81.95
C ALA C 2500 -39.94 41.84 80.64
N SER C 2501 -38.69 41.38 80.49
CA SER C 2501 -38.31 40.63 79.29
C SER C 2501 -39.09 39.32 79.20
N MET C 2502 -39.29 38.65 80.34
CA MET C 2502 -40.07 37.42 80.34
C MET C 2502 -41.50 37.68 79.89
N VAL C 2503 -42.11 38.75 80.39
CA VAL C 2503 -43.46 39.10 80.01
C VAL C 2503 -43.54 39.44 78.52
N LEU C 2504 -42.55 40.19 78.03
CA LEU C 2504 -42.54 40.55 76.61
C LEU C 2504 -42.41 39.32 75.73
N PHE C 2505 -41.53 38.38 76.11
CA PHE C 2505 -41.42 37.14 75.35
C PHE C 2505 -42.71 36.35 75.39
N LEU C 2506 -43.34 36.27 76.57
CA LEU C 2506 -44.64 35.60 76.68
C LEU C 2506 -45.64 36.18 75.70
N ASP C 2507 -45.78 37.50 75.70
CA ASP C 2507 -46.76 38.16 74.83
C ASP C 2507 -46.43 37.91 73.36
N ARG C 2508 -45.16 38.10 72.98
CA ARG C 2508 -44.81 38.09 71.56
C ARG C 2508 -44.64 36.69 70.98
N VAL C 2509 -44.53 35.65 71.80
CA VAL C 2509 -44.36 34.29 71.30
C VAL C 2509 -45.54 33.39 71.71
N TYR C 2510 -45.80 33.28 73.01
CA TYR C 2510 -46.76 32.29 73.49
C TYR C 2510 -48.17 32.86 73.59
N GLY C 2511 -48.35 33.88 74.41
CA GLY C 2511 -49.68 34.43 74.67
C GLY C 2511 -50.48 33.51 75.59
N ILE C 2512 -51.66 33.98 75.95
CA ILE C 2512 -52.56 33.24 76.83
C ILE C 2512 -53.97 33.32 76.27
N GLU C 2513 -54.67 32.19 76.23
CA GLU C 2513 -56.07 32.17 75.84
C GLU C 2513 -56.97 31.73 76.98
N ASN C 2514 -56.79 30.52 77.51
CA ASN C 2514 -57.58 30.08 78.67
C ASN C 2514 -56.78 29.32 79.72
N GLN C 2515 -55.64 28.70 79.37
CA GLN C 2515 -54.97 27.80 80.31
C GLN C 2515 -54.16 28.57 81.35
N ASP C 2516 -53.15 29.33 80.91
CA ASP C 2516 -52.32 30.08 81.82
C ASP C 2516 -53.04 31.28 82.43
N PHE C 2517 -54.23 31.61 81.92
CA PHE C 2517 -54.96 32.78 82.40
C PHE C 2517 -55.40 32.64 83.86
N LEU C 2518 -55.32 31.44 84.43
CA LEU C 2518 -55.61 31.26 85.84
C LEU C 2518 -54.36 31.38 86.70
N LEU C 2519 -53.37 30.51 86.44
CA LEU C 2519 -52.18 30.47 87.29
C LEU C 2519 -51.31 31.71 87.15
N HIS C 2520 -51.22 32.29 85.94
CA HIS C 2520 -50.42 33.50 85.77
C HIS C 2520 -51.01 34.66 86.56
N VAL C 2521 -52.33 34.84 86.48
CA VAL C 2521 -52.99 35.91 87.22
C VAL C 2521 -52.92 35.64 88.72
N LEU C 2522 -53.02 34.37 89.13
CA LEU C 2522 -52.88 34.05 90.54
C LEU C 2522 -51.48 34.40 91.05
N ASP C 2523 -50.45 34.10 90.25
CA ASP C 2523 -49.08 34.40 90.66
C ASP C 2523 -48.83 35.90 90.71
N VAL C 2524 -49.31 36.64 89.70
CA VAL C 2524 -49.10 38.09 89.69
C VAL C 2524 -50.04 38.85 90.60
N GLY C 2525 -51.03 38.18 91.19
CA GLY C 2525 -51.99 38.87 92.03
C GLY C 2525 -51.38 39.40 93.31
N PHE C 2526 -50.50 38.63 93.94
CA PHE C 2526 -49.98 38.98 95.26
C PHE C 2526 -48.70 39.80 95.23
N LEU C 2527 -48.20 40.17 94.04
CA LEU C 2527 -47.04 41.05 93.98
C LEU C 2527 -47.31 42.41 94.59
N PRO C 2528 -48.41 43.11 94.28
CA PRO C 2528 -48.72 44.36 95.00
C PRO C 2528 -49.35 44.06 96.35
N ASP C 2529 -48.58 44.28 97.41
CA ASP C 2529 -49.05 44.05 98.78
C ASP C 2529 -49.54 45.39 99.33
N MET C 2530 -50.85 45.52 99.50
CA MET C 2530 -51.49 46.77 99.91
C MET C 2530 -51.07 47.90 98.99
N ARG C 2531 -51.35 47.70 97.70
CA ARG C 2531 -50.90 48.61 96.63
C ARG C 2531 -49.38 48.80 96.68
N ALA C 2532 -48.66 47.70 96.87
CA ALA C 2532 -47.20 47.70 97.00
C ALA C 2532 -46.76 48.66 98.10
N ALA C 2533 -47.46 48.62 99.23
CA ALA C 2533 -47.22 49.48 100.38
C ALA C 2533 -47.32 50.96 99.96
N ALA C 2534 -48.53 51.34 99.55
CA ALA C 2534 -48.78 52.69 99.06
C ALA C 2534 -48.50 53.75 100.11
N SER C 2535 -48.56 53.41 101.40
CA SER C 2535 -48.23 54.36 102.44
C SER C 2535 -46.76 54.75 102.35
N LEU C 2536 -46.46 55.99 102.75
CA LEU C 2536 -45.12 56.53 102.60
C LEU C 2536 -44.16 55.87 103.59
N ASP C 2537 -43.47 54.82 103.13
CA ASP C 2537 -42.54 54.09 103.97
C ASP C 2537 -41.11 54.12 103.44
N THR C 2538 -40.90 53.84 102.15
CA THR C 2538 -39.56 53.81 101.57
C THR C 2538 -39.40 54.78 100.40
N ALA C 2539 -40.30 54.72 99.42
CA ALA C 2539 -40.22 55.54 98.21
C ALA C 2539 -38.90 55.32 97.47
N THR C 2540 -38.39 54.09 97.49
CA THR C 2540 -37.15 53.75 96.80
C THR C 2540 -37.31 52.66 95.75
N PHE C 2541 -38.27 51.76 95.92
CA PHE C 2541 -38.50 50.67 94.97
C PHE C 2541 -39.80 50.96 94.21
N SER C 2542 -39.68 51.73 93.14
CA SER C 2542 -40.80 52.06 92.28
C SER C 2542 -40.80 51.26 90.98
N THR C 2543 -39.90 50.28 90.86
CA THR C 2543 -39.84 49.49 89.63
C THR C 2543 -41.07 48.60 89.47
N THR C 2544 -41.76 48.29 90.58
CA THR C 2544 -43.01 47.55 90.48
C THR C 2544 -44.06 48.35 89.72
N GLU C 2545 -44.13 49.65 89.98
CA GLU C 2545 -45.05 50.51 89.23
C GLU C 2545 -44.65 50.58 87.76
N MET C 2546 -43.34 50.55 87.48
CA MET C 2546 -42.87 50.53 86.10
C MET C 2546 -43.30 49.25 85.39
N ALA C 2547 -43.15 48.11 86.05
CA ALA C 2547 -43.57 46.83 85.47
C ALA C 2547 -45.09 46.69 85.42
N LEU C 2548 -45.82 47.50 86.19
CA LEU C 2548 -47.27 47.50 86.08
C LEU C 2548 -47.70 47.91 84.68
N ALA C 2549 -47.09 48.96 84.13
CA ALA C 2549 -47.42 49.41 82.79
C ALA C 2549 -47.03 48.40 81.71
N LEU C 2550 -46.22 47.40 82.05
CA LEU C 2550 -45.82 46.38 81.10
C LEU C 2550 -46.62 45.09 81.22
N ASN C 2551 -47.10 44.75 82.43
CA ASN C 2551 -47.88 43.53 82.59
C ASN C 2551 -49.38 43.75 82.54
N ARG C 2552 -49.89 44.89 83.02
CA ARG C 2552 -51.32 45.16 82.90
C ARG C 2552 -51.73 45.32 81.45
N TYR C 2553 -50.83 45.77 80.59
CA TYR C 2553 -51.14 45.87 79.17
C TYR C 2553 -51.42 44.50 78.57
N LEU C 2554 -50.60 43.49 78.93
CA LEU C 2554 -50.89 42.13 78.51
C LEU C 2554 -52.17 41.63 79.15
N CYS C 2555 -52.40 41.98 80.42
CA CYS C 2555 -53.62 41.58 81.10
C CYS C 2555 -54.86 42.10 80.38
N LEU C 2556 -54.77 43.28 79.75
CA LEU C 2556 -55.91 43.83 79.03
C LEU C 2556 -56.13 43.13 77.69
N ALA C 2557 -55.08 42.54 77.12
CA ALA C 2557 -55.20 41.92 75.80
C ALA C 2557 -56.12 40.71 75.81
N VAL C 2558 -56.48 40.18 76.98
CA VAL C 2558 -57.34 39.02 77.08
C VAL C 2558 -58.46 39.31 78.07
N LEU C 2559 -59.59 38.65 77.87
CA LEU C 2559 -60.73 38.70 78.80
C LEU C 2559 -61.24 37.29 79.06
N PRO C 2560 -60.43 36.44 79.72
CA PRO C 2560 -60.83 35.05 79.92
C PRO C 2560 -61.49 34.78 81.27
N LEU C 2561 -61.46 35.76 82.17
CA LEU C 2561 -62.02 35.58 83.51
C LEU C 2561 -63.48 36.03 83.52
N ILE C 2562 -64.32 35.22 82.87
CA ILE C 2562 -65.72 35.55 82.65
C ILE C 2562 -66.66 34.54 83.29
N THR C 2563 -66.35 33.25 83.20
CA THR C 2563 -67.36 32.22 83.46
C THR C 2563 -67.64 32.03 84.95
N LYS C 2564 -66.65 31.56 85.71
CA LYS C 2564 -66.86 31.19 87.10
C LYS C 2564 -65.50 30.98 87.75
N CYS C 2565 -65.52 30.42 88.96
CA CYS C 2565 -64.33 30.06 89.74
C CYS C 2565 -63.29 31.19 89.72
N ALA C 2566 -63.69 32.33 90.27
CA ALA C 2566 -62.86 33.53 90.30
C ALA C 2566 -62.75 34.03 91.74
N PRO C 2567 -61.82 33.47 92.52
CA PRO C 2567 -61.57 34.01 93.86
C PRO C 2567 -60.54 35.13 93.91
N LEU C 2568 -60.20 35.71 92.75
CA LEU C 2568 -59.32 36.87 92.69
C LEU C 2568 -60.05 38.18 92.91
N PHE C 2569 -61.19 38.15 93.63
CA PHE C 2569 -61.84 39.39 94.02
C PHE C 2569 -60.91 40.26 94.87
N ALA C 2570 -60.08 39.62 95.71
CA ALA C 2570 -59.05 40.35 96.43
C ALA C 2570 -58.06 40.98 95.47
N GLY C 2571 -57.76 40.30 94.37
CA GLY C 2571 -56.88 40.88 93.37
C GLY C 2571 -57.49 42.11 92.70
N THR C 2572 -58.79 42.04 92.39
CA THR C 2572 -59.46 43.21 91.83
C THR C 2572 -59.50 44.36 92.83
N GLU C 2573 -59.73 44.04 94.11
CA GLU C 2573 -59.69 45.08 95.14
C GLU C 2573 -58.31 45.71 95.25
N HIS C 2574 -57.26 44.88 95.16
CA HIS C 2574 -55.90 45.40 95.21
C HIS C 2574 -55.62 46.30 94.01
N ARG C 2575 -56.07 45.91 92.83
CA ARG C 2575 -55.90 46.76 91.65
C ARG C 2575 -56.64 48.07 91.80
N ALA C 2576 -57.87 48.02 92.33
CA ALA C 2576 -58.64 49.24 92.55
C ALA C 2576 -57.96 50.16 93.55
N ILE C 2577 -57.41 49.58 94.63
CA ILE C 2577 -56.73 50.41 95.62
C ILE C 2577 -55.42 50.96 95.06
N MET C 2578 -54.77 50.22 94.15
CA MET C 2578 -53.59 50.76 93.48
C MET C 2578 -53.96 51.94 92.60
N VAL C 2579 -55.08 51.86 91.90
CA VAL C 2579 -55.56 53.00 91.12
C VAL C 2579 -55.87 54.18 92.03
N ASP C 2580 -56.56 53.92 93.15
CA ASP C 2580 -57.00 55.01 94.02
C ASP C 2580 -55.85 55.58 94.84
N SER C 2581 -54.90 54.76 95.25
CA SER C 2581 -53.78 55.19 96.08
C SER C 2581 -52.53 55.27 95.22
N MET C 2582 -52.07 56.48 94.95
CA MET C 2582 -50.86 56.74 94.19
C MET C 2582 -49.91 57.63 94.98
N LEU C 2583 -49.84 57.40 96.30
CA LEU C 2583 -48.99 58.24 97.15
C LEU C 2583 -47.53 58.06 96.81
N HIS C 2584 -47.10 56.83 96.51
CA HIS C 2584 -45.70 56.53 96.21
C HIS C 2584 -45.45 56.74 94.73
N THR C 2585 -44.65 57.75 94.40
CA THR C 2585 -44.23 58.04 93.02
C THR C 2585 -45.44 58.15 92.09
N VAL C 2586 -46.25 59.18 92.35
CA VAL C 2586 -47.44 59.40 91.52
C VAL C 2586 -47.03 59.68 90.09
N TYR C 2587 -47.75 59.06 89.15
CA TYR C 2587 -47.47 59.24 87.73
C TYR C 2587 -48.81 59.19 86.99
N ARG C 2588 -49.19 60.33 86.40
CA ARG C 2588 -50.48 60.41 85.72
C ARG C 2588 -50.51 59.50 84.50
N LEU C 2589 -49.39 59.38 83.79
CA LEU C 2589 -49.33 58.50 82.63
C LEU C 2589 -49.57 57.05 83.01
N SER C 2590 -48.93 56.59 84.08
CA SER C 2590 -49.16 55.23 84.56
C SER C 2590 -50.54 55.10 85.20
N ARG C 2591 -51.03 56.18 85.81
CA ARG C 2591 -52.38 56.17 86.36
C ARG C 2591 -53.43 55.98 85.28
N GLY C 2592 -53.23 56.55 84.09
CA GLY C 2592 -54.15 56.31 83.00
C GLY C 2592 -54.21 54.85 82.59
N ARG C 2593 -53.03 54.21 82.50
CA ARG C 2593 -53.00 52.79 82.18
C ARG C 2593 -53.67 51.96 83.27
N SER C 2594 -53.44 52.30 84.55
CA SER C 2594 -54.07 51.55 85.63
C SER C 2594 -55.59 51.72 85.61
N LEU C 2595 -56.06 52.94 85.37
CA LEU C 2595 -57.51 53.18 85.37
C LEU C 2595 -58.18 52.51 84.17
N THR C 2596 -57.53 52.53 83.00
CA THR C 2596 -58.11 51.82 81.87
C THR C 2596 -58.02 50.31 82.06
N LYS C 2597 -57.03 49.82 82.80
CA LYS C 2597 -57.02 48.41 83.19
C LYS C 2597 -58.23 48.07 84.05
N ALA C 2598 -58.51 48.90 85.05
CA ALA C 2598 -59.69 48.67 85.88
C ALA C 2598 -60.97 48.72 85.06
N GLN C 2599 -61.07 49.70 84.15
CA GLN C 2599 -62.27 49.83 83.32
C GLN C 2599 -62.46 48.62 82.42
N ARG C 2600 -61.38 48.15 81.78
CA ARG C 2600 -61.46 46.97 80.93
C ARG C 2600 -61.82 45.73 81.73
N ASP C 2601 -61.27 45.60 82.94
CA ASP C 2601 -61.59 44.45 83.77
C ASP C 2601 -63.06 44.45 84.19
N VAL C 2602 -63.59 45.62 84.56
CA VAL C 2602 -64.99 45.67 85.01
C VAL C 2602 -65.99 45.67 83.87
N ILE C 2603 -65.56 46.00 82.64
CA ILE C 2603 -66.49 46.01 81.51
C ILE C 2603 -66.72 44.64 80.91
N GLU C 2604 -65.90 43.65 81.26
CA GLU C 2604 -66.01 42.32 80.68
C GLU C 2604 -66.67 41.31 81.61
N ASP C 2605 -66.41 41.39 82.91
CA ASP C 2605 -66.96 40.44 83.88
C ASP C 2605 -67.61 41.20 85.03
N CYS C 2606 -68.74 40.68 85.50
CA CYS C 2606 -69.50 41.27 86.58
C CYS C 2606 -70.49 40.22 87.08
N LEU C 2607 -71.42 40.67 87.93
CA LEU C 2607 -72.52 39.87 88.50
C LEU C 2607 -72.08 38.48 88.95
N MET C 2608 -70.89 38.38 89.55
CA MET C 2608 -70.43 37.14 90.14
C MET C 2608 -70.43 37.18 91.66
N ALA C 2609 -70.55 38.35 92.27
CA ALA C 2609 -70.60 38.50 93.72
C ALA C 2609 -71.30 39.82 94.03
N LEU C 2610 -71.21 40.25 95.27
CA LEU C 2610 -71.77 41.54 95.66
C LEU C 2610 -70.78 42.43 96.39
N CYS C 2611 -69.93 41.86 97.25
CA CYS C 2611 -69.01 42.66 98.04
C CYS C 2611 -67.89 43.27 97.21
N ARG C 2612 -67.44 42.58 96.17
CA ARG C 2612 -66.29 43.02 95.38
C ARG C 2612 -66.55 44.31 94.61
N TYR C 2613 -67.80 44.75 94.53
CA TYR C 2613 -68.15 46.02 93.90
C TYR C 2613 -68.52 47.10 94.89
N ILE C 2614 -69.31 46.77 95.92
CA ILE C 2614 -69.69 47.79 96.90
C ILE C 2614 -68.50 48.20 97.75
N ARG C 2615 -67.64 47.24 98.13
CA ARG C 2615 -66.49 47.58 98.96
C ARG C 2615 -65.56 48.60 98.31
N PRO C 2616 -65.15 48.45 97.04
CA PRO C 2616 -64.42 49.55 96.39
C PRO C 2616 -65.25 50.82 96.26
N SER C 2617 -66.56 50.69 96.07
CA SER C 2617 -67.44 51.83 95.93
C SER C 2617 -67.90 52.39 97.27
N MET C 2618 -67.49 51.78 98.38
CA MET C 2618 -67.83 52.33 99.70
C MET C 2618 -67.21 53.71 99.89
N LEU C 2619 -65.97 53.89 99.41
CA LEU C 2619 -65.33 55.20 99.50
C LEU C 2619 -66.09 56.23 98.69
N GLN C 2620 -66.54 55.86 97.49
CA GLN C 2620 -67.33 56.79 96.68
C GLN C 2620 -68.66 57.11 97.34
N HIS C 2621 -69.30 56.11 97.95
CA HIS C 2621 -70.56 56.36 98.65
C HIS C 2621 -70.38 57.29 99.84
N LEU C 2622 -69.29 57.09 100.60
CA LEU C 2622 -69.03 57.95 101.75
C LEU C 2622 -68.42 59.29 101.33
N LEU C 2623 -67.27 59.23 100.66
CA LEU C 2623 -66.58 60.43 100.17
C LEU C 2623 -66.86 60.57 98.67
N ARG C 2624 -68.00 61.17 98.36
CA ARG C 2624 -68.41 61.35 96.97
C ARG C 2624 -67.79 62.58 96.33
N ARG C 2625 -67.09 63.41 97.09
CA ARG C 2625 -66.45 64.60 96.55
C ARG C 2625 -64.97 64.38 96.24
N LEU C 2626 -64.48 63.15 96.38
CA LEU C 2626 -63.09 62.85 96.09
C LEU C 2626 -62.80 63.02 94.60
N VAL C 2627 -61.65 63.61 94.29
CA VAL C 2627 -61.28 63.87 92.90
C VAL C 2627 -60.69 62.65 92.21
N PHE C 2628 -60.32 61.61 92.95
CA PHE C 2628 -59.71 60.41 92.39
C PHE C 2628 -60.70 59.27 92.22
N ASP C 2629 -62.00 59.54 92.36
CA ASP C 2629 -63.02 58.50 92.24
C ASP C 2629 -63.72 58.51 90.89
N VAL C 2630 -63.21 59.27 89.92
CA VAL C 2630 -63.86 59.32 88.60
C VAL C 2630 -63.85 57.96 87.91
N PRO C 2631 -62.75 57.19 87.92
CA PRO C 2631 -62.86 55.80 87.43
C PRO C 2631 -63.92 54.99 88.16
N ILE C 2632 -64.04 55.17 89.47
CA ILE C 2632 -65.01 54.40 90.24
C ILE C 2632 -66.44 54.75 89.82
N LEU C 2633 -66.73 56.04 89.67
CA LEU C 2633 -68.05 56.46 89.22
C LEU C 2633 -68.32 55.99 87.79
N ASN C 2634 -67.30 56.05 86.93
CA ASN C 2634 -67.47 55.57 85.56
C ASN C 2634 -67.82 54.09 85.53
N GLU C 2635 -67.13 53.28 86.33
CA GLU C 2635 -67.43 51.85 86.39
C GLU C 2635 -68.81 51.59 86.98
N PHE C 2636 -69.16 52.31 88.06
CA PHE C 2636 -70.45 52.15 88.71
C PHE C 2636 -71.61 52.63 87.85
N ALA C 2637 -71.34 53.46 86.85
CA ALA C 2637 -72.36 53.84 85.88
C ALA C 2637 -72.40 52.94 84.66
N LYS C 2638 -71.25 52.39 84.26
CA LYS C 2638 -71.20 51.53 83.08
C LYS C 2638 -71.72 50.12 83.38
N MET C 2639 -71.52 49.61 84.59
CA MET C 2639 -71.98 48.26 84.90
C MET C 2639 -73.50 48.11 84.80
N PRO C 2640 -74.34 48.96 85.42
CA PRO C 2640 -75.78 48.81 85.24
C PRO C 2640 -76.23 49.02 83.80
N LEU C 2641 -75.54 49.88 83.05
CA LEU C 2641 -75.89 50.08 81.65
C LEU C 2641 -75.68 48.81 80.85
N LYS C 2642 -74.60 48.08 81.12
CA LYS C 2642 -74.30 46.86 80.41
C LYS C 2642 -74.99 45.64 80.99
N LEU C 2643 -75.61 45.75 82.17
CA LEU C 2643 -76.30 44.63 82.79
C LEU C 2643 -77.81 44.81 82.79
N LEU C 2644 -78.31 45.91 83.36
CA LEU C 2644 -79.74 46.19 83.44
C LEU C 2644 -80.50 45.04 84.12
N THR C 2645 -79.85 44.41 85.11
CA THR C 2645 -80.45 43.39 85.96
C THR C 2645 -80.74 42.12 85.18
N ASN C 2646 -80.52 42.15 83.86
CA ASN C 2646 -80.75 40.96 83.05
C ASN C 2646 -79.71 39.90 83.37
N HIS C 2647 -80.17 38.67 83.59
CA HIS C 2647 -79.31 37.56 84.01
C HIS C 2647 -78.56 37.91 85.29
N TYR C 2648 -79.22 38.65 86.17
CA TYR C 2648 -78.62 39.09 87.42
C TYR C 2648 -79.70 39.17 88.49
N GLU C 2649 -79.38 38.70 89.68
CA GLU C 2649 -80.31 38.67 90.80
C GLU C 2649 -79.90 39.71 91.83
N ARG C 2650 -80.87 40.51 92.27
CA ARG C 2650 -80.59 41.55 93.25
C ARG C 2650 -80.33 40.94 94.63
N CYS C 2651 -79.75 41.75 95.51
CA CYS C 2651 -79.41 41.32 96.85
C CYS C 2651 -79.32 42.57 97.74
N TRP C 2652 -78.72 42.40 98.92
CA TRP C 2652 -78.55 43.54 99.82
C TRP C 2652 -77.68 44.63 99.20
N LYS C 2653 -76.79 44.26 98.28
CA LYS C 2653 -76.01 45.26 97.57
C LYS C 2653 -76.90 46.17 96.74
N TYR C 2654 -77.92 45.59 96.09
CA TYR C 2654 -78.88 46.40 95.34
C TYR C 2654 -79.74 47.26 96.26
N TYR C 2655 -79.85 46.89 97.54
CA TYR C 2655 -80.66 47.67 98.47
C TYR C 2655 -79.97 48.96 98.89
N CYS C 2656 -78.64 49.00 98.84
CA CYS C 2656 -77.89 50.19 99.24
C CYS C 2656 -77.69 51.18 98.11
N LEU C 2657 -78.07 50.83 96.88
CA LEU C 2657 -77.93 51.76 95.75
C LEU C 2657 -78.73 53.04 95.95
N PRO C 2658 -80.00 53.03 96.38
CA PRO C 2658 -80.70 54.30 96.60
C PRO C 2658 -80.01 55.20 97.60
N THR C 2659 -79.46 54.63 98.69
CA THR C 2659 -78.73 55.44 99.64
C THR C 2659 -77.48 56.05 99.01
N GLY C 2660 -76.77 55.26 98.20
CA GLY C 2660 -75.59 55.78 97.52
C GLY C 2660 -75.93 56.93 96.58
N TRP C 2661 -76.98 56.77 95.79
CA TRP C 2661 -77.40 57.85 94.88
C TRP C 2661 -77.83 59.08 95.66
N ALA C 2662 -78.58 58.88 96.76
CA ALA C 2662 -79.05 60.01 97.56
C ALA C 2662 -77.89 60.79 98.15
N ASN C 2663 -76.91 60.09 98.74
CA ASN C 2663 -75.78 60.82 99.34
C ASN C 2663 -74.88 61.42 98.26
N PHE C 2664 -74.78 60.77 97.09
CA PHE C 2664 -74.03 61.38 95.99
C PHE C 2664 -74.66 62.70 95.56
N GLY C 2665 -75.97 62.72 95.37
CA GLY C 2665 -76.64 63.97 95.04
C GLY C 2665 -76.52 65.00 96.16
N VAL C 2666 -76.60 64.54 97.41
CA VAL C 2666 -76.49 65.45 98.55
C VAL C 2666 -75.14 66.14 98.55
N THR C 2667 -74.06 65.36 98.40
CA THR C 2667 -72.74 65.95 98.28
C THR C 2667 -72.60 66.77 97.01
N SER C 2668 -73.41 66.47 95.98
CA SER C 2668 -73.32 67.23 94.73
C SER C 2668 -73.86 68.65 94.89
N GLU C 2669 -74.99 68.82 95.57
CA GLU C 2669 -75.62 70.14 95.57
C GLU C 2669 -75.47 70.92 96.88
N GLU C 2670 -75.07 70.26 97.97
CA GLU C 2670 -75.05 70.95 99.27
C GLU C 2670 -73.92 71.97 99.33
N GLU C 2671 -72.67 71.52 99.20
CA GLU C 2671 -71.51 72.38 99.32
C GLU C 2671 -70.58 72.17 98.12
N LEU C 2672 -69.76 73.18 97.85
CA LEU C 2672 -68.80 73.14 96.76
C LEU C 2672 -69.50 72.90 95.42
N HIS C 2673 -70.29 73.91 95.03
CA HIS C 2673 -71.07 73.87 93.80
C HIS C 2673 -70.22 73.35 92.64
N LEU C 2674 -70.66 72.24 92.07
CA LEU C 2674 -69.82 71.49 91.15
C LEU C 2674 -69.67 72.22 89.81
N THR C 2675 -68.46 72.17 89.27
CA THR C 2675 -68.21 72.78 87.97
C THR C 2675 -68.75 71.88 86.85
N ARG C 2676 -68.89 72.47 85.66
CA ARG C 2676 -69.58 71.81 84.57
C ARG C 2676 -68.81 70.57 84.08
N LYS C 2677 -67.48 70.64 84.08
CA LYS C 2677 -66.68 69.61 83.42
C LYS C 2677 -66.92 68.24 84.03
N LEU C 2678 -66.95 68.14 85.36
CA LEU C 2678 -67.18 66.85 85.99
C LEU C 2678 -68.64 66.65 86.38
N PHE C 2679 -69.43 67.73 86.45
CA PHE C 2679 -70.87 67.58 86.63
C PHE C 2679 -71.49 66.88 85.42
N TRP C 2680 -70.97 67.14 84.22
CA TRP C 2680 -71.44 66.43 83.04
C TRP C 2680 -71.14 64.93 83.15
N GLY C 2681 -69.96 64.58 83.64
CA GLY C 2681 -69.58 63.20 83.82
C GLY C 2681 -70.14 62.53 85.06
N ILE C 2682 -70.80 63.27 85.93
CA ILE C 2682 -71.38 62.71 87.14
C ILE C 2682 -72.87 62.38 86.94
N PHE C 2683 -73.32 62.27 85.69
CA PHE C 2683 -74.72 61.97 85.39
C PHE C 2683 -74.92 60.45 85.43
N ASP C 2684 -75.20 59.95 86.63
CA ASP C 2684 -75.44 58.52 86.81
C ASP C 2684 -76.80 58.14 86.23
N SER C 2685 -76.88 56.89 85.76
CA SER C 2685 -78.12 56.39 85.17
C SER C 2685 -79.25 56.34 86.19
N LEU C 2686 -78.95 55.84 87.40
CA LEU C 2686 -79.94 55.71 88.47
C LEU C 2686 -81.16 54.92 88.01
N ALA C 2687 -80.92 53.85 87.26
CA ALA C 2687 -81.98 53.02 86.73
C ALA C 2687 -82.27 51.87 87.71
N HIS C 2688 -83.06 50.90 87.26
CA HIS C 2688 -83.44 49.72 88.05
C HIS C 2688 -84.16 50.13 89.34
N LYS C 2689 -85.31 50.75 89.16
CA LYS C 2689 -86.15 51.14 90.29
C LYS C 2689 -87.02 49.97 90.72
N LYS C 2690 -87.97 50.23 91.61
CA LYS C 2690 -88.87 49.18 92.09
C LYS C 2690 -90.22 49.77 92.50
N ASN C 2734 -60.33 50.33 105.14
CA ASN C 2734 -60.34 51.20 106.31
C ASN C 2734 -61.20 50.61 107.42
N PHE C 2735 -62.45 51.06 107.51
CA PHE C 2735 -63.42 50.60 108.50
C PHE C 2735 -62.87 50.78 109.93
N ASP C 2736 -62.69 52.05 110.27
CA ASP C 2736 -62.24 52.38 111.62
C ASP C 2736 -63.26 51.91 112.65
N PRO C 2737 -62.84 51.13 113.65
CA PRO C 2737 -63.82 50.56 114.59
C PRO C 2737 -64.43 51.62 115.49
N ARG C 2738 -65.73 51.47 115.74
CA ARG C 2738 -66.47 52.33 116.66
C ARG C 2738 -67.26 51.42 117.61
N PRO C 2739 -66.60 50.82 118.59
CA PRO C 2739 -67.28 49.85 119.46
C PRO C 2739 -68.35 50.50 120.31
N VAL C 2740 -69.37 49.72 120.63
CA VAL C 2740 -70.46 50.15 121.49
C VAL C 2740 -70.12 49.79 122.93
N GLU C 2741 -70.51 50.68 123.86
CA GLU C 2741 -70.23 50.47 125.27
C GLU C 2741 -70.94 49.22 125.79
N THR C 2742 -70.17 48.20 126.17
CA THR C 2742 -70.72 46.95 126.66
C THR C 2742 -70.15 46.51 128.01
N LEU C 2743 -69.10 47.16 128.50
CA LEU C 2743 -68.47 46.77 129.76
C LEU C 2743 -68.99 47.56 130.96
N ASN C 2744 -69.96 48.44 130.76
CA ASN C 2744 -70.49 49.26 131.85
C ASN C 2744 -71.80 48.74 132.43
N VAL C 2745 -72.65 48.15 131.61
CA VAL C 2745 -73.95 47.65 132.08
C VAL C 2745 -73.74 46.35 132.84
N ILE C 2746 -74.41 46.22 133.98
CA ILE C 2746 -74.36 45.01 134.79
C ILE C 2746 -75.51 44.10 134.39
N ILE C 2747 -75.20 42.84 134.11
CA ILE C 2747 -76.23 41.90 133.67
C ILE C 2747 -77.18 41.61 134.83
N PRO C 2748 -78.47 41.41 134.58
CA PRO C 2748 -79.39 41.05 135.65
C PRO C 2748 -79.27 39.57 136.00
N GLU C 2749 -79.93 39.21 137.10
CA GLU C 2749 -79.92 37.81 137.56
C GLU C 2749 -80.74 36.90 136.64
N LYS C 2750 -81.66 37.46 135.86
CA LYS C 2750 -82.49 36.65 134.98
C LYS C 2750 -81.75 36.15 133.75
N LEU C 2751 -80.53 36.64 133.50
CA LEU C 2751 -79.78 36.29 132.31
C LEU C 2751 -78.58 35.38 132.58
N ASP C 2752 -78.22 35.19 133.85
CA ASP C 2752 -77.12 34.28 134.16
C ASP C 2752 -77.46 32.85 133.77
N SER C 2753 -78.71 32.44 134.00
CA SER C 2753 -79.15 31.12 133.56
C SER C 2753 -79.06 31.00 132.04
N PHE C 2754 -79.44 32.05 131.32
CA PHE C 2754 -79.32 32.04 129.86
C PHE C 2754 -77.86 31.88 129.44
N ILE C 2755 -76.96 32.62 130.10
CA ILE C 2755 -75.53 32.53 129.75
C ILE C 2755 -75.03 31.11 129.97
N ASN C 2756 -75.30 30.54 131.13
CA ASN C 2756 -74.81 29.20 131.44
C ASN C 2756 -75.42 28.15 130.51
N LYS C 2757 -76.72 28.24 130.24
CA LYS C 2757 -77.37 27.28 129.37
C LYS C 2757 -76.84 27.38 127.94
N PHE C 2758 -76.59 28.60 127.45
CA PHE C 2758 -76.03 28.75 126.12
C PHE C 2758 -74.62 28.20 126.05
N ALA C 2759 -73.82 28.42 127.09
CA ALA C 2759 -72.47 27.85 127.11
C ALA C 2759 -72.51 26.33 127.06
N GLU C 2760 -73.38 25.72 127.88
CA GLU C 2760 -73.52 24.27 127.86
C GLU C 2760 -74.03 23.77 126.51
N TYR C 2761 -74.96 24.51 125.90
CA TYR C 2761 -75.50 24.10 124.60
C TYR C 2761 -74.42 24.16 123.52
N THR C 2762 -73.59 25.21 123.53
CA THR C 2762 -72.51 25.29 122.56
C THR C 2762 -71.50 24.16 122.77
N HIS C 2763 -71.17 23.87 124.04
CA HIS C 2763 -70.24 22.78 124.32
C HIS C 2763 -70.78 21.45 123.85
N GLU C 2764 -72.07 21.18 124.10
CA GLU C 2764 -72.64 19.89 123.71
C GLU C 2764 -72.85 19.80 122.20
N LYS C 2765 -73.12 20.92 121.53
CA LYS C 2765 -73.18 20.90 120.08
C LYS C 2765 -71.83 20.58 119.47
N TRP C 2766 -70.76 21.20 120.00
CA TRP C 2766 -69.43 20.87 119.51
C TRP C 2766 -69.08 19.42 119.84
N ALA C 2767 -69.51 18.92 120.99
CA ALA C 2767 -69.26 17.53 121.35
C ALA C 2767 -69.98 16.58 120.41
N PHE C 2768 -71.21 16.92 120.02
CA PHE C 2768 -71.93 16.10 119.03
C PHE C 2768 -71.23 16.12 117.68
N ASP C 2769 -70.76 17.29 117.26
CA ASP C 2769 -70.01 17.36 116.00
C ASP C 2769 -68.72 16.54 116.08
N LYS C 2770 -68.09 16.49 117.26
CA LYS C 2770 -66.85 15.73 117.41
C LYS C 2770 -67.12 14.22 117.42
N ILE C 2771 -68.16 13.78 118.13
CA ILE C 2771 -68.49 12.36 118.14
C ILE C 2771 -69.01 11.93 116.77
N GLN C 2772 -69.51 12.86 115.97
CA GLN C 2772 -69.76 12.56 114.57
C GLN C 2772 -68.47 12.18 113.86
N ASN C 2773 -67.37 12.86 114.19
CA ASN C 2773 -66.05 12.53 113.70
C ASN C 2773 -65.38 11.42 114.51
N ASN C 2774 -66.13 10.74 115.39
CA ASN C 2774 -65.62 9.63 116.18
C ASN C 2774 -64.48 10.06 117.11
N TRP C 2775 -64.68 11.20 117.77
CA TRP C 2775 -63.70 11.69 118.73
C TRP C 2775 -63.83 10.93 120.06
N SER C 2776 -62.77 11.02 120.86
CA SER C 2776 -62.71 10.35 122.15
C SER C 2776 -62.18 11.30 123.21
N TYR C 2777 -62.57 11.07 124.46
CA TYR C 2777 -62.12 11.89 125.57
C TYR C 2777 -60.69 11.55 125.95
N GLY C 2778 -59.99 12.55 126.48
CA GLY C 2778 -58.61 12.37 126.89
C GLY C 2778 -58.15 13.54 127.73
N GLU C 2779 -56.91 13.42 128.23
CA GLU C 2779 -56.32 14.46 129.07
C GLU C 2779 -55.56 15.48 128.23
N ASN C 2780 -54.57 15.03 127.48
CA ASN C 2780 -53.78 15.92 126.64
C ASN C 2780 -54.52 16.20 125.33
N VAL C 2781 -54.01 17.17 124.58
CA VAL C 2781 -54.55 17.54 123.28
C VAL C 2781 -53.74 16.85 122.20
N ASP C 2782 -54.44 16.15 121.30
CA ASP C 2782 -53.80 15.40 120.23
C ASP C 2782 -54.57 15.59 118.95
N GLU C 2783 -53.89 15.37 117.82
CA GLU C 2783 -54.49 15.46 116.49
C GLU C 2783 -54.89 14.09 115.95
N GLU C 2784 -53.95 13.14 115.89
CA GLU C 2784 -54.28 11.82 115.39
C GLU C 2784 -55.08 11.02 116.40
N LEU C 2785 -54.88 11.27 117.69
CA LEU C 2785 -55.63 10.59 118.75
C LEU C 2785 -56.95 11.27 119.07
N LYS C 2786 -57.18 12.48 118.53
CA LYS C 2786 -58.39 13.27 118.73
C LYS C 2786 -58.92 13.18 120.17
N THR C 2787 -58.02 13.50 121.10
CA THR C 2787 -58.33 13.50 122.53
C THR C 2787 -58.26 14.92 123.06
N HIS C 2788 -59.24 15.29 123.89
CA HIS C 2788 -59.31 16.63 124.46
C HIS C 2788 -60.08 16.59 125.76
N PRO C 2789 -59.67 17.35 126.77
CA PRO C 2789 -60.40 17.36 128.05
C PRO C 2789 -61.75 18.06 128.02
N MET C 2790 -62.19 18.54 126.87
CA MET C 2790 -63.49 19.20 126.79
C MET C 2790 -64.66 18.23 126.71
N LEU C 2791 -64.39 16.93 126.56
CA LEU C 2791 -65.44 15.91 126.54
C LEU C 2791 -65.51 15.29 127.92
N ARG C 2792 -66.15 16.00 128.84
CA ARG C 2792 -66.28 15.59 130.23
C ARG C 2792 -67.72 15.80 130.69
N PRO C 2793 -68.16 15.05 131.70
CA PRO C 2793 -69.51 15.24 132.24
C PRO C 2793 -69.67 16.61 132.90
N TYR C 2794 -70.92 17.08 132.93
CA TYR C 2794 -71.21 18.39 133.50
C TYR C 2794 -70.90 18.44 134.99
N LYS C 2795 -71.00 17.30 135.69
CA LYS C 2795 -70.79 17.28 137.12
C LYS C 2795 -69.32 17.45 137.51
N THR C 2796 -68.39 17.40 136.57
CA THR C 2796 -66.96 17.49 136.87
C THR C 2796 -66.26 18.45 135.91
N PHE C 2797 -66.87 19.61 135.67
CA PHE C 2797 -66.27 20.61 134.81
C PHE C 2797 -65.26 21.45 135.60
N SER C 2798 -64.61 22.36 134.89
CA SER C 2798 -63.62 23.26 135.48
C SER C 2798 -64.06 24.71 135.31
N GLU C 2799 -63.66 25.55 136.28
CA GLU C 2799 -64.07 26.95 136.25
C GLU C 2799 -63.48 27.68 135.04
N LYS C 2800 -62.22 27.39 134.71
CA LYS C 2800 -61.57 28.08 133.60
C LYS C 2800 -62.27 27.76 132.28
N ASP C 2801 -62.60 26.49 132.04
CA ASP C 2801 -63.27 26.11 130.81
C ASP C 2801 -64.66 26.75 130.72
N LYS C 2802 -65.40 26.75 131.83
CA LYS C 2802 -66.72 27.39 131.83
C LYS C 2802 -66.60 28.88 131.54
N GLU C 2803 -65.62 29.55 132.15
CA GLU C 2803 -65.44 30.98 131.92
C GLU C 2803 -65.09 31.28 130.48
N ILE C 2804 -64.14 30.53 129.91
CA ILE C 2804 -63.72 30.80 128.54
C ILE C 2804 -64.84 30.47 127.55
N TYR C 2805 -65.69 29.50 127.89
CA TYR C 2805 -66.80 29.16 127.00
C TYR C 2805 -67.93 30.19 127.10
N ARG C 2806 -68.16 30.73 128.30
CA ARG C 2806 -69.25 31.68 128.49
C ARG C 2806 -68.85 33.13 128.24
N TRP C 2807 -67.57 33.40 128.03
CA TRP C 2807 -67.15 34.78 127.75
C TRP C 2807 -67.79 35.39 126.51
N PRO C 2808 -67.84 34.71 125.34
CA PRO C 2808 -68.32 35.40 124.13
C PRO C 2808 -69.74 35.95 124.23
N ILE C 2809 -70.66 35.24 124.89
CA ILE C 2809 -72.05 35.68 124.92
C ILE C 2809 -72.23 36.87 125.87
N LYS C 2810 -71.27 37.08 126.78
CA LYS C 2810 -71.40 38.17 127.76
C LYS C 2810 -71.60 39.51 127.07
N GLU C 2811 -70.61 39.96 126.31
CA GLU C 2811 -70.71 41.24 125.62
C GLU C 2811 -71.84 41.25 124.59
N SER C 2812 -72.14 40.11 123.97
CA SER C 2812 -73.22 40.05 123.00
C SER C 2812 -74.55 40.42 123.63
N LEU C 2813 -74.82 39.89 124.83
CA LEU C 2813 -76.05 40.25 125.54
C LEU C 2813 -75.97 41.63 126.20
N LYS C 2814 -74.79 42.03 126.67
CA LYS C 2814 -74.68 43.33 127.33
C LYS C 2814 -74.90 44.47 126.34
N ALA C 2815 -74.43 44.32 125.10
CA ALA C 2815 -74.69 45.34 124.10
C ALA C 2815 -76.18 45.46 123.81
N MET C 2816 -76.88 44.32 123.72
CA MET C 2816 -78.32 44.37 123.49
C MET C 2816 -79.05 45.03 124.66
N ILE C 2817 -78.62 44.74 125.90
CA ILE C 2817 -79.21 45.40 127.05
C ILE C 2817 -78.96 46.90 127.02
N ALA C 2818 -77.74 47.30 126.67
CA ALA C 2818 -77.40 48.72 126.61
C ALA C 2818 -78.04 49.43 125.44
N TRP C 2819 -78.55 48.70 124.45
CA TRP C 2819 -79.20 49.29 123.29
C TRP C 2819 -80.66 49.66 123.54
N GLU C 2820 -81.06 49.75 124.81
CA GLU C 2820 -82.41 50.15 125.20
C GLU C 2820 -83.47 49.23 124.60
N TRP C 2821 -83.37 47.95 124.98
CA TRP C 2821 -84.34 46.93 124.57
C TRP C 2821 -84.77 46.15 125.80
N THR C 2822 -86.08 45.96 125.94
CA THR C 2822 -86.64 45.28 127.10
C THR C 2822 -86.62 43.76 126.89
N ILE C 2823 -86.29 43.04 127.96
CA ILE C 2823 -86.27 41.59 127.96
C ILE C 2823 -87.31 41.12 128.97
N GLU C 2824 -88.28 40.34 128.50
CA GLU C 2824 -89.37 39.85 129.33
C GLU C 2824 -89.51 38.35 129.16
N LYS C 2825 -89.76 37.66 130.26
CA LYS C 2825 -89.93 36.20 130.26
C LYS C 2825 -91.40 35.89 129.92
N ALA C 2826 -91.61 35.26 128.78
CA ALA C 2826 -92.95 34.92 128.32
C ALA C 2826 -93.29 33.44 128.50
N ARG C 2827 -92.34 32.55 128.22
CA ARG C 2827 -92.58 31.11 128.34
C ARG C 2827 -91.53 30.45 129.22
N GLU C 2828 -91.56 29.12 129.30
CA GLU C 2828 -90.62 28.35 130.10
C GLU C 2828 -89.65 27.63 129.17
N GLY C 2829 -88.36 27.70 129.49
CA GLY C 2829 -87.34 27.06 128.69
C GLY C 2829 -87.49 25.55 128.60
N GLU C 2830 -87.82 25.06 127.42
CA GLU C 2830 -88.00 23.63 127.21
C GLU C 2830 -86.65 22.91 127.16
N TYR C 2855 -69.61 8.92 125.93
CA TYR C 2855 -70.49 10.05 126.24
C TYR C 2855 -71.04 10.68 124.97
N ASN C 2856 -72.32 10.45 124.70
CA ASN C 2856 -72.98 11.00 123.52
C ASN C 2856 -73.95 12.10 123.95
N PRO C 2857 -73.70 13.35 123.57
CA PRO C 2857 -74.65 14.42 123.91
C PRO C 2857 -75.95 14.28 123.14
N GLN C 2858 -76.99 14.94 123.66
CA GLN C 2858 -78.33 14.89 123.09
C GLN C 2858 -78.79 16.32 122.81
N PRO C 2859 -78.42 16.87 121.65
CA PRO C 2859 -78.82 18.24 121.32
C PRO C 2859 -80.28 18.30 120.90
N PRO C 2860 -81.06 19.19 121.52
CA PRO C 2860 -82.46 19.33 121.10
C PRO C 2860 -82.57 19.93 119.70
N ASP C 2861 -83.65 19.56 119.01
CA ASP C 2861 -83.88 20.08 117.67
C ASP C 2861 -84.26 21.56 117.73
N LEU C 2862 -83.57 22.37 116.92
CA LEU C 2862 -83.81 23.81 116.90
C LEU C 2862 -84.13 24.32 115.50
N SER C 2863 -84.27 23.44 114.51
CA SER C 2863 -84.53 23.84 113.14
C SER C 2863 -86.01 24.00 112.83
N GLY C 2864 -86.89 23.77 113.80
CA GLY C 2864 -88.32 23.88 113.61
C GLY C 2864 -88.90 25.25 113.88
N VAL C 2865 -88.07 26.27 114.08
CA VAL C 2865 -88.52 27.61 114.39
C VAL C 2865 -88.26 28.50 113.17
N THR C 2866 -89.29 29.22 112.75
CA THR C 2866 -89.18 30.13 111.61
C THR C 2866 -88.59 31.46 112.08
N LEU C 2867 -88.53 32.44 111.17
CA LEU C 2867 -87.97 33.74 111.46
C LEU C 2867 -88.90 34.82 110.92
N SER C 2868 -88.83 36.00 111.54
CA SER C 2868 -89.64 37.15 111.15
C SER C 2868 -88.76 38.26 110.62
N ARG C 2869 -89.38 39.17 109.85
CA ARG C 2869 -88.64 40.28 109.27
C ARG C 2869 -88.07 41.20 110.35
N GLU C 2870 -88.84 41.46 111.40
CA GLU C 2870 -88.35 42.29 112.49
C GLU C 2870 -87.17 41.64 113.19
N LEU C 2871 -87.24 40.32 113.40
CA LEU C 2871 -86.14 39.61 114.04
C LEU C 2871 -84.89 39.57 113.17
N GLN C 2872 -85.03 39.72 111.85
CA GLN C 2872 -83.86 39.73 110.98
C GLN C 2872 -82.95 40.92 111.28
N ALA C 2873 -83.54 42.09 111.52
CA ALA C 2873 -82.73 43.26 111.87
C ALA C 2873 -82.00 43.06 113.19
N MET C 2874 -82.68 42.47 114.18
CA MET C 2874 -82.05 42.19 115.46
C MET C 2874 -80.90 41.21 115.29
N ALA C 2875 -81.11 40.16 114.49
CA ALA C 2875 -80.05 39.18 114.26
C ALA C 2875 -78.85 39.80 113.56
N GLU C 2876 -79.10 40.63 112.55
CA GLU C 2876 -78.00 41.29 111.86
C GLU C 2876 -77.23 42.24 112.78
N GLN C 2877 -77.96 43.02 113.59
CA GLN C 2877 -77.30 43.93 114.51
C GLN C 2877 -76.49 43.18 115.56
N LEU C 2878 -77.03 42.06 116.06
CA LEU C 2878 -76.30 41.26 117.04
C LEU C 2878 -75.04 40.63 116.41
N ALA C 2879 -75.16 40.13 115.18
CA ALA C 2879 -73.99 39.60 114.49
C ALA C 2879 -72.96 40.69 114.19
N GLU C 2880 -73.40 41.94 114.04
CA GLU C 2880 -72.47 43.04 113.86
C GLU C 2880 -71.56 43.21 115.08
N ASN C 2881 -72.05 42.84 116.27
CA ASN C 2881 -71.27 43.03 117.49
C ASN C 2881 -70.00 42.18 117.48
N TYR C 2882 -70.10 40.93 117.01
CA TYR C 2882 -68.93 40.06 116.97
C TYR C 2882 -67.86 40.64 116.06
N HIS C 2883 -68.24 41.07 114.85
CA HIS C 2883 -67.26 41.66 113.94
C HIS C 2883 -66.72 42.98 114.49
N ASN C 2884 -67.55 43.76 115.18
CA ASN C 2884 -67.09 45.02 115.76
C ASN C 2884 -66.03 44.77 116.83
N THR C 2885 -66.31 43.85 117.76
CA THR C 2885 -65.36 43.55 118.82
C THR C 2885 -64.14 42.81 118.32
N TRP C 2886 -64.23 42.17 117.16
CA TRP C 2886 -63.03 41.57 116.56
C TRP C 2886 -62.18 42.63 115.87
N GLY C 2887 -62.80 43.53 115.10
CA GLY C 2887 -62.07 44.58 114.43
C GLY C 2887 -61.45 45.58 115.40
N ARG C 2888 -62.11 45.83 116.52
CA ARG C 2888 -61.55 46.76 117.50
C ARG C 2888 -60.23 46.25 118.06
N LYS C 2889 -60.16 44.94 118.33
CA LYS C 2889 -58.89 44.36 118.78
C LYS C 2889 -57.90 44.21 117.64
N LYS C 2890 -58.39 43.97 116.42
CA LYS C 2890 -57.50 43.89 115.27
C LYS C 2890 -56.87 45.23 114.93
N LYS C 2891 -57.50 46.33 115.34
CA LYS C 2891 -56.93 47.65 115.09
C LYS C 2891 -55.56 47.78 115.75
N GLN C 2892 -55.47 47.42 117.03
CA GLN C 2892 -54.17 47.39 117.69
C GLN C 2892 -53.24 46.36 117.06
N GLU C 2893 -53.79 45.30 116.47
CA GLU C 2893 -52.95 44.30 115.82
C GLU C 2893 -52.21 44.89 114.61
N LEU C 2894 -52.94 45.58 113.73
CA LEU C 2894 -52.21 46.17 112.60
C LEU C 2894 -51.46 47.43 113.01
N GLU C 2895 -51.82 48.05 114.14
CA GLU C 2895 -50.97 49.10 114.69
C GLU C 2895 -49.61 48.56 115.09
N ALA C 2896 -49.59 47.38 115.74
CA ALA C 2896 -48.33 46.72 116.06
C ALA C 2896 -47.61 46.27 114.81
N LYS C 2897 -48.35 45.77 113.82
CA LYS C 2897 -47.73 45.36 112.56
C LYS C 2897 -47.12 46.55 111.84
N GLY C 2898 -47.80 47.69 111.85
CA GLY C 2898 -47.32 48.89 111.20
C GLY C 2898 -48.01 49.26 109.90
N GLY C 2899 -49.07 48.55 109.53
CA GLY C 2899 -49.79 48.86 108.31
C GLY C 2899 -50.14 47.64 107.48
N GLY C 2900 -51.32 47.65 106.87
CA GLY C 2900 -51.77 46.55 106.05
C GLY C 2900 -53.26 46.55 105.81
N THR C 2901 -53.68 46.08 104.64
CA THR C 2901 -55.09 46.02 104.27
C THR C 2901 -55.55 44.57 104.25
N HIS C 2902 -56.66 44.28 104.92
CA HIS C 2902 -57.21 42.93 104.98
C HIS C 2902 -58.62 42.93 104.41
N PRO C 2903 -58.96 42.00 103.52
CA PRO C 2903 -60.32 41.97 102.95
C PRO C 2903 -61.41 41.71 103.97
N LEU C 2904 -61.07 41.12 105.12
CA LEU C 2904 -62.08 40.82 106.13
C LEU C 2904 -62.49 42.03 106.96
N LEU C 2905 -61.72 43.11 106.91
CA LEU C 2905 -62.03 44.33 107.67
C LEU C 2905 -62.90 45.25 106.82
N VAL C 2906 -64.16 44.86 106.68
CA VAL C 2906 -65.13 45.60 105.88
C VAL C 2906 -66.40 45.78 106.70
N PRO C 2907 -67.18 46.83 106.38
CA PRO C 2907 -68.46 47.02 107.09
C PRO C 2907 -69.41 45.85 106.86
N TYR C 2908 -70.26 45.60 107.85
CA TYR C 2908 -71.17 44.47 107.78
C TYR C 2908 -72.18 44.61 106.65
N ASP C 2909 -72.53 45.84 106.28
CA ASP C 2909 -73.43 46.04 105.15
C ASP C 2909 -72.81 45.57 103.85
N THR C 2910 -71.48 45.57 103.76
CA THR C 2910 -70.81 45.06 102.56
C THR C 2910 -70.88 43.54 102.49
N LEU C 2911 -71.04 42.87 103.63
CA LEU C 2911 -71.02 41.42 103.66
C LEU C 2911 -72.18 40.84 102.86
N THR C 2912 -71.90 39.73 102.18
CA THR C 2912 -72.89 38.99 101.40
C THR C 2912 -73.22 37.69 102.12
N ALA C 2913 -74.17 36.93 101.54
CA ALA C 2913 -74.59 35.67 102.16
C ALA C 2913 -73.45 34.67 102.21
N LYS C 2914 -72.63 34.62 101.16
CA LYS C 2914 -71.50 33.69 101.15
C LYS C 2914 -70.53 33.97 102.29
N GLU C 2915 -70.23 35.24 102.52
CA GLU C 2915 -69.41 35.61 103.66
C GLU C 2915 -70.18 35.57 104.98
N LYS C 2916 -71.49 35.80 104.94
CA LYS C 2916 -72.32 35.70 106.14
C LYS C 2916 -72.44 34.28 106.65
N ALA C 2917 -72.19 33.27 105.81
CA ALA C 2917 -72.28 31.88 106.23
C ALA C 2917 -71.31 31.52 107.35
N ARG C 2918 -70.26 32.31 107.55
CA ARG C 2918 -69.30 32.06 108.63
C ARG C 2918 -69.48 33.02 109.80
N ASP C 2919 -70.44 33.95 109.72
CA ASP C 2919 -70.67 34.92 110.79
C ASP C 2919 -72.09 34.91 111.34
N ARG C 2920 -73.07 34.48 110.54
CA ARG C 2920 -74.45 34.46 111.02
C ARG C 2920 -74.72 33.32 111.98
N GLU C 2921 -73.95 32.23 111.88
CA GLU C 2921 -74.22 31.05 112.70
C GLU C 2921 -74.10 31.35 114.18
N LYS C 2922 -73.04 32.07 114.58
CA LYS C 2922 -72.87 32.42 115.99
C LYS C 2922 -73.98 33.32 116.50
N ALA C 2923 -74.67 34.05 115.60
CA ALA C 2923 -75.81 34.86 115.98
C ALA C 2923 -77.14 34.15 115.74
N GLN C 2924 -77.20 33.24 114.76
CA GLN C 2924 -78.44 32.50 114.52
C GLN C 2924 -78.68 31.42 115.57
N GLU C 2925 -77.60 30.91 116.19
CA GLU C 2925 -77.77 29.86 117.18
C GLU C 2925 -78.35 30.35 118.50
N LEU C 2926 -78.42 31.67 118.71
CA LEU C 2926 -78.94 32.20 119.96
C LEU C 2926 -80.36 32.75 119.85
N LEU C 2927 -80.80 33.15 118.65
CA LEU C 2927 -82.18 33.57 118.50
C LEU C 2927 -83.15 32.41 118.74
N LYS C 2928 -82.83 31.23 118.21
CA LYS C 2928 -83.63 30.05 118.52
C LYS C 2928 -83.55 29.71 120.01
N PHE C 2929 -82.37 29.89 120.61
CA PHE C 2929 -82.20 29.62 122.03
C PHE C 2929 -83.11 30.50 122.87
N LEU C 2930 -83.16 31.80 122.56
CA LEU C 2930 -84.01 32.71 123.31
C LEU C 2930 -85.48 32.49 122.99
N GLN C 2931 -85.80 32.06 121.77
CA GLN C 2931 -87.18 31.73 121.44
C GLN C 2931 -87.67 30.55 122.26
N MET C 2932 -86.85 29.49 122.36
CA MET C 2932 -87.24 28.32 123.13
C MET C 2932 -87.12 28.53 124.63
N ASN C 2933 -86.32 29.50 125.07
CA ASN C 2933 -86.21 29.77 126.50
C ASN C 2933 -87.45 30.51 127.02
N GLY C 2934 -88.05 31.35 126.20
CA GLY C 2934 -89.22 32.10 126.58
C GLY C 2934 -89.04 33.61 126.72
N TYR C 2935 -88.01 34.18 126.12
CA TYR C 2935 -87.76 35.61 126.19
C TYR C 2935 -88.54 36.34 125.10
N ALA C 2936 -88.97 37.55 125.43
CA ALA C 2936 -89.73 38.39 124.51
C ALA C 2936 -89.03 39.73 124.34
N VAL C 2937 -88.85 40.15 123.09
CA VAL C 2937 -88.21 41.42 122.76
C VAL C 2937 -89.18 42.23 121.92
N THR C 2938 -89.44 43.47 122.33
CA THR C 2938 -90.36 44.35 121.64
C THR C 2938 -89.62 45.62 121.22
N ARG C 2939 -89.99 46.14 120.05
CA ARG C 2939 -89.38 47.35 119.52
C ARG C 2939 -90.40 48.48 119.41
N SER C 2949 -97.81 46.66 106.74
CA SER C 2949 -97.22 46.16 105.51
C SER C 2949 -95.78 46.65 105.35
N SER C 2950 -95.00 45.93 104.55
CA SER C 2950 -93.61 46.28 104.33
C SER C 2950 -93.41 47.40 103.31
N ILE C 2951 -94.46 47.79 102.59
CA ILE C 2951 -94.33 48.84 101.60
C ILE C 2951 -93.99 50.18 102.27
N GLU C 2952 -94.67 50.48 103.38
CA GLU C 2952 -94.40 51.74 104.09
C GLU C 2952 -92.98 51.79 104.62
N LYS C 2953 -92.50 50.67 105.18
CA LYS C 2953 -91.11 50.63 105.63
C LYS C 2953 -90.14 50.74 104.46
N ARG C 2954 -90.47 50.10 103.34
CA ARG C 2954 -89.64 50.17 102.14
C ARG C 2954 -89.89 51.49 101.42
N PHE C 2955 -89.38 51.60 100.19
CA PHE C 2955 -89.50 52.84 99.41
C PHE C 2955 -90.91 52.94 98.83
N ALA C 2956 -91.87 53.21 99.73
CA ALA C 2956 -93.23 53.48 99.29
C ALA C 2956 -93.28 54.75 98.45
N PHE C 2957 -92.55 55.78 98.88
CA PHE C 2957 -92.44 57.00 98.07
C PHE C 2957 -91.71 56.72 96.77
N GLY C 2958 -90.54 56.10 96.85
CA GLY C 2958 -89.81 55.74 95.66
C GLY C 2958 -89.07 56.90 95.03
N PHE C 2959 -88.42 56.59 93.89
CA PHE C 2959 -87.65 57.60 93.17
C PHE C 2959 -88.54 58.72 92.63
N LEU C 2960 -89.75 58.38 92.19
CA LEU C 2960 -90.65 59.41 91.68
C LEU C 2960 -91.01 60.43 92.76
N GLN C 2961 -91.33 59.96 93.97
CA GLN C 2961 -91.66 60.88 95.04
C GLN C 2961 -90.43 61.59 95.58
N GLN C 2962 -89.26 60.95 95.51
CA GLN C 2962 -88.03 61.66 95.87
C GLN C 2962 -87.77 62.82 94.90
N LEU C 2963 -87.98 62.59 93.61
CA LEU C 2963 -87.86 63.66 92.62
C LEU C 2963 -88.93 64.72 92.83
N LEU C 2964 -90.12 64.30 93.28
CA LEU C 2964 -91.17 65.27 93.56
C LEU C 2964 -90.82 66.14 94.76
N ARG C 2965 -90.19 65.56 95.78
CA ARG C 2965 -89.71 66.36 96.90
C ARG C 2965 -88.59 67.30 96.47
N TRP C 2966 -87.71 66.83 95.58
CA TRP C 2966 -86.71 67.71 95.00
C TRP C 2966 -87.35 68.87 94.26
N MET C 2967 -88.43 68.60 93.52
CA MET C 2967 -89.17 69.66 92.85
C MET C 2967 -89.90 70.57 93.84
N ASP C 2968 -90.31 70.02 94.99
CA ASP C 2968 -90.93 70.85 96.02
C ASP C 2968 -89.93 71.86 96.57
N ILE C 2969 -88.68 71.43 96.78
CA ILE C 2969 -87.63 72.38 97.17
C ILE C 2969 -87.32 73.32 96.00
N SER C 2970 -87.34 72.80 94.77
CA SER C 2970 -87.13 73.64 93.61
C SER C 2970 -88.24 74.67 93.45
N GLN C 2971 -89.39 74.45 94.07
CA GLN C 2971 -90.43 75.47 94.08
C GLN C 2971 -89.95 76.74 94.77
N GLU C 2972 -89.41 76.59 95.98
CA GLU C 2972 -88.82 77.75 96.67
C GLU C 2972 -87.61 78.27 95.91
N PHE C 2973 -86.82 77.38 95.33
CA PHE C 2973 -85.67 77.81 94.55
C PHE C 2973 -86.10 78.69 93.36
N ILE C 2974 -87.15 78.28 92.65
CA ILE C 2974 -87.65 79.04 91.52
C ILE C 2974 -88.30 80.33 91.99
N ALA C 2975 -88.93 80.31 93.16
CA ALA C 2975 -89.46 81.56 93.71
C ALA C 2975 -88.35 82.56 93.95
N HIS C 2976 -87.23 82.10 94.52
CA HIS C 2976 -86.08 82.98 94.72
C HIS C 2976 -85.52 83.45 93.38
N LEU C 2977 -85.44 82.55 92.40
CA LEU C 2977 -84.90 82.91 91.09
C LEU C 2977 -85.76 83.95 90.39
N GLU C 2978 -87.09 83.81 90.51
CA GLU C 2978 -87.99 84.79 89.91
C GLU C 2978 -87.95 86.11 90.66
N ALA C 2979 -87.79 86.06 91.99
CA ALA C 2979 -87.66 87.29 92.76
C ALA C 2979 -86.41 88.07 92.37
N VAL C 2980 -85.29 87.37 92.18
CA VAL C 2980 -84.07 88.08 91.79
C VAL C 2980 -84.10 88.45 90.31
N VAL C 2981 -84.85 87.70 89.50
CA VAL C 2981 -84.97 88.02 88.08
C VAL C 2981 -85.79 89.29 87.89
N SER C 2982 -86.87 89.44 88.63
CA SER C 2982 -87.74 90.61 88.52
C SER C 2982 -87.03 91.88 88.98
N GLU C 2992 -78.77 81.16 91.93
CA GLU C 2992 -77.32 81.20 91.88
C GLU C 2992 -76.74 79.80 91.68
N GLN C 2993 -77.13 78.88 92.55
CA GLN C 2993 -76.67 77.50 92.51
C GLN C 2993 -77.75 76.50 92.12
N GLU C 2994 -78.97 76.68 92.62
CA GLU C 2994 -80.05 75.75 92.28
C GLU C 2994 -80.43 75.84 90.81
N ILE C 2995 -80.22 76.99 90.19
CA ILE C 2995 -80.52 77.13 88.76
C ILE C 2995 -79.65 76.20 87.94
N LYS C 2996 -78.35 76.14 88.25
CA LYS C 2996 -77.45 75.24 87.55
C LYS C 2996 -77.85 73.78 87.79
N PHE C 2997 -78.21 73.45 89.03
CA PHE C 2997 -78.71 72.10 89.31
C PHE C 2997 -79.88 71.75 88.42
N PHE C 2998 -80.89 72.62 88.39
CA PHE C 2998 -82.10 72.34 87.61
C PHE C 2998 -81.79 72.22 86.12
N ALA C 2999 -80.94 73.11 85.60
CA ALA C 2999 -80.63 73.13 84.19
C ALA C 2999 -79.62 72.06 83.77
N LYS C 3000 -78.98 71.40 84.72
CA LYS C 3000 -77.94 70.43 84.38
C LYS C 3000 -78.30 68.99 84.73
N ILE C 3001 -78.68 68.70 85.97
CA ILE C 3001 -78.71 67.33 86.47
C ILE C 3001 -80.14 66.79 86.55
N LEU C 3002 -81.00 67.42 87.34
CA LEU C 3002 -82.30 66.80 87.63
C LEU C 3002 -83.20 66.77 86.41
N LEU C 3003 -83.13 67.77 85.54
CA LEU C 3003 -84.01 67.79 84.38
C LEU C 3003 -83.75 66.63 83.43
N PRO C 3004 -82.51 66.35 82.99
CA PRO C 3004 -82.27 65.11 82.25
C PRO C 3004 -82.55 63.86 83.07
N LEU C 3005 -82.38 63.93 84.39
CA LEU C 3005 -82.66 62.77 85.24
C LEU C 3005 -84.11 62.32 85.10
N ILE C 3006 -85.06 63.25 85.26
CA ILE C 3006 -86.46 62.90 85.09
C ILE C 3006 -86.76 62.61 83.62
N ASN C 3007 -86.16 63.37 82.70
CA ASN C 3007 -86.41 63.15 81.28
C ASN C 3007 -86.03 61.74 80.84
N GLN C 3008 -85.05 61.14 81.51
CA GLN C 3008 -84.66 59.75 81.22
C GLN C 3008 -85.41 58.73 82.07
N TYR C 3009 -85.66 59.04 83.35
CA TYR C 3009 -86.34 58.09 84.22
C TYR C 3009 -87.78 57.86 83.76
N PHE C 3010 -88.49 58.92 83.38
CA PHE C 3010 -89.86 58.74 82.89
C PHE C 3010 -89.89 57.99 81.57
N THR C 3011 -88.90 58.21 80.71
CA THR C 3011 -88.81 57.46 79.46
C THR C 3011 -88.59 55.97 79.72
N ASN C 3012 -87.66 55.65 80.62
CA ASN C 3012 -87.34 54.26 80.92
C ASN C 3012 -88.39 53.58 81.79
N HIS C 3013 -89.29 54.34 82.41
CA HIS C 3013 -90.31 53.79 83.28
C HIS C 3013 -91.72 54.17 82.84
N CYS C 3014 -91.92 54.44 81.55
CA CYS C 3014 -93.27 54.75 81.07
C CYS C 3014 -94.19 53.56 81.24
N LEU C 3015 -93.71 52.35 80.94
CA LEU C 3015 -94.46 51.13 81.18
C LEU C 3015 -94.16 50.61 82.58
N TYR C 3016 -95.07 49.78 83.08
CA TYR C 3016 -95.05 49.17 84.40
C TYR C 3016 -95.20 50.20 85.52
N PHE C 3017 -95.31 51.48 85.20
CA PHE C 3017 -95.56 52.52 86.19
C PHE C 3017 -96.80 53.35 85.85
N LEU C 3018 -97.61 52.89 84.89
CA LEU C 3018 -98.82 53.58 84.49
C LEU C 3018 -100.06 52.71 84.59
N SER C 3019 -99.96 51.41 84.33
CA SER C 3019 -101.09 50.50 84.43
C SER C 3019 -101.49 50.28 85.88
N ALA C 3031 -97.42 48.59 88.47
CA ALA C 3031 -98.78 48.61 89.00
C ALA C 3031 -98.85 49.39 90.31
N SER C 3032 -98.57 50.68 90.24
CA SER C 3032 -98.57 51.55 91.40
C SER C 3032 -99.84 52.39 91.42
N ASN C 3033 -100.30 52.73 92.63
CA ASN C 3033 -101.52 53.50 92.82
C ASN C 3033 -101.24 54.86 93.44
N LYS C 3034 -100.43 54.92 94.50
CA LYS C 3034 -100.09 56.20 95.09
C LYS C 3034 -99.29 57.05 94.12
N GLU C 3035 -98.36 56.43 93.38
CA GLU C 3035 -97.53 57.21 92.46
C GLU C 3035 -98.32 57.72 91.25
N LYS C 3036 -99.41 57.05 90.88
CA LYS C 3036 -100.29 57.54 89.83
C LYS C 3036 -100.90 58.88 90.20
N GLU C 3037 -101.22 59.06 91.49
CA GLU C 3037 -101.90 60.28 91.96
C GLU C 3037 -100.99 61.51 91.96
N MET C 3038 -99.67 61.33 92.01
CA MET C 3038 -98.77 62.48 92.09
C MET C 3038 -97.87 62.65 90.88
N ILE C 3039 -97.82 61.68 89.97
CA ILE C 3039 -97.14 61.92 88.71
C ILE C 3039 -97.90 62.97 87.89
N THR C 3040 -99.23 62.90 87.89
CA THR C 3040 -100.01 63.92 87.21
C THR C 3040 -99.81 65.28 87.88
N SER C 3041 -99.75 65.30 89.21
CA SER C 3041 -99.48 66.56 89.91
C SER C 3041 -98.10 67.09 89.56
N LEU C 3042 -97.11 66.21 89.46
CA LEU C 3042 -95.77 66.63 89.06
C LEU C 3042 -95.80 67.26 87.67
N PHE C 3043 -96.53 66.63 86.74
CA PHE C 3043 -96.73 67.25 85.43
C PHE C 3043 -97.40 68.60 85.58
N CYS C 3044 -98.31 68.74 86.54
CA CYS C 3044 -99.00 70.00 86.75
C CYS C 3044 -98.04 71.11 87.17
N LYS C 3045 -97.22 70.88 88.19
CA LYS C 3045 -96.31 71.95 88.59
C LYS C 3045 -95.16 72.09 87.60
N LEU C 3046 -94.89 71.08 86.77
CA LEU C 3046 -93.93 71.27 85.70
C LEU C 3046 -94.48 72.21 84.62
N ALA C 3047 -95.76 72.05 84.27
CA ALA C 3047 -96.39 72.97 83.34
C ALA C 3047 -96.47 74.38 83.93
N ALA C 3048 -96.82 74.47 85.21
CA ALA C 3048 -96.90 75.77 85.88
C ALA C 3048 -95.53 76.38 86.17
N LEU C 3049 -94.45 75.58 86.07
CA LEU C 3049 -93.12 76.10 86.34
C LEU C 3049 -92.73 77.18 85.32
N VAL C 3050 -93.02 76.95 84.05
CA VAL C 3050 -92.76 77.94 83.02
C VAL C 3050 -93.88 78.97 83.01
N ARG C 3051 -93.52 80.24 83.07
CA ARG C 3051 -94.49 81.32 83.05
C ARG C 3051 -95.00 81.52 81.62
N HIS C 3052 -95.75 82.59 81.41
CA HIS C 3052 -96.26 82.88 80.06
C HIS C 3052 -95.14 83.16 79.08
N ARG C 3053 -93.94 83.47 79.56
CA ARG C 3053 -92.76 83.64 78.74
C ARG C 3053 -91.72 82.59 79.10
N VAL C 3054 -90.78 82.38 78.18
CA VAL C 3054 -89.69 81.42 78.38
C VAL C 3054 -88.35 82.11 78.47
N SER C 3055 -88.33 83.45 78.52
CA SER C 3055 -87.06 84.17 78.58
C SER C 3055 -86.37 83.97 79.93
N LEU C 3056 -87.14 83.75 81.00
CA LEU C 3056 -86.53 83.54 82.31
C LEU C 3056 -85.70 82.27 82.33
N PHE C 3057 -86.17 81.21 81.67
CA PHE C 3057 -85.36 80.01 81.53
C PHE C 3057 -84.24 80.19 80.51
N GLY C 3058 -84.46 81.04 79.51
CA GLY C 3058 -83.43 81.33 78.53
C GLY C 3058 -83.25 80.19 77.54
N THR C 3059 -82.23 80.37 76.70
CA THR C 3059 -81.86 79.35 75.71
C THR C 3059 -80.97 78.27 76.30
N ASP C 3060 -80.59 78.38 77.57
CA ASP C 3060 -79.73 77.37 78.19
C ASP C 3060 -80.46 76.03 78.30
N ALA C 3061 -81.76 76.05 78.60
CA ALA C 3061 -82.54 74.84 78.82
C ALA C 3061 -83.79 74.86 77.94
N PRO C 3062 -83.64 74.59 76.64
CA PRO C 3062 -84.83 74.35 75.81
C PRO C 3062 -85.44 72.98 76.00
N ALA C 3063 -84.78 72.10 76.74
CA ALA C 3063 -85.27 70.75 76.99
C ALA C 3063 -86.38 70.72 78.04
N VAL C 3064 -86.76 71.87 78.59
CA VAL C 3064 -87.89 71.91 79.51
C VAL C 3064 -89.17 71.47 78.80
N VAL C 3065 -89.37 71.90 77.55
CA VAL C 3065 -90.53 71.45 76.79
C VAL C 3065 -90.42 69.96 76.48
N ASN C 3066 -89.19 69.45 76.34
CA ASN C 3066 -89.03 68.02 76.08
C ASN C 3066 -89.43 67.18 77.29
N CYS C 3067 -88.98 67.57 78.48
CA CYS C 3067 -89.38 66.81 79.66
C CYS C 3067 -90.85 67.02 79.97
N LEU C 3068 -91.41 68.18 79.62
CA LEU C 3068 -92.86 68.34 79.73
C LEU C 3068 -93.59 67.39 78.79
N HIS C 3069 -93.10 67.24 77.57
CA HIS C 3069 -93.64 66.26 76.64
C HIS C 3069 -93.60 64.87 77.25
N ILE C 3070 -92.46 64.50 77.81
CA ILE C 3070 -92.27 63.14 78.33
C ILE C 3070 -93.17 62.89 79.53
N LEU C 3071 -93.27 63.87 80.44
CA LEU C 3071 -94.14 63.73 81.60
C LEU C 3071 -95.61 63.66 81.20
N ALA C 3072 -96.02 64.48 80.22
CA ALA C 3072 -97.39 64.42 79.74
C ALA C 3072 -97.68 63.08 79.09
N ARG C 3073 -96.71 62.53 78.37
CA ARG C 3073 -96.85 61.21 77.76
C ARG C 3073 -96.79 60.08 78.78
N SER C 3074 -96.47 60.38 80.03
CA SER C 3074 -96.47 59.39 81.12
C SER C 3074 -97.36 59.91 82.23
N LEU C 3075 -98.67 59.66 82.10
CA LEU C 3075 -99.67 60.04 83.09
C LEU C 3075 -100.33 58.76 83.59
N ASP C 3076 -99.86 58.27 84.73
CA ASP C 3076 -100.35 56.99 85.24
C ASP C 3076 -101.83 57.05 85.60
N ALA C 3077 -102.26 58.14 86.25
CA ALA C 3077 -103.66 58.28 86.66
C ALA C 3077 -104.47 58.90 85.53
N ARG C 3078 -104.57 58.15 84.44
CA ARG C 3078 -105.46 58.56 83.35
C ARG C 3078 -106.90 58.58 83.81
N THR C 3079 -107.32 57.58 84.58
CA THR C 3079 -108.66 57.51 85.14
C THR C 3079 -108.67 57.62 86.67
N VAL C 3080 -107.56 57.32 87.33
CA VAL C 3080 -107.52 57.40 88.79
C VAL C 3080 -107.63 58.85 89.26
N MET C 3081 -106.98 59.77 88.54
CA MET C 3081 -107.02 61.17 88.92
C MET C 3081 -108.42 61.76 88.83
N LYS C 3082 -109.29 61.18 88.01
CA LYS C 3082 -110.68 61.64 87.91
C LYS C 3082 -111.63 60.84 88.77
N SER C 3083 -111.30 59.60 89.10
CA SER C 3083 -112.15 58.75 89.93
C SER C 3083 -111.81 58.84 91.41
N GLY C 3084 -110.77 59.58 91.78
CA GLY C 3084 -110.36 59.72 93.15
C GLY C 3084 -111.11 60.82 93.87
N PRO C 3085 -110.70 61.13 95.11
CA PRO C 3085 -111.34 62.21 95.86
C PRO C 3085 -110.99 63.60 95.36
N GLU C 3086 -110.18 63.71 94.31
CA GLU C 3086 -109.90 64.98 93.63
C GLU C 3086 -109.28 66.02 94.58
N ILE C 3087 -108.10 65.69 95.08
CA ILE C 3087 -107.31 66.65 95.84
C ILE C 3087 -106.50 67.54 94.93
N VAL C 3088 -105.79 66.94 93.98
CA VAL C 3088 -104.99 67.69 93.01
C VAL C 3088 -105.72 67.89 91.69
N LYS C 3089 -106.92 67.32 91.52
CA LYS C 3089 -107.69 67.54 90.30
C LYS C 3089 -107.99 69.02 90.09
N ALA C 3090 -108.04 69.79 91.18
CA ALA C 3090 -108.18 71.24 91.04
C ALA C 3090 -106.98 71.84 90.32
N GLY C 3091 -105.78 71.33 90.61
CA GLY C 3091 -104.60 71.81 89.90
C GLY C 3091 -104.62 71.47 88.43
N LEU C 3092 -105.07 70.26 88.08
CA LEU C 3092 -105.19 69.89 86.67
C LEU C 3092 -106.23 70.76 85.98
N ARG C 3093 -107.36 71.02 86.66
CA ARG C 3093 -108.37 71.90 86.10
C ARG C 3093 -107.82 73.30 85.87
N SER C 3094 -107.04 73.81 86.83
CA SER C 3094 -106.44 75.14 86.68
C SER C 3094 -105.47 75.16 85.51
N PHE C 3095 -104.66 74.12 85.36
CA PHE C 3095 -103.72 74.06 84.24
C PHE C 3095 -104.44 74.04 82.90
N PHE C 3096 -105.49 73.20 82.80
CA PHE C 3096 -106.25 73.13 81.55
C PHE C 3096 -106.95 74.45 81.24
N GLU C 3097 -107.53 75.10 82.27
CA GLU C 3097 -108.18 76.38 82.07
C GLU C 3097 -107.19 77.45 81.65
N SER C 3098 -106.00 77.44 82.25
CA SER C 3098 -104.97 78.39 81.86
C SER C 3098 -104.52 78.17 80.42
N ALA C 3099 -104.36 76.91 80.01
CA ALA C 3099 -104.00 76.62 78.63
C ALA C 3099 -105.08 77.10 77.66
N SER C 3100 -106.35 76.84 77.99
CA SER C 3100 -107.44 77.27 77.12
C SER C 3100 -107.52 78.78 77.04
N GLU C 3101 -107.36 79.47 78.18
CA GLU C 3101 -107.40 80.93 78.19
C GLU C 3101 -106.24 81.52 77.40
N ASP C 3102 -105.04 80.94 77.53
CA ASP C 3102 -103.89 81.43 76.79
C ASP C 3102 -104.11 81.24 75.29
N ILE C 3103 -104.66 80.09 74.90
CA ILE C 3103 -104.96 79.86 73.48
C ILE C 3103 -105.98 80.88 72.98
N GLU C 3104 -107.05 81.10 73.76
CA GLU C 3104 -108.07 82.05 73.36
C GLU C 3104 -107.54 83.47 73.30
N LYS C 3105 -106.52 83.79 74.10
CA LYS C 3105 -105.93 85.12 74.08
C LYS C 3105 -105.15 85.40 72.80
N MET C 3106 -104.84 84.35 72.02
CA MET C 3106 -104.12 84.56 70.78
C MET C 3106 -104.97 85.24 69.71
N VAL C 3107 -106.30 85.24 69.87
CA VAL C 3107 -107.15 85.92 68.91
C VAL C 3107 -106.99 87.43 68.98
N GLU C 3108 -106.48 87.96 70.09
CA GLU C 3108 -106.23 89.39 70.21
C GLU C 3108 -104.93 89.83 69.53
N ASN C 3109 -104.12 88.88 69.09
CA ASN C 3109 -102.86 89.17 68.41
C ASN C 3109 -102.85 88.71 66.96
N LEU C 3110 -103.13 87.43 66.72
CA LEU C 3110 -103.10 86.91 65.35
C LEU C 3110 -104.26 87.47 64.53
N ARG C 3111 -105.46 87.53 65.10
CA ARG C 3111 -106.62 88.01 64.38
C ARG C 3111 -106.78 89.53 64.43
N LEU C 3112 -105.88 90.24 65.11
CA LEU C 3112 -105.94 91.68 65.20
C LEU C 3112 -104.70 92.38 64.65
N GLY C 3113 -103.53 91.76 64.72
CA GLY C 3113 -102.31 92.36 64.23
C GLY C 3113 -101.22 91.35 63.92
N GLY C 3126 -97.61 88.78 69.85
CA GLY C 3126 -96.47 89.65 69.65
C GLY C 3126 -95.44 89.57 70.75
N GLN C 3127 -95.86 89.92 71.96
CA GLN C 3127 -95.00 89.89 73.14
C GLN C 3127 -95.63 89.03 74.21
N ASN C 3128 -94.84 88.11 74.79
CA ASN C 3128 -95.22 87.22 75.88
C ASN C 3128 -96.28 86.20 75.49
N LEU C 3129 -96.75 86.20 74.25
CA LEU C 3129 -97.74 85.24 73.79
C LEU C 3129 -97.25 84.34 72.67
N THR C 3130 -96.27 84.77 71.88
CA THR C 3130 -95.73 83.91 70.84
C THR C 3130 -94.79 82.86 71.40
N TYR C 3131 -94.34 83.01 72.65
CA TYR C 3131 -93.48 82.02 73.27
C TYR C 3131 -94.23 80.77 73.68
N THR C 3132 -95.56 80.86 73.84
CA THR C 3132 -96.37 79.71 74.22
C THR C 3132 -96.88 78.92 73.01
N THR C 3133 -96.65 79.42 71.79
CA THR C 3133 -96.98 78.66 70.59
C THR C 3133 -95.93 77.61 70.25
N VAL C 3134 -94.76 77.68 70.88
CA VAL C 3134 -93.70 76.71 70.69
C VAL C 3134 -93.36 75.94 71.96
N ALA C 3135 -94.04 76.23 73.07
CA ALA C 3135 -93.79 75.57 74.34
C ALA C 3135 -95.02 75.02 75.03
N LEU C 3136 -96.22 75.46 74.65
CA LEU C 3136 -97.46 74.96 75.25
C LEU C 3136 -98.31 74.15 74.30
N LEU C 3137 -98.47 74.60 73.06
CA LEU C 3137 -99.28 73.86 72.09
C LEU C 3137 -98.78 72.44 71.86
N PRO C 3138 -97.48 72.18 71.66
CA PRO C 3138 -97.05 70.78 71.51
C PRO C 3138 -97.37 69.91 72.72
N VAL C 3139 -97.30 70.46 73.92
CA VAL C 3139 -97.66 69.69 75.11
C VAL C 3139 -99.15 69.37 75.09
N LEU C 3140 -99.98 70.31 74.66
CA LEU C 3140 -101.41 70.04 74.53
C LEU C 3140 -101.68 68.95 73.51
N THR C 3141 -100.97 68.98 72.38
CA THR C 3141 -101.13 67.92 71.39
C THR C 3141 -100.70 66.57 71.95
N THR C 3142 -99.60 66.55 72.69
CA THR C 3142 -99.13 65.30 73.30
C THR C 3142 -100.14 64.77 74.30
N LEU C 3143 -100.73 65.64 75.12
CA LEU C 3143 -101.74 65.20 76.08
C LEU C 3143 -102.98 64.67 75.38
N PHE C 3144 -103.43 65.35 74.32
CA PHE C 3144 -104.60 64.88 73.59
C PHE C 3144 -104.33 63.53 72.94
N GLN C 3145 -103.14 63.35 72.36
CA GLN C 3145 -102.78 62.05 71.80
C GLN C 3145 -102.68 60.99 72.88
N HIS C 3146 -102.18 61.35 74.07
CA HIS C 3146 -102.15 60.42 75.19
C HIS C 3146 -103.54 59.94 75.57
N ILE C 3147 -104.49 60.88 75.65
CA ILE C 3147 -105.86 60.51 76.00
C ILE C 3147 -106.49 59.65 74.91
N ALA C 3148 -106.26 60.01 73.64
CA ALA C 3148 -106.94 59.32 72.55
C ALA C 3148 -106.36 57.93 72.30
N GLN C 3149 -105.04 57.76 72.49
CA GLN C 3149 -104.39 56.52 72.08
C GLN C 3149 -104.87 55.33 72.90
N HIS C 3150 -105.03 55.50 74.21
CA HIS C 3150 -105.40 54.41 75.10
C HIS C 3150 -106.89 54.40 75.44
N GLN C 3151 -107.70 55.17 74.70
CA GLN C 3151 -109.15 55.21 74.92
C GLN C 3151 -109.48 55.56 76.37
N PHE C 3152 -108.79 56.56 76.91
CA PHE C 3152 -109.04 57.00 78.28
C PHE C 3152 -110.38 57.71 78.44
N GLY C 3153 -111.06 58.03 77.33
CA GLY C 3153 -112.33 58.73 77.36
C GLY C 3153 -113.44 58.02 78.10
N ASP C 3154 -113.19 56.79 78.58
CA ASP C 3154 -114.18 56.11 79.40
C ASP C 3154 -114.52 56.92 80.65
N ASP C 3155 -113.52 57.15 81.50
CA ASP C 3155 -113.64 58.08 82.63
C ASP C 3155 -112.43 59.01 82.60
N VAL C 3156 -112.52 60.06 81.78
CA VAL C 3156 -111.49 61.11 81.77
C VAL C 3156 -112.09 62.50 81.87
N ILE C 3157 -113.35 62.72 81.52
CA ILE C 3157 -113.98 64.02 81.68
C ILE C 3157 -115.00 63.92 82.80
N LEU C 3158 -114.57 64.26 84.01
CA LEU C 3158 -115.39 64.14 85.21
C LEU C 3158 -115.37 65.44 85.98
N ASP C 3159 -115.83 65.42 87.23
CA ASP C 3159 -115.74 66.60 88.09
C ASP C 3159 -114.30 67.10 88.13
N ASP C 3160 -114.15 68.42 88.00
CA ASP C 3160 -112.89 69.14 87.83
C ASP C 3160 -112.28 68.94 86.45
N VAL C 3161 -112.94 68.19 85.57
CA VAL C 3161 -112.53 68.08 84.18
C VAL C 3161 -113.62 68.57 83.23
N GLN C 3162 -114.89 68.25 83.53
CA GLN C 3162 -115.99 68.74 82.72
C GLN C 3162 -116.07 70.26 82.73
N VAL C 3163 -115.74 70.88 83.87
CA VAL C 3163 -115.75 72.34 83.95
C VAL C 3163 -114.72 72.94 83.01
N SER C 3164 -113.69 72.18 82.65
CA SER C 3164 -112.71 72.65 81.68
C SER C 3164 -113.05 72.23 80.26
N CYS C 3165 -113.68 71.08 80.07
CA CYS C 3165 -114.09 70.67 78.73
C CYS C 3165 -115.18 71.58 78.19
N TYR C 3166 -116.12 71.99 79.05
CA TYR C 3166 -117.20 72.88 78.62
C TYR C 3166 -116.66 74.24 78.18
N ARG C 3167 -115.48 74.63 78.66
CA ARG C 3167 -114.84 75.85 78.20
C ARG C 3167 -113.93 75.62 76.99
N THR C 3168 -113.28 74.45 76.92
CA THR C 3168 -112.39 74.20 75.80
C THR C 3168 -113.16 73.95 74.50
N LEU C 3169 -114.38 73.40 74.59
CA LEU C 3169 -115.18 73.28 73.37
C LEU C 3169 -115.55 74.66 72.82
N CYS C 3170 -115.93 75.59 73.70
CA CYS C 3170 -116.18 76.95 73.26
C CYS C 3170 -114.91 77.61 72.75
N SER C 3171 -113.76 77.30 73.35
CA SER C 3171 -112.50 77.88 72.88
C SER C 3171 -112.18 77.41 71.47
N ILE C 3172 -112.32 76.11 71.21
CA ILE C 3172 -112.02 75.60 69.86
C ILE C 3172 -113.07 76.09 68.87
N TYR C 3173 -114.30 76.33 69.34
CA TYR C 3173 -115.28 77.00 68.48
C TYR C 3173 -114.83 78.42 68.14
N SER C 3174 -114.26 79.13 69.11
CA SER C 3174 -113.82 80.50 68.88
C SER C 3174 -112.66 80.56 67.89
N LEU C 3175 -111.63 79.74 68.09
CA LEU C 3175 -110.51 79.68 67.17
C LEU C 3175 -110.64 78.55 66.15
N GLY C 3176 -111.86 78.19 65.76
CA GLY C 3176 -112.06 77.34 64.61
C GLY C 3176 -112.08 78.05 63.28
N THR C 3177 -111.92 79.38 63.29
CA THR C 3177 -111.92 80.17 62.07
C THR C 3177 -110.59 80.87 61.80
N THR C 3178 -109.63 80.82 62.72
CA THR C 3178 -108.36 81.48 62.53
C THR C 3178 -107.54 80.80 61.43
N GLU C 3184 -101.28 82.32 59.88
CA GLU C 3184 -100.18 82.42 58.92
C GLU C 3184 -99.39 81.11 58.87
N LYS C 3185 -98.23 81.10 59.52
CA LYS C 3185 -97.37 79.93 59.56
C LYS C 3185 -97.70 78.99 60.72
N LEU C 3186 -98.64 79.35 61.58
CA LEU C 3186 -99.03 78.53 62.71
C LEU C 3186 -100.16 77.57 62.39
N ARG C 3187 -100.68 77.60 61.16
CA ARG C 3187 -101.83 76.76 60.81
C ARG C 3187 -101.58 75.27 61.01
N PRO C 3188 -100.43 74.69 60.60
CA PRO C 3188 -100.23 73.26 60.85
C PRO C 3188 -100.30 72.88 62.32
N ALA C 3189 -99.78 73.73 63.21
CA ALA C 3189 -99.82 73.43 64.64
C ALA C 3189 -101.25 73.39 65.16
N LEU C 3190 -102.06 74.38 64.78
CA LEU C 3190 -103.46 74.39 65.19
C LEU C 3190 -104.21 73.20 64.62
N GLY C 3191 -103.93 72.85 63.36
CA GLY C 3191 -104.58 71.69 62.77
C GLY C 3191 -104.23 70.39 63.49
N GLU C 3192 -102.95 70.22 63.83
CA GLU C 3192 -102.52 69.04 64.57
C GLU C 3192 -103.17 68.99 65.95
N CYS C 3193 -103.24 70.14 66.64
CA CYS C 3193 -103.87 70.18 67.94
C CYS C 3193 -105.35 69.82 67.86
N LEU C 3194 -106.05 70.36 66.86
CA LEU C 3194 -107.46 70.06 66.70
C LEU C 3194 -107.68 68.59 66.37
N ALA C 3195 -106.82 68.02 65.52
CA ALA C 3195 -106.92 66.60 65.20
C ALA C 3195 -106.70 65.73 66.43
N ARG C 3196 -105.69 66.08 67.24
CA ARG C 3196 -105.41 65.30 68.44
C ARG C 3196 -106.56 65.40 69.43
N LEU C 3197 -107.13 66.61 69.60
CA LEU C 3197 -108.23 66.77 70.54
C LEU C 3197 -109.48 66.03 70.07
N ALA C 3198 -109.81 66.14 68.77
CA ALA C 3198 -111.01 65.51 68.26
C ALA C 3198 -110.96 63.99 68.33
N ALA C 3199 -109.77 63.41 68.39
CA ALA C 3199 -109.64 61.95 68.48
C ALA C 3199 -110.01 61.42 69.86
N ALA C 3200 -110.18 62.29 70.85
CA ALA C 3200 -110.55 61.86 72.19
C ALA C 3200 -111.97 61.32 72.23
N ARG C 3248 -124.16 66.68 55.92
CA ARG C 3248 -124.46 68.04 56.35
C ARG C 3248 -123.19 68.81 56.67
N LEU C 3249 -122.48 68.35 57.70
CA LEU C 3249 -121.23 68.99 58.09
C LEU C 3249 -120.17 68.84 57.01
N MET C 3250 -120.11 67.68 56.37
CA MET C 3250 -119.09 67.40 55.36
C MET C 3250 -119.56 67.72 53.94
N ALA C 3251 -120.78 68.24 53.78
CA ALA C 3251 -121.25 68.60 52.44
C ALA C 3251 -120.47 69.78 51.87
N ASP C 3252 -120.03 70.70 52.74
CA ASP C 3252 -119.25 71.83 52.27
C ASP C 3252 -117.93 71.39 51.65
N ILE C 3253 -117.30 70.37 52.23
CA ILE C 3253 -116.03 69.86 51.69
C ILE C 3253 -116.23 69.34 50.28
N GLY C 3254 -117.30 68.57 50.06
CA GLY C 3254 -117.61 68.12 48.72
C GLY C 3254 -117.99 69.25 47.79
N GLY C 3255 -118.59 70.31 48.33
CA GLY C 3255 -118.95 71.45 47.49
C GLY C 3255 -117.76 72.15 46.87
N LEU C 3256 -116.66 72.28 47.63
CA LEU C 3256 -115.47 72.96 47.16
C LEU C 3256 -114.40 72.01 46.66
N ALA C 3257 -114.74 70.75 46.39
CA ALA C 3257 -113.75 69.79 45.90
C ALA C 3257 -113.18 70.23 44.56
N GLU C 3258 -114.03 70.72 43.67
CA GLU C 3258 -113.57 71.25 42.40
C GLU C 3258 -113.06 72.67 42.57
N SER C 3259 -112.31 73.14 41.56
CA SER C 3259 -111.75 74.49 41.54
C SER C 3259 -110.85 74.74 42.75
N GLY C 3260 -109.77 73.97 42.82
CA GLY C 3260 -108.81 74.12 43.88
C GLY C 3260 -107.57 74.88 43.45
N ALA C 3261 -106.50 74.14 43.14
CA ALA C 3261 -105.24 74.71 42.65
C ALA C 3261 -104.61 75.68 43.64
N ARG C 3262 -104.89 75.53 44.92
CA ARG C 3262 -104.34 76.41 45.94
C ARG C 3262 -104.35 75.70 47.28
N TYR C 3263 -103.26 75.82 48.03
CA TYR C 3263 -103.16 75.23 49.35
C TYR C 3263 -103.65 76.13 50.47
N THR C 3264 -103.64 77.45 50.26
CA THR C 3264 -104.07 78.38 51.30
C THR C 3264 -104.93 79.52 50.80
N GLU C 3265 -105.19 79.64 49.50
CA GLU C 3265 -105.94 80.80 49.00
C GLU C 3265 -107.44 80.60 49.20
N MET C 3266 -108.03 79.63 48.50
CA MET C 3266 -109.41 79.25 48.78
C MET C 3266 -109.46 78.25 49.93
N PRO C 3267 -108.72 77.11 49.85
CA PRO C 3267 -108.77 76.12 50.95
C PRO C 3267 -107.85 76.46 52.11
N HIS C 3268 -108.17 77.56 52.81
CA HIS C 3268 -107.38 77.93 53.99
C HIS C 3268 -107.92 77.27 55.25
N VAL C 3269 -109.23 77.41 55.47
CA VAL C 3269 -109.86 76.77 56.62
C VAL C 3269 -109.86 75.25 56.46
N ILE C 3270 -109.91 74.76 55.21
CA ILE C 3270 -109.95 73.34 54.95
C ILE C 3270 -108.68 72.66 55.45
N GLU C 3271 -107.53 73.32 55.31
CA GLU C 3271 -106.26 72.71 55.70
C GLU C 3271 -106.25 72.37 57.18
N ILE C 3272 -106.89 73.19 58.02
CA ILE C 3272 -106.91 72.93 59.44
C ILE C 3272 -108.14 72.17 59.91
N THR C 3273 -109.22 72.15 59.12
CA THR C 3273 -110.42 71.45 59.54
C THR C 3273 -110.53 70.03 59.00
N LEU C 3274 -109.79 69.69 57.94
CA LEU C 3274 -109.81 68.32 57.43
C LEU C 3274 -109.34 67.30 58.46
N PRO C 3275 -108.20 67.48 59.15
CA PRO C 3275 -107.83 66.53 60.21
C PRO C 3275 -108.85 66.45 61.33
N MET C 3276 -109.60 67.53 61.59
CA MET C 3276 -110.60 67.51 62.65
C MET C 3276 -111.60 66.38 62.45
N LEU C 3277 -112.36 66.42 61.35
CA LEU C 3277 -113.29 65.33 61.09
C LEU C 3277 -112.60 64.05 60.67
N CYS C 3278 -111.41 64.14 60.06
CA CYS C 3278 -110.65 62.94 59.73
C CYS C 3278 -110.28 62.13 60.96
N SER C 3279 -110.21 62.77 62.13
CA SER C 3279 -110.04 62.06 63.39
C SER C 3279 -111.34 61.84 64.14
N TYR C 3280 -112.33 62.71 63.95
CA TYR C 3280 -113.60 62.54 64.65
C TYR C 3280 -114.40 61.36 64.12
N LEU C 3281 -114.46 61.22 62.79
CA LEU C 3281 -115.26 60.14 62.20
C LEU C 3281 -114.80 58.75 62.60
N PRO C 3282 -113.50 58.41 62.59
CA PRO C 3282 -113.11 57.08 63.08
C PRO C 3282 -113.48 56.83 64.52
N ARG C 3283 -113.52 57.87 65.35
CA ARG C 3283 -113.91 57.71 66.75
C ARG C 3283 -115.39 57.37 66.89
N TRP C 3284 -116.19 57.60 65.85
CA TRP C 3284 -117.61 57.30 65.89
C TRP C 3284 -117.92 56.04 65.10
N CYS C 3304 -128.13 56.19 68.21
CA CYS C 3304 -127.25 56.58 69.31
C CYS C 3304 -125.79 56.44 68.91
N THR C 3305 -125.49 55.40 68.13
CA THR C 3305 -124.13 55.12 67.68
C THR C 3305 -124.20 54.45 66.33
N ALA C 3306 -123.10 53.81 65.91
CA ALA C 3306 -123.00 53.08 64.65
C ALA C 3306 -123.28 54.01 63.46
N VAL C 3307 -122.43 55.03 63.32
CA VAL C 3307 -122.52 55.94 62.20
C VAL C 3307 -122.13 55.20 60.92
N THR C 3308 -122.91 55.39 59.86
CA THR C 3308 -122.66 54.67 58.61
C THR C 3308 -121.32 55.07 58.01
N SER C 3309 -120.73 54.14 57.27
CA SER C 3309 -119.41 54.33 56.68
C SER C 3309 -119.46 55.06 55.34
N ASP C 3310 -120.66 55.41 54.85
CA ASP C 3310 -120.74 56.16 53.60
C ASP C 3310 -120.06 57.52 53.73
N HIS C 3311 -120.17 58.14 54.91
CA HIS C 3311 -119.49 59.41 55.14
C HIS C 3311 -117.98 59.24 55.05
N LEU C 3312 -117.44 58.15 55.60
CA LEU C 3312 -116.00 57.91 55.54
C LEU C 3312 -115.53 57.72 54.10
N ASN C 3313 -116.27 56.94 53.31
CA ASN C 3313 -115.89 56.73 51.91
C ASN C 3313 -115.98 58.04 51.12
N SER C 3314 -117.03 58.83 51.37
CA SER C 3314 -117.15 60.11 50.68
C SER C 3314 -116.00 61.04 51.06
N LEU C 3315 -115.61 61.05 52.33
CA LEU C 3315 -114.49 61.88 52.77
C LEU C 3315 -113.18 61.42 52.12
N LEU C 3316 -112.97 60.11 52.02
CA LEU C 3316 -111.77 59.61 51.36
C LEU C 3316 -111.74 60.01 49.89
N GLY C 3317 -112.87 59.86 49.20
CA GLY C 3317 -112.92 60.28 47.81
C GLY C 3317 -112.70 61.78 47.65
N ASN C 3318 -113.29 62.57 48.54
CA ASN C 3318 -113.13 64.03 48.48
C ASN C 3318 -111.69 64.44 48.71
N ILE C 3319 -111.01 63.82 49.69
CA ILE C 3319 -109.62 64.19 49.94
C ILE C 3319 -108.74 63.73 48.79
N LEU C 3320 -109.02 62.56 48.19
CA LEU C 3320 -108.25 62.14 47.03
C LEU C 3320 -108.43 63.11 45.87
N ARG C 3321 -109.66 63.55 45.62
CA ARG C 3321 -109.92 64.52 44.56
C ARG C 3321 -109.25 65.86 44.85
N ILE C 3322 -109.29 66.32 46.10
CA ILE C 3322 -108.66 67.58 46.45
C ILE C 3322 -107.15 67.49 46.25
N ILE C 3323 -106.55 66.38 46.63
CA ILE C 3323 -105.11 66.21 46.45
C ILE C 3323 -104.75 66.17 44.97
N VAL C 3324 -105.52 65.42 44.17
CA VAL C 3324 -105.22 65.32 42.75
C VAL C 3324 -105.53 66.61 42.00
N ASN C 3325 -106.34 67.49 42.58
CA ASN C 3325 -106.60 68.79 41.95
C ASN C 3325 -105.32 69.60 41.83
N ASN C 3326 -104.48 69.58 42.86
CA ASN C 3326 -103.19 70.26 42.84
C ASN C 3326 -102.11 69.37 42.22
N LEU C 3327 -102.40 68.84 41.03
CA LEU C 3327 -101.47 67.89 40.41
C LEU C 3327 -100.16 68.56 40.02
N GLY C 3328 -100.23 69.77 39.46
CA GLY C 3328 -99.04 70.43 38.97
C GLY C 3328 -98.69 71.70 39.70
N ILE C 3329 -98.92 71.73 41.02
CA ILE C 3329 -98.56 72.91 41.80
C ILE C 3329 -97.04 72.99 41.93
N ASP C 3330 -96.53 74.21 42.09
CA ASP C 3330 -95.09 74.41 42.21
C ASP C 3330 -94.60 74.05 43.60
N GLU C 3331 -95.10 74.75 44.62
CA GLU C 3331 -94.74 74.48 46.01
C GLU C 3331 -95.99 74.06 46.77
N ALA C 3332 -95.91 72.91 47.43
CA ALA C 3332 -97.04 72.39 48.18
C ALA C 3332 -96.51 71.48 49.28
N THR C 3333 -96.73 71.86 50.53
CA THR C 3333 -96.31 71.05 51.68
C THR C 3333 -97.46 70.26 52.29
N TRP C 3334 -98.69 70.75 52.17
CA TRP C 3334 -99.85 70.08 52.77
C TRP C 3334 -100.08 68.69 52.18
N MET C 3335 -99.49 68.38 51.04
CA MET C 3335 -99.64 67.04 50.47
C MET C 3335 -98.99 65.99 51.38
N LYS C 3336 -97.84 66.31 51.95
CA LYS C 3336 -97.11 65.37 52.82
C LYS C 3336 -97.75 65.24 54.20
N ARG C 3337 -98.71 66.10 54.55
CA ARG C 3337 -99.37 66.04 55.85
C ARG C 3337 -100.79 65.50 55.77
N LEU C 3338 -101.54 65.88 54.74
CA LEU C 3338 -102.89 65.38 54.58
C LEU C 3338 -102.91 63.88 54.36
N ALA C 3339 -101.95 63.36 53.59
CA ALA C 3339 -101.86 61.92 53.38
C ALA C 3339 -101.60 61.18 54.67
N VAL C 3340 -100.71 61.72 55.51
CA VAL C 3340 -100.43 61.09 56.80
C VAL C 3340 -101.66 61.14 57.69
N PHE C 3341 -102.35 62.28 57.70
CA PHE C 3341 -103.54 62.41 58.55
C PHE C 3341 -104.67 61.50 58.09
N ALA C 3342 -104.76 61.23 56.78
CA ALA C 3342 -105.85 60.45 56.22
C ALA C 3342 -105.53 58.97 56.13
N GLN C 3343 -104.37 58.52 56.61
CA GLN C 3343 -104.03 57.10 56.54
C GLN C 3343 -105.00 56.22 57.32
N PRO C 3344 -105.36 56.51 58.57
CA PRO C 3344 -106.32 55.63 59.26
C PRO C 3344 -107.72 55.66 58.66
N ILE C 3345 -108.07 56.70 57.89
CA ILE C 3345 -109.42 56.79 57.33
C ILE C 3345 -109.65 55.84 56.17
N VAL C 3346 -108.59 55.24 55.61
CA VAL C 3346 -108.73 54.35 54.46
C VAL C 3346 -108.88 52.89 54.87
N SER C 3347 -108.69 52.55 56.15
CA SER C 3347 -108.85 51.17 56.58
C SER C 3347 -110.28 50.67 56.38
N ARG C 3348 -111.26 51.52 56.70
CA ARG C 3348 -112.67 51.19 56.51
C ARG C 3348 -113.15 51.96 55.28
N ALA C 3349 -112.94 51.36 54.11
CA ALA C 3349 -113.30 51.99 52.84
C ALA C 3349 -114.08 51.00 51.98
N ARG C 3350 -115.01 51.53 51.19
CA ARG C 3350 -115.82 50.69 50.33
C ARG C 3350 -114.95 50.11 49.21
N PRO C 3351 -115.13 48.82 48.88
CA PRO C 3351 -114.32 48.21 47.82
C PRO C 3351 -114.50 48.86 46.46
N GLU C 3352 -115.70 49.36 46.14
CA GLU C 3352 -115.99 49.89 44.81
C GLU C 3352 -116.05 51.40 44.77
N LEU C 3353 -116.44 52.07 45.85
CA LEU C 3353 -116.53 53.53 45.84
C LEU C 3353 -115.17 54.17 45.65
N LEU C 3354 -114.15 53.67 46.34
CA LEU C 3354 -112.82 54.27 46.24
C LEU C 3354 -112.12 53.88 44.94
N HIS C 3355 -112.34 52.66 44.44
CA HIS C 3355 -111.64 52.23 43.23
C HIS C 3355 -112.06 53.03 42.00
N SER C 3356 -113.21 53.68 42.03
CA SER C 3356 -113.61 54.58 40.96
C SER C 3356 -112.84 55.90 41.00
N HIS C 3357 -112.18 56.20 42.12
CA HIS C 3357 -111.37 57.41 42.26
C HIS C 3357 -109.87 57.16 42.20
N PHE C 3358 -109.42 55.98 42.67
CA PHE C 3358 -107.99 55.70 42.66
C PHE C 3358 -107.45 55.52 41.24
N ILE C 3359 -108.22 54.89 40.36
CA ILE C 3359 -107.79 54.63 38.99
C ILE C 3359 -107.54 55.93 38.24
N PRO C 3360 -108.48 56.90 38.20
CA PRO C 3360 -108.20 58.14 37.46
C PRO C 3360 -107.03 58.94 38.00
N THR C 3361 -106.85 58.99 39.33
CA THR C 3361 -105.77 59.78 39.90
C THR C 3361 -104.41 59.21 39.53
N ILE C 3362 -104.22 57.90 39.75
CA ILE C 3362 -102.95 57.27 39.39
C ILE C 3362 -102.76 57.26 37.88
N GLY C 3363 -103.87 57.23 37.13
CA GLY C 3363 -103.75 57.33 35.68
C GLY C 3363 -103.24 58.68 35.23
N ARG C 3364 -103.75 59.76 35.83
CA ARG C 3364 -103.23 61.09 35.55
C ARG C 3364 -101.77 61.21 35.97
N LEU C 3365 -101.41 60.59 37.10
CA LEU C 3365 -100.02 60.60 37.55
C LEU C 3365 -99.13 59.88 36.54
N ARG C 3366 -99.58 58.74 36.02
CA ARG C 3366 -98.80 58.01 35.01
C ARG C 3366 -98.70 58.80 33.71
N LYS C 3367 -99.78 59.51 33.34
CA LYS C 3367 -99.73 60.35 32.15
C LYS C 3367 -98.71 61.47 32.33
N ARG C 3368 -98.67 62.07 33.51
CA ARG C 3368 -97.66 63.10 33.78
C ARG C 3368 -96.26 62.52 33.72
N ALA C 3369 -96.08 61.31 34.27
CA ALA C 3369 -94.76 60.67 34.21
C ALA C 3369 -94.36 60.39 32.77
N GLY C 3370 -95.30 59.93 31.94
CA GLY C 3370 -95.00 59.70 30.54
C GLY C 3370 -94.70 60.97 29.78
N LYS C 3371 -95.37 62.07 30.14
CA LYS C 3371 -95.08 63.35 29.49
C LYS C 3371 -93.74 63.92 29.93
N VAL C 3372 -93.30 63.58 31.15
CA VAL C 3372 -92.05 64.13 31.66
C VAL C 3372 -90.82 63.28 31.34
N VAL C 3373 -91.01 61.97 31.09
CA VAL C 3373 -89.84 61.15 30.72
C VAL C 3373 -89.35 61.52 29.34
N ALA C 3374 -90.26 61.96 28.45
CA ALA C 3374 -89.87 62.33 27.10
C ALA C 3374 -88.91 63.50 27.08
N GLU C 3375 -89.03 64.43 28.03
CA GLU C 3375 -88.10 65.55 28.09
C GLU C 3375 -86.68 65.07 28.36
N GLU C 3376 -86.52 64.15 29.33
CA GLU C 3376 -85.20 63.59 29.61
C GLU C 3376 -84.69 62.75 28.44
N GLU C 3377 -85.60 62.04 27.76
CA GLU C 3377 -85.21 61.23 26.61
C GLU C 3377 -84.68 62.10 25.48
N GLN C 3378 -85.35 63.23 25.22
CA GLN C 3378 -84.90 64.14 24.17
C GLN C 3378 -83.74 65.02 24.62
N LEU C 3379 -83.47 65.08 25.92
CA LEU C 3379 -82.32 65.86 26.40
C LEU C 3379 -81.02 65.28 25.88
N ARG C 3380 -80.90 63.96 25.87
CA ARG C 3380 -79.69 63.30 25.38
C ARG C 3380 -79.60 63.37 23.86
N GLU C 3386 -77.43 74.79 27.49
CA GLU C 3386 -78.53 73.99 26.97
C GLU C 3386 -78.77 72.76 27.83
N ALA C 3387 -77.70 71.96 28.01
CA ALA C 3387 -77.81 70.74 28.80
C ALA C 3387 -78.10 71.06 30.27
N GLU C 3388 -77.46 72.09 30.82
CA GLU C 3388 -77.63 72.41 32.23
C GLU C 3388 -79.05 72.89 32.53
N GLU C 3389 -79.58 73.77 31.68
CA GLU C 3389 -80.93 74.27 31.91
C GLU C 3389 -81.96 73.14 31.81
N GLY C 3390 -81.82 72.28 30.81
CA GLY C 3390 -82.73 71.15 30.69
C GLY C 3390 -82.61 70.19 31.87
N GLU C 3391 -81.38 69.97 32.34
CA GLU C 3391 -81.19 69.11 33.50
C GLU C 3391 -81.86 69.69 34.74
N LEU C 3392 -81.72 71.00 34.95
CA LEU C 3392 -82.38 71.64 36.09
C LEU C 3392 -83.90 71.55 35.96
N LEU C 3393 -84.42 71.78 34.76
CA LEU C 3393 -85.87 71.73 34.57
C LEU C 3393 -86.41 70.32 34.82
N VAL C 3394 -85.73 69.30 34.29
CA VAL C 3394 -86.20 67.94 34.50
C VAL C 3394 -86.01 67.51 35.95
N ARG C 3395 -84.98 68.02 36.63
CA ARG C 3395 -84.82 67.74 38.05
C ARG C 3395 -85.97 68.32 38.86
N ASP C 3396 -86.37 69.56 38.57
CA ASP C 3396 -87.50 70.16 39.26
C ASP C 3396 -88.79 69.39 38.97
N GLU C 3397 -89.00 69.02 37.70
CA GLU C 3397 -90.20 68.26 37.35
C GLU C 3397 -90.21 66.90 38.04
N PHE C 3398 -89.07 66.24 38.12
CA PHE C 3398 -88.99 64.95 38.78
C PHE C 3398 -89.20 65.07 40.28
N SER C 3399 -88.73 66.17 40.88
CA SER C 3399 -89.00 66.41 42.30
C SER C 3399 -90.49 66.61 42.53
N VAL C 3400 -91.16 67.36 41.64
CA VAL C 3400 -92.60 67.54 41.75
C VAL C 3400 -93.32 66.20 41.62
N LEU C 3401 -92.91 65.38 40.65
CA LEU C 3401 -93.52 64.07 40.46
C LEU C 3401 -93.29 63.18 41.66
N CYS C 3402 -92.09 63.23 42.26
CA CYS C 3402 -91.80 62.44 43.45
C CYS C 3402 -92.66 62.88 44.62
N ARG C 3403 -92.86 64.19 44.78
CA ARG C 3403 -93.73 64.69 45.84
C ARG C 3403 -95.16 64.19 45.64
N ASP C 3404 -95.66 64.25 44.41
CA ASP C 3404 -97.01 63.75 44.14
C ASP C 3404 -97.10 62.25 44.39
N LEU C 3405 -96.07 61.50 43.99
CA LEU C 3405 -96.05 60.06 44.23
C LEU C 3405 -96.06 59.75 45.71
N TYR C 3406 -95.27 60.46 46.51
CA TYR C 3406 -95.24 60.22 47.93
C TYR C 3406 -96.47 60.76 48.65
N ALA C 3407 -97.23 61.64 48.02
CA ALA C 3407 -98.52 62.06 48.53
C ALA C 3407 -99.65 61.08 48.22
N LEU C 3408 -99.58 60.37 47.09
CA LEU C 3408 -100.64 59.45 46.69
C LEU C 3408 -100.39 58.00 47.09
N TYR C 3409 -99.18 57.49 46.88
CA TYR C 3409 -98.90 56.08 47.09
C TYR C 3409 -99.18 55.57 48.51
N PRO C 3410 -98.88 56.30 49.58
CA PRO C 3410 -99.24 55.77 50.92
C PRO C 3410 -100.72 55.51 51.09
N LEU C 3411 -101.60 56.30 50.47
CA LEU C 3411 -103.02 56.02 50.50
C LEU C 3411 -103.41 54.82 49.64
N LEU C 3412 -102.51 54.37 48.76
CA LEU C 3412 -102.75 53.20 47.91
C LEU C 3412 -102.20 51.91 48.52
N ILE C 3413 -101.08 52.00 49.23
CA ILE C 3413 -100.49 50.79 49.81
C ILE C 3413 -101.42 50.19 50.87
N ARG C 3414 -102.00 51.05 51.71
CA ARG C 3414 -102.93 50.55 52.72
C ARG C 3414 -104.19 50.00 52.08
N TYR C 3415 -104.70 50.65 51.03
CA TYR C 3415 -105.86 50.15 50.32
C TYR C 3415 -105.56 48.84 49.59
N VAL C 3416 -104.30 48.58 49.26
CA VAL C 3416 -103.92 47.32 48.63
C VAL C 3416 -103.69 46.22 49.66
N ASP C 3417 -103.23 46.58 50.87
CA ASP C 3417 -103.03 45.58 51.92
C ASP C 3417 -104.32 44.85 52.24
N ASN C 3418 -105.42 45.60 52.37
CA ASN C 3418 -106.74 45.00 52.38
C ASN C 3418 -107.29 44.96 50.96
N ASN C 3419 -108.45 44.34 50.80
CA ASN C 3419 -109.12 44.17 49.51
C ASN C 3419 -108.27 43.43 48.49
N ARG C 3420 -107.20 42.78 48.92
CA ARG C 3420 -106.35 42.00 48.02
C ARG C 3420 -106.79 40.54 47.96
N ALA C 3421 -107.24 39.97 49.09
CA ALA C 3421 -107.80 38.63 49.06
C ALA C 3421 -109.05 38.58 48.20
N HIS C 3422 -109.87 39.64 48.25
CA HIS C 3422 -111.03 39.73 47.36
C HIS C 3422 -110.59 39.80 45.90
N TRP C 3423 -109.54 40.57 45.60
CA TRP C 3423 -109.05 40.68 44.24
C TRP C 3423 -108.34 39.42 43.75
N LEU C 3424 -107.94 38.53 44.65
CA LEU C 3424 -107.30 37.28 44.28
C LEU C 3424 -108.29 36.13 44.13
N THR C 3425 -109.17 35.93 45.13
CA THR C 3425 -110.17 34.89 45.02
C THR C 3425 -111.13 35.15 43.86
N GLU C 3426 -111.55 36.40 43.70
CA GLU C 3426 -112.41 36.82 42.58
C GLU C 3426 -111.66 37.88 41.78
N PRO C 3427 -111.04 37.50 40.65
CA PRO C 3427 -110.26 38.48 39.89
C PRO C 3427 -111.12 39.63 39.38
N ASN C 3428 -110.53 40.82 39.37
CA ASN C 3428 -111.21 42.04 38.94
C ASN C 3428 -110.33 42.73 37.90
N ALA C 3429 -110.95 43.12 36.78
CA ALA C 3429 -110.20 43.74 35.69
C ALA C 3429 -109.55 45.05 36.13
N ASN C 3430 -110.23 45.82 36.98
CA ASN C 3430 -109.68 47.08 37.45
C ASN C 3430 -108.40 46.87 38.25
N ALA C 3431 -108.34 45.79 39.04
CA ALA C 3431 -107.12 45.49 39.78
C ALA C 3431 -105.96 45.20 38.83
N GLU C 3432 -106.22 44.45 37.76
CA GLU C 3432 -105.17 44.18 36.78
C GLU C 3432 -104.73 45.46 36.08
N GLU C 3433 -105.68 46.34 35.75
CA GLU C 3433 -105.32 47.61 35.12
C GLU C 3433 -104.48 48.46 36.05
N LEU C 3434 -104.83 48.49 37.34
CA LEU C 3434 -104.05 49.23 38.32
C LEU C 3434 -102.65 48.65 38.45
N PHE C 3435 -102.54 47.31 38.43
CA PHE C 3435 -101.21 46.69 38.46
C PHE C 3435 -100.40 47.11 37.23
N ARG C 3436 -101.02 47.11 36.06
CA ARG C 3436 -100.32 47.49 34.84
C ARG C 3436 -99.82 48.93 34.94
N MET C 3437 -100.66 49.83 35.45
CA MET C 3437 -100.26 51.22 35.60
C MET C 3437 -99.13 51.39 36.60
N VAL C 3438 -99.22 50.68 37.74
CA VAL C 3438 -98.16 50.74 38.74
C VAL C 3438 -96.84 50.21 38.16
N GLY C 3439 -96.91 49.11 37.42
CA GLY C 3439 -95.71 48.57 36.79
C GLY C 3439 -95.14 49.51 35.74
N GLU C 3440 -96.01 50.21 35.03
CA GLU C 3440 -95.54 51.22 34.07
C GLU C 3440 -94.78 52.33 34.77
N ILE C 3441 -95.32 52.82 35.89
CA ILE C 3441 -94.60 53.82 36.67
C ILE C 3441 -93.27 53.25 37.18
N PHE C 3442 -93.27 51.99 37.60
CA PHE C 3442 -92.05 51.38 38.12
C PHE C 3442 -90.97 51.29 37.06
N ILE C 3443 -91.34 50.86 35.84
CA ILE C 3443 -90.33 50.73 34.79
C ILE C 3443 -89.89 52.09 34.30
N TYR C 3444 -90.78 53.09 34.34
CA TYR C 3444 -90.36 54.45 34.04
C TYR C 3444 -89.33 54.93 35.05
N TRP C 3445 -89.52 54.61 36.33
CA TRP C 3445 -88.54 54.95 37.35
C TRP C 3445 -87.23 54.19 37.13
N SER C 3446 -87.32 52.92 36.73
CA SER C 3446 -86.14 52.08 36.62
C SER C 3446 -85.24 52.52 35.47
N LYS C 3447 -85.83 52.77 34.30
CA LYS C 3447 -85.05 53.14 33.12
C LYS C 3447 -84.80 54.64 33.06
N SER C 3448 -84.35 55.21 34.19
CA SER C 3448 -83.96 56.61 34.27
C SER C 3448 -83.22 56.86 35.58
N HIS C 3449 -82.03 57.46 35.50
CA HIS C 3449 -81.25 57.74 36.70
C HIS C 3449 -81.76 58.95 37.46
N ASN C 3450 -82.29 59.95 36.74
CA ASN C 3450 -82.74 61.17 37.38
C ASN C 3450 -83.91 60.92 38.33
N PHE C 3451 -84.81 60.00 37.97
CA PHE C 3451 -85.93 59.69 38.86
C PHE C 3451 -85.43 59.14 40.19
N LYS C 3452 -84.49 58.19 40.15
CA LYS C 3452 -83.95 57.63 41.38
C LYS C 3452 -83.20 58.68 42.19
N ARG C 3453 -82.39 59.51 41.52
CA ARG C 3453 -81.65 60.55 42.23
C ARG C 3453 -82.61 61.53 42.90
N GLU C 3454 -83.66 61.95 42.19
CA GLU C 3454 -84.60 62.90 42.76
C GLU C 3454 -85.39 62.28 43.91
N GLU C 3455 -85.77 61.01 43.79
CA GLU C 3455 -86.47 60.34 44.89
C GLU C 3455 -85.59 60.27 46.14
N GLN C 3456 -84.32 59.88 45.95
CA GLN C 3456 -83.41 59.80 47.08
C GLN C 3456 -83.20 61.18 47.72
N ASN C 3457 -83.02 62.21 46.89
CA ASN C 3457 -82.85 63.56 47.42
C ASN C 3457 -84.10 64.00 48.18
N PHE C 3458 -85.29 63.68 47.64
CA PHE C 3458 -86.53 64.04 48.29
C PHE C 3458 -86.64 63.41 49.68
N VAL C 3459 -86.38 62.10 49.77
CA VAL C 3459 -86.57 61.42 51.05
C VAL C 3459 -85.53 61.89 52.05
N VAL C 3460 -84.29 62.10 51.62
CA VAL C 3460 -83.27 62.55 52.57
C VAL C 3460 -83.51 63.99 53.00
N GLN C 3461 -84.05 64.82 52.10
CA GLN C 3461 -84.28 66.23 52.44
C GLN C 3461 -85.45 66.38 53.40
N ASN C 3462 -86.57 65.71 53.14
CA ASN C 3462 -87.74 65.83 53.99
C ASN C 3462 -87.79 64.80 55.11
N GLU C 3463 -86.77 63.96 55.23
CA GLU C 3463 -86.68 62.97 56.31
C GLU C 3463 -87.91 62.08 56.37
N ILE C 3464 -88.38 61.65 55.19
CA ILE C 3464 -89.53 60.76 55.12
C ILE C 3464 -89.13 59.39 55.63
N ASN C 3465 -89.92 58.87 56.58
CA ASN C 3465 -89.61 57.57 57.15
C ASN C 3465 -89.68 56.46 56.11
N ASN C 3466 -90.70 56.49 55.26
CA ASN C 3466 -90.91 55.52 54.19
C ASN C 3466 -91.10 54.10 54.71
N MET C 3467 -91.24 53.94 56.03
CA MET C 3467 -91.44 52.63 56.64
C MET C 3467 -92.75 52.61 57.40
N SER C 3468 -93.17 53.77 57.92
CA SER C 3468 -94.44 53.85 58.61
C SER C 3468 -95.62 53.65 57.67
N PHE C 3469 -95.46 54.03 56.40
CA PHE C 3469 -96.52 53.79 55.42
C PHE C 3469 -96.77 52.31 55.22
N LEU C 3470 -95.70 51.51 55.17
CA LEU C 3470 -95.82 50.07 55.04
C LEU C 3470 -95.81 49.35 56.39
N THR C 3471 -95.73 50.10 57.50
CA THR C 3471 -95.70 49.54 58.85
C THR C 3471 -94.57 48.54 59.02
N TYR C 3503 -79.16 53.84 49.09
CA TYR C 3503 -79.01 53.20 50.38
C TYR C 3503 -80.29 52.49 50.80
N SER C 3504 -81.36 53.26 50.98
CA SER C 3504 -82.66 52.71 51.37
C SER C 3504 -83.51 52.35 50.16
N VAL C 3505 -82.94 51.56 49.25
CA VAL C 3505 -83.67 51.16 48.04
C VAL C 3505 -84.79 50.20 48.39
N GLN C 3506 -84.54 49.27 49.33
CA GLN C 3506 -85.56 48.31 49.73
C GLN C 3506 -86.73 48.98 50.45
N THR C 3507 -86.53 50.19 50.97
CA THR C 3507 -87.58 50.93 51.66
C THR C 3507 -88.30 51.90 50.73
N SER C 3508 -87.96 51.90 49.43
CA SER C 3508 -88.56 52.83 48.49
C SER C 3508 -90.06 52.56 48.35
N LEU C 3509 -90.81 53.63 48.09
CA LEU C 3509 -92.26 53.53 48.02
C LEU C 3509 -92.71 52.83 46.74
N ILE C 3510 -92.10 53.19 45.60
CA ILE C 3510 -92.51 52.61 44.33
C ILE C 3510 -92.23 51.12 44.29
N VAL C 3511 -91.05 50.71 44.75
CA VAL C 3511 -90.69 49.29 44.76
C VAL C 3511 -91.61 48.51 45.69
N ALA C 3512 -91.90 49.06 46.86
CA ALA C 3512 -92.80 48.38 47.79
C ALA C 3512 -94.20 48.23 47.20
N THR C 3513 -94.71 49.29 46.57
CA THR C 3513 -96.04 49.21 45.95
C THR C 3513 -96.07 48.17 44.83
N LEU C 3514 -95.03 48.15 44.00
CA LEU C 3514 -94.97 47.17 42.93
C LEU C 3514 -94.89 45.76 43.47
N LYS C 3515 -94.10 45.55 44.53
CA LYS C 3515 -94.02 44.23 45.15
C LYS C 3515 -95.36 43.80 45.73
N LYS C 3516 -96.10 44.74 46.32
CA LYS C 3516 -97.40 44.40 46.87
C LYS C 3516 -98.42 44.10 45.78
N MET C 3517 -98.32 44.78 44.63
CA MET C 3517 -99.27 44.59 43.54
C MET C 3517 -98.86 43.50 42.55
N LEU C 3518 -97.66 42.94 42.69
CA LEU C 3518 -97.21 41.92 41.74
C LEU C 3518 -98.09 40.67 41.71
N PRO C 3519 -98.56 40.12 42.83
CA PRO C 3519 -99.46 38.95 42.74
C PRO C 3519 -100.72 39.21 41.91
N ILE C 3520 -101.21 40.45 41.89
CA ILE C 3520 -102.34 40.78 41.02
C ILE C 3520 -101.99 40.50 39.56
N GLY C 3521 -100.79 40.92 39.15
CA GLY C 3521 -100.36 40.66 37.78
C GLY C 3521 -100.08 39.19 37.52
N LEU C 3522 -99.49 38.50 38.50
CA LEU C 3522 -99.20 37.08 38.31
C LEU C 3522 -100.46 36.24 38.23
N ASN C 3523 -101.54 36.68 38.89
CA ASN C 3523 -102.78 35.91 38.86
C ASN C 3523 -103.35 35.83 37.45
N MET C 3524 -103.35 36.94 36.71
CA MET C 3524 -103.92 36.95 35.38
C MET C 3524 -103.09 36.15 34.38
N CYS C 3525 -101.83 35.86 34.69
CA CYS C 3525 -100.97 35.09 33.79
C CYS C 3525 -101.16 33.61 34.05
N ALA C 3526 -101.52 32.86 33.01
CA ALA C 3526 -101.74 31.44 33.16
C ALA C 3526 -100.43 30.72 33.46
N PRO C 3527 -100.49 29.60 34.19
CA PRO C 3527 -99.26 28.82 34.44
C PRO C 3527 -98.62 28.29 33.17
N THR C 3528 -99.38 28.17 32.08
CA THR C 3528 -98.80 27.76 30.80
C THR C 3528 -97.86 28.83 30.26
N ASP C 3529 -98.16 30.10 30.48
CA ASP C 3529 -97.31 31.19 30.04
C ASP C 3529 -96.00 31.25 30.83
N GLN C 3530 -95.89 30.51 31.93
CA GLN C 3530 -94.63 30.44 32.66
C GLN C 3530 -93.53 29.80 31.82
N ASP C 3531 -93.88 29.10 30.74
CA ASP C 3531 -92.87 28.60 29.82
C ASP C 3531 -92.30 29.72 28.97
N LEU C 3532 -93.15 30.63 28.48
CA LEU C 3532 -92.70 31.75 27.67
C LEU C 3532 -92.19 32.93 28.50
N ILE C 3533 -92.33 32.87 29.82
CA ILE C 3533 -91.85 33.95 30.67
C ILE C 3533 -90.34 34.18 30.47
N MET C 3534 -89.55 33.11 30.56
CA MET C 3534 -88.10 33.28 30.40
C MET C 3534 -87.73 33.63 28.97
N LEU C 3535 -88.52 33.15 28.00
CA LEU C 3535 -88.27 33.54 26.61
C LEU C 3535 -88.45 35.04 26.42
N ALA C 3536 -89.53 35.59 26.98
CA ALA C 3536 -89.75 37.03 26.92
C ALA C 3536 -88.68 37.79 27.68
N LYS C 3537 -88.23 37.25 28.82
CA LYS C 3537 -87.16 37.90 29.58
C LYS C 3537 -85.87 37.94 28.76
N THR C 3538 -85.52 36.84 28.10
CA THR C 3538 -84.34 36.83 27.26
C THR C 3538 -84.47 37.78 26.07
N ARG C 3539 -85.67 37.86 25.50
CA ARG C 3539 -85.90 38.80 24.40
C ARG C 3539 -85.71 40.24 24.87
N TYR C 3540 -86.21 40.56 26.07
CA TYR C 3540 -86.05 41.91 26.62
C TYR C 3540 -84.64 42.17 27.13
N ALA C 3541 -83.84 41.12 27.32
CA ALA C 3541 -82.46 41.30 27.77
C ALA C 3541 -81.60 42.09 26.79
N LEU C 3542 -82.04 42.21 25.54
CA LEU C 3542 -81.30 42.94 24.51
C LEU C 3542 -81.85 44.33 24.29
N LYS C 3543 -82.35 44.97 25.35
CA LYS C 3543 -82.92 46.31 25.27
C LYS C 3543 -84.05 46.39 24.24
N ASP C 3544 -84.87 45.34 24.20
CA ASP C 3544 -85.97 45.28 23.26
C ASP C 3544 -87.14 46.16 23.71
N THR C 3545 -88.05 46.42 22.78
CA THR C 3545 -89.24 47.21 23.05
C THR C 3545 -90.46 46.29 23.16
N ASP C 3546 -91.56 46.88 23.62
CA ASP C 3546 -92.78 46.09 23.83
C ASP C 3546 -93.33 45.55 22.53
N GLU C 3547 -93.33 46.37 21.46
CA GLU C 3547 -93.91 45.94 20.20
C GLU C 3547 -93.14 44.78 19.59
N GLU C 3548 -91.81 44.88 19.55
CA GLU C 3548 -91.01 43.81 18.97
C GLU C 3548 -91.05 42.54 19.83
N VAL C 3549 -91.09 42.69 21.15
CA VAL C 3549 -91.22 41.53 22.02
C VAL C 3549 -92.55 40.83 21.78
N ARG C 3550 -93.63 41.60 21.67
CA ARG C 3550 -94.94 41.01 21.39
C ARG C 3550 -94.95 40.31 20.04
N GLU C 3551 -94.35 40.93 19.02
CA GLU C 3551 -94.29 40.30 17.71
C GLU C 3551 -93.50 39.00 17.75
N PHE C 3552 -92.35 39.01 18.44
CA PHE C 3552 -91.55 37.79 18.55
C PHE C 3552 -92.30 36.70 19.29
N LEU C 3553 -93.01 37.05 20.37
CA LEU C 3553 -93.79 36.06 21.11
C LEU C 3553 -94.92 35.49 20.25
N GLN C 3554 -95.60 36.34 19.48
CA GLN C 3554 -96.66 35.86 18.60
C GLN C 3554 -96.11 35.00 17.47
N ASN C 3555 -94.84 35.24 17.09
CA ASN C 3555 -94.24 34.44 16.03
C ASN C 3555 -94.09 32.98 16.45
N ASN C 3556 -93.87 32.71 17.73
CA ASN C 3556 -93.67 31.36 18.24
C ASN C 3556 -94.54 31.12 19.47
N LEU C 3557 -95.82 31.46 19.36
CA LEU C 3557 -96.75 31.27 20.48
C LEU C 3557 -97.14 29.82 20.70
N HIS C 3558 -96.56 28.88 19.97
CA HIS C 3558 -96.89 27.47 20.10
C HIS C 3558 -95.97 26.72 21.06
N LEU C 3559 -94.99 27.39 21.66
CA LEU C 3559 -94.05 26.72 22.55
C LEU C 3559 -94.58 26.59 23.98
N GLN C 3560 -95.70 27.23 24.30
CA GLN C 3560 -96.27 27.11 25.63
C GLN C 3560 -97.07 25.82 25.75
N GLY C 3561 -97.30 25.40 26.99
CA GLY C 3561 -98.08 24.21 27.25
C GLY C 3561 -97.37 23.19 28.11
N LYS C 3562 -97.16 21.99 27.55
CA LYS C 3562 -96.53 20.88 28.26
C LYS C 3562 -97.28 20.54 29.55
N VAL C 3563 -98.60 20.61 29.49
CA VAL C 3563 -99.42 20.32 30.66
C VAL C 3563 -99.29 18.84 31.06
N GLU C 3564 -99.29 17.95 30.08
CA GLU C 3564 -99.17 16.52 30.35
C GLU C 3564 -97.72 16.07 30.47
N GLY C 3565 -96.76 16.91 30.10
CA GLY C 3565 -95.36 16.53 30.16
C GLY C 3565 -94.69 16.73 31.51
N SER C 3566 -95.37 17.37 32.46
CA SER C 3566 -94.83 17.62 33.78
C SER C 3566 -95.87 17.28 34.83
N PRO C 3567 -95.44 16.83 36.01
CA PRO C 3567 -96.42 16.53 37.07
C PRO C 3567 -96.78 17.74 37.91
N SER C 3568 -95.93 18.76 37.89
CA SER C 3568 -96.14 19.96 38.70
C SER C 3568 -97.14 20.93 38.07
N LEU C 3569 -97.57 20.70 36.84
CA LEU C 3569 -98.50 21.59 36.15
C LEU C 3569 -99.95 21.14 36.24
N ARG C 3570 -100.21 19.89 36.63
CA ARG C 3570 -101.58 19.40 36.68
C ARG C 3570 -102.40 20.15 37.72
N TRP C 3571 -101.89 20.23 38.96
CA TRP C 3571 -102.63 20.89 40.01
C TRP C 3571 -102.72 22.39 39.81
N GLN C 3572 -101.71 22.99 39.16
CA GLN C 3572 -101.79 24.42 38.86
C GLN C 3572 -102.92 24.71 37.88
N MET C 3573 -103.05 23.91 36.82
CA MET C 3573 -104.15 24.08 35.88
C MET C 3573 -105.49 23.80 36.56
N ALA C 3574 -105.54 22.77 37.42
CA ALA C 3574 -106.78 22.50 38.14
C ALA C 3574 -107.18 23.67 39.02
N LEU C 3575 -106.22 24.28 39.71
CA LEU C 3575 -106.50 25.45 40.53
C LEU C 3575 -106.97 26.62 39.68
N TYR C 3576 -106.33 26.84 38.53
CA TYR C 3576 -106.74 27.95 37.67
C TYR C 3576 -108.16 27.77 37.16
N ARG C 3577 -108.52 26.55 36.76
CA ARG C 3577 -109.85 26.31 36.22
C ARG C 3577 -110.93 26.26 37.30
N GLY C 3578 -110.59 25.80 38.51
CA GLY C 3578 -111.60 25.50 39.50
C GLY C 3578 -112.34 26.68 40.12
N LEU C 3579 -111.66 27.46 40.95
CA LEU C 3579 -112.34 28.46 41.76
C LEU C 3579 -112.71 29.75 41.01
N PRO C 3580 -111.86 30.32 40.12
CA PRO C 3580 -112.21 31.62 39.53
C PRO C 3580 -113.40 31.54 38.59
N GLY C 3581 -113.79 32.68 38.03
CA GLY C 3581 -114.92 32.74 37.12
C GLY C 3581 -114.54 32.34 35.71
N ARG C 3582 -114.92 33.16 34.73
CA ARG C 3582 -114.57 32.88 33.35
C ARG C 3582 -113.06 32.90 33.17
N GLU C 3583 -112.55 31.89 32.47
CA GLU C 3583 -111.11 31.74 32.24
C GLU C 3583 -110.64 32.50 31.01
N GLU C 3584 -110.97 33.80 30.96
CA GLU C 3584 -110.59 34.68 29.86
C GLU C 3584 -111.04 34.11 28.51
N ASP C 3585 -112.26 33.56 28.49
CA ASP C 3585 -112.91 32.96 27.32
C ASP C 3585 -112.19 31.71 26.82
N ALA C 3586 -111.11 31.28 27.49
CA ALA C 3586 -110.35 30.07 27.21
C ALA C 3586 -109.64 30.09 25.86
N ASP C 3587 -109.78 31.14 25.06
CA ASP C 3587 -109.12 31.21 23.76
C ASP C 3587 -108.96 32.68 23.37
N ASP C 3588 -107.75 33.21 23.54
CA ASP C 3588 -107.42 34.57 23.13
C ASP C 3588 -105.94 34.68 22.86
N PRO C 3589 -105.48 34.26 21.66
CA PRO C 3589 -104.08 34.50 21.29
C PRO C 3589 -103.63 35.94 21.44
N GLU C 3590 -104.50 36.91 21.10
CA GLU C 3590 -104.12 38.31 21.17
C GLU C 3590 -103.87 38.76 22.61
N LYS C 3591 -104.69 38.30 23.55
CA LYS C 3591 -104.54 38.69 24.95
C LYS C 3591 -103.35 38.00 25.62
N ILE C 3592 -102.90 36.85 25.10
CA ILE C 3592 -101.82 36.12 25.74
C ILE C 3592 -100.53 36.94 25.71
N VAL C 3593 -100.17 37.47 24.55
CA VAL C 3593 -98.93 38.25 24.45
C VAL C 3593 -99.06 39.53 25.26
N ARG C 3594 -100.24 40.15 25.25
CA ARG C 3594 -100.45 41.38 26.02
C ARG C 3594 -100.25 41.14 27.51
N ARG C 3595 -100.79 40.03 28.04
CA ARG C 3595 -100.65 39.72 29.45
C ARG C 3595 -99.30 39.11 29.80
N VAL C 3596 -98.53 38.65 28.81
CA VAL C 3596 -97.20 38.12 29.08
C VAL C 3596 -96.13 39.20 29.05
N GLN C 3597 -96.24 40.15 28.11
CA GLN C 3597 -95.21 41.17 27.97
C GLN C 3597 -95.09 42.03 29.22
N GLU C 3598 -96.23 42.45 29.78
CA GLU C 3598 -96.18 43.32 30.96
C GLU C 3598 -95.57 42.62 32.16
N VAL C 3599 -95.98 41.37 32.41
CA VAL C 3599 -95.46 40.66 33.58
C VAL C 3599 -93.98 40.34 33.39
N SER C 3600 -93.56 40.01 32.16
CA SER C 3600 -92.15 39.76 31.92
C SER C 3600 -91.32 41.02 32.12
N ALA C 3601 -91.82 42.17 31.64
CA ALA C 3601 -91.09 43.42 31.85
C ALA C 3601 -90.99 43.77 33.32
N VAL C 3602 -92.08 43.58 34.08
CA VAL C 3602 -92.07 43.88 35.50
C VAL C 3602 -91.08 42.96 36.23
N LEU C 3603 -91.09 41.67 35.89
CA LEU C 3603 -90.18 40.73 36.53
C LEU C 3603 -88.73 41.06 36.20
N TYR C 3604 -88.47 41.46 34.95
CA TYR C 3604 -87.12 41.90 34.59
C TYR C 3604 -86.70 43.10 35.41
N HIS C 3605 -87.53 44.14 35.43
CA HIS C 3605 -87.18 45.38 36.12
C HIS C 3605 -87.04 45.18 37.63
N LEU C 3606 -87.74 44.20 38.20
CA LEU C 3606 -87.59 43.92 39.63
C LEU C 3606 -86.24 43.31 39.99
N GLU C 3607 -85.57 42.68 39.02
CA GLU C 3607 -84.32 42.00 39.33
C GLU C 3607 -83.22 42.98 39.74
N GLN C 3608 -83.13 44.13 39.05
CA GLN C 3608 -82.04 45.06 39.31
C GLN C 3608 -82.21 45.77 40.65
N THR C 3609 -83.46 45.94 41.12
CA THR C 3609 -83.68 46.63 42.38
C THR C 3609 -83.06 45.87 43.54
N GLU C 3610 -83.21 44.54 43.55
CA GLU C 3610 -82.59 43.73 44.60
C GLU C 3610 -81.10 43.54 44.39
N HIS C 3611 -80.60 43.82 43.19
CA HIS C 3611 -79.18 43.67 42.89
C HIS C 3611 -78.53 45.03 42.65
N THR C 3639 -45.34 73.87 58.70
CA THR C 3639 -45.82 74.67 57.58
C THR C 3639 -45.06 75.99 57.50
N PRO C 3640 -44.60 76.35 56.29
CA PRO C 3640 -43.92 77.63 56.11
C PRO C 3640 -44.89 78.77 56.32
N LEU C 3641 -45.18 79.10 57.57
CA LEU C 3641 -46.11 80.17 57.86
C LEU C 3641 -45.90 81.35 56.93
N TYR C 3642 -46.99 81.93 56.44
CA TYR C 3642 -46.89 83.07 55.55
C TYR C 3642 -45.66 83.90 55.89
N ASN C 3643 -44.74 84.03 54.94
CA ASN C 3643 -43.50 84.78 55.17
C ASN C 3643 -42.62 84.14 56.21
N LEU C 3644 -41.32 84.14 55.94
CA LEU C 3644 -40.39 83.54 56.86
C LEU C 3644 -39.14 84.38 56.97
N PRO C 3645 -38.38 84.20 58.06
CA PRO C 3645 -37.09 84.89 58.20
C PRO C 3645 -36.38 85.05 56.87
N THR C 3646 -35.71 86.18 56.71
CA THR C 3646 -35.18 86.56 55.40
C THR C 3646 -33.98 85.70 55.00
N HIS C 3647 -33.12 85.36 55.97
CA HIS C 3647 -31.88 84.67 55.63
C HIS C 3647 -32.15 83.25 55.14
N ARG C 3648 -33.08 82.54 55.75
CA ARG C 3648 -33.42 81.19 55.29
C ARG C 3648 -33.96 81.24 53.87
N ALA C 3649 -34.84 82.20 53.59
CA ALA C 3649 -35.40 82.34 52.25
C ALA C 3649 -34.31 82.69 51.24
N CYS C 3650 -33.37 83.54 51.64
CA CYS C 3650 -32.26 83.89 50.76
C CYS C 3650 -31.41 82.67 50.45
N ASN C 3651 -31.13 81.84 51.46
CA ASN C 3651 -30.38 80.62 51.23
C ASN C 3651 -31.12 79.68 50.29
N MET C 3652 -32.44 79.53 50.51
CA MET C 3652 -33.23 78.66 49.64
C MET C 3652 -33.20 79.16 48.20
N PHE C 3653 -33.40 80.47 48.01
CA PHE C 3653 -33.36 81.03 46.66
C PHE C 3653 -31.98 80.92 46.03
N LEU C 3654 -30.92 80.97 46.85
CA LEU C 3654 -29.59 80.61 46.34
C LEU C 3654 -29.61 79.19 45.81
N GLU C 3655 -30.11 78.24 46.60
CA GLU C 3655 -30.25 76.87 46.12
C GLU C 3655 -31.26 76.78 44.98
N SER C 3656 -32.41 77.44 45.12
CA SER C 3656 -33.49 77.33 44.16
C SER C 3656 -33.29 78.20 42.94
N TYR C 3657 -32.07 78.66 42.65
CA TYR C 3657 -31.81 79.52 41.49
C TYR C 3657 -31.43 78.68 40.27
N LYS C 3658 -32.01 77.48 40.16
CA LYS C 3658 -31.58 76.50 39.17
C LYS C 3658 -31.69 77.04 37.74
N ALA C 3659 -32.80 77.70 37.42
CA ALA C 3659 -33.12 77.99 36.03
C ALA C 3659 -32.04 78.83 35.36
N ALA C 3660 -31.55 79.87 36.04
CA ALA C 3660 -30.57 80.77 35.46
C ALA C 3660 -29.20 80.64 36.13
N TRP C 3661 -28.84 79.43 36.56
CA TRP C 3661 -27.48 79.17 37.02
C TRP C 3661 -26.54 79.09 35.82
N ILE C 3662 -25.29 78.70 36.09
CA ILE C 3662 -24.30 78.49 35.03
C ILE C 3662 -24.70 77.35 34.12
N LEU C 3663 -25.74 76.60 34.47
CA LEU C 3663 -26.16 75.46 33.66
C LEU C 3663 -26.78 75.96 32.37
N THR C 3664 -25.95 76.54 31.50
CA THR C 3664 -26.37 77.12 30.23
C THR C 3664 -25.43 76.66 29.14
N GLU C 3665 -25.84 76.88 27.90
CA GLU C 3665 -25.04 76.50 26.73
C GLU C 3665 -23.89 77.50 26.58
N ASP C 3666 -22.85 77.30 27.37
CA ASP C 3666 -21.68 78.17 27.32
C ASP C 3666 -20.74 77.78 26.19
N HIS C 3667 -20.14 76.59 26.30
CA HIS C 3667 -19.18 76.06 25.31
C HIS C 3667 -18.12 77.08 24.91
N SER C 3668 -17.80 78.02 25.80
CA SER C 3668 -16.89 79.10 25.44
C SER C 3668 -15.43 78.74 25.68
N PHE C 3669 -15.14 77.64 26.36
CA PHE C 3669 -13.77 77.28 26.71
C PHE C 3669 -13.43 75.87 26.26
N GLU C 3670 -14.05 75.42 25.17
CA GLU C 3670 -13.84 74.07 24.68
C GLU C 3670 -13.13 74.05 23.33
N ASP C 3671 -13.63 74.80 22.35
CA ASP C 3671 -12.98 74.83 21.06
C ASP C 3671 -11.85 75.84 21.01
N ARG C 3672 -12.16 77.11 21.28
CA ARG C 3672 -11.15 78.16 21.18
C ARG C 3672 -10.10 78.09 22.29
N MET C 3673 -10.48 77.61 23.49
CA MET C 3673 -9.50 77.48 24.56
C MET C 3673 -8.45 76.42 24.23
N ILE C 3674 -8.72 75.56 23.23
CA ILE C 3674 -7.70 74.62 22.78
C ILE C 3674 -7.04 75.13 21.52
N ASP C 3675 -7.80 75.82 20.66
CA ASP C 3675 -7.24 76.36 19.44
C ASP C 3675 -6.14 77.37 19.74
N ASP C 3676 -6.37 78.25 20.70
CA ASP C 3676 -5.35 79.22 21.07
C ASP C 3676 -4.18 78.56 21.80
N LEU C 3677 -4.39 77.43 22.46
CA LEU C 3677 -3.31 76.72 23.13
C LEU C 3677 -2.41 75.97 22.16
N SER C 3678 -2.97 75.43 21.08
CA SER C 3678 -2.19 74.65 20.13
C SER C 3678 -1.28 75.50 19.25
N LYS C 3679 -1.73 76.68 18.85
CA LYS C 3679 -0.94 77.52 17.95
C LYS C 3679 -0.09 78.56 18.67
N ALA C 3680 -0.21 78.67 19.99
CA ALA C 3680 0.55 79.68 20.72
C ALA C 3680 2.05 79.44 20.61
N GLY C 3681 2.48 78.19 20.73
CA GLY C 3681 3.87 77.86 20.50
C GLY C 3681 4.26 77.86 19.04
N GLU C 3682 3.27 77.88 18.14
CA GLU C 3682 3.51 77.95 16.71
C GLU C 3682 3.54 79.38 16.19
N GLN C 3683 3.90 80.33 17.04
CA GLN C 3683 3.97 81.73 16.62
C GLN C 3683 5.10 81.92 15.61
N GLU C 3684 4.82 82.71 14.56
CA GLU C 3684 5.82 82.94 13.53
C GLU C 3684 7.03 83.67 14.10
N GLU C 3685 6.80 84.66 14.97
CA GLU C 3685 7.92 85.35 15.60
C GLU C 3685 8.71 84.43 16.50
N GLU C 3686 8.07 83.40 17.04
CA GLU C 3686 8.75 82.41 17.88
C GLU C 3686 9.31 81.26 17.04
N GLU C 3687 10.06 81.61 16.00
CA GLU C 3687 10.65 80.60 15.12
C GLU C 3687 11.85 81.23 14.42
N GLU C 3688 13.05 80.82 14.80
CA GLU C 3688 14.27 81.36 14.17
C GLU C 3688 15.33 80.25 14.18
N GLU C 3689 15.39 79.52 13.08
CA GLU C 3689 16.41 78.48 12.86
C GLU C 3689 16.47 77.51 14.04
N VAL C 3690 15.30 77.00 14.41
CA VAL C 3690 15.21 76.07 15.55
C VAL C 3690 15.96 74.78 15.24
N GLU C 3691 15.76 74.23 14.03
CA GLU C 3691 16.37 72.97 13.61
C GLU C 3691 16.02 71.83 14.56
N GLU C 3692 14.85 71.91 15.19
CA GLU C 3692 14.38 70.90 16.12
C GLU C 3692 12.88 71.10 16.29
N LYS C 3693 12.28 70.39 17.24
CA LYS C 3693 10.84 70.48 17.50
C LYS C 3693 10.63 70.46 19.02
N LYS C 3694 10.62 71.64 19.62
CA LYS C 3694 10.28 71.74 21.03
C LYS C 3694 8.80 71.47 21.23
N PRO C 3695 8.41 70.90 22.36
CA PRO C 3695 7.00 70.54 22.56
C PRO C 3695 6.09 71.76 22.55
N ASP C 3696 4.88 71.55 22.04
CA ASP C 3696 3.86 72.57 22.08
C ASP C 3696 3.37 72.76 23.51
N PRO C 3697 2.77 73.92 23.82
CA PRO C 3697 2.24 74.11 25.18
C PRO C 3697 1.26 73.04 25.60
N LEU C 3698 0.38 72.61 24.70
CA LEU C 3698 -0.47 71.47 24.97
C LEU C 3698 0.35 70.19 25.08
N HIS C 3699 1.36 70.06 24.23
CA HIS C 3699 2.20 68.87 24.26
C HIS C 3699 2.96 68.78 25.58
N GLN C 3700 3.44 69.91 26.11
CA GLN C 3700 4.13 69.89 27.39
C GLN C 3700 3.19 69.43 28.51
N LEU C 3701 1.94 69.88 28.48
CA LEU C 3701 1.00 69.49 29.55
C LEU C 3701 0.67 68.00 29.45
N VAL C 3702 0.42 67.50 28.25
CA VAL C 3702 0.13 66.07 28.14
C VAL C 3702 1.36 65.25 28.52
N LEU C 3703 2.56 65.75 28.20
CA LEU C 3703 3.77 65.08 28.67
C LEU C 3703 3.89 65.13 30.18
N HIS C 3704 3.44 66.22 30.80
CA HIS C 3704 3.48 66.31 32.26
C HIS C 3704 2.60 65.25 32.89
N PHE C 3705 1.38 65.08 32.38
CA PHE C 3705 0.53 64.00 32.88
C PHE C 3705 1.14 62.63 32.61
N SER C 3706 1.76 62.46 31.44
CA SER C 3706 2.40 61.17 31.14
C SER C 3706 3.50 60.87 32.14
N ARG C 3707 4.33 61.87 32.46
CA ARG C 3707 5.40 61.68 33.43
C ARG C 3707 4.84 61.39 34.82
N THR C 3708 3.78 62.10 35.21
CA THR C 3708 3.14 61.83 36.48
C THR C 3708 2.60 60.41 36.54
N ALA C 3709 2.18 59.87 35.41
CA ALA C 3709 1.63 58.52 35.38
C ALA C 3709 2.64 57.45 35.77
N LEU C 3710 3.93 57.73 35.68
CA LEU C 3710 4.94 56.71 35.90
C LEU C 3710 5.41 56.60 37.34
N THR C 3711 4.94 57.47 38.23
CA THR C 3711 5.30 57.40 39.64
C THR C 3711 4.44 56.32 40.29
N GLU C 3712 5.02 55.15 40.51
CA GLU C 3712 4.26 54.03 41.04
C GLU C 3712 3.85 54.28 42.48
N LYS C 3713 2.61 53.92 42.80
CA LYS C 3713 2.05 54.11 44.13
C LYS C 3713 0.96 53.08 44.33
N SER C 3714 0.61 52.83 45.60
CA SER C 3714 -0.46 51.89 45.92
C SER C 3714 -1.79 52.38 45.35
N LYS C 3715 -2.15 53.64 45.62
CA LYS C 3715 -3.40 54.20 45.12
C LYS C 3715 -3.13 55.43 44.28
N LEU C 3716 -4.19 56.14 43.89
CA LEU C 3716 -4.05 57.34 43.08
C LEU C 3716 -4.93 58.44 43.66
N ASP C 3717 -4.43 59.67 43.59
CA ASP C 3717 -5.15 60.82 44.13
C ASP C 3717 -6.27 61.24 43.17
N GLU C 3718 -7.14 62.13 43.66
CA GLU C 3718 -8.28 62.57 42.86
C GLU C 3718 -7.80 63.40 41.66
N ASP C 3719 -6.97 64.40 41.90
CA ASP C 3719 -6.41 65.25 40.85
C ASP C 3719 -7.51 65.89 39.99
N TYR C 3720 -8.28 66.77 40.64
CA TYR C 3720 -9.35 67.46 39.94
C TYR C 3720 -8.85 68.20 38.70
N LEU C 3721 -7.59 68.67 38.74
CA LEU C 3721 -7.02 69.31 37.56
C LEU C 3721 -6.97 68.34 36.39
N TYR C 3722 -6.59 67.10 36.63
CA TYR C 3722 -6.64 66.09 35.58
C TYR C 3722 -8.06 65.87 35.10
N MET C 3723 -9.02 65.87 36.03
CA MET C 3723 -10.43 65.72 35.65
C MET C 3723 -10.86 66.78 34.66
N ALA C 3724 -10.59 68.05 34.97
CA ALA C 3724 -11.07 69.13 34.12
C ALA C 3724 -10.46 69.06 32.73
N TYR C 3725 -9.15 68.80 32.66
CA TYR C 3725 -8.50 68.77 31.35
C TYR C 3725 -8.91 67.56 30.54
N ALA C 3726 -9.11 66.40 31.18
CA ALA C 3726 -9.62 65.25 30.44
C ALA C 3726 -11.01 65.53 29.90
N ASP C 3727 -11.85 66.18 30.71
CA ASP C 3727 -13.19 66.52 30.24
C ASP C 3727 -13.13 67.48 29.06
N ILE C 3728 -12.23 68.47 29.12
CA ILE C 3728 -12.09 69.41 28.01
C ILE C 3728 -11.59 68.71 26.76
N MET C 3729 -10.63 67.78 26.91
CA MET C 3729 -10.15 67.01 25.77
C MET C 3729 -11.28 66.21 25.13
N ALA C 3730 -12.12 65.59 25.95
CA ALA C 3730 -13.24 64.83 25.41
C ALA C 3730 -14.23 65.74 24.70
N LYS C 3731 -14.60 66.86 25.33
CA LYS C 3731 -15.57 67.76 24.74
C LYS C 3731 -15.07 68.42 23.46
N SER C 3732 -13.75 68.58 23.30
CA SER C 3732 -13.22 69.15 22.07
C SER C 3732 -13.67 68.35 20.85
N CYS C 3733 -13.52 67.02 20.90
CA CYS C 3733 -14.00 66.18 19.82
C CYS C 3733 -15.51 65.99 19.86
N HIS C 3734 -16.09 65.94 21.07
CA HIS C 3734 -17.53 65.72 21.19
C HIS C 3734 -18.36 66.87 20.63
N LEU C 3735 -17.82 68.09 20.57
CA LEU C 3735 -18.58 69.20 20.01
C LEU C 3735 -18.95 68.94 18.56
N GLU C 3736 -17.98 68.48 17.77
CA GLU C 3736 -18.27 68.07 16.40
C GLU C 3736 -18.93 66.69 16.32
N GLU C 3737 -18.58 65.78 17.23
CA GLU C 3737 -19.25 64.48 17.26
C GLU C 3737 -20.71 64.61 17.65
N GLY C 3738 -21.02 65.49 18.60
CA GLY C 3738 -22.40 65.69 19.02
C GLY C 3738 -23.19 66.44 17.96
N GLY C 3739 -24.47 66.06 17.83
CA GLY C 3739 -25.33 66.65 16.83
C GLY C 3739 -25.19 66.10 15.44
N GLU C 3740 -24.31 65.12 15.22
CA GLU C 3740 -24.08 64.54 13.91
C GLU C 3740 -24.59 63.11 13.80
N ASN C 3741 -25.37 62.65 14.78
CA ASN C 3741 -25.92 61.29 14.75
C ASN C 3741 -27.17 61.20 15.62
N GLU C 3747 -37.98 64.31 10.23
CA GLU C 3747 -37.88 62.92 10.67
C GLU C 3747 -37.12 62.07 9.66
N GLU C 3748 -37.13 62.51 8.40
CA GLU C 3748 -36.44 61.80 7.32
C GLU C 3748 -35.80 62.85 6.40
N VAL C 3749 -34.54 63.18 6.68
CA VAL C 3749 -33.77 64.13 5.88
C VAL C 3749 -32.49 63.43 5.42
N GLU C 3750 -32.24 63.45 4.12
CA GLU C 3750 -31.08 62.79 3.55
C GLU C 3750 -29.92 63.77 3.41
N VAL C 3751 -28.70 63.23 3.40
CA VAL C 3751 -27.48 64.01 3.37
C VAL C 3751 -26.66 63.57 2.16
N SER C 3752 -26.14 64.54 1.41
CA SER C 3752 -25.34 64.25 0.24
C SER C 3752 -23.98 63.69 0.63
N PHE C 3753 -23.29 63.13 -0.37
CA PHE C 3753 -21.94 62.60 -0.13
C PHE C 3753 -20.98 63.70 0.29
N GLU C 3754 -21.09 64.88 -0.34
CA GLU C 3754 -20.17 65.97 -0.04
C GLU C 3754 -20.28 66.42 1.41
N GLU C 3755 -21.51 66.56 1.91
CA GLU C 3755 -21.71 66.97 3.29
C GLU C 3755 -21.19 65.94 4.28
N LYS C 3756 -21.45 64.65 4.03
CA LYS C 3756 -20.90 63.61 4.91
C LYS C 3756 -19.38 63.62 4.88
N GLU C 3757 -18.78 63.78 3.70
CA GLU C 3757 -17.34 63.81 3.60
C GLU C 3757 -16.76 64.99 4.37
N MET C 3758 -17.34 66.17 4.23
CA MET C 3758 -16.79 67.34 4.91
C MET C 3758 -16.98 67.24 6.42
N GLU C 3759 -18.13 66.71 6.87
CA GLU C 3759 -18.32 66.57 8.31
C GLU C 3759 -17.44 65.49 8.90
N LYS C 3760 -17.08 64.46 8.13
CA LYS C 3760 -16.10 63.48 8.61
C LYS C 3760 -14.70 64.08 8.65
N GLN C 3761 -14.35 64.88 7.64
CA GLN C 3761 -13.05 65.52 7.63
C GLN C 3761 -12.90 66.50 8.79
N ARG C 3762 -13.98 67.21 9.13
CA ARG C 3762 -13.92 68.11 10.28
C ARG C 3762 -13.64 67.36 11.57
N LEU C 3763 -14.22 66.18 11.74
CA LEU C 3763 -13.91 65.38 12.93
C LEU C 3763 -12.46 64.91 12.90
N LEU C 3764 -12.04 64.31 11.78
CA LEU C 3764 -10.69 63.75 11.71
C LEU C 3764 -9.63 64.81 11.89
N TYR C 3765 -9.90 66.04 11.43
CA TYR C 3765 -8.99 67.13 11.72
C TYR C 3765 -8.92 67.40 13.22
N GLN C 3766 -10.05 67.29 13.93
CA GLN C 3766 -10.04 67.48 15.37
C GLN C 3766 -9.21 66.41 16.08
N GLN C 3767 -9.31 65.14 15.68
CA GLN C 3767 -8.41 64.16 16.29
C GLN C 3767 -6.95 64.43 15.92
N SER C 3768 -6.69 64.82 14.68
CA SER C 3768 -5.31 65.16 14.31
C SER C 3768 -4.78 66.32 15.14
N ARG C 3769 -5.68 67.21 15.58
CA ARG C 3769 -5.27 68.33 16.41
C ARG C 3769 -4.66 67.86 17.72
N LEU C 3770 -5.24 66.82 18.32
CA LEU C 3770 -4.87 66.41 19.67
C LEU C 3770 -3.57 65.60 19.70
N HIS C 3771 -2.78 65.65 18.63
CA HIS C 3771 -1.46 65.03 18.59
C HIS C 3771 -1.55 63.55 18.95
N THR C 3772 -2.23 62.82 18.07
CA THR C 3772 -2.54 61.41 18.30
C THR C 3772 -1.32 60.60 18.76
N ARG C 3773 -0.11 61.09 18.49
CA ARG C 3773 1.08 60.46 19.04
C ARG C 3773 1.10 60.52 20.56
N GLY C 3774 0.69 61.64 21.13
CA GLY C 3774 0.80 61.85 22.56
C GLY C 3774 -0.38 61.35 23.38
N ALA C 3775 -1.60 61.75 23.00
CA ALA C 3775 -2.77 61.47 23.82
C ALA C 3775 -3.02 59.97 23.97
N ALA C 3776 -2.79 59.21 22.89
CA ALA C 3776 -2.97 57.78 22.96
C ALA C 3776 -1.95 57.12 23.88
N GLU C 3777 -0.82 57.75 24.10
CA GLU C 3777 0.21 57.21 24.98
C GLU C 3777 -0.01 57.58 26.44
N MET C 3778 -0.96 58.46 26.73
CA MET C 3778 -1.33 58.80 28.10
C MET C 3778 -2.64 58.12 28.51
N VAL C 3779 -3.61 58.07 27.61
CA VAL C 3779 -4.87 57.41 27.94
C VAL C 3779 -4.64 55.92 28.17
N LEU C 3780 -3.71 55.32 27.45
CA LEU C 3780 -3.41 53.91 27.68
C LEU C 3780 -2.74 53.70 29.04
N GLN C 3781 -1.83 54.59 29.42
CA GLN C 3781 -1.11 54.41 30.67
C GLN C 3781 -1.99 54.73 31.88
N MET C 3782 -3.04 55.53 31.70
CA MET C 3782 -4.04 55.65 32.75
C MET C 3782 -4.65 54.30 33.09
N ILE C 3783 -4.89 53.45 32.09
CA ILE C 3783 -5.51 52.16 32.33
C ILE C 3783 -4.59 51.27 33.16
N SER C 3784 -3.30 51.27 32.85
CA SER C 3784 -2.34 50.47 33.60
C SER C 3784 -2.13 50.98 35.02
N ALA C 3785 -2.68 52.15 35.35
CA ALA C 3785 -2.64 52.69 36.70
C ALA C 3785 -3.70 52.00 37.54
N CYS C 3786 -4.02 52.59 38.69
CA CYS C 3786 -5.00 52.04 39.64
C CYS C 3786 -6.17 51.38 38.91
N LYS C 3787 -6.44 50.13 39.27
CA LYS C 3787 -7.28 49.27 38.46
C LYS C 3787 -8.43 48.66 39.27
N GLY C 3788 -8.15 48.27 40.52
CA GLY C 3788 -9.15 47.56 41.29
C GLY C 3788 -10.38 48.40 41.56
N GLU C 3789 -10.19 49.66 41.95
CA GLU C 3789 -11.31 50.51 42.33
C GLU C 3789 -11.99 51.09 41.08
N THR C 3790 -13.26 51.44 41.25
CA THR C 3790 -14.01 52.11 40.20
C THR C 3790 -13.97 53.63 40.42
N GLY C 3791 -12.74 54.14 40.49
CA GLY C 3791 -12.56 55.56 40.73
C GLY C 3791 -12.96 56.41 39.55
N ALA C 3792 -13.11 57.70 39.81
CA ALA C 3792 -13.48 58.63 38.75
C ALA C 3792 -12.40 58.79 37.70
N MET C 3793 -11.16 58.40 38.00
CA MET C 3793 -10.10 58.42 36.99
C MET C 3793 -10.48 57.56 35.80
N VAL C 3794 -10.95 56.34 36.05
CA VAL C 3794 -11.31 55.44 34.95
C VAL C 3794 -12.49 56.01 34.16
N SER C 3795 -13.47 56.55 34.86
CA SER C 3795 -14.63 57.13 34.20
C SER C 3795 -14.25 58.31 33.31
N SER C 3796 -13.37 59.19 33.78
CA SER C 3796 -12.95 60.33 32.98
C SER C 3796 -11.89 59.99 31.96
N THR C 3797 -11.30 58.80 32.04
CA THR C 3797 -10.32 58.35 31.06
C THR C 3797 -10.96 57.63 29.88
N LEU C 3798 -11.91 56.74 30.13
CA LEU C 3798 -12.56 56.05 29.03
C LEU C 3798 -13.37 57.00 28.17
N LYS C 3799 -13.90 58.07 28.76
CA LYS C 3799 -14.60 59.06 27.94
C LYS C 3799 -13.68 59.72 26.94
N LEU C 3800 -12.48 60.11 27.37
CA LEU C 3800 -11.50 60.64 26.43
C LEU C 3800 -11.10 59.58 25.40
N GLY C 3801 -10.90 58.34 25.86
CA GLY C 3801 -10.50 57.28 24.94
C GLY C 3801 -11.52 57.06 23.83
N ILE C 3802 -12.81 57.04 24.16
CA ILE C 3802 -13.82 56.87 23.15
C ILE C 3802 -13.97 58.13 22.30
N SER C 3803 -13.77 59.30 22.89
CA SER C 3803 -13.85 60.53 22.12
C SER C 3803 -12.72 60.64 21.10
N ILE C 3804 -11.58 59.99 21.34
CA ILE C 3804 -10.48 60.00 20.40
C ILE C 3804 -10.82 59.15 19.19
N LEU C 3805 -11.07 57.87 19.42
CA LEU C 3805 -11.27 56.90 18.35
C LEU C 3805 -12.74 56.61 18.10
N ASN C 3806 -13.58 57.64 18.23
CA ASN C 3806 -15.01 57.51 18.01
C ASN C 3806 -15.32 56.94 16.63
N GLY C 3807 -15.02 57.69 15.59
CA GLY C 3807 -15.37 57.27 14.25
C GLY C 3807 -14.30 56.47 13.54
N GLY C 3808 -13.96 55.30 14.07
CA GLY C 3808 -12.97 54.47 13.42
C GLY C 3808 -11.56 54.83 13.84
N ASN C 3809 -10.88 55.63 13.01
CA ASN C 3809 -9.52 56.12 13.30
C ASN C 3809 -8.55 54.96 13.51
N ALA C 3810 -8.35 54.21 12.43
CA ALA C 3810 -7.39 53.11 12.47
C ALA C 3810 -5.98 53.58 12.77
N GLU C 3811 -5.71 54.88 12.59
CA GLU C 3811 -4.38 55.41 12.88
C GLU C 3811 -4.04 55.26 14.36
N VAL C 3812 -4.93 55.71 15.25
CA VAL C 3812 -4.66 55.61 16.68
C VAL C 3812 -4.68 54.15 17.12
N GLN C 3813 -5.50 53.32 16.47
CA GLN C 3813 -5.45 51.90 16.75
C GLN C 3813 -4.07 51.33 16.46
N GLN C 3814 -3.46 51.76 15.35
CA GLN C 3814 -2.11 51.30 15.03
C GLN C 3814 -1.12 51.70 16.11
N LYS C 3815 -1.19 52.96 16.58
CA LYS C 3815 -0.27 53.42 17.60
C LYS C 3815 -0.45 52.64 18.90
N MET C 3816 -1.69 52.44 19.33
CA MET C 3816 -1.93 51.73 20.58
C MET C 3816 -1.47 50.28 20.48
N LEU C 3817 -1.78 49.61 19.37
CA LEU C 3817 -1.36 48.22 19.22
C LEU C 3817 0.15 48.10 19.19
N ASP C 3818 0.83 49.01 18.48
CA ASP C 3818 2.29 48.99 18.45
C ASP C 3818 2.87 49.24 19.83
N TYR C 3819 2.31 50.18 20.58
CA TYR C 3819 2.81 50.46 21.92
C TYR C 3819 2.66 49.26 22.83
N LEU C 3820 1.51 48.60 22.78
CA LEU C 3820 1.31 47.41 23.62
C LEU C 3820 2.25 46.28 23.21
N LYS C 3821 2.41 46.06 21.89
CA LYS C 3821 3.29 44.99 21.45
C LYS C 3821 4.76 45.30 21.66
N ASP C 3822 5.13 46.57 21.86
CA ASP C 3822 6.52 46.92 22.09
C ASP C 3822 6.86 46.94 23.58
N LYS C 3823 6.01 47.57 24.39
CA LYS C 3823 6.30 47.69 25.81
C LYS C 3823 6.33 46.33 26.49
N LYS C 3824 5.42 45.42 26.11
CA LYS C 3824 5.46 44.01 26.51
C LYS C 3824 5.39 43.85 28.02
N GLU C 3825 4.26 44.23 28.60
CA GLU C 3825 4.01 43.95 30.01
C GLU C 3825 2.53 43.70 30.24
N VAL C 3826 2.24 42.97 31.32
CA VAL C 3826 0.87 42.82 31.82
C VAL C 3826 0.54 44.06 32.65
N GLY C 3827 -0.72 44.20 33.02
CA GLY C 3827 -1.19 45.36 33.75
C GLY C 3827 -2.30 46.11 33.06
N PHE C 3828 -2.70 45.67 31.86
CA PHE C 3828 -3.80 46.27 31.12
C PHE C 3828 -4.99 45.33 31.00
N PHE C 3829 -4.77 44.13 30.48
CA PHE C 3829 -5.85 43.16 30.37
C PHE C 3829 -6.34 42.71 31.74
N GLN C 3830 -5.41 42.44 32.66
CA GLN C 3830 -5.81 42.08 34.02
C GLN C 3830 -6.50 43.25 34.71
N SER C 3831 -6.14 44.48 34.34
CA SER C 3831 -6.83 45.64 34.91
C SER C 3831 -8.26 45.72 34.41
N ILE C 3832 -8.46 45.58 33.10
CA ILE C 3832 -9.80 45.73 32.55
C ILE C 3832 -10.69 44.57 32.97
N GLN C 3833 -10.14 43.35 33.06
CA GLN C 3833 -10.95 42.24 33.53
C GLN C 3833 -11.34 42.42 35.00
N ALA C 3834 -10.42 42.94 35.82
CA ALA C 3834 -10.79 43.25 37.19
C ALA C 3834 -11.88 44.29 37.24
N LEU C 3835 -11.81 45.29 36.35
CA LEU C 3835 -12.85 46.31 36.30
C LEU C 3835 -14.20 45.70 35.92
N MET C 3836 -14.24 44.88 34.88
CA MET C 3836 -15.53 44.41 34.38
C MET C 3836 -16.11 43.32 35.28
N GLN C 3837 -15.27 42.64 36.06
CA GLN C 3837 -15.80 41.76 37.09
C GLN C 3837 -16.64 42.53 38.10
N THR C 3838 -16.28 43.79 38.35
CA THR C 3838 -17.07 44.65 39.23
C THR C 3838 -18.14 45.39 38.41
N CYS C 3839 -19.16 44.63 38.03
CA CYS C 3839 -20.29 45.16 37.28
C CYS C 3839 -21.56 44.52 37.80
N SER C 3840 -22.45 45.34 38.35
CA SER C 3840 -23.66 44.84 38.97
C SER C 3840 -24.71 44.45 37.93
N VAL C 3841 -25.73 43.75 38.40
CA VAL C 3841 -26.87 43.34 37.59
C VAL C 3841 -28.14 43.75 38.32
N LEU C 3842 -29.28 43.38 37.76
CA LEU C 3842 -30.55 43.63 38.42
C LEU C 3842 -30.64 42.83 39.71
N ASP C 3843 -30.95 43.50 40.81
CA ASP C 3843 -31.10 42.87 42.11
C ASP C 3843 -32.56 42.86 42.51
N LEU C 3844 -33.10 41.66 42.74
CA LEU C 3844 -34.46 41.55 43.27
C LEU C 3844 -34.54 42.11 44.68
N ASN C 3845 -33.50 41.90 45.49
CA ASN C 3845 -33.51 42.41 46.85
C ASN C 3845 -33.52 43.93 46.87
N ALA C 3846 -32.63 44.55 46.09
CA ALA C 3846 -32.64 46.01 46.00
C ALA C 3846 -33.92 46.50 45.35
N PHE C 3847 -34.48 45.72 44.44
CA PHE C 3847 -35.77 46.05 43.86
C PHE C 3847 -36.83 46.18 44.95
N GLU C 3848 -36.89 45.19 45.84
CA GLU C 3848 -37.85 45.24 46.94
C GLU C 3848 -37.54 46.36 47.91
N ARG C 3849 -36.25 46.62 48.14
CA ARG C 3849 -35.87 47.72 49.03
C ARG C 3849 -36.37 49.05 48.50
N GLN C 3850 -36.17 49.31 47.21
CA GLN C 3850 -36.63 50.59 46.67
C GLN C 3850 -38.15 50.62 46.57
N ASN C 3851 -38.80 49.46 46.38
CA ASN C 3851 -40.26 49.44 46.42
C ASN C 3851 -40.78 49.83 47.79
N LYS C 3852 -40.24 49.24 48.85
CA LYS C 3852 -40.70 49.58 50.18
C LYS C 3852 -40.31 50.99 50.57
N ALA C 3853 -39.22 51.51 49.99
CA ALA C 3853 -38.88 52.92 50.21
C ALA C 3853 -39.87 53.84 49.51
N GLU C 3854 -40.21 53.56 48.26
CA GLU C 3854 -41.22 54.35 47.55
C GLU C 3854 -42.59 54.24 48.21
N GLY C 3855 -42.86 53.13 48.90
CA GLY C 3855 -44.07 53.05 49.70
C GLY C 3855 -44.10 53.97 50.89
N LEU C 3856 -42.96 54.60 51.21
CA LEU C 3856 -42.85 55.57 52.30
C LEU C 3856 -42.78 57.00 51.79
N GLY C 3857 -43.54 57.32 50.75
CA GLY C 3857 -43.50 58.62 50.10
C GLY C 3857 -44.27 59.71 50.80
N MET C 3858 -44.68 59.50 52.05
CA MET C 3858 -45.46 60.48 52.80
C MET C 3858 -44.58 61.39 53.65
N VAL C 3859 -43.36 61.68 53.21
CA VAL C 3859 -42.43 62.54 53.94
C VAL C 3859 -42.99 63.96 53.99
N ASN C 3860 -42.43 64.78 54.89
CA ASN C 3860 -42.90 66.14 55.07
C ASN C 3860 -42.53 67.00 53.86
N GLY C 3863 -39.15 67.21 51.60
CA GLY C 3863 -38.46 66.01 52.05
C GLY C 3863 -38.89 64.77 51.32
N THR C 3864 -39.81 64.93 50.36
CA THR C 3864 -40.30 63.82 49.56
C THR C 3864 -39.46 63.58 48.31
N VAL C 3865 -38.45 64.41 48.06
CA VAL C 3865 -37.59 64.26 46.90
C VAL C 3865 -36.18 63.86 47.32
N ILE C 3866 -36.02 63.31 48.52
CA ILE C 3866 -34.70 62.86 48.96
C ILE C 3866 -34.21 61.72 48.10
N ASN C 3867 -35.09 60.77 47.78
CA ASN C 3867 -34.77 59.65 46.91
C ASN C 3867 -35.83 59.52 45.81
N ARG C 3868 -36.24 60.65 45.25
CA ARG C 3868 -37.26 60.65 44.19
C ARG C 3868 -36.77 59.89 42.96
N GLN C 3869 -35.53 60.15 42.54
CA GLN C 3869 -34.99 59.44 41.38
C GLN C 3869 -34.43 58.08 41.79
N ASN C 3870 -33.41 58.08 42.65
CA ASN C 3870 -32.79 56.86 43.17
C ASN C 3870 -32.33 55.95 42.03
N GLY C 3871 -31.82 56.54 40.96
CA GLY C 3871 -31.35 55.75 39.84
C GLY C 3871 -30.09 54.97 40.12
N GLU C 3872 -29.28 55.42 41.07
CA GLU C 3872 -28.06 54.72 41.47
C GLU C 3872 -28.29 53.82 42.67
N LYS C 3873 -29.52 53.32 42.83
CA LYS C 3873 -29.88 52.47 43.95
C LYS C 3873 -29.87 50.99 43.60
N VAL C 3874 -30.20 50.64 42.36
CA VAL C 3874 -30.20 49.24 41.93
C VAL C 3874 -29.02 48.93 41.02
N MET C 3875 -28.77 49.80 40.04
CA MET C 3875 -27.70 49.59 39.07
C MET C 3875 -26.45 50.39 39.40
N ALA C 3876 -26.57 51.72 39.45
CA ALA C 3876 -25.47 52.62 39.80
C ALA C 3876 -24.22 52.39 38.94
N ASP C 3877 -24.38 51.73 37.79
CA ASP C 3877 -23.25 51.37 36.95
C ASP C 3877 -23.48 51.61 35.46
N ASP C 3878 -24.69 51.99 35.05
CA ASP C 3878 -25.00 52.06 33.62
C ASP C 3878 -24.05 52.98 32.88
N GLU C 3879 -23.90 54.22 33.36
CA GLU C 3879 -23.04 55.19 32.70
C GLU C 3879 -21.59 54.75 32.63
N PHE C 3880 -21.20 53.79 33.46
CA PHE C 3880 -19.85 53.23 33.41
C PHE C 3880 -19.81 51.89 32.69
N THR C 3881 -20.78 51.01 32.94
CA THR C 3881 -20.72 49.68 32.33
C THR C 3881 -20.97 49.73 30.83
N GLN C 3882 -21.87 50.61 30.36
CA GLN C 3882 -22.06 50.72 28.92
C GLN C 3882 -20.83 51.32 28.27
N ASP C 3883 -20.21 52.30 28.93
CA ASP C 3883 -19.02 52.95 28.38
C ASP C 3883 -17.85 51.97 28.29
N LEU C 3884 -17.71 51.09 29.29
CA LEU C 3884 -16.60 50.16 29.30
C LEU C 3884 -16.62 49.26 28.08
N PHE C 3885 -17.79 48.75 27.72
CA PHE C 3885 -17.89 47.90 26.54
C PHE C 3885 -17.96 48.72 25.24
N ARG C 3886 -18.43 49.96 25.29
CA ARG C 3886 -18.36 50.82 24.12
C ARG C 3886 -16.91 51.06 23.72
N PHE C 3887 -16.03 51.26 24.70
CA PHE C 3887 -14.62 51.43 24.41
C PHE C 3887 -14.05 50.21 23.70
N LEU C 3888 -14.36 49.02 24.21
CA LEU C 3888 -13.87 47.80 23.56
C LEU C 3888 -14.44 47.65 22.16
N GLN C 3889 -15.72 47.97 21.98
CA GLN C 3889 -16.31 47.89 20.64
C GLN C 3889 -15.60 48.80 19.66
N LEU C 3890 -15.33 50.04 20.07
CA LEU C 3890 -14.70 50.99 19.17
C LEU C 3890 -13.20 50.76 19.01
N LEU C 3891 -12.57 49.97 19.90
CA LEU C 3891 -11.17 49.62 19.69
C LEU C 3891 -10.98 48.85 18.39
N CYS C 3892 -11.86 47.92 18.10
CA CYS C 3892 -11.72 47.07 16.92
C CYS C 3892 -12.94 47.21 16.01
N GLU C 3893 -13.42 48.44 15.83
CA GLU C 3893 -14.50 48.66 14.86
C GLU C 3893 -14.01 48.39 13.45
N GLY C 3894 -12.88 48.99 13.07
CA GLY C 3894 -12.23 48.60 11.84
C GLY C 3894 -11.78 47.16 11.93
N HIS C 3895 -12.09 46.35 10.92
CA HIS C 3895 -11.78 44.92 10.96
C HIS C 3895 -10.28 44.75 10.78
N ASN C 3896 -9.55 44.98 11.87
CA ASN C 3896 -8.10 44.94 11.83
C ASN C 3896 -7.58 43.54 11.60
N ASN C 3897 -8.32 42.52 12.03
CA ASN C 3897 -8.05 41.10 11.81
C ASN C 3897 -6.79 40.62 12.52
N ASP C 3898 -6.09 41.48 13.23
CA ASP C 3898 -4.96 41.09 14.06
C ASP C 3898 -5.07 41.64 15.47
N PHE C 3899 -5.73 42.79 15.63
CA PHE C 3899 -6.00 43.30 16.97
C PHE C 3899 -6.87 42.34 17.76
N GLN C 3900 -7.85 41.71 17.10
CA GLN C 3900 -8.63 40.68 17.75
C GLN C 3900 -7.76 39.50 18.16
N ASN C 3901 -6.81 39.13 17.31
CA ASN C 3901 -5.85 38.10 17.69
C ASN C 3901 -4.98 38.53 18.86
N TYR C 3902 -4.72 39.83 19.01
CA TYR C 3902 -4.02 40.32 20.19
C TYR C 3902 -4.89 40.27 21.44
N LEU C 3903 -6.20 40.45 21.29
CA LEU C 3903 -7.10 40.27 22.43
C LEU C 3903 -7.23 38.81 22.84
N ARG C 3904 -7.26 37.89 21.87
CA ARG C 3904 -7.40 36.48 22.22
C ARG C 3904 -6.19 35.98 22.99
N THR C 3905 -4.99 36.39 22.59
CA THR C 3905 -3.77 35.95 23.25
C THR C 3905 -2.72 37.05 23.13
N GLN C 3906 -1.77 37.02 24.05
CA GLN C 3906 -0.68 37.99 24.12
C GLN C 3906 0.63 37.23 24.03
N THR C 3907 1.09 36.98 22.80
CA THR C 3907 2.33 36.23 22.61
C THR C 3907 3.54 36.99 23.15
N GLY C 3908 3.58 38.31 22.95
CA GLY C 3908 4.68 39.08 23.49
C GLY C 3908 4.71 39.08 25.00
N ASN C 3909 3.54 39.17 25.63
CA ASN C 3909 3.46 39.11 27.08
C ASN C 3909 3.75 37.69 27.56
N THR C 3910 4.11 37.58 28.84
CA THR C 3910 4.45 36.30 29.43
C THR C 3910 3.24 35.48 29.84
N THR C 3911 2.05 36.08 29.87
CA THR C 3911 0.84 35.39 30.28
C THR C 3911 -0.26 35.61 29.24
N THR C 3912 -1.39 34.93 29.46
CA THR C 3912 -2.56 35.04 28.60
C THR C 3912 -3.78 35.32 29.46
N ILE C 3913 -4.65 36.22 28.97
CA ILE C 3913 -5.80 36.67 29.72
C ILE C 3913 -7.11 36.24 29.07
N ASN C 3914 -7.19 36.28 27.74
CA ASN C 3914 -8.35 35.84 26.98
C ASN C 3914 -9.61 36.63 27.39
N ILE C 3915 -9.56 37.92 27.06
CA ILE C 3915 -10.64 38.84 27.41
C ILE C 3915 -11.96 38.39 26.81
N ILE C 3916 -11.92 37.70 25.68
CA ILE C 3916 -13.16 37.31 24.99
C ILE C 3916 -14.01 36.43 25.90
N ILE C 3917 -13.39 35.44 26.53
CA ILE C 3917 -14.14 34.49 27.35
C ILE C 3917 -14.78 35.18 28.54
N CYS C 3918 -14.02 36.05 29.22
CA CYS C 3918 -14.59 36.72 30.39
C CYS C 3918 -15.68 37.72 29.99
N THR C 3919 -15.52 38.38 28.84
CA THR C 3919 -16.59 39.24 28.35
C THR C 3919 -17.86 38.44 28.09
N VAL C 3920 -17.72 37.25 27.51
CA VAL C 3920 -18.87 36.36 27.33
C VAL C 3920 -19.43 35.96 28.69
N ASP C 3921 -18.56 35.73 29.66
CA ASP C 3921 -18.97 35.30 30.98
C ASP C 3921 -19.80 36.37 31.68
N TYR C 3922 -19.49 37.65 31.43
CA TYR C 3922 -20.33 38.71 31.98
C TYR C 3922 -21.74 38.67 31.42
N LEU C 3923 -21.88 38.45 30.11
CA LEU C 3923 -23.19 38.25 29.53
C LEU C 3923 -23.89 37.05 30.16
N LEU C 3924 -23.14 35.97 30.36
CA LEU C 3924 -23.71 34.80 31.05
C LEU C 3924 -24.27 35.19 32.41
N ARG C 3925 -23.47 35.89 33.22
CA ARG C 3925 -23.89 36.27 34.56
C ARG C 3925 -25.11 37.17 34.57
N LEU C 3926 -25.19 38.14 33.67
CA LEU C 3926 -26.40 38.95 33.60
C LEU C 3926 -27.59 38.20 33.04
N GLN C 3927 -27.34 37.10 32.32
CA GLN C 3927 -28.45 36.35 31.74
C GLN C 3927 -29.40 35.81 32.80
N GLU C 3928 -28.86 35.13 33.82
CA GLU C 3928 -29.76 34.59 34.83
C GLU C 3928 -30.34 35.71 35.70
N SER C 3929 -29.64 36.85 35.80
CA SER C 3929 -30.25 37.99 36.48
C SER C 3929 -31.52 38.43 35.78
N ILE C 3930 -31.45 38.58 34.46
CA ILE C 3930 -32.64 38.94 33.69
C ILE C 3930 -33.69 37.83 33.79
N SER C 3931 -33.25 36.57 33.73
CA SER C 3931 -34.18 35.45 33.79
C SER C 3931 -34.93 35.41 35.11
N ASP C 3932 -34.22 35.65 36.21
CA ASP C 3932 -34.86 35.65 37.52
C ASP C 3932 -35.73 36.88 37.71
N PHE C 3933 -35.36 38.02 37.12
CA PHE C 3933 -36.27 39.16 37.15
C PHE C 3933 -37.57 38.85 36.42
N TYR C 3934 -37.48 38.12 35.30
CA TYR C 3934 -38.68 37.64 34.65
C TYR C 3934 -39.46 36.68 35.55
N TRP C 3935 -38.76 35.71 36.13
CA TRP C 3935 -39.42 34.69 36.94
C TRP C 3935 -40.11 35.28 38.16
N TYR C 3936 -39.62 36.40 38.68
CA TYR C 3936 -40.34 37.11 39.72
C TYR C 3936 -41.68 37.62 39.21
N TYR C 3937 -41.69 38.20 38.02
CA TYR C 3937 -42.91 38.77 37.46
C TYR C 3937 -43.81 37.74 36.79
N SER C 3938 -43.59 36.45 37.07
CA SER C 3938 -44.46 35.42 36.52
C SER C 3938 -45.87 35.49 37.10
N GLY C 3939 -46.06 36.20 38.21
CA GLY C 3939 -47.36 36.29 38.85
C GLY C 3939 -48.35 37.17 38.11
N LYS C 3940 -48.07 38.47 38.05
CA LYS C 3940 -48.98 39.42 37.44
C LYS C 3940 -48.52 39.78 36.04
N ASP C 3941 -49.48 40.25 35.23
CA ASP C 3941 -49.21 40.66 33.85
C ASP C 3941 -48.82 42.13 33.73
N VAL C 3942 -49.28 42.97 34.66
CA VAL C 3942 -48.97 44.39 34.60
C VAL C 3942 -47.58 44.65 35.15
N ILE C 3943 -46.85 45.55 34.51
CA ILE C 3943 -45.50 45.94 34.93
C ILE C 3943 -45.53 47.41 35.30
N GLU C 3944 -44.99 47.73 36.47
CA GLU C 3944 -45.05 49.10 36.97
C GLU C 3944 -44.19 50.03 36.12
N GLU C 3945 -44.49 51.33 36.24
CA GLU C 3945 -43.70 52.33 35.54
C GLU C 3945 -42.24 52.31 36.00
N GLN C 3946 -42.03 52.15 37.31
CA GLN C 3946 -40.66 52.02 37.81
C GLN C 3946 -40.01 50.74 37.31
N GLY C 3947 -40.80 49.66 37.16
CA GLY C 3947 -40.26 48.44 36.60
C GLY C 3947 -39.75 48.64 35.18
N LYS C 3948 -40.54 49.32 34.35
CA LYS C 3948 -40.08 49.63 33.00
C LYS C 3948 -38.87 50.57 33.03
N ARG C 3949 -38.88 51.52 33.96
CA ARG C 3949 -37.77 52.45 34.08
C ARG C 3949 -36.46 51.73 34.38
N ASN C 3950 -36.49 50.77 35.28
CA ASN C 3950 -35.31 50.01 35.66
C ASN C 3950 -35.01 48.87 34.68
N PHE C 3951 -35.96 48.47 33.84
CA PHE C 3951 -35.73 47.43 32.86
C PHE C 3951 -35.19 47.98 31.55
N SER C 3952 -35.53 49.22 31.21
CA SER C 3952 -34.94 49.86 30.04
C SER C 3952 -33.45 50.03 30.23
N LYS C 3953 -33.02 50.38 31.44
CA LYS C 3953 -31.59 50.47 31.73
C LYS C 3953 -30.92 49.12 31.55
N ALA C 3954 -31.58 48.05 32.00
CA ALA C 3954 -31.01 46.72 31.85
C ALA C 3954 -30.89 46.31 30.40
N MET C 3955 -31.90 46.62 29.58
CA MET C 3955 -31.86 46.19 28.18
C MET C 3955 -30.92 47.05 27.35
N SER C 3956 -30.75 48.33 27.68
CA SER C 3956 -29.85 49.18 26.91
C SER C 3956 -28.41 48.71 27.04
N VAL C 3957 -27.98 48.38 28.25
CA VAL C 3957 -26.61 47.90 28.43
C VAL C 3957 -26.44 46.52 27.80
N ALA C 3958 -27.49 45.71 27.79
CA ALA C 3958 -27.43 44.44 27.07
C ALA C 3958 -27.21 44.67 25.59
N LYS C 3959 -27.91 45.65 25.01
CA LYS C 3959 -27.70 46.00 23.61
C LYS C 3959 -26.28 46.50 23.37
N GLN C 3960 -25.75 47.30 24.30
CA GLN C 3960 -24.38 47.78 24.17
C GLN C 3960 -23.38 46.63 24.20
N VAL C 3961 -23.59 45.67 25.09
CA VAL C 3961 -22.76 44.48 25.15
C VAL C 3961 -22.84 43.71 23.85
N PHE C 3962 -24.05 43.61 23.29
CA PHE C 3962 -24.23 42.91 22.01
C PHE C 3962 -23.43 43.59 20.92
N ASN C 3963 -23.50 44.92 20.86
CA ASN C 3963 -22.77 45.67 19.85
C ASN C 3963 -21.26 45.50 20.03
N SER C 3964 -20.81 45.48 21.28
CA SER C 3964 -19.39 45.23 21.53
C SER C 3964 -18.98 43.84 21.07
N LEU C 3965 -19.84 42.85 21.30
CA LEU C 3965 -19.53 41.49 20.88
C LEU C 3965 -19.55 41.34 19.37
N THR C 3966 -20.26 42.22 18.66
CA THR C 3966 -20.33 42.11 17.20
C THR C 3966 -18.93 42.10 16.57
N GLU C 3967 -18.08 43.04 16.97
CA GLU C 3967 -16.85 43.29 16.23
C GLU C 3967 -15.85 42.14 16.31
N TYR C 3968 -15.99 41.23 17.27
CA TYR C 3968 -14.98 40.21 17.47
C TYR C 3968 -15.04 39.10 16.42
N ILE C 3969 -16.11 39.03 15.63
CA ILE C 3969 -16.26 37.92 14.69
C ILE C 3969 -16.23 38.41 13.25
N GLN C 3970 -16.66 39.66 13.02
CA GLN C 3970 -16.59 40.23 11.69
C GLN C 3970 -15.13 40.36 11.24
N GLY C 3971 -14.91 40.32 9.93
CA GLY C 3971 -13.57 40.22 9.43
C GLY C 3971 -13.02 38.84 9.73
N PRO C 3972 -13.53 37.83 9.01
CA PRO C 3972 -13.53 36.45 9.54
C PRO C 3972 -12.19 35.97 10.07
N CYS C 3973 -12.14 35.75 11.39
CA CYS C 3973 -10.99 35.14 12.05
C CYS C 3973 -11.44 33.79 12.56
N THR C 3974 -10.79 32.73 12.09
CA THR C 3974 -11.20 31.38 12.46
C THR C 3974 -11.00 31.13 13.95
N GLY C 3975 -9.93 31.63 14.54
CA GLY C 3975 -9.66 31.37 15.94
C GLY C 3975 -10.74 31.91 16.86
N ASN C 3976 -11.14 33.17 16.65
CA ASN C 3976 -12.16 33.76 17.51
C ASN C 3976 -13.50 33.06 17.35
N GLN C 3977 -13.90 32.75 16.11
CA GLN C 3977 -15.16 32.06 15.89
C GLN C 3977 -15.15 30.68 16.54
N GLN C 3978 -14.02 29.96 16.40
CA GLN C 3978 -13.91 28.65 17.05
C GLN C 3978 -13.97 28.77 18.56
N SER C 3979 -13.33 29.80 19.12
CA SER C 3979 -13.37 30.00 20.57
C SER C 3979 -14.79 30.27 21.04
N LEU C 3980 -15.53 31.11 20.30
CA LEU C 3980 -16.91 31.36 20.66
C LEU C 3980 -17.76 30.10 20.56
N ALA C 3981 -17.53 29.30 19.52
CA ALA C 3981 -18.30 28.07 19.35
C ALA C 3981 -18.03 27.09 20.48
N HIS C 3982 -16.76 26.88 20.82
CA HIS C 3982 -16.40 25.97 21.90
C HIS C 3982 -16.65 26.56 23.28
N SER C 3983 -16.98 27.85 23.37
CA SER C 3983 -17.29 28.48 24.64
C SER C 3983 -18.69 28.08 25.09
N ARG C 3984 -18.96 28.29 26.37
CA ARG C 3984 -20.28 28.04 26.93
C ARG C 3984 -21.22 29.23 26.71
N LEU C 3985 -21.43 29.56 25.44
CA LEU C 3985 -22.34 30.61 25.04
C LEU C 3985 -23.66 30.08 24.50
N TRP C 3986 -23.66 28.88 23.92
CA TRP C 3986 -24.87 28.32 23.34
C TRP C 3986 -25.95 28.14 24.41
N ASP C 3987 -25.55 27.71 25.60
CA ASP C 3987 -26.51 27.66 26.71
C ASP C 3987 -27.03 29.07 27.03
N ALA C 3988 -26.15 30.07 27.00
CA ALA C 3988 -26.58 31.44 27.29
C ALA C 3988 -27.58 31.94 26.26
N VAL C 3989 -27.35 31.68 24.98
CA VAL C 3989 -28.29 32.12 23.96
C VAL C 3989 -29.58 31.32 24.00
N VAL C 3990 -29.50 30.02 24.34
CA VAL C 3990 -30.72 29.23 24.51
C VAL C 3990 -31.56 29.79 25.65
N GLY C 3991 -30.89 30.15 26.75
CA GLY C 3991 -31.60 30.78 27.85
C GLY C 3991 -32.22 32.10 27.46
N PHE C 3992 -31.51 32.90 26.67
CA PHE C 3992 -32.07 34.17 26.21
C PHE C 3992 -33.29 33.95 25.33
N LEU C 3993 -33.22 32.96 24.44
CA LEU C 3993 -34.39 32.64 23.60
C LEU C 3993 -35.56 32.19 24.46
N HIS C 3994 -35.30 31.35 25.45
CA HIS C 3994 -36.37 30.91 26.34
C HIS C 3994 -36.97 32.08 27.11
N VAL C 3995 -36.13 33.01 27.59
CA VAL C 3995 -36.65 34.21 28.24
C VAL C 3995 -37.55 34.98 27.28
N PHE C 3996 -37.06 35.24 26.09
CA PHE C 3996 -37.85 35.95 25.09
C PHE C 3996 -39.09 35.22 24.69
N ALA C 3997 -39.20 33.92 24.96
CA ALA C 3997 -40.41 33.19 24.60
C ALA C 3997 -41.62 33.57 25.43
N HIS C 3998 -41.49 34.49 26.40
CA HIS C 3998 -42.60 34.81 27.28
C HIS C 3998 -43.11 36.23 27.11
N MET C 3999 -42.26 37.26 27.29
CA MET C 3999 -42.79 38.61 27.36
C MET C 3999 -43.27 39.10 26.01
N MET C 4000 -42.75 38.52 24.91
CA MET C 4000 -43.28 38.90 23.61
C MET C 4000 -44.73 38.44 23.45
N MET C 4001 -45.19 37.50 24.27
CA MET C 4001 -46.61 37.21 24.44
C MET C 4001 -47.21 37.96 25.61
N LYS C 4002 -46.53 37.93 26.76
CA LYS C 4002 -47.11 38.44 28.00
C LYS C 4002 -47.34 39.95 27.92
N LEU C 4003 -46.31 40.71 27.56
CA LEU C 4003 -46.43 42.15 27.43
C LEU C 4003 -47.30 42.56 26.26
N ALA C 4004 -47.56 41.65 25.31
CA ALA C 4004 -48.43 41.95 24.20
C ALA C 4004 -49.88 42.16 24.62
N GLN C 4005 -50.22 41.79 25.85
CA GLN C 4005 -51.58 41.94 26.37
C GLN C 4005 -51.83 43.32 26.96
N ASP C 4006 -51.04 44.32 26.59
CA ASP C 4006 -51.19 45.66 27.11
C ASP C 4006 -51.07 46.67 25.97
N SER C 4007 -51.66 47.84 26.17
CA SER C 4007 -51.64 48.91 25.19
C SER C 4007 -50.70 50.04 25.54
N SER C 4008 -50.33 50.19 26.81
CA SER C 4008 -49.43 51.25 27.23
C SER C 4008 -47.95 50.86 27.14
N GLN C 4009 -47.66 49.63 26.71
CA GLN C 4009 -46.29 49.15 26.61
C GLN C 4009 -45.77 49.15 25.19
N ILE C 4010 -46.44 49.86 24.28
CA ILE C 4010 -46.06 49.82 22.86
C ILE C 4010 -44.62 50.29 22.68
N GLU C 4011 -44.24 51.37 23.38
CA GLU C 4011 -42.86 51.83 23.30
C GLU C 4011 -41.89 50.79 23.84
N LEU C 4012 -42.23 50.15 24.96
CA LEU C 4012 -41.37 49.11 25.51
C LEU C 4012 -41.25 47.93 24.57
N LEU C 4013 -42.37 47.51 23.97
CA LEU C 4013 -42.34 46.40 23.02
C LEU C 4013 -41.47 46.73 21.81
N LYS C 4014 -41.66 47.92 21.24
CA LYS C 4014 -40.88 48.29 20.06
C LYS C 4014 -39.40 48.39 20.38
N GLU C 4015 -39.07 48.92 21.56
CA GLU C 4015 -37.67 48.99 21.98
C GLU C 4015 -37.09 47.60 22.19
N LEU C 4016 -37.88 46.69 22.76
CA LEU C 4016 -37.41 45.33 23.01
C LEU C 4016 -37.20 44.56 21.71
N LEU C 4017 -38.02 44.83 20.70
CA LEU C 4017 -37.95 44.03 19.48
C LEU C 4017 -36.66 44.23 18.70
N ASP C 4018 -35.82 45.20 18.99
CA ASP C 4018 -34.52 45.30 18.33
C ASP C 4018 -33.49 44.36 18.92
N LEU C 4019 -33.72 43.85 20.12
CA LEU C 4019 -32.70 43.07 20.82
C LEU C 4019 -32.44 41.74 20.12
N GLN C 4020 -33.50 41.02 19.76
CA GLN C 4020 -33.32 39.72 19.13
C GLN C 4020 -32.61 39.84 17.79
N LYS C 4021 -32.70 41.01 17.15
CA LYS C 4021 -31.90 41.23 15.96
C LYS C 4021 -30.42 41.17 16.29
N ASP C 4022 -30.04 41.66 17.48
CA ASP C 4022 -28.65 41.65 17.88
C ASP C 4022 -28.11 40.24 18.10
N MET C 4023 -28.98 39.25 18.29
CA MET C 4023 -28.51 37.87 18.39
C MET C 4023 -28.63 37.13 17.06
N VAL C 4024 -29.64 37.45 16.25
CA VAL C 4024 -29.69 36.84 14.93
C VAL C 4024 -28.52 37.30 14.07
N VAL C 4025 -28.05 38.54 14.24
CA VAL C 4025 -26.87 38.98 13.51
C VAL C 4025 -25.64 38.22 13.97
N MET C 4026 -25.56 37.87 15.27
CA MET C 4026 -24.49 37.00 15.72
C MET C 4026 -24.59 35.63 15.08
N LEU C 4027 -25.79 35.06 15.06
CA LEU C 4027 -25.96 33.71 14.53
C LEU C 4027 -25.61 33.64 13.07
N LEU C 4028 -26.01 34.64 12.29
CA LEU C 4028 -25.63 34.66 10.87
C LEU C 4028 -24.16 35.02 10.70
N SER C 4029 -23.62 35.82 11.63
CA SER C 4029 -22.26 36.34 11.47
C SER C 4029 -21.21 35.28 11.74
N LEU C 4030 -21.53 34.28 12.56
CA LEU C 4030 -20.57 33.21 12.78
C LEU C 4030 -20.36 32.35 11.53
N LEU C 4031 -21.29 32.40 10.58
CA LEU C 4031 -21.10 31.70 9.32
C LEU C 4031 -20.05 32.42 8.48
N GLU C 4032 -20.39 33.64 8.05
CA GLU C 4032 -19.48 34.58 7.40
C GLU C 4032 -18.51 33.86 6.45
N GLY C 4033 -19.10 33.16 5.49
CA GLY C 4033 -18.35 32.27 4.64
C GLY C 4033 -18.31 30.87 5.21
N ASN C 4034 -19.48 30.37 5.60
CA ASN C 4034 -19.57 29.08 6.25
C ASN C 4034 -19.24 27.95 5.29
N VAL C 4035 -18.43 27.00 5.76
CA VAL C 4035 -18.13 25.81 4.97
C VAL C 4035 -19.35 24.89 4.97
N VAL C 4036 -19.42 24.03 3.95
CA VAL C 4036 -20.56 23.11 3.82
C VAL C 4036 -20.66 22.19 5.03
N ASN C 4037 -19.53 21.64 5.47
CA ASN C 4037 -19.51 20.68 6.58
C ASN C 4037 -18.33 20.97 7.50
N GLY C 4038 -18.15 22.23 7.87
CA GLY C 4038 -17.03 22.63 8.70
C GLY C 4038 -17.24 22.40 10.19
N MET C 4039 -17.96 21.33 10.54
CA MET C 4039 -18.23 20.91 11.91
C MET C 4039 -18.93 21.98 12.73
N ILE C 4040 -19.36 23.08 12.11
CA ILE C 4040 -20.09 24.13 12.80
C ILE C 4040 -21.56 24.14 12.40
N ALA C 4041 -21.85 23.88 11.11
CA ALA C 4041 -23.22 23.86 10.64
C ALA C 4041 -24.08 22.89 11.43
N ARG C 4042 -23.51 21.75 11.84
CA ARG C 4042 -24.23 20.82 12.68
C ARG C 4042 -24.54 21.43 14.05
N GLN C 4043 -23.67 22.29 14.55
CA GLN C 4043 -23.79 22.84 15.88
C GLN C 4043 -24.96 23.82 16.02
N MET C 4044 -25.20 24.66 15.01
CA MET C 4044 -26.39 25.50 15.05
C MET C 4044 -27.66 24.68 15.01
N VAL C 4045 -27.67 23.60 14.22
CA VAL C 4045 -28.82 22.69 14.22
C VAL C 4045 -29.01 22.10 15.60
N ASP C 4046 -27.92 21.69 16.24
CA ASP C 4046 -28.01 21.09 17.58
C ASP C 4046 -28.59 22.09 18.58
N MET C 4047 -28.07 23.32 18.58
CA MET C 4047 -28.56 24.30 19.55
C MET C 4047 -30.01 24.71 19.26
N LEU C 4048 -30.41 24.71 17.98
CA LEU C 4048 -31.82 24.95 17.66
C LEU C 4048 -32.69 23.82 18.18
N VAL C 4049 -32.21 22.57 18.03
CA VAL C 4049 -32.96 21.42 18.54
C VAL C 4049 -33.12 21.52 20.05
N GLU C 4050 -32.06 21.95 20.75
CA GLU C 4050 -32.11 22.08 22.19
C GLU C 4050 -33.20 23.07 22.61
N SER C 4051 -33.32 24.18 21.89
CA SER C 4051 -34.31 25.21 22.18
C SER C 4051 -35.52 25.09 21.25
N SER C 4052 -35.65 23.96 20.56
CA SER C 4052 -36.79 23.76 19.66
C SER C 4052 -38.11 23.80 20.41
N SER C 4053 -38.10 23.59 21.73
CA SER C 4053 -39.30 23.73 22.53
C SER C 4053 -39.67 25.19 22.77
N ASN C 4054 -38.85 26.13 22.32
CA ASN C 4054 -39.13 27.54 22.49
C ASN C 4054 -39.32 28.29 21.17
N VAL C 4055 -38.63 27.88 20.11
CA VAL C 4055 -38.65 28.64 18.85
C VAL C 4055 -40.03 28.61 18.23
N GLU C 4056 -40.80 27.55 18.50
CA GLU C 4056 -42.08 27.38 17.81
C GLU C 4056 -43.10 28.44 18.20
N MET C 4057 -43.12 28.87 19.46
CA MET C 4057 -44.04 29.95 19.83
C MET C 4057 -43.72 31.22 19.06
N ILE C 4058 -42.43 31.56 18.96
CA ILE C 4058 -42.03 32.79 18.29
C ILE C 4058 -42.36 32.72 16.81
N LEU C 4059 -42.07 31.58 16.17
CA LEU C 4059 -42.32 31.48 14.74
C LEU C 4059 -43.81 31.43 14.45
N LYS C 4060 -44.63 30.85 15.34
CA LYS C 4060 -46.08 30.91 15.14
C LYS C 4060 -46.61 32.32 15.33
N PHE C 4061 -45.99 32.99 16.31
CA PHE C 4061 -46.34 34.35 16.60
C PHE C 4061 -45.71 35.19 15.53
N PHE C 4062 -44.77 34.67 14.76
CA PHE C 4062 -44.27 35.44 13.65
C PHE C 4062 -45.42 35.33 12.69
N ASP C 4063 -45.89 34.10 12.53
CA ASP C 4063 -47.04 33.89 11.69
C ASP C 4063 -48.21 34.57 12.38
N MET C 4064 -48.15 34.68 13.71
CA MET C 4064 -49.31 35.21 14.41
C MET C 4064 -49.42 36.66 14.09
N PHE C 4065 -48.29 37.35 13.97
CA PHE C 4065 -48.29 38.77 13.70
C PHE C 4065 -48.51 39.01 12.23
N LEU C 4066 -48.21 38.02 11.39
CA LEU C 4066 -48.57 38.26 9.99
C LEU C 4066 -50.09 38.13 9.91
N LYS C 4067 -50.68 37.30 10.78
CA LYS C 4067 -52.13 37.17 10.80
C LYS C 4067 -52.72 38.40 11.46
N LEU C 4068 -51.91 39.06 12.29
CA LEU C 4068 -52.36 40.24 12.99
C LEU C 4068 -52.36 41.35 12.00
N LYS C 4069 -51.47 41.24 11.01
CA LYS C 4069 -51.41 42.22 9.94
C LYS C 4069 -52.61 41.97 9.10
N ASP C 4070 -52.97 40.70 8.93
CA ASP C 4070 -54.17 40.39 8.18
C ASP C 4070 -55.33 41.07 8.88
N ILE C 4071 -55.32 41.05 10.21
CA ILE C 4071 -56.40 41.65 10.97
C ILE C 4071 -56.41 43.13 10.73
N VAL C 4072 -55.26 43.76 10.90
CA VAL C 4072 -55.15 45.16 10.63
C VAL C 4072 -55.87 45.27 9.33
N GLY C 4073 -55.70 44.24 8.48
CA GLY C 4073 -56.33 44.44 7.18
C GLY C 4073 -57.80 44.13 7.14
N SER C 4074 -58.27 43.21 7.98
CA SER C 4074 -59.71 42.90 8.10
C SER C 4074 -60.31 43.96 8.99
N GLU C 4075 -59.74 44.13 10.17
CA GLU C 4075 -60.19 45.18 11.04
C GLU C 4075 -60.42 46.35 10.14
N ALA C 4076 -59.50 46.56 9.22
CA ALA C 4076 -59.68 47.61 8.26
C ALA C 4076 -60.69 47.05 7.29
N PHE C 4077 -60.23 46.41 6.23
CA PHE C 4077 -61.12 45.79 5.25
C PHE C 4077 -62.41 46.59 5.05
N GLN C 4078 -63.57 45.93 5.11
CA GLN C 4078 -64.86 46.62 4.94
C GLN C 4078 -66.00 45.64 5.05
N ASP C 4079 -66.32 44.98 3.95
CA ASP C 4079 -67.36 43.96 3.98
C ASP C 4079 -68.45 44.29 4.95
N TYR C 4080 -68.60 43.49 5.99
CA TYR C 4080 -69.68 43.69 6.93
C TYR C 4080 -69.56 44.99 7.68
N VAL C 4081 -68.61 45.83 7.28
CA VAL C 4081 -68.40 47.06 8.01
C VAL C 4081 -69.74 47.66 8.28
N THR C 4082 -70.43 48.03 7.21
CA THR C 4082 -71.73 48.60 7.36
C THR C 4082 -71.69 49.42 8.61
N ASP C 4083 -72.24 48.87 9.69
CA ASP C 4083 -72.17 49.52 10.98
C ASP C 4083 -70.98 50.45 11.00
N PRO C 4084 -71.21 51.75 10.84
CA PRO C 4084 -70.05 52.61 10.74
C PRO C 4084 -69.70 53.29 12.04
N ARG C 4085 -69.88 54.60 12.11
CA ARG C 4085 -69.55 55.37 13.31
C ARG C 4085 -68.15 55.07 13.80
N LEU C 4087 -65.12 54.14 15.44
CA LEU C 4087 -64.75 53.10 14.49
C LEU C 4087 -65.92 52.21 14.23
N ILE C 4088 -66.11 51.24 15.09
CA ILE C 4088 -67.21 50.31 14.93
C ILE C 4088 -67.23 49.39 16.12
N SER C 4089 -68.31 49.41 16.89
CA SER C 4089 -68.32 48.59 18.11
C SER C 4089 -67.63 47.24 18.06
N LYS C 4090 -67.02 46.84 19.17
CA LYS C 4090 -66.45 45.51 19.22
C LYS C 4090 -67.63 44.63 19.05
N LYS C 4091 -68.75 45.06 19.59
CA LYS C 4091 -69.97 44.29 19.47
C LYS C 4091 -69.99 43.67 18.12
N ASP C 4092 -70.23 44.47 17.09
CA ASP C 4092 -70.32 43.79 15.80
C ASP C 4092 -68.99 43.30 15.30
N PHE C 4093 -67.90 43.76 15.88
CA PHE C 4093 -66.62 43.25 15.47
C PHE C 4093 -66.55 41.76 15.76
N GLN C 4094 -67.02 41.38 16.94
CA GLN C 4094 -66.92 39.98 17.34
C GLN C 4094 -67.46 39.05 16.28
N LYS C 4095 -68.63 39.37 15.72
CA LYS C 4095 -69.19 38.57 14.64
C LYS C 4095 -68.45 38.79 13.32
N ALA C 4096 -67.69 39.87 13.20
CA ALA C 4096 -67.00 40.17 11.95
C ALA C 4096 -65.85 39.22 11.69
N MET C 4097 -65.23 38.66 12.73
CA MET C 4097 -64.11 37.74 12.56
C MET C 4097 -64.42 36.30 12.97
N ASP C 4098 -65.49 36.08 13.74
CA ASP C 4098 -65.86 34.70 14.08
C ASP C 4098 -66.31 33.93 12.84
N SER C 4099 -67.04 34.59 11.94
CA SER C 4099 -67.52 33.92 10.74
C SER C 4099 -66.37 33.45 9.87
N GLN C 4100 -65.35 34.29 9.70
CA GLN C 4100 -64.20 33.91 8.89
C GLN C 4100 -63.32 32.90 9.62
N LYS C 4101 -62.55 32.15 8.84
CA LYS C 4101 -61.64 31.16 9.38
C LYS C 4101 -60.36 31.84 9.88
N GLN C 4102 -59.32 31.04 10.12
CA GLN C 4102 -57.99 31.48 10.53
C GLN C 4102 -58.00 32.39 11.75
N PHE C 4103 -59.05 32.29 12.57
CA PHE C 4103 -59.17 33.07 13.79
C PHE C 4103 -59.40 32.15 14.99
N THR C 4104 -58.82 32.51 16.12
CA THR C 4104 -58.91 31.75 17.36
C THR C 4104 -59.67 32.57 18.40
N GLY C 4105 -60.56 31.90 19.12
CA GLY C 4105 -61.40 32.54 20.11
C GLY C 4105 -60.63 33.38 21.11
N PRO C 4106 -59.79 32.75 21.92
CA PRO C 4106 -58.99 33.54 22.90
C PRO C 4106 -58.09 34.57 22.24
N GLU C 4107 -57.59 34.30 21.03
CA GLU C 4107 -56.78 35.28 20.34
C GLU C 4107 -57.58 36.53 19.99
N ILE C 4108 -58.86 36.35 19.63
CA ILE C 4108 -59.71 37.50 19.34
C ILE C 4108 -59.88 38.37 20.58
N GLN C 4109 -60.15 37.74 21.71
CA GLN C 4109 -60.22 38.49 22.97
C GLN C 4109 -58.89 39.11 23.32
N PHE C 4110 -57.79 38.45 22.97
CA PHE C 4110 -56.47 39.05 23.13
C PHE C 4110 -56.34 40.31 22.28
N LEU C 4111 -56.84 40.26 21.05
CA LEU C 4111 -56.88 41.47 20.23
C LEU C 4111 -57.81 42.51 20.83
N LEU C 4112 -58.96 42.07 21.35
CA LEU C 4112 -59.86 43.00 22.01
C LEU C 4112 -59.23 43.60 23.26
N SER C 4113 -58.39 42.82 23.96
CA SER C 4113 -57.62 43.38 25.06
C SER C 4113 -56.66 44.45 24.57
N CYS C 4114 -56.05 44.23 23.41
CA CYS C 4114 -55.20 45.25 22.81
C CYS C 4114 -55.99 46.46 22.35
N SER C 4115 -57.31 46.27 22.31
CA SER C 4115 -58.20 47.33 21.89
C SER C 4115 -58.69 48.18 23.04
N GLU C 4116 -59.61 49.08 22.75
CA GLU C 4116 -60.08 49.97 23.79
C GLU C 4116 -61.59 50.08 23.69
N ALA C 4117 -62.08 51.31 23.63
CA ALA C 4117 -63.52 51.51 23.53
C ALA C 4117 -64.24 50.62 24.49
N ASP C 4118 -65.35 50.04 24.04
CA ASP C 4118 -66.14 49.16 24.87
C ASP C 4118 -67.44 48.89 24.16
N GLU C 4119 -68.05 49.94 23.62
CA GLU C 4119 -69.29 49.80 22.87
C GLU C 4119 -69.07 50.12 21.41
N ASN C 4120 -67.81 50.18 20.98
CA ASN C 4120 -67.49 50.50 19.61
C ASN C 4120 -66.03 50.24 19.39
N GLU C 4121 -65.35 51.15 18.71
CA GLU C 4121 -63.90 51.00 18.49
C GLU C 4121 -63.30 52.27 17.87
N MET C 4122 -62.04 52.20 17.46
CA MET C 4122 -61.36 53.36 16.86
C MET C 4122 -60.45 52.95 15.72
N ILE C 4123 -60.15 53.88 14.81
CA ILE C 4123 -59.36 53.55 13.63
C ILE C 4123 -58.03 52.85 13.86
N ASN C 4124 -57.34 53.21 14.94
CA ASN C 4124 -55.98 52.73 15.13
C ASN C 4124 -55.76 51.35 15.65
N PHE C 4125 -56.75 50.51 15.70
CA PHE C 4125 -56.53 49.21 16.31
C PHE C 4125 -55.21 48.50 15.99
N GLU C 4126 -55.42 47.34 15.40
CA GLU C 4126 -54.26 46.65 14.97
C GLU C 4126 -53.59 47.65 14.05
N GLU C 4127 -54.26 48.79 13.78
CA GLU C 4127 -53.70 49.78 12.90
C GLU C 4127 -52.34 50.10 13.42
N PHE C 4128 -52.25 50.93 14.46
CA PHE C 4128 -50.98 51.24 15.07
C PHE C 4128 -50.26 49.99 15.49
N ALA C 4129 -51.04 49.00 15.95
CA ALA C 4129 -50.32 47.83 16.43
C ALA C 4129 -49.23 47.46 15.42
N ASN C 4130 -49.62 47.22 14.17
CA ASN C 4130 -48.65 46.82 13.14
C ASN C 4130 -47.89 48.01 12.59
N ARG C 4131 -48.57 49.13 12.45
CA ARG C 4131 -47.93 50.35 11.99
C ARG C 4131 -46.53 50.33 12.46
N PHE C 4132 -46.33 50.08 13.75
CA PHE C 4132 -44.93 49.99 14.11
C PHE C 4132 -44.35 48.66 13.68
N GLN C 4133 -45.02 47.54 13.90
CA GLN C 4133 -44.43 46.18 13.63
C GLN C 4133 -43.52 45.93 12.40
N GLU C 4134 -42.94 46.96 11.79
CA GLU C 4134 -41.98 46.76 10.70
C GLU C 4134 -40.68 46.17 11.21
N PRO C 4135 -40.32 46.48 12.46
CA PRO C 4135 -39.15 45.79 13.01
C PRO C 4135 -39.49 44.34 13.18
N ALA C 4136 -40.70 44.04 13.61
CA ALA C 4136 -41.13 42.66 13.73
C ALA C 4136 -40.99 42.02 12.37
N ARG C 4137 -41.33 42.76 11.33
CA ARG C 4137 -41.16 42.26 9.98
C ARG C 4137 -39.70 41.91 9.68
N ASP C 4138 -38.79 42.89 9.80
CA ASP C 4138 -37.39 42.62 9.43
C ASP C 4138 -36.84 41.42 10.19
N ILE C 4139 -36.69 41.51 11.51
CA ILE C 4139 -36.29 40.35 12.30
C ILE C 4139 -36.82 39.07 11.68
N GLY C 4140 -38.02 39.11 11.13
CA GLY C 4140 -38.56 37.92 10.48
C GLY C 4140 -37.70 37.46 9.32
N PHE C 4141 -37.22 38.40 8.51
CA PHE C 4141 -36.30 38.05 7.43
C PHE C 4141 -35.03 37.43 8.01
N ASN C 4142 -34.51 38.01 9.09
CA ASN C 4142 -33.32 37.46 9.73
C ASN C 4142 -33.57 36.04 10.21
N VAL C 4143 -34.75 35.77 10.75
CA VAL C 4143 -35.14 34.40 11.06
C VAL C 4143 -35.23 33.58 9.79
N ALA C 4144 -35.85 34.15 8.75
CA ALA C 4144 -36.03 33.41 7.51
C ALA C 4144 -34.69 33.07 6.86
N VAL C 4145 -33.76 34.02 6.83
CA VAL C 4145 -32.49 33.78 6.17
C VAL C 4145 -31.66 32.77 6.95
N LEU C 4146 -31.70 32.83 8.28
CA LEU C 4146 -30.86 31.96 9.09
C LEU C 4146 -31.19 30.50 8.85
N LEU C 4147 -32.48 30.15 8.85
CA LEU C 4147 -32.87 28.80 8.51
C LEU C 4147 -32.62 28.51 7.04
N THR C 4148 -32.74 29.52 6.18
CA THR C 4148 -32.47 29.33 4.77
C THR C 4148 -30.99 29.01 4.55
N ASN C 4149 -30.08 29.73 5.22
CA ASN C 4149 -28.66 29.51 5.00
C ASN C 4149 -28.28 28.07 5.36
N LEU C 4150 -28.64 27.61 6.55
CA LEU C 4150 -28.30 26.27 6.97
C LEU C 4150 -29.02 25.21 6.14
N SER C 4151 -30.10 25.58 5.46
CA SER C 4151 -30.82 24.61 4.63
C SER C 4151 -29.94 24.07 3.52
N GLU C 4152 -29.18 24.96 2.86
CA GLU C 4152 -28.27 24.55 1.81
C GLU C 4152 -26.81 24.48 2.28
N HIS C 4153 -26.45 25.16 3.36
CA HIS C 4153 -25.11 25.03 3.88
C HIS C 4153 -24.83 23.60 4.33
N VAL C 4154 -25.80 22.99 5.01
CA VAL C 4154 -25.69 21.59 5.40
C VAL C 4154 -26.97 20.87 5.00
N PRO C 4155 -27.07 20.40 3.76
CA PRO C 4155 -28.28 19.65 3.34
C PRO C 4155 -28.33 18.27 3.96
N HIS C 4156 -29.33 17.48 3.55
CA HIS C 4156 -29.52 16.11 4.06
C HIS C 4156 -29.70 16.11 5.58
N ASP C 4157 -30.45 17.09 6.07
CA ASP C 4157 -30.74 17.22 7.49
C ASP C 4157 -32.26 17.23 7.70
N PRO C 4158 -32.88 16.08 7.91
CA PRO C 4158 -34.35 16.05 8.02
C PRO C 4158 -34.88 16.86 9.19
N ARG C 4159 -34.12 16.97 10.29
CA ARG C 4159 -34.58 17.74 11.43
C ARG C 4159 -34.77 19.20 11.07
N LEU C 4160 -33.85 19.75 10.27
CA LEU C 4160 -34.00 21.13 9.80
C LEU C 4160 -35.26 21.29 8.96
N ARG C 4161 -35.57 20.28 8.14
CA ARG C 4161 -36.77 20.34 7.31
C ARG C 4161 -38.03 20.44 8.16
N ASN C 4162 -37.99 19.91 9.39
CA ASN C 4162 -39.12 20.05 10.28
C ASN C 4162 -39.34 21.50 10.70
N PHE C 4163 -38.25 22.26 10.88
CA PHE C 4163 -38.37 23.67 11.23
C PHE C 4163 -39.07 24.45 10.13
N LEU C 4164 -38.68 24.24 8.87
CA LEU C 4164 -39.29 24.97 7.78
C LEU C 4164 -40.74 24.54 7.52
N GLU C 4165 -41.16 23.40 8.10
CA GLU C 4165 -42.52 22.93 7.90
C GLU C 4165 -43.56 23.81 8.55
N LEU C 4166 -43.16 24.77 9.40
CA LEU C 4166 -44.08 25.68 10.05
C LEU C 4166 -43.99 27.09 9.52
N ALA C 4167 -42.78 27.57 9.23
CA ALA C 4167 -42.56 28.96 8.83
C ALA C 4167 -42.60 29.09 7.31
N GLU C 4168 -43.71 28.62 6.73
CA GLU C 4168 -43.89 28.78 5.28
C GLU C 4168 -44.26 30.22 4.92
N SER C 4169 -45.14 30.83 5.70
CA SER C 4169 -45.64 32.16 5.34
C SER C 4169 -44.56 33.23 5.43
N ILE C 4170 -43.58 33.03 6.32
CA ILE C 4170 -42.49 34.00 6.43
C ILE C 4170 -41.68 34.05 5.14
N LEU C 4171 -41.38 32.89 4.56
CA LEU C 4171 -40.55 32.86 3.37
C LEU C 4171 -41.24 33.45 2.16
N GLU C 4172 -42.54 33.16 1.98
CA GLU C 4172 -43.24 33.64 0.80
C GLU C 4172 -43.37 35.16 0.78
N TYR C 4173 -43.65 35.76 1.94
CA TYR C 4173 -43.78 37.21 2.01
C TYR C 4173 -42.44 37.93 1.93
N PHE C 4174 -41.33 37.20 2.10
CA PHE C 4174 -40.00 37.78 2.07
C PHE C 4174 -39.20 37.39 0.83
N ARG C 4175 -39.67 36.41 0.06
CA ARG C 4175 -39.03 36.11 -1.23
C ARG C 4175 -38.96 37.32 -2.15
N PRO C 4176 -39.98 38.20 -2.24
CA PRO C 4176 -39.80 39.43 -3.03
C PRO C 4176 -38.90 40.44 -2.35
N TYR C 4177 -38.21 40.02 -1.28
CA TYR C 4177 -37.28 40.90 -0.58
C TYR C 4177 -35.98 40.19 -0.21
N LEU C 4178 -35.67 39.07 -0.85
CA LEU C 4178 -34.42 38.35 -0.62
C LEU C 4178 -33.59 38.39 -1.89
N GLY C 4179 -32.40 38.94 -1.80
CA GLY C 4179 -31.48 39.05 -2.93
C GLY C 4179 -30.26 38.19 -2.70
N ARG C 4180 -29.83 37.49 -3.76
CA ARG C 4180 -28.72 36.57 -3.68
C ARG C 4180 -27.56 37.06 -4.54
N ILE C 4181 -26.37 36.53 -4.26
CA ILE C 4181 -25.17 36.91 -4.98
C ILE C 4181 -24.15 35.81 -4.77
N GLU C 4182 -23.20 35.70 -5.70
CA GLU C 4182 -22.08 34.77 -5.58
C GLU C 4182 -20.80 35.54 -5.86
N ILE C 4183 -19.84 35.44 -4.95
CA ILE C 4183 -18.58 36.18 -5.06
C ILE C 4183 -17.43 35.16 -5.07
N MET C 4184 -16.26 35.65 -5.49
CA MET C 4184 -15.09 34.80 -5.67
C MET C 4184 -13.86 35.64 -5.40
N GLY C 4185 -13.34 35.57 -4.18
CA GLY C 4185 -12.18 36.35 -3.82
C GLY C 4185 -11.85 36.30 -2.35
N ALA C 4186 -10.57 36.43 -2.01
CA ALA C 4186 -10.02 36.44 -0.66
C ALA C 4186 -10.15 35.09 0.03
N SER C 4187 -10.78 34.10 -0.61
CA SER C 4187 -10.91 32.77 -0.02
C SER C 4187 -10.64 31.64 -1.01
N ARG C 4188 -10.39 31.95 -2.28
CA ARG C 4188 -10.18 30.95 -3.33
C ARG C 4188 -11.36 30.00 -3.44
N ARG C 4189 -12.55 30.47 -3.08
CA ARG C 4189 -13.77 29.67 -3.09
C ARG C 4189 -14.97 30.58 -3.08
N ILE C 4190 -16.10 30.04 -3.56
CA ILE C 4190 -17.31 30.81 -3.82
C ILE C 4190 -18.31 30.58 -2.70
N GLU C 4191 -18.97 31.65 -2.26
CA GLU C 4191 -19.95 31.60 -1.19
C GLU C 4191 -21.19 32.38 -1.60
N ARG C 4192 -22.20 32.37 -0.73
CA ARG C 4192 -23.45 33.06 -0.95
C ARG C 4192 -23.67 34.09 0.15
N ILE C 4193 -24.17 35.25 -0.25
CA ILE C 4193 -24.44 36.36 0.66
C ILE C 4193 -25.85 36.86 0.41
N TYR C 4194 -26.62 37.00 1.47
CA TYR C 4194 -28.02 37.39 1.38
C TYR C 4194 -28.20 38.79 1.97
N PHE C 4195 -29.30 39.44 1.59
CA PHE C 4195 -29.58 40.80 2.01
C PHE C 4195 -30.98 41.18 1.55
N GLU C 4196 -31.63 42.05 2.32
CA GLU C 4196 -32.87 42.66 1.87
C GLU C 4196 -32.57 43.75 0.85
N ILE C 4197 -33.45 43.89 -0.13
CA ILE C 4197 -33.18 44.80 -1.23
C ILE C 4197 -33.71 46.20 -0.93
N SER C 4198 -35.03 46.34 -0.86
CA SER C 4198 -35.68 47.64 -0.72
C SER C 4198 -37.18 47.40 -0.71
N GLU C 4199 -37.93 48.48 -0.52
CA GLU C 4199 -39.38 48.44 -0.66
C GLU C 4199 -39.86 49.12 -1.93
N THR C 4200 -39.10 50.07 -2.46
CA THR C 4200 -39.49 50.82 -3.65
C THR C 4200 -38.60 50.55 -4.86
N ASN C 4201 -37.30 50.33 -4.65
CA ASN C 4201 -36.38 50.18 -5.77
C ASN C 4201 -36.72 48.96 -6.63
N ARG C 4202 -37.08 47.84 -6.01
CA ARG C 4202 -37.41 46.64 -6.79
C ARG C 4202 -38.61 46.89 -7.68
N ALA C 4203 -39.64 47.56 -7.17
CA ALA C 4203 -40.82 47.87 -7.97
C ALA C 4203 -40.52 48.87 -9.07
N GLN C 4204 -39.71 49.90 -8.78
CA GLN C 4204 -39.43 50.91 -9.78
C GLN C 4204 -38.50 50.40 -10.88
N TRP C 4205 -37.68 49.40 -10.57
CA TRP C 4205 -36.74 48.87 -11.57
C TRP C 4205 -37.45 48.30 -12.78
N GLU C 4206 -38.67 47.78 -12.61
CA GLU C 4206 -39.47 47.28 -13.73
C GLU C 4206 -40.17 48.48 -14.37
N MET C 4207 -39.47 49.10 -15.33
CA MET C 4207 -39.97 50.28 -16.02
C MET C 4207 -39.63 50.15 -17.49
N PRO C 4208 -40.55 50.46 -18.39
CA PRO C 4208 -40.23 50.44 -19.82
C PRO C 4208 -39.12 51.42 -20.20
N GLN C 4209 -38.87 52.43 -19.37
CA GLN C 4209 -37.79 53.38 -19.65
C GLN C 4209 -36.44 52.68 -19.66
N VAL C 4210 -36.22 51.76 -18.72
CA VAL C 4210 -34.90 51.17 -18.53
C VAL C 4210 -34.80 49.80 -19.19
N LYS C 4211 -35.92 49.07 -19.24
CA LYS C 4211 -35.86 47.71 -19.77
C LYS C 4211 -35.50 47.67 -21.24
N GLU C 4212 -35.75 48.76 -21.97
CA GLU C 4212 -35.28 48.84 -23.34
C GLU C 4212 -33.77 49.07 -23.39
N SER C 4213 -33.25 49.85 -22.43
CA SER C 4213 -31.82 50.13 -22.41
C SER C 4213 -31.00 48.88 -22.19
N LYS C 4214 -31.43 48.01 -21.26
CA LYS C 4214 -30.69 46.79 -21.00
C LYS C 4214 -30.70 45.85 -22.20
N ARG C 4215 -31.78 45.88 -22.99
CA ARG C 4215 -31.80 45.11 -24.22
C ARG C 4215 -30.71 45.58 -25.17
N GLN C 4216 -30.51 46.89 -25.27
CA GLN C 4216 -29.36 47.42 -25.98
C GLN C 4216 -28.06 47.03 -25.28
N PHE C 4217 -28.06 47.07 -23.95
CA PHE C 4217 -26.85 46.73 -23.20
C PHE C 4217 -26.43 45.30 -23.43
N ILE C 4218 -27.37 44.35 -23.32
CA ILE C 4218 -27.02 42.95 -23.54
C ILE C 4218 -26.60 42.72 -24.99
N PHE C 4219 -27.04 43.57 -25.92
CA PHE C 4219 -26.60 43.44 -27.29
C PHE C 4219 -25.11 43.78 -27.41
N ASP C 4220 -24.68 44.88 -26.80
CA ASP C 4220 -23.31 45.35 -27.00
C ASP C 4220 -22.30 44.40 -26.39
N VAL C 4221 -22.61 43.81 -25.23
CA VAL C 4221 -21.65 42.98 -24.52
C VAL C 4221 -21.29 41.72 -25.31
N VAL C 4222 -22.18 41.24 -26.18
CA VAL C 4222 -21.99 39.93 -26.80
C VAL C 4222 -21.35 40.00 -28.19
N ASN C 4223 -21.67 41.01 -29.00
CA ASN C 4223 -21.09 41.07 -30.34
C ASN C 4223 -19.60 41.39 -30.28
N GLU C 4224 -19.18 42.21 -29.33
CA GLU C 4224 -17.76 42.51 -29.12
C GLU C 4224 -17.34 41.90 -27.79
N GLY C 4225 -16.35 41.02 -27.83
CA GLY C 4225 -15.88 40.33 -26.65
C GLY C 4225 -14.38 40.20 -26.58
N GLY C 4226 -13.81 40.53 -25.42
CA GLY C 4226 -12.38 40.44 -25.22
C GLY C 4226 -12.00 40.00 -23.83
N GLU C 4227 -11.10 40.75 -23.20
CA GLU C 4227 -10.67 40.43 -21.84
C GLU C 4227 -11.72 40.90 -20.83
N ALA C 4228 -11.36 40.96 -19.55
CA ALA C 4228 -12.29 41.30 -18.48
C ALA C 4228 -12.94 42.67 -18.66
N GLU C 4229 -12.50 43.47 -19.63
CA GLU C 4229 -13.18 44.74 -19.91
C GLU C 4229 -14.64 44.55 -20.28
N LYS C 4230 -15.02 43.34 -20.71
CA LYS C 4230 -16.43 43.05 -20.93
C LYS C 4230 -17.23 43.24 -19.65
N MET C 4231 -16.71 42.74 -18.53
CA MET C 4231 -17.35 42.95 -17.24
C MET C 4231 -17.13 44.36 -16.72
N GLU C 4232 -16.03 44.99 -17.10
CA GLU C 4232 -15.75 46.35 -16.65
C GLU C 4232 -16.86 47.31 -17.05
N LEU C 4233 -17.21 47.31 -18.34
CA LEU C 4233 -18.32 48.14 -18.80
C LEU C 4233 -19.65 47.70 -18.19
N PHE C 4234 -19.76 46.44 -17.79
CA PHE C 4234 -21.00 45.99 -17.14
C PHE C 4234 -21.22 46.74 -15.84
N VAL C 4235 -20.16 46.90 -15.04
CA VAL C 4235 -20.27 47.74 -13.85
C VAL C 4235 -20.51 49.19 -14.24
N SER C 4236 -19.88 49.63 -15.33
CA SER C 4236 -20.09 50.99 -15.80
C SER C 4236 -21.55 51.25 -16.15
N PHE C 4237 -22.20 50.27 -16.78
CA PHE C 4237 -23.63 50.39 -17.04
C PHE C 4237 -24.42 50.49 -15.74
N CYS C 4238 -24.04 49.68 -14.74
CA CYS C 4238 -24.74 49.71 -13.46
C CYS C 4238 -24.62 51.08 -12.80
N GLU C 4239 -23.42 51.67 -12.84
CA GLU C 4239 -23.26 53.02 -12.32
C GLU C 4239 -24.10 54.01 -13.11
N ASP C 4240 -24.13 53.86 -14.44
CA ASP C 4240 -24.93 54.76 -15.26
C ASP C 4240 -26.42 54.51 -15.05
N THR C 4241 -26.81 53.25 -14.86
CA THR C 4241 -28.23 52.91 -14.78
C THR C 4241 -28.89 53.57 -13.59
N ILE C 4242 -28.23 53.55 -12.43
CA ILE C 4242 -28.83 54.13 -11.24
C ILE C 4242 -28.96 55.64 -11.38
N PHE C 4243 -28.01 56.28 -12.07
CA PHE C 4243 -28.13 57.71 -12.33
C PHE C 4243 -29.36 58.02 -13.15
N GLU C 4244 -29.65 57.19 -14.16
CA GLU C 4244 -30.92 57.29 -14.86
C GLU C 4244 -32.08 57.09 -13.90
N MET C 4245 -31.96 56.11 -13.01
CA MET C 4245 -33.00 55.88 -12.01
C MET C 4245 -33.03 56.99 -10.98
N GLN C 4246 -31.86 57.55 -10.65
CA GLN C 4246 -31.81 58.66 -9.70
C GLN C 4246 -32.61 59.85 -10.22
N ILE C 4247 -32.34 60.26 -11.47
CA ILE C 4247 -33.08 61.39 -12.04
C ILE C 4247 -34.54 61.03 -12.32
N ALA C 4248 -34.85 59.74 -12.44
CA ALA C 4248 -36.23 59.34 -12.70
C ALA C 4248 -37.14 59.70 -11.54
N ALA C 4249 -36.68 59.50 -10.31
CA ALA C 4249 -37.48 59.83 -9.14
C ALA C 4249 -37.71 61.32 -8.98
N GLN C 4250 -36.86 62.15 -9.57
CA GLN C 4250 -36.98 63.61 -9.44
C GLN C 4250 -37.95 64.21 -10.43
N ILE C 4251 -38.51 63.41 -11.33
CA ILE C 4251 -39.40 63.91 -12.38
C ILE C 4251 -40.85 63.52 -12.15
N SER C 4252 -41.10 62.35 -11.57
CA SER C 4252 -42.46 61.86 -11.36
C SER C 4252 -43.05 62.51 -10.12
N GLU C 4253 -44.25 63.04 -10.25
CA GLU C 4253 -44.93 63.71 -9.14
C GLU C 4253 -45.38 62.70 -8.09
N ARG C 4318 -70.60 42.90 -64.88
CA ARG C 4318 -69.41 43.72 -64.67
C ARG C 4318 -69.29 43.93 -63.15
N LEU C 4319 -68.42 44.85 -62.73
CA LEU C 4319 -68.11 45.06 -61.33
C LEU C 4319 -68.20 46.54 -61.02
N ARG C 4320 -68.00 46.88 -59.75
CA ARG C 4320 -67.97 48.29 -59.37
C ARG C 4320 -66.77 48.98 -59.99
N ARG C 4321 -66.91 50.27 -60.26
CA ARG C 4321 -65.84 51.09 -60.79
C ARG C 4321 -65.14 51.76 -59.62
N LEU C 4322 -63.84 51.51 -59.48
CA LEU C 4322 -63.06 52.03 -58.38
C LEU C 4322 -62.45 53.37 -58.77
N THR C 4323 -62.78 54.42 -58.05
CA THR C 4323 -62.18 55.73 -58.28
C THR C 4323 -60.84 55.79 -57.54
N ALA C 4324 -60.07 56.85 -57.75
CA ALA C 4324 -58.74 56.94 -57.16
C ALA C 4324 -58.82 57.07 -55.64
N ARG C 4325 -59.71 57.94 -55.15
CA ARG C 4325 -59.75 58.23 -53.72
C ARG C 4325 -60.11 56.99 -52.91
N GLU C 4326 -61.08 56.19 -53.38
CA GLU C 4326 -61.50 55.03 -52.62
C GLU C 4326 -60.37 54.04 -52.44
N ALA C 4327 -59.69 53.69 -53.54
CA ALA C 4327 -58.56 52.78 -53.47
C ALA C 4327 -57.44 53.35 -52.61
N ALA C 4328 -57.20 54.66 -52.74
CA ALA C 4328 -56.16 55.30 -51.92
C ALA C 4328 -56.47 55.18 -50.44
N THR C 4329 -57.72 55.45 -50.06
CA THR C 4329 -58.09 55.34 -48.65
C THR C 4329 -57.97 53.90 -48.16
N ALA C 4330 -58.43 52.94 -48.95
CA ALA C 4330 -58.35 51.54 -48.52
C ALA C 4330 -56.90 51.10 -48.32
N LEU C 4331 -56.04 51.40 -49.31
CA LEU C 4331 -54.64 50.98 -49.22
C LEU C 4331 -53.90 51.73 -48.11
N ALA C 4332 -54.22 53.01 -47.90
CA ALA C 4332 -53.56 53.75 -46.83
C ALA C 4332 -53.99 53.26 -45.46
N ALA C 4333 -55.26 52.88 -45.33
CA ALA C 4333 -55.71 52.25 -44.09
C ALA C 4333 -54.98 50.93 -43.86
N LEU C 4334 -54.79 50.16 -44.93
CA LEU C 4334 -54.01 48.92 -44.82
C LEU C 4334 -52.59 49.20 -44.34
N LEU C 4335 -51.93 50.19 -44.94
CA LEU C 4335 -50.55 50.50 -44.58
C LEU C 4335 -50.46 50.98 -43.13
N TRP C 4336 -51.39 51.85 -42.71
CA TRP C 4336 -51.36 52.35 -41.35
C TRP C 4336 -51.67 51.25 -40.35
N ALA C 4337 -52.58 50.33 -40.70
CA ALA C 4337 -52.84 49.21 -39.81
C ALA C 4337 -51.62 48.30 -39.67
N VAL C 4338 -50.91 48.09 -40.77
CA VAL C 4338 -49.68 47.29 -40.73
C VAL C 4338 -48.65 47.96 -39.82
N VAL C 4339 -48.48 49.27 -39.97
CA VAL C 4339 -47.51 50.00 -39.14
C VAL C 4339 -47.93 49.96 -37.67
N ALA C 4340 -49.20 50.20 -37.39
CA ALA C 4340 -49.66 50.31 -36.01
C ALA C 4340 -49.67 48.98 -35.28
N ARG C 4341 -49.59 47.86 -36.01
CA ARG C 4341 -49.52 46.54 -35.40
C ARG C 4341 -48.09 46.19 -34.96
N ALA C 4342 -47.12 47.02 -35.30
CA ALA C 4342 -45.75 46.86 -34.82
C ALA C 4342 -45.13 48.21 -34.51
N GLY C 4343 -45.95 49.25 -34.45
CA GLY C 4343 -45.49 50.62 -34.31
C GLY C 4343 -44.82 50.94 -32.99
N GLY C 4542 -41.08 85.05 -8.93
CA GLY C 4542 -40.42 83.78 -8.72
C GLY C 4542 -41.38 82.66 -8.38
N GLU C 4543 -42.65 83.01 -8.16
CA GLU C 4543 -43.65 82.01 -7.82
C GLU C 4543 -43.97 81.10 -9.00
N LEU C 4544 -43.99 81.66 -10.22
CA LEU C 4544 -44.30 80.85 -11.39
C LEU C 4544 -43.16 79.90 -11.74
N GLU C 4545 -41.98 80.12 -11.16
CA GLU C 4545 -40.83 79.27 -11.47
C GLU C 4545 -41.08 77.82 -11.08
N VAL C 4546 -41.68 77.61 -9.89
CA VAL C 4546 -42.00 76.26 -9.45
C VAL C 4546 -43.01 75.62 -10.39
N GLN C 4547 -44.04 76.37 -10.76
CA GLN C 4547 -45.03 75.86 -11.70
C GLN C 4547 -44.42 75.60 -13.06
N ARG C 4548 -43.53 76.50 -13.51
CA ARG C 4548 -42.86 76.31 -14.79
C ARG C 4548 -42.04 75.02 -14.79
N VAL C 4549 -41.31 74.76 -13.71
CA VAL C 4549 -40.59 73.49 -13.59
C VAL C 4549 -41.58 72.34 -13.49
N LYS C 4550 -42.64 72.51 -12.69
CA LYS C 4550 -43.66 71.47 -12.58
C LYS C 4550 -44.35 71.24 -13.92
N PHE C 4551 -44.50 72.29 -14.72
CA PHE C 4551 -45.04 72.12 -16.07
C PHE C 4551 -44.14 71.26 -16.92
N LEU C 4552 -42.82 71.46 -16.82
CA LEU C 4552 -41.88 70.65 -17.59
C LEU C 4552 -41.90 69.19 -17.15
N ASN C 4553 -42.29 68.93 -15.89
CA ASN C 4553 -42.42 67.56 -15.43
C ASN C 4553 -43.49 66.82 -16.22
N TYR C 4554 -44.59 67.51 -16.54
CA TYR C 4554 -45.63 66.90 -17.36
C TYR C 4554 -45.10 66.52 -18.73
N LEU C 4555 -44.31 67.40 -19.35
CA LEU C 4555 -43.78 67.11 -20.68
C LEU C 4555 -42.85 65.91 -20.66
N SER C 4556 -41.92 65.89 -19.69
CA SER C 4556 -40.99 64.77 -19.58
C SER C 4556 -41.65 63.49 -19.10
N ARG C 4557 -42.87 63.58 -18.56
CA ARG C 4557 -43.56 62.38 -18.12
C ARG C 4557 -43.85 61.45 -19.28
N ASN C 4558 -44.32 62.01 -20.40
CA ASN C 4558 -44.69 61.24 -21.59
C ASN C 4558 -44.02 61.88 -22.81
N PHE C 4559 -42.79 61.46 -23.08
CA PHE C 4559 -42.03 61.98 -24.21
C PHE C 4559 -42.22 61.13 -25.45
N TYR C 4560 -42.06 59.81 -25.32
CA TYR C 4560 -42.22 58.93 -26.47
C TYR C 4560 -43.65 58.98 -27.01
N THR C 4561 -44.63 59.11 -26.11
CA THR C 4561 -46.01 59.25 -26.56
C THR C 4561 -46.18 60.52 -27.39
N LEU C 4562 -45.58 61.63 -26.95
CA LEU C 4562 -45.65 62.86 -27.72
C LEU C 4562 -44.96 62.71 -29.07
N ARG C 4563 -43.82 62.02 -29.09
CA ARG C 4563 -43.14 61.74 -30.36
C ARG C 4563 -44.02 60.93 -31.30
N PHE C 4564 -44.89 60.08 -30.75
CA PHE C 4564 -45.70 59.21 -31.59
C PHE C 4564 -46.73 59.99 -32.39
N LEU C 4565 -47.20 61.14 -31.87
CA LEU C 4565 -48.19 61.92 -32.59
C LEU C 4565 -47.65 62.40 -33.93
N ALA C 4566 -46.34 62.62 -34.02
CA ALA C 4566 -45.76 63.06 -35.29
C ALA C 4566 -45.97 62.02 -36.38
N LEU C 4567 -45.87 60.73 -36.03
CA LEU C 4567 -46.05 59.68 -37.02
C LEU C 4567 -47.43 59.74 -37.65
N PHE C 4568 -48.47 59.76 -36.82
CA PHE C 4568 -49.84 59.78 -37.34
C PHE C 4568 -50.13 61.10 -38.03
N LEU C 4569 -49.65 62.21 -37.46
CA LEU C 4569 -49.91 63.51 -38.06
C LEU C 4569 -49.17 63.66 -39.38
N ALA C 4570 -48.02 63.00 -39.54
CA ALA C 4570 -47.29 63.09 -40.79
C ALA C 4570 -48.03 62.42 -41.93
N PHE C 4571 -48.79 61.36 -41.65
CA PHE C 4571 -49.55 60.69 -42.69
C PHE C 4571 -50.62 61.61 -43.27
N ALA C 4572 -51.45 62.18 -42.40
CA ALA C 4572 -52.58 62.97 -42.87
C ALA C 4572 -52.12 64.20 -43.64
N ILE C 4573 -51.11 64.90 -43.12
CA ILE C 4573 -50.61 66.08 -43.82
C ILE C 4573 -49.99 65.71 -45.16
N ASN C 4574 -49.52 64.48 -45.31
CA ASN C 4574 -48.92 64.04 -46.56
C ASN C 4574 -49.88 63.26 -47.44
N PHE C 4575 -50.82 62.52 -46.84
CA PHE C 4575 -51.78 61.76 -47.62
C PHE C 4575 -52.65 62.70 -48.47
N ILE C 4576 -53.17 63.76 -47.85
CA ILE C 4576 -54.02 64.69 -48.58
C ILE C 4576 -53.25 65.55 -49.57
N LEU C 4577 -51.93 65.60 -49.45
CA LEU C 4577 -51.11 66.33 -50.41
C LEU C 4577 -51.18 65.71 -51.81
N LEU C 4578 -51.70 64.48 -51.85
CA LEU C 4578 -51.82 63.73 -53.10
C LEU C 4578 -53.04 64.10 -53.93
N PHE C 4579 -53.55 65.30 -53.75
CA PHE C 4579 -54.63 65.82 -54.59
C PHE C 4579 -54.27 67.13 -55.27
N TYR C 4580 -52.99 67.47 -55.35
CA TYR C 4580 -52.59 68.70 -56.02
C TYR C 4580 -52.85 68.61 -57.53
N LYS C 4581 -52.97 69.78 -58.15
CA LYS C 4581 -53.23 69.87 -59.59
C LYS C 4581 -52.66 71.18 -60.09
N VAL C 4582 -51.50 71.13 -60.74
CA VAL C 4582 -50.88 72.33 -61.27
C VAL C 4582 -51.69 72.86 -62.44
N SER C 4583 -51.70 74.18 -62.61
CA SER C 4583 -52.41 74.81 -63.70
C SER C 4583 -51.74 76.12 -64.05
N ASP C 4584 -51.90 76.56 -65.29
CA ASP C 4584 -51.37 77.85 -65.73
C ASP C 4584 -52.40 78.96 -65.56
N SER C 4585 -52.97 79.06 -64.36
CA SER C 4585 -53.95 80.07 -64.04
C SER C 4585 -54.09 80.20 -62.53
N PRO C 4586 -53.92 81.40 -61.98
CA PRO C 4586 -54.10 81.59 -60.54
C PRO C 4586 -55.52 81.26 -60.13
N PRO C 4587 -55.70 80.65 -58.94
CA PRO C 4587 -57.03 80.29 -58.45
C PRO C 4587 -57.84 81.48 -57.98
N ASN C 4626 -45.13 82.83 -66.20
CA ASN C 4626 -45.14 82.21 -64.89
C ASN C 4626 -46.39 81.35 -64.68
N MET C 4627 -46.29 80.37 -63.80
CA MET C 4627 -47.39 79.47 -63.50
C MET C 4627 -47.67 79.48 -62.01
N VAL C 4628 -48.86 79.00 -61.64
CA VAL C 4628 -49.30 78.95 -60.25
C VAL C 4628 -49.57 77.50 -59.88
N TYR C 4629 -48.93 77.05 -58.79
CA TYR C 4629 -49.11 75.67 -58.31
C TYR C 4629 -50.47 75.56 -57.64
N TYR C 4630 -51.50 75.47 -58.48
CA TYR C 4630 -52.86 75.37 -57.97
C TYR C 4630 -53.05 74.09 -57.16
N PHE C 4631 -53.90 74.18 -56.14
CA PHE C 4631 -54.27 73.03 -55.33
C PHE C 4631 -55.73 72.71 -55.56
N LEU C 4632 -56.00 71.48 -55.98
CA LEU C 4632 -57.36 71.00 -56.17
C LEU C 4632 -57.82 70.25 -54.94
N GLU C 4633 -59.02 70.57 -54.48
CA GLU C 4633 -59.61 69.91 -53.32
C GLU C 4633 -60.74 68.98 -53.76
N GLU C 4634 -61.38 68.37 -52.79
CA GLU C 4634 -62.54 67.52 -53.00
C GLU C 4634 -63.78 68.22 -52.44
N SER C 4635 -64.91 67.50 -52.49
CA SER C 4635 -66.18 68.09 -52.06
C SER C 4635 -66.21 68.40 -50.57
N THR C 4636 -65.31 67.83 -49.78
CA THR C 4636 -65.36 68.00 -48.34
C THR C 4636 -64.97 69.42 -47.93
N GLY C 4637 -65.39 69.81 -46.73
CA GLY C 4637 -65.14 71.14 -46.22
C GLY C 4637 -63.77 71.37 -45.64
N TYR C 4638 -62.98 70.32 -45.43
CA TYR C 4638 -61.62 70.47 -44.92
C TYR C 4638 -60.64 70.74 -46.07
N MET C 4639 -59.35 70.51 -45.83
CA MET C 4639 -58.25 71.11 -46.58
C MET C 4639 -58.51 72.59 -46.86
N GLU C 4640 -59.01 73.28 -45.84
CA GLU C 4640 -59.07 74.74 -45.83
C GLU C 4640 -57.69 75.29 -45.47
N PRO C 4641 -57.53 76.62 -45.35
CA PRO C 4641 -56.29 77.15 -44.77
C PRO C 4641 -55.96 76.59 -43.40
N ALA C 4642 -56.85 75.77 -42.83
CA ALA C 4642 -56.53 75.04 -41.61
C ALA C 4642 -55.35 74.11 -41.79
N LEU C 4643 -55.00 73.77 -43.03
CA LEU C 4643 -53.75 73.07 -43.29
C LEU C 4643 -52.56 73.89 -42.80
N TRP C 4644 -52.62 75.22 -42.98
CA TRP C 4644 -51.62 76.09 -42.38
C TRP C 4644 -51.65 75.97 -40.86
N CYS C 4645 -52.84 75.91 -40.27
CA CYS C 4645 -52.95 75.57 -38.86
C CYS C 4645 -52.50 74.15 -38.58
N LEU C 4646 -52.76 73.22 -39.50
CA LEU C 4646 -52.21 71.87 -39.38
C LEU C 4646 -50.69 71.88 -39.51
N SER C 4647 -50.15 72.75 -40.35
CA SER C 4647 -48.70 72.83 -40.50
C SER C 4647 -48.04 73.24 -39.19
N LEU C 4648 -48.52 74.32 -38.57
CA LEU C 4648 -47.98 74.71 -37.27
C LEU C 4648 -48.32 73.67 -36.21
N LEU C 4649 -49.44 72.97 -36.37
CA LEU C 4649 -49.77 71.89 -35.45
C LEU C 4649 -48.70 70.80 -35.46
N HIS C 4650 -48.19 70.49 -36.65
CA HIS C 4650 -47.09 69.53 -36.74
C HIS C 4650 -45.82 70.07 -36.10
N THR C 4651 -45.57 71.37 -36.23
CA THR C 4651 -44.34 71.93 -35.68
C THR C 4651 -44.40 72.02 -34.16
N LEU C 4652 -45.57 72.41 -33.62
CA LEU C 4652 -45.67 72.60 -32.18
C LEU C 4652 -45.46 71.30 -31.43
N VAL C 4653 -46.06 70.20 -31.90
CA VAL C 4653 -45.87 68.92 -31.22
C VAL C 4653 -44.42 68.50 -31.32
N ALA C 4654 -43.72 68.91 -32.36
CA ALA C 4654 -42.28 68.69 -32.43
C ALA C 4654 -41.52 69.68 -31.54
N PHE C 4655 -42.05 70.89 -31.39
CA PHE C 4655 -41.33 71.91 -30.61
C PHE C 4655 -41.19 71.50 -29.15
N LEU C 4656 -42.25 70.92 -28.57
CA LEU C 4656 -42.17 70.49 -27.18
C LEU C 4656 -41.18 69.34 -27.01
N CYS C 4657 -40.94 68.57 -28.08
CA CYS C 4657 -39.98 67.48 -28.00
C CYS C 4657 -38.58 68.01 -27.72
N ILE C 4658 -38.27 69.22 -28.16
CA ILE C 4658 -36.97 69.83 -27.88
C ILE C 4658 -36.77 69.98 -26.38
N ILE C 4659 -37.77 70.55 -25.70
CA ILE C 4659 -37.65 70.77 -24.26
C ILE C 4659 -37.60 69.45 -23.52
N GLY C 4660 -38.47 68.51 -23.88
CA GLY C 4660 -38.46 67.22 -23.22
C GLY C 4660 -37.15 66.49 -23.39
N TYR C 4661 -36.59 66.51 -24.61
CA TYR C 4661 -35.28 65.93 -24.83
C TYR C 4661 -34.21 66.67 -24.03
N ASN C 4662 -34.30 68.00 -23.99
CA ASN C 4662 -33.33 68.79 -23.24
C ASN C 4662 -33.47 68.63 -21.73
N CYS C 4663 -34.65 68.20 -21.26
CA CYS C 4663 -34.88 68.08 -19.82
C CYS C 4663 -34.86 66.65 -19.32
N LEU C 4664 -34.83 65.66 -20.21
CA LEU C 4664 -34.86 64.27 -19.80
C LEU C 4664 -33.71 63.44 -20.33
N LYS C 4665 -33.27 63.69 -21.56
CA LYS C 4665 -32.25 62.85 -22.17
C LYS C 4665 -30.84 63.40 -22.06
N VAL C 4666 -30.66 64.64 -21.61
CA VAL C 4666 -29.31 65.18 -21.49
C VAL C 4666 -29.01 65.69 -20.07
N PRO C 4667 -29.40 64.98 -19.00
CA PRO C 4667 -28.61 65.10 -17.77
C PRO C 4667 -27.65 63.93 -17.65
N LEU C 4668 -27.82 62.94 -18.53
CA LEU C 4668 -26.98 61.76 -18.55
C LEU C 4668 -25.83 61.88 -19.55
N VAL C 4669 -26.05 62.58 -20.65
CA VAL C 4669 -24.99 62.74 -21.64
C VAL C 4669 -23.78 63.42 -21.01
N ILE C 4670 -24.03 64.41 -20.16
CA ILE C 4670 -22.95 65.01 -19.38
C ILE C 4670 -22.31 63.97 -18.49
N PHE C 4671 -23.13 63.15 -17.82
CA PHE C 4671 -22.62 62.18 -16.86
C PHE C 4671 -21.71 61.16 -17.54
N LYS C 4672 -22.06 60.74 -18.75
CA LYS C 4672 -21.24 59.76 -19.46
C LYS C 4672 -19.84 60.32 -19.72
N ARG C 4673 -19.76 61.57 -20.16
CA ARG C 4673 -18.46 62.19 -20.37
C ARG C 4673 -17.80 62.55 -19.04
N GLU C 4674 -18.59 62.89 -18.03
CA GLU C 4674 -18.02 63.20 -16.72
C GLU C 4674 -17.33 61.99 -16.11
N LYS C 4675 -17.98 60.82 -16.18
CA LYS C 4675 -17.44 59.64 -15.52
C LYS C 4675 -16.13 59.19 -16.17
N GLU C 4676 -16.09 59.16 -17.51
CA GLU C 4676 -14.93 58.61 -18.19
C GLU C 4676 -13.68 59.45 -17.92
N LEU C 4677 -13.82 60.77 -17.88
CA LEU C 4677 -12.67 61.62 -17.61
C LEU C 4677 -12.21 61.46 -16.16
N ALA C 4678 -13.14 61.43 -15.22
CA ALA C 4678 -12.77 61.23 -13.82
C ALA C 4678 -12.12 59.87 -13.61
N ARG C 4679 -12.70 58.82 -14.22
CA ARG C 4679 -12.09 57.51 -14.14
C ARG C 4679 -10.74 57.50 -14.86
N LYS C 4680 -10.61 58.27 -15.94
CA LYS C 4680 -9.32 58.44 -16.58
C LYS C 4680 -8.30 59.04 -15.63
N LEU C 4681 -8.65 60.16 -14.99
CA LEU C 4681 -7.70 60.85 -14.13
C LEU C 4681 -7.28 60.02 -12.94
N GLU C 4682 -8.12 59.09 -12.48
CA GLU C 4682 -7.73 58.24 -11.36
C GLU C 4682 -6.62 57.28 -11.73
N PHE C 4683 -6.66 56.74 -12.96
CA PHE C 4683 -5.67 55.78 -13.43
C PHE C 4683 -4.65 56.40 -14.38
N ASP C 4684 -5.09 57.25 -15.30
CA ASP C 4684 -4.24 57.76 -16.36
C ASP C 4684 -3.93 59.24 -16.13
N GLY C 4685 -2.74 59.62 -16.57
CA GLY C 4685 -2.32 61.01 -16.53
C GLY C 4685 -1.95 61.50 -17.91
N LEU C 4686 -2.74 61.12 -18.91
CA LEU C 4686 -2.47 61.51 -20.29
C LEU C 4686 -2.38 63.03 -20.42
N TYR C 4687 -3.30 63.74 -19.79
CA TYR C 4687 -3.24 65.20 -19.76
C TYR C 4687 -2.11 65.73 -18.89
N ILE C 4688 -1.47 64.87 -18.09
CA ILE C 4688 -0.43 65.29 -17.15
C ILE C 4688 0.91 64.66 -17.51
N THR C 4689 0.94 63.35 -17.72
CA THR C 4689 2.21 62.64 -17.82
C THR C 4689 2.85 62.78 -19.20
N GLU C 4690 2.21 62.24 -20.23
CA GLU C 4690 2.86 62.21 -21.53
C GLU C 4690 2.45 63.36 -22.45
N GLN C 4691 1.18 63.37 -22.87
CA GLN C 4691 0.62 64.39 -23.75
C GLN C 4691 -0.84 64.06 -23.98
N PRO C 4692 -1.70 65.05 -24.24
CA PRO C 4692 -3.04 64.73 -24.74
C PRO C 4692 -2.97 64.11 -26.13
N GLY C 4693 -3.99 63.31 -26.44
CA GLY C 4693 -4.06 62.64 -27.72
C GLY C 4693 -4.09 63.59 -28.91
N ASP C 4695 -5.72 64.56 -34.46
CA ASP C 4695 -5.69 63.22 -33.88
C ASP C 4695 -6.28 63.23 -32.47
N ASP C 4696 -6.98 64.31 -32.13
CA ASP C 4696 -7.57 64.46 -30.82
C ASP C 4696 -9.04 64.87 -30.91
N VAL C 4697 -9.77 64.28 -31.84
CA VAL C 4697 -11.19 64.59 -32.03
C VAL C 4697 -11.96 64.23 -30.76
N LYS C 4698 -12.76 65.17 -30.26
CA LYS C 4698 -13.57 65.01 -29.05
C LYS C 4698 -12.69 64.88 -27.82
N GLY C 4699 -11.37 64.87 -28.00
CA GLY C 4699 -10.47 64.85 -26.86
C GLY C 4699 -9.77 66.19 -26.68
N GLN C 4700 -9.46 66.86 -27.78
CA GLN C 4700 -8.85 68.19 -27.68
C GLN C 4700 -9.81 69.18 -27.05
N TRP C 4701 -11.09 69.06 -27.37
CA TRP C 4701 -12.10 69.94 -26.77
C TRP C 4701 -12.19 69.77 -25.26
N ASP C 4702 -11.76 68.62 -24.73
CA ASP C 4702 -11.89 68.34 -23.31
C ASP C 4702 -10.94 69.17 -22.45
N ARG C 4703 -9.92 69.79 -23.03
CA ARG C 4703 -8.99 70.59 -22.23
C ARG C 4703 -9.67 71.80 -21.60
N LEU C 4704 -10.82 72.23 -22.12
CA LEU C 4704 -11.48 73.41 -21.58
C LEU C 4704 -11.97 73.18 -20.15
N VAL C 4705 -12.50 71.99 -19.85
CA VAL C 4705 -13.11 71.75 -18.55
C VAL C 4705 -12.10 71.65 -17.42
N LEU C 4706 -10.81 71.49 -17.74
CA LEU C 4706 -9.79 71.32 -16.71
C LEU C 4706 -9.73 72.52 -15.77
N ASN C 4707 -9.78 73.72 -16.34
CA ASN C 4707 -9.73 74.95 -15.54
C ASN C 4707 -11.08 75.36 -14.99
N THR C 4708 -12.16 74.73 -15.42
CA THR C 4708 -13.48 75.10 -14.94
C THR C 4708 -13.65 74.62 -13.50
N PRO C 4709 -13.98 75.52 -12.56
CA PRO C 4709 -14.16 75.10 -11.16
C PRO C 4709 -15.33 74.14 -10.94
N SER C 4710 -16.27 74.03 -11.88
CA SER C 4710 -17.47 73.23 -11.71
C SER C 4710 -17.43 71.96 -12.56
N PHE C 4711 -16.25 71.35 -12.67
CA PHE C 4711 -16.14 70.08 -13.40
C PHE C 4711 -17.01 68.97 -12.80
N PRO C 4712 -17.00 68.69 -11.49
CA PRO C 4712 -17.77 67.56 -10.98
C PRO C 4712 -19.24 67.85 -10.79
N SER C 4713 -19.74 68.90 -11.46
CA SER C 4713 -21.10 69.38 -11.23
C SER C 4713 -22.14 68.30 -11.45
N ASN C 4714 -21.85 67.30 -12.28
CA ASN C 4714 -22.79 66.22 -12.53
C ASN C 4714 -22.36 64.88 -11.96
N TYR C 4715 -21.05 64.58 -11.98
CA TYR C 4715 -20.58 63.27 -11.55
C TYR C 4715 -20.75 63.10 -10.05
N TRP C 4716 -20.77 61.84 -9.61
CA TRP C 4716 -20.94 61.54 -8.19
C TRP C 4716 -19.80 62.11 -7.36
N ASP C 4717 -18.57 61.83 -7.76
CA ASP C 4717 -17.42 62.33 -7.01
C ASP C 4717 -17.30 63.83 -7.22
N LYS C 4718 -17.05 64.55 -6.13
CA LYS C 4718 -16.83 65.99 -6.16
C LYS C 4718 -15.50 66.37 -5.53
N PHE C 4719 -14.55 65.42 -5.46
CA PHE C 4719 -13.25 65.69 -4.86
C PHE C 4719 -12.13 65.12 -5.72
N VAL C 4720 -12.34 65.03 -7.03
CA VAL C 4720 -11.36 64.36 -7.90
C VAL C 4720 -10.02 65.09 -7.91
N LYS C 4721 -10.05 66.41 -7.71
CA LYS C 4721 -8.82 67.19 -7.76
C LYS C 4721 -7.85 66.78 -6.65
N ARG C 4722 -8.36 66.28 -5.53
CA ARG C 4722 -7.50 65.87 -4.44
C ARG C 4722 -6.86 64.49 -4.65
N LYS C 4723 -7.57 63.55 -5.27
CA LYS C 4723 -6.93 62.26 -5.55
C LYS C 4723 -5.79 62.40 -6.55
N VAL C 4724 -6.00 63.18 -7.62
CA VAL C 4724 -4.97 63.31 -8.65
C VAL C 4724 -3.74 64.00 -8.08
N LEU C 4725 -3.93 64.96 -7.18
CA LEU C 4725 -2.80 65.63 -6.56
C LEU C 4725 -1.97 64.67 -5.72
N ASP C 4726 -2.62 63.72 -5.05
CA ASP C 4726 -1.91 62.80 -4.17
C ASP C 4726 -0.93 61.93 -4.95
N LYS C 4727 -1.34 61.43 -6.12
CA LYS C 4727 -0.52 60.48 -6.87
C LYS C 4727 0.51 61.14 -7.77
N HIS C 4728 0.22 62.34 -8.29
CA HIS C 4728 1.09 62.96 -9.27
C HIS C 4728 1.58 64.35 -8.89
N GLY C 4729 0.96 64.99 -7.89
CA GLY C 4729 1.41 66.32 -7.50
C GLY C 4729 2.81 66.35 -6.94
N ASP C 4730 3.15 65.37 -6.10
CA ASP C 4730 4.47 65.36 -5.47
C ASP C 4730 5.57 64.95 -6.45
N ILE C 4731 5.31 63.94 -7.28
CA ILE C 4731 6.32 63.46 -8.21
C ILE C 4731 6.66 64.52 -9.25
N PHE C 4732 5.75 65.45 -9.52
CA PHE C 4732 5.96 66.54 -10.46
C PHE C 4732 6.00 67.86 -9.68
N GLY C 4733 6.07 68.96 -10.43
CA GLY C 4733 5.94 70.26 -9.82
C GLY C 4733 4.57 70.43 -9.21
N ARG C 4734 4.49 70.44 -7.88
CA ARG C 4734 3.20 70.45 -7.22
C ARG C 4734 2.41 71.72 -7.54
N GLU C 4735 3.10 72.87 -7.65
CA GLU C 4735 2.43 74.08 -8.07
C GLU C 4735 1.90 73.97 -9.49
N ARG C 4736 2.66 73.30 -10.37
CA ARG C 4736 2.21 73.12 -11.75
C ARG C 4736 0.95 72.28 -11.83
N ILE C 4737 0.89 71.18 -11.07
CA ILE C 4737 -0.31 70.36 -11.04
C ILE C 4737 -1.46 71.13 -10.38
N ALA C 4738 -1.16 71.85 -9.30
CA ALA C 4738 -2.18 72.64 -8.61
C ALA C 4738 -2.65 73.82 -9.45
N GLU C 4739 -1.95 74.16 -10.54
CA GLU C 4739 -2.34 75.25 -11.42
C GLU C 4739 -3.09 74.78 -12.66
N LEU C 4740 -2.60 73.72 -13.31
CA LEU C 4740 -3.19 73.28 -14.56
C LEU C 4740 -4.62 72.78 -14.36
N LEU C 4741 -4.87 72.07 -13.26
CA LEU C 4741 -6.15 71.44 -13.02
C LEU C 4741 -7.09 72.32 -12.18
N GLY C 4742 -6.92 73.62 -12.26
CA GLY C 4742 -7.76 74.54 -11.50
C GLY C 4742 -7.13 74.91 -10.17
N MET C 4743 -7.84 74.63 -9.08
CA MET C 4743 -7.39 74.92 -7.72
C MET C 4743 -6.98 76.39 -7.57
N ASP C 4744 -7.97 77.27 -7.71
CA ASP C 4744 -7.74 78.70 -7.55
C ASP C 4744 -7.35 79.01 -6.11
N LEU C 4745 -6.07 79.31 -5.89
CA LEU C 4745 -5.51 79.60 -4.56
C LEU C 4745 -5.69 78.43 -3.60
N ALA C 4746 -6.00 77.24 -4.11
CA ALA C 4746 -6.23 76.08 -3.25
C ALA C 4746 -4.94 75.45 -2.75
N SER C 4747 -3.78 75.88 -3.26
CA SER C 4747 -2.52 75.37 -2.73
C SER C 4747 -2.36 75.71 -1.27
N LEU C 4748 -2.76 76.92 -0.86
CA LEU C 4748 -2.80 77.30 0.53
C LEU C 4748 -4.18 77.19 1.16
N GLU C 4749 -5.22 77.06 0.34
CA GLU C 4749 -6.59 76.92 0.83
C GLU C 4749 -7.01 75.46 1.00
N ILE C 4750 -6.12 74.51 0.74
CA ILE C 4750 -6.46 73.10 0.91
C ILE C 4750 -6.73 72.80 2.38
N THR C 4751 -5.86 73.29 3.27
CA THR C 4751 -6.05 73.11 4.70
C THR C 4751 -6.95 74.17 5.33
N ALA C 4752 -7.27 75.23 4.59
CA ALA C 4752 -8.12 76.28 5.14
C ALA C 4752 -9.52 75.78 5.46
N HIS C 4753 -10.08 74.94 4.60
CA HIS C 4753 -11.43 74.41 4.79
C HIS C 4753 -11.43 73.22 5.74
N ASN C 4754 -10.87 73.41 6.93
CA ASN C 4754 -10.80 72.37 7.94
C ASN C 4754 -11.26 72.81 9.32
N GLU C 4755 -11.32 74.11 9.61
CA GLU C 4755 -11.73 74.57 10.93
C GLU C 4755 -13.25 74.52 11.09
N ARG C 4756 -13.98 75.22 10.22
CA ARG C 4756 -15.43 75.26 10.29
C ARG C 4756 -15.94 75.61 8.90
N LYS C 4757 -17.27 75.73 8.79
CA LYS C 4757 -17.89 76.07 7.51
C LYS C 4757 -19.22 76.76 7.72
N PRO C 4758 -19.35 78.03 7.35
CA PRO C 4758 -20.63 78.73 7.44
C PRO C 4758 -21.53 78.35 6.26
N ASP C 4759 -22.79 78.76 6.36
CA ASP C 4759 -23.80 78.46 5.35
C ASP C 4759 -24.36 79.76 4.78
N PRO C 4760 -23.89 80.20 3.61
CA PRO C 4760 -24.43 81.42 3.03
C PRO C 4760 -25.84 81.19 2.51
N PRO C 4761 -26.68 82.22 2.50
CA PRO C 4761 -28.04 82.08 1.98
C PRO C 4761 -28.03 81.97 0.46
N PRO C 4762 -29.06 81.36 -0.13
CA PRO C 4762 -29.11 81.25 -1.60
C PRO C 4762 -29.37 82.61 -2.24
N GLY C 4763 -28.68 82.86 -3.35
CA GLY C 4763 -28.83 84.10 -4.08
C GLY C 4763 -29.33 83.90 -5.50
N LEU C 4764 -30.30 83.01 -5.67
CA LEU C 4764 -30.80 82.70 -7.00
C LEU C 4764 -31.51 83.92 -7.60
N LEU C 4765 -31.45 83.99 -8.93
CA LEU C 4765 -32.06 85.06 -9.72
C LEU C 4765 -31.42 86.42 -9.42
N THR C 4766 -30.35 86.43 -8.62
CA THR C 4766 -29.62 87.64 -8.31
C THR C 4766 -28.19 87.60 -8.81
N TRP C 4767 -27.46 86.53 -8.49
CA TRP C 4767 -26.08 86.35 -8.94
C TRP C 4767 -25.95 85.16 -9.89
N LEU C 4768 -26.98 84.92 -10.72
CA LEU C 4768 -26.94 83.79 -11.63
C LEU C 4768 -25.84 83.95 -12.67
N MET C 4769 -25.50 85.17 -13.05
CA MET C 4769 -24.42 85.38 -14.01
C MET C 4769 -23.06 85.01 -13.42
N SER C 4770 -22.96 84.90 -12.10
CA SER C 4770 -21.71 84.51 -11.45
C SER C 4770 -21.56 82.99 -11.47
N ILE C 4771 -21.53 82.45 -12.68
CA ILE C 4771 -21.37 81.01 -12.92
C ILE C 4771 -20.26 80.81 -13.94
N ASP C 4772 -19.83 79.56 -14.06
CA ASP C 4772 -18.76 79.23 -14.99
C ASP C 4772 -19.28 79.26 -16.42
N VAL C 4773 -19.38 80.47 -16.98
CA VAL C 4773 -19.86 80.63 -18.35
C VAL C 4773 -18.92 79.91 -19.32
N LYS C 4774 -17.63 79.85 -19.00
CA LYS C 4774 -16.68 79.10 -19.81
C LYS C 4774 -17.07 77.63 -19.87
N TYR C 4775 -17.49 77.06 -18.72
CA TYR C 4775 -17.94 75.68 -18.72
C TYR C 4775 -19.25 75.51 -19.49
N GLN C 4776 -20.09 76.55 -19.52
CA GLN C 4776 -21.32 76.47 -20.29
C GLN C 4776 -21.03 76.26 -21.77
N ILE C 4777 -20.00 76.92 -22.29
CA ILE C 4777 -19.58 76.70 -23.67
C ILE C 4777 -19.14 75.25 -23.86
N TRP C 4778 -18.46 74.69 -22.86
CA TRP C 4778 -18.04 73.30 -22.95
C TRP C 4778 -19.23 72.36 -23.03
N LYS C 4779 -20.28 72.64 -22.25
CA LYS C 4779 -21.47 71.80 -22.30
C LYS C 4779 -22.13 71.85 -23.67
N PHE C 4780 -22.23 73.05 -24.25
CA PHE C 4780 -22.89 73.20 -25.54
C PHE C 4780 -22.14 72.46 -26.65
N GLY C 4781 -20.80 72.48 -26.58
CA GLY C 4781 -20.02 71.77 -27.58
C GLY C 4781 -20.32 70.28 -27.59
N VAL C 4782 -20.53 69.70 -26.41
CA VAL C 4782 -20.91 68.29 -26.34
C VAL C 4782 -22.28 68.09 -26.96
N ILE C 4783 -23.20 69.03 -26.73
CA ILE C 4783 -24.57 68.87 -27.24
C ILE C 4783 -24.58 68.85 -28.76
N PHE C 4784 -23.86 69.79 -29.37
CA PHE C 4784 -23.82 69.87 -30.83
C PHE C 4784 -23.06 68.71 -31.47
N THR C 4785 -22.34 67.91 -30.68
CA THR C 4785 -21.68 66.72 -31.19
C THR C 4785 -22.51 65.46 -30.96
N ASP C 4786 -23.63 65.55 -30.26
CA ASP C 4786 -24.46 64.39 -30.02
C ASP C 4786 -25.11 63.92 -31.31
N ASN C 4787 -25.10 62.60 -31.52
CA ASN C 4787 -25.72 62.04 -32.72
C ASN C 4787 -27.24 62.18 -32.66
N SER C 4788 -27.85 61.86 -31.52
CA SER C 4788 -29.31 61.87 -31.44
C SER C 4788 -29.86 63.29 -31.46
N PHE C 4789 -29.19 64.22 -30.79
CA PHE C 4789 -29.74 65.57 -30.68
C PHE C 4789 -29.86 66.24 -32.04
N LEU C 4790 -28.85 66.10 -32.89
CA LEU C 4790 -28.88 66.75 -34.19
C LEU C 4790 -30.02 66.21 -35.05
N TYR C 4791 -30.22 64.90 -35.05
CA TYR C 4791 -31.25 64.31 -35.91
C TYR C 4791 -32.63 64.83 -35.56
N LEU C 4792 -32.94 64.90 -34.27
CA LEU C 4792 -34.23 65.46 -33.87
C LEU C 4792 -34.30 66.95 -34.18
N GLY C 4793 -33.22 67.69 -33.94
CA GLY C 4793 -33.19 69.08 -34.33
C GLY C 4793 -33.25 69.26 -35.83
N TRP C 4794 -32.53 68.41 -36.57
CA TRP C 4794 -32.61 68.44 -38.03
C TRP C 4794 -34.02 68.19 -38.52
N TYR C 4795 -34.83 67.47 -37.73
CA TYR C 4795 -36.23 67.30 -38.07
C TYR C 4795 -36.99 68.60 -37.93
N MET C 4796 -36.59 69.46 -36.98
CA MET C 4796 -37.31 70.70 -36.75
C MET C 4796 -37.23 71.65 -37.94
N VAL C 4797 -36.05 71.74 -38.57
CA VAL C 4797 -35.81 72.84 -39.51
C VAL C 4797 -36.73 72.72 -40.73
N MET C 4798 -36.96 71.49 -41.21
CA MET C 4798 -37.90 71.33 -42.31
C MET C 4798 -39.32 71.68 -41.91
N SER C 4799 -39.73 71.33 -40.68
CA SER C 4799 -41.07 71.67 -40.23
C SER C 4799 -41.27 73.19 -40.24
N LEU C 4800 -40.29 73.93 -39.75
CA LEU C 4800 -40.33 75.38 -39.88
C LEU C 4800 -40.28 75.79 -41.34
N LEU C 4801 -39.38 75.19 -42.10
CA LEU C 4801 -39.25 75.52 -43.52
C LEU C 4801 -40.44 75.03 -44.33
N GLY C 4802 -41.19 74.06 -43.81
CA GLY C 4802 -42.33 73.54 -44.55
C GLY C 4802 -43.48 74.52 -44.68
N HIS C 4803 -43.48 75.59 -43.89
CA HIS C 4803 -44.55 76.57 -43.97
C HIS C 4803 -44.55 77.35 -45.27
N TYR C 4804 -43.43 77.33 -46.01
CA TYR C 4804 -43.46 77.86 -47.36
C TYR C 4804 -44.36 77.00 -48.23
N ASN C 4805 -44.88 77.60 -49.30
CA ASN C 4805 -45.82 76.92 -50.19
C ASN C 4805 -45.04 75.87 -50.99
N ASN C 4806 -44.77 74.75 -50.34
CA ASN C 4806 -43.94 73.70 -50.91
C ASN C 4806 -44.38 72.36 -50.32
N PHE C 4807 -43.72 71.29 -50.76
CA PHE C 4807 -44.04 69.95 -50.34
C PHE C 4807 -43.03 69.38 -49.34
N PHE C 4808 -42.32 70.24 -48.61
CA PHE C 4808 -41.25 69.78 -47.74
C PHE C 4808 -41.76 68.86 -46.65
N PHE C 4809 -43.07 68.87 -46.40
CA PHE C 4809 -43.65 68.02 -45.37
C PHE C 4809 -43.50 66.53 -45.68
N ALA C 4810 -43.22 66.17 -46.93
CA ALA C 4810 -43.02 64.76 -47.25
C ALA C 4810 -41.74 64.21 -46.65
N ALA C 4811 -40.71 65.06 -46.50
CA ALA C 4811 -39.44 64.59 -45.96
C ALA C 4811 -39.57 64.16 -44.50
N HIS C 4812 -40.58 64.64 -43.78
CA HIS C 4812 -40.78 64.20 -42.41
C HIS C 4812 -41.02 62.70 -42.32
N LEU C 4813 -41.59 62.12 -43.38
CA LEU C 4813 -41.90 60.69 -43.36
C LEU C 4813 -40.65 59.83 -43.33
N LEU C 4814 -39.65 60.17 -44.14
CA LEU C 4814 -38.53 59.28 -44.36
C LEU C 4814 -37.69 59.09 -43.10
N ASP C 4815 -37.29 60.19 -42.47
CA ASP C 4815 -36.32 60.12 -41.40
C ASP C 4815 -36.88 59.56 -40.10
N ILE C 4816 -38.19 59.34 -40.01
CA ILE C 4816 -38.79 58.76 -38.82
C ILE C 4816 -39.34 57.36 -39.09
N ALA C 4817 -39.85 57.12 -40.30
CA ALA C 4817 -40.32 55.78 -40.65
C ALA C 4817 -39.21 54.75 -40.55
N MET C 4818 -37.95 55.20 -40.58
CA MET C 4818 -36.80 54.33 -40.35
C MET C 4818 -36.72 53.84 -38.91
N GLY C 4819 -37.53 54.37 -37.99
CA GLY C 4819 -37.46 53.96 -36.61
C GLY C 4819 -37.76 52.50 -36.37
N VAL C 4820 -38.40 51.83 -37.33
CA VAL C 4820 -38.64 50.40 -37.20
C VAL C 4820 -37.32 49.64 -37.22
N LYS C 4821 -37.19 48.67 -36.32
CA LYS C 4821 -35.94 47.96 -36.17
C LYS C 4821 -35.58 47.17 -37.43
N THR C 4822 -36.53 46.39 -37.94
CA THR C 4822 -36.24 45.57 -39.12
C THR C 4822 -35.98 46.43 -40.35
N LEU C 4823 -36.55 47.63 -40.40
CA LEU C 4823 -36.27 48.53 -41.51
C LEU C 4823 -34.88 49.15 -41.36
N ARG C 4824 -34.43 49.37 -40.13
CA ARG C 4824 -33.11 49.97 -39.91
C ARG C 4824 -32.00 49.08 -40.45
N THR C 4825 -32.16 47.76 -40.31
CA THR C 4825 -31.15 46.85 -40.84
C THR C 4825 -31.00 46.99 -42.34
N ILE C 4826 -32.12 47.15 -43.04
CA ILE C 4826 -32.08 47.27 -44.50
C ILE C 4826 -31.30 48.52 -44.91
N LEU C 4827 -31.65 49.66 -44.31
CA LEU C 4827 -31.01 50.92 -44.72
C LEU C 4827 -29.55 50.97 -44.27
N SER C 4828 -29.26 50.39 -43.10
CA SER C 4828 -27.88 50.40 -42.62
C SER C 4828 -26.99 49.45 -43.40
N SER C 4829 -27.57 48.56 -44.20
CA SER C 4829 -26.78 47.58 -44.93
C SER C 4829 -25.83 48.28 -45.90
N VAL C 4830 -26.32 49.27 -46.64
CA VAL C 4830 -25.45 50.00 -47.57
C VAL C 4830 -24.38 50.76 -46.81
N THR C 4831 -24.69 51.28 -45.62
CA THR C 4831 -23.70 51.99 -44.83
C THR C 4831 -22.60 51.04 -44.36
N HIS C 4832 -22.96 49.80 -44.03
CA HIS C 4832 -22.01 48.87 -43.41
C HIS C 4832 -20.84 48.57 -44.34
N ASN C 4833 -21.12 48.36 -45.63
CA ASN C 4833 -20.09 48.04 -46.61
C ASN C 4833 -19.73 49.23 -47.48
N GLY C 4834 -19.89 50.45 -46.98
CA GLY C 4834 -19.62 51.63 -47.80
C GLY C 4834 -18.17 51.74 -48.24
N LYS C 4835 -17.25 51.25 -47.42
CA LYS C 4835 -15.82 51.34 -47.74
C LYS C 4835 -15.41 50.39 -48.85
N GLN C 4836 -16.28 49.47 -49.26
CA GLN C 4836 -15.93 48.43 -50.21
C GLN C 4836 -16.38 48.76 -51.63
N LEU C 4837 -17.65 49.12 -51.81
CA LEU C 4837 -18.16 49.38 -53.15
C LEU C 4837 -17.65 50.70 -53.72
N VAL C 4838 -17.22 51.64 -52.88
CA VAL C 4838 -16.76 52.93 -53.36
C VAL C 4838 -15.53 52.78 -54.23
N MET C 4839 -14.64 51.84 -53.89
CA MET C 4839 -13.49 51.55 -54.73
C MET C 4839 -13.85 50.65 -55.90
N THR C 4840 -14.98 49.95 -55.84
CA THR C 4840 -15.40 49.04 -56.90
C THR C 4840 -16.15 49.74 -58.01
N VAL C 4841 -17.10 50.62 -57.66
CA VAL C 4841 -17.84 51.37 -58.67
C VAL C 4841 -16.90 52.27 -59.47
N GLY C 4842 -15.78 52.69 -58.86
CA GLY C 4842 -14.80 53.43 -59.60
C GLY C 4842 -14.22 52.64 -60.75
N LEU C 4843 -14.01 51.34 -60.56
CA LEU C 4843 -13.52 50.51 -61.66
C LEU C 4843 -14.54 50.43 -62.78
N LEU C 4844 -15.83 50.55 -62.45
CA LEU C 4844 -16.84 50.59 -63.50
C LEU C 4844 -16.67 51.81 -64.38
N ALA C 4845 -16.36 52.96 -63.77
CA ALA C 4845 -16.27 54.20 -64.53
C ALA C 4845 -15.07 54.23 -65.46
N VAL C 4846 -14.05 53.43 -65.17
CA VAL C 4846 -12.87 53.43 -66.02
C VAL C 4846 -12.95 52.39 -67.13
N VAL C 4847 -13.61 51.27 -66.89
CA VAL C 4847 -13.74 50.25 -67.93
C VAL C 4847 -14.55 50.80 -69.10
N VAL C 4848 -15.66 51.49 -68.82
CA VAL C 4848 -16.45 52.09 -69.88
C VAL C 4848 -15.63 53.15 -70.60
N TYR C 4849 -14.76 53.86 -69.88
CA TYR C 4849 -13.92 54.87 -70.52
C TYR C 4849 -13.04 54.25 -71.60
N LEU C 4850 -12.49 53.07 -71.34
CA LEU C 4850 -11.73 52.38 -72.37
C LEU C 4850 -12.59 52.09 -73.58
N TYR C 4851 -13.78 51.53 -73.36
CA TYR C 4851 -14.70 51.32 -74.47
C TYR C 4851 -15.21 52.63 -75.05
N THR C 4852 -15.16 53.72 -74.27
CA THR C 4852 -15.62 55.00 -74.80
C THR C 4852 -14.66 55.52 -75.86
N VAL C 4853 -13.36 55.50 -75.58
CA VAL C 4853 -12.41 56.09 -76.52
C VAL C 4853 -12.24 55.23 -77.76
N VAL C 4854 -12.31 53.90 -77.63
CA VAL C 4854 -12.05 53.04 -78.77
C VAL C 4854 -13.12 53.24 -79.85
N ALA C 4855 -14.38 53.38 -79.45
CA ALA C 4855 -15.43 53.62 -80.42
C ALA C 4855 -15.34 55.03 -80.99
N PHE C 4856 -15.02 56.01 -80.14
CA PHE C 4856 -14.90 57.39 -80.62
C PHE C 4856 -13.79 57.55 -81.64
N ASN C 4857 -12.80 56.66 -81.60
CA ASN C 4857 -11.68 56.72 -82.53
C ASN C 4857 -11.95 55.96 -83.82
N PHE C 4858 -12.66 54.83 -83.75
CA PHE C 4858 -12.86 53.95 -84.90
C PHE C 4858 -14.32 53.83 -85.30
N PHE C 4859 -15.22 53.62 -84.34
CA PHE C 4859 -16.62 53.35 -84.63
C PHE C 4859 -17.48 54.60 -84.62
N ARG C 4860 -16.90 55.75 -84.95
CA ARG C 4860 -17.65 57.01 -84.87
C ARG C 4860 -18.80 57.06 -85.86
N LYS C 4861 -18.65 56.45 -87.03
CA LYS C 4861 -19.61 56.59 -88.11
C LYS C 4861 -20.76 55.60 -88.03
N PHE C 4862 -21.01 54.99 -86.86
CA PHE C 4862 -22.10 54.04 -86.71
C PHE C 4862 -23.18 54.45 -85.73
N TYR C 4863 -22.89 55.34 -84.79
CA TYR C 4863 -23.89 55.67 -83.77
C TYR C 4863 -25.13 56.29 -84.41
N ASN C 4864 -24.99 57.48 -84.99
CA ASN C 4864 -25.97 58.01 -85.93
C ASN C 4864 -27.42 57.89 -85.47
N LYS C 4865 -27.80 58.64 -84.43
CA LYS C 4865 -29.15 58.54 -83.88
C LYS C 4865 -30.20 58.87 -84.93
N SER C 4866 -29.81 59.58 -85.99
CA SER C 4866 -30.59 59.70 -87.22
C SER C 4866 -31.95 60.36 -86.97
N GLU C 4867 -31.90 61.63 -86.56
CA GLU C 4867 -33.09 62.45 -86.63
C GLU C 4867 -33.41 62.77 -88.09
N ASP C 4868 -34.61 63.28 -88.33
CA ASP C 4868 -35.17 63.26 -89.68
C ASP C 4868 -34.34 64.05 -90.70
N GLU C 4869 -33.77 63.32 -91.66
CA GLU C 4869 -33.09 63.80 -92.86
C GLU C 4869 -31.77 64.50 -92.58
N ASP C 4870 -31.39 64.71 -91.32
CA ASP C 4870 -30.11 65.30 -90.99
C ASP C 4870 -29.53 64.57 -89.80
N GLU C 4871 -28.21 64.62 -89.67
CA GLU C 4871 -27.50 63.99 -88.55
C GLU C 4871 -26.47 64.94 -87.96
N PRO C 4872 -26.91 66.00 -87.27
CA PRO C 4872 -25.96 66.81 -86.51
C PRO C 4872 -25.74 66.33 -85.08
N ASP C 4873 -26.51 65.34 -84.62
CA ASP C 4873 -26.45 64.88 -83.23
C ASP C 4873 -25.75 63.53 -83.21
N MET C 4874 -24.42 63.56 -83.23
CA MET C 4874 -23.60 62.36 -83.16
C MET C 4874 -23.00 62.27 -81.77
N LYS C 4875 -23.32 61.19 -81.06
CA LYS C 4875 -22.83 61.05 -79.70
C LYS C 4875 -21.31 60.94 -79.67
N CYS C 4876 -20.71 60.43 -80.74
CA CYS C 4876 -19.25 60.34 -80.82
C CYS C 4876 -18.65 61.54 -81.55
N ASP C 4877 -18.92 62.74 -81.05
CA ASP C 4877 -18.30 63.95 -81.56
C ASP C 4877 -17.39 64.62 -80.52
N ASP C 4878 -17.90 64.84 -79.32
CA ASP C 4878 -17.12 65.44 -78.25
C ASP C 4878 -16.57 64.34 -77.34
N MET C 4879 -15.41 64.62 -76.74
CA MET C 4879 -14.79 63.65 -75.85
C MET C 4879 -15.69 63.33 -74.67
N MET C 4880 -16.41 64.32 -74.16
CA MET C 4880 -17.26 64.10 -73.00
C MET C 4880 -18.67 63.66 -73.39
N THR C 4881 -19.15 64.06 -74.56
CA THR C 4881 -20.50 63.70 -74.95
C THR C 4881 -20.66 62.19 -75.10
N CYS C 4882 -19.68 61.54 -75.72
CA CYS C 4882 -19.75 60.09 -75.88
C CYS C 4882 -19.70 59.39 -74.52
N TYR C 4883 -18.89 59.90 -73.60
CA TYR C 4883 -18.83 59.32 -72.27
C TYR C 4883 -20.17 59.41 -71.57
N LEU C 4884 -20.84 60.56 -71.65
CA LEU C 4884 -22.15 60.70 -71.01
C LEU C 4884 -23.17 59.77 -71.65
N PHE C 4885 -23.04 59.49 -72.94
CA PHE C 4885 -24.04 58.68 -73.63
C PHE C 4885 -24.05 57.25 -73.11
N HIS C 4886 -22.88 56.67 -72.86
CA HIS C 4886 -22.82 55.24 -72.54
C HIS C 4886 -23.42 54.95 -71.17
N MET C 4887 -23.11 55.77 -70.17
CA MET C 4887 -23.66 55.53 -68.84
C MET C 4887 -25.02 56.16 -68.63
N TYR C 4888 -25.61 56.77 -69.64
CA TYR C 4888 -27.01 57.13 -69.60
C TYR C 4888 -27.89 56.09 -70.30
N VAL C 4889 -27.32 55.28 -71.19
CA VAL C 4889 -28.07 54.27 -71.92
C VAL C 4889 -27.46 52.88 -71.74
N GLY C 4890 -26.15 52.76 -71.93
CA GLY C 4890 -25.54 51.43 -72.02
C GLY C 4890 -25.72 50.60 -70.76
N VAL C 4891 -25.40 51.17 -69.61
CA VAL C 4891 -25.52 50.42 -68.36
C VAL C 4891 -26.96 50.28 -67.90
N ARG C 4892 -27.86 51.15 -68.36
CA ARG C 4892 -29.27 51.01 -68.08
C ARG C 4892 -30.01 50.30 -69.21
N ALA C 4893 -29.31 49.93 -70.29
CA ALA C 4893 -29.97 49.27 -71.41
C ALA C 4893 -30.53 47.92 -71.01
N GLY C 4894 -29.76 47.14 -70.25
CA GLY C 4894 -30.18 45.79 -69.94
C GLY C 4894 -30.19 44.92 -71.18
N GLY C 4895 -29.01 44.58 -71.69
CA GLY C 4895 -28.91 43.85 -72.93
C GLY C 4895 -27.74 44.29 -73.79
N GLY C 4896 -26.99 45.28 -73.31
CA GLY C 4896 -25.77 45.69 -73.97
C GLY C 4896 -25.96 46.94 -74.81
N ILE C 4897 -24.81 47.48 -75.24
CA ILE C 4897 -24.82 48.69 -76.05
C ILE C 4897 -25.44 48.46 -77.41
N GLY C 4898 -25.50 47.21 -77.88
CA GLY C 4898 -26.01 46.91 -79.20
C GLY C 4898 -27.52 46.87 -79.27
N ASP C 4899 -28.17 47.71 -78.47
CA ASP C 4899 -29.62 47.82 -78.50
C ASP C 4899 -30.11 49.20 -78.94
N GLU C 4900 -29.27 50.22 -78.89
CA GLU C 4900 -29.64 51.55 -79.36
C GLU C 4900 -28.65 52.05 -80.41
N ILE C 4901 -27.90 51.16 -81.03
CA ILE C 4901 -26.93 51.51 -82.07
C ILE C 4901 -27.50 51.05 -83.40
N GLU C 4902 -26.86 51.51 -84.48
CA GLU C 4902 -27.32 51.14 -85.82
C GLU C 4902 -26.93 49.70 -86.14
N ASP C 4903 -27.40 49.25 -87.30
CA ASP C 4903 -27.18 47.87 -87.71
C ASP C 4903 -25.71 47.63 -88.06
N PRO C 4904 -25.05 46.66 -87.44
CA PRO C 4904 -23.68 46.32 -87.83
C PRO C 4904 -23.58 45.38 -89.03
N ALA C 4905 -24.64 45.22 -89.80
CA ALA C 4905 -24.64 44.31 -90.95
C ALA C 4905 -23.85 44.83 -92.13
N GLY C 4906 -23.25 46.02 -92.05
CA GLY C 4906 -22.48 46.52 -93.16
C GLY C 4906 -21.25 45.69 -93.45
N ASP C 4907 -20.83 45.71 -94.72
CA ASP C 4907 -19.72 44.89 -95.16
C ASP C 4907 -18.43 45.28 -94.45
N GLU C 4908 -18.18 46.57 -94.30
CA GLU C 4908 -16.95 47.02 -93.66
C GLU C 4908 -17.01 46.78 -92.16
N TYR C 4909 -15.96 46.15 -91.63
CA TYR C 4909 -15.79 45.96 -90.19
C TYR C 4909 -16.94 45.17 -89.58
N GLU C 4910 -17.53 44.26 -90.35
CA GLU C 4910 -18.68 43.51 -89.85
C GLU C 4910 -18.30 42.65 -88.65
N LEU C 4911 -17.16 41.99 -88.71
CA LEU C 4911 -16.74 41.10 -87.63
C LEU C 4911 -16.10 41.82 -86.46
N TYR C 4912 -15.76 43.11 -86.62
CA TYR C 4912 -15.14 43.82 -85.52
C TYR C 4912 -16.16 44.24 -84.47
N ARG C 4913 -17.34 44.70 -84.90
CA ARG C 4913 -18.33 45.17 -83.94
C ARG C 4913 -18.79 44.06 -83.01
N VAL C 4914 -19.03 42.86 -83.55
CA VAL C 4914 -19.48 41.77 -82.71
C VAL C 4914 -18.42 41.42 -81.66
N VAL C 4915 -17.16 41.64 -81.98
CA VAL C 4915 -16.11 41.54 -80.96
C VAL C 4915 -16.29 42.66 -79.94
N PHE C 4916 -16.51 43.88 -80.40
CA PHE C 4916 -16.76 44.99 -79.48
C PHE C 4916 -18.05 44.78 -78.71
N ASP C 4917 -19.11 44.36 -79.40
CA ASP C 4917 -20.42 44.28 -78.74
C ASP C 4917 -20.45 43.17 -77.70
N ILE C 4918 -20.02 41.96 -78.07
CA ILE C 4918 -20.12 40.83 -77.15
C ILE C 4918 -19.22 41.03 -75.94
N THR C 4919 -17.99 41.49 -76.15
CA THR C 4919 -17.10 41.75 -75.02
C THR C 4919 -17.68 42.77 -74.07
N PHE C 4920 -18.44 43.74 -74.59
CA PHE C 4920 -19.16 44.66 -73.72
C PHE C 4920 -20.18 43.92 -72.88
N PHE C 4921 -20.87 42.95 -73.45
CA PHE C 4921 -21.94 42.26 -72.73
C PHE C 4921 -21.40 41.51 -71.53
N PHE C 4922 -20.26 40.84 -71.66
CA PHE C 4922 -19.70 40.09 -70.54
C PHE C 4922 -19.17 41.01 -69.45
N PHE C 4923 -18.45 42.06 -69.84
CA PHE C 4923 -17.59 42.75 -68.90
C PHE C 4923 -18.25 43.93 -68.20
N VAL C 4924 -19.53 44.21 -68.43
CA VAL C 4924 -20.20 45.19 -67.58
C VAL C 4924 -21.49 44.62 -67.02
N ILE C 4925 -22.37 44.12 -67.88
CA ILE C 4925 -23.71 43.73 -67.44
C ILE C 4925 -23.67 42.40 -66.70
N VAL C 4926 -23.02 41.39 -67.29
CA VAL C 4926 -23.06 40.05 -66.69
C VAL C 4926 -22.30 40.02 -65.38
N ILE C 4927 -21.16 40.71 -65.31
CA ILE C 4927 -20.26 40.54 -64.17
C ILE C 4927 -20.35 41.70 -63.20
N LEU C 4928 -20.02 42.90 -63.65
CA LEU C 4928 -19.81 44.02 -62.73
C LEU C 4928 -21.08 44.37 -61.97
N LEU C 4929 -22.22 44.43 -62.67
CA LEU C 4929 -23.47 44.72 -61.97
C LEU C 4929 -23.81 43.61 -60.97
N ALA C 4930 -23.54 42.36 -61.31
CA ALA C 4930 -23.80 41.26 -60.39
C ALA C 4930 -22.96 41.41 -59.12
N ILE C 4931 -21.70 41.83 -59.27
CA ILE C 4931 -20.84 42.01 -58.11
C ILE C 4931 -21.40 43.09 -57.19
N ILE C 4932 -21.79 44.23 -57.78
CA ILE C 4932 -22.35 45.32 -56.98
C ILE C 4932 -23.61 44.85 -56.26
N GLN C 4933 -24.47 44.13 -56.96
CA GLN C 4933 -25.64 43.54 -56.32
C GLN C 4933 -25.22 42.53 -55.25
N GLY C 4934 -24.11 41.83 -55.48
CA GLY C 4934 -23.70 40.80 -54.55
C GLY C 4934 -23.33 41.34 -53.18
N LEU C 4935 -22.55 42.42 -53.13
CA LEU C 4935 -22.10 42.95 -51.85
C LEU C 4935 -23.27 43.46 -51.01
N ILE C 4936 -24.23 44.15 -51.64
CA ILE C 4936 -25.34 44.71 -50.90
C ILE C 4936 -26.22 43.61 -50.32
N ILE C 4937 -26.50 42.57 -51.11
CA ILE C 4937 -27.28 41.46 -50.61
C ILE C 4937 -26.52 40.68 -49.54
N ASP C 4938 -25.20 40.54 -49.72
CA ASP C 4938 -24.40 39.85 -48.72
C ASP C 4938 -24.38 40.61 -47.39
N ALA C 4939 -24.75 41.88 -47.38
CA ALA C 4939 -24.84 42.61 -46.12
C ALA C 4939 -25.83 41.96 -45.18
N PHE C 4940 -26.98 41.53 -45.70
CA PHE C 4940 -27.90 40.75 -44.89
C PHE C 4940 -27.32 39.39 -44.50
N GLY C 4941 -26.36 38.88 -45.26
CA GLY C 4941 -25.71 37.65 -44.88
C GLY C 4941 -24.93 37.73 -43.59
N GLU C 4942 -24.71 38.93 -43.07
CA GLU C 4942 -24.07 39.13 -41.78
C GLU C 4942 -24.98 39.78 -40.76
N LEU C 4943 -25.78 40.75 -41.16
CA LEU C 4943 -26.65 41.45 -40.22
C LEU C 4943 -27.70 40.51 -39.63
N ARG C 4944 -28.28 39.65 -40.47
CA ARG C 4944 -29.26 38.68 -39.97
C ARG C 4944 -28.62 37.71 -38.99
N ASP C 4945 -27.38 37.28 -39.27
CA ASP C 4945 -26.71 36.34 -38.38
C ASP C 4945 -26.48 36.95 -37.00
N GLN C 4946 -26.12 38.23 -36.96
CA GLN C 4946 -25.92 38.90 -35.68
C GLN C 4946 -27.20 38.96 -34.85
N GLN C 4947 -28.36 38.91 -35.50
CA GLN C 4947 -29.63 38.87 -34.77
C GLN C 4947 -29.94 37.49 -34.22
N GLU C 4948 -29.20 36.46 -34.63
CA GLU C 4948 -29.37 35.11 -34.12
C GLU C 4948 -28.34 34.74 -33.07
N GLN C 4949 -27.12 35.28 -33.18
CA GLN C 4949 -26.10 34.99 -32.18
C GLN C 4949 -26.48 35.56 -30.82
N VAL C 4950 -27.24 36.65 -30.80
CA VAL C 4950 -27.72 37.22 -29.54
C VAL C 4950 -28.78 36.35 -28.88
N LYS C 4951 -29.25 35.31 -29.55
CA LYS C 4951 -30.20 34.37 -28.97
C LYS C 4951 -29.55 33.07 -28.52
N GLU C 4952 -28.50 32.61 -29.21
CA GLU C 4952 -27.85 31.37 -28.83
C GLU C 4952 -27.08 31.50 -27.53
N ASP C 4953 -26.51 32.68 -27.26
CA ASP C 4953 -25.80 32.89 -26.01
C ASP C 4953 -26.73 32.76 -24.81
N MET C 4954 -27.96 33.27 -24.95
CA MET C 4954 -28.93 33.19 -23.85
C MET C 4954 -29.30 31.74 -23.55
N GLU C 4955 -29.38 30.90 -24.58
CA GLU C 4955 -29.76 29.51 -24.38
C GLU C 4955 -28.64 28.69 -23.74
N THR C 4956 -27.39 29.11 -23.94
CA THR C 4956 -26.23 28.34 -23.48
C THR C 4956 -25.49 29.01 -22.33
N LYS C 4957 -25.05 30.25 -22.50
CA LYS C 4957 -24.20 30.91 -21.53
C LYS C 4957 -25.00 31.85 -20.64
N CYS C 4958 -24.55 31.99 -19.41
CA CYS C 4958 -25.16 32.88 -18.43
C CYS C 4958 -24.53 34.26 -18.40
N PHE C 4959 -23.42 34.46 -19.12
CA PHE C 4959 -22.75 35.75 -19.27
C PHE C 4959 -22.11 36.22 -17.97
N ILE C 4960 -22.29 35.47 -16.89
CA ILE C 4960 -21.73 35.82 -15.59
C ILE C 4960 -20.50 34.98 -15.28
N CYS C 4961 -20.66 33.65 -15.26
CA CYS C 4961 -19.56 32.74 -15.04
C CYS C 4961 -19.34 31.90 -16.30
N GLY C 4962 -18.09 31.50 -16.52
CA GLY C 4962 -17.71 30.82 -17.74
C GLY C 4962 -18.21 29.39 -17.81
N ILE C 4963 -19.53 29.22 -17.76
CA ILE C 4963 -20.16 27.91 -17.84
C ILE C 4963 -21.30 27.96 -18.84
N GLY C 4964 -21.47 26.88 -19.61
CA GLY C 4964 -22.60 26.76 -20.50
C GLY C 4964 -23.78 26.08 -19.82
N SER C 4965 -24.81 25.82 -20.63
CA SER C 4965 -26.00 25.15 -20.13
C SER C 4965 -25.85 23.64 -20.06
N ASP C 4966 -24.76 23.07 -20.59
CA ASP C 4966 -24.63 21.63 -20.66
C ASP C 4966 -24.65 20.99 -19.29
N TYR C 4967 -23.95 21.58 -18.32
CA TYR C 4967 -23.97 21.04 -16.97
C TYR C 4967 -25.30 21.29 -16.28
N PHE C 4968 -26.01 22.34 -16.67
CA PHE C 4968 -27.28 22.68 -16.04
C PHE C 4968 -28.45 21.87 -16.59
N ASP C 4969 -28.26 21.16 -17.70
CA ASP C 4969 -29.31 20.30 -18.24
C ASP C 4969 -29.21 18.87 -17.72
N THR C 4970 -28.22 18.57 -16.87
CA THR C 4970 -28.18 17.25 -16.24
C THR C 4970 -29.39 17.04 -15.35
N THR C 4971 -29.78 18.06 -14.62
CA THR C 4971 -30.98 18.12 -13.80
C THR C 4971 -32.08 18.89 -14.53
N PRO C 4972 -33.34 18.52 -14.34
CA PRO C 4972 -34.44 19.26 -14.98
C PRO C 4972 -34.48 20.70 -14.49
N HIS C 4973 -34.77 21.61 -15.42
CA HIS C 4973 -34.91 23.04 -15.14
C HIS C 4973 -33.65 23.66 -14.55
N GLY C 4974 -32.51 22.97 -14.66
CA GLY C 4974 -31.30 23.44 -14.02
C GLY C 4974 -30.78 24.76 -14.60
N PHE C 4975 -30.88 24.92 -15.91
CA PHE C 4975 -30.55 26.22 -16.50
C PHE C 4975 -31.65 27.24 -16.22
N GLU C 4976 -32.90 26.79 -16.09
CA GLU C 4976 -33.98 27.71 -15.78
C GLU C 4976 -33.85 28.28 -14.38
N THR C 4977 -33.62 27.42 -13.39
CA THR C 4977 -33.42 27.91 -12.02
C THR C 4977 -32.14 28.72 -11.89
N HIS C 4978 -31.18 28.53 -12.80
CA HIS C 4978 -29.94 29.29 -12.76
C HIS C 4978 -30.15 30.78 -12.96
N THR C 4979 -31.28 31.17 -13.54
CA THR C 4979 -31.59 32.57 -13.78
C THR C 4979 -32.40 33.21 -12.66
N LEU C 4980 -32.71 32.47 -11.61
CA LEU C 4980 -33.55 33.00 -10.55
C LEU C 4980 -32.85 33.12 -9.21
N GLU C 4981 -32.20 32.06 -8.74
CA GLU C 4981 -31.52 32.06 -7.45
C GLU C 4981 -30.01 32.22 -7.59
N GLU C 4982 -29.43 31.77 -8.70
CA GLU C 4982 -28.04 32.06 -9.00
C GLU C 4982 -27.95 33.49 -9.53
N HIS C 4983 -26.78 33.85 -10.05
CA HIS C 4983 -26.59 35.18 -10.61
C HIS C 4983 -27.58 35.43 -11.74
N ASN C 4984 -28.50 36.36 -11.51
CA ASN C 4984 -29.52 36.72 -12.49
C ASN C 4984 -29.19 38.01 -13.23
N LEU C 4985 -27.98 38.55 -13.03
CA LEU C 4985 -27.51 39.80 -13.63
C LEU C 4985 -28.50 40.94 -13.44
N ALA C 4986 -29.40 40.82 -12.47
CA ALA C 4986 -30.38 41.85 -12.15
C ALA C 4986 -30.32 42.26 -10.69
N ASN C 4987 -30.11 41.32 -9.77
CA ASN C 4987 -29.99 41.65 -8.36
C ASN C 4987 -28.72 42.42 -8.05
N TYR C 4988 -27.72 42.36 -8.94
CA TYR C 4988 -26.45 43.01 -8.68
C TYR C 4988 -26.61 44.51 -8.52
N MET C 4989 -27.43 45.13 -9.38
CA MET C 4989 -27.67 46.57 -9.26
C MET C 4989 -28.37 46.89 -7.94
N PHE C 4990 -29.31 46.04 -7.54
CA PHE C 4990 -29.90 46.17 -6.20
C PHE C 4990 -28.83 46.02 -5.13
N PHE C 4991 -27.92 45.05 -5.31
CA PHE C 4991 -26.89 44.80 -4.31
C PHE C 4991 -25.99 46.02 -4.13
N LEU C 4992 -25.61 46.67 -5.22
CA LEU C 4992 -24.81 47.88 -5.10
C LEU C 4992 -25.62 49.01 -4.47
N MET C 4993 -26.89 49.14 -4.86
CA MET C 4993 -27.73 50.20 -4.31
C MET C 4993 -27.86 50.09 -2.79
N TYR C 4994 -27.87 48.87 -2.26
CA TYR C 4994 -27.92 48.68 -0.82
C TYR C 4994 -26.68 49.24 -0.13
N LEU C 4995 -25.56 49.33 -0.85
CA LEU C 4995 -24.32 49.76 -0.21
C LEU C 4995 -24.32 51.24 0.11
N ILE C 4996 -24.94 52.06 -0.75
CA ILE C 4996 -24.92 53.51 -0.52
C ILE C 4996 -25.66 53.86 0.78
N ASN C 4997 -26.83 53.26 0.99
CA ASN C 4997 -27.64 53.58 2.15
C ASN C 4997 -27.19 52.84 3.41
N LYS C 4998 -25.97 52.28 3.41
CA LYS C 4998 -25.43 51.59 4.56
C LYS C 4998 -24.13 52.27 4.98
N ASP C 4999 -24.03 52.61 6.26
CA ASP C 4999 -22.86 53.30 6.76
C ASP C 4999 -21.65 52.36 6.77
N GLU C 5000 -20.46 52.98 6.84
CA GLU C 5000 -19.24 52.19 6.89
C GLU C 5000 -19.17 51.34 8.15
N THR C 5001 -19.81 51.78 9.23
CA THR C 5001 -19.77 51.03 10.48
C THR C 5001 -20.55 49.74 10.38
N GLU C 5002 -21.66 49.74 9.65
CA GLU C 5002 -22.60 48.63 9.66
C GLU C 5002 -22.24 47.53 8.66
N HIS C 5003 -21.21 47.72 7.84
CA HIS C 5003 -20.85 46.71 6.86
C HIS C 5003 -20.40 45.42 7.55
N THR C 5004 -20.79 44.29 6.98
CA THR C 5004 -20.42 42.99 7.51
C THR C 5004 -18.97 42.69 7.16
N GLY C 5005 -18.52 41.48 7.54
CA GLY C 5005 -17.16 41.08 7.26
C GLY C 5005 -16.85 40.89 5.79
N GLN C 5006 -17.88 40.82 4.96
CA GLN C 5006 -17.69 40.68 3.52
C GLN C 5006 -18.27 41.83 2.72
N GLU C 5007 -19.29 42.52 3.23
CA GLU C 5007 -19.83 43.68 2.53
C GLU C 5007 -18.77 44.78 2.43
N SER C 5008 -18.03 45.02 3.51
CA SER C 5008 -16.92 45.96 3.45
C SER C 5008 -15.78 45.44 2.59
N TYR C 5009 -15.67 44.12 2.43
CA TYR C 5009 -14.60 43.57 1.60
C TYR C 5009 -14.77 43.99 0.15
N VAL C 5010 -15.97 43.84 -0.40
CA VAL C 5010 -16.19 44.22 -1.79
C VAL C 5010 -16.14 45.73 -1.95
N TRP C 5011 -16.59 46.48 -0.93
CA TRP C 5011 -16.66 47.93 -1.07
C TRP C 5011 -15.28 48.54 -1.30
N LYS C 5012 -14.29 48.13 -0.50
CA LYS C 5012 -12.93 48.60 -0.73
C LYS C 5012 -12.40 48.10 -2.07
N MET C 5013 -12.62 46.83 -2.36
CA MET C 5013 -12.17 46.25 -3.61
C MET C 5013 -12.85 46.91 -4.81
N TYR C 5014 -14.11 47.30 -4.66
CA TYR C 5014 -14.80 48.03 -5.72
C TYR C 5014 -14.14 49.37 -6.01
N GLN C 5015 -13.71 50.08 -4.96
CA GLN C 5015 -13.16 51.42 -5.17
C GLN C 5015 -11.89 51.39 -6.01
N GLU C 5016 -11.03 50.41 -5.82
CA GLU C 5016 -9.83 50.29 -6.64
C GLU C 5016 -10.12 49.65 -8.00
N ARG C 5017 -11.38 49.32 -8.28
CA ARG C 5017 -11.88 49.02 -9.62
C ARG C 5017 -11.36 47.72 -10.20
N CYS C 5018 -10.88 46.80 -9.37
CA CYS C 5018 -10.66 45.45 -9.86
C CYS C 5018 -11.99 44.70 -9.91
N TRP C 5019 -12.03 43.65 -10.72
CA TRP C 5019 -13.26 42.89 -10.93
C TRP C 5019 -12.99 41.39 -10.88
N ASP C 5020 -12.19 40.96 -9.91
CA ASP C 5020 -11.93 39.54 -9.73
C ASP C 5020 -13.00 38.86 -8.87
N PHE C 5021 -13.90 39.61 -8.25
CA PHE C 5021 -14.86 39.02 -7.35
C PHE C 5021 -15.97 38.27 -8.08
N PHE C 5022 -16.13 38.51 -9.38
CA PHE C 5022 -17.14 37.81 -10.15
C PHE C 5022 -16.76 36.34 -10.29
N PRO C 5023 -17.77 35.44 -10.39
CA PRO C 5023 -17.48 34.01 -10.37
C PRO C 5023 -16.52 33.55 -11.46
N ALA C 5024 -16.91 33.75 -12.72
CA ALA C 5024 -16.07 33.44 -13.88
C ALA C 5024 -15.58 31.99 -13.86
N GLY C 5025 -16.54 31.07 -13.94
CA GLY C 5025 -16.18 29.67 -14.14
C GLY C 5025 -16.75 28.69 -13.13
N ASP C 5026 -17.34 29.19 -12.05
CA ASP C 5026 -17.88 28.31 -11.03
C ASP C 5026 -19.01 29.02 -10.30
N CYS C 5027 -20.13 28.32 -10.11
CA CYS C 5027 -21.29 28.86 -9.39
C CYS C 5027 -21.75 27.85 -8.34
N PHE C 5028 -21.09 27.87 -7.18
CA PHE C 5028 -21.54 27.25 -5.93
C PHE C 5028 -21.59 25.73 -5.99
N ARG C 5029 -21.32 25.11 -7.13
CA ARG C 5029 -21.57 23.67 -7.24
C ARG C 5029 -20.38 22.90 -7.80
N LYS C 5030 -19.54 23.55 -8.61
CA LYS C 5030 -18.36 22.87 -9.12
C LYS C 5030 -17.33 22.64 -8.01
N GLN C 5031 -17.14 23.65 -7.15
CA GLN C 5031 -16.30 23.45 -5.98
C GLN C 5031 -16.98 22.53 -4.96
N TYR C 5032 -18.31 22.42 -5.04
CA TYR C 5032 -19.09 21.57 -4.14
C TYR C 5032 -19.63 20.35 -4.88
N GLU C 5033 -18.84 19.80 -5.80
CA GLU C 5033 -19.30 18.66 -6.59
C GLU C 5033 -19.15 17.35 -5.82
N ASP C 5034 -17.91 17.00 -5.47
CA ASP C 5034 -17.66 15.74 -4.77
C ASP C 5034 -18.07 15.79 -3.30
N GLN C 5035 -18.05 16.98 -2.69
CA GLN C 5035 -18.40 17.08 -1.27
C GLN C 5035 -19.87 16.75 -1.05
N LEU C 5036 -20.77 17.39 -1.80
CA LEU C 5036 -22.19 17.14 -1.68
C LEU C 5036 -22.95 17.72 -2.87
N SER C 5037 -23.75 16.90 -3.53
CA SER C 5037 -24.54 17.35 -4.67
C SER C 5037 -25.58 18.39 -4.26
N GLN D 12 -17.62 11.21 32.96
CA GLN D 12 -17.71 12.44 32.18
C GLN D 12 -18.51 13.50 32.91
N PHE D 13 -19.83 13.48 32.72
CA PHE D 13 -20.72 14.47 33.32
C PHE D 13 -22.04 13.80 33.66
N LEU D 14 -22.79 14.44 34.56
CA LEU D 14 -24.04 13.90 35.06
C LEU D 14 -25.23 14.56 34.38
N ARG D 15 -26.24 13.75 34.09
CA ARG D 15 -27.47 14.20 33.45
C ARG D 15 -28.65 13.68 34.25
N THR D 16 -29.84 14.00 33.78
CA THR D 16 -31.04 13.46 34.41
C THR D 16 -31.23 12.00 34.02
N ASP D 17 -32.10 11.31 34.77
CA ASP D 17 -32.41 9.91 34.52
C ASP D 17 -31.16 9.03 34.55
N ASP D 18 -30.24 9.34 35.46
CA ASP D 18 -29.01 8.56 35.61
C ASP D 18 -29.10 7.70 36.87
N GLU D 19 -28.32 6.62 36.86
CA GLU D 19 -28.31 5.64 37.95
C GLU D 19 -27.05 5.85 38.77
N VAL D 20 -27.19 6.56 39.89
CA VAL D 20 -26.05 6.98 40.71
C VAL D 20 -26.32 6.66 42.16
N VAL D 21 -25.24 6.64 42.95
CA VAL D 21 -25.30 6.31 44.37
C VAL D 21 -24.52 7.36 45.15
N LEU D 22 -24.77 7.40 46.46
CA LEU D 22 -24.02 8.24 47.37
C LEU D 22 -22.74 7.52 47.81
N GLN D 23 -21.83 8.28 48.39
CA GLN D 23 -20.54 7.72 48.81
C GLN D 23 -19.87 8.62 49.82
N CYS D 24 -19.55 8.07 50.99
CA CYS D 24 -18.77 8.75 52.02
C CYS D 24 -17.75 7.77 52.60
N SER D 25 -16.71 8.31 53.23
CA SER D 25 -15.63 7.49 53.76
C SER D 25 -14.99 8.22 54.94
N ALA D 26 -15.23 7.71 56.15
CA ALA D 26 -14.64 8.25 57.37
C ALA D 26 -13.95 7.13 58.10
N THR D 27 -12.72 7.38 58.57
CA THR D 27 -11.93 6.37 59.24
C THR D 27 -12.43 6.15 60.67
N VAL D 28 -12.47 4.89 61.08
CA VAL D 28 -12.86 4.50 62.44
C VAL D 28 -11.78 3.67 63.11
N LEU D 29 -11.20 2.71 62.39
CA LEU D 29 -10.14 1.84 62.88
C LEU D 29 -8.79 2.24 62.32
N LYS D 30 -8.54 3.55 62.20
CA LYS D 30 -7.35 4.09 61.54
C LYS D 30 -7.26 3.63 60.09
N GLU D 31 -8.41 3.37 59.48
CA GLU D 31 -8.49 2.96 58.09
C GLU D 31 -9.82 3.43 57.52
N GLN D 32 -9.79 3.84 56.25
CA GLN D 32 -10.99 4.32 55.60
C GLN D 32 -12.01 3.20 55.41
N LEU D 33 -13.28 3.56 55.56
CA LEU D 33 -14.39 2.63 55.36
C LEU D 33 -15.41 3.33 54.47
N LYS D 34 -15.57 2.84 53.25
CA LYS D 34 -16.53 3.41 52.32
C LYS D 34 -17.93 2.97 52.71
N LEU D 35 -18.80 3.93 52.99
CA LEU D 35 -20.17 3.68 53.42
C LEU D 35 -21.13 4.39 52.48
N CYS D 36 -22.09 3.64 51.94
CA CYS D 36 -23.13 4.20 51.10
C CYS D 36 -24.42 4.35 51.88
N LEU D 37 -25.32 5.16 51.36
CA LEU D 37 -26.61 5.42 51.99
C LEU D 37 -27.66 4.48 51.42
N ALA D 38 -28.50 3.95 52.31
CA ALA D 38 -29.55 3.02 51.90
C ALA D 38 -30.70 3.11 52.88
N ALA D 39 -31.86 2.64 52.43
CA ALA D 39 -33.05 2.60 53.25
C ALA D 39 -33.94 1.46 52.77
N GLU D 40 -34.32 0.58 53.68
CA GLU D 40 -35.13 -0.58 53.30
C GLU D 40 -36.50 -0.15 52.79
N GLY D 41 -37.07 0.90 53.36
CA GLY D 41 -38.35 1.41 52.91
C GLY D 41 -39.51 0.75 53.62
N PHE D 42 -40.10 -0.25 52.98
CA PHE D 42 -41.23 -0.99 53.54
C PHE D 42 -40.87 -1.55 54.91
N GLY D 43 -41.51 -1.05 55.96
CA GLY D 43 -41.20 -1.46 57.30
C GLY D 43 -40.01 -0.79 57.94
N ASN D 44 -39.36 0.15 57.23
CA ASN D 44 -38.26 0.90 57.82
C ASN D 44 -38.14 2.21 57.04
N ARG D 45 -38.65 3.29 57.64
CA ARG D 45 -38.61 4.61 57.00
C ARG D 45 -37.29 5.33 57.19
N LEU D 46 -36.38 4.78 58.00
CA LEU D 46 -35.11 5.45 58.23
C LEU D 46 -34.03 4.89 57.30
N CYS D 47 -32.81 5.38 57.49
CA CYS D 47 -31.68 5.04 56.65
C CYS D 47 -30.53 4.49 57.49
N PHE D 48 -29.78 3.56 56.91
CA PHE D 48 -28.60 2.98 57.55
C PHE D 48 -27.42 3.04 56.58
N LEU D 49 -26.32 2.39 56.95
CA LEU D 49 -25.07 2.44 56.20
C LEU D 49 -24.61 1.03 55.89
N GLU D 50 -24.15 0.81 54.65
CA GLU D 50 -23.67 -0.49 54.21
C GLU D 50 -22.18 -0.40 53.90
N PRO D 51 -21.32 -1.12 54.61
CA PRO D 51 -19.89 -1.12 54.25
C PRO D 51 -19.64 -1.95 53.00
N THR D 52 -18.76 -1.42 52.15
CA THR D 52 -18.40 -2.04 50.88
C THR D 52 -16.89 -2.06 50.70
N SER D 53 -16.16 -2.23 51.81
CA SER D 53 -14.70 -2.27 51.78
C SER D 53 -14.12 -3.67 51.78
N ASN D 54 -14.83 -4.65 52.34
CA ASN D 54 -14.37 -6.04 52.37
C ASN D 54 -15.10 -6.89 51.35
N ALA D 55 -15.40 -6.32 50.18
CA ALA D 55 -16.09 -7.08 49.15
C ALA D 55 -15.28 -8.27 48.67
N GLN D 56 -13.95 -8.22 48.86
CA GLN D 56 -13.10 -9.36 48.53
C GLN D 56 -13.38 -10.57 49.42
N ASN D 57 -13.88 -10.36 50.64
CA ASN D 57 -14.22 -11.45 51.55
C ASN D 57 -15.70 -11.46 51.90
N VAL D 58 -16.25 -10.34 52.35
CA VAL D 58 -17.65 -10.23 52.74
C VAL D 58 -18.38 -9.44 51.67
N PRO D 59 -19.24 -10.07 50.87
CA PRO D 59 -19.93 -9.36 49.80
C PRO D 59 -21.04 -8.47 50.35
N PRO D 60 -20.97 -7.17 50.10
CA PRO D 60 -22.05 -6.28 50.52
C PRO D 60 -23.25 -6.37 49.59
N ASP D 61 -24.40 -5.93 50.10
CA ASP D 61 -25.66 -5.94 49.34
C ASP D 61 -25.92 -4.52 48.85
N LEU D 62 -25.71 -4.29 47.56
CA LEU D 62 -25.87 -2.98 46.95
C LEU D 62 -27.25 -2.79 46.32
N ALA D 63 -28.15 -3.76 46.44
CA ALA D 63 -29.45 -3.64 45.83
C ALA D 63 -30.32 -2.58 46.50
N ILE D 64 -29.99 -2.21 47.74
CA ILE D 64 -30.75 -1.22 48.50
C ILE D 64 -30.08 0.13 48.52
N CYS D 65 -28.77 0.19 48.25
CA CYS D 65 -28.01 1.42 48.39
C CYS D 65 -28.17 2.37 47.21
N CYS D 66 -28.69 1.89 46.08
CA CYS D 66 -28.69 2.69 44.87
C CYS D 66 -29.89 3.63 44.82
N PHE D 67 -29.67 4.82 44.29
CA PHE D 67 -30.71 5.81 44.01
C PHE D 67 -30.80 6.09 42.52
N THR D 68 -31.77 6.90 42.14
CA THR D 68 -31.96 7.28 40.74
C THR D 68 -32.46 8.71 40.68
N LEU D 69 -31.83 9.53 39.84
CA LEU D 69 -32.30 10.90 39.63
C LEU D 69 -33.55 10.90 38.77
N GLU D 70 -34.50 11.75 39.13
CA GLU D 70 -35.77 11.84 38.41
C GLU D 70 -36.01 13.22 37.82
N GLN D 71 -35.85 14.28 38.61
CA GLN D 71 -36.15 15.62 38.16
C GLN D 71 -35.03 16.57 38.57
N SER D 72 -34.68 17.48 37.67
CA SER D 72 -33.69 18.52 37.93
C SER D 72 -34.27 19.85 37.49
N LEU D 73 -34.27 20.83 38.40
CA LEU D 73 -34.83 22.13 38.11
C LEU D 73 -33.99 23.21 38.78
N SER D 74 -34.12 24.43 38.27
CA SER D 74 -33.45 25.57 38.87
C SER D 74 -34.16 25.99 40.15
N VAL D 75 -33.58 26.96 40.84
CA VAL D 75 -34.12 27.39 42.13
C VAL D 75 -35.48 28.09 41.95
N ARG D 76 -35.61 28.95 40.95
CA ARG D 76 -36.86 29.67 40.76
C ARG D 76 -37.94 28.77 40.17
N ALA D 77 -37.56 27.86 39.26
CA ALA D 77 -38.54 26.99 38.62
C ALA D 77 -39.25 26.08 39.60
N LEU D 78 -38.53 25.52 40.57
CA LEU D 78 -39.15 24.62 41.54
C LEU D 78 -40.21 25.35 42.35
N GLN D 79 -39.92 26.58 42.77
CA GLN D 79 -40.92 27.37 43.48
C GLN D 79 -42.16 27.61 42.64
N GLU D 80 -41.97 27.91 41.35
CA GLU D 80 -43.12 28.02 40.45
C GLU D 80 -43.81 26.67 40.26
N MET D 81 -43.05 25.58 40.26
CA MET D 81 -43.64 24.26 40.09
C MET D 81 -44.59 23.93 41.24
N LEU D 82 -44.21 24.27 42.47
CA LEU D 82 -45.05 24.01 43.62
C LEU D 82 -46.22 25.00 43.75
N ALA D 83 -46.25 26.03 42.92
CA ALA D 83 -47.35 26.98 42.91
C ALA D 83 -48.55 26.46 42.13
N ASN D 84 -48.58 25.16 41.82
CA ASN D 84 -49.68 24.58 41.07
C ASN D 84 -50.05 23.20 41.61
N GLY D 97 -36.21 15.23 28.86
CA GLY D 97 -35.13 14.57 28.15
C GLY D 97 -33.92 14.31 29.02
N HIS D 98 -32.84 15.05 28.79
CA HIS D 98 -31.61 14.91 29.57
C HIS D 98 -31.02 16.30 29.78
N ARG D 99 -31.35 16.92 30.90
CA ARG D 99 -30.73 18.18 31.29
C ARG D 99 -29.32 17.90 31.81
N THR D 100 -28.58 18.96 32.06
CA THR D 100 -27.20 18.85 32.54
C THR D 100 -27.11 19.38 33.97
N LEU D 101 -26.54 18.56 34.85
CA LEU D 101 -26.41 18.95 36.25
C LEU D 101 -25.52 20.16 36.41
N LEU D 102 -25.99 21.15 37.16
CA LEU D 102 -25.24 22.36 37.42
C LEU D 102 -25.26 22.66 38.91
N TYR D 103 -24.16 23.21 39.41
CA TYR D 103 -24.06 23.56 40.82
C TYR D 103 -24.93 24.78 41.09
N GLY D 104 -25.99 24.59 41.85
CA GLY D 104 -26.97 25.64 42.11
C GLY D 104 -28.40 25.26 41.77
N HIS D 105 -28.68 24.00 41.47
CA HIS D 105 -30.03 23.59 41.10
C HIS D 105 -30.69 22.79 42.22
N ALA D 106 -31.97 22.48 42.03
CA ALA D 106 -32.70 21.60 42.92
C ALA D 106 -32.64 20.17 42.38
N ILE D 107 -32.65 19.20 43.30
CA ILE D 107 -32.45 17.80 42.95
C ILE D 107 -33.55 16.99 43.63
N LEU D 108 -34.04 15.97 42.94
CA LEU D 108 -35.05 15.06 43.47
C LEU D 108 -34.56 13.63 43.27
N LEU D 109 -34.17 12.98 44.36
CA LEU D 109 -33.75 11.59 44.30
C LEU D 109 -34.95 10.66 44.29
N ARG D 110 -34.68 9.40 43.97
CA ARG D 110 -35.70 8.35 44.04
C ARG D 110 -35.01 7.03 44.33
N HIS D 111 -35.48 6.33 45.36
CA HIS D 111 -34.93 5.01 45.67
C HIS D 111 -35.22 4.07 44.51
N ALA D 112 -34.19 3.35 44.06
CA ALA D 112 -34.33 2.59 42.83
C ALA D 112 -35.20 1.34 42.99
N HIS D 113 -35.29 0.79 44.19
CA HIS D 113 -36.01 -0.47 44.38
C HIS D 113 -37.48 -0.23 44.72
N SER D 114 -37.73 0.52 45.79
CA SER D 114 -39.08 0.77 46.25
C SER D 114 -39.80 1.80 45.40
N ARG D 115 -39.11 2.43 44.45
CA ARG D 115 -39.69 3.46 43.60
C ARG D 115 -40.22 4.63 44.44
N MET D 116 -39.53 4.89 45.54
CA MET D 116 -39.85 6.00 46.43
C MET D 116 -38.83 7.13 46.33
N TYR D 117 -39.34 8.34 46.49
CA TYR D 117 -38.58 9.58 46.35
C TYR D 117 -38.06 10.04 47.70
N LEU D 118 -36.78 10.39 47.76
CA LEU D 118 -36.17 10.80 49.02
C LEU D 118 -36.78 12.11 49.53
N SER D 119 -37.07 12.16 50.82
CA SER D 119 -37.60 13.36 51.46
C SER D 119 -36.92 13.49 52.82
N CYS D 120 -37.34 14.49 53.60
CA CYS D 120 -36.80 14.72 54.93
C CYS D 120 -37.96 14.72 55.93
N LEU D 121 -37.75 14.07 57.07
CA LEU D 121 -38.80 13.92 58.07
C LEU D 121 -38.79 15.08 59.05
N THR D 122 -39.68 15.00 60.05
CA THR D 122 -39.81 16.01 61.09
C THR D 122 -39.76 15.41 62.49
N THR D 123 -38.99 14.33 62.67
CA THR D 123 -38.87 13.68 63.96
C THR D 123 -37.47 13.86 64.51
N SER D 124 -37.20 13.26 65.67
CA SER D 124 -35.91 13.37 66.33
C SER D 124 -35.37 11.97 66.61
N ARG D 125 -34.11 11.75 66.25
CA ARG D 125 -33.44 10.49 66.48
C ARG D 125 -32.22 10.72 67.36
N SER D 126 -31.79 9.65 68.03
CA SER D 126 -30.62 9.58 68.90
C SER D 126 -30.73 10.46 70.14
N MET D 127 -31.85 11.16 70.34
CA MET D 127 -32.05 12.01 71.51
C MET D 127 -30.91 13.01 71.67
N THR D 128 -30.49 13.60 70.55
CA THR D 128 -29.34 14.49 70.54
C THR D 128 -29.62 15.85 71.17
N ASP D 129 -30.87 16.12 71.54
CA ASP D 129 -31.27 17.44 72.04
C ASP D 129 -30.90 18.52 71.01
N LYS D 130 -31.28 18.26 69.76
CA LYS D 130 -30.82 19.06 68.63
C LYS D 130 -31.92 19.07 67.59
N LEU D 131 -31.56 19.46 66.36
CA LEU D 131 -32.51 19.52 65.25
C LEU D 131 -32.12 18.52 64.18
N ALA D 132 -31.75 17.30 64.59
CA ALA D 132 -31.19 16.32 63.69
C ALA D 132 -32.11 16.05 62.50
N PHE D 133 -33.40 15.80 62.77
CA PHE D 133 -34.40 15.59 61.73
C PHE D 133 -33.99 14.45 60.80
N ASP D 134 -34.00 13.24 61.37
CA ASP D 134 -33.58 12.06 60.64
C ASP D 134 -34.30 11.94 59.31
N VAL D 135 -33.54 11.58 58.28
CA VAL D 135 -34.02 11.59 56.91
C VAL D 135 -34.92 10.38 56.67
N GLY D 136 -36.00 10.57 55.94
CA GLY D 136 -36.92 9.50 55.63
C GLY D 136 -37.81 9.75 54.43
N LEU D 137 -38.04 8.70 53.64
CA LEU D 137 -38.84 8.80 52.43
C LEU D 137 -40.10 7.94 52.53
N GLN D 138 -41.26 8.59 52.55
CA GLN D 138 -42.47 7.84 52.84
C GLN D 138 -43.51 7.84 51.73
N GLU D 139 -44.07 9.00 51.39
CA GLU D 139 -45.07 9.04 50.32
C GLU D 139 -45.00 10.33 49.51
N ASP D 140 -44.04 11.22 49.75
CA ASP D 140 -44.13 12.60 49.31
C ASP D 140 -44.03 12.76 47.79
N ALA D 141 -45.17 12.70 47.12
CA ALA D 141 -45.22 13.08 45.71
C ALA D 141 -45.18 14.58 45.54
N THR D 142 -45.82 15.33 46.44
CA THR D 142 -45.76 16.79 46.43
C THR D 142 -44.40 17.22 46.98
N GLY D 143 -43.68 18.00 46.18
CA GLY D 143 -42.32 18.36 46.49
C GLY D 143 -42.12 19.58 47.36
N GLU D 144 -42.44 19.49 48.65
CA GLU D 144 -42.12 20.58 49.55
C GLU D 144 -40.89 20.27 50.40
N ALA D 145 -40.84 19.08 50.99
CA ALA D 145 -39.71 18.68 51.81
C ALA D 145 -38.89 17.57 51.19
N CYS D 146 -39.11 17.26 49.91
CA CYS D 146 -38.36 16.22 49.22
C CYS D 146 -37.37 16.79 48.22
N TRP D 147 -37.03 18.06 48.34
CA TRP D 147 -36.09 18.72 47.43
C TRP D 147 -34.86 19.20 48.20
N TRP D 148 -33.75 19.29 47.48
CA TRP D 148 -32.48 19.70 48.06
C TRP D 148 -31.80 20.64 47.09
N THR D 149 -31.21 21.72 47.61
CA THR D 149 -30.40 22.58 46.78
C THR D 149 -29.04 21.93 46.53
N MET D 150 -28.21 22.60 45.73
CA MET D 150 -26.90 22.06 45.39
C MET D 150 -25.89 23.21 45.46
N HIS D 151 -24.79 22.97 46.16
CA HIS D 151 -23.72 23.94 46.28
C HIS D 151 -22.37 23.26 46.13
N PRO D 152 -21.38 23.95 45.57
CA PRO D 152 -20.03 23.39 45.47
C PRO D 152 -19.37 23.33 46.83
N ALA D 153 -18.44 22.39 46.97
CA ALA D 153 -17.76 22.18 48.25
C ALA D 153 -16.62 23.18 48.45
N SER D 154 -15.63 23.13 47.56
CA SER D 154 -14.47 24.01 47.65
C SER D 154 -14.53 25.07 46.54
N LYS D 155 -13.45 25.84 46.42
CA LYS D 155 -13.37 26.88 45.39
C LYS D 155 -12.92 26.35 44.04
N GLN D 156 -12.61 25.06 43.94
CA GLN D 156 -12.24 24.48 42.65
C GLN D 156 -13.39 24.59 41.65
N ARG D 157 -14.61 24.33 42.11
CA ARG D 157 -15.81 24.53 41.31
C ARG D 157 -16.52 25.81 41.72
N SER D 158 -17.52 26.20 40.93
CA SER D 158 -18.28 27.41 41.20
C SER D 158 -19.70 27.21 40.66
N GLU D 159 -20.52 28.25 40.81
CA GLU D 159 -21.92 28.16 40.44
C GLU D 159 -22.08 28.03 38.92
N GLY D 160 -23.08 27.26 38.52
CA GLY D 160 -23.41 27.10 37.12
C GLY D 160 -22.51 26.17 36.33
N GLU D 161 -21.53 25.55 36.97
CA GLU D 161 -20.58 24.69 36.28
C GLU D 161 -21.14 23.28 36.13
N LYS D 162 -20.59 22.55 35.17
CA LYS D 162 -21.01 21.16 34.95
C LYS D 162 -20.48 20.27 36.06
N VAL D 163 -21.28 19.29 36.46
CA VAL D 163 -20.90 18.37 37.53
C VAL D 163 -20.17 17.19 36.89
N ARG D 164 -18.95 16.93 37.35
CA ARG D 164 -18.16 15.82 36.83
C ARG D 164 -18.30 14.60 37.73
N VAL D 165 -17.84 13.46 37.20
CA VAL D 165 -17.92 12.20 37.95
C VAL D 165 -16.95 12.27 39.13
N GLY D 166 -17.45 11.96 40.32
CA GLY D 166 -16.59 11.90 41.49
C GLY D 166 -16.19 13.24 42.07
N ASP D 167 -17.05 14.25 41.93
CA ASP D 167 -16.78 15.55 42.53
C ASP D 167 -17.12 15.50 44.02
N ASP D 168 -16.78 16.55 44.75
CA ASP D 168 -17.08 16.66 46.17
C ASP D 168 -18.37 17.45 46.33
N LEU D 169 -19.43 16.77 46.75
CA LEU D 169 -20.77 17.33 46.73
C LEU D 169 -21.22 17.75 48.13
N ILE D 170 -21.96 18.85 48.17
CA ILE D 170 -22.58 19.36 49.39
C ILE D 170 -24.07 19.56 49.10
N LEU D 171 -24.91 18.95 49.94
CA LEU D 171 -26.36 18.99 49.77
C LEU D 171 -26.99 19.76 50.92
N VAL D 172 -27.83 20.73 50.60
CA VAL D 172 -28.49 21.58 51.58
C VAL D 172 -29.99 21.47 51.38
N SER D 173 -30.73 21.32 52.47
CA SER D 173 -32.17 21.11 52.40
C SER D 173 -32.88 22.37 51.91
N VAL D 174 -34.12 22.18 51.45
CA VAL D 174 -34.95 23.27 50.96
C VAL D 174 -35.92 23.74 52.03
N SER D 175 -36.78 22.84 52.53
CA SER D 175 -37.76 23.23 53.52
C SER D 175 -37.13 23.44 54.89
N SER D 176 -36.16 22.61 55.26
CA SER D 176 -35.51 22.72 56.56
C SER D 176 -34.21 23.50 56.53
N GLU D 177 -33.52 23.54 55.38
CA GLU D 177 -32.33 24.36 55.19
C GLU D 177 -31.20 23.94 56.13
N ARG D 178 -30.87 22.66 56.08
CA ARG D 178 -29.73 22.09 56.78
C ARG D 178 -28.91 21.26 55.81
N TYR D 179 -27.73 20.83 56.29
CA TYR D 179 -26.80 20.08 55.46
C TYR D 179 -27.19 18.61 55.45
N LEU D 180 -26.30 17.74 54.97
CA LEU D 180 -26.49 16.28 55.05
C LEU D 180 -25.31 15.74 55.81
N HIS D 181 -25.45 15.66 57.14
CA HIS D 181 -24.32 15.37 58.03
C HIS D 181 -24.25 13.88 58.32
N LEU D 182 -23.08 13.30 58.11
CA LEU D 182 -22.80 11.95 58.62
C LEU D 182 -22.45 12.09 60.09
N SER D 183 -23.47 12.07 60.93
CA SER D 183 -23.33 12.35 62.36
C SER D 183 -23.27 11.03 63.13
N THR D 184 -22.04 10.57 63.38
CA THR D 184 -21.85 9.44 64.28
C THR D 184 -21.85 9.92 65.72
N ALA D 185 -22.02 8.98 66.64
CA ALA D 185 -22.09 9.30 68.06
C ALA D 185 -21.47 8.15 68.84
N SER D 186 -21.71 8.12 70.15
CA SER D 186 -21.20 7.04 70.98
C SER D 186 -21.70 5.68 70.51
N GLY D 187 -22.87 5.63 69.88
CA GLY D 187 -23.35 4.40 69.29
C GLY D 187 -22.73 4.14 67.93
N GLU D 188 -23.52 3.67 66.98
CA GLU D 188 -23.03 3.38 65.64
C GLU D 188 -22.96 4.69 64.84
N LEU D 189 -22.72 4.57 63.54
CA LEU D 189 -22.66 5.72 62.64
C LEU D 189 -24.05 5.99 62.12
N GLN D 190 -24.56 7.20 62.34
CA GLN D 190 -25.90 7.57 61.94
C GLN D 190 -25.86 8.65 60.87
N VAL D 191 -26.91 8.69 60.06
CA VAL D 191 -27.04 9.64 58.96
C VAL D 191 -28.25 10.52 59.22
N ASP D 192 -28.04 11.84 59.18
CA ASP D 192 -29.09 12.81 59.41
C ASP D 192 -28.65 14.14 58.85
N ALA D 193 -29.41 15.20 59.16
CA ALA D 193 -29.18 16.54 58.58
C ALA D 193 -29.18 17.57 59.71
N SER D 194 -28.04 17.75 60.37
CA SER D 194 -28.08 18.60 61.56
C SER D 194 -27.08 19.75 61.60
N PHE D 195 -25.78 19.45 61.61
CA PHE D 195 -24.76 20.40 62.05
C PHE D 195 -23.76 20.80 60.97
N MET D 196 -23.08 19.85 60.34
CA MET D 196 -22.07 20.17 59.34
C MET D 196 -22.36 19.46 58.02
N GLN D 197 -21.52 19.75 57.04
CA GLN D 197 -21.63 19.20 55.71
C GLN D 197 -21.02 17.80 55.66
N THR D 198 -21.06 17.21 54.47
CA THR D 198 -20.41 15.92 54.21
C THR D 198 -19.97 15.86 52.76
N LEU D 199 -18.73 15.45 52.52
CA LEU D 199 -18.21 15.24 51.18
C LEU D 199 -18.85 13.99 50.57
N TRP D 200 -19.82 14.19 49.69
CA TRP D 200 -20.47 13.09 49.01
C TRP D 200 -20.01 13.00 47.56
N ASN D 201 -20.05 11.80 47.01
CA ASN D 201 -19.62 11.55 45.64
C ASN D 201 -20.67 10.73 44.91
N MET D 202 -21.09 11.22 43.74
CA MET D 202 -21.88 10.39 42.86
C MET D 202 -21.02 9.33 42.20
N ASN D 203 -21.66 8.24 41.81
CA ASN D 203 -20.96 7.16 41.13
C ASN D 203 -21.82 6.66 39.97
N PRO D 204 -21.36 6.80 38.73
CA PRO D 204 -22.13 6.28 37.60
C PRO D 204 -22.15 4.76 37.58
N ILE D 205 -22.90 4.18 38.53
CA ILE D 205 -23.00 2.72 38.62
C ILE D 205 -23.68 2.13 37.40
N CYS D 206 -24.45 2.92 36.66
CA CYS D 206 -25.09 2.44 35.44
C CYS D 206 -25.39 3.65 34.57
N SER D 207 -25.93 3.38 33.39
CA SER D 207 -26.26 4.44 32.44
C SER D 207 -27.34 3.91 31.50
N CYS D 208 -27.53 4.59 30.38
CA CYS D 208 -28.54 4.20 29.41
C CYS D 208 -28.13 2.92 28.69
N CYS D 209 -28.65 1.79 29.15
CA CYS D 209 -28.31 0.51 28.57
C CYS D 209 -28.93 0.34 27.19
N GLU D 210 -28.44 -0.65 26.45
CA GLU D 210 -29.06 -1.03 25.20
C GLU D 210 -30.20 -2.00 25.47
N GLU D 211 -30.88 -2.43 24.42
CA GLU D 211 -32.06 -3.29 24.54
C GLU D 211 -31.65 -4.71 24.19
N GLY D 212 -32.13 -5.67 24.99
CA GLY D 212 -31.77 -7.05 24.79
C GLY D 212 -30.31 -7.36 25.06
N TYR D 213 -29.72 -6.73 26.07
CA TYR D 213 -28.33 -7.01 26.44
C TYR D 213 -28.23 -7.16 27.95
N VAL D 214 -27.34 -8.03 28.39
CA VAL D 214 -27.19 -8.32 29.81
C VAL D 214 -26.40 -7.21 30.47
N THR D 215 -26.97 -6.62 31.52
CA THR D 215 -26.32 -5.60 32.32
C THR D 215 -26.31 -6.02 33.78
N GLY D 216 -25.54 -5.29 34.59
CA GLY D 216 -25.42 -5.63 35.98
C GLY D 216 -26.67 -5.32 36.79
N GLY D 217 -26.75 -5.96 37.96
CA GLY D 217 -27.85 -5.76 38.87
C GLY D 217 -29.14 -6.46 38.50
N HIS D 218 -29.18 -7.17 37.38
CA HIS D 218 -30.39 -7.84 36.95
C HIS D 218 -30.67 -9.05 37.83
N VAL D 219 -31.94 -9.45 37.84
CA VAL D 219 -32.38 -10.69 38.47
C VAL D 219 -33.02 -11.55 37.38
N LEU D 220 -32.28 -12.57 36.93
CA LEU D 220 -32.65 -13.32 35.74
C LEU D 220 -32.50 -14.82 35.99
N ARG D 221 -33.19 -15.60 35.16
CA ARG D 221 -33.17 -17.05 35.24
C ARG D 221 -32.09 -17.62 34.32
N LEU D 222 -31.88 -18.93 34.45
CA LEU D 222 -30.90 -19.67 33.64
C LEU D 222 -31.63 -20.85 33.01
N PHE D 223 -32.26 -20.60 31.87
CA PHE D 223 -32.99 -21.66 31.18
C PHE D 223 -32.02 -22.69 30.62
N HIS D 224 -32.38 -23.95 30.72
CA HIS D 224 -31.53 -25.05 30.31
C HIS D 224 -32.21 -25.87 29.22
N GLY D 225 -31.41 -26.57 28.43
CA GLY D 225 -31.95 -27.43 27.39
C GLY D 225 -32.62 -26.67 26.27
N HIS D 226 -33.57 -27.31 25.61
CA HIS D 226 -34.21 -26.74 24.42
C HIS D 226 -35.70 -26.49 24.62
N MET D 227 -36.41 -27.40 25.30
CA MET D 227 -37.87 -27.30 25.39
C MET D 227 -38.33 -26.64 26.69
N ASP D 228 -38.01 -27.26 27.84
CA ASP D 228 -38.45 -26.71 29.12
C ASP D 228 -37.51 -27.23 30.20
N GLU D 229 -36.57 -26.37 30.62
CA GLU D 229 -35.66 -26.69 31.71
C GLU D 229 -34.94 -25.41 32.12
N CYS D 230 -34.75 -25.23 33.43
CA CYS D 230 -34.08 -24.04 33.93
C CYS D 230 -33.47 -24.34 35.29
N LEU D 231 -32.54 -23.47 35.71
CA LEU D 231 -31.86 -23.64 36.97
C LEU D 231 -32.80 -23.36 38.14
N THR D 232 -32.65 -24.16 39.20
CA THR D 232 -33.49 -24.00 40.39
C THR D 232 -32.78 -24.66 41.57
N ILE D 233 -33.23 -24.29 42.77
CA ILE D 233 -32.76 -24.92 44.00
C ILE D 233 -33.96 -25.46 44.76
N SER D 234 -33.71 -26.22 45.82
CA SER D 234 -34.79 -26.82 46.59
C SER D 234 -35.54 -25.76 47.38
N ALA D 235 -36.83 -26.01 47.59
CA ALA D 235 -37.67 -25.09 48.32
C ALA D 235 -37.44 -25.22 49.82
N ALA D 236 -38.15 -24.39 50.58
CA ALA D 236 -37.99 -24.37 52.03
C ALA D 236 -38.73 -25.54 52.66
N ASP D 237 -38.83 -25.51 53.99
CA ASP D 237 -39.46 -26.57 54.78
C ASP D 237 -38.79 -27.91 54.52
N SER D 238 -37.47 -27.89 54.34
CA SER D 238 -36.68 -29.09 54.14
C SER D 238 -35.42 -29.01 54.99
N ASP D 239 -34.98 -30.15 55.50
CA ASP D 239 -33.78 -30.21 56.33
C ASP D 239 -32.50 -30.08 55.52
N ASP D 240 -32.59 -30.10 54.18
CA ASP D 240 -31.42 -30.02 53.32
C ASP D 240 -30.76 -28.65 53.32
N GLN D 241 -31.28 -27.69 54.10
CA GLN D 241 -30.76 -26.34 54.18
C GLN D 241 -30.79 -25.62 52.83
N ARG D 242 -31.55 -26.17 51.88
CA ARG D 242 -31.68 -25.62 50.54
C ARG D 242 -30.32 -25.39 49.90
N ARG D 243 -29.57 -26.49 49.78
CA ARG D 243 -28.21 -26.44 49.25
C ARG D 243 -28.06 -27.13 47.90
N LEU D 244 -28.89 -28.13 47.59
CA LEU D 244 -28.73 -28.94 46.39
C LEU D 244 -29.33 -28.22 45.20
N VAL D 245 -28.60 -28.20 44.10
CA VAL D 245 -29.03 -27.56 42.86
C VAL D 245 -29.70 -28.60 41.97
N TYR D 246 -30.80 -28.22 41.35
CA TYR D 246 -31.55 -29.12 40.49
C TYR D 246 -32.05 -28.36 39.27
N TYR D 247 -32.77 -29.08 38.41
CA TYR D 247 -33.44 -28.53 37.25
C TYR D 247 -34.90 -28.96 37.27
N GLU D 248 -35.73 -28.23 36.52
CA GLU D 248 -37.14 -28.56 36.44
C GLU D 248 -37.67 -28.03 35.11
N GLY D 249 -38.79 -28.60 34.67
CA GLY D 249 -39.40 -28.20 33.42
C GLY D 249 -40.19 -26.91 33.54
N GLY D 250 -41.38 -26.89 32.96
CA GLY D 250 -42.19 -25.68 32.96
C GLY D 250 -42.99 -25.46 34.23
N ALA D 251 -42.38 -25.74 35.39
CA ALA D 251 -43.03 -25.53 36.67
C ALA D 251 -42.34 -24.44 37.48
N VAL D 252 -41.03 -24.57 37.74
CA VAL D 252 -40.30 -23.54 38.47
C VAL D 252 -39.91 -22.37 37.58
N CYS D 253 -40.13 -22.49 36.27
CA CYS D 253 -39.76 -21.43 35.33
C CYS D 253 -40.48 -20.12 35.61
N THR D 254 -41.57 -20.14 36.37
CA THR D 254 -42.26 -18.94 36.82
C THR D 254 -42.44 -19.01 38.34
N HIS D 255 -41.36 -19.32 39.05
CA HIS D 255 -41.34 -19.38 40.51
C HIS D 255 -40.21 -18.51 41.03
N ALA D 256 -40.27 -18.19 42.32
CA ALA D 256 -39.27 -17.33 42.94
C ALA D 256 -37.91 -18.00 43.08
N ARG D 257 -37.86 -19.33 43.15
CA ARG D 257 -36.59 -20.02 43.28
C ARG D 257 -35.72 -19.86 42.04
N SER D 258 -36.33 -19.82 40.86
CA SER D 258 -35.59 -19.78 39.60
C SER D 258 -34.87 -18.45 39.38
N LEU D 259 -35.14 -17.44 40.20
CA LEU D 259 -34.53 -16.13 40.03
C LEU D 259 -33.13 -16.12 40.61
N TRP D 260 -32.20 -15.55 39.84
CA TRP D 260 -30.82 -15.36 40.28
C TRP D 260 -30.39 -13.95 39.94
N ARG D 261 -29.62 -13.34 40.83
CA ARG D 261 -29.13 -11.97 40.65
C ARG D 261 -27.65 -12.01 40.29
N LEU D 262 -27.29 -11.37 39.18
CA LEU D 262 -25.91 -11.27 38.75
C LEU D 262 -25.28 -10.05 39.42
N GLU D 263 -24.44 -10.28 40.43
CA GLU D 263 -23.78 -9.20 41.14
C GLU D 263 -22.30 -9.17 40.76
N PRO D 264 -21.85 -8.17 40.03
CA PRO D 264 -20.46 -8.16 39.56
C PRO D 264 -19.48 -7.92 40.69
N LEU D 265 -18.21 -8.26 40.39
CA LEU D 265 -17.10 -8.06 41.31
C LEU D 265 -16.63 -6.61 41.34
N ARG D 266 -17.11 -5.77 40.44
CA ARG D 266 -16.65 -4.40 40.33
C ARG D 266 -17.25 -3.54 41.45
N ILE D 267 -16.76 -2.30 41.53
CA ILE D 267 -17.26 -1.35 42.53
C ILE D 267 -18.19 -0.36 41.84
N SER D 268 -17.68 0.33 40.82
CA SER D 268 -18.47 1.29 40.07
C SER D 268 -18.83 0.73 38.70
N TRP D 269 -19.81 1.38 38.06
CA TRP D 269 -20.25 1.01 36.71
C TRP D 269 -20.69 -0.44 36.66
N SER D 270 -21.37 -0.91 37.71
CA SER D 270 -21.77 -2.30 37.77
C SER D 270 -22.80 -2.66 36.72
N GLY D 271 -23.58 -1.69 36.25
CA GLY D 271 -24.63 -1.97 35.29
C GLY D 271 -24.19 -1.87 33.86
N SER D 272 -22.88 -1.90 33.62
CA SER D 272 -22.36 -1.82 32.26
C SER D 272 -22.63 -3.10 31.50
N HIS D 273 -22.38 -3.06 30.20
CA HIS D 273 -22.59 -4.23 29.36
C HIS D 273 -21.59 -5.33 29.69
N LEU D 274 -22.08 -6.56 29.81
CA LEU D 274 -21.24 -7.69 30.17
C LEU D 274 -20.51 -8.22 28.95
N ARG D 275 -19.30 -8.72 29.15
CA ARG D 275 -18.46 -9.24 28.08
C ARG D 275 -17.98 -10.64 28.42
N TRP D 276 -17.69 -11.42 27.38
CA TRP D 276 -17.22 -12.78 27.57
C TRP D 276 -15.87 -12.79 28.27
N GLY D 277 -15.63 -13.82 29.08
CA GLY D 277 -14.40 -13.91 29.84
C GLY D 277 -14.32 -12.89 30.95
N GLN D 278 -15.19 -13.01 31.94
CA GLN D 278 -15.24 -12.00 32.99
C GLN D 278 -15.71 -12.62 34.30
N PRO D 279 -14.95 -12.47 35.37
CA PRO D 279 -15.32 -13.10 36.65
C PRO D 279 -16.43 -12.33 37.35
N LEU D 280 -17.39 -13.09 37.89
CA LEU D 280 -18.54 -12.48 38.54
C LEU D 280 -18.99 -13.38 39.69
N ARG D 281 -19.80 -12.80 40.57
CA ARG D 281 -20.50 -13.56 41.59
C ARG D 281 -21.97 -13.72 41.22
N ILE D 282 -22.60 -14.76 41.76
CA ILE D 282 -24.01 -15.04 41.49
C ILE D 282 -24.71 -15.22 42.82
N ARG D 283 -25.84 -14.54 43.00
CA ARG D 283 -26.57 -14.53 44.25
C ARG D 283 -28.03 -14.85 44.00
N HIS D 284 -28.64 -15.62 44.91
CA HIS D 284 -30.06 -15.88 44.86
C HIS D 284 -30.79 -14.85 45.75
N VAL D 285 -31.80 -14.21 45.19
CA VAL D 285 -32.44 -13.09 45.87
C VAL D 285 -33.33 -13.57 47.00
N THR D 286 -34.23 -14.51 46.72
CA THR D 286 -35.14 -14.99 47.76
C THR D 286 -34.40 -15.79 48.81
N THR D 287 -33.40 -16.57 48.40
CA THR D 287 -32.60 -17.32 49.35
C THR D 287 -31.65 -16.43 50.12
N GLY D 288 -31.17 -15.35 49.51
CA GLY D 288 -30.19 -14.49 50.16
C GLY D 288 -28.87 -15.19 50.40
N ARG D 289 -28.42 -16.01 49.45
CA ARG D 289 -27.19 -16.77 49.59
C ARG D 289 -26.43 -16.74 48.26
N TYR D 290 -25.30 -17.42 48.25
CA TYR D 290 -24.47 -17.55 47.06
C TYR D 290 -24.27 -19.01 46.69
N LEU D 291 -23.95 -19.25 45.43
CA LEU D 291 -23.69 -20.60 44.91
C LEU D 291 -22.18 -20.75 44.73
N ALA D 292 -21.62 -21.77 45.35
CA ALA D 292 -20.17 -21.95 45.31
C ALA D 292 -19.82 -23.39 45.65
N LEU D 293 -18.59 -23.77 45.27
CA LEU D 293 -17.99 -25.05 45.63
C LEU D 293 -16.68 -24.72 46.35
N THR D 294 -16.66 -24.92 47.67
CA THR D 294 -15.51 -24.46 48.46
C THR D 294 -14.33 -25.43 48.32
N GLU D 295 -14.46 -26.63 48.89
CA GLU D 295 -13.41 -27.62 48.69
C GLU D 295 -13.96 -28.99 48.29
N ASP D 296 -15.04 -29.42 48.94
CA ASP D 296 -15.58 -30.77 48.72
C ASP D 296 -17.08 -30.85 48.68
N GLN D 297 -17.81 -29.82 49.12
CA GLN D 297 -19.27 -29.92 49.29
C GLN D 297 -20.03 -30.08 47.99
N GLY D 298 -19.38 -29.87 46.85
CA GLY D 298 -20.05 -29.95 45.57
C GLY D 298 -20.71 -28.64 45.19
N LEU D 299 -21.65 -28.75 44.27
CA LEU D 299 -22.41 -27.58 43.81
C LEU D 299 -23.52 -27.24 44.80
N VAL D 300 -23.15 -26.64 45.93
CA VAL D 300 -24.11 -26.32 46.98
C VAL D 300 -24.24 -24.81 47.10
N VAL D 301 -25.24 -24.38 47.85
CA VAL D 301 -25.55 -22.97 48.01
C VAL D 301 -24.86 -22.50 49.29
N VAL D 302 -23.72 -21.81 49.10
CA VAL D 302 -22.97 -21.31 50.24
C VAL D 302 -23.70 -20.12 50.85
N ASP D 303 -23.40 -19.84 52.11
CA ASP D 303 -24.04 -18.73 52.83
C ASP D 303 -23.55 -17.40 52.25
N ALA D 304 -24.25 -16.33 52.61
CA ALA D 304 -24.01 -15.01 52.03
C ALA D 304 -22.81 -14.29 52.64
N CYS D 305 -22.02 -14.98 53.45
CA CYS D 305 -20.81 -14.40 54.00
C CYS D 305 -19.56 -15.21 53.68
N LYS D 306 -19.70 -16.34 53.00
CA LYS D 306 -18.60 -17.25 52.70
C LYS D 306 -18.38 -17.35 51.20
N ALA D 307 -18.35 -16.19 50.54
CA ALA D 307 -18.14 -16.07 49.11
C ALA D 307 -16.95 -15.15 48.83
N HIS D 308 -15.84 -15.42 49.51
CA HIS D 308 -14.69 -14.52 49.51
C HIS D 308 -13.89 -14.60 48.22
N THR D 309 -14.56 -14.39 47.08
CA THR D 309 -13.93 -14.19 45.78
C THR D 309 -13.23 -15.46 45.30
N LYS D 310 -13.23 -16.50 46.13
CA LYS D 310 -12.50 -17.72 45.83
C LYS D 310 -13.44 -18.91 45.66
N ALA D 311 -14.51 -18.96 46.46
CA ALA D 311 -15.43 -20.09 46.46
C ALA D 311 -16.33 -20.11 45.23
N THR D 312 -16.85 -18.97 44.79
CA THR D 312 -17.67 -18.97 43.58
C THR D 312 -16.79 -18.92 42.33
N SER D 313 -16.10 -17.79 42.13
CA SER D 313 -15.22 -17.59 40.99
C SER D 313 -15.78 -18.16 39.68
N PHE D 314 -16.96 -17.69 39.28
CA PHE D 314 -17.58 -18.14 38.04
C PHE D 314 -17.29 -17.18 36.90
N CYS D 315 -17.45 -17.67 35.67
CA CYS D 315 -17.28 -16.84 34.49
C CYS D 315 -18.07 -17.44 33.34
N PHE D 316 -18.40 -16.59 32.37
CA PHE D 316 -19.16 -16.99 31.19
C PHE D 316 -18.21 -17.10 30.00
N ARG D 317 -18.27 -18.24 29.31
CA ARG D 317 -17.40 -18.50 28.17
C ARG D 317 -18.21 -19.01 26.99
N VAL D 318 -17.73 -18.69 25.79
CA VAL D 318 -18.41 -19.10 24.57
C VAL D 318 -18.35 -20.62 24.40
N SER D 319 -17.20 -21.22 24.72
CA SER D 319 -17.04 -22.67 24.55
C SER D 319 -16.07 -23.16 25.62
N LYS D 320 -15.59 -24.39 25.45
CA LYS D 320 -14.67 -25.01 26.42
C LYS D 320 -13.27 -25.07 25.82
N GLU D 321 -12.90 -24.03 25.08
CA GLU D 321 -11.66 -24.00 24.32
C GLU D 321 -10.48 -23.67 25.23
N LYS D 322 -9.37 -23.29 24.61
CA LYS D 322 -8.08 -23.11 25.30
C LYS D 322 -7.84 -21.66 25.70
N LEU D 323 -8.88 -20.99 26.16
CA LEU D 323 -8.81 -19.61 26.63
C LEU D 323 -7.61 -19.39 27.55
N ASP D 324 -6.98 -18.22 27.41
CA ASP D 324 -5.84 -17.85 28.23
C ASP D 324 -6.24 -17.28 29.58
N THR D 325 -7.54 -17.08 29.81
CA THR D 325 -8.06 -16.53 31.07
C THR D 325 -7.41 -15.17 31.38
N ALA D 326 -7.26 -14.35 30.35
CA ALA D 326 -6.70 -13.02 30.52
C ALA D 326 -7.59 -11.99 29.83
N PRO D 327 -8.90 -12.05 30.03
CA PRO D 327 -9.82 -11.07 29.42
C PRO D 327 -10.30 -9.97 30.36
N LYS D 328 -9.73 -9.83 31.56
CA LYS D 328 -10.20 -8.87 32.56
C LYS D 328 -9.75 -7.48 32.15
N ARG D 329 -10.62 -6.78 31.44
CA ARG D 329 -10.38 -5.42 30.98
C ARG D 329 -11.41 -4.49 31.60
N ASP D 330 -10.94 -3.41 32.23
CA ASP D 330 -11.84 -2.45 32.84
C ASP D 330 -12.35 -1.45 31.82
N VAL D 331 -13.62 -1.08 31.95
CA VAL D 331 -14.27 -0.12 31.06
C VAL D 331 -14.77 1.05 31.91
N GLU D 332 -14.44 2.27 31.48
CA GLU D 332 -14.83 3.47 32.20
C GLU D 332 -16.15 4.04 31.71
N GLY D 333 -16.80 3.37 30.77
CA GLY D 333 -18.12 3.77 30.29
C GLY D 333 -19.10 2.61 30.29
N MET D 334 -20.12 2.70 29.44
CA MET D 334 -21.09 1.62 29.34
C MET D 334 -20.50 0.36 28.71
N GLY D 335 -19.58 0.52 27.76
CA GLY D 335 -18.99 -0.60 27.08
C GLY D 335 -19.84 -1.10 25.93
N PRO D 336 -19.27 -1.94 25.07
CA PRO D 336 -20.02 -2.45 23.92
C PRO D 336 -21.01 -3.51 24.34
N PRO D 337 -22.25 -3.43 23.85
CA PRO D 337 -23.25 -4.47 24.15
C PRO D 337 -22.96 -5.76 23.40
N GLU D 338 -22.59 -6.80 24.13
CA GLU D 338 -22.21 -8.07 23.53
C GLU D 338 -23.20 -9.19 23.82
N ILE D 339 -23.48 -9.46 25.09
CA ILE D 339 -24.28 -10.62 25.46
C ILE D 339 -25.76 -10.26 25.39
N LYS D 340 -26.51 -10.99 24.58
CA LYS D 340 -27.93 -10.76 24.41
C LYS D 340 -28.73 -11.70 25.32
N TYR D 341 -30.05 -11.72 25.15
CA TYR D 341 -30.93 -12.62 25.88
C TYR D 341 -31.57 -13.60 24.92
N GLY D 342 -31.52 -14.88 25.25
CA GLY D 342 -32.12 -15.91 24.45
C GLY D 342 -31.28 -16.42 23.29
N GLU D 343 -30.12 -15.81 23.04
CA GLU D 343 -29.24 -16.25 21.97
C GLU D 343 -27.78 -16.30 22.37
N SER D 344 -27.44 -15.90 23.60
CA SER D 344 -26.05 -15.87 24.04
C SER D 344 -25.44 -17.27 24.07
N LEU D 345 -26.20 -18.28 24.48
CA LEU D 345 -25.72 -19.65 24.59
C LEU D 345 -24.46 -19.72 25.46
N CYS D 346 -24.56 -19.11 26.64
CA CYS D 346 -23.41 -19.03 27.54
C CYS D 346 -23.03 -20.41 28.04
N PHE D 347 -21.72 -20.63 28.18
CA PHE D 347 -21.18 -21.80 28.85
C PHE D 347 -20.38 -21.30 30.05
N VAL D 348 -20.94 -21.50 31.24
CA VAL D 348 -20.31 -20.99 32.45
C VAL D 348 -19.12 -21.86 32.83
N GLN D 349 -18.00 -21.21 33.14
CA GLN D 349 -16.79 -21.90 33.55
C GLN D 349 -16.26 -21.27 34.83
N HIS D 350 -15.82 -22.11 35.77
CA HIS D 350 -15.20 -21.62 36.98
C HIS D 350 -13.90 -20.89 36.65
N VAL D 351 -13.57 -19.89 37.46
CA VAL D 351 -12.38 -19.08 37.19
C VAL D 351 -11.12 -19.80 37.67
N ALA D 352 -11.08 -20.13 38.96
CA ALA D 352 -9.87 -20.75 39.52
C ALA D 352 -9.67 -22.16 38.99
N SER D 353 -10.72 -22.98 39.02
CA SER D 353 -10.59 -24.39 38.66
C SER D 353 -10.86 -24.65 37.18
N GLY D 354 -11.63 -23.80 36.52
CA GLY D 354 -11.94 -24.02 35.12
C GLY D 354 -12.99 -25.08 34.87
N LEU D 355 -13.66 -25.55 35.90
CA LEU D 355 -14.66 -26.61 35.74
C LEU D 355 -15.91 -26.07 35.05
N TRP D 356 -16.58 -26.96 34.32
CA TRP D 356 -17.80 -26.64 33.60
C TRP D 356 -18.99 -27.32 34.29
N LEU D 357 -20.16 -26.76 34.05
CA LEU D 357 -21.39 -27.21 34.71
C LEU D 357 -22.16 -28.14 33.80
N THR D 358 -22.55 -29.30 34.33
CA THR D 358 -23.43 -30.23 33.65
C THR D 358 -24.18 -31.02 34.71
N TYR D 359 -25.21 -31.74 34.28
CA TYR D 359 -25.99 -32.55 35.19
C TYR D 359 -25.38 -33.95 35.30
N ALA D 360 -25.32 -34.46 36.53
CA ALA D 360 -24.77 -35.79 36.75
C ALA D 360 -25.74 -36.87 36.29
N ALA D 361 -27.03 -36.57 36.29
CA ALA D 361 -28.11 -37.49 35.90
C ALA D 361 -28.02 -38.78 36.71
N PRO D 362 -27.74 -38.69 38.01
CA PRO D 362 -27.74 -39.91 38.83
C PRO D 362 -29.13 -40.27 39.29
N ASP D 363 -29.69 -41.34 38.75
CA ASP D 363 -31.04 -41.77 39.12
C ASP D 363 -31.06 -43.26 39.38
N PRO D 364 -31.80 -43.70 40.39
CA PRO D 364 -31.98 -45.13 40.63
C PRO D 364 -33.17 -45.66 39.83
N LYS D 365 -33.48 -46.95 40.05
CA LYS D 365 -34.63 -47.54 39.39
C LYS D 365 -35.93 -46.86 39.81
N ALA D 366 -36.07 -46.58 41.11
CA ALA D 366 -37.27 -45.90 41.59
C ALA D 366 -37.24 -44.40 41.28
N LEU D 367 -36.05 -43.80 41.23
CA LEU D 367 -35.93 -42.36 41.01
C LEU D 367 -36.39 -41.93 39.63
N ARG D 368 -36.22 -42.79 38.61
CA ARG D 368 -36.71 -42.45 37.28
C ARG D 368 -38.22 -42.32 37.26
N LEU D 369 -38.92 -43.23 37.92
CA LEU D 369 -40.38 -43.20 38.00
C LEU D 369 -40.89 -42.44 39.22
N GLY D 370 -39.99 -41.97 40.09
CA GLY D 370 -40.38 -41.25 41.27
C GLY D 370 -40.19 -39.74 41.14
N VAL D 371 -39.13 -39.23 41.74
CA VAL D 371 -38.84 -37.81 41.65
C VAL D 371 -38.14 -37.51 40.34
N LEU D 372 -38.74 -36.63 39.54
CA LEU D 372 -38.20 -36.27 38.23
C LEU D 372 -37.31 -35.03 38.36
N LYS D 373 -36.13 -35.25 38.94
CA LYS D 373 -35.18 -34.19 39.19
C LYS D 373 -33.79 -34.62 38.73
N LYS D 374 -32.98 -33.64 38.34
CA LYS D 374 -31.60 -33.86 37.95
C LYS D 374 -30.74 -32.84 38.66
N LYS D 375 -29.51 -33.25 39.00
CA LYS D 375 -28.59 -32.39 39.75
C LYS D 375 -27.41 -32.01 38.87
N ALA D 376 -27.13 -30.72 38.80
CA ALA D 376 -25.96 -30.23 38.07
C ALA D 376 -24.70 -30.37 38.91
N ILE D 377 -23.58 -30.60 38.23
CA ILE D 377 -22.28 -30.74 38.87
C ILE D 377 -21.26 -29.93 38.09
N LEU D 378 -20.17 -29.58 38.77
CA LEU D 378 -19.03 -28.90 38.16
C LEU D 378 -18.09 -29.96 37.60
N HIS D 379 -18.30 -30.30 36.33
CA HIS D 379 -17.56 -31.37 35.69
C HIS D 379 -16.44 -30.83 34.81
N GLN D 380 -15.42 -31.66 34.59
CA GLN D 380 -14.28 -31.25 33.79
C GLN D 380 -14.60 -31.26 32.30
N GLU D 381 -15.60 -32.01 31.86
CA GLU D 381 -15.98 -32.08 30.46
C GLU D 381 -17.38 -31.58 30.19
N GLY D 382 -18.38 -32.15 30.85
CA GLY D 382 -19.75 -31.72 30.66
C GLY D 382 -20.38 -32.29 29.40
N HIS D 383 -21.68 -32.12 29.29
CA HIS D 383 -22.44 -32.55 28.13
C HIS D 383 -22.34 -31.49 27.03
N MET D 384 -22.81 -31.81 25.84
CA MET D 384 -22.78 -30.91 24.70
C MET D 384 -24.13 -30.24 24.43
N ASP D 385 -25.09 -30.39 25.33
CA ASP D 385 -26.41 -29.81 25.18
C ASP D 385 -26.81 -29.01 26.41
N ASP D 386 -25.87 -28.21 26.93
CA ASP D 386 -26.17 -27.36 28.08
C ASP D 386 -27.20 -26.30 27.70
N ALA D 387 -26.97 -25.60 26.59
CA ALA D 387 -27.90 -24.61 26.05
C ALA D 387 -28.28 -23.57 27.11
N LEU D 388 -27.29 -23.11 27.86
CA LEU D 388 -27.52 -22.15 28.93
C LEU D 388 -27.57 -20.73 28.39
N PHE D 389 -28.71 -20.32 27.88
CA PHE D 389 -28.92 -18.92 27.50
C PHE D 389 -29.78 -18.24 28.55
N LEU D 390 -29.55 -16.94 28.72
CA LEU D 390 -30.10 -16.17 29.82
C LEU D 390 -31.38 -15.47 29.42
N THR D 391 -32.33 -15.39 30.35
CA THR D 391 -33.60 -14.73 30.13
C THR D 391 -33.90 -13.85 31.33
N ARG D 392 -34.29 -12.60 31.06
CA ARG D 392 -34.54 -11.61 32.10
C ARG D 392 -36.00 -11.16 32.05
N CYS D 393 -36.59 -10.96 33.22
CA CYS D 393 -37.98 -10.54 33.36
C CYS D 393 -38.01 -9.18 34.06
N GLN D 394 -37.91 -8.12 33.26
CA GLN D 394 -37.88 -6.77 33.80
C GLN D 394 -39.29 -6.26 34.09
N GLN D 395 -39.87 -6.67 35.20
CA GLN D 395 -41.24 -6.28 35.53
C GLN D 395 -41.34 -6.07 37.04
N GLU D 396 -42.57 -5.93 37.52
CA GLU D 396 -42.83 -5.73 38.94
C GLU D 396 -42.37 -6.91 39.79
N GLU D 397 -42.32 -8.11 39.20
CA GLU D 397 -41.90 -9.28 39.96
C GLU D 397 -40.47 -9.14 40.48
N SER D 398 -39.64 -8.34 39.81
CA SER D 398 -38.28 -8.11 40.29
C SER D 398 -38.30 -7.47 41.67
N GLN D 399 -39.14 -6.45 41.87
CA GLN D 399 -39.23 -5.81 43.17
C GLN D 399 -39.81 -6.72 44.23
N ALA D 400 -40.85 -7.49 43.88
CA ALA D 400 -41.55 -8.30 44.87
C ALA D 400 -40.64 -9.35 45.50
N ALA D 401 -39.60 -9.78 44.78
CA ALA D 401 -38.70 -10.80 45.30
C ALA D 401 -37.97 -10.29 46.53
N ARG D 402 -37.60 -9.02 46.54
CA ARG D 402 -36.81 -8.48 47.64
C ARG D 402 -37.53 -8.60 48.98
N MET D 403 -38.82 -8.27 49.03
CA MET D 403 -39.54 -8.34 50.29
C MET D 403 -39.58 -9.78 50.81
N ILE D 404 -39.63 -10.75 49.91
CA ILE D 404 -39.68 -12.15 50.32
C ILE D 404 -38.42 -12.48 51.11
N HIS D 405 -37.26 -12.01 50.63
CA HIS D 405 -36.04 -12.05 51.42
C HIS D 405 -36.18 -11.22 52.69
N SER D 406 -36.79 -10.05 52.59
CA SER D 406 -36.84 -9.12 53.70
C SER D 406 -37.97 -9.42 54.70
N THR D 407 -38.94 -10.23 54.32
CA THR D 407 -40.05 -10.52 55.22
C THR D 407 -39.61 -11.48 56.33
N ALA D 408 -39.15 -12.68 55.95
CA ALA D 408 -38.65 -13.63 56.93
C ALA D 408 -37.41 -13.12 57.66
N GLY D 409 -36.71 -12.15 57.07
CA GLY D 409 -35.57 -11.58 57.76
C GLY D 409 -35.94 -10.92 59.07
N LEU D 410 -37.13 -10.34 59.15
CA LEU D 410 -37.63 -9.79 60.40
C LEU D 410 -38.46 -10.79 61.19
N TYR D 411 -39.19 -11.67 60.52
CA TYR D 411 -40.07 -12.60 61.22
C TYR D 411 -39.28 -13.63 62.01
N ASN D 412 -38.27 -14.24 61.38
CA ASN D 412 -37.49 -15.26 62.06
C ASN D 412 -36.75 -14.72 63.28
N GLN D 413 -36.18 -13.52 63.18
CA GLN D 413 -35.53 -12.88 64.32
C GLN D 413 -36.55 -12.33 65.32
N PHE D 414 -37.83 -12.36 64.98
CA PHE D 414 -38.89 -12.05 65.93
C PHE D 414 -39.49 -13.29 66.57
N ILE D 415 -39.62 -14.39 65.84
CA ILE D 415 -40.13 -15.63 66.42
C ILE D 415 -39.22 -16.10 67.54
N LYS D 416 -37.91 -16.03 67.32
CA LYS D 416 -36.96 -16.44 68.36
C LYS D 416 -37.10 -15.59 69.61
N GLY D 417 -37.53 -14.33 69.47
CA GLY D 417 -37.72 -13.49 70.63
C GLY D 417 -38.82 -13.99 71.54
N LEU D 418 -39.88 -14.58 70.98
CA LEU D 418 -40.91 -15.17 71.82
C LEU D 418 -40.40 -16.35 72.62
N ASP D 419 -39.53 -17.17 72.03
CA ASP D 419 -38.99 -18.34 72.72
C ASP D 419 -38.16 -18.00 73.94
N SER D 420 -37.62 -16.77 74.01
CA SER D 420 -36.82 -16.37 75.15
C SER D 420 -37.63 -16.21 76.43
N PHE D 421 -38.95 -16.10 76.32
CA PHE D 421 -39.80 -15.96 77.49
C PHE D 421 -41.09 -16.75 77.37
N SER D 422 -41.23 -17.60 76.35
CA SER D 422 -42.49 -18.31 76.12
C SER D 422 -42.82 -19.24 77.29
N GLY D 423 -41.84 -19.98 77.78
CA GLY D 423 -42.06 -20.93 78.85
C GLY D 423 -41.49 -20.57 80.20
N LYS D 424 -40.99 -19.35 80.38
CA LYS D 424 -40.38 -18.95 81.64
C LYS D 424 -41.21 -17.86 82.30
N PRO D 425 -41.52 -17.98 83.58
CA PRO D 425 -42.22 -16.90 84.29
C PRO D 425 -41.37 -15.65 84.34
N ARG D 426 -42.05 -14.51 84.37
CA ARG D 426 -41.42 -13.21 84.34
C ARG D 426 -41.32 -12.66 85.76
N GLY D 427 -40.11 -12.64 86.30
CA GLY D 427 -39.91 -12.07 87.62
C GLY D 427 -39.93 -10.55 87.59
N SER D 428 -40.02 -9.96 88.78
CA SER D 428 -40.04 -8.51 88.91
C SER D 428 -38.67 -7.94 88.56
N GLY D 429 -38.62 -7.16 87.49
CA GLY D 429 -37.38 -6.57 87.04
C GLY D 429 -37.19 -6.72 85.54
N PRO D 430 -36.02 -7.23 85.13
CA PRO D 430 -35.78 -7.47 83.71
C PRO D 430 -36.62 -8.62 83.21
N PRO D 431 -37.57 -8.37 82.31
CA PRO D 431 -38.46 -9.44 81.86
C PRO D 431 -37.76 -10.47 80.99
N ALA D 432 -36.80 -10.02 80.19
CA ALA D 432 -36.13 -10.90 79.25
C ALA D 432 -34.76 -10.30 78.93
N GLY D 433 -34.12 -10.81 77.89
CA GLY D 433 -32.82 -10.34 77.49
C GLY D 433 -32.91 -9.32 76.38
N PRO D 434 -32.62 -9.74 75.15
CA PRO D 434 -32.69 -8.81 74.02
C PRO D 434 -34.10 -8.27 73.81
N ALA D 435 -34.17 -7.03 73.36
CA ALA D 435 -35.45 -6.35 73.17
C ALA D 435 -36.21 -6.98 72.00
N LEU D 436 -37.54 -6.92 72.10
CA LEU D 436 -38.41 -7.51 71.09
C LEU D 436 -38.71 -6.49 69.99
N PRO D 437 -38.45 -6.84 68.73
CA PRO D 437 -38.82 -5.94 67.63
C PRO D 437 -40.33 -5.85 67.49
N ILE D 438 -40.90 -4.68 67.77
CA ILE D 438 -42.35 -4.49 67.79
C ILE D 438 -42.80 -3.53 66.69
N GLU D 439 -42.33 -2.28 66.75
CA GLU D 439 -42.80 -1.27 65.80
C GLU D 439 -42.39 -1.59 64.38
N ALA D 440 -41.19 -2.16 64.19
CA ALA D 440 -40.76 -2.55 62.85
C ALA D 440 -41.66 -3.60 62.23
N VAL D 441 -42.28 -4.46 63.04
CA VAL D 441 -43.21 -5.45 62.52
C VAL D 441 -44.54 -4.80 62.15
N ILE D 442 -45.03 -3.90 63.00
CA ILE D 442 -46.31 -3.25 62.75
C ILE D 442 -46.26 -2.45 61.45
N LEU D 443 -45.18 -1.70 61.24
CA LEU D 443 -45.04 -0.94 60.01
C LEU D 443 -44.97 -1.86 58.81
N SER D 444 -44.28 -3.00 58.93
CA SER D 444 -44.21 -3.94 57.83
C SER D 444 -45.56 -4.55 57.51
N LEU D 445 -46.35 -4.88 58.53
CA LEU D 445 -47.67 -5.47 58.28
C LEU D 445 -48.58 -4.51 57.52
N GLN D 446 -48.58 -3.24 57.91
CA GLN D 446 -49.43 -2.27 57.22
C GLN D 446 -49.05 -2.12 55.75
N ASP D 447 -47.75 -2.12 55.45
CA ASP D 447 -47.32 -2.06 54.06
C ASP D 447 -47.79 -3.29 53.29
N LEU D 448 -47.69 -4.47 53.90
CA LEU D 448 -48.08 -5.69 53.22
C LEU D 448 -49.59 -5.75 52.95
N ILE D 449 -50.41 -5.29 53.89
CA ILE D 449 -51.85 -5.32 53.69
C ILE D 449 -52.24 -4.46 52.50
N GLY D 450 -51.68 -3.25 52.43
CA GLY D 450 -51.92 -2.41 51.27
C GLY D 450 -51.30 -2.93 50.00
N TYR D 451 -50.26 -3.76 50.12
CA TYR D 451 -49.61 -4.30 48.93
C TYR D 451 -50.50 -5.30 48.21
N PHE D 452 -51.44 -5.91 48.92
CA PHE D 452 -52.30 -6.95 48.36
C PHE D 452 -53.76 -6.53 48.27
N GLU D 453 -54.05 -5.24 48.34
CA GLU D 453 -55.43 -4.78 48.29
C GLU D 453 -56.02 -5.03 46.90
N PRO D 454 -57.25 -5.52 46.82
CA PRO D 454 -57.87 -5.75 45.52
C PRO D 454 -58.08 -4.45 44.77
N PRO D 455 -58.07 -4.48 43.44
CA PRO D 455 -58.34 -3.27 42.68
C PRO D 455 -59.78 -2.81 42.86
N SER D 456 -59.97 -1.51 42.68
CA SER D 456 -61.28 -0.90 42.92
C SER D 456 -62.32 -1.44 41.94
N GLU D 457 -63.54 -1.59 42.45
CA GLU D 457 -64.64 -2.07 41.61
C GLU D 457 -65.03 -1.05 40.55
N GLU D 458 -64.97 0.24 40.89
CA GLU D 458 -65.34 1.29 39.95
C GLU D 458 -64.38 1.38 38.76
N LEU D 459 -63.24 0.71 38.82
CA LEU D 459 -62.30 0.72 37.71
C LEU D 459 -62.91 0.09 36.48
N GLN D 460 -62.42 0.50 35.31
CA GLN D 460 -62.93 -0.02 34.05
C GLN D 460 -62.69 -1.52 33.94
N HIS D 461 -63.56 -2.19 33.19
CA HIS D 461 -63.46 -3.64 33.04
C HIS D 461 -62.15 -4.06 32.39
N GLU D 462 -61.69 -3.32 31.38
CA GLU D 462 -60.45 -3.71 30.71
C GLU D 462 -59.26 -3.65 31.65
N GLU D 463 -59.14 -2.56 32.43
CA GLU D 463 -57.99 -2.43 33.32
C GLU D 463 -58.05 -3.41 34.47
N LYS D 464 -59.26 -3.78 34.91
CA LYS D 464 -59.41 -4.70 36.03
C LYS D 464 -58.79 -6.06 35.71
N GLN D 465 -58.98 -6.53 34.46
CA GLN D 465 -58.51 -7.87 34.11
C GLN D 465 -57.00 -8.00 34.26
N SER D 466 -56.25 -6.97 33.86
CA SER D 466 -54.80 -7.04 34.00
C SER D 466 -54.37 -6.99 35.47
N LYS D 467 -55.07 -6.21 36.29
CA LYS D 467 -54.70 -6.09 37.70
C LYS D 467 -54.82 -7.41 38.45
N LEU D 468 -55.90 -8.16 38.21
CA LEU D 468 -56.06 -9.43 38.91
C LEU D 468 -54.93 -10.40 38.60
N ARG D 469 -54.54 -10.49 37.33
CA ARG D 469 -53.42 -11.36 36.98
C ARG D 469 -52.13 -10.88 37.62
N SER D 470 -51.90 -9.57 37.64
CA SER D 470 -50.72 -9.00 38.27
C SER D 470 -50.75 -9.11 39.79
N LEU D 471 -51.90 -9.44 40.38
CA LEU D 471 -52.01 -9.64 41.82
C LEU D 471 -51.93 -11.10 42.23
N ARG D 472 -52.67 -11.98 41.56
CA ARG D 472 -52.57 -13.40 41.86
C ARG D 472 -51.18 -13.95 41.56
N ASN D 473 -50.47 -13.34 40.61
CA ASN D 473 -49.06 -13.69 40.44
C ASN D 473 -48.27 -13.42 41.70
N ARG D 474 -48.49 -12.25 42.32
CA ARG D 474 -47.87 -11.96 43.60
C ARG D 474 -48.42 -12.86 44.70
N GLN D 475 -49.67 -13.31 44.58
CA GLN D 475 -50.17 -14.32 45.50
C GLN D 475 -49.40 -15.63 45.34
N SER D 476 -49.11 -16.01 44.10
CA SER D 476 -48.39 -17.24 43.83
C SER D 476 -46.92 -17.18 44.23
N LEU D 477 -46.30 -16.01 44.18
CA LEU D 477 -44.89 -15.87 44.54
C LEU D 477 -44.66 -15.98 46.04
N PHE D 478 -45.72 -16.00 46.83
CA PHE D 478 -45.62 -16.18 48.27
C PHE D 478 -46.08 -17.58 48.68
N GLN D 479 -46.10 -18.51 47.72
CA GLN D 479 -46.34 -19.92 48.00
C GLN D 479 -45.09 -20.78 47.84
N GLU D 480 -44.27 -20.52 46.83
CA GLU D 480 -43.04 -21.27 46.67
C GLU D 480 -42.10 -21.06 47.84
N GLU D 481 -42.09 -19.85 48.40
CA GLU D 481 -41.35 -19.53 49.61
C GLU D 481 -42.18 -19.81 50.85
N GLY D 482 -43.40 -20.32 50.68
CA GLY D 482 -44.26 -20.66 51.78
C GLY D 482 -45.00 -19.46 52.34
N MET D 483 -44.31 -18.66 53.15
CA MET D 483 -44.78 -17.37 53.65
C MET D 483 -46.12 -17.46 54.37
N LEU D 484 -46.60 -18.67 54.63
CA LEU D 484 -47.88 -18.88 55.29
C LEU D 484 -47.73 -19.64 56.59
N SER D 485 -46.95 -20.73 56.57
CA SER D 485 -46.64 -21.42 57.82
C SER D 485 -45.93 -20.50 58.80
N LEU D 486 -45.02 -19.66 58.30
CA LEU D 486 -44.37 -18.66 59.15
C LEU D 486 -45.38 -17.73 59.81
N VAL D 487 -46.38 -17.28 59.06
CA VAL D 487 -47.46 -16.51 59.67
C VAL D 487 -48.22 -17.38 60.67
N LEU D 488 -48.51 -18.64 60.29
CA LEU D 488 -49.16 -19.55 61.21
C LEU D 488 -48.30 -19.82 62.42
N ASN D 489 -46.98 -19.97 62.23
CA ASN D 489 -46.08 -20.17 63.38
C ASN D 489 -46.10 -18.96 64.30
N CYS D 490 -46.10 -17.75 63.74
CA CYS D 490 -46.22 -16.56 64.58
C CYS D 490 -47.54 -16.55 65.33
N ILE D 491 -48.62 -16.97 64.69
CA ILE D 491 -49.90 -17.10 65.37
C ILE D 491 -49.81 -18.14 66.48
N ASP D 492 -49.22 -19.31 66.17
CA ASP D 492 -49.27 -20.44 67.08
C ASP D 492 -48.58 -20.13 68.40
N ARG D 493 -47.41 -19.50 68.35
CA ARG D 493 -46.68 -19.19 69.57
C ARG D 493 -47.33 -18.08 70.38
N LEU D 494 -48.06 -17.18 69.74
CA LEU D 494 -48.84 -16.16 70.43
C LEU D 494 -50.28 -16.60 70.66
N ASN D 495 -50.63 -17.80 70.24
CA ASN D 495 -52.02 -18.27 70.31
C ASN D 495 -52.44 -18.62 71.73
N VAL D 496 -51.55 -19.19 72.52
CA VAL D 496 -51.92 -19.70 73.85
C VAL D 496 -51.78 -18.53 74.82
N TYR D 497 -52.82 -17.70 74.86
CA TYR D 497 -52.90 -16.59 75.79
C TYR D 497 -54.38 -16.26 75.98
N THR D 498 -54.88 -16.48 77.19
CA THR D 498 -56.32 -16.37 77.41
C THR D 498 -56.78 -14.92 77.42
N THR D 499 -56.28 -14.14 78.38
CA THR D 499 -56.61 -12.72 78.46
C THR D 499 -55.51 -11.84 77.89
N ALA D 500 -54.26 -12.19 78.16
CA ALA D 500 -53.10 -11.47 77.64
C ALA D 500 -53.13 -10.00 78.03
N ALA D 501 -53.80 -9.70 79.14
CA ALA D 501 -53.73 -8.39 79.77
C ALA D 501 -52.66 -8.38 80.86
N HIS D 502 -52.80 -9.27 81.84
CA HIS D 502 -51.70 -9.63 82.71
C HIS D 502 -51.08 -10.96 82.34
N PHE D 503 -51.81 -11.79 81.59
CA PHE D 503 -51.29 -13.07 81.13
C PHE D 503 -50.25 -12.94 80.03
N ALA D 504 -50.17 -11.77 79.39
CA ALA D 504 -49.10 -11.48 78.45
C ALA D 504 -47.94 -10.76 79.10
N GLU D 505 -47.98 -10.58 80.42
CA GLU D 505 -46.91 -9.89 81.15
C GLU D 505 -45.74 -10.82 81.42
N TYR D 506 -45.25 -11.48 80.36
CA TYR D 506 -44.02 -12.25 80.43
C TYR D 506 -42.89 -11.63 79.65
N ALA D 507 -43.17 -10.80 78.65
CA ALA D 507 -42.16 -9.95 78.03
C ALA D 507 -42.02 -8.62 78.75
N GLY D 508 -42.80 -8.39 79.80
CA GLY D 508 -42.75 -7.14 80.54
C GLY D 508 -43.84 -6.17 80.10
N GLU D 509 -43.72 -4.95 80.62
CA GLU D 509 -44.64 -3.90 80.22
C GLU D 509 -44.39 -3.50 78.77
N GLU D 510 -45.27 -2.63 78.26
CA GLU D 510 -45.23 -2.00 76.95
C GLU D 510 -45.23 -2.99 75.80
N ALA D 511 -45.32 -4.30 76.09
CA ALA D 511 -45.41 -5.32 75.06
C ALA D 511 -46.81 -5.91 74.96
N ALA D 512 -47.49 -6.12 76.09
CA ALA D 512 -48.89 -6.52 76.05
C ALA D 512 -49.79 -5.38 75.61
N GLU D 513 -49.31 -4.13 75.69
CA GLU D 513 -50.10 -3.00 75.22
C GLU D 513 -50.37 -3.08 73.73
N SER D 514 -49.36 -3.47 72.95
CA SER D 514 -49.51 -3.63 71.51
C SER D 514 -50.00 -5.02 71.12
N TRP D 515 -50.23 -5.90 72.10
CA TRP D 515 -50.62 -7.26 71.79
C TRP D 515 -51.96 -7.32 71.07
N LYS D 516 -52.93 -6.53 71.52
CA LYS D 516 -54.27 -6.62 70.96
C LYS D 516 -54.30 -6.26 69.47
N GLU D 517 -53.61 -5.18 69.09
CA GLU D 517 -53.64 -4.77 67.69
C GLU D 517 -52.83 -5.71 66.81
N ILE D 518 -51.80 -6.33 67.37
CA ILE D 518 -50.99 -7.26 66.58
C ILE D 518 -51.85 -8.44 66.12
N VAL D 519 -52.67 -8.97 67.03
CA VAL D 519 -53.51 -10.11 66.67
C VAL D 519 -54.48 -9.74 65.56
N ASN D 520 -55.12 -8.58 65.67
CA ASN D 520 -56.07 -8.14 64.65
C ASN D 520 -55.41 -7.99 63.30
N LEU D 521 -54.22 -7.38 63.26
CA LEU D 521 -53.53 -7.17 62.00
C LEU D 521 -53.04 -8.47 61.38
N LEU D 522 -52.65 -9.45 62.19
CA LEU D 522 -52.10 -10.69 61.64
C LEU D 522 -53.11 -11.43 60.80
N TYR D 523 -54.36 -11.52 61.28
CA TYR D 523 -55.39 -12.22 60.52
C TYR D 523 -55.74 -11.49 59.23
N GLU D 524 -55.62 -10.15 59.23
CA GLU D 524 -55.89 -9.40 58.01
C GLU D 524 -54.90 -9.79 56.91
N LEU D 525 -53.62 -9.93 57.25
CA LEU D 525 -52.64 -10.38 56.26
C LEU D 525 -52.97 -11.77 55.76
N LEU D 526 -53.38 -12.67 56.65
CA LEU D 526 -53.81 -14.00 56.21
C LEU D 526 -55.04 -13.90 55.32
N ALA D 527 -56.00 -13.04 55.68
CA ALA D 527 -57.20 -12.91 54.88
C ALA D 527 -56.91 -12.35 53.49
N SER D 528 -55.90 -11.47 53.39
CA SER D 528 -55.59 -10.87 52.10
C SER D 528 -54.91 -11.84 51.14
N LEU D 529 -54.15 -12.79 51.65
CA LEU D 529 -53.39 -13.71 50.81
C LEU D 529 -54.20 -14.91 50.36
N ILE D 530 -55.47 -14.98 50.73
CA ILE D 530 -56.31 -16.13 50.43
C ILE D 530 -57.45 -15.76 49.50
N ARG D 531 -58.04 -14.57 49.69
CA ARG D 531 -59.20 -14.16 48.90
C ARG D 531 -58.86 -14.17 47.42
N GLY D 532 -59.79 -14.67 46.61
CA GLY D 532 -59.63 -14.73 45.17
C GLY D 532 -59.00 -16.00 44.64
N ASN D 533 -57.79 -16.31 45.10
CA ASN D 533 -57.08 -17.48 44.62
C ASN D 533 -57.71 -18.75 45.16
N ARG D 534 -57.82 -19.76 44.29
CA ARG D 534 -58.35 -21.05 44.70
C ARG D 534 -57.26 -22.02 45.14
N ALA D 535 -56.07 -21.91 44.56
CA ALA D 535 -54.97 -22.79 44.95
C ALA D 535 -54.61 -22.59 46.42
N ASN D 536 -54.65 -21.35 46.91
CA ASN D 536 -54.38 -21.10 48.31
C ASN D 536 -55.39 -21.78 49.22
N CYS D 537 -56.67 -21.75 48.83
CA CYS D 537 -57.72 -22.31 49.67
C CYS D 537 -57.59 -23.82 49.85
N ALA D 538 -57.00 -24.50 48.87
CA ALA D 538 -56.87 -25.96 48.97
C ALA D 538 -55.85 -26.38 50.03
N LEU D 539 -55.06 -25.45 50.56
CA LEU D 539 -54.01 -25.76 51.51
C LEU D 539 -54.52 -25.92 52.94
N PHE D 540 -55.76 -25.52 53.22
CA PHE D 540 -56.30 -25.59 54.57
C PHE D 540 -57.34 -26.68 54.75
N SER D 541 -57.45 -27.62 53.81
CA SER D 541 -58.38 -28.72 54.00
C SER D 541 -58.02 -29.56 55.22
N THR D 542 -56.74 -29.85 55.41
CA THR D 542 -56.31 -30.58 56.60
C THR D 542 -56.37 -29.70 57.84
N ASN D 543 -56.34 -28.38 57.67
CA ASN D 543 -56.37 -27.43 58.77
C ASN D 543 -57.77 -26.89 59.02
N LEU D 544 -58.80 -27.60 58.54
CA LEU D 544 -60.17 -27.17 58.79
C LEU D 544 -60.47 -27.12 60.28
N ASP D 545 -60.10 -28.18 61.00
CA ASP D 545 -60.29 -28.19 62.44
C ASP D 545 -59.41 -27.16 63.14
N TRP D 546 -58.30 -26.76 62.51
CA TRP D 546 -57.41 -25.81 63.15
C TRP D 546 -58.03 -24.42 63.22
N VAL D 547 -58.60 -23.93 62.11
CA VAL D 547 -59.11 -22.57 62.07
C VAL D 547 -60.33 -22.42 62.98
N VAL D 548 -61.24 -23.40 62.93
CA VAL D 548 -62.44 -23.32 63.76
C VAL D 548 -62.11 -23.54 65.23
N SER D 549 -60.94 -24.08 65.53
CA SER D 549 -60.60 -24.46 66.89
C SER D 549 -60.53 -23.28 67.85
N LYS D 550 -59.96 -22.15 67.44
CA LYS D 550 -59.64 -21.10 68.40
C LYS D 550 -60.89 -20.36 68.87
N LEU D 551 -61.52 -19.61 67.96
CA LEU D 551 -62.73 -18.85 68.23
C LEU D 551 -62.69 -18.24 69.64
N ASP D 552 -61.74 -17.31 69.82
CA ASP D 552 -61.37 -16.86 71.17
C ASP D 552 -62.33 -15.86 71.81
N ARG D 553 -63.47 -15.58 71.17
CA ARG D 553 -64.49 -14.70 71.72
C ARG D 553 -63.98 -13.30 72.04
N LEU D 554 -62.77 -12.96 71.58
CA LEU D 554 -62.18 -11.66 71.87
C LEU D 554 -61.68 -10.93 70.63
N GLU D 555 -61.29 -11.66 69.58
CA GLU D 555 -60.84 -11.05 68.34
C GLU D 555 -61.34 -11.76 67.08
N ALA D 556 -61.96 -12.93 67.21
CA ALA D 556 -62.40 -13.68 66.04
C ALA D 556 -63.46 -12.94 65.24
N SER D 557 -64.29 -12.13 65.89
CA SER D 557 -65.32 -11.39 65.18
C SER D 557 -64.73 -10.41 64.17
N SER D 558 -63.45 -10.08 64.30
CA SER D 558 -62.84 -9.13 63.37
C SER D 558 -62.41 -9.82 62.08
N GLY D 559 -61.55 -10.82 62.17
CA GLY D 559 -61.03 -11.45 60.97
C GLY D 559 -61.17 -12.96 60.90
N ILE D 560 -61.14 -13.63 62.05
CA ILE D 560 -61.18 -15.09 62.05
C ILE D 560 -62.50 -15.60 61.49
N LEU D 561 -63.61 -14.95 61.83
CA LEU D 561 -64.87 -15.27 61.17
C LEU D 561 -64.78 -14.96 59.68
N GLU D 562 -64.15 -13.84 59.34
CA GLU D 562 -64.04 -13.46 57.93
C GLU D 562 -63.11 -14.40 57.16
N VAL D 563 -61.97 -14.76 57.77
CA VAL D 563 -61.00 -15.59 57.07
C VAL D 563 -61.57 -16.97 56.76
N LEU D 564 -62.46 -17.49 57.61
CA LEU D 564 -63.19 -18.70 57.30
C LEU D 564 -64.08 -18.54 56.08
N TYR D 565 -64.74 -17.39 55.94
CA TYR D 565 -65.58 -17.13 54.79
C TYR D 565 -64.77 -17.04 53.50
N CYS D 566 -63.46 -16.78 53.60
CA CYS D 566 -62.64 -16.67 52.39
C CYS D 566 -62.48 -18.01 51.69
N VAL D 567 -62.26 -19.08 52.46
CA VAL D 567 -61.98 -20.38 51.86
C VAL D 567 -63.24 -21.14 51.47
N LEU D 568 -64.36 -20.89 52.15
CA LEU D 568 -65.59 -21.64 51.91
C LEU D 568 -66.27 -21.26 50.62
N ILE D 569 -65.68 -20.36 49.83
CA ILE D 569 -66.22 -19.98 48.54
C ILE D 569 -65.45 -20.56 47.37
N GLU D 570 -64.13 -20.69 47.48
CA GLU D 570 -63.30 -21.08 46.35
C GLU D 570 -63.12 -22.59 46.26
N SER D 571 -62.80 -23.27 47.37
CA SER D 571 -62.53 -24.70 47.32
C SER D 571 -63.73 -25.47 47.83
N PRO D 572 -64.44 -26.20 46.96
CA PRO D 572 -65.54 -27.05 47.45
C PRO D 572 -65.08 -28.28 48.20
N GLU D 573 -63.79 -28.65 48.08
CA GLU D 573 -63.29 -29.80 48.81
C GLU D 573 -63.39 -29.60 50.30
N VAL D 574 -63.08 -28.39 50.78
CA VAL D 574 -63.23 -28.06 52.19
C VAL D 574 -64.69 -28.20 52.60
N LEU D 575 -65.61 -27.83 51.72
CA LEU D 575 -67.03 -28.00 52.02
C LEU D 575 -67.39 -29.47 52.17
N ASN D 576 -66.67 -30.36 51.49
CA ASN D 576 -67.04 -31.77 51.47
C ASN D 576 -66.47 -32.57 52.62
N ILE D 577 -65.74 -31.94 53.55
CA ILE D 577 -65.10 -32.67 54.63
C ILE D 577 -65.55 -32.14 55.98
N ILE D 578 -66.80 -31.66 56.04
CA ILE D 578 -67.34 -31.22 57.33
C ILE D 578 -67.64 -32.43 58.21
N GLN D 579 -67.75 -32.18 59.51
CA GLN D 579 -67.82 -33.25 60.50
C GLN D 579 -68.98 -33.12 61.48
N GLU D 580 -69.88 -32.15 61.28
CA GLU D 580 -71.10 -32.00 62.07
C GLU D 580 -70.78 -31.48 63.48
N ASN D 581 -69.50 -31.41 63.82
CA ASN D 581 -69.10 -30.77 65.07
C ASN D 581 -68.75 -29.31 64.90
N HIS D 582 -68.19 -28.94 63.75
CA HIS D 582 -67.86 -27.54 63.49
C HIS D 582 -69.13 -26.69 63.41
N ILE D 583 -70.14 -27.17 62.69
CA ILE D 583 -71.37 -26.40 62.52
C ILE D 583 -72.08 -26.18 63.84
N LYS D 584 -72.02 -27.14 64.77
CA LYS D 584 -72.58 -26.91 66.10
C LYS D 584 -71.87 -25.77 66.79
N SER D 585 -70.54 -25.69 66.65
CA SER D 585 -69.81 -24.55 67.19
C SER D 585 -70.20 -23.25 66.49
N ILE D 586 -70.46 -23.31 65.19
CA ILE D 586 -70.91 -22.11 64.48
C ILE D 586 -72.24 -21.63 65.03
N ILE D 587 -73.17 -22.55 65.30
CA ILE D 587 -74.44 -22.16 65.91
C ILE D 587 -74.20 -21.52 67.27
N SER D 588 -73.27 -22.06 68.05
CA SER D 588 -72.92 -21.44 69.32
C SER D 588 -72.35 -20.04 69.12
N LEU D 589 -71.54 -19.86 68.07
CA LEU D 589 -70.98 -18.54 67.80
C LEU D 589 -72.07 -17.50 67.58
N LEU D 590 -73.19 -17.89 66.97
CA LEU D 590 -74.30 -16.95 66.81
C LEU D 590 -74.86 -16.54 68.17
N ASP D 591 -74.98 -17.49 69.09
CA ASP D 591 -75.56 -17.19 70.40
C ASP D 591 -74.58 -16.43 71.30
N LYS D 592 -73.30 -16.77 71.24
CA LYS D 592 -72.32 -16.15 72.13
C LYS D 592 -72.00 -14.70 71.76
N HIS D 593 -72.36 -14.26 70.55
CA HIS D 593 -72.03 -12.91 70.12
C HIS D 593 -73.21 -12.13 69.57
N GLY D 594 -74.33 -12.77 69.27
CA GLY D 594 -75.52 -12.08 68.82
C GLY D 594 -75.75 -12.24 67.34
N ARG D 595 -76.76 -11.51 66.87
CA ARG D 595 -77.18 -11.58 65.47
C ARG D 595 -76.18 -10.83 64.61
N ASN D 596 -75.55 -11.54 63.68
CA ASN D 596 -74.49 -10.98 62.85
C ASN D 596 -74.79 -11.27 61.39
N HIS D 597 -74.29 -10.38 60.53
CA HIS D 597 -74.48 -10.54 59.09
C HIS D 597 -73.75 -11.77 58.58
N LYS D 598 -72.47 -11.90 58.91
CA LYS D 598 -71.61 -12.86 58.24
C LYS D 598 -71.87 -14.29 58.68
N VAL D 599 -72.29 -14.50 59.93
CA VAL D 599 -72.54 -15.86 60.40
C VAL D 599 -73.66 -16.52 59.60
N LEU D 600 -74.56 -15.73 59.01
CA LEU D 600 -75.56 -16.29 58.12
C LEU D 600 -75.08 -16.38 56.68
N ASP D 601 -74.19 -15.49 56.25
CA ASP D 601 -73.64 -15.59 54.91
C ASP D 601 -72.85 -16.88 54.73
N VAL D 602 -72.07 -17.27 55.73
CA VAL D 602 -71.32 -18.53 55.66
C VAL D 602 -72.28 -19.71 55.54
N LEU D 603 -73.33 -19.71 56.36
CA LEU D 603 -74.30 -20.80 56.30
C LEU D 603 -74.97 -20.88 54.95
N CYS D 604 -75.32 -19.74 54.35
CA CYS D 604 -75.91 -19.76 53.02
C CYS D 604 -74.94 -20.33 51.99
N SER D 605 -73.65 -20.06 52.16
CA SER D 605 -72.63 -20.55 51.25
C SER D 605 -72.17 -21.95 51.59
N LEU D 606 -72.57 -22.49 52.75
CA LEU D 606 -72.13 -23.83 53.12
C LEU D 606 -73.00 -24.91 52.48
N CYS D 607 -74.20 -24.55 52.05
CA CYS D 607 -75.10 -25.53 51.44
C CYS D 607 -74.65 -25.90 50.03
N VAL D 608 -74.62 -24.91 49.14
CA VAL D 608 -74.28 -25.14 47.74
C VAL D 608 -72.84 -24.70 47.50
N CYS D 609 -72.05 -25.58 46.89
CA CYS D 609 -70.67 -25.24 46.56
C CYS D 609 -70.58 -24.63 45.17
N ASN D 610 -71.00 -25.38 44.15
CA ASN D 610 -71.09 -24.83 42.79
C ASN D 610 -72.22 -25.56 42.06
N GLY D 611 -73.40 -24.94 42.08
CA GLY D 611 -74.55 -25.53 41.42
C GLY D 611 -75.12 -26.72 42.15
N VAL D 612 -74.29 -27.73 42.37
CA VAL D 612 -74.70 -28.92 43.10
C VAL D 612 -74.63 -28.64 44.60
N ALA D 613 -75.41 -29.38 45.38
CA ALA D 613 -75.45 -29.21 46.82
C ALA D 613 -75.37 -30.58 47.49
N VAL D 614 -74.79 -30.61 48.68
CA VAL D 614 -74.63 -31.83 49.45
C VAL D 614 -75.83 -31.98 50.39
N ARG D 615 -76.36 -33.20 50.46
CA ARG D 615 -77.48 -33.48 51.34
C ARG D 615 -77.08 -33.57 52.80
N SER D 616 -75.79 -33.76 53.09
CA SER D 616 -75.37 -34.00 54.47
C SER D 616 -75.63 -32.79 55.35
N ASN D 617 -75.14 -31.61 54.93
CA ASN D 617 -75.29 -30.44 55.79
C ASN D 617 -76.72 -29.92 55.80
N GLN D 618 -77.45 -30.09 54.70
CA GLN D 618 -78.81 -29.56 54.63
C GLN D 618 -79.69 -30.13 55.74
N ASP D 619 -79.58 -31.44 56.00
CA ASP D 619 -80.32 -32.02 57.11
C ASP D 619 -79.80 -31.50 58.45
N LEU D 620 -78.48 -31.35 58.57
CA LEU D 620 -77.90 -30.93 59.84
C LEU D 620 -78.32 -29.53 60.23
N ILE D 621 -78.33 -28.60 59.27
CA ILE D 621 -78.70 -27.23 59.58
C ILE D 621 -80.17 -27.16 59.99
N THR D 622 -81.03 -27.95 59.35
CA THR D 622 -82.42 -27.97 59.74
C THR D 622 -82.60 -28.45 61.17
N GLU D 623 -81.86 -29.49 61.56
CA GLU D 623 -81.99 -30.03 62.91
C GLU D 623 -81.50 -29.02 63.95
N ASN D 624 -80.41 -28.32 63.65
CA ASN D 624 -79.92 -27.28 64.54
C ASN D 624 -80.69 -25.97 64.40
N LEU D 625 -81.55 -25.86 63.40
CA LEU D 625 -82.56 -24.80 63.38
C LEU D 625 -83.61 -25.21 64.39
N LEU D 626 -83.39 -24.78 65.63
CA LEU D 626 -84.16 -25.30 66.74
C LEU D 626 -85.65 -25.02 66.55
N PRO D 627 -86.50 -26.04 66.58
CA PRO D 627 -87.95 -25.79 66.62
C PRO D 627 -88.39 -25.01 67.85
N GLY D 628 -87.57 -24.98 68.90
CA GLY D 628 -87.85 -24.10 70.02
C GLY D 628 -87.81 -22.64 69.65
N ARG D 629 -87.19 -22.31 68.51
CA ARG D 629 -87.25 -20.98 67.93
C ARG D 629 -86.63 -19.93 68.86
N GLU D 630 -85.53 -20.28 69.49
CA GLU D 630 -84.87 -19.41 70.45
C GLU D 630 -83.80 -18.53 69.82
N LEU D 631 -83.55 -18.65 68.52
CA LEU D 631 -82.45 -17.93 67.89
C LEU D 631 -82.92 -16.96 66.84
N LEU D 632 -83.77 -17.39 65.91
CA LEU D 632 -84.20 -16.54 64.82
C LEU D 632 -85.52 -15.83 65.17
N LEU D 633 -86.11 -15.21 64.16
CA LEU D 633 -87.36 -14.47 64.32
C LEU D 633 -88.53 -15.28 63.76
N GLN D 634 -89.69 -15.10 64.38
CA GLN D 634 -90.91 -15.79 63.97
C GLN D 634 -92.04 -14.78 63.86
N THR D 635 -93.03 -15.12 63.04
CA THR D 635 -94.12 -14.21 62.78
C THR D 635 -95.41 -14.99 62.55
N ASN D 636 -96.53 -14.30 62.73
CA ASN D 636 -97.85 -14.89 62.56
C ASN D 636 -98.88 -13.77 62.43
N LEU D 637 -100.05 -14.12 61.89
CA LEU D 637 -101.14 -13.18 61.75
C LEU D 637 -101.84 -13.00 63.10
N ILE D 638 -102.18 -11.75 63.43
CA ILE D 638 -102.85 -11.43 64.68
C ILE D 638 -103.98 -10.43 64.40
N ASN D 639 -105.12 -10.66 65.03
CA ASN D 639 -106.24 -9.75 64.92
C ASN D 639 -106.06 -8.55 65.85
N TYR D 640 -106.87 -7.52 65.63
CA TYR D 640 -106.83 -6.31 66.44
C TYR D 640 -107.73 -6.46 67.66
N VAL D 641 -107.41 -5.70 68.70
CA VAL D 641 -108.19 -5.69 69.94
C VAL D 641 -108.32 -4.27 70.44
N THR D 642 -109.51 -3.90 70.91
CA THR D 642 -109.78 -2.60 71.49
C THR D 642 -110.70 -2.77 72.69
N SER D 643 -110.72 -1.76 73.55
CA SER D 643 -111.51 -1.79 74.78
C SER D 643 -112.07 -0.40 75.06
N ILE D 644 -113.31 -0.35 75.53
CA ILE D 644 -114.05 0.89 75.74
C ILE D 644 -114.46 0.98 77.21
N ARG D 645 -114.30 2.15 77.81
CA ARG D 645 -114.66 2.30 79.21
C ARG D 645 -115.86 3.23 79.37
N PRO D 646 -116.75 2.93 80.32
CA PRO D 646 -117.70 3.94 80.79
C PRO D 646 -117.04 4.87 81.80
N ASN D 647 -117.64 6.04 82.00
CA ASN D 647 -117.08 7.05 82.90
C ASN D 647 -117.54 6.77 84.33
N ILE D 648 -116.90 5.78 84.95
CA ILE D 648 -117.15 5.42 86.34
C ILE D 648 -115.81 5.27 87.05
N PHE D 649 -115.71 5.85 88.24
CA PHE D 649 -114.47 5.83 89.00
C PHE D 649 -114.77 5.49 90.46
N VAL D 650 -114.03 4.53 91.00
CA VAL D 650 -114.18 4.09 92.38
C VAL D 650 -112.81 3.99 93.02
N GLY D 651 -112.64 4.60 94.19
CA GLY D 651 -111.37 4.57 94.90
C GLY D 651 -111.57 4.29 96.37
N ARG D 652 -110.46 4.07 97.06
CA ARG D 652 -110.45 3.78 98.50
C ARG D 652 -109.27 4.50 99.13
N ALA D 653 -109.55 5.42 100.04
CA ALA D 653 -108.51 6.17 100.72
C ALA D 653 -109.09 6.70 102.04
N GLU D 654 -108.29 7.50 102.75
CA GLU D 654 -108.73 8.10 104.00
C GLU D 654 -109.69 9.25 103.69
N GLY D 655 -110.98 9.00 103.84
CA GLY D 655 -111.98 9.99 103.52
C GLY D 655 -113.14 9.40 102.74
N SER D 656 -113.45 9.98 101.58
CA SER D 656 -114.50 9.42 100.74
C SER D 656 -114.11 8.02 100.26
N THR D 657 -115.04 7.08 100.38
CA THR D 657 -114.76 5.69 100.05
C THR D 657 -115.63 5.15 98.92
N GLN D 658 -116.78 5.77 98.67
CA GLN D 658 -117.72 5.33 97.64
C GLN D 658 -118.15 3.87 97.87
N TYR D 659 -118.30 3.51 99.15
CA TYR D 659 -118.86 2.24 99.59
C TYR D 659 -117.92 1.07 99.33
N GLY D 660 -116.82 1.32 98.63
CA GLY D 660 -115.76 0.33 98.41
C GLY D 660 -116.19 -1.07 98.02
N LYS D 661 -117.41 -1.22 97.49
CA LYS D 661 -117.98 -2.54 97.21
C LYS D 661 -118.94 -2.40 96.04
N TRP D 662 -118.54 -2.87 94.87
CA TRP D 662 -119.31 -2.69 93.65
C TRP D 662 -119.53 -4.04 92.96
N TYR D 663 -120.30 -4.00 91.88
CA TYR D 663 -120.79 -5.22 91.25
C TYR D 663 -121.19 -4.92 89.81
N PHE D 664 -120.73 -5.76 88.89
CA PHE D 664 -121.02 -5.62 87.46
C PHE D 664 -121.80 -6.82 86.95
N GLU D 665 -122.64 -6.56 85.95
CA GLU D 665 -123.32 -7.59 85.17
C GLU D 665 -123.31 -7.16 83.72
N VAL D 666 -122.95 -8.07 82.82
CA VAL D 666 -122.82 -7.77 81.40
C VAL D 666 -123.63 -8.77 80.61
N MET D 667 -124.43 -8.27 79.67
CA MET D 667 -125.21 -9.11 78.77
C MET D 667 -124.65 -9.04 77.37
N VAL D 668 -124.37 -10.20 76.79
CA VAL D 668 -123.74 -10.31 75.47
C VAL D 668 -124.51 -11.31 74.64
N ASP D 669 -124.75 -10.97 73.37
CA ASP D 669 -125.44 -11.84 72.41
C ASP D 669 -124.67 -11.80 71.09
N GLU D 670 -123.73 -12.72 70.92
CA GLU D 670 -122.92 -12.80 69.72
C GLU D 670 -122.52 -14.24 69.47
N VAL D 671 -122.63 -14.66 68.21
CA VAL D 671 -122.21 -15.99 67.79
C VAL D 671 -121.26 -15.80 66.62
N VAL D 672 -119.98 -15.64 66.92
CA VAL D 672 -118.92 -15.58 65.91
C VAL D 672 -117.79 -16.47 66.39
N PRO D 673 -117.89 -17.79 66.24
CA PRO D 673 -116.87 -18.69 66.81
C PRO D 673 -115.50 -18.51 66.17
N PHE D 674 -115.43 -18.63 64.85
CA PHE D 674 -114.18 -18.49 64.11
C PHE D 674 -114.31 -17.39 63.07
N LEU D 675 -113.37 -16.46 63.09
CA LEU D 675 -113.23 -15.48 62.02
C LEU D 675 -112.26 -16.05 60.98
N THR D 676 -111.81 -15.21 60.05
CA THR D 676 -110.91 -15.68 59.02
C THR D 676 -109.55 -16.10 59.57
N ALA D 677 -109.15 -15.59 60.73
CA ALA D 677 -107.84 -15.89 61.29
C ALA D 677 -107.91 -16.95 62.38
N GLN D 678 -108.67 -16.68 63.45
CA GLN D 678 -108.79 -17.63 64.55
C GLN D 678 -110.07 -17.28 65.32
N ALA D 679 -110.20 -17.86 66.51
CA ALA D 679 -111.34 -17.56 67.35
C ALA D 679 -111.30 -16.11 67.82
N THR D 680 -112.48 -15.58 68.13
CA THR D 680 -112.61 -14.17 68.50
C THR D 680 -112.23 -13.97 69.96
N HIS D 681 -111.56 -12.84 70.21
CA HIS D 681 -111.17 -12.46 71.56
C HIS D 681 -112.31 -11.72 72.25
N LEU D 682 -112.59 -12.09 73.50
CA LEU D 682 -113.67 -11.45 74.25
C LEU D 682 -113.40 -11.66 75.74
N ARG D 683 -113.15 -10.56 76.46
CA ARG D 683 -112.92 -10.61 77.90
C ARG D 683 -113.57 -9.40 78.55
N VAL D 684 -113.58 -9.37 79.88
CA VAL D 684 -114.14 -8.26 80.64
C VAL D 684 -113.50 -8.28 82.02
N GLY D 685 -113.30 -7.09 82.60
CA GLY D 685 -112.69 -7.01 83.91
C GLY D 685 -112.54 -5.62 84.49
N TRP D 686 -111.38 -5.35 85.09
CA TRP D 686 -111.14 -4.12 85.84
C TRP D 686 -109.72 -3.62 85.55
N ALA D 687 -109.50 -2.34 85.80
CA ALA D 687 -108.20 -1.73 85.62
C ALA D 687 -108.03 -0.58 86.60
N LEU D 688 -106.77 -0.23 86.87
CA LEU D 688 -106.41 0.83 87.82
C LEU D 688 -105.43 1.79 87.15
N THR D 689 -105.96 2.74 86.37
CA THR D 689 -105.21 3.84 85.79
C THR D 689 -103.95 3.40 85.03
N GLU D 690 -103.86 2.10 84.75
CA GLU D 690 -102.67 1.50 84.16
C GLU D 690 -103.09 0.52 83.07
N GLY D 691 -103.94 0.98 82.17
CA GLY D 691 -104.53 0.14 81.15
C GLY D 691 -103.71 0.18 79.88
N TYR D 692 -104.14 1.00 78.91
CA TYR D 692 -103.46 1.16 77.63
C TYR D 692 -103.60 -0.08 76.76
N SER D 693 -104.78 -0.67 76.79
CA SER D 693 -105.14 -1.64 75.77
C SER D 693 -105.01 -1.09 74.35
N PRO D 694 -105.18 0.22 74.09
CA PRO D 694 -104.80 0.76 72.78
C PRO D 694 -103.31 0.70 72.53
N TYR D 695 -102.84 1.34 71.46
CA TYR D 695 -101.55 1.10 70.84
C TYR D 695 -101.58 -0.31 70.26
N PRO D 696 -102.44 -0.57 69.26
CA PRO D 696 -102.65 -1.93 68.75
C PRO D 696 -101.47 -2.49 67.96
N GLY D 697 -100.30 -2.50 68.61
CA GLY D 697 -99.11 -3.05 67.99
C GLY D 697 -98.71 -4.36 68.65
N GLY D 698 -97.70 -4.32 69.51
CA GLY D 698 -97.24 -5.50 70.22
C GLY D 698 -97.24 -5.27 71.71
N GLY D 699 -97.44 -6.34 72.46
CA GLY D 699 -97.41 -6.29 73.91
C GLY D 699 -96.41 -7.27 74.49
N GLU D 700 -96.73 -7.84 75.65
CA GLU D 700 -95.83 -8.81 76.26
C GLU D 700 -95.76 -10.09 75.44
N GLY D 701 -96.92 -10.63 75.07
CA GLY D 701 -96.94 -11.84 74.26
C GLY D 701 -97.12 -11.54 72.79
N TRP D 702 -98.26 -11.94 72.24
CA TRP D 702 -98.62 -11.63 70.85
C TRP D 702 -99.70 -10.57 70.89
N GLY D 703 -99.27 -9.31 70.93
CA GLY D 703 -100.20 -8.20 70.98
C GLY D 703 -100.61 -7.86 72.40
N GLY D 704 -100.70 -6.55 72.66
CA GLY D 704 -101.13 -6.06 73.95
C GLY D 704 -102.63 -6.06 74.09
N ASN D 705 -103.22 -7.23 74.37
CA ASN D 705 -104.66 -7.39 74.37
C ASN D 705 -105.30 -6.53 75.47
N GLY D 706 -106.63 -6.53 75.47
CA GLY D 706 -107.41 -5.66 76.32
C GLY D 706 -107.13 -5.74 77.81
N VAL D 707 -107.43 -6.87 78.43
CA VAL D 707 -107.35 -7.01 79.87
C VAL D 707 -106.74 -8.38 80.21
N GLY D 708 -105.93 -8.41 81.27
CA GLY D 708 -105.43 -9.66 81.78
C GLY D 708 -104.08 -10.10 81.26
N ASP D 709 -103.35 -9.21 80.61
CA ASP D 709 -102.01 -9.52 80.13
C ASP D 709 -100.92 -8.76 80.88
N ASP D 710 -101.26 -8.06 81.95
CA ASP D 710 -100.28 -7.32 82.74
C ASP D 710 -100.62 -7.50 84.21
N LEU D 711 -99.79 -6.91 85.07
CA LEU D 711 -100.06 -6.85 86.50
C LEU D 711 -100.88 -5.62 86.87
N TYR D 712 -101.64 -5.08 85.93
CA TYR D 712 -102.41 -3.86 86.14
C TYR D 712 -103.89 -4.02 85.85
N SER D 713 -104.34 -5.23 85.52
CA SER D 713 -105.74 -5.47 85.20
C SER D 713 -106.08 -6.92 85.47
N TYR D 714 -107.37 -7.22 85.55
CA TYR D 714 -107.84 -8.57 85.85
C TYR D 714 -108.99 -8.90 84.91
N GLY D 715 -108.83 -9.97 84.13
CA GLY D 715 -109.82 -10.32 83.12
C GLY D 715 -110.35 -11.73 83.23
N PHE D 716 -111.29 -12.08 82.35
CA PHE D 716 -111.95 -13.38 82.41
C PHE D 716 -112.62 -13.64 81.06
N ASP D 717 -112.56 -14.89 80.61
CA ASP D 717 -113.12 -15.23 79.30
C ASP D 717 -113.96 -16.51 79.32
N GLY D 718 -114.48 -16.90 80.47
CA GLY D 718 -115.31 -18.08 80.57
C GLY D 718 -114.70 -19.15 81.44
N LEU D 719 -113.37 -19.32 81.33
CA LEU D 719 -112.63 -20.28 82.17
C LEU D 719 -111.13 -19.89 82.22
N HIS D 720 -110.76 -18.91 83.04
CA HIS D 720 -109.39 -18.42 83.13
C HIS D 720 -109.27 -17.57 84.38
N LEU D 721 -108.04 -17.09 84.61
CA LEU D 721 -107.78 -16.05 85.60
C LEU D 721 -106.77 -15.11 84.93
N TRP D 722 -107.28 -14.11 84.22
CA TRP D 722 -106.46 -13.31 83.32
C TRP D 722 -105.85 -12.13 84.07
N THR D 723 -104.55 -12.22 84.32
CA THR D 723 -103.74 -11.10 84.79
C THR D 723 -102.28 -11.43 84.56
N GLY D 724 -101.60 -10.60 83.77
CA GLY D 724 -100.21 -10.88 83.45
C GLY D 724 -100.00 -12.18 82.70
N HIS D 725 -100.82 -12.42 81.68
CA HIS D 725 -100.70 -13.63 80.88
C HIS D 725 -100.86 -14.86 81.74
N VAL D 726 -101.98 -14.94 82.46
CA VAL D 726 -102.25 -16.12 83.27
C VAL D 726 -103.48 -16.83 82.74
N ALA D 727 -103.31 -18.09 82.38
CA ALA D 727 -104.42 -18.85 81.80
C ALA D 727 -105.12 -19.72 82.83
N ARG D 728 -104.66 -19.66 84.08
CA ARG D 728 -105.25 -20.49 85.12
C ARG D 728 -106.76 -20.58 84.97
N PRO D 729 -107.27 -21.75 84.57
CA PRO D 729 -108.73 -21.79 84.49
C PRO D 729 -109.37 -21.85 85.88
N VAL D 730 -110.68 -21.99 85.89
CA VAL D 730 -111.44 -21.98 87.15
C VAL D 730 -112.19 -23.30 87.30
N THR D 731 -112.76 -23.51 88.48
CA THR D 731 -113.52 -24.72 88.81
C THR D 731 -114.95 -24.27 89.13
N SER D 732 -115.79 -24.19 88.09
CA SER D 732 -117.17 -23.78 88.23
C SER D 732 -118.05 -24.66 87.38
N PRO D 733 -119.34 -24.79 87.72
CA PRO D 733 -120.24 -25.61 86.88
C PRO D 733 -120.32 -25.05 85.47
N GLY D 734 -120.42 -25.96 84.50
CA GLY D 734 -120.47 -25.56 83.10
C GLY D 734 -119.20 -24.89 82.63
N GLN D 735 -118.08 -25.61 82.72
CA GLN D 735 -116.80 -25.04 82.33
C GLN D 735 -116.71 -24.84 80.83
N HIS D 736 -116.92 -23.60 80.37
CA HIS D 736 -116.82 -23.27 78.96
C HIS D 736 -116.50 -21.79 78.84
N LEU D 737 -116.20 -21.35 77.62
CA LEU D 737 -115.81 -19.97 77.38
C LEU D 737 -117.05 -19.08 77.34
N LEU D 738 -116.87 -17.83 76.92
CA LEU D 738 -117.97 -16.87 76.93
C LEU D 738 -118.97 -17.18 75.83
N ALA D 739 -119.90 -18.09 76.09
CA ALA D 739 -120.98 -18.38 75.18
C ALA D 739 -121.98 -17.23 75.17
N PRO D 740 -122.71 -17.04 74.08
CA PRO D 740 -123.72 -15.98 74.04
C PRO D 740 -124.86 -16.24 75.01
N GLU D 741 -125.61 -15.16 75.29
CA GLU D 741 -126.77 -15.20 76.17
C GLU D 741 -126.38 -15.62 77.59
N ASP D 742 -125.46 -14.87 78.17
CA ASP D 742 -124.97 -15.14 79.52
C ASP D 742 -124.76 -13.83 80.25
N VAL D 743 -124.80 -13.91 81.59
CA VAL D 743 -124.58 -12.76 82.46
C VAL D 743 -123.46 -13.11 83.43
N VAL D 744 -122.50 -12.20 83.57
CA VAL D 744 -121.34 -12.41 84.44
C VAL D 744 -121.51 -11.56 85.68
N SER D 745 -121.38 -12.18 86.85
CA SER D 745 -121.48 -11.50 88.13
C SER D 745 -120.06 -11.21 88.62
N CYS D 746 -119.62 -9.96 88.45
CA CYS D 746 -118.30 -9.54 88.87
C CYS D 746 -118.41 -8.92 90.27
N CYS D 747 -117.79 -9.59 91.25
CA CYS D 747 -117.83 -9.13 92.63
C CYS D 747 -116.57 -8.33 92.95
N LEU D 748 -116.76 -7.15 93.51
CA LEU D 748 -115.67 -6.24 93.87
C LEU D 748 -115.72 -5.99 95.37
N ASP D 749 -114.66 -6.38 96.07
CA ASP D 749 -114.53 -6.14 97.50
C ASP D 749 -113.20 -5.44 97.77
N LEU D 750 -113.25 -4.35 98.53
CA LEU D 750 -112.06 -3.61 98.91
C LEU D 750 -111.66 -3.84 100.36
N SER D 751 -112.33 -4.76 101.05
CA SER D 751 -111.98 -5.02 102.45
C SER D 751 -110.63 -5.72 102.55
N VAL D 752 -110.41 -6.75 101.75
CA VAL D 752 -109.15 -7.51 101.80
C VAL D 752 -108.03 -6.74 101.12
N PRO D 753 -108.19 -6.27 99.86
CA PRO D 753 -109.27 -6.36 98.88
C PRO D 753 -109.30 -7.68 98.12
N SER D 754 -110.49 -8.13 97.74
CA SER D 754 -110.66 -9.39 97.03
C SER D 754 -111.63 -9.19 95.87
N ILE D 755 -111.35 -9.86 94.75
CA ILE D 755 -112.20 -9.77 93.56
C ILE D 755 -112.53 -11.18 93.10
N SER D 756 -113.81 -11.45 92.89
CA SER D 756 -114.27 -12.74 92.40
C SER D 756 -115.32 -12.52 91.32
N PHE D 757 -115.45 -13.52 90.45
CA PHE D 757 -116.39 -13.48 89.34
C PHE D 757 -117.40 -14.62 89.49
N ARG D 758 -118.54 -14.53 88.80
CA ARG D 758 -119.61 -15.56 88.96
C ARG D 758 -120.50 -15.59 87.72
N ILE D 759 -120.65 -16.73 87.05
CA ILE D 759 -121.40 -16.73 85.75
C ILE D 759 -122.85 -17.11 85.98
N ASN D 760 -123.77 -16.14 85.91
CA ASN D 760 -125.21 -16.44 86.04
C ASN D 760 -125.45 -17.29 87.29
N GLY D 761 -124.56 -17.22 88.27
CA GLY D 761 -124.69 -18.09 89.45
C GLY D 761 -123.49 -19.00 89.63
N CYS D 762 -123.04 -19.66 88.56
CA CYS D 762 -121.90 -20.63 88.63
C CYS D 762 -120.95 -20.17 89.72
N PRO D 763 -120.86 -20.87 90.88
CA PRO D 763 -120.06 -20.34 92.00
C PRO D 763 -118.58 -20.56 91.77
N VAL D 764 -117.98 -19.66 90.99
CA VAL D 764 -116.60 -19.80 90.54
C VAL D 764 -115.68 -19.77 91.76
N GLN D 765 -114.73 -20.70 91.80
CA GLN D 765 -113.77 -20.79 92.90
C GLN D 765 -112.49 -20.04 92.51
N GLY D 766 -112.64 -18.74 92.33
CA GLY D 766 -111.52 -17.89 91.97
C GLY D 766 -111.58 -16.52 92.60
N VAL D 767 -110.54 -16.13 93.32
CA VAL D 767 -110.48 -14.86 94.02
C VAL D 767 -109.12 -14.22 93.76
N PHE D 768 -109.12 -12.91 93.48
CA PHE D 768 -107.89 -12.15 93.32
C PHE D 768 -107.65 -11.32 94.58
N GLU D 769 -106.47 -11.47 95.17
CA GLU D 769 -106.15 -10.83 96.44
C GLU D 769 -104.74 -10.25 96.39
N ALA D 770 -104.39 -9.55 97.47
CA ALA D 770 -103.04 -8.99 97.66
C ALA D 770 -102.63 -8.09 96.50
N PHE D 771 -103.50 -7.15 96.17
CA PHE D 771 -103.24 -6.17 95.12
C PHE D 771 -103.46 -4.76 95.67
N ASN D 772 -102.54 -3.86 95.33
CA ASN D 772 -102.59 -2.50 95.84
C ASN D 772 -103.75 -1.73 95.22
N LEU D 773 -104.16 -0.67 95.91
CA LEU D 773 -105.27 0.19 95.50
C LEU D 773 -104.80 1.62 95.23
N ASP D 774 -103.67 1.77 94.57
CA ASP D 774 -103.07 3.08 94.33
C ASP D 774 -103.70 3.74 93.10
N GLY D 775 -105.02 3.88 93.17
CA GLY D 775 -105.76 4.49 92.08
C GLY D 775 -107.21 4.04 91.98
N LEU D 776 -107.93 4.60 91.01
CA LEU D 776 -109.34 4.29 90.84
C LEU D 776 -109.51 2.98 90.04
N PHE D 777 -110.76 2.62 89.80
CA PHE D 777 -111.10 1.43 89.04
C PHE D 777 -111.82 1.80 87.76
N PHE D 778 -111.86 0.84 86.83
CA PHE D 778 -112.45 1.07 85.52
C PHE D 778 -113.28 -0.12 85.07
N PRO D 779 -114.47 0.12 84.53
CA PRO D 779 -115.21 -0.95 83.83
C PRO D 779 -114.61 -1.17 82.45
N VAL D 780 -113.90 -2.28 82.29
CA VAL D 780 -113.16 -2.57 81.07
C VAL D 780 -113.68 -3.87 80.48
N VAL D 781 -113.99 -3.85 79.18
CA VAL D 781 -114.41 -5.02 78.44
C VAL D 781 -113.50 -5.17 77.23
N SER D 782 -113.02 -6.38 76.98
CA SER D 782 -112.13 -6.67 75.88
C SER D 782 -112.86 -7.48 74.83
N PHE D 783 -112.64 -7.13 73.56
CA PHE D 783 -113.36 -7.78 72.46
C PHE D 783 -112.56 -7.62 71.18
N SER D 784 -112.61 -8.64 70.33
CA SER D 784 -111.99 -8.57 69.02
C SER D 784 -113.01 -8.06 68.00
N ALA D 785 -112.69 -8.16 66.72
CA ALA D 785 -113.58 -7.70 65.66
C ALA D 785 -114.81 -8.59 65.56
N GLY D 786 -115.91 -8.00 65.10
CA GLY D 786 -117.14 -8.73 64.89
C GLY D 786 -117.94 -9.03 66.14
N VAL D 787 -117.69 -8.33 67.25
CA VAL D 787 -118.32 -8.60 68.52
C VAL D 787 -119.14 -7.38 68.94
N LYS D 788 -120.41 -7.60 69.26
CA LYS D 788 -121.30 -6.56 69.76
C LYS D 788 -121.67 -6.90 71.21
N VAL D 789 -121.47 -5.94 72.10
CA VAL D 789 -121.65 -6.14 73.54
C VAL D 789 -122.57 -5.06 74.07
N ARG D 790 -123.29 -5.39 75.15
CA ARG D 790 -124.23 -4.48 75.79
C ARG D 790 -123.91 -4.36 77.27
N PHE D 791 -123.82 -3.11 77.75
CA PHE D 791 -123.61 -2.83 79.16
C PHE D 791 -124.91 -2.98 79.93
N LEU D 792 -124.82 -2.73 81.24
CA LEU D 792 -126.00 -2.61 82.09
C LEU D 792 -125.83 -1.36 82.94
N LEU D 793 -126.78 -0.43 82.82
CA LEU D 793 -126.63 0.88 83.47
C LEU D 793 -126.75 0.80 84.99
N GLY D 794 -127.29 -0.28 85.53
CA GLY D 794 -127.49 -0.38 86.95
C GLY D 794 -128.79 0.27 87.38
N GLY D 795 -128.70 1.53 87.81
CA GLY D 795 -129.86 2.28 88.23
C GLY D 795 -130.88 2.55 87.15
N ARG D 796 -130.44 3.07 86.00
CA ARG D 796 -131.38 3.51 84.97
C ARG D 796 -131.87 2.33 84.12
N HIS D 797 -130.95 1.70 83.38
CA HIS D 797 -131.30 0.61 82.50
C HIS D 797 -130.61 -0.70 82.89
N GLY D 798 -130.25 -0.86 84.15
CA GLY D 798 -129.74 -2.12 84.61
C GLY D 798 -130.87 -3.03 85.03
N GLU D 799 -131.28 -3.91 84.11
CA GLU D 799 -132.39 -4.82 84.35
C GLU D 799 -131.78 -6.16 84.78
N PHE D 800 -131.34 -6.18 86.04
CA PHE D 800 -130.55 -7.30 86.54
C PHE D 800 -131.39 -8.55 86.61
N LYS D 801 -131.18 -9.46 85.64
CA LYS D 801 -131.89 -10.74 85.66
C LYS D 801 -131.46 -11.64 86.81
N PHE D 802 -130.29 -11.38 87.39
CA PHE D 802 -129.85 -12.07 88.60
C PHE D 802 -129.64 -11.03 89.69
N LEU D 803 -130.11 -11.37 90.88
CA LEU D 803 -130.06 -10.41 91.97
C LEU D 803 -128.62 -10.15 92.41
N PRO D 804 -128.30 -8.89 92.67
CA PRO D 804 -126.93 -8.56 93.11
C PRO D 804 -126.67 -9.10 94.50
N PRO D 805 -125.40 -9.26 94.87
CA PRO D 805 -125.09 -9.64 96.25
C PRO D 805 -125.60 -8.57 97.21
N PRO D 806 -125.96 -8.95 98.45
CA PRO D 806 -126.71 -8.04 99.31
C PRO D 806 -126.03 -6.69 99.51
N GLY D 807 -126.57 -5.66 98.85
CA GLY D 807 -126.09 -4.31 99.03
C GLY D 807 -124.68 -4.06 98.54
N TYR D 808 -124.46 -4.05 97.22
CA TYR D 808 -123.16 -3.72 96.64
C TYR D 808 -123.37 -2.65 95.56
N ALA D 809 -123.47 -1.38 96.01
CA ALA D 809 -123.40 -0.16 95.20
C ALA D 809 -123.94 -0.35 93.79
N PRO D 810 -125.24 -0.60 93.61
CA PRO D 810 -125.79 -0.90 92.27
C PRO D 810 -125.80 0.31 91.33
N CYS D 811 -124.65 0.98 91.22
CA CYS D 811 -124.46 2.10 90.31
C CYS D 811 -125.48 3.21 90.56
N HIS D 812 -125.71 3.49 91.84
CA HIS D 812 -126.68 4.51 92.25
C HIS D 812 -126.03 5.70 92.95
N GLU D 813 -125.26 5.46 94.01
CA GLU D 813 -124.77 6.56 94.83
C GLU D 813 -123.61 7.30 94.15
N ALA D 814 -122.62 6.56 93.67
CA ALA D 814 -121.44 7.15 93.03
C ALA D 814 -121.49 6.81 91.54
N VAL D 815 -122.20 7.62 90.78
CA VAL D 815 -122.24 7.48 89.33
C VAL D 815 -122.44 8.85 88.69
N LEU D 816 -121.50 9.24 87.83
CA LEU D 816 -121.51 10.54 87.16
C LEU D 816 -121.67 11.67 88.18
N PRO D 817 -120.67 11.92 89.02
CA PRO D 817 -120.84 12.95 90.06
C PRO D 817 -121.11 14.35 89.51
N ARG D 818 -120.52 14.72 88.37
CA ARG D 818 -120.78 16.02 87.78
C ARG D 818 -120.93 15.98 86.26
N GLU D 819 -120.96 14.79 85.65
CA GLU D 819 -121.03 14.68 84.20
C GLU D 819 -122.16 13.74 83.79
N ARG D 820 -122.20 13.39 82.51
CA ARG D 820 -123.19 12.46 81.97
C ARG D 820 -122.56 11.08 81.80
N LEU D 821 -123.30 10.17 81.18
CA LEU D 821 -122.83 8.81 80.92
C LEU D 821 -122.28 8.73 79.50
N ARG D 822 -121.02 8.29 79.39
CA ARG D 822 -120.35 8.18 78.09
C ARG D 822 -119.44 6.96 78.08
N LEU D 823 -119.30 6.36 76.91
CA LEU D 823 -118.34 5.29 76.70
C LEU D 823 -117.25 5.75 75.75
N GLU D 824 -115.99 5.47 76.11
CA GLU D 824 -114.86 5.99 75.35
C GLU D 824 -113.65 5.07 75.49
N PRO D 825 -112.76 5.06 74.49
CA PRO D 825 -111.52 4.28 74.63
C PRO D 825 -110.61 4.88 75.69
N ILE D 826 -109.79 4.02 76.30
CA ILE D 826 -108.89 4.44 77.37
C ILE D 826 -107.64 5.06 76.75
N LYS D 827 -107.42 6.34 77.04
CA LYS D 827 -106.20 7.06 76.65
C LYS D 827 -105.93 6.94 75.15
N GLU D 828 -106.96 7.23 74.37
CA GLU D 828 -106.81 7.22 72.92
C GLU D 828 -105.97 8.41 72.46
N TYR D 829 -105.29 8.23 71.33
CA TYR D 829 -104.46 9.28 70.76
C TYR D 829 -104.94 9.77 69.40
N ARG D 830 -105.78 9.00 68.72
CA ARG D 830 -106.35 9.39 67.43
C ARG D 830 -107.84 9.14 67.45
N ARG D 831 -108.59 10.09 66.90
CA ARG D 831 -110.05 9.97 66.84
C ARG D 831 -110.53 10.35 65.45
N GLU D 832 -111.61 9.71 65.03
CA GLU D 832 -112.20 9.99 63.73
C GLU D 832 -112.91 11.33 63.75
N GLY D 833 -112.79 12.07 62.65
CA GLY D 833 -113.45 13.34 62.50
C GLY D 833 -114.27 13.40 61.23
N PRO D 834 -115.12 14.43 61.10
CA PRO D 834 -115.88 14.58 59.85
C PRO D 834 -114.98 14.74 58.63
N ARG D 835 -113.82 15.36 58.80
CA ARG D 835 -112.86 15.53 57.72
C ARG D 835 -111.51 15.83 58.35
N GLY D 836 -110.46 15.10 57.93
CA GLY D 836 -109.18 15.27 58.55
C GLY D 836 -109.20 14.74 59.97
N PRO D 837 -109.22 13.42 60.12
CA PRO D 837 -109.45 12.82 61.45
C PRO D 837 -108.50 13.39 62.49
N HIS D 838 -109.06 13.73 63.64
CA HIS D 838 -108.40 14.59 64.61
C HIS D 838 -107.47 13.81 65.52
N LEU D 839 -106.41 14.48 65.95
CA LEU D 839 -105.46 13.95 66.91
C LEU D 839 -105.78 14.51 68.29
N VAL D 840 -105.32 13.79 69.32
CA VAL D 840 -105.56 14.20 70.70
C VAL D 840 -104.34 13.83 71.53
N GLY D 841 -103.96 14.73 72.44
CA GLY D 841 -102.82 14.51 73.29
C GLY D 841 -103.15 13.65 74.49
N PRO D 842 -102.27 13.66 75.49
CA PRO D 842 -102.52 12.84 76.69
C PRO D 842 -103.73 13.32 77.45
N SER D 843 -104.47 12.37 78.04
CA SER D 843 -105.61 12.70 78.87
C SER D 843 -105.18 12.85 80.32
N ARG D 844 -105.77 13.83 81.01
CA ARG D 844 -105.43 14.12 82.40
C ARG D 844 -106.29 13.23 83.31
N CYS D 845 -105.63 12.51 84.22
CA CYS D 845 -106.32 11.64 85.17
C CYS D 845 -106.98 12.50 86.24
N LEU D 846 -108.27 12.28 86.47
CA LEU D 846 -109.04 13.09 87.41
C LEU D 846 -108.91 12.51 88.81
N SER D 847 -107.80 12.84 89.49
CA SER D 847 -107.60 12.52 90.91
C SER D 847 -107.78 11.03 91.18
N HIS D 848 -106.90 10.25 90.54
CA HIS D 848 -106.90 8.81 90.76
C HIS D 848 -106.69 8.48 92.24
N THR D 849 -105.69 9.11 92.85
CA THR D 849 -105.49 9.01 94.28
C THR D 849 -105.84 10.35 94.94
N ASP D 850 -105.92 10.33 96.27
CA ASP D 850 -106.22 11.53 97.06
C ASP D 850 -107.50 12.21 96.58
N PHE D 851 -108.52 11.41 96.29
CA PHE D 851 -109.81 11.91 95.82
C PHE D 851 -110.78 12.17 96.96
N VAL D 852 -110.28 12.46 98.16
CA VAL D 852 -111.11 12.71 99.34
C VAL D 852 -110.91 14.15 99.75
N PRO D 853 -111.92 14.84 100.26
CA PRO D 853 -111.76 16.25 100.65
C PRO D 853 -110.93 16.39 101.91
N CYS D 854 -110.52 17.62 102.17
CA CYS D 854 -109.71 17.95 103.34
C CYS D 854 -110.07 19.34 103.85
N PRO D 855 -110.77 19.45 104.97
CA PRO D 855 -111.13 20.77 105.50
C PRO D 855 -109.90 21.55 105.94
N VAL D 856 -109.99 22.86 105.82
CA VAL D 856 -108.92 23.76 106.20
C VAL D 856 -108.99 23.99 107.70
N ASP D 857 -107.88 23.72 108.38
CA ASP D 857 -107.81 23.90 109.83
C ASP D 857 -107.43 25.33 110.20
N ILE D 861 -108.10 27.36 116.33
CA ILE D 861 -107.32 28.57 116.55
C ILE D 861 -107.97 29.43 117.62
N VAL D 862 -107.53 30.69 117.71
CA VAL D 862 -108.07 31.64 118.68
C VAL D 862 -108.66 32.82 117.93
N LEU D 863 -109.38 33.67 118.66
CA LEU D 863 -110.04 34.83 118.08
C LEU D 863 -109.76 36.06 118.92
N PRO D 864 -109.33 37.16 118.28
CA PRO D 864 -109.09 38.39 119.03
C PRO D 864 -110.38 38.93 119.64
N PRO D 865 -110.30 39.65 120.76
CA PRO D 865 -111.52 40.15 121.40
C PRO D 865 -112.35 41.06 120.52
N HIS D 866 -111.73 41.88 119.66
CA HIS D 866 -112.50 42.76 118.80
C HIS D 866 -113.31 42.00 117.75
N LEU D 867 -112.89 40.77 117.42
CA LEU D 867 -113.68 39.90 116.55
C LEU D 867 -114.69 39.07 117.31
N GLU D 868 -114.63 39.05 118.64
CA GLU D 868 -115.62 38.32 119.41
C GLU D 868 -116.94 39.07 119.49
N ARG D 869 -116.88 40.40 119.58
CA ARG D 869 -118.11 41.19 119.66
C ARG D 869 -118.90 41.11 118.34
N ILE D 870 -118.18 41.08 117.22
CA ILE D 870 -118.86 41.05 115.92
C ILE D 870 -119.42 39.67 115.60
N ARG D 871 -119.02 38.64 116.34
CA ARG D 871 -119.56 37.31 116.12
C ARG D 871 -121.07 37.28 116.34
N GLU D 872 -121.55 37.92 117.41
CA GLU D 872 -122.99 38.01 117.62
C GLU D 872 -123.66 38.81 116.51
N LYS D 873 -123.07 39.95 116.13
CA LYS D 873 -123.63 40.74 115.04
C LYS D 873 -123.61 39.99 113.72
N LEU D 874 -122.53 39.24 113.44
CA LEU D 874 -122.51 38.39 112.27
C LEU D 874 -123.55 37.28 112.37
N ALA D 875 -123.71 36.70 113.56
CA ALA D 875 -124.75 35.70 113.76
C ALA D 875 -126.15 36.29 113.65
N GLU D 876 -126.29 37.61 113.80
CA GLU D 876 -127.59 38.25 113.60
C GLU D 876 -127.93 38.35 112.12
N ASN D 877 -127.09 39.06 111.36
CA ASN D 877 -127.38 39.29 109.95
C ASN D 877 -127.44 37.98 109.16
N ILE D 878 -126.64 36.98 109.55
CA ILE D 878 -126.79 35.66 108.96
C ILE D 878 -128.17 35.10 109.25
N HIS D 879 -128.63 35.25 110.51
CA HIS D 879 -129.98 34.82 110.85
C HIS D 879 -131.05 35.71 110.27
N GLU D 880 -130.77 37.00 110.09
CA GLU D 880 -131.73 37.89 109.44
C GLU D 880 -131.98 37.44 108.00
N LEU D 881 -130.92 37.10 107.27
CA LEU D 881 -131.08 36.61 105.91
C LEU D 881 -131.64 35.19 105.88
N TRP D 882 -131.21 34.33 106.80
CA TRP D 882 -131.74 32.96 106.85
C TRP D 882 -133.24 32.96 107.14
N ALA D 883 -133.69 33.81 108.06
CA ALA D 883 -135.12 33.95 108.31
C ALA D 883 -135.83 34.73 107.22
N LEU D 884 -135.10 35.56 106.47
CA LEU D 884 -135.70 36.32 105.38
C LEU D 884 -136.22 35.41 104.28
N THR D 885 -135.47 34.37 103.92
CA THR D 885 -135.88 33.49 102.83
C THR D 885 -137.16 32.74 103.18
N ARG D 886 -137.33 32.36 104.45
CA ARG D 886 -138.51 31.58 104.83
C ARG D 886 -139.79 32.36 104.59
N ILE D 887 -139.82 33.63 105.00
CA ILE D 887 -141.01 34.45 104.75
C ILE D 887 -141.19 34.71 103.27
N GLU D 888 -140.09 34.86 102.52
CA GLU D 888 -140.18 35.03 101.08
C GLU D 888 -140.84 33.85 100.39
N GLN D 889 -140.70 32.64 100.94
CA GLN D 889 -141.34 31.45 100.41
C GLN D 889 -142.64 31.12 101.12
N GLY D 890 -143.11 32.00 102.01
CA GLY D 890 -144.36 31.78 102.70
C GLY D 890 -144.26 30.90 103.94
N TRP D 891 -143.06 30.66 104.44
CA TRP D 891 -142.85 29.86 105.64
C TRP D 891 -143.09 30.77 106.84
N THR D 892 -144.22 30.59 107.51
CA THR D 892 -144.58 31.41 108.64
C THR D 892 -143.92 30.89 109.91
N TYR D 893 -144.25 31.51 111.04
CA TYR D 893 -143.72 31.12 112.33
C TYR D 893 -144.75 30.31 113.09
N GLY D 894 -144.31 29.20 113.67
CA GLY D 894 -145.19 28.33 114.44
C GLY D 894 -144.43 27.53 115.48
N PRO D 895 -145.09 27.22 116.59
CA PRO D 895 -144.42 26.43 117.64
C PRO D 895 -144.04 25.03 117.19
N VAL D 896 -144.72 24.49 116.18
CA VAL D 896 -144.41 23.17 115.65
C VAL D 896 -143.79 23.35 114.27
N ARG D 897 -142.59 22.81 114.08
CA ARG D 897 -141.89 22.92 112.80
C ARG D 897 -142.55 21.95 111.82
N ASP D 898 -143.25 22.50 110.83
CA ASP D 898 -143.98 21.72 109.86
C ASP D 898 -143.65 22.18 108.45
N ASP D 899 -143.71 21.24 107.51
CA ASP D 899 -143.42 21.54 106.11
C ASP D 899 -144.67 21.91 105.32
N ASN D 900 -145.74 21.12 105.45
CA ASN D 900 -146.98 21.40 104.74
C ASN D 900 -147.66 22.65 105.28
N LYS D 901 -147.57 22.90 106.59
CA LYS D 901 -148.19 24.07 107.19
C LYS D 901 -147.37 25.34 107.00
N ARG D 902 -146.14 25.22 106.47
CA ARG D 902 -145.24 26.36 106.27
C ARG D 902 -145.00 27.10 107.59
N LEU D 903 -144.56 26.34 108.59
CA LEU D 903 -144.26 26.86 109.91
C LEU D 903 -142.77 26.75 110.17
N HIS D 904 -142.14 27.88 110.49
CA HIS D 904 -140.70 27.93 110.74
C HIS D 904 -140.47 28.50 112.13
N PRO D 905 -140.16 27.66 113.12
CA PRO D 905 -140.06 28.14 114.51
C PRO D 905 -138.81 28.94 114.81
N CYS D 906 -137.96 29.21 113.81
CA CYS D 906 -136.74 29.98 114.02
C CYS D 906 -136.84 31.40 113.47
N LEU D 907 -138.07 31.90 113.28
CA LEU D 907 -138.28 33.27 112.81
C LEU D 907 -138.35 34.21 114.01
N VAL D 908 -137.25 34.24 114.77
CA VAL D 908 -137.16 35.00 115.99
C VAL D 908 -135.87 35.80 116.00
N ASN D 909 -135.81 36.80 116.88
CA ASN D 909 -134.63 37.64 117.02
C ASN D 909 -133.46 36.83 117.58
N PHE D 910 -132.27 37.42 117.49
CA PHE D 910 -131.08 36.77 118.04
C PHE D 910 -131.21 36.59 119.55
N HIS D 911 -131.72 37.61 120.25
CA HIS D 911 -131.99 37.46 121.67
C HIS D 911 -133.13 36.49 121.91
N SER D 912 -134.06 36.36 120.96
CA SER D 912 -135.20 35.47 121.08
C SER D 912 -134.91 34.07 120.54
N LEU D 913 -133.69 33.81 120.08
CA LEU D 913 -133.35 32.50 119.57
C LEU D 913 -133.38 31.46 120.69
N PRO D 914 -133.76 30.23 120.39
CA PRO D 914 -133.59 29.15 121.37
C PRO D 914 -132.12 28.92 121.66
N GLU D 915 -131.86 28.45 122.88
CA GLU D 915 -130.47 28.23 123.30
C GLU D 915 -129.68 27.33 122.35
N PRO D 916 -130.19 26.17 121.91
CA PRO D 916 -129.45 25.42 120.87
C PRO D 916 -129.28 26.21 119.58
N GLU D 917 -130.28 27.00 119.20
CA GLU D 917 -130.21 27.78 117.97
C GLU D 917 -129.30 29.00 118.09
N ARG D 918 -129.32 29.67 119.25
CA ARG D 918 -128.44 30.84 119.43
C ARG D 918 -126.98 30.44 119.41
N ASN D 919 -126.64 29.32 120.05
CA ASN D 919 -125.28 28.79 120.03
C ASN D 919 -124.90 28.19 118.68
N TYR D 920 -125.89 27.86 117.85
CA TYR D 920 -125.64 27.36 116.50
C TYR D 920 -125.19 28.44 115.54
N ASN D 921 -125.79 29.63 115.64
CA ASN D 921 -125.35 30.75 114.81
C ASN D 921 -124.02 31.32 115.30
N LEU D 922 -123.75 31.21 116.60
CA LEU D 922 -122.50 31.72 117.14
C LEU D 922 -121.31 30.82 116.78
N GLN D 923 -121.50 29.50 116.82
CA GLN D 923 -120.41 28.59 116.48
C GLN D 923 -119.98 28.75 115.03
N MET D 924 -120.95 28.86 114.11
CA MET D 924 -120.61 29.05 112.70
C MET D 924 -120.03 30.44 112.44
N SER D 925 -120.52 31.46 113.18
CA SER D 925 -119.99 32.81 113.01
C SER D 925 -118.55 32.90 113.48
N GLY D 926 -118.22 32.29 114.62
CA GLY D 926 -116.85 32.31 115.10
C GLY D 926 -115.91 31.55 114.20
N GLU D 927 -116.33 30.37 113.74
CA GLU D 927 -115.52 29.60 112.81
C GLU D 927 -115.38 30.27 111.46
N THR D 928 -116.40 31.02 111.02
CA THR D 928 -116.27 31.78 109.78
C THR D 928 -115.18 32.83 109.91
N LEU D 929 -115.13 33.54 111.04
CA LEU D 929 -114.04 34.47 111.28
C LEU D 929 -112.71 33.75 111.39
N LYS D 930 -112.69 32.58 112.04
CA LYS D 930 -111.47 31.79 112.16
C LYS D 930 -110.95 31.33 110.80
N THR D 931 -111.86 30.94 109.89
CA THR D 931 -111.43 30.54 108.56
C THR D 931 -110.79 31.71 107.82
N LEU D 932 -111.35 32.92 108.00
CA LEU D 932 -110.77 34.10 107.38
C LEU D 932 -109.36 34.40 107.90
N LEU D 933 -109.05 33.98 109.12
CA LEU D 933 -107.72 34.24 109.68
C LEU D 933 -106.66 33.42 108.96
N ALA D 934 -106.93 32.15 108.70
CA ALA D 934 -105.96 31.25 108.08
C ALA D 934 -106.11 31.24 106.56
N LEU D 935 -106.03 32.44 105.98
CA LEU D 935 -106.09 32.58 104.52
C LEU D 935 -105.08 33.56 103.96
N GLY D 936 -104.18 34.13 104.76
CA GLY D 936 -103.23 35.10 104.25
C GLY D 936 -103.85 36.43 103.88
N CYS D 937 -104.98 36.77 104.47
CA CYS D 937 -105.70 38.01 104.18
C CYS D 937 -105.63 38.95 105.37
N HIS D 938 -105.80 40.24 105.10
CA HIS D 938 -105.70 41.28 106.11
C HIS D 938 -107.10 41.59 106.63
N VAL D 939 -107.39 41.13 107.84
CA VAL D 939 -108.68 41.35 108.50
C VAL D 939 -108.42 42.27 109.69
N GLY D 940 -109.15 43.38 109.73
CA GLY D 940 -108.97 44.34 110.80
C GLY D 940 -109.89 45.53 110.62
N MET D 941 -109.76 46.49 111.52
CA MET D 941 -110.55 47.71 111.45
C MET D 941 -110.20 48.54 110.23
N ALA D 942 -111.20 49.21 109.66
CA ALA D 942 -110.99 50.07 108.50
C ALA D 942 -111.21 51.54 108.81
N ASP D 943 -112.40 51.91 109.30
CA ASP D 943 -112.68 53.29 109.66
C ASP D 943 -113.43 53.36 110.98
N GLU D 944 -114.06 52.25 111.39
CA GLU D 944 -114.86 52.16 112.60
C GLU D 944 -116.03 53.14 112.62
N LYS D 945 -116.42 53.66 111.45
CA LYS D 945 -117.56 54.55 111.34
C LYS D 945 -118.61 54.09 110.33
N ALA D 946 -118.26 53.21 109.39
CA ALA D 946 -119.26 52.68 108.47
C ALA D 946 -120.33 51.87 109.17
N GLU D 947 -120.03 51.32 110.35
CA GLU D 947 -121.04 50.59 111.11
C GLU D 947 -122.13 51.51 111.61
N ASP D 948 -121.79 52.78 111.87
CA ASP D 948 -122.78 53.77 112.28
C ASP D 948 -123.73 54.15 111.15
N ASN D 949 -123.29 54.03 109.89
CA ASN D 949 -124.14 54.33 108.75
C ASN D 949 -124.94 53.12 108.28
N LEU D 950 -124.82 51.97 108.96
CA LEU D 950 -125.58 50.79 108.58
C LEU D 950 -127.07 51.03 108.71
N LYS D 951 -127.83 50.44 107.78
CA LYS D 951 -129.28 50.58 107.72
C LYS D 951 -129.91 49.20 107.66
N LYS D 952 -131.18 49.13 108.04
CA LYS D 952 -131.93 47.89 108.03
C LYS D 952 -132.95 47.91 106.89
N THR D 953 -133.14 46.73 106.30
CA THR D 953 -134.04 46.62 105.15
C THR D 953 -135.48 46.84 105.60
N LYS D 954 -136.07 47.95 105.19
CA LYS D 954 -137.45 48.26 105.53
C LYS D 954 -138.37 47.35 104.73
N LEU D 955 -139.35 46.74 105.41
CA LEU D 955 -140.17 45.74 104.75
C LEU D 955 -141.65 46.06 104.94
N PRO D 956 -142.51 45.66 104.00
CA PRO D 956 -143.95 45.92 104.15
C PRO D 956 -144.60 45.01 105.18
N LYS D 957 -145.92 45.08 105.30
CA LYS D 957 -146.65 44.27 106.25
C LYS D 957 -146.60 42.77 105.92
N THR D 958 -146.15 42.41 104.71
CA THR D 958 -146.06 41.00 104.36
C THR D 958 -145.07 40.26 105.25
N TYR D 959 -143.94 40.87 105.57
CA TYR D 959 -142.94 40.24 106.42
C TYR D 959 -143.30 40.31 107.89
N MET D 960 -144.37 41.01 108.25
CA MET D 960 -144.81 41.03 109.63
C MET D 960 -145.36 39.66 110.02
N MET D 961 -144.64 38.98 110.90
CA MET D 961 -144.97 37.63 111.33
C MET D 961 -145.72 37.68 112.65
N SER D 962 -146.30 36.54 113.04
CA SER D 962 -147.07 36.48 114.27
C SER D 962 -146.24 36.79 115.51
N ASN D 963 -144.93 36.63 115.43
CA ASN D 963 -144.04 36.90 116.57
C ASN D 963 -143.37 38.26 116.48
N GLY D 964 -143.75 39.10 115.52
CA GLY D 964 -143.21 40.44 115.45
C GLY D 964 -141.77 40.54 115.01
N TYR D 965 -141.25 39.51 114.36
CA TYR D 965 -139.87 39.47 113.92
C TYR D 965 -139.77 39.90 112.47
N LYS D 966 -139.11 41.03 112.21
CA LYS D 966 -138.85 41.51 110.87
C LYS D 966 -137.44 41.15 110.46
N PRO D 967 -137.25 40.28 109.46
CA PRO D 967 -135.88 39.98 109.00
C PRO D 967 -135.32 41.17 108.23
N ALA D 968 -134.40 41.91 108.88
CA ALA D 968 -133.84 43.14 108.33
C ALA D 968 -132.33 42.99 108.21
N PRO D 969 -131.83 42.58 107.05
CA PRO D 969 -130.38 42.54 106.83
C PRO D 969 -129.83 43.95 106.60
N LEU D 970 -128.51 44.05 106.64
CA LEU D 970 -127.84 45.33 106.46
C LEU D 970 -127.87 45.74 105.00
N ASP D 971 -128.26 46.99 104.75
CA ASP D 971 -128.30 47.54 103.40
C ASP D 971 -126.88 47.94 103.00
N LEU D 972 -126.22 47.10 102.21
CA LEU D 972 -124.86 47.33 101.75
C LEU D 972 -124.78 47.20 100.24
N SER D 973 -125.74 47.82 99.54
CA SER D 973 -125.72 47.79 98.09
C SER D 973 -124.57 48.58 97.48
N HIS D 974 -123.97 49.45 98.29
CA HIS D 974 -122.80 50.20 97.83
C HIS D 974 -121.54 49.39 98.12
N VAL D 975 -121.50 48.73 99.27
CA VAL D 975 -120.31 47.96 99.66
C VAL D 975 -120.11 46.73 98.79
N ARG D 976 -118.88 46.23 98.73
CA ARG D 976 -118.60 45.04 97.94
C ARG D 976 -117.25 44.45 98.32
N LEU D 977 -117.07 43.15 98.06
CA LEU D 977 -115.79 42.50 98.37
C LEU D 977 -114.69 42.96 97.42
N THR D 978 -113.44 42.82 97.84
CA THR D 978 -112.32 43.29 97.02
C THR D 978 -112.03 42.39 95.81
N PRO D 979 -111.30 42.93 94.82
CA PRO D 979 -110.89 42.09 93.68
C PRO D 979 -110.23 40.79 94.10
N ALA D 980 -109.80 40.66 95.36
CA ALA D 980 -109.02 39.50 95.78
C ALA D 980 -109.88 38.44 96.45
N GLN D 981 -110.77 38.84 97.35
CA GLN D 981 -111.57 37.87 98.10
C GLN D 981 -112.65 37.21 97.27
N THR D 982 -112.85 37.65 96.02
CA THR D 982 -113.77 36.96 95.13
C THR D 982 -113.34 35.50 94.92
N THR D 983 -112.05 35.23 95.04
CA THR D 983 -111.54 33.85 95.02
C THR D 983 -111.32 33.30 96.42
N LEU D 984 -111.00 34.15 97.39
CA LEU D 984 -110.86 33.69 98.77
C LEU D 984 -112.20 33.22 99.33
N VAL D 985 -113.30 33.81 98.88
CA VAL D 985 -114.62 33.34 99.30
C VAL D 985 -114.84 31.91 98.83
N ASP D 986 -114.47 31.60 97.59
CA ASP D 986 -114.52 30.21 97.13
C ASP D 986 -113.55 29.33 97.90
N ARG D 987 -112.38 29.89 98.29
CA ARG D 987 -111.44 29.14 99.10
C ARG D 987 -112.02 28.79 100.47
N LEU D 988 -112.70 29.73 101.10
CA LEU D 988 -113.35 29.44 102.38
C LEU D 988 -114.58 28.57 102.20
N ALA D 989 -115.24 28.68 101.04
CA ALA D 989 -116.42 27.86 100.78
C ALA D 989 -116.06 26.37 100.75
N GLU D 990 -114.94 26.03 100.12
CA GLU D 990 -114.49 24.64 100.11
C GLU D 990 -114.17 24.17 101.52
N ASN D 991 -113.58 25.03 102.36
CA ASN D 991 -113.28 24.65 103.73
C ASN D 991 -114.53 24.35 104.52
N GLY D 992 -115.57 25.17 104.38
CA GLY D 992 -116.81 24.95 105.08
C GLY D 992 -117.54 23.70 104.62
N HIS D 993 -117.60 23.49 103.31
CA HIS D 993 -118.25 22.29 102.78
C HIS D 993 -117.48 21.03 103.17
N ASN D 994 -116.14 21.08 103.09
CA ASN D 994 -115.34 19.93 103.51
C ASN D 994 -115.49 19.65 105.00
N VAL D 995 -115.54 20.71 105.82
CA VAL D 995 -115.75 20.51 107.25
C VAL D 995 -117.10 19.88 107.50
N TRP D 996 -118.15 20.37 106.82
CA TRP D 996 -119.47 19.76 106.95
C TRP D 996 -119.47 18.33 106.43
N ALA D 997 -118.79 18.07 105.31
CA ALA D 997 -118.70 16.71 104.79
C ALA D 997 -117.90 15.82 105.72
N ARG D 998 -116.82 16.34 106.30
CA ARG D 998 -116.02 15.54 107.22
C ARG D 998 -116.79 15.15 108.48
N ASP D 999 -117.90 15.84 108.76
CA ASP D 999 -118.73 15.50 109.91
C ASP D 999 -119.91 14.60 109.53
N ARG D 1000 -120.61 14.94 108.44
CA ARG D 1000 -121.79 14.19 108.05
C ARG D 1000 -121.46 12.92 107.28
N VAL D 1001 -120.25 12.78 106.76
CA VAL D 1001 -119.88 11.61 105.96
C VAL D 1001 -118.70 10.89 106.62
N ALA D 1002 -117.57 11.60 106.75
CA ALA D 1002 -116.40 10.99 107.38
C ALA D 1002 -116.69 10.64 108.83
N GLN D 1003 -117.32 11.55 109.57
CA GLN D 1003 -117.74 11.25 110.93
C GLN D 1003 -119.16 10.71 110.99
N GLY D 1004 -120.03 11.12 110.07
CA GLY D 1004 -121.40 10.66 110.07
C GLY D 1004 -121.59 9.29 109.46
N TRP D 1005 -121.19 9.14 108.20
CA TRP D 1005 -121.34 7.88 107.48
C TRP D 1005 -122.80 7.41 107.47
N SER D 1006 -123.70 8.35 107.19
CA SER D 1006 -125.13 8.06 107.15
C SER D 1006 -125.50 7.54 105.77
N TYR D 1007 -126.06 6.34 105.70
CA TYR D 1007 -126.44 5.72 104.43
C TYR D 1007 -127.79 6.29 104.01
N SER D 1008 -127.75 7.51 103.51
CA SER D 1008 -128.94 8.23 103.05
C SER D 1008 -128.76 8.61 101.59
N ALA D 1009 -129.84 8.48 100.82
CA ALA D 1009 -129.81 8.81 99.40
C ALA D 1009 -129.62 10.32 99.19
N ARG D 1020 -125.50 12.56 99.87
CA ARG D 1020 -124.96 13.31 98.74
C ARG D 1020 -123.82 14.21 99.17
N LEU D 1021 -122.75 13.60 99.68
CA LEU D 1021 -121.56 14.32 100.14
C LEU D 1021 -120.37 13.87 99.30
N VAL D 1022 -119.65 14.83 98.72
CA VAL D 1022 -118.46 14.54 97.91
C VAL D 1022 -117.40 15.59 98.22
N PRO D 1023 -116.20 15.46 97.66
CA PRO D 1023 -115.18 16.49 97.88
C PRO D 1023 -115.62 17.83 97.33
N TYR D 1024 -115.29 18.90 98.07
CA TYR D 1024 -115.74 20.24 97.74
C TYR D 1024 -114.97 20.87 96.59
N ARG D 1025 -113.89 20.24 96.14
CA ARG D 1025 -113.12 20.78 95.02
C ARG D 1025 -113.91 20.76 93.72
N LEU D 1026 -114.61 19.66 93.45
CA LEU D 1026 -115.44 19.54 92.26
C LEU D 1026 -116.73 18.79 92.58
N LEU D 1027 -117.37 19.14 93.70
CA LEU D 1027 -118.59 18.46 94.10
C LEU D 1027 -119.69 18.62 93.05
N ASP D 1028 -120.14 19.85 92.84
CA ASP D 1028 -121.15 20.16 91.84
C ASP D 1028 -121.18 21.65 91.62
N GLU D 1029 -121.77 22.06 90.50
CA GLU D 1029 -121.90 23.49 90.21
C GLU D 1029 -122.93 24.15 91.11
N ALA D 1030 -124.07 23.49 91.32
CA ALA D 1030 -125.12 24.04 92.17
C ALA D 1030 -124.71 24.08 93.63
N THR D 1031 -124.02 23.04 94.12
CA THR D 1031 -123.58 23.02 95.50
C THR D 1031 -122.60 24.15 95.79
N LYS D 1032 -121.67 24.41 94.88
CA LYS D 1032 -120.73 25.50 95.07
C LYS D 1032 -121.43 26.86 95.02
N ARG D 1033 -122.45 27.01 94.17
CA ARG D 1033 -123.17 28.27 94.10
C ARG D 1033 -123.84 28.60 95.44
N SER D 1034 -124.47 27.61 96.06
CA SER D 1034 -125.07 27.83 97.38
C SER D 1034 -124.01 28.15 98.42
N ASN D 1035 -122.88 27.46 98.39
CA ASN D 1035 -121.80 27.76 99.32
C ASN D 1035 -121.15 29.10 98.99
N ARG D 1036 -121.04 29.43 97.70
CA ARG D 1036 -120.58 30.77 97.32
C ARG D 1036 -121.59 31.83 97.73
N ASP D 1037 -122.89 31.51 97.60
CA ASP D 1037 -123.92 32.43 98.06
C ASP D 1037 -123.89 32.61 99.57
N SER D 1038 -123.61 31.54 100.32
CA SER D 1038 -123.54 31.63 101.77
C SER D 1038 -122.44 32.57 102.24
N LEU D 1039 -121.31 32.63 101.53
CA LEU D 1039 -120.25 33.58 101.82
C LEU D 1039 -120.37 34.86 100.99
N CYS D 1040 -121.33 34.93 100.08
CA CYS D 1040 -121.53 36.15 99.31
C CYS D 1040 -121.96 37.31 100.20
N GLN D 1041 -122.82 37.03 101.19
CA GLN D 1041 -123.29 38.02 102.13
C GLN D 1041 -122.59 37.91 103.49
N ALA D 1042 -121.38 37.35 103.51
CA ALA D 1042 -120.61 37.23 104.73
C ALA D 1042 -119.39 38.14 104.73
N VAL D 1043 -118.57 38.08 103.68
CA VAL D 1043 -117.44 39.01 103.58
C VAL D 1043 -117.94 40.42 103.36
N ARG D 1044 -118.96 40.59 102.51
CA ARG D 1044 -119.52 41.91 102.26
C ARG D 1044 -120.20 42.48 103.51
N THR D 1045 -120.80 41.62 104.33
CA THR D 1045 -121.44 42.09 105.56
C THR D 1045 -120.43 42.71 106.51
N LEU D 1046 -119.27 42.09 106.66
CA LEU D 1046 -118.26 42.59 107.60
C LEU D 1046 -117.69 43.94 107.18
N LEU D 1047 -117.70 44.25 105.88
CA LEU D 1047 -117.26 45.58 105.44
C LEU D 1047 -118.21 46.66 105.92
N GLY D 1048 -119.50 46.31 106.09
CA GLY D 1048 -120.44 47.30 106.60
C GLY D 1048 -120.22 47.63 108.06
N TYR D 1049 -119.56 46.74 108.80
CA TYR D 1049 -119.25 46.95 110.21
C TYR D 1049 -117.92 47.67 110.42
N GLY D 1050 -117.24 48.06 109.34
CA GLY D 1050 -115.93 48.66 109.43
C GLY D 1050 -114.77 47.69 109.42
N TYR D 1051 -115.02 46.40 109.20
CA TYR D 1051 -113.98 45.37 109.21
C TYR D 1051 -113.41 45.22 107.81
N ASN D 1052 -112.16 45.65 107.62
CA ASN D 1052 -111.53 45.54 106.32
C ASN D 1052 -111.09 44.09 106.06
N ILE D 1053 -111.44 43.58 104.89
CA ILE D 1053 -111.06 42.23 104.46
C ILE D 1053 -110.37 42.36 103.11
N GLU D 1054 -109.17 41.82 103.00
CA GLU D 1054 -108.41 41.87 101.75
C GLU D 1054 -107.76 40.51 101.44
N ASP D 1070 -98.60 15.76 82.19
CA ASP D 1070 -97.50 14.80 82.24
C ASP D 1070 -96.44 15.13 81.20
N ARG D 1071 -96.67 14.68 79.97
CA ARG D 1071 -95.75 14.88 78.87
C ARG D 1071 -96.52 15.31 77.63
N VAL D 1072 -95.78 15.58 76.56
CA VAL D 1072 -96.34 16.11 75.32
C VAL D 1072 -96.08 15.12 74.20
N ARG D 1073 -97.14 14.70 73.52
CA ARG D 1073 -97.01 13.79 72.39
C ARG D 1073 -96.41 14.54 71.20
N ILE D 1074 -95.57 13.85 70.45
CA ILE D 1074 -94.92 14.42 69.27
C ILE D 1074 -95.36 13.62 68.05
N PHE D 1075 -95.40 14.29 66.90
CA PHE D 1075 -95.82 13.66 65.66
C PHE D 1075 -94.89 14.05 64.53
N ARG D 1076 -94.56 13.07 63.68
CA ARG D 1076 -93.63 13.27 62.57
C ARG D 1076 -93.89 12.21 61.53
N ALA D 1077 -93.38 12.46 60.32
CA ALA D 1077 -93.52 11.52 59.22
C ALA D 1077 -92.37 10.52 59.22
N GLU D 1078 -92.36 9.64 58.22
CA GLU D 1078 -91.32 8.64 58.12
C GLU D 1078 -90.01 9.28 57.67
N LYS D 1079 -88.90 8.61 57.99
CA LYS D 1079 -87.60 9.09 57.52
C LYS D 1079 -87.47 8.99 56.00
N SER D 1080 -88.34 8.21 55.36
CA SER D 1080 -88.26 8.01 53.92
C SER D 1080 -88.66 9.26 53.13
N TYR D 1081 -89.59 10.06 53.64
CA TYR D 1081 -90.09 11.21 52.90
C TYR D 1081 -89.25 12.46 53.11
N THR D 1082 -87.99 12.30 53.50
CA THR D 1082 -87.13 13.44 53.77
C THR D 1082 -86.80 14.18 52.48
N VAL D 1083 -87.25 15.43 52.40
CA VAL D 1083 -86.98 16.25 51.21
C VAL D 1083 -85.75 17.10 51.45
N GLN D 1084 -85.13 17.54 50.36
CA GLN D 1084 -83.93 18.37 50.45
C GLN D 1084 -83.91 19.49 49.42
N SER D 1085 -85.06 19.91 48.88
CA SER D 1085 -85.11 20.96 47.88
C SER D 1085 -86.57 21.37 47.69
N GLY D 1086 -86.77 22.38 46.84
CA GLY D 1086 -88.10 22.78 46.44
C GLY D 1086 -88.84 23.59 47.48
N ARG D 1087 -90.10 23.88 47.16
CA ARG D 1087 -91.00 24.62 48.02
C ARG D 1087 -92.16 23.73 48.43
N TRP D 1088 -92.52 23.79 49.70
CA TRP D 1088 -93.47 22.83 50.26
C TRP D 1088 -94.44 23.52 51.20
N TYR D 1089 -95.62 22.92 51.33
CA TYR D 1089 -96.69 23.48 52.14
C TYR D 1089 -97.51 22.36 52.77
N PHE D 1090 -97.81 22.51 54.05
CA PHE D 1090 -98.77 21.67 54.75
C PHE D 1090 -99.63 22.55 55.64
N GLU D 1091 -100.88 22.15 55.82
CA GLU D 1091 -101.87 22.97 56.52
C GLU D 1091 -102.28 22.28 57.80
N PHE D 1092 -102.22 23.01 58.92
CA PHE D 1092 -102.54 22.49 60.23
C PHE D 1092 -103.76 23.21 60.80
N GLU D 1093 -104.63 22.46 61.45
CA GLU D 1093 -105.82 23.01 62.09
C GLU D 1093 -105.80 22.65 63.57
N ALA D 1094 -105.92 23.66 64.42
CA ALA D 1094 -105.90 23.48 65.88
C ALA D 1094 -107.30 23.69 66.42
N VAL D 1095 -107.99 22.60 66.73
CA VAL D 1095 -109.33 22.70 67.30
C VAL D 1095 -109.28 23.38 68.67
N THR D 1096 -108.39 22.93 69.54
CA THR D 1096 -108.16 23.60 70.80
C THR D 1096 -107.07 24.66 70.64
N THR D 1097 -106.95 25.51 71.65
CA THR D 1097 -105.98 26.60 71.64
C THR D 1097 -104.92 26.45 72.73
N GLY D 1098 -104.69 25.23 73.21
CA GLY D 1098 -103.73 25.01 74.26
C GLY D 1098 -102.30 25.03 73.78
N GLU D 1099 -101.44 24.21 74.39
CA GLU D 1099 -100.01 24.21 74.08
C GLU D 1099 -99.74 23.27 72.92
N MET D 1100 -99.64 23.84 71.72
CA MET D 1100 -99.28 23.08 70.54
C MET D 1100 -98.17 23.82 69.82
N ARG D 1101 -97.32 23.06 69.12
CA ARG D 1101 -96.21 23.63 68.38
C ARG D 1101 -96.10 22.96 67.01
N VAL D 1102 -95.98 23.79 65.97
CA VAL D 1102 -95.99 23.33 64.58
C VAL D 1102 -94.79 23.94 63.87
N GLY D 1103 -94.07 23.11 63.11
CA GLY D 1103 -92.93 23.59 62.35
C GLY D 1103 -92.19 22.49 61.61
N TRP D 1104 -90.91 22.69 61.36
CA TRP D 1104 -90.05 21.71 60.71
C TRP D 1104 -89.07 21.14 61.71
N ALA D 1105 -88.61 19.91 61.44
CA ALA D 1105 -87.71 19.23 62.36
C ALA D 1105 -86.76 18.33 61.58
N ARG D 1106 -85.56 18.15 62.12
CA ARG D 1106 -84.62 17.21 61.56
C ARG D 1106 -84.98 15.78 61.97
N PRO D 1107 -84.62 14.78 61.17
CA PRO D 1107 -85.04 13.40 61.47
C PRO D 1107 -84.47 12.82 62.75
N GLU D 1108 -83.35 13.33 63.27
CA GLU D 1108 -82.75 12.75 64.47
C GLU D 1108 -83.30 13.41 65.73
N LEU D 1109 -84.61 13.53 65.82
CA LEU D 1109 -85.22 14.23 66.95
C LEU D 1109 -85.27 13.30 68.14
N ARG D 1110 -84.50 13.62 69.18
CA ARG D 1110 -84.43 12.78 70.36
C ARG D 1110 -85.71 12.91 71.17
N PRO D 1111 -86.35 11.81 71.55
CA PRO D 1111 -87.51 11.90 72.44
C PRO D 1111 -87.09 12.25 73.87
N ASP D 1112 -88.06 12.33 74.78
CA ASP D 1112 -87.84 12.76 76.17
C ASP D 1112 -87.31 14.19 76.25
N VAL D 1113 -87.29 14.91 75.14
CA VAL D 1113 -86.88 16.31 75.11
C VAL D 1113 -87.99 17.10 74.44
N GLU D 1114 -88.40 18.20 75.07
CA GLU D 1114 -89.51 18.97 74.53
C GLU D 1114 -89.12 19.60 73.19
N LEU D 1115 -90.12 19.78 72.33
CA LEU D 1115 -89.90 20.11 70.94
C LEU D 1115 -89.27 21.50 70.81
N GLY D 1116 -88.22 21.60 70.01
CA GLY D 1116 -87.55 22.87 69.77
C GLY D 1116 -86.60 23.31 70.86
N ALA D 1117 -86.20 22.42 71.76
CA ALA D 1117 -85.33 22.77 72.87
C ALA D 1117 -83.91 23.07 72.44
N ASP D 1118 -83.57 22.81 71.18
CA ASP D 1118 -82.20 22.98 70.70
C ASP D 1118 -82.27 23.18 69.19
N GLU D 1119 -81.11 23.05 68.53
CA GLU D 1119 -80.98 23.27 67.10
C GLU D 1119 -81.65 22.17 66.27
N LEU D 1120 -82.09 21.09 66.91
CA LEU D 1120 -82.61 19.94 66.17
C LEU D 1120 -83.96 20.19 65.54
N ALA D 1121 -84.61 21.32 65.86
CA ALA D 1121 -85.94 21.61 65.35
C ALA D 1121 -86.10 23.10 65.10
N TYR D 1122 -87.02 23.43 64.21
CA TYR D 1122 -87.46 24.81 63.97
C TYR D 1122 -88.98 24.81 64.07
N VAL D 1123 -89.50 25.25 65.22
CA VAL D 1123 -90.92 25.12 65.52
C VAL D 1123 -91.42 26.43 66.09
N PHE D 1124 -92.73 26.63 65.98
CA PHE D 1124 -93.41 27.82 66.50
C PHE D 1124 -94.48 27.42 67.50
N ASN D 1125 -94.58 28.20 68.58
CA ASN D 1125 -95.61 28.02 69.60
C ASN D 1125 -96.59 29.18 69.49
N GLY D 1126 -97.86 28.85 69.24
CA GLY D 1126 -98.87 29.88 69.06
C GLY D 1126 -99.79 30.06 70.24
N HIS D 1127 -99.57 29.31 71.31
CA HIS D 1127 -100.33 29.53 72.54
C HIS D 1127 -99.96 30.84 73.21
N ARG D 1128 -98.77 31.37 72.92
CA ARG D 1128 -98.34 32.66 73.44
C ARG D 1128 -97.71 33.54 72.38
N GLY D 1129 -97.73 33.12 71.11
CA GLY D 1129 -97.09 33.87 70.05
C GLY D 1129 -95.59 33.93 70.21
N GLN D 1130 -94.95 32.75 70.30
CA GLN D 1130 -93.52 32.67 70.56
C GLN D 1130 -92.91 31.61 69.65
N ARG D 1131 -91.78 31.93 69.04
CA ARG D 1131 -91.04 30.98 68.23
C ARG D 1131 -89.85 30.44 69.03
N TRP D 1132 -89.59 29.13 68.88
CA TRP D 1132 -88.58 28.45 69.68
C TRP D 1132 -87.48 27.92 68.79
N HIS D 1133 -86.24 28.28 69.10
CA HIS D 1133 -85.06 27.66 68.52
C HIS D 1133 -83.88 27.97 69.41
N LEU D 1134 -83.31 26.94 70.04
CA LEU D 1134 -82.25 27.12 71.03
C LEU D 1134 -82.69 28.10 72.12
N GLY D 1135 -83.95 27.99 72.52
CA GLY D 1135 -84.58 28.94 73.41
C GLY D 1135 -85.86 29.49 72.80
N SER D 1136 -86.56 30.29 73.60
CA SER D 1136 -87.84 30.85 73.22
C SER D 1136 -87.69 32.30 72.80
N GLU D 1137 -88.44 32.71 71.78
CA GLU D 1137 -88.46 34.08 71.30
C GLU D 1137 -89.90 34.43 70.92
N PRO D 1138 -90.41 35.57 71.37
CA PRO D 1138 -91.79 35.96 71.02
C PRO D 1138 -91.94 36.14 69.52
N PHE D 1139 -93.10 35.74 68.99
CA PHE D 1139 -93.35 35.83 67.55
C PHE D 1139 -94.86 35.87 67.32
N GLY D 1140 -95.38 37.07 67.08
CA GLY D 1140 -96.77 37.22 66.69
C GLY D 1140 -97.75 37.05 67.83
N ARG D 1141 -99.04 36.99 67.43
CA ARG D 1141 -100.25 36.90 68.23
C ARG D 1141 -100.50 35.47 68.70
N PRO D 1142 -101.34 35.29 69.73
CA PRO D 1142 -101.74 33.93 70.12
C PRO D 1142 -102.73 33.32 69.13
N TRP D 1143 -103.24 32.14 69.45
CA TRP D 1143 -104.14 31.40 68.58
C TRP D 1143 -105.61 31.70 68.92
N GLN D 1144 -106.47 31.40 67.96
CA GLN D 1144 -107.90 31.55 68.10
C GLN D 1144 -108.60 30.22 67.79
N SER D 1145 -109.93 30.25 67.74
CA SER D 1145 -110.68 29.05 67.42
C SER D 1145 -110.46 28.65 65.97
N GLY D 1146 -110.61 27.36 65.71
CA GLY D 1146 -110.35 26.82 64.39
C GLY D 1146 -108.86 26.73 64.11
N ASP D 1147 -108.22 27.88 64.00
CA ASP D 1147 -106.76 28.00 63.94
C ASP D 1147 -106.18 27.16 62.80
N VAL D 1148 -106.59 27.53 61.58
CA VAL D 1148 -106.05 26.92 60.38
C VAL D 1148 -104.69 27.56 60.12
N VAL D 1149 -103.62 26.84 60.46
CA VAL D 1149 -102.27 27.35 60.39
C VAL D 1149 -101.52 26.64 59.28
N GLY D 1150 -100.83 27.39 58.44
CA GLY D 1150 -99.99 26.84 57.39
C GLY D 1150 -98.54 27.18 57.62
N CYS D 1151 -97.66 26.44 56.97
CA CYS D 1151 -96.23 26.64 57.11
C CYS D 1151 -95.57 26.64 55.74
N MET D 1152 -94.60 27.54 55.55
CA MET D 1152 -93.83 27.62 54.32
C MET D 1152 -92.42 27.08 54.58
N ILE D 1153 -91.76 26.69 53.50
CA ILE D 1153 -90.36 26.32 53.54
C ILE D 1153 -89.78 26.46 52.14
N ASP D 1154 -88.56 26.97 52.06
CA ASP D 1154 -87.83 27.07 50.80
C ASP D 1154 -86.36 26.87 51.11
N LEU D 1155 -85.90 25.61 51.11
CA LEU D 1155 -84.50 25.31 51.36
C LEU D 1155 -83.59 25.92 50.30
N THR D 1156 -84.11 26.14 49.09
CA THR D 1156 -83.36 26.91 48.10
C THR D 1156 -83.08 28.32 48.59
N GLU D 1157 -84.09 28.96 49.19
CA GLU D 1157 -83.90 30.30 49.73
C GLU D 1157 -83.44 30.28 51.18
N ASN D 1158 -83.40 29.12 51.81
CA ASN D 1158 -83.01 28.99 53.22
C ASN D 1158 -83.87 29.89 54.11
N THR D 1159 -85.18 29.87 53.85
CA THR D 1159 -86.10 30.80 54.48
C THR D 1159 -87.37 30.07 54.90
N ILE D 1160 -87.85 30.38 56.10
CA ILE D 1160 -89.10 29.84 56.62
C ILE D 1160 -90.13 30.96 56.68
N ILE D 1161 -91.40 30.61 56.44
CA ILE D 1161 -92.50 31.56 56.56
C ILE D 1161 -93.66 30.87 57.27
N PHE D 1162 -94.17 31.50 58.31
CA PHE D 1162 -95.33 30.99 59.05
C PHE D 1162 -96.56 31.80 58.68
N THR D 1163 -97.68 31.10 58.51
CA THR D 1163 -98.94 31.74 58.14
C THR D 1163 -100.03 31.30 59.12
N LEU D 1164 -100.86 32.25 59.54
CA LEU D 1164 -101.94 31.99 60.49
C LEU D 1164 -103.27 32.40 59.86
N ASN D 1165 -104.21 31.46 59.82
CA ASN D 1165 -105.56 31.70 59.32
C ASN D 1165 -105.53 32.35 57.94
N GLY D 1166 -104.66 31.85 57.07
CA GLY D 1166 -104.48 32.45 55.77
C GLY D 1166 -103.88 33.83 55.81
N GLU D 1167 -102.97 34.09 56.73
CA GLU D 1167 -102.33 35.40 56.83
C GLU D 1167 -100.90 35.21 57.31
N VAL D 1168 -99.97 35.88 56.64
CA VAL D 1168 -98.57 35.76 56.99
C VAL D 1168 -98.33 36.38 58.37
N LEU D 1169 -97.53 35.70 59.18
CA LEU D 1169 -97.20 36.20 60.51
C LEU D 1169 -96.04 37.19 60.44
N MET D 1170 -95.98 38.05 61.44
CA MET D 1170 -94.96 39.08 61.54
C MET D 1170 -93.96 38.72 62.63
N SER D 1171 -92.77 39.31 62.53
CA SER D 1171 -91.71 39.09 63.49
C SER D 1171 -91.59 40.30 64.42
N ASP D 1172 -90.66 40.20 65.38
CA ASP D 1172 -90.38 41.32 66.26
C ASP D 1172 -89.76 42.49 65.51
N SER D 1173 -89.06 42.23 64.41
CA SER D 1173 -88.49 43.26 63.56
C SER D 1173 -89.35 43.54 62.33
N GLY D 1174 -90.54 42.97 62.25
CA GLY D 1174 -91.42 43.20 61.13
C GLY D 1174 -91.18 42.32 59.92
N SER D 1175 -90.25 41.38 60.00
CA SER D 1175 -90.00 40.47 58.90
C SER D 1175 -91.00 39.31 58.95
N GLU D 1176 -90.97 38.47 57.93
CA GLU D 1176 -91.88 37.34 57.79
C GLU D 1176 -91.13 36.06 58.16
N THR D 1177 -91.12 35.74 59.46
CA THR D 1177 -90.51 34.52 59.98
C THR D 1177 -89.04 34.43 59.58
N ALA D 1178 -88.28 35.41 60.07
CA ALA D 1178 -86.89 35.58 59.66
C ALA D 1178 -86.04 34.47 60.27
N PHE D 1179 -86.12 33.29 59.64
CA PHE D 1179 -85.25 32.17 59.93
C PHE D 1179 -84.36 31.98 58.71
N ARG D 1180 -83.21 32.65 58.74
CA ARG D 1180 -82.33 32.75 57.57
C ARG D 1180 -81.04 31.99 57.83
N GLU D 1181 -80.30 31.74 56.76
CA GLU D 1181 -79.04 31.01 56.80
C GLU D 1181 -79.24 29.62 57.40
N ILE D 1182 -80.06 28.84 56.70
CA ILE D 1182 -80.40 27.48 57.10
C ILE D 1182 -79.59 26.50 56.24
N GLU D 1183 -78.84 25.65 56.91
CA GLU D 1183 -77.93 24.73 56.23
C GLU D 1183 -78.69 23.48 55.76
N ILE D 1184 -78.15 22.87 54.70
CA ILE D 1184 -78.82 21.72 54.09
C ILE D 1184 -78.90 20.55 55.07
N GLY D 1185 -77.74 20.06 55.52
CA GLY D 1185 -77.69 18.92 56.40
C GLY D 1185 -78.26 17.66 55.79
N ASP D 1186 -79.21 17.02 56.48
CA ASP D 1186 -79.84 15.82 56.00
C ASP D 1186 -81.34 15.98 55.74
N GLY D 1187 -81.76 17.17 55.30
CA GLY D 1187 -83.16 17.41 55.03
C GLY D 1187 -83.96 17.76 56.27
N PHE D 1188 -85.27 17.85 56.07
CA PHE D 1188 -86.18 18.27 57.12
C PHE D 1188 -87.52 17.59 56.95
N LEU D 1189 -88.30 17.55 58.03
CA LEU D 1189 -89.59 16.87 58.05
C LEU D 1189 -90.59 17.71 58.82
N PRO D 1190 -91.88 17.59 58.53
CA PRO D 1190 -92.88 18.27 59.35
C PRO D 1190 -92.96 17.66 60.75
N VAL D 1191 -93.36 18.48 61.72
CA VAL D 1191 -93.44 18.06 63.11
C VAL D 1191 -94.61 18.78 63.77
N CYS D 1192 -95.20 18.12 64.77
CA CYS D 1192 -96.33 18.67 65.50
C CYS D 1192 -96.24 18.24 66.97
N SER D 1193 -96.97 18.95 67.82
CA SER D 1193 -97.02 18.66 69.24
C SER D 1193 -98.45 18.76 69.75
N LEU D 1194 -98.72 18.08 70.86
CA LEU D 1194 -100.02 18.13 71.51
C LEU D 1194 -99.84 18.05 73.02
N GLY D 1195 -100.39 19.03 73.73
CA GLY D 1195 -100.32 19.04 75.17
C GLY D 1195 -101.40 18.18 75.81
N PRO D 1196 -101.47 18.20 77.14
CA PRO D 1196 -102.51 17.41 77.83
C PRO D 1196 -103.90 17.95 77.53
N GLY D 1197 -104.80 17.05 77.16
CA GLY D 1197 -106.17 17.44 76.87
C GLY D 1197 -106.33 18.36 75.68
N GLN D 1198 -105.50 18.18 74.64
CA GLN D 1198 -105.50 19.06 73.49
C GLN D 1198 -105.83 18.26 72.24
N VAL D 1199 -106.71 18.79 71.39
CA VAL D 1199 -107.11 18.14 70.16
C VAL D 1199 -106.75 19.03 68.97
N GLY D 1200 -106.89 18.49 67.78
CA GLY D 1200 -106.56 19.18 66.54
C GLY D 1200 -105.95 18.20 65.57
N HIS D 1201 -106.17 18.45 64.27
CA HIS D 1201 -105.71 17.57 63.21
C HIS D 1201 -104.72 18.30 62.31
N LEU D 1202 -104.14 17.55 61.38
CA LEU D 1202 -103.12 18.08 60.47
C LEU D 1202 -103.41 17.57 59.06
N ASN D 1203 -103.36 18.48 58.09
CA ASN D 1203 -103.44 18.11 56.68
C ASN D 1203 -102.06 18.23 56.05
N LEU D 1204 -101.81 17.37 55.07
CA LEU D 1204 -100.48 17.29 54.46
C LEU D 1204 -100.51 17.50 52.95
N GLY D 1205 -101.63 17.94 52.39
CA GLY D 1205 -101.72 18.12 50.96
C GLY D 1205 -102.03 16.86 50.19
N GLN D 1206 -102.70 15.89 50.82
CA GLN D 1206 -103.09 14.67 50.11
C GLN D 1206 -104.01 15.00 48.94
N ASP D 1207 -104.99 15.87 49.16
CA ASP D 1207 -105.88 16.34 48.11
C ASP D 1207 -105.89 17.86 48.12
N VAL D 1208 -105.85 18.45 46.92
CA VAL D 1208 -105.82 19.90 46.81
C VAL D 1208 -107.11 20.51 47.35
N SER D 1209 -108.25 19.92 47.00
CA SER D 1209 -109.53 20.42 47.49
C SER D 1209 -109.69 20.25 48.99
N SER D 1210 -109.07 19.23 49.58
CA SER D 1210 -109.16 19.03 51.02
C SER D 1210 -108.45 20.13 51.80
N LEU D 1211 -107.48 20.81 51.19
CA LEU D 1211 -106.80 21.91 51.84
C LEU D 1211 -107.79 23.05 52.09
N ARG D 1212 -107.69 23.67 53.26
CA ARG D 1212 -108.74 24.60 53.68
C ARG D 1212 -108.69 25.90 52.88
N PHE D 1213 -107.60 26.66 53.00
CA PHE D 1213 -107.49 27.89 52.24
C PHE D 1213 -106.70 27.65 50.97
N PHE D 1214 -105.43 27.29 51.12
CA PHE D 1214 -104.51 26.98 50.01
C PHE D 1214 -104.67 27.96 48.85
N ALA D 1215 -104.94 29.21 49.19
CA ALA D 1215 -105.09 30.25 48.16
C ALA D 1215 -104.34 31.54 48.46
N ILE D 1216 -104.01 31.82 49.71
CA ILE D 1216 -103.32 33.06 50.05
C ILE D 1216 -101.88 33.01 49.56
N CYS D 1217 -101.22 31.87 49.72
CA CYS D 1217 -99.81 31.74 49.38
C CYS D 1217 -99.48 30.47 48.61
N GLY D 1218 -100.45 29.57 48.41
CA GLY D 1218 -100.16 28.26 47.86
C GLY D 1218 -99.75 28.22 46.41
N LEU D 1219 -100.69 28.55 45.52
CA LEU D 1219 -100.48 28.31 44.09
C LEU D 1219 -99.47 29.28 43.48
N GLN D 1220 -99.61 30.56 43.79
CA GLN D 1220 -98.89 31.61 43.08
C GLN D 1220 -97.44 31.77 43.53
N GLU D 1221 -97.04 31.13 44.63
CA GLU D 1221 -95.73 31.39 45.22
C GLU D 1221 -94.75 30.25 44.98
N GLY D 1222 -95.09 29.31 44.10
CA GLY D 1222 -94.19 28.23 43.78
C GLY D 1222 -94.14 27.11 44.81
N PHE D 1223 -94.94 27.21 45.87
CA PHE D 1223 -94.98 26.14 46.87
C PHE D 1223 -95.82 24.98 46.36
N GLU D 1224 -95.48 23.78 46.84
CA GLU D 1224 -96.15 22.56 46.42
C GLU D 1224 -96.66 21.82 47.65
N PRO D 1225 -97.88 21.30 47.59
CA PRO D 1225 -98.36 20.45 48.69
C PRO D 1225 -97.45 19.26 48.86
N PHE D 1226 -97.25 18.87 50.12
CA PHE D 1226 -96.24 17.86 50.44
C PHE D 1226 -96.61 16.50 49.86
N ALA D 1227 -97.77 15.99 50.25
CA ALA D 1227 -98.18 14.64 49.87
C ALA D 1227 -99.16 14.69 48.70
N ILE D 1228 -98.67 15.20 47.57
CA ILE D 1228 -99.50 15.30 46.37
C ILE D 1228 -99.41 14.05 45.51
N ASN D 1229 -98.21 13.60 45.17
CA ASN D 1229 -98.03 12.43 44.31
C ASN D 1229 -97.76 11.18 45.16
N MET D 1230 -98.70 10.93 46.08
CA MET D 1230 -98.73 9.69 46.83
C MET D 1230 -99.90 8.84 46.37
N GLN D 1231 -99.95 7.62 46.91
CA GLN D 1231 -101.12 6.76 46.74
C GLN D 1231 -101.66 6.27 48.07
N ARG D 1232 -101.11 6.71 49.19
CA ARG D 1232 -101.52 6.23 50.50
C ARG D 1232 -101.12 7.23 51.59
N PRO D 1233 -101.87 7.32 52.67
CA PRO D 1233 -101.56 8.30 53.72
C PRO D 1233 -100.24 7.99 54.41
N VAL D 1234 -99.62 9.06 54.91
CA VAL D 1234 -98.41 8.93 55.71
C VAL D 1234 -98.75 8.35 57.07
N THR D 1235 -97.86 7.52 57.61
CA THR D 1235 -98.19 6.79 58.83
C THR D 1235 -98.04 7.64 60.09
N THR D 1236 -97.35 8.78 60.02
CA THR D 1236 -97.29 9.75 61.11
C THR D 1236 -96.74 9.11 62.40
N TRP D 1237 -95.44 8.83 62.36
CA TRP D 1237 -94.75 8.34 63.54
C TRP D 1237 -94.98 9.26 64.73
N PHE D 1238 -95.21 8.66 65.89
CA PHE D 1238 -95.41 9.41 67.14
C PHE D 1238 -94.49 8.85 68.20
N SER D 1239 -94.56 9.43 69.40
CA SER D 1239 -93.69 9.06 70.50
C SER D 1239 -94.42 8.15 71.48
N LYS D 1240 -93.86 6.96 71.71
CA LYS D 1240 -94.44 6.03 72.66
C LYS D 1240 -94.20 6.51 74.08
N SER D 1241 -95.15 6.20 74.97
CA SER D 1241 -95.13 6.67 76.34
C SER D 1241 -95.01 5.52 77.34
N LEU D 1242 -94.12 4.57 77.06
CA LEU D 1242 -93.89 3.46 77.96
C LEU D 1242 -92.39 3.24 78.11
N PRO D 1243 -91.91 3.03 79.34
CA PRO D 1243 -90.46 2.85 79.58
C PRO D 1243 -89.95 1.43 79.32
N GLN D 1244 -89.57 1.18 78.07
CA GLN D 1244 -88.98 -0.09 77.70
C GLN D 1244 -87.47 -0.06 77.92
N PHE D 1245 -86.87 -1.25 77.99
CA PHE D 1245 -85.43 -1.33 78.15
C PHE D 1245 -84.71 -0.89 76.88
N GLU D 1246 -83.44 -0.49 77.05
CA GLU D 1246 -82.62 -0.04 75.95
C GLU D 1246 -81.16 -0.13 76.37
N PRO D 1247 -80.27 -0.63 75.52
CA PRO D 1247 -78.86 -0.72 75.92
C PRO D 1247 -78.26 0.66 76.11
N VAL D 1248 -77.30 0.72 77.04
CA VAL D 1248 -76.64 1.98 77.38
C VAL D 1248 -75.74 2.41 76.22
N PRO D 1249 -75.92 3.62 75.70
CA PRO D 1249 -75.08 4.07 74.58
C PRO D 1249 -73.63 4.15 74.98
N PRO D 1250 -72.70 3.86 74.07
CA PRO D 1250 -71.28 3.98 74.41
C PRO D 1250 -70.85 5.41 74.70
N GLU D 1251 -71.58 6.40 74.20
CA GLU D 1251 -71.24 7.80 74.36
C GLU D 1251 -72.35 8.47 75.15
N HIS D 1252 -72.17 8.55 76.45
CA HIS D 1252 -73.15 9.21 77.30
C HIS D 1252 -72.47 10.33 78.10
N PRO D 1253 -73.17 11.45 78.32
CA PRO D 1253 -72.55 12.59 79.01
C PRO D 1253 -71.97 12.25 80.37
N HIS D 1254 -72.67 11.43 81.15
CA HIS D 1254 -72.22 11.11 82.51
C HIS D 1254 -72.47 9.66 82.90
N TYR D 1255 -72.76 8.79 81.94
CA TYR D 1255 -72.89 7.36 82.20
C TYR D 1255 -71.87 6.60 81.37
N GLU D 1256 -71.14 5.70 82.03
CA GLU D 1256 -70.18 4.85 81.35
C GLU D 1256 -69.92 3.60 82.18
N VAL D 1257 -69.78 2.48 81.50
CA VAL D 1257 -69.56 1.19 82.13
C VAL D 1257 -68.30 0.57 81.51
N ALA D 1258 -67.65 -0.28 82.30
CA ALA D 1258 -66.38 -0.88 81.88
C ALA D 1258 -66.43 -2.38 82.09
N ARG D 1259 -66.10 -3.13 81.05
CA ARG D 1259 -65.97 -4.58 81.17
C ARG D 1259 -64.73 -4.92 82.00
N MET D 1260 -64.90 -5.71 83.04
CA MET D 1260 -63.77 -6.16 83.83
C MET D 1260 -63.12 -7.37 83.16
N ASP D 1261 -62.08 -7.90 83.79
CA ASP D 1261 -61.37 -9.06 83.27
C ASP D 1261 -61.40 -10.17 84.30
N GLY D 1262 -61.20 -11.40 83.82
CA GLY D 1262 -61.18 -12.56 84.69
C GLY D 1262 -59.81 -12.82 85.26
N THR D 1263 -59.57 -12.37 86.49
CA THR D 1263 -58.29 -12.55 87.14
C THR D 1263 -58.25 -13.90 87.86
N VAL D 1264 -57.05 -14.31 88.29
CA VAL D 1264 -56.90 -15.56 89.02
C VAL D 1264 -57.63 -15.53 90.35
N ASP D 1265 -57.77 -14.35 90.96
CA ASP D 1265 -58.46 -14.22 92.23
C ASP D 1265 -59.84 -13.61 92.11
N THR D 1266 -60.11 -12.83 91.08
CA THR D 1266 -61.39 -12.17 90.93
C THR D 1266 -62.08 -12.59 89.63
N PRO D 1267 -63.35 -12.97 89.68
CA PRO D 1267 -64.08 -13.26 88.45
C PRO D 1267 -64.38 -11.99 87.69
N PRO D 1268 -64.64 -12.07 86.38
CA PRO D 1268 -64.98 -10.88 85.62
C PRO D 1268 -66.24 -10.22 86.15
N CYS D 1269 -66.25 -8.89 86.13
CA CYS D 1269 -67.32 -8.11 86.71
C CYS D 1269 -67.79 -7.04 85.72
N LEU D 1270 -68.83 -6.31 86.11
CA LEU D 1270 -69.39 -5.21 85.33
C LEU D 1270 -69.41 -3.99 86.23
N ARG D 1271 -68.32 -3.22 86.22
CA ARG D 1271 -68.21 -2.05 87.09
C ARG D 1271 -68.94 -0.87 86.47
N LEU D 1272 -69.93 -0.34 87.17
CA LEU D 1272 -70.56 0.90 86.77
C LEU D 1272 -69.88 2.08 87.44
N ALA D 1273 -69.83 3.20 86.72
CA ALA D 1273 -69.18 4.41 87.22
C ALA D 1273 -70.04 5.61 86.87
N HIS D 1274 -69.61 6.78 87.32
CA HIS D 1274 -70.36 8.01 87.07
C HIS D 1274 -69.41 9.19 87.14
N ARG D 1275 -69.70 10.21 86.34
CA ARG D 1275 -68.93 11.44 86.36
C ARG D 1275 -69.44 12.35 87.47
N THR D 1276 -69.23 11.93 88.71
CA THR D 1276 -69.71 12.67 89.88
C THR D 1276 -69.02 14.01 90.04
N TRP D 1277 -69.29 14.93 89.09
CA TRP D 1277 -68.61 16.24 89.11
C TRP D 1277 -69.61 17.39 89.29
N GLY D 1278 -70.15 17.92 88.19
CA GLY D 1278 -71.06 19.08 88.27
C GLY D 1278 -72.28 18.85 87.36
N SER D 1279 -73.45 19.32 87.76
CA SER D 1279 -74.69 19.13 86.98
C SER D 1279 -74.85 17.65 86.62
N GLN D 1280 -74.36 16.76 87.47
CA GLN D 1280 -74.38 15.31 87.17
C GLN D 1280 -75.47 14.62 88.00
N ASN D 1281 -76.31 15.40 88.67
CA ASN D 1281 -77.40 14.82 89.49
C ASN D 1281 -78.19 13.83 88.64
N SER D 1282 -78.60 12.71 89.24
CA SER D 1282 -79.34 11.68 88.49
C SER D 1282 -80.35 11.03 89.42
N LEU D 1283 -81.55 10.69 88.92
CA LEU D 1283 -82.41 10.03 89.89
C LEU D 1283 -82.03 8.56 90.06
N VAL D 1284 -82.96 7.67 89.77
CA VAL D 1284 -82.76 6.23 89.96
C VAL D 1284 -82.68 5.48 88.64
N GLU D 1285 -81.49 5.38 88.08
CA GLU D 1285 -81.27 4.66 86.84
C GLU D 1285 -81.35 3.16 87.07
N MET D 1286 -82.57 2.63 87.12
CA MET D 1286 -82.78 1.20 87.39
C MET D 1286 -82.19 0.33 86.27
N LEU D 1287 -80.98 -0.18 86.50
CA LEU D 1287 -80.29 -0.98 85.51
C LEU D 1287 -80.94 -2.35 85.34
N PHE D 1288 -80.44 -3.12 84.37
CA PHE D 1288 -80.96 -4.46 84.11
C PHE D 1288 -79.91 -5.30 83.37
N LEU D 1289 -80.23 -6.56 83.11
CA LEU D 1289 -79.32 -7.44 82.41
C LEU D 1289 -79.88 -7.83 81.04
N ARG D 1290 -79.01 -8.36 80.18
CA ARG D 1290 -79.41 -8.71 78.82
C ARG D 1290 -79.42 -10.21 78.58
N LEU D 1291 -80.35 -10.90 79.22
CA LEU D 1291 -80.50 -12.35 79.05
C LEU D 1291 -81.83 -12.81 79.64
N SER D 1292 -81.96 -14.11 79.84
CA SER D 1292 -83.16 -14.67 80.42
C SER D 1292 -82.91 -16.08 80.96
N LEU D 1293 -83.10 -16.25 82.25
CA LEU D 1293 -82.95 -17.56 82.88
C LEU D 1293 -84.32 -18.20 83.08
N PRO D 1294 -84.65 -19.15 82.22
CA PRO D 1294 -85.96 -19.81 82.28
C PRO D 1294 -85.97 -20.94 83.29
N VAL D 1295 -87.16 -21.27 83.80
CA VAL D 1295 -87.30 -22.38 84.77
C VAL D 1295 -87.82 -23.62 84.04
N GLN D 1296 -87.35 -24.81 84.41
CA GLN D 1296 -87.73 -26.06 83.70
C GLN D 1296 -89.21 -26.38 83.89
N THR D 1431 -91.45 -28.98 86.91
CA THR D 1431 -90.19 -28.92 87.66
C THR D 1431 -90.42 -28.41 89.08
N THR D 1432 -89.34 -27.98 89.72
CA THR D 1432 -89.41 -27.43 91.07
C THR D 1432 -88.42 -26.30 91.23
N TYR D 1433 -88.92 -25.12 91.55
CA TYR D 1433 -88.07 -23.94 91.70
C TYR D 1433 -88.29 -23.23 93.03
N TYR D 1434 -87.20 -23.00 93.75
CA TYR D 1434 -87.26 -22.29 95.03
C TYR D 1434 -86.02 -21.42 95.19
N TYR D 1435 -86.01 -20.29 94.50
CA TYR D 1435 -84.86 -19.38 94.50
C TYR D 1435 -84.63 -18.77 95.88
N SER D 1436 -83.42 -18.28 96.10
CA SER D 1436 -83.06 -17.69 97.38
C SER D 1436 -82.17 -16.48 97.18
N VAL D 1437 -82.01 -15.68 98.25
CA VAL D 1437 -81.14 -14.49 98.19
C VAL D 1437 -80.34 -14.36 99.49
N ARG D 1438 -79.01 -14.53 99.43
CA ARG D 1438 -78.14 -14.40 100.62
C ARG D 1438 -77.49 -13.01 100.65
N VAL D 1439 -76.81 -12.66 101.75
CA VAL D 1439 -76.24 -11.29 101.87
C VAL D 1439 -75.16 -11.25 102.96
N PHE D 1440 -73.95 -10.80 102.62
CA PHE D 1440 -72.83 -10.74 103.59
C PHE D 1440 -72.94 -11.93 104.55
N ALA D 1441 -73.06 -13.15 104.03
CA ALA D 1441 -73.18 -14.36 104.86
C ALA D 1441 -74.42 -14.27 105.76
N GLY D 1442 -75.61 -14.20 105.18
CA GLY D 1442 -76.87 -14.23 105.98
C GLY D 1442 -77.90 -15.05 105.21
N GLN D 1443 -79.18 -15.02 105.60
CA GLN D 1443 -80.15 -15.90 104.91
C GLN D 1443 -81.61 -15.46 105.08
N GLU D 1444 -82.05 -14.43 104.35
CA GLU D 1444 -83.47 -14.09 104.36
C GLU D 1444 -84.05 -14.27 102.96
N PRO D 1445 -84.34 -15.52 102.61
CA PRO D 1445 -84.80 -15.85 101.26
C PRO D 1445 -86.31 -15.66 101.12
N SER D 1446 -86.99 -16.76 100.78
CA SER D 1446 -88.42 -16.75 100.49
C SER D 1446 -88.75 -15.81 99.35
N CYS D 1447 -90.04 -15.55 99.14
CA CYS D 1447 -90.52 -14.67 98.07
C CYS D 1447 -89.96 -15.09 96.72
N VAL D 1448 -89.80 -16.40 96.51
CA VAL D 1448 -89.20 -16.92 95.30
C VAL D 1448 -89.52 -18.40 95.12
N TRP D 1449 -90.80 -18.73 95.04
CA TRP D 1449 -91.23 -20.11 94.87
C TRP D 1449 -92.65 -20.18 94.32
N VAL D 1450 -92.84 -19.58 93.14
CA VAL D 1450 -94.18 -19.57 92.50
C VAL D 1450 -94.04 -19.42 90.98
N GLY D 1451 -93.75 -20.52 90.28
CA GLY D 1451 -93.57 -20.45 88.82
C GLY D 1451 -93.54 -21.85 88.21
N TRP D 1452 -94.34 -22.09 87.17
CA TRP D 1452 -94.28 -23.39 86.47
C TRP D 1452 -93.03 -23.39 85.59
N VAL D 1453 -93.01 -22.54 84.56
CA VAL D 1453 -91.82 -22.43 83.68
C VAL D 1453 -91.72 -21.01 83.11
N THR D 1454 -91.47 -20.01 83.96
CA THR D 1454 -91.31 -18.61 83.49
C THR D 1454 -89.81 -18.33 83.29
N PRO D 1455 -89.42 -17.04 83.25
CA PRO D 1455 -88.00 -16.70 82.97
C PRO D 1455 -87.65 -15.34 83.56
N ASP D 1456 -87.21 -15.31 84.81
CA ASP D 1456 -86.78 -14.07 85.45
C ASP D 1456 -85.42 -13.64 84.93
N TYR D 1457 -85.06 -12.39 85.19
CA TYR D 1457 -83.79 -11.85 84.72
C TYR D 1457 -83.06 -11.12 85.83
N HIS D 1458 -81.75 -10.99 85.68
CA HIS D 1458 -80.92 -10.31 86.68
C HIS D 1458 -81.23 -8.81 86.72
N GLN D 1459 -81.45 -8.29 87.92
CA GLN D 1459 -81.77 -6.88 88.10
C GLN D 1459 -80.98 -6.26 89.24
N HIS D 1460 -80.91 -4.94 89.26
CA HIS D 1460 -80.18 -4.21 90.29
C HIS D 1460 -80.58 -2.75 90.33
N ASP D 1461 -81.87 -2.48 90.48
CA ASP D 1461 -82.38 -1.12 90.51
C ASP D 1461 -81.81 -0.35 91.71
N MET D 1462 -81.07 0.71 91.43
CA MET D 1462 -80.38 1.44 92.48
C MET D 1462 -80.54 2.96 92.35
N ASN D 1463 -79.60 3.68 92.95
CA ASN D 1463 -79.59 5.14 92.91
C ASN D 1463 -78.16 5.66 92.91
N PHE D 1464 -78.01 6.97 92.76
CA PHE D 1464 -76.68 7.58 92.68
C PHE D 1464 -75.99 7.57 94.04
N ASP D 1465 -74.69 7.86 94.04
CA ASP D 1465 -73.90 7.88 95.27
C ASP D 1465 -72.80 8.93 95.19
N LEU D 1466 -72.62 9.51 94.01
CA LEU D 1466 -71.62 10.55 93.78
C LEU D 1466 -70.22 10.09 94.16
N SER D 1467 -69.84 8.90 93.70
CA SER D 1467 -68.52 8.35 93.96
C SER D 1467 -68.23 7.18 93.04
N LYS D 1468 -68.79 6.02 93.36
CA LYS D 1468 -68.65 4.82 92.56
C LYS D 1468 -69.79 3.85 92.89
N VAL D 1469 -70.73 3.72 91.96
CA VAL D 1469 -71.94 2.94 92.22
C VAL D 1469 -71.69 1.44 92.19
N ARG D 1470 -72.70 0.69 91.74
CA ARG D 1470 -72.67 -0.76 91.76
C ARG D 1470 -71.62 -1.33 90.83
N ALA D 1471 -71.20 -2.56 91.12
CA ALA D 1471 -70.23 -3.27 90.29
C ALA D 1471 -70.57 -4.75 90.25
N VAL D 1472 -71.57 -5.09 89.42
CA VAL D 1472 -72.04 -6.47 89.31
C VAL D 1472 -70.91 -7.39 88.87
N THR D 1473 -70.77 -8.52 89.57
CA THR D 1473 -69.72 -9.48 89.28
C THR D 1473 -70.27 -10.87 89.04
N VAL D 1474 -69.72 -11.56 88.05
CA VAL D 1474 -70.14 -12.91 87.73
C VAL D 1474 -69.24 -13.93 88.40
N THR D 1475 -69.47 -14.18 89.68
CA THR D 1475 -68.65 -15.11 90.45
C THR D 1475 -69.17 -16.54 90.32
N MET D 1476 -68.59 -17.44 91.11
CA MET D 1476 -68.98 -18.84 91.08
C MET D 1476 -68.87 -19.48 92.46
N GLY D 1477 -69.96 -20.07 92.92
CA GLY D 1477 -69.97 -20.77 94.21
C GLY D 1477 -69.62 -22.24 94.00
N ASP D 1478 -69.67 -23.01 95.08
CA ASP D 1478 -69.33 -24.43 95.01
C ASP D 1478 -70.57 -25.30 94.92
N GLU D 1479 -71.64 -24.74 94.35
CA GLU D 1479 -72.89 -25.47 94.22
C GLU D 1479 -73.76 -24.91 93.10
N GLN D 1480 -74.89 -24.33 93.46
CA GLN D 1480 -75.84 -23.79 92.48
C GLN D 1480 -75.40 -22.42 91.97
N GLY D 1481 -76.31 -21.74 91.28
CA GLY D 1481 -76.01 -20.44 90.69
C GLY D 1481 -75.94 -19.35 91.76
N ASN D 1482 -74.94 -18.49 91.66
CA ASN D 1482 -74.76 -17.40 92.61
C ASN D 1482 -74.25 -16.14 91.91
N VAL D 1483 -75.09 -15.12 91.83
CA VAL D 1483 -74.72 -13.88 91.17
C VAL D 1483 -74.22 -12.85 92.18
N HIS D 1484 -72.93 -12.54 92.12
CA HIS D 1484 -72.33 -11.58 93.05
C HIS D 1484 -72.64 -10.15 92.62
N SER D 1485 -72.60 -9.23 93.59
CA SER D 1485 -72.88 -7.82 93.33
C SER D 1485 -72.32 -6.94 94.44
N SER D 1486 -71.18 -6.30 94.17
CA SER D 1486 -70.54 -5.43 95.19
C SER D 1486 -71.16 -4.03 95.16
N LEU D 1487 -71.04 -3.28 96.26
CA LEU D 1487 -71.63 -1.91 96.34
C LEU D 1487 -71.11 -1.17 97.57
N LYS D 1488 -70.73 0.11 97.41
CA LYS D 1488 -70.16 0.88 98.55
C LYS D 1488 -70.75 2.30 98.60
N CYS D 1489 -72.05 2.44 98.95
CA CYS D 1489 -72.71 3.76 98.99
C CYS D 1489 -73.53 3.91 100.27
N SER D 1490 -74.69 3.22 100.34
CA SER D 1490 -75.58 3.34 101.50
C SER D 1490 -76.79 2.42 101.34
N ASN D 1491 -77.82 2.92 100.66
CA ASN D 1491 -79.05 2.17 100.48
C ASN D 1491 -79.44 2.04 99.02
N CYS D 1492 -79.53 0.81 98.53
CA CYS D 1492 -79.90 0.53 97.15
C CYS D 1492 -80.49 -0.87 97.04
N TYR D 1493 -81.77 -0.96 96.71
CA TYR D 1493 -82.48 -2.23 96.65
C TYR D 1493 -81.90 -3.16 95.58
N MET D 1494 -82.17 -4.46 95.73
CA MET D 1494 -81.72 -5.46 94.76
C MET D 1494 -82.79 -6.52 94.59
N VAL D 1495 -82.81 -7.17 93.43
CA VAL D 1495 -83.87 -8.13 93.12
C VAL D 1495 -83.54 -9.00 91.92
N TRP D 1496 -84.57 -9.62 91.35
CA TRP D 1496 -84.45 -10.41 90.14
C TRP D 1496 -85.66 -10.16 89.25
N GLY D 1497 -85.48 -9.31 88.23
CA GLY D 1497 -86.59 -8.85 87.40
C GLY D 1497 -87.23 -9.96 86.58
N GLY D 1498 -88.54 -9.84 86.37
CA GLY D 1498 -89.28 -10.78 85.55
C GLY D 1498 -89.23 -10.37 84.08
N ASP D 1499 -90.35 -10.54 83.39
CA ASP D 1499 -90.43 -10.16 81.98
C ASP D 1499 -91.52 -9.12 81.77
N PHE D 1500 -91.72 -8.27 82.77
CA PHE D 1500 -92.76 -7.26 82.71
C PHE D 1500 -92.42 -6.06 83.59
N VAL D 1501 -91.28 -5.42 83.30
CA VAL D 1501 -90.85 -4.25 84.10
C VAL D 1501 -91.89 -3.12 84.03
N SER D 1502 -91.96 -2.32 85.10
CA SER D 1502 -92.90 -1.16 85.10
C SER D 1502 -92.56 -0.17 86.21
N PRO D 1503 -91.73 0.84 85.92
CA PRO D 1503 -91.39 1.88 86.92
C PRO D 1503 -90.42 2.90 86.30
N GLY D 1504 -90.54 4.18 86.68
CA GLY D 1504 -89.57 5.20 86.20
C GLY D 1504 -89.53 6.36 87.19
N GLN D 1505 -90.14 6.21 88.37
CA GLN D 1505 -90.12 7.26 89.42
C GLN D 1505 -89.52 6.72 90.73
N GLN D 1506 -89.14 7.61 91.65
CA GLN D 1506 -88.52 7.19 92.93
C GLN D 1506 -89.48 6.30 93.72
N GLY D 1507 -89.10 5.06 94.00
CA GLY D 1507 -89.95 4.13 94.78
C GLY D 1507 -89.09 3.15 95.57
N ARG D 1508 -89.67 2.54 96.61
CA ARG D 1508 -88.94 1.58 97.43
C ARG D 1508 -89.77 0.31 97.63
N ILE D 1509 -91.09 0.47 97.62
CA ILE D 1509 -91.99 -0.66 97.73
C ILE D 1509 -93.14 -0.52 96.75
N SER D 1510 -94.27 -1.16 97.05
CA SER D 1510 -95.46 -1.12 96.20
C SER D 1510 -95.15 -1.57 94.78
N HIS D 1511 -94.80 -2.84 94.63
CA HIS D 1511 -94.47 -3.40 93.33
C HIS D 1511 -95.72 -3.82 92.58
N THR D 1512 -96.88 -3.61 93.21
CA THR D 1512 -98.17 -3.95 92.62
C THR D 1512 -98.24 -5.43 92.25
N ASP D 1513 -98.43 -6.28 93.24
CA ASP D 1513 -98.52 -7.72 93.01
C ASP D 1513 -99.97 -8.19 93.13
N LEU D 1514 -100.16 -9.50 93.15
CA LEU D 1514 -101.50 -10.08 93.27
C LEU D 1514 -101.42 -11.48 93.86
N VAL D 1515 -102.57 -12.03 94.25
CA VAL D 1515 -102.60 -13.37 94.81
C VAL D 1515 -103.78 -14.17 94.25
N ILE D 1516 -103.46 -15.33 93.67
CA ILE D 1516 -104.49 -16.21 93.14
C ILE D 1516 -105.23 -16.90 94.28
N GLY D 1517 -106.35 -17.54 93.95
CA GLY D 1517 -107.12 -18.27 94.95
C GLY D 1517 -108.07 -19.25 94.26
N CYS D 1518 -107.56 -20.42 93.91
CA CYS D 1518 -108.36 -21.44 93.27
C CYS D 1518 -108.86 -22.47 94.27
N LEU D 1519 -110.08 -22.23 94.75
CA LEU D 1519 -110.68 -23.13 95.76
C LEU D 1519 -111.16 -24.43 95.11
N VAL D 1520 -111.65 -25.35 95.94
CA VAL D 1520 -112.18 -26.63 95.42
C VAL D 1520 -113.60 -26.82 95.95
N ASP D 1521 -113.74 -27.00 97.27
CA ASP D 1521 -115.09 -27.14 97.87
C ASP D 1521 -115.88 -25.86 97.62
N LEU D 1522 -117.22 -25.94 97.62
CA LEU D 1522 -118.07 -24.76 97.33
C LEU D 1522 -117.50 -23.51 97.99
N ALA D 1523 -117.01 -23.62 99.21
CA ALA D 1523 -116.37 -22.46 99.90
C ALA D 1523 -115.16 -22.96 100.71
N THR D 1524 -114.51 -24.02 100.26
CA THR D 1524 -113.40 -24.59 101.05
C THR D 1524 -112.32 -25.23 100.16
N GLY D 1525 -111.32 -25.87 100.77
CA GLY D 1525 -110.20 -26.49 100.01
C GLY D 1525 -109.66 -25.49 98.98
N LEU D 1526 -109.35 -24.27 99.41
CA LEU D 1526 -108.94 -23.22 98.44
C LEU D 1526 -107.43 -23.23 98.19
N MET D 1527 -107.01 -23.37 96.94
CA MET D 1527 -105.56 -23.23 96.62
C MET D 1527 -105.31 -21.75 96.33
N THR D 1528 -104.05 -21.33 96.26
CA THR D 1528 -103.76 -19.88 96.07
C THR D 1528 -102.34 -19.69 95.57
N PHE D 1529 -102.11 -18.65 94.75
CA PHE D 1529 -100.76 -18.44 94.16
C PHE D 1529 -100.46 -16.95 94.06
N THR D 1530 -99.60 -16.43 94.93
CA THR D 1530 -99.28 -14.98 94.92
C THR D 1530 -98.37 -14.66 93.73
N ALA D 1531 -98.91 -13.99 92.71
CA ALA D 1531 -98.12 -13.61 91.50
C ALA D 1531 -97.33 -12.33 91.79
N ASN D 1532 -96.15 -12.16 91.15
CA ASN D 1532 -95.30 -11.01 91.50
C ASN D 1532 -94.89 -10.21 90.27
N GLY D 1533 -94.06 -9.17 90.46
CA GLY D 1533 -93.68 -8.27 89.34
C GLY D 1533 -92.18 -8.34 89.25
N LYS D 1534 -91.51 -7.82 90.27
CA LYS D 1534 -90.05 -7.99 90.33
C LYS D 1534 -89.82 -9.36 90.97
N GLU D 1535 -90.88 -9.97 91.51
CA GLU D 1535 -90.77 -11.28 92.20
C GLU D 1535 -89.42 -11.33 92.92
N SER D 1536 -89.01 -10.21 93.53
CA SER D 1536 -87.71 -10.11 94.21
C SER D 1536 -87.53 -8.69 94.76
N ASN D 1537 -86.84 -8.55 95.90
CA ASN D 1537 -86.70 -7.22 96.56
C ASN D 1537 -85.70 -7.25 97.71
N THR D 1538 -85.14 -6.08 98.07
CA THR D 1538 -84.18 -5.97 99.20
C THR D 1538 -83.91 -4.48 99.46
N PHE D 1539 -84.92 -3.72 99.87
CA PHE D 1539 -84.78 -2.29 100.11
C PHE D 1539 -84.03 -2.00 101.41
N PHE D 1540 -82.70 -1.96 101.32
CA PHE D 1540 -81.84 -1.67 102.46
C PHE D 1540 -82.10 -2.63 103.63
N GLN D 1541 -81.94 -3.92 103.38
CA GLN D 1541 -82.17 -4.93 104.40
C GLN D 1541 -81.06 -4.93 105.44
N VAL D 1542 -79.85 -4.60 104.99
CA VAL D 1542 -78.70 -4.55 105.89
C VAL D 1542 -78.85 -3.38 106.86
N GLU D 1543 -78.37 -3.58 108.09
CA GLU D 1543 -78.47 -2.56 109.12
C GLU D 1543 -77.09 -2.06 109.53
N PRO D 1544 -76.44 -1.30 108.65
CA PRO D 1544 -75.12 -0.76 108.93
C PRO D 1544 -75.20 0.43 109.88
N ASN D 1545 -74.05 0.99 110.22
CA ASN D 1545 -73.99 2.15 111.10
C ASN D 1545 -74.05 3.45 110.29
N THR D 1546 -73.89 4.58 110.97
CA THR D 1546 -73.91 5.88 110.31
C THR D 1546 -72.56 6.19 109.69
N LYS D 1547 -71.56 5.35 109.97
CA LYS D 1547 -70.22 5.55 109.44
C LYS D 1547 -69.89 4.55 108.34
N LEU D 1548 -70.56 3.40 108.37
CA LEU D 1548 -70.37 2.33 107.39
C LEU D 1548 -68.92 1.86 107.36
N PHE D 1549 -68.54 1.19 106.28
CA PHE D 1549 -67.19 0.65 106.13
C PHE D 1549 -66.82 0.45 104.67
N PRO D 1550 -66.51 -0.78 104.30
CA PRO D 1550 -66.07 -1.10 102.95
C PRO D 1550 -67.25 -1.20 101.98
N ALA D 1551 -67.68 -2.44 101.71
CA ALA D 1551 -68.75 -2.67 100.76
C ALA D 1551 -69.47 -4.00 101.04
N VAL D 1552 -70.72 -4.08 100.59
CA VAL D 1552 -71.51 -5.30 100.76
C VAL D 1552 -71.23 -6.27 99.62
N PHE D 1553 -71.87 -7.44 99.67
CA PHE D 1553 -71.67 -8.46 98.64
C PHE D 1553 -72.84 -9.44 98.65
N VAL D 1554 -74.05 -8.92 98.50
CA VAL D 1554 -75.24 -9.75 98.47
C VAL D 1554 -75.34 -10.53 97.16
N LEU D 1555 -75.76 -11.78 97.24
CA LEU D 1555 -75.93 -12.62 96.07
C LEU D 1555 -77.31 -13.26 96.05
N PRO D 1556 -77.46 -14.32 95.26
CA PRO D 1556 -78.74 -15.01 95.17
C PRO D 1556 -78.55 -16.44 94.69
N THR D 1557 -79.65 -17.17 94.55
CA THR D 1557 -79.61 -18.57 94.07
C THR D 1557 -80.97 -18.98 93.52
N HIS D 1558 -81.08 -20.23 93.03
CA HIS D 1558 -82.35 -20.71 92.45
C HIS D 1558 -82.31 -22.24 92.25
N GLN D 1559 -83.43 -22.82 91.79
CA GLN D 1559 -83.47 -24.27 91.50
C GLN D 1559 -82.32 -24.62 90.56
N ASN D 1560 -81.32 -25.35 91.07
CA ASN D 1560 -80.14 -25.69 90.25
C ASN D 1560 -79.55 -27.01 90.70
N VAL D 1561 -79.31 -27.93 89.76
CA VAL D 1561 -78.69 -29.23 90.09
C VAL D 1561 -77.17 -29.04 90.17
N ILE D 1562 -76.42 -30.09 89.82
CA ILE D 1562 -74.95 -29.99 89.95
C ILE D 1562 -74.26 -31.16 89.23
N GLN D 1563 -72.94 -31.26 89.42
CA GLN D 1563 -72.16 -32.32 88.77
C GLN D 1563 -70.79 -32.41 89.40
N PHE D 1564 -70.59 -33.42 90.25
CA PHE D 1564 -69.33 -33.61 90.94
C PHE D 1564 -68.65 -34.91 90.50
N MET D 1573 -72.34 -24.32 86.96
CA MET D 1573 -72.57 -23.72 88.27
C MET D 1573 -72.76 -22.19 88.22
N PRO D 1574 -71.87 -21.44 87.51
CA PRO D 1574 -72.07 -19.99 87.45
C PRO D 1574 -73.27 -19.60 86.61
N LEU D 1575 -73.54 -18.29 86.53
CA LEU D 1575 -74.67 -17.82 85.74
C LEU D 1575 -74.46 -18.04 84.25
N SER D 1576 -73.23 -17.91 83.77
CA SER D 1576 -72.96 -18.03 82.34
C SER D 1576 -73.39 -19.37 81.77
N ALA D 1577 -73.34 -20.45 82.57
CA ALA D 1577 -73.74 -21.75 82.07
C ALA D 1577 -75.26 -21.94 82.10
N ALA D 1578 -76.00 -21.00 82.69
CA ALA D 1578 -77.43 -21.21 82.89
C ALA D 1578 -78.28 -20.74 81.71
N MET D 1579 -77.72 -19.98 80.78
CA MET D 1579 -78.54 -19.53 79.66
C MET D 1579 -78.04 -19.99 78.30
N PHE D 1580 -76.73 -20.01 78.09
CA PHE D 1580 -76.19 -20.18 76.74
C PHE D 1580 -76.29 -21.60 76.21
N LEU D 1581 -76.40 -22.61 77.09
CA LEU D 1581 -76.64 -23.99 76.71
C LEU D 1581 -75.43 -24.59 75.99
N SER D 1582 -74.42 -23.76 75.70
CA SER D 1582 -73.19 -24.23 75.09
C SER D 1582 -72.09 -24.49 76.10
N GLU D 1583 -72.18 -23.91 77.30
CA GLU D 1583 -71.23 -24.17 78.37
C GLU D 1583 -71.92 -24.69 79.63
N ARG D 1584 -73.12 -25.25 79.51
CA ARG D 1584 -73.88 -25.70 80.68
C ARG D 1584 -73.13 -26.78 81.45
N LYS D 1585 -72.31 -27.56 80.78
CA LYS D 1585 -71.47 -28.57 81.44
C LYS D 1585 -70.11 -28.01 81.84
N ASN D 1586 -69.84 -26.75 81.56
CA ASN D 1586 -68.56 -26.13 81.91
C ASN D 1586 -68.74 -25.24 83.13
N PRO D 1587 -68.13 -25.57 84.27
CA PRO D 1587 -68.27 -24.75 85.47
C PRO D 1587 -67.41 -23.49 85.48
N ALA D 1588 -66.64 -23.24 84.43
CA ALA D 1588 -65.85 -22.01 84.39
C ALA D 1588 -66.74 -20.83 83.99
N PRO D 1589 -66.78 -19.77 84.79
CA PRO D 1589 -67.60 -18.61 84.44
C PRO D 1589 -67.04 -17.91 83.20
N GLN D 1590 -67.94 -17.32 82.41
CA GLN D 1590 -67.58 -16.60 81.20
C GLN D 1590 -68.42 -15.35 81.08
N CYS D 1591 -67.92 -14.39 80.29
CA CYS D 1591 -68.62 -13.13 80.05
C CYS D 1591 -68.55 -12.81 78.57
N PRO D 1592 -69.40 -13.44 77.76
CA PRO D 1592 -69.43 -13.14 76.33
C PRO D 1592 -69.99 -11.76 76.07
N PRO D 1593 -69.75 -11.20 74.88
CA PRO D 1593 -70.25 -9.84 74.60
C PRO D 1593 -71.76 -9.70 74.60
N ARG D 1594 -72.51 -10.80 74.67
CA ARG D 1594 -73.96 -10.72 74.70
C ARG D 1594 -74.49 -10.02 75.94
N LEU D 1595 -73.70 -9.96 77.01
CA LEU D 1595 -74.16 -9.37 78.25
C LEU D 1595 -73.97 -7.86 78.24
N GLU D 1596 -75.06 -7.12 78.08
CA GLU D 1596 -75.01 -5.67 78.00
C GLU D 1596 -75.93 -5.08 79.06
N VAL D 1597 -75.54 -3.93 79.61
CA VAL D 1597 -76.33 -3.26 80.64
C VAL D 1597 -77.35 -2.35 79.97
N GLN D 1598 -78.60 -2.44 80.42
CA GLN D 1598 -79.67 -1.62 79.89
C GLN D 1598 -80.10 -0.55 80.90
N MET D 1599 -80.58 0.56 80.37
CA MET D 1599 -81.11 1.65 81.20
C MET D 1599 -82.38 2.14 80.50
N LEU D 1600 -83.52 1.95 81.14
CA LEU D 1600 -84.80 2.24 80.49
C LEU D 1600 -85.09 3.73 80.47
N MET D 1601 -85.63 4.19 79.34
CA MET D 1601 -86.16 5.53 79.16
C MET D 1601 -87.64 5.45 78.85
N PRO D 1602 -88.44 6.42 79.31
CA PRO D 1602 -89.87 6.37 79.07
C PRO D 1602 -90.30 6.98 77.74
N VAL D 1603 -89.66 6.58 76.64
CA VAL D 1603 -90.02 7.08 75.32
C VAL D 1603 -89.56 6.08 74.27
N SER D 1604 -90.33 5.99 73.19
CA SER D 1604 -90.01 5.12 72.07
C SER D 1604 -90.78 5.63 70.86
N TRP D 1605 -90.48 5.05 69.69
CA TRP D 1605 -91.12 5.44 68.44
C TRP D 1605 -92.02 4.30 67.99
N SER D 1606 -93.33 4.54 68.03
CA SER D 1606 -94.31 3.58 67.56
C SER D 1606 -94.94 4.11 66.27
N ARG D 1607 -95.27 3.19 65.37
CA ARG D 1607 -95.82 3.52 64.07
C ARG D 1607 -97.34 3.37 64.11
N MET D 1608 -98.05 4.41 63.69
CA MET D 1608 -99.51 4.36 63.67
C MET D 1608 -99.98 3.45 62.54
N PRO D 1609 -100.84 2.47 62.82
CA PRO D 1609 -101.36 1.63 61.75
C PRO D 1609 -102.17 2.44 60.75
N ASN D 1610 -102.11 1.99 59.50
CA ASN D 1610 -102.78 2.71 58.40
C ASN D 1610 -104.29 2.69 58.50
N HIS D 1611 -104.87 1.85 59.37
CA HIS D 1611 -106.31 1.77 59.52
C HIS D 1611 -106.66 1.42 60.95
N PHE D 1612 -107.89 1.71 61.33
CA PHE D 1612 -108.41 1.41 62.66
C PHE D 1612 -109.79 0.76 62.54
N LEU D 1613 -110.28 0.27 63.66
CA LEU D 1613 -111.61 -0.34 63.69
C LEU D 1613 -112.67 0.74 63.62
N GLN D 1614 -113.48 0.70 62.56
CA GLN D 1614 -114.53 1.69 62.38
C GLN D 1614 -115.67 1.54 63.38
N VAL D 1615 -115.78 0.38 64.04
CA VAL D 1615 -116.85 0.15 64.99
C VAL D 1615 -116.35 -0.64 66.18
N GLU D 1622 -126.15 2.60 72.45
CA GLU D 1622 -127.03 3.76 72.40
C GLU D 1622 -128.07 3.71 73.52
N ARG D 1623 -129.09 2.88 73.33
CA ARG D 1623 -130.16 2.69 74.30
C ARG D 1623 -130.17 1.25 74.78
N LEU D 1624 -130.98 1.01 75.81
CA LEU D 1624 -131.14 -0.31 76.42
C LEU D 1624 -129.79 -0.89 76.82
N GLY D 1625 -129.14 -0.21 77.75
CA GLY D 1625 -127.84 -0.66 78.22
C GLY D 1625 -126.66 -0.28 77.34
N TRP D 1626 -126.85 0.67 76.42
CA TRP D 1626 -125.78 1.22 75.60
C TRP D 1626 -125.09 0.11 74.79
N ALA D 1627 -125.87 -0.47 73.88
CA ALA D 1627 -125.37 -1.52 73.02
C ALA D 1627 -124.20 -1.02 72.17
N VAL D 1628 -123.14 -1.81 72.11
CA VAL D 1628 -121.95 -1.48 71.34
C VAL D 1628 -121.93 -2.33 70.08
N GLN D 1629 -121.58 -1.73 68.95
CA GLN D 1629 -121.57 -2.40 67.67
C GLN D 1629 -120.15 -2.48 67.12
N CYS D 1630 -119.80 -3.63 66.56
CA CYS D 1630 -118.50 -3.82 65.91
C CYS D 1630 -118.62 -5.01 64.97
N GLN D 1631 -118.41 -4.78 63.68
CA GLN D 1631 -118.57 -5.83 62.68
C GLN D 1631 -117.36 -6.02 61.78
N ASP D 1632 -116.65 -4.94 61.44
CA ASP D 1632 -115.61 -5.01 60.42
C ASP D 1632 -114.40 -5.79 60.94
N PRO D 1633 -113.95 -6.81 60.22
CA PRO D 1633 -112.75 -7.53 60.64
C PRO D 1633 -111.49 -6.88 60.10
N LEU D 1634 -110.37 -7.18 60.78
CA LEU D 1634 -109.07 -6.69 60.36
C LEU D 1634 -108.00 -7.50 61.08
N THR D 1635 -106.89 -7.76 60.39
CA THR D 1635 -105.80 -8.54 60.96
C THR D 1635 -104.47 -7.97 60.47
N MET D 1636 -103.41 -8.30 61.20
CA MET D 1636 -102.07 -7.80 60.92
C MET D 1636 -101.06 -8.79 61.48
N MET D 1637 -99.94 -8.92 60.77
CA MET D 1637 -98.90 -9.88 61.12
C MET D 1637 -97.64 -9.15 61.60
N ALA D 1638 -96.95 -9.75 62.56
CA ALA D 1638 -95.88 -9.06 63.25
C ALA D 1638 -94.90 -10.08 63.81
N LEU D 1639 -93.73 -9.57 64.21
CA LEU D 1639 -92.67 -10.42 64.73
C LEU D 1639 -92.93 -10.83 66.17
N HIS D 1640 -92.10 -11.74 66.66
CA HIS D 1640 -92.10 -12.13 68.07
C HIS D 1640 -90.66 -12.40 68.45
N ILE D 1641 -89.97 -11.38 68.95
CA ILE D 1641 -88.58 -11.53 69.36
C ILE D 1641 -88.53 -12.49 70.55
N PRO D 1642 -87.79 -13.58 70.47
CA PRO D 1642 -87.79 -14.57 71.56
C PRO D 1642 -87.02 -14.11 72.78
N GLU D 1643 -85.86 -13.49 72.56
CA GLU D 1643 -84.96 -13.16 73.67
C GLU D 1643 -85.62 -12.22 74.67
N GLU D 1644 -86.24 -11.15 74.20
CA GLU D 1644 -86.87 -10.20 75.11
C GLU D 1644 -88.34 -10.52 75.35
N ASN D 1645 -88.92 -11.42 74.56
CA ASN D 1645 -90.31 -11.86 74.73
C ASN D 1645 -91.28 -10.68 74.64
N ARG D 1646 -91.31 -10.07 73.45
CA ARG D 1646 -92.29 -9.04 73.15
C ARG D 1646 -92.62 -9.11 71.66
N CYS D 1647 -93.61 -8.33 71.26
CA CYS D 1647 -94.08 -8.29 69.89
C CYS D 1647 -93.88 -6.90 69.30
N MET D 1648 -93.62 -6.85 68.00
CA MET D 1648 -93.50 -5.58 67.29
C MET D 1648 -93.93 -5.80 65.84
N ASP D 1649 -94.48 -4.75 65.25
CA ASP D 1649 -95.01 -4.85 63.89
C ASP D 1649 -93.89 -5.06 62.89
N ILE D 1650 -94.21 -5.83 61.84
CA ILE D 1650 -93.26 -6.03 60.75
C ILE D 1650 -92.93 -4.72 60.04
N LEU D 1651 -93.87 -3.78 60.02
CA LEU D 1651 -93.64 -2.50 59.36
C LEU D 1651 -92.58 -1.67 60.06
N GLU D 1652 -92.33 -1.93 61.35
CA GLU D 1652 -91.34 -1.17 62.11
C GLU D 1652 -89.93 -1.39 61.59
N LEU D 1653 -89.69 -2.46 60.82
CA LEU D 1653 -88.35 -2.73 60.34
C LEU D 1653 -87.81 -1.65 59.42
N SER D 1654 -88.68 -0.89 58.77
CA SER D 1654 -88.25 0.19 57.89
C SER D 1654 -87.68 1.38 58.65
N GLU D 1655 -87.81 1.40 59.97
CA GLU D 1655 -87.30 2.48 60.81
C GLU D 1655 -86.04 2.10 61.57
N ARG D 1656 -85.88 0.82 61.92
CA ARG D 1656 -84.70 0.40 62.66
C ARG D 1656 -83.45 0.45 61.79
N LEU D 1657 -83.57 0.08 60.52
CA LEU D 1657 -82.52 0.09 59.52
C LEU D 1657 -81.38 -0.88 59.81
N ASP D 1658 -81.42 -1.60 60.93
CA ASP D 1658 -80.43 -2.62 61.22
C ASP D 1658 -81.04 -3.99 61.45
N LEU D 1659 -82.15 -4.07 62.17
CA LEU D 1659 -82.84 -5.34 62.32
C LEU D 1659 -83.44 -5.80 60.99
N GLN D 1660 -83.75 -4.87 60.09
CA GLN D 1660 -84.22 -5.27 58.77
C GLN D 1660 -83.13 -5.98 57.98
N ARG D 1661 -81.94 -5.39 57.92
CA ARG D 1661 -80.88 -5.96 57.09
C ARG D 1661 -80.44 -7.33 57.60
N PHE D 1662 -80.58 -7.57 58.91
CA PHE D 1662 -80.29 -8.90 59.42
C PHE D 1662 -81.35 -9.89 58.99
N HIS D 1663 -82.63 -9.53 59.13
CA HIS D 1663 -83.70 -10.46 58.79
C HIS D 1663 -83.73 -10.79 57.31
N SER D 1664 -83.19 -9.93 56.46
CA SER D 1664 -83.10 -10.25 55.04
C SER D 1664 -82.24 -11.48 54.82
N HIS D 1665 -81.15 -11.62 55.57
CA HIS D 1665 -80.32 -12.80 55.46
C HIS D 1665 -81.02 -14.05 55.95
N THR D 1666 -81.82 -13.95 57.01
CA THR D 1666 -82.62 -15.09 57.43
C THR D 1666 -83.58 -15.52 56.34
N LEU D 1667 -84.07 -14.56 55.55
CA LEU D 1667 -84.96 -14.87 54.44
C LEU D 1667 -84.27 -15.77 53.42
N ARG D 1668 -83.07 -15.38 52.97
CA ARG D 1668 -82.39 -16.15 51.95
C ARG D 1668 -81.81 -17.46 52.45
N LEU D 1669 -81.54 -17.58 53.76
CA LEU D 1669 -81.05 -18.85 54.28
C LEU D 1669 -82.06 -19.97 54.10
N TYR D 1670 -83.35 -19.63 54.13
CA TYR D 1670 -84.37 -20.66 53.89
C TYR D 1670 -84.26 -21.23 52.49
N ARG D 1671 -83.77 -20.44 51.53
CA ARG D 1671 -83.53 -20.98 50.20
C ARG D 1671 -82.28 -21.84 50.15
N ALA D 1672 -81.23 -21.47 50.89
CA ALA D 1672 -80.01 -22.28 50.89
C ALA D 1672 -80.26 -23.66 51.46
N VAL D 1673 -81.09 -23.72 52.50
CA VAL D 1673 -81.43 -25.03 53.13
C VAL D 1673 -82.55 -25.69 52.33
N CYS D 1674 -83.09 -25.01 51.32
CA CYS D 1674 -84.10 -25.71 50.49
C CYS D 1674 -83.35 -26.26 49.29
N ALA D 1675 -83.00 -25.37 48.36
CA ALA D 1675 -82.18 -25.77 47.20
C ALA D 1675 -82.87 -26.79 46.28
N LEU D 1676 -82.09 -27.41 45.40
CA LEU D 1676 -82.64 -28.37 44.41
C LEU D 1676 -83.33 -29.54 45.10
N GLY D 1677 -84.64 -29.67 44.91
CA GLY D 1677 -85.42 -30.79 45.48
C GLY D 1677 -85.38 -30.80 47.00
N ASN D 1678 -84.81 -31.85 47.59
CA ASN D 1678 -84.64 -31.92 49.06
C ASN D 1678 -86.01 -31.68 49.70
N ASN D 1679 -87.03 -32.23 49.07
CA ASN D 1679 -88.40 -31.97 49.57
C ASN D 1679 -88.51 -32.32 51.05
N ARG D 1680 -87.76 -33.32 51.53
CA ARG D 1680 -87.87 -33.60 52.96
C ARG D 1680 -87.81 -32.30 53.77
N VAL D 1681 -86.92 -31.39 53.39
CA VAL D 1681 -86.80 -30.11 54.09
C VAL D 1681 -87.89 -29.12 53.68
N ALA D 1682 -88.38 -29.20 52.44
CA ALA D 1682 -89.42 -28.27 52.01
C ALA D 1682 -90.68 -28.42 52.85
N HIS D 1683 -91.11 -29.65 53.11
CA HIS D 1683 -92.23 -29.86 54.02
C HIS D 1683 -91.88 -29.42 55.43
N ALA D 1684 -90.61 -29.59 55.82
CA ALA D 1684 -90.17 -29.21 57.15
C ALA D 1684 -90.06 -27.72 57.36
N LEU D 1685 -90.41 -26.92 56.35
CA LEU D 1685 -90.31 -25.47 56.46
C LEU D 1685 -91.66 -24.77 56.54
N CYS D 1686 -92.74 -25.39 56.06
CA CYS D 1686 -94.05 -24.74 56.10
C CYS D 1686 -94.49 -24.44 57.53
N SER D 1687 -94.25 -25.37 58.46
CA SER D 1687 -94.61 -25.10 59.85
C SER D 1687 -93.83 -23.93 60.42
N HIS D 1688 -92.55 -23.82 60.05
CA HIS D 1688 -91.72 -22.75 60.61
C HIS D 1688 -92.22 -21.37 60.20
N VAL D 1689 -92.59 -21.17 58.94
CA VAL D 1689 -92.93 -19.82 58.54
C VAL D 1689 -94.44 -19.63 58.51
N ASP D 1690 -95.11 -20.25 57.53
CA ASP D 1690 -96.56 -20.21 57.43
C ASP D 1690 -97.07 -20.90 56.17
N GLN D 1691 -98.40 -20.91 56.01
CA GLN D 1691 -99.05 -21.21 54.75
C GLN D 1691 -99.84 -20.02 54.20
N ALA D 1692 -100.48 -19.25 55.07
CA ALA D 1692 -101.41 -18.22 54.60
C ALA D 1692 -100.72 -16.88 54.36
N GLN D 1693 -99.85 -16.44 55.27
CA GLN D 1693 -99.33 -15.08 55.19
C GLN D 1693 -98.50 -14.84 53.94
N LEU D 1694 -97.94 -15.88 53.33
CA LEU D 1694 -97.22 -15.69 52.08
C LEU D 1694 -98.12 -15.11 51.01
N LEU D 1695 -99.40 -15.44 51.04
CA LEU D 1695 -100.40 -14.80 50.19
C LEU D 1695 -100.76 -13.41 50.69
N HIS D 1696 -100.67 -13.17 52.00
CA HIS D 1696 -100.98 -11.85 52.55
C HIS D 1696 -99.93 -10.82 52.17
N ALA D 1697 -98.73 -11.27 51.81
CA ALA D 1697 -97.69 -10.36 51.39
C ALA D 1697 -98.02 -9.66 50.07
N LEU D 1698 -99.03 -10.12 49.35
CA LEU D 1698 -99.38 -9.52 48.06
C LEU D 1698 -100.12 -8.22 48.25
N GLU D 1699 -101.25 -8.25 48.97
CA GLU D 1699 -102.09 -7.06 49.13
C GLU D 1699 -101.37 -5.92 49.83
N ASP D 1700 -100.31 -6.20 50.57
CA ASP D 1700 -99.54 -5.12 51.18
C ASP D 1700 -98.79 -4.34 50.11
N ALA D 1701 -98.75 -3.02 50.30
CA ALA D 1701 -98.01 -2.12 49.42
C ALA D 1701 -96.85 -1.46 50.12
N HIS D 1702 -97.03 -1.01 51.35
CA HIS D 1702 -95.99 -0.30 52.09
C HIS D 1702 -95.19 -1.30 52.92
N LEU D 1703 -93.95 -1.53 52.50
CA LEU D 1703 -92.95 -2.36 53.18
C LEU D 1703 -91.62 -2.13 52.47
N PRO D 1704 -90.47 -2.37 53.15
CA PRO D 1704 -89.21 -2.12 52.51
C PRO D 1704 -88.96 -3.25 51.52
N GLY D 1705 -88.66 -2.92 50.28
CA GLY D 1705 -88.37 -3.95 49.27
C GLY D 1705 -87.37 -4.97 49.76
N PRO D 1706 -86.10 -4.57 49.98
CA PRO D 1706 -85.08 -5.51 50.37
C PRO D 1706 -85.44 -6.46 51.51
N LEU D 1707 -86.42 -6.09 52.34
CA LEU D 1707 -86.67 -6.91 53.55
C LEU D 1707 -87.66 -8.00 53.28
N ARG D 1708 -88.65 -7.72 52.44
CA ARG D 1708 -89.69 -8.75 52.29
C ARG D 1708 -90.08 -8.86 50.84
N ALA D 1709 -89.71 -7.88 50.02
CA ALA D 1709 -90.00 -8.07 48.58
C ALA D 1709 -89.11 -9.22 48.09
N GLY D 1710 -88.36 -9.85 48.98
CA GLY D 1710 -87.61 -11.06 48.60
C GLY D 1710 -88.55 -12.25 48.64
N TYR D 1711 -89.61 -12.18 49.46
CA TYR D 1711 -90.53 -13.33 49.61
C TYR D 1711 -90.93 -13.91 48.24
N TYR D 1712 -91.23 -13.07 47.27
CA TYR D 1712 -91.61 -13.54 45.95
C TYR D 1712 -90.53 -14.39 45.29
N ASP D 1713 -89.39 -14.55 45.96
CA ASP D 1713 -88.42 -15.56 45.61
C ASP D 1713 -88.47 -16.74 46.58
N LEU D 1714 -88.85 -16.50 47.84
CA LEU D 1714 -88.99 -17.60 48.78
C LEU D 1714 -90.16 -18.50 48.41
N LEU D 1715 -91.30 -17.91 48.04
CA LEU D 1715 -92.42 -18.72 47.56
C LEU D 1715 -92.03 -19.51 46.33
N ILE D 1716 -91.19 -18.91 45.48
CA ILE D 1716 -90.64 -19.63 44.33
C ILE D 1716 -89.80 -20.81 44.80
N SER D 1717 -89.00 -20.60 45.84
CA SER D 1717 -88.01 -21.59 46.24
C SER D 1717 -88.61 -22.90 46.73
N ILE D 1718 -89.90 -22.94 47.06
CA ILE D 1718 -90.51 -24.16 47.58
C ILE D 1718 -91.69 -24.62 46.73
N HIS D 1719 -91.97 -23.94 45.62
CA HIS D 1719 -93.00 -24.42 44.71
C HIS D 1719 -92.66 -24.31 43.23
N LEU D 1720 -91.61 -23.58 42.86
CA LEU D 1720 -91.13 -23.61 41.47
C LEU D 1720 -90.16 -24.76 41.24
N GLU D 1721 -89.09 -24.80 42.02
CA GLU D 1721 -87.92 -25.62 41.73
C GLU D 1721 -88.27 -27.09 41.58
N SER D 1722 -89.12 -27.60 42.47
CA SER D 1722 -89.45 -29.02 42.46
C SER D 1722 -90.29 -29.43 41.25
N ALA D 1723 -90.88 -28.48 40.53
CA ALA D 1723 -91.69 -28.79 39.38
C ALA D 1723 -91.24 -28.12 38.10
N CYS D 1724 -90.81 -26.86 38.16
CA CYS D 1724 -90.46 -26.13 36.95
C CYS D 1724 -89.21 -26.71 36.29
N ARG D 1725 -88.19 -27.06 37.08
CA ARG D 1725 -86.98 -27.61 36.48
C ARG D 1725 -87.25 -28.92 35.75
N SER D 1726 -88.13 -29.76 36.31
CA SER D 1726 -88.53 -30.96 35.59
C SER D 1726 -89.24 -30.60 34.29
N ARG D 1727 -90.15 -29.62 34.33
CA ARG D 1727 -90.88 -29.23 33.12
C ARG D 1727 -89.96 -28.59 32.10
N ARG D 1728 -89.20 -27.57 32.52
CA ARG D 1728 -88.47 -26.72 31.59
C ARG D 1728 -87.42 -27.46 30.78
N SER D 1729 -86.66 -28.36 31.39
CA SER D 1729 -85.59 -29.04 30.67
C SER D 1729 -86.15 -29.94 29.58
N MET D 1730 -87.44 -30.27 29.66
CA MET D 1730 -88.11 -31.10 28.68
C MET D 1730 -88.75 -30.28 27.55
N LEU D 1731 -88.84 -28.96 27.72
CA LEU D 1731 -89.43 -28.13 26.67
C LEU D 1731 -88.60 -28.14 25.41
N SER D 1732 -87.31 -28.44 25.51
CA SER D 1732 -86.43 -28.49 24.34
C SER D 1732 -86.57 -29.83 23.62
N GLU D 1733 -87.81 -30.20 23.32
CA GLU D 1733 -88.12 -31.46 22.65
C GLU D 1733 -89.57 -31.39 22.21
N TYR D 1734 -89.85 -31.83 20.98
CA TYR D 1734 -91.19 -31.77 20.42
C TYR D 1734 -91.63 -33.16 20.00
N ILE D 1735 -92.73 -33.63 20.58
CA ILE D 1735 -93.28 -34.96 20.28
C ILE D 1735 -94.79 -34.82 20.20
N VAL D 1736 -95.39 -35.50 19.23
CA VAL D 1736 -96.84 -35.40 19.04
C VAL D 1736 -97.43 -36.77 18.72
N PRO D 1737 -98.53 -37.15 19.36
CA PRO D 1737 -99.22 -38.39 18.99
C PRO D 1737 -100.27 -38.15 17.93
N LEU D 1738 -100.99 -39.21 17.56
CA LEU D 1738 -102.08 -39.12 16.59
C LEU D 1738 -103.40 -39.06 17.35
N THR D 1739 -104.02 -37.90 17.37
CA THR D 1739 -105.30 -37.66 18.02
C THR D 1739 -106.23 -36.90 17.08
N PRO D 1740 -107.54 -36.98 17.29
CA PRO D 1740 -108.45 -36.15 16.48
C PRO D 1740 -108.15 -34.66 16.56
N GLU D 1741 -107.75 -34.16 17.74
CA GLU D 1741 -107.31 -32.78 17.85
C GLU D 1741 -106.05 -32.55 17.03
N THR D 1742 -105.12 -33.51 17.06
CA THR D 1742 -103.92 -33.40 16.23
C THR D 1742 -104.27 -33.38 14.75
N ARG D 1743 -105.32 -34.08 14.35
CA ARG D 1743 -105.66 -34.18 12.94
C ARG D 1743 -106.05 -32.84 12.33
N ALA D 1744 -106.48 -31.88 13.14
CA ALA D 1744 -106.90 -30.56 12.65
C ALA D 1744 -106.20 -29.47 13.45
N ILE D 1745 -104.98 -29.12 13.03
CA ILE D 1745 -104.29 -27.97 13.60
C ILE D 1745 -103.38 -27.36 12.54
N THR D 1746 -103.57 -26.09 12.26
CA THR D 1746 -102.78 -25.32 11.31
C THR D 1746 -102.97 -23.84 11.67
N LEU D 1747 -102.60 -22.95 10.76
CA LEU D 1747 -102.88 -21.54 10.96
C LEU D 1747 -104.36 -21.32 11.24
N PHE D 1748 -105.22 -21.88 10.39
CA PHE D 1748 -106.67 -21.90 10.49
C PHE D 1748 -107.26 -20.61 11.05
N PRO D 1749 -107.14 -19.48 10.35
CA PRO D 1749 -107.82 -18.26 10.81
C PRO D 1749 -109.26 -18.23 10.35
N PRO D 1750 -110.22 -18.32 11.28
CA PRO D 1750 -111.65 -18.29 10.88
C PRO D 1750 -112.06 -16.87 10.55
N GLY D 1751 -112.31 -16.60 9.27
CA GLY D 1751 -112.70 -15.28 8.85
C GLY D 1751 -113.02 -15.16 7.38
N ARG D 1752 -112.61 -14.06 6.76
CA ARG D 1752 -112.84 -13.80 5.35
C ARG D 1752 -111.71 -14.33 4.47
N LYS D 1753 -111.04 -15.39 4.89
CA LYS D 1753 -109.92 -16.04 4.20
C LYS D 1753 -108.70 -15.15 4.10
N GLY D 1754 -108.78 -13.90 4.57
CA GLY D 1754 -107.64 -13.02 4.60
C GLY D 1754 -106.75 -13.18 5.80
N GLY D 1755 -107.17 -13.97 6.79
CA GLY D 1755 -106.35 -14.17 7.98
C GLY D 1755 -105.04 -14.87 7.67
N ASN D 1756 -104.99 -15.64 6.58
CA ASN D 1756 -103.73 -16.20 6.14
C ASN D 1756 -102.75 -15.10 5.76
N ALA D 1757 -103.22 -14.06 5.08
CA ALA D 1757 -102.39 -12.91 4.79
C ALA D 1757 -102.42 -11.87 5.90
N ARG D 1758 -103.38 -11.95 6.80
CA ARG D 1758 -103.49 -11.02 7.92
C ARG D 1758 -102.64 -11.54 9.09
N ARG D 1759 -102.81 -10.95 10.27
CA ARG D 1759 -102.07 -11.42 11.44
C ARG D 1759 -102.34 -12.89 11.69
N HIS D 1760 -101.28 -13.61 12.06
CA HIS D 1760 -101.39 -15.06 12.22
C HIS D 1760 -102.37 -15.43 13.31
N GLY D 1761 -102.59 -14.55 14.28
CA GLY D 1761 -103.48 -14.83 15.39
C GLY D 1761 -102.91 -14.34 16.69
N LEU D 1762 -103.06 -15.14 17.75
CA LEU D 1762 -102.55 -14.78 19.06
C LEU D 1762 -101.82 -15.98 19.65
N PRO D 1763 -100.61 -15.80 20.18
CA PRO D 1763 -99.97 -16.88 20.94
C PRO D 1763 -100.78 -17.21 22.17
N GLY D 1764 -100.56 -18.40 22.70
CA GLY D 1764 -101.45 -18.90 23.74
C GLY D 1764 -102.72 -19.46 23.14
N VAL D 1765 -102.57 -20.57 22.42
CA VAL D 1765 -103.64 -21.18 21.64
C VAL D 1765 -103.96 -22.51 22.27
N GLY D 1766 -104.90 -23.27 21.68
CA GLY D 1766 -105.40 -24.49 22.27
C GLY D 1766 -104.39 -25.62 22.43
N VAL D 1767 -104.91 -26.85 22.55
CA VAL D 1767 -104.09 -27.98 22.99
C VAL D 1767 -102.92 -28.18 22.04
N THR D 1768 -101.71 -28.24 22.61
CA THR D 1768 -100.51 -28.52 21.84
C THR D 1768 -100.19 -30.01 21.76
N THR D 1769 -100.95 -30.85 22.46
CA THR D 1769 -100.85 -32.31 22.35
C THR D 1769 -99.47 -32.85 22.70
N SER D 1770 -98.61 -32.01 23.27
CA SER D 1770 -97.32 -32.49 23.73
C SER D 1770 -97.50 -33.25 25.04
N LEU D 1771 -96.72 -34.32 25.19
CA LEU D 1771 -96.84 -35.20 26.36
C LEU D 1771 -96.27 -34.47 27.57
N ARG D 1772 -97.16 -33.86 28.34
CA ARG D 1772 -96.77 -33.12 29.54
C ARG D 1772 -97.36 -33.82 30.76
N PRO D 1773 -96.58 -34.59 31.51
CA PRO D 1773 -97.12 -35.34 32.64
C PRO D 1773 -97.51 -34.41 33.77
N PRO D 1774 -98.43 -34.85 34.64
CA PRO D 1774 -98.84 -34.01 35.77
C PRO D 1774 -97.72 -33.87 36.78
N HIS D 1775 -97.90 -32.88 37.67
CA HIS D 1775 -96.84 -32.47 38.58
C HIS D 1775 -96.81 -33.24 39.89
N HIS D 1776 -97.95 -33.76 40.34
CA HIS D 1776 -98.03 -34.64 41.51
C HIS D 1776 -97.51 -33.94 42.77
N PHE D 1777 -98.24 -32.92 43.18
CA PHE D 1777 -97.98 -32.28 44.47
C PHE D 1777 -98.51 -33.17 45.60
N SER D 1778 -98.16 -32.81 46.83
CA SER D 1778 -98.57 -33.57 48.00
C SER D 1778 -99.00 -32.62 49.11
N PRO D 1779 -100.12 -32.88 49.77
CA PRO D 1779 -100.57 -31.99 50.85
C PRO D 1779 -99.62 -32.05 52.03
N PRO D 1780 -99.17 -30.91 52.53
CA PRO D 1780 -98.26 -30.90 53.69
C PRO D 1780 -98.96 -31.31 54.97
N CYS D 1781 -98.22 -31.99 55.84
CA CYS D 1781 -98.77 -32.43 57.11
C CYS D 1781 -97.65 -32.91 58.02
N PHE D 1782 -97.77 -32.57 59.30
CA PHE D 1782 -96.95 -33.14 60.36
C PHE D 1782 -97.73 -33.96 61.37
N VAL D 1783 -99.05 -33.78 61.45
CA VAL D 1783 -99.87 -34.54 62.39
C VAL D 1783 -99.93 -36.03 62.07
N ALA D 1784 -99.65 -36.41 60.83
CA ALA D 1784 -99.64 -37.82 60.47
C ALA D 1784 -98.39 -38.50 61.03
N ALA D 1785 -98.41 -39.83 61.00
CA ALA D 1785 -97.30 -40.61 61.51
C ALA D 1785 -96.07 -40.43 60.64
N LEU D 1786 -94.90 -40.51 61.26
CA LEU D 1786 -93.65 -40.40 60.53
C LEU D 1786 -93.44 -41.62 59.64
N PRO D 1787 -92.83 -41.45 58.47
CA PRO D 1787 -92.63 -42.58 57.55
C PRO D 1787 -91.66 -43.60 58.13
N ALA D 1788 -91.87 -44.86 57.78
CA ALA D 1788 -91.05 -45.97 58.24
C ALA D 1788 -90.95 -46.00 59.77
N GLU D 1793 -85.39 -44.52 51.66
CA GLU D 1793 -86.02 -45.84 51.52
C GLU D 1793 -87.32 -45.74 50.71
N ALA D 1794 -87.80 -44.52 50.53
CA ALA D 1794 -89.05 -44.28 49.82
C ALA D 1794 -89.07 -42.84 49.36
N PRO D 1795 -89.91 -42.50 48.38
CA PRO D 1795 -90.01 -41.09 47.96
C PRO D 1795 -90.65 -40.24 49.04
N ALA D 1796 -89.83 -39.80 50.00
CA ALA D 1796 -90.27 -39.14 51.22
C ALA D 1796 -91.37 -38.11 50.98
N ARG D 1797 -91.10 -37.12 50.15
CA ARG D 1797 -92.08 -36.08 49.86
C ARG D 1797 -92.03 -35.73 48.39
N LEU D 1798 -93.19 -35.46 47.81
CA LEU D 1798 -93.25 -34.99 46.43
C LEU D 1798 -93.01 -33.49 46.35
N SER D 1799 -93.91 -32.70 46.95
CA SER D 1799 -93.81 -31.26 47.06
C SER D 1799 -94.95 -30.75 47.94
N PRO D 1800 -94.74 -29.71 48.73
CA PRO D 1800 -95.86 -29.13 49.47
C PRO D 1800 -96.91 -28.59 48.52
N ALA D 1801 -98.18 -28.72 48.91
CA ALA D 1801 -99.30 -28.38 48.06
C ALA D 1801 -99.89 -27.03 48.44
N ILE D 1802 -100.29 -26.29 47.42
CA ILE D 1802 -101.00 -25.02 47.62
C ILE D 1802 -102.05 -24.86 46.53
N PRO D 1803 -103.26 -24.47 46.93
CA PRO D 1803 -104.33 -24.28 45.93
C PRO D 1803 -103.98 -23.20 44.93
N LEU D 1804 -103.75 -23.62 43.68
CA LEU D 1804 -103.26 -22.71 42.65
C LEU D 1804 -104.34 -21.92 41.94
N GLU D 1805 -105.57 -22.43 41.92
CA GLU D 1805 -106.65 -21.71 41.25
C GLU D 1805 -106.88 -20.34 41.87
N ALA D 1806 -106.91 -20.26 43.21
CA ALA D 1806 -106.97 -18.97 43.87
C ALA D 1806 -105.67 -18.20 43.71
N LEU D 1807 -104.54 -18.92 43.74
CA LEU D 1807 -103.25 -18.28 43.55
C LEU D 1807 -103.13 -17.66 42.18
N ARG D 1808 -103.64 -18.33 41.14
CA ARG D 1808 -103.55 -17.78 39.79
C ARG D 1808 -104.29 -16.47 39.67
N ASP D 1809 -105.48 -16.36 40.28
CA ASP D 1809 -106.24 -15.14 40.22
C ASP D 1809 -105.61 -14.02 41.05
N LYS D 1810 -105.03 -14.36 42.20
CA LYS D 1810 -104.49 -13.34 43.09
C LYS D 1810 -103.22 -12.71 42.52
N ALA D 1811 -102.35 -13.50 41.90
CA ALA D 1811 -101.12 -12.95 41.34
C ALA D 1811 -101.40 -12.10 40.10
N LEU D 1812 -102.36 -12.51 39.28
CA LEU D 1812 -102.61 -11.81 38.02
C LEU D 1812 -103.10 -10.39 38.25
N ARG D 1813 -104.00 -10.20 39.22
CA ARG D 1813 -104.63 -8.90 39.42
C ARG D 1813 -103.64 -7.81 39.81
N MET D 1814 -102.52 -8.16 40.44
CA MET D 1814 -101.51 -7.16 40.77
C MET D 1814 -100.75 -6.68 39.53
N LEU D 1815 -100.57 -7.54 38.53
CA LEU D 1815 -99.82 -7.14 37.35
C LEU D 1815 -100.44 -5.94 36.67
N GLY D 1816 -101.74 -6.01 36.37
CA GLY D 1816 -102.42 -4.87 35.80
C GLY D 1816 -102.52 -3.70 36.77
N GLU D 1817 -102.69 -3.99 38.05
CA GLU D 1817 -102.75 -2.93 39.05
C GLU D 1817 -101.44 -2.15 39.12
N ALA D 1818 -100.31 -2.85 39.05
CA ALA D 1818 -99.02 -2.18 39.05
C ALA D 1818 -98.84 -1.30 37.82
N VAL D 1819 -99.29 -1.79 36.65
CA VAL D 1819 -99.17 -1.00 35.43
C VAL D 1819 -100.11 0.21 35.50
N ARG D 1820 -101.35 0.00 35.93
CA ARG D 1820 -102.29 1.11 36.02
C ARG D 1820 -101.81 2.16 37.01
N ASP D 1821 -101.29 1.73 38.15
CA ASP D 1821 -100.72 2.67 39.11
C ASP D 1821 -99.38 3.22 38.69
N GLY D 1822 -98.68 2.53 37.78
CA GLY D 1822 -97.38 3.01 37.35
C GLY D 1822 -97.44 4.20 36.43
N GLY D 1823 -98.58 4.41 35.77
CA GLY D 1823 -98.73 5.52 34.84
C GLY D 1823 -98.86 6.88 35.49
N GLN D 1824 -99.22 6.94 36.77
CA GLN D 1824 -99.41 8.21 37.45
C GLN D 1824 -98.09 8.90 37.78
N HIS D 1825 -96.96 8.20 37.65
CA HIS D 1825 -95.64 8.77 37.92
C HIS D 1825 -95.55 9.36 39.33
N ALA D 1826 -96.19 8.71 40.29
CA ALA D 1826 -96.19 9.18 41.65
C ALA D 1826 -94.91 8.79 42.38
N ARG D 1827 -94.54 9.62 43.35
CA ARG D 1827 -93.43 9.32 44.26
C ARG D 1827 -93.84 8.36 45.37
N ASP D 1828 -94.90 7.59 45.16
CA ASP D 1828 -95.28 6.60 46.14
C ASP D 1828 -95.09 5.19 45.55
N PRO D 1829 -93.85 4.83 45.22
CA PRO D 1829 -93.63 3.53 44.57
C PRO D 1829 -93.33 2.42 45.55
N VAL D 1830 -94.12 1.36 45.53
CA VAL D 1830 -93.87 0.23 46.40
C VAL D 1830 -92.39 -0.12 46.37
N GLY D 1831 -91.76 -0.17 47.53
CA GLY D 1831 -90.35 -0.47 47.60
C GLY D 1831 -89.44 0.72 47.57
N GLY D 1832 -89.95 1.91 47.29
CA GLY D 1832 -89.14 3.10 47.27
C GLY D 1832 -88.72 3.51 45.87
N SER D 1833 -88.40 2.53 45.04
CA SER D 1833 -87.91 2.79 43.69
C SER D 1833 -88.75 2.03 42.68
N VAL D 1834 -88.67 2.47 41.41
CA VAL D 1834 -89.38 1.79 40.34
C VAL D 1834 -88.83 0.39 40.16
N GLU D 1835 -87.56 0.17 40.48
CA GLU D 1835 -86.98 -1.16 40.37
C GLU D 1835 -87.74 -2.17 41.21
N PHE D 1836 -88.01 -1.84 42.47
CA PHE D 1836 -88.84 -2.70 43.29
C PHE D 1836 -90.33 -2.51 43.03
N GLN D 1837 -90.73 -1.40 42.38
CA GLN D 1837 -92.13 -1.23 42.03
C GLN D 1837 -92.58 -2.31 41.05
N PHE D 1838 -91.78 -2.54 40.01
CA PHE D 1838 -91.95 -3.73 39.17
C PHE D 1838 -91.25 -4.91 39.84
N VAL D 1839 -91.71 -5.16 41.05
CA VAL D 1839 -91.31 -6.23 41.95
C VAL D 1839 -91.31 -7.56 41.19
N PRO D 1840 -90.52 -8.55 41.61
CA PRO D 1840 -90.48 -9.83 40.89
C PRO D 1840 -91.81 -10.57 40.81
N VAL D 1841 -92.90 -9.95 41.24
CA VAL D 1841 -94.23 -10.44 40.86
C VAL D 1841 -94.26 -10.68 39.35
N LEU D 1842 -93.60 -9.81 38.59
CA LEU D 1842 -93.42 -10.07 37.16
C LEU D 1842 -92.66 -11.38 36.94
N LYS D 1843 -91.61 -11.61 37.72
CA LYS D 1843 -90.92 -12.90 37.66
C LYS D 1843 -91.86 -14.04 38.04
N LEU D 1844 -92.69 -13.83 39.06
CA LEU D 1844 -93.67 -14.84 39.44
C LEU D 1844 -94.67 -15.12 38.31
N VAL D 1845 -95.05 -14.09 37.55
CA VAL D 1845 -95.96 -14.30 36.44
C VAL D 1845 -95.33 -15.23 35.40
N SER D 1846 -94.05 -14.99 35.07
CA SER D 1846 -93.35 -15.86 34.14
C SER D 1846 -93.26 -17.28 34.66
N THR D 1847 -93.20 -17.46 35.98
CA THR D 1847 -93.15 -18.80 36.56
C THR D 1847 -94.40 -19.59 36.20
N LEU D 1848 -95.58 -19.02 36.46
CA LEU D 1848 -96.81 -19.72 36.16
C LEU D 1848 -97.09 -19.80 34.67
N LEU D 1849 -96.53 -18.89 33.88
CA LEU D 1849 -96.76 -18.92 32.44
C LEU D 1849 -96.14 -20.16 31.81
N VAL D 1850 -94.92 -20.52 32.20
CA VAL D 1850 -94.30 -21.73 31.67
C VAL D 1850 -94.96 -22.99 32.23
N MET D 1851 -95.61 -22.88 33.38
CA MET D 1851 -96.33 -24.02 33.96
C MET D 1851 -97.62 -24.33 33.25
N GLY D 1852 -98.12 -23.41 32.41
CA GLY D 1852 -99.39 -23.64 31.74
C GLY D 1852 -100.59 -23.46 32.63
N ILE D 1853 -100.42 -22.87 33.81
CA ILE D 1853 -101.53 -22.71 34.74
C ILE D 1853 -102.58 -21.77 34.15
N PHE D 1854 -102.15 -20.77 33.40
CA PHE D 1854 -103.08 -19.84 32.78
C PHE D 1854 -103.92 -20.55 31.72
N GLY D 1855 -105.16 -20.09 31.58
CA GLY D 1855 -106.05 -20.63 30.58
C GLY D 1855 -105.95 -19.90 29.25
N ASP D 1856 -106.83 -20.23 28.31
CA ASP D 1856 -106.79 -19.57 27.00
C ASP D 1856 -107.12 -18.09 27.12
N GLU D 1857 -108.12 -17.74 27.92
CA GLU D 1857 -108.45 -16.34 28.13
C GLU D 1857 -107.42 -15.66 29.01
N ASP D 1858 -106.83 -16.38 29.97
CA ASP D 1858 -105.89 -15.77 30.91
C ASP D 1858 -104.67 -15.21 30.19
N VAL D 1859 -104.09 -15.98 29.26
CA VAL D 1859 -102.96 -15.48 28.50
C VAL D 1859 -103.39 -14.30 27.63
N LYS D 1860 -104.62 -14.34 27.12
CA LYS D 1860 -105.15 -13.19 26.40
C LYS D 1860 -105.25 -11.97 27.31
N GLN D 1861 -105.64 -12.19 28.57
CA GLN D 1861 -105.66 -11.08 29.53
C GLN D 1861 -104.27 -10.53 29.78
N ILE D 1862 -103.27 -11.40 29.84
CA ILE D 1862 -101.89 -10.97 30.02
C ILE D 1862 -101.43 -10.08 28.88
N LEU D 1863 -101.76 -10.43 27.64
CA LEU D 1863 -101.35 -9.62 26.50
C LEU D 1863 -101.90 -8.21 26.55
N LYS D 1864 -102.96 -7.98 27.34
CA LYS D 1864 -103.58 -6.67 27.43
C LYS D 1864 -102.66 -5.62 28.03
N MET D 1865 -101.55 -6.03 28.66
CA MET D 1865 -100.55 -5.07 29.09
C MET D 1865 -99.77 -4.48 27.92
N ILE D 1866 -99.79 -5.13 26.76
CA ILE D 1866 -99.23 -4.60 25.53
C ILE D 1866 -100.36 -4.56 24.51
N GLU D 1867 -101.58 -4.34 25.02
CA GLU D 1867 -102.79 -4.41 24.19
C GLU D 1867 -102.74 -3.56 22.92
N PRO D 1868 -102.30 -2.30 22.94
CA PRO D 1868 -102.31 -1.51 21.70
C PRO D 1868 -101.52 -2.14 20.57
N GLU D 1869 -100.39 -2.79 20.89
CA GLU D 1869 -99.64 -3.52 19.87
C GLU D 1869 -100.25 -4.88 19.58
N VAL D 1870 -100.86 -5.52 20.59
CA VAL D 1870 -101.53 -6.79 20.37
C VAL D 1870 -102.71 -6.61 19.42
N PHE D 1871 -103.52 -5.58 19.65
CA PHE D 1871 -104.66 -5.24 18.79
C PHE D 1871 -105.60 -6.44 18.64
N THR D 1872 -106.18 -6.81 19.79
CA THR D 1872 -107.09 -7.94 19.85
C THR D 1872 -108.11 -7.88 18.73
N GLU D 1873 -108.33 -9.04 18.09
CA GLU D 1873 -109.15 -9.09 16.88
C GLU D 1873 -110.59 -8.69 17.12
N GLU D 1874 -111.05 -8.70 18.36
CA GLU D 1874 -112.43 -8.30 18.68
C GLU D 1874 -112.65 -6.83 18.37
N LEU D 1922 -105.27 7.32 28.90
CA LEU D 1922 -105.30 6.12 28.07
C LEU D 1922 -104.46 5.01 28.67
N GLU D 1923 -104.83 3.76 28.36
CA GLU D 1923 -104.11 2.60 28.87
C GLU D 1923 -102.81 2.44 28.07
N GLU D 1924 -101.79 3.16 28.53
CA GLU D 1924 -100.49 3.12 27.87
C GLU D 1924 -99.89 1.73 27.98
N GLY D 1925 -99.21 1.29 26.93
CA GLY D 1925 -98.60 -0.02 26.93
C GLY D 1925 -97.43 -0.10 27.88
N LEU D 1926 -97.06 -1.33 28.21
CA LEU D 1926 -96.02 -1.55 29.21
C LEU D 1926 -94.63 -1.24 28.66
N LEU D 1927 -94.46 -1.35 27.34
CA LEU D 1927 -93.14 -1.11 26.74
C LEU D 1927 -92.75 0.36 26.76
N GLN D 1928 -93.70 1.27 26.94
CA GLN D 1928 -93.40 2.69 26.87
C GLN D 1928 -92.71 3.23 28.12
N MET D 1929 -92.96 2.67 29.29
CA MET D 1929 -92.34 3.18 30.50
C MET D 1929 -90.86 2.83 30.54
N LYS D 1930 -90.05 3.84 30.89
CA LYS D 1930 -88.59 3.70 30.89
C LYS D 1930 -88.19 2.86 32.10
N LEU D 1931 -88.02 1.57 31.87
CA LEU D 1931 -87.57 0.67 32.93
C LEU D 1931 -86.05 0.69 32.99
N PRO D 1932 -85.46 1.14 34.10
CA PRO D 1932 -84.08 1.61 34.06
C PRO D 1932 -83.02 0.61 33.64
N GLU D 1933 -82.82 -0.46 34.42
CA GLU D 1933 -81.69 -1.34 34.12
C GLU D 1933 -82.03 -2.82 34.12
N SER D 1934 -82.86 -3.26 35.06
CA SER D 1934 -83.02 -4.68 35.31
C SER D 1934 -84.40 -5.21 34.95
N VAL D 1935 -85.41 -4.35 34.91
CA VAL D 1935 -86.74 -4.83 34.53
C VAL D 1935 -86.73 -5.32 33.09
N LYS D 1936 -85.82 -4.79 32.26
CA LYS D 1936 -85.77 -5.19 30.87
C LYS D 1936 -85.42 -6.67 30.72
N LEU D 1937 -84.42 -7.16 31.47
CA LEU D 1937 -84.06 -8.57 31.34
C LEU D 1937 -85.19 -9.47 31.80
N GLN D 1938 -85.90 -9.10 32.86
CA GLN D 1938 -87.14 -9.80 33.19
C GLN D 1938 -88.20 -9.58 32.12
N MET D 1939 -88.32 -8.36 31.60
CA MET D 1939 -89.19 -8.14 30.45
C MET D 1939 -88.75 -8.98 29.26
N CYS D 1940 -87.45 -9.03 29.00
CA CYS D 1940 -86.94 -9.91 27.95
C CYS D 1940 -87.20 -11.38 28.28
N ASN D 1941 -87.04 -11.76 29.55
CA ASN D 1941 -87.25 -13.15 29.92
C ASN D 1941 -88.70 -13.58 29.75
N LEU D 1942 -89.65 -12.64 29.82
CA LEU D 1942 -91.03 -13.00 29.57
C LEU D 1942 -91.25 -13.27 28.09
N LEU D 1943 -90.39 -12.72 27.23
CA LEU D 1943 -90.59 -12.84 25.79
C LEU D 1943 -90.21 -14.20 25.21
N GLU D 1944 -89.27 -14.93 25.81
CA GLU D 1944 -88.92 -16.22 25.21
C GLU D 1944 -90.10 -17.19 25.22
N TYR D 1945 -91.04 -17.04 26.14
CA TYR D 1945 -92.15 -17.98 26.16
C TYR D 1945 -93.01 -17.82 24.91
N PHE D 1946 -93.31 -16.59 24.52
CA PHE D 1946 -94.16 -16.37 23.36
C PHE D 1946 -93.50 -16.81 22.06
N CYS D 1947 -92.22 -16.46 21.86
CA CYS D 1947 -91.53 -16.93 20.67
C CYS D 1947 -91.36 -18.44 20.70
N ASP D 1948 -91.22 -19.04 21.88
CA ASP D 1948 -91.16 -20.48 21.98
C ASP D 1948 -92.50 -21.12 21.64
N GLN D 1949 -93.61 -20.49 22.06
CA GLN D 1949 -94.92 -21.03 21.74
C GLN D 1949 -95.17 -21.04 20.24
N GLU D 1950 -94.78 -19.98 19.54
CA GLU D 1950 -95.01 -19.92 18.10
C GLU D 1950 -94.25 -21.02 17.37
N LEU D 1951 -92.98 -21.23 17.74
CA LEU D 1951 -92.20 -22.29 17.11
C LEU D 1951 -92.78 -23.66 17.42
N GLN D 1952 -93.17 -23.90 18.67
CA GLN D 1952 -93.79 -25.17 19.03
C GLN D 1952 -95.11 -25.36 18.29
N HIS D 1953 -95.90 -24.28 18.16
CA HIS D 1953 -97.13 -24.37 17.38
C HIS D 1953 -96.84 -24.64 15.92
N ARG D 1954 -95.81 -24.01 15.36
CA ARG D 1954 -95.48 -24.20 13.95
C ARG D 1954 -95.07 -25.64 13.65
N VAL D 1955 -94.25 -26.24 14.51
CA VAL D 1955 -93.83 -27.62 14.28
C VAL D 1955 -95.01 -28.57 14.43
N GLU D 1956 -95.91 -28.30 15.37
CA GLU D 1956 -97.07 -29.16 15.56
C GLU D 1956 -97.98 -29.14 14.32
N SER D 1957 -98.14 -27.97 13.71
CA SER D 1957 -98.96 -27.88 12.50
C SER D 1957 -98.35 -28.69 11.36
N LEU D 1958 -97.02 -28.67 11.23
CA LEU D 1958 -96.37 -29.47 10.19
C LEU D 1958 -96.65 -30.96 10.38
N ALA D 1959 -96.63 -31.43 11.62
CA ALA D 1959 -96.89 -32.84 11.89
C ALA D 1959 -98.31 -33.23 11.51
N ALA D 1960 -99.28 -32.33 11.74
CA ALA D 1960 -100.66 -32.63 11.35
C ALA D 1960 -100.76 -32.82 9.84
N PHE D 1961 -100.11 -31.96 9.08
CA PHE D 1961 -100.13 -32.10 7.62
C PHE D 1961 -99.39 -33.35 7.17
N ALA D 1962 -98.26 -33.66 7.81
CA ALA D 1962 -97.43 -34.78 7.40
C ALA D 1962 -98.06 -36.12 7.73
N GLU D 1963 -99.14 -36.15 8.50
CA GLU D 1963 -99.82 -37.40 8.82
C GLU D 1963 -101.07 -37.64 7.99
N ARG D 1964 -101.78 -36.58 7.59
CA ARG D 1964 -102.88 -36.76 6.66
C ARG D 1964 -102.40 -36.99 5.23
N TYR D 1965 -101.27 -36.40 4.85
CA TYR D 1965 -100.77 -36.56 3.48
C TYR D 1965 -100.10 -37.91 3.29
N VAL D 1966 -99.46 -38.44 4.34
CA VAL D 1966 -98.86 -39.77 4.22
C VAL D 1966 -99.94 -40.85 4.12
N ASP D 1967 -101.14 -40.58 4.62
CA ASP D 1967 -102.24 -41.53 4.44
C ASP D 1967 -102.63 -41.65 2.98
N LYS D 1968 -102.63 -40.53 2.25
CA LYS D 1968 -102.97 -40.52 0.83
C LYS D 1968 -101.76 -40.75 -0.06
N LEU D 1969 -100.58 -40.98 0.53
CA LEU D 1969 -99.36 -41.22 -0.24
C LEU D 1969 -99.13 -42.70 -0.51
N GLN D 1970 -98.98 -43.51 0.54
CA GLN D 1970 -98.80 -44.94 0.34
C GLN D 1970 -100.06 -45.58 -0.22
N ALA D 1971 -101.23 -44.99 0.01
CA ALA D 1971 -102.45 -45.47 -0.62
C ALA D 1971 -102.45 -45.28 -2.13
N ASN D 1972 -101.92 -44.16 -2.62
CA ASN D 1972 -101.77 -43.98 -4.06
C ASN D 1972 -100.71 -44.92 -4.62
N GLN D 1973 -99.58 -45.05 -3.90
CA GLN D 1973 -98.55 -45.99 -4.32
C GLN D 1973 -99.06 -47.41 -4.34
N ARG D 1974 -99.82 -47.81 -3.32
CA ARG D 1974 -100.45 -49.13 -3.33
C ARG D 1974 -101.50 -49.22 -4.44
N SER D 1975 -102.22 -48.13 -4.67
CA SER D 1975 -103.09 -48.06 -5.84
C SER D 1975 -102.27 -48.10 -7.13
N ARG D 1976 -101.12 -47.41 -7.14
CA ARG D 1976 -100.20 -47.51 -8.26
C ARG D 1976 -99.57 -48.90 -8.35
N TYR D 1977 -99.33 -49.56 -7.22
CA TYR D 1977 -98.80 -50.92 -7.24
C TYR D 1977 -99.77 -51.89 -7.89
N ALA D 1978 -101.07 -51.61 -7.81
CA ALA D 1978 -102.05 -52.43 -8.51
C ALA D 1978 -102.02 -52.18 -10.01
N LEU D 1979 -101.64 -50.96 -10.43
CA LEU D 1979 -101.52 -50.66 -11.85
C LEU D 1979 -100.34 -51.38 -12.50
N LEU D 1980 -99.34 -51.78 -11.73
CA LEU D 1980 -98.22 -52.56 -12.23
C LEU D 1980 -98.34 -54.04 -11.89
N MET D 1981 -99.50 -54.46 -11.40
CA MET D 1981 -99.78 -55.87 -11.14
C MET D 1981 -100.87 -56.41 -12.06
N ARG D 1982 -102.04 -55.76 -12.07
CA ARG D 1982 -103.10 -56.14 -12.98
C ARG D 1982 -102.84 -55.66 -14.41
N ALA D 1983 -102.17 -54.54 -14.58
CA ALA D 1983 -101.84 -53.98 -15.90
C ALA D 1983 -100.34 -53.71 -15.98
N PHE D 1984 -99.55 -54.71 -15.60
CA PHE D 1984 -98.09 -54.56 -15.58
C PHE D 1984 -97.55 -54.27 -16.98
N THR D 1985 -98.05 -54.99 -17.99
CA THR D 1985 -97.56 -54.91 -19.36
C THR D 1985 -96.05 -55.16 -19.40
N MET D 1986 -95.70 -56.36 -18.97
CA MET D 1986 -94.29 -56.73 -18.80
C MET D 1986 -93.54 -56.62 -20.11
N SER D 1987 -92.46 -55.84 -20.10
CA SER D 1987 -91.61 -55.63 -21.27
C SER D 1987 -90.25 -55.16 -20.77
N ALA D 1988 -89.42 -54.67 -21.68
CA ALA D 1988 -88.10 -54.16 -21.32
C ALA D 1988 -88.18 -52.92 -20.43
N ALA D 1989 -89.11 -52.00 -20.69
CA ALA D 1989 -89.26 -50.82 -19.84
C ALA D 1989 -89.98 -51.16 -18.54
N GLU D 1990 -90.98 -52.04 -18.59
CA GLU D 1990 -91.74 -52.38 -17.41
C GLU D 1990 -90.94 -53.21 -16.42
N THR D 1991 -89.98 -54.00 -16.89
CA THR D 1991 -89.10 -54.77 -16.02
C THR D 1991 -87.98 -53.94 -15.43
N ALA D 1992 -87.85 -52.67 -15.83
CA ALA D 1992 -86.83 -51.78 -15.30
C ALA D 1992 -87.41 -50.57 -14.58
N ARG D 1993 -88.41 -49.91 -15.17
CA ARG D 1993 -88.96 -48.70 -14.56
C ARG D 1993 -89.60 -48.98 -13.22
N ARG D 1994 -90.31 -50.11 -13.11
CA ARG D 1994 -91.01 -50.45 -11.88
C ARG D 1994 -90.11 -51.14 -10.85
N THR D 1995 -88.83 -51.36 -11.17
CA THR D 1995 -87.96 -52.16 -10.33
C THR D 1995 -87.70 -51.53 -8.96
N ARG D 1996 -87.67 -50.19 -8.87
CA ARG D 1996 -87.17 -49.53 -7.67
C ARG D 1996 -88.04 -49.79 -6.45
N GLU D 1997 -89.25 -50.33 -6.63
CA GLU D 1997 -90.17 -50.45 -5.51
C GLU D 1997 -89.74 -51.54 -4.54
N PHE D 1998 -89.35 -52.71 -5.04
CA PHE D 1998 -88.82 -53.75 -4.17
C PHE D 1998 -87.50 -53.30 -3.53
N ARG D 1999 -86.63 -52.69 -4.32
CA ARG D 1999 -85.41 -52.08 -3.80
C ARG D 1999 -85.76 -50.71 -3.23
N SER D 2000 -84.74 -49.88 -2.98
CA SER D 2000 -84.95 -48.49 -2.58
C SER D 2000 -85.80 -48.41 -1.32
N PRO D 2001 -85.27 -48.77 -0.16
CA PRO D 2001 -86.06 -48.70 1.08
C PRO D 2001 -86.66 -47.33 1.28
N PRO D 2002 -87.72 -47.22 2.10
CA PRO D 2002 -88.41 -45.92 2.24
C PRO D 2002 -87.52 -44.80 2.74
N GLN D 2003 -86.35 -45.10 3.30
CA GLN D 2003 -85.38 -44.05 3.60
C GLN D 2003 -84.94 -43.35 2.33
N GLU D 2004 -84.68 -44.11 1.27
CA GLU D 2004 -84.33 -43.52 -0.02
C GLU D 2004 -85.50 -43.48 -0.99
N GLN D 2005 -86.53 -44.29 -0.77
CA GLN D 2005 -87.68 -44.28 -1.67
C GLN D 2005 -88.41 -42.94 -1.62
N ILE D 2006 -88.74 -42.47 -0.41
CA ILE D 2006 -89.60 -41.30 -0.28
C ILE D 2006 -88.91 -40.06 -0.83
N ASN D 2007 -87.60 -39.93 -0.60
CA ASN D 2007 -86.89 -38.73 -1.04
C ASN D 2007 -86.95 -38.56 -2.56
N MET D 2008 -87.06 -39.66 -3.31
CA MET D 2008 -87.28 -39.55 -4.74
C MET D 2008 -88.63 -38.88 -5.01
N LEU D 2009 -89.67 -39.30 -4.30
CA LEU D 2009 -91.01 -38.74 -4.49
C LEU D 2009 -91.12 -37.31 -3.98
N LEU D 2010 -90.39 -36.96 -2.92
CA LEU D 2010 -90.44 -35.61 -2.39
C LEU D 2010 -89.92 -34.56 -3.37
N HIS D 2011 -88.88 -34.89 -4.13
CA HIS D 2011 -88.23 -33.88 -4.95
C HIS D 2011 -89.11 -33.42 -6.11
N PHE D 2012 -90.05 -34.27 -6.54
CA PHE D 2012 -90.85 -33.91 -7.71
C PHE D 2012 -91.69 -32.68 -7.46
N LYS D 2013 -92.41 -32.64 -6.34
CA LYS D 2013 -93.31 -31.52 -6.07
C LYS D 2013 -92.73 -30.16 -6.39
N ASP D 2014 -91.86 -29.66 -5.53
CA ASP D 2014 -91.31 -28.31 -5.73
C ASP D 2014 -90.36 -28.21 -6.91
N GLU D 2015 -90.02 -29.35 -7.50
CA GLU D 2015 -89.08 -29.34 -8.61
C GLU D 2015 -89.49 -28.34 -9.66
N ALA D 2016 -88.52 -27.66 -10.28
CA ALA D 2016 -88.84 -26.75 -11.37
C ALA D 2016 -89.32 -27.61 -12.51
N ASP D 2017 -90.18 -28.56 -12.20
CA ASP D 2017 -90.68 -29.50 -13.21
C ASP D 2017 -89.55 -30.03 -14.08
N GLU D 2018 -88.40 -30.29 -13.47
CA GLU D 2018 -87.18 -30.68 -14.18
C GLU D 2018 -86.64 -32.02 -13.71
N GLU D 2019 -87.54 -32.96 -13.36
CA GLU D 2019 -87.08 -34.28 -12.93
C GLU D 2019 -87.98 -35.41 -13.42
N ASP D 2020 -88.72 -35.20 -14.51
CA ASP D 2020 -89.65 -36.21 -15.03
C ASP D 2020 -90.65 -36.62 -13.95
N CYS D 2021 -91.44 -35.64 -13.53
CA CYS D 2021 -92.38 -35.85 -12.44
C CYS D 2021 -93.37 -36.95 -12.79
N PRO D 2022 -93.77 -37.77 -11.82
CA PRO D 2022 -94.64 -38.92 -12.13
C PRO D 2022 -96.07 -38.52 -12.42
N LEU D 2023 -96.92 -39.52 -12.58
CA LEU D 2023 -98.34 -39.30 -12.91
C LEU D 2023 -99.07 -38.38 -11.95
N PRO D 2024 -98.95 -38.52 -10.61
CA PRO D 2024 -99.77 -37.69 -9.72
C PRO D 2024 -99.47 -36.20 -9.86
N GLU D 2025 -100.45 -35.45 -10.36
CA GLU D 2025 -100.31 -34.02 -10.59
C GLU D 2025 -101.14 -33.17 -9.64
N ASP D 2026 -102.06 -33.78 -8.90
CA ASP D 2026 -102.88 -33.04 -7.95
C ASP D 2026 -102.23 -32.96 -6.58
N ILE D 2027 -101.42 -33.95 -6.22
CA ILE D 2027 -100.79 -34.00 -4.90
C ILE D 2027 -99.46 -33.27 -4.94
N ARG D 2028 -99.08 -32.77 -6.11
CA ARG D 2028 -97.88 -31.94 -6.25
C ARG D 2028 -98.18 -30.46 -6.13
N GLN D 2029 -99.43 -30.07 -5.91
CA GLN D 2029 -99.80 -28.68 -5.75
C GLN D 2029 -100.09 -28.29 -4.31
N ASP D 2030 -100.77 -29.15 -3.54
CA ASP D 2030 -101.02 -28.84 -2.13
C ASP D 2030 -99.71 -28.73 -1.36
N LEU D 2031 -98.75 -29.61 -1.66
CA LEU D 2031 -97.41 -29.47 -1.09
C LEU D 2031 -96.78 -28.15 -1.50
N GLN D 2032 -96.94 -27.76 -2.76
CA GLN D 2032 -96.50 -26.43 -3.18
C GLN D 2032 -97.26 -25.34 -2.44
N ASP D 2033 -98.56 -25.51 -2.26
CA ASP D 2033 -99.34 -24.55 -1.48
C ASP D 2033 -98.95 -24.60 0.00
N PHE D 2034 -98.74 -25.79 0.54
CA PHE D 2034 -98.37 -25.91 1.95
C PHE D 2034 -97.03 -25.25 2.23
N HIS D 2035 -96.03 -25.49 1.37
CA HIS D 2035 -94.76 -24.79 1.51
C HIS D 2035 -94.94 -23.29 1.36
N GLN D 2036 -95.78 -22.86 0.41
CA GLN D 2036 -96.04 -21.44 0.24
C GLN D 2036 -96.75 -20.86 1.45
N ASP D 2037 -97.69 -21.62 2.03
CA ASP D 2037 -98.42 -21.14 3.19
C ASP D 2037 -97.53 -20.95 4.42
N LEU D 2038 -96.61 -21.88 4.68
CA LEU D 2038 -95.79 -21.80 5.89
C LEU D 2038 -94.85 -20.60 5.85
N LEU D 2039 -94.18 -20.40 4.71
CA LEU D 2039 -93.24 -19.28 4.62
C LEU D 2039 -93.94 -17.93 4.77
N ALA D 2040 -95.22 -17.85 4.37
CA ALA D 2040 -95.99 -16.64 4.65
C ALA D 2040 -96.16 -16.44 6.14
N HIS D 2041 -96.46 -17.52 6.88
CA HIS D 2041 -96.58 -17.43 8.32
C HIS D 2041 -95.24 -17.10 8.98
N CYS D 2042 -94.15 -17.67 8.48
CA CYS D 2042 -92.84 -17.45 9.06
C CYS D 2042 -92.30 -16.09 8.63
N GLY D 2043 -91.02 -15.84 8.92
CA GLY D 2043 -90.42 -14.56 8.64
C GLY D 2043 -90.25 -14.21 7.17
N ILE D 2044 -90.46 -15.18 6.28
CA ILE D 2044 -90.36 -14.91 4.85
C ILE D 2044 -91.48 -13.97 4.44
N GLN D 2045 -91.11 -12.79 3.95
CA GLN D 2045 -92.11 -11.80 3.52
C GLN D 2045 -92.80 -12.22 2.24
N LEU D 2046 -92.32 -13.28 1.56
CA LEU D 2046 -92.89 -13.75 0.30
C LEU D 2046 -92.94 -12.63 -0.73
N GLU D 2047 -91.89 -11.80 -0.76
CA GLU D 2047 -91.81 -10.68 -1.70
C GLU D 2047 -91.50 -11.24 -3.09
N GLY D 2048 -92.54 -11.74 -3.74
CA GLY D 2048 -92.41 -12.33 -5.06
C GLY D 2048 -92.57 -13.84 -5.04
N LYS D 2089 -95.83 3.80 12.71
CA LYS D 2089 -96.40 2.63 12.04
C LYS D 2089 -96.66 1.50 13.03
N LYS D 2090 -97.82 0.86 12.90
CA LYS D 2090 -98.20 -0.25 13.76
C LYS D 2090 -97.64 -1.56 13.21
N PRO D 2091 -96.75 -2.23 13.96
CA PRO D 2091 -96.22 -3.51 13.47
C PRO D 2091 -97.29 -4.55 13.22
N GLN D 2092 -98.34 -4.60 14.05
CA GLN D 2092 -99.45 -5.53 13.90
C GLN D 2092 -99.01 -6.98 13.89
N SER D 2093 -97.80 -7.27 14.36
CA SER D 2093 -97.29 -8.63 14.37
C SER D 2093 -96.22 -8.76 15.44
N LEU D 2094 -96.10 -9.96 15.99
CA LEU D 2094 -95.11 -10.21 17.03
C LEU D 2094 -93.70 -10.03 16.51
N GLN D 2095 -93.40 -10.56 15.32
CA GLN D 2095 -92.06 -10.49 14.77
C GLN D 2095 -91.64 -9.05 14.52
N GLU D 2096 -92.55 -8.23 13.96
CA GLU D 2096 -92.22 -6.84 13.71
C GLU D 2096 -92.18 -6.01 14.99
N LEU D 2097 -93.02 -6.34 15.97
CA LEU D 2097 -93.02 -5.59 17.23
C LEU D 2097 -91.71 -5.78 17.98
N VAL D 2098 -91.22 -7.01 18.07
CA VAL D 2098 -89.96 -7.27 18.75
C VAL D 2098 -88.81 -6.59 18.01
N SER D 2099 -88.81 -6.68 16.68
CA SER D 2099 -87.71 -6.13 15.90
C SER D 2099 -87.58 -4.63 16.08
N HIS D 2100 -88.71 -3.91 16.11
CA HIS D 2100 -88.65 -2.47 16.35
C HIS D 2100 -88.31 -2.14 17.80
N MET D 2101 -88.88 -2.88 18.75
CA MET D 2101 -88.72 -2.55 20.16
C MET D 2101 -87.26 -2.75 20.61
N VAL D 2102 -86.63 -3.84 20.20
CA VAL D 2102 -85.28 -4.12 20.68
C VAL D 2102 -84.29 -3.08 20.17
N VAL D 2103 -84.49 -2.60 18.95
CA VAL D 2103 -83.52 -1.68 18.35
C VAL D 2103 -83.45 -0.39 19.15
N ARG D 2104 -84.60 0.17 19.51
CA ARG D 2104 -84.61 1.45 20.22
C ARG D 2104 -83.91 1.39 21.56
N TRP D 2105 -83.85 0.20 22.19
CA TRP D 2105 -83.10 0.07 23.44
C TRP D 2105 -81.62 0.35 23.21
N ALA D 2106 -81.03 -0.30 22.20
CA ALA D 2106 -79.63 -0.01 21.87
C ALA D 2106 -79.49 1.40 21.31
N GLN D 2107 -80.45 1.85 20.51
CA GLN D 2107 -80.40 3.21 20.00
C GLN D 2107 -80.62 4.23 21.11
N GLU D 2108 -81.13 3.79 22.26
CA GLU D 2108 -81.21 4.64 23.44
C GLU D 2108 -79.85 4.71 24.10
N ASP D 2109 -79.80 5.20 25.35
CA ASP D 2109 -78.54 5.34 26.06
C ASP D 2109 -77.77 4.02 26.09
N TYR D 2110 -76.46 4.15 26.28
CA TYR D 2110 -75.57 2.99 26.23
C TYR D 2110 -75.95 1.96 27.28
N VAL D 2111 -75.78 0.69 26.94
CA VAL D 2111 -76.27 -0.41 27.76
C VAL D 2111 -75.09 -1.04 28.49
N GLN D 2112 -75.17 -1.04 29.82
CA GLN D 2112 -74.22 -1.74 30.68
C GLN D 2112 -74.76 -3.14 30.94
N SER D 2113 -74.20 -3.84 31.94
CA SER D 2113 -74.68 -5.16 32.35
C SER D 2113 -74.61 -6.16 31.21
N PRO D 2114 -73.41 -6.61 30.84
CA PRO D 2114 -73.27 -7.50 29.68
C PRO D 2114 -74.17 -8.72 29.70
N GLU D 2115 -74.66 -9.14 30.86
CA GLU D 2115 -75.62 -10.23 30.90
C GLU D 2115 -76.88 -9.88 30.11
N LEU D 2116 -77.37 -8.65 30.22
CA LEU D 2116 -78.55 -8.26 29.45
C LEU D 2116 -78.24 -8.24 27.96
N VAL D 2117 -77.00 -7.90 27.59
CA VAL D 2117 -76.64 -7.76 26.18
C VAL D 2117 -76.86 -9.06 25.44
N ARG D 2118 -76.48 -10.20 26.02
CA ARG D 2118 -76.66 -11.47 25.35
C ARG D 2118 -78.14 -11.78 25.13
N ALA D 2119 -79.01 -11.13 25.90
CA ALA D 2119 -80.44 -11.38 25.76
C ALA D 2119 -81.05 -10.72 24.53
N MET D 2120 -80.59 -9.52 24.15
CA MET D 2120 -81.23 -8.84 23.02
C MET D 2120 -80.86 -9.48 21.70
N PHE D 2121 -79.56 -9.54 21.39
CA PHE D 2121 -79.13 -10.04 20.10
C PHE D 2121 -79.66 -11.43 19.81
N SER D 2122 -79.77 -12.29 20.83
CA SER D 2122 -80.30 -13.63 20.61
C SER D 2122 -81.76 -13.59 20.19
N LEU D 2123 -82.59 -12.84 20.92
CA LEU D 2123 -84.00 -12.73 20.56
C LEU D 2123 -84.16 -12.17 19.16
N LEU D 2124 -83.33 -11.20 18.81
CA LEU D 2124 -83.42 -10.59 17.48
C LEU D 2124 -83.07 -11.58 16.38
N HIS D 2125 -82.06 -12.41 16.61
CA HIS D 2125 -81.65 -13.39 15.59
C HIS D 2125 -82.80 -14.31 15.21
N ARG D 2126 -83.62 -14.70 16.16
CA ARG D 2126 -84.73 -15.60 15.88
C ARG D 2126 -85.85 -14.90 15.12
N GLN D 2127 -85.81 -13.58 15.04
CA GLN D 2127 -86.88 -12.82 14.38
C GLN D 2127 -86.60 -12.59 12.91
N TYR D 2128 -85.47 -13.05 12.38
CA TYR D 2128 -85.16 -12.90 10.97
C TYR D 2128 -85.09 -14.24 10.24
N ASP D 2129 -84.26 -15.15 10.72
CA ASP D 2129 -84.10 -16.47 10.10
C ASP D 2129 -84.94 -17.51 10.84
N GLY D 2130 -86.25 -17.36 10.73
CA GLY D 2130 -87.16 -18.27 11.42
C GLY D 2130 -87.00 -19.71 10.96
N LEU D 2131 -86.73 -19.93 9.68
CA LEU D 2131 -86.50 -21.28 9.19
C LEU D 2131 -85.27 -21.89 9.84
N GLY D 2132 -84.22 -21.09 10.03
CA GLY D 2132 -83.05 -21.57 10.74
C GLY D 2132 -83.36 -22.05 12.14
N GLU D 2133 -84.24 -21.34 12.84
CA GLU D 2133 -84.73 -21.83 14.12
C GLU D 2133 -85.58 -23.08 13.94
N LEU D 2134 -86.40 -23.13 12.88
CA LEU D 2134 -87.18 -24.32 12.59
C LEU D 2134 -86.28 -25.51 12.30
N LEU D 2135 -85.22 -25.30 11.53
CA LEU D 2135 -84.27 -26.36 11.28
C LEU D 2135 -83.47 -26.73 12.52
N ARG D 2136 -83.28 -25.77 13.44
CA ARG D 2136 -82.53 -26.04 14.66
C ARG D 2136 -83.24 -27.00 15.60
N ALA D 2137 -84.52 -27.28 15.37
CA ALA D 2137 -85.27 -28.21 16.21
C ALA D 2137 -86.03 -29.28 15.43
N LEU D 2138 -86.12 -29.17 14.11
CA LEU D 2138 -86.79 -30.20 13.33
C LEU D 2138 -86.22 -31.60 13.53
N PRO D 2139 -84.90 -31.84 13.56
CA PRO D 2139 -84.40 -33.20 13.81
C PRO D 2139 -84.83 -33.77 15.15
N ARG D 2140 -85.09 -32.93 16.15
CA ARG D 2140 -85.53 -33.39 17.47
C ARG D 2140 -87.03 -33.64 17.53
N ALA D 2141 -87.76 -33.37 16.45
CA ALA D 2141 -89.17 -33.69 16.39
C ALA D 2141 -89.38 -35.17 16.11
N TYR D 2142 -90.47 -35.72 16.62
CA TYR D 2142 -90.79 -37.13 16.44
C TYR D 2142 -92.29 -37.28 16.38
N THR D 2143 -92.72 -38.38 15.76
CA THR D 2143 -94.14 -38.70 15.64
C THR D 2143 -94.36 -40.11 16.15
N ILE D 2144 -95.41 -40.29 16.96
CA ILE D 2144 -95.73 -41.59 17.54
C ILE D 2144 -97.20 -41.89 17.31
N SER D 2145 -97.57 -43.17 17.44
CA SER D 2145 -98.90 -43.74 17.29
C SER D 2145 -99.61 -43.76 18.65
N PRO D 2146 -100.93 -43.62 18.67
CA PRO D 2146 -101.66 -43.68 19.93
C PRO D 2146 -101.63 -45.09 20.53
N SER D 2147 -102.32 -45.23 21.67
CA SER D 2147 -102.40 -46.46 22.43
C SER D 2147 -101.05 -46.91 22.97
N SER D 2148 -100.04 -46.04 22.94
CA SER D 2148 -98.72 -46.34 23.48
C SER D 2148 -98.18 -45.20 24.32
N VAL D 2149 -98.95 -44.14 24.51
CA VAL D 2149 -98.46 -42.97 25.24
C VAL D 2149 -98.25 -43.29 26.70
N GLU D 2150 -99.11 -44.12 27.29
CA GLU D 2150 -99.01 -44.42 28.72
C GLU D 2150 -97.68 -45.09 29.06
N ASP D 2151 -97.19 -45.98 28.19
CA ASP D 2151 -95.85 -46.51 28.38
C ASP D 2151 -94.78 -45.47 28.12
N THR D 2152 -95.01 -44.59 27.13
CA THR D 2152 -94.07 -43.50 26.89
C THR D 2152 -94.03 -42.54 28.07
N MET D 2153 -95.20 -42.23 28.65
CA MET D 2153 -95.23 -41.36 29.81
C MET D 2153 -94.44 -41.96 30.96
N SER D 2154 -94.55 -43.27 31.17
CA SER D 2154 -93.69 -43.94 32.14
C SER D 2154 -92.22 -43.80 31.76
N LEU D 2155 -91.90 -43.94 30.47
CA LEU D 2155 -90.53 -43.70 30.01
C LEU D 2155 -90.14 -42.25 30.27
N LEU D 2156 -91.02 -41.32 29.92
CA LEU D 2156 -90.75 -39.91 30.15
C LEU D 2156 -90.65 -39.58 31.62
N GLU D 2157 -91.53 -40.14 32.46
CA GLU D 2157 -91.46 -39.87 33.89
C GLU D 2157 -90.16 -40.35 34.50
N CYS D 2158 -89.69 -41.53 34.09
CA CYS D 2158 -88.41 -42.03 34.59
C CYS D 2158 -87.25 -41.12 34.21
N LEU D 2159 -87.36 -40.45 33.06
CA LEU D 2159 -86.29 -39.55 32.62
C LEU D 2159 -86.12 -38.37 33.57
N GLY D 2160 -87.21 -37.91 34.19
CA GLY D 2160 -87.12 -36.72 35.00
C GLY D 2160 -86.21 -36.86 36.21
N GLN D 2161 -86.34 -37.97 36.96
CA GLN D 2161 -85.52 -38.13 38.14
C GLN D 2161 -84.05 -38.31 37.80
N ILE D 2162 -83.76 -38.99 36.68
CA ILE D 2162 -82.36 -39.19 36.28
C ILE D 2162 -81.70 -37.86 36.00
N ARG D 2163 -82.37 -36.99 35.25
CA ARG D 2163 -81.83 -35.66 34.99
C ARG D 2163 -81.75 -34.81 36.25
N SER D 2164 -82.71 -34.96 37.15
CA SER D 2164 -82.69 -34.19 38.39
C SER D 2164 -81.49 -34.54 39.26
N LEU D 2165 -81.14 -35.83 39.33
CA LEU D 2165 -80.03 -36.28 40.14
C LEU D 2165 -78.68 -35.93 39.54
N LEU D 2166 -78.65 -35.49 38.28
CA LEU D 2166 -77.39 -35.09 37.66
C LEU D 2166 -76.75 -33.91 38.34
N ILE D 2167 -77.54 -33.07 39.01
CA ILE D 2167 -77.05 -31.88 39.69
C ILE D 2167 -77.07 -32.05 41.20
N VAL D 2168 -77.17 -33.28 41.69
CA VAL D 2168 -77.21 -33.58 43.11
C VAL D 2168 -75.93 -34.33 43.47
N GLN D 2169 -75.30 -33.93 44.57
CA GLN D 2169 -74.11 -34.63 45.03
C GLN D 2169 -74.43 -36.09 45.32
N MET D 2170 -73.56 -36.99 44.84
CA MET D 2170 -73.83 -38.41 44.92
C MET D 2170 -73.82 -38.89 46.37
N GLY D 2171 -74.76 -39.77 46.70
CA GLY D 2171 -74.86 -40.33 48.02
C GLY D 2171 -75.58 -41.66 48.04
N PRO D 2172 -75.42 -42.41 49.13
CA PRO D 2172 -76.12 -43.69 49.23
C PRO D 2172 -77.62 -43.56 49.13
N GLN D 2173 -78.19 -42.47 49.62
CA GLN D 2173 -79.62 -42.22 49.40
C GLN D 2173 -79.92 -41.98 47.94
N GLU D 2174 -79.05 -41.26 47.23
CA GLU D 2174 -79.26 -41.04 45.80
C GLU D 2174 -78.87 -42.25 44.97
N GLU D 2175 -77.96 -43.09 45.47
CA GLU D 2175 -77.46 -44.22 44.69
C GLU D 2175 -78.57 -45.21 44.35
N ASN D 2176 -79.19 -45.80 45.37
CA ASN D 2176 -80.18 -46.85 45.16
C ASN D 2176 -81.40 -46.35 44.39
N LEU D 2177 -81.78 -45.09 44.53
CA LEU D 2177 -82.93 -44.57 43.79
C LEU D 2177 -82.70 -44.59 42.29
N MET D 2178 -81.55 -44.09 41.83
CA MET D 2178 -81.31 -44.03 40.40
C MET D 2178 -81.08 -45.42 39.81
N ILE D 2179 -80.57 -46.36 40.61
CA ILE D 2179 -80.47 -47.74 40.15
C ILE D 2179 -81.85 -48.30 39.89
N GLN D 2180 -82.82 -48.03 40.76
CA GLN D 2180 -84.17 -48.51 40.55
C GLN D 2180 -84.79 -47.93 39.27
N SER D 2181 -84.48 -46.66 38.98
CA SER D 2181 -84.99 -46.06 37.74
C SER D 2181 -84.46 -46.78 36.51
N ILE D 2182 -83.21 -47.25 36.55
CA ILE D 2182 -82.66 -47.98 35.42
C ILE D 2182 -83.45 -49.26 35.18
N GLY D 2183 -83.77 -49.99 36.25
CA GLY D 2183 -84.61 -51.16 36.10
C GLY D 2183 -85.99 -50.83 35.56
N ASN D 2184 -86.55 -49.69 35.96
CA ASN D 2184 -87.84 -49.26 35.44
C ASN D 2184 -87.75 -48.97 33.95
N ILE D 2185 -86.67 -48.31 33.52
CA ILE D 2185 -86.58 -47.86 32.13
C ILE D 2185 -86.13 -48.96 31.18
N MET D 2186 -85.40 -49.96 31.66
CA MET D 2186 -84.96 -51.07 30.83
C MET D 2186 -86.00 -52.17 30.74
N ASN D 2187 -87.08 -52.05 31.50
CA ASN D 2187 -88.16 -53.04 31.56
C ASN D 2187 -89.49 -52.38 31.22
N ASN D 2188 -89.50 -51.60 30.14
CA ASN D 2188 -90.69 -50.89 29.71
C ASN D 2188 -91.22 -51.32 28.35
N LYS D 2189 -90.55 -52.25 27.68
CA LYS D 2189 -90.98 -52.86 26.41
C LYS D 2189 -91.04 -51.83 25.28
N VAL D 2190 -90.69 -50.58 25.58
CA VAL D 2190 -90.70 -49.56 24.54
C VAL D 2190 -89.29 -49.19 24.09
N PHE D 2191 -88.30 -49.36 24.97
CA PHE D 2191 -86.92 -49.05 24.60
C PHE D 2191 -86.45 -49.94 23.47
N TYR D 2192 -87.09 -51.08 23.27
CA TYR D 2192 -86.79 -51.96 22.14
C TYR D 2192 -87.69 -51.70 20.93
N GLN D 2193 -88.58 -50.69 21.01
CA GLN D 2193 -89.55 -50.47 19.95
C GLN D 2193 -89.04 -49.47 18.91
N HIS D 2194 -88.66 -48.27 19.33
CA HIS D 2194 -88.34 -47.19 18.40
C HIS D 2194 -86.97 -46.62 18.74
N PRO D 2195 -85.90 -47.29 18.34
CA PRO D 2195 -84.55 -46.84 18.73
C PRO D 2195 -84.20 -45.44 18.28
N ASN D 2196 -84.71 -44.98 17.14
CA ASN D 2196 -84.43 -43.62 16.71
C ASN D 2196 -85.02 -42.59 17.67
N LEU D 2197 -86.08 -42.94 18.39
CA LEU D 2197 -86.64 -42.04 19.38
C LEU D 2197 -85.69 -41.81 20.55
N MET D 2198 -85.17 -42.90 21.14
CA MET D 2198 -84.30 -42.74 22.30
C MET D 2198 -82.96 -42.15 21.91
N ARG D 2199 -82.47 -42.44 20.70
CA ARG D 2199 -81.32 -41.72 20.21
C ARG D 2199 -81.63 -40.23 20.08
N ALA D 2200 -82.85 -39.87 19.69
CA ALA D 2200 -83.25 -38.48 19.64
C ALA D 2200 -83.31 -37.86 21.03
N LEU D 2201 -83.62 -38.68 22.04
CA LEU D 2201 -83.66 -38.17 23.41
C LEU D 2201 -82.32 -38.27 24.10
N GLY D 2202 -81.39 -39.07 23.58
CA GLY D 2202 -80.01 -39.04 24.05
C GLY D 2202 -79.80 -39.33 25.52
N MET D 2203 -80.45 -40.37 26.04
CA MET D 2203 -80.26 -40.71 27.44
C MET D 2203 -78.85 -41.22 27.70
N HIS D 2204 -78.18 -41.71 26.65
CA HIS D 2204 -76.86 -42.28 26.82
C HIS D 2204 -75.83 -41.26 27.31
N GLU D 2205 -75.88 -40.03 26.79
CA GLU D 2205 -74.98 -39.00 27.31
C GLU D 2205 -75.21 -38.76 28.79
N THR D 2206 -76.47 -38.71 29.20
CA THR D 2206 -76.76 -38.61 30.63
C THR D 2206 -76.23 -39.83 31.37
N VAL D 2207 -76.37 -41.03 30.79
CA VAL D 2207 -75.72 -42.20 31.38
C VAL D 2207 -74.20 -42.02 31.39
N MET D 2208 -73.64 -41.42 30.36
CA MET D 2208 -72.23 -41.07 30.41
C MET D 2208 -71.93 -40.10 31.54
N GLU D 2209 -72.79 -39.09 31.74
CA GLU D 2209 -72.54 -38.08 32.76
C GLU D 2209 -72.49 -38.68 34.15
N VAL D 2210 -73.41 -39.58 34.49
CA VAL D 2210 -73.39 -40.17 35.82
C VAL D 2210 -72.15 -41.04 36.03
N MET D 2211 -71.68 -41.73 35.00
CA MET D 2211 -70.46 -42.51 35.13
C MET D 2211 -69.22 -41.64 35.30
N VAL D 2212 -69.16 -40.49 34.63
CA VAL D 2212 -68.02 -39.61 34.81
C VAL D 2212 -67.97 -39.10 36.25
N ASN D 2213 -69.12 -38.75 36.82
CA ASN D 2213 -69.14 -38.26 38.19
C ASN D 2213 -68.63 -39.29 39.18
N VAL D 2214 -69.10 -40.54 39.05
CA VAL D 2214 -68.69 -41.56 40.01
C VAL D 2214 -67.22 -41.95 39.82
N LEU D 2215 -66.73 -41.94 38.58
CA LEU D 2215 -65.32 -42.25 38.34
C LEU D 2215 -64.41 -41.11 38.75
N GLY D 2216 -64.91 -39.88 38.74
CA GLY D 2216 -64.09 -38.75 39.12
C GLY D 2216 -64.01 -38.55 40.63
N GLY D 2217 -63.29 -37.51 41.02
CA GLY D 2217 -63.13 -37.19 42.42
C GLY D 2217 -61.92 -37.83 43.06
N GLY D 2218 -61.94 -39.16 43.18
CA GLY D 2218 -60.84 -39.89 43.77
C GLY D 2218 -60.13 -40.79 42.79
N GLU D 2219 -58.86 -40.47 42.49
CA GLU D 2219 -58.09 -41.29 41.57
C GLU D 2219 -57.90 -42.70 42.11
N THR D 2220 -57.58 -42.81 43.41
CA THR D 2220 -57.38 -44.10 44.04
C THR D 2220 -58.43 -44.35 45.11
N GLU D 2222 -60.53 -46.73 45.44
CA GLU D 2222 -61.90 -47.19 45.56
C GLU D 2222 -62.40 -47.71 44.22
N ILE D 2223 -63.25 -48.72 44.30
CA ILE D 2223 -64.01 -49.22 43.16
C ILE D 2223 -65.48 -49.02 43.49
N ARG D 2224 -65.74 -47.95 44.26
CA ARG D 2224 -66.96 -47.77 45.04
C ARG D 2224 -68.20 -47.73 44.16
N PHE D 2225 -69.32 -48.05 44.77
CA PHE D 2225 -70.60 -48.39 44.15
C PHE D 2225 -70.49 -49.39 43.00
N PRO D 2226 -70.22 -50.67 43.25
CA PRO D 2226 -70.58 -51.70 42.27
C PRO D 2226 -72.08 -51.94 42.28
N LYS D 2227 -72.52 -52.73 41.29
CA LYS D 2227 -73.89 -53.10 40.92
C LYS D 2227 -74.60 -51.92 40.25
N MET D 2228 -74.02 -50.73 40.29
CA MET D 2228 -74.45 -49.63 39.45
C MET D 2228 -73.49 -49.39 38.30
N VAL D 2229 -72.20 -49.65 38.52
CA VAL D 2229 -71.25 -49.65 37.41
C VAL D 2229 -71.54 -50.80 36.47
N THR D 2230 -72.11 -51.89 36.97
CA THR D 2230 -72.50 -52.99 36.10
C THR D 2230 -73.82 -52.67 35.40
N SER D 2231 -74.85 -52.30 36.17
CA SER D 2231 -76.18 -52.15 35.62
C SER D 2231 -76.30 -50.98 34.67
N CYS D 2232 -75.45 -49.96 34.80
CA CYS D 2232 -75.41 -48.94 33.76
C CYS D 2232 -74.76 -49.48 32.51
N CYS D 2233 -73.67 -50.22 32.67
CA CYS D 2233 -72.91 -50.66 31.51
C CYS D 2233 -73.58 -51.83 30.81
N ARG D 2234 -74.24 -52.71 31.55
CA ARG D 2234 -74.99 -53.76 30.88
C ARG D 2234 -76.29 -53.25 30.29
N PHE D 2235 -76.79 -52.10 30.76
CA PHE D 2235 -77.84 -51.40 30.03
C PHE D 2235 -77.32 -50.92 28.69
N LEU D 2236 -76.05 -50.50 28.67
CA LEU D 2236 -75.51 -49.85 27.49
C LEU D 2236 -75.33 -50.83 26.35
N CYS D 2237 -75.18 -52.12 26.67
CA CYS D 2237 -75.03 -53.13 25.62
C CYS D 2237 -76.33 -53.39 24.88
N TYR D 2238 -77.49 -53.13 25.50
CA TYR D 2238 -78.76 -53.29 24.79
C TYR D 2238 -78.93 -52.23 23.72
N PHE D 2239 -78.69 -50.97 24.07
CA PHE D 2239 -78.73 -49.90 23.07
C PHE D 2239 -77.56 -49.99 22.10
N CYS D 2240 -76.49 -50.66 22.50
CA CYS D 2240 -75.45 -51.01 21.54
C CYS D 2240 -75.94 -52.04 20.54
N ARG D 2241 -76.94 -52.85 20.90
CA ARG D 2241 -77.33 -53.95 20.04
C ARG D 2241 -78.38 -53.54 19.01
N ILE D 2242 -79.46 -52.87 19.44
CA ILE D 2242 -80.60 -52.76 18.54
C ILE D 2242 -80.49 -51.57 17.62
N SER D 2243 -79.59 -51.70 16.64
CA SER D 2243 -79.45 -50.92 15.40
C SER D 2243 -78.24 -51.47 14.69
N ARG D 2244 -78.02 -50.95 13.48
CA ARG D 2244 -76.69 -50.98 12.87
C ARG D 2244 -75.98 -49.65 13.00
N GLN D 2245 -76.56 -48.72 13.74
CA GLN D 2245 -76.15 -47.32 13.69
C GLN D 2245 -75.97 -46.74 15.09
N ASN D 2246 -76.70 -47.29 16.08
CA ASN D 2246 -76.58 -46.79 17.45
C ASN D 2246 -75.20 -47.10 18.02
N GLN D 2247 -74.66 -48.26 17.69
CA GLN D 2247 -73.34 -48.61 18.17
C GLN D 2247 -72.23 -47.88 17.43
N ARG D 2248 -72.53 -47.26 16.28
CA ARG D 2248 -71.59 -46.30 15.70
C ARG D 2248 -71.46 -45.09 16.61
N SER D 2249 -72.56 -44.68 17.25
CA SER D 2249 -72.52 -43.53 18.15
C SER D 2249 -71.72 -43.83 19.40
N MET D 2250 -71.63 -45.10 19.79
CA MET D 2250 -70.74 -45.47 20.89
C MET D 2250 -69.32 -45.68 20.44
N PHE D 2251 -69.11 -45.91 19.14
CA PHE D 2251 -67.76 -46.11 18.63
C PHE D 2251 -66.96 -44.82 18.71
N ASP D 2252 -67.64 -43.66 18.66
CA ASP D 2252 -66.98 -42.39 18.88
C ASP D 2252 -66.45 -42.28 20.30
N HIS D 2253 -67.12 -42.91 21.27
CA HIS D 2253 -66.72 -42.82 22.66
C HIS D 2253 -65.79 -43.95 23.07
N LEU D 2254 -65.08 -44.57 22.12
CA LEU D 2254 -64.38 -45.81 22.44
C LEU D 2254 -63.16 -45.56 23.31
N SER D 2255 -62.19 -44.81 22.79
CA SER D 2255 -60.99 -44.48 23.55
C SER D 2255 -61.30 -43.58 24.74
N TYR D 2256 -62.42 -42.87 24.68
CA TYR D 2256 -62.99 -42.20 25.85
C TYR D 2256 -63.18 -43.17 27.00
N LEU D 2257 -63.94 -44.24 26.76
CA LEU D 2257 -64.18 -45.21 27.83
C LEU D 2257 -63.04 -46.20 27.99
N LEU D 2258 -62.27 -46.49 26.93
CA LEU D 2258 -61.22 -47.49 27.04
C LEU D 2258 -60.06 -46.96 27.86
N GLU D 2259 -59.84 -45.64 27.86
CA GLU D 2259 -58.89 -45.06 28.79
C GLU D 2259 -59.36 -45.22 30.24
N ASN D 2260 -60.66 -45.17 30.46
CA ASN D 2260 -61.19 -45.48 31.79
C ASN D 2260 -61.23 -46.97 32.05
N SER D 2261 -61.33 -47.78 30.99
CA SER D 2261 -61.55 -49.21 31.15
C SER D 2261 -60.31 -49.98 31.59
N GLY D 2262 -59.13 -49.36 31.56
CA GLY D 2262 -57.96 -50.07 32.00
C GLY D 2262 -57.77 -50.13 33.50
N ILE D 2263 -58.63 -49.47 34.28
CA ILE D 2263 -58.46 -49.35 35.72
C ILE D 2263 -59.50 -50.13 36.50
N GLY D 2264 -60.43 -50.80 35.83
CA GLY D 2264 -61.43 -51.58 36.54
C GLY D 2264 -61.01 -53.02 36.70
N LEU D 2265 -61.73 -53.91 36.00
CA LEU D 2265 -61.41 -55.35 35.88
C LEU D 2265 -61.41 -56.04 37.23
N GLY D 2266 -62.52 -55.91 37.94
CA GLY D 2266 -62.68 -56.55 39.23
C GLY D 2266 -63.74 -57.63 39.24
N MET D 2267 -64.92 -57.27 39.74
CA MET D 2267 -66.04 -58.20 39.83
C MET D 2267 -66.55 -58.56 38.44
N GLN D 2268 -67.09 -59.76 38.32
CA GLN D 2268 -67.68 -60.25 37.07
C GLN D 2268 -68.96 -59.49 36.74
N GLY D 2269 -69.48 -59.77 35.55
CA GLY D 2269 -70.68 -59.10 35.08
C GLY D 2269 -70.38 -58.15 33.95
N SER D 2270 -70.96 -56.97 34.00
CA SER D 2270 -70.60 -55.95 33.02
C SER D 2270 -69.23 -55.37 33.36
N THR D 2271 -68.67 -54.67 32.39
CA THR D 2271 -67.30 -54.17 32.41
C THR D 2271 -67.24 -53.08 31.36
N PRO D 2272 -66.56 -51.95 31.61
CA PRO D 2272 -66.41 -50.93 30.54
C PRO D 2272 -65.69 -51.45 29.31
N LEU D 2273 -64.80 -52.42 29.46
CA LEU D 2273 -64.22 -53.09 28.32
C LEU D 2273 -65.27 -53.89 27.56
N ASP D 2274 -66.25 -54.45 28.29
CA ASP D 2274 -67.21 -55.38 27.68
C ASP D 2274 -68.14 -54.66 26.72
N VAL D 2275 -68.53 -53.42 27.03
CA VAL D 2275 -69.39 -52.70 26.10
C VAL D 2275 -68.62 -52.21 24.89
N ALA D 2276 -67.29 -52.07 25.00
CA ALA D 2276 -66.47 -51.79 23.83
C ALA D 2276 -66.37 -53.01 22.94
N ALA D 2277 -66.46 -54.21 23.54
CA ALA D 2277 -66.42 -55.43 22.75
C ALA D 2277 -67.70 -55.58 21.93
N ALA D 2278 -68.84 -55.27 22.51
CA ALA D 2278 -70.09 -55.26 21.75
C ALA D 2278 -70.15 -54.12 20.75
N SER D 2279 -69.31 -53.11 20.92
CA SER D 2279 -69.32 -51.95 20.04
C SER D 2279 -68.61 -52.19 18.70
N VAL D 2280 -68.13 -53.39 18.41
CA VAL D 2280 -67.40 -53.64 17.18
C VAL D 2280 -67.83 -54.92 16.48
N ILE D 2281 -68.74 -55.70 17.07
CA ILE D 2281 -69.20 -56.94 16.46
C ILE D 2281 -70.02 -56.67 15.19
N ASP D 2282 -70.63 -55.49 15.08
CA ASP D 2282 -71.28 -55.08 13.83
C ASP D 2282 -70.22 -54.95 12.74
N ASN D 2283 -70.22 -55.91 11.83
CA ASN D 2283 -69.03 -56.26 11.07
C ASN D 2283 -68.77 -55.28 9.93
N ASN D 2284 -67.49 -55.04 9.69
CA ASN D 2284 -66.89 -54.46 8.49
C ASN D 2284 -67.22 -52.99 8.28
N GLU D 2285 -68.07 -52.38 9.10
CA GLU D 2285 -68.32 -50.95 9.03
C GLU D 2285 -67.47 -50.17 10.01
N LEU D 2286 -67.07 -50.80 11.11
CA LEU D 2286 -66.17 -50.21 12.08
C LEU D 2286 -64.83 -50.93 12.13
N ALA D 2287 -64.74 -52.13 11.57
CA ALA D 2287 -63.45 -52.78 11.41
C ALA D 2287 -62.61 -52.12 10.33
N LEU D 2288 -63.21 -51.33 9.46
CA LEU D 2288 -62.42 -50.55 8.50
C LEU D 2288 -62.27 -49.10 8.92
N ALA D 2289 -63.12 -48.61 9.82
CA ALA D 2289 -62.93 -47.31 10.46
C ALA D 2289 -62.25 -47.48 11.81
N LEU D 2290 -61.34 -48.44 11.89
CA LEU D 2290 -60.58 -48.58 13.12
C LEU D 2290 -59.67 -47.37 13.19
N GLN D 2291 -58.83 -47.27 14.21
CA GLN D 2291 -58.03 -46.05 14.35
C GLN D 2291 -56.70 -46.21 15.06
N GLU D 2292 -56.38 -47.43 15.49
CA GLU D 2292 -55.16 -47.62 16.26
C GLU D 2292 -55.36 -46.85 17.55
N GLN D 2293 -56.21 -45.83 17.52
CA GLN D 2293 -56.56 -45.08 18.72
C GLN D 2293 -56.29 -45.92 19.96
N ASP D 2294 -56.72 -47.19 19.96
CA ASP D 2294 -56.71 -48.00 21.16
C ASP D 2294 -56.05 -49.36 21.02
N LEU D 2295 -55.78 -49.85 19.80
CA LEU D 2295 -54.96 -51.04 19.68
C LEU D 2295 -53.53 -50.77 20.06
N GLU D 2296 -53.10 -49.51 19.94
CA GLU D 2296 -51.91 -49.05 20.64
C GLU D 2296 -52.05 -49.21 22.14
N LYS D 2297 -53.25 -48.97 22.67
CA LYS D 2297 -53.46 -48.94 24.12
C LYS D 2297 -53.65 -50.33 24.70
N VAL D 2298 -54.48 -51.17 24.05
CA VAL D 2298 -54.85 -52.44 24.67
C VAL D 2298 -53.69 -53.42 24.66
N VAL D 2299 -52.72 -53.23 23.78
CA VAL D 2299 -51.49 -54.01 23.88
C VAL D 2299 -50.69 -53.55 25.09
N SER D 2300 -50.66 -52.23 25.34
CA SER D 2300 -50.00 -51.72 26.52
C SER D 2300 -50.75 -52.09 27.79
N TYR D 2301 -52.09 -52.19 27.72
CA TYR D 2301 -52.83 -52.77 28.83
C TYR D 2301 -52.53 -54.25 28.99
N LEU D 2302 -52.28 -54.94 27.88
CA LEU D 2302 -51.83 -56.33 27.94
C LEU D 2302 -50.36 -56.42 28.35
N ALA D 2303 -49.57 -55.39 28.03
CA ALA D 2303 -48.16 -55.39 28.39
C ALA D 2303 -47.96 -55.32 29.90
N GLY D 2304 -48.80 -54.54 30.58
CA GLY D 2304 -48.82 -54.59 32.03
C GLY D 2304 -49.57 -55.77 32.59
N CYS D 2305 -50.42 -56.40 31.79
CA CYS D 2305 -51.20 -57.54 32.26
C CYS D 2305 -50.34 -58.77 32.47
N GLY D 2306 -49.22 -58.88 31.76
CA GLY D 2306 -48.29 -59.97 31.98
C GLY D 2306 -47.21 -59.66 32.99
N LEU D 2307 -47.22 -58.47 33.58
CA LEU D 2307 -46.21 -58.09 34.55
C LEU D 2307 -46.77 -57.76 35.93
N GLN D 2308 -48.07 -57.54 36.05
CA GLN D 2308 -48.70 -57.41 37.36
C GLN D 2308 -48.96 -58.79 37.93
N SER D 2309 -49.47 -58.85 39.16
CA SER D 2309 -49.64 -60.13 39.84
C SER D 2309 -51.00 -60.22 40.52
N CYS D 2310 -52.05 -59.82 39.79
CA CYS D 2310 -53.47 -59.88 40.19
C CYS D 2310 -53.73 -59.19 41.51
N PRO D 2311 -53.82 -57.85 41.52
CA PRO D 2311 -53.95 -57.10 42.80
C PRO D 2311 -55.20 -57.44 43.60
N MET D 2312 -56.30 -57.79 42.96
CA MET D 2312 -57.48 -58.25 43.67
C MET D 2312 -57.32 -59.65 44.26
N LEU D 2313 -56.31 -60.39 43.82
CA LEU D 2313 -55.97 -61.67 44.41
C LEU D 2313 -54.81 -61.58 45.39
N LEU D 2314 -54.14 -60.43 45.45
CA LEU D 2314 -53.11 -60.22 46.47
C LEU D 2314 -53.73 -60.20 47.87
N ALA D 2315 -54.81 -59.44 48.04
CA ALA D 2315 -55.47 -59.29 49.33
C ALA D 2315 -56.56 -60.33 49.54
N LYS D 2316 -56.46 -61.50 48.92
CA LYS D 2316 -57.43 -62.56 49.15
C LYS D 2316 -56.77 -63.93 49.27
N GLY D 2317 -55.47 -63.98 49.56
CA GLY D 2317 -54.78 -65.24 49.78
C GLY D 2317 -54.58 -66.07 48.54
N TYR D 2318 -53.74 -65.60 47.63
CA TYR D 2318 -53.43 -66.29 46.39
C TYR D 2318 -51.92 -66.21 46.15
N PRO D 2319 -51.33 -67.21 45.49
CA PRO D 2319 -49.85 -67.30 45.43
C PRO D 2319 -49.17 -66.23 44.60
N ASP D 2320 -49.90 -65.33 43.94
CA ASP D 2320 -49.40 -64.09 43.32
C ASP D 2320 -48.36 -64.38 42.22
N ILE D 2321 -48.81 -65.12 41.21
CA ILE D 2321 -47.96 -65.40 40.06
C ILE D 2321 -47.83 -64.11 39.25
N GLY D 2322 -46.63 -63.86 38.71
CA GLY D 2322 -46.31 -62.57 38.12
C GLY D 2322 -46.88 -62.25 36.75
N TRP D 2323 -48.05 -62.80 36.44
CA TRP D 2323 -48.85 -62.41 35.29
C TRP D 2323 -50.30 -62.59 35.69
N ASN D 2324 -51.23 -62.46 34.74
CA ASN D 2324 -52.65 -62.46 35.07
C ASN D 2324 -53.34 -63.60 34.32
N PRO D 2325 -53.49 -64.77 34.95
CA PRO D 2325 -54.34 -65.81 34.39
C PRO D 2325 -55.81 -65.44 34.39
N CYS D 2326 -56.23 -64.57 35.31
CA CYS D 2326 -57.57 -64.02 35.26
C CYS D 2326 -57.66 -62.92 34.21
N GLY D 2327 -56.89 -61.85 34.40
CA GLY D 2327 -57.12 -60.61 33.67
C GLY D 2327 -56.79 -60.66 32.19
N GLY D 2328 -55.93 -61.60 31.79
CA GLY D 2328 -55.64 -61.76 30.36
C GLY D 2328 -56.82 -62.28 29.58
N GLU D 2329 -57.63 -63.13 30.20
CA GLU D 2329 -58.86 -63.59 29.57
C GLU D 2329 -59.96 -62.54 29.61
N ARG D 2330 -59.84 -61.55 30.49
CA ARG D 2330 -60.71 -60.38 30.40
C ARG D 2330 -60.37 -59.55 29.17
N TYR D 2331 -59.09 -59.50 28.82
CA TYR D 2331 -58.68 -59.03 27.50
C TYR D 2331 -58.83 -60.19 26.51
N LEU D 2332 -58.29 -60.01 25.29
CA LEU D 2332 -58.12 -61.03 24.26
C LEU D 2332 -59.41 -61.57 23.67
N ASP D 2333 -60.56 -61.17 24.22
CA ASP D 2333 -61.83 -61.35 23.55
C ASP D 2333 -62.26 -60.08 22.85
N PHE D 2334 -61.80 -58.94 23.33
CA PHE D 2334 -61.92 -57.71 22.56
C PHE D 2334 -61.05 -57.76 21.32
N LEU D 2335 -59.85 -58.32 21.43
CA LEU D 2335 -58.99 -58.50 20.27
C LEU D 2335 -59.57 -59.54 19.33
N ARG D 2336 -60.24 -60.56 19.89
CA ARG D 2336 -60.89 -61.57 19.07
C ARG D 2336 -62.06 -60.99 18.30
N PHE D 2337 -62.79 -60.06 18.89
CA PHE D 2337 -64.01 -59.58 18.27
C PHE D 2337 -63.77 -58.52 17.20
N ALA D 2338 -62.51 -58.22 16.89
CA ALA D 2338 -62.25 -57.38 15.73
C ALA D 2338 -62.42 -58.13 14.42
N VAL D 2339 -62.14 -59.44 14.43
CA VAL D 2339 -61.98 -60.22 13.20
C VAL D 2339 -63.00 -61.37 13.25
N PHE D 2340 -64.19 -61.11 13.78
CA PHE D 2340 -64.97 -62.21 14.34
C PHE D 2340 -66.11 -62.77 13.49
N VAL D 2341 -67.14 -61.96 13.22
CA VAL D 2341 -68.31 -62.41 12.46
C VAL D 2341 -68.00 -63.33 11.28
N ASN D 2342 -67.75 -62.75 10.11
CA ASN D 2342 -67.51 -63.55 8.93
C ASN D 2342 -66.06 -63.98 8.85
N GLY D 2343 -65.65 -64.87 9.75
CA GLY D 2343 -64.28 -65.34 9.75
C GLY D 2343 -63.32 -64.17 9.73
N GLU D 2344 -62.27 -64.27 8.93
CA GLU D 2344 -61.29 -63.20 8.85
C GLU D 2344 -61.68 -62.20 7.78
N SER D 2345 -61.91 -60.96 8.18
CA SER D 2345 -62.25 -59.93 7.21
C SER D 2345 -61.02 -59.55 6.42
N VAL D 2346 -59.98 -59.13 7.12
CA VAL D 2346 -58.73 -58.74 6.46
C VAL D 2346 -57.58 -58.72 7.46
N GLU D 2347 -56.36 -58.94 6.93
CA GLU D 2347 -55.15 -58.77 7.72
C GLU D 2347 -54.99 -57.33 8.20
N GLU D 2348 -55.56 -56.35 7.46
CA GLU D 2348 -55.50 -54.96 7.89
C GLU D 2348 -56.22 -54.71 9.21
N ASN D 2349 -57.14 -55.59 9.59
CA ASN D 2349 -57.57 -55.67 10.97
C ASN D 2349 -56.43 -56.17 11.85
N ALA D 2350 -55.78 -57.25 11.45
CA ALA D 2350 -55.01 -58.08 12.35
C ALA D 2350 -53.52 -58.03 12.14
N ASN D 2351 -53.02 -57.33 11.10
CA ASN D 2351 -51.58 -57.15 10.97
C ASN D 2351 -51.06 -56.29 12.10
N VAL D 2352 -51.64 -55.10 12.28
CA VAL D 2352 -51.27 -54.21 13.36
C VAL D 2352 -51.64 -54.78 14.73
N VAL D 2353 -52.55 -55.76 14.77
CA VAL D 2353 -52.68 -56.57 15.97
C VAL D 2353 -51.42 -57.40 16.19
N VAL D 2354 -51.06 -58.19 15.18
CA VAL D 2354 -49.95 -59.14 15.33
C VAL D 2354 -48.61 -58.41 15.33
N ARG D 2355 -48.42 -57.45 14.41
CA ARG D 2355 -47.14 -56.77 14.30
C ARG D 2355 -46.84 -55.86 15.48
N LEU D 2356 -47.83 -55.50 16.29
CA LEU D 2356 -47.56 -54.89 17.59
C LEU D 2356 -47.42 -55.91 18.70
N LEU D 2357 -48.10 -57.06 18.56
CA LEU D 2357 -48.04 -58.07 19.61
C LEU D 2357 -46.67 -58.76 19.65
N ILE D 2358 -45.93 -58.74 18.54
CA ILE D 2358 -44.61 -59.34 18.55
C ILE D 2358 -43.51 -58.41 19.04
N ARG D 2359 -43.72 -57.09 18.94
CA ARG D 2359 -42.71 -56.14 19.42
C ARG D 2359 -42.61 -56.13 20.93
N LYS D 2360 -43.66 -56.53 21.63
CA LYS D 2360 -43.63 -56.69 23.08
C LYS D 2360 -43.98 -58.14 23.39
N PRO D 2361 -42.99 -59.03 23.42
CA PRO D 2361 -43.27 -60.45 23.70
C PRO D 2361 -43.61 -60.73 25.16
N GLU D 2362 -43.55 -59.74 26.03
CA GLU D 2362 -44.08 -59.89 27.38
C GLU D 2362 -45.59 -59.96 27.42
N CYS D 2363 -46.27 -59.57 26.33
CA CYS D 2363 -47.72 -59.75 26.24
C CYS D 2363 -48.11 -61.21 26.15
N PHE D 2364 -47.21 -62.08 25.71
CA PHE D 2364 -47.42 -63.51 25.79
C PHE D 2364 -47.43 -63.97 27.25
N GLY D 2365 -47.87 -65.20 27.46
CA GLY D 2365 -47.63 -65.88 28.70
C GLY D 2365 -46.15 -66.14 28.86
N PRO D 2366 -45.64 -66.07 30.09
CA PRO D 2366 -44.20 -66.27 30.29
C PRO D 2366 -43.76 -67.71 30.13
N ALA D 2367 -44.69 -68.66 30.12
CA ALA D 2367 -44.41 -70.06 29.85
C ALA D 2367 -44.32 -70.36 28.35
N LEU D 2368 -44.42 -69.34 27.51
CA LEU D 2368 -44.33 -69.50 26.06
C LEU D 2368 -43.17 -68.73 25.47
N ARG D 2369 -43.08 -67.42 25.70
CA ARG D 2369 -42.12 -66.56 25.01
C ARG D 2369 -40.96 -66.18 25.93
N GLY D 2370 -40.51 -67.11 26.77
CA GLY D 2370 -39.37 -66.84 27.62
C GLY D 2370 -38.08 -66.79 26.82
N GLU D 2371 -37.18 -65.89 27.21
CA GLU D 2371 -35.90 -65.78 26.55
C GLU D 2371 -34.96 -66.93 26.90
N GLY D 2372 -35.26 -67.66 27.97
CA GLY D 2372 -34.53 -68.86 28.31
C GLY D 2372 -35.28 -70.11 27.90
N GLY D 2373 -35.97 -70.74 28.86
CA GLY D 2373 -36.76 -71.91 28.56
C GLY D 2373 -38.23 -71.70 28.83
N SER D 2374 -39.06 -72.02 27.85
CA SER D 2374 -40.51 -71.81 28.00
C SER D 2374 -41.21 -72.80 27.06
N GLY D 2375 -41.69 -73.91 27.63
CA GLY D 2375 -42.42 -74.89 26.86
C GLY D 2375 -43.92 -74.67 26.96
N LEU D 2376 -44.60 -74.74 25.82
CA LEU D 2376 -46.04 -74.53 25.77
C LEU D 2376 -46.81 -75.82 26.04
N LEU D 2377 -46.36 -76.93 25.45
CA LEU D 2377 -46.94 -78.22 25.81
C LEU D 2377 -46.58 -78.59 27.24
N ALA D 2378 -45.40 -78.17 27.71
CA ALA D 2378 -45.04 -78.34 29.10
C ALA D 2378 -45.84 -77.41 30.01
N ALA D 2379 -46.33 -76.28 29.47
CA ALA D 2379 -47.16 -75.39 30.28
C ALA D 2379 -48.52 -76.01 30.55
N ILE D 2380 -49.13 -76.62 29.54
CA ILE D 2380 -50.43 -77.25 29.73
C ILE D 2380 -50.29 -78.54 30.52
N GLU D 2381 -49.18 -79.26 30.33
CA GLU D 2381 -48.90 -80.44 31.14
C GLU D 2381 -48.68 -80.09 32.61
N GLU D 2382 -48.12 -78.91 32.89
CA GLU D 2382 -48.05 -78.44 34.26
C GLU D 2382 -49.42 -77.93 34.73
N ALA D 2383 -50.25 -77.47 33.80
CA ALA D 2383 -51.55 -76.91 34.17
C ALA D 2383 -52.56 -77.97 34.56
N ILE D 2384 -52.34 -79.22 34.18
CA ILE D 2384 -53.25 -80.29 34.59
C ILE D 2384 -53.04 -80.65 36.06
N ARG D 2385 -51.78 -80.64 36.50
CA ARG D 2385 -51.48 -80.95 37.90
C ARG D 2385 -51.96 -79.86 38.84
N ILE D 2386 -51.98 -78.60 38.38
CA ILE D 2386 -52.51 -77.51 39.19
C ILE D 2386 -54.02 -77.68 39.37
N SER D 2387 -54.71 -78.20 38.34
CA SER D 2387 -56.11 -78.58 38.51
C SER D 2387 -56.28 -79.79 39.41
N GLU D 2388 -55.22 -80.58 39.61
CA GLU D 2388 -55.24 -81.70 40.54
C GLU D 2388 -54.72 -81.32 41.92
N ASP D 2389 -53.88 -80.30 42.03
CA ASP D 2389 -53.34 -79.89 43.32
C ASP D 2389 -54.16 -78.72 43.85
N PRO D 2390 -54.95 -78.89 44.92
CA PRO D 2390 -55.80 -77.79 45.40
C PRO D 2390 -55.03 -76.71 46.14
N ALA D 2391 -53.76 -76.91 46.46
CA ALA D 2391 -53.00 -76.00 47.29
C ALA D 2391 -52.39 -74.84 46.51
N ARG D 2392 -52.79 -74.63 45.26
CA ARG D 2392 -52.29 -73.53 44.45
C ARG D 2392 -53.22 -72.33 44.44
N ASP D 2393 -54.23 -72.30 45.31
CA ASP D 2393 -55.22 -71.24 45.29
C ASP D 2393 -55.62 -70.83 46.69
N GLY D 2394 -56.72 -70.11 46.82
CA GLY D 2394 -57.23 -69.69 48.10
C GLY D 2394 -58.08 -70.77 48.74
N PRO D 2395 -57.57 -71.39 49.82
CA PRO D 2395 -58.28 -72.45 50.53
C PRO D 2395 -57.90 -72.52 52.00
N ASN D 2414 -63.10 -66.55 44.40
CA ASN D 2414 -64.07 -67.28 45.20
C ASN D 2414 -65.01 -68.11 44.32
N ARG D 2415 -64.83 -67.98 43.00
CA ARG D 2415 -65.67 -68.69 42.04
C ARG D 2415 -65.02 -69.99 41.57
N VAL D 2416 -63.83 -69.91 40.99
CA VAL D 2416 -63.19 -71.03 40.31
C VAL D 2416 -61.77 -71.20 40.82
N HIS D 2417 -61.07 -72.17 40.24
CA HIS D 2417 -59.68 -72.45 40.60
C HIS D 2417 -58.76 -71.51 39.82
N LEU D 2418 -57.46 -71.81 39.86
CA LEU D 2418 -56.47 -71.03 39.12
C LEU D 2418 -55.91 -71.75 37.91
N GLY D 2419 -55.83 -73.09 37.94
CA GLY D 2419 -55.27 -73.82 36.83
C GLY D 2419 -56.13 -73.77 35.58
N HIS D 2420 -57.44 -73.58 35.75
CA HIS D 2420 -58.28 -73.33 34.59
C HIS D 2420 -58.00 -71.96 33.99
N ALA D 2421 -57.71 -70.97 34.83
CA ALA D 2421 -57.38 -69.64 34.35
C ALA D 2421 -56.02 -69.59 33.67
N ILE D 2422 -55.15 -70.55 33.96
CA ILE D 2422 -53.94 -70.74 33.17
C ILE D 2422 -54.31 -71.12 31.74
N MET D 2423 -55.05 -72.20 31.58
CA MET D 2423 -55.23 -72.81 30.27
C MET D 2423 -56.25 -72.03 29.43
N SER D 2424 -57.27 -71.45 30.06
CA SER D 2424 -58.26 -70.69 29.32
C SER D 2424 -57.68 -69.40 28.74
N PHE D 2425 -56.66 -68.85 29.40
CA PHE D 2425 -55.87 -67.81 28.77
C PHE D 2425 -55.05 -68.36 27.61
N TYR D 2426 -54.42 -69.51 27.83
CA TYR D 2426 -53.63 -70.12 26.77
C TYR D 2426 -54.51 -70.67 25.65
N ALA D 2427 -55.77 -70.98 25.95
CA ALA D 2427 -56.72 -71.30 24.89
C ALA D 2427 -57.33 -70.05 24.28
N ALA D 2428 -57.04 -68.87 24.82
CA ALA D 2428 -57.50 -67.62 24.23
C ALA D 2428 -56.44 -66.96 23.35
N LEU D 2429 -55.16 -67.17 23.66
CA LEU D 2429 -54.11 -66.65 22.80
C LEU D 2429 -54.06 -67.41 21.48
N ILE D 2430 -54.38 -68.70 21.50
CA ILE D 2430 -54.36 -69.49 20.29
C ILE D 2430 -55.56 -69.19 19.41
N ASP D 2431 -56.74 -69.10 20.02
CA ASP D 2431 -57.96 -68.82 19.26
C ASP D 2431 -57.98 -67.41 18.68
N LEU D 2432 -57.19 -66.49 19.24
CA LEU D 2432 -56.96 -65.21 18.60
C LEU D 2432 -56.23 -65.39 17.28
N LEU D 2433 -55.06 -66.04 17.33
CA LEU D 2433 -54.22 -66.18 16.15
C LEU D 2433 -54.84 -67.09 15.10
N GLY D 2434 -55.72 -67.99 15.53
CA GLY D 2434 -56.52 -68.74 14.58
C GLY D 2434 -57.51 -67.86 13.84
N ARG D 2435 -58.17 -66.95 14.57
CA ARG D 2435 -59.00 -65.96 13.92
C ARG D 2435 -58.19 -64.80 13.36
N CYS D 2436 -56.92 -64.68 13.76
CA CYS D 2436 -55.97 -63.80 13.08
C CYS D 2436 -55.18 -64.54 12.02
N ALA D 2437 -55.81 -65.51 11.36
CA ALA D 2437 -55.19 -66.22 10.26
C ALA D 2437 -54.82 -65.24 9.15
N PRO D 2438 -53.67 -65.41 8.50
CA PRO D 2438 -53.19 -64.38 7.57
C PRO D 2438 -54.00 -64.26 6.32
N GLU D 2439 -54.75 -65.29 5.96
CA GLU D 2439 -55.58 -65.24 4.77
C GLU D 2439 -56.66 -66.29 4.92
N MET D 2440 -57.65 -66.18 4.04
CA MET D 2440 -58.57 -67.27 3.78
C MET D 2440 -58.04 -68.08 2.60
N HIS D 2441 -58.89 -68.96 2.06
CA HIS D 2441 -58.53 -69.74 0.88
C HIS D 2441 -58.35 -68.86 -0.35
N LEU D 2442 -58.94 -67.66 -0.36
CA LEU D 2442 -58.84 -66.71 -1.46
C LEU D 2442 -57.41 -66.24 -1.70
N ILE D 2443 -56.83 -65.53 -0.74
CA ILE D 2443 -55.62 -64.78 -0.98
C ILE D 2443 -54.41 -65.41 -0.31
N GLN D 2444 -54.54 -66.65 0.19
CA GLN D 2444 -53.35 -67.37 0.61
C GLN D 2444 -52.59 -67.91 -0.58
N ALA D 2445 -53.27 -68.10 -1.71
CA ALA D 2445 -52.66 -68.68 -2.90
C ALA D 2445 -52.16 -67.63 -3.88
N GLY D 2446 -52.58 -66.38 -3.74
CA GLY D 2446 -52.21 -65.37 -4.71
C GLY D 2446 -51.62 -64.11 -4.12
N LYS D 2447 -50.80 -64.25 -3.08
CA LYS D 2447 -50.22 -63.10 -2.42
C LYS D 2447 -48.89 -63.51 -1.78
N GLY D 2448 -47.90 -62.62 -1.87
CA GLY D 2448 -46.63 -62.85 -1.22
C GLY D 2448 -46.49 -62.09 0.08
N GLU D 2449 -47.42 -61.17 0.35
CA GLU D 2449 -47.36 -60.37 1.57
C GLU D 2449 -47.89 -61.16 2.76
N ALA D 2450 -48.94 -61.94 2.57
CA ALA D 2450 -49.52 -62.71 3.67
C ALA D 2450 -48.66 -63.90 4.09
N LEU D 2451 -47.65 -64.25 3.30
CA LEU D 2451 -46.77 -65.35 3.66
C LEU D 2451 -45.95 -65.03 4.91
N ARG D 2452 -45.62 -63.75 5.09
CA ARG D 2452 -44.84 -63.31 6.25
C ARG D 2452 -45.57 -63.58 7.55
N ILE D 2453 -46.87 -63.27 7.59
CA ILE D 2453 -47.67 -63.49 8.79
C ILE D 2453 -47.82 -64.98 9.04
N ARG D 2454 -47.96 -65.76 7.97
CA ARG D 2454 -48.07 -67.20 8.14
C ARG D 2454 -46.72 -67.81 8.50
N ALA D 2455 -45.63 -67.15 8.11
CA ALA D 2455 -44.32 -67.58 8.57
C ALA D 2455 -44.15 -67.33 10.07
N ILE D 2456 -44.76 -66.25 10.57
CA ILE D 2456 -44.64 -65.94 11.99
C ILE D 2456 -45.48 -66.88 12.83
N LEU D 2457 -46.72 -67.13 12.40
CA LEU D 2457 -47.65 -67.95 13.17
C LEU D 2457 -47.20 -69.41 13.21
N ARG D 2458 -46.56 -69.88 12.13
CA ARG D 2458 -46.00 -71.21 12.16
C ARG D 2458 -44.72 -71.24 12.99
N SER D 2459 -44.03 -70.11 13.12
CA SER D 2459 -42.81 -70.09 13.92
C SER D 2459 -43.09 -69.93 15.40
N LEU D 2460 -44.19 -69.29 15.77
CA LEU D 2460 -44.52 -69.15 17.19
C LEU D 2460 -44.96 -70.49 17.77
N VAL D 2461 -46.06 -71.03 17.26
CA VAL D 2461 -46.53 -72.36 17.67
C VAL D 2461 -46.14 -73.35 16.59
N PRO D 2462 -45.36 -74.37 16.91
CA PRO D 2462 -45.06 -75.42 15.93
C PRO D 2462 -46.14 -76.49 15.91
N LEU D 2463 -46.04 -77.34 14.91
CA LEU D 2463 -46.85 -78.56 14.90
C LEU D 2463 -46.21 -79.57 15.86
N ASP D 2464 -47.00 -80.60 16.19
CA ASP D 2464 -46.68 -81.68 17.15
C ASP D 2464 -46.52 -81.15 18.57
N ASP D 2465 -46.99 -79.95 18.83
CA ASP D 2465 -47.29 -79.46 20.17
C ASP D 2465 -48.78 -79.32 20.39
N LEU D 2466 -49.48 -78.78 19.40
CA LEU D 2466 -50.93 -78.73 19.43
C LEU D 2466 -51.57 -80.10 19.26
N VAL D 2467 -50.82 -81.06 18.72
CA VAL D 2467 -51.35 -82.42 18.51
C VAL D 2467 -51.60 -83.10 19.85
N GLY D 2468 -50.61 -83.02 20.76
CA GLY D 2468 -50.79 -83.57 22.09
C GLY D 2468 -51.80 -82.83 22.94
N ILE D 2469 -52.04 -81.56 22.64
CA ILE D 2469 -53.10 -80.81 23.31
C ILE D 2469 -54.47 -81.35 22.90
N ILE D 2470 -54.61 -81.78 21.65
CA ILE D 2470 -55.83 -82.44 21.22
C ILE D 2470 -55.98 -83.80 21.90
N SER D 2471 -54.88 -84.55 22.00
CA SER D 2471 -54.92 -85.86 22.65
C SER D 2471 -54.59 -85.78 24.14
N LEU D 2472 -55.19 -84.82 24.82
CA LEU D 2472 -54.95 -84.68 26.25
C LEU D 2472 -56.09 -85.33 27.02
N PRO D 2473 -55.86 -86.56 27.51
CA PRO D 2473 -56.93 -87.28 28.21
C PRO D 2473 -57.45 -86.48 29.40
N LEU D 2474 -58.72 -86.66 29.74
CA LEU D 2474 -59.30 -85.96 30.87
C LEU D 2474 -60.25 -86.86 31.63
N GLN D 2475 -61.50 -86.45 31.77
CA GLN D 2475 -62.48 -87.25 32.48
C GLN D 2475 -63.86 -87.12 31.85
N ILE D 2476 -64.80 -87.95 32.28
CA ILE D 2476 -66.15 -87.89 31.76
C ILE D 2476 -67.11 -87.94 32.93
N PRO D 2477 -68.06 -87.01 33.04
CA PRO D 2477 -69.05 -87.08 34.13
C PRO D 2477 -70.08 -88.18 33.93
N THR D 2478 -69.69 -89.41 34.27
CA THR D 2478 -70.60 -90.56 34.24
C THR D 2478 -70.32 -91.38 35.49
N GLY D 2483 -74.30 -96.67 42.34
CA GLY D 2483 -74.84 -95.36 42.05
C GLY D 2483 -74.68 -94.95 40.60
N ALA D 2484 -74.92 -93.67 40.34
CA ALA D 2484 -74.79 -93.14 38.98
C ALA D 2484 -73.33 -92.87 38.64
N LEU D 2485 -73.07 -92.62 37.36
CA LEU D 2485 -71.73 -92.32 36.91
C LEU D 2485 -71.26 -90.97 37.46
N VAL D 2486 -69.99 -90.91 37.86
CA VAL D 2486 -69.41 -89.71 38.44
C VAL D 2486 -68.84 -88.88 37.29
N GLN D 2487 -69.63 -87.94 36.80
CA GLN D 2487 -69.20 -87.06 35.72
C GLN D 2487 -68.42 -85.89 36.29
N PRO D 2488 -67.19 -85.64 35.85
CA PRO D 2488 -66.43 -84.51 36.39
C PRO D 2488 -67.08 -83.18 36.04
N LYS D 2489 -66.85 -82.20 36.91
CA LYS D 2489 -67.41 -80.86 36.71
C LYS D 2489 -66.81 -80.22 35.47
N MET D 2490 -67.67 -79.54 34.69
CA MET D 2490 -67.21 -78.92 33.45
C MET D 2490 -66.30 -77.73 33.72
N SER D 2491 -66.51 -77.02 34.83
CA SER D 2491 -65.71 -75.85 35.16
C SER D 2491 -64.48 -76.18 35.97
N ALA D 2492 -64.21 -77.46 36.24
CA ALA D 2492 -63.07 -77.85 37.06
C ALA D 2492 -62.34 -79.05 36.48
N SER D 2493 -62.35 -79.20 35.16
CA SER D 2493 -61.70 -80.33 34.50
C SER D 2493 -61.47 -79.97 33.03
N PHE D 2494 -60.81 -80.87 32.32
CA PHE D 2494 -60.56 -80.68 30.90
C PHE D 2494 -61.86 -80.69 30.11
N VAL D 2495 -61.93 -79.84 29.08
CA VAL D 2495 -63.14 -79.70 28.28
C VAL D 2495 -62.76 -79.75 26.81
N PRO D 2496 -63.52 -80.45 25.96
CA PRO D 2496 -63.15 -80.53 24.54
C PRO D 2496 -63.20 -79.19 23.81
N ASP D 2497 -63.81 -78.16 24.40
CA ASP D 2497 -63.77 -76.84 23.80
C ASP D 2497 -62.33 -76.36 23.63
N HIS D 2498 -61.43 -76.77 24.53
CA HIS D 2498 -60.01 -76.48 24.35
C HIS D 2498 -59.46 -77.18 23.12
N LYS D 2499 -59.86 -78.44 22.90
CA LYS D 2499 -59.44 -79.17 21.71
C LYS D 2499 -60.04 -78.56 20.44
N ALA D 2500 -61.16 -77.86 20.55
CA ALA D 2500 -61.73 -77.20 19.38
C ALA D 2500 -60.78 -76.15 18.83
N SER D 2501 -60.13 -75.40 19.71
CA SER D 2501 -59.13 -74.42 19.26
C SER D 2501 -57.96 -75.12 18.57
N MET D 2502 -57.54 -76.26 19.11
CA MET D 2502 -56.46 -77.02 18.47
C MET D 2502 -56.85 -77.46 17.08
N VAL D 2503 -58.07 -77.97 16.92
CA VAL D 2503 -58.55 -78.40 15.62
C VAL D 2503 -58.64 -77.22 14.65
N LEU D 2504 -59.13 -76.08 15.14
CA LEU D 2504 -59.24 -74.90 14.28
C LEU D 2504 -57.86 -74.43 13.82
N PHE D 2505 -56.89 -74.41 14.73
CA PHE D 2505 -55.53 -74.05 14.34
C PHE D 2505 -54.96 -75.04 13.32
N LEU D 2506 -55.18 -76.33 13.56
CA LEU D 2506 -54.75 -77.35 12.60
C LEU D 2506 -55.30 -77.06 11.21
N ASP D 2507 -56.61 -76.84 11.12
CA ASP D 2507 -57.25 -76.61 9.82
C ASP D 2507 -56.69 -75.34 9.18
N ARG D 2508 -56.63 -74.24 9.94
CA ARG D 2508 -56.31 -72.95 9.34
C ARG D 2508 -54.83 -72.72 9.10
N VAL D 2509 -53.94 -73.53 9.68
CA VAL D 2509 -52.50 -73.36 9.48
C VAL D 2509 -51.88 -74.58 8.80
N TYR D 2510 -52.03 -75.76 9.39
CA TYR D 2510 -51.30 -76.93 8.91
C TYR D 2510 -52.09 -77.72 7.87
N GLY D 2511 -53.26 -78.22 8.25
CA GLY D 2511 -54.03 -79.09 7.37
C GLY D 2511 -53.43 -80.48 7.29
N ILE D 2512 -54.13 -81.36 6.60
CA ILE D 2512 -53.70 -82.74 6.42
C ILE D 2512 -53.89 -83.13 4.96
N GLU D 2513 -52.89 -83.78 4.37
CA GLU D 2513 -53.02 -84.32 3.02
C GLU D 2513 -52.92 -85.84 3.01
N ASN D 2514 -51.81 -86.42 3.47
CA ASN D 2514 -51.71 -87.88 3.55
C ASN D 2514 -51.02 -88.38 4.81
N GLN D 2515 -50.19 -87.58 5.49
CA GLN D 2515 -49.38 -88.11 6.58
C GLN D 2515 -50.18 -88.25 7.88
N ASP D 2516 -50.69 -87.13 8.41
CA ASP D 2516 -51.45 -87.17 9.63
C ASP D 2516 -52.83 -87.78 9.46
N PHE D 2517 -53.24 -88.03 8.21
CA PHE D 2517 -54.58 -88.57 7.95
C PHE D 2517 -54.76 -89.98 8.50
N LEU D 2518 -53.68 -90.64 8.90
CA LEU D 2518 -53.80 -91.95 9.53
C LEU D 2518 -53.87 -91.83 11.05
N LEU D 2519 -52.83 -91.24 11.66
CA LEU D 2519 -52.76 -91.19 13.12
C LEU D 2519 -53.81 -90.27 13.73
N HIS D 2520 -54.14 -89.16 13.06
CA HIS D 2520 -55.17 -88.27 13.61
C HIS D 2520 -56.52 -88.96 13.65
N VAL D 2521 -56.89 -89.65 12.55
CA VAL D 2521 -58.15 -90.36 12.52
C VAL D 2521 -58.14 -91.54 13.49
N LEU D 2522 -57.00 -92.20 13.65
CA LEU D 2522 -56.91 -93.28 14.62
C LEU D 2522 -57.12 -92.76 16.04
N ASP D 2523 -56.53 -91.59 16.36
CA ASP D 2523 -56.68 -91.02 17.69
C ASP D 2523 -58.12 -90.57 17.94
N VAL D 2524 -58.74 -89.91 16.95
CA VAL D 2524 -60.11 -89.43 17.13
C VAL D 2524 -61.15 -90.52 16.96
N GLY D 2525 -60.75 -91.72 16.54
CA GLY D 2525 -61.72 -92.78 16.31
C GLY D 2525 -62.36 -93.28 17.59
N PHE D 2526 -61.59 -93.41 18.66
CA PHE D 2526 -62.08 -94.04 19.88
C PHE D 2526 -62.67 -93.06 20.88
N LEU D 2527 -62.75 -91.77 20.55
CA LEU D 2527 -63.42 -90.82 21.44
C LEU D 2527 -64.89 -91.14 21.62
N PRO D 2528 -65.69 -91.40 20.57
CA PRO D 2528 -67.07 -91.84 20.79
C PRO D 2528 -67.12 -93.33 21.12
N ASP D 2529 -67.39 -93.64 22.39
CA ASP D 2529 -67.48 -95.02 22.86
C ASP D 2529 -68.95 -95.42 22.83
N MET D 2530 -69.30 -96.31 21.91
CA MET D 2530 -70.69 -96.71 21.68
C MET D 2530 -71.57 -95.50 21.45
N ARG D 2531 -71.19 -94.72 20.44
CA ARG D 2531 -71.82 -93.42 20.14
C ARG D 2531 -71.78 -92.51 21.37
N ALA D 2532 -70.63 -92.47 22.04
CA ALA D 2532 -70.44 -91.70 23.27
C ALA D 2532 -71.49 -92.06 24.31
N ALA D 2533 -71.75 -93.36 24.45
CA ALA D 2533 -72.76 -93.90 25.36
C ALA D 2533 -74.14 -93.30 25.05
N ALA D 2534 -74.62 -93.62 23.85
CA ALA D 2534 -75.88 -93.08 23.37
C ALA D 2534 -77.06 -93.47 24.25
N SER D 2535 -76.96 -94.57 24.99
CA SER D 2535 -78.01 -94.96 25.91
C SER D 2535 -78.15 -93.93 27.01
N LEU D 2536 -79.39 -93.77 27.51
CA LEU D 2536 -79.68 -92.72 28.48
C LEU D 2536 -79.06 -93.07 29.84
N ASP D 2537 -77.85 -92.54 30.08
CA ASP D 2537 -77.14 -92.80 31.33
C ASP D 2537 -76.86 -91.53 32.13
N THR D 2538 -76.34 -90.48 31.49
CA THR D 2538 -76.00 -89.25 32.19
C THR D 2538 -76.71 -88.03 31.61
N ALA D 2539 -76.63 -87.83 30.29
CA ALA D 2539 -77.20 -86.66 29.62
C ALA D 2539 -76.66 -85.35 30.21
N THR D 2540 -75.39 -85.35 30.60
CA THR D 2540 -74.75 -84.16 31.16
C THR D 2540 -73.53 -83.69 30.36
N PHE D 2541 -72.83 -84.60 29.70
CA PHE D 2541 -71.64 -84.26 28.92
C PHE D 2541 -71.99 -84.38 27.44
N SER D 2542 -72.54 -83.31 26.87
CA SER D 2542 -72.88 -83.25 25.46
C SER D 2542 -71.87 -82.44 24.66
N THR D 2543 -70.77 -82.03 25.27
CA THR D 2543 -69.77 -81.23 24.55
C THR D 2543 -69.07 -82.05 23.47
N THR D 2544 -69.07 -83.38 23.61
CA THR D 2544 -68.52 -84.23 22.55
C THR D 2544 -69.32 -84.08 21.27
N GLU D 2545 -70.65 -84.03 21.39
CA GLU D 2545 -71.49 -83.80 20.22
C GLU D 2545 -71.25 -82.42 19.63
N MET D 2546 -70.96 -81.43 20.49
CA MET D 2546 -70.64 -80.09 20.00
C MET D 2546 -69.33 -80.09 19.21
N ALA D 2547 -68.31 -80.78 19.72
CA ALA D 2547 -67.04 -80.88 19.01
C ALA D 2547 -67.12 -81.78 17.78
N LEU D 2548 -68.15 -82.62 17.70
CA LEU D 2548 -68.36 -83.40 16.48
C LEU D 2548 -68.58 -82.49 15.29
N ALA D 2549 -69.42 -81.46 15.45
CA ALA D 2549 -69.67 -80.52 14.37
C ALA D 2549 -68.44 -79.69 13.99
N LEU D 2550 -67.41 -79.70 14.83
CA LEU D 2550 -66.18 -78.96 14.54
C LEU D 2550 -65.08 -79.84 13.97
N ASN D 2551 -65.03 -81.12 14.33
CA ASN D 2551 -63.99 -81.99 13.80
C ASN D 2551 -64.42 -82.81 12.59
N ARG D 2552 -65.69 -83.22 12.50
CA ARG D 2552 -66.15 -83.91 11.31
C ARG D 2552 -66.12 -83.01 10.08
N TYR D 2553 -66.27 -81.70 10.27
CA TYR D 2553 -66.17 -80.78 9.16
C TYR D 2553 -64.77 -80.80 8.55
N LEU D 2554 -63.73 -80.81 9.40
CA LEU D 2554 -62.38 -80.98 8.89
C LEU D 2554 -62.20 -82.35 8.27
N CYS D 2555 -62.79 -83.39 8.88
CA CYS D 2555 -62.71 -84.73 8.33
C CYS D 2555 -63.28 -84.79 6.92
N LEU D 2556 -64.30 -83.99 6.62
CA LEU D 2556 -64.89 -83.99 5.28
C LEU D 2556 -64.02 -83.25 4.28
N ALA D 2557 -63.18 -82.32 4.74
CA ALA D 2557 -62.37 -81.52 3.83
C ALA D 2557 -61.33 -82.36 3.09
N VAL D 2558 -61.07 -83.59 3.52
CA VAL D 2558 -60.09 -84.45 2.89
C VAL D 2558 -60.72 -85.81 2.62
N LEU D 2559 -60.21 -86.49 1.60
CA LEU D 2559 -60.60 -87.87 1.28
C LEU D 2559 -59.35 -88.70 1.01
N PRO D 2560 -58.51 -88.92 2.04
CA PRO D 2560 -57.25 -89.63 1.83
C PRO D 2560 -57.33 -91.12 2.14
N LEU D 2561 -58.44 -91.58 2.73
CA LEU D 2561 -58.58 -92.98 3.11
C LEU D 2561 -59.24 -93.76 1.98
N ILE D 2562 -58.47 -93.94 0.91
CA ILE D 2562 -58.96 -94.53 -0.33
C ILE D 2562 -58.24 -95.83 -0.69
N THR D 2563 -56.92 -95.86 -0.52
CA THR D 2563 -56.12 -96.90 -1.17
C THR D 2563 -56.23 -98.26 -0.48
N LYS D 2564 -55.76 -98.36 0.76
CA LYS D 2564 -55.67 -99.64 1.45
C LYS D 2564 -55.37 -99.37 2.92
N CYS D 2565 -55.03 -100.45 3.65
CA CYS D 2565 -54.64 -100.42 5.06
C CYS D 2565 -55.58 -99.52 5.87
N ALA D 2566 -56.84 -99.92 5.92
CA ALA D 2566 -57.88 -99.18 6.61
C ALA D 2566 -58.60 -100.10 7.59
N PRO D 2567 -58.06 -100.27 8.79
CA PRO D 2567 -58.77 -101.03 9.82
C PRO D 2567 -59.71 -100.19 10.68
N LEU D 2568 -60.03 -98.96 10.24
CA LEU D 2568 -61.00 -98.12 10.91
C LEU D 2568 -62.43 -98.43 10.49
N PHE D 2569 -62.70 -99.67 10.04
CA PHE D 2569 -64.08 -100.07 9.79
C PHE D 2569 -64.92 -99.97 11.05
N ALA D 2570 -64.32 -100.26 12.21
CA ALA D 2570 -65.00 -100.05 13.47
C ALA D 2570 -65.30 -98.56 13.68
N GLY D 2571 -64.39 -97.69 13.22
CA GLY D 2571 -64.65 -96.26 13.31
C GLY D 2571 -65.83 -95.84 12.44
N THR D 2572 -65.91 -96.38 11.22
CA THR D 2572 -67.05 -96.08 10.36
C THR D 2572 -68.35 -96.61 10.97
N GLU D 2573 -68.30 -97.80 11.57
CA GLU D 2573 -69.47 -98.34 12.25
C GLU D 2573 -69.89 -97.45 13.42
N HIS D 2574 -68.91 -96.95 14.18
CA HIS D 2574 -69.21 -96.05 15.28
C HIS D 2574 -69.84 -94.76 14.78
N ARG D 2575 -69.33 -94.21 13.69
CA ARG D 2575 -69.92 -93.00 13.11
C ARG D 2575 -71.34 -93.26 12.64
N ALA D 2576 -71.57 -94.41 12.00
CA ALA D 2576 -72.92 -94.75 11.54
C ALA D 2576 -73.88 -94.91 12.70
N ILE D 2577 -73.42 -95.54 13.79
CA ILE D 2577 -74.29 -95.70 14.95
C ILE D 2577 -74.53 -94.37 15.65
N MET D 2578 -73.56 -93.44 15.59
CA MET D 2578 -73.78 -92.11 16.11
C MET D 2578 -74.83 -91.38 15.30
N VAL D 2579 -74.81 -91.53 13.98
CA VAL D 2579 -75.86 -90.95 13.14
C VAL D 2579 -77.20 -91.57 13.47
N ASP D 2580 -77.25 -92.90 13.61
CA ASP D 2580 -78.53 -93.58 13.82
C ASP D 2580 -79.05 -93.39 15.24
N SER D 2581 -78.17 -93.33 16.23
CA SER D 2581 -78.57 -93.20 17.63
C SER D 2581 -78.30 -91.77 18.09
N MET D 2582 -79.37 -91.01 18.29
CA MET D 2582 -79.31 -89.64 18.78
C MET D 2582 -80.16 -89.48 20.03
N LEU D 2583 -80.16 -90.51 20.89
CA LEU D 2583 -80.99 -90.46 22.10
C LEU D 2583 -80.53 -89.36 23.04
N HIS D 2584 -79.22 -89.16 23.17
CA HIS D 2584 -78.66 -88.17 24.09
C HIS D 2584 -78.57 -86.83 23.37
N THR D 2585 -79.38 -85.86 23.82
CA THR D 2585 -79.35 -84.49 23.31
C THR D 2585 -79.49 -84.47 21.79
N VAL D 2586 -80.65 -84.91 21.31
CA VAL D 2586 -80.91 -84.94 19.88
C VAL D 2586 -80.87 -83.53 19.32
N TYR D 2587 -80.21 -83.37 18.16
CA TYR D 2587 -80.09 -82.08 17.51
C TYR D 2587 -80.13 -82.32 16.01
N ARG D 2588 -81.20 -81.84 15.35
CA ARG D 2588 -81.35 -82.06 13.92
C ARG D 2588 -80.25 -81.35 13.13
N LEU D 2589 -79.85 -80.16 13.58
CA LEU D 2589 -78.78 -79.44 12.89
C LEU D 2589 -77.47 -80.21 12.92
N SER D 2590 -77.11 -80.76 14.08
CA SER D 2590 -75.91 -81.58 14.17
C SER D 2590 -76.10 -82.92 13.47
N ARG D 2591 -77.33 -83.44 13.48
CA ARG D 2591 -77.63 -84.66 12.76
C ARG D 2591 -77.41 -84.51 11.26
N GLY D 2592 -77.74 -83.34 10.70
CA GLY D 2592 -77.45 -83.11 9.30
C GLY D 2592 -75.97 -83.17 8.98
N ARG D 2593 -75.15 -82.54 9.83
CA ARG D 2593 -73.71 -82.61 9.65
C ARG D 2593 -73.19 -84.03 9.78
N SER D 2594 -73.71 -84.80 10.75
CA SER D 2594 -73.27 -86.18 10.91
C SER D 2594 -73.66 -87.03 9.70
N LEU D 2595 -74.88 -86.85 9.20
CA LEU D 2595 -75.33 -87.65 8.07
C LEU D 2595 -74.58 -87.29 6.78
N THR D 2596 -74.30 -85.99 6.58
CA THR D 2596 -73.49 -85.63 5.42
C THR D 2596 -72.05 -86.08 5.58
N LYS D 2597 -71.54 -86.17 6.81
CA LYS D 2597 -70.23 -86.78 7.04
C LYS D 2597 -70.24 -88.25 6.61
N ALA D 2598 -71.27 -89.00 7.02
CA ALA D 2598 -71.36 -90.39 6.59
C ALA D 2598 -71.47 -90.51 5.08
N GLN D 2599 -72.28 -89.65 4.46
CA GLN D 2599 -72.45 -89.70 3.01
C GLN D 2599 -71.14 -89.40 2.29
N ARG D 2600 -70.41 -88.37 2.73
CA ARG D 2600 -69.13 -88.04 2.13
C ARG D 2600 -68.12 -89.15 2.32
N ASP D 2601 -68.11 -89.78 3.49
CA ASP D 2601 -67.18 -90.88 3.74
C ASP D 2601 -67.48 -92.08 2.84
N VAL D 2602 -68.77 -92.41 2.66
CA VAL D 2602 -69.11 -93.58 1.85
C VAL D 2602 -69.06 -93.30 0.35
N ILE D 2603 -69.11 -92.02 -0.05
CA ILE D 2603 -69.07 -91.71 -1.49
C ILE D 2603 -67.66 -91.70 -2.06
N GLU D 2604 -66.63 -91.71 -1.21
CA GLU D 2604 -65.26 -91.63 -1.67
C GLU D 2604 -64.53 -92.97 -1.64
N ASP D 2605 -64.79 -93.80 -0.63
CA ASP D 2605 -64.13 -95.09 -0.48
C ASP D 2605 -65.16 -96.18 -0.27
N CYS D 2606 -64.91 -97.34 -0.88
CA CYS D 2606 -65.79 -98.49 -0.80
C CYS D 2606 -65.01 -99.71 -1.29
N LEU D 2607 -65.73 -100.81 -1.50
CA LEU D 2607 -65.23 -102.09 -2.02
C LEU D 2607 -63.88 -102.50 -1.41
N MET D 2608 -63.70 -102.26 -0.11
CA MET D 2608 -62.54 -102.73 0.60
C MET D 2608 -62.83 -103.89 1.54
N ALA D 2609 -64.10 -104.16 1.83
CA ALA D 2609 -64.50 -105.27 2.69
C ALA D 2609 -65.94 -105.62 2.35
N LEU D 2610 -66.56 -106.42 3.19
CA LEU D 2610 -67.98 -106.76 3.00
C LEU D 2610 -68.81 -106.52 4.25
N CYS D 2611 -68.28 -106.81 5.44
CA CYS D 2611 -69.05 -106.69 6.67
C CYS D 2611 -69.33 -105.24 7.04
N ARG D 2612 -68.41 -104.33 6.74
CA ARG D 2612 -68.53 -102.93 7.17
C ARG D 2612 -69.68 -102.20 6.50
N TYR D 2613 -70.29 -102.79 5.48
CA TYR D 2613 -71.47 -102.21 4.84
C TYR D 2613 -72.75 -102.94 5.17
N ILE D 2614 -72.74 -104.28 5.19
CA ILE D 2614 -73.95 -105.03 5.50
C ILE D 2614 -74.31 -104.88 6.96
N ARG D 2615 -73.31 -104.88 7.86
CA ARG D 2615 -73.61 -104.75 9.28
C ARG D 2615 -74.35 -103.46 9.62
N PRO D 2616 -73.92 -102.27 9.17
CA PRO D 2616 -74.77 -101.09 9.36
C PRO D 2616 -76.11 -101.19 8.64
N SER D 2617 -76.15 -101.85 7.49
CA SER D 2617 -77.37 -102.01 6.73
C SER D 2617 -78.22 -103.19 7.20
N MET D 2618 -77.75 -103.94 8.20
CA MET D 2618 -78.57 -105.02 8.75
C MET D 2618 -79.84 -104.49 9.38
N LEU D 2619 -79.75 -103.34 10.06
CA LEU D 2619 -80.94 -102.72 10.64
C LEU D 2619 -81.92 -102.31 9.56
N GLN D 2620 -81.42 -101.74 8.46
CA GLN D 2620 -82.30 -101.38 7.35
C GLN D 2620 -82.94 -102.60 6.71
N HIS D 2621 -82.17 -103.69 6.57
CA HIS D 2621 -82.72 -104.92 6.01
C HIS D 2621 -83.80 -105.51 6.91
N LEU D 2622 -83.58 -105.49 8.22
CA LEU D 2622 -84.58 -106.02 9.15
C LEU D 2622 -85.71 -105.02 9.39
N LEU D 2623 -85.36 -103.83 9.88
CA LEU D 2623 -86.34 -102.77 10.14
C LEU D 2623 -86.26 -101.75 9.00
N ARG D 2624 -86.96 -102.06 7.92
CA ARG D 2624 -86.96 -101.19 6.74
C ARG D 2624 -87.95 -100.04 6.85
N ARG D 2625 -88.78 -100.02 7.88
CA ARG D 2625 -89.75 -98.95 8.08
C ARG D 2625 -89.25 -97.88 9.04
N LEU D 2626 -88.00 -97.98 9.49
CA LEU D 2626 -87.45 -96.99 10.41
C LEU D 2626 -87.31 -95.64 9.72
N VAL D 2627 -87.65 -94.57 10.45
CA VAL D 2627 -87.61 -93.22 9.89
C VAL D 2627 -86.22 -92.62 9.91
N PHE D 2628 -85.28 -93.22 10.64
CA PHE D 2628 -83.92 -92.69 10.76
C PHE D 2628 -82.93 -93.42 9.86
N ASP D 2629 -83.42 -94.24 8.92
CA ASP D 2629 -82.55 -95.00 8.04
C ASP D 2629 -82.43 -94.38 6.65
N VAL D 2630 -82.92 -93.15 6.46
CA VAL D 2630 -82.84 -92.51 5.14
C VAL D 2630 -81.39 -92.29 4.71
N PRO D 2631 -80.48 -91.82 5.56
CA PRO D 2631 -79.06 -91.83 5.15
C PRO D 2631 -78.55 -93.21 4.76
N ILE D 2632 -78.98 -94.24 5.47
CA ILE D 2632 -78.51 -95.60 5.17
C ILE D 2632 -79.00 -96.04 3.79
N LEU D 2633 -80.28 -95.80 3.50
CA LEU D 2633 -80.80 -96.15 2.18
C LEU D 2633 -80.14 -95.32 1.08
N ASN D 2634 -79.89 -94.04 1.35
CA ASN D 2634 -79.22 -93.20 0.37
C ASN D 2634 -77.82 -93.72 0.05
N GLU D 2635 -77.07 -94.12 1.08
CA GLU D 2635 -75.74 -94.67 0.86
C GLU D 2635 -75.80 -96.01 0.13
N PHE D 2636 -76.73 -96.87 0.54
CA PHE D 2636 -76.88 -98.18 -0.09
C PHE D 2636 -77.38 -98.10 -1.52
N ALA D 2637 -77.98 -96.98 -1.92
CA ALA D 2637 -78.34 -96.76 -3.30
C ALA D 2637 -77.26 -96.05 -4.10
N LYS D 2638 -76.47 -95.18 -3.45
CA LYS D 2638 -75.42 -94.45 -4.15
C LYS D 2638 -74.19 -95.31 -4.40
N MET D 2639 -73.87 -96.25 -3.50
CA MET D 2639 -72.68 -97.07 -3.69
C MET D 2639 -72.75 -97.93 -4.95
N PRO D 2640 -73.82 -98.71 -5.22
CA PRO D 2640 -73.86 -99.47 -6.47
C PRO D 2640 -73.88 -98.59 -7.71
N LEU D 2641 -74.48 -97.40 -7.61
CA LEU D 2641 -74.49 -96.48 -8.75
C LEU D 2641 -73.08 -96.04 -9.09
N LYS D 2642 -72.25 -95.77 -8.09
CA LYS D 2642 -70.89 -95.33 -8.31
C LYS D 2642 -69.91 -96.46 -8.51
N LEU D 2643 -70.32 -97.71 -8.27
CA LEU D 2643 -69.45 -98.87 -8.44
C LEU D 2643 -69.85 -99.72 -9.63
N LEU D 2644 -71.09 -100.20 -9.66
CA LEU D 2644 -71.60 -101.06 -10.74
C LEU D 2644 -70.72 -102.29 -10.93
N THR D 2645 -70.18 -102.81 -9.82
CA THR D 2645 -69.43 -104.06 -9.77
C THR D 2645 -68.09 -103.93 -10.51
N ASN D 2646 -67.86 -102.78 -11.14
CA ASN D 2646 -66.61 -102.56 -11.84
C ASN D 2646 -65.47 -102.43 -10.84
N HIS D 2647 -64.37 -103.16 -11.09
CA HIS D 2647 -63.24 -103.23 -10.17
C HIS D 2647 -63.68 -103.68 -8.79
N TYR D 2648 -64.66 -104.58 -8.75
CA TYR D 2648 -65.22 -105.08 -7.50
C TYR D 2648 -65.64 -106.53 -7.69
N GLU D 2649 -65.34 -107.36 -6.71
CA GLU D 2649 -65.65 -108.79 -6.75
C GLU D 2649 -66.78 -109.10 -5.78
N ARG D 2650 -67.78 -109.83 -6.26
CA ARG D 2650 -68.92 -110.17 -5.42
C ARG D 2650 -68.52 -111.22 -4.38
N CYS D 2651 -69.37 -111.36 -3.37
CA CYS D 2651 -69.14 -112.29 -2.28
C CYS D 2651 -70.49 -112.62 -1.64
N TRP D 2652 -70.45 -113.22 -0.45
CA TRP D 2652 -71.68 -113.55 0.26
C TRP D 2652 -72.50 -112.30 0.58
N LYS D 2653 -71.84 -111.14 0.70
CA LYS D 2653 -72.57 -109.90 0.90
C LYS D 2653 -73.45 -109.58 -0.30
N TYR D 2654 -72.93 -109.82 -1.51
CA TYR D 2654 -73.74 -109.64 -2.72
C TYR D 2654 -74.86 -110.66 -2.82
N TYR D 2655 -74.74 -111.80 -2.12
CA TYR D 2655 -75.79 -112.82 -2.18
C TYR D 2655 -77.01 -112.42 -1.35
N CYS D 2656 -76.83 -111.58 -0.34
CA CYS D 2656 -77.94 -111.17 0.52
C CYS D 2656 -78.68 -109.95 -0.01
N LEU D 2657 -78.19 -109.32 -1.07
CA LEU D 2657 -78.88 -108.15 -1.64
C LEU D 2657 -80.28 -108.48 -2.14
N PRO D 2658 -80.53 -109.58 -2.87
CA PRO D 2658 -81.91 -109.87 -3.27
C PRO D 2658 -82.86 -110.02 -2.09
N THR D 2659 -82.41 -110.66 -1.00
CA THR D 2659 -83.26 -110.76 0.18
C THR D 2659 -83.54 -109.40 0.78
N GLY D 2660 -82.53 -108.52 0.83
CA GLY D 2660 -82.73 -107.19 1.35
C GLY D 2660 -83.74 -106.40 0.52
N TRP D 2661 -83.61 -106.46 -0.80
CA TRP D 2661 -84.57 -105.76 -1.67
C TRP D 2661 -85.97 -106.34 -1.52
N ALA D 2662 -86.07 -107.67 -1.43
CA ALA D 2662 -87.38 -108.31 -1.29
C ALA D 2662 -88.07 -107.89 0.00
N ASN D 2663 -87.35 -107.92 1.12
CA ASN D 2663 -87.98 -107.53 2.39
C ASN D 2663 -88.24 -106.03 2.44
N PHE D 2664 -87.39 -105.21 1.79
CA PHE D 2664 -87.68 -103.78 1.71
C PHE D 2664 -88.98 -103.52 0.97
N GLY D 2665 -89.17 -104.16 -0.18
CA GLY D 2665 -90.43 -104.02 -0.89
C GLY D 2665 -91.61 -104.57 -0.09
N VAL D 2666 -91.39 -105.68 0.61
CA VAL D 2666 -92.46 -106.28 1.41
C VAL D 2666 -92.92 -105.31 2.49
N THR D 2667 -91.97 -104.74 3.23
CA THR D 2667 -92.32 -103.72 4.21
C THR D 2667 -92.88 -102.47 3.54
N SER D 2668 -92.54 -102.24 2.27
CA SER D 2668 -93.04 -101.05 1.58
C SER D 2668 -94.53 -101.16 1.27
N GLU D 2669 -94.99 -102.32 0.80
CA GLU D 2669 -96.37 -102.40 0.33
C GLU D 2669 -97.34 -103.13 1.26
N GLU D 2670 -96.82 -103.88 2.24
CA GLU D 2670 -97.71 -104.71 3.07
C GLU D 2670 -98.54 -103.84 4.01
N GLU D 2671 -97.89 -103.10 4.91
CA GLU D 2671 -98.57 -102.30 5.91
C GLU D 2671 -98.02 -100.88 5.90
N LEU D 2672 -98.82 -99.94 6.39
CA LEU D 2672 -98.45 -98.54 6.48
C LEU D 2672 -98.10 -97.99 5.09
N HIS D 2673 -99.13 -97.92 4.25
CA HIS D 2673 -98.99 -97.45 2.87
C HIS D 2673 -98.17 -96.18 2.82
N LEU D 2674 -97.05 -96.26 2.11
CA LEU D 2674 -96.03 -95.22 2.19
C LEU D 2674 -96.49 -93.94 1.49
N THR D 2675 -96.17 -92.81 2.11
CA THR D 2675 -96.49 -91.52 1.52
C THR D 2675 -95.51 -91.19 0.39
N ARG D 2676 -95.90 -90.22 -0.44
CA ARG D 2676 -95.16 -89.95 -1.67
C ARG D 2676 -93.76 -89.40 -1.38
N LYS D 2677 -93.62 -88.59 -0.33
CA LYS D 2677 -92.39 -87.84 -0.12
C LYS D 2677 -91.19 -88.77 0.04
N LEU D 2678 -91.33 -89.83 0.84
CA LEU D 2678 -90.22 -90.75 1.03
C LEU D 2678 -90.32 -91.97 0.11
N PHE D 2679 -91.50 -92.24 -0.45
CA PHE D 2679 -91.61 -93.27 -1.47
C PHE D 2679 -90.81 -92.88 -2.72
N TRP D 2680 -90.78 -91.58 -3.05
CA TRP D 2680 -89.95 -91.12 -4.15
C TRP D 2680 -88.47 -91.37 -3.87
N GLY D 2681 -88.03 -91.13 -2.64
CA GLY D 2681 -86.66 -91.36 -2.26
C GLY D 2681 -86.31 -92.80 -1.94
N ILE D 2682 -87.28 -93.69 -1.91
CA ILE D 2682 -87.04 -95.10 -1.64
C ILE D 2682 -86.91 -95.91 -2.94
N PHE D 2683 -86.65 -95.24 -4.06
CA PHE D 2683 -86.52 -95.92 -5.35
C PHE D 2683 -85.09 -96.41 -5.50
N ASP D 2684 -84.85 -97.62 -5.00
CA ASP D 2684 -83.53 -98.23 -5.10
C ASP D 2684 -83.26 -98.69 -6.53
N SER D 2685 -81.98 -98.66 -6.90
CA SER D 2685 -81.58 -99.06 -8.25
C SER D 2685 -81.88 -100.53 -8.50
N LEU D 2686 -81.55 -101.40 -7.54
CA LEU D 2686 -81.77 -102.84 -7.65
C LEU D 2686 -81.10 -103.40 -8.91
N ALA D 2687 -79.89 -102.93 -9.20
CA ALA D 2687 -79.16 -103.35 -10.37
C ALA D 2687 -78.26 -104.53 -10.02
N HIS D 2688 -77.35 -104.89 -10.93
CA HIS D 2688 -76.40 -105.99 -10.75
C HIS D 2688 -77.14 -107.31 -10.51
N LYS D 2689 -77.88 -107.73 -11.53
CA LYS D 2689 -78.59 -109.00 -11.49
C LYS D 2689 -77.65 -110.12 -11.93
N LYS D 2690 -78.20 -111.31 -12.13
CA LYS D 2690 -77.41 -112.46 -12.55
C LYS D 2690 -78.26 -113.45 -13.35
N ASN D 2734 -76.42 -105.19 17.98
CA ASN D 2734 -77.47 -105.90 18.71
C ASN D 2734 -77.21 -107.40 18.71
N PHE D 2735 -77.86 -108.11 17.78
CA PHE D 2735 -77.73 -109.55 17.62
C PHE D 2735 -78.07 -110.28 18.94
N ASP D 2736 -79.34 -110.15 19.31
CA ASP D 2736 -79.83 -110.83 20.50
C ASP D 2736 -79.70 -112.34 20.32
N PRO D 2737 -79.06 -113.04 21.26
CA PRO D 2737 -78.81 -114.48 21.06
C PRO D 2737 -80.09 -115.29 21.15
N ARG D 2738 -80.19 -116.30 20.28
CA ARG D 2738 -81.30 -117.25 20.27
C ARG D 2738 -80.70 -118.65 20.22
N PRO D 2739 -80.18 -119.15 21.34
CA PRO D 2739 -79.49 -120.45 21.32
C PRO D 2739 -80.44 -121.60 21.02
N VAL D 2740 -79.88 -122.63 20.40
CA VAL D 2740 -80.62 -123.84 20.07
C VAL D 2740 -80.47 -124.83 21.22
N GLU D 2741 -81.55 -125.57 21.50
CA GLU D 2741 -81.56 -126.54 22.59
C GLU D 2741 -80.54 -127.65 22.33
N THR D 2742 -79.50 -127.71 23.16
CA THR D 2742 -78.45 -128.71 23.01
C THR D 2742 -78.16 -129.50 24.28
N LEU D 2743 -78.72 -129.11 25.42
CA LEU D 2743 -78.47 -129.78 26.70
C LEU D 2743 -79.51 -130.84 27.03
N ASN D 2744 -80.48 -131.07 26.15
CA ASN D 2744 -81.56 -132.02 26.42
C ASN D 2744 -81.35 -133.37 25.74
N VAL D 2745 -80.76 -133.39 24.55
CA VAL D 2745 -80.56 -134.63 23.81
C VAL D 2745 -79.39 -135.40 24.43
N ILE D 2746 -79.57 -136.70 24.60
CA ILE D 2746 -78.52 -137.57 25.13
C ILE D 2746 -77.74 -138.16 23.96
N ILE D 2747 -76.42 -138.06 24.01
CA ILE D 2747 -75.59 -138.55 22.91
C ILE D 2747 -75.65 -140.07 22.88
N PRO D 2748 -75.62 -140.69 21.71
CA PRO D 2748 -75.59 -142.16 21.63
C PRO D 2748 -74.19 -142.70 21.92
N GLU D 2749 -74.13 -144.02 22.07
CA GLU D 2749 -72.85 -144.68 22.34
C GLU D 2749 -71.93 -144.68 21.12
N LYS D 2750 -72.48 -144.50 19.93
CA LYS D 2750 -71.66 -144.50 18.71
C LYS D 2750 -70.86 -143.23 18.53
N LEU D 2751 -71.10 -142.20 19.35
CA LEU D 2751 -70.44 -140.92 19.20
C LEU D 2751 -69.42 -140.62 20.30
N ASP D 2752 -69.39 -141.42 21.36
CA ASP D 2752 -68.40 -141.21 22.41
C ASP D 2752 -66.99 -141.45 21.88
N SER D 2753 -66.82 -142.46 21.03
CA SER D 2753 -65.53 -142.69 20.39
C SER D 2753 -65.13 -141.51 19.52
N PHE D 2754 -66.09 -140.93 18.79
CA PHE D 2754 -65.81 -139.74 17.99
C PHE D 2754 -65.36 -138.58 18.88
N ILE D 2755 -66.05 -138.38 20.01
CA ILE D 2755 -65.69 -137.28 20.92
C ILE D 2755 -64.26 -137.47 21.43
N ASN D 2756 -63.95 -138.67 21.91
CA ASN D 2756 -62.63 -138.92 22.48
C ASN D 2756 -61.54 -138.80 21.41
N LYS D 2757 -61.78 -139.36 20.22
CA LYS D 2757 -60.79 -139.30 19.16
C LYS D 2757 -60.56 -137.86 18.69
N PHE D 2758 -61.63 -137.06 18.61
CA PHE D 2758 -61.45 -135.67 18.23
C PHE D 2758 -60.69 -134.89 19.29
N ALA D 2759 -60.97 -135.17 20.57
CA ALA D 2759 -60.21 -134.50 21.63
C ALA D 2759 -58.72 -134.84 21.55
N GLU D 2760 -58.41 -136.13 21.36
CA GLU D 2760 -57.02 -136.53 21.22
C GLU D 2760 -56.37 -135.91 19.98
N TYR D 2761 -57.12 -135.84 18.87
CA TYR D 2761 -56.59 -135.25 17.65
C TYR D 2761 -56.29 -133.76 17.84
N THR D 2762 -57.19 -133.03 18.50
CA THR D 2762 -56.93 -131.62 18.77
C THR D 2762 -55.71 -131.45 19.67
N HIS D 2763 -55.61 -132.28 20.71
CA HIS D 2763 -54.45 -132.19 21.60
C HIS D 2763 -53.15 -132.48 20.85
N GLU D 2764 -53.14 -133.50 20.00
CA GLU D 2764 -51.90 -133.83 19.29
C GLU D 2764 -51.58 -132.82 18.20
N LYS D 2765 -52.60 -132.20 17.59
CA LYS D 2765 -52.34 -131.13 16.64
C LYS D 2765 -51.71 -129.93 17.33
N TRP D 2766 -52.24 -129.55 18.50
CA TRP D 2766 -51.63 -128.46 19.24
C TRP D 2766 -50.22 -128.84 19.70
N ALA D 2767 -50.01 -130.10 20.07
CA ALA D 2767 -48.68 -130.55 20.47
C ALA D 2767 -47.70 -130.46 19.31
N PHE D 2768 -48.15 -130.83 18.10
CA PHE D 2768 -47.29 -130.69 16.92
C PHE D 2768 -46.97 -129.22 16.63
N ASP D 2769 -47.96 -128.35 16.76
CA ASP D 2769 -47.70 -126.92 16.59
C ASP D 2769 -46.72 -126.40 17.63
N LYS D 2770 -46.78 -126.94 18.85
CA LYS D 2770 -45.87 -126.49 19.91
C LYS D 2770 -44.45 -127.01 19.68
N ILE D 2771 -44.31 -128.28 19.30
CA ILE D 2771 -42.97 -128.81 19.02
C ILE D 2771 -42.40 -128.17 17.76
N GLN D 2772 -43.24 -127.63 16.89
CA GLN D 2772 -42.75 -126.78 15.82
C GLN D 2772 -42.06 -125.55 16.39
N ASN D 2773 -42.61 -124.99 17.48
CA ASN D 2773 -41.99 -123.90 18.21
C ASN D 2773 -40.95 -124.38 19.22
N ASN D 2774 -40.56 -125.66 19.16
CA ASN D 2774 -39.53 -126.23 20.03
C ASN D 2774 -39.95 -126.15 21.50
N TRP D 2775 -41.20 -126.52 21.77
CA TRP D 2775 -41.69 -126.56 23.14
C TRP D 2775 -41.20 -127.82 23.86
N SER D 2776 -41.27 -127.79 25.19
CA SER D 2776 -40.83 -128.91 26.02
C SER D 2776 -41.85 -129.18 27.10
N TYR D 2777 -41.90 -130.43 27.56
CA TYR D 2777 -42.83 -130.83 28.60
C TYR D 2777 -42.35 -130.34 29.96
N GLY D 2778 -43.30 -130.10 30.85
CA GLY D 2778 -42.99 -129.63 32.19
C GLY D 2778 -44.20 -129.74 33.09
N GLU D 2779 -43.98 -129.41 34.37
CA GLU D 2779 -45.04 -129.46 35.36
C GLU D 2779 -45.78 -128.13 35.46
N ASN D 2780 -45.06 -127.06 35.78
CA ASN D 2780 -45.66 -125.74 35.90
C ASN D 2780 -45.81 -125.11 34.51
N VAL D 2781 -46.55 -124.00 34.46
CA VAL D 2781 -46.77 -123.25 33.24
C VAL D 2781 -45.78 -122.09 33.20
N ASP D 2782 -45.06 -121.98 32.09
CA ASP D 2782 -44.04 -120.94 31.92
C ASP D 2782 -44.12 -120.38 30.52
N GLU D 2783 -43.61 -119.15 30.37
CA GLU D 2783 -43.56 -118.47 29.08
C GLU D 2783 -42.20 -118.61 28.40
N GLU D 2784 -41.12 -118.22 29.10
CA GLU D 2784 -39.79 -118.34 28.51
C GLU D 2784 -39.31 -119.78 28.49
N LEU D 2785 -39.75 -120.59 29.45
CA LEU D 2785 -39.38 -122.01 29.49
C LEU D 2785 -40.31 -122.88 28.67
N LYS D 2786 -41.42 -122.34 28.17
CA LYS D 2786 -42.42 -123.02 27.35
C LYS D 2786 -42.66 -124.47 27.82
N THR D 2787 -42.99 -124.57 29.11
CA THR D 2787 -43.29 -125.86 29.74
C THR D 2787 -44.75 -125.90 30.15
N HIS D 2788 -45.40 -127.03 29.89
CA HIS D 2788 -46.82 -127.20 30.20
C HIS D 2788 -47.12 -128.67 30.39
N PRO D 2789 -47.98 -129.03 31.35
CA PRO D 2789 -48.31 -130.45 31.57
C PRO D 2789 -49.20 -131.06 30.50
N MET D 2790 -49.53 -130.33 29.45
CA MET D 2790 -50.36 -130.89 28.38
C MET D 2790 -49.58 -131.76 27.40
N LEU D 2791 -48.25 -131.78 27.50
CA LEU D 2791 -47.42 -132.62 26.65
C LEU D 2791 -47.06 -133.88 27.43
N ARG D 2792 -48.01 -134.80 27.51
CA ARG D 2792 -47.87 -136.04 28.25
C ARG D 2792 -48.38 -137.20 27.41
N PRO D 2793 -47.88 -138.41 27.67
CA PRO D 2793 -48.38 -139.58 26.94
C PRO D 2793 -49.84 -139.87 27.24
N TYR D 2794 -50.50 -140.53 26.28
CA TYR D 2794 -51.91 -140.85 26.43
C TYR D 2794 -52.18 -141.80 27.58
N LYS D 2795 -51.21 -142.65 27.93
CA LYS D 2795 -51.40 -143.63 28.98
C LYS D 2795 -51.41 -143.02 30.38
N THR D 2796 -51.06 -141.75 30.52
CA THR D 2796 -50.97 -141.11 31.84
C THR D 2796 -51.63 -139.74 31.81
N PHE D 2797 -52.82 -139.64 31.20
CA PHE D 2797 -53.55 -138.40 31.15
C PHE D 2797 -54.34 -138.20 32.45
N SER D 2798 -55.01 -137.05 32.54
CA SER D 2798 -55.83 -136.71 33.69
C SER D 2798 -57.28 -136.52 33.26
N GLU D 2799 -58.20 -136.82 34.18
CA GLU D 2799 -59.62 -136.73 33.87
C GLU D 2799 -60.03 -135.27 33.60
N LYS D 2800 -59.51 -134.33 34.38
CA LYS D 2800 -59.89 -132.93 34.22
C LYS D 2800 -59.46 -132.41 32.85
N ASP D 2801 -58.23 -132.71 32.43
CA ASP D 2801 -57.75 -132.26 31.13
C ASP D 2801 -58.57 -132.87 29.99
N LYS D 2802 -58.87 -134.17 30.09
CA LYS D 2802 -59.69 -134.80 29.06
C LYS D 2802 -61.08 -134.17 29.00
N GLU D 2803 -61.68 -133.89 30.16
CA GLU D 2803 -63.01 -133.29 30.18
C GLU D 2803 -63.00 -131.89 29.57
N ILE D 2804 -62.02 -131.06 29.95
CA ILE D 2804 -61.98 -129.70 29.44
C ILE D 2804 -61.66 -129.68 27.95
N TYR D 2805 -60.91 -130.68 27.48
CA TYR D 2805 -60.59 -130.74 26.05
C TYR D 2805 -61.78 -131.25 25.24
N ARG D 2806 -62.55 -132.18 25.80
CA ARG D 2806 -63.68 -132.76 25.08
C ARG D 2806 -64.98 -132.00 25.25
N TRP D 2807 -65.02 -131.01 26.14
CA TRP D 2807 -66.24 -130.22 26.32
C TRP D 2807 -66.72 -129.51 25.05
N PRO D 2808 -65.87 -128.80 24.29
CA PRO D 2808 -66.40 -127.99 23.17
C PRO D 2808 -67.17 -128.79 22.13
N ILE D 2809 -66.74 -130.01 21.80
CA ILE D 2809 -67.38 -130.76 20.73
C ILE D 2809 -68.73 -131.33 21.19
N LYS D 2810 -68.95 -131.41 22.51
CA LYS D 2810 -70.20 -131.98 23.02
C LYS D 2810 -71.41 -131.27 22.46
N GLU D 2811 -71.57 -129.98 22.77
CA GLU D 2811 -72.71 -129.22 22.29
C GLU D 2811 -72.72 -129.10 20.77
N SER D 2812 -71.54 -129.06 20.14
CA SER D 2812 -71.48 -128.98 18.68
C SER D 2812 -72.16 -130.18 18.03
N LEU D 2813 -71.89 -131.38 18.55
CA LEU D 2813 -72.55 -132.57 18.02
C LEU D 2813 -73.99 -132.71 18.51
N LYS D 2814 -74.28 -132.28 19.74
CA LYS D 2814 -75.64 -132.42 20.26
C LYS D 2814 -76.61 -131.53 19.49
N ALA D 2815 -76.18 -130.33 19.09
CA ALA D 2815 -77.04 -129.48 18.28
C ALA D 2815 -77.33 -130.12 16.93
N MET D 2816 -76.32 -130.73 16.30
CA MET D 2816 -76.55 -131.41 15.03
C MET D 2816 -77.51 -132.58 15.19
N ILE D 2817 -77.38 -133.34 16.29
CA ILE D 2817 -78.30 -134.43 16.54
C ILE D 2817 -79.72 -133.91 16.74
N ALA D 2818 -79.86 -132.81 17.50
CA ALA D 2818 -81.18 -132.25 17.75
C ALA D 2818 -81.77 -131.56 16.52
N TRP D 2819 -80.96 -131.28 15.50
CA TRP D 2819 -81.43 -130.63 14.29
C TRP D 2819 -82.06 -131.62 13.30
N GLU D 2820 -82.43 -132.81 13.77
CA GLU D 2820 -83.10 -133.83 12.95
C GLU D 2820 -82.26 -134.21 11.73
N TRP D 2821 -81.06 -134.73 12.03
CA TRP D 2821 -80.15 -135.23 11.00
C TRP D 2821 -79.67 -136.62 11.40
N THR D 2822 -79.71 -137.55 10.46
CA THR D 2822 -79.34 -138.94 10.72
C THR D 2822 -77.82 -139.11 10.58
N ILE D 2823 -77.25 -139.90 11.49
CA ILE D 2823 -75.83 -140.22 11.48
C ILE D 2823 -75.71 -141.73 11.28
N GLU D 2824 -75.03 -142.13 10.21
CA GLU D 2824 -74.86 -143.53 9.87
C GLU D 2824 -73.39 -143.83 9.63
N LYS D 2825 -72.94 -144.99 10.10
CA LYS D 2825 -71.55 -145.42 9.94
C LYS D 2825 -71.42 -146.11 8.58
N ALA D 2826 -70.64 -145.50 7.69
CA ALA D 2826 -70.43 -146.03 6.35
C ALA D 2826 -69.07 -146.71 6.17
N ARG D 2827 -68.01 -146.13 6.74
CA ARG D 2827 -66.67 -146.70 6.60
C ARG D 2827 -66.02 -146.91 7.96
N GLU D 2828 -64.75 -147.29 7.97
CA GLU D 2828 -63.99 -147.52 9.18
C GLU D 2828 -62.98 -146.39 9.37
N GLY D 2829 -62.91 -145.85 10.58
CA GLY D 2829 -61.99 -144.77 10.88
C GLY D 2829 -60.53 -145.15 10.69
N GLU D 2830 -59.90 -144.55 9.70
CA GLU D 2830 -58.50 -144.82 9.41
C GLU D 2830 -57.58 -144.15 10.43
N TYR D 2855 -41.15 -136.26 22.89
CA TYR D 2855 -42.44 -136.76 22.41
C TYR D 2855 -42.91 -135.96 21.20
N ASN D 2856 -42.84 -136.58 20.02
CA ASN D 2856 -43.27 -135.94 18.78
C ASN D 2856 -44.56 -136.59 18.30
N PRO D 2857 -45.68 -135.87 18.28
CA PRO D 2857 -46.92 -136.44 17.75
C PRO D 2857 -46.85 -136.66 16.25
N GLN D 2858 -47.74 -137.53 15.77
CA GLN D 2858 -47.80 -137.90 14.36
C GLN D 2858 -49.21 -137.63 13.84
N PRO D 2859 -49.49 -136.39 13.42
CA PRO D 2859 -50.83 -136.07 12.93
C PRO D 2859 -51.04 -136.60 11.52
N PRO D 2860 -52.13 -137.33 11.29
CA PRO D 2860 -52.41 -137.82 9.94
C PRO D 2860 -52.76 -136.67 9.00
N ASP D 2861 -52.46 -136.86 7.72
CA ASP D 2861 -52.76 -135.85 6.72
C ASP D 2861 -54.27 -135.79 6.48
N LEU D 2862 -54.81 -134.57 6.53
CA LEU D 2862 -56.25 -134.36 6.35
C LEU D 2862 -56.55 -133.35 5.25
N SER D 2863 -55.54 -132.88 4.51
CA SER D 2863 -55.74 -131.89 3.47
C SER D 2863 -56.06 -132.50 2.11
N GLY D 2864 -56.14 -133.82 2.02
CA GLY D 2864 -56.43 -134.51 0.78
C GLY D 2864 -57.90 -134.75 0.51
N VAL D 2865 -58.80 -134.16 1.30
CA VAL D 2865 -60.23 -134.36 1.16
C VAL D 2865 -60.85 -133.07 0.62
N THR D 2866 -61.63 -133.19 -0.44
CA THR D 2866 -62.30 -132.04 -1.04
C THR D 2866 -63.58 -131.74 -0.27
N LEU D 2867 -64.37 -130.78 -0.77
CA LEU D 2867 -65.61 -130.37 -0.13
C LEU D 2867 -66.71 -130.26 -1.19
N SER D 2868 -67.95 -130.42 -0.73
CA SER D 2868 -69.12 -130.35 -1.59
C SER D 2868 -69.98 -129.15 -1.21
N ARG D 2869 -70.82 -128.73 -2.16
CA ARG D 2869 -71.69 -127.58 -1.91
C ARG D 2869 -72.68 -127.85 -0.79
N GLU D 2870 -73.24 -129.06 -0.75
CA GLU D 2870 -74.15 -129.42 0.33
C GLU D 2870 -73.46 -129.40 1.68
N LEU D 2871 -72.23 -129.91 1.74
CA LEU D 2871 -71.48 -129.91 2.99
C LEU D 2871 -71.10 -128.50 3.43
N GLN D 2872 -71.04 -127.54 2.51
CA GLN D 2872 -70.71 -126.17 2.90
C GLN D 2872 -71.79 -125.58 3.82
N ALA D 2873 -73.06 -125.84 3.52
CA ALA D 2873 -74.14 -125.36 4.38
C ALA D 2873 -74.05 -125.99 5.77
N MET D 2874 -73.76 -127.29 5.83
CA MET D 2874 -73.61 -127.96 7.12
C MET D 2874 -72.45 -127.37 7.90
N ALA D 2875 -71.32 -127.12 7.23
CA ALA D 2875 -70.17 -126.55 7.91
C ALA D 2875 -70.47 -125.15 8.43
N GLU D 2876 -71.14 -124.33 7.62
CA GLU D 2876 -71.49 -122.99 8.07
C GLU D 2876 -72.45 -123.02 9.25
N GLN D 2877 -73.46 -123.90 9.20
CA GLN D 2877 -74.41 -124.00 10.30
C GLN D 2877 -73.73 -124.50 11.57
N LEU D 2878 -72.81 -125.46 11.44
CA LEU D 2878 -72.09 -125.96 12.61
C LEU D 2878 -71.19 -124.87 13.20
N ALA D 2879 -70.50 -124.11 12.34
CA ALA D 2879 -69.69 -123.00 12.83
C ALA D 2879 -70.53 -121.90 13.47
N GLU D 2880 -71.79 -121.77 13.05
CA GLU D 2880 -72.69 -120.82 13.69
C GLU D 2880 -72.93 -121.17 15.16
N ASN D 2881 -72.85 -122.47 15.50
CA ASN D 2881 -73.12 -122.89 16.87
C ASN D 2881 -72.10 -122.33 17.85
N TYR D 2882 -70.83 -122.31 17.47
CA TYR D 2882 -69.79 -121.78 18.35
C TYR D 2882 -70.04 -120.30 18.65
N HIS D 2883 -70.30 -119.51 17.61
CA HIS D 2883 -70.57 -118.09 17.82
C HIS D 2883 -71.86 -117.88 18.60
N ASN D 2884 -72.87 -118.73 18.38
CA ASN D 2884 -74.12 -118.61 19.12
C ASN D 2884 -73.90 -118.86 20.62
N THR D 2885 -73.21 -119.95 20.95
CA THR D 2885 -72.96 -120.27 22.36
C THR D 2885 -71.96 -119.32 23.00
N TRP D 2886 -71.15 -118.64 22.20
CA TRP D 2886 -70.29 -117.60 22.76
C TRP D 2886 -71.06 -116.31 23.03
N GLY D 2887 -71.90 -115.89 22.08
CA GLY D 2887 -72.69 -114.69 22.26
C GLY D 2887 -73.74 -114.84 23.35
N ARG D 2888 -74.28 -116.04 23.53
CA ARG D 2888 -75.27 -116.24 24.58
C ARG D 2888 -74.66 -116.00 25.96
N LYS D 2889 -73.43 -116.46 26.17
CA LYS D 2889 -72.75 -116.19 27.43
C LYS D 2889 -72.25 -114.75 27.51
N LYS D 2890 -71.88 -114.16 26.37
CA LYS D 2890 -71.47 -112.76 26.36
C LYS D 2890 -72.62 -111.82 26.67
N LYS D 2891 -73.85 -112.26 26.44
CA LYS D 2891 -75.01 -111.42 26.75
C LYS D 2891 -75.04 -111.09 28.24
N GLN D 2892 -74.90 -112.09 29.09
CA GLN D 2892 -74.78 -111.83 30.53
C GLN D 2892 -73.53 -111.03 30.85
N GLU D 2893 -72.48 -111.15 30.04
CA GLU D 2893 -71.26 -110.38 30.29
C GLU D 2893 -71.51 -108.88 30.13
N LEU D 2894 -72.14 -108.47 29.03
CA LEU D 2894 -72.41 -107.03 28.91
C LEU D 2894 -73.59 -106.61 29.77
N GLU D 2895 -74.45 -107.55 30.19
CA GLU D 2895 -75.44 -107.22 31.22
C GLU D 2895 -74.77 -106.85 32.53
N ALA D 2896 -73.73 -107.60 32.93
CA ALA D 2896 -72.96 -107.25 34.10
C ALA D 2896 -72.19 -105.96 33.90
N LYS D 2897 -71.65 -105.76 32.69
CA LYS D 2897 -70.93 -104.52 32.40
C LYS D 2897 -71.88 -103.32 32.46
N GLY D 2898 -73.09 -103.48 31.94
CA GLY D 2898 -74.07 -102.41 31.94
C GLY D 2898 -74.31 -101.74 30.61
N GLY D 2899 -73.71 -102.25 29.53
CA GLY D 2899 -73.92 -101.67 28.21
C GLY D 2899 -72.64 -101.53 27.41
N GLY D 2900 -72.73 -101.76 26.10
CA GLY D 2900 -71.58 -101.65 25.23
C GLY D 2900 -71.77 -102.36 23.91
N THR D 2901 -71.18 -101.82 22.85
CA THR D 2901 -71.27 -102.39 21.51
C THR D 2901 -69.92 -102.98 21.11
N HIS D 2902 -69.92 -104.22 20.65
CA HIS D 2902 -68.71 -104.91 20.24
C HIS D 2902 -68.82 -105.31 18.77
N PRO D 2903 -67.81 -105.05 17.94
CA PRO D 2903 -67.90 -105.43 16.52
C PRO D 2903 -67.99 -106.92 16.29
N LEU D 2904 -67.56 -107.74 17.25
CA LEU D 2904 -67.60 -109.19 17.07
C LEU D 2904 -68.98 -109.79 17.28
N LEU D 2905 -69.91 -109.04 17.87
CA LEU D 2905 -71.27 -109.53 18.11
C LEU D 2905 -72.16 -109.18 16.92
N VAL D 2906 -71.95 -109.93 15.83
CA VAL D 2906 -72.68 -109.71 14.59
C VAL D 2906 -73.19 -111.06 14.09
N PRO D 2907 -74.27 -111.04 13.30
CA PRO D 2907 -74.78 -112.30 12.74
C PRO D 2907 -73.75 -112.96 11.83
N TYR D 2908 -73.80 -114.29 11.76
CA TYR D 2908 -72.83 -115.04 10.99
C TYR D 2908 -72.92 -114.75 9.50
N ASP D 2909 -74.12 -114.38 9.02
CA ASP D 2909 -74.25 -114.00 7.61
C ASP D 2909 -73.47 -112.74 7.29
N THR D 2910 -73.25 -111.88 8.28
CA THR D 2910 -72.45 -110.68 8.07
C THR D 2910 -70.97 -111.02 7.94
N LEU D 2911 -70.54 -112.15 8.51
CA LEU D 2911 -69.12 -112.50 8.52
C LEU D 2911 -68.60 -112.70 7.10
N THR D 2912 -67.36 -112.27 6.89
CA THR D 2912 -66.65 -112.43 5.62
C THR D 2912 -65.57 -113.48 5.79
N ALA D 2913 -64.87 -113.78 4.68
CA ALA D 2913 -63.82 -114.79 4.70
C ALA D 2913 -62.68 -114.38 5.62
N LYS D 2914 -62.32 -113.10 5.62
CA LYS D 2914 -61.24 -112.63 6.48
C LYS D 2914 -61.56 -112.86 7.96
N GLU D 2915 -62.80 -112.57 8.36
CA GLU D 2915 -63.23 -112.87 9.71
C GLU D 2915 -63.54 -114.35 9.92
N LYS D 2916 -63.95 -115.05 8.86
CA LYS D 2916 -64.19 -116.49 8.95
C LYS D 2916 -62.91 -117.29 9.14
N ALA D 2917 -61.75 -116.72 8.81
CA ALA D 2917 -60.49 -117.42 8.97
C ALA D 2917 -60.18 -117.78 10.42
N ARG D 2918 -60.82 -117.12 11.39
CA ARG D 2918 -60.62 -117.44 12.80
C ARG D 2918 -61.78 -118.23 13.40
N ASP D 2919 -62.82 -118.53 12.61
CA ASP D 2919 -63.98 -119.26 13.10
C ASP D 2919 -64.28 -120.53 12.32
N ARG D 2920 -63.88 -120.60 11.05
CA ARG D 2920 -64.15 -121.79 10.25
C ARG D 2920 -63.25 -122.96 10.62
N GLU D 2921 -62.06 -122.68 11.15
CA GLU D 2921 -61.09 -123.74 11.42
C GLU D 2921 -61.62 -124.74 12.44
N LYS D 2922 -62.23 -124.24 13.53
CA LYS D 2922 -62.79 -125.14 14.53
C LYS D 2922 -63.93 -125.99 13.98
N ALA D 2923 -64.59 -125.54 12.90
CA ALA D 2923 -65.61 -126.33 12.24
C ALA D 2923 -65.08 -127.10 11.04
N GLN D 2924 -64.04 -126.60 10.37
CA GLN D 2924 -63.46 -127.32 9.24
C GLN D 2924 -62.63 -128.52 9.69
N GLU D 2925 -62.08 -128.47 10.90
CA GLU D 2925 -61.25 -129.57 11.37
C GLU D 2925 -62.05 -130.82 11.73
N LEU D 2926 -63.38 -130.72 11.83
CA LEU D 2926 -64.19 -131.87 12.20
C LEU D 2926 -64.93 -132.50 11.02
N LEU D 2927 -65.17 -131.75 9.94
CA LEU D 2927 -65.77 -132.37 8.76
C LEU D 2927 -64.83 -133.39 8.13
N LYS D 2928 -63.54 -133.07 8.04
CA LYS D 2928 -62.57 -134.06 7.59
C LYS D 2928 -62.48 -135.23 8.56
N PHE D 2929 -62.58 -134.95 9.86
CA PHE D 2929 -62.54 -136.01 10.87
C PHE D 2929 -63.68 -136.98 10.69
N LEU D 2930 -64.90 -136.48 10.47
CA LEU D 2930 -66.05 -137.35 10.28
C LEU D 2930 -66.00 -138.04 8.92
N GLN D 2931 -65.42 -137.38 7.91
CA GLN D 2931 -65.25 -138.03 6.61
C GLN D 2931 -64.32 -139.22 6.71
N MET D 2932 -63.19 -139.06 7.41
CA MET D 2932 -62.24 -140.16 7.55
C MET D 2932 -62.68 -141.19 8.58
N ASN D 2933 -63.58 -140.82 9.49
CA ASN D 2933 -64.08 -141.79 10.46
C ASN D 2933 -65.07 -142.76 9.82
N GLY D 2934 -65.84 -142.30 8.86
CA GLY D 2934 -66.82 -143.12 8.18
C GLY D 2934 -68.28 -142.77 8.43
N TYR D 2935 -68.58 -141.55 8.88
CA TYR D 2935 -69.94 -141.13 9.14
C TYR D 2935 -70.58 -140.60 7.87
N ALA D 2936 -71.88 -140.82 7.74
CA ALA D 2936 -72.66 -140.37 6.59
C ALA D 2936 -73.83 -139.52 7.06
N VAL D 2937 -73.99 -138.35 6.44
CA VAL D 2937 -75.07 -137.43 6.75
C VAL D 2937 -75.86 -137.17 5.48
N THR D 2938 -77.17 -137.36 5.55
CA THR D 2938 -78.06 -137.17 4.41
C THR D 2938 -79.11 -136.11 4.75
N ARG D 2939 -79.46 -135.32 3.75
CA ARG D 2939 -80.46 -134.27 3.92
C ARG D 2939 -81.69 -134.53 3.06
N SER D 2949 -78.87 -129.64 -10.60
CA SER D 2949 -78.07 -128.46 -10.90
C SER D 2949 -78.30 -127.36 -9.86
N SER D 2950 -77.34 -126.44 -9.75
CA SER D 2950 -77.43 -125.36 -8.78
C SER D 2950 -78.31 -124.21 -9.24
N ILE D 2951 -78.73 -124.19 -10.51
CA ILE D 2951 -79.56 -123.11 -11.00
C ILE D 2951 -80.93 -123.12 -10.30
N GLU D 2952 -81.52 -124.30 -10.14
CA GLU D 2952 -82.82 -124.39 -9.48
C GLU D 2952 -82.75 -123.94 -8.03
N LYS D 2953 -81.69 -124.34 -7.32
CA LYS D 2953 -81.50 -123.88 -5.95
C LYS D 2953 -81.27 -122.37 -5.91
N ARG D 2954 -80.50 -121.85 -6.87
CA ARG D 2954 -80.23 -120.41 -6.95
C ARG D 2954 -81.43 -119.71 -7.58
N PHE D 2955 -81.24 -118.43 -7.92
CA PHE D 2955 -82.33 -117.62 -8.49
C PHE D 2955 -82.54 -117.99 -9.95
N ALA D 2956 -83.11 -119.19 -10.15
CA ALA D 2956 -83.50 -119.60 -11.49
C ALA D 2956 -84.61 -118.70 -12.03
N PHE D 2957 -85.57 -118.36 -11.17
CA PHE D 2957 -86.60 -117.39 -11.57
C PHE D 2957 -85.99 -116.01 -11.80
N GLY D 2958 -85.22 -115.52 -10.84
CA GLY D 2958 -84.55 -114.25 -11.00
C GLY D 2958 -85.46 -113.05 -10.78
N PHE D 2959 -84.86 -111.87 -10.98
CA PHE D 2959 -85.60 -110.62 -10.80
C PHE D 2959 -86.73 -110.47 -11.82
N LEU D 2960 -86.51 -110.94 -13.05
CA LEU D 2960 -87.56 -110.85 -14.06
C LEU D 2960 -88.79 -111.66 -13.66
N GLN D 2961 -88.59 -112.90 -13.18
CA GLN D 2961 -89.73 -113.69 -12.77
C GLN D 2961 -90.32 -113.21 -11.45
N GLN D 2962 -89.51 -112.61 -10.58
CA GLN D 2962 -90.07 -111.98 -9.38
C GLN D 2962 -90.99 -110.82 -9.76
N LEU D 2963 -90.58 -110.00 -10.72
CA LEU D 2963 -91.43 -108.92 -11.22
C LEU D 2963 -92.66 -109.48 -11.91
N LEU D 2964 -92.51 -110.63 -12.59
CA LEU D 2964 -93.66 -111.26 -13.22
C LEU D 2964 -94.67 -111.77 -12.20
N ARG D 2965 -94.18 -112.30 -11.08
CA ARG D 2965 -95.08 -112.70 -10.00
C ARG D 2965 -95.76 -111.48 -9.37
N TRP D 2966 -95.01 -110.38 -9.23
CA TRP D 2966 -95.61 -109.13 -8.79
C TRP D 2966 -96.71 -108.68 -9.74
N MET D 2967 -96.48 -108.82 -11.04
CA MET D 2967 -97.51 -108.50 -12.03
C MET D 2967 -98.67 -109.49 -11.98
N ASP D 2968 -98.40 -110.74 -11.60
CA ASP D 2968 -99.48 -111.71 -11.44
C ASP D 2968 -100.42 -111.30 -10.29
N ILE D 2969 -99.84 -110.82 -9.19
CA ILE D 2969 -100.66 -110.27 -8.11
C ILE D 2969 -101.33 -108.97 -8.57
N SER D 2970 -100.62 -108.16 -9.36
CA SER D 2970 -101.21 -106.94 -9.90
C SER D 2970 -102.35 -107.25 -10.85
N GLN D 2971 -102.42 -108.46 -11.38
CA GLN D 2971 -103.57 -108.86 -12.18
C GLN D 2971 -104.85 -108.80 -11.36
N GLU D 2972 -104.83 -109.45 -10.18
CA GLU D 2972 -105.98 -109.36 -9.29
C GLU D 2972 -106.18 -107.93 -8.79
N PHE D 2973 -105.09 -107.22 -8.53
CA PHE D 2973 -105.20 -105.83 -8.10
C PHE D 2973 -105.92 -104.98 -9.16
N ILE D 2974 -105.55 -105.15 -10.43
CA ILE D 2974 -106.18 -104.41 -11.51
C ILE D 2974 -107.61 -104.85 -11.72
N ALA D 2975 -107.89 -106.14 -11.50
CA ALA D 2975 -109.28 -106.59 -11.55
C ALA D 2975 -110.13 -105.88 -10.52
N HIS D 2976 -109.61 -105.76 -9.29
CA HIS D 2976 -110.32 -105.01 -8.25
C HIS D 2976 -110.46 -103.54 -8.63
N LEU D 2977 -109.40 -102.95 -9.19
CA LEU D 2977 -109.44 -101.54 -9.55
C LEU D 2977 -110.46 -101.28 -10.65
N GLU D 2978 -110.56 -102.19 -11.63
CA GLU D 2978 -111.54 -102.05 -12.69
C GLU D 2978 -112.95 -102.29 -12.18
N ALA D 2979 -113.10 -103.22 -11.23
CA ALA D 2979 -114.41 -103.46 -10.63
C ALA D 2979 -114.91 -102.23 -9.89
N VAL D 2980 -114.03 -101.58 -9.13
CA VAL D 2980 -114.47 -100.39 -8.40
C VAL D 2980 -114.57 -99.19 -9.33
N VAL D 2981 -113.82 -99.19 -10.43
CA VAL D 2981 -113.90 -98.09 -11.39
C VAL D 2981 -115.23 -98.14 -12.14
N SER D 2982 -115.67 -99.32 -12.53
CA SER D 2982 -116.92 -99.48 -13.27
C SER D 2982 -118.13 -99.12 -12.41
N GLU D 2992 -106.95 -98.94 -4.23
CA GLU D 2992 -106.76 -98.02 -3.13
C GLU D 2992 -105.27 -97.84 -2.81
N GLN D 2993 -104.58 -98.96 -2.60
CA GLN D 2993 -103.16 -98.96 -2.28
C GLN D 2993 -102.29 -99.54 -3.38
N GLU D 2994 -102.74 -100.61 -4.03
CA GLU D 2994 -101.94 -101.21 -5.10
C GLU D 2994 -101.83 -100.29 -6.30
N ILE D 2995 -102.81 -99.42 -6.52
CA ILE D 2995 -102.74 -98.47 -7.63
C ILE D 2995 -101.57 -97.53 -7.46
N LYS D 2996 -101.36 -97.01 -6.25
CA LYS D 2996 -100.22 -96.14 -5.98
C LYS D 2996 -98.91 -96.89 -6.16
N PHE D 2997 -98.86 -98.15 -5.70
CA PHE D 2997 -97.67 -98.97 -5.93
C PHE D 2997 -97.35 -99.07 -7.41
N PHE D 2998 -98.35 -99.45 -8.21
CA PHE D 2998 -98.12 -99.63 -9.65
C PHE D 2998 -97.70 -98.33 -10.32
N ALA D 2999 -98.35 -97.22 -9.96
CA ALA D 2999 -98.07 -95.94 -10.58
C ALA D 2999 -96.81 -95.27 -10.06
N LYS D 3000 -96.23 -95.77 -8.98
CA LYS D 3000 -95.07 -95.11 -8.39
C LYS D 3000 -93.79 -95.93 -8.48
N ILE D 3001 -93.78 -97.17 -8.01
CA ILE D 3001 -92.54 -97.89 -7.75
C ILE D 3001 -92.24 -98.93 -8.84
N LEU D 3002 -93.12 -99.91 -9.02
CA LEU D 3002 -92.77 -101.04 -9.87
C LEU D 3002 -92.66 -100.66 -11.34
N LEU D 3003 -93.48 -99.71 -11.79
CA LEU D 3003 -93.44 -99.34 -13.21
C LEU D 3003 -92.10 -98.72 -13.60
N PRO D 3004 -91.56 -97.71 -12.90
CA PRO D 3004 -90.19 -97.29 -13.19
C PRO D 3004 -89.16 -98.37 -12.92
N LEU D 3005 -89.43 -99.27 -11.98
CA LEU D 3005 -88.50 -100.35 -11.69
C LEU D 3005 -88.25 -101.21 -12.92
N ILE D 3006 -89.33 -101.69 -13.56
CA ILE D 3006 -89.17 -102.48 -14.77
C ILE D 3006 -88.68 -101.59 -15.91
N ASN D 3007 -89.17 -100.36 -16.00
CA ASN D 3007 -88.75 -99.46 -17.07
C ASN D 3007 -87.25 -99.23 -17.06
N GLN D 3008 -86.62 -99.29 -15.89
CA GLN D 3008 -85.17 -99.16 -15.78
C GLN D 3008 -84.44 -100.49 -15.86
N TYR D 3009 -85.00 -101.55 -15.26
CA TYR D 3009 -84.33 -102.85 -15.28
C TYR D 3009 -84.24 -103.41 -16.70
N PHE D 3010 -85.32 -103.30 -17.48
CA PHE D 3010 -85.27 -103.78 -18.86
C PHE D 3010 -84.31 -102.95 -19.71
N THR D 3011 -84.22 -101.65 -19.45
CA THR D 3011 -83.27 -100.81 -20.17
C THR D 3011 -81.83 -101.22 -19.85
N ASN D 3012 -81.53 -101.43 -18.57
CA ASN D 3012 -80.18 -101.79 -18.16
C ASN D 3012 -79.83 -103.24 -18.45
N HIS D 3013 -80.82 -104.09 -18.77
CA HIS D 3013 -80.59 -105.49 -19.05
C HIS D 3013 -81.10 -105.91 -20.42
N CYS D 3014 -81.17 -104.97 -21.37
CA CYS D 3014 -81.59 -105.34 -22.72
C CYS D 3014 -80.60 -106.29 -23.36
N LEU D 3015 -79.30 -106.05 -23.19
CA LEU D 3015 -78.27 -106.96 -23.65
C LEU D 3015 -77.96 -107.98 -22.55
N TYR D 3016 -77.38 -109.10 -22.98
CA TYR D 3016 -77.01 -110.25 -22.16
C TYR D 3016 -78.23 -110.96 -21.57
N PHE D 3017 -79.44 -110.48 -21.83
CA PHE D 3017 -80.66 -111.15 -21.40
C PHE D 3017 -81.60 -111.44 -22.58
N LEU D 3018 -81.11 -111.28 -23.81
CA LEU D 3018 -81.89 -111.55 -25.01
C LEU D 3018 -81.26 -112.57 -25.94
N SER D 3019 -79.93 -112.60 -26.03
CA SER D 3019 -79.24 -113.56 -26.87
C SER D 3019 -79.34 -114.97 -26.30
N ALA D 3031 -77.51 -114.93 -21.52
CA ALA D 3031 -77.83 -116.13 -22.27
C ALA D 3031 -78.83 -117.00 -21.50
N SER D 3032 -80.03 -116.48 -21.31
CA SER D 3032 -81.08 -117.17 -20.58
C SER D 3032 -82.10 -117.76 -21.56
N ASN D 3033 -82.70 -118.88 -21.17
CA ASN D 3033 -83.68 -119.58 -22.00
C ASN D 3033 -85.07 -119.57 -21.38
N LYS D 3034 -85.18 -119.89 -20.09
CA LYS D 3034 -86.48 -119.84 -19.44
C LYS D 3034 -87.02 -118.42 -19.38
N GLU D 3035 -86.14 -117.44 -19.13
CA GLU D 3035 -86.61 -116.06 -19.03
C GLU D 3035 -87.02 -115.48 -20.39
N LYS D 3036 -86.47 -116.01 -21.48
CA LYS D 3036 -86.90 -115.61 -22.82
C LYS D 3036 -88.36 -115.96 -23.05
N GLU D 3037 -88.81 -117.09 -22.50
CA GLU D 3037 -90.18 -117.58 -22.73
C GLU D 3037 -91.23 -116.75 -22.00
N MET D 3038 -90.87 -116.04 -20.93
CA MET D 3038 -91.86 -115.31 -20.16
C MET D 3038 -91.68 -113.80 -20.19
N ILE D 3039 -90.57 -113.29 -20.73
CA ILE D 3039 -90.48 -111.86 -20.97
C ILE D 3039 -91.48 -111.44 -22.05
N THR D 3040 -91.62 -112.26 -23.10
CA THR D 3040 -92.61 -111.96 -24.12
C THR D 3040 -94.02 -112.04 -23.53
N SER D 3041 -94.26 -113.03 -22.66
CA SER D 3041 -95.56 -113.12 -22.00
C SER D 3041 -95.81 -111.90 -21.12
N LEU D 3042 -94.79 -111.43 -20.42
CA LEU D 3042 -94.92 -110.23 -19.60
C LEU D 3042 -95.29 -109.03 -20.47
N PHE D 3043 -94.63 -108.90 -21.63
CA PHE D 3043 -95.04 -107.87 -22.58
C PHE D 3043 -96.48 -108.07 -23.01
N CYS D 3044 -96.92 -109.32 -23.13
CA CYS D 3044 -98.30 -109.60 -23.52
C CYS D 3044 -99.30 -109.09 -22.49
N LYS D 3045 -99.12 -109.44 -21.22
CA LYS D 3045 -100.10 -108.95 -20.24
C LYS D 3045 -99.89 -107.48 -19.94
N LEU D 3046 -98.72 -106.92 -20.25
CA LEU D 3046 -98.57 -105.47 -20.16
C LEU D 3046 -99.38 -104.76 -21.24
N ALA D 3047 -99.35 -105.28 -22.47
CA ALA D 3047 -100.19 -104.74 -23.52
C ALA D 3047 -101.67 -104.91 -23.20
N ALA D 3048 -102.04 -106.09 -22.69
CA ALA D 3048 -103.43 -106.34 -22.32
C ALA D 3048 -103.87 -105.61 -21.05
N LEU D 3049 -102.91 -105.08 -20.28
CA LEU D 3049 -103.25 -104.37 -19.06
C LEU D 3049 -104.07 -103.11 -19.36
N VAL D 3050 -103.67 -102.36 -20.37
CA VAL D 3050 -104.42 -101.18 -20.79
C VAL D 3050 -105.58 -101.60 -21.67
N ARG D 3051 -106.78 -101.13 -21.32
CA ARG D 3051 -107.97 -101.46 -22.08
C ARG D 3051 -108.00 -100.62 -23.37
N HIS D 3052 -109.12 -100.65 -24.07
CA HIS D 3052 -109.25 -99.86 -25.30
C HIS D 3052 -109.17 -98.36 -25.02
N ARG D 3053 -109.38 -97.95 -23.77
CA ARG D 3053 -109.22 -96.57 -23.35
C ARG D 3053 -108.10 -96.47 -22.32
N VAL D 3054 -107.59 -95.25 -22.15
CA VAL D 3054 -106.52 -94.98 -21.19
C VAL D 3054 -107.00 -94.09 -20.06
N SER D 3055 -108.31 -93.81 -20.00
CA SER D 3055 -108.83 -92.93 -18.95
C SER D 3055 -108.77 -93.60 -17.58
N LEU D 3056 -108.85 -94.93 -17.52
CA LEU D 3056 -108.79 -95.62 -16.25
C LEU D 3056 -107.43 -95.44 -15.59
N PHE D 3057 -106.35 -95.45 -16.39
CA PHE D 3057 -105.03 -95.15 -15.85
C PHE D 3057 -104.87 -93.65 -15.59
N GLY D 3058 -105.55 -92.81 -16.37
CA GLY D 3058 -105.50 -91.38 -16.17
C GLY D 3058 -104.20 -90.77 -16.65
N THR D 3059 -104.07 -89.48 -16.35
CA THR D 3059 -102.85 -88.73 -16.68
C THR D 3059 -101.76 -88.90 -15.64
N ASP D 3060 -102.03 -89.62 -14.55
CA ASP D 3060 -101.03 -89.82 -13.51
C ASP D 3060 -99.85 -90.65 -14.04
N ALA D 3061 -100.13 -91.65 -14.87
CA ALA D 3061 -99.10 -92.57 -15.37
C ALA D 3061 -99.16 -92.63 -16.90
N PRO D 3062 -98.65 -91.61 -17.58
CA PRO D 3062 -98.46 -91.73 -19.04
C PRO D 3062 -97.25 -92.56 -19.42
N ALA D 3063 -96.42 -92.93 -18.46
CA ALA D 3063 -95.23 -93.74 -18.71
C ALA D 3063 -95.55 -95.21 -18.94
N VAL D 3064 -96.82 -95.60 -18.88
CA VAL D 3064 -97.20 -96.97 -19.20
C VAL D 3064 -96.84 -97.29 -20.65
N VAL D 3065 -97.07 -96.35 -21.57
CA VAL D 3065 -96.68 -96.56 -22.96
C VAL D 3065 -95.16 -96.60 -23.09
N ASN D 3066 -94.45 -95.88 -22.22
CA ASN D 3066 -92.99 -95.91 -22.27
C ASN D 3066 -92.44 -97.27 -21.85
N CYS D 3067 -92.96 -97.82 -20.76
CA CYS D 3067 -92.49 -99.15 -20.35
C CYS D 3067 -92.97 -100.22 -21.33
N LEU D 3068 -94.12 -100.01 -21.97
CA LEU D 3068 -94.52 -100.92 -23.03
C LEU D 3068 -93.54 -100.86 -24.20
N HIS D 3069 -93.11 -99.66 -24.57
CA HIS D 3069 -92.08 -99.50 -25.58
C HIS D 3069 -90.83 -100.26 -25.20
N ILE D 3070 -90.39 -100.10 -23.96
CA ILE D 3070 -89.13 -100.70 -23.51
C ILE D 3070 -89.23 -102.21 -23.48
N LEU D 3071 -90.35 -102.74 -22.98
CA LEU D 3071 -90.55 -104.19 -22.95
C LEU D 3071 -90.64 -104.77 -24.36
N ALA D 3072 -91.33 -104.08 -25.27
CA ALA D 3072 -91.40 -104.54 -26.65
C ALA D 3072 -90.03 -104.52 -27.30
N ARG D 3073 -89.22 -103.51 -26.98
CA ARG D 3073 -87.85 -103.43 -27.49
C ARG D 3073 -86.92 -104.45 -26.83
N SER D 3074 -87.38 -105.15 -25.80
CA SER D 3074 -86.60 -106.21 -25.15
C SER D 3074 -87.44 -107.48 -25.16
N LEU D 3075 -87.37 -108.21 -26.27
CA LEU D 3075 -88.07 -109.48 -26.44
C LEU D 3075 -87.01 -110.56 -26.68
N ASP D 3076 -86.66 -111.27 -25.61
CA ASP D 3076 -85.57 -112.25 -25.70
C ASP D 3076 -85.92 -113.39 -26.65
N ALA D 3077 -87.16 -113.90 -26.57
CA ALA D 3077 -87.59 -115.02 -27.41
C ALA D 3077 -88.12 -114.49 -28.74
N ARG D 3078 -87.22 -113.88 -29.50
CA ARG D 3078 -87.56 -113.48 -30.87
C ARG D 3078 -87.88 -114.69 -31.72
N THR D 3079 -87.10 -115.76 -31.59
CA THR D 3079 -87.34 -117.01 -32.30
C THR D 3079 -87.71 -118.17 -31.37
N VAL D 3080 -87.37 -118.08 -30.08
CA VAL D 3080 -87.69 -119.17 -29.16
C VAL D 3080 -89.19 -119.25 -28.94
N MET D 3081 -89.87 -118.10 -28.85
CA MET D 3081 -91.31 -118.10 -28.63
C MET D 3081 -92.08 -118.73 -29.77
N LYS D 3082 -91.50 -118.75 -30.98
CA LYS D 3082 -92.14 -119.39 -32.12
C LYS D 3082 -91.67 -120.80 -32.36
N SER D 3083 -90.46 -121.15 -31.91
CA SER D 3083 -89.91 -122.49 -32.07
C SER D 3083 -90.20 -123.40 -30.89
N GLY D 3084 -90.83 -122.89 -29.84
CA GLY D 3084 -91.14 -123.68 -28.67
C GLY D 3084 -92.45 -124.42 -28.80
N PRO D 3085 -92.90 -125.06 -27.71
CA PRO D 3085 -94.18 -125.77 -27.74
C PRO D 3085 -95.40 -124.85 -27.75
N GLU D 3086 -95.20 -123.54 -27.76
CA GLU D 3086 -96.27 -122.56 -27.94
C GLU D 3086 -97.35 -122.68 -26.85
N ILE D 3087 -96.94 -122.43 -25.61
CA ILE D 3087 -97.88 -122.32 -24.51
C ILE D 3087 -98.47 -120.93 -24.42
N VAL D 3088 -97.60 -119.91 -24.46
CA VAL D 3088 -98.05 -118.52 -24.42
C VAL D 3088 -98.12 -117.89 -25.80
N LYS D 3089 -97.72 -118.61 -26.85
CA LYS D 3089 -97.84 -118.08 -28.21
C LYS D 3089 -99.29 -117.76 -28.56
N ALA D 3090 -100.24 -118.45 -27.92
CA ALA D 3090 -101.64 -118.09 -28.09
C ALA D 3090 -101.92 -116.68 -27.58
N GLY D 3091 -101.29 -116.31 -26.46
CA GLY D 3091 -101.45 -114.95 -25.96
C GLY D 3091 -100.88 -113.91 -26.90
N LEU D 3092 -99.71 -114.19 -27.47
CA LEU D 3092 -99.12 -113.26 -28.44
C LEU D 3092 -100.00 -113.15 -29.68
N ARG D 3093 -100.54 -114.28 -30.15
CA ARG D 3093 -101.47 -114.25 -31.27
C ARG D 3093 -102.70 -113.43 -30.96
N SER D 3094 -103.25 -113.58 -29.74
CA SER D 3094 -104.42 -112.80 -29.35
C SER D 3094 -104.09 -111.32 -29.30
N PHE D 3095 -102.92 -110.96 -28.77
CA PHE D 3095 -102.53 -109.55 -28.72
C PHE D 3095 -102.38 -108.96 -30.13
N PHE D 3096 -101.72 -109.70 -31.02
CA PHE D 3096 -101.54 -109.21 -32.39
C PHE D 3096 -102.88 -109.08 -33.11
N GLU D 3097 -103.78 -110.07 -32.92
CA GLU D 3097 -105.09 -110.02 -33.55
C GLU D 3097 -105.91 -108.85 -33.00
N SER D 3098 -105.82 -108.60 -31.70
CA SER D 3098 -106.53 -107.46 -31.10
C SER D 3098 -105.99 -106.15 -31.65
N ALA D 3099 -104.67 -106.03 -31.79
CA ALA D 3099 -104.10 -104.81 -32.37
C ALA D 3099 -104.56 -104.61 -33.80
N SER D 3100 -104.55 -105.68 -34.60
CA SER D 3100 -104.99 -105.56 -35.99
C SER D 3100 -106.46 -105.20 -36.09
N GLU D 3101 -107.30 -105.82 -35.25
CA GLU D 3101 -108.73 -105.52 -35.25
C GLU D 3101 -108.99 -104.08 -34.82
N ASP D 3102 -108.26 -103.60 -33.80
CA ASP D 3102 -108.44 -102.23 -33.35
C ASP D 3102 -108.02 -101.25 -34.44
N ILE D 3103 -106.92 -101.55 -35.13
CA ILE D 3103 -106.50 -100.69 -36.25
C ILE D 3103 -107.56 -100.68 -37.34
N GLU D 3104 -108.07 -101.86 -37.70
CA GLU D 3104 -109.09 -101.94 -38.74
C GLU D 3104 -110.38 -101.25 -38.34
N LYS D 3105 -110.67 -101.19 -37.04
CA LYS D 3105 -111.87 -100.51 -36.57
C LYS D 3105 -111.80 -99.00 -36.74
N MET D 3106 -110.60 -98.46 -36.99
CA MET D 3106 -110.47 -97.03 -37.18
C MET D 3106 -111.08 -96.56 -38.50
N VAL D 3107 -111.32 -97.47 -39.44
CA VAL D 3107 -111.94 -97.08 -40.70
C VAL D 3107 -113.40 -96.69 -40.51
N GLU D 3108 -114.03 -97.12 -39.42
CA GLU D 3108 -115.40 -96.74 -39.13
C GLU D 3108 -115.50 -95.34 -38.52
N ASN D 3109 -114.38 -94.73 -38.16
CA ASN D 3109 -114.36 -93.39 -37.58
C ASN D 3109 -113.65 -92.38 -38.47
N LEU D 3110 -112.42 -92.65 -38.86
CA LEU D 3110 -111.66 -91.71 -39.69
C LEU D 3110 -112.25 -91.62 -41.10
N ARG D 3111 -112.59 -92.77 -41.69
CA ARG D 3111 -113.11 -92.81 -43.04
C ARG D 3111 -114.62 -92.59 -43.11
N LEU D 3112 -115.29 -92.41 -41.99
CA LEU D 3112 -116.72 -92.18 -41.94
C LEU D 3112 -117.11 -90.85 -41.31
N GLY D 3113 -116.34 -90.36 -40.34
CA GLY D 3113 -116.65 -89.11 -39.68
C GLY D 3113 -115.45 -88.46 -39.02
N GLY D 3126 -113.42 -91.45 -32.57
CA GLY D 3126 -114.06 -90.41 -31.78
C GLY D 3126 -114.01 -90.67 -30.29
N GLN D 3127 -114.63 -91.77 -29.87
CA GLN D 3127 -114.67 -92.16 -28.47
C GLN D 3127 -114.12 -93.57 -28.32
N ASN D 3128 -113.21 -93.75 -27.36
CA ASN D 3128 -112.59 -95.02 -26.99
C ASN D 3128 -111.68 -95.59 -28.08
N LEU D 3129 -111.54 -94.91 -29.22
CA LEU D 3129 -110.68 -95.37 -30.30
C LEU D 3129 -109.53 -94.44 -30.62
N THR D 3130 -109.67 -93.14 -30.33
CA THR D 3130 -108.57 -92.21 -30.55
C THR D 3130 -107.49 -92.33 -29.48
N TYR D 3131 -107.80 -92.99 -28.35
CA TYR D 3131 -106.80 -93.17 -27.31
C TYR D 3131 -105.77 -94.23 -27.66
N THR D 3132 -106.09 -95.12 -28.61
CA THR D 3132 -105.17 -96.16 -29.03
C THR D 3132 -104.27 -95.71 -30.19
N THR D 3133 -104.50 -94.53 -30.75
CA THR D 3133 -103.61 -93.98 -31.76
C THR D 3133 -102.37 -93.34 -31.16
N VAL D 3134 -102.37 -93.10 -29.84
CA VAL D 3134 -101.23 -92.54 -29.14
C VAL D 3134 -100.65 -93.50 -28.11
N ALA D 3135 -101.23 -94.69 -27.96
CA ALA D 3135 -100.76 -95.66 -26.97
C ALA D 3135 -100.54 -97.06 -27.53
N LEU D 3136 -101.08 -97.38 -28.71
CA LEU D 3136 -100.89 -98.70 -29.32
C LEU D 3136 -100.06 -98.66 -30.59
N LEU D 3137 -100.31 -97.70 -31.47
CA LEU D 3137 -99.55 -97.61 -32.72
C LEU D 3137 -98.05 -97.46 -32.49
N PRO D 3138 -97.56 -96.60 -31.59
CA PRO D 3138 -96.11 -96.54 -31.36
C PRO D 3138 -95.52 -97.86 -30.88
N VAL D 3139 -96.26 -98.62 -30.07
CA VAL D 3139 -95.76 -99.93 -29.64
C VAL D 3139 -95.68 -100.88 -30.83
N LEU D 3140 -96.65 -100.82 -31.73
CA LEU D 3140 -96.58 -101.64 -32.94
C LEU D 3140 -95.39 -101.27 -33.80
N THR D 3141 -95.11 -99.97 -33.94
CA THR D 3141 -93.93 -99.54 -34.69
C THR D 3141 -92.65 -100.04 -34.03
N THR D 3142 -92.59 -99.95 -32.70
CA THR D 3142 -91.41 -100.43 -31.98
C THR D 3142 -91.22 -101.93 -32.16
N LEU D 3143 -92.30 -102.70 -32.11
CA LEU D 3143 -92.19 -104.14 -32.32
C LEU D 3143 -91.75 -104.46 -33.73
N PHE D 3144 -92.29 -103.77 -34.73
CA PHE D 3144 -91.89 -104.01 -36.11
C PHE D 3144 -90.42 -103.66 -36.31
N GLN D 3145 -89.96 -102.55 -35.75
CA GLN D 3145 -88.55 -102.21 -35.82
C GLN D 3145 -87.68 -103.22 -35.09
N HIS D 3146 -88.16 -103.75 -33.96
CA HIS D 3146 -87.45 -104.81 -33.26
C HIS D 3146 -87.26 -106.04 -34.13
N ILE D 3147 -88.34 -106.45 -34.82
CA ILE D 3147 -88.24 -107.62 -35.68
C ILE D 3147 -87.32 -107.36 -36.86
N ALA D 3148 -87.41 -106.17 -37.46
CA ALA D 3148 -86.65 -105.89 -38.68
C ALA D 3148 -85.17 -105.68 -38.39
N GLN D 3149 -84.84 -105.07 -37.24
CA GLN D 3149 -83.46 -104.66 -36.99
C GLN D 3149 -82.52 -105.85 -36.89
N HIS D 3150 -82.94 -106.91 -36.20
CA HIS D 3150 -82.09 -108.07 -35.96
C HIS D 3150 -82.36 -109.22 -36.93
N GLN D 3151 -83.10 -108.96 -38.00
CA GLN D 3151 -83.41 -109.98 -39.01
C GLN D 3151 -84.05 -111.21 -38.38
N PHE D 3152 -85.01 -110.98 -37.48
CA PHE D 3152 -85.71 -112.08 -36.83
C PHE D 3152 -86.63 -112.84 -37.78
N GLY D 3153 -86.86 -112.32 -38.99
CA GLY D 3153 -87.75 -112.94 -39.96
C GLY D 3153 -87.35 -114.34 -40.39
N ASP D 3154 -86.20 -114.84 -39.92
CA ASP D 3154 -85.83 -116.22 -40.20
C ASP D 3154 -86.89 -117.19 -39.69
N ASP D 3155 -87.11 -117.20 -38.38
CA ASP D 3155 -88.22 -117.93 -37.76
C ASP D 3155 -88.94 -116.96 -36.81
N VAL D 3156 -89.83 -116.15 -37.37
CA VAL D 3156 -90.69 -115.29 -36.55
C VAL D 3156 -92.16 -115.39 -36.94
N ILE D 3157 -92.50 -115.83 -38.15
CA ILE D 3157 -93.89 -116.03 -38.53
C ILE D 3157 -94.15 -117.52 -38.64
N LEU D 3158 -94.62 -118.12 -37.55
CA LEU D 3158 -94.83 -119.56 -37.46
C LEU D 3158 -96.23 -119.83 -36.95
N ASP D 3159 -96.50 -121.07 -36.55
CA ASP D 3159 -97.78 -121.41 -35.93
C ASP D 3159 -98.05 -120.46 -34.76
N ASP D 3160 -99.29 -119.97 -34.70
CA ASP D 3160 -99.77 -118.92 -33.80
C ASP D 3160 -99.25 -117.54 -34.18
N VAL D 3161 -98.46 -117.43 -35.25
CA VAL D 3161 -98.05 -116.14 -35.79
C VAL D 3161 -98.53 -115.96 -37.22
N GLN D 3162 -98.47 -117.01 -38.04
CA GLN D 3162 -98.97 -116.93 -39.41
C GLN D 3162 -100.47 -116.64 -39.44
N VAL D 3163 -101.21 -117.18 -38.46
CA VAL D 3163 -102.65 -116.91 -38.40
C VAL D 3163 -102.91 -115.43 -38.16
N SER D 3164 -101.95 -114.72 -37.59
CA SER D 3164 -102.09 -113.28 -37.40
C SER D 3164 -101.49 -112.48 -38.55
N CYS D 3165 -100.43 -112.98 -39.18
CA CYS D 3165 -99.87 -112.29 -40.34
C CYS D 3165 -100.82 -112.31 -41.52
N TYR D 3166 -101.51 -113.44 -41.72
CA TYR D 3166 -102.47 -113.55 -42.82
C TYR D 3166 -103.63 -112.58 -42.65
N ARG D 3167 -103.92 -112.15 -41.42
CA ARG D 3167 -104.92 -111.14 -41.18
C ARG D 3167 -104.36 -109.72 -41.21
N THR D 3168 -103.11 -109.55 -40.76
CA THR D 3168 -102.53 -108.21 -40.76
C THR D 3168 -102.18 -107.73 -42.16
N LEU D 3169 -101.85 -108.65 -43.08
CA LEU D 3169 -101.65 -108.22 -44.46
C LEU D 3169 -102.95 -107.70 -45.07
N CYS D 3170 -104.06 -108.39 -44.81
CA CYS D 3170 -105.35 -107.89 -45.26
C CYS D 3170 -105.71 -106.58 -44.57
N SER D 3171 -105.34 -106.43 -43.30
CA SER D 3171 -105.62 -105.18 -42.58
C SER D 3171 -104.87 -104.01 -43.21
N ILE D 3172 -103.58 -104.20 -43.50
CA ILE D 3172 -102.81 -103.10 -44.10
C ILE D 3172 -103.27 -102.85 -45.53
N TYR D 3173 -103.78 -103.89 -46.20
CA TYR D 3173 -104.43 -103.66 -47.50
C TYR D 3173 -105.68 -102.81 -47.33
N SER D 3174 -106.46 -103.05 -46.28
CA SER D 3174 -107.68 -102.29 -46.05
C SER D 3174 -107.39 -100.82 -45.75
N LEU D 3175 -106.47 -100.56 -44.82
CA LEU D 3175 -106.08 -99.19 -44.51
C LEU D 3175 -104.83 -98.75 -45.26
N GLY D 3176 -104.60 -99.26 -46.46
CA GLY D 3176 -103.60 -98.70 -47.34
C GLY D 3176 -104.06 -97.52 -48.16
N THR D 3177 -105.33 -97.12 -48.01
CA THR D 3177 -105.89 -96.00 -48.75
C THR D 3177 -106.33 -94.84 -47.86
N THR D 3178 -106.28 -94.98 -46.55
CA THR D 3178 -106.70 -93.93 -45.64
C THR D 3178 -105.72 -92.75 -45.69
N GLU D 3184 -105.97 -87.47 -41.69
CA GLU D 3184 -105.73 -86.05 -41.42
C GLU D 3184 -104.33 -85.84 -40.84
N LYS D 3185 -104.26 -85.66 -39.53
CA LYS D 3185 -102.99 -85.44 -38.85
C LYS D 3185 -102.33 -86.75 -38.41
N LEU D 3186 -102.98 -87.88 -38.61
CA LEU D 3186 -102.43 -89.18 -38.23
C LEU D 3186 -101.62 -89.83 -39.34
N ARG D 3187 -101.51 -89.19 -40.50
CA ARG D 3187 -100.81 -89.80 -41.63
C ARG D 3187 -99.35 -90.14 -41.33
N PRO D 3188 -98.55 -89.28 -40.69
CA PRO D 3188 -97.16 -89.69 -40.40
C PRO D 3188 -97.06 -90.94 -39.55
N ALA D 3189 -97.97 -91.12 -38.58
CA ALA D 3189 -97.92 -92.31 -37.74
C ALA D 3189 -98.19 -93.57 -38.54
N LEU D 3190 -99.21 -93.54 -39.40
CA LEU D 3190 -99.51 -94.69 -40.26
C LEU D 3190 -98.37 -94.97 -41.21
N GLY D 3191 -97.77 -93.92 -41.77
CA GLY D 3191 -96.63 -94.12 -42.66
C GLY D 3191 -95.45 -94.75 -41.96
N GLU D 3192 -95.14 -94.29 -40.75
CA GLU D 3192 -94.05 -94.88 -39.97
C GLU D 3192 -94.34 -96.34 -39.64
N CYS D 3193 -95.60 -96.64 -39.25
CA CYS D 3193 -95.96 -98.02 -38.94
C CYS D 3193 -95.82 -98.92 -40.16
N LEU D 3194 -96.28 -98.44 -41.32
CA LEU D 3194 -96.18 -99.23 -42.54
C LEU D 3194 -94.72 -99.45 -42.93
N ALA D 3195 -93.88 -98.41 -42.79
CA ALA D 3195 -92.46 -98.55 -43.09
C ALA D 3195 -91.80 -99.56 -42.16
N ARG D 3196 -92.13 -99.51 -40.87
CA ARG D 3196 -91.53 -100.44 -39.91
C ARG D 3196 -91.98 -101.87 -40.21
N LEU D 3197 -93.26 -102.06 -40.54
CA LEU D 3197 -93.76 -103.40 -40.82
C LEU D 3197 -93.15 -103.95 -42.11
N ALA D 3198 -93.08 -103.13 -43.16
CA ALA D 3198 -92.56 -103.60 -44.44
C ALA D 3198 -91.09 -103.97 -44.37
N ALA D 3199 -90.35 -103.44 -43.41
CA ALA D 3199 -88.93 -103.77 -43.28
C ALA D 3199 -88.71 -105.17 -42.72
N ALA D 3200 -89.75 -105.83 -42.23
CA ALA D 3200 -89.62 -107.19 -41.70
C ALA D 3200 -89.32 -108.19 -42.81
N ARG D 3248 -93.58 -101.69 -62.38
CA ARG D 3248 -95.02 -101.89 -62.33
C ARG D 3248 -95.63 -101.20 -61.12
N LEU D 3249 -95.25 -101.67 -59.93
CA LEU D 3249 -95.75 -101.07 -58.70
C LEU D 3249 -95.25 -99.65 -58.53
N MET D 3250 -94.00 -99.39 -58.89
CA MET D 3250 -93.40 -98.07 -58.72
C MET D 3250 -93.54 -97.19 -59.96
N ALA D 3251 -94.20 -97.67 -61.01
CA ALA D 3251 -94.40 -96.85 -62.20
C ALA D 3251 -95.33 -95.67 -61.92
N ASP D 3252 -96.30 -95.86 -61.03
CA ASP D 3252 -97.21 -94.77 -60.69
C ASP D 3252 -96.46 -93.61 -60.03
N ILE D 3253 -95.48 -93.91 -59.19
CA ILE D 3253 -94.69 -92.86 -58.53
C ILE D 3253 -93.97 -92.01 -59.57
N GLY D 3254 -93.35 -92.66 -60.56
CA GLY D 3254 -92.72 -91.92 -61.64
C GLY D 3254 -93.73 -91.16 -62.48
N GLY D 3255 -94.94 -91.70 -62.61
CA GLY D 3255 -95.96 -91.01 -63.40
C GLY D 3255 -96.35 -89.66 -62.83
N LEU D 3256 -96.43 -89.55 -61.50
CA LEU D 3256 -96.84 -88.32 -60.84
C LEU D 3256 -95.66 -87.53 -60.31
N ALA D 3257 -94.44 -87.81 -60.77
CA ALA D 3257 -93.27 -87.07 -60.31
C ALA D 3257 -93.38 -85.59 -60.67
N GLU D 3258 -93.83 -85.30 -61.89
CA GLU D 3258 -94.06 -83.93 -62.30
C GLU D 3258 -95.40 -83.42 -61.77
N SER D 3259 -95.56 -82.11 -61.80
CA SER D 3259 -96.78 -81.43 -61.35
C SER D 3259 -97.10 -81.77 -59.90
N GLY D 3260 -96.20 -81.36 -59.01
CA GLY D 3260 -96.37 -81.56 -57.60
C GLY D 3260 -96.85 -80.32 -56.87
N ALA D 3261 -95.92 -79.61 -56.23
CA ALA D 3261 -96.19 -78.36 -55.53
C ALA D 3261 -97.21 -78.51 -54.41
N ARG D 3262 -97.33 -79.70 -53.85
CA ARG D 3262 -98.28 -79.94 -52.77
C ARG D 3262 -97.82 -81.16 -51.98
N TYR D 3263 -97.91 -81.05 -50.64
CA TYR D 3263 -97.54 -82.14 -49.76
C TYR D 3263 -98.69 -83.09 -49.45
N THR D 3264 -99.93 -82.61 -49.55
CA THR D 3264 -101.08 -83.45 -49.23
C THR D 3264 -102.24 -83.31 -50.20
N GLU D 3265 -102.17 -82.44 -51.21
CA GLU D 3265 -103.32 -82.25 -52.09
C GLU D 3265 -103.39 -83.34 -53.15
N MET D 3266 -102.42 -83.38 -54.06
CA MET D 3266 -102.31 -84.50 -54.98
C MET D 3266 -101.54 -85.65 -54.32
N PRO D 3267 -100.31 -85.41 -53.80
CA PRO D 3267 -99.54 -86.51 -53.18
C PRO D 3267 -99.93 -86.77 -51.73
N HIS D 3268 -101.17 -87.25 -51.54
CA HIS D 3268 -101.61 -87.60 -50.19
C HIS D 3268 -101.28 -89.04 -49.85
N VAL D 3269 -101.65 -89.96 -50.74
CA VAL D 3269 -101.33 -91.37 -50.54
C VAL D 3269 -99.81 -91.60 -50.66
N ILE D 3270 -99.14 -90.78 -51.48
CA ILE D 3270 -97.71 -90.93 -51.68
C ILE D 3270 -96.94 -90.71 -50.39
N GLU D 3271 -97.38 -89.76 -49.56
CA GLU D 3271 -96.66 -89.45 -48.33
C GLU D 3271 -96.59 -90.66 -47.41
N ILE D 3272 -97.63 -91.49 -47.39
CA ILE D 3272 -97.62 -92.67 -46.53
C ILE D 3272 -97.15 -93.94 -47.22
N THR D 3273 -97.16 -93.97 -48.57
CA THR D 3273 -96.74 -95.18 -49.26
C THR D 3273 -95.28 -95.15 -49.69
N LEU D 3274 -94.65 -93.97 -49.77
CA LEU D 3274 -93.23 -93.92 -50.12
C LEU D 3274 -92.34 -94.66 -49.13
N PRO D 3275 -92.47 -94.46 -47.80
CA PRO D 3275 -91.67 -95.28 -46.88
C PRO D 3275 -91.95 -96.77 -46.99
N MET D 3276 -93.15 -97.16 -47.41
CA MET D 3276 -93.47 -98.58 -47.53
C MET D 3276 -92.49 -99.29 -48.46
N LEU D 3277 -92.45 -98.88 -49.74
CA LEU D 3277 -91.50 -99.49 -50.65
C LEU D 3277 -90.07 -99.05 -50.38
N CYS D 3278 -89.87 -97.85 -49.82
CA CYS D 3278 -88.52 -97.42 -49.44
C CYS D 3278 -87.89 -98.34 -48.40
N SER D 3279 -88.71 -99.04 -47.62
CA SER D 3279 -88.21 -100.07 -46.72
C SER D 3279 -88.33 -101.48 -47.28
N TYR D 3280 -89.29 -101.72 -48.17
CA TYR D 3280 -89.44 -103.06 -48.74
C TYR D 3280 -88.33 -103.40 -49.72
N LEU D 3281 -87.96 -102.45 -50.58
CA LEU D 3281 -86.94 -102.71 -51.60
C LEU D 3281 -85.59 -103.07 -51.00
N PRO D 3282 -85.05 -102.37 -50.00
CA PRO D 3282 -83.78 -102.81 -49.40
C PRO D 3282 -83.84 -104.20 -48.80
N ARG D 3283 -85.01 -104.62 -48.31
CA ARG D 3283 -85.15 -105.97 -47.76
C ARG D 3283 -85.07 -107.04 -48.84
N TRP D 3284 -85.24 -106.66 -50.11
CA TRP D 3284 -85.17 -107.62 -51.21
C TRP D 3284 -83.86 -107.48 -51.96
N CYS D 3304 -86.11 -115.93 -58.08
CA CYS D 3304 -86.54 -116.15 -56.71
C CYS D 3304 -86.11 -115.01 -55.80
N THR D 3305 -84.92 -114.47 -56.07
CA THR D 3305 -84.36 -113.38 -55.27
C THR D 3305 -83.48 -112.54 -56.17
N ALA D 3306 -82.63 -111.70 -55.56
CA ALA D 3306 -81.68 -110.85 -56.28
C ALA D 3306 -82.42 -109.88 -57.22
N VAL D 3307 -83.25 -109.04 -56.62
CA VAL D 3307 -83.96 -108.02 -57.37
C VAL D 3307 -82.96 -106.97 -57.86
N THR D 3308 -83.08 -106.58 -59.13
CA THR D 3308 -82.13 -105.64 -59.71
C THR D 3308 -82.21 -104.28 -59.02
N SER D 3309 -81.09 -103.58 -59.02
CA SER D 3309 -80.97 -102.29 -58.34
C SER D 3309 -81.45 -101.13 -59.20
N ASP D 3310 -81.89 -101.38 -60.44
CA ASP D 3310 -82.42 -100.30 -61.27
C ASP D 3310 -83.66 -99.68 -60.63
N HIS D 3311 -84.48 -100.50 -59.98
CA HIS D 3311 -85.66 -99.99 -59.28
C HIS D 3311 -85.24 -99.05 -58.15
N LEU D 3312 -84.19 -99.41 -57.40
CA LEU D 3312 -83.73 -98.56 -56.31
C LEU D 3312 -83.22 -97.21 -56.83
N ASN D 3313 -82.44 -97.22 -57.91
CA ASN D 3313 -81.94 -95.97 -58.48
C ASN D 3313 -83.08 -95.12 -59.01
N SER D 3314 -84.06 -95.75 -59.68
CA SER D 3314 -85.20 -95.00 -60.18
C SER D 3314 -86.00 -94.39 -59.02
N LEU D 3315 -86.17 -95.14 -57.93
CA LEU D 3315 -86.87 -94.61 -56.77
C LEU D 3315 -86.12 -93.43 -56.15
N LEU D 3316 -84.79 -93.54 -56.06
CA LEU D 3316 -84.01 -92.42 -55.53
C LEU D 3316 -84.14 -91.19 -56.40
N GLY D 3317 -84.05 -91.36 -57.72
CA GLY D 3317 -84.23 -90.23 -58.61
C GLY D 3317 -85.62 -89.63 -58.52
N ASN D 3318 -86.64 -90.48 -58.42
CA ASN D 3318 -88.01 -90.01 -58.32
C ASN D 3318 -88.24 -89.23 -57.03
N ILE D 3319 -87.70 -89.72 -55.90
CA ILE D 3319 -87.89 -89.00 -54.65
C ILE D 3319 -87.11 -87.69 -54.66
N LEU D 3320 -85.91 -87.66 -55.27
CA LEU D 3320 -85.18 -86.41 -55.39
C LEU D 3320 -85.96 -85.40 -56.24
N ARG D 3321 -86.53 -85.85 -57.35
CA ARG D 3321 -87.33 -84.96 -58.19
C ARG D 3321 -88.58 -84.47 -57.47
N ILE D 3322 -89.24 -85.35 -56.72
CA ILE D 3322 -90.44 -84.96 -55.99
C ILE D 3322 -90.09 -83.92 -54.92
N ILE D 3323 -88.97 -84.11 -54.23
CA ILE D 3323 -88.56 -83.15 -53.21
C ILE D 3323 -88.21 -81.81 -53.84
N VAL D 3324 -87.46 -81.83 -54.95
CA VAL D 3324 -87.07 -80.58 -55.60
C VAL D 3324 -88.24 -79.90 -56.28
N ASN D 3325 -89.33 -80.62 -56.54
CA ASN D 3325 -90.52 -80.00 -57.12
C ASN D 3325 -91.10 -78.95 -56.18
N ASN D 3326 -91.12 -79.24 -54.88
CA ASN D 3326 -91.58 -78.29 -53.87
C ASN D 3326 -90.45 -77.39 -53.41
N LEU D 3327 -89.76 -76.77 -54.38
CA LEU D 3327 -88.59 -75.96 -54.05
C LEU D 3327 -88.97 -74.72 -53.25
N GLY D 3328 -90.06 -74.05 -53.62
CA GLY D 3328 -90.44 -72.81 -52.98
C GLY D 3328 -91.75 -72.87 -52.23
N ILE D 3329 -92.04 -74.01 -51.60
CA ILE D 3329 -93.27 -74.13 -50.82
C ILE D 3329 -93.14 -73.31 -49.54
N ASP D 3330 -94.27 -72.84 -49.03
CA ASP D 3330 -94.27 -72.02 -47.82
C ASP D 3330 -94.09 -72.88 -46.58
N GLU D 3331 -95.02 -73.80 -46.34
CA GLU D 3331 -94.94 -74.72 -45.20
C GLU D 3331 -94.86 -76.14 -45.72
N ALA D 3332 -93.84 -76.87 -45.27
CA ALA D 3332 -93.64 -78.25 -45.71
C ALA D 3332 -92.86 -78.98 -44.62
N THR D 3333 -93.48 -79.98 -44.02
CA THR D 3333 -92.83 -80.80 -43.00
C THR D 3333 -92.34 -82.14 -43.54
N TRP D 3334 -92.98 -82.67 -44.57
CA TRP D 3334 -92.62 -83.97 -45.12
C TRP D 3334 -91.19 -83.99 -45.69
N MET D 3335 -90.60 -82.83 -45.93
CA MET D 3335 -89.23 -82.78 -46.41
C MET D 3335 -88.26 -83.34 -45.36
N LYS D 3336 -88.49 -83.02 -44.09
CA LYS D 3336 -87.62 -83.47 -43.01
C LYS D 3336 -87.83 -84.94 -42.66
N ARG D 3337 -88.87 -85.59 -43.18
CA ARG D 3337 -89.14 -86.99 -42.90
C ARG D 3337 -88.82 -87.90 -44.08
N LEU D 3338 -89.13 -87.47 -45.30
CA LEU D 3338 -88.82 -88.27 -46.47
C LEU D 3338 -87.32 -88.45 -46.64
N ALA D 3339 -86.54 -87.41 -46.37
CA ALA D 3339 -85.09 -87.53 -46.45
C ALA D 3339 -84.55 -88.54 -45.45
N VAL D 3340 -85.09 -88.52 -44.23
CA VAL D 3340 -84.66 -89.50 -43.22
C VAL D 3340 -85.05 -90.90 -43.64
N PHE D 3341 -86.26 -91.06 -44.17
CA PHE D 3341 -86.72 -92.39 -44.57
C PHE D 3341 -85.93 -92.93 -45.77
N ALA D 3342 -85.45 -92.04 -46.65
CA ALA D 3342 -84.76 -92.43 -47.86
C ALA D 3342 -83.25 -92.51 -47.69
N GLN D 3343 -82.72 -92.30 -46.48
CA GLN D 3343 -81.28 -92.37 -46.28
C GLN D 3343 -80.71 -93.75 -46.58
N PRO D 3344 -81.26 -94.86 -46.08
CA PRO D 3344 -80.67 -96.16 -46.43
C PRO D 3344 -80.81 -96.53 -47.90
N ILE D 3345 -81.74 -95.90 -48.63
CA ILE D 3345 -81.94 -96.26 -50.04
C ILE D 3345 -80.85 -95.72 -50.95
N VAL D 3346 -80.01 -94.80 -50.47
CA VAL D 3346 -78.96 -94.21 -51.30
C VAL D 3346 -77.63 -94.95 -51.19
N SER D 3347 -77.50 -95.90 -50.26
CA SER D 3347 -76.26 -96.64 -50.13
C SER D 3347 -75.96 -97.46 -51.39
N ARG D 3348 -76.98 -98.10 -51.95
CA ARG D 3348 -76.85 -98.87 -53.19
C ARG D 3348 -77.45 -98.03 -54.31
N ALA D 3349 -76.64 -97.14 -54.88
CA ALA D 3349 -77.09 -96.24 -55.94
C ALA D 3349 -76.09 -96.27 -57.09
N ARG D 3350 -76.62 -96.09 -58.30
CA ARG D 3350 -75.77 -96.11 -59.48
C ARG D 3350 -74.88 -94.87 -59.50
N PRO D 3351 -73.60 -95.02 -59.86
CA PRO D 3351 -72.69 -93.86 -59.88
C PRO D 3351 -73.13 -92.77 -60.85
N GLU D 3352 -73.73 -93.13 -61.99
CA GLU D 3352 -74.06 -92.15 -63.02
C GLU D 3352 -75.54 -91.81 -63.08
N LEU D 3353 -76.44 -92.72 -62.71
CA LEU D 3353 -77.87 -92.42 -62.77
C LEU D 3353 -78.25 -91.32 -61.80
N LEU D 3354 -77.72 -91.35 -60.58
CA LEU D 3354 -78.08 -90.35 -59.58
C LEU D 3354 -77.38 -89.02 -59.85
N HIS D 3355 -76.14 -89.05 -60.34
CA HIS D 3355 -75.40 -87.81 -60.55
C HIS D 3355 -76.03 -86.93 -61.62
N SER D 3356 -76.85 -87.49 -62.50
CA SER D 3356 -77.60 -86.69 -63.46
C SER D 3356 -78.77 -85.96 -62.81
N HIS D 3357 -79.16 -86.35 -61.59
CA HIS D 3357 -80.24 -85.71 -60.85
C HIS D 3357 -79.75 -84.82 -59.71
N PHE D 3358 -78.61 -85.18 -59.08
CA PHE D 3358 -78.12 -84.39 -57.97
C PHE D 3358 -77.62 -83.02 -58.42
N ILE D 3359 -76.97 -82.94 -59.58
CA ILE D 3359 -76.41 -81.69 -60.09
C ILE D 3359 -77.51 -80.66 -60.33
N PRO D 3360 -78.59 -80.98 -61.09
CA PRO D 3360 -79.63 -79.95 -61.30
C PRO D 3360 -80.32 -79.49 -60.04
N THR D 3361 -80.57 -80.39 -59.08
CA THR D 3361 -81.27 -80.00 -57.86
C THR D 3361 -80.44 -79.03 -57.02
N ILE D 3362 -79.18 -79.39 -56.76
CA ILE D 3362 -78.31 -78.50 -55.99
C ILE D 3362 -78.01 -77.23 -56.78
N GLY D 3363 -78.02 -77.32 -58.11
CA GLY D 3363 -77.85 -76.12 -58.91
C GLY D 3363 -79.01 -75.15 -58.76
N ARG D 3364 -80.24 -75.67 -58.77
CA ARG D 3364 -81.41 -74.84 -58.52
C ARG D 3364 -81.37 -74.27 -57.11
N LEU D 3365 -80.91 -75.06 -56.14
CA LEU D 3365 -80.78 -74.57 -54.77
C LEU D 3365 -79.78 -73.42 -54.69
N ARG D 3366 -78.64 -73.56 -55.39
CA ARG D 3366 -77.64 -72.49 -55.41
C ARG D 3366 -78.16 -71.26 -56.13
N LYS D 3367 -78.95 -71.45 -57.19
CA LYS D 3367 -79.56 -70.31 -57.87
C LYS D 3367 -80.52 -69.58 -56.94
N ARG D 3368 -81.31 -70.32 -56.18
CA ARG D 3368 -82.20 -69.70 -55.20
C ARG D 3368 -81.41 -68.95 -54.14
N ALA D 3369 -80.30 -69.53 -53.67
CA ALA D 3369 -79.46 -68.86 -52.68
C ALA D 3369 -78.88 -67.57 -53.26
N GLY D 3370 -78.44 -67.60 -54.52
CA GLY D 3370 -77.92 -66.40 -55.15
C GLY D 3370 -78.98 -65.34 -55.36
N LYS D 3371 -80.21 -65.76 -55.65
CA LYS D 3371 -81.30 -64.79 -55.80
C LYS D 3371 -81.72 -64.21 -54.47
N VAL D 3372 -81.54 -64.95 -53.37
CA VAL D 3372 -81.97 -64.48 -52.06
C VAL D 3372 -80.90 -63.69 -51.31
N VAL D 3373 -79.62 -63.91 -51.63
CA VAL D 3373 -78.57 -63.13 -50.96
C VAL D 3373 -78.62 -61.68 -51.41
N ALA D 3374 -79.04 -61.44 -52.67
CA ALA D 3374 -79.10 -60.08 -53.19
C ALA D 3374 -80.09 -59.22 -52.43
N GLU D 3375 -81.18 -59.81 -51.92
CA GLU D 3375 -82.13 -59.05 -51.14
C GLU D 3375 -81.49 -58.52 -49.86
N GLU D 3376 -80.75 -59.38 -49.15
CA GLU D 3376 -80.05 -58.93 -47.95
C GLU D 3376 -78.95 -57.93 -48.28
N GLU D 3377 -78.28 -58.11 -49.42
CA GLU D 3377 -77.23 -57.18 -49.83
C GLU D 3377 -77.81 -55.79 -50.10
N GLN D 3378 -78.96 -55.73 -50.77
CA GLN D 3378 -79.59 -54.45 -51.05
C GLN D 3378 -80.34 -53.90 -49.86
N LEU D 3379 -80.59 -54.72 -48.83
CA LEU D 3379 -81.25 -54.23 -47.63
C LEU D 3379 -80.40 -53.18 -46.93
N ARG D 3380 -79.10 -53.41 -46.85
CA ARG D 3380 -78.19 -52.46 -46.21
C ARG D 3380 -77.98 -51.23 -47.08
N GLU D 3386 -89.39 -50.08 -42.97
CA GLU D 3386 -88.69 -50.53 -44.17
C GLU D 3386 -87.67 -51.61 -43.85
N ALA D 3387 -86.77 -51.30 -42.91
CA ALA D 3387 -85.73 -52.26 -42.52
C ALA D 3387 -86.34 -53.48 -41.85
N GLU D 3388 -87.34 -53.28 -40.98
CA GLU D 3388 -87.92 -54.40 -40.24
C GLU D 3388 -88.66 -55.36 -41.17
N GLU D 3389 -89.44 -54.83 -42.10
CA GLU D 3389 -90.18 -55.69 -43.02
C GLU D 3389 -89.22 -56.49 -43.91
N GLY D 3390 -88.19 -55.83 -44.42
CA GLY D 3390 -87.21 -56.55 -45.22
C GLY D 3390 -86.46 -57.60 -44.42
N GLU D 3391 -86.14 -57.29 -43.17
CA GLU D 3391 -85.47 -58.26 -42.31
C GLU D 3391 -86.36 -59.48 -42.07
N LEU D 3392 -87.64 -59.25 -41.81
CA LEU D 3392 -88.56 -60.37 -41.61
C LEU D 3392 -88.69 -61.21 -42.89
N LEU D 3393 -88.79 -60.54 -44.04
CA LEU D 3393 -88.92 -61.27 -45.30
C LEU D 3393 -87.68 -62.11 -45.59
N VAL D 3394 -86.49 -61.53 -45.40
CA VAL D 3394 -85.27 -62.29 -45.66
C VAL D 3394 -85.09 -63.39 -44.62
N ARG D 3395 -85.54 -63.18 -43.39
CA ARG D 3395 -85.49 -64.23 -42.39
C ARG D 3395 -86.37 -65.42 -42.79
N ASP D 3396 -87.59 -65.14 -43.26
CA ASP D 3396 -88.46 -66.20 -43.72
C ASP D 3396 -87.86 -66.93 -44.92
N GLU D 3397 -87.31 -66.17 -45.88
CA GLU D 3397 -86.70 -66.79 -47.05
C GLU D 3397 -85.49 -67.64 -46.65
N PHE D 3398 -84.69 -67.17 -45.71
CA PHE D 3398 -83.54 -67.93 -45.26
C PHE D 3398 -83.95 -69.18 -44.50
N SER D 3399 -85.05 -69.10 -43.74
CA SER D 3399 -85.57 -70.30 -43.08
C SER D 3399 -86.03 -71.32 -44.11
N VAL D 3400 -86.71 -70.87 -45.17
CA VAL D 3400 -87.13 -71.77 -46.24
C VAL D 3400 -85.90 -72.41 -46.91
N LEU D 3401 -84.89 -71.60 -47.19
CA LEU D 3401 -83.67 -72.12 -47.81
C LEU D 3401 -82.97 -73.12 -46.89
N CYS D 3402 -82.94 -72.85 -45.59
CA CYS D 3402 -82.33 -73.78 -44.63
C CYS D 3402 -83.10 -75.09 -44.58
N ARG D 3403 -84.43 -75.03 -44.63
CA ARG D 3403 -85.23 -76.25 -44.65
C ARG D 3403 -84.93 -77.06 -45.91
N ASP D 3404 -84.85 -76.39 -47.06
CA ASP D 3404 -84.53 -77.11 -48.29
C ASP D 3404 -83.12 -77.70 -48.23
N LEU D 3405 -82.17 -76.96 -47.68
CA LEU D 3405 -80.80 -77.46 -47.53
C LEU D 3405 -80.76 -78.68 -46.63
N TYR D 3406 -81.47 -78.65 -45.51
CA TYR D 3406 -81.47 -79.79 -44.61
C TYR D 3406 -82.32 -80.95 -45.13
N ALA D 3407 -83.18 -80.71 -46.11
CA ALA D 3407 -83.87 -81.78 -46.80
C ALA D 3407 -83.04 -82.44 -47.90
N LEU D 3408 -82.15 -81.69 -48.55
CA LEU D 3408 -81.34 -82.23 -49.64
C LEU D 3408 -79.96 -82.73 -49.22
N TYR D 3409 -79.24 -81.96 -48.40
CA TYR D 3409 -77.86 -82.28 -48.08
C TYR D 3409 -77.66 -83.66 -47.43
N PRO D 3410 -78.51 -84.13 -46.52
CA PRO D 3410 -78.28 -85.50 -45.99
C PRO D 3410 -78.28 -86.57 -47.05
N LEU D 3411 -79.07 -86.43 -48.12
CA LEU D 3411 -79.03 -87.37 -49.22
C LEU D 3411 -77.77 -87.21 -50.07
N LEU D 3412 -77.04 -86.11 -49.91
CA LEU D 3412 -75.79 -85.87 -50.65
C LEU D 3412 -74.56 -86.30 -49.85
N ILE D 3413 -74.60 -86.17 -48.53
CA ILE D 3413 -73.43 -86.54 -47.72
C ILE D 3413 -73.18 -88.04 -47.81
N ARG D 3414 -74.25 -88.84 -47.74
CA ARG D 3414 -74.08 -90.29 -47.86
C ARG D 3414 -73.62 -90.68 -49.26
N TYR D 3415 -74.15 -90.02 -50.29
CA TYR D 3415 -73.72 -90.28 -51.65
C TYR D 3415 -72.27 -89.84 -51.89
N VAL D 3416 -71.78 -88.89 -51.10
CA VAL D 3416 -70.38 -88.47 -51.20
C VAL D 3416 -69.45 -89.39 -50.40
N ASP D 3417 -69.94 -89.96 -49.29
CA ASP D 3417 -69.12 -90.88 -48.50
C ASP D 3417 -68.66 -92.06 -49.34
N ASN D 3418 -69.58 -92.65 -50.11
CA ASN D 3418 -69.20 -93.58 -51.15
C ASN D 3418 -69.01 -92.82 -52.46
N ASN D 3419 -68.55 -93.54 -53.48
CA ASN D 3419 -68.27 -92.99 -54.80
C ASN D 3419 -67.23 -91.87 -54.77
N ARG D 3420 -66.51 -91.71 -53.67
CA ARG D 3420 -65.47 -90.69 -53.57
C ARG D 3420 -64.10 -91.24 -53.97
N ALA D 3421 -63.82 -92.51 -53.64
CA ALA D 3421 -62.59 -93.13 -54.13
C ALA D 3421 -62.59 -93.22 -55.64
N HIS D 3422 -63.75 -93.50 -56.23
CA HIS D 3422 -63.87 -93.50 -57.69
C HIS D 3422 -63.61 -92.10 -58.25
N TRP D 3423 -64.14 -91.07 -57.60
CA TRP D 3423 -63.95 -89.70 -58.04
C TRP D 3423 -62.52 -89.19 -57.80
N LEU D 3424 -61.75 -89.85 -56.95
CA LEU D 3424 -60.37 -89.47 -56.69
C LEU D 3424 -59.38 -90.21 -57.58
N THR D 3425 -59.49 -91.55 -57.66
CA THR D 3425 -58.62 -92.30 -58.53
C THR D 3425 -58.82 -91.93 -60.00
N GLU D 3426 -60.07 -91.76 -60.41
CA GLU D 3426 -60.41 -91.32 -61.76
C GLU D 3426 -61.19 -90.01 -61.66
N PRO D 3427 -60.53 -88.87 -61.87
CA PRO D 3427 -61.24 -87.59 -61.70
C PRO D 3427 -62.39 -87.45 -62.69
N ASN D 3428 -63.47 -86.81 -62.21
CA ASN D 3428 -64.68 -86.60 -62.99
C ASN D 3428 -65.03 -85.12 -62.93
N ALA D 3429 -65.31 -84.54 -64.10
CA ALA D 3429 -65.62 -83.11 -64.17
C ALA D 3429 -66.86 -82.76 -63.37
N ASN D 3430 -67.87 -83.64 -63.37
CA ASN D 3430 -69.09 -83.39 -62.63
C ASN D 3430 -68.83 -83.28 -61.13
N ALA D 3431 -67.91 -84.11 -60.62
CA ALA D 3431 -67.55 -84.01 -59.21
C ALA D 3431 -66.93 -82.66 -58.88
N GLU D 3432 -66.06 -82.16 -59.75
CA GLU D 3432 -65.46 -80.85 -59.54
C GLU D 3432 -66.52 -79.75 -59.60
N GLU D 3433 -67.47 -79.86 -60.54
CA GLU D 3433 -68.53 -78.87 -60.63
C GLU D 3433 -69.40 -78.88 -59.38
N LEU D 3434 -69.70 -80.08 -58.86
CA LEU D 3434 -70.47 -80.19 -57.63
C LEU D 3434 -69.71 -79.59 -56.46
N PHE D 3435 -68.39 -79.82 -56.40
CA PHE D 3435 -67.59 -79.19 -55.35
C PHE D 3435 -67.66 -77.67 -55.45
N ARG D 3436 -67.55 -77.14 -56.67
CA ARG D 3436 -67.61 -75.69 -56.86
C ARG D 3436 -68.94 -75.14 -56.38
N MET D 3437 -70.03 -75.83 -56.72
CA MET D 3437 -71.36 -75.38 -56.30
C MET D 3437 -71.52 -75.44 -54.78
N VAL D 3438 -71.04 -76.53 -54.16
CA VAL D 3438 -71.11 -76.65 -52.71
C VAL D 3438 -70.29 -75.54 -52.04
N GLY D 3439 -69.10 -75.27 -52.57
CA GLY D 3439 -68.29 -74.19 -52.02
C GLY D 3439 -68.93 -72.83 -52.20
N GLU D 3440 -69.63 -72.63 -53.31
CA GLU D 3440 -70.36 -71.39 -53.52
C GLU D 3440 -71.45 -71.22 -52.47
N ILE D 3441 -72.20 -72.29 -52.20
CA ILE D 3441 -73.21 -72.22 -51.14
C ILE D 3441 -72.53 -71.96 -49.79
N PHE D 3442 -71.37 -72.56 -49.55
CA PHE D 3442 -70.69 -72.38 -48.27
C PHE D 3442 -70.25 -70.94 -48.08
N ILE D 3443 -69.68 -70.32 -49.12
CA ILE D 3443 -69.21 -68.95 -48.98
C ILE D 3443 -70.39 -67.99 -48.92
N TYR D 3444 -71.50 -68.32 -49.58
CA TYR D 3444 -72.72 -67.53 -49.41
C TYR D 3444 -73.19 -67.58 -47.97
N TRP D 3445 -73.14 -68.75 -47.34
CA TRP D 3445 -73.49 -68.86 -45.93
C TRP D 3445 -72.51 -68.10 -45.05
N SER D 3446 -71.22 -68.14 -45.38
CA SER D 3446 -70.21 -67.54 -44.53
C SER D 3446 -70.29 -66.02 -44.52
N LYS D 3447 -70.43 -65.42 -45.71
CA LYS D 3447 -70.46 -63.95 -45.81
C LYS D 3447 -71.88 -63.42 -45.63
N SER D 3448 -72.55 -63.89 -44.58
CA SER D 3448 -73.87 -63.38 -44.20
C SER D 3448 -74.22 -63.89 -42.80
N HIS D 3449 -74.62 -62.98 -41.91
CA HIS D 3449 -74.97 -63.38 -40.55
C HIS D 3449 -76.37 -63.99 -40.47
N ASN D 3450 -77.29 -63.51 -41.31
CA ASN D 3450 -78.67 -64.00 -41.25
C ASN D 3450 -78.76 -65.48 -41.60
N PHE D 3451 -77.94 -65.95 -42.54
CA PHE D 3451 -77.96 -67.37 -42.88
C PHE D 3451 -77.59 -68.23 -41.68
N LYS D 3452 -76.51 -67.86 -40.97
CA LYS D 3452 -76.09 -68.61 -39.80
C LYS D 3452 -77.14 -68.54 -38.69
N ARG D 3453 -77.71 -67.35 -38.46
CA ARG D 3453 -78.72 -67.22 -37.43
C ARG D 3453 -79.95 -68.08 -37.75
N GLU D 3454 -80.40 -68.06 -39.00
CA GLU D 3454 -81.56 -68.84 -39.39
C GLU D 3454 -81.28 -70.33 -39.31
N GLU D 3455 -80.07 -70.77 -39.70
CA GLU D 3455 -79.73 -72.18 -39.58
C GLU D 3455 -79.74 -72.63 -38.12
N GLN D 3456 -79.13 -71.82 -37.24
CA GLN D 3456 -79.11 -72.17 -35.82
C GLN D 3456 -80.53 -72.22 -35.25
N ASN D 3457 -81.36 -71.23 -35.60
CA ASN D 3457 -82.74 -71.23 -35.12
C ASN D 3457 -83.49 -72.45 -35.64
N PHE D 3458 -83.27 -72.82 -36.90
CA PHE D 3458 -83.92 -73.98 -37.48
C PHE D 3458 -83.56 -75.26 -36.72
N VAL D 3459 -82.27 -75.48 -36.48
CA VAL D 3459 -81.86 -76.73 -35.85
C VAL D 3459 -82.33 -76.77 -34.40
N VAL D 3460 -82.28 -75.64 -33.69
CA VAL D 3460 -82.71 -75.67 -32.30
C VAL D 3460 -84.23 -75.81 -32.20
N GLN D 3461 -84.96 -75.25 -33.16
CA GLN D 3461 -86.42 -75.32 -33.12
C GLN D 3461 -86.92 -76.72 -33.44
N ASN D 3462 -86.39 -77.34 -34.50
CA ASN D 3462 -86.84 -78.67 -34.89
C ASN D 3462 -86.04 -79.80 -34.26
N GLU D 3463 -85.08 -79.48 -33.40
CA GLU D 3463 -84.30 -80.48 -32.67
C GLU D 3463 -83.62 -81.47 -33.62
N ILE D 3464 -83.08 -80.94 -34.72
CA ILE D 3464 -82.37 -81.77 -35.68
C ILE D 3464 -81.07 -82.25 -35.07
N ASN D 3465 -80.85 -83.56 -35.12
CA ASN D 3465 -79.63 -84.13 -34.54
C ASN D 3465 -78.38 -83.62 -35.25
N ASN D 3466 -78.43 -83.56 -36.58
CA ASN D 3466 -77.32 -83.09 -37.42
C ASN D 3466 -76.06 -83.94 -37.26
N MET D 3467 -76.16 -85.06 -36.56
CA MET D 3467 -75.02 -85.96 -36.37
C MET D 3467 -75.33 -87.33 -36.93
N SER D 3468 -76.62 -87.71 -36.92
CA SER D 3468 -77.01 -88.99 -37.50
C SER D 3468 -76.83 -89.01 -39.01
N PHE D 3469 -76.95 -87.85 -39.66
CA PHE D 3469 -76.72 -87.79 -41.10
C PHE D 3469 -75.28 -88.12 -41.44
N LEU D 3470 -74.33 -87.63 -40.64
CA LEU D 3470 -72.92 -87.94 -40.83
C LEU D 3470 -72.46 -89.13 -40.01
N THR D 3471 -73.37 -89.76 -39.25
CA THR D 3471 -73.05 -90.91 -38.41
C THR D 3471 -71.94 -90.60 -37.42
N TYR D 3503 -73.01 -72.55 -31.33
CA TYR D 3503 -72.59 -73.59 -30.42
C TYR D 3503 -72.16 -74.85 -31.18
N SER D 3504 -73.10 -75.45 -31.91
CA SER D 3504 -72.84 -76.65 -32.69
C SER D 3504 -72.41 -76.31 -34.12
N VAL D 3505 -71.40 -75.45 -34.24
CA VAL D 3505 -70.92 -75.06 -35.56
C VAL D 3505 -70.20 -76.22 -36.25
N GLN D 3506 -69.42 -77.00 -35.48
CA GLN D 3506 -68.72 -78.14 -36.05
C GLN D 3506 -69.67 -79.23 -36.52
N THR D 3507 -70.92 -79.23 -36.03
CA THR D 3507 -71.91 -80.22 -36.42
C THR D 3507 -72.81 -79.71 -37.55
N SER D 3508 -72.53 -78.51 -38.08
CA SER D 3508 -73.36 -77.94 -39.12
C SER D 3508 -73.30 -78.78 -40.39
N LEU D 3509 -74.42 -78.78 -41.12
CA LEU D 3509 -74.53 -79.62 -42.30
C LEU D 3509 -73.70 -79.06 -43.46
N ILE D 3510 -73.76 -77.74 -43.68
CA ILE D 3510 -73.04 -77.14 -44.79
C ILE D 3510 -71.53 -77.29 -44.61
N VAL D 3511 -71.03 -77.04 -43.41
CA VAL D 3511 -69.60 -77.15 -43.15
C VAL D 3511 -69.14 -78.59 -43.30
N ALA D 3512 -69.93 -79.54 -42.81
CA ALA D 3512 -69.56 -80.95 -42.95
C ALA D 3512 -69.53 -81.37 -44.41
N THR D 3513 -70.53 -80.94 -45.20
CA THR D 3513 -70.55 -81.28 -46.62
C THR D 3513 -69.35 -80.67 -47.35
N LEU D 3514 -69.02 -79.42 -47.04
CA LEU D 3514 -67.87 -78.79 -47.67
C LEU D 3514 -66.58 -79.49 -47.29
N LYS D 3515 -66.44 -79.88 -46.02
CA LYS D 3515 -65.25 -80.60 -45.60
C LYS D 3515 -65.14 -81.95 -46.29
N LYS D 3516 -66.27 -82.63 -46.50
CA LYS D 3516 -66.24 -83.91 -47.20
C LYS D 3516 -65.91 -83.74 -48.68
N MET D 3517 -66.35 -82.65 -49.29
CA MET D 3517 -66.13 -82.42 -50.72
C MET D 3517 -64.84 -81.67 -51.03
N LEU D 3518 -64.13 -81.18 -50.00
CA LEU D 3518 -62.90 -80.43 -50.24
C LEU D 3518 -61.82 -81.22 -50.97
N PRO D 3519 -61.55 -82.49 -50.66
CA PRO D 3519 -60.53 -83.22 -51.45
C PRO D 3519 -60.84 -83.28 -52.94
N ILE D 3520 -62.12 -83.26 -53.32
CA ILE D 3520 -62.45 -83.20 -54.74
C ILE D 3520 -61.87 -81.93 -55.37
N GLY D 3521 -62.03 -80.80 -54.67
CA GLY D 3521 -61.48 -79.55 -55.18
C GLY D 3521 -59.96 -79.52 -55.14
N LEU D 3522 -59.36 -80.09 -54.09
CA LEU D 3522 -57.91 -80.10 -53.99
C LEU D 3522 -57.27 -80.98 -55.04
N ASN D 3523 -57.97 -82.03 -55.49
CA ASN D 3523 -57.41 -82.92 -56.49
C ASN D 3523 -57.17 -82.20 -57.81
N MET D 3524 -58.13 -81.38 -58.24
CA MET D 3524 -58.00 -80.68 -59.52
C MET D 3524 -56.91 -79.62 -59.49
N CYS D 3525 -56.49 -79.16 -58.32
CA CYS D 3525 -55.46 -78.14 -58.20
C CYS D 3525 -54.09 -78.79 -58.20
N ALA D 3526 -53.25 -78.37 -59.13
CA ALA D 3526 -51.91 -78.95 -59.25
C ALA D 3526 -51.07 -78.57 -58.03
N PRO D 3527 -50.11 -79.42 -57.66
CA PRO D 3527 -49.21 -79.06 -56.55
C PRO D 3527 -48.38 -77.82 -56.83
N THR D 3528 -48.18 -77.47 -58.10
CA THR D 3528 -47.48 -76.24 -58.44
C THR D 3528 -48.28 -75.01 -58.01
N ASP D 3529 -49.60 -75.07 -58.10
CA ASP D 3529 -50.46 -73.96 -57.67
C ASP D 3529 -50.45 -73.78 -56.16
N GLN D 3530 -49.90 -74.73 -55.41
CA GLN D 3530 -49.77 -74.56 -53.97
C GLN D 3530 -48.83 -73.40 -53.63
N ASP D 3531 -48.02 -72.94 -54.58
CA ASP D 3531 -47.21 -71.75 -54.36
C ASP D 3531 -48.07 -70.49 -54.42
N LEU D 3532 -49.00 -70.42 -55.38
CA LEU D 3532 -49.88 -69.27 -55.50
C LEU D 3532 -51.09 -69.33 -54.57
N ILE D 3533 -51.29 -70.45 -53.87
CA ILE D 3533 -52.41 -70.55 -52.95
C ILE D 3533 -52.37 -69.45 -51.89
N MET D 3534 -51.22 -69.30 -51.22
CA MET D 3534 -51.14 -68.27 -50.18
C MET D 3534 -51.17 -66.87 -50.77
N LEU D 3535 -50.66 -66.70 -51.99
CA LEU D 3535 -50.76 -65.40 -52.65
C LEU D 3535 -52.21 -65.02 -52.89
N ALA D 3536 -53.01 -65.96 -53.38
CA ALA D 3536 -54.44 -65.71 -53.57
C ALA D 3536 -55.15 -65.48 -52.24
N LYS D 3537 -54.75 -66.22 -51.20
CA LYS D 3537 -55.35 -66.01 -49.88
C LYS D 3537 -55.05 -64.60 -49.36
N THR D 3538 -53.81 -64.14 -49.51
CA THR D 3538 -53.47 -62.79 -49.10
C THR D 3538 -54.21 -61.74 -49.92
N ARG D 3539 -54.37 -61.99 -51.22
CA ARG D 3539 -55.13 -61.07 -52.06
C ARG D 3539 -56.59 -60.99 -51.60
N TYR D 3540 -57.19 -62.13 -51.25
CA TYR D 3540 -58.57 -62.15 -50.77
C TYR D 3540 -58.69 -61.64 -49.34
N ALA D 3541 -57.58 -61.55 -48.61
CA ALA D 3541 -57.63 -61.03 -47.24
C ALA D 3541 -58.09 -59.59 -47.16
N LEU D 3542 -58.06 -58.86 -48.27
CA LEU D 3542 -58.47 -57.45 -48.31
C LEU D 3542 -59.88 -57.29 -48.86
N LYS D 3543 -60.76 -58.26 -48.59
CA LYS D 3543 -62.14 -58.23 -49.07
C LYS D 3543 -62.20 -58.09 -50.60
N ASP D 3544 -61.31 -58.79 -51.28
CA ASP D 3544 -61.25 -58.74 -52.73
C ASP D 3544 -62.36 -59.58 -53.36
N THR D 3545 -62.59 -59.36 -54.65
CA THR D 3545 -63.59 -60.08 -55.41
C THR D 3545 -62.90 -61.11 -56.31
N ASP D 3546 -63.72 -61.99 -56.89
CA ASP D 3546 -63.18 -63.06 -57.73
C ASP D 3546 -62.51 -62.51 -58.97
N GLU D 3547 -63.13 -61.50 -59.62
CA GLU D 3547 -62.58 -60.98 -60.85
C GLU D 3547 -61.23 -60.32 -60.64
N GLU D 3548 -61.12 -59.47 -59.62
CA GLU D 3548 -59.85 -58.79 -59.36
C GLU D 3548 -58.77 -59.77 -58.88
N VAL D 3549 -59.15 -60.77 -58.09
CA VAL D 3549 -58.20 -61.79 -57.67
C VAL D 3549 -57.67 -62.56 -58.88
N ARG D 3550 -58.57 -62.94 -59.80
CA ARG D 3550 -58.15 -63.64 -61.00
C ARG D 3550 -57.24 -62.78 -61.86
N GLU D 3551 -57.57 -61.49 -62.00
CA GLU D 3551 -56.72 -60.59 -62.77
C GLU D 3551 -55.34 -60.45 -62.14
N PHE D 3552 -55.29 -60.29 -60.81
CA PHE D 3552 -54.00 -60.18 -60.13
C PHE D 3552 -53.18 -61.45 -60.29
N LEU D 3553 -53.82 -62.62 -60.17
CA LEU D 3553 -53.11 -63.88 -60.35
C LEU D 3553 -52.58 -64.03 -61.77
N GLN D 3554 -53.38 -63.65 -62.77
CA GLN D 3554 -52.91 -63.71 -64.15
C GLN D 3554 -51.80 -62.71 -64.42
N ASN D 3555 -51.77 -61.61 -63.66
CA ASN D 3555 -50.71 -60.62 -63.85
C ASN D 3555 -49.34 -61.19 -63.49
N ASN D 3556 -49.28 -62.11 -62.54
CA ASN D 3556 -48.02 -62.69 -62.08
C ASN D 3556 -48.13 -64.21 -62.01
N LEU D 3557 -48.64 -64.82 -63.09
CA LEU D 3557 -48.80 -66.26 -63.13
C LEU D 3557 -47.48 -67.01 -63.33
N HIS D 3558 -46.35 -66.32 -63.33
CA HIS D 3558 -45.04 -66.94 -63.53
C HIS D 3558 -44.34 -67.30 -62.23
N LEU D 3559 -44.95 -67.02 -61.08
CA LEU D 3559 -44.30 -67.30 -59.79
C LEU D 3559 -44.51 -68.74 -59.33
N GLN D 3560 -45.36 -69.51 -60.00
CA GLN D 3560 -45.56 -70.90 -59.64
C GLN D 3560 -44.45 -71.77 -60.22
N GLY D 3561 -44.29 -72.96 -59.64
CA GLY D 3561 -43.30 -73.90 -60.11
C GLY D 3561 -42.34 -74.37 -59.04
N LYS D 3562 -41.05 -74.09 -59.23
CA LYS D 3562 -39.99 -74.52 -58.31
C LYS D 3562 -40.00 -76.03 -58.11
N VAL D 3563 -40.26 -76.76 -59.19
CA VAL D 3563 -40.31 -78.22 -59.12
C VAL D 3563 -38.92 -78.78 -58.79
N GLU D 3564 -37.88 -78.24 -59.41
CA GLU D 3564 -36.52 -78.70 -59.17
C GLU D 3564 -35.88 -78.03 -57.95
N GLY D 3565 -36.48 -76.98 -57.42
CA GLY D 3565 -35.91 -76.28 -56.28
C GLY D 3565 -36.24 -76.87 -54.92
N SER D 3566 -37.13 -77.86 -54.86
CA SER D 3566 -37.51 -78.49 -53.62
C SER D 3566 -37.53 -80.00 -53.80
N PRO D 3567 -37.23 -80.76 -52.74
CA PRO D 3567 -37.27 -82.23 -52.86
C PRO D 3567 -38.65 -82.81 -52.61
N SER D 3568 -39.51 -82.04 -51.94
CA SER D 3568 -40.85 -82.52 -51.59
C SER D 3568 -41.84 -82.40 -52.75
N LEU D 3569 -41.46 -81.77 -53.85
CA LEU D 3569 -42.35 -81.59 -54.99
C LEU D 3569 -42.15 -82.63 -56.08
N ARG D 3570 -41.05 -83.37 -56.07
CA ARG D 3570 -40.79 -84.34 -57.12
C ARG D 3570 -41.83 -85.45 -57.12
N TRP D 3571 -42.03 -86.08 -55.95
CA TRP D 3571 -42.97 -87.19 -55.88
C TRP D 3571 -44.42 -86.74 -56.05
N GLN D 3572 -44.73 -85.50 -55.65
CA GLN D 3572 -46.08 -84.99 -55.88
C GLN D 3572 -46.37 -84.84 -57.36
N MET D 3573 -45.42 -84.28 -58.13
CA MET D 3573 -45.60 -84.18 -59.57
C MET D 3573 -45.65 -85.57 -60.22
N ALA D 3574 -44.80 -86.49 -59.74
CA ALA D 3574 -44.85 -87.85 -60.28
C ALA D 3574 -46.20 -88.49 -60.04
N LEU D 3575 -46.77 -88.32 -58.84
CA LEU D 3575 -48.09 -88.84 -58.54
C LEU D 3575 -49.15 -88.20 -59.42
N TYR D 3576 -49.07 -86.89 -59.62
CA TYR D 3576 -50.06 -86.21 -60.46
C TYR D 3576 -50.02 -86.71 -61.89
N ARG D 3577 -48.82 -86.89 -62.44
CA ARG D 3577 -48.70 -87.33 -63.83
C ARG D 3577 -49.00 -88.81 -64.01
N GLY D 3578 -48.71 -89.65 -63.01
CA GLY D 3578 -48.75 -91.08 -63.19
C GLY D 3578 -50.11 -91.73 -63.38
N LEU D 3579 -50.91 -91.78 -62.31
CA LEU D 3579 -52.13 -92.57 -62.34
C LEU D 3579 -53.31 -91.92 -63.07
N PRO D 3580 -53.58 -90.60 -62.94
CA PRO D 3580 -54.79 -90.06 -63.56
C PRO D 3580 -54.73 -90.07 -65.09
N GLY D 3581 -55.81 -89.61 -65.73
CA GLY D 3581 -55.88 -89.57 -67.17
C GLY D 3581 -55.19 -88.35 -67.74
N ARG D 3582 -55.88 -87.63 -68.63
CA ARG D 3582 -55.31 -86.43 -69.21
C ARG D 3582 -55.07 -85.39 -68.14
N GLU D 3583 -53.89 -84.77 -68.18
CA GLU D 3583 -53.49 -83.77 -67.19
C GLU D 3583 -53.94 -82.37 -67.57
N GLU D 3584 -55.24 -82.23 -67.84
CA GLU D 3584 -55.85 -80.95 -68.20
C GLU D 3584 -55.13 -80.32 -69.40
N ASP D 3585 -54.78 -81.15 -70.37
CA ASP D 3585 -54.09 -80.79 -71.62
C ASP D 3585 -52.68 -80.26 -71.37
N ALA D 3586 -52.21 -80.23 -70.12
CA ALA D 3586 -50.87 -79.83 -69.71
C ALA D 3586 -50.55 -78.37 -69.98
N ASP D 3587 -51.46 -77.60 -70.57
CA ASP D 3587 -51.19 -76.19 -70.85
C ASP D 3587 -52.53 -75.46 -70.94
N ASP D 3588 -52.89 -74.74 -69.88
CA ASP D 3588 -54.10 -73.92 -69.86
C ASP D 3588 -53.92 -72.80 -68.85
N PRO D 3589 -53.24 -71.70 -69.23
CA PRO D 3589 -53.19 -70.52 -68.36
C PRO D 3589 -54.56 -70.04 -67.89
N GLU D 3590 -55.57 -70.07 -68.77
CA GLU D 3590 -56.89 -69.58 -68.41
C GLU D 3590 -57.53 -70.43 -67.32
N LYS D 3591 -57.37 -71.75 -67.39
CA LYS D 3591 -57.97 -72.64 -66.40
C LYS D 3591 -57.24 -72.61 -65.07
N ILE D 3592 -55.96 -72.20 -65.05
CA ILE D 3592 -55.20 -72.22 -63.81
C ILE D 3592 -55.79 -71.24 -62.80
N VAL D 3593 -56.05 -70.00 -63.23
CA VAL D 3593 -56.60 -69.01 -62.30
C VAL D 3593 -58.01 -69.41 -61.89
N ARG D 3594 -58.79 -69.98 -62.81
CA ARG D 3594 -60.15 -70.40 -62.48
C ARG D 3594 -60.15 -71.49 -61.41
N ARG D 3595 -59.24 -72.46 -61.52
CA ARG D 3595 -59.16 -73.54 -60.55
C ARG D 3595 -58.42 -73.15 -59.28
N VAL D 3596 -57.69 -72.03 -59.29
CA VAL D 3596 -57.01 -71.57 -58.09
C VAL D 3596 -57.89 -70.66 -57.25
N GLN D 3597 -58.67 -69.78 -57.90
CA GLN D 3597 -59.48 -68.82 -57.16
C GLN D 3597 -60.51 -69.52 -56.28
N GLU D 3598 -61.20 -70.53 -56.83
CA GLU D 3598 -62.24 -71.20 -56.06
C GLU D 3598 -61.67 -71.92 -54.84
N VAL D 3599 -60.56 -72.65 -55.02
CA VAL D 3599 -60.00 -73.40 -53.91
C VAL D 3599 -59.43 -72.44 -52.87
N SER D 3600 -58.83 -71.33 -53.30
CA SER D 3600 -58.33 -70.35 -52.34
C SER D 3600 -59.46 -69.73 -51.54
N ALA D 3601 -60.57 -69.39 -52.21
CA ALA D 3601 -61.72 -68.82 -51.50
C ALA D 3601 -62.29 -69.81 -50.51
N VAL D 3602 -62.40 -71.09 -50.90
CA VAL D 3602 -62.94 -72.10 -50.00
C VAL D 3602 -62.02 -72.29 -48.79
N LEU D 3603 -60.71 -72.34 -49.03
CA LEU D 3603 -59.76 -72.50 -47.93
C LEU D 3603 -59.80 -71.31 -46.99
N TYR D 3604 -59.94 -70.10 -47.54
CA TYR D 3604 -60.10 -68.91 -46.70
C TYR D 3604 -61.35 -69.01 -45.85
N HIS D 3605 -62.49 -69.29 -46.48
CA HIS D 3605 -63.76 -69.32 -45.75
C HIS D 3605 -63.81 -70.44 -44.72
N LEU D 3606 -63.06 -71.53 -44.93
CA LEU D 3606 -63.02 -72.60 -43.94
C LEU D 3606 -62.28 -72.21 -42.67
N GLU D 3607 -61.39 -71.21 -42.74
CA GLU D 3607 -60.58 -70.86 -41.57
C GLU D 3607 -61.45 -70.29 -40.44
N GLN D 3608 -62.43 -69.44 -40.78
CA GLN D 3608 -63.21 -68.78 -39.74
C GLN D 3608 -64.17 -69.75 -39.05
N THR D 3609 -64.60 -70.81 -39.74
CA THR D 3609 -65.52 -71.76 -39.13
C THR D 3609 -64.89 -72.45 -37.93
N GLU D 3610 -63.62 -72.86 -38.06
CA GLU D 3610 -62.92 -73.48 -36.94
C GLU D 3610 -62.47 -72.47 -35.90
N HIS D 3611 -62.45 -71.18 -36.24
CA HIS D 3611 -62.04 -70.14 -35.31
C HIS D 3611 -63.22 -69.26 -34.92
N THR D 3639 -88.98 -55.13 1.51
CA THR D 3639 -89.64 -54.37 0.46
C THR D 3639 -90.79 -53.55 1.03
N PRO D 3640 -90.86 -52.26 0.65
CA PRO D 3640 -91.97 -51.42 1.09
C PRO D 3640 -93.27 -51.90 0.47
N LEU D 3641 -93.85 -52.95 1.02
CA LEU D 3641 -95.09 -53.49 0.48
C LEU D 3641 -96.03 -52.37 0.09
N TYR D 3642 -96.68 -52.51 -1.06
CA TYR D 3642 -97.62 -51.50 -1.51
C TYR D 3642 -98.30 -50.84 -0.32
N ASN D 3643 -98.12 -49.53 -0.19
CA ASN D 3643 -98.70 -48.79 0.95
C ASN D 3643 -98.13 -49.22 2.28
N LEU D 3644 -97.88 -48.23 3.13
CA LEU D 3644 -97.31 -48.52 4.42
C LEU D 3644 -97.96 -47.67 5.48
N PRO D 3645 -97.85 -48.09 6.75
CA PRO D 3645 -98.35 -47.27 7.87
C PRO D 3645 -98.16 -45.79 7.60
N THR D 3646 -99.14 -45.00 8.05
CA THR D 3646 -99.20 -43.60 7.66
C THR D 3646 -98.11 -42.77 8.35
N HIS D 3647 -97.81 -43.08 9.62
CA HIS D 3647 -96.90 -42.24 10.38
C HIS D 3647 -95.47 -42.34 9.85
N ARG D 3648 -95.02 -43.54 9.47
CA ARG D 3648 -93.69 -43.69 8.91
C ARG D 3648 -93.57 -42.92 7.60
N ALA D 3649 -94.59 -43.01 6.76
CA ALA D 3649 -94.58 -42.28 5.50
C ALA D 3649 -94.58 -40.77 5.74
N CYS D 3650 -95.33 -40.32 6.74
CA CYS D 3650 -95.35 -38.90 7.07
C CYS D 3650 -93.98 -38.44 7.53
N ASN D 3651 -93.30 -39.24 8.36
CA ASN D 3651 -91.96 -38.90 8.79
C ASN D 3651 -91.00 -38.83 7.61
N MET D 3652 -91.09 -39.82 6.71
CA MET D 3652 -90.21 -39.83 5.54
C MET D 3652 -90.45 -38.59 4.68
N PHE D 3653 -91.71 -38.26 4.42
CA PHE D 3653 -92.03 -37.07 3.64
C PHE D 3653 -91.60 -35.79 4.34
N LEU D 3654 -91.63 -35.77 5.67
CA LEU D 3654 -90.98 -34.67 6.39
C LEU D 3654 -89.51 -34.60 6.04
N GLU D 3655 -88.80 -35.73 6.11
CA GLU D 3655 -87.41 -35.76 5.69
C GLU D 3655 -87.28 -35.51 4.19
N SER D 3656 -88.11 -36.15 3.39
CA SER D 3656 -88.01 -36.08 1.93
C SER D 3656 -88.62 -34.82 1.35
N TYR D 3657 -88.83 -33.76 2.14
CA TYR D 3657 -89.42 -32.52 1.66
C TYR D 3657 -88.33 -31.55 1.19
N LYS D 3658 -87.24 -32.08 0.65
CA LYS D 3658 -86.05 -31.29 0.36
C LYS D 3658 -86.34 -30.14 -0.60
N ALA D 3659 -87.10 -30.41 -1.66
CA ALA D 3659 -87.19 -29.46 -2.77
C ALA D 3659 -87.72 -28.10 -2.32
N ALA D 3660 -88.78 -28.10 -1.50
CA ALA D 3660 -89.40 -26.86 -1.07
C ALA D 3660 -89.18 -26.59 0.42
N TRP D 3661 -88.02 -26.97 0.95
CA TRP D 3661 -87.65 -26.58 2.30
C TRP D 3661 -87.21 -25.11 2.30
N ILE D 3662 -86.69 -24.67 3.45
CA ILE D 3662 -86.16 -23.31 3.57
C ILE D 3662 -84.94 -23.11 2.68
N LEU D 3663 -84.43 -24.17 2.06
CA LEU D 3663 -83.25 -24.07 1.22
C LEU D 3663 -83.61 -23.33 -0.06
N THR D 3664 -83.89 -22.04 0.07
CA THR D 3664 -84.31 -21.18 -1.04
C THR D 3664 -83.52 -19.88 -0.98
N GLU D 3665 -83.59 -19.12 -2.06
CA GLU D 3665 -82.89 -17.83 -2.15
C GLU D 3665 -83.66 -16.80 -1.33
N ASP D 3666 -83.44 -16.84 -0.02
CA ASP D 3666 -84.11 -15.89 0.88
C ASP D 3666 -83.38 -14.56 0.91
N HIS D 3667 -82.15 -14.56 1.44
CA HIS D 3667 -81.32 -13.35 1.58
C HIS D 3667 -82.08 -12.17 2.18
N SER D 3668 -83.10 -12.45 2.99
CA SER D 3668 -83.95 -11.38 3.51
C SER D 3668 -83.42 -10.77 4.80
N PHE D 3669 -82.42 -11.38 5.43
CA PHE D 3669 -81.92 -10.92 6.72
C PHE D 3669 -80.42 -10.69 6.70
N GLU D 3670 -79.89 -10.33 5.53
CA GLU D 3670 -78.45 -10.13 5.37
C GLU D 3670 -78.10 -8.68 5.10
N ASP D 3671 -78.74 -8.05 4.11
CA ASP D 3671 -78.43 -6.66 3.82
C ASP D 3671 -79.24 -5.72 4.70
N ARG D 3672 -80.56 -5.81 4.64
CA ARG D 3672 -81.42 -4.90 5.38
C ARG D 3672 -81.38 -5.14 6.90
N MET D 3673 -81.18 -6.39 7.34
CA MET D 3673 -81.09 -6.66 8.76
C MET D 3673 -79.84 -6.03 9.37
N ILE D 3674 -78.88 -5.62 8.53
CA ILE D 3674 -77.73 -4.88 9.05
C ILE D 3674 -77.90 -3.40 8.79
N ASP D 3675 -78.54 -3.04 7.67
CA ASP D 3675 -78.77 -1.64 7.37
C ASP D 3675 -79.63 -0.98 8.44
N ASP D 3676 -80.70 -1.66 8.86
CA ASP D 3676 -81.54 -1.10 9.91
C ASP D 3676 -80.85 -1.11 11.27
N LEU D 3677 -79.89 -2.01 11.49
CA LEU D 3677 -79.15 -2.05 12.74
C LEU D 3677 -78.12 -0.94 12.84
N SER D 3678 -77.49 -0.57 11.73
CA SER D 3678 -76.45 0.45 11.75
C SER D 3678 -76.98 1.86 11.94
N LYS D 3679 -78.13 2.18 11.35
CA LYS D 3679 -78.67 3.54 11.43
C LYS D 3679 -79.68 3.72 12.56
N ALA D 3680 -80.03 2.66 13.28
CA ALA D 3680 -81.02 2.79 14.34
C ALA D 3680 -80.54 3.72 15.45
N GLY D 3681 -79.28 3.59 15.85
CA GLY D 3681 -78.71 4.53 16.80
C GLY D 3681 -78.39 5.88 16.20
N GLU D 3682 -78.41 5.98 14.87
CA GLU D 3682 -78.20 7.24 14.17
C GLU D 3682 -79.49 7.99 13.90
N GLN D 3683 -80.51 7.77 14.73
CA GLN D 3683 -81.78 8.46 14.54
C GLN D 3683 -81.62 9.95 14.81
N GLU D 3684 -82.25 10.77 13.95
CA GLU D 3684 -82.15 12.22 14.11
C GLU D 3684 -82.77 12.67 15.42
N GLU D 3685 -83.91 12.09 15.79
CA GLU D 3685 -84.53 12.44 17.08
C GLU D 3685 -83.66 12.00 18.24
N GLU D 3686 -82.85 10.97 18.05
CA GLU D 3686 -81.93 10.50 19.09
C GLU D 3686 -80.59 11.21 19.00
N GLU D 3687 -80.63 12.54 18.95
CA GLU D 3687 -79.40 13.34 18.86
C GLU D 3687 -79.72 14.73 19.38
N GLU D 3688 -79.20 15.07 20.56
CA GLU D 3688 -79.43 16.40 21.14
C GLU D 3688 -78.19 16.77 21.96
N GLU D 3689 -77.27 17.48 21.32
CA GLU D 3689 -76.06 18.02 21.98
C GLU D 3689 -75.31 16.92 22.73
N VAL D 3690 -75.07 15.82 22.03
CA VAL D 3690 -74.37 14.69 22.65
C VAL D 3690 -72.95 15.07 23.03
N GLU D 3691 -72.23 15.75 22.12
CA GLU D 3691 -70.84 16.15 22.32
C GLU D 3691 -69.95 14.95 22.62
N GLU D 3692 -70.32 13.78 22.09
CA GLU D 3692 -69.57 12.55 22.27
C GLU D 3692 -70.02 11.58 21.20
N LYS D 3693 -69.58 10.33 21.30
CA LYS D 3693 -69.94 9.29 20.33
C LYS D 3693 -70.22 7.99 21.10
N LYS D 3694 -71.47 7.79 21.48
CA LYS D 3694 -71.86 6.53 22.09
C LYS D 3694 -71.87 5.43 21.03
N PRO D 3695 -71.56 4.20 21.42
CA PRO D 3695 -71.46 3.12 20.43
C PRO D 3695 -72.78 2.86 19.72
N ASP D 3696 -72.68 2.48 18.45
CA ASP D 3696 -73.84 2.08 17.68
C ASP D 3696 -74.34 0.73 18.18
N PRO D 3697 -75.62 0.41 17.92
CA PRO D 3697 -76.12 -0.91 18.34
C PRO D 3697 -75.30 -2.06 17.81
N LEU D 3698 -74.86 -2.00 16.56
CA LEU D 3698 -73.94 -2.98 16.04
C LEU D 3698 -72.58 -2.87 16.73
N HIS D 3699 -72.15 -1.64 17.00
CA HIS D 3699 -70.87 -1.44 17.67
C HIS D 3699 -70.89 -2.01 19.08
N GLN D 3700 -72.01 -1.88 19.79
CA GLN D 3700 -72.11 -2.46 21.13
C GLN D 3700 -72.00 -3.98 21.07
N LEU D 3701 -72.62 -4.60 20.07
CA LEU D 3701 -72.57 -6.07 19.99
C LEU D 3701 -71.16 -6.54 19.65
N VAL D 3702 -70.49 -5.88 18.70
CA VAL D 3702 -69.13 -6.30 18.39
C VAL D 3702 -68.21 -6.05 19.58
N LEU D 3703 -68.46 -4.97 20.33
CA LEU D 3703 -67.71 -4.76 21.56
C LEU D 3703 -67.99 -5.84 22.59
N HIS D 3704 -69.23 -6.33 22.64
CA HIS D 3704 -69.57 -7.41 23.57
C HIS D 3704 -68.78 -8.67 23.25
N PHE D 3705 -68.72 -9.04 21.97
CA PHE D 3705 -67.88 -10.18 21.60
C PHE D 3705 -66.41 -9.92 21.89
N SER D 3706 -65.94 -8.69 21.65
CA SER D 3706 -64.54 -8.38 21.95
C SER D 3706 -64.25 -8.56 23.43
N ARG D 3707 -65.15 -8.08 24.30
CA ARG D 3707 -64.96 -8.24 25.73
C ARG D 3707 -65.02 -9.70 26.15
N THR D 3708 -65.94 -10.47 25.56
CA THR D 3708 -65.99 -11.89 25.84
C THR D 3708 -64.70 -12.59 25.43
N ALA D 3709 -64.04 -12.09 24.39
CA ALA D 3709 -62.81 -12.71 23.92
C ALA D 3709 -61.68 -12.66 24.94
N LEU D 3710 -61.75 -11.75 25.91
CA LEU D 3710 -60.63 -11.55 26.82
C LEU D 3710 -60.71 -12.40 28.08
N THR D 3711 -61.78 -13.16 28.27
CA THR D 3711 -61.90 -14.05 29.42
C THR D 3711 -61.09 -15.31 29.12
N GLU D 3712 -59.91 -15.40 29.70
CA GLU D 3712 -59.02 -16.53 29.41
C GLU D 3712 -59.58 -17.82 29.98
N LYS D 3713 -59.47 -18.89 29.20
CA LYS D 3713 -59.97 -20.20 29.58
C LYS D 3713 -59.17 -21.25 28.83
N SER D 3714 -59.21 -22.48 29.34
CA SER D 3714 -58.51 -23.58 28.67
C SER D 3714 -59.09 -23.83 27.28
N LYS D 3715 -60.41 -23.97 27.18
CA LYS D 3715 -61.06 -24.20 25.90
C LYS D 3715 -62.08 -23.10 25.61
N LEU D 3716 -62.87 -23.27 24.55
CA LEU D 3716 -63.87 -22.29 24.17
C LEU D 3716 -65.17 -23.00 23.85
N ASP D 3717 -66.28 -22.36 24.22
CA ASP D 3717 -67.60 -22.95 24.00
C ASP D 3717 -68.01 -22.78 22.54
N GLU D 3718 -69.10 -23.48 22.17
CA GLU D 3718 -69.57 -23.43 20.79
C GLU D 3718 -70.09 -22.04 20.43
N ASP D 3719 -70.98 -21.50 21.25
CA ASP D 3719 -71.53 -20.16 21.06
C ASP D 3719 -72.18 -20.01 19.67
N TYR D 3720 -73.26 -20.76 19.47
CA TYR D 3720 -73.98 -20.71 18.21
C TYR D 3720 -74.41 -19.28 17.85
N LEU D 3721 -74.67 -18.46 18.87
CA LEU D 3721 -75.01 -17.06 18.61
C LEU D 3721 -73.86 -16.35 17.91
N TYR D 3722 -72.63 -16.60 18.34
CA TYR D 3722 -71.48 -16.06 17.64
C TYR D 3722 -71.40 -16.59 16.22
N MET D 3723 -71.71 -17.87 16.03
CA MET D 3723 -71.71 -18.45 14.70
C MET D 3723 -72.64 -17.70 13.76
N ALA D 3724 -73.89 -17.49 14.18
CA ALA D 3724 -74.86 -16.88 13.29
C ALA D 3724 -74.46 -15.46 12.92
N TYR D 3725 -73.99 -14.68 13.90
CA TYR D 3725 -73.64 -13.30 13.60
C TYR D 3725 -72.38 -13.20 12.77
N ALA D 3726 -71.40 -14.08 12.99
CA ALA D 3726 -70.23 -14.08 12.11
C ALA D 3726 -70.62 -14.43 10.69
N ASP D 3727 -71.52 -15.40 10.53
CA ASP D 3727 -71.98 -15.76 9.19
C ASP D 3727 -72.70 -14.59 8.53
N ILE D 3728 -73.53 -13.88 9.29
CA ILE D 3728 -74.23 -12.73 8.73
C ILE D 3728 -73.25 -11.63 8.34
N MET D 3729 -72.23 -11.39 9.18
CA MET D 3729 -71.22 -10.39 8.85
C MET D 3729 -70.50 -10.77 7.55
N ALA D 3730 -70.16 -12.04 7.39
CA ALA D 3730 -69.50 -12.47 6.16
C ALA D 3730 -70.42 -12.31 4.96
N LYS D 3731 -71.67 -12.75 5.07
CA LYS D 3731 -72.59 -12.67 3.95
C LYS D 3731 -72.93 -11.24 3.57
N SER D 3732 -72.86 -10.29 4.51
CA SER D 3732 -73.12 -8.89 4.18
C SER D 3732 -72.20 -8.41 3.06
N CYS D 3733 -70.90 -8.67 3.20
CA CYS D 3733 -69.97 -8.31 2.13
C CYS D 3733 -70.01 -9.29 0.97
N HIS D 3734 -70.27 -10.58 1.26
CA HIS D 3734 -70.30 -11.58 0.20
C HIS D 3734 -71.44 -11.38 -0.79
N LEU D 3735 -72.53 -10.73 -0.39
CA LEU D 3735 -73.63 -10.50 -1.31
C LEU D 3735 -73.19 -9.66 -2.50
N GLU D 3736 -72.45 -8.58 -2.23
CA GLU D 3736 -71.86 -7.80 -3.31
C GLU D 3736 -70.61 -8.45 -3.90
N GLU D 3737 -69.83 -9.15 -3.07
CA GLU D 3737 -68.67 -9.87 -3.60
C GLU D 3737 -69.08 -11.02 -4.51
N GLY D 3738 -70.15 -11.73 -4.16
CA GLY D 3738 -70.63 -12.83 -4.98
C GLY D 3738 -71.31 -12.31 -6.25
N GLY D 3739 -71.10 -13.06 -7.34
CA GLY D 3739 -71.64 -12.68 -8.62
C GLY D 3739 -70.85 -11.64 -9.38
N GLU D 3740 -69.72 -11.18 -8.83
CA GLU D 3740 -68.89 -10.17 -9.47
C GLU D 3740 -67.56 -10.72 -9.96
N ASN D 3741 -67.39 -12.04 -9.98
CA ASN D 3741 -66.16 -12.66 -10.44
C ASN D 3741 -66.41 -14.10 -10.89
N GLU D 3747 -70.15 -15.69 -22.69
CA GLU D 3747 -68.86 -16.29 -22.36
C GLU D 3747 -67.75 -15.25 -22.39
N GLU D 3748 -67.95 -14.19 -23.17
CA GLU D 3748 -66.98 -13.11 -23.30
C GLU D 3748 -67.74 -11.78 -23.35
N VAL D 3749 -67.92 -11.17 -22.18
CA VAL D 3749 -68.58 -9.88 -22.05
C VAL D 3749 -67.62 -8.93 -21.34
N GLU D 3750 -67.38 -7.77 -21.94
CA GLU D 3750 -66.46 -6.79 -21.39
C GLU D 3750 -67.22 -5.76 -20.55
N VAL D 3751 -66.50 -5.16 -19.60
CA VAL D 3751 -67.07 -4.22 -18.64
C VAL D 3751 -66.31 -2.90 -18.75
N SER D 3752 -67.04 -1.80 -18.79
CA SER D 3752 -66.43 -0.48 -18.89
C SER D 3752 -65.74 -0.10 -17.58
N PHE D 3753 -64.92 0.95 -17.66
CA PHE D 3753 -64.24 1.45 -16.46
C PHE D 3753 -65.24 1.95 -15.43
N GLU D 3754 -66.29 2.64 -15.89
CA GLU D 3754 -67.26 3.22 -14.96
C GLU D 3754 -67.97 2.14 -14.15
N GLU D 3755 -68.38 1.05 -14.80
CA GLU D 3755 -69.05 -0.03 -14.11
C GLU D 3755 -68.14 -0.72 -13.10
N LYS D 3756 -66.89 -0.98 -13.48
CA LYS D 3756 -65.94 -1.57 -12.53
C LYS D 3756 -65.71 -0.65 -11.35
N GLU D 3757 -65.57 0.66 -11.60
CA GLU D 3757 -65.36 1.61 -10.53
C GLU D 3757 -66.55 1.64 -9.57
N MET D 3758 -67.77 1.67 -10.11
CA MET D 3758 -68.94 1.74 -9.23
C MET D 3758 -69.14 0.44 -8.45
N GLU D 3759 -68.87 -0.71 -9.08
CA GLU D 3759 -69.01 -1.96 -8.36
C GLU D 3759 -67.92 -2.14 -7.31
N LYS D 3760 -66.74 -1.57 -7.52
CA LYS D 3760 -65.72 -1.58 -6.47
C LYS D 3760 -66.09 -0.64 -5.33
N GLN D 3761 -66.64 0.53 -5.67
CA GLN D 3761 -67.06 1.47 -4.64
C GLN D 3761 -68.19 0.89 -3.79
N ARG D 3762 -69.11 0.15 -4.42
CA ARG D 3762 -70.18 -0.49 -3.65
C ARG D 3762 -69.63 -1.49 -2.65
N LEU D 3763 -68.59 -2.24 -3.01
CA LEU D 3763 -67.98 -3.15 -2.05
C LEU D 3763 -67.29 -2.37 -0.94
N LEU D 3764 -66.45 -1.40 -1.30
CA LEU D 3764 -65.69 -0.67 -0.29
C LEU D 3764 -66.59 0.07 0.67
N TYR D 3765 -67.75 0.54 0.19
CA TYR D 3765 -68.72 1.12 1.10
C TYR D 3765 -69.23 0.07 2.09
N GLN D 3766 -69.42 -1.17 1.63
CA GLN D 3766 -69.85 -2.23 2.53
C GLN D 3766 -68.81 -2.53 3.60
N GLN D 3767 -67.52 -2.58 3.27
CA GLN D 3767 -66.54 -2.73 4.34
C GLN D 3767 -66.51 -1.52 5.26
N SER D 3768 -66.63 -0.31 4.70
CA SER D 3768 -66.68 0.87 5.57
C SER D 3768 -67.87 0.82 6.51
N ARG D 3769 -68.95 0.14 6.09
CA ARG D 3769 -70.13 0.01 6.94
C ARG D 3769 -69.80 -0.74 8.22
N LEU D 3770 -68.99 -1.79 8.12
CA LEU D 3770 -68.76 -2.69 9.24
C LEU D 3770 -67.79 -2.14 10.27
N HIS D 3771 -67.52 -0.83 10.23
CA HIS D 3771 -66.71 -0.15 11.24
C HIS D 3771 -65.35 -0.83 11.37
N THR D 3772 -64.58 -0.72 10.27
CA THR D 3772 -63.30 -1.41 10.16
C THR D 3772 -62.41 -1.22 11.38
N ARG D 3773 -62.65 -0.18 12.18
CA ARG D 3773 -61.95 -0.03 13.45
C ARG D 3773 -62.27 -1.18 14.40
N GLY D 3774 -63.53 -1.60 14.44
CA GLY D 3774 -63.95 -2.59 15.42
C GLY D 3774 -63.80 -4.04 14.99
N ALA D 3775 -64.30 -4.38 13.79
CA ALA D 3775 -64.35 -5.78 13.37
C ALA D 3775 -62.96 -6.38 13.25
N ALA D 3776 -62.00 -5.59 12.76
CA ALA D 3776 -60.64 -6.08 12.63
C ALA D 3776 -60.00 -6.33 14.00
N GLU D 3777 -60.49 -5.68 15.03
CA GLU D 3777 -59.96 -5.86 16.38
C GLU D 3777 -60.60 -7.04 17.11
N MET D 3778 -61.65 -7.62 16.55
CA MET D 3778 -62.28 -8.82 17.10
C MET D 3778 -61.89 -10.07 16.32
N VAL D 3779 -61.83 -9.98 15.00
CA VAL D 3779 -61.44 -11.13 14.20
C VAL D 3779 -60.00 -11.52 14.50
N LEU D 3780 -59.14 -10.54 14.79
CA LEU D 3780 -57.77 -10.86 15.14
C LEU D 3780 -57.69 -11.56 16.50
N GLN D 3781 -58.48 -11.11 17.47
CA GLN D 3781 -58.41 -11.68 18.80
C GLN D 3781 -59.07 -13.06 18.86
N MET D 3782 -59.98 -13.36 17.93
CA MET D 3782 -60.43 -14.74 17.79
C MET D 3782 -59.27 -15.68 17.51
N ILE D 3783 -58.31 -15.24 16.68
CA ILE D 3783 -57.19 -16.10 16.33
C ILE D 3783 -56.33 -16.39 17.55
N SER D 3784 -56.08 -15.38 18.38
CA SER D 3784 -55.28 -15.57 19.58
C SER D 3784 -55.99 -16.42 20.63
N ALA D 3785 -57.27 -16.73 20.42
CA ALA D 3785 -58.02 -17.62 21.29
C ALA D 3785 -57.66 -19.06 20.96
N CYS D 3786 -58.48 -20.00 21.42
CA CYS D 3786 -58.26 -21.44 21.22
C CYS D 3786 -57.67 -21.72 19.85
N LYS D 3787 -56.56 -22.45 19.84
CA LYS D 3787 -55.71 -22.53 18.67
C LYS D 3787 -55.43 -23.98 18.26
N GLY D 3788 -55.23 -24.86 19.24
CA GLY D 3788 -54.83 -26.22 18.92
C GLY D 3788 -55.88 -26.96 18.12
N GLU D 3789 -57.14 -26.86 18.53
CA GLU D 3789 -58.21 -27.62 17.90
C GLU D 3789 -58.65 -26.94 16.60
N THR D 3790 -59.22 -27.74 15.71
CA THR D 3790 -59.81 -27.23 14.48
C THR D 3790 -61.32 -27.02 14.67
N GLY D 3791 -61.64 -26.23 15.68
CA GLY D 3791 -63.03 -25.97 16.00
C GLY D 3791 -63.71 -25.11 14.97
N ALA D 3792 -65.04 -25.10 15.03
CA ALA D 3792 -65.82 -24.30 14.10
C ALA D 3792 -65.63 -22.80 14.30
N MET D 3793 -65.11 -22.39 15.46
CA MET D 3793 -64.79 -20.97 15.67
C MET D 3793 -63.81 -20.48 14.62
N VAL D 3794 -62.73 -21.24 14.39
CA VAL D 3794 -61.72 -20.81 13.42
C VAL D 3794 -62.32 -20.78 12.02
N SER D 3795 -63.12 -21.78 11.68
CA SER D 3795 -63.75 -21.83 10.37
C SER D 3795 -64.68 -20.64 10.13
N SER D 3796 -65.49 -20.27 11.13
CA SER D 3796 -66.39 -19.15 10.98
C SER D 3796 -65.72 -17.81 11.19
N THR D 3797 -64.49 -17.80 11.69
CA THR D 3797 -63.73 -16.56 11.85
C THR D 3797 -62.92 -16.20 10.61
N LEU D 3798 -62.24 -17.17 10.00
CA LEU D 3798 -61.48 -16.87 8.79
C LEU D 3798 -62.38 -16.47 7.64
N LYS D 3799 -63.61 -17.00 7.60
CA LYS D 3799 -64.54 -16.56 6.56
C LYS D 3799 -64.86 -15.08 6.68
N LEU D 3800 -65.13 -14.61 7.90
CA LEU D 3800 -65.34 -13.18 8.10
C LEU D 3800 -64.07 -12.40 7.76
N GLY D 3801 -62.90 -12.92 8.18
CA GLY D 3801 -61.66 -12.21 7.91
C GLY D 3801 -61.41 -12.02 6.43
N ILE D 3802 -61.64 -13.05 5.62
CA ILE D 3802 -61.45 -12.92 4.19
C ILE D 3802 -62.55 -12.06 3.57
N SER D 3803 -63.77 -12.13 4.11
CA SER D 3803 -64.84 -11.29 3.59
C SER D 3803 -64.60 -9.82 3.85
N ILE D 3804 -63.83 -9.48 4.89
CA ILE D 3804 -63.52 -8.07 5.18
C ILE D 3804 -62.53 -7.56 4.15
N LEU D 3805 -61.36 -8.18 4.08
CA LEU D 3805 -60.26 -7.70 3.25
C LEU D 3805 -60.16 -8.45 1.93
N ASN D 3806 -61.32 -8.81 1.36
CA ASN D 3806 -61.37 -9.53 0.10
C ASN D 3806 -60.63 -8.79 -1.00
N GLY D 3807 -61.13 -7.63 -1.40
CA GLY D 3807 -60.54 -6.91 -2.51
C GLY D 3807 -59.48 -5.90 -2.11
N GLY D 3808 -58.38 -6.39 -1.54
CA GLY D 3808 -57.30 -5.49 -1.16
C GLY D 3808 -57.51 -4.89 0.21
N ASN D 3809 -58.04 -3.65 0.25
CA ASN D 3809 -58.36 -2.96 1.50
C ASN D 3809 -57.12 -2.80 2.38
N ALA D 3810 -56.18 -2.02 1.86
CA ALA D 3810 -54.97 -1.74 2.63
C ALA D 3810 -55.26 -1.02 3.93
N GLU D 3811 -56.45 -0.41 4.05
CA GLU D 3811 -56.81 0.28 5.28
C GLU D 3811 -56.87 -0.70 6.46
N VAL D 3812 -57.60 -1.80 6.31
CA VAL D 3812 -57.71 -2.76 7.41
C VAL D 3812 -56.37 -3.45 7.64
N GLN D 3813 -55.57 -3.63 6.58
CA GLN D 3813 -54.22 -4.15 6.77
C GLN D 3813 -53.42 -3.23 7.67
N GLN D 3814 -53.55 -1.92 7.48
CA GLN D 3814 -52.84 -0.97 8.33
C GLN D 3814 -53.26 -1.12 9.78
N LYS D 3815 -54.58 -1.23 10.03
CA LYS D 3815 -55.06 -1.36 11.40
C LYS D 3815 -54.55 -2.64 12.05
N MET D 3816 -54.63 -3.76 11.34
CA MET D 3816 -54.18 -5.03 11.91
C MET D 3816 -52.69 -5.01 12.19
N LEU D 3817 -51.89 -4.50 11.24
CA LEU D 3817 -50.45 -4.46 11.46
C LEU D 3817 -50.10 -3.55 12.63
N ASP D 3818 -50.76 -2.40 12.74
CA ASP D 3818 -50.50 -1.51 13.86
C ASP D 3818 -50.90 -2.16 15.18
N TYR D 3819 -52.03 -2.86 15.22
CA TYR D 3819 -52.46 -3.52 16.44
C TYR D 3819 -51.47 -4.59 16.87
N LEU D 3820 -50.99 -5.40 15.91
CA LEU D 3820 -50.02 -6.42 16.26
C LEU D 3820 -48.70 -5.81 16.73
N LYS D 3821 -48.23 -4.76 16.05
CA LYS D 3821 -46.98 -4.13 16.45
C LYS D 3821 -47.09 -3.35 17.74
N ASP D 3822 -48.30 -2.99 18.17
CA ASP D 3822 -48.47 -2.26 19.42
C ASP D 3822 -48.70 -3.20 20.60
N LYS D 3823 -49.58 -4.18 20.44
CA LYS D 3823 -49.90 -5.07 21.54
C LYS D 3823 -48.69 -5.88 21.97
N LYS D 3824 -47.88 -6.34 21.00
CA LYS D 3824 -46.57 -6.96 21.26
C LYS D 3824 -46.69 -8.20 22.14
N GLU D 3825 -47.33 -9.23 21.61
CA GLU D 3825 -47.34 -10.53 22.28
C GLU D 3825 -47.36 -11.64 21.25
N VAL D 3826 -46.89 -12.81 21.67
CA VAL D 3826 -47.04 -14.05 20.90
C VAL D 3826 -48.43 -14.60 21.17
N GLY D 3827 -48.83 -15.61 20.41
CA GLY D 3827 -50.16 -16.17 20.51
C GLY D 3827 -50.94 -16.13 19.21
N PHE D 3828 -50.36 -15.56 18.16
CA PHE D 3828 -50.99 -15.50 16.85
C PHE D 3828 -50.23 -16.34 15.82
N PHE D 3829 -48.94 -16.09 15.66
CA PHE D 3829 -48.15 -16.87 14.72
C PHE D 3829 -48.02 -18.32 15.17
N GLN D 3830 -47.77 -18.53 16.47
CA GLN D 3830 -47.72 -19.90 16.99
C GLN D 3830 -49.08 -20.57 16.89
N SER D 3831 -50.16 -19.79 16.95
CA SER D 3831 -51.49 -20.37 16.78
C SER D 3831 -51.70 -20.82 15.35
N ILE D 3832 -51.38 -19.97 14.38
CA ILE D 3832 -51.63 -20.30 12.99
C ILE D 3832 -50.71 -21.43 12.53
N GLN D 3833 -49.46 -21.45 13.00
CA GLN D 3833 -48.58 -22.56 12.64
C GLN D 3833 -49.07 -23.87 13.24
N ALA D 3834 -49.58 -23.83 14.47
CA ALA D 3834 -50.17 -25.04 15.04
C ALA D 3834 -51.36 -25.49 14.22
N LEU D 3835 -52.17 -24.53 13.75
CA LEU D 3835 -53.31 -24.88 12.90
C LEU D 3835 -52.86 -25.53 11.60
N MET D 3836 -51.88 -24.94 10.92
CA MET D 3836 -51.54 -25.44 9.59
C MET D 3836 -50.73 -26.73 9.67
N GLN D 3837 -50.07 -26.98 10.80
CA GLN D 3837 -49.47 -28.30 11.00
C GLN D 3837 -50.53 -29.40 10.98
N THR D 3838 -51.74 -29.09 11.43
CA THR D 3838 -52.85 -30.03 11.37
C THR D 3838 -53.59 -29.87 10.03
N CYS D 3839 -52.94 -30.36 8.98
CA CYS D 3839 -53.50 -30.33 7.64
C CYS D 3839 -53.16 -31.64 6.95
N SER D 3840 -54.19 -32.41 6.59
CA SER D 3840 -53.99 -33.73 6.02
C SER D 3840 -53.60 -33.64 4.55
N VAL D 3841 -53.15 -34.77 4.02
CA VAL D 3841 -52.79 -34.93 2.62
C VAL D 3841 -53.51 -36.14 2.07
N LEU D 3842 -53.22 -36.48 0.83
CA LEU D 3842 -53.78 -37.69 0.24
C LEU D 3842 -53.24 -38.92 0.95
N ASP D 3843 -54.13 -39.80 1.39
CA ASP D 3843 -53.76 -41.03 2.07
C ASP D 3843 -54.05 -42.21 1.16
N LEU D 3844 -53.00 -42.99 0.86
CA LEU D 3844 -53.19 -44.23 0.11
C LEU D 3844 -54.00 -45.24 0.93
N ASN D 3845 -53.77 -45.28 2.24
CA ASN D 3845 -54.51 -46.21 3.08
C ASN D 3845 -55.99 -45.88 3.10
N ALA D 3846 -56.33 -44.61 3.34
CA ALA D 3846 -57.73 -44.21 3.30
C ALA D 3846 -58.29 -44.37 1.89
N PHE D 3847 -57.46 -44.18 0.88
CA PHE D 3847 -57.87 -44.43 -0.49
C PHE D 3847 -58.35 -45.87 -0.65
N GLU D 3848 -57.55 -46.82 -0.17
CA GLU D 3848 -57.94 -48.22 -0.25
C GLU D 3848 -59.15 -48.52 0.62
N ARG D 3849 -59.25 -47.87 1.78
CA ARG D 3849 -60.41 -48.08 2.64
C ARG D 3849 -61.69 -47.66 1.94
N GLN D 3850 -61.69 -46.49 1.31
CA GLN D 3850 -62.91 -46.05 0.63
C GLN D 3850 -63.15 -46.88 -0.63
N ASN D 3851 -62.09 -47.39 -1.27
CA ASN D 3851 -62.31 -48.29 -2.40
C ASN D 3851 -63.00 -49.57 -1.96
N LYS D 3852 -62.53 -50.19 -0.89
CA LYS D 3852 -63.16 -51.42 -0.43
C LYS D 3852 -64.54 -51.15 0.14
N ALA D 3853 -64.78 -49.94 0.65
CA ALA D 3853 -66.13 -49.58 1.07
C ALA D 3853 -67.07 -49.42 -0.12
N GLU D 3854 -66.62 -48.73 -1.17
CA GLU D 3854 -67.43 -48.61 -2.39
C GLU D 3854 -67.64 -49.95 -3.06
N GLY D 3855 -66.72 -50.90 -2.87
CA GLY D 3855 -66.97 -52.26 -3.33
C GLY D 3855 -68.07 -52.98 -2.60
N LEU D 3856 -68.57 -52.39 -1.50
CA LEU D 3856 -69.68 -52.94 -0.73
C LEU D 3856 -70.98 -52.18 -0.97
N GLY D 3857 -71.23 -51.76 -2.21
CA GLY D 3857 -72.37 -50.94 -2.55
C GLY D 3857 -73.67 -51.68 -2.71
N MET D 3858 -73.75 -52.94 -2.27
CA MET D 3858 -74.95 -53.75 -2.40
C MET D 3858 -75.85 -53.67 -1.17
N VAL D 3859 -75.86 -52.54 -0.49
CA VAL D 3859 -76.68 -52.35 0.71
C VAL D 3859 -78.16 -52.39 0.33
N ASN D 3860 -79.03 -52.55 1.33
CA ASN D 3860 -80.46 -52.66 1.09
C ASN D 3860 -81.03 -51.31 0.65
N GLY D 3863 -80.32 -47.51 1.92
CA GLY D 3863 -79.13 -47.72 2.73
C GLY D 3863 -77.86 -47.70 1.92
N THR D 3864 -77.99 -47.48 0.60
CA THR D 3864 -76.85 -47.41 -0.30
C THR D 3864 -76.27 -46.01 -0.40
N VAL D 3865 -76.88 -45.02 0.25
CA VAL D 3865 -76.40 -43.65 0.22
C VAL D 3865 -75.87 -43.22 1.58
N ILE D 3866 -75.51 -44.17 2.43
CA ILE D 3866 -74.95 -43.83 3.74
C ILE D 3866 -73.61 -43.14 3.57
N ASN D 3867 -72.77 -43.64 2.67
CA ASN D 3867 -71.48 -43.04 2.37
C ASN D 3867 -71.33 -42.86 0.86
N ARG D 3868 -72.40 -42.40 0.21
CA ARG D 3868 -72.36 -42.20 -1.24
C ARG D 3868 -71.34 -41.14 -1.64
N GLN D 3869 -71.33 -40.02 -0.92
CA GLN D 3869 -70.35 -38.97 -1.21
C GLN D 3869 -69.02 -39.26 -0.54
N ASN D 3870 -69.01 -39.31 0.80
CA ASN D 3870 -67.82 -39.62 1.59
C ASN D 3870 -66.66 -38.69 1.24
N GLY D 3871 -66.97 -37.42 0.98
CA GLY D 3871 -65.94 -36.46 0.65
C GLY D 3871 -65.04 -36.10 1.80
N GLU D 3872 -65.52 -36.25 3.04
CA GLU D 3872 -64.72 -35.99 4.24
C GLU D 3872 -64.08 -37.26 4.77
N LYS D 3873 -63.82 -38.23 3.91
CA LYS D 3873 -63.23 -39.50 4.29
C LYS D 3873 -61.73 -39.57 4.06
N VAL D 3874 -61.23 -38.89 3.04
CA VAL D 3874 -59.79 -38.89 2.76
C VAL D 3874 -59.15 -37.55 3.12
N MET D 3875 -59.79 -36.45 2.72
CA MET D 3875 -59.25 -35.11 2.97
C MET D 3875 -59.90 -34.43 4.16
N ALA D 3876 -61.23 -34.24 4.13
CA ALA D 3876 -61.99 -33.64 5.22
C ALA D 3876 -61.42 -32.29 5.66
N ASP D 3877 -60.61 -31.66 4.83
CA ASP D 3877 -59.94 -30.42 5.19
C ASP D 3877 -59.95 -29.35 4.10
N ASP D 3878 -60.43 -29.67 2.90
CA ASP D 3878 -60.30 -28.75 1.77
C ASP D 3878 -60.93 -27.39 2.08
N GLU D 3879 -62.19 -27.38 2.51
CA GLU D 3879 -62.89 -26.14 2.79
C GLU D 3879 -62.22 -25.33 3.88
N PHE D 3880 -61.37 -25.95 4.69
CA PHE D 3880 -60.62 -25.24 5.71
C PHE D 3880 -59.18 -24.97 5.28
N THR D 3881 -58.52 -25.94 4.66
CA THR D 3881 -57.11 -25.75 4.31
C THR D 3881 -56.93 -24.73 3.19
N GLN D 3882 -57.84 -24.71 2.21
CA GLN D 3882 -57.74 -23.69 1.17
C GLN D 3882 -58.02 -22.31 1.75
N ASP D 3883 -58.99 -22.23 2.66
CA ASP D 3883 -59.34 -20.94 3.27
C ASP D 3883 -58.20 -20.40 4.12
N LEU D 3884 -57.49 -21.29 4.83
CA LEU D 3884 -56.42 -20.84 5.70
C LEU D 3884 -55.33 -20.13 4.92
N PHE D 3885 -54.95 -20.67 3.76
CA PHE D 3885 -53.94 -20.02 2.94
C PHE D 3885 -54.52 -18.87 2.11
N ARG D 3886 -55.81 -18.91 1.79
CA ARG D 3886 -56.44 -17.76 1.13
C ARG D 3886 -56.37 -16.54 2.03
N PHE D 3887 -56.60 -16.73 3.33
CA PHE D 3887 -56.51 -15.62 4.26
C PHE D 3887 -55.11 -15.01 4.26
N LEU D 3888 -54.08 -15.86 4.31
CA LEU D 3888 -52.71 -15.36 4.28
C LEU D 3888 -52.41 -14.65 2.97
N GLN D 3889 -52.89 -15.20 1.85
CA GLN D 3889 -52.66 -14.55 0.56
C GLN D 3889 -53.28 -13.16 0.53
N LEU D 3890 -54.51 -13.03 1.01
CA LEU D 3890 -55.18 -11.74 0.97
C LEU D 3890 -54.70 -10.78 2.04
N LEU D 3891 -53.99 -11.27 3.07
CA LEU D 3891 -53.40 -10.35 4.04
C LEU D 3891 -52.40 -9.41 3.39
N CYS D 3892 -51.57 -9.93 2.49
CA CYS D 3892 -50.52 -9.14 1.87
C CYS D 3892 -50.69 -9.13 0.35
N GLU D 3893 -51.92 -8.99 -0.12
CA GLU D 3893 -52.14 -8.84 -1.56
C GLU D 3893 -51.56 -7.53 -2.06
N GLY D 3894 -51.90 -6.43 -1.39
CA GLY D 3894 -51.20 -5.18 -1.64
C GLY D 3894 -49.75 -5.32 -1.25
N HIS D 3895 -48.84 -4.90 -2.12
CA HIS D 3895 -47.41 -5.09 -1.88
C HIS D 3895 -46.98 -4.09 -0.81
N ASN D 3896 -47.28 -4.45 0.44
CA ASN D 3896 -47.02 -3.55 1.55
C ASN D 3896 -45.53 -3.39 1.80
N ASN D 3897 -44.73 -4.40 1.47
CA ASN D 3897 -43.27 -4.40 1.52
C ASN D 3897 -42.73 -4.30 2.95
N ASP D 3898 -43.58 -4.22 3.95
CA ASP D 3898 -43.17 -4.28 5.35
C ASP D 3898 -43.97 -5.31 6.13
N PHE D 3899 -45.21 -5.56 5.73
CA PHE D 3899 -45.99 -6.63 6.35
C PHE D 3899 -45.32 -7.98 6.14
N GLN D 3900 -44.75 -8.20 4.95
CA GLN D 3900 -43.98 -9.41 4.72
C GLN D 3900 -42.77 -9.47 5.65
N ASN D 3901 -42.11 -8.34 5.86
CA ASN D 3901 -41.02 -8.29 6.84
C ASN D 3901 -41.51 -8.57 8.25
N TYR D 3902 -42.76 -8.24 8.57
CA TYR D 3902 -43.34 -8.61 9.85
C TYR D 3902 -43.64 -10.10 9.94
N LEU D 3903 -43.99 -10.73 8.81
CA LEU D 3903 -44.15 -12.18 8.81
C LEU D 3903 -42.83 -12.91 8.93
N ARG D 3904 -41.76 -12.40 8.30
CA ARG D 3904 -40.47 -13.07 8.39
C ARG D 3904 -39.93 -13.06 9.81
N THR D 3905 -40.08 -11.94 10.51
CA THR D 3905 -39.58 -11.82 11.87
C THR D 3905 -40.46 -10.85 12.64
N GLN D 3906 -40.45 -11.00 13.96
CA GLN D 3906 -41.24 -10.17 14.87
C GLN D 3906 -40.28 -9.49 15.84
N THR D 3907 -39.76 -8.34 15.44
CA THR D 3907 -38.81 -7.62 16.29
C THR D 3907 -39.45 -7.14 17.58
N GLY D 3908 -40.69 -6.65 17.51
CA GLY D 3908 -41.37 -6.23 18.72
C GLY D 3908 -41.63 -7.38 19.67
N ASN D 3909 -42.01 -8.54 19.14
CA ASN D 3909 -42.21 -9.72 19.97
C ASN D 3909 -40.86 -10.24 20.47
N THR D 3910 -40.93 -11.04 21.55
CA THR D 3910 -39.73 -11.58 22.16
C THR D 3910 -39.19 -12.81 21.44
N THR D 3911 -39.96 -13.41 20.53
CA THR D 3911 -39.54 -14.60 19.82
C THR D 3911 -39.75 -14.41 18.32
N THR D 3912 -39.30 -15.41 17.56
CA THR D 3912 -39.43 -15.42 16.10
C THR D 3912 -40.05 -16.74 15.68
N ILE D 3913 -40.96 -16.68 14.71
CA ILE D 3913 -41.71 -17.84 14.27
C ILE D 3913 -41.38 -18.22 12.83
N ASN D 3914 -41.20 -17.23 11.95
CA ASN D 3914 -40.82 -17.45 10.56
C ASN D 3914 -41.85 -18.33 9.84
N ILE D 3915 -43.05 -17.75 9.69
CA ILE D 3915 -44.17 -18.45 9.07
C ILE D 3915 -43.82 -18.88 7.65
N ILE D 3916 -42.95 -18.15 6.98
CA ILE D 3916 -42.64 -18.45 5.57
C ILE D 3916 -42.08 -19.85 5.45
N ILE D 3917 -41.12 -20.20 6.31
CA ILE D 3917 -40.45 -21.49 6.21
C ILE D 3917 -41.43 -22.64 6.45
N CYS D 3918 -42.28 -22.50 7.47
CA CYS D 3918 -43.23 -23.59 7.76
C CYS D 3918 -44.29 -23.70 6.67
N THR D 3919 -44.71 -22.57 6.09
CA THR D 3919 -45.62 -22.64 4.96
C THR D 3919 -45.00 -23.38 3.79
N VAL D 3920 -43.72 -23.12 3.53
CA VAL D 3920 -43.00 -23.88 2.50
C VAL D 3920 -42.92 -25.35 2.89
N ASP D 3921 -42.74 -25.62 4.17
CA ASP D 3921 -42.62 -26.99 4.65
C ASP D 3921 -43.90 -27.77 4.44
N TYR D 3922 -45.06 -27.10 4.55
CA TYR D 3922 -46.31 -27.78 4.25
C TYR D 3922 -46.39 -28.20 2.80
N LEU D 3923 -45.97 -27.32 1.87
CA LEU D 3923 -45.88 -27.71 0.47
C LEU D 3923 -44.93 -28.88 0.30
N LEU D 3924 -43.79 -28.84 0.99
CA LEU D 3924 -42.87 -29.97 0.96
C LEU D 3924 -43.57 -31.27 1.36
N ARG D 3925 -44.27 -31.25 2.49
CA ARG D 3925 -44.93 -32.45 3.00
C ARG D 3925 -45.99 -32.98 2.05
N LEU D 3926 -46.80 -32.10 1.45
CA LEU D 3926 -47.76 -32.59 0.47
C LEU D 3926 -47.11 -33.04 -0.83
N GLN D 3927 -45.88 -32.60 -1.09
CA GLN D 3927 -45.22 -32.98 -2.33
C GLN D 3927 -45.03 -34.49 -2.43
N GLU D 3928 -44.46 -35.11 -1.39
CA GLU D 3928 -44.25 -36.55 -1.48
C GLU D 3928 -45.58 -37.30 -1.38
N SER D 3929 -46.59 -36.70 -0.76
CA SER D 3929 -47.91 -37.32 -0.80
C SER D 3929 -48.42 -37.44 -2.23
N ILE D 3930 -48.32 -36.35 -2.99
CA ILE D 3930 -48.72 -36.39 -4.39
C ILE D 3930 -47.82 -37.35 -5.17
N SER D 3931 -46.52 -37.33 -4.88
CA SER D 3931 -45.57 -38.18 -5.59
C SER D 3931 -45.88 -39.66 -5.36
N ASP D 3932 -46.20 -40.03 -4.13
CA ASP D 3932 -46.53 -41.41 -3.82
C ASP D 3932 -47.89 -41.79 -4.38
N PHE D 3933 -48.84 -40.86 -4.43
CA PHE D 3933 -50.09 -41.16 -5.12
C PHE D 3933 -49.86 -41.45 -6.59
N TYR D 3934 -48.94 -40.70 -7.22
CA TYR D 3934 -48.54 -41.03 -8.58
C TYR D 3934 -47.89 -42.40 -8.65
N TRP D 3935 -46.94 -42.66 -7.76
CA TRP D 3935 -46.19 -43.91 -7.79
C TRP D 3935 -47.07 -45.12 -7.58
N TYR D 3936 -48.18 -44.97 -6.86
CA TYR D 3936 -49.16 -46.03 -6.76
C TYR D 3936 -49.78 -46.33 -8.12
N TYR D 3937 -50.14 -45.29 -8.86
CA TYR D 3937 -50.78 -45.45 -10.16
C TYR D 3937 -49.80 -45.71 -11.29
N SER D 3938 -48.56 -46.09 -10.97
CA SER D 3938 -47.60 -46.42 -12.01
C SER D 3938 -47.98 -47.70 -12.77
N GLY D 3939 -48.89 -48.50 -12.22
CA GLY D 3939 -49.28 -49.75 -12.85
C GLY D 3939 -50.17 -49.57 -14.07
N LYS D 3940 -51.38 -49.06 -13.86
CA LYS D 3940 -52.34 -48.92 -14.94
C LYS D 3940 -52.38 -47.48 -15.44
N ASP D 3941 -52.84 -47.32 -16.68
CA ASP D 3941 -52.96 -46.00 -17.31
C ASP D 3941 -54.31 -45.34 -17.06
N VAL D 3942 -55.36 -46.13 -16.84
CA VAL D 3942 -56.68 -45.57 -16.62
C VAL D 3942 -56.81 -45.11 -15.17
N ILE D 3943 -57.46 -43.97 -14.98
CA ILE D 3943 -57.71 -43.40 -13.65
C ILE D 3943 -59.21 -43.36 -13.43
N GLU D 3944 -59.65 -43.86 -12.28
CA GLU D 3944 -61.07 -43.97 -12.00
C GLU D 3944 -61.70 -42.59 -11.83
N GLU D 3945 -63.03 -42.56 -11.98
CA GLU D 3945 -63.76 -41.32 -11.77
C GLU D 3945 -63.59 -40.81 -10.34
N GLN D 3946 -63.63 -41.72 -9.37
CA GLN D 3946 -63.38 -41.32 -7.98
C GLN D 3946 -61.95 -40.85 -7.80
N GLY D 3947 -61.00 -41.45 -8.53
CA GLY D 3947 -59.63 -40.98 -8.46
C GLY D 3947 -59.50 -39.54 -8.93
N LYS D 3948 -60.14 -39.21 -10.06
CA LYS D 3948 -60.14 -37.83 -10.52
C LYS D 3948 -60.87 -36.92 -9.54
N ARG D 3949 -61.96 -37.42 -8.96
CA ARG D 3949 -62.72 -36.63 -7.99
C ARG D 3949 -61.87 -36.25 -6.80
N ASN D 3950 -61.09 -37.18 -6.28
CA ASN D 3950 -60.24 -36.94 -5.12
C ASN D 3950 -58.91 -36.27 -5.51
N PHE D 3951 -58.53 -36.28 -6.78
CA PHE D 3951 -57.31 -35.63 -7.22
C PHE D 3951 -57.53 -34.18 -7.59
N SER D 3952 -58.73 -33.83 -8.05
CA SER D 3952 -59.06 -32.44 -8.30
C SER D 3952 -59.03 -31.65 -7.00
N LYS D 3953 -59.52 -32.24 -5.91
CA LYS D 3953 -59.44 -31.59 -4.61
C LYS D 3953 -57.98 -31.37 -4.22
N ALA D 3954 -57.13 -32.35 -4.47
CA ALA D 3954 -55.72 -32.21 -4.13
C ALA D 3954 -55.05 -31.11 -4.94
N MET D 3955 -55.37 -31.01 -6.23
CA MET D 3955 -54.70 -30.01 -7.06
C MET D 3955 -55.24 -28.61 -6.83
N SER D 3956 -56.52 -28.47 -6.47
CA SER D 3956 -57.08 -27.15 -6.23
C SER D 3956 -56.42 -26.49 -5.02
N VAL D 3957 -56.25 -27.25 -3.93
CA VAL D 3957 -55.60 -26.68 -2.75
C VAL D 3957 -54.13 -26.41 -3.03
N ALA D 3958 -53.49 -27.22 -3.88
CA ALA D 3958 -52.12 -26.92 -4.29
C ALA D 3958 -52.06 -25.59 -5.02
N LYS D 3959 -53.02 -25.34 -5.92
CA LYS D 3959 -53.09 -24.06 -6.61
C LYS D 3959 -53.31 -22.92 -5.63
N GLN D 3960 -54.17 -23.13 -4.63
CA GLN D 3960 -54.41 -22.10 -3.63
C GLN D 3960 -53.14 -21.79 -2.84
N VAL D 3961 -52.39 -22.83 -2.47
CA VAL D 3961 -51.12 -22.64 -1.79
C VAL D 3961 -50.15 -21.88 -2.67
N PHE D 3962 -50.15 -22.19 -3.97
CA PHE D 3962 -49.27 -21.47 -4.90
C PHE D 3962 -49.62 -20.00 -4.94
N ASN D 3963 -50.91 -19.69 -5.02
CA ASN D 3963 -51.36 -18.30 -5.05
C ASN D 3963 -50.99 -17.59 -3.76
N SER D 3964 -51.12 -18.28 -2.62
CA SER D 3964 -50.71 -17.69 -1.36
C SER D 3964 -49.20 -17.41 -1.34
N LEU D 3965 -48.41 -18.32 -1.88
CA LEU D 3965 -46.97 -18.13 -1.92
C LEU D 3965 -46.57 -17.01 -2.87
N THR D 3966 -47.41 -16.69 -3.86
CA THR D 3966 -47.06 -15.63 -4.81
C THR D 3966 -46.73 -14.32 -4.10
N GLU D 3967 -47.58 -13.90 -3.17
CA GLU D 3967 -47.51 -12.54 -2.65
C GLU D 3967 -46.25 -12.27 -1.83
N TYR D 3968 -45.55 -13.30 -1.36
CA TYR D 3968 -44.44 -13.08 -0.46
C TYR D 3968 -43.19 -12.57 -1.16
N ILE D 3969 -43.15 -12.62 -2.50
CA ILE D 3969 -41.93 -12.24 -3.21
C ILE D 3969 -42.15 -11.00 -4.07
N GLN D 3970 -43.39 -10.79 -4.52
CA GLN D 3970 -43.71 -9.60 -5.29
C GLN D 3970 -43.53 -8.36 -4.41
N GLY D 3971 -43.23 -7.23 -5.05
CA GLY D 3971 -42.84 -6.06 -4.30
C GLY D 3971 -41.47 -6.29 -3.70
N PRO D 3972 -40.44 -6.27 -4.56
CA PRO D 3972 -39.19 -7.00 -4.25
C PRO D 3972 -38.61 -6.72 -2.88
N CYS D 3973 -38.61 -7.75 -2.03
CA CYS D 3973 -37.96 -7.71 -0.73
C CYS D 3973 -36.80 -8.68 -0.78
N THR D 3974 -35.59 -8.17 -0.58
CA THR D 3974 -34.41 -9.02 -0.69
C THR D 3974 -34.38 -10.12 0.37
N GLY D 3975 -34.82 -9.79 1.60
CA GLY D 3975 -34.76 -10.78 2.66
C GLY D 3975 -35.61 -12.00 2.39
N ASN D 3976 -36.86 -11.79 1.96
CA ASN D 3976 -37.74 -12.92 1.69
C ASN D 3976 -37.23 -13.76 0.53
N GLN D 3977 -36.79 -13.12 -0.55
CA GLN D 3977 -36.26 -13.86 -1.69
C GLN D 3977 -35.03 -14.67 -1.30
N GLN D 3978 -34.14 -14.06 -0.51
CA GLN D 3978 -32.96 -14.79 -0.04
C GLN D 3978 -33.34 -15.96 0.85
N SER D 3979 -34.35 -15.77 1.71
CA SER D 3979 -34.79 -16.86 2.57
C SER D 3979 -35.36 -18.01 1.75
N LEU D 3980 -36.16 -17.69 0.72
CA LEU D 3980 -36.68 -18.74 -0.14
C LEU D 3980 -35.57 -19.45 -0.89
N ALA D 3981 -34.57 -18.70 -1.36
CA ALA D 3981 -33.46 -19.32 -2.09
C ALA D 3981 -32.67 -20.25 -1.19
N HIS D 3982 -32.32 -19.80 0.02
CA HIS D 3982 -31.57 -20.62 0.95
C HIS D 3982 -32.42 -21.69 1.61
N SER D 3983 -33.74 -21.67 1.43
CA SER D 3983 -34.62 -22.68 1.97
C SER D 3983 -34.52 -23.96 1.14
N ARG D 3984 -35.00 -25.05 1.72
CA ARG D 3984 -35.05 -26.33 1.02
C ARG D 3984 -36.31 -26.45 0.17
N LEU D 3985 -36.44 -25.52 -0.78
CA LEU D 3985 -37.54 -25.51 -1.73
C LEU D 3985 -37.14 -26.01 -3.11
N TRP D 3986 -35.87 -25.84 -3.48
CA TRP D 3986 -35.40 -26.25 -4.80
C TRP D 3986 -35.58 -27.75 -4.99
N ASP D 3987 -35.31 -28.53 -3.95
CA ASP D 3987 -35.61 -29.96 -4.02
C ASP D 3987 -37.10 -30.20 -4.22
N ALA D 3988 -37.93 -29.42 -3.53
CA ALA D 3988 -39.38 -29.58 -3.67
C ALA D 3988 -39.85 -29.28 -5.09
N VAL D 3989 -39.34 -28.21 -5.69
CA VAL D 3989 -39.73 -27.88 -7.06
C VAL D 3989 -39.15 -28.87 -8.06
N VAL D 3990 -37.94 -29.38 -7.81
CA VAL D 3990 -37.38 -30.43 -8.68
C VAL D 3990 -38.26 -31.68 -8.62
N GLY D 3991 -38.70 -32.04 -7.42
CA GLY D 3991 -39.61 -33.16 -7.29
C GLY D 3991 -40.92 -32.93 -8.00
N PHE D 3992 -41.45 -31.71 -7.92
CA PHE D 3992 -42.70 -31.40 -8.62
C PHE D 3992 -42.52 -31.51 -10.13
N LEU D 3993 -41.39 -31.00 -10.64
CA LEU D 3993 -41.11 -31.13 -12.08
C LEU D 3993 -41.00 -32.59 -12.48
N HIS D 3994 -40.31 -33.40 -11.67
CA HIS D 3994 -40.21 -34.82 -11.97
C HIS D 3994 -41.57 -35.50 -11.95
N VAL D 3995 -42.43 -35.15 -10.99
CA VAL D 3995 -43.79 -35.68 -10.98
C VAL D 3995 -44.51 -35.30 -12.26
N PHE D 3996 -44.48 -34.03 -12.61
CA PHE D 3996 -45.12 -33.58 -13.83
C PHE D 3996 -44.53 -34.18 -15.07
N ALA D 3997 -43.33 -34.75 -15.01
CA ALA D 3997 -42.74 -35.37 -16.19
C ALA D 3997 -43.44 -36.64 -16.63
N HIS D 3998 -44.48 -37.09 -15.92
CA HIS D 3998 -45.12 -38.35 -16.24
C HIS D 3998 -46.55 -38.21 -16.73
N MET D 3999 -47.45 -37.60 -15.94
CA MET D 3999 -48.86 -37.65 -16.28
C MET D 3999 -49.17 -36.79 -17.50
N MET D 4000 -48.34 -35.77 -17.77
CA MET D 4000 -48.56 -35.00 -18.99
C MET D 4000 -48.31 -35.85 -20.23
N MET D 4001 -47.61 -36.97 -20.10
CA MET D 4001 -47.57 -38.01 -21.12
C MET D 4001 -48.60 -39.10 -20.86
N LYS D 4002 -48.67 -39.59 -19.61
CA LYS D 4002 -49.47 -40.77 -19.30
C LYS D 4002 -50.96 -40.50 -19.51
N LEU D 4003 -51.47 -39.43 -18.91
CA LEU D 4003 -52.87 -39.06 -19.06
C LEU D 4003 -53.20 -38.59 -20.46
N ALA D 4004 -52.19 -38.22 -21.27
CA ALA D 4004 -52.42 -37.82 -22.63
C ALA D 4004 -52.92 -38.96 -23.51
N GLN D 4005 -52.83 -40.20 -23.02
CA GLN D 4005 -53.27 -41.37 -23.78
C GLN D 4005 -54.76 -41.66 -23.59
N ASP D 4006 -55.54 -40.67 -23.18
CA ASP D 4006 -56.96 -40.85 -22.96
C ASP D 4006 -57.72 -39.67 -23.55
N SER D 4007 -58.99 -39.91 -23.88
CA SER D 4007 -59.85 -38.89 -24.45
C SER D 4007 -60.88 -38.34 -23.48
N SER D 4008 -61.18 -39.06 -22.40
CA SER D 4008 -62.15 -38.60 -21.41
C SER D 4008 -61.53 -37.75 -20.31
N GLN D 4009 -60.21 -37.52 -20.36
CA GLN D 4009 -59.51 -36.74 -19.35
C GLN D 4009 -59.20 -35.33 -19.82
N ILE D 4010 -59.82 -34.87 -20.90
CA ILE D 4010 -59.49 -33.57 -21.48
C ILE D 4010 -59.69 -32.46 -20.45
N GLU D 4011 -60.80 -32.52 -19.70
CA GLU D 4011 -61.02 -31.53 -18.65
C GLU D 4011 -59.95 -31.61 -17.57
N LEU D 4012 -59.59 -32.82 -17.16
CA LEU D 4012 -58.54 -32.96 -16.15
C LEU D 4012 -57.20 -32.44 -16.67
N LEU D 4013 -56.87 -32.75 -17.92
CA LEU D 4013 -55.61 -32.26 -18.49
C LEU D 4013 -55.59 -30.73 -18.55
N LYS D 4014 -56.68 -30.13 -19.04
CA LYS D 4014 -56.72 -28.67 -19.15
C LYS D 4014 -56.64 -28.02 -17.78
N GLU D 4015 -57.31 -28.60 -16.78
CA GLU D 4015 -57.24 -28.07 -15.43
C GLU D 4015 -55.83 -28.21 -14.86
N LEU D 4016 -55.16 -29.33 -15.14
CA LEU D 4016 -53.82 -29.55 -14.63
C LEU D 4016 -52.81 -28.60 -15.28
N LEU D 4017 -53.03 -28.26 -16.54
CA LEU D 4017 -52.03 -27.46 -17.26
C LEU D 4017 -51.88 -26.04 -16.72
N ASP D 4018 -52.75 -25.54 -15.86
CA ASP D 4018 -52.54 -24.23 -15.24
C ASP D 4018 -51.57 -24.29 -14.08
N LEU D 4019 -51.31 -25.47 -13.53
CA LEU D 4019 -50.52 -25.58 -12.31
C LEU D 4019 -49.06 -25.19 -12.55
N GLN D 4020 -48.46 -25.72 -13.62
CA GLN D 4020 -47.06 -25.42 -13.89
C GLN D 4020 -46.84 -23.94 -14.15
N LYS D 4021 -47.87 -23.24 -14.60
CA LYS D 4021 -47.77 -21.78 -14.69
C LYS D 4021 -47.54 -21.17 -13.33
N ASP D 4022 -48.16 -21.76 -12.29
CA ASP D 4022 -48.01 -21.23 -10.95
C ASP D 4022 -46.59 -21.40 -10.41
N MET D 4023 -45.79 -22.30 -10.99
CA MET D 4023 -44.39 -22.41 -10.58
C MET D 4023 -43.46 -21.63 -11.50
N VAL D 4024 -43.79 -21.53 -12.79
CA VAL D 4024 -42.98 -20.70 -13.65
C VAL D 4024 -43.10 -19.23 -13.25
N VAL D 4025 -44.26 -18.80 -12.77
CA VAL D 4025 -44.38 -17.43 -12.28
C VAL D 4025 -43.53 -17.22 -11.04
N MET D 4026 -43.41 -18.25 -10.18
CA MET D 4026 -42.47 -18.16 -9.07
C MET D 4026 -41.04 -18.04 -9.56
N LEU D 4027 -40.67 -18.88 -10.53
CA LEU D 4027 -39.29 -18.89 -11.01
C LEU D 4027 -38.91 -17.57 -11.64
N LEU D 4028 -39.82 -16.97 -12.42
CA LEU D 4028 -39.53 -15.65 -12.99
C LEU D 4028 -39.63 -14.56 -11.94
N SER D 4029 -40.48 -14.77 -10.93
CA SER D 4029 -40.75 -13.72 -9.95
C SER D 4029 -39.60 -13.54 -8.97
N LEU D 4030 -38.82 -14.59 -8.73
CA LEU D 4030 -37.67 -14.43 -7.86
C LEU D 4030 -36.59 -13.55 -8.46
N LEU D 4031 -36.62 -13.36 -9.79
CA LEU D 4031 -35.69 -12.44 -10.43
C LEU D 4031 -36.08 -11.00 -10.10
N GLU D 4032 -37.24 -10.59 -10.61
CA GLU D 4032 -37.91 -9.33 -10.28
C GLU D 4032 -36.90 -8.20 -10.12
N GLY D 4033 -36.14 -7.97 -11.19
CA GLY D 4033 -35.01 -7.07 -11.13
C GLY D 4033 -33.74 -7.81 -10.77
N ASN D 4034 -33.50 -8.92 -11.45
CA ASN D 4034 -32.37 -9.78 -11.14
C ASN D 4034 -31.05 -9.10 -11.50
N VAL D 4035 -30.09 -9.19 -10.58
CA VAL D 4035 -28.75 -8.68 -10.85
C VAL D 4035 -28.04 -9.62 -11.82
N VAL D 4036 -27.03 -9.08 -12.52
CA VAL D 4036 -26.30 -9.87 -13.51
C VAL D 4036 -25.63 -11.08 -12.85
N ASN D 4037 -25.00 -10.87 -11.70
CA ASN D 4037 -24.25 -11.93 -11.02
C ASN D 4037 -24.51 -11.87 -9.51
N GLY D 4038 -25.78 -11.76 -9.13
CA GLY D 4038 -26.13 -11.63 -7.73
C GLY D 4038 -26.20 -12.95 -6.98
N MET D 4039 -25.33 -13.89 -7.35
CA MET D 4039 -25.20 -15.21 -6.72
C MET D 4039 -26.49 -16.01 -6.75
N ILE D 4040 -27.52 -15.54 -7.45
CA ILE D 4040 -28.77 -16.26 -7.59
C ILE D 4040 -28.94 -16.82 -9.00
N ALA D 4041 -28.50 -16.07 -10.02
CA ALA D 4041 -28.62 -16.53 -11.39
C ALA D 4041 -27.93 -17.87 -11.59
N ARG D 4042 -26.81 -18.11 -10.91
CA ARG D 4042 -26.17 -19.40 -10.98
C ARG D 4042 -27.04 -20.50 -10.37
N GLN D 4043 -27.83 -20.16 -9.36
CA GLN D 4043 -28.62 -21.14 -8.62
C GLN D 4043 -29.77 -21.70 -9.44
N MET D 4044 -30.45 -20.89 -10.25
CA MET D 4044 -31.46 -21.43 -11.15
C MET D 4044 -30.85 -22.35 -12.18
N VAL D 4045 -29.66 -22.00 -12.69
CA VAL D 4045 -28.96 -22.89 -13.61
C VAL D 4045 -28.65 -24.21 -12.92
N ASP D 4046 -28.19 -24.15 -11.67
CA ASP D 4046 -27.86 -25.36 -10.93
C ASP D 4046 -29.09 -26.25 -10.75
N MET D 4047 -30.21 -25.65 -10.33
CA MET D 4047 -31.40 -26.46 -10.10
C MET D 4047 -31.97 -27.01 -11.41
N LEU D 4048 -31.82 -26.27 -12.51
CA LEU D 4048 -32.21 -26.80 -13.82
C LEU D 4048 -31.33 -27.98 -14.20
N VAL D 4049 -30.02 -27.88 -13.94
CA VAL D 4049 -29.10 -28.98 -14.23
C VAL D 4049 -29.48 -30.21 -13.42
N GLU D 4050 -29.86 -30.01 -12.15
CA GLU D 4050 -30.24 -31.13 -11.30
C GLU D 4050 -31.44 -31.87 -11.89
N SER D 4051 -32.42 -31.13 -12.41
CA SER D 4051 -33.62 -31.71 -13.00
C SER D 4051 -33.54 -31.74 -14.52
N SER D 4052 -32.33 -31.55 -15.07
CA SER D 4052 -32.15 -31.59 -16.52
C SER D 4052 -32.53 -32.95 -17.10
N SER D 4053 -32.55 -34.00 -16.28
CA SER D 4053 -33.01 -35.30 -16.73
C SER D 4053 -34.52 -35.36 -16.86
N ASN D 4054 -35.24 -34.31 -16.47
CA ASN D 4054 -36.68 -34.28 -16.57
C ASN D 4054 -37.21 -33.21 -17.52
N VAL D 4055 -36.52 -32.08 -17.63
CA VAL D 4055 -37.05 -30.94 -18.41
C VAL D 4055 -37.12 -31.30 -19.89
N GLU D 4056 -36.26 -32.21 -20.35
CA GLU D 4056 -36.17 -32.48 -21.78
C GLU D 4056 -37.42 -33.14 -22.32
N MET D 4057 -38.06 -34.03 -21.57
CA MET D 4057 -39.32 -34.62 -22.04
C MET D 4057 -40.37 -33.54 -22.24
N ILE D 4058 -40.49 -32.61 -21.28
CA ILE D 4058 -41.50 -31.57 -21.36
C ILE D 4058 -41.24 -30.65 -22.54
N LEU D 4059 -39.97 -30.25 -22.71
CA LEU D 4059 -39.66 -29.32 -23.80
C LEU D 4059 -39.79 -30.00 -25.15
N LYS D 4060 -39.51 -31.31 -25.25
CA LYS D 4060 -39.75 -32.01 -26.52
C LYS D 4060 -41.24 -32.15 -26.80
N PHE D 4061 -41.96 -32.37 -25.70
CA PHE D 4061 -43.39 -32.49 -25.77
C PHE D 4061 -43.93 -31.10 -25.93
N PHE D 4062 -43.14 -30.07 -25.67
CA PHE D 4062 -43.63 -28.74 -25.95
C PHE D 4062 -43.53 -28.71 -27.44
N ASP D 4063 -42.38 -29.15 -27.93
CA ASP D 4063 -42.21 -29.24 -29.36
C ASP D 4063 -43.16 -30.31 -29.84
N MET D 4064 -43.49 -31.27 -28.98
CA MET D 4064 -44.31 -32.38 -29.45
C MET D 4064 -45.68 -31.87 -29.72
N PHE D 4065 -46.15 -30.94 -28.89
CA PHE D 4065 -47.49 -30.40 -29.03
C PHE D 4065 -47.51 -29.35 -30.11
N LEU D 4066 -46.35 -28.75 -30.41
CA LEU D 4066 -46.39 -27.84 -31.55
C LEU D 4066 -46.49 -28.71 -32.80
N LYS D 4067 -45.92 -29.93 -32.73
CA LYS D 4067 -46.02 -30.83 -33.87
C LYS D 4067 -47.42 -31.41 -33.91
N LEU D 4068 -48.08 -31.41 -32.75
CA LEU D 4068 -49.42 -31.95 -32.66
C LEU D 4068 -50.32 -30.93 -33.25
N LYS D 4069 -49.91 -29.66 -33.16
CA LYS D 4069 -50.67 -28.59 -33.76
C LYS D 4069 -50.47 -28.71 -35.23
N ASP D 4070 -49.26 -29.08 -35.63
CA ASP D 4070 -49.01 -29.30 -37.04
C ASP D 4070 -49.97 -30.37 -37.52
N ILE D 4071 -50.18 -31.39 -36.69
CA ILE D 4071 -51.06 -32.49 -37.06
C ILE D 4071 -52.46 -31.96 -37.20
N VAL D 4072 -52.93 -31.26 -36.18
CA VAL D 4072 -54.23 -30.67 -36.24
C VAL D 4072 -54.21 -30.07 -37.60
N GLY D 4073 -53.05 -29.55 -38.01
CA GLY D 4073 -53.11 -28.88 -39.30
C GLY D 4073 -53.03 -29.81 -40.49
N SER D 4074 -52.35 -30.95 -40.36
CA SER D 4074 -52.29 -31.96 -41.41
C SER D 4074 -53.56 -32.76 -41.33
N GLU D 4075 -53.84 -33.29 -40.15
CA GLU D 4075 -55.09 -33.99 -39.95
C GLU D 4075 -56.11 -33.16 -40.67
N ALA D 4076 -56.01 -31.85 -40.51
CA ALA D 4076 -56.89 -30.98 -41.23
C ALA D 4076 -56.34 -30.97 -42.63
N PHE D 4077 -55.45 -30.02 -42.93
CA PHE D 4077 -54.83 -29.95 -44.24
C PHE D 4077 -55.77 -30.38 -45.38
N GLN D 4078 -55.31 -31.27 -46.26
CA GLN D 4078 -56.15 -31.75 -47.37
C GLN D 4078 -55.38 -32.74 -48.21
N ASP D 4079 -54.60 -32.24 -49.16
CA ASP D 4079 -53.78 -33.12 -49.96
C ASP D 4079 -54.43 -34.44 -50.22
N TYR D 4080 -53.85 -35.51 -49.71
CA TYR D 4080 -54.38 -36.84 -49.98
C TYR D 4080 -55.76 -37.04 -49.41
N VAL D 4081 -56.36 -35.98 -48.89
CA VAL D 4081 -57.65 -36.12 -48.26
C VAL D 4081 -58.48 -36.99 -49.14
N THR D 4082 -58.76 -36.49 -50.33
CA THR D 4082 -59.55 -37.25 -51.26
C THR D 4082 -60.55 -38.01 -50.45
N ASP D 4083 -60.29 -39.29 -50.22
CA ASP D 4083 -61.14 -40.09 -49.36
C ASP D 4083 -61.86 -39.18 -48.40
N PRO D 4084 -63.13 -38.89 -48.67
CA PRO D 4084 -63.77 -37.92 -47.79
C PRO D 4084 -64.61 -38.56 -46.71
N ARG D 4085 -65.93 -38.42 -46.79
CA ARG D 4085 -66.83 -38.97 -45.78
C ARG D 4085 -66.41 -38.57 -44.38
N LEU D 4087 -65.32 -38.24 -41.00
CA LEU D 4087 -64.09 -37.53 -41.30
C LEU D 4087 -63.36 -38.23 -42.40
N ILE D 4088 -62.60 -39.23 -42.04
CA ILE D 4088 -61.83 -39.97 -43.01
C ILE D 4088 -61.14 -41.12 -42.31
N SER D 4089 -61.46 -42.34 -42.68
CA SER D 4089 -60.87 -43.48 -41.95
C SER D 4089 -59.45 -43.35 -41.46
N LYS D 4090 -59.16 -43.93 -40.30
CA LYS D 4090 -57.79 -43.93 -39.84
C LYS D 4090 -57.07 -44.71 -40.89
N LYS D 4091 -57.76 -45.69 -41.43
CA LYS D 4091 -57.18 -46.50 -42.47
C LYS D 4091 -56.34 -45.62 -43.33
N ASP D 4092 -56.99 -44.79 -44.15
CA ASP D 4092 -56.12 -44.02 -45.02
C ASP D 4092 -55.35 -42.94 -44.29
N PHE D 4093 -55.73 -42.63 -43.07
CA PHE D 4093 -54.96 -41.67 -42.31
C PHE D 4093 -53.56 -42.20 -42.10
N GLN D 4094 -53.46 -43.47 -41.76
CA GLN D 4094 -52.15 -44.04 -41.45
C GLN D 4094 -51.14 -43.77 -42.54
N LYS D 4095 -51.54 -43.96 -43.80
CA LYS D 4095 -50.66 -43.65 -44.92
C LYS D 4095 -50.52 -42.15 -45.15
N ALA D 4096 -51.45 -41.35 -44.61
CA ALA D 4096 -51.41 -39.91 -44.83
C ALA D 4096 -50.27 -39.24 -44.10
N MET D 4097 -49.81 -39.80 -42.97
CA MET D 4097 -48.71 -39.22 -42.22
C MET D 4097 -47.43 -40.04 -42.23
N ASP D 4098 -47.51 -41.33 -42.59
CA ASP D 4098 -46.29 -42.12 -42.70
C ASP D 4098 -45.40 -41.61 -43.82
N SER D 4099 -45.99 -41.21 -44.95
CA SER D 4099 -45.20 -40.73 -46.07
C SER D 4099 -44.42 -39.48 -45.71
N GLN D 4100 -45.05 -38.55 -45.00
CA GLN D 4100 -44.36 -37.33 -44.60
C GLN D 4100 -43.38 -37.60 -43.47
N LYS D 4101 -42.39 -36.71 -43.36
CA LYS D 4101 -41.38 -36.81 -42.31
C LYS D 4101 -41.94 -36.27 -40.99
N GLN D 4102 -41.04 -36.02 -40.04
CA GLN D 4102 -41.33 -35.44 -38.73
C GLN D 4102 -42.43 -36.18 -37.98
N PHE D 4103 -42.64 -37.45 -38.30
CA PHE D 4103 -43.62 -38.28 -37.63
C PHE D 4103 -42.97 -39.55 -37.08
N THR D 4104 -43.43 -39.99 -35.93
CA THR D 4104 -42.92 -41.18 -35.25
C THR D 4104 -44.01 -42.24 -35.19
N GLY D 4105 -43.62 -43.48 -35.46
CA GLY D 4105 -44.54 -44.59 -35.50
C GLY D 4105 -45.42 -44.71 -34.27
N PRO D 4106 -44.82 -44.97 -33.11
CA PRO D 4106 -45.63 -45.07 -31.87
C PRO D 4106 -46.39 -43.79 -31.55
N GLU D 4107 -45.83 -42.62 -31.91
CA GLU D 4107 -46.55 -41.38 -31.68
C GLU D 4107 -47.82 -41.30 -32.51
N ILE D 4108 -47.78 -41.83 -33.74
CA ILE D 4108 -48.98 -41.85 -34.58
C ILE D 4108 -50.07 -42.70 -33.93
N GLN D 4109 -49.69 -43.88 -33.45
CA GLN D 4109 -50.65 -44.72 -32.72
C GLN D 4109 -51.11 -44.04 -31.45
N PHE D 4110 -50.24 -43.27 -30.81
CA PHE D 4110 -50.65 -42.47 -29.66
C PHE D 4110 -51.71 -41.45 -30.07
N LEU D 4111 -51.52 -40.81 -31.22
CA LEU D 4111 -52.56 -39.92 -31.74
C LEU D 4111 -53.82 -40.71 -32.09
N LEU D 4112 -53.66 -41.89 -32.68
CA LEU D 4112 -54.82 -42.72 -32.96
C LEU D 4112 -55.52 -43.16 -31.68
N SER D 4113 -54.75 -43.38 -30.61
CA SER D 4113 -55.37 -43.64 -29.32
C SER D 4113 -56.18 -42.44 -28.85
N CYS D 4114 -55.67 -41.24 -29.08
CA CYS D 4114 -56.42 -40.03 -28.77
C CYS D 4114 -57.65 -39.87 -29.66
N SER D 4115 -57.66 -40.68 -30.73
CA SER D 4115 -58.76 -40.64 -31.67
C SER D 4115 -59.86 -41.62 -31.33
N GLU D 4116 -60.82 -41.74 -32.22
CA GLU D 4116 -61.94 -42.61 -31.94
C GLU D 4116 -62.26 -43.41 -33.19
N ALA D 4117 -63.52 -43.38 -33.60
CA ALA D 4117 -63.92 -44.11 -34.79
C ALA D 4117 -63.32 -45.49 -34.78
N ASP D 4118 -62.86 -45.93 -35.93
CA ASP D 4118 -62.26 -47.25 -36.06
C ASP D 4118 -62.08 -47.54 -37.53
N GLU D 4119 -63.10 -47.24 -38.32
CA GLU D 4119 -63.02 -47.45 -39.76
C GLU D 4119 -63.05 -46.12 -40.49
N ASN D 4120 -62.84 -45.02 -39.76
CA ASN D 4120 -62.87 -43.70 -40.35
C ASN D 4120 -62.35 -42.72 -39.34
N GLU D 4121 -63.02 -41.58 -39.21
CA GLU D 4121 -62.61 -40.59 -38.20
C GLU D 4121 -63.64 -39.45 -38.09
N MET D 4122 -63.31 -38.40 -37.35
CA MET D 4122 -64.23 -37.27 -37.18
C MET D 4122 -63.50 -35.94 -37.16
N ILE D 4123 -64.20 -34.86 -37.47
CA ILE D 4123 -63.55 -33.55 -37.59
C ILE D 4123 -62.70 -33.10 -36.40
N ASN D 4124 -63.14 -33.43 -35.19
CA ASN D 4124 -62.50 -32.87 -34.01
C ASN D 4124 -61.21 -33.46 -33.54
N PHE D 4125 -60.55 -34.28 -34.29
CA PHE D 4125 -59.36 -34.92 -33.76
C PHE D 4125 -58.41 -34.05 -32.94
N GLU D 4126 -57.21 -33.99 -33.48
CA GLU D 4126 -56.29 -33.13 -32.84
C GLU D 4126 -57.00 -31.79 -32.87
N GLU D 4127 -58.17 -31.72 -33.54
CA GLU D 4127 -58.89 -30.48 -33.63
C GLU D 4127 -59.08 -30.00 -32.24
N PHE D 4128 -60.05 -30.55 -31.51
CA PHE D 4128 -60.28 -30.18 -30.12
C PHE D 4128 -59.02 -30.37 -29.32
N ALA D 4129 -58.25 -31.41 -29.67
CA ALA D 4129 -57.09 -31.62 -28.82
C ALA D 4129 -56.39 -30.28 -28.59
N ASN D 4130 -56.00 -29.61 -29.67
CA ASN D 4130 -55.28 -28.33 -29.55
C ASN D 4130 -56.23 -27.18 -29.27
N ARG D 4131 -57.40 -27.22 -29.87
CA ARG D 4131 -58.40 -26.21 -29.65
C ARG D 4131 -58.25 -25.74 -28.24
N PHE D 4132 -58.20 -26.67 -27.30
CA PHE D 4132 -57.96 -26.12 -25.98
C PHE D 4132 -56.50 -25.75 -25.80
N GLN D 4133 -55.55 -26.59 -26.22
CA GLN D 4133 -54.10 -26.34 -25.93
C GLN D 4133 -53.50 -24.91 -25.98
N GLU D 4134 -54.31 -23.85 -25.88
CA GLU D 4134 -53.78 -22.49 -25.80
C GLU D 4134 -53.09 -22.25 -24.47
N PRO D 4135 -53.56 -22.92 -23.41
CA PRO D 4135 -52.81 -22.80 -22.15
C PRO D 4135 -51.47 -23.47 -22.34
N ALA D 4136 -51.44 -24.59 -23.04
CA ALA D 4136 -50.19 -25.26 -23.32
C ALA D 4136 -49.30 -24.28 -24.06
N ARG D 4137 -49.90 -23.51 -24.96
CA ARG D 4137 -49.14 -22.49 -25.66
C ARG D 4137 -48.53 -21.46 -24.70
N ASP D 4138 -49.37 -20.79 -23.90
CA ASP D 4138 -48.82 -19.73 -23.03
C ASP D 4138 -47.71 -20.27 -22.14
N ILE D 4139 -48.00 -21.16 -21.21
CA ILE D 4139 -46.95 -21.80 -20.42
C ILE D 4139 -45.67 -21.94 -21.24
N GLY D 4140 -45.80 -22.22 -22.53
CA GLY D 4140 -44.62 -22.32 -23.37
C GLY D 4140 -43.83 -21.02 -23.41
N PHE D 4141 -44.54 -19.89 -23.52
CA PHE D 4141 -43.86 -18.60 -23.46
C PHE D 4141 -43.17 -18.42 -22.12
N ASN D 4142 -43.84 -18.81 -21.03
CA ASN D 4142 -43.24 -18.73 -19.71
C ASN D 4142 -41.97 -19.56 -19.63
N VAL D 4143 -41.99 -20.75 -20.23
CA VAL D 4143 -40.77 -21.53 -20.37
C VAL D 4143 -39.76 -20.80 -21.24
N ALA D 4144 -40.23 -20.24 -22.35
CA ALA D 4144 -39.32 -19.57 -23.27
C ALA D 4144 -38.68 -18.35 -22.62
N VAL D 4145 -39.46 -17.55 -21.89
CA VAL D 4145 -38.91 -16.34 -21.30
C VAL D 4145 -37.94 -16.68 -20.18
N LEU D 4146 -38.23 -17.72 -19.39
CA LEU D 4146 -37.40 -18.03 -18.24
C LEU D 4146 -35.98 -18.38 -18.67
N LEU D 4147 -35.84 -19.23 -19.69
CA LEU D 4147 -34.53 -19.51 -20.23
C LEU D 4147 -33.95 -18.30 -20.94
N THR D 4148 -34.81 -17.48 -21.56
CA THR D 4148 -34.34 -16.27 -22.21
C THR D 4148 -33.76 -15.30 -21.19
N ASN D 4149 -34.43 -15.11 -20.05
CA ASN D 4149 -33.96 -14.14 -19.07
C ASN D 4149 -32.57 -14.52 -18.57
N LEU D 4150 -32.39 -15.76 -18.13
CA LEU D 4150 -31.10 -16.19 -17.62
C LEU D 4150 -30.04 -16.22 -18.71
N SER D 4151 -30.44 -16.26 -19.98
CA SER D 4151 -29.46 -16.28 -21.06
C SER D 4151 -28.62 -15.02 -21.06
N GLU D 4152 -29.25 -13.86 -20.86
CA GLU D 4152 -28.52 -12.60 -20.80
C GLU D 4152 -28.31 -12.11 -19.37
N HIS D 4153 -29.12 -12.56 -18.40
CA HIS D 4153 -28.87 -12.19 -17.02
C HIS D 4153 -27.51 -12.71 -16.55
N VAL D 4154 -27.18 -13.94 -16.90
CA VAL D 4154 -25.87 -14.50 -16.60
C VAL D 4154 -25.29 -15.13 -17.87
N PRO D 4155 -24.64 -14.34 -18.72
CA PRO D 4155 -24.03 -14.91 -19.93
C PRO D 4155 -22.80 -15.74 -19.61
N HIS D 4156 -22.11 -16.20 -20.66
CA HIS D 4156 -20.90 -17.02 -20.52
C HIS D 4156 -21.19 -18.30 -19.73
N ASP D 4157 -22.34 -18.89 -20.00
CA ASP D 4157 -22.76 -20.13 -19.35
C ASP D 4157 -23.04 -21.19 -20.41
N PRO D 4158 -22.05 -21.99 -20.79
CA PRO D 4158 -22.26 -22.96 -21.88
C PRO D 4158 -23.34 -23.99 -21.57
N ARG D 4159 -23.51 -24.36 -20.29
CA ARG D 4159 -24.53 -25.33 -19.94
C ARG D 4159 -25.93 -24.83 -20.29
N LEU D 4160 -26.18 -23.53 -20.05
CA LEU D 4160 -27.46 -22.96 -20.44
C LEU D 4160 -27.66 -23.02 -21.95
N ARG D 4161 -26.59 -22.80 -22.71
CA ARG D 4161 -26.69 -22.87 -24.16
C ARG D 4161 -27.12 -24.25 -24.63
N ASN D 4162 -26.82 -25.29 -23.84
CA ASN D 4162 -27.28 -26.62 -24.19
C ASN D 4162 -28.80 -26.74 -24.08
N PHE D 4163 -29.40 -26.05 -23.10
CA PHE D 4163 -30.85 -26.07 -22.96
C PHE D 4163 -31.53 -25.46 -24.18
N LEU D 4164 -31.04 -24.31 -24.65
CA LEU D 4164 -31.66 -23.67 -25.79
C LEU D 4164 -31.41 -24.43 -27.10
N GLU D 4165 -30.48 -25.39 -27.09
CA GLU D 4165 -30.19 -26.16 -28.29
C GLU D 4165 -31.32 -27.08 -28.70
N LEU D 4166 -32.34 -27.27 -27.85
CA LEU D 4166 -33.47 -28.11 -28.16
C LEU D 4166 -34.75 -27.32 -28.39
N ALA D 4167 -34.97 -26.27 -27.61
CA ALA D 4167 -36.22 -25.50 -27.66
C ALA D 4167 -36.09 -24.34 -28.63
N GLU D 4168 -35.71 -24.65 -29.87
CA GLU D 4168 -35.64 -23.62 -30.90
C GLU D 4168 -37.03 -23.22 -31.39
N SER D 4169 -37.90 -24.20 -31.60
CA SER D 4169 -39.20 -23.93 -32.19
C SER D 4169 -40.09 -23.11 -31.27
N ILE D 4170 -39.91 -23.24 -29.96
CA ILE D 4170 -40.70 -22.46 -29.02
C ILE D 4170 -40.40 -20.97 -29.17
N LEU D 4171 -39.13 -20.61 -29.31
CA LEU D 4171 -38.76 -19.21 -29.38
C LEU D 4171 -39.24 -18.56 -30.67
N GLU D 4172 -39.12 -19.26 -31.81
CA GLU D 4172 -39.49 -18.66 -33.08
C GLU D 4172 -40.98 -18.38 -33.17
N TYR D 4173 -41.81 -19.29 -32.67
CA TYR D 4173 -43.26 -19.09 -32.70
C TYR D 4173 -43.73 -18.06 -31.69
N PHE D 4174 -42.89 -17.70 -30.72
CA PHE D 4174 -43.25 -16.74 -29.69
C PHE D 4174 -42.53 -15.41 -29.83
N ARG D 4175 -41.51 -15.33 -30.68
CA ARG D 4175 -40.90 -14.02 -30.98
C ARG D 4175 -41.91 -12.99 -31.47
N PRO D 4176 -42.90 -13.33 -32.32
CA PRO D 4176 -43.93 -12.33 -32.65
C PRO D 4176 -44.89 -12.08 -31.51
N TYR D 4177 -44.57 -12.59 -30.31
CA TYR D 4177 -45.40 -12.37 -29.13
C TYR D 4177 -44.58 -12.04 -27.89
N LEU D 4178 -43.33 -11.62 -28.05
CA LEU D 4178 -42.47 -11.22 -26.94
C LEU D 4178 -42.16 -9.74 -27.07
N GLY D 4179 -42.54 -8.97 -26.06
CA GLY D 4179 -42.31 -7.53 -26.03
C GLY D 4179 -41.32 -7.17 -24.95
N ARG D 4180 -40.40 -6.27 -25.27
CA ARG D 4180 -39.34 -5.87 -24.36
C ARG D 4180 -39.49 -4.41 -23.97
N ILE D 4181 -38.84 -4.04 -22.87
CA ILE D 4181 -38.90 -2.68 -22.36
C ILE D 4181 -37.71 -2.48 -21.44
N GLU D 4182 -37.30 -1.23 -21.27
CA GLU D 4182 -36.25 -0.87 -20.33
C GLU D 4182 -36.75 0.29 -19.48
N ILE D 4183 -36.67 0.14 -18.17
CA ILE D 4183 -37.17 1.15 -17.24
C ILE D 4183 -36.00 1.61 -16.35
N MET D 4184 -36.22 2.73 -15.68
CA MET D 4184 -35.19 3.38 -14.88
C MET D 4184 -35.87 4.10 -13.73
N GLY D 4185 -35.92 3.45 -12.57
CA GLY D 4185 -36.56 4.06 -11.42
C GLY D 4185 -36.73 3.10 -10.26
N ALA D 4186 -36.71 3.65 -9.04
CA ALA D 4186 -36.87 2.94 -7.78
C ALA D 4186 -35.70 2.02 -7.47
N SER D 4187 -34.72 1.90 -8.38
CA SER D 4187 -33.55 1.06 -8.13
C SER D 4187 -32.24 1.73 -8.55
N ARG D 4188 -32.28 2.92 -9.13
CA ARG D 4188 -31.09 3.63 -9.63
C ARG D 4188 -30.33 2.78 -10.64
N ARG D 4189 -31.03 1.91 -11.34
CA ARG D 4189 -30.44 1.00 -12.32
C ARG D 4189 -31.51 0.48 -13.26
N ILE D 4190 -31.08 0.06 -14.44
CA ILE D 4190 -31.97 -0.28 -15.54
C ILE D 4190 -32.09 -1.80 -15.65
N GLU D 4191 -33.31 -2.28 -15.88
CA GLU D 4191 -33.60 -3.70 -15.99
C GLU D 4191 -34.48 -3.95 -17.21
N ARG D 4192 -34.77 -5.22 -17.46
CA ARG D 4192 -35.60 -5.64 -18.58
C ARG D 4192 -36.82 -6.38 -18.06
N ILE D 4193 -37.96 -6.10 -18.69
CA ILE D 4193 -39.23 -6.70 -18.32
C ILE D 4193 -39.89 -7.24 -19.58
N TYR D 4194 -40.33 -8.49 -19.53
CA TYR D 4194 -40.91 -9.16 -20.68
C TYR D 4194 -42.40 -9.39 -20.44
N PHE D 4195 -43.13 -9.61 -21.54
CA PHE D 4195 -44.58 -9.79 -21.47
C PHE D 4195 -45.08 -10.18 -22.85
N GLU D 4196 -46.16 -10.96 -22.87
CA GLU D 4196 -46.86 -11.21 -24.12
C GLU D 4196 -47.70 -9.99 -24.50
N ILE D 4197 -47.80 -9.75 -25.80
CA ILE D 4197 -48.46 -8.52 -26.25
C ILE D 4197 -49.95 -8.74 -26.46
N SER D 4198 -50.30 -9.55 -27.45
CA SER D 4198 -51.69 -9.75 -27.86
C SER D 4198 -51.69 -10.72 -29.04
N GLU D 4199 -52.88 -11.06 -29.49
CA GLU D 4199 -53.04 -11.82 -30.72
C GLU D 4199 -53.56 -10.98 -31.87
N THR D 4200 -54.27 -9.90 -31.59
CA THR D 4200 -54.86 -9.04 -32.62
C THR D 4200 -54.26 -7.64 -32.67
N ASN D 4201 -53.87 -7.08 -31.52
CA ASN D 4201 -53.39 -5.70 -31.49
C ASN D 4201 -52.11 -5.52 -32.30
N ARG D 4202 -51.19 -6.47 -32.22
CA ARG D 4202 -49.94 -6.35 -32.98
C ARG D 4202 -50.20 -6.32 -34.47
N ALA D 4203 -51.11 -7.18 -34.95
CA ALA D 4203 -51.45 -7.19 -36.37
C ALA D 4203 -52.18 -5.93 -36.80
N GLN D 4204 -53.11 -5.44 -35.97
CA GLN D 4204 -53.88 -4.27 -36.35
C GLN D 4204 -53.04 -2.99 -36.30
N TRP D 4205 -52.00 -2.96 -35.48
CA TRP D 4205 -51.17 -1.77 -35.36
C TRP D 4205 -50.52 -1.39 -36.68
N GLU D 4206 -50.23 -2.37 -37.54
CA GLU D 4206 -49.67 -2.10 -38.87
C GLU D 4206 -50.84 -1.74 -39.78
N MET D 4207 -51.16 -0.45 -39.83
CA MET D 4207 -52.27 0.05 -40.62
C MET D 4207 -51.84 1.36 -41.26
N PRO D 4208 -52.12 1.57 -42.54
CA PRO D 4208 -51.81 2.86 -43.17
C PRO D 4208 -52.52 4.03 -42.52
N GLN D 4209 -53.61 3.78 -41.80
CA GLN D 4209 -54.31 4.85 -41.11
C GLN D 4209 -53.43 5.51 -40.05
N VAL D 4210 -52.67 4.72 -39.31
CA VAL D 4210 -51.92 5.21 -38.17
C VAL D 4210 -50.46 5.47 -38.52
N LYS D 4211 -49.91 4.67 -39.44
CA LYS D 4211 -48.48 4.79 -39.74
C LYS D 4211 -48.14 6.13 -40.36
N GLU D 4212 -49.11 6.79 -40.99
CA GLU D 4212 -48.88 8.14 -41.46
C GLU D 4212 -48.86 9.14 -40.30
N SER D 4213 -49.70 8.89 -39.29
CA SER D 4213 -49.76 9.80 -38.15
C SER D 4213 -48.46 9.83 -37.38
N LYS D 4214 -47.85 8.66 -37.17
CA LYS D 4214 -46.58 8.61 -36.43
C LYS D 4214 -45.47 9.31 -37.20
N ARG D 4215 -45.53 9.29 -38.54
CA ARG D 4215 -44.56 10.04 -39.32
C ARG D 4215 -44.69 11.52 -39.04
N GLN D 4216 -45.92 12.02 -38.92
CA GLN D 4216 -46.13 13.38 -38.44
C GLN D 4216 -45.67 13.53 -37.00
N PHE D 4217 -45.94 12.51 -36.18
CA PHE D 4217 -45.57 12.58 -34.77
C PHE D 4217 -44.06 12.68 -34.60
N ILE D 4218 -43.30 11.82 -35.29
CA ILE D 4218 -41.85 11.87 -35.17
C ILE D 4218 -41.31 13.18 -35.73
N PHE D 4219 -42.04 13.83 -36.64
CA PHE D 4219 -41.61 15.12 -37.14
C PHE D 4219 -41.69 16.18 -36.03
N ASP D 4220 -42.80 16.22 -35.31
CA ASP D 4220 -43.02 17.30 -34.34
C ASP D 4220 -42.04 17.21 -33.18
N VAL D 4221 -41.72 16.00 -32.72
CA VAL D 4221 -40.88 15.84 -31.54
C VAL D 4221 -39.47 16.36 -31.76
N VAL D 4222 -38.98 16.39 -33.00
CA VAL D 4222 -37.58 16.69 -33.26
C VAL D 4222 -37.31 18.15 -33.61
N ASN D 4223 -38.20 18.81 -34.35
CA ASN D 4223 -37.94 20.20 -34.71
C ASN D 4223 -38.03 21.12 -33.49
N GLU D 4224 -38.93 20.84 -32.57
CA GLU D 4224 -39.04 21.58 -31.32
C GLU D 4224 -38.60 20.68 -30.18
N GLY D 4225 -37.59 21.09 -29.43
CA GLY D 4225 -37.06 20.30 -28.35
C GLY D 4225 -36.71 21.12 -27.12
N GLY D 4226 -37.15 20.64 -25.95
CA GLY D 4226 -36.87 21.33 -24.71
C GLY D 4226 -36.63 20.38 -23.56
N GLU D 4227 -37.33 20.60 -22.45
CA GLU D 4227 -37.19 19.74 -21.28
C GLU D 4227 -37.98 18.45 -21.48
N ALA D 4228 -38.21 17.70 -20.40
CA ALA D 4228 -38.86 16.40 -20.47
C ALA D 4228 -40.26 16.46 -21.08
N GLU D 4229 -40.81 17.65 -21.32
CA GLU D 4229 -42.10 17.76 -22.00
C GLU D 4229 -42.07 17.12 -23.38
N LYS D 4230 -40.88 16.95 -23.97
CA LYS D 4230 -40.77 16.21 -25.22
C LYS D 4230 -41.31 14.79 -25.05
N MET D 4231 -40.93 14.13 -23.96
CA MET D 4231 -41.46 12.80 -23.67
C MET D 4231 -42.89 12.86 -23.15
N GLU D 4232 -43.27 13.96 -22.51
CA GLU D 4232 -44.63 14.09 -21.99
C GLU D 4232 -45.66 13.96 -23.10
N LEU D 4233 -45.49 14.73 -24.18
CA LEU D 4233 -46.39 14.62 -25.32
C LEU D 4233 -46.27 13.26 -26.00
N PHE D 4234 -45.12 12.58 -25.87
CA PHE D 4234 -45.00 11.25 -26.44
C PHE D 4234 -45.98 10.29 -25.79
N VAL D 4235 -46.12 10.34 -24.47
CA VAL D 4235 -47.16 9.56 -23.81
C VAL D 4235 -48.53 10.05 -24.22
N SER D 4236 -48.68 11.37 -24.39
CA SER D 4236 -49.95 11.92 -24.82
C SER D 4236 -50.36 11.37 -26.18
N PHE D 4237 -49.41 11.24 -27.10
CA PHE D 4237 -49.70 10.62 -28.38
C PHE D 4237 -50.14 9.17 -28.20
N CYS D 4238 -49.46 8.44 -27.30
CA CYS D 4238 -49.82 7.04 -27.06
C CYS D 4238 -51.25 6.93 -26.54
N GLU D 4239 -51.63 7.80 -25.62
CA GLU D 4239 -53.01 7.82 -25.15
C GLU D 4239 -53.97 8.15 -26.28
N ASP D 4240 -53.60 9.12 -27.12
CA ASP D 4240 -54.45 9.48 -28.25
C ASP D 4240 -54.47 8.37 -29.30
N THR D 4241 -53.34 7.71 -29.51
CA THR D 4241 -53.24 6.72 -30.58
C THR D 4241 -54.19 5.55 -30.36
N ILE D 4242 -54.27 5.05 -29.12
CA ILE D 4242 -55.14 3.92 -28.85
C ILE D 4242 -56.60 4.30 -29.02
N PHE D 4243 -56.95 5.54 -28.68
CA PHE D 4243 -58.33 6.00 -28.91
C PHE D 4243 -58.67 5.97 -30.40
N GLU D 4244 -57.73 6.38 -31.25
CA GLU D 4244 -57.90 6.18 -32.69
C GLU D 4244 -58.05 4.70 -33.01
N MET D 4245 -57.23 3.87 -32.39
CA MET D 4245 -57.34 2.43 -32.59
C MET D 4245 -58.61 1.88 -31.96
N GLN D 4246 -59.03 2.45 -30.83
CA GLN D 4246 -60.26 2.00 -30.19
C GLN D 4246 -61.46 2.20 -31.12
N ILE D 4247 -61.60 3.41 -31.67
CA ILE D 4247 -62.70 3.67 -32.59
C ILE D 4247 -62.53 2.94 -33.92
N ALA D 4248 -61.30 2.53 -34.26
CA ALA D 4248 -61.08 1.82 -35.50
C ALA D 4248 -61.77 0.48 -35.51
N ALA D 4249 -61.72 -0.24 -34.38
CA ALA D 4249 -62.37 -1.54 -34.29
C ALA D 4249 -63.88 -1.45 -34.35
N GLN D 4250 -64.46 -0.30 -34.03
CA GLN D 4250 -65.91 -0.14 -34.02
C GLN D 4250 -66.48 0.19 -35.39
N ILE D 4251 -65.63 0.35 -36.40
CA ILE D 4251 -66.07 0.74 -37.74
C ILE D 4251 -65.95 -0.39 -38.74
N SER D 4252 -64.96 -1.26 -38.60
CA SER D 4252 -64.72 -2.34 -39.54
C SER D 4252 -65.66 -3.50 -39.24
N GLU D 4253 -66.34 -3.99 -40.26
CA GLU D 4253 -67.28 -5.10 -40.11
C GLU D 4253 -66.55 -6.40 -39.82
N ARG D 4318 -41.32 17.62 -94.96
CA ARG D 4318 -41.97 18.35 -93.88
C ARG D 4318 -42.42 17.30 -92.84
N LEU D 4319 -43.25 17.72 -91.88
CA LEU D 4319 -43.65 16.87 -90.78
C LEU D 4319 -45.16 16.92 -90.64
N ARG D 4320 -45.68 16.14 -89.70
CA ARG D 4320 -47.11 16.19 -89.41
C ARG D 4320 -47.49 17.55 -88.84
N ARG D 4321 -48.72 17.97 -89.10
CA ARG D 4321 -49.27 19.21 -88.57
C ARG D 4321 -50.02 18.88 -87.29
N LEU D 4322 -49.59 19.49 -86.18
CA LEU D 4322 -50.18 19.22 -84.88
C LEU D 4322 -51.31 20.20 -84.62
N THR D 4323 -52.51 19.69 -84.42
CA THR D 4323 -53.65 20.53 -84.07
C THR D 4323 -53.63 20.78 -82.56
N ALA D 4324 -54.51 21.64 -82.07
CA ALA D 4324 -54.49 22.00 -80.66
C ALA D 4324 -54.90 20.82 -79.78
N ARG D 4325 -55.97 20.11 -80.17
CA ARG D 4325 -56.50 19.05 -79.31
C ARG D 4325 -55.49 17.93 -79.11
N GLU D 4326 -54.79 17.53 -80.18
CA GLU D 4326 -53.84 16.42 -80.06
C GLU D 4326 -52.74 16.73 -79.08
N ALA D 4327 -52.11 17.90 -79.22
CA ALA D 4327 -51.06 18.31 -78.30
C ALA D 4327 -51.60 18.45 -76.89
N ALA D 4328 -52.81 19.00 -76.75
CA ALA D 4328 -53.41 19.13 -75.42
C ALA D 4328 -53.60 17.78 -74.76
N THR D 4329 -54.12 16.81 -75.50
CA THR D 4329 -54.31 15.48 -74.93
C THR D 4329 -52.99 14.85 -74.54
N ALA D 4330 -51.98 14.96 -75.41
CA ALA D 4330 -50.68 14.35 -75.10
C ALA D 4330 -50.07 14.97 -73.84
N LEU D 4331 -50.05 16.30 -73.78
CA LEU D 4331 -49.45 16.97 -72.62
C LEU D 4331 -50.25 16.73 -71.35
N ALA D 4332 -51.58 16.67 -71.45
CA ALA D 4332 -52.39 16.42 -70.26
C ALA D 4332 -52.21 15.00 -69.76
N ALA D 4333 -52.06 14.04 -70.69
CA ALA D 4333 -51.74 12.68 -70.28
C ALA D 4333 -50.38 12.63 -69.59
N LEU D 4334 -49.42 13.40 -70.11
CA LEU D 4334 -48.11 13.49 -69.44
C LEU D 4334 -48.25 14.03 -68.03
N LEU D 4335 -49.00 15.12 -67.86
CA LEU D 4335 -49.16 15.73 -66.55
C LEU D 4335 -49.86 14.79 -65.58
N TRP D 4336 -50.92 14.11 -66.05
CA TRP D 4336 -51.64 13.20 -65.17
C TRP D 4336 -50.79 11.99 -64.81
N ALA D 4337 -49.98 11.51 -65.75
CA ALA D 4337 -49.07 10.40 -65.44
C ALA D 4337 -48.03 10.82 -64.41
N VAL D 4338 -47.52 12.04 -64.52
CA VAL D 4338 -46.57 12.55 -63.54
C VAL D 4338 -47.22 12.63 -62.16
N VAL D 4339 -48.44 13.15 -62.10
CA VAL D 4339 -49.14 13.25 -60.82
C VAL D 4339 -49.43 11.87 -60.24
N ALA D 4340 -49.91 10.94 -61.06
CA ALA D 4340 -50.32 9.64 -60.57
C ALA D 4340 -49.15 8.77 -60.15
N ARG D 4341 -47.93 9.11 -60.56
CA ARG D 4341 -46.73 8.38 -60.14
C ARG D 4341 -46.25 8.81 -58.75
N ALA D 4342 -46.85 9.85 -58.18
CA ALA D 4342 -46.57 10.26 -56.81
C ALA D 4342 -47.84 10.70 -56.11
N GLY D 4343 -48.99 10.41 -56.71
CA GLY D 4343 -50.27 10.89 -56.23
C GLY D 4343 -50.71 10.36 -54.89
N GLY D 4542 -87.50 1.97 -36.64
CA GLY D 4542 -86.19 1.91 -36.00
C GLY D 4542 -85.31 0.81 -36.56
N GLU D 4543 -85.89 -0.03 -37.43
CA GLU D 4543 -85.12 -1.13 -38.02
C GLU D 4543 -84.09 -0.62 -39.01
N LEU D 4544 -84.42 0.44 -39.77
CA LEU D 4544 -83.47 0.97 -40.74
C LEU D 4544 -82.32 1.69 -40.08
N GLU D 4545 -82.45 2.01 -38.79
CA GLU D 4545 -81.39 2.74 -38.09
C GLU D 4545 -80.09 1.95 -38.06
N VAL D 4546 -80.18 0.63 -37.80
CA VAL D 4546 -78.99 -0.21 -37.80
C VAL D 4546 -78.36 -0.23 -39.19
N GLN D 4547 -79.19 -0.40 -40.22
CA GLN D 4547 -78.68 -0.39 -41.58
C GLN D 4547 -78.10 0.97 -41.95
N ARG D 4548 -78.76 2.05 -41.50
CA ARG D 4548 -78.25 3.39 -41.77
C ARG D 4548 -76.87 3.58 -41.14
N VAL D 4549 -76.69 3.13 -39.90
CA VAL D 4549 -75.36 3.17 -39.29
C VAL D 4549 -74.41 2.24 -40.02
N LYS D 4550 -74.88 1.03 -40.35
CA LYS D 4550 -74.04 0.10 -41.11
C LYS D 4550 -73.69 0.67 -42.48
N PHE D 4551 -74.60 1.44 -43.07
CA PHE D 4551 -74.29 2.10 -44.34
C PHE D 4551 -73.16 3.10 -44.16
N LEU D 4552 -73.17 3.86 -43.06
CA LEU D 4552 -72.10 4.82 -42.81
C LEU D 4552 -70.76 4.13 -42.57
N ASN D 4553 -70.79 2.88 -42.10
CA ASN D 4553 -69.55 2.13 -41.94
C ASN D 4553 -68.86 1.92 -43.28
N TYR D 4554 -69.65 1.67 -44.34
CA TYR D 4554 -69.07 1.54 -45.67
C TYR D 4554 -68.38 2.82 -46.10
N LEU D 4555 -69.01 3.97 -45.85
CA LEU D 4555 -68.42 5.25 -46.26
C LEU D 4555 -67.11 5.51 -45.53
N SER D 4556 -67.11 5.31 -44.20
CA SER D 4556 -65.91 5.53 -43.41
C SER D 4556 -64.85 4.47 -43.66
N ARG D 4557 -65.21 3.34 -44.28
CA ARG D 4557 -64.22 2.32 -44.57
C ARG D 4557 -63.16 2.82 -45.54
N ASN D 4558 -63.58 3.53 -46.59
CA ASN D 4558 -62.69 4.05 -47.62
C ASN D 4558 -63.00 5.53 -47.83
N PHE D 4559 -62.36 6.38 -47.03
CA PHE D 4559 -62.55 7.82 -47.13
C PHE D 4559 -61.53 8.46 -48.06
N TYR D 4560 -60.25 8.15 -47.87
CA TYR D 4560 -59.21 8.73 -48.71
C TYR D 4560 -59.40 8.31 -50.17
N THR D 4561 -59.82 7.07 -50.39
CA THR D 4561 -60.10 6.62 -51.75
C THR D 4561 -61.21 7.45 -52.38
N LEU D 4562 -62.28 7.72 -51.62
CA LEU D 4562 -63.35 8.55 -52.12
C LEU D 4562 -62.86 9.97 -52.42
N ARG D 4563 -62.01 10.51 -51.55
CA ARG D 4563 -61.42 11.83 -51.80
C ARG D 4563 -60.60 11.84 -53.08
N PHE D 4564 -60.00 10.70 -53.44
CA PHE D 4564 -59.13 10.66 -54.61
C PHE D 4564 -59.92 10.83 -55.90
N LEU D 4565 -61.19 10.43 -55.93
CA LEU D 4565 -61.98 10.57 -57.14
C LEU D 4565 -62.13 12.03 -57.53
N ALA D 4566 -62.13 12.93 -56.56
CA ALA D 4566 -62.25 14.35 -56.87
C ALA D 4566 -61.08 14.82 -57.72
N LEU D 4567 -59.88 14.32 -57.45
CA LEU D 4567 -58.71 14.73 -58.21
C LEU D 4567 -58.87 14.40 -59.70
N PHE D 4568 -59.19 13.15 -60.00
CA PHE D 4568 -59.33 12.74 -61.39
C PHE D 4568 -60.54 13.40 -62.03
N LEU D 4569 -61.64 13.50 -61.29
CA LEU D 4569 -62.84 14.11 -61.84
C LEU D 4569 -62.65 15.61 -62.07
N ALA D 4570 -61.80 16.25 -61.28
CA ALA D 4570 -61.57 17.68 -61.47
C ALA D 4570 -60.83 17.95 -62.77
N PHE D 4571 -59.96 17.04 -63.20
CA PHE D 4571 -59.24 17.23 -64.46
C PHE D 4571 -60.20 17.25 -65.64
N ALA D 4572 -61.04 16.21 -65.75
CA ALA D 4572 -61.90 16.08 -66.92
C ALA D 4572 -62.89 17.24 -67.01
N ILE D 4573 -63.51 17.60 -65.89
CA ILE D 4573 -64.46 18.71 -65.91
C ILE D 4573 -63.77 20.02 -66.25
N ASN D 4574 -62.48 20.14 -65.98
CA ASN D 4574 -61.74 21.35 -66.29
C ASN D 4574 -60.97 21.28 -67.60
N PHE D 4575 -60.50 20.09 -67.98
CA PHE D 4575 -59.78 19.94 -69.24
C PHE D 4575 -60.67 20.28 -70.43
N ILE D 4576 -61.89 19.75 -70.44
CA ILE D 4576 -62.80 20.01 -71.54
C ILE D 4576 -63.34 21.43 -71.54
N LEU D 4577 -63.21 22.14 -70.42
CA LEU D 4577 -63.63 23.53 -70.36
C LEU D 4577 -62.80 24.42 -71.28
N LEU D 4578 -61.68 23.86 -71.74
CA LEU D 4578 -60.75 24.58 -72.61
C LEU D 4578 -61.15 24.57 -74.07
N PHE D 4579 -62.43 24.41 -74.35
CA PHE D 4579 -62.95 24.53 -75.71
C PHE D 4579 -64.06 25.57 -75.82
N TYR D 4580 -64.18 26.48 -74.86
CA TYR D 4580 -65.20 27.51 -74.94
C TYR D 4580 -64.89 28.50 -76.07
N LYS D 4581 -65.94 29.17 -76.54
CA LYS D 4581 -65.81 30.14 -77.63
C LYS D 4581 -66.92 31.16 -77.47
N VAL D 4582 -66.57 32.35 -76.96
CA VAL D 4582 -67.55 33.40 -76.78
C VAL D 4582 -67.99 33.93 -78.13
N SER D 4583 -69.25 34.37 -78.22
CA SER D 4583 -69.78 34.93 -79.45
C SER D 4583 -70.90 35.90 -79.11
N ASP D 4584 -71.13 36.86 -80.00
CA ASP D 4584 -72.23 37.81 -79.84
C ASP D 4584 -73.50 37.32 -80.52
N SER D 4585 -73.88 36.08 -80.23
CA SER D 4585 -75.07 35.48 -80.80
C SER D 4585 -75.49 34.27 -79.97
N PRO D 4586 -76.72 34.23 -79.48
CA PRO D 4586 -77.18 33.06 -78.73
C PRO D 4586 -77.15 31.82 -79.60
N PRO D 4587 -76.80 30.65 -79.02
CA PRO D 4587 -76.72 29.40 -79.78
C PRO D 4587 -78.10 28.83 -80.10
N ASN D 4626 -76.04 43.05 -75.14
CA ASN D 4626 -75.66 41.89 -74.34
C ASN D 4626 -75.06 40.79 -75.22
N MET D 4627 -74.23 39.94 -74.61
CA MET D 4627 -73.58 38.84 -75.31
C MET D 4627 -73.89 37.53 -74.60
N VAL D 4628 -73.67 36.43 -75.32
CA VAL D 4628 -73.93 35.09 -74.81
C VAL D 4628 -72.63 34.31 -74.81
N TYR D 4629 -72.28 33.75 -73.65
CA TYR D 4629 -71.05 32.96 -73.51
C TYR D 4629 -71.27 31.60 -74.18
N TYR D 4630 -71.19 31.61 -75.50
CA TYR D 4630 -71.39 30.39 -76.26
C TYR D 4630 -70.31 29.35 -75.93
N PHE D 4631 -70.71 28.09 -75.97
CA PHE D 4631 -69.78 26.98 -75.78
C PHE D 4631 -69.65 26.21 -77.07
N LEU D 4632 -68.43 26.08 -77.56
CA LEU D 4632 -68.14 25.31 -78.76
C LEU D 4632 -67.69 23.92 -78.37
N GLU D 4633 -68.26 22.92 -79.03
CA GLU D 4633 -67.91 21.53 -78.79
C GLU D 4633 -67.11 20.97 -79.97
N GLU D 4634 -66.78 19.70 -79.88
CA GLU D 4634 -66.09 18.97 -80.93
C GLU D 4634 -67.06 17.97 -81.56
N SER D 4635 -66.53 17.17 -82.48
CA SER D 4635 -67.36 16.21 -83.21
C SER D 4635 -67.94 15.12 -82.32
N THR D 4636 -67.38 14.92 -81.13
CA THR D 4636 -67.80 13.82 -80.28
C THR D 4636 -69.19 14.07 -79.70
N GLY D 4637 -69.84 12.99 -79.29
CA GLY D 4637 -71.19 13.05 -78.75
C GLY D 4637 -71.30 13.48 -77.31
N TYR D 4638 -70.20 13.54 -76.58
CA TYR D 4638 -70.22 14.00 -75.19
C TYR D 4638 -70.14 15.53 -75.13
N MET D 4639 -69.76 16.06 -73.97
CA MET D 4639 -70.04 17.43 -73.55
C MET D 4639 -71.47 17.83 -73.91
N GLU D 4640 -72.40 16.91 -73.66
CA GLU D 4640 -73.83 17.20 -73.69
C GLU D 4640 -74.21 17.88 -72.37
N PRO D 4641 -75.50 18.18 -72.15
CA PRO D 4641 -75.93 18.61 -70.81
C PRO D 4641 -75.57 17.62 -69.71
N ALA D 4642 -75.01 16.46 -70.07
CA ALA D 4642 -74.46 15.54 -69.07
C ALA D 4642 -73.34 16.18 -68.27
N LEU D 4643 -72.74 17.26 -68.77
CA LEU D 4643 -71.83 18.04 -67.95
C LEU D 4643 -72.53 18.57 -66.70
N TRP D 4644 -73.80 18.98 -66.85
CA TRP D 4644 -74.60 19.30 -65.67
C TRP D 4644 -74.75 18.10 -64.77
N CYS D 4645 -74.97 16.92 -65.34
CA CYS D 4645 -74.90 15.69 -64.56
C CYS D 4645 -73.50 15.42 -64.05
N LEU D 4646 -72.47 15.76 -64.84
CA LEU D 4646 -71.10 15.68 -64.35
C LEU D 4646 -70.85 16.69 -63.23
N SER D 4647 -71.48 17.86 -63.31
CA SER D 4647 -71.31 18.86 -62.26
C SER D 4647 -71.83 18.35 -60.92
N LEU D 4648 -73.06 17.83 -60.91
CA LEU D 4648 -73.58 17.24 -59.67
C LEU D 4648 -72.80 15.98 -59.30
N LEU D 4649 -72.27 15.27 -60.29
CA LEU D 4649 -71.43 14.12 -60.00
C LEU D 4649 -70.21 14.52 -59.19
N HIS D 4650 -69.62 15.66 -59.52
CA HIS D 4650 -68.50 16.17 -58.72
C HIS D 4650 -68.94 16.55 -57.32
N THR D 4651 -70.14 17.10 -57.19
CA THR D 4651 -70.60 17.55 -55.87
C THR D 4651 -70.95 16.36 -54.98
N LEU D 4652 -71.61 15.35 -55.56
CA LEU D 4652 -72.06 14.22 -54.75
C LEU D 4652 -70.89 13.47 -54.14
N VAL D 4653 -69.83 13.22 -54.92
CA VAL D 4653 -68.67 12.52 -54.37
C VAL D 4653 -68.02 13.36 -53.29
N ALA D 4654 -68.14 14.68 -53.38
CA ALA D 4654 -67.69 15.53 -52.29
C ALA D 4654 -68.69 15.53 -51.13
N PHE D 4655 -69.98 15.38 -51.44
CA PHE D 4655 -70.99 15.44 -50.38
C PHE D 4655 -70.82 14.31 -49.37
N LEU D 4656 -70.53 13.10 -49.85
CA LEU D 4656 -70.34 11.98 -48.94
C LEU D 4656 -69.09 12.18 -48.07
N CYS D 4657 -68.12 12.97 -48.56
CA CYS D 4657 -66.93 13.22 -47.76
C CYS D 4657 -67.27 13.97 -46.48
N ILE D 4658 -68.33 14.77 -46.50
CA ILE D 4658 -68.77 15.47 -45.29
C ILE D 4658 -69.15 14.47 -44.21
N ILE D 4659 -69.98 13.49 -44.57
CA ILE D 4659 -70.42 12.51 -43.58
C ILE D 4659 -69.26 11.65 -43.10
N GLY D 4660 -68.41 11.19 -44.02
CA GLY D 4660 -67.27 10.39 -43.63
C GLY D 4660 -66.33 11.14 -42.71
N TYR D 4661 -66.05 12.42 -43.02
CA TYR D 4661 -65.25 13.23 -42.14
C TYR D 4661 -65.94 13.43 -40.79
N ASN D 4662 -67.26 13.64 -40.82
CA ASN D 4662 -68.00 13.84 -39.58
C ASN D 4662 -68.13 12.56 -38.77
N CYS D 4663 -67.98 11.39 -39.40
CA CYS D 4663 -68.15 10.12 -38.71
C CYS D 4663 -66.84 9.42 -38.40
N LEU D 4664 -65.72 9.90 -38.94
CA LEU D 4664 -64.44 9.24 -38.73
C LEU D 4664 -63.37 10.14 -38.16
N LYS D 4665 -63.33 11.40 -38.57
CA LYS D 4665 -62.25 12.29 -38.16
C LYS D 4665 -62.59 13.17 -36.97
N VAL D 4666 -63.84 13.22 -36.54
CA VAL D 4666 -64.18 14.05 -35.39
C VAL D 4666 -64.88 13.26 -34.27
N PRO D 4667 -64.44 12.04 -33.93
CA PRO D 4667 -64.64 11.59 -32.55
C PRO D 4667 -63.38 11.81 -31.73
N LEU D 4668 -62.28 12.15 -32.43
CA LEU D 4668 -61.01 12.40 -31.79
C LEU D 4668 -60.77 13.88 -31.50
N VAL D 4669 -61.29 14.76 -32.34
CA VAL D 4669 -61.12 16.19 -32.12
C VAL D 4669 -61.71 16.58 -30.77
N ILE D 4670 -62.85 16.01 -30.42
CA ILE D 4670 -63.41 16.20 -29.08
C ILE D 4670 -62.45 15.65 -28.04
N PHE D 4671 -61.90 14.46 -28.29
CA PHE D 4671 -61.04 13.81 -27.31
C PHE D 4671 -59.79 14.64 -27.03
N LYS D 4672 -59.22 15.25 -28.06
CA LYS D 4672 -58.02 16.07 -27.86
C LYS D 4672 -58.31 17.23 -26.91
N ARG D 4673 -59.44 17.91 -27.10
CA ARG D 4673 -59.81 18.98 -26.20
C ARG D 4673 -60.28 18.44 -24.85
N GLU D 4674 -60.91 17.27 -24.84
CA GLU D 4674 -61.35 16.67 -23.59
C GLU D 4674 -60.17 16.34 -22.69
N LYS D 4675 -59.13 15.74 -23.26
CA LYS D 4675 -58.01 15.28 -22.44
C LYS D 4675 -57.25 16.45 -21.82
N GLU D 4676 -56.99 17.50 -22.61
CA GLU D 4676 -56.16 18.59 -22.12
C GLU D 4676 -56.83 19.32 -20.96
N LEU D 4677 -58.15 19.52 -21.03
CA LEU D 4677 -58.84 20.18 -19.94
C LEU D 4677 -58.87 19.32 -18.69
N ALA D 4678 -59.14 18.02 -18.84
CA ALA D 4678 -59.13 17.13 -17.69
C ALA D 4678 -57.75 17.04 -17.07
N ARG D 4679 -56.71 16.92 -17.92
CA ARG D 4679 -55.35 16.92 -17.41
C ARG D 4679 -55.01 18.28 -16.79
N LYS D 4680 -55.55 19.36 -17.35
CA LYS D 4680 -55.41 20.67 -16.72
C LYS D 4680 -56.00 20.68 -15.32
N LEU D 4681 -57.26 20.23 -15.18
CA LEU D 4681 -57.94 20.30 -13.90
C LEU D 4681 -57.27 19.45 -12.84
N GLU D 4682 -56.57 18.37 -13.24
CA GLU D 4682 -55.88 17.55 -12.25
C GLU D 4682 -54.71 18.28 -11.62
N PHE D 4683 -53.98 19.07 -12.42
CA PHE D 4683 -52.82 19.81 -11.94
C PHE D 4683 -53.09 21.29 -11.71
N ASP D 4684 -53.83 21.93 -12.61
CA ASP D 4684 -54.02 23.37 -12.59
C ASP D 4684 -55.44 23.72 -12.18
N GLY D 4685 -55.56 24.86 -11.50
CA GLY D 4685 -56.85 25.39 -11.13
C GLY D 4685 -57.04 26.79 -11.69
N LEU D 4686 -56.61 27.00 -12.93
CA LEU D 4686 -56.71 28.30 -13.56
C LEU D 4686 -58.15 28.81 -13.55
N TYR D 4687 -59.09 27.94 -13.88
CA TYR D 4687 -60.51 28.29 -13.79
C TYR D 4687 -61.00 28.43 -12.35
N ILE D 4688 -60.21 27.99 -11.37
CA ILE D 4688 -60.62 27.99 -9.97
C ILE D 4688 -59.74 28.92 -9.14
N THR D 4689 -58.42 28.80 -9.27
CA THR D 4689 -57.52 29.46 -8.34
C THR D 4689 -57.32 30.94 -8.68
N GLU D 4690 -56.72 31.23 -9.83
CA GLU D 4690 -56.36 32.61 -10.12
C GLU D 4690 -57.38 33.33 -10.99
N GLN D 4691 -57.52 32.90 -12.25
CA GLN D 4691 -58.43 33.48 -13.22
C GLN D 4691 -58.30 32.71 -14.52
N PRO D 4692 -59.35 32.62 -15.34
CA PRO D 4692 -59.16 32.14 -16.71
C PRO D 4692 -58.31 33.10 -17.51
N GLY D 4693 -57.63 32.54 -18.52
CA GLY D 4693 -56.76 33.33 -19.38
C GLY D 4693 -57.49 34.45 -20.11
N ASP D 4695 -57.71 37.96 -24.81
CA ASP D 4695 -56.51 37.22 -24.45
C ASP D 4695 -56.85 35.79 -24.05
N ASP D 4696 -58.08 35.37 -24.37
CA ASP D 4696 -58.54 34.03 -24.03
C ASP D 4696 -59.14 33.33 -25.23
N VAL D 4697 -58.52 33.47 -26.39
CA VAL D 4697 -59.01 32.83 -27.62
C VAL D 4697 -58.99 31.32 -27.45
N LYS D 4698 -60.11 30.68 -27.75
CA LYS D 4698 -60.30 29.22 -27.66
C LYS D 4698 -60.25 28.77 -26.20
N GLY D 4699 -60.00 29.69 -25.27
CA GLY D 4699 -60.05 29.35 -23.87
C GLY D 4699 -61.27 29.94 -23.18
N GLN D 4700 -61.69 31.13 -23.60
CA GLN D 4700 -62.90 31.72 -23.05
C GLN D 4700 -64.13 30.90 -23.40
N TRP D 4701 -64.15 30.34 -24.61
CA TRP D 4701 -65.26 29.49 -25.02
C TRP D 4701 -65.37 28.23 -24.16
N ASP D 4702 -64.28 27.82 -23.51
CA ASP D 4702 -64.28 26.59 -22.73
C ASP D 4702 -65.08 26.68 -21.45
N ARG D 4703 -65.43 27.88 -21.00
CA ARG D 4703 -66.21 28.00 -19.76
C ARG D 4703 -67.60 27.39 -19.89
N LEU D 4704 -68.10 27.21 -21.12
CA LEU D 4704 -69.45 26.67 -21.29
C LEU D 4704 -69.54 25.23 -20.79
N VAL D 4705 -68.52 24.41 -21.04
CA VAL D 4705 -68.60 22.99 -20.72
C VAL D 4705 -68.54 22.70 -19.23
N LEU D 4706 -68.14 23.68 -18.41
CA LEU D 4706 -67.99 23.45 -16.98
C LEU D 4706 -69.32 23.05 -16.34
N ASN D 4707 -70.40 23.73 -16.71
CA ASN D 4707 -71.72 23.43 -16.16
C ASN D 4707 -72.42 22.29 -16.88
N THR D 4708 -71.89 21.83 -18.00
CA THR D 4708 -72.54 20.76 -18.74
C THR D 4708 -72.36 19.44 -18.00
N PRO D 4709 -73.44 18.73 -17.67
CA PRO D 4709 -73.30 17.45 -16.95
C PRO D 4709 -72.59 16.37 -17.75
N SER D 4710 -72.46 16.50 -19.07
CA SER D 4710 -71.89 15.47 -19.92
C SER D 4710 -70.51 15.85 -20.43
N PHE D 4711 -69.71 16.50 -19.58
CA PHE D 4711 -68.33 16.83 -19.96
C PHE D 4711 -67.49 15.60 -20.30
N PRO D 4712 -67.45 14.53 -19.48
CA PRO D 4712 -66.54 13.43 -19.79
C PRO D 4712 -67.10 12.46 -20.83
N SER D 4713 -68.07 12.92 -21.62
CA SER D 4713 -68.79 12.04 -22.54
C SER D 4713 -67.86 11.34 -23.52
N ASN D 4714 -66.70 11.92 -23.81
CA ASN D 4714 -65.75 11.30 -24.72
C ASN D 4714 -64.47 10.82 -24.05
N TYR D 4715 -63.98 11.54 -23.04
CA TYR D 4715 -62.71 11.19 -22.42
C TYR D 4715 -62.83 9.89 -21.63
N TRP D 4716 -61.68 9.26 -21.39
CA TRP D 4716 -61.66 7.99 -20.66
C TRP D 4716 -62.19 8.17 -19.24
N ASP D 4717 -61.65 9.14 -18.52
CA ASP D 4717 -62.10 9.37 -17.15
C ASP D 4717 -63.50 9.95 -17.15
N LYS D 4718 -64.35 9.43 -16.27
CA LYS D 4718 -65.72 9.92 -16.11
C LYS D 4718 -65.99 10.31 -14.66
N PHE D 4719 -64.94 10.60 -13.88
CA PHE D 4719 -65.09 10.98 -12.49
C PHE D 4719 -64.22 12.18 -12.14
N VAL D 4720 -63.94 13.05 -13.11
CA VAL D 4720 -62.99 14.14 -12.89
C VAL D 4720 -63.49 15.11 -11.83
N LYS D 4721 -64.81 15.25 -11.71
CA LYS D 4721 -65.38 16.20 -10.76
C LYS D 4721 -65.02 15.83 -9.32
N ARG D 4722 -64.81 14.55 -9.04
CA ARG D 4722 -64.46 14.13 -7.69
C ARG D 4722 -62.99 14.36 -7.34
N LYS D 4723 -62.07 14.19 -8.30
CA LYS D 4723 -60.68 14.49 -7.98
C LYS D 4723 -60.46 15.98 -7.70
N VAL D 4724 -61.07 16.85 -8.51
CA VAL D 4724 -60.86 18.29 -8.34
C VAL D 4724 -61.44 18.75 -7.00
N LEU D 4725 -62.55 18.16 -6.59
CA LEU D 4725 -63.14 18.51 -5.30
C LEU D 4725 -62.23 18.14 -4.14
N ASP D 4726 -61.52 17.02 -4.26
CA ASP D 4726 -60.66 16.56 -3.17
C ASP D 4726 -59.54 17.54 -2.89
N LYS D 4727 -58.91 18.08 -3.94
CA LYS D 4727 -57.73 18.92 -3.77
C LYS D 4727 -58.06 20.38 -3.51
N HIS D 4728 -59.18 20.88 -4.04
CA HIS D 4728 -59.48 22.31 -3.95
C HIS D 4728 -60.82 22.62 -3.31
N GLY D 4729 -61.72 21.63 -3.17
CA GLY D 4729 -63.01 21.91 -2.56
C GLY D 4729 -62.92 22.32 -1.10
N ASP D 4730 -62.06 21.66 -0.34
CA ASP D 4730 -61.95 21.95 1.09
C ASP D 4730 -61.22 23.27 1.34
N ILE D 4731 -60.13 23.51 0.61
CA ILE D 4731 -59.35 24.73 0.83
C ILE D 4731 -60.15 25.97 0.47
N PHE D 4732 -61.15 25.85 -0.39
CA PHE D 4732 -62.01 26.95 -0.79
C PHE D 4732 -63.42 26.68 -0.26
N GLY D 4733 -64.35 27.55 -0.66
CA GLY D 4733 -65.75 27.30 -0.36
C GLY D 4733 -66.23 26.06 -1.07
N ARG D 4734 -66.48 24.99 -0.31
CA ARG D 4734 -66.81 23.71 -0.92
C ARG D 4734 -68.10 23.78 -1.72
N GLU D 4735 -69.09 24.54 -1.23
CA GLU D 4735 -70.31 24.74 -1.99
C GLU D 4735 -70.03 25.49 -3.29
N ARG D 4736 -69.11 26.46 -3.24
CA ARG D 4736 -68.76 27.22 -4.44
C ARG D 4736 -68.13 26.33 -5.50
N ILE D 4737 -67.20 25.47 -5.10
CA ILE D 4737 -66.59 24.53 -6.04
C ILE D 4737 -67.63 23.52 -6.52
N ALA D 4738 -68.47 23.03 -5.61
CA ALA D 4738 -69.51 22.08 -5.98
C ALA D 4738 -70.59 22.71 -6.85
N GLU D 4739 -70.63 24.04 -6.96
CA GLU D 4739 -71.59 24.74 -7.80
C GLU D 4739 -71.04 25.14 -9.16
N LEU D 4740 -69.82 25.69 -9.19
CA LEU D 4740 -69.26 26.19 -10.43
C LEU D 4740 -69.03 25.07 -11.44
N LEU D 4741 -68.57 23.92 -10.97
CA LEU D 4741 -68.19 22.82 -11.84
C LEU D 4741 -69.34 21.82 -12.05
N GLY D 4742 -70.56 22.28 -11.95
CA GLY D 4742 -71.72 21.41 -12.13
C GLY D 4742 -72.21 20.84 -10.80
N MET D 4743 -72.24 19.52 -10.70
CA MET D 4743 -72.68 18.81 -9.50
C MET D 4743 -74.08 19.27 -9.06
N ASP D 4744 -75.06 18.99 -9.92
CA ASP D 4744 -76.45 19.34 -9.61
C ASP D 4744 -76.94 18.54 -8.42
N LEU D 4745 -77.07 19.20 -7.27
CA LEU D 4745 -77.50 18.58 -6.01
C LEU D 4745 -76.55 17.47 -5.57
N ALA D 4746 -75.35 17.40 -6.15
CA ALA D 4746 -74.41 16.34 -5.82
C ALA D 4746 -73.69 16.57 -4.51
N SER D 4747 -73.84 17.76 -3.89
CA SER D 4747 -73.24 17.99 -2.58
C SER D 4747 -73.80 17.04 -1.55
N LEU D 4748 -75.10 16.77 -1.60
CA LEU D 4748 -75.73 15.76 -0.76
C LEU D 4748 -75.94 14.43 -1.47
N GLU D 4749 -75.83 14.40 -2.80
CA GLU D 4749 -75.99 13.18 -3.58
C GLU D 4749 -74.66 12.46 -3.82
N ILE D 4750 -73.55 12.98 -3.29
CA ILE D 4750 -72.27 12.31 -3.48
C ILE D 4750 -72.27 10.95 -2.79
N THR D 4751 -72.77 10.90 -1.55
CA THR D 4751 -72.87 9.65 -0.81
C THR D 4751 -74.15 8.88 -1.12
N ALA D 4752 -75.10 9.49 -1.82
CA ALA D 4752 -76.35 8.80 -2.13
C ALA D 4752 -76.13 7.61 -3.05
N HIS D 4753 -75.25 7.74 -4.03
CA HIS D 4753 -74.97 6.67 -4.98
C HIS D 4753 -73.98 5.66 -4.41
N ASN D 4754 -74.29 5.12 -3.24
CA ASN D 4754 -73.44 4.15 -2.58
C ASN D 4754 -74.17 2.92 -2.08
N GLU D 4755 -75.50 2.95 -1.93
CA GLU D 4755 -76.24 1.81 -1.44
C GLU D 4755 -76.45 0.76 -2.53
N ARG D 4756 -77.09 1.16 -3.63
CA ARG D 4756 -77.36 0.25 -4.74
C ARG D 4756 -77.55 1.09 -5.99
N LYS D 4757 -77.85 0.41 -7.10
CA LYS D 4757 -78.05 1.10 -8.37
C LYS D 4757 -78.96 0.31 -9.28
N PRO D 4758 -80.16 0.81 -9.59
CA PRO D 4758 -81.04 0.14 -10.54
C PRO D 4758 -80.61 0.41 -11.98
N ASP D 4759 -81.22 -0.32 -12.90
CA ASP D 4759 -80.91 -0.22 -14.33
C ASP D 4759 -82.16 0.19 -15.10
N PRO D 4760 -82.31 1.47 -15.43
CA PRO D 4760 -83.48 1.88 -16.21
C PRO D 4760 -83.39 1.38 -17.64
N PRO D 4761 -84.52 1.13 -18.29
CA PRO D 4761 -84.49 0.68 -19.68
C PRO D 4761 -84.12 1.83 -20.62
N PRO D 4762 -83.59 1.52 -21.80
CA PRO D 4762 -83.24 2.60 -22.74
C PRO D 4762 -84.48 3.26 -23.32
N GLY D 4763 -84.43 4.57 -23.46
CA GLY D 4763 -85.54 5.33 -24.01
C GLY D 4763 -85.17 6.08 -25.28
N LEU D 4764 -84.42 5.43 -26.16
CA LEU D 4764 -83.97 6.07 -27.38
C LEU D 4764 -85.15 6.40 -28.29
N LEU D 4765 -84.99 7.47 -29.07
CA LEU D 4765 -85.99 7.96 -30.01
C LEU D 4765 -87.26 8.43 -29.31
N THR D 4766 -87.25 8.45 -27.98
CA THR D 4766 -88.37 8.93 -27.19
C THR D 4766 -88.02 10.16 -26.37
N TRP D 4767 -86.92 10.10 -25.61
CA TRP D 4767 -86.46 11.23 -24.81
C TRP D 4767 -85.11 11.76 -25.31
N LEU D 4768 -84.90 11.73 -26.63
CA LEU D 4768 -83.63 12.19 -27.18
C LEU D 4768 -83.44 13.69 -26.95
N MET D 4769 -84.51 14.46 -26.90
CA MET D 4769 -84.38 15.89 -26.64
C MET D 4769 -83.92 16.17 -25.21
N SER D 4770 -84.02 15.19 -24.31
CA SER D 4770 -83.56 15.34 -22.94
C SER D 4770 -82.06 15.09 -22.86
N ILE D 4771 -81.32 15.92 -23.58
CA ILE D 4771 -79.86 15.86 -23.62
C ILE D 4771 -79.31 17.26 -23.38
N ASP D 4772 -78.01 17.33 -23.14
CA ASP D 4772 -77.36 18.60 -22.87
C ASP D 4772 -77.23 19.40 -24.16
N VAL D 4773 -78.32 20.05 -24.57
CA VAL D 4773 -78.31 20.85 -25.79
C VAL D 4773 -77.30 21.99 -25.66
N LYS D 4774 -77.10 22.50 -24.44
CA LYS D 4774 -76.08 23.52 -24.21
C LYS D 4774 -74.70 22.99 -24.57
N TYR D 4775 -74.41 21.73 -24.20
CA TYR D 4775 -73.13 21.13 -24.58
C TYR D 4775 -73.04 20.91 -26.09
N GLN D 4776 -74.17 20.67 -26.75
CA GLN D 4776 -74.15 20.51 -28.20
C GLN D 4776 -73.64 21.77 -28.88
N ILE D 4777 -74.04 22.95 -28.38
CA ILE D 4777 -73.52 24.20 -28.90
C ILE D 4777 -72.02 24.27 -28.69
N TRP D 4778 -71.53 23.78 -27.55
CA TRP D 4778 -70.10 23.78 -27.29
C TRP D 4778 -69.36 22.92 -28.30
N LYS D 4779 -69.93 21.76 -28.63
CA LYS D 4779 -69.28 20.89 -29.62
C LYS D 4779 -69.20 21.56 -30.98
N PHE D 4780 -70.27 22.23 -31.40
CA PHE D 4780 -70.30 22.86 -32.71
C PHE D 4780 -69.28 23.98 -32.81
N GLY D 4781 -69.10 24.74 -31.72
CA GLY D 4781 -68.12 25.80 -31.73
C GLY D 4781 -66.71 25.30 -31.98
N VAL D 4782 -66.39 24.12 -31.44
CA VAL D 4782 -65.09 23.52 -31.72
C VAL D 4782 -64.99 23.13 -33.18
N ILE D 4783 -66.08 22.61 -33.75
CA ILE D 4783 -66.05 22.16 -35.14
C ILE D 4783 -65.77 23.32 -36.09
N PHE D 4784 -66.47 24.43 -35.88
CA PHE D 4784 -66.28 25.60 -36.75
C PHE D 4784 -64.93 26.27 -36.56
N THR D 4785 -64.18 25.91 -35.52
CA THR D 4785 -62.83 26.42 -35.33
C THR D 4785 -61.78 25.46 -35.86
N ASP D 4786 -62.16 24.28 -36.31
CA ASP D 4786 -61.19 23.32 -36.84
C ASP D 4786 -60.61 23.82 -38.15
N ASN D 4787 -59.29 23.69 -38.29
CA ASN D 4787 -58.63 24.10 -39.52
C ASN D 4787 -59.01 23.18 -40.68
N SER D 4788 -58.99 21.87 -40.46
CA SER D 4788 -59.24 20.94 -41.56
C SER D 4788 -60.70 20.96 -42.00
N PHE D 4789 -61.62 21.06 -41.04
CA PHE D 4789 -63.04 20.95 -41.38
C PHE D 4789 -63.47 22.08 -42.31
N LEU D 4790 -63.03 23.31 -42.03
CA LEU D 4790 -63.45 24.44 -42.85
C LEU D 4790 -62.95 24.30 -44.28
N TYR D 4791 -61.70 23.87 -44.46
CA TYR D 4791 -61.13 23.78 -45.81
C TYR D 4791 -61.92 22.81 -46.68
N LEU D 4792 -62.26 21.64 -46.12
CA LEU D 4792 -63.06 20.70 -46.89
C LEU D 4792 -64.47 21.24 -47.11
N GLY D 4793 -65.07 21.87 -46.10
CA GLY D 4793 -66.35 22.51 -46.29
C GLY D 4793 -66.27 23.67 -47.27
N TRP D 4794 -65.20 24.46 -47.17
CA TRP D 4794 -64.99 25.55 -48.13
C TRP D 4794 -64.88 25.02 -49.56
N TYR D 4795 -64.44 23.77 -49.71
CA TYR D 4795 -64.43 23.15 -51.02
C TYR D 4795 -65.84 22.90 -51.52
N MET D 4796 -66.78 22.60 -50.61
CA MET D 4796 -68.14 22.29 -51.00
C MET D 4796 -68.84 23.46 -51.67
N VAL D 4797 -68.64 24.67 -51.12
CA VAL D 4797 -69.51 25.79 -51.50
C VAL D 4797 -69.32 26.15 -52.98
N MET D 4798 -68.08 26.10 -53.47
CA MET D 4798 -67.87 26.35 -54.89
C MET D 4798 -68.50 25.28 -55.76
N SER D 4799 -68.44 24.01 -55.33
CA SER D 4799 -69.06 22.94 -56.10
C SER D 4799 -70.56 23.17 -56.25
N LEU D 4800 -71.21 23.55 -55.15
CA LEU D 4800 -72.61 23.96 -55.25
C LEU D 4800 -72.75 25.22 -56.09
N LEU D 4801 -71.89 26.20 -55.87
CA LEU D 4801 -71.95 27.43 -56.64
C LEU D 4801 -71.52 27.24 -58.08
N GLY D 4802 -70.78 26.17 -58.37
CA GLY D 4802 -70.32 25.93 -59.72
C GLY D 4802 -71.42 25.58 -60.70
N HIS D 4803 -72.60 25.22 -60.19
CA HIS D 4803 -73.70 24.86 -61.08
C HIS D 4803 -74.23 26.05 -61.87
N TYR D 4804 -73.92 27.27 -61.44
CA TYR D 4804 -74.21 28.42 -62.29
C TYR D 4804 -73.35 28.36 -63.54
N ASN D 4805 -73.83 29.00 -64.60
CA ASN D 4805 -73.17 28.97 -65.90
C ASN D 4805 -71.89 29.80 -65.80
N ASN D 4806 -70.87 29.21 -65.19
CA ASN D 4806 -69.62 29.90 -64.90
C ASN D 4806 -68.49 28.88 -64.91
N PHE D 4807 -67.27 29.36 -64.68
CA PHE D 4807 -66.08 28.53 -64.69
C PHE D 4807 -65.54 28.24 -63.29
N PHE D 4808 -66.40 28.30 -62.27
CA PHE D 4808 -65.94 28.16 -60.90
C PHE D 4808 -65.31 26.81 -60.64
N PHE D 4809 -65.57 25.84 -61.51
CA PHE D 4809 -65.01 24.50 -61.35
C PHE D 4809 -63.48 24.49 -61.44
N ALA D 4810 -62.87 25.53 -62.00
CA ALA D 4810 -61.41 25.57 -62.07
C ALA D 4810 -60.79 25.75 -60.69
N ALA D 4811 -61.48 26.45 -59.78
CA ALA D 4811 -60.93 26.67 -58.45
C ALA D 4811 -60.78 25.38 -57.66
N HIS D 4812 -61.52 24.34 -58.00
CA HIS D 4812 -61.37 23.06 -57.32
C HIS D 4812 -59.96 22.50 -57.48
N LEU D 4813 -59.29 22.85 -58.59
CA LEU D 4813 -57.96 22.31 -58.84
C LEU D 4813 -56.93 22.83 -57.85
N LEU D 4814 -56.97 24.14 -57.55
CA LEU D 4814 -55.89 24.77 -56.83
C LEU D 4814 -55.80 24.26 -55.39
N ASP D 4815 -56.92 24.26 -54.67
CA ASP D 4815 -56.89 24.01 -53.24
C ASP D 4815 -56.65 22.54 -52.90
N ILE D 4816 -56.65 21.64 -53.88
CA ILE D 4816 -56.39 20.23 -53.62
C ILE D 4816 -55.07 19.79 -54.24
N ALA D 4817 -54.70 20.36 -55.39
CA ALA D 4817 -53.41 20.05 -56.00
C ALA D 4817 -52.25 20.39 -55.08
N MET D 4818 -52.49 21.26 -54.09
CA MET D 4818 -51.51 21.58 -53.06
C MET D 4818 -51.27 20.42 -52.11
N GLY D 4819 -52.07 19.34 -52.18
CA GLY D 4819 -51.90 18.22 -51.28
C GLY D 4819 -50.56 17.52 -51.39
N VAL D 4820 -49.84 17.73 -52.49
CA VAL D 4820 -48.51 17.15 -52.63
C VAL D 4820 -47.57 17.78 -51.61
N LYS D 4821 -46.76 16.94 -50.97
CA LYS D 4821 -45.90 17.41 -49.90
C LYS D 4821 -44.86 18.41 -50.41
N THR D 4822 -44.16 18.06 -51.48
CA THR D 4822 -43.11 18.94 -51.99
C THR D 4822 -43.70 20.24 -52.53
N LEU D 4823 -44.94 20.22 -52.99
CA LEU D 4823 -45.58 21.45 -53.44
C LEU D 4823 -46.00 22.31 -52.25
N ARG D 4824 -46.36 21.68 -51.12
CA ARG D 4824 -46.77 22.43 -49.95
C ARG D 4824 -45.65 23.31 -49.41
N THR D 4825 -44.41 22.80 -49.47
CA THR D 4825 -43.28 23.60 -49.02
C THR D 4825 -43.13 24.87 -49.83
N ILE D 4826 -43.34 24.78 -51.14
CA ILE D 4826 -43.20 25.95 -52.00
C ILE D 4826 -44.22 27.02 -51.62
N LEU D 4827 -45.49 26.62 -51.51
CA LEU D 4827 -46.54 27.60 -51.24
C LEU D 4827 -46.45 28.13 -49.82
N SER D 4828 -46.04 27.29 -48.87
CA SER D 4828 -45.92 27.74 -47.49
C SER D 4828 -44.73 28.65 -47.28
N SER D 4829 -43.81 28.71 -48.25
CA SER D 4829 -42.62 29.52 -48.09
C SER D 4829 -42.98 31.00 -47.93
N VAL D 4830 -43.89 31.50 -48.75
CA VAL D 4830 -44.31 32.90 -48.63
C VAL D 4830 -45.01 33.13 -47.31
N THR D 4831 -45.77 32.15 -46.82
CA THR D 4831 -46.45 32.30 -45.54
C THR D 4831 -45.44 32.37 -44.39
N HIS D 4832 -44.34 31.62 -44.50
CA HIS D 4832 -43.40 31.50 -43.38
C HIS D 4832 -42.77 32.84 -43.04
N ASN D 4833 -42.39 33.62 -44.05
CA ASN D 4833 -41.74 34.91 -43.85
C ASN D 4833 -42.69 36.07 -44.08
N GLY D 4834 -43.99 35.87 -43.89
CA GLY D 4834 -44.96 36.93 -44.16
C GLY D 4834 -44.77 38.16 -43.29
N LYS D 4835 -44.29 37.97 -42.06
CA LYS D 4835 -44.10 39.08 -41.14
C LYS D 4835 -42.92 39.97 -41.51
N GLN D 4836 -42.10 39.55 -42.45
CA GLN D 4836 -40.86 40.24 -42.78
C GLN D 4836 -41.01 41.15 -44.01
N LEU D 4837 -41.52 40.61 -45.11
CA LEU D 4837 -41.63 41.39 -46.34
C LEU D 4837 -42.72 42.44 -46.27
N VAL D 4838 -43.72 42.27 -45.39
CA VAL D 4838 -44.83 43.21 -45.31
C VAL D 4838 -44.34 44.58 -44.88
N MET D 4839 -43.34 44.63 -43.98
CA MET D 4839 -42.74 45.89 -43.60
C MET D 4839 -41.72 46.38 -44.62
N THR D 4840 -41.22 45.49 -45.48
CA THR D 4840 -40.22 45.85 -46.48
C THR D 4840 -40.82 46.41 -47.74
N VAL D 4841 -41.89 45.78 -48.26
CA VAL D 4841 -42.56 46.29 -49.45
C VAL D 4841 -43.14 47.67 -49.19
N GLY D 4842 -43.48 47.97 -47.94
CA GLY D 4842 -43.93 49.29 -47.60
C GLY D 4842 -42.87 50.34 -47.87
N LEU D 4843 -41.60 50.02 -47.60
CA LEU D 4843 -40.53 50.96 -47.91
C LEU D 4843 -40.42 51.20 -49.40
N LEU D 4844 -40.79 50.21 -50.22
CA LEU D 4844 -40.80 50.42 -51.66
C LEU D 4844 -41.81 51.48 -52.05
N ALA D 4845 -42.99 51.45 -51.42
CA ALA D 4845 -44.05 52.38 -51.80
C ALA D 4845 -43.73 53.81 -51.42
N VAL D 4846 -42.85 54.02 -50.45
CA VAL D 4846 -42.53 55.38 -50.04
C VAL D 4846 -41.33 55.95 -50.80
N VAL D 4847 -40.38 55.11 -51.19
CA VAL D 4847 -39.23 55.59 -51.95
C VAL D 4847 -39.69 56.14 -53.30
N VAL D 4848 -40.58 55.41 -53.99
CA VAL D 4848 -41.09 55.90 -55.26
C VAL D 4848 -41.88 57.19 -55.04
N TYR D 4849 -42.56 57.31 -53.90
CA TYR D 4849 -43.30 58.54 -53.62
C TYR D 4849 -42.37 59.75 -53.61
N LEU D 4850 -41.19 59.61 -53.02
CA LEU D 4850 -40.23 60.70 -53.07
C LEU D 4850 -39.87 61.05 -54.50
N TYR D 4851 -39.54 60.04 -55.31
CA TYR D 4851 -39.29 60.29 -56.72
C TYR D 4851 -40.54 60.73 -57.46
N THR D 4852 -41.73 60.42 -56.93
CA THR D 4852 -42.95 60.85 -57.60
C THR D 4852 -43.13 62.35 -57.49
N VAL D 4853 -42.96 62.91 -56.29
CA VAL D 4853 -43.22 64.33 -56.11
C VAL D 4853 -42.15 65.19 -56.75
N VAL D 4854 -40.89 64.74 -56.75
CA VAL D 4854 -39.81 65.58 -57.26
C VAL D 4854 -39.98 65.81 -58.76
N ALA D 4855 -40.38 64.78 -59.50
CA ALA D 4855 -40.61 64.96 -60.92
C ALA D 4855 -41.87 65.77 -61.19
N PHE D 4856 -42.92 65.55 -60.39
CA PHE D 4856 -44.16 66.30 -60.58
C PHE D 4856 -43.96 67.78 -60.33
N ASN D 4857 -42.95 68.14 -59.54
CA ASN D 4857 -42.68 69.53 -59.23
C ASN D 4857 -41.76 70.19 -60.25
N PHE D 4858 -40.78 69.45 -60.78
CA PHE D 4858 -39.76 70.01 -61.66
C PHE D 4858 -39.80 69.43 -63.05
N PHE D 4859 -39.90 68.10 -63.18
CA PHE D 4859 -39.80 67.42 -64.46
C PHE D 4859 -41.15 67.18 -65.12
N ARG D 4860 -42.12 68.06 -64.85
CA ARG D 4860 -43.47 67.84 -65.36
C ARG D 4860 -43.52 67.92 -66.88
N LYS D 4861 -42.70 68.77 -67.49
CA LYS D 4861 -42.80 69.06 -68.92
C LYS D 4861 -42.03 68.09 -69.78
N PHE D 4862 -41.68 66.90 -69.27
CA PHE D 4862 -40.94 65.91 -70.05
C PHE D 4862 -41.68 64.60 -70.29
N TYR D 4863 -42.67 64.26 -69.47
CA TYR D 4863 -43.32 62.96 -69.63
C TYR D 4863 -44.00 62.85 -70.98
N ASN D 4864 -45.03 63.65 -71.21
CA ASN D 4864 -45.53 63.92 -72.56
C ASN D 4864 -45.72 62.67 -73.42
N LYS D 4865 -46.69 61.82 -73.06
CA LYS D 4865 -46.90 60.56 -73.79
C LYS D 4865 -47.20 60.82 -75.27
N SER D 4866 -47.64 62.03 -75.59
CA SER D 4866 -47.67 62.54 -76.96
C SER D 4866 -48.56 61.69 -77.88
N GLU D 4867 -49.86 61.69 -77.56
CA GLU D 4867 -50.83 61.22 -78.54
C GLU D 4867 -50.93 62.23 -79.68
N ASP D 4868 -51.57 61.82 -80.77
CA ASP D 4868 -51.41 62.52 -82.04
C ASP D 4868 -51.87 63.98 -82.00
N GLU D 4869 -50.90 64.89 -82.16
CA GLU D 4869 -51.07 66.33 -82.35
C GLU D 4869 -51.59 67.07 -81.13
N ASP D 4870 -51.95 66.36 -80.06
CA ASP D 4870 -52.39 67.02 -78.84
C ASP D 4870 -51.80 66.27 -77.65
N GLU D 4871 -51.66 66.98 -76.54
CA GLU D 4871 -51.14 66.40 -75.29
C GLU D 4871 -52.01 66.77 -74.11
N PRO D 4872 -53.22 66.23 -74.01
CA PRO D 4872 -54.00 66.39 -72.78
C PRO D 4872 -53.74 65.32 -71.74
N ASP D 4873 -52.98 64.28 -72.07
CA ASP D 4873 -52.76 63.14 -71.18
C ASP D 4873 -51.35 63.23 -70.63
N MET D 4874 -51.17 64.05 -69.59
CA MET D 4874 -49.88 64.20 -68.93
C MET D 4874 -49.94 63.47 -67.60
N LYS D 4875 -49.07 62.48 -67.43
CA LYS D 4875 -49.09 61.70 -66.21
C LYS D 4875 -48.76 62.56 -64.99
N CYS D 4876 -47.99 63.62 -65.18
CA CYS D 4876 -47.66 64.54 -64.09
C CYS D 4876 -48.61 65.73 -64.04
N ASP D 4877 -49.90 65.46 -63.93
CA ASP D 4877 -50.90 66.51 -63.74
C ASP D 4877 -51.59 66.40 -62.38
N ASP D 4878 -52.09 65.23 -62.03
CA ASP D 4878 -52.74 65.01 -60.74
C ASP D 4878 -51.75 64.38 -59.77
N MET D 4879 -51.94 64.69 -58.48
CA MET D 4879 -51.05 64.15 -57.46
C MET D 4879 -51.09 62.63 -57.45
N MET D 4880 -52.25 62.03 -57.69
CA MET D 4880 -52.37 60.59 -57.65
C MET D 4880 -52.09 59.94 -59.00
N THR D 4881 -52.35 60.64 -60.09
CA THR D 4881 -52.14 60.06 -61.41
C THR D 4881 -50.67 59.73 -61.64
N CYS D 4882 -49.77 60.64 -61.26
CA CYS D 4882 -48.35 60.38 -61.44
C CYS D 4882 -47.90 59.21 -60.58
N TYR D 4883 -48.43 59.10 -59.36
CA TYR D 4883 -48.08 57.98 -58.50
C TYR D 4883 -48.50 56.66 -59.13
N LEU D 4884 -49.70 56.60 -59.68
CA LEU D 4884 -50.15 55.35 -60.31
C LEU D 4884 -49.30 55.02 -61.53
N PHE D 4885 -48.78 56.02 -62.23
CA PHE D 4885 -48.02 55.77 -63.45
C PHE D 4885 -46.72 55.03 -63.16
N HIS D 4886 -46.02 55.41 -62.09
CA HIS D 4886 -44.68 54.87 -61.87
C HIS D 4886 -44.73 53.39 -61.50
N MET D 4887 -45.65 53.00 -60.63
CA MET D 4887 -45.73 51.59 -60.24
C MET D 4887 -46.59 50.76 -61.18
N TYR D 4888 -47.10 51.33 -62.26
CA TYR D 4888 -47.67 50.55 -63.33
C TYR D 4888 -46.67 50.31 -64.47
N VAL D 4889 -45.64 51.15 -64.58
CA VAL D 4889 -44.65 51.04 -65.63
C VAL D 4889 -43.23 50.94 -65.06
N GLY D 4890 -42.88 51.84 -64.15
CA GLY D 4890 -41.48 51.97 -63.75
C GLY D 4890 -40.92 50.70 -63.13
N VAL D 4891 -41.62 50.13 -62.15
CA VAL D 4891 -41.13 48.93 -61.49
C VAL D 4891 -41.29 47.69 -62.34
N ARG D 4892 -42.19 47.70 -63.32
CA ARG D 4892 -42.33 46.61 -64.26
C ARG D 4892 -41.55 46.88 -65.56
N ALA D 4893 -40.90 48.03 -65.67
CA ALA D 4893 -40.16 48.35 -66.89
C ALA D 4893 -39.01 47.40 -67.11
N GLY D 4894 -38.26 47.10 -66.05
CA GLY D 4894 -37.06 46.30 -66.20
C GLY D 4894 -36.00 47.04 -66.98
N GLY D 4895 -35.40 48.06 -66.37
CA GLY D 4895 -34.46 48.91 -67.07
C GLY D 4895 -34.56 50.36 -66.67
N GLY D 4896 -35.49 50.67 -65.77
CA GLY D 4896 -35.59 52.00 -65.20
C GLY D 4896 -36.69 52.82 -65.86
N ILE D 4897 -36.97 53.96 -65.21
CA ILE D 4897 -38.00 54.86 -65.70
C ILE D 4897 -37.64 55.48 -67.03
N GLY D 4898 -36.35 55.52 -67.38
CA GLY D 4898 -35.91 56.16 -68.60
C GLY D 4898 -36.09 55.31 -69.84
N ASP D 4899 -37.14 54.49 -69.85
CA ASP D 4899 -37.47 53.67 -71.00
C ASP D 4899 -38.81 54.04 -71.64
N GLU D 4900 -39.68 54.74 -70.93
CA GLU D 4900 -40.95 55.19 -71.50
C GLU D 4900 -41.11 56.70 -71.36
N ILE D 4901 -40.01 57.42 -71.16
CA ILE D 4901 -40.03 58.87 -71.03
C ILE D 4901 -39.44 59.46 -72.30
N GLU D 4902 -39.60 60.77 -72.46
CA GLU D 4902 -39.08 61.43 -73.65
C GLU D 4902 -37.56 61.58 -73.57
N ASP D 4903 -37.00 62.10 -74.65
CA ASP D 4903 -35.55 62.22 -74.76
C ASP D 4903 -35.03 63.31 -73.82
N PRO D 4904 -34.10 63.01 -72.93
CA PRO D 4904 -33.48 64.05 -72.09
C PRO D 4904 -32.35 64.81 -72.76
N ALA D 4905 -32.22 64.73 -74.08
CA ALA D 4905 -31.14 65.40 -74.80
C ALA D 4905 -31.32 66.91 -74.90
N GLY D 4906 -32.39 67.48 -74.36
CA GLY D 4906 -32.58 68.91 -74.43
C GLY D 4906 -31.53 69.67 -73.65
N ASP D 4907 -31.27 70.90 -74.10
CA ASP D 4907 -30.21 71.71 -73.51
C ASP D 4907 -30.52 72.03 -72.05
N GLU D 4908 -31.77 72.36 -71.75
CA GLU D 4908 -32.12 72.71 -70.38
C GLU D 4908 -32.16 71.46 -69.50
N TYR D 4909 -31.48 71.53 -68.36
CA TYR D 4909 -31.51 70.49 -67.34
C TYR D 4909 -31.03 69.15 -67.88
N GLU D 4910 -30.10 69.17 -68.83
CA GLU D 4910 -29.64 67.93 -69.44
C GLU D 4910 -28.95 67.04 -68.42
N LEU D 4911 -28.12 67.62 -67.56
CA LEU D 4911 -27.37 66.83 -66.58
C LEU D 4911 -28.19 66.48 -65.34
N TYR D 4912 -29.35 67.10 -65.16
CA TYR D 4912 -30.14 66.79 -63.98
C TYR D 4912 -30.89 65.47 -64.13
N ARG D 4913 -31.44 65.20 -65.32
CA ARG D 4913 -32.22 63.98 -65.50
C ARG D 4913 -31.37 62.74 -65.31
N VAL D 4914 -30.15 62.73 -65.84
CA VAL D 4914 -29.30 61.56 -65.70
C VAL D 4914 -28.98 61.31 -64.23
N VAL D 4915 -28.95 62.37 -63.42
CA VAL D 4915 -28.86 62.18 -61.97
C VAL D 4915 -30.15 61.54 -61.46
N PHE D 4916 -31.30 62.05 -61.90
CA PHE D 4916 -32.57 61.45 -61.52
C PHE D 4916 -32.71 60.04 -62.06
N ASP D 4917 -32.34 59.84 -63.32
CA ASP D 4917 -32.57 58.54 -63.96
C ASP D 4917 -31.68 57.46 -63.35
N ILE D 4918 -30.37 57.72 -63.26
CA ILE D 4918 -29.45 56.70 -62.79
C ILE D 4918 -29.72 56.35 -61.33
N THR D 4919 -29.94 57.36 -60.49
CA THR D 4919 -30.25 57.08 -59.09
C THR D 4919 -31.50 56.23 -58.94
N PHE D 4920 -32.46 56.40 -59.85
CA PHE D 4920 -33.62 55.52 -59.87
C PHE D 4920 -33.20 54.09 -60.16
N PHE D 4921 -32.27 53.90 -61.08
CA PHE D 4921 -31.88 52.55 -61.48
C PHE D 4921 -31.28 51.77 -60.32
N PHE D 4922 -30.43 52.40 -59.52
CA PHE D 4922 -29.81 51.69 -58.40
C PHE D 4922 -30.81 51.39 -57.30
N PHE D 4923 -31.65 52.36 -56.96
CA PHE D 4923 -32.35 52.31 -55.69
C PHE D 4923 -33.73 51.65 -55.76
N VAL D 4924 -34.15 51.12 -56.90
CA VAL D 4924 -35.36 50.30 -56.90
C VAL D 4924 -35.10 48.97 -57.57
N ILE D 4925 -34.59 48.99 -58.80
CA ILE D 4925 -34.49 47.76 -59.59
C ILE D 4925 -33.33 46.91 -59.13
N VAL D 4926 -32.14 47.51 -58.99
CA VAL D 4926 -30.95 46.73 -58.68
C VAL D 4926 -31.03 46.16 -57.26
N ILE D 4927 -31.54 46.95 -56.32
CA ILE D 4927 -31.43 46.57 -54.90
C ILE D 4927 -32.74 46.04 -54.36
N LEU D 4928 -33.78 46.86 -54.37
CA LEU D 4928 -35.00 46.54 -53.62
C LEU D 4928 -35.66 45.28 -54.15
N LEU D 4929 -35.78 45.14 -55.47
CA LEU D 4929 -36.37 43.93 -56.02
C LEU D 4929 -35.52 42.70 -55.69
N ALA D 4930 -34.20 42.84 -55.71
CA ALA D 4930 -33.34 41.72 -55.36
C ALA D 4930 -33.57 41.28 -53.91
N ILE D 4931 -33.75 42.24 -53.00
CA ILE D 4931 -34.00 41.91 -51.61
C ILE D 4931 -35.30 41.11 -51.47
N ILE D 4932 -36.36 41.60 -52.12
CA ILE D 4932 -37.64 40.90 -52.06
C ILE D 4932 -37.51 39.49 -52.61
N GLN D 4933 -36.82 39.35 -53.74
CA GLN D 4933 -36.53 38.02 -54.27
C GLN D 4933 -35.67 37.21 -53.29
N GLY D 4934 -34.78 37.89 -52.57
CA GLY D 4934 -33.88 37.18 -51.68
C GLY D 4934 -34.58 36.47 -50.54
N LEU D 4935 -35.52 37.16 -49.89
CA LEU D 4935 -36.20 36.56 -48.73
C LEU D 4935 -37.02 35.34 -49.13
N ILE D 4936 -37.73 35.41 -50.26
CA ILE D 4936 -38.57 34.30 -50.67
C ILE D 4936 -37.73 33.08 -51.02
N ILE D 4937 -36.63 33.29 -51.74
CA ILE D 4937 -35.75 32.17 -52.07
C ILE D 4937 -35.07 31.63 -50.82
N ASP D 4938 -34.69 32.52 -49.90
CA ASP D 4938 -34.08 32.07 -48.66
C ASP D 4938 -35.03 31.24 -47.81
N ALA D 4939 -36.34 31.30 -48.08
CA ALA D 4939 -37.28 30.45 -47.36
C ALA D 4939 -36.96 28.98 -47.57
N PHE D 4940 -36.62 28.59 -48.81
CA PHE D 4940 -36.14 27.24 -49.04
C PHE D 4940 -34.80 26.98 -48.37
N GLY D 4941 -34.03 28.02 -48.08
CA GLY D 4941 -32.80 27.83 -47.36
C GLY D 4941 -32.98 27.32 -45.95
N GLU D 4942 -34.20 27.33 -45.44
CA GLU D 4942 -34.52 26.77 -44.13
C GLU D 4942 -35.47 25.59 -44.21
N LEU D 4943 -36.47 25.65 -45.08
CA LEU D 4943 -37.45 24.56 -45.17
C LEU D 4943 -36.80 23.26 -45.65
N ARG D 4944 -35.90 23.36 -46.63
CA ARG D 4944 -35.20 22.18 -47.11
C ARG D 4944 -34.32 21.58 -46.02
N ASP D 4945 -33.67 22.43 -45.22
CA ASP D 4945 -32.80 21.93 -44.16
C ASP D 4945 -33.60 21.15 -43.12
N GLN D 4946 -34.80 21.63 -42.79
CA GLN D 4946 -35.64 20.92 -41.84
C GLN D 4946 -36.04 19.53 -42.33
N GLN D 4947 -36.05 19.33 -43.65
CA GLN D 4947 -36.34 18.00 -44.19
C GLN D 4947 -35.13 17.07 -44.13
N GLU D 4948 -33.95 17.60 -43.81
CA GLU D 4948 -32.75 16.79 -43.65
C GLU D 4948 -32.41 16.52 -42.19
N GLN D 4949 -32.74 17.45 -41.29
CA GLN D 4949 -32.47 17.23 -39.88
C GLN D 4949 -33.32 16.08 -39.33
N VAL D 4950 -34.50 15.86 -39.91
CA VAL D 4950 -35.35 14.74 -39.50
C VAL D 4950 -34.77 13.40 -39.94
N LYS D 4951 -33.72 13.40 -40.74
CA LYS D 4951 -33.05 12.17 -41.14
C LYS D 4951 -31.77 11.90 -40.37
N GLU D 4952 -31.04 12.96 -39.97
CA GLU D 4952 -29.79 12.77 -39.24
C GLU D 4952 -30.03 12.26 -37.83
N ASP D 4953 -31.13 12.66 -37.20
CA ASP D 4953 -31.45 12.17 -35.87
C ASP D 4953 -31.67 10.67 -35.87
N MET D 4954 -32.33 10.16 -36.91
CA MET D 4954 -32.59 8.72 -37.00
C MET D 4954 -31.29 7.93 -37.13
N GLU D 4955 -30.30 8.48 -37.84
CA GLU D 4955 -29.05 7.78 -38.03
C GLU D 4955 -28.19 7.77 -36.77
N THR D 4956 -28.37 8.77 -35.90
CA THR D 4956 -27.52 8.92 -34.72
C THR D 4956 -28.26 8.64 -33.42
N LYS D 4957 -29.37 9.32 -33.16
CA LYS D 4957 -30.05 9.23 -31.88
C LYS D 4957 -31.24 8.28 -31.96
N CYS D 4958 -31.52 7.64 -30.83
CA CYS D 4958 -32.65 6.73 -30.70
C CYS D 4958 -33.90 7.40 -30.16
N PHE D 4959 -33.80 8.67 -29.73
CA PHE D 4959 -34.93 9.48 -29.28
C PHE D 4959 -35.51 8.97 -27.96
N ILE D 4960 -35.00 7.86 -27.45
CA ILE D 4960 -35.47 7.28 -26.20
C ILE D 4960 -34.52 7.58 -25.05
N CYS D 4961 -33.26 7.15 -25.19
CA CYS D 4961 -32.24 7.44 -24.20
C CYS D 4961 -31.18 8.35 -24.81
N GLY D 4962 -30.57 9.17 -23.96
CA GLY D 4962 -29.62 10.17 -24.43
C GLY D 4962 -28.30 9.60 -24.90
N ILE D 4963 -28.34 8.73 -25.90
CA ILE D 4963 -27.15 8.11 -26.46
C ILE D 4963 -27.20 8.22 -27.98
N GLY D 4964 -26.05 8.45 -28.60
CA GLY D 4964 -25.95 8.43 -30.04
C GLY D 4964 -25.59 7.06 -30.57
N SER D 4965 -25.35 7.00 -31.88
CA SER D 4965 -24.97 5.75 -32.52
C SER D 4965 -23.48 5.43 -32.38
N ASP D 4966 -22.68 6.36 -31.86
CA ASP D 4966 -21.24 6.17 -31.81
C ASP D 4966 -20.85 4.95 -30.99
N TYR D 4967 -21.49 4.76 -29.84
CA TYR D 4967 -21.21 3.59 -29.03
C TYR D 4967 -21.77 2.32 -29.65
N PHE D 4968 -22.84 2.44 -30.43
CA PHE D 4968 -23.46 1.27 -31.04
C PHE D 4968 -22.76 0.82 -32.31
N ASP D 4969 -21.85 1.62 -32.85
CA ASP D 4969 -21.08 1.21 -34.03
C ASP D 4969 -19.76 0.54 -33.65
N THR D 4970 -19.46 0.40 -32.36
CA THR D 4970 -18.29 -0.36 -31.94
C THR D 4970 -18.42 -1.82 -32.36
N THR D 4971 -19.60 -2.38 -32.21
CA THR D 4971 -19.99 -3.71 -32.63
C THR D 4971 -20.78 -3.62 -33.95
N PRO D 4972 -20.64 -4.61 -34.82
CA PRO D 4972 -21.42 -4.60 -36.07
C PRO D 4972 -22.91 -4.67 -35.79
N HIS D 4973 -23.69 -3.92 -36.58
CA HIS D 4973 -25.15 -3.89 -36.49
C HIS D 4973 -25.65 -3.44 -35.12
N GLY D 4974 -24.79 -2.84 -34.31
CA GLY D 4974 -25.17 -2.50 -32.95
C GLY D 4974 -26.27 -1.45 -32.88
N PHE D 4975 -26.22 -0.46 -33.76
CA PHE D 4975 -27.33 0.49 -33.85
C PHE D 4975 -28.54 -0.14 -34.53
N GLU D 4976 -28.32 -1.09 -35.44
CA GLU D 4976 -29.43 -1.77 -36.09
C GLU D 4976 -30.21 -2.63 -35.11
N THR D 4977 -29.51 -3.45 -34.33
CA THR D 4977 -30.20 -4.27 -33.33
C THR D 4977 -30.81 -3.42 -32.22
N HIS D 4978 -30.32 -2.19 -32.04
CA HIS D 4978 -30.87 -1.31 -31.01
C HIS D 4978 -32.32 -0.93 -31.29
N THR D 4979 -32.77 -1.07 -32.53
CA THR D 4979 -34.15 -0.75 -32.90
C THR D 4979 -35.08 -1.95 -32.84
N LEU D 4980 -34.59 -3.11 -32.44
CA LEU D 4980 -35.42 -4.31 -32.45
C LEU D 4980 -35.66 -4.89 -31.07
N GLU D 4981 -34.61 -5.11 -30.29
CA GLU D 4981 -34.73 -5.69 -28.95
C GLU D 4981 -34.63 -4.65 -27.84
N GLU D 4982 -33.91 -3.55 -28.08
CA GLU D 4982 -33.93 -2.42 -27.16
C GLU D 4982 -35.22 -1.64 -27.40
N HIS D 4983 -35.30 -0.45 -26.80
CA HIS D 4983 -36.47 0.40 -26.97
C HIS D 4983 -36.66 0.73 -28.45
N ASN D 4984 -37.75 0.22 -29.02
CA ASN D 4984 -38.08 0.45 -30.42
C ASN D 4984 -39.16 1.52 -30.59
N LEU D 4985 -39.53 2.21 -29.51
CA LEU D 4985 -40.57 3.24 -29.50
C LEU D 4985 -41.87 2.77 -30.14
N ALA D 4986 -42.06 1.46 -30.25
CA ALA D 4986 -43.26 0.86 -30.81
C ALA D 4986 -43.91 -0.13 -29.86
N ASN D 4987 -43.13 -0.93 -29.14
CA ASN D 4987 -43.66 -1.87 -28.17
C ASN D 4987 -44.28 -1.16 -26.97
N TYR D 4988 -43.91 0.10 -26.73
CA TYR D 4988 -44.40 0.81 -25.56
C TYR D 4988 -45.91 0.93 -25.57
N MET D 4989 -46.49 1.25 -26.73
CA MET D 4989 -47.94 1.35 -26.83
C MET D 4989 -48.59 -0.01 -26.56
N PHE D 4990 -47.97 -1.08 -27.07
CA PHE D 4990 -48.42 -2.43 -26.70
C PHE D 4990 -48.30 -2.65 -25.20
N PHE D 4991 -47.19 -2.19 -24.61
CA PHE D 4991 -46.96 -2.40 -23.19
C PHE D 4991 -48.04 -1.73 -22.35
N LEU D 4992 -48.43 -0.50 -22.71
CA LEU D 4992 -49.50 0.16 -22.00
C LEU D 4992 -50.83 -0.55 -22.23
N MET D 4993 -51.09 -0.98 -23.47
CA MET D 4993 -52.33 -1.67 -23.78
C MET D 4993 -52.51 -2.93 -22.95
N TYR D 4994 -51.42 -3.62 -22.64
CA TYR D 4994 -51.50 -4.81 -21.80
C TYR D 4994 -51.97 -4.47 -20.39
N LEU D 4995 -51.76 -3.22 -19.95
CA LEU D 4995 -52.10 -2.87 -18.57
C LEU D 4995 -53.60 -2.78 -18.35
N ILE D 4996 -54.34 -2.30 -19.35
CA ILE D 4996 -55.79 -2.13 -19.18
C ILE D 4996 -56.47 -3.48 -18.96
N ASN D 4997 -56.10 -4.48 -19.75
CA ASN D 4997 -56.73 -5.79 -19.68
C ASN D 4997 -56.17 -6.65 -18.55
N LYS D 4998 -55.43 -6.06 -17.61
CA LYS D 4998 -54.87 -6.78 -16.48
C LYS D 4998 -55.41 -6.17 -15.19
N ASP D 4999 -55.95 -7.01 -14.32
CA ASP D 4999 -56.53 -6.54 -13.08
C ASP D 4999 -55.43 -6.04 -12.13
N GLU D 5000 -55.86 -5.25 -11.14
CA GLU D 5000 -54.92 -4.73 -10.16
C GLU D 5000 -54.29 -5.86 -9.34
N THR D 5001 -55.01 -6.97 -9.17
CA THR D 5001 -54.49 -8.07 -8.38
C THR D 5001 -53.34 -8.77 -9.08
N GLU D 5002 -53.38 -8.86 -10.40
CA GLU D 5002 -52.45 -9.69 -11.15
C GLU D 5002 -51.15 -8.97 -11.50
N HIS D 5003 -51.04 -7.67 -11.18
CA HIS D 5003 -49.82 -6.94 -11.53
C HIS D 5003 -48.62 -7.50 -10.76
N THR D 5004 -47.48 -7.55 -11.44
CA THR D 5004 -46.26 -8.04 -10.83
C THR D 5004 -45.68 -6.98 -9.91
N GLY D 5005 -44.50 -7.28 -9.35
CA GLY D 5005 -43.86 -6.34 -8.44
C GLY D 5005 -43.36 -5.07 -9.11
N GLN D 5006 -43.31 -5.06 -10.44
CA GLN D 5006 -42.90 -3.88 -11.18
C GLN D 5006 -43.97 -3.34 -12.12
N GLU D 5007 -44.87 -4.19 -12.60
CA GLU D 5007 -45.97 -3.70 -13.43
C GLU D 5007 -46.86 -2.74 -12.64
N SER D 5008 -47.17 -3.07 -11.39
CA SER D 5008 -47.90 -2.15 -10.55
C SER D 5008 -47.07 -0.92 -10.19
N TYR D 5009 -45.74 -1.04 -10.21
CA TYR D 5009 -44.90 0.11 -9.89
C TYR D 5009 -45.09 1.23 -10.91
N VAL D 5010 -45.03 0.89 -12.20
CA VAL D 5010 -45.20 1.91 -13.22
C VAL D 5010 -46.62 2.42 -13.26
N TRP D 5011 -47.60 1.54 -12.97
CA TRP D 5011 -49.00 1.94 -13.09
C TRP D 5011 -49.34 3.08 -12.14
N LYS D 5012 -48.93 2.96 -10.88
CA LYS D 5012 -49.13 4.06 -9.93
C LYS D 5012 -48.34 5.29 -10.35
N MET D 5013 -47.08 5.08 -10.72
CA MET D 5013 -46.24 6.19 -11.15
C MET D 5013 -46.77 6.85 -12.41
N TYR D 5014 -47.38 6.08 -13.31
CA TYR D 5014 -48.00 6.64 -14.50
C TYR D 5014 -49.15 7.57 -14.13
N GLN D 5015 -49.96 7.19 -13.14
CA GLN D 5015 -51.15 7.98 -12.81
C GLN D 5015 -50.78 9.38 -12.33
N GLU D 5016 -49.72 9.52 -11.55
CA GLU D 5016 -49.28 10.84 -11.11
C GLU D 5016 -48.47 11.56 -12.18
N ARG D 5017 -48.30 10.95 -13.36
CA ARG D 5017 -47.85 11.61 -14.58
C ARG D 5017 -46.40 12.07 -14.54
N CYS D 5018 -45.58 11.51 -13.67
CA CYS D 5018 -44.15 11.70 -13.82
C CYS D 5018 -43.61 10.78 -14.91
N TRP D 5019 -42.45 11.12 -15.45
CA TRP D 5019 -41.87 10.38 -16.56
C TRP D 5019 -40.37 10.16 -16.34
N ASP D 5020 -40.00 9.79 -15.12
CA ASP D 5020 -38.61 9.48 -14.82
C ASP D 5020 -38.26 8.03 -15.14
N PHE D 5021 -39.24 7.19 -15.46
CA PHE D 5021 -38.96 5.78 -15.67
C PHE D 5021 -38.29 5.50 -17.01
N PHE D 5022 -38.32 6.46 -17.93
CA PHE D 5022 -37.66 6.29 -19.21
C PHE D 5022 -36.14 6.29 -19.02
N PRO D 5023 -35.40 5.56 -19.89
CA PRO D 5023 -33.97 5.38 -19.67
C PRO D 5023 -33.19 6.69 -19.59
N ALA D 5024 -33.22 7.47 -20.67
CA ALA D 5024 -32.59 8.78 -20.73
C ALA D 5024 -31.11 8.73 -20.35
N GLY D 5025 -30.34 8.01 -21.17
CA GLY D 5025 -28.90 8.05 -21.03
C GLY D 5025 -28.21 6.71 -20.87
N ASP D 5026 -28.97 5.64 -20.66
CA ASP D 5026 -28.37 4.33 -20.48
C ASP D 5026 -29.36 3.26 -20.90
N CYS D 5027 -28.89 2.29 -21.67
CA CYS D 5027 -29.71 1.17 -22.14
C CYS D 5027 -28.98 -0.14 -21.87
N PHE D 5028 -29.10 -0.64 -20.63
CA PHE D 5028 -28.79 -2.01 -20.23
C PHE D 5028 -27.30 -2.34 -20.33
N ARG D 5029 -26.46 -1.45 -20.82
CA ARG D 5029 -25.08 -1.85 -21.11
C ARG D 5029 -24.05 -0.89 -20.52
N LYS D 5030 -24.41 0.39 -20.35
CA LYS D 5030 -23.48 1.33 -19.75
C LYS D 5030 -23.29 1.04 -18.26
N GLN D 5031 -24.39 0.72 -17.56
CA GLN D 5031 -24.28 0.27 -16.18
C GLN D 5031 -23.66 -1.12 -16.11
N TYR D 5032 -23.74 -1.88 -17.20
CA TYR D 5032 -23.19 -3.23 -17.26
C TYR D 5032 -21.96 -3.27 -18.17
N GLU D 5033 -21.14 -2.22 -18.13
CA GLU D 5033 -19.97 -2.15 -18.99
C GLU D 5033 -18.80 -2.95 -18.42
N ASP D 5034 -18.34 -2.57 -17.23
CA ASP D 5034 -17.20 -3.24 -16.62
C ASP D 5034 -17.56 -4.61 -16.03
N GLN D 5035 -18.81 -4.79 -15.62
CA GLN D 5035 -19.22 -6.07 -15.03
C GLN D 5035 -19.16 -7.19 -16.06
N LEU D 5036 -19.79 -7.00 -17.21
CA LEU D 5036 -19.78 -8.00 -18.27
C LEU D 5036 -20.26 -7.41 -19.59
N SER D 5037 -19.47 -7.57 -20.64
CA SER D 5037 -19.83 -7.05 -21.96
C SER D 5037 -21.07 -7.75 -22.50
CA CA E . 2.87 -28.06 -44.40
CA CA F . 35.43 29.36 -25.49
CA CA G . -18.72 47.51 12.62
CA CA H . -51.28 -9.91 -6.29
#